data_8Z5Z
#
_entry.id   8Z5Z
#
_cell.length_a   1.00
_cell.length_b   1.00
_cell.length_c   1.00
_cell.angle_alpha   90.00
_cell.angle_beta   90.00
_cell.angle_gamma   90.00
#
_symmetry.space_group_name_H-M   'P 1'
#
_entity_poly.entity_id   1
_entity_poly.type   'polypeptide(L)'
_entity_poly.pdbx_seq_one_letter_code
;MSYVSLSGLSAAQLDLNTTSNNIANANTYGFKESRAEFADVYSNSLFTNAKTTPGGGAQASQVAQQFHEGSSIYTNNPMD
LRVSGTGFFAVAKERLTPQQNELTRNGAFHLNKENYMVTANDEFLLGYQVDPSSGEVSSYEPQPINIPAEFGKPKQTANI
EVGVNLPANGDLKDPTQFDFSDPDTYNRSTSSTIYDSMGQSYKLTTYYLKDQTQPNTWNTYYTVTDKEGEKPLNVAAGDA
QTPTGHVGHTMKFNNDGTLASLNNGQPITSVALGDPATNTTPVDMNGADPAQTLNFGLGSATQFAAPFELTKFDEDGATT
GFLTKVDFDENGSVMGTYSNGENVTLGRVALVRVPNEQGLDKKGGTQWDSTQFSGDKIWGESNKGSFGTINNGMLEQSNI
DMTQELVDLISAQRNFQANSRSLEVHNQLQQNILQIR
;
_entity_poly.pdbx_strand_id   D,E,F,G,H,I,J,K,L,M,N,O,P,Q,R,S,T,U,V,W,X,Y,Z,a,b,c,d,e,f,g,h,i,j,k,l,m,n,o,p,q
#
# COMPACT_ATOMS: atom_id res chain seq x y z
N SER A 2 17.49 -32.40 -4.82
CA SER A 2 18.77 -31.98 -4.24
C SER A 2 19.45 -33.14 -3.54
N TYR A 3 18.66 -34.14 -3.14
CA TYR A 3 19.24 -35.30 -2.47
C TYR A 3 20.11 -36.10 -3.43
N VAL A 4 19.83 -36.07 -4.72
CA VAL A 4 20.70 -36.74 -5.68
C VAL A 4 22.07 -36.08 -5.71
N SER A 5 22.10 -34.74 -5.71
CA SER A 5 23.39 -34.03 -5.69
C SER A 5 24.12 -34.30 -4.38
N LEU A 6 23.41 -34.35 -3.27
CA LEU A 6 24.04 -34.66 -2.00
C LEU A 6 24.61 -36.07 -1.99
N SER A 7 23.90 -37.03 -2.60
CA SER A 7 24.42 -38.38 -2.72
C SER A 7 25.68 -38.41 -3.57
N GLY A 8 25.70 -37.63 -4.66
CA GLY A 8 26.90 -37.53 -5.46
C GLY A 8 28.07 -36.95 -4.68
N LEU A 9 27.79 -35.92 -3.87
CA LEU A 9 28.83 -35.35 -3.01
C LEU A 9 29.36 -36.38 -2.04
N SER A 10 28.46 -37.16 -1.42
CA SER A 10 28.88 -38.18 -0.48
C SER A 10 29.73 -39.24 -1.15
N ALA A 11 29.33 -39.67 -2.35
CA ALA A 11 30.13 -40.67 -3.06
C ALA A 11 31.51 -40.14 -3.42
N ALA A 12 31.56 -38.90 -3.91
CA ALA A 12 32.85 -38.31 -4.25
C ALA A 12 33.75 -38.18 -3.01
N GLN A 13 33.16 -37.79 -1.88
CA GLN A 13 33.95 -37.67 -0.67
C GLN A 13 34.42 -39.02 -0.16
N LEU A 14 33.60 -40.06 -0.31
CA LEU A 14 34.05 -41.40 0.06
C LEU A 14 35.22 -41.85 -0.81
N ASP A 15 35.14 -41.59 -2.11
CA ASP A 15 36.26 -41.93 -2.98
C ASP A 15 37.51 -41.14 -2.60
N LEU A 16 37.35 -39.86 -2.26
CA LEU A 16 38.47 -39.05 -1.83
C LEU A 16 39.10 -39.62 -0.56
N ASN A 17 38.26 -40.05 0.40
CA ASN A 17 38.76 -40.63 1.63
C ASN A 17 39.52 -41.93 1.35
N THR A 18 38.99 -42.77 0.45
CA THR A 18 39.67 -44.01 0.11
C THR A 18 41.03 -43.72 -0.50
N THR A 19 41.09 -42.78 -1.44
CA THR A 19 42.36 -42.45 -2.06
C THR A 19 43.34 -41.85 -1.06
N SER A 20 42.84 -41.02 -0.14
CA SER A 20 43.70 -40.44 0.88
C SER A 20 44.27 -41.53 1.79
N ASN A 21 43.46 -42.51 2.16
CA ASN A 21 43.96 -43.62 2.97
C ASN A 21 45.01 -44.41 2.21
N ASN A 22 44.77 -44.66 0.92
CA ASN A 22 45.75 -45.38 0.12
C ASN A 22 47.08 -44.64 0.06
N ILE A 23 47.02 -43.32 -0.13
CA ILE A 23 48.25 -42.53 -0.21
C ILE A 23 48.95 -42.49 1.14
N ALA A 24 48.17 -42.39 2.23
CA ALA A 24 48.76 -42.35 3.56
C ALA A 24 49.48 -43.64 3.89
N ASN A 25 48.89 -44.78 3.53
CA ASN A 25 49.50 -46.08 3.83
C ASN A 25 50.54 -46.51 2.80
N ALA A 26 51.13 -45.57 2.06
CA ALA A 26 52.05 -45.92 0.99
C ALA A 26 53.31 -46.60 1.50
N ASN A 27 53.64 -46.47 2.78
CA ASN A 27 54.87 -47.03 3.32
C ASN A 27 54.67 -48.19 4.28
N THR A 28 53.44 -48.43 4.72
CA THR A 28 53.19 -49.55 5.64
C THR A 28 53.45 -50.88 4.95
N TYR A 29 54.14 -51.77 5.65
CA TYR A 29 54.50 -53.07 5.10
C TYR A 29 53.26 -53.95 5.01
N GLY A 30 53.07 -54.59 3.87
CA GLY A 30 51.99 -55.53 3.71
C GLY A 30 50.62 -54.93 3.51
N PHE A 31 50.53 -53.61 3.36
CA PHE A 31 49.25 -52.96 3.15
C PHE A 31 48.65 -53.37 1.82
N LYS A 32 47.33 -53.48 1.78
CA LYS A 32 46.60 -53.77 0.55
C LYS A 32 45.66 -52.61 0.25
N GLU A 33 45.71 -52.11 -0.97
CA GLU A 33 44.94 -50.92 -1.32
C GLU A 33 43.45 -51.24 -1.35
N SER A 34 42.66 -50.17 -1.40
CA SER A 34 41.21 -50.29 -1.45
C SER A 34 40.67 -49.54 -2.66
N ARG A 35 39.59 -50.05 -3.22
CA ARG A 35 38.94 -49.43 -4.37
C ARG A 35 37.48 -49.19 -4.03
N ALA A 36 36.98 -48.02 -4.39
CA ALA A 36 35.61 -47.63 -4.07
C ALA A 36 34.72 -47.90 -5.28
N GLU A 37 33.67 -48.71 -5.07
CA GLU A 37 32.72 -49.05 -6.11
C GLU A 37 31.34 -48.56 -5.71
N PHE A 38 30.65 -47.91 -6.63
CA PHE A 38 29.34 -47.33 -6.37
C PHE A 38 28.29 -47.98 -7.25
N ALA A 39 27.02 -47.75 -6.90
CA ALA A 39 25.91 -48.34 -7.62
C ALA A 39 24.80 -47.31 -7.75
N ASP A 40 23.99 -47.49 -8.78
CA ASP A 40 22.85 -46.61 -9.03
C ASP A 40 21.73 -46.90 -8.04
N VAL A 41 20.82 -45.93 -7.90
CA VAL A 41 19.65 -46.05 -7.05
C VAL A 41 18.41 -45.83 -7.89
N TYR A 42 17.38 -46.64 -7.68
CA TYR A 42 16.13 -46.47 -8.38
C TYR A 42 15.01 -47.05 -7.53
N SER A 43 13.86 -46.38 -7.55
CA SER A 43 12.73 -46.80 -6.73
C SER A 43 12.09 -48.06 -7.32
N ASN A 44 11.39 -48.78 -6.46
CA ASN A 44 10.69 -50.02 -6.82
C ASN A 44 9.26 -50.00 -6.29
N SER A 45 8.56 -48.89 -6.50
CA SER A 45 7.18 -48.81 -6.06
C SER A 45 6.30 -49.76 -6.86
N LEU A 46 5.20 -50.18 -6.24
CA LEU A 46 4.27 -51.09 -6.90
C LEU A 46 3.63 -50.44 -8.11
N PHE A 47 3.29 -49.15 -7.99
CA PHE A 47 2.77 -48.37 -9.10
C PHE A 47 3.83 -47.36 -9.51
N THR A 48 4.64 -47.75 -10.47
CA THR A 48 5.79 -46.97 -10.91
C THR A 48 5.56 -46.45 -12.32
N ASN A 49 5.79 -45.15 -12.52
CA ASN A 49 5.68 -44.58 -13.87
C ASN A 49 6.80 -45.08 -14.78
N ALA A 50 7.99 -45.31 -14.23
CA ALA A 50 9.15 -45.81 -14.96
C ALA A 50 9.60 -44.83 -16.05
N LYS A 51 8.77 -44.62 -17.07
CA LYS A 51 9.16 -43.75 -18.17
C LYS A 51 9.34 -42.31 -17.73
N THR A 52 8.53 -41.86 -16.77
CA THR A 52 8.54 -40.47 -16.34
C THR A 52 9.27 -40.28 -15.00
N THR A 53 9.99 -41.29 -14.54
CA THR A 53 10.66 -41.22 -13.25
C THR A 53 12.16 -41.11 -13.44
N PRO A 54 12.79 -40.04 -12.97
CA PRO A 54 14.25 -39.93 -13.09
C PRO A 54 14.98 -40.82 -12.10
N GLY A 55 16.30 -40.71 -12.04
CA GLY A 55 17.09 -41.53 -11.15
C GLY A 55 16.94 -41.11 -9.70
N GLY A 56 17.64 -41.83 -8.84
CA GLY A 56 17.59 -41.56 -7.41
C GLY A 56 18.94 -41.33 -6.77
N GLY A 57 19.95 -41.04 -7.60
CA GLY A 57 21.27 -40.75 -7.08
C GLY A 57 22.23 -41.92 -7.20
N ALA A 58 23.27 -41.92 -6.37
CA ALA A 58 24.30 -42.96 -6.39
C ALA A 58 24.53 -43.45 -4.98
N GLN A 59 24.64 -44.77 -4.82
CA GLN A 59 24.84 -45.40 -3.52
C GLN A 59 26.17 -46.14 -3.52
N ALA A 60 26.94 -45.95 -2.46
CA ALA A 60 28.20 -46.68 -2.32
C ALA A 60 27.93 -48.17 -2.13
N SER A 61 28.48 -48.97 -3.03
CA SER A 61 28.24 -50.41 -3.00
C SER A 61 29.15 -51.11 -2.01
N GLN A 62 30.46 -51.00 -2.20
CA GLN A 62 31.42 -51.60 -1.29
C GLN A 62 32.77 -50.94 -1.49
N VAL A 63 33.63 -51.07 -0.48
CA VAL A 63 35.02 -50.66 -0.58
C VAL A 63 35.85 -51.92 -0.72
N ALA A 64 36.44 -52.12 -1.89
CA ALA A 64 37.17 -53.35 -2.17
C ALA A 64 38.48 -53.38 -1.38
N GLN A 65 39.14 -54.52 -1.43
CA GLN A 65 40.39 -54.77 -0.73
C GLN A 65 41.38 -55.47 -1.67
N GLN A 66 41.58 -54.88 -2.85
CA GLN A 66 42.38 -55.47 -3.92
C GLN A 66 43.65 -56.12 -3.37
N PHE A 67 43.81 -57.41 -3.64
CA PHE A 67 44.83 -58.24 -3.03
C PHE A 67 45.90 -58.66 -4.03
N HIS A 68 46.13 -57.83 -5.04
CA HIS A 68 47.18 -58.15 -6.00
C HIS A 68 48.55 -58.03 -5.34
N GLU A 69 49.49 -58.86 -5.79
CA GLU A 69 50.81 -58.91 -5.18
C GLU A 69 51.50 -57.55 -5.24
N GLY A 70 52.08 -57.15 -4.10
CA GLY A 70 52.82 -55.91 -4.04
C GLY A 70 54.30 -56.10 -4.27
N SER A 71 55.00 -54.97 -4.40
CA SER A 71 56.43 -55.02 -4.60
C SER A 71 57.14 -55.47 -3.32
N SER A 72 58.37 -55.96 -3.49
CA SER A 72 59.14 -56.51 -2.39
C SER A 72 60.44 -55.73 -2.23
N ILE A 73 60.80 -55.42 -1.00
CA ILE A 73 62.04 -54.72 -0.70
C ILE A 73 62.98 -55.69 0.00
N TYR A 74 64.27 -55.44 -0.14
CA TYR A 74 65.31 -56.30 0.41
C TYR A 74 65.99 -55.59 1.56
N THR A 75 66.00 -56.23 2.73
CA THR A 75 66.64 -55.67 3.91
C THR A 75 67.82 -56.51 4.38
N ASN A 76 68.04 -57.69 3.80
CA ASN A 76 69.11 -58.59 4.18
C ASN A 76 69.03 -58.99 5.65
N ASN A 77 67.84 -58.91 6.24
CA ASN A 77 67.64 -59.31 7.63
C ASN A 77 67.00 -60.68 7.64
N PRO A 78 67.67 -61.70 8.19
CA PRO A 78 67.13 -63.07 8.09
C PRO A 78 65.79 -63.26 8.77
N MET A 79 65.43 -62.40 9.72
CA MET A 79 64.16 -62.53 10.42
C MET A 79 62.99 -61.91 9.66
N ASP A 80 63.24 -61.29 8.51
CA ASP A 80 62.17 -60.71 7.71
C ASP A 80 61.67 -61.75 6.71
N LEU A 81 60.35 -61.88 6.61
CA LEU A 81 59.73 -62.90 5.77
C LEU A 81 58.68 -62.28 4.87
N ARG A 82 58.53 -62.85 3.67
CA ARG A 82 57.54 -62.42 2.71
C ARG A 82 56.87 -63.62 2.09
N VAL A 83 55.55 -63.53 1.88
CA VAL A 83 54.78 -64.60 1.24
C VAL A 83 54.67 -64.26 -0.24
N SER A 84 55.37 -65.00 -1.08
CA SER A 84 55.30 -64.82 -2.53
C SER A 84 54.19 -65.69 -3.09
N GLY A 85 53.08 -65.07 -3.48
CA GLY A 85 51.94 -65.82 -3.98
C GLY A 85 50.74 -65.72 -3.08
N THR A 86 50.06 -66.84 -2.85
CA THR A 86 48.83 -66.87 -2.08
C THR A 86 49.09 -67.43 -0.69
N GLY A 87 48.63 -66.73 0.33
CA GLY A 87 48.77 -67.18 1.70
C GLY A 87 49.04 -66.03 2.64
N PHE A 88 48.59 -66.18 3.88
CA PHE A 88 48.80 -65.19 4.92
C PHE A 88 49.54 -65.81 6.09
N PHE A 89 50.39 -65.00 6.72
CA PHE A 89 50.97 -65.39 8.01
C PHE A 89 49.88 -65.41 9.07
N ALA A 90 50.01 -66.32 10.03
CA ALA A 90 49.06 -66.45 11.13
C ALA A 90 49.75 -66.05 12.43
N VAL A 91 49.19 -65.09 13.13
CA VAL A 91 49.75 -64.58 14.38
C VAL A 91 48.68 -64.65 15.47
N ALA A 92 49.10 -65.02 16.67
CA ALA A 92 48.21 -65.19 17.80
C ALA A 92 48.45 -64.09 18.83
N LYS A 93 47.37 -63.60 19.43
CA LYS A 93 47.49 -62.53 20.43
C LYS A 93 48.28 -62.99 21.64
N GLU A 94 47.99 -64.20 22.13
CA GLU A 94 48.61 -64.72 23.33
C GLU A 94 49.25 -66.08 23.05
N ARG A 95 50.32 -66.38 23.78
CA ARG A 95 51.04 -67.63 23.57
C ARG A 95 50.18 -68.84 23.90
N LEU A 96 49.40 -68.76 24.98
CA LEU A 96 48.64 -69.90 25.48
C LEU A 96 47.29 -70.06 24.80
N THR A 97 46.93 -69.18 23.86
CA THR A 97 45.68 -69.29 23.10
C THR A 97 45.99 -69.17 21.61
N PRO A 98 46.63 -70.17 21.02
CA PRO A 98 46.86 -70.13 19.57
C PRO A 98 45.58 -70.17 18.76
N GLN A 99 44.46 -70.62 19.34
CA GLN A 99 43.21 -70.66 18.61
C GLN A 99 42.78 -69.28 18.15
N GLN A 100 42.91 -68.28 19.02
CA GLN A 100 42.60 -66.90 18.66
C GLN A 100 43.76 -66.33 17.87
N ASN A 101 43.60 -66.25 16.55
CA ASN A 101 44.68 -65.81 15.68
C ASN A 101 44.14 -64.87 14.62
N GLU A 102 45.05 -64.09 14.03
CA GLU A 102 44.72 -63.16 12.97
C GLU A 102 45.71 -63.31 11.84
N LEU A 103 45.28 -62.92 10.64
CA LEU A 103 46.09 -63.06 9.44
C LEU A 103 46.82 -61.76 9.15
N THR A 104 48.05 -61.89 8.63
CA THR A 104 48.86 -60.72 8.31
C THR A 104 49.76 -61.06 7.14
N ARG A 105 50.36 -60.02 6.56
CA ARG A 105 51.26 -60.17 5.42
C ARG A 105 52.66 -59.62 5.65
N ASN A 106 52.84 -58.64 6.54
CA ASN A 106 54.17 -58.11 6.80
C ASN A 106 54.97 -59.09 7.64
N GLY A 107 56.30 -59.03 7.48
CA GLY A 107 57.16 -60.00 8.13
C GLY A 107 58.24 -59.41 9.01
N ALA A 108 57.93 -58.33 9.72
CA ALA A 108 58.89 -57.71 10.63
C ALA A 108 58.91 -58.52 11.92
N PHE A 109 59.70 -59.58 11.94
CA PHE A 109 59.75 -60.50 13.07
C PHE A 109 61.04 -60.31 13.87
N HIS A 110 60.96 -60.64 15.15
CA HIS A 110 62.11 -60.57 16.05
C HIS A 110 61.83 -61.48 17.25
N LEU A 111 62.89 -61.79 17.98
CA LEU A 111 62.80 -62.68 19.13
C LEU A 111 62.45 -61.88 20.38
N ASN A 112 61.41 -62.32 21.09
CA ASN A 112 61.03 -61.70 22.35
C ASN A 112 61.92 -62.25 23.47
N LYS A 113 61.63 -61.87 24.72
CA LYS A 113 62.46 -62.32 25.83
C LYS A 113 62.35 -63.82 26.07
N GLU A 114 61.33 -64.47 25.50
CA GLU A 114 61.15 -65.91 25.63
C GLU A 114 61.64 -66.68 24.41
N ASN A 115 62.35 -66.01 23.49
CA ASN A 115 62.88 -66.63 22.28
C ASN A 115 61.76 -67.18 21.39
N TYR A 116 60.65 -66.43 21.29
CA TYR A 116 59.58 -66.72 20.36
C TYR A 116 59.55 -65.65 19.28
N MET A 117 59.29 -66.07 18.05
CA MET A 117 59.21 -65.11 16.94
C MET A 117 57.89 -64.38 17.02
N VAL A 118 57.96 -63.04 17.15
CA VAL A 118 56.78 -62.21 17.31
C VAL A 118 56.86 -61.05 16.33
N THR A 119 55.72 -60.40 16.13
CA THR A 119 55.63 -59.24 15.26
C THR A 119 56.03 -57.99 16.04
N ALA A 120 55.78 -56.81 15.45
CA ALA A 120 56.09 -55.57 16.14
C ALA A 120 55.26 -55.41 17.41
N ASN A 121 53.99 -55.81 17.36
CA ASN A 121 53.09 -55.72 18.50
C ASN A 121 53.22 -56.90 19.45
N ASP A 122 54.33 -57.63 19.40
CA ASP A 122 54.57 -58.78 20.28
C ASP A 122 53.46 -59.82 20.16
N GLU A 123 53.08 -60.11 18.92
CA GLU A 123 52.11 -61.15 18.62
C GLU A 123 52.85 -62.39 18.13
N PHE A 124 52.64 -63.51 18.80
CA PHE A 124 53.40 -64.72 18.50
C PHE A 124 53.04 -65.25 17.12
N LEU A 125 54.05 -65.69 16.39
CA LEU A 125 53.86 -66.25 15.06
C LEU A 125 53.57 -67.74 15.16
N LEU A 126 52.48 -68.18 14.52
CA LEU A 126 52.04 -69.55 14.61
C LEU A 126 52.78 -70.44 13.61
N GLY A 127 53.15 -71.64 14.07
CA GLY A 127 53.87 -72.57 13.22
C GLY A 127 53.50 -74.00 13.57
N TYR A 128 54.00 -74.92 12.74
CA TYR A 128 53.74 -76.34 12.89
C TYR A 128 54.86 -77.00 13.68
N GLN A 129 54.76 -78.33 13.85
CA GLN A 129 55.78 -79.12 14.52
C GLN A 129 56.13 -80.31 13.62
N VAL A 130 57.35 -80.32 13.10
CA VAL A 130 57.78 -81.33 12.14
C VAL A 130 58.31 -82.55 12.89
N ASP A 131 58.45 -83.67 12.17
CA ASP A 131 59.04 -84.87 12.71
C ASP A 131 60.56 -84.73 12.78
N PRO A 132 61.20 -85.39 13.77
CA PRO A 132 62.67 -85.31 13.85
C PRO A 132 63.38 -85.80 12.61
N SER A 133 62.90 -86.90 12.02
CA SER A 133 63.49 -87.47 10.81
C SER A 133 62.64 -87.22 9.56
N SER A 134 61.35 -87.54 9.62
CA SER A 134 60.48 -87.31 8.48
C SER A 134 60.26 -85.83 8.25
N GLY A 135 60.35 -85.41 6.98
CA GLY A 135 60.10 -84.01 6.66
C GLY A 135 58.65 -83.62 6.84
N GLU A 136 57.73 -84.58 6.69
CA GLU A 136 56.31 -84.27 6.81
C GLU A 136 55.97 -83.84 8.23
N VAL A 137 55.09 -82.85 8.33
CA VAL A 137 54.61 -82.38 9.63
C VAL A 137 53.59 -83.36 10.17
N SER A 138 53.72 -83.71 11.46
CA SER A 138 52.83 -84.70 12.04
C SER A 138 51.45 -84.11 12.35
N SER A 139 51.39 -83.10 13.21
CA SER A 139 50.14 -82.48 13.60
C SER A 139 49.98 -81.14 12.92
N TYR A 140 48.77 -80.87 12.42
CA TYR A 140 48.48 -79.66 11.67
C TYR A 140 47.94 -78.53 12.53
N GLU A 141 47.90 -78.71 13.85
CA GLU A 141 47.47 -77.59 14.69
C GLU A 141 48.56 -76.54 14.78
N PRO A 142 48.20 -75.27 14.88
CA PRO A 142 49.20 -74.21 15.00
C PRO A 142 49.67 -74.03 16.43
N GLN A 143 50.96 -73.76 16.59
CA GLN A 143 51.55 -73.46 17.88
C GLN A 143 52.61 -72.40 17.71
N PRO A 144 52.88 -71.60 18.75
CA PRO A 144 53.94 -70.58 18.63
C PRO A 144 55.30 -71.22 18.37
N ILE A 145 56.11 -70.51 17.59
CA ILE A 145 57.43 -71.01 17.21
C ILE A 145 58.45 -70.55 18.24
N ASN A 146 59.21 -71.49 18.78
CA ASN A 146 60.24 -71.23 19.76
C ASN A 146 61.61 -71.61 19.20
N ILE A 147 62.61 -70.81 19.48
CA ILE A 147 63.96 -71.05 19.00
C ILE A 147 64.88 -71.22 20.21
N PRO A 148 65.06 -72.43 20.71
CA PRO A 148 65.92 -72.63 21.88
C PRO A 148 67.36 -72.26 21.56
N ALA A 149 68.05 -71.74 22.57
CA ALA A 149 69.45 -71.40 22.44
C ALA A 149 70.37 -72.53 22.86
N GLU A 150 69.83 -73.62 23.40
CA GLU A 150 70.63 -74.76 23.85
C GLU A 150 69.99 -76.05 23.38
N PHE A 151 70.82 -76.98 22.95
CA PHE A 151 70.38 -78.33 22.59
C PHE A 151 70.36 -79.19 23.86
N GLY A 152 69.53 -78.77 24.81
CA GLY A 152 69.56 -79.30 26.15
C GLY A 152 69.01 -80.71 26.28
N LYS A 153 69.62 -81.66 25.57
CA LYS A 153 69.22 -83.05 25.68
C LYS A 153 70.31 -83.94 25.10
N PRO A 154 71.29 -84.36 25.90
CA PRO A 154 72.31 -85.31 25.41
C PRO A 154 71.68 -86.60 24.91
N LYS A 155 71.84 -86.88 23.62
CA LYS A 155 71.23 -88.04 23.00
C LYS A 155 72.24 -89.16 22.91
N GLN A 156 71.91 -90.30 23.51
CA GLN A 156 72.81 -91.45 23.51
C GLN A 156 72.92 -92.06 22.12
N THR A 157 74.05 -92.72 21.87
CA THR A 157 74.26 -93.43 20.61
C THR A 157 73.44 -94.71 20.60
N ALA A 158 72.64 -94.90 19.55
CA ALA A 158 71.80 -96.08 19.45
C ALA A 158 72.01 -96.81 18.13
N ASN A 159 72.22 -96.07 17.04
CA ASN A 159 72.37 -96.65 15.72
C ASN A 159 73.68 -96.17 15.11
N ILE A 160 74.46 -97.11 14.58
CA ILE A 160 75.74 -96.81 13.95
C ILE A 160 75.75 -97.46 12.58
N GLU A 161 75.96 -96.66 11.53
CA GLU A 161 76.07 -97.15 10.18
C GLU A 161 77.54 -97.10 9.76
N VAL A 162 78.08 -98.23 9.32
CA VAL A 162 79.47 -98.34 8.94
C VAL A 162 79.54 -98.92 7.53
N GLY A 163 80.23 -98.23 6.62
CA GLY A 163 80.45 -98.74 5.29
C GLY A 163 81.93 -98.82 4.97
N VAL A 164 82.45 -100.04 4.81
CA VAL A 164 83.88 -100.25 4.60
C VAL A 164 84.09 -101.13 3.38
N ASN A 165 85.30 -101.04 2.83
CA ASN A 165 85.76 -101.93 1.78
C ASN A 165 86.87 -102.82 2.32
N LEU A 166 86.66 -104.13 2.25
CA LEU A 166 87.67 -105.00 2.85
C LEU A 166 88.59 -105.57 1.77
N PRO A 167 89.89 -105.63 2.05
CA PRO A 167 90.83 -106.14 1.04
C PRO A 167 90.63 -107.63 0.81
N ALA A 168 90.35 -107.99 -0.44
CA ALA A 168 90.16 -109.40 -0.78
C ALA A 168 91.48 -110.18 -0.77
N ASN A 169 92.60 -109.48 -0.90
CA ASN A 169 93.92 -110.12 -0.91
C ASN A 169 94.57 -110.10 0.48
N GLY A 170 93.84 -109.73 1.52
CA GLY A 170 94.41 -109.74 2.85
C GLY A 170 94.72 -111.15 3.31
N ASP A 171 95.73 -111.26 4.16
CA ASP A 171 96.15 -112.56 4.66
C ASP A 171 95.11 -113.17 5.58
N LEU A 172 94.95 -114.49 5.49
CA LEU A 172 93.99 -115.20 6.32
C LEU A 172 94.45 -115.22 7.77
N LYS A 173 93.48 -115.31 8.69
CA LYS A 173 93.74 -115.37 10.11
C LYS A 173 92.92 -116.50 10.73
N ASP A 174 93.36 -116.95 11.90
CA ASP A 174 92.70 -118.03 12.60
C ASP A 174 91.53 -117.49 13.41
N PRO A 175 90.31 -117.96 13.18
CA PRO A 175 89.17 -117.45 13.97
C PRO A 175 89.31 -117.68 15.46
N THR A 176 89.86 -118.84 15.86
CA THR A 176 89.95 -119.17 17.27
C THR A 176 91.07 -118.43 17.99
N GLN A 177 92.03 -117.88 17.25
CA GLN A 177 93.17 -117.20 17.85
C GLN A 177 92.99 -115.68 17.92
N PHE A 178 91.75 -115.20 17.83
CA PHE A 178 91.51 -113.76 17.88
C PHE A 178 91.76 -113.24 19.29
N ASP A 179 92.43 -112.10 19.39
CA ASP A 179 92.65 -111.42 20.65
C ASP A 179 92.97 -109.96 20.34
N PHE A 180 92.14 -109.05 20.84
CA PHE A 180 92.33 -107.64 20.55
C PHE A 180 93.63 -107.09 21.13
N SER A 181 94.20 -107.76 22.13
CA SER A 181 95.45 -107.30 22.72
C SER A 181 96.65 -107.55 21.81
N ASP A 182 96.55 -108.50 20.88
CA ASP A 182 97.66 -108.82 20.00
C ASP A 182 97.32 -108.36 18.58
N PRO A 183 98.02 -107.38 18.03
CA PRO A 183 97.67 -106.88 16.69
C PRO A 183 97.75 -107.92 15.59
N ASP A 184 98.69 -108.88 15.70
CA ASP A 184 98.88 -109.83 14.63
C ASP A 184 97.75 -110.85 14.51
N THR A 185 96.90 -110.97 15.52
CA THR A 185 95.81 -111.94 15.45
C THR A 185 94.75 -111.55 14.44
N TYR A 186 94.48 -110.27 14.28
CA TYR A 186 93.45 -109.77 13.38
C TYR A 186 94.10 -109.06 12.20
N ASN A 187 93.25 -108.53 11.31
CA ASN A 187 93.71 -107.84 10.12
C ASN A 187 93.74 -106.33 10.28
N ARG A 188 92.59 -105.73 10.60
CA ARG A 188 92.48 -104.28 10.68
C ARG A 188 91.67 -103.89 11.91
N SER A 189 91.93 -102.67 12.40
CA SER A 189 91.23 -102.14 13.55
C SER A 189 90.98 -100.66 13.33
N THR A 190 89.78 -100.21 13.65
CA THR A 190 89.41 -98.80 13.51
C THR A 190 88.92 -98.26 14.85
N SER A 191 89.07 -96.96 15.03
CA SER A 191 88.66 -96.29 16.26
C SER A 191 87.60 -95.25 15.95
N SER A 192 86.66 -95.10 16.87
CA SER A 192 85.55 -94.17 16.67
C SER A 192 85.01 -93.76 18.04
N THR A 193 84.19 -92.73 18.04
CA THR A 193 83.64 -92.15 19.26
C THR A 193 82.14 -92.34 19.32
N ILE A 194 81.65 -92.73 20.50
CA ILE A 194 80.23 -92.89 20.76
C ILE A 194 79.90 -92.13 22.03
N TYR A 195 78.61 -91.84 22.23
CA TYR A 195 78.16 -91.05 23.35
C TYR A 195 77.07 -91.79 24.12
N ASP A 196 77.12 -91.69 25.45
CA ASP A 196 76.15 -92.34 26.32
C ASP A 196 75.01 -91.36 26.61
N SER A 197 74.19 -91.70 27.60
CA SER A 197 73.03 -90.88 27.93
C SER A 197 73.44 -89.50 28.44
N MET A 198 74.50 -89.42 29.23
CA MET A 198 74.93 -88.15 29.82
C MET A 198 75.85 -87.37 28.90
N GLY A 199 76.10 -87.86 27.69
CA GLY A 199 76.97 -87.18 26.76
C GLY A 199 78.45 -87.47 26.91
N GLN A 200 78.83 -88.35 27.82
CA GLN A 200 80.22 -88.72 27.98
C GLN A 200 80.73 -89.41 26.71
N SER A 201 81.96 -89.09 26.31
CA SER A 201 82.54 -89.65 25.11
C SER A 201 83.24 -90.97 25.43
N TYR A 202 82.96 -91.98 24.62
CA TYR A 202 83.62 -93.27 24.73
C TYR A 202 84.23 -93.64 23.39
N LYS A 203 85.34 -94.38 23.46
CA LYS A 203 86.07 -94.79 22.26
C LYS A 203 85.67 -96.21 21.89
N LEU A 204 85.13 -96.38 20.69
CA LEU A 204 84.70 -97.68 20.19
C LEU A 204 85.69 -98.16 19.15
N THR A 205 86.25 -99.34 19.37
CA THR A 205 87.24 -99.93 18.48
C THR A 205 86.65 -101.18 17.83
N THR A 206 86.69 -101.23 16.51
CA THR A 206 86.16 -102.34 15.73
C THR A 206 87.31 -103.12 15.12
N TYR A 207 87.31 -104.43 15.30
CA TYR A 207 88.36 -105.31 14.80
C TYR A 207 87.81 -106.19 13.68
N TYR A 208 88.50 -106.21 12.56
CA TYR A 208 88.12 -107.00 11.39
C TYR A 208 89.12 -108.13 11.20
N LEU A 209 88.61 -109.36 11.13
CA LEU A 209 89.44 -110.54 10.96
C LEU A 209 88.95 -111.33 9.76
N LYS A 210 89.87 -111.74 8.90
CA LYS A 210 89.54 -112.49 7.70
C LYS A 210 89.58 -113.98 8.02
N ASP A 211 88.47 -114.66 7.77
CA ASP A 211 88.38 -116.08 8.08
C ASP A 211 89.24 -116.89 7.12
N GLN A 212 89.88 -117.93 7.67
CA GLN A 212 90.73 -118.82 6.89
C GLN A 212 90.00 -120.05 6.38
N THR A 213 89.16 -120.65 7.23
CA THR A 213 88.48 -121.89 6.84
C THR A 213 87.50 -121.66 5.69
N GLN A 214 86.74 -120.57 5.74
CA GLN A 214 85.72 -120.30 4.75
C GLN A 214 86.12 -119.09 3.91
N PRO A 215 86.22 -119.23 2.59
CA PRO A 215 86.57 -118.07 1.76
C PRO A 215 85.46 -117.03 1.75
N ASN A 216 85.84 -115.78 1.51
CA ASN A 216 84.91 -114.66 1.45
C ASN A 216 84.08 -114.54 2.73
N THR A 217 84.74 -114.74 3.87
CA THR A 217 84.09 -114.66 5.16
C THR A 217 84.97 -113.87 6.11
N TRP A 218 84.36 -112.99 6.90
CA TRP A 218 85.09 -112.14 7.83
C TRP A 218 84.41 -112.18 9.20
N ASN A 219 85.21 -111.93 10.23
CA ASN A 219 84.72 -111.82 11.60
C ASN A 219 84.97 -110.41 12.12
N THR A 220 83.97 -109.86 12.81
CA THR A 220 84.04 -108.50 13.32
C THR A 220 83.78 -108.49 14.81
N TYR A 221 84.65 -107.82 15.55
CA TYR A 221 84.55 -107.72 17.01
C TYR A 221 84.62 -106.26 17.41
N TYR A 222 84.02 -105.94 18.55
CA TYR A 222 83.94 -104.57 19.04
C TYR A 222 84.43 -104.50 20.48
N THR A 223 85.10 -103.40 20.81
CA THR A 223 85.58 -103.14 22.16
C THR A 223 85.30 -101.69 22.52
N VAL A 224 85.10 -101.44 23.81
CA VAL A 224 84.82 -100.11 24.33
C VAL A 224 85.92 -99.75 25.33
N THR A 225 86.51 -98.57 25.16
CA THR A 225 87.64 -98.12 25.98
C THR A 225 87.17 -97.02 26.92
N ASP A 226 87.01 -97.36 28.20
CA ASP A 226 86.74 -96.40 29.25
C ASP A 226 88.03 -96.10 30.02
N LYS A 227 87.89 -95.32 31.09
CA LYS A 227 89.07 -94.97 31.88
C LYS A 227 89.65 -96.17 32.61
N GLU A 228 88.81 -97.13 33.00
CA GLU A 228 89.30 -98.33 33.66
C GLU A 228 90.19 -99.15 32.71
N GLY A 229 89.78 -99.26 31.46
CA GLY A 229 90.54 -100.04 30.50
C GLY A 229 89.68 -100.31 29.27
N GLU A 230 90.13 -101.27 28.48
CA GLU A 230 89.43 -101.68 27.26
C GLU A 230 88.66 -102.96 27.56
N LYS A 231 87.33 -102.89 27.44
CA LYS A 231 86.48 -104.04 27.71
C LYS A 231 85.80 -104.49 26.44
N PRO A 232 85.87 -105.78 26.10
CA PRO A 232 85.20 -106.26 24.89
C PRO A 232 83.69 -106.18 25.03
N LEU A 233 83.03 -105.99 23.89
CA LEU A 233 81.57 -105.91 23.82
C LEU A 233 81.05 -107.11 23.03
N ASN A 234 80.00 -107.73 23.57
CA ASN A 234 79.46 -108.95 22.99
C ASN A 234 78.20 -108.64 22.18
N VAL A 235 78.06 -109.32 21.05
CA VAL A 235 76.86 -109.23 20.22
C VAL A 235 75.81 -110.16 20.81
N ALA A 236 74.53 -109.77 20.67
CA ALA A 236 73.45 -110.52 21.30
C ALA A 236 73.39 -111.95 20.78
N ALA A 237 73.44 -112.12 19.46
CA ALA A 237 73.33 -113.44 18.84
C ALA A 237 74.34 -113.62 17.72
N GLY A 238 75.51 -113.00 17.85
CA GLY A 238 76.52 -113.12 16.82
C GLY A 238 77.05 -114.54 16.72
N ASP A 239 77.29 -114.99 15.49
CA ASP A 239 77.75 -116.35 15.22
C ASP A 239 79.28 -116.40 15.13
N ALA A 240 79.97 -115.88 16.14
CA ALA A 240 81.43 -115.92 16.18
C ALA A 240 81.85 -115.88 17.66
N GLN A 241 82.14 -117.05 18.22
CA GLN A 241 82.49 -117.18 19.63
C GLN A 241 83.95 -117.61 19.73
N THR A 242 84.80 -116.73 20.24
CA THR A 242 86.17 -117.09 20.56
C THR A 242 86.19 -117.94 21.83
N PRO A 243 87.25 -118.73 22.02
CA PRO A 243 87.34 -119.53 23.25
C PRO A 243 87.30 -118.71 24.52
N THR A 244 87.83 -117.49 24.50
CA THR A 244 87.77 -116.64 25.69
C THR A 244 86.32 -116.30 26.05
N GLY A 245 85.50 -116.02 25.05
CA GLY A 245 84.10 -115.69 25.29
C GLY A 245 83.61 -114.48 24.51
N HIS A 246 84.54 -113.78 23.85
CA HIS A 246 84.16 -112.63 23.04
C HIS A 246 83.30 -113.07 21.87
N VAL A 247 82.19 -112.36 21.65
CA VAL A 247 81.21 -112.73 20.63
C VAL A 247 81.19 -111.65 19.57
N GLY A 248 81.56 -112.01 18.35
CA GLY A 248 81.46 -111.15 17.20
C GLY A 248 80.39 -111.60 16.24
N HIS A 249 80.42 -111.03 15.04
CA HIS A 249 79.48 -111.39 13.99
C HIS A 249 80.24 -111.64 12.69
N THR A 250 79.63 -112.44 11.82
CA THR A 250 80.26 -112.87 10.59
C THR A 250 79.70 -112.09 9.41
N MET A 251 80.58 -111.77 8.45
CA MET A 251 80.19 -111.08 7.22
C MET A 251 80.59 -111.94 6.03
N LYS A 252 79.65 -112.12 5.10
CA LYS A 252 79.86 -112.95 3.93
C LYS A 252 79.60 -112.13 2.66
N PHE A 253 80.35 -112.44 1.61
CA PHE A 253 80.29 -111.70 0.35
C PHE A 253 80.07 -112.66 -0.80
N ASN A 254 79.53 -112.13 -1.90
CA ASN A 254 79.28 -112.92 -3.09
C ASN A 254 80.54 -112.93 -3.95
N ASN A 255 80.43 -113.49 -5.16
CA ASN A 255 81.56 -113.55 -6.07
C ASN A 255 81.97 -112.16 -6.54
N ASP A 256 80.99 -111.30 -6.84
CA ASP A 256 81.28 -109.95 -7.32
C ASP A 256 81.77 -109.02 -6.23
N GLY A 257 81.90 -109.50 -5.00
CA GLY A 257 82.39 -108.69 -3.90
C GLY A 257 81.34 -107.92 -3.15
N THR A 258 80.09 -107.95 -3.60
CA THR A 258 79.02 -107.27 -2.89
C THR A 258 78.69 -108.03 -1.61
N LEU A 259 77.88 -107.41 -0.77
CA LEU A 259 77.51 -108.00 0.51
C LEU A 259 76.51 -109.14 0.30
N ALA A 260 76.78 -110.28 0.94
CA ALA A 260 75.90 -111.44 0.83
C ALA A 260 75.00 -111.60 2.05
N SER A 261 75.59 -111.69 3.25
CA SER A 261 74.80 -111.87 4.46
C SER A 261 75.58 -111.31 5.64
N LEU A 262 74.84 -110.94 6.68
CA LEU A 262 75.41 -110.38 7.92
C LEU A 262 74.83 -111.13 9.10
N ASN A 263 75.69 -111.80 9.86
CA ASN A 263 75.30 -112.50 11.08
C ASN A 263 74.14 -113.48 10.81
N ASN A 264 74.28 -114.25 9.73
CA ASN A 264 73.24 -115.20 9.30
C ASN A 264 71.91 -114.51 9.07
N GLY A 265 71.93 -113.27 8.60
CA GLY A 265 70.72 -112.53 8.32
C GLY A 265 70.05 -111.93 9.53
N GLN A 266 70.65 -112.03 10.70
CA GLN A 266 70.02 -111.44 11.87
C GLN A 266 70.50 -110.01 12.08
N PRO A 267 69.67 -109.16 12.67
CA PRO A 267 70.13 -107.80 13.01
C PRO A 267 71.25 -107.86 14.03
N ILE A 268 72.19 -106.92 13.89
CA ILE A 268 73.36 -106.87 14.76
C ILE A 268 73.06 -105.91 15.89
N THR A 269 72.73 -106.45 17.06
CA THR A 269 72.45 -105.68 18.26
C THR A 269 73.43 -106.09 19.34
N SER A 270 74.12 -105.10 19.92
CA SER A 270 75.06 -105.39 20.99
C SER A 270 74.34 -105.49 22.33
N VAL A 271 74.98 -106.17 23.28
CA VAL A 271 74.43 -106.31 24.62
C VAL A 271 74.57 -104.98 25.36
N ALA A 272 73.91 -104.85 26.50
CA ALA A 272 73.97 -103.62 27.27
C ALA A 272 75.39 -103.35 27.72
N LEU A 273 75.82 -102.09 27.62
CA LEU A 273 77.21 -101.74 27.90
C LEU A 273 77.53 -101.89 29.38
N GLY A 274 76.66 -101.41 30.25
CA GLY A 274 76.98 -101.38 31.67
C GLY A 274 76.13 -102.29 32.54
N ASP A 275 75.43 -103.26 31.93
CA ASP A 275 74.57 -104.14 32.69
C ASP A 275 75.30 -105.44 32.98
N PRO A 276 75.65 -105.73 34.23
CA PRO A 276 76.30 -107.02 34.54
C PRO A 276 75.41 -108.22 34.28
N ALA A 277 74.08 -108.02 34.23
CA ALA A 277 73.16 -109.14 34.03
C ALA A 277 73.27 -109.74 32.63
N THR A 278 73.77 -109.00 31.65
CA THR A 278 73.93 -109.52 30.30
C THR A 278 75.33 -109.35 29.74
N ASN A 279 76.24 -108.68 30.45
CA ASN A 279 77.59 -108.46 29.97
C ASN A 279 78.57 -108.98 31.01
N THR A 280 79.53 -109.79 30.57
CA THR A 280 80.56 -110.29 31.48
C THR A 280 81.58 -109.21 31.82
N THR A 281 81.69 -108.17 30.99
CA THR A 281 82.60 -107.05 31.22
C THR A 281 81.81 -105.77 31.11
N PRO A 282 81.07 -105.40 32.16
CA PRO A 282 80.24 -104.20 32.09
C PRO A 282 81.09 -102.94 31.95
N VAL A 283 80.71 -102.08 31.01
CA VAL A 283 81.41 -100.82 30.83
C VAL A 283 81.02 -99.86 31.93
N ASP A 284 82.02 -99.18 32.50
CA ASP A 284 81.77 -98.26 33.60
C ASP A 284 81.06 -97.01 33.08
N MET A 285 79.73 -96.99 33.16
CA MET A 285 78.96 -95.87 32.65
C MET A 285 79.14 -94.61 33.48
N ASN A 286 79.62 -94.73 34.72
CA ASN A 286 79.88 -93.59 35.59
C ASN A 286 78.63 -92.73 35.77
N GLY A 287 77.48 -93.39 35.97
CA GLY A 287 76.23 -92.71 36.20
C GLY A 287 75.30 -92.67 35.01
N ALA A 288 75.77 -93.01 33.81
CA ALA A 288 74.92 -93.04 32.64
C ALA A 288 74.02 -94.26 32.67
N ASP A 289 73.17 -94.38 31.66
CA ASP A 289 72.27 -95.53 31.60
C ASP A 289 73.08 -96.78 31.28
N PRO A 290 73.05 -97.80 32.13
CA PRO A 290 73.78 -99.04 31.84
C PRO A 290 73.08 -99.93 30.83
N ALA A 291 71.85 -99.64 30.46
CA ALA A 291 71.07 -100.47 29.55
C ALA A 291 71.17 -100.04 28.10
N GLN A 292 72.12 -99.17 27.77
CA GLN A 292 72.26 -98.71 26.40
C GLN A 292 72.67 -99.85 25.48
N THR A 293 72.08 -99.88 24.28
CA THR A 293 72.37 -100.89 23.27
C THR A 293 72.75 -100.19 21.97
N LEU A 294 73.54 -100.88 21.16
CA LEU A 294 74.02 -100.36 19.89
C LEU A 294 73.56 -101.26 18.75
N ASN A 295 73.06 -100.65 17.69
CA ASN A 295 72.66 -101.36 16.48
C ASN A 295 73.61 -100.97 15.35
N PHE A 296 74.24 -101.97 14.74
CA PHE A 296 75.23 -101.73 13.69
C PHE A 296 74.62 -102.06 12.33
N GLY A 297 74.68 -101.11 11.42
CA GLY A 297 74.21 -101.33 10.06
C GLY A 297 75.36 -101.31 9.08
N LEU A 298 75.65 -102.46 8.48
CA LEU A 298 76.77 -102.60 7.55
C LEU A 298 76.28 -103.09 6.19
N GLY A 299 75.16 -102.54 5.72
CA GLY A 299 74.59 -103.00 4.47
C GLY A 299 75.35 -102.59 3.23
N SER A 300 76.32 -101.68 3.37
CA SER A 300 77.11 -101.22 2.24
C SER A 300 78.53 -101.79 2.26
N ALA A 301 78.82 -102.71 3.17
CA ALA A 301 80.16 -103.28 3.24
C ALA A 301 80.48 -104.07 1.98
N THR A 302 81.69 -103.87 1.46
CA THR A 302 82.10 -104.49 0.22
C THR A 302 83.50 -105.07 0.39
N GLN A 303 83.83 -106.03 -0.48
CA GLN A 303 85.16 -106.64 -0.50
C GLN A 303 85.65 -106.65 -1.93
N PHE A 304 86.63 -105.80 -2.23
CA PHE A 304 87.22 -105.70 -3.56
C PHE A 304 88.73 -105.83 -3.45
N ALA A 305 89.42 -105.56 -4.57
CA ALA A 305 90.87 -105.58 -4.57
C ALA A 305 91.48 -104.35 -3.92
N ALA A 306 90.67 -103.33 -3.66
CA ALA A 306 91.18 -102.12 -3.06
C ALA A 306 91.63 -102.37 -1.62
N PRO A 307 92.59 -101.59 -1.10
CA PRO A 307 93.04 -101.78 0.29
C PRO A 307 91.93 -101.47 1.28
N PHE A 308 92.21 -101.69 2.57
CA PHE A 308 91.23 -101.40 3.60
C PHE A 308 90.88 -99.92 3.60
N GLU A 309 89.60 -99.62 3.74
CA GLU A 309 89.12 -98.24 3.62
C GLU A 309 87.85 -98.07 4.43
N LEU A 310 87.79 -97.00 5.21
CA LEU A 310 86.60 -96.64 5.99
C LEU A 310 85.86 -95.55 5.21
N THR A 311 84.97 -96.00 4.31
CA THR A 311 84.31 -95.06 3.41
C THR A 311 83.30 -94.18 4.16
N LYS A 312 82.47 -94.79 5.01
CA LYS A 312 81.38 -94.07 5.66
C LYS A 312 81.25 -94.53 7.09
N PHE A 313 81.10 -93.57 8.01
CA PHE A 313 80.82 -93.85 9.40
C PHE A 313 79.82 -92.83 9.91
N ASP A 314 78.63 -93.28 10.29
CA ASP A 314 77.57 -92.41 10.74
C ASP A 314 76.99 -92.94 12.05
N GLU A 315 76.66 -92.02 12.95
CA GLU A 315 76.06 -92.36 14.23
C GLU A 315 74.87 -91.43 14.48
N ASP A 316 74.14 -91.71 15.55
CA ASP A 316 73.01 -90.89 15.95
C ASP A 316 73.24 -90.24 17.32
N GLY A 317 74.46 -90.28 17.83
CA GLY A 317 74.76 -89.67 19.10
C GLY A 317 74.84 -88.16 19.01
N ALA A 318 74.76 -87.52 20.18
CA ALA A 318 74.77 -86.07 20.24
C ALA A 318 75.25 -85.65 21.62
N THR A 319 75.68 -84.39 21.71
CA THR A 319 76.15 -83.80 22.96
C THR A 319 75.52 -82.42 23.11
N THR A 320 75.69 -81.84 24.29
CA THR A 320 75.14 -80.51 24.54
C THR A 320 75.82 -79.48 23.64
N GLY A 321 75.05 -78.47 23.24
CA GLY A 321 75.57 -77.45 22.35
C GLY A 321 74.76 -76.17 22.47
N PHE A 322 75.25 -75.15 21.76
CA PHE A 322 74.64 -73.83 21.76
C PHE A 322 74.20 -73.48 20.34
N LEU A 323 73.09 -72.76 20.23
CA LEU A 323 72.57 -72.33 18.94
C LEU A 323 73.64 -71.52 18.20
N THR A 324 73.97 -71.97 16.99
CA THR A 324 75.01 -71.34 16.19
C THR A 324 74.45 -70.47 15.07
N LYS A 325 73.58 -71.01 14.22
CA LYS A 325 73.01 -70.23 13.14
C LYS A 325 71.60 -70.72 12.86
N VAL A 326 70.78 -69.83 12.32
CA VAL A 326 69.39 -70.12 12.02
C VAL A 326 69.10 -69.64 10.60
N ASP A 327 68.46 -70.49 9.81
CA ASP A 327 68.12 -70.14 8.43
C ASP A 327 66.75 -70.70 8.10
N PHE A 328 66.13 -70.14 7.07
CA PHE A 328 64.81 -70.54 6.60
C PHE A 328 64.95 -71.08 5.19
N ASP A 329 64.33 -72.23 4.93
CA ASP A 329 64.35 -72.80 3.59
C ASP A 329 63.07 -72.43 2.85
N GLU A 330 62.96 -72.94 1.62
CA GLU A 330 61.80 -72.61 0.79
C GLU A 330 60.51 -73.21 1.32
N ASN A 331 60.60 -74.31 2.07
CA ASN A 331 59.41 -74.95 2.62
C ASN A 331 58.89 -74.24 3.86
N GLY A 332 59.58 -73.23 4.36
CA GLY A 332 59.18 -72.55 5.58
C GLY A 332 59.72 -73.15 6.84
N SER A 333 60.42 -74.28 6.76
CA SER A 333 61.02 -74.87 7.95
C SER A 333 62.17 -74.00 8.42
N VAL A 334 62.18 -73.69 9.71
CA VAL A 334 63.25 -72.91 10.32
C VAL A 334 64.25 -73.89 10.90
N MET A 335 65.42 -73.97 10.28
CA MET A 335 66.45 -74.90 10.71
C MET A 335 67.55 -74.17 11.46
N GLY A 336 68.11 -74.85 12.46
CA GLY A 336 69.19 -74.28 13.25
C GLY A 336 70.24 -75.30 13.61
N THR A 337 71.50 -74.95 13.40
CA THR A 337 72.61 -75.83 13.70
C THR A 337 73.21 -75.43 15.04
N TYR A 338 73.63 -76.43 15.82
CA TYR A 338 74.16 -76.22 17.15
C TYR A 338 75.65 -76.51 17.17
N SER A 339 76.25 -76.39 18.36
CA SER A 339 77.68 -76.63 18.49
C SER A 339 78.02 -78.10 18.28
N ASN A 340 77.13 -79.00 18.67
CA ASN A 340 77.39 -80.43 18.51
C ASN A 340 77.47 -80.81 17.04
N GLY A 341 76.60 -80.24 16.21
CA GLY A 341 76.52 -80.57 14.80
C GLY A 341 75.15 -81.00 14.32
N GLU A 342 74.20 -81.24 15.21
CA GLU A 342 72.86 -81.63 14.80
C GLU A 342 72.14 -80.46 14.13
N ASN A 343 71.53 -80.74 12.98
CA ASN A 343 70.77 -79.74 12.24
C ASN A 343 69.29 -79.86 12.60
N VAL A 344 68.98 -79.48 13.85
CA VAL A 344 67.64 -79.66 14.38
C VAL A 344 66.67 -78.73 13.66
N THR A 345 65.52 -79.27 13.28
CA THR A 345 64.46 -78.49 12.65
C THR A 345 63.51 -78.00 13.73
N LEU A 346 63.54 -76.69 13.99
CA LEU A 346 62.72 -76.13 15.06
C LEU A 346 61.24 -76.20 14.73
N GLY A 347 60.87 -75.99 13.48
CA GLY A 347 59.47 -76.06 13.09
C GLY A 347 59.27 -75.47 11.71
N ARG A 348 58.01 -75.31 11.35
CA ARG A 348 57.62 -74.67 10.10
C ARG A 348 56.80 -73.42 10.40
N VAL A 349 56.60 -72.62 9.36
CA VAL A 349 55.84 -71.38 9.47
C VAL A 349 54.48 -71.62 8.84
N ALA A 350 53.42 -71.45 9.63
CA ALA A 350 52.08 -71.73 9.15
C ALA A 350 51.67 -70.74 8.07
N LEU A 351 50.90 -71.24 7.11
CA LEU A 351 50.32 -70.42 6.05
C LEU A 351 48.82 -70.66 6.01
N VAL A 352 48.06 -69.58 5.88
CA VAL A 352 46.60 -69.64 5.93
C VAL A 352 46.05 -69.04 4.65
N ARG A 353 45.07 -69.74 4.06
CA ARG A 353 44.43 -69.29 2.84
C ARG A 353 42.92 -69.32 3.04
N VAL A 354 42.24 -68.28 2.55
CA VAL A 354 40.78 -68.23 2.62
C VAL A 354 40.23 -68.27 1.21
N PRO A 355 39.06 -68.89 0.99
CA PRO A 355 38.49 -68.90 -0.37
C PRO A 355 38.14 -67.52 -0.89
N ASN A 356 37.66 -66.63 -0.03
CA ASN A 356 37.23 -65.29 -0.42
C ASN A 356 38.03 -64.28 0.37
N GLU A 357 39.12 -63.77 -0.22
CA GLU A 357 39.94 -62.79 0.46
C GLU A 357 39.27 -61.42 0.56
N GLN A 358 38.36 -61.10 -0.35
CA GLN A 358 37.67 -59.82 -0.33
C GLN A 358 36.69 -59.69 0.82
N GLY A 359 36.38 -60.78 1.52
CA GLY A 359 35.39 -60.75 2.57
C GLY A 359 35.99 -60.72 3.95
N LEU A 360 37.32 -60.75 4.03
CA LEU A 360 38.00 -60.62 5.31
C LEU A 360 37.70 -59.27 5.93
N ASP A 361 37.34 -59.29 7.21
CA ASP A 361 37.19 -58.04 7.95
C ASP A 361 38.56 -57.54 8.37
N LYS A 362 38.72 -56.22 8.38
CA LYS A 362 40.02 -55.59 8.57
C LYS A 362 40.16 -55.17 10.03
N LYS A 363 41.17 -55.71 10.69
CA LYS A 363 41.53 -55.27 12.03
C LYS A 363 42.62 -54.19 11.92
N GLY A 364 43.05 -53.69 13.06
CA GLY A 364 44.11 -52.70 13.06
C GLY A 364 45.47 -53.31 12.78
N GLY A 365 46.42 -52.42 12.46
CA GLY A 365 47.78 -52.86 12.23
C GLY A 365 47.96 -53.77 11.04
N THR A 366 47.17 -53.57 9.99
CA THR A 366 47.24 -54.34 8.75
C THR A 366 47.13 -55.84 9.03
N GLN A 367 46.03 -56.22 9.66
CA GLN A 367 45.73 -57.60 9.95
C GLN A 367 44.28 -57.89 9.61
N TRP A 368 44.01 -59.15 9.28
CA TRP A 368 42.68 -59.58 8.88
C TRP A 368 42.25 -60.80 9.68
N ASP A 369 40.94 -61.01 9.72
CA ASP A 369 40.36 -62.17 10.39
C ASP A 369 39.30 -62.78 9.48
N SER A 370 38.99 -64.04 9.74
CA SER A 370 38.08 -64.80 8.89
C SER A 370 36.65 -64.63 9.39
N THR A 371 35.78 -64.11 8.51
CA THR A 371 34.38 -63.93 8.84
C THR A 371 33.54 -64.94 8.07
N GLN A 372 32.22 -64.81 8.19
CA GLN A 372 31.31 -65.70 7.48
C GLN A 372 31.45 -65.55 5.97
N PHE A 373 31.53 -64.31 5.48
CA PHE A 373 31.63 -64.09 4.05
C PHE A 373 32.95 -64.62 3.48
N SER A 374 34.04 -64.44 4.22
CA SER A 374 35.34 -64.90 3.74
C SER A 374 35.38 -66.41 3.60
N GLY A 375 34.76 -67.13 4.55
CA GLY A 375 34.81 -68.58 4.59
C GLY A 375 35.42 -69.07 5.89
N ASP A 376 36.28 -70.08 5.78
CA ASP A 376 37.00 -70.61 6.93
C ASP A 376 38.48 -70.72 6.58
N LYS A 377 39.32 -70.53 7.59
CA LYS A 377 40.76 -70.57 7.38
C LYS A 377 41.18 -71.97 6.96
N ILE A 378 41.83 -72.06 5.80
CA ILE A 378 42.37 -73.31 5.28
C ILE A 378 43.87 -73.30 5.53
N TRP A 379 44.35 -74.20 6.38
CA TRP A 379 45.75 -74.23 6.77
C TRP A 379 46.56 -75.07 5.79
N GLY A 380 47.84 -74.74 5.68
CA GLY A 380 48.72 -75.45 4.78
C GLY A 380 50.16 -75.05 5.00
N GLU A 381 51.05 -75.74 4.32
CA GLU A 381 52.48 -75.48 4.41
C GLU A 381 52.88 -74.45 3.36
N SER A 382 54.19 -74.29 3.18
CA SER A 382 54.73 -73.42 2.14
C SER A 382 55.07 -74.24 0.91
N ASN A 383 54.75 -73.70 -0.26
CA ASN A 383 55.02 -74.37 -1.54
C ASN A 383 54.37 -75.75 -1.61
N LYS A 384 53.10 -75.80 -1.18
CA LYS A 384 52.32 -77.03 -1.23
C LYS A 384 50.91 -76.71 -1.67
N GLY A 385 50.37 -77.52 -2.58
CA GLY A 385 49.02 -77.28 -3.06
C GLY A 385 48.93 -75.95 -3.78
N SER A 386 48.01 -75.11 -3.34
CA SER A 386 47.78 -73.81 -3.97
C SER A 386 48.48 -72.67 -3.24
N PHE A 387 49.27 -72.97 -2.22
CA PHE A 387 49.96 -71.92 -1.47
C PHE A 387 51.19 -71.44 -2.23
N GLY A 388 51.72 -70.30 -1.79
CA GLY A 388 52.93 -69.74 -2.35
C GLY A 388 54.16 -70.19 -1.60
N THR A 389 55.23 -69.42 -1.74
CA THR A 389 56.49 -69.70 -1.08
C THR A 389 56.79 -68.62 -0.04
N ILE A 390 57.71 -68.95 0.86
CA ILE A 390 58.14 -68.03 1.91
C ILE A 390 59.62 -67.73 1.69
N ASN A 391 59.95 -66.46 1.53
CA ASN A 391 61.32 -66.02 1.30
C ASN A 391 61.78 -65.17 2.48
N ASN A 392 62.93 -65.52 3.03
CA ASN A 392 63.51 -64.75 4.13
C ASN A 392 64.35 -63.60 3.58
N GLY A 393 64.43 -62.53 4.36
CA GLY A 393 65.17 -61.35 3.96
C GLY A 393 64.41 -60.37 3.09
N MET A 394 63.10 -60.55 2.91
CA MET A 394 62.30 -59.67 2.08
C MET A 394 61.07 -59.22 2.86
N LEU A 395 60.49 -58.11 2.42
CA LEU A 395 59.26 -57.58 2.98
C LEU A 395 58.36 -57.09 1.86
N GLU A 396 57.07 -57.01 2.15
CA GLU A 396 56.08 -56.53 1.19
C GLU A 396 55.83 -55.05 1.41
N GLN A 397 55.79 -54.29 0.32
CA GLN A 397 55.37 -52.91 0.37
C GLN A 397 53.90 -52.81 0.00
N SER A 398 53.36 -51.58 0.08
CA SER A 398 51.98 -51.38 -0.29
C SER A 398 51.80 -51.61 -1.79
N ASN A 399 50.69 -52.24 -2.15
CA ASN A 399 50.42 -52.58 -3.55
C ASN A 399 49.66 -51.46 -4.24
N ILE A 400 50.22 -50.25 -4.17
CA ILE A 400 49.60 -49.06 -4.72
C ILE A 400 50.54 -48.44 -5.74
N ASP A 401 49.96 -47.65 -6.65
CA ASP A 401 50.71 -46.90 -7.64
C ASP A 401 50.41 -45.42 -7.42
N MET A 402 51.46 -44.65 -7.13
CA MET A 402 51.26 -43.25 -6.74
C MET A 402 50.59 -42.44 -7.85
N THR A 403 51.04 -42.62 -9.09
CA THR A 403 50.51 -41.82 -10.19
C THR A 403 49.01 -42.07 -10.37
N GLN A 404 48.60 -43.33 -10.32
CA GLN A 404 47.19 -43.66 -10.44
C GLN A 404 46.38 -43.05 -9.29
N GLU A 405 46.95 -43.07 -8.08
CA GLU A 405 46.25 -42.47 -6.94
C GLU A 405 46.07 -40.97 -7.14
N LEU A 406 47.10 -40.28 -7.64
CA LEU A 406 46.98 -38.84 -7.86
C LEU A 406 45.95 -38.53 -8.94
N VAL A 407 45.94 -39.33 -10.02
CA VAL A 407 44.94 -39.12 -11.07
C VAL A 407 43.54 -39.34 -10.53
N ASP A 408 43.35 -40.39 -9.74
CA ASP A 408 42.05 -40.64 -9.14
C ASP A 408 41.65 -39.51 -8.19
N LEU A 409 42.63 -38.94 -7.48
CA LEU A 409 42.37 -37.80 -6.62
C LEU A 409 41.84 -36.62 -7.42
N ILE A 410 42.48 -36.34 -8.55
CA ILE A 410 42.03 -35.23 -9.41
C ILE A 410 40.62 -35.50 -9.91
N SER A 411 40.35 -36.72 -10.37
CA SER A 411 39.02 -37.05 -10.89
C SER A 411 37.96 -36.92 -9.80
N ALA A 412 38.28 -37.37 -8.59
CA ALA A 412 37.33 -37.24 -7.49
C ALA A 412 37.06 -35.78 -7.15
N GLN A 413 38.08 -34.94 -7.17
CA GLN A 413 37.88 -33.52 -6.94
C GLN A 413 36.96 -32.92 -8.00
N ARG A 414 37.16 -33.30 -9.27
CA ARG A 414 36.31 -32.79 -10.34
C ARG A 414 34.86 -33.23 -10.14
N ASN A 415 34.65 -34.49 -9.79
CA ASN A 415 33.29 -34.98 -9.56
C ASN A 415 32.64 -34.26 -8.40
N PHE A 416 33.40 -34.02 -7.32
CA PHE A 416 32.86 -33.30 -6.17
C PHE A 416 32.45 -31.88 -6.56
N GLN A 417 33.28 -31.21 -7.35
CA GLN A 417 32.93 -29.85 -7.79
C GLN A 417 31.67 -29.86 -8.65
N ALA A 418 31.55 -30.84 -9.55
CA ALA A 418 30.37 -30.91 -10.40
C ALA A 418 29.11 -31.12 -9.56
N ASN A 419 29.17 -32.03 -8.59
CA ASN A 419 28.01 -32.28 -7.74
C ASN A 419 27.66 -31.05 -6.90
N SER A 420 28.68 -30.35 -6.40
CA SER A 420 28.42 -29.12 -5.66
C SER A 420 27.74 -28.09 -6.55
N ARG A 421 28.16 -28.00 -7.81
CA ARG A 421 27.50 -27.10 -8.75
C ARG A 421 26.03 -27.47 -8.93
N SER A 422 25.74 -28.77 -9.05
CA SER A 422 24.35 -29.20 -9.19
C SER A 422 23.53 -28.82 -7.95
N LEU A 423 24.09 -29.03 -6.77
CA LEU A 423 23.39 -28.67 -5.53
C LEU A 423 23.13 -27.17 -5.47
N GLU A 424 24.12 -26.37 -5.87
CA GLU A 424 23.95 -24.92 -5.90
C GLU A 424 22.85 -24.52 -6.87
N VAL A 425 22.76 -25.20 -8.02
CA VAL A 425 21.70 -24.90 -8.97
C VAL A 425 20.33 -25.19 -8.35
N HIS A 426 20.20 -26.33 -7.68
CA HIS A 426 18.93 -26.67 -7.04
C HIS A 426 18.54 -25.62 -6.01
N ASN A 427 19.50 -25.22 -5.17
CA ASN A 427 19.20 -24.21 -4.15
C ASN A 427 18.82 -22.89 -4.77
N GLN A 428 19.49 -22.50 -5.86
CA GLN A 428 19.15 -21.25 -6.53
C GLN A 428 17.74 -21.30 -7.11
N LEU A 429 17.35 -22.44 -7.68
CA LEU A 429 15.99 -22.56 -8.19
C LEU A 429 14.97 -22.42 -7.06
N GLN A 430 15.22 -23.07 -5.93
CA GLN A 430 14.29 -22.97 -4.81
C GLN A 430 14.19 -21.55 -4.30
N GLN A 431 15.33 -20.86 -4.17
CA GLN A 431 15.30 -19.48 -3.70
C GLN A 431 14.65 -18.55 -4.71
N ASN A 432 14.75 -18.87 -6.00
CA ASN A 432 14.04 -18.09 -7.01
C ASN A 432 12.53 -18.25 -6.85
N ILE A 433 12.08 -19.48 -6.58
CA ILE A 433 10.64 -19.68 -6.37
C ILE A 433 10.19 -18.98 -5.10
N LEU A 434 11.03 -18.97 -4.07
CA LEU A 434 10.66 -18.35 -2.80
C LEU A 434 10.29 -16.88 -2.97
N GLN A 435 10.89 -16.20 -3.94
CA GLN A 435 10.68 -14.76 -4.13
C GLN A 435 9.60 -14.49 -5.18
N ILE A 436 8.39 -14.91 -4.86
CA ILE A 436 7.23 -14.65 -5.71
C ILE A 436 6.06 -14.18 -4.87
N SER B 2 22.79 -18.08 18.05
CA SER B 2 23.90 -17.29 17.54
C SER B 2 25.06 -17.28 18.53
N TYR B 3 24.74 -17.45 19.82
CA TYR B 3 25.79 -17.48 20.82
C TYR B 3 26.66 -18.73 20.70
N VAL B 4 26.10 -19.83 20.21
CA VAL B 4 26.91 -21.02 19.96
C VAL B 4 27.94 -20.75 18.87
N SER B 5 27.52 -20.07 17.80
CA SER B 5 28.45 -19.73 16.73
C SER B 5 29.52 -18.77 17.23
N LEU B 6 29.13 -17.81 18.08
CA LEU B 6 30.10 -16.90 18.64
C LEU B 6 31.10 -17.62 19.53
N SER B 7 30.64 -18.61 20.30
CA SER B 7 31.53 -19.42 21.11
C SER B 7 32.51 -20.20 20.23
N GLY B 8 32.01 -20.75 19.12
CA GLY B 8 32.90 -21.43 18.18
C GLY B 8 33.95 -20.50 17.60
N LEU B 9 33.54 -19.28 17.25
CA LEU B 9 34.49 -18.28 16.77
C LEU B 9 35.54 -17.97 17.82
N SER B 10 35.12 -17.81 19.07
CA SER B 10 36.06 -17.52 20.15
C SER B 10 37.05 -18.66 20.34
N ALA B 11 36.56 -19.90 20.31
CA ALA B 11 37.45 -21.04 20.47
C ALA B 11 38.46 -21.12 19.32
N ALA B 12 37.99 -20.92 18.08
CA ALA B 12 38.90 -20.95 16.95
C ALA B 12 39.94 -19.84 17.05
N GLN B 13 39.52 -18.65 17.48
CA GLN B 13 40.48 -17.56 17.61
C GLN B 13 41.48 -17.80 18.72
N LEU B 14 41.06 -18.42 19.82
CA LEU B 14 42.00 -18.78 20.87
C LEU B 14 43.02 -19.78 20.37
N ASP B 15 42.58 -20.79 19.62
CA ASP B 15 43.52 -21.75 19.05
C ASP B 15 44.48 -21.07 18.09
N LEU B 16 43.97 -20.15 17.28
CA LEU B 16 44.83 -19.41 16.35
C LEU B 16 45.87 -18.61 17.13
N ASN B 17 45.46 -17.96 18.22
CA ASN B 17 46.41 -17.19 19.02
C ASN B 17 47.48 -18.10 19.63
N THR B 18 47.07 -19.27 20.12
CA THR B 18 48.05 -20.19 20.69
C THR B 18 49.06 -20.65 19.64
N THR B 19 48.56 -20.99 18.44
CA THR B 19 49.46 -21.42 17.38
C THR B 19 50.38 -20.28 16.95
N SER B 20 49.85 -19.06 16.89
CA SER B 20 50.68 -17.92 16.52
C SER B 20 51.77 -17.67 17.55
N ASN B 21 51.44 -17.82 18.84
CA ASN B 21 52.46 -17.68 19.88
C ASN B 21 53.53 -18.75 19.75
N ASN B 22 53.10 -19.99 19.48
CA ASN B 22 54.07 -21.08 19.30
C ASN B 22 55.01 -20.79 18.13
N ILE B 23 54.46 -20.29 17.03
CA ILE B 23 55.29 -19.99 15.87
C ILE B 23 56.22 -18.81 16.17
N ALA B 24 55.72 -17.80 16.88
CA ALA B 24 56.53 -16.64 17.20
C ALA B 24 57.71 -17.00 18.08
N ASN B 25 57.49 -17.88 19.06
CA ASN B 25 58.56 -18.28 19.97
C ASN B 25 59.42 -19.41 19.43
N ALA B 26 59.48 -19.59 18.10
CA ALA B 26 60.21 -20.71 17.53
C ALA B 26 61.71 -20.67 17.81
N ASN B 27 62.25 -19.52 18.17
CA ASN B 27 63.69 -19.38 18.35
C ASN B 27 64.11 -19.13 19.79
N THR B 28 63.17 -18.83 20.69
CA THR B 28 63.53 -18.56 22.08
C THR B 28 64.06 -19.83 22.74
N TYR B 29 65.14 -19.67 23.51
CA TYR B 29 65.78 -20.81 24.17
C TYR B 29 64.93 -21.25 25.35
N GLY B 30 64.69 -22.56 25.45
CA GLY B 30 63.98 -23.11 26.57
C GLY B 30 62.48 -22.95 26.53
N PHE B 31 61.93 -22.43 25.43
CA PHE B 31 60.49 -22.25 25.32
C PHE B 31 59.78 -23.59 25.26
N LYS B 32 58.61 -23.66 25.90
CA LYS B 32 57.76 -24.83 25.85
C LYS B 32 56.44 -24.46 25.18
N GLU B 33 56.02 -25.26 24.20
CA GLU B 33 54.83 -24.95 23.44
C GLU B 33 53.57 -25.10 24.29
N SER B 34 52.46 -24.62 23.75
CA SER B 34 51.17 -24.68 24.42
C SER B 34 50.16 -25.36 23.51
N ARG B 35 49.22 -26.07 24.12
CA ARG B 35 48.14 -26.73 23.39
C ARG B 35 46.81 -26.25 23.95
N ALA B 36 45.87 -25.97 23.07
CA ALA B 36 44.58 -25.43 23.45
C ALA B 36 43.57 -26.58 23.52
N GLU B 37 42.93 -26.74 24.67
CA GLU B 37 41.96 -27.79 24.90
C GLU B 37 40.61 -27.17 25.23
N PHE B 38 39.58 -27.62 24.53
CA PHE B 38 38.23 -27.10 24.68
C PHE B 38 37.30 -28.18 25.22
N ALA B 39 36.12 -27.76 25.65
CA ALA B 39 35.15 -28.67 26.24
C ALA B 39 33.75 -28.24 25.85
N ASP B 40 32.84 -29.20 25.86
CA ASP B 40 31.45 -28.93 25.50
C ASP B 40 30.75 -28.19 26.63
N VAL B 41 29.65 -27.52 26.28
CA VAL B 41 28.82 -26.78 27.23
C VAL B 41 27.42 -27.35 27.17
N TYR B 42 26.80 -27.52 28.35
CA TYR B 42 25.44 -28.01 28.41
C TYR B 42 24.80 -27.53 29.70
N SER B 43 23.50 -27.23 29.64
CA SER B 43 22.79 -26.70 30.78
C SER B 43 22.53 -27.79 31.81
N ASN B 44 22.32 -27.37 33.06
CA ASN B 44 22.05 -28.26 34.17
C ASN B 44 20.85 -27.77 34.96
N SER B 45 19.78 -27.43 34.25
CA SER B 45 18.57 -26.95 34.90
C SER B 45 17.92 -28.08 35.71
N LEU B 46 17.18 -27.68 36.75
CA LEU B 46 16.49 -28.66 37.59
C LEU B 46 15.41 -29.37 36.79
N PHE B 47 14.71 -28.63 35.93
CA PHE B 47 13.70 -29.20 35.04
C PHE B 47 14.23 -29.09 33.61
N THR B 48 14.88 -30.15 33.16
CA THR B 48 15.56 -30.17 31.87
C THR B 48 14.86 -31.14 30.93
N ASN B 49 14.59 -30.70 29.71
CA ASN B 49 14.01 -31.58 28.70
C ASN B 49 15.00 -32.62 28.22
N ALA B 50 16.29 -32.27 28.14
CA ALA B 50 17.36 -33.17 27.73
C ALA B 50 17.19 -33.64 26.30
N LYS B 51 16.13 -34.41 26.03
CA LYS B 51 15.94 -34.97 24.68
C LYS B 51 15.70 -33.87 23.66
N THR B 52 15.02 -32.80 24.04
CA THR B 52 14.67 -31.73 23.13
C THR B 52 15.57 -30.50 23.29
N THR B 53 16.69 -30.64 24.01
CA THR B 53 17.56 -29.50 24.26
C THR B 53 18.87 -29.67 23.51
N PRO B 54 19.19 -28.77 22.59
CA PRO B 54 20.47 -28.86 21.88
C PRO B 54 21.64 -28.43 22.75
N GLY B 55 22.84 -28.40 22.17
CA GLY B 55 24.02 -28.02 22.92
C GLY B 55 24.06 -26.54 23.25
N GLY B 56 25.15 -26.15 23.90
CA GLY B 56 25.30 -24.77 24.33
C GLY B 56 26.59 -24.13 23.86
N GLY B 57 27.25 -24.73 22.87
CA GLY B 57 28.48 -24.18 22.33
C GLY B 57 29.72 -24.89 22.80
N ALA B 58 30.85 -24.19 22.76
CA ALA B 58 32.14 -24.75 23.15
C ALA B 58 32.86 -23.77 24.06
N GLN B 59 33.42 -24.29 25.15
CA GLN B 59 34.10 -23.47 26.15
C GLN B 59 35.56 -23.91 26.25
N ALA B 60 36.46 -22.94 26.29
CA ALA B 60 37.87 -23.25 26.45
C ALA B 60 38.13 -23.85 27.83
N SER B 61 38.77 -25.01 27.86
CA SER B 61 39.04 -25.69 29.11
C SER B 61 40.34 -25.20 29.75
N GLN B 62 41.45 -25.33 29.02
CA GLN B 62 42.74 -24.88 29.51
C GLN B 62 43.69 -24.76 28.33
N VAL B 63 44.74 -23.97 28.52
CA VAL B 63 45.86 -23.90 27.59
C VAL B 63 47.01 -24.67 28.19
N ALA B 64 47.32 -25.82 27.61
CA ALA B 64 48.33 -26.70 28.18
C ALA B 64 49.73 -26.11 28.00
N GLN B 65 50.70 -26.76 28.61
CA GLN B 65 52.10 -26.33 28.62
C GLN B 65 53.00 -27.52 28.34
N GLN B 66 52.70 -28.26 27.27
CA GLN B 66 53.40 -29.49 26.91
C GLN B 66 54.91 -29.37 27.16
N PHE B 67 55.43 -30.26 28.01
CA PHE B 67 56.78 -30.16 28.55
C PHE B 67 57.69 -31.24 28.00
N HIS B 68 57.44 -31.70 26.78
CA HIS B 68 58.30 -32.71 26.20
C HIS B 68 59.67 -32.10 25.87
N GLU B 69 60.71 -32.91 25.98
CA GLU B 69 62.07 -32.44 25.78
C GLU B 69 62.24 -31.83 24.40
N GLY B 70 62.87 -30.66 24.34
CA GLY B 70 63.15 -30.00 23.09
C GLY B 70 64.51 -30.35 22.55
N SER B 71 64.73 -29.98 21.29
CA SER B 71 66.01 -30.26 20.65
C SER B 71 67.09 -29.36 21.25
N SER B 72 68.34 -29.79 21.08
CA SER B 72 69.48 -29.11 21.67
C SER B 72 70.42 -28.62 20.58
N ILE B 73 70.93 -27.41 20.75
CA ILE B 73 71.91 -26.85 19.82
C ILE B 73 73.25 -26.73 20.52
N TYR B 74 74.32 -26.83 19.74
CA TYR B 74 75.67 -26.84 20.26
C TYR B 74 76.33 -25.51 19.93
N THR B 75 76.80 -24.82 20.97
CA THR B 75 77.47 -23.54 20.80
C THR B 75 78.95 -23.58 21.17
N ASN B 76 79.42 -24.67 21.76
CA ASN B 76 80.80 -24.82 22.22
C ASN B 76 81.18 -23.73 23.21
N ASN B 77 80.20 -23.12 23.87
CA ASN B 77 80.45 -22.10 24.87
C ASN B 77 80.32 -22.74 26.24
N PRO B 78 81.39 -22.82 27.03
CA PRO B 78 81.32 -23.57 28.30
C PRO B 78 80.33 -22.99 29.29
N MET B 79 79.95 -21.72 29.16
CA MET B 79 79.00 -21.13 30.09
C MET B 79 77.55 -21.45 29.75
N ASP B 80 77.28 -22.12 28.64
CA ASP B 80 75.93 -22.51 28.28
C ASP B 80 75.61 -23.85 28.89
N LEU B 81 74.41 -23.98 29.46
CA LEU B 81 74.00 -25.20 30.14
C LEU B 81 72.64 -25.65 29.65
N ARG B 82 72.44 -26.97 29.62
CA ARG B 82 71.18 -27.57 29.24
C ARG B 82 70.86 -28.70 30.21
N VAL B 83 69.60 -28.78 30.62
CA VAL B 83 69.12 -29.84 31.50
C VAL B 83 68.55 -30.95 30.63
N SER B 84 69.25 -32.08 30.57
CA SER B 84 68.77 -33.24 29.83
C SER B 84 67.97 -34.13 30.78
N GLY B 85 66.66 -34.19 30.55
CA GLY B 85 65.80 -34.96 31.43
C GLY B 85 64.82 -34.11 32.20
N THR B 86 64.60 -34.43 33.47
CA THR B 86 63.64 -33.72 34.30
C THR B 86 64.37 -32.81 35.29
N GLY B 87 63.97 -31.56 35.32
CA GLY B 87 64.55 -30.61 36.24
C GLY B 87 64.64 -29.22 35.62
N PHE B 88 64.54 -28.21 36.49
CA PHE B 88 64.62 -26.81 36.07
C PHE B 88 65.78 -26.13 36.77
N PHE B 89 66.40 -25.17 36.09
CA PHE B 89 67.33 -24.27 36.74
C PHE B 89 66.59 -23.34 37.69
N ALA B 90 67.26 -22.97 38.77
CA ALA B 90 66.70 -22.04 39.76
C ALA B 90 67.50 -20.75 39.73
N VAL B 91 66.81 -19.63 39.50
CA VAL B 91 67.44 -18.33 39.41
C VAL B 91 66.73 -17.37 40.35
N ALA B 92 67.50 -16.51 41.01
CA ALA B 92 66.97 -15.57 41.99
C ALA B 92 67.04 -14.14 41.46
N LYS B 93 66.03 -13.34 41.78
CA LYS B 93 65.98 -11.97 41.30
C LYS B 93 67.13 -11.15 41.88
N GLU B 94 67.38 -11.29 43.17
CA GLU B 94 68.42 -10.53 43.87
C GLU B 94 69.40 -11.48 44.54
N ARG B 95 70.64 -11.03 44.66
CA ARG B 95 71.68 -11.87 45.26
C ARG B 95 71.41 -12.14 46.73
N LEU B 96 70.91 -11.15 47.45
CA LEU B 96 70.73 -11.25 48.89
C LEU B 96 69.41 -11.92 49.28
N THR B 97 68.58 -12.30 48.32
CA THR B 97 67.32 -12.99 48.59
C THR B 97 67.21 -14.22 47.72
N PRO B 98 68.00 -15.27 48.01
CA PRO B 98 67.83 -16.53 47.27
C PRO B 98 66.48 -17.19 47.49
N GLN B 99 65.76 -16.81 48.55
CA GLN B 99 64.44 -17.40 48.79
C GLN B 99 63.49 -17.10 47.64
N GLN B 100 63.48 -15.86 47.15
CA GLN B 100 62.65 -15.48 46.01
C GLN B 100 63.35 -15.93 44.73
N ASN B 101 62.87 -17.02 44.16
CA ASN B 101 63.52 -17.62 43.00
C ASN B 101 62.47 -18.04 41.98
N GLU B 102 62.92 -18.23 40.75
CA GLU B 102 62.06 -18.66 39.65
C GLU B 102 62.76 -19.76 38.87
N LEU B 103 61.96 -20.59 38.21
CA LEU B 103 62.45 -21.74 37.47
C LEU B 103 62.58 -21.39 36.00
N THR B 104 63.60 -21.95 35.35
CA THR B 104 63.83 -21.71 33.94
C THR B 104 64.48 -22.94 33.31
N ARG B 105 64.61 -22.90 31.98
CA ARG B 105 65.25 -23.97 31.23
C ARG B 105 66.39 -23.52 30.35
N ASN B 106 66.44 -22.27 29.92
CA ASN B 106 67.56 -21.80 29.11
C ASN B 106 68.80 -21.60 29.98
N GLY B 107 69.96 -21.77 29.36
CA GLY B 107 71.21 -21.72 30.10
C GLY B 107 72.21 -20.72 29.57
N ALA B 108 71.74 -19.60 29.05
CA ALA B 108 72.63 -18.55 28.54
C ALA B 108 73.19 -17.78 29.73
N PHE B 109 74.27 -18.30 30.30
CA PHE B 109 74.88 -17.73 31.50
C PHE B 109 76.17 -16.98 31.16
N HIS B 110 76.49 -16.02 32.02
CA HIS B 110 77.73 -15.25 31.89
C HIS B 110 78.06 -14.64 33.25
N LEU B 111 79.29 -14.18 33.38
CA LEU B 111 79.77 -13.59 34.63
C LEU B 111 79.48 -12.10 34.65
N ASN B 112 78.83 -11.63 35.72
CA ASN B 112 78.57 -10.21 35.89
C ASN B 112 79.83 -9.54 36.46
N LYS B 113 79.71 -8.27 36.85
CA LYS B 113 80.86 -7.55 37.38
C LYS B 113 81.33 -8.10 38.72
N GLU B 114 80.51 -8.89 39.40
CA GLU B 114 80.87 -9.48 40.68
C GLU B 114 81.29 -10.94 40.55
N ASN B 115 81.52 -11.42 39.33
CA ASN B 115 81.92 -12.81 39.07
C ASN B 115 80.87 -13.79 39.57
N TYR B 116 79.60 -13.45 39.41
CA TYR B 116 78.49 -14.35 39.67
C TYR B 116 77.86 -14.78 38.36
N MET B 117 77.49 -16.05 38.26
CA MET B 117 76.84 -16.55 37.06
C MET B 117 75.40 -16.08 37.02
N VAL B 118 75.05 -15.32 35.98
CA VAL B 118 73.73 -14.73 35.85
C VAL B 118 73.16 -15.05 34.48
N THR B 119 71.85 -14.88 34.35
CA THR B 119 71.17 -15.08 33.08
C THR B 119 71.28 -13.82 32.24
N ALA B 120 70.50 -13.74 31.16
CA ALA B 120 70.51 -12.56 30.31
C ALA B 120 70.02 -11.34 31.08
N ASN B 121 69.00 -11.51 31.91
CA ASN B 121 68.42 -10.41 32.69
C ASN B 121 69.15 -10.16 34.00
N ASP B 122 70.40 -10.61 34.12
CA ASP B 122 71.20 -10.41 35.33
C ASP B 122 70.49 -10.98 36.56
N GLU B 123 69.95 -12.19 36.41
CA GLU B 123 69.35 -12.92 37.51
C GLU B 123 70.33 -13.98 37.99
N PHE B 124 70.65 -13.96 39.28
CA PHE B 124 71.69 -14.83 39.81
C PHE B 124 71.23 -16.28 39.78
N LEU B 125 72.16 -17.17 39.42
CA LEU B 125 71.88 -18.60 39.35
C LEU B 125 72.15 -19.24 40.71
N LEU B 126 71.17 -19.96 41.23
CA LEU B 126 71.26 -20.55 42.56
C LEU B 126 72.02 -21.86 42.52
N GLY B 127 72.87 -22.07 43.54
CA GLY B 127 73.66 -23.28 43.63
C GLY B 127 73.87 -23.70 45.06
N TYR B 128 74.45 -24.89 45.23
CA TYR B 128 74.72 -25.47 46.52
C TYR B 128 76.15 -25.15 46.96
N GLN B 129 76.54 -25.70 48.11
CA GLN B 129 77.89 -25.54 48.64
C GLN B 129 78.41 -26.91 49.04
N VAL B 130 79.40 -27.42 48.29
CA VAL B 130 79.92 -28.76 48.51
C VAL B 130 81.01 -28.72 49.57
N ASP B 131 81.33 -29.89 50.11
CA ASP B 131 82.41 -30.01 51.07
C ASP B 131 83.77 -29.95 50.37
N PRO B 132 84.79 -29.41 51.04
CA PRO B 132 86.12 -29.34 50.39
C PRO B 132 86.66 -30.70 49.98
N SER B 133 86.45 -31.73 50.80
CA SER B 133 86.91 -33.08 50.49
C SER B 133 85.77 -34.00 50.09
N SER B 134 84.72 -34.07 50.91
CA SER B 134 83.59 -34.95 50.61
C SER B 134 82.82 -34.44 49.39
N GLY B 135 82.52 -35.34 48.46
CA GLY B 135 81.72 -34.96 47.31
C GLY B 135 80.30 -34.55 47.66
N GLU B 136 79.75 -35.13 48.73
CA GLU B 136 78.39 -34.81 49.14
C GLU B 136 78.28 -33.35 49.55
N VAL B 137 77.17 -32.73 49.16
CA VAL B 137 76.89 -31.35 49.54
C VAL B 137 76.37 -31.33 50.97
N SER B 138 76.90 -30.42 51.79
CA SER B 138 76.53 -30.39 53.20
C SER B 138 75.14 -29.78 53.41
N SER B 139 74.97 -28.52 53.02
CA SER B 139 73.70 -27.83 53.19
C SER B 139 72.95 -27.75 51.87
N TYR B 140 71.65 -27.98 51.91
CA TYR B 140 70.82 -28.02 50.72
C TYR B 140 70.14 -26.69 50.42
N GLU B 141 70.44 -25.64 51.17
CA GLU B 141 69.84 -24.35 50.85
C GLU B 141 70.49 -23.76 49.61
N PRO B 142 69.73 -23.03 48.80
CA PRO B 142 70.29 -22.43 47.59
C PRO B 142 70.98 -21.11 47.89
N GLN B 143 72.11 -20.89 47.22
CA GLN B 143 72.85 -19.65 47.31
C GLN B 143 73.44 -19.32 45.96
N PRO B 144 73.64 -18.04 45.65
CA PRO B 144 74.23 -17.69 44.35
C PRO B 144 75.63 -18.26 44.19
N ILE B 145 75.97 -18.64 42.97
CA ILE B 145 77.26 -19.25 42.66
C ILE B 145 78.25 -18.15 42.31
N ASN B 146 79.39 -18.15 42.99
CA ASN B 146 80.46 -17.19 42.76
C ASN B 146 81.70 -17.92 42.27
N ILE B 147 82.43 -17.29 41.34
CA ILE B 147 83.63 -17.88 40.77
C ILE B 147 84.80 -16.95 41.08
N PRO B 148 85.49 -17.13 42.20
CA PRO B 148 86.60 -16.23 42.53
C PRO B 148 87.72 -16.35 41.52
N ALA B 149 88.38 -15.23 41.26
CA ALA B 149 89.54 -15.20 40.37
C ALA B 149 90.85 -15.38 41.11
N GLU B 150 90.82 -15.42 42.44
CA GLU B 150 92.03 -15.60 43.24
C GLU B 150 91.78 -16.63 44.32
N PHE B 151 92.73 -17.54 44.48
CA PHE B 151 92.70 -18.52 45.57
C PHE B 151 93.30 -17.88 46.82
N GLY B 152 92.61 -16.83 47.29
CA GLY B 152 93.15 -15.96 48.30
C GLY B 152 93.16 -16.53 49.70
N LYS B 153 93.87 -17.64 49.88
CA LYS B 153 94.02 -18.25 51.19
C LYS B 153 95.19 -19.22 51.19
N PRO B 154 96.41 -18.75 51.47
CA PRO B 154 97.55 -19.67 51.59
C PRO B 154 97.31 -20.71 52.67
N LYS B 155 97.25 -21.97 52.27
CA LYS B 155 96.94 -23.07 53.18
C LYS B 155 98.24 -23.74 53.62
N GLN B 156 98.47 -23.77 54.92
CA GLN B 156 99.68 -24.36 55.47
C GLN B 156 99.68 -25.88 55.29
N THR B 157 100.88 -26.45 55.25
CA THR B 157 101.02 -27.89 55.16
C THR B 157 100.72 -28.51 56.52
N ALA B 158 99.80 -29.48 56.54
CA ALA B 158 99.40 -30.10 57.79
C ALA B 158 99.52 -31.62 57.71
N ASN B 159 99.22 -32.20 56.55
CA ASN B 159 99.26 -33.64 56.36
C ASN B 159 100.17 -33.97 55.19
N ILE B 160 101.08 -34.92 55.40
CA ILE B 160 102.01 -35.37 54.37
C ILE B 160 101.93 -36.89 54.30
N GLU B 161 101.59 -37.40 53.12
CA GLU B 161 101.56 -38.84 52.87
C GLU B 161 102.78 -39.22 52.06
N VAL B 162 103.56 -40.17 52.57
CA VAL B 162 104.80 -40.61 51.92
C VAL B 162 104.72 -42.11 51.71
N GLY B 163 104.91 -42.55 50.48
CA GLY B 163 104.98 -43.96 50.17
C GLY B 163 106.29 -44.31 49.50
N VAL B 164 107.12 -45.11 50.18
CA VAL B 164 108.46 -45.44 49.70
C VAL B 164 108.67 -46.94 49.77
N ASN B 165 109.65 -47.41 49.00
CA ASN B 165 110.11 -48.78 49.05
C ASN B 165 111.55 -48.80 49.56
N LEU B 166 111.79 -49.55 50.63
CA LEU B 166 113.14 -49.49 51.16
C LEU B 166 113.92 -50.74 50.77
N PRO B 167 115.21 -50.59 50.43
CA PRO B 167 116.01 -51.75 50.03
C PRO B 167 116.26 -52.68 51.21
N ALA B 168 115.87 -53.94 51.05
CA ALA B 168 116.07 -54.92 52.11
C ALA B 168 117.53 -55.33 52.23
N ASN B 169 118.32 -55.18 51.17
CA ASN B 169 119.72 -55.54 51.18
C ASN B 169 120.63 -54.35 51.49
N GLY B 170 120.07 -53.24 51.94
CA GLY B 170 120.90 -52.09 52.29
C GLY B 170 121.76 -52.39 53.50
N ASP B 171 122.92 -51.73 53.54
CA ASP B 171 123.87 -51.94 54.62
C ASP B 171 123.33 -51.39 55.94
N LEU B 172 123.62 -52.11 57.02
CA LEU B 172 123.16 -51.70 58.34
C LEU B 172 123.92 -50.46 58.81
N LYS B 173 123.28 -49.68 59.68
CA LYS B 173 123.86 -48.48 60.24
C LYS B 173 123.63 -48.47 61.74
N ASP B 174 124.46 -47.68 62.44
CA ASP B 174 124.38 -47.59 63.89
C ASP B 174 123.34 -46.54 64.27
N PRO B 175 122.30 -46.91 65.02
CA PRO B 175 121.29 -45.90 65.40
C PRO B 175 121.87 -44.76 66.22
N THR B 176 122.82 -45.04 67.10
CA THR B 176 123.35 -44.01 67.99
C THR B 176 124.28 -43.04 67.28
N GLN B 177 124.79 -43.40 66.09
CA GLN B 177 125.73 -42.59 65.36
C GLN B 177 125.07 -41.75 64.26
N PHE B 178 123.76 -41.58 64.32
CA PHE B 178 123.07 -40.81 63.29
C PHE B 178 123.44 -39.33 63.39
N ASP B 179 123.68 -38.72 62.23
CA ASP B 179 123.95 -37.29 62.15
C ASP B 179 123.65 -36.84 60.73
N PHE B 180 122.68 -35.94 60.57
CA PHE B 180 122.29 -35.51 59.23
C PHE B 180 123.40 -34.76 58.52
N SER B 181 124.40 -34.26 59.25
CA SER B 181 125.52 -33.58 58.62
C SER B 181 126.49 -34.54 57.94
N ASP B 182 126.47 -35.81 58.31
CA ASP B 182 127.38 -36.80 57.73
C ASP B 182 126.58 -37.79 56.89
N PRO B 183 126.77 -37.82 55.57
CA PRO B 183 125.98 -38.74 54.73
C PRO B 183 126.16 -40.20 55.07
N ASP B 184 127.37 -40.61 55.48
CA ASP B 184 127.64 -42.02 55.70
C ASP B 184 126.95 -42.58 56.95
N THR B 185 126.46 -41.72 57.83
CA THR B 185 125.82 -42.20 59.05
C THR B 185 124.46 -42.85 58.75
N TYR B 186 123.78 -42.41 57.71
CA TYR B 186 122.47 -42.92 57.33
C TYR B 186 122.55 -43.62 55.97
N ASN B 187 121.40 -44.07 55.48
CA ASN B 187 121.33 -44.77 54.20
C ASN B 187 120.88 -43.86 53.07
N ARG B 188 119.70 -43.24 53.20
CA ARG B 188 119.12 -42.46 52.13
C ARG B 188 118.55 -41.16 52.68
N SER B 189 118.44 -40.17 51.81
CA SER B 189 117.88 -38.87 52.15
C SER B 189 117.07 -38.36 50.98
N THR B 190 115.91 -37.79 51.27
CA THR B 190 115.04 -37.21 50.26
C THR B 190 114.72 -35.76 50.63
N SER B 191 114.43 -34.96 49.61
CA SER B 191 114.11 -33.55 49.79
C SER B 191 112.69 -33.28 49.29
N SER B 192 112.01 -32.35 49.96
CA SER B 192 110.63 -32.05 49.66
C SER B 192 110.32 -30.62 50.07
N THR B 193 109.21 -30.11 49.57
CA THR B 193 108.81 -28.73 49.80
C THR B 193 107.50 -28.70 50.59
N ILE B 194 107.46 -27.84 51.61
CA ILE B 194 106.27 -27.63 52.42
C ILE B 194 106.01 -26.13 52.52
N TYR B 195 104.78 -25.78 52.90
CA TYR B 195 104.34 -24.39 52.95
C TYR B 195 103.77 -24.08 54.32
N ASP B 196 104.07 -22.88 54.82
CA ASP B 196 103.58 -22.42 56.11
C ASP B 196 102.27 -21.65 55.92
N SER B 197 101.85 -20.94 56.96
CA SER B 197 100.58 -20.21 56.91
C SER B 197 100.62 -19.09 55.87
N MET B 198 101.75 -18.38 55.77
CA MET B 198 101.87 -17.26 54.84
C MET B 198 102.25 -17.70 53.43
N GLY B 199 102.42 -19.00 53.20
CA GLY B 199 102.78 -19.49 51.90
C GLY B 199 104.27 -19.55 51.60
N GLN B 200 105.11 -19.23 52.58
CA GLN B 200 106.56 -19.33 52.38
C GLN B 200 106.95 -20.78 52.15
N SER B 201 107.87 -21.00 51.21
CA SER B 201 108.32 -22.34 50.86
C SER B 201 109.47 -22.75 51.77
N TYR B 202 109.38 -23.97 52.31
CA TYR B 202 110.43 -24.53 53.14
C TYR B 202 110.81 -25.90 52.59
N LYS B 203 112.08 -26.27 52.79
CA LYS B 203 112.61 -27.53 52.30
C LYS B 203 112.61 -28.54 53.43
N LEU B 204 111.90 -29.65 53.24
CA LEU B 204 111.81 -30.72 54.23
C LEU B 204 112.67 -31.89 53.75
N THR B 205 113.64 -32.28 54.57
CA THR B 205 114.56 -33.36 54.23
C THR B 205 114.32 -34.53 55.18
N THR B 206 114.07 -35.70 54.59
CA THR B 206 113.81 -36.92 55.35
C THR B 206 114.99 -37.87 55.22
N TYR B 207 115.49 -38.36 56.35
CA TYR B 207 116.63 -39.26 56.39
C TYR B 207 116.17 -40.64 56.84
N TYR B 208 116.54 -41.67 56.07
CA TYR B 208 116.19 -43.04 56.38
C TYR B 208 117.44 -43.79 56.83
N LEU B 209 117.35 -44.45 57.98
CA LEU B 209 118.46 -45.20 58.54
C LEU B 209 118.01 -46.63 58.83
N LYS B 210 118.83 -47.59 58.42
CA LYS B 210 118.51 -49.01 58.63
C LYS B 210 119.11 -49.46 59.96
N ASP B 211 118.27 -49.98 60.84
CA ASP B 211 118.74 -50.42 62.15
C ASP B 211 119.60 -51.67 62.03
N GLN B 212 120.65 -51.71 62.83
CA GLN B 212 121.56 -52.86 62.86
C GLN B 212 121.20 -53.86 63.95
N THR B 213 120.78 -53.37 65.12
CA THR B 213 120.48 -54.27 66.24
C THR B 213 119.28 -55.15 65.92
N GLN B 214 118.23 -54.58 65.34
CA GLN B 214 117.01 -55.32 65.05
C GLN B 214 116.80 -55.45 63.56
N PRO B 215 116.67 -56.66 63.03
CA PRO B 215 116.40 -56.81 61.59
C PRO B 215 115.01 -56.30 61.23
N ASN B 216 114.87 -55.89 59.96
CA ASN B 216 113.60 -55.38 59.44
C ASN B 216 113.11 -54.18 60.24
N THR B 217 114.04 -53.33 60.66
CA THR B 217 113.71 -52.14 61.44
C THR B 217 114.47 -50.95 60.87
N TRP B 218 113.79 -49.81 60.79
CA TRP B 218 114.35 -48.61 60.20
C TRP B 218 114.07 -47.42 61.11
N ASN B 219 114.91 -46.39 60.99
CA ASN B 219 114.74 -45.13 61.69
C ASN B 219 114.60 -44.01 60.69
N THR B 220 113.66 -43.10 60.96
CA THR B 220 113.37 -41.99 60.07
C THR B 220 113.47 -40.68 60.82
N TYR B 221 114.22 -39.73 60.26
CA TYR B 221 114.41 -38.42 60.85
C TYR B 221 114.06 -37.35 59.84
N TYR B 222 113.67 -36.18 60.34
CA TYR B 222 113.27 -35.07 59.49
C TYR B 222 114.01 -33.80 59.87
N THR B 223 114.35 -33.00 58.88
CA THR B 223 114.99 -31.71 59.08
C THR B 223 114.33 -30.67 58.19
N VAL B 224 114.31 -29.43 58.66
CA VAL B 224 113.71 -28.31 57.94
C VAL B 224 114.81 -27.30 57.65
N THR B 225 114.91 -26.88 56.40
CA THR B 225 115.98 -26.00 55.93
C THR B 225 115.40 -24.61 55.64
N ASP B 226 115.66 -23.67 56.54
CA ASP B 226 115.32 -22.27 56.33
C ASP B 226 116.56 -21.49 55.91
N LYS B 227 116.41 -20.17 55.82
CA LYS B 227 117.54 -19.33 55.40
C LYS B 227 118.64 -19.32 56.46
N GLU B 228 118.27 -19.45 57.73
CA GLU B 228 119.28 -19.50 58.78
C GLU B 228 120.16 -20.74 58.65
N GLY B 229 119.55 -21.87 58.32
CA GLY B 229 120.29 -23.11 58.17
C GLY B 229 119.33 -24.29 58.17
N GLU B 230 119.89 -25.47 58.43
CA GLU B 230 119.13 -26.71 58.52
C GLU B 230 118.94 -27.04 59.99
N LYS B 231 117.69 -27.08 60.43
CA LYS B 231 117.37 -27.37 61.82
C LYS B 231 116.61 -28.69 61.91
N PRO B 232 117.03 -29.60 62.77
CA PRO B 232 116.32 -30.87 62.91
C PRO B 232 114.93 -30.67 63.49
N LEU B 233 114.01 -31.55 63.10
CA LEU B 233 112.64 -31.55 63.59
C LEU B 233 112.40 -32.82 64.39
N ASN B 234 111.79 -32.66 65.56
CA ASN B 234 111.58 -33.77 66.48
C ASN B 234 110.14 -34.25 66.42
N VAL B 235 109.96 -35.55 66.53
CA VAL B 235 108.64 -36.17 66.60
C VAL B 235 108.12 -36.05 68.02
N ALA B 236 106.80 -35.92 68.17
CA ALA B 236 106.21 -35.70 69.48
C ALA B 236 106.50 -36.88 70.42
N ALA B 237 106.30 -38.11 69.92
CA ALA B 237 106.47 -39.31 70.74
C ALA B 237 107.24 -40.39 69.99
N GLY B 238 108.17 -40.00 69.12
CA GLY B 238 108.93 -40.98 68.38
C GLY B 238 109.85 -41.78 69.28
N ASP B 239 109.92 -43.08 69.01
CA ASP B 239 110.75 -44.00 69.80
C ASP B 239 112.15 -44.17 69.19
N ALA B 240 112.82 -43.05 68.91
CA ALA B 240 114.18 -43.08 68.38
C ALA B 240 114.88 -41.79 68.82
N GLN B 241 115.67 -41.89 69.90
CA GLN B 241 116.35 -40.75 70.49
C GLN B 241 117.85 -40.90 70.30
N THR B 242 118.43 -40.03 69.47
CA THR B 242 119.86 -39.99 69.32
C THR B 242 120.50 -39.34 70.55
N PRO B 243 121.79 -39.59 70.79
CA PRO B 243 122.46 -38.96 71.94
C PRO B 243 122.40 -37.43 71.91
N THR B 244 122.47 -36.82 70.73
CA THR B 244 122.36 -35.37 70.65
C THR B 244 120.99 -34.89 71.11
N GLY B 245 119.94 -35.60 70.73
CA GLY B 245 118.59 -35.23 71.15
C GLY B 245 117.56 -35.28 70.04
N HIS B 246 118.02 -35.51 68.82
CA HIS B 246 117.11 -35.61 67.68
C HIS B 246 116.19 -36.82 67.85
N VAL B 247 114.90 -36.61 67.61
CA VAL B 247 113.88 -37.63 67.85
C VAL B 247 113.27 -38.03 66.52
N GLY B 248 113.49 -39.28 66.12
CA GLY B 248 112.86 -39.85 64.95
C GLY B 248 111.82 -40.89 65.34
N HIS B 249 111.36 -41.64 64.33
CA HIS B 249 110.37 -42.69 64.54
C HIS B 249 110.85 -43.96 63.87
N THR B 250 110.38 -45.09 64.37
CA THR B 250 110.82 -46.40 63.92
C THR B 250 109.78 -47.03 63.00
N MET B 251 110.27 -47.69 61.96
CA MET B 251 109.42 -48.41 61.01
C MET B 251 109.80 -49.88 61.02
N LYS B 252 108.80 -50.74 61.15
CA LYS B 252 109.00 -52.19 61.21
C LYS B 252 108.19 -52.87 60.12
N PHE B 253 108.74 -53.96 59.59
CA PHE B 253 108.13 -54.67 58.47
C PHE B 253 108.00 -56.15 58.81
N ASN B 254 107.06 -56.82 58.15
CA ASN B 254 106.84 -58.24 58.34
C ASN B 254 107.80 -59.03 57.44
N ASN B 255 107.64 -60.35 57.42
CA ASN B 255 108.51 -61.19 56.61
C ASN B 255 108.28 -60.94 55.12
N ASP B 256 107.03 -60.78 54.71
CA ASP B 256 106.69 -60.57 53.30
C ASP B 256 107.05 -59.18 52.80
N GLY B 257 107.63 -58.33 53.65
CA GLY B 257 108.00 -56.99 53.25
C GLY B 257 106.93 -55.94 53.40
N THR B 258 105.72 -56.32 53.78
CA THR B 258 104.66 -55.35 54.00
C THR B 258 104.93 -54.57 55.28
N LEU B 259 104.15 -53.52 55.50
CA LEU B 259 104.31 -52.68 56.68
C LEU B 259 103.76 -53.38 57.90
N ALA B 260 104.55 -53.38 58.99
CA ALA B 260 104.12 -54.02 60.24
C ALA B 260 103.62 -53.00 61.25
N SER B 261 104.46 -52.02 61.62
CA SER B 261 104.08 -51.02 62.60
C SER B 261 104.86 -49.74 62.36
N LEU B 262 104.32 -48.63 62.84
CA LEU B 262 104.94 -47.32 62.71
C LEU B 262 104.93 -46.63 64.07
N ASN B 263 106.11 -46.35 64.60
CA ASN B 263 106.26 -45.64 65.88
C ASN B 263 105.47 -46.32 66.98
N ASN B 264 105.63 -47.64 67.09
CA ASN B 264 104.92 -48.47 68.06
C ASN B 264 103.41 -48.35 67.92
N GLY B 265 102.94 -48.14 66.69
CA GLY B 265 101.53 -47.99 66.43
C GLY B 265 100.95 -46.62 66.75
N GLN B 266 101.79 -45.67 67.15
CA GLN B 266 101.30 -44.34 67.48
C GLN B 266 101.30 -43.45 66.24
N PRO B 267 100.39 -42.49 66.16
CA PRO B 267 100.42 -41.53 65.05
C PRO B 267 101.70 -40.70 65.09
N ILE B 268 102.20 -40.37 63.90
CA ILE B 268 103.45 -39.63 63.77
C ILE B 268 103.09 -38.15 63.61
N THR B 269 103.23 -37.39 64.71
CA THR B 269 102.95 -35.96 64.72
C THR B 269 104.23 -35.23 65.11
N SER B 270 104.62 -34.26 64.29
CA SER B 270 105.82 -33.49 64.59
C SER B 270 105.50 -32.35 65.56
N VAL B 271 106.54 -31.88 66.24
CA VAL B 271 106.40 -30.78 67.18
C VAL B 271 106.23 -29.48 66.40
N ALA B 272 105.85 -28.41 67.11
CA ALA B 272 105.68 -27.11 66.46
C ALA B 272 106.99 -26.64 65.87
N LEU B 273 106.92 -26.12 64.63
CA LEU B 273 108.13 -25.74 63.92
C LEU B 273 108.79 -24.52 64.56
N GLY B 274 108.00 -23.52 64.93
CA GLY B 274 108.57 -22.27 65.40
C GLY B 274 108.32 -21.94 66.86
N ASP B 275 107.89 -22.91 67.66
CA ASP B 275 107.60 -22.66 69.06
C ASP B 275 108.80 -23.07 69.90
N PRO B 276 109.52 -22.14 70.52
CA PRO B 276 110.64 -22.53 71.40
C PRO B 276 110.20 -23.31 72.63
N ALA B 277 108.93 -23.23 73.01
CA ALA B 277 108.45 -23.92 74.20
C ALA B 277 108.44 -25.44 74.04
N THR B 278 108.38 -25.94 72.81
CA THR B 278 108.37 -27.38 72.57
C THR B 278 109.46 -27.86 71.63
N ASN B 279 110.21 -26.96 71.00
CA ASN B 279 111.28 -27.33 70.07
C ASN B 279 112.57 -26.69 70.53
N THR B 280 113.63 -27.49 70.61
CA THR B 280 114.93 -26.96 70.98
C THR B 280 115.58 -26.19 69.84
N THR B 281 115.14 -26.42 68.60
CA THR B 281 115.63 -25.70 67.43
C THR B 281 114.44 -25.14 66.67
N PRO B 282 113.88 -24.03 67.13
CA PRO B 282 112.69 -23.47 66.47
C PRO B 282 113.00 -23.01 65.05
N VAL B 283 112.11 -23.36 64.12
CA VAL B 283 112.26 -22.92 62.75
C VAL B 283 111.86 -21.46 62.64
N ASP B 284 112.68 -20.68 61.91
CA ASP B 284 112.39 -19.26 61.74
C ASP B 284 111.19 -19.07 60.82
N MET B 285 110.00 -18.93 61.41
CA MET B 285 108.79 -18.78 60.61
C MET B 285 108.72 -17.43 59.89
N ASN B 286 109.51 -16.45 60.33
CA ASN B 286 109.57 -15.13 59.69
C ASN B 286 108.19 -14.48 59.63
N GLY B 287 107.43 -14.60 60.71
CA GLY B 287 106.11 -14.02 60.81
C GLY B 287 104.96 -14.99 60.61
N ALA B 288 105.23 -16.20 60.14
CA ALA B 288 104.18 -17.19 59.98
C ALA B 288 103.78 -17.77 61.32
N ASP B 289 102.81 -18.68 61.30
CA ASP B 289 102.34 -19.29 62.53
C ASP B 289 103.42 -20.20 63.09
N PRO B 290 103.90 -19.95 64.31
CA PRO B 290 104.91 -20.83 64.90
C PRO B 290 104.36 -22.12 65.47
N ALA B 291 103.03 -22.27 65.53
CA ALA B 291 102.40 -23.45 66.11
C ALA B 291 102.05 -24.51 65.09
N GLN B 292 102.58 -24.40 63.87
CA GLN B 292 102.25 -25.36 62.82
C GLN B 292 102.78 -26.75 63.18
N THR B 293 101.98 -27.77 62.90
CA THR B 293 102.35 -29.16 63.13
C THR B 293 102.16 -29.96 61.86
N LEU B 294 102.95 -31.02 61.72
CA LEU B 294 102.91 -31.89 60.55
C LEU B 294 102.55 -33.31 60.96
N ASN B 295 101.65 -33.93 60.21
CA ASN B 295 101.27 -35.32 60.41
C ASN B 295 101.75 -36.13 59.23
N PHE B 296 102.52 -37.18 59.50
CA PHE B 296 103.11 -38.01 58.46
C PHE B 296 102.34 -39.32 58.35
N GLY B 297 101.88 -39.63 57.14
CA GLY B 297 101.21 -40.90 56.90
C GLY B 297 102.03 -41.80 56.01
N LEU B 298 102.54 -42.89 56.57
CA LEU B 298 103.39 -43.82 55.85
C LEU B 298 102.79 -45.22 55.85
N GLY B 299 101.48 -45.31 55.64
CA GLY B 299 100.80 -46.60 55.69
C GLY B 299 101.08 -47.51 54.53
N SER B 300 101.72 -47.00 53.47
CA SER B 300 102.04 -47.80 52.29
C SER B 300 103.52 -48.08 52.17
N ALA B 301 104.30 -47.82 53.22
CA ALA B 301 105.74 -48.06 53.15
C ALA B 301 106.03 -49.54 53.03
N THR B 302 106.97 -49.89 52.15
CA THR B 302 107.28 -51.28 51.87
C THR B 302 108.80 -51.46 51.87
N GLN B 303 109.22 -52.70 52.07
CA GLN B 303 110.63 -53.07 52.04
C GLN B 303 110.78 -54.35 51.24
N PHE B 304 111.29 -54.24 50.02
CA PHE B 304 111.51 -55.38 49.13
C PHE B 304 112.97 -55.37 48.68
N ALA B 305 113.27 -56.23 47.70
CA ALA B 305 114.61 -56.28 47.14
C ALA B 305 114.89 -55.12 46.20
N ALA B 306 113.86 -54.38 45.80
CA ALA B 306 114.06 -53.27 44.88
C ALA B 306 114.86 -52.15 45.54
N PRO B 307 115.61 -51.37 44.76
CA PRO B 307 116.39 -50.27 45.34
C PRO B 307 115.52 -49.20 45.97
N PHE B 308 116.14 -48.21 46.59
CA PHE B 308 115.38 -47.13 47.22
C PHE B 308 114.57 -46.37 46.17
N GLU B 309 113.31 -46.08 46.50
CA GLU B 309 112.41 -45.46 45.55
C GLU B 309 111.36 -44.66 46.30
N LEU B 310 111.09 -43.45 45.82
CA LEU B 310 110.04 -42.57 46.36
C LEU B 310 108.83 -42.71 45.44
N THR B 311 107.98 -43.70 45.75
CA THR B 311 106.84 -43.98 44.87
C THR B 311 105.78 -42.88 44.95
N LYS B 312 105.43 -42.45 46.16
CA LYS B 312 104.33 -41.51 46.32
C LYS B 312 104.70 -40.46 47.36
N PHE B 313 104.44 -39.20 47.04
CA PHE B 313 104.60 -38.09 47.99
C PHE B 313 103.45 -37.12 47.77
N ASP B 314 102.64 -36.93 48.80
CA ASP B 314 101.46 -36.06 48.73
C ASP B 314 101.42 -35.16 49.94
N GLU B 315 100.95 -33.93 49.74
CA GLU B 315 100.80 -32.96 50.80
C GLU B 315 99.45 -32.25 50.67
N ASP B 316 99.15 -31.39 51.63
CA ASP B 316 97.94 -30.59 51.61
C ASP B 316 98.23 -29.10 51.60
N GLY B 317 99.49 -28.72 51.36
CA GLY B 317 99.84 -27.32 51.31
C GLY B 317 99.37 -26.64 50.04
N ALA B 318 99.38 -25.31 50.07
CA ALA B 318 98.89 -24.53 48.95
C ALA B 318 99.51 -23.13 49.02
N THR B 319 99.42 -22.43 47.89
CA THR B 319 99.93 -21.06 47.79
C THR B 319 98.92 -20.23 47.02
N THR B 320 99.15 -18.92 47.00
CA THR B 320 98.27 -18.02 46.26
C THR B 320 98.31 -18.34 44.78
N GLY B 321 97.17 -18.16 44.12
CA GLY B 321 97.07 -18.48 42.71
C GLY B 321 95.93 -17.74 42.05
N PHE B 322 95.86 -17.88 40.73
CA PHE B 322 94.87 -17.22 39.91
C PHE B 322 94.05 -18.26 39.16
N LEU B 323 92.76 -17.99 39.02
CA LEU B 323 91.86 -18.89 38.30
C LEU B 323 92.40 -19.18 36.90
N THR B 324 92.61 -20.46 36.62
CA THR B 324 93.18 -20.89 35.34
C THR B 324 92.13 -21.40 34.37
N LYS B 325 91.32 -22.37 34.77
CA LYS B 325 90.27 -22.88 33.90
C LYS B 325 89.09 -23.33 34.73
N VAL B 326 87.92 -23.34 34.11
CA VAL B 326 86.68 -23.73 34.78
C VAL B 326 85.94 -24.71 33.88
N ASP B 327 85.45 -25.80 34.47
CA ASP B 327 84.72 -26.80 33.72
C ASP B 327 83.58 -27.32 34.58
N PHE B 328 82.60 -27.93 33.93
CA PHE B 328 81.44 -28.50 34.58
C PHE B 328 81.40 -30.00 34.33
N ASP B 329 81.23 -30.78 35.40
CA ASP B 329 81.11 -32.21 35.25
C ASP B 329 79.64 -32.62 35.12
N GLU B 330 79.41 -33.92 34.98
CA GLU B 330 78.05 -34.41 34.81
C GLU B 330 77.20 -34.22 36.06
N ASN B 331 77.84 -34.13 37.23
CA ASN B 331 77.10 -33.94 38.47
C ASN B 331 76.68 -32.49 38.68
N GLY B 332 77.08 -31.58 37.80
CA GLY B 332 76.76 -30.18 37.97
C GLY B 332 77.75 -29.41 38.83
N SER B 333 78.74 -30.08 39.42
CA SER B 333 79.75 -29.39 40.19
C SER B 333 80.64 -28.59 39.26
N VAL B 334 80.83 -27.31 39.58
CA VAL B 334 81.69 -26.43 38.80
C VAL B 334 83.06 -26.44 39.44
N MET B 335 84.02 -27.05 38.76
CA MET B 335 85.38 -27.16 39.26
C MET B 335 86.27 -26.15 38.56
N GLY B 336 87.22 -25.61 39.33
CA GLY B 336 88.17 -24.65 38.77
C GLY B 336 89.56 -24.84 39.32
N THR B 337 90.55 -24.91 38.44
CA THR B 337 91.94 -25.10 38.83
C THR B 337 92.64 -23.76 38.83
N TYR B 338 93.56 -23.58 39.76
CA TYR B 338 94.29 -22.33 39.93
C TYR B 338 95.76 -22.53 39.58
N SER B 339 96.54 -21.46 39.75
CA SER B 339 97.96 -21.54 39.43
C SER B 339 98.71 -22.43 40.42
N ASN B 340 98.26 -22.48 41.67
CA ASN B 340 98.93 -23.31 42.67
C ASN B 340 98.82 -24.79 42.32
N GLY B 341 97.66 -25.22 41.84
CA GLY B 341 97.41 -26.62 41.52
C GLY B 341 96.18 -27.22 42.19
N GLU B 342 95.58 -26.53 43.15
CA GLU B 342 94.39 -27.06 43.82
C GLU B 342 93.20 -27.07 42.87
N ASN B 343 92.47 -28.18 42.85
CA ASN B 343 91.25 -28.31 42.05
C ASN B 343 90.04 -28.01 42.92
N VAL B 344 89.92 -26.74 43.30
CA VAL B 344 88.87 -26.32 44.22
C VAL B 344 87.51 -26.42 43.54
N THR B 345 86.53 -26.98 44.25
CA THR B 345 85.17 -27.09 43.75
C THR B 345 84.38 -25.88 44.21
N LEU B 346 83.99 -25.03 43.26
CA LEU B 346 83.31 -23.78 43.60
C LEU B 346 81.90 -24.05 44.12
N GLY B 347 81.22 -25.04 43.58
CA GLY B 347 79.89 -25.36 44.02
C GLY B 347 79.19 -26.29 43.05
N ARG B 348 77.89 -26.44 43.25
CA ARG B 348 77.05 -27.20 42.34
C ARG B 348 75.93 -26.31 41.81
N VAL B 349 75.27 -26.79 40.76
CA VAL B 349 74.17 -26.06 40.13
C VAL B 349 72.88 -26.72 40.58
N ALA B 350 72.04 -25.94 41.27
CA ALA B 350 70.81 -26.49 41.82
C ALA B 350 69.84 -26.87 40.71
N LEU B 351 69.10 -27.95 40.96
CA LEU B 351 68.05 -28.41 40.05
C LEU B 351 66.75 -28.52 40.82
N VAL B 352 65.65 -28.10 40.19
CA VAL B 352 64.36 -28.04 40.84
C VAL B 352 63.35 -28.85 40.03
N ARG B 353 62.58 -29.68 40.73
CA ARG B 353 61.54 -30.48 40.11
C ARG B 353 60.23 -30.27 40.86
N VAL B 354 59.14 -30.18 40.12
CA VAL B 354 57.81 -30.05 40.72
C VAL B 354 56.98 -31.26 40.33
N PRO B 355 56.09 -31.75 41.22
CA PRO B 355 55.28 -32.91 40.85
C PRO B 355 54.34 -32.66 39.68
N ASN B 356 53.80 -31.46 39.56
CA ASN B 356 52.86 -31.10 38.50
C ASN B 356 53.44 -29.94 37.71
N GLU B 357 54.09 -30.24 36.59
CA GLU B 357 54.67 -29.19 35.77
C GLU B 357 53.62 -28.42 34.99
N GLN B 358 52.46 -29.02 34.73
CA GLN B 358 51.40 -28.37 33.98
C GLN B 358 50.73 -27.24 34.75
N GLY B 359 50.98 -27.14 36.06
CA GLY B 359 50.31 -26.16 36.88
C GLY B 359 51.17 -24.96 37.21
N LEU B 360 52.41 -24.97 36.73
CA LEU B 360 53.28 -23.81 36.91
C LEU B 360 52.69 -22.59 36.21
N ASP B 361 52.68 -21.47 36.92
CA ASP B 361 52.29 -20.21 36.30
C ASP B 361 53.47 -19.63 35.55
N LYS B 362 53.19 -19.02 34.41
CA LYS B 362 54.23 -18.60 33.48
C LYS B 362 54.55 -17.13 33.71
N LYS B 363 55.79 -16.85 34.11
CA LYS B 363 56.27 -15.48 34.20
C LYS B 363 56.87 -15.08 32.85
N GLY B 364 57.36 -13.85 32.78
CA GLY B 364 57.99 -13.39 31.56
C GLY B 364 59.39 -13.97 31.38
N GLY B 365 59.89 -13.83 30.15
CA GLY B 365 61.23 -14.28 29.83
C GLY B 365 61.43 -15.78 29.95
N THR B 366 60.38 -16.56 29.65
CA THR B 366 60.43 -18.02 29.68
C THR B 366 60.91 -18.54 31.03
N GLN B 367 60.19 -18.12 32.07
CA GLN B 367 60.46 -18.57 33.43
C GLN B 367 59.15 -18.97 34.09
N TRP B 368 59.26 -19.88 35.06
CA TRP B 368 58.09 -20.41 35.75
C TRP B 368 58.28 -20.27 37.26
N ASP B 369 57.15 -20.27 37.97
CA ASP B 369 57.14 -20.24 39.42
C ASP B 369 56.15 -21.28 39.93
N SER B 370 56.35 -21.70 41.16
CA SER B 370 55.56 -22.77 41.75
C SER B 370 54.30 -22.19 42.39
N THR B 371 53.14 -22.70 41.98
CA THR B 371 51.87 -22.29 42.55
C THR B 371 51.31 -23.41 43.40
N GLN B 372 50.10 -23.19 43.91
CA GLN B 372 49.42 -24.22 44.71
C GLN B 372 49.15 -25.47 43.88
N PHE B 373 48.68 -25.29 42.64
CA PHE B 373 48.39 -26.44 41.79
C PHE B 373 49.64 -27.22 41.44
N SER B 374 50.74 -26.53 41.17
CA SER B 374 51.98 -27.20 40.79
C SER B 374 52.51 -28.08 41.92
N GLY B 375 52.38 -27.61 43.17
CA GLY B 375 52.93 -28.30 44.31
C GLY B 375 53.94 -27.44 45.05
N ASP B 376 55.06 -28.03 45.42
CA ASP B 376 56.17 -27.33 46.03
C ASP B 376 57.46 -27.74 45.37
N LYS B 377 58.40 -26.79 45.30
CA LYS B 377 59.68 -27.06 44.66
C LYS B 377 60.45 -28.12 45.43
N ILE B 378 60.82 -29.19 44.74
CA ILE B 378 61.60 -30.28 45.32
C ILE B 378 63.02 -30.14 44.79
N TRP B 379 63.96 -29.85 45.68
CA TRP B 379 65.33 -29.57 45.29
C TRP B 379 66.16 -30.84 45.23
N GLY B 380 67.20 -30.82 44.40
CA GLY B 380 68.04 -31.98 44.24
C GLY B 380 69.27 -31.63 43.44
N GLU B 381 70.16 -32.61 43.31
CA GLU B 381 71.40 -32.44 42.57
C GLU B 381 71.18 -32.84 41.12
N SER B 382 72.27 -32.95 40.37
CA SER B 382 72.24 -33.38 38.98
C SER B 382 72.56 -34.87 38.91
N ASN B 383 71.80 -35.60 38.10
CA ASN B 383 71.96 -37.04 37.93
C ASN B 383 71.81 -37.77 39.26
N LYS B 384 70.73 -37.43 39.98
CA LYS B 384 70.43 -38.07 41.26
C LYS B 384 68.93 -38.27 41.37
N GLY B 385 68.52 -39.42 41.88
CA GLY B 385 67.10 -39.68 42.05
C GLY B 385 66.38 -39.69 40.71
N SER B 386 65.35 -38.87 40.60
CA SER B 386 64.57 -38.76 39.38
C SER B 386 64.99 -37.57 38.51
N PHE B 387 66.03 -36.84 38.90
CA PHE B 387 66.47 -35.70 38.12
C PHE B 387 67.24 -36.15 36.88
N GLY B 388 67.46 -35.21 35.98
CA GLY B 388 68.26 -35.45 34.79
C GLY B 388 69.69 -35.03 34.99
N THR B 389 70.40 -34.88 33.88
CA THR B 389 71.80 -34.48 33.89
C THR B 389 71.94 -33.06 33.35
N ILE B 390 73.09 -32.46 33.62
CA ILE B 390 73.41 -31.11 33.16
C ILE B 390 74.59 -31.19 32.23
N ASN B 391 74.43 -30.66 31.02
CA ASN B 391 75.47 -30.67 30.01
C ASN B 391 75.87 -29.25 29.67
N ASN B 392 77.17 -28.98 29.68
CA ASN B 392 77.68 -27.67 29.30
C ASN B 392 77.95 -27.61 27.81
N GLY B 393 77.88 -26.41 27.26
CA GLY B 393 78.07 -26.21 25.84
C GLY B 393 76.83 -26.43 24.99
N MET B 394 75.67 -26.61 25.60
CA MET B 394 74.44 -26.86 24.87
C MET B 394 73.35 -25.91 25.34
N LEU B 395 72.33 -25.76 24.51
CA LEU B 395 71.16 -24.96 24.85
C LEU B 395 69.92 -25.67 24.33
N GLU B 396 68.78 -25.37 24.95
CA GLU B 396 67.50 -25.94 24.55
C GLU B 396 66.80 -25.01 23.57
N GLN B 397 66.25 -25.59 22.50
CA GLN B 397 65.43 -24.84 21.57
C GLN B 397 63.96 -25.06 21.88
N SER B 398 63.09 -24.39 21.13
CA SER B 398 61.67 -24.56 21.32
C SER B 398 61.24 -25.98 20.92
N ASN B 399 60.39 -26.58 21.74
CA ASN B 399 59.95 -27.95 21.51
C ASN B 399 58.70 -27.96 20.63
N ILE B 400 58.81 -27.31 19.47
CA ILE B 400 57.70 -27.17 18.54
C ILE B 400 58.10 -27.81 17.21
N ASP B 401 57.07 -28.19 16.46
CA ASP B 401 57.25 -28.75 15.12
C ASP B 401 56.55 -27.82 14.14
N MET B 402 57.33 -27.19 13.25
CA MET B 402 56.77 -26.14 12.40
C MET B 402 55.66 -26.68 11.51
N THR B 403 55.85 -27.85 10.92
CA THR B 403 54.85 -28.40 10.01
C THR B 403 53.53 -28.63 10.73
N GLN B 404 53.59 -29.20 11.94
CA GLN B 404 52.37 -29.41 12.71
C GLN B 404 51.70 -28.08 13.05
N GLU B 405 52.49 -27.06 13.38
CA GLU B 405 51.91 -25.77 13.68
C GLU B 405 51.21 -25.17 12.47
N LEU B 406 51.80 -25.29 11.29
CA LEU B 406 51.16 -24.76 10.08
C LEU B 406 49.87 -25.52 9.77
N VAL B 407 49.88 -26.85 9.94
CA VAL B 407 48.67 -27.62 9.69
C VAL B 407 47.57 -27.23 10.68
N ASP B 408 47.94 -27.04 11.95
CA ASP B 408 46.97 -26.60 12.94
C ASP B 408 46.45 -25.20 12.60
N LEU B 409 47.31 -24.34 12.05
CA LEU B 409 46.89 -23.01 11.63
C LEU B 409 45.82 -23.11 10.54
N ILE B 410 46.05 -23.98 9.56
CA ILE B 410 45.08 -24.15 8.48
C ILE B 410 43.75 -24.68 9.03
N SER B 411 43.83 -25.68 9.91
CA SER B 411 42.61 -26.25 10.48
C SER B 411 41.84 -25.21 11.30
N ALA B 412 42.55 -24.40 12.07
CA ALA B 412 41.90 -23.36 12.85
C ALA B 412 41.22 -22.33 11.95
N GLN B 413 41.88 -21.96 10.86
CA GLN B 413 41.24 -21.04 9.91
C GLN B 413 39.97 -21.64 9.34
N ARG B 414 40.00 -22.92 8.99
CA ARG B 414 38.80 -23.57 8.46
C ARG B 414 37.67 -23.59 9.48
N ASN B 415 38.00 -23.91 10.74
CA ASN B 415 36.97 -23.93 11.78
C ASN B 415 36.39 -22.53 11.99
N PHE B 416 37.23 -21.51 11.99
CA PHE B 416 36.74 -20.14 12.14
C PHE B 416 35.82 -19.77 10.99
N GLN B 417 36.17 -20.15 9.76
CA GLN B 417 35.30 -19.86 8.62
C GLN B 417 33.96 -20.55 8.75
N ALA B 418 33.96 -21.81 9.20
CA ALA B 418 32.71 -22.54 9.37
C ALA B 418 31.82 -21.87 10.42
N ASN B 419 32.42 -21.48 11.55
CA ASN B 419 31.64 -20.81 12.59
C ASN B 419 31.09 -19.47 12.11
N SER B 420 31.88 -18.73 11.35
CA SER B 420 31.39 -17.47 10.79
C SER B 420 30.23 -17.72 9.84
N ARG B 421 30.31 -18.80 9.06
CA ARG B 421 29.19 -19.17 8.20
C ARG B 421 27.92 -19.44 9.01
N SER B 422 28.07 -20.18 10.12
CA SER B 422 26.91 -20.46 10.96
C SER B 422 26.31 -19.17 11.53
N LEU B 423 27.17 -18.26 11.99
CA LEU B 423 26.68 -16.98 12.52
C LEU B 423 25.95 -16.19 11.45
N GLU B 424 26.49 -16.18 10.23
CA GLU B 424 25.83 -15.49 9.13
C GLU B 424 24.47 -16.10 8.83
N VAL B 425 24.37 -17.43 8.90
CA VAL B 425 23.08 -18.08 8.68
C VAL B 425 22.07 -17.64 9.73
N HIS B 426 22.50 -17.61 11.00
CA HIS B 426 21.60 -17.17 12.07
C HIS B 426 21.11 -15.75 11.83
N ASN B 427 22.03 -14.85 11.50
CA ASN B 427 21.64 -13.46 11.26
C ASN B 427 20.70 -13.35 10.08
N GLN B 428 20.93 -14.12 9.02
CA GLN B 428 20.05 -14.09 7.86
C GLN B 428 18.65 -14.58 8.22
N LEU B 429 18.56 -15.62 9.05
CA LEU B 429 17.24 -16.09 9.48
C LEU B 429 16.51 -15.01 10.27
N GLN B 430 17.21 -14.36 11.20
CA GLN B 430 16.56 -13.32 11.99
C GLN B 430 16.10 -12.16 11.11
N GLN B 431 16.95 -11.73 10.18
CA GLN B 431 16.56 -10.63 9.29
C GLN B 431 15.43 -11.03 8.36
N ASN B 432 15.35 -12.31 7.98
CA ASN B 432 14.21 -12.76 7.19
C ASN B 432 12.93 -12.67 7.98
N ILE B 433 12.97 -13.04 9.27
CA ILE B 433 11.77 -12.91 10.08
C ILE B 433 11.39 -11.45 10.26
N LEU B 434 12.40 -10.58 10.39
CA LEU B 434 12.14 -9.15 10.59
C LEU B 434 11.28 -8.56 9.49
N GLN B 435 11.34 -9.11 8.27
CA GLN B 435 10.62 -8.56 7.12
C GLN B 435 9.31 -9.31 6.89
N ILE B 436 8.42 -9.21 7.87
CA ILE B 436 7.09 -9.81 7.76
C ILE B 436 6.03 -8.81 8.22
N SER C 2 27.87 8.83 14.71
CA SER C 2 28.51 8.69 13.42
C SER C 2 29.80 9.49 13.36
N TYR C 3 29.88 10.53 14.19
CA TYR C 3 31.10 11.35 14.23
C TYR C 3 32.28 10.58 14.81
N VAL C 4 32.01 9.62 15.69
CA VAL C 4 33.10 8.80 16.23
C VAL C 4 33.72 7.96 15.12
N SER C 5 32.89 7.35 14.28
CA SER C 5 33.40 6.57 13.17
C SER C 5 34.13 7.45 12.17
N LEU C 6 33.64 8.66 11.95
CA LEU C 6 34.32 9.59 11.07
C LEU C 6 35.68 9.98 11.63
N SER C 7 35.77 10.17 12.95
CA SER C 7 37.05 10.45 13.58
C SER C 7 38.01 9.26 13.41
N GLY C 8 37.49 8.05 13.57
CA GLY C 8 38.32 6.88 13.31
C GLY C 8 38.83 6.81 11.88
N LEU C 9 37.96 7.13 10.92
CA LEU C 9 38.38 7.18 9.53
C LEU C 9 39.47 8.22 9.32
N SER C 10 39.31 9.39 9.93
CA SER C 10 40.31 10.45 9.78
C SER C 10 41.65 10.02 10.37
N ALA C 11 41.62 9.38 11.55
CA ALA C 11 42.86 8.92 12.17
C ALA C 11 43.54 7.86 11.32
N ALA C 12 42.76 6.90 10.79
CA ALA C 12 43.34 5.87 9.94
C ALA C 12 43.93 6.47 8.68
N GLN C 13 43.25 7.46 8.09
CA GLN C 13 43.78 8.09 6.89
C GLN C 13 45.04 8.88 7.17
N LEU C 14 45.11 9.54 8.32
CA LEU C 14 46.34 10.24 8.69
C LEU C 14 47.50 9.27 8.87
N ASP C 15 47.25 8.13 9.52
CA ASP C 15 48.30 7.14 9.67
C ASP C 15 48.74 6.60 8.30
N LEU C 16 47.77 6.37 7.41
CA LEU C 16 48.10 5.92 6.06
C LEU C 16 48.96 6.94 5.33
N ASN C 17 48.62 8.22 5.46
CA ASN C 17 49.41 9.26 4.81
C ASN C 17 50.82 9.31 5.38
N THR C 18 50.96 9.17 6.70
CA THR C 18 52.29 9.17 7.30
C THR C 18 53.12 8.00 6.79
N THR C 19 52.52 6.81 6.74
CA THR C 19 53.25 5.64 6.24
C THR C 19 53.62 5.81 4.78
N SER C 20 52.71 6.37 3.97
CA SER C 20 53.01 6.60 2.56
C SER C 20 54.15 7.59 2.40
N ASN C 21 54.17 8.64 3.21
CA ASN C 21 55.28 9.60 3.15
C ASN C 21 56.59 8.94 3.52
N ASN C 22 56.58 8.11 4.57
CA ASN C 22 57.80 7.40 4.97
C ASN C 22 58.29 6.49 3.85
N ILE C 23 57.37 5.76 3.20
CA ILE C 23 57.77 4.88 2.11
C ILE C 23 58.31 5.68 0.93
N ALA C 24 57.67 6.80 0.61
CA ALA C 24 58.10 7.61 -0.53
C ALA C 24 59.49 8.17 -0.31
N ASN C 25 59.79 8.62 0.91
CA ASN C 25 61.09 9.21 1.21
C ASN C 25 62.16 8.17 1.54
N ALA C 26 61.98 6.93 1.09
CA ALA C 26 62.91 5.86 1.44
C ALA C 26 64.32 6.09 0.89
N ASN C 27 64.47 6.94 -0.13
CA ASN C 27 65.76 7.13 -0.76
C ASN C 27 66.38 8.50 -0.50
N THR C 28 65.62 9.45 0.01
CA THR C 28 66.17 10.78 0.28
C THR C 28 67.24 10.71 1.36
N TYR C 29 68.34 11.41 1.13
CA TYR C 29 69.46 11.41 2.07
C TYR C 29 69.10 12.24 3.29
N GLY C 30 69.36 11.68 4.47
CA GLY C 30 69.15 12.41 5.71
C GLY C 30 67.72 12.50 6.19
N PHE C 31 66.79 11.81 5.53
CA PHE C 31 65.40 11.85 5.94
C PHE C 31 65.22 11.15 7.29
N LYS C 32 64.32 11.67 8.10
CA LYS C 32 63.95 11.08 9.38
C LYS C 32 62.47 10.74 9.35
N GLU C 33 62.15 9.50 9.72
CA GLU C 33 60.78 9.02 9.61
C GLU C 33 59.88 9.72 10.63
N SER C 34 58.58 9.49 10.48
CA SER C 34 57.57 10.09 11.34
C SER C 34 56.67 8.99 11.90
N ARG C 35 56.12 9.26 13.07
CA ARG C 35 55.20 8.34 13.73
C ARG C 35 53.95 9.10 14.13
N ALA C 36 52.79 8.50 13.90
CA ALA C 36 51.51 9.13 14.19
C ALA C 36 50.98 8.60 15.52
N GLU C 37 50.72 9.51 16.45
CA GLU C 37 50.22 9.17 17.77
C GLU C 37 48.85 9.81 17.96
N PHE C 38 47.88 9.02 18.42
CA PHE C 38 46.52 9.46 18.59
C PHE C 38 46.14 9.43 20.06
N ALA C 39 45.05 10.12 20.38
CA ALA C 39 44.59 10.21 21.76
C ALA C 39 43.07 10.10 21.80
N ASP C 40 42.56 9.61 22.92
CA ASP C 40 41.13 9.48 23.12
C ASP C 40 40.49 10.84 23.36
N VAL C 41 39.19 10.92 23.08
CA VAL C 41 38.42 12.14 23.27
C VAL C 41 37.32 11.85 24.29
N TYR C 42 37.08 12.80 25.18
CA TYR C 42 36.02 12.65 26.16
C TYR C 42 35.55 14.03 26.59
N SER C 43 34.25 14.14 26.86
CA SER C 43 33.66 15.42 27.23
C SER C 43 34.04 15.81 28.66
N ASN C 44 33.97 17.10 28.93
CA ASN C 44 34.27 17.66 30.25
C ASN C 44 33.18 18.63 30.68
N SER C 45 31.93 18.21 30.51
CA SER C 45 30.81 19.06 30.92
C SER C 45 30.78 19.19 32.43
N LEU C 46 30.20 20.31 32.88
CA LEU C 46 30.06 20.55 34.32
C LEU C 46 29.15 19.53 34.97
N PHE C 47 28.05 19.19 34.28
CA PHE C 47 27.12 18.16 34.73
C PHE C 47 27.25 16.97 33.79
N THR C 48 28.14 16.05 34.16
CA THR C 48 28.46 14.89 33.34
C THR C 48 27.96 13.62 34.01
N ASN C 49 27.25 12.78 33.24
CA ASN C 49 26.81 11.50 33.77
C ASN C 49 27.98 10.54 33.96
N ALA C 50 29.00 10.63 33.11
CA ALA C 50 30.21 9.81 33.19
C ALA C 50 29.90 8.32 33.03
N LYS C 51 29.16 7.75 33.98
CA LYS C 51 28.88 6.32 33.92
C LYS C 51 28.05 5.96 32.70
N THR C 52 27.17 6.86 32.27
CA THR C 52 26.27 6.61 31.15
C THR C 52 26.70 7.33 29.88
N THR C 53 27.92 7.86 29.84
CA THR C 53 28.40 8.61 28.69
C THR C 53 29.48 7.83 27.97
N PRO C 54 29.27 7.47 26.71
CA PRO C 54 30.32 6.77 25.96
C PRO C 54 31.45 7.69 25.55
N GLY C 55 32.40 7.18 24.78
CA GLY C 55 33.53 7.98 24.35
C GLY C 55 33.15 9.00 23.30
N GLY C 56 34.15 9.73 22.85
CA GLY C 56 33.93 10.78 21.87
C GLY C 56 34.76 10.62 20.61
N GLY C 57 35.33 9.45 20.41
CA GLY C 57 36.10 9.18 19.21
C GLY C 57 37.60 9.19 19.45
N ALA C 58 38.36 9.50 18.39
CA ALA C 58 39.82 9.52 18.47
C ALA C 58 40.33 10.79 17.81
N GLN C 59 41.26 11.46 18.47
CA GLN C 59 41.83 12.71 17.98
C GLN C 59 43.33 12.53 17.78
N ALA C 60 43.84 13.01 16.64
CA ALA C 60 45.27 12.96 16.39
C ALA C 60 46.00 13.87 17.36
N SER C 61 46.99 13.33 18.06
CA SER C 61 47.72 14.10 19.06
C SER C 61 48.90 14.84 18.44
N GLN C 62 49.80 14.11 17.79
CA GLN C 62 50.96 14.72 17.15
C GLN C 62 51.54 13.74 16.15
N VAL C 63 52.30 14.29 15.21
CA VAL C 63 53.08 13.48 14.28
C VAL C 63 54.54 13.55 14.73
N ALA C 64 55.06 12.43 15.23
CA ALA C 64 56.40 12.41 15.77
C ALA C 64 57.44 12.54 14.67
N GLN C 65 58.69 12.74 15.08
CA GLN C 65 59.82 12.93 14.18
C GLN C 65 61.00 12.08 14.65
N GLN C 66 60.75 10.79 14.88
CA GLN C 66 61.75 9.86 15.40
C GLN C 66 63.12 10.09 14.77
N PHE C 67 64.11 10.38 15.60
CA PHE C 67 65.42 10.85 15.16
C PHE C 67 66.50 9.80 15.40
N HIS C 68 66.13 8.53 15.41
CA HIS C 68 67.12 7.49 15.62
C HIS C 68 68.08 7.43 14.44
N GLU C 69 69.34 7.11 14.72
CA GLU C 69 70.37 7.12 13.69
C GLU C 69 70.00 6.20 12.54
N GLY C 70 70.17 6.70 11.31
CA GLY C 70 69.92 5.91 10.13
C GLY C 70 71.18 5.21 9.63
N SER C 71 70.99 4.32 8.66
CA SER C 71 72.11 3.62 8.09
C SER C 71 72.94 4.55 7.22
N SER C 72 74.18 4.14 6.96
CA SER C 72 75.15 4.95 6.23
C SER C 72 75.60 4.22 4.98
N ILE C 73 75.67 4.94 3.87
CA ILE C 73 76.15 4.39 2.61
C ILE C 73 77.48 5.05 2.27
N TYR C 74 78.32 4.30 1.56
CA TYR C 74 79.66 4.74 1.21
C TYR C 74 79.70 5.07 -0.27
N THR C 75 80.11 6.30 -0.59
CA THR C 75 80.26 6.73 -1.97
C THR C 75 81.70 6.98 -2.36
N ASN C 76 82.63 6.95 -1.42
CA ASN C 76 84.04 7.22 -1.65
C ASN C 76 84.27 8.62 -2.22
N ASN C 77 83.34 9.53 -1.98
CA ASN C 77 83.45 10.90 -2.46
C ASN C 77 83.87 11.78 -1.29
N PRO C 78 85.05 12.41 -1.33
CA PRO C 78 85.52 13.15 -0.15
C PRO C 78 84.64 14.32 0.25
N MET C 79 83.82 14.84 -0.66
CA MET C 79 82.95 15.96 -0.33
C MET C 79 81.65 15.54 0.34
N ASP C 80 81.42 14.24 0.52
CA ASP C 80 80.23 13.76 1.20
C ASP C 80 80.52 13.61 2.69
N LEU C 81 79.63 14.15 3.52
CA LEU C 81 79.84 14.16 4.96
C LEU C 81 78.63 13.57 5.68
N ARG C 82 78.88 12.94 6.82
CA ARG C 82 77.85 12.34 7.64
C ARG C 82 78.14 12.64 9.10
N VAL C 83 77.09 12.94 9.86
CA VAL C 83 77.21 13.18 11.30
C VAL C 83 76.85 11.88 12.01
N SER C 84 77.85 11.24 12.61
CA SER C 84 77.62 10.03 13.40
C SER C 84 77.39 10.42 14.85
N GLY C 85 76.15 10.24 15.32
CA GLY C 85 75.81 10.62 16.67
C GLY C 85 74.81 11.75 16.74
N THR C 86 75.06 12.73 17.59
CA THR C 86 74.15 13.86 17.79
C THR C 86 74.74 15.12 17.17
N GLY C 87 73.94 15.82 16.39
CA GLY C 87 74.36 17.07 15.80
C GLY C 87 73.83 17.20 14.37
N PHE C 88 73.57 18.45 13.97
CA PHE C 88 73.10 18.76 12.64
C PHE C 88 74.07 19.69 11.94
N PHE C 89 74.19 19.53 10.63
CA PHE C 89 74.89 20.52 9.82
C PHE C 89 74.08 21.81 9.76
N ALA C 90 74.78 22.93 9.68
CA ALA C 90 74.15 24.24 9.61
C ALA C 90 74.43 24.85 8.25
N VAL C 91 73.37 25.23 7.54
CA VAL C 91 73.48 25.81 6.21
C VAL C 91 72.71 27.12 6.16
N ALA C 92 73.27 28.10 5.48
CA ALA C 92 72.68 29.42 5.39
C ALA C 92 72.19 29.68 3.97
N LYS C 93 71.05 30.38 3.85
CA LYS C 93 70.48 30.64 2.55
C LYS C 93 71.39 31.51 1.68
N GLU C 94 71.97 32.55 2.28
CA GLU C 94 72.79 33.50 1.54
C GLU C 94 74.18 33.60 2.19
N ARG C 95 75.17 33.91 1.37
CA ARG C 95 76.55 33.98 1.86
C ARG C 95 76.73 35.10 2.87
N LEU C 96 76.13 36.26 2.62
CA LEU C 96 76.34 37.44 3.43
C LEU C 96 75.45 37.51 4.66
N THR C 97 74.58 36.51 4.86
CA THR C 97 73.70 36.46 6.03
C THR C 97 73.81 35.08 6.69
N PRO C 98 74.94 34.81 7.36
CA PRO C 98 75.05 33.54 8.09
C PRO C 98 74.06 33.41 9.24
N GLN C 99 73.50 34.53 9.71
CA GLN C 99 72.53 34.46 10.81
C GLN C 99 71.32 33.63 10.43
N GLN C 100 70.80 33.83 9.22
CA GLN C 100 69.65 33.07 8.73
C GLN C 100 70.15 31.71 8.28
N ASN C 101 69.95 30.68 9.11
CA ASN C 101 70.47 29.36 8.84
C ASN C 101 69.41 28.31 9.16
N GLU C 102 69.60 27.13 8.57
CA GLU C 102 68.73 25.99 8.80
C GLU C 102 69.58 24.75 9.04
N LEU C 103 68.97 23.78 9.74
CA LEU C 103 69.66 22.56 10.12
C LEU C 103 69.33 21.43 9.15
N THR C 104 70.34 20.64 8.81
CA THR C 104 70.16 19.53 7.88
C THR C 104 71.01 18.36 8.34
N ARG C 105 70.82 17.21 7.68
CA ARG C 105 71.59 16.01 7.98
C ARG C 105 72.30 15.40 6.79
N ASN C 106 71.85 15.63 5.56
CA ASN C 106 72.53 15.11 4.40
C ASN C 106 73.81 15.90 4.14
N GLY C 107 74.78 15.23 3.52
CA GLY C 107 76.07 15.85 3.29
C GLY C 107 76.52 15.88 1.85
N ALA C 108 75.58 16.03 0.93
CA ALA C 108 75.90 16.11 -0.51
C ALA C 108 76.42 17.50 -0.80
N PHE C 109 77.72 17.70 -0.59
CA PHE C 109 78.35 19.00 -0.77
C PHE C 109 79.19 19.05 -2.03
N HIS C 110 79.34 20.25 -2.56
CA HIS C 110 80.19 20.49 -3.73
C HIS C 110 80.57 21.96 -3.75
N LEU C 111 81.61 22.27 -4.53
CA LEU C 111 82.12 23.62 -4.63
C LEU C 111 81.36 24.40 -5.70
N ASN C 112 80.86 25.57 -5.34
CA ASN C 112 80.18 26.45 -6.30
C ASN C 112 81.23 27.22 -7.09
N LYS C 113 80.78 28.19 -7.90
CA LYS C 113 81.71 28.95 -8.71
C LYS C 113 82.61 29.86 -7.88
N GLU C 114 82.28 30.08 -6.61
CA GLU C 114 83.09 30.90 -5.72
C GLU C 114 83.92 30.05 -4.77
N ASN C 115 84.01 28.74 -5.01
CA ASN C 115 84.78 27.82 -4.16
C ASN C 115 84.26 27.81 -2.72
N TYR C 116 82.95 27.85 -2.57
CA TYR C 116 82.30 27.69 -1.28
C TYR C 116 81.58 26.34 -1.25
N MET C 117 81.66 25.65 -0.11
CA MET C 117 80.99 24.37 0.03
C MET C 117 79.49 24.60 0.22
N VAL C 118 78.69 24.07 -0.70
CA VAL C 118 77.25 24.29 -0.71
C VAL C 118 76.54 22.97 -0.85
N THR C 119 75.25 22.97 -0.53
CA THR C 119 74.41 21.79 -0.66
C THR C 119 73.90 21.70 -2.09
N ALA C 120 72.92 20.82 -2.33
CA ALA C 120 72.35 20.68 -3.66
C ALA C 120 71.66 21.96 -4.11
N ASN C 121 70.97 22.64 -3.20
CA ASN C 121 70.26 23.87 -3.50
C ASN C 121 71.14 25.11 -3.41
N ASP C 122 72.46 24.95 -3.50
CA ASP C 122 73.39 26.07 -3.44
C ASP C 122 73.22 26.88 -2.16
N GLU C 123 73.08 26.17 -1.04
CA GLU C 123 73.01 26.78 0.27
C GLU C 123 74.37 26.63 0.94
N PHE C 124 74.94 27.76 1.36
CA PHE C 124 76.31 27.77 1.88
C PHE C 124 76.38 27.05 3.22
N LEU C 125 77.46 26.28 3.40
CA LEU C 125 77.69 25.53 4.63
C LEU C 125 78.43 26.40 5.63
N LEU C 126 77.89 26.51 6.84
CA LEU C 126 78.46 27.35 7.88
C LEU C 126 79.60 26.64 8.59
N GLY C 127 80.67 27.39 8.88
CA GLY C 127 81.82 26.83 9.56
C GLY C 127 82.48 27.87 10.44
N TYR C 128 83.44 27.40 11.24
CA TYR C 128 84.19 28.25 12.14
C TYR C 128 85.48 28.72 11.49
N GLN C 129 86.30 29.43 12.25
CA GLN C 129 87.60 29.91 11.80
C GLN C 129 88.62 29.58 12.86
N VAL C 130 89.54 28.67 12.55
CA VAL C 130 90.52 28.20 13.52
C VAL C 130 91.76 29.09 13.47
N ASP C 131 92.56 29.03 14.53
CA ASP C 131 93.81 29.77 14.61
C ASP C 131 94.88 29.12 13.72
N PRO C 132 95.83 29.90 13.22
CA PRO C 132 96.88 29.31 12.37
C PRO C 132 97.67 28.23 13.07
N SER C 133 98.11 28.47 14.31
CA SER C 133 98.89 27.51 15.07
C SER C 133 98.07 26.80 16.13
N SER C 134 97.30 27.54 16.92
CA SER C 134 96.47 26.93 17.95
C SER C 134 95.34 26.14 17.31
N GLY C 135 95.17 24.89 17.74
CA GLY C 135 94.08 24.07 17.24
C GLY C 135 92.71 24.59 17.64
N GLU C 136 92.62 25.25 18.80
CA GLU C 136 91.35 25.77 19.27
C GLU C 136 90.83 26.85 18.35
N VAL C 137 89.52 26.85 18.13
CA VAL C 137 88.87 27.89 17.33
C VAL C 137 88.72 29.14 18.18
N SER C 138 89.04 30.29 17.59
CA SER C 138 89.00 31.55 18.33
C SER C 138 87.57 32.04 18.53
N SER C 139 86.89 32.36 17.43
CA SER C 139 85.53 32.87 17.48
C SER C 139 84.54 31.79 17.08
N TYR C 140 83.42 31.74 17.80
CA TYR C 140 82.41 30.70 17.59
C TYR C 140 81.31 31.11 16.64
N GLU C 141 81.39 32.30 16.04
CA GLU C 141 80.36 32.69 15.10
C GLU C 141 80.46 31.87 13.81
N PRO C 142 79.33 31.54 13.20
CA PRO C 142 79.37 30.75 11.96
C PRO C 142 79.59 31.65 10.75
N GLN C 143 80.43 31.17 9.84
CA GLN C 143 80.70 31.87 8.59
C GLN C 143 80.84 30.83 7.48
N PRO C 144 80.53 31.21 6.24
CA PRO C 144 80.65 30.25 5.14
C PRO C 144 82.08 29.76 4.95
N ILE C 145 82.20 28.51 4.55
CA ILE C 145 83.50 27.87 4.36
C ILE C 145 83.96 28.10 2.94
N ASN C 146 85.16 28.67 2.78
CA ASN C 146 85.77 28.91 1.48
C ASN C 146 87.04 28.09 1.36
N ILE C 147 87.28 27.56 0.16
CA ILE C 147 88.47 26.75 -0.09
C ILE C 147 89.29 27.42 -1.19
N PRO C 148 90.21 28.32 -0.84
CA PRO C 148 91.00 29.00 -1.87
C PRO C 148 91.86 28.00 -2.62
N ALA C 149 92.05 28.28 -3.92
CA ALA C 149 92.91 27.47 -4.75
C ALA C 149 94.35 27.97 -4.80
N GLU C 150 94.62 29.12 -4.18
CA GLU C 150 95.96 29.70 -4.19
C GLU C 150 96.32 30.16 -2.78
N PHE C 151 97.56 29.83 -2.38
CA PHE C 151 98.10 30.31 -1.10
C PHE C 151 98.71 31.69 -1.33
N GLY C 152 97.84 32.63 -1.69
CA GLY C 152 98.27 33.93 -2.16
C GLY C 152 98.77 34.86 -1.08
N LYS C 153 99.85 34.46 -0.40
CA LYS C 153 100.48 35.31 0.60
C LYS C 153 101.88 34.80 0.90
N PRO C 154 102.90 35.26 0.17
CA PRO C 154 104.28 34.89 0.51
C PRO C 154 104.65 35.27 1.92
N LYS C 155 104.93 34.29 2.76
CA LYS C 155 105.21 34.51 4.18
C LYS C 155 106.72 34.53 4.38
N GLN C 156 107.24 35.65 4.89
CA GLN C 156 108.66 35.80 5.11
C GLN C 156 109.14 34.90 6.23
N THR C 157 110.42 34.52 6.15
CA THR C 157 111.03 33.72 7.21
C THR C 157 111.30 34.60 8.42
N ALA C 158 110.75 34.21 9.57
CA ALA C 158 110.89 35.02 10.77
C ALA C 158 111.52 34.22 11.91
N ASN C 159 111.18 32.93 12.01
CA ASN C 159 111.67 32.07 13.08
C ASN C 159 112.32 30.84 12.47
N ILE C 160 113.53 30.53 12.92
CA ILE C 160 114.27 29.36 12.45
C ILE C 160 114.68 28.55 13.67
N GLU C 161 114.28 27.29 13.69
CA GLU C 161 114.69 26.36 14.74
C GLU C 161 115.75 25.42 14.18
N VAL C 162 116.89 25.35 14.85
CA VAL C 162 118.01 24.52 14.42
C VAL C 162 118.41 23.62 15.57
N GLY C 163 118.47 22.31 15.31
CA GLY C 163 118.96 21.37 16.29
C GLY C 163 120.14 20.59 15.76
N VAL C 164 121.32 20.79 16.36
CA VAL C 164 122.55 20.17 15.86
C VAL C 164 123.26 19.48 17.02
N ASN C 165 124.12 18.54 16.66
CA ASN C 165 125.00 17.87 17.60
C ASN C 165 126.44 18.24 17.28
N LEU C 166 127.15 18.80 18.25
CA LEU C 166 128.49 19.23 17.88
C LEU C 166 129.53 18.23 18.37
N PRO C 167 130.57 17.98 17.58
CA PRO C 167 131.61 17.02 18.01
C PRO C 167 132.42 17.59 19.16
N ALA C 168 132.46 16.85 20.26
CA ALA C 168 133.24 17.28 21.42
C ALA C 168 134.74 17.15 21.19
N ASN C 169 135.16 16.29 20.27
CA ASN C 169 136.57 16.07 19.98
C ASN C 169 137.07 16.92 18.83
N GLY C 170 136.27 17.87 18.34
CA GLY C 170 136.72 18.73 17.26
C GLY C 170 137.90 19.59 17.68
N ASP C 171 138.74 19.92 16.71
CA ASP C 171 139.94 20.71 16.98
C ASP C 171 139.57 22.14 17.34
N LEU C 172 140.32 22.72 18.28
CA LEU C 172 140.07 24.08 18.71
C LEU C 172 140.45 25.07 17.62
N LYS C 173 139.79 26.22 17.62
CA LYS C 173 140.05 27.30 16.68
C LYS C 173 140.17 28.61 17.42
N ASP C 174 140.80 29.59 16.77
CA ASP C 174 141.01 30.89 17.37
C ASP C 174 139.81 31.78 17.12
N PRO C 175 139.11 32.25 18.16
CA PRO C 175 137.94 33.11 17.91
C PRO C 175 138.26 34.38 17.14
N THR C 176 139.41 34.98 17.41
CA THR C 176 139.76 36.25 16.76
C THR C 176 140.18 36.08 15.31
N GLN C 177 140.46 34.85 14.88
CA GLN C 177 140.89 34.58 13.51
C GLN C 177 139.76 34.08 12.62
N PHE C 178 138.51 34.24 13.04
CA PHE C 178 137.40 33.75 12.24
C PHE C 178 137.26 34.56 10.95
N ASP C 179 137.01 33.86 9.85
CA ASP C 179 136.74 34.50 8.57
C ASP C 179 135.98 33.50 7.70
N PHE C 180 134.76 33.85 7.30
CA PHE C 180 133.95 32.92 6.52
C PHE C 180 134.55 32.63 5.14
N SER C 181 135.46 33.48 4.66
CA SER C 181 136.11 33.23 3.38
C SER C 181 137.16 32.14 3.45
N ASP C 182 137.68 31.83 4.64
CA ASP C 182 138.71 30.82 4.80
C ASP C 182 138.14 29.62 5.52
N PRO C 183 138.04 28.45 4.87
CA PRO C 183 137.43 27.28 5.55
C PRO C 183 138.15 26.84 6.80
N ASP C 184 139.48 26.98 6.84
CA ASP C 184 140.26 26.46 7.96
C ASP C 184 140.08 27.27 9.24
N THR C 185 139.52 28.48 9.17
CA THR C 185 139.39 29.30 10.36
C THR C 185 138.31 28.76 11.30
N TYR C 186 137.28 28.12 10.75
CA TYR C 186 136.17 27.60 11.55
C TYR C 186 136.18 26.07 11.50
N ASN C 187 135.16 25.47 12.12
CA ASN C 187 135.03 24.02 12.16
C ASN C 187 134.08 23.50 11.09
N ARG C 188 132.82 23.94 11.11
CA ARG C 188 131.80 23.41 10.23
C ARG C 188 130.96 24.55 9.66
N SER C 189 130.35 24.27 8.51
CA SER C 189 129.48 25.23 7.85
C SER C 189 128.30 24.49 7.25
N THR C 190 127.10 25.04 7.41
CA THR C 190 125.89 24.47 6.86
C THR C 190 125.16 25.51 6.02
N SER C 191 124.41 25.04 5.04
CA SER C 191 123.68 25.90 4.12
C SER C 191 122.19 25.63 4.25
N SER C 192 121.39 26.68 4.08
CA SER C 192 119.95 26.58 4.22
C SER C 192 119.29 27.68 3.40
N THR C 193 117.98 27.53 3.20
CA THR C 193 117.21 28.44 2.38
C THR C 193 116.18 29.18 3.23
N ILE C 194 116.07 30.49 3.00
CA ILE C 194 115.09 31.33 3.66
C ILE C 194 114.35 32.14 2.60
N TYR C 195 113.20 32.68 3.00
CA TYR C 195 112.33 33.43 2.09
C TYR C 195 112.01 34.79 2.67
N ASP C 196 112.01 35.80 1.82
CA ASP C 196 111.72 37.17 2.22
C ASP C 196 110.22 37.44 2.07
N SER C 197 109.84 38.72 2.13
CA SER C 197 108.43 39.08 2.04
C SER C 197 107.86 38.75 0.66
N MET C 198 108.63 38.98 -0.40
CA MET C 198 108.15 38.75 -1.76
C MET C 198 108.30 37.30 -2.21
N GLY C 199 108.82 36.42 -1.35
CA GLY C 199 109.01 35.04 -1.70
C GLY C 199 110.32 34.71 -2.38
N GLN C 200 111.23 35.67 -2.52
CA GLN C 200 112.53 35.40 -3.10
C GLN C 200 113.31 34.46 -2.19
N SER C 201 114.02 33.51 -2.80
CA SER C 201 114.81 32.53 -2.05
C SER C 201 116.22 33.08 -1.80
N TYR C 202 116.67 32.96 -0.55
CA TYR C 202 118.02 33.35 -0.18
C TYR C 202 118.70 32.20 0.54
N LYS C 203 120.03 32.15 0.42
CA LYS C 203 120.83 31.09 1.00
C LYS C 203 121.43 31.60 2.32
N LEU C 204 121.12 30.91 3.40
CA LEU C 204 121.64 31.24 4.72
C LEU C 204 122.70 30.23 5.11
N THR C 205 123.92 30.72 5.37
CA THR C 205 125.05 29.86 5.73
C THR C 205 125.44 30.11 7.17
N THR C 206 125.49 29.05 7.96
CA THR C 206 125.83 29.11 9.37
C THR C 206 127.19 28.49 9.58
N TYR C 207 128.07 29.20 10.30
CA TYR C 207 129.43 28.75 10.57
C TYR C 207 129.57 28.47 12.06
N TYR C 208 130.07 27.28 12.39
CA TYR C 208 130.29 26.86 13.77
C TYR C 208 131.78 26.82 14.06
N LEU C 209 132.18 27.49 15.14
CA LEU C 209 133.57 27.57 15.54
C LEU C 209 133.72 27.13 16.98
N LYS C 210 134.73 26.31 17.26
CA LYS C 210 134.98 25.80 18.60
C LYS C 210 135.97 26.72 19.31
N ASP C 211 135.56 27.24 20.47
CA ASP C 211 136.41 28.16 21.21
C ASP C 211 137.60 27.42 21.83
N GLN C 212 138.76 28.07 21.78
CA GLN C 212 139.99 27.50 22.33
C GLN C 212 140.24 27.95 23.76
N THR C 213 139.98 29.22 24.07
CA THR C 213 140.25 29.74 25.40
C THR C 213 139.37 29.06 26.45
N GLN C 214 138.09 28.86 26.14
CA GLN C 214 137.15 28.30 27.10
C GLN C 214 136.68 26.94 26.62
N PRO C 215 136.82 25.88 27.43
CA PRO C 215 136.32 24.57 27.02
C PRO C 215 134.80 24.55 27.00
N ASN C 216 134.25 23.65 26.18
CA ASN C 216 132.80 23.48 26.04
C ASN C 216 132.12 24.78 25.64
N THR C 217 132.77 25.55 24.77
CA THR C 217 132.24 26.83 24.30
C THR C 217 132.41 26.91 22.80
N TRP C 218 131.39 27.43 22.12
CA TRP C 218 131.38 27.51 20.67
C TRP C 218 130.90 28.89 20.23
N ASN C 219 131.31 29.28 19.02
CA ASN C 219 130.89 30.52 18.40
C ASN C 219 130.14 30.20 17.11
N THR C 220 129.04 30.92 16.88
CA THR C 220 128.19 30.70 15.71
C THR C 220 128.03 32.00 14.95
N TYR C 221 128.25 31.95 13.64
CA TYR C 221 128.14 33.11 12.77
C TYR C 221 127.22 32.79 11.61
N TYR C 222 126.60 33.83 11.06
CA TYR C 222 125.62 33.67 9.98
C TYR C 222 125.96 34.59 8.83
N THR C 223 125.78 34.09 7.61
CA THR C 223 125.97 34.88 6.39
C THR C 223 124.80 34.63 5.45
N VAL C 224 124.45 35.65 4.68
CA VAL C 224 123.35 35.58 3.72
C VAL C 224 123.93 35.83 2.33
N THR C 225 123.61 34.94 1.40
CA THR C 225 124.18 34.96 0.06
C THR C 225 123.11 35.40 -0.94
N ASP C 226 123.24 36.64 -1.43
CA ASP C 226 122.40 37.15 -2.49
C ASP C 226 123.17 37.11 -3.82
N LYS C 227 122.56 37.67 -4.86
CA LYS C 227 123.21 37.67 -6.17
C LYS C 227 124.47 38.54 -6.18
N GLU C 228 124.49 39.61 -5.39
CA GLU C 228 125.68 40.45 -5.32
C GLU C 228 126.86 39.70 -4.73
N GLY C 229 126.61 38.90 -3.70
CA GLY C 229 127.67 38.14 -3.07
C GLY C 229 127.20 37.60 -1.72
N GLU C 230 128.16 37.18 -0.91
CA GLU C 230 127.90 36.65 0.42
C GLU C 230 128.18 37.74 1.44
N LYS C 231 127.13 38.18 2.13
CA LYS C 231 127.24 39.25 3.11
C LYS C 231 127.04 38.70 4.51
N PRO C 232 127.91 39.04 5.45
CA PRO C 232 127.73 38.55 6.82
C PRO C 232 126.50 39.17 7.49
N LEU C 233 125.93 38.41 8.41
CA LEU C 233 124.78 38.86 9.20
C LEU C 233 125.17 38.92 10.67
N ASN C 234 124.82 40.03 11.32
CA ASN C 234 125.21 40.27 12.71
C ASN C 234 124.04 40.02 13.64
N VAL C 235 124.36 39.52 14.83
CA VAL C 235 123.36 39.33 15.88
C VAL C 235 123.18 40.64 16.62
N ALA C 236 121.96 40.88 17.11
CA ALA C 236 121.66 42.16 17.74
C ALA C 236 122.53 42.40 18.97
N ALA C 237 122.66 41.39 19.83
CA ALA C 237 123.43 41.51 21.07
C ALA C 237 124.32 40.30 21.31
N GLY C 238 124.82 39.69 20.24
CA GLY C 238 125.67 38.52 20.40
C GLY C 238 127.00 38.88 21.02
N ASP C 239 127.46 38.01 21.92
CA ASP C 239 128.73 38.22 22.63
C ASP C 239 129.89 37.53 21.91
N ALA C 240 130.05 37.80 20.61
CA ALA C 240 131.17 37.28 19.85
C ALA C 240 131.47 38.30 18.73
N GLN C 241 132.44 39.17 18.98
CA GLN C 241 132.80 40.24 18.06
C GLN C 241 134.19 39.97 17.50
N THR C 242 134.25 39.67 16.21
CA THR C 242 135.52 39.50 15.54
C THR C 242 136.16 40.88 15.29
N PRO C 243 137.48 40.92 15.09
CA PRO C 243 138.12 42.22 14.79
C PRO C 243 137.54 42.91 13.56
N THR C 244 137.09 42.16 12.56
CA THR C 244 136.47 42.78 11.40
C THR C 244 135.18 43.50 11.77
N GLY C 245 134.37 42.90 12.64
CA GLY C 245 133.13 43.50 13.05
C GLY C 245 131.96 42.53 13.03
N HIS C 246 132.20 41.33 12.51
CA HIS C 246 131.15 40.31 12.47
C HIS C 246 130.74 39.92 13.88
N VAL C 247 129.44 39.84 14.12
CA VAL C 247 128.89 39.60 15.45
C VAL C 247 128.17 38.26 15.43
N GLY C 248 128.70 37.29 16.16
CA GLY C 248 128.04 36.01 16.37
C GLY C 248 127.56 35.86 17.80
N HIS C 249 127.15 34.63 18.12
CA HIS C 249 126.66 34.32 19.46
C HIS C 249 127.39 33.09 19.98
N THR C 250 127.45 32.97 21.30
CA THR C 250 128.19 31.91 21.96
C THR C 250 127.24 30.84 22.48
N MET C 251 127.67 29.58 22.39
CA MET C 251 126.91 28.45 22.90
C MET C 251 127.77 27.72 23.93
N LYS C 252 127.19 27.46 25.10
CA LYS C 252 127.88 26.79 26.19
C LYS C 252 127.13 25.51 26.56
N PHE C 253 127.87 24.50 26.98
CA PHE C 253 127.33 23.19 27.30
C PHE C 253 127.80 22.75 28.68
N ASN C 254 127.01 21.88 29.30
CA ASN C 254 127.34 21.33 30.61
C ASN C 254 128.28 20.15 30.45
N ASN C 255 128.57 19.46 31.57
CA ASN C 255 129.44 18.30 31.52
C ASN C 255 128.82 17.16 30.75
N ASP C 256 127.52 16.92 30.92
CA ASP C 256 126.83 15.82 30.27
C ASP C 256 126.59 16.08 28.78
N GLY C 257 127.01 17.22 28.25
CA GLY C 257 126.82 17.53 26.86
C GLY C 257 125.52 18.21 26.52
N THR C 258 124.62 18.36 27.49
CA THR C 258 123.37 19.07 27.24
C THR C 258 123.63 20.56 27.10
N LEU C 259 122.61 21.29 26.67
CA LEU C 259 122.74 22.72 26.46
C LEU C 259 122.75 23.46 27.80
N ALA C 260 123.70 24.38 27.95
CA ALA C 260 123.82 25.17 29.18
C ALA C 260 123.25 26.58 29.01
N SER C 261 123.77 27.33 28.05
CA SER C 261 123.32 28.71 27.83
C SER C 261 123.56 29.09 26.38
N LEU C 262 122.76 30.06 25.91
CA LEU C 262 122.85 30.57 24.55
C LEU C 262 122.93 32.09 24.61
N ASN C 263 124.05 32.64 24.15
CA ASN C 263 124.24 34.09 24.09
C ASN C 263 123.97 34.74 25.44
N ASN C 264 124.58 34.18 26.49
CA ASN C 264 124.40 34.66 27.86
C ASN C 264 122.95 34.64 28.29
N GLY C 265 122.17 33.68 27.78
CA GLY C 265 120.77 33.59 28.11
C GLY C 265 119.87 34.55 27.38
N GLN C 266 120.40 35.33 26.45
CA GLN C 266 119.59 36.30 25.72
C GLN C 266 119.04 35.68 24.45
N PRO C 267 117.88 36.13 23.99
CA PRO C 267 117.34 35.64 22.72
C PRO C 267 118.24 36.02 21.55
N ILE C 268 118.29 35.14 20.57
CA ILE C 268 119.14 35.34 19.39
C ILE C 268 118.27 35.96 18.30
N THR C 269 118.39 37.27 18.12
CA THR C 269 117.67 37.99 17.08
C THR C 269 118.69 38.68 16.18
N SER C 270 118.58 38.44 14.88
CA SER C 270 119.49 39.06 13.92
C SER C 270 119.03 40.47 13.59
N VAL C 271 119.98 41.27 13.09
CA VAL C 271 119.69 42.64 12.68
C VAL C 271 118.90 42.59 11.37
N ALA C 272 118.34 43.74 10.96
CA ALA C 272 117.59 43.80 9.73
C ALA C 272 118.49 43.48 8.54
N LEU C 273 117.98 42.65 7.63
CA LEU C 273 118.79 42.20 6.50
C LEU C 273 119.11 43.34 5.55
N GLY C 274 118.12 44.18 5.24
CA GLY C 274 118.30 45.19 4.22
C GLY C 274 118.27 46.63 4.69
N ASP C 275 118.41 46.85 6.00
CA ASP C 275 118.38 48.20 6.53
C ASP C 275 119.80 48.69 6.75
N PRO C 276 120.29 49.65 5.97
CA PRO C 276 121.65 50.17 6.20
C PRO C 276 121.83 50.86 7.54
N ALA C 277 120.75 51.34 8.15
CA ALA C 277 120.85 52.03 9.44
C ALA C 277 121.26 51.12 10.58
N THR C 278 121.05 49.80 10.45
CA THR C 278 121.42 48.86 11.49
C THR C 278 122.36 47.76 11.01
N ASN C 279 122.64 47.66 9.72
CA ASN C 279 123.52 46.64 9.18
C ASN C 279 124.61 47.32 8.36
N THR C 280 125.86 46.93 8.61
CA THR C 280 126.97 47.47 7.84
C THR C 280 127.05 46.87 6.44
N THR C 281 126.45 45.69 6.24
CA THR C 281 126.41 45.04 4.93
C THR C 281 124.94 44.70 4.65
N PRO C 282 124.16 45.67 4.19
CA PRO C 282 122.74 45.42 3.94
C PRO C 282 122.54 44.41 2.81
N VAL C 283 121.67 43.42 3.05
CA VAL C 283 121.36 42.44 2.03
C VAL C 283 120.48 43.07 0.96
N ASP C 284 120.78 42.78 -0.30
CA ASP C 284 120.01 43.34 -1.40
C ASP C 284 118.63 42.69 -1.46
N MET C 285 117.64 43.31 -0.82
CA MET C 285 116.29 42.75 -0.79
C MET C 285 115.61 42.81 -2.15
N ASN C 286 116.09 43.65 -3.06
CA ASN C 286 115.54 43.76 -4.42
C ASN C 286 114.06 44.09 -4.38
N GLY C 287 113.67 44.98 -3.47
CA GLY C 287 112.29 45.41 -3.34
C GLY C 287 111.53 44.77 -2.19
N ALA C 288 112.09 43.74 -1.55
CA ALA C 288 111.43 43.12 -0.42
C ALA C 288 111.55 44.00 0.82
N ASP C 289 110.96 43.55 1.92
CA ASP C 289 110.99 44.34 3.14
C ASP C 289 112.41 44.37 3.69
N PRO C 290 113.00 45.56 3.83
CA PRO C 290 114.37 45.64 4.36
C PRO C 290 114.46 45.51 5.87
N ALA C 291 113.32 45.48 6.57
CA ALA C 291 113.32 45.41 8.03
C ALA C 291 113.12 43.98 8.55
N GLN C 292 113.29 42.98 7.69
CA GLN C 292 113.08 41.60 8.12
C GLN C 292 114.11 41.19 9.16
N THR C 293 113.66 40.46 10.18
CA THR C 293 114.51 39.97 11.24
C THR C 293 114.33 38.46 11.40
N LEU C 294 115.38 37.80 11.85
CA LEU C 294 115.37 36.35 12.03
C LEU C 294 115.61 36.01 13.49
N ASN C 295 114.79 35.10 14.02
CA ASN C 295 114.93 34.60 15.38
C ASN C 295 115.37 33.15 15.32
N PHE C 296 116.49 32.83 15.95
CA PHE C 296 117.08 31.50 15.91
C PHE C 296 116.78 30.78 17.22
N GLY C 297 116.19 29.59 17.11
CA GLY C 297 115.93 28.78 18.28
C GLY C 297 116.80 27.54 18.31
N LEU C 298 117.76 27.49 19.23
CA LEU C 298 118.70 26.38 19.32
C LEU C 298 118.64 25.74 20.70
N GLY C 299 117.43 25.54 21.21
CA GLY C 299 117.27 24.96 22.54
C GLY C 299 117.58 23.48 22.63
N SER C 300 117.75 22.81 21.49
CA SER C 300 118.03 21.38 21.46
C SER C 300 119.47 21.08 21.05
N ALA C 301 120.33 22.10 20.97
CA ALA C 301 121.71 21.87 20.56
C ALA C 301 122.44 21.05 21.61
N THR C 302 123.21 20.07 21.14
CA THR C 302 123.93 19.16 22.02
C THR C 302 125.37 19.01 21.53
N GLN C 303 126.24 18.59 22.45
CA GLN C 303 127.63 18.33 22.14
C GLN C 303 128.03 17.00 22.77
N PHE C 304 128.17 15.97 21.93
CA PHE C 304 128.56 14.64 22.37
C PHE C 304 129.78 14.19 21.58
N ALA C 305 130.12 12.91 21.72
CA ALA C 305 131.24 12.35 20.97
C ALA C 305 130.90 12.10 19.51
N ALA C 306 129.63 12.17 19.14
CA ALA C 306 129.24 11.91 17.77
C ALA C 306 129.76 13.00 16.84
N PRO C 307 129.99 12.69 15.57
CA PRO C 307 130.46 13.72 14.63
C PRO C 307 129.43 14.82 14.40
N PHE C 308 129.80 15.83 13.62
CA PHE C 308 128.88 16.92 13.33
C PHE C 308 127.65 16.38 12.61
N GLU C 309 126.48 16.85 13.02
CA GLU C 309 125.23 16.35 12.47
C GLU C 309 124.16 17.43 12.56
N LEU C 310 123.41 17.59 11.47
CA LEU C 310 122.27 18.52 11.42
C LEU C 310 121.01 17.70 11.63
N THR C 311 120.63 17.54 12.90
CA THR C 311 119.50 16.67 13.23
C THR C 311 118.18 17.27 12.78
N LYS C 312 117.96 18.55 13.08
CA LYS C 312 116.67 19.18 12.82
C LYS C 312 116.88 20.60 12.31
N PHE C 313 116.14 20.96 11.26
CA PHE C 313 116.11 22.32 10.75
C PHE C 313 114.69 22.66 10.34
N ASP C 314 114.10 23.64 11.01
CA ASP C 314 112.73 24.04 10.74
C ASP C 314 112.65 25.55 10.63
N GLU C 315 111.78 26.03 9.74
CA GLU C 315 111.56 27.45 9.53
C GLU C 315 110.06 27.71 9.42
N ASP C 316 109.71 28.98 9.24
CA ASP C 316 108.31 29.40 9.07
C ASP C 316 108.08 30.06 7.72
N GLY C 317 109.06 30.00 6.82
CA GLY C 317 108.91 30.62 5.52
C GLY C 317 107.97 29.85 4.62
N ALA C 318 107.50 30.55 3.58
CA ALA C 318 106.57 29.95 2.64
C ALA C 318 106.62 30.74 1.33
N THR C 319 106.08 30.12 0.28
CA THR C 319 106.04 30.72 -1.04
C THR C 319 104.65 30.52 -1.63
N THR C 320 104.40 31.16 -2.76
CA THR C 320 103.12 31.01 -3.44
C THR C 320 102.93 29.56 -3.89
N GLY C 321 101.68 29.12 -3.88
CA GLY C 321 101.40 27.74 -4.25
C GLY C 321 99.96 27.57 -4.68
N PHE C 322 99.65 26.34 -5.09
CA PHE C 322 98.33 25.98 -5.58
C PHE C 322 97.79 24.83 -4.74
N LEU C 323 96.47 24.85 -4.53
CA LEU C 323 95.80 23.80 -3.77
C LEU C 323 96.12 22.43 -4.34
N THR C 324 96.66 21.55 -3.51
CA THR C 324 97.05 20.21 -3.93
C THR C 324 96.02 19.15 -3.57
N LYS C 325 95.65 19.05 -2.29
CA LYS C 325 94.64 18.09 -1.86
C LYS C 325 93.91 18.64 -0.65
N VAL C 326 92.70 18.13 -0.44
CA VAL C 326 91.86 18.55 0.67
C VAL C 326 91.33 17.31 1.36
N ASP C 327 91.40 17.30 2.69
CA ASP C 327 90.91 16.17 3.47
C ASP C 327 90.25 16.69 4.74
N PHE C 328 89.42 15.84 5.34
CA PHE C 328 88.69 16.17 6.54
C PHE C 328 89.12 15.22 7.66
N ASP C 329 89.44 15.76 8.82
CA ASP C 329 89.81 14.94 9.96
C ASP C 329 88.58 14.68 10.82
N GLU C 330 88.78 13.93 11.92
CA GLU C 330 87.67 13.58 12.79
C GLU C 330 87.10 14.79 13.51
N ASN C 331 87.92 15.82 13.75
CA ASN C 331 87.46 17.01 14.45
C ASN C 331 86.62 17.92 13.56
N GLY C 332 86.50 17.61 12.27
CA GLY C 332 85.77 18.44 11.34
C GLY C 332 86.60 19.52 10.68
N SER C 333 87.86 19.67 11.05
CA SER C 333 88.71 20.66 10.42
C SER C 333 89.03 20.23 8.99
N VAL C 334 88.84 21.14 8.05
CA VAL C 334 89.12 20.89 6.64
C VAL C 334 90.53 21.39 6.36
N MET C 335 91.46 20.46 6.16
CA MET C 335 92.85 20.80 5.93
C MET C 335 93.19 20.66 4.45
N GLY C 336 94.03 21.57 3.97
CA GLY C 336 94.46 21.53 2.59
C GLY C 336 95.93 21.86 2.42
N THR C 337 96.64 21.03 1.66
CA THR C 337 98.06 21.22 1.42
C THR C 337 98.25 21.89 0.07
N TYR C 338 99.23 22.77 0.00
CA TYR C 338 99.52 23.54 -1.20
C TYR C 338 100.85 23.09 -1.81
N SER C 339 101.22 23.72 -2.92
CA SER C 339 102.47 23.37 -3.58
C SER C 339 103.68 23.75 -2.73
N ASN C 340 103.56 24.82 -1.94
CA ASN C 340 104.68 25.24 -1.11
C ASN C 340 105.00 24.20 -0.03
N GLY C 341 103.97 23.59 0.54
CA GLY C 341 104.14 22.61 1.60
C GLY C 341 103.40 22.93 2.89
N GLU C 342 102.85 24.12 3.04
CA GLU C 342 102.13 24.47 4.26
C GLU C 342 100.81 23.70 4.34
N ASN C 343 100.54 23.12 5.50
CA ASN C 343 99.29 22.41 5.75
C ASN C 343 98.27 23.38 6.39
N VAL C 344 97.81 24.31 5.55
CA VAL C 344 96.92 25.36 6.02
C VAL C 344 95.56 24.77 6.36
N THR C 345 95.02 25.15 7.51
CA THR C 345 93.69 24.71 7.94
C THR C 345 92.67 25.76 7.52
N LEU C 346 91.80 25.39 6.58
CA LEU C 346 90.84 26.35 6.04
C LEU C 346 89.77 26.71 7.08
N GLY C 347 89.37 25.75 7.90
CA GLY C 347 88.36 26.02 8.91
C GLY C 347 87.82 24.73 9.47
N ARG C 348 86.71 24.84 10.18
CA ARG C 348 86.00 23.70 10.73
C ARG C 348 84.55 23.71 10.24
N VAL C 349 83.88 22.58 10.44
CA VAL C 349 82.48 22.43 10.03
C VAL C 349 81.63 22.50 11.30
N ALA C 350 80.77 23.51 11.36
CA ALA C 350 79.96 23.72 12.55
C ALA C 350 78.93 22.61 12.72
N LEU C 351 78.65 22.28 13.98
CA LEU C 351 77.65 21.30 14.34
C LEU C 351 76.66 21.94 15.30
N VAL C 352 75.37 21.67 15.09
CA VAL C 352 74.30 22.31 15.84
C VAL C 352 73.50 21.23 16.55
N ARG C 353 73.21 21.46 17.83
CA ARG C 353 72.40 20.56 18.63
C ARG C 353 71.32 21.36 19.34
N VAL C 354 70.10 20.82 19.35
CA VAL C 354 69.00 21.45 20.07
C VAL C 354 68.57 20.53 21.20
N PRO C 355 68.11 21.09 22.34
CA PRO C 355 67.69 20.21 23.45
C PRO C 355 66.52 19.32 23.11
N ASN C 356 65.57 19.82 22.32
CA ASN C 356 64.36 19.07 21.96
C ASN C 356 64.30 18.97 20.45
N GLU C 357 64.76 17.84 19.90
CA GLU C 357 64.74 17.65 18.45
C GLU C 357 63.34 17.37 17.93
N GLN C 358 62.44 16.86 18.77
CA GLN C 358 61.09 16.54 18.34
C GLN C 358 60.25 17.78 18.04
N GLY C 359 60.73 18.97 18.38
CA GLY C 359 59.94 20.17 18.22
C GLY C 359 60.40 21.06 17.08
N LEU C 360 61.46 20.65 16.39
CA LEU C 360 61.92 21.40 15.22
C LEU C 360 60.85 21.40 14.14
N ASP C 361 60.55 22.57 13.61
CA ASP C 361 59.63 22.67 12.48
C ASP C 361 60.35 22.23 11.22
N LYS C 362 59.61 21.59 10.32
CA LYS C 362 60.18 20.96 9.14
C LYS C 362 60.03 21.88 7.94
N LYS C 363 61.16 22.27 7.36
CA LYS C 363 61.17 23.02 6.13
C LYS C 363 61.28 22.04 4.95
N GLY C 364 61.32 22.57 3.75
CA GLY C 364 61.47 21.73 2.58
C GLY C 364 62.89 21.23 2.42
N GLY C 365 63.03 20.22 1.56
CA GLY C 365 64.33 19.68 1.25
C GLY C 365 65.04 19.04 2.43
N THR C 366 64.28 18.45 3.36
CA THR C 366 64.82 17.76 4.53
C THR C 366 65.75 18.67 5.33
N GLN C 367 65.20 19.80 5.75
CA GLN C 367 65.91 20.76 6.59
C GLN C 367 65.01 21.20 7.73
N TRP C 368 65.62 21.56 8.85
CA TRP C 368 64.89 21.92 10.05
C TRP C 368 65.33 23.29 10.54
N ASP C 369 64.47 23.92 11.31
CA ASP C 369 64.75 25.21 11.93
C ASP C 369 64.34 25.15 13.40
N SER C 370 64.89 26.05 14.19
CA SER C 370 64.68 26.05 15.63
C SER C 370 63.48 26.92 15.98
N THR C 371 62.49 26.33 16.66
CA THR C 371 61.32 27.06 17.10
C THR C 371 61.38 27.26 18.61
N GLN C 372 60.31 27.83 19.16
CA GLN C 372 60.22 28.01 20.61
C GLN C 372 60.24 26.67 21.34
N PHE C 373 59.48 25.70 20.84
CA PHE C 373 59.42 24.39 21.49
C PHE C 373 60.75 23.68 21.43
N SER C 374 61.45 23.79 20.30
CA SER C 374 62.74 23.11 20.16
C SER C 374 63.77 23.63 21.16
N GLY C 375 63.76 24.95 21.41
CA GLY C 375 64.74 25.58 22.27
C GLY C 375 65.54 26.62 21.51
N ASP C 376 66.85 26.61 21.73
CA ASP C 376 67.77 27.46 20.99
C ASP C 376 68.93 26.64 20.48
N LYS C 377 69.46 27.04 19.34
CA LYS C 377 70.57 26.32 18.72
C LYS C 377 71.81 26.43 19.58
N ILE C 378 72.39 25.29 19.93
CA ILE C 378 73.60 25.23 20.74
C ILE C 378 74.74 24.81 19.82
N TRP C 379 75.71 25.70 19.62
CA TRP C 379 76.78 25.47 18.68
C TRP C 379 77.95 24.76 19.35
N GLY C 380 78.72 24.03 18.55
CA GLY C 380 79.87 23.32 19.07
C GLY C 380 80.67 22.73 17.93
N GLU C 381 81.81 22.14 18.29
CA GLU C 381 82.70 21.52 17.32
C GLU C 381 82.30 20.06 17.13
N SER C 382 83.14 19.30 16.44
CA SER C 382 82.92 17.87 16.24
C SER C 382 83.69 17.09 17.31
N ASN C 383 83.06 16.05 17.83
CA ASN C 383 83.65 15.18 18.85
C ASN C 383 84.06 15.98 20.10
N LYS C 384 83.15 16.85 20.54
CA LYS C 384 83.38 17.67 21.72
C LYS C 384 82.09 17.74 22.52
N GLY C 385 82.19 17.55 23.83
CA GLY C 385 81.00 17.58 24.66
C GLY C 385 80.06 16.45 24.30
N SER C 386 78.80 16.80 24.04
CA SER C 386 77.78 15.83 23.70
C SER C 386 77.60 15.64 22.19
N PHE C 387 78.41 16.30 21.37
CA PHE C 387 78.28 16.17 19.93
C PHE C 387 78.89 14.86 19.46
N GLY C 388 78.53 14.47 18.23
CA GLY C 388 79.09 13.31 17.59
C GLY C 388 80.29 13.66 16.74
N THR C 389 80.66 12.73 15.87
CA THR C 389 81.80 12.90 14.99
C THR C 389 81.33 13.10 13.55
N ILE C 390 82.22 13.61 12.72
CA ILE C 390 81.95 13.87 11.31
C ILE C 390 82.86 12.97 10.48
N ASN C 391 82.26 12.15 9.62
CA ASN C 391 82.99 11.25 8.75
C ASN C 391 82.79 11.67 7.31
N ASN C 392 83.89 11.80 6.57
CA ASN C 392 83.81 12.12 5.16
C ASN C 392 83.70 10.85 4.33
N GLY C 393 83.11 10.99 3.14
CA GLY C 393 82.91 9.86 2.26
C GLY C 393 81.68 9.03 2.55
N MET C 394 80.81 9.47 3.46
CA MET C 394 79.60 8.74 3.81
C MET C 394 78.40 9.67 3.74
N LEU C 395 77.23 9.06 3.62
CA LEU C 395 75.96 9.79 3.62
C LEU C 395 74.95 9.03 4.46
N GLU C 396 73.95 9.75 4.94
CA GLU C 396 72.88 9.16 5.74
C GLU C 396 71.70 8.82 4.85
N GLN C 397 71.18 7.60 5.01
CA GLN C 397 69.96 7.19 4.35
C GLN C 397 68.77 7.37 5.28
N SER C 398 67.57 7.12 4.77
CA SER C 398 66.38 7.24 5.60
C SER C 398 66.38 6.17 6.68
N ASN C 399 65.97 6.58 7.89
CA ASN C 399 65.98 5.69 9.04
C ASN C 399 64.64 4.96 9.17
N ILE C 400 64.29 4.23 8.12
CA ILE C 400 63.02 3.52 8.05
C ILE C 400 63.29 2.04 7.81
N ASP C 401 62.32 1.22 8.20
CA ASP C 401 62.35 -0.22 7.97
C ASP C 401 61.18 -0.58 7.08
N MET C 402 61.48 -1.07 5.88
CA MET C 402 60.42 -1.28 4.88
C MET C 402 59.39 -2.28 5.36
N THR C 403 59.82 -3.38 5.97
CA THR C 403 58.88 -4.40 6.43
C THR C 403 57.92 -3.83 7.46
N GLN C 404 58.44 -3.05 8.41
CA GLN C 404 57.59 -2.44 9.41
C GLN C 404 56.60 -1.46 8.77
N GLU C 405 57.06 -0.72 7.76
CA GLU C 405 56.16 0.21 7.07
C GLU C 405 55.03 -0.53 6.36
N LEU C 406 55.35 -1.65 5.70
CA LEU C 406 54.30 -2.42 5.03
C LEU C 406 53.31 -3.01 6.03
N VAL C 407 53.82 -3.51 7.16
CA VAL C 407 52.91 -4.05 8.18
C VAL C 407 52.01 -2.95 8.73
N ASP C 408 52.57 -1.76 8.99
CA ASP C 408 51.76 -0.65 9.46
C ASP C 408 50.74 -0.24 8.41
N LEU C 409 51.11 -0.31 7.13
CA LEU C 409 50.17 -0.02 6.05
C LEU C 409 48.98 -0.96 6.08
N ILE C 410 49.26 -2.26 6.24
CA ILE C 410 48.18 -3.25 6.30
C ILE C 410 47.28 -3.00 7.50
N SER C 411 47.90 -2.73 8.65
CA SER C 411 47.11 -2.49 9.86
C SER C 411 46.23 -1.25 9.71
N ALA C 412 46.78 -0.19 9.11
CA ALA C 412 45.99 1.03 8.90
C ALA C 412 44.83 0.77 7.95
N GLN C 413 45.06 -0.04 6.91
CA GLN C 413 43.96 -0.38 6.00
C GLN C 413 42.87 -1.13 6.75
N ARG C 414 43.25 -2.07 7.62
CA ARG C 414 42.26 -2.82 8.39
C ARG C 414 41.47 -1.89 9.31
N ASN C 415 42.16 -0.95 9.98
CA ASN C 415 41.46 -0.02 10.85
C ASN C 415 40.49 0.86 10.07
N PHE C 416 40.91 1.33 8.90
CA PHE C 416 40.03 2.15 8.07
C PHE C 416 38.80 1.37 7.63
N GLN C 417 38.98 0.10 7.26
CA GLN C 417 37.83 -0.71 6.88
C GLN C 417 36.88 -0.91 8.05
N ALA C 418 37.41 -1.13 9.25
CA ALA C 418 36.55 -1.30 10.41
C ALA C 418 35.75 -0.03 10.69
N ASN C 419 36.41 1.12 10.62
CA ASN C 419 35.70 2.38 10.86
C ASN C 419 34.64 2.64 9.79
N SER C 420 34.94 2.31 8.53
CA SER C 420 33.95 2.46 7.47
C SER C 420 32.75 1.54 7.72
N ARG C 421 33.00 0.33 8.19
CA ARG C 421 31.90 -0.57 8.54
C ARG C 421 31.03 0.01 9.63
N SER C 422 31.65 0.60 10.66
CA SER C 422 30.88 1.21 11.73
C SER C 422 30.03 2.37 11.22
N LEU C 423 30.61 3.21 10.36
CA LEU C 423 29.86 4.32 9.78
C LEU C 423 28.68 3.81 8.95
N GLU C 424 28.89 2.74 8.19
CA GLU C 424 27.81 2.14 7.41
C GLU C 424 26.71 1.63 8.33
N VAL C 425 27.07 1.04 9.47
CA VAL C 425 26.07 0.56 10.41
C VAL C 425 25.24 1.73 10.93
N HIS C 426 25.90 2.83 11.30
CA HIS C 426 25.17 4.00 11.78
C HIS C 426 24.19 4.52 10.73
N ASN C 427 24.66 4.64 9.49
CA ASN C 427 23.79 5.14 8.43
C ASN C 427 22.62 4.20 8.18
N GLN C 428 22.86 2.90 8.24
CA GLN C 428 21.77 1.94 8.05
C GLN C 428 20.75 2.05 9.16
N LEU C 429 21.19 2.24 10.40
CA LEU C 429 20.25 2.43 11.50
C LEU C 429 19.39 3.67 11.27
N GLN C 430 20.01 4.77 10.88
CA GLN C 430 19.25 6.00 10.65
C GLN C 430 18.24 5.81 9.52
N GLN C 431 18.66 5.18 8.42
CA GLN C 431 17.74 4.97 7.31
C GLN C 431 16.63 4.00 7.67
N ASN C 432 16.90 3.05 8.57
CA ASN C 432 15.83 2.17 9.03
C ASN C 432 14.81 2.93 9.85
N ILE C 433 15.27 3.85 10.70
CA ILE C 433 14.33 4.66 11.46
C ILE C 433 13.52 5.56 10.53
N LEU C 434 14.15 6.06 9.47
CA LEU C 434 13.46 6.95 8.53
C LEU C 434 12.21 6.31 7.95
N GLN C 435 12.19 4.99 7.80
CA GLN C 435 11.09 4.30 7.13
C GLN C 435 10.11 3.73 8.16
N ILE C 436 9.49 4.64 8.90
CA ILE C 436 8.46 4.27 9.87
C ILE C 436 7.25 5.17 9.72
N SER D 2 22.74 18.94 -10.34
CA SER D 2 23.05 17.74 -11.09
C SER D 2 23.92 18.07 -12.30
N TYR D 3 23.80 19.29 -12.80
CA TYR D 3 24.63 19.72 -13.93
C TYR D 3 26.10 19.82 -13.53
N VAL D 4 26.38 20.11 -12.27
CA VAL D 4 27.77 20.13 -11.81
C VAL D 4 28.37 18.72 -11.87
N SER D 5 27.61 17.72 -11.42
CA SER D 5 28.08 16.35 -11.52
C SER D 5 28.23 15.91 -12.96
N LEU D 6 27.33 16.36 -13.83
CA LEU D 6 27.45 16.05 -15.25
C LEU D 6 28.71 16.68 -15.84
N SER D 7 29.02 17.91 -15.43
CA SER D 7 30.26 18.55 -15.88
C SER D 7 31.47 17.78 -15.39
N GLY D 8 31.44 17.31 -14.14
CA GLY D 8 32.52 16.49 -13.64
C GLY D 8 32.69 15.20 -14.44
N LEU D 9 31.58 14.55 -14.77
CA LEU D 9 31.64 13.36 -15.60
C LEU D 9 32.24 13.66 -16.96
N SER D 10 31.83 14.77 -17.57
CA SER D 10 32.37 15.14 -18.88
C SER D 10 33.86 15.40 -18.81
N ALA D 11 34.30 16.10 -17.76
CA ALA D 11 35.74 16.38 -17.61
C ALA D 11 36.53 15.10 -17.41
N ALA D 12 36.03 14.21 -16.56
CA ALA D 12 36.72 12.94 -16.34
C ALA D 12 36.79 12.12 -17.62
N GLN D 13 35.71 12.11 -18.40
CA GLN D 13 35.71 11.35 -19.64
C GLN D 13 36.65 11.96 -20.66
N LEU D 14 36.76 13.29 -20.70
CA LEU D 14 37.72 13.93 -21.60
C LEU D 14 39.15 13.56 -21.21
N ASP D 15 39.45 13.56 -19.91
CA ASP D 15 40.78 13.15 -19.47
C ASP D 15 41.06 11.69 -19.83
N LEU D 16 40.06 10.83 -19.66
CA LEU D 16 40.20 9.43 -20.02
C LEU D 16 40.47 9.28 -21.51
N ASN D 17 39.75 10.05 -22.34
CA ASN D 17 39.97 9.98 -23.78
C ASN D 17 41.37 10.45 -24.14
N THR D 18 41.85 11.52 -23.52
CA THR D 18 43.19 12.00 -23.81
C THR D 18 44.24 10.96 -23.43
N THR D 19 44.08 10.35 -22.25
CA THR D 19 45.03 9.32 -21.84
C THR D 19 44.97 8.11 -22.76
N SER D 20 43.78 7.72 -23.19
CA SER D 20 43.65 6.59 -24.11
C SER D 20 44.31 6.89 -25.44
N ASN D 21 44.16 8.12 -25.95
CA ASN D 21 44.83 8.49 -27.18
C ASN D 21 46.34 8.45 -27.03
N ASN D 22 46.85 8.95 -25.90
CA ASN D 22 48.29 8.91 -25.65
C ASN D 22 48.80 7.47 -25.61
N ILE D 23 48.05 6.57 -24.96
CA ILE D 23 48.46 5.18 -24.89
C ILE D 23 48.41 4.54 -26.28
N ALA D 24 47.37 4.83 -27.05
CA ALA D 24 47.23 4.23 -28.37
C ALA D 24 48.37 4.66 -29.30
N ASN D 25 48.76 5.93 -29.22
CA ASN D 25 49.84 6.44 -30.07
C ASN D 25 51.23 6.18 -29.51
N ALA D 26 51.39 5.18 -28.63
CA ALA D 26 52.68 4.92 -28.00
C ALA D 26 53.75 4.50 -29.00
N ASN D 27 53.38 4.04 -30.18
CA ASN D 27 54.35 3.55 -31.15
C ASN D 27 54.50 4.45 -32.38
N THR D 28 53.60 5.42 -32.56
CA THR D 28 53.70 6.29 -33.72
C THR D 28 54.97 7.14 -33.65
N TYR D 29 55.67 7.25 -34.78
CA TYR D 29 56.90 8.00 -34.86
C TYR D 29 56.60 9.49 -34.81
N GLY D 30 57.29 10.21 -33.93
CA GLY D 30 57.15 11.65 -33.88
C GLY D 30 55.91 12.15 -33.18
N PHE D 31 55.11 11.27 -32.59
CA PHE D 31 53.91 11.69 -31.89
C PHE D 31 54.27 12.50 -30.65
N LYS D 32 53.47 13.52 -30.36
CA LYS D 32 53.61 14.33 -29.16
C LYS D 32 52.37 14.17 -28.30
N GLU D 33 52.58 13.91 -27.01
CA GLU D 33 51.46 13.62 -26.12
C GLU D 33 50.62 14.87 -25.88
N SER D 34 49.45 14.66 -25.28
CA SER D 34 48.52 15.73 -24.99
C SER D 34 48.16 15.70 -23.51
N ARG D 35 47.92 16.88 -22.95
CA ARG D 35 47.54 17.02 -21.56
C ARG D 35 46.25 17.82 -21.48
N ALA D 36 45.33 17.39 -20.62
CA ALA D 36 44.03 18.01 -20.48
C ALA D 36 44.05 18.93 -19.26
N GLU D 37 43.73 20.21 -19.48
CA GLU D 37 43.69 21.21 -18.42
C GLU D 37 42.27 21.74 -18.30
N PHE D 38 41.76 21.79 -17.08
CA PHE D 38 40.39 22.21 -16.80
C PHE D 38 40.40 23.48 -15.98
N ALA D 39 39.21 24.07 -15.83
CA ALA D 39 39.05 25.32 -15.10
C ALA D 39 37.71 25.32 -14.40
N ASP D 40 37.63 26.12 -13.34
CA ASP D 40 36.40 26.25 -12.57
C ASP D 40 35.40 27.11 -13.34
N VAL D 41 34.12 26.94 -12.98
CA VAL D 41 33.03 27.70 -13.57
C VAL D 41 32.35 28.49 -12.46
N TYR D 42 32.04 29.75 -12.74
CA TYR D 42 31.36 30.58 -11.76
C TYR D 42 30.57 31.67 -12.49
N SER D 43 29.40 31.98 -11.96
CA SER D 43 28.53 32.96 -12.59
C SER D 43 29.06 34.37 -12.39
N ASN D 44 28.66 35.27 -13.28
CA ASN D 44 29.06 36.67 -13.24
C ASN D 44 27.83 37.56 -13.37
N SER D 45 26.79 37.25 -12.60
CA SER D 45 25.58 38.05 -12.63
C SER D 45 25.84 39.43 -12.05
N LEU D 46 25.02 40.41 -12.50
CA LEU D 46 25.14 41.76 -12.00
C LEU D 46 24.78 41.84 -10.53
N PHE D 47 23.74 41.11 -10.12
CA PHE D 47 23.32 41.03 -8.74
C PHE D 47 23.62 39.63 -8.23
N THR D 48 24.82 39.46 -7.70
CA THR D 48 25.32 38.15 -7.27
C THR D 48 25.44 38.14 -5.75
N ASN D 49 24.90 37.08 -5.12
CA ASN D 49 25.06 36.93 -3.67
C ASN D 49 26.48 36.58 -3.29
N ALA D 50 27.21 35.88 -4.17
CA ALA D 50 28.61 35.52 -3.96
C ALA D 50 28.80 34.62 -2.75
N LYS D 51 28.53 35.15 -1.55
CA LYS D 51 28.74 34.36 -0.34
C LYS D 51 27.81 33.16 -0.28
N THR D 52 26.60 33.29 -0.81
CA THR D 52 25.58 32.25 -0.75
C THR D 52 25.45 31.50 -2.07
N THR D 53 26.38 31.68 -3.01
CA THR D 53 26.30 31.04 -4.31
C THR D 53 27.39 29.99 -4.44
N PRO D 54 27.06 28.72 -4.63
CA PRO D 54 28.09 27.70 -4.81
C PRO D 54 28.75 27.76 -6.18
N GLY D 55 29.59 26.80 -6.49
CA GLY D 55 30.28 26.78 -7.76
C GLY D 55 29.36 26.42 -8.91
N GLY D 56 29.97 26.31 -10.10
CA GLY D 56 29.20 26.02 -11.30
C GLY D 56 29.72 24.81 -12.06
N GLY D 57 30.57 24.01 -11.41
CA GLY D 57 31.09 22.81 -12.04
C GLY D 57 32.51 22.95 -12.53
N ALA D 58 32.86 22.17 -13.56
CA ALA D 58 34.20 22.19 -14.11
C ALA D 58 34.10 22.24 -15.64
N GLN D 59 34.88 23.12 -16.25
CA GLN D 59 34.88 23.32 -17.69
C GLN D 59 36.25 23.02 -18.25
N ALA D 60 36.29 22.28 -19.36
CA ALA D 60 37.55 21.99 -20.02
C ALA D 60 38.13 23.26 -20.63
N SER D 61 39.38 23.56 -20.29
CA SER D 61 40.03 24.78 -20.77
C SER D 61 40.71 24.57 -22.11
N GLN D 62 41.60 23.57 -22.18
CA GLN D 62 42.30 23.29 -23.42
C GLN D 62 42.94 21.91 -23.32
N VAL D 63 43.26 21.34 -24.47
CA VAL D 63 44.05 20.12 -24.55
C VAL D 63 45.45 20.52 -25.00
N ALA D 64 46.42 20.37 -24.10
CA ALA D 64 47.78 20.81 -24.39
C ALA D 64 48.45 19.86 -25.38
N GLN D 65 49.62 20.28 -25.86
CA GLN D 65 50.39 19.56 -26.85
C GLN D 65 51.87 19.53 -26.44
N GLN D 66 52.12 19.09 -25.22
CA GLN D 66 53.47 19.05 -24.65
C GLN D 66 54.50 18.59 -25.67
N PHE D 67 55.50 19.44 -25.91
CA PHE D 67 56.45 19.25 -27.01
C PHE D 67 57.84 18.90 -26.49
N HIS D 68 57.92 18.27 -25.33
CA HIS D 68 59.22 17.88 -24.81
C HIS D 68 59.84 16.80 -25.69
N GLU D 69 61.17 16.82 -25.80
CA GLU D 69 61.88 15.90 -26.68
C GLU D 69 61.56 14.46 -26.32
N GLY D 70 61.25 13.66 -27.35
CA GLY D 70 61.02 12.25 -27.15
C GLY D 70 62.26 11.42 -27.35
N SER D 71 62.15 10.15 -26.97
CA SER D 71 63.28 9.24 -27.12
C SER D 71 63.51 8.91 -28.59
N SER D 72 64.73 8.48 -28.90
CA SER D 72 65.14 8.21 -30.27
C SER D 72 65.52 6.74 -30.42
N ILE D 73 65.08 6.13 -31.52
CA ILE D 73 65.42 4.75 -31.82
C ILE D 73 66.37 4.75 -33.02
N TYR D 74 67.23 3.74 -33.06
CA TYR D 74 68.26 3.62 -34.08
C TYR D 74 67.87 2.50 -35.03
N THR D 75 67.77 2.84 -36.32
CA THR D 75 67.46 1.85 -37.34
C THR D 75 68.62 1.62 -38.31
N ASN D 76 69.69 2.40 -38.21
CA ASN D 76 70.85 2.30 -39.09
C ASN D 76 70.46 2.50 -40.57
N ASN D 77 69.33 3.18 -40.80
CA ASN D 77 68.88 3.45 -42.16
C ASN D 77 69.21 4.88 -42.52
N PRO D 78 70.06 5.13 -43.52
CA PRO D 78 70.50 6.51 -43.79
C PRO D 78 69.38 7.44 -44.18
N MET D 79 68.25 6.92 -44.68
CA MET D 79 67.15 7.79 -45.09
C MET D 79 66.25 8.19 -43.94
N ASP D 80 66.49 7.68 -42.73
CA ASP D 80 65.72 8.07 -41.56
C ASP D 80 66.38 9.27 -40.90
N LEU D 81 65.59 10.30 -40.61
CA LEU D 81 66.10 11.54 -40.05
C LEU D 81 65.36 11.89 -38.77
N ARG D 82 66.09 12.53 -37.86
CA ARG D 82 65.53 12.99 -36.60
C ARG D 82 66.04 14.40 -36.32
N VAL D 83 65.15 15.26 -35.83
CA VAL D 83 65.49 16.62 -35.47
C VAL D 83 65.78 16.64 -33.96
N SER D 84 67.04 16.83 -33.60
CA SER D 84 67.43 16.94 -32.20
C SER D 84 67.41 18.40 -31.79
N GLY D 85 66.48 18.75 -30.90
CA GLY D 85 66.37 20.13 -30.46
C GLY D 85 65.08 20.78 -30.91
N THR D 86 65.17 22.01 -31.41
CA THR D 86 64.00 22.78 -31.84
C THR D 86 63.97 22.85 -33.36
N GLY D 87 62.82 22.54 -33.92
CA GLY D 87 62.62 22.60 -35.37
C GLY D 87 61.77 21.46 -35.86
N PHE D 88 61.06 21.71 -36.95
CA PHE D 88 60.21 20.72 -37.59
C PHE D 88 60.60 20.54 -39.04
N PHE D 89 60.42 19.33 -39.56
CA PHE D 89 60.53 19.11 -40.98
C PHE D 89 59.37 19.76 -41.71
N ALA D 90 59.62 20.18 -42.95
CA ALA D 90 58.61 20.80 -43.78
C ALA D 90 58.34 19.91 -44.99
N VAL D 91 57.09 19.53 -45.18
CA VAL D 91 56.69 18.66 -46.28
C VAL D 91 55.53 19.29 -47.03
N ALA D 92 55.54 19.17 -48.35
CA ALA D 92 54.53 19.75 -49.22
C ALA D 92 53.65 18.65 -49.79
N LYS D 93 52.36 18.95 -49.94
CA LYS D 93 51.41 17.98 -50.47
C LYS D 93 51.76 17.60 -51.91
N GLU D 94 52.10 18.60 -52.73
CA GLU D 94 52.40 18.38 -54.13
C GLU D 94 53.77 18.96 -54.47
N ARG D 95 54.43 18.35 -55.46
CA ARG D 95 55.77 18.80 -55.83
C ARG D 95 55.75 20.21 -56.40
N LEU D 96 54.76 20.54 -57.21
CA LEU D 96 54.72 21.82 -57.92
C LEU D 96 54.14 22.95 -57.09
N THR D 97 53.72 22.68 -55.85
CA THR D 97 53.19 23.71 -54.95
C THR D 97 53.90 23.61 -53.61
N PRO D 98 55.17 24.00 -53.55
CA PRO D 98 55.88 23.97 -52.26
C PRO D 98 55.31 24.95 -51.25
N GLN D 99 54.54 25.95 -51.68
CA GLN D 99 53.96 26.91 -50.75
C GLN D 99 53.02 26.22 -49.77
N GLN D 100 52.18 25.31 -50.27
CA GLN D 100 51.25 24.56 -49.41
C GLN D 100 52.04 23.45 -48.72
N ASN D 101 52.42 23.70 -47.46
CA ASN D 101 53.29 22.78 -46.74
C ASN D 101 52.76 22.58 -45.33
N GLU D 102 53.19 21.48 -44.71
CA GLU D 102 52.83 21.15 -43.35
C GLU D 102 54.08 20.70 -42.59
N LEU D 103 54.04 20.87 -41.27
CA LEU D 103 55.18 20.54 -40.43
C LEU D 103 55.03 19.14 -39.85
N THR D 104 56.15 18.46 -39.67
CA THR D 104 56.14 17.11 -39.11
C THR D 104 57.42 16.89 -38.32
N ARG D 105 57.48 15.76 -37.63
CA ARG D 105 58.64 15.38 -36.84
C ARG D 105 59.23 14.02 -37.18
N ASN D 106 58.43 13.08 -37.70
CA ASN D 106 58.96 11.79 -38.08
C ASN D 106 59.77 11.91 -39.37
N GLY D 107 60.78 11.05 -39.50
CA GLY D 107 61.68 11.15 -40.63
C GLY D 107 61.81 9.90 -41.46
N ALA D 108 60.72 9.13 -41.57
CA ALA D 108 60.73 7.91 -42.38
C ALA D 108 60.63 8.33 -43.84
N PHE D 109 61.79 8.56 -44.46
CA PHE D 109 61.85 9.03 -45.84
C PHE D 109 62.30 7.92 -46.78
N HIS D 110 61.92 8.07 -48.06
CA HIS D 110 62.34 7.15 -49.10
C HIS D 110 62.20 7.86 -50.44
N LEU D 111 62.84 7.31 -51.46
CA LEU D 111 62.82 7.90 -52.80
C LEU D 111 61.66 7.35 -53.60
N ASN D 112 60.86 8.25 -54.18
CA ASN D 112 59.75 7.84 -55.03
C ASN D 112 60.28 7.54 -56.44
N LYS D 113 59.36 7.33 -57.39
CA LYS D 113 59.78 6.97 -58.74
C LYS D 113 60.48 8.11 -59.46
N GLU D 114 60.37 9.34 -58.94
CA GLU D 114 61.05 10.49 -59.53
C GLU D 114 62.32 10.87 -58.78
N ASN D 115 62.77 10.01 -57.85
CA ASN D 115 63.98 10.25 -57.07
C ASN D 115 63.87 11.52 -56.23
N TYR D 116 62.70 11.72 -55.61
CA TYR D 116 62.49 12.78 -54.63
C TYR D 116 62.31 12.17 -53.26
N MET D 117 62.81 12.84 -52.23
CA MET D 117 62.64 12.37 -50.86
C MET D 117 61.22 12.65 -50.41
N VAL D 118 60.49 11.59 -50.06
CA VAL D 118 59.08 11.69 -49.71
C VAL D 118 58.85 10.99 -48.38
N THR D 119 57.73 11.31 -47.75
CA THR D 119 57.33 10.68 -46.50
C THR D 119 56.59 9.38 -46.81
N ALA D 120 55.95 8.80 -45.79
CA ALA D 120 55.17 7.59 -46.01
C ALA D 120 54.00 7.85 -46.95
N ASN D 121 53.34 9.01 -46.81
CA ASN D 121 52.20 9.36 -47.65
C ASN D 121 52.60 10.04 -48.94
N ASP D 122 53.84 9.85 -49.40
CA ASP D 122 54.33 10.40 -50.67
C ASP D 122 54.19 11.93 -50.69
N GLU D 123 54.57 12.56 -49.58
CA GLU D 123 54.61 14.01 -49.48
C GLU D 123 56.05 14.47 -49.59
N PHE D 124 56.31 15.36 -50.54
CA PHE D 124 57.68 15.75 -50.86
C PHE D 124 58.29 16.55 -49.72
N LEU D 125 59.57 16.31 -49.47
CA LEU D 125 60.30 16.99 -48.40
C LEU D 125 60.91 18.28 -48.94
N LEU D 126 60.64 19.39 -48.27
CA LEU D 126 61.11 20.69 -48.71
C LEU D 126 62.56 20.92 -48.32
N GLY D 127 63.34 21.47 -49.25
CA GLY D 127 64.73 21.73 -49.00
C GLY D 127 65.19 22.99 -49.71
N TYR D 128 66.39 23.43 -49.36
CA TYR D 128 66.99 24.62 -49.93
C TYR D 128 67.85 24.27 -51.14
N GLN D 129 68.53 25.27 -51.69
CA GLN D 129 69.44 25.09 -52.81
C GLN D 129 70.73 25.84 -52.50
N VAL D 130 71.81 25.10 -52.26
CA VAL D 130 73.07 25.70 -51.86
C VAL D 130 73.90 26.02 -53.10
N ASP D 131 74.89 26.91 -52.92
CA ASP D 131 75.79 27.28 -53.99
C ASP D 131 76.78 26.16 -54.29
N PRO D 132 77.26 26.06 -55.53
CA PRO D 132 78.21 24.97 -55.85
C PRO D 132 79.47 25.01 -55.00
N SER D 133 80.04 26.19 -54.78
CA SER D 133 81.25 26.34 -53.98
C SER D 133 80.98 26.95 -52.62
N SER D 134 80.19 28.02 -52.56
CA SER D 134 79.87 28.66 -51.29
C SER D 134 78.97 27.76 -50.46
N GLY D 135 79.35 27.53 -49.20
CA GLY D 135 78.54 26.72 -48.31
C GLY D 135 77.20 27.35 -47.99
N GLU D 136 77.15 28.68 -47.95
CA GLU D 136 75.90 29.38 -47.63
C GLU D 136 74.87 29.15 -48.72
N VAL D 137 73.62 28.96 -48.30
CA VAL D 137 72.51 28.81 -49.23
C VAL D 137 72.13 30.17 -49.78
N SER D 138 71.94 30.25 -51.10
CA SER D 138 71.62 31.53 -51.73
C SER D 138 70.18 31.94 -51.48
N SER D 139 69.22 31.15 -51.95
CA SER D 139 67.82 31.47 -51.83
C SER D 139 67.18 30.64 -50.72
N TYR D 140 66.36 31.31 -49.90
CA TYR D 140 65.74 30.68 -48.74
C TYR D 140 64.36 30.11 -49.03
N GLU D 141 63.92 30.14 -50.30
CA GLU D 141 62.63 29.54 -50.59
C GLU D 141 62.73 28.02 -50.53
N PRO D 142 61.67 27.35 -50.07
CA PRO D 142 61.68 25.89 -50.01
C PRO D 142 61.31 25.26 -51.34
N GLN D 143 62.00 24.19 -51.70
CA GLN D 143 61.72 23.44 -52.91
C GLN D 143 61.94 21.96 -52.63
N PRO D 144 61.24 21.08 -53.36
CA PRO D 144 61.43 19.65 -53.15
C PRO D 144 62.87 19.23 -53.43
N ILE D 145 63.33 18.24 -52.67
CA ILE D 145 64.70 17.75 -52.79
C ILE D 145 64.74 16.63 -53.82
N ASN D 146 65.63 16.77 -54.80
CA ASN D 146 65.82 15.77 -55.84
C ASN D 146 67.21 15.19 -55.73
N ILE D 147 67.32 13.88 -55.93
CA ILE D 147 68.61 13.19 -55.85
C ILE D 147 68.88 12.55 -57.21
N PRO D 148 69.52 13.26 -58.13
CA PRO D 148 69.77 12.70 -59.46
C PRO D 148 70.68 11.48 -59.37
N ALA D 149 70.45 10.52 -60.26
CA ALA D 149 71.29 9.34 -60.34
C ALA D 149 72.45 9.50 -61.30
N GLU D 150 72.50 10.61 -62.03
CA GLU D 150 73.57 10.85 -62.99
C GLU D 150 74.07 12.28 -62.87
N PHE D 151 75.39 12.44 -62.98
CA PHE D 151 76.02 13.75 -63.02
C PHE D 151 76.04 14.23 -64.48
N GLY D 152 74.83 14.41 -65.01
CA GLY D 152 74.65 14.61 -66.44
C GLY D 152 75.06 15.99 -66.94
N LYS D 153 76.32 16.34 -66.75
CA LYS D 153 76.85 17.61 -67.25
C LYS D 153 78.36 17.58 -67.27
N PRO D 154 78.98 17.14 -68.38
CA PRO D 154 80.44 17.19 -68.48
C PRO D 154 80.97 18.61 -68.34
N LYS D 155 81.73 18.86 -67.28
CA LYS D 155 82.24 20.19 -66.97
C LYS D 155 83.65 20.34 -67.51
N GLN D 156 83.86 21.33 -68.36
CA GLN D 156 85.16 21.54 -68.98
C GLN D 156 86.17 22.03 -67.95
N THR D 157 87.44 21.75 -68.21
CA THR D 157 88.53 22.23 -67.36
C THR D 157 88.74 23.71 -67.62
N ALA D 158 88.67 24.53 -66.57
CA ALA D 158 88.80 25.97 -66.72
C ALA D 158 89.89 26.54 -65.82
N ASN D 159 90.03 26.00 -64.61
CA ASN D 159 91.00 26.50 -63.65
C ASN D 159 91.89 25.36 -63.19
N ILE D 160 93.20 25.59 -63.21
CA ILE D 160 94.19 24.60 -62.80
C ILE D 160 95.10 25.24 -61.77
N GLU D 161 95.17 24.65 -60.57
CA GLU D 161 96.06 25.09 -59.52
C GLU D 161 97.24 24.13 -59.46
N VAL D 162 98.46 24.67 -59.59
CA VAL D 162 99.67 23.86 -59.60
C VAL D 162 100.60 24.36 -58.51
N GLY D 163 101.02 23.46 -57.64
CA GLY D 163 102.02 23.77 -56.62
C GLY D 163 103.23 22.87 -56.72
N VAL D 164 104.38 23.44 -57.05
CA VAL D 164 105.59 22.65 -57.27
C VAL D 164 106.74 23.26 -56.49
N ASN D 165 107.78 22.46 -56.28
CA ASN D 165 109.03 22.92 -55.70
C ASN D 165 110.13 22.76 -56.74
N LEU D 166 110.79 23.86 -57.08
CA LEU D 166 111.79 23.76 -58.14
C LEU D 166 113.19 23.69 -57.55
N PRO D 167 114.05 22.84 -58.12
CA PRO D 167 115.41 22.70 -57.58
C PRO D 167 116.22 23.96 -57.82
N ALA D 168 116.74 24.53 -56.73
CA ALA D 168 117.56 25.73 -56.84
C ALA D 168 118.93 25.44 -57.42
N ASN D 169 119.39 24.21 -57.35
CA ASN D 169 120.68 23.81 -57.89
C ASN D 169 120.59 23.22 -59.29
N GLY D 170 119.43 23.32 -59.94
CA GLY D 170 119.30 22.79 -61.28
C GLY D 170 120.17 23.56 -62.27
N ASP D 171 120.61 22.85 -63.31
CA ASP D 171 121.50 23.44 -64.29
C ASP D 171 120.78 24.49 -65.13
N LEU D 172 121.48 25.55 -65.48
CA LEU D 172 120.89 26.62 -66.28
C LEU D 172 120.67 26.16 -67.72
N LYS D 173 119.68 26.77 -68.37
CA LYS D 173 119.33 26.45 -69.74
C LYS D 173 119.17 27.74 -70.53
N ASP D 174 119.29 27.63 -71.84
CA ASP D 174 119.18 28.77 -72.73
C ASP D 174 117.71 29.01 -73.07
N PRO D 175 117.13 30.16 -72.71
CA PRO D 175 115.72 30.39 -73.04
C PRO D 175 115.43 30.36 -74.53
N THR D 176 116.35 30.85 -75.36
CA THR D 176 116.12 30.93 -76.79
C THR D 176 116.21 29.57 -77.48
N GLN D 177 116.76 28.56 -76.82
CA GLN D 177 116.93 27.24 -77.40
C GLN D 177 115.85 26.26 -76.96
N PHE D 178 114.75 26.75 -76.39
CA PHE D 178 113.71 25.86 -75.89
C PHE D 178 113.00 25.15 -77.03
N ASP D 179 112.77 23.85 -76.85
CA ASP D 179 112.01 23.06 -77.82
C ASP D 179 111.48 21.84 -77.09
N PHE D 180 110.15 21.67 -77.06
CA PHE D 180 109.56 20.56 -76.33
C PHE D 180 109.92 19.21 -76.94
N SER D 181 110.37 19.19 -78.20
CA SER D 181 110.76 17.94 -78.82
C SER D 181 112.10 17.41 -78.30
N ASP D 182 112.95 18.28 -77.77
CA ASP D 182 114.26 17.87 -77.29
C ASP D 182 114.31 17.96 -75.77
N PRO D 183 114.44 16.84 -75.06
CA PRO D 183 114.42 16.90 -73.58
C PRO D 183 115.52 17.75 -72.99
N ASP D 184 116.70 17.79 -73.60
CA ASP D 184 117.84 18.49 -73.03
C ASP D 184 117.69 20.00 -73.06
N THR D 185 116.76 20.53 -73.85
CA THR D 185 116.62 21.99 -73.93
C THR D 185 116.00 22.57 -72.67
N TYR D 186 115.26 21.77 -71.90
CA TYR D 186 114.61 22.23 -70.69
C TYR D 186 115.13 21.43 -69.49
N ASN D 187 114.51 21.66 -68.33
CA ASN D 187 114.88 20.99 -67.09
C ASN D 187 113.96 19.83 -66.77
N ARG D 188 112.66 20.10 -66.62
CA ARG D 188 111.71 19.10 -66.18
C ARG D 188 110.43 19.21 -66.99
N SER D 189 109.67 18.11 -67.02
CA SER D 189 108.39 18.06 -67.71
C SER D 189 107.44 17.21 -66.90
N THR D 190 106.19 17.67 -66.77
CA THR D 190 105.14 16.94 -66.07
C THR D 190 103.93 16.80 -66.98
N SER D 191 103.19 15.72 -66.77
CA SER D 191 102.02 15.40 -67.58
C SER D 191 100.78 15.35 -66.71
N SER D 192 99.65 15.74 -67.29
CA SER D 192 98.39 15.76 -66.56
C SER D 192 97.24 15.66 -67.57
N THR D 193 96.04 15.41 -67.05
CA THR D 193 94.86 15.20 -67.87
C THR D 193 93.86 16.31 -67.66
N ILE D 194 93.28 16.80 -68.75
CA ILE D 194 92.26 17.84 -68.72
C ILE D 194 91.06 17.35 -69.53
N TYR D 195 89.91 17.99 -69.31
CA TYR D 195 88.67 17.60 -69.96
C TYR D 195 88.05 18.81 -70.64
N ASP D 196 87.49 18.58 -71.83
CA ASP D 196 86.85 19.64 -72.60
C ASP D 196 85.36 19.65 -72.27
N SER D 197 84.57 20.35 -73.09
CA SER D 197 83.14 20.47 -72.84
C SER D 197 82.44 19.12 -72.94
N MET D 198 82.81 18.29 -73.90
CA MET D 198 82.15 17.02 -74.14
C MET D 198 82.70 15.89 -73.26
N GLY D 199 83.66 16.19 -72.40
CA GLY D 199 84.25 15.19 -71.53
C GLY D 199 85.41 14.42 -72.12
N GLN D 200 85.86 14.77 -73.33
CA GLN D 200 87.01 14.11 -73.90
C GLN D 200 88.27 14.40 -73.07
N SER D 201 89.08 13.38 -72.85
CA SER D 201 90.29 13.51 -72.05
C SER D 201 91.45 13.95 -72.94
N TYR D 202 92.19 14.96 -72.48
CA TYR D 202 93.38 15.44 -73.17
C TYR D 202 94.55 15.45 -72.21
N LYS D 203 95.75 15.26 -72.75
CA LYS D 203 96.97 15.22 -71.95
C LYS D 203 97.65 16.58 -72.02
N LEU D 204 97.87 17.19 -70.85
CA LEU D 204 98.53 18.49 -70.74
C LEU D 204 99.94 18.27 -70.21
N THR D 205 100.93 18.74 -70.96
CA THR D 205 102.33 18.62 -70.57
C THR D 205 102.90 20.00 -70.30
N THR D 206 103.51 20.16 -69.13
CA THR D 206 104.09 21.42 -68.71
C THR D 206 105.61 21.27 -68.66
N TYR D 207 106.32 22.22 -69.28
CA TYR D 207 107.76 22.20 -69.34
C TYR D 207 108.32 23.34 -68.50
N TYR D 208 109.23 23.02 -67.59
CA TYR D 208 109.87 24.00 -66.72
C TYR D 208 111.32 24.19 -67.16
N LEU D 209 111.71 25.45 -67.38
CA LEU D 209 113.04 25.79 -67.82
C LEU D 209 113.64 26.82 -66.88
N LYS D 210 114.89 26.60 -66.48
CA LYS D 210 115.60 27.52 -65.59
C LYS D 210 116.37 28.53 -66.43
N ASP D 211 116.09 29.81 -66.22
CA ASP D 211 116.74 30.86 -67.00
C ASP D 211 118.20 30.97 -66.61
N GLN D 212 119.05 31.23 -67.60
CA GLN D 212 120.48 31.40 -67.40
C GLN D 212 120.86 32.87 -67.23
N THR D 213 120.24 33.75 -68.01
CA THR D 213 120.61 35.16 -67.97
C THR D 213 120.28 35.80 -66.62
N GLN D 214 119.11 35.46 -66.06
CA GLN D 214 118.67 36.05 -64.80
C GLN D 214 118.60 34.98 -63.72
N PRO D 215 119.28 35.16 -62.60
CA PRO D 215 119.17 34.18 -61.51
C PRO D 215 117.78 34.16 -60.89
N ASN D 216 117.42 33.00 -60.35
CA ASN D 216 116.13 32.80 -59.68
C ASN D 216 114.96 33.13 -60.61
N THR D 217 115.10 32.77 -61.87
CA THR D 217 114.07 33.00 -62.88
C THR D 217 113.84 31.73 -63.66
N TRP D 218 112.56 31.42 -63.92
CA TRP D 218 112.18 30.20 -64.62
C TRP D 218 111.19 30.52 -65.72
N ASN D 219 111.18 29.68 -66.75
CA ASN D 219 110.24 29.78 -67.85
C ASN D 219 109.37 28.53 -67.90
N THR D 220 108.08 28.74 -68.12
CA THR D 220 107.10 27.66 -68.11
C THR D 220 106.34 27.66 -69.42
N TYR D 221 106.25 26.48 -70.05
CA TYR D 221 105.57 26.31 -71.32
C TYR D 221 104.57 25.16 -71.20
N TYR D 222 103.53 25.21 -72.04
CA TYR D 222 102.46 24.23 -72.01
C TYR D 222 102.22 23.66 -73.39
N THR D 223 101.95 22.36 -73.44
CA THR D 223 101.60 21.67 -74.68
C THR D 223 100.41 20.75 -74.42
N VAL D 224 99.58 20.59 -75.45
CA VAL D 224 98.38 19.76 -75.38
C VAL D 224 98.53 18.64 -76.40
N THR D 225 98.31 17.40 -75.95
CA THR D 225 98.52 16.21 -76.77
C THR D 225 97.15 15.63 -77.14
N ASP D 226 96.75 15.85 -78.39
CA ASP D 226 95.55 15.23 -78.95
C ASP D 226 95.94 14.04 -79.81
N LYS D 227 94.95 13.45 -80.49
CA LYS D 227 95.22 12.29 -81.32
C LYS D 227 96.09 12.64 -82.53
N GLU D 228 95.95 13.86 -83.04
CA GLU D 228 96.78 14.29 -84.17
C GLU D 228 98.26 14.37 -83.76
N GLY D 229 98.53 14.89 -82.58
CA GLY D 229 99.90 15.00 -82.11
C GLY D 229 99.97 15.95 -80.91
N GLU D 230 101.18 16.41 -80.64
CA GLU D 230 101.44 17.32 -79.52
C GLU D 230 101.54 18.74 -80.08
N LYS D 231 100.60 19.58 -79.72
CA LYS D 231 100.56 20.95 -80.20
C LYS D 231 100.87 21.92 -79.07
N PRO D 232 101.77 22.87 -79.29
CA PRO D 232 102.09 23.84 -78.22
C PRO D 232 100.91 24.75 -77.93
N LEU D 233 100.83 25.18 -76.67
CA LEU D 233 99.82 26.12 -76.21
C LEU D 233 100.48 27.41 -75.77
N ASN D 234 99.94 28.53 -76.23
CA ASN D 234 100.51 29.85 -75.96
C ASN D 234 99.72 30.56 -74.88
N VAL D 235 100.42 31.34 -74.07
CA VAL D 235 99.79 32.17 -73.03
C VAL D 235 99.36 33.47 -73.67
N ALA D 236 98.29 34.07 -73.13
CA ALA D 236 97.72 35.26 -73.73
C ALA D 236 98.72 36.42 -73.74
N ALA D 237 99.40 36.65 -72.61
CA ALA D 237 100.32 37.76 -72.47
C ALA D 237 101.61 37.34 -71.76
N GLY D 238 102.05 36.10 -71.99
CA GLY D 238 103.26 35.62 -71.35
C GLY D 238 104.49 36.33 -71.87
N ASP D 239 105.40 36.65 -70.95
CA ASP D 239 106.64 37.35 -71.30
C ASP D 239 107.79 36.38 -71.56
N ALA D 240 107.56 35.41 -72.44
CA ALA D 240 108.61 34.46 -72.84
C ALA D 240 108.28 33.98 -74.26
N GLN D 241 108.94 34.59 -75.24
CA GLN D 241 108.69 34.30 -76.65
C GLN D 241 109.92 33.63 -77.25
N THR D 242 109.78 32.34 -77.58
CA THR D 242 110.84 31.62 -78.26
C THR D 242 110.91 32.04 -79.72
N PRO D 243 112.06 31.81 -80.38
CA PRO D 243 112.15 32.14 -81.82
C PRO D 243 111.10 31.43 -82.66
N THR D 244 110.72 30.20 -82.30
CA THR D 244 109.69 29.51 -83.06
C THR D 244 108.35 30.22 -82.95
N GLY D 245 108.00 30.71 -81.76
CA GLY D 245 106.75 31.39 -81.57
C GLY D 245 105.98 30.95 -80.35
N HIS D 246 106.46 29.89 -79.70
CA HIS D 246 105.83 29.40 -78.48
C HIS D 246 105.95 30.43 -77.37
N VAL D 247 104.85 30.70 -76.67
CA VAL D 247 104.79 31.75 -75.67
C VAL D 247 104.56 31.10 -74.32
N GLY D 248 105.52 31.25 -73.42
CA GLY D 248 105.38 30.84 -72.04
C GLY D 248 105.30 32.01 -71.09
N HIS D 249 105.41 31.71 -69.79
CA HIS D 249 105.35 32.72 -68.76
C HIS D 249 106.54 32.54 -67.83
N THR D 250 106.95 33.64 -67.20
CA THR D 250 108.14 33.67 -66.35
C THR D 250 107.74 33.65 -64.88
N MET D 251 108.52 32.93 -64.08
CA MET D 251 108.31 32.85 -62.64
C MET D 251 109.57 33.35 -61.93
N LYS D 252 109.39 34.22 -60.95
CA LYS D 252 110.49 34.82 -60.21
C LYS D 252 110.32 34.52 -58.73
N PHE D 253 111.45 34.36 -58.04
CA PHE D 253 111.47 34.01 -56.63
C PHE D 253 112.38 34.96 -55.85
N ASN D 254 112.08 35.10 -54.57
CA ASN D 254 112.85 35.97 -53.69
C ASN D 254 114.09 35.24 -53.19
N ASN D 255 114.83 35.87 -52.26
CA ASN D 255 116.02 35.24 -51.72
C ASN D 255 115.68 34.01 -50.89
N ASP D 256 114.60 34.07 -50.11
CA ASP D 256 114.22 32.96 -49.25
C ASP D 256 113.59 31.81 -50.03
N GLY D 257 113.47 31.92 -51.34
CA GLY D 257 112.89 30.88 -52.15
C GLY D 257 111.39 30.95 -52.33
N THR D 258 110.71 31.87 -51.64
CA THR D 258 109.28 32.01 -51.81
C THR D 258 108.98 32.65 -53.17
N LEU D 259 107.71 32.62 -53.55
CA LEU D 259 107.29 33.17 -54.83
C LEU D 259 107.38 34.69 -54.79
N ALA D 260 107.95 35.28 -55.84
CA ALA D 260 108.08 36.73 -55.96
C ALA D 260 107.05 37.31 -56.92
N SER D 261 107.02 36.82 -58.16
CA SER D 261 106.10 37.33 -59.16
C SER D 261 105.83 36.26 -60.20
N LEU D 262 104.70 36.38 -60.89
CA LEU D 262 104.29 35.45 -61.93
C LEU D 262 103.87 36.25 -63.15
N ASN D 263 104.58 36.07 -64.26
CA ASN D 263 104.23 36.71 -65.53
C ASN D 263 104.10 38.23 -65.37
N ASN D 264 105.08 38.84 -64.69
CA ASN D 264 105.09 40.27 -64.40
C ASN D 264 103.86 40.69 -63.61
N GLY D 265 103.36 39.82 -62.73
CA GLY D 265 102.19 40.13 -61.94
C GLY D 265 100.88 40.01 -62.69
N GLN D 266 100.88 39.49 -63.91
CA GLN D 266 99.68 39.35 -64.70
C GLN D 266 99.07 37.96 -64.50
N PRO D 267 97.74 37.85 -64.62
CA PRO D 267 97.12 36.52 -64.55
C PRO D 267 97.56 35.65 -65.72
N ILE D 268 97.67 34.35 -65.47
CA ILE D 268 98.11 33.39 -66.47
C ILE D 268 96.87 32.77 -67.10
N THR D 269 96.52 33.23 -68.29
CA THR D 269 95.38 32.70 -69.05
C THR D 269 95.88 32.26 -70.41
N SER D 270 95.54 31.04 -70.80
CA SER D 270 95.96 30.52 -72.10
C SER D 270 94.98 30.95 -73.19
N VAL D 271 95.45 30.88 -74.43
CA VAL D 271 94.62 31.19 -75.58
C VAL D 271 93.63 30.04 -75.79
N ALA D 272 92.62 30.27 -76.63
CA ALA D 272 91.63 29.23 -76.90
C ALA D 272 92.31 28.02 -77.56
N LEU D 273 91.96 26.84 -77.07
CA LEU D 273 92.61 25.61 -77.56
C LEU D 273 92.29 25.36 -79.02
N GLY D 274 91.03 25.55 -79.41
CA GLY D 274 90.60 25.16 -80.75
C GLY D 274 90.20 26.29 -81.66
N ASP D 275 90.57 27.53 -81.33
CA ASP D 275 90.21 28.66 -82.17
C ASP D 275 91.40 29.02 -83.05
N PRO D 276 91.32 28.80 -84.37
CA PRO D 276 92.44 29.21 -85.24
C PRO D 276 92.65 30.72 -85.29
N ALA D 277 91.65 31.52 -84.95
CA ALA D 277 91.79 32.96 -84.98
C ALA D 277 92.72 33.49 -83.90
N THR D 278 92.96 32.71 -82.83
CA THR D 278 93.85 33.14 -81.76
C THR D 278 94.98 32.15 -81.47
N ASN D 279 94.97 30.97 -82.08
CA ASN D 279 96.01 29.98 -81.87
C ASN D 279 96.57 29.55 -83.23
N THR D 280 97.90 29.57 -83.34
CA THR D 280 98.54 29.12 -84.57
C THR D 280 98.53 27.60 -84.70
N THR D 281 98.32 26.88 -83.60
CA THR D 281 98.21 25.43 -83.61
C THR D 281 96.93 25.04 -82.88
N PRO D 282 95.79 25.15 -83.54
CA PRO D 282 94.51 24.84 -82.87
C PRO D 282 94.44 23.36 -82.49
N VAL D 283 94.04 23.11 -81.24
CA VAL D 283 93.87 21.74 -80.78
C VAL D 283 92.61 21.15 -81.39
N ASP D 284 92.70 19.90 -81.84
CA ASP D 284 91.55 19.25 -82.46
C ASP D 284 90.50 18.90 -81.41
N MET D 285 89.53 19.80 -81.22
CA MET D 285 88.50 19.59 -80.21
C MET D 285 87.53 18.46 -80.59
N ASN D 286 87.49 18.09 -81.87
CA ASN D 286 86.64 16.98 -82.34
C ASN D 286 85.17 17.23 -82.01
N GLY D 287 84.74 18.49 -82.15
CA GLY D 287 83.37 18.86 -81.89
C GLY D 287 83.14 19.56 -80.57
N ALA D 288 84.13 19.58 -79.68
CA ALA D 288 83.99 20.28 -78.42
C ALA D 288 84.08 21.78 -78.62
N ASP D 289 83.95 22.52 -77.52
CA ASP D 289 83.97 23.98 -77.61
C ASP D 289 85.38 24.45 -77.95
N PRO D 290 85.55 25.17 -79.06
CA PRO D 290 86.89 25.64 -79.43
C PRO D 290 87.34 26.87 -78.66
N ALA D 291 86.45 27.48 -77.87
CA ALA D 291 86.77 28.70 -77.15
C ALA D 291 87.19 28.45 -75.71
N GLN D 292 87.51 27.20 -75.36
CA GLN D 292 87.90 26.90 -73.98
C GLN D 292 89.21 27.57 -73.63
N THR D 293 89.28 28.13 -72.42
CA THR D 293 90.47 28.81 -71.93
C THR D 293 90.86 28.21 -70.59
N LEU D 294 92.16 28.23 -70.29
CA LEU D 294 92.70 27.66 -69.07
C LEU D 294 93.36 28.75 -68.23
N ASN D 295 93.03 28.76 -66.94
CA ASN D 295 93.64 29.69 -65.99
C ASN D 295 94.51 28.90 -65.03
N PHE D 296 95.79 29.26 -64.97
CA PHE D 296 96.77 28.56 -64.16
C PHE D 296 97.04 29.34 -62.88
N GLY D 297 96.88 28.68 -61.74
CA GLY D 297 97.18 29.30 -60.47
C GLY D 297 98.39 28.69 -59.81
N LEU D 298 99.49 29.44 -59.75
CA LEU D 298 100.75 28.96 -59.21
C LEU D 298 101.19 29.84 -58.05
N GLY D 299 100.26 30.19 -57.17
CA GLY D 299 100.58 31.06 -56.05
C GLY D 299 101.37 30.39 -54.94
N SER D 300 101.57 29.08 -55.02
CA SER D 300 102.31 28.34 -54.00
C SER D 300 103.61 27.73 -54.53
N ALA D 301 104.05 28.14 -55.71
CA ALA D 301 105.29 27.62 -56.26
C ALA D 301 106.48 28.08 -55.43
N THR D 302 107.42 27.17 -55.18
CA THR D 302 108.57 27.46 -54.34
C THR D 302 109.83 26.92 -55.01
N GLN D 303 110.97 27.51 -54.63
CA GLN D 303 112.27 27.07 -55.12
C GLN D 303 113.21 26.93 -53.93
N PHE D 304 113.49 25.68 -53.54
CA PHE D 304 114.39 25.37 -52.45
C PHE D 304 115.48 24.43 -52.94
N ALA D 305 116.28 23.93 -52.01
CA ALA D 305 117.33 22.97 -52.35
C ALA D 305 116.79 21.58 -52.63
N ALA D 306 115.52 21.33 -52.31
CA ALA D 306 114.95 20.01 -52.55
C ALA D 306 114.82 19.76 -54.05
N PRO D 307 114.88 18.50 -54.48
CA PRO D 307 114.74 18.20 -55.92
C PRO D 307 113.35 18.56 -56.46
N PHE D 308 113.17 18.40 -57.77
CA PHE D 308 111.89 18.72 -58.38
C PHE D 308 110.79 17.84 -57.80
N GLU D 309 109.65 18.44 -57.50
CA GLU D 309 108.53 17.73 -56.89
C GLU D 309 107.23 18.41 -57.25
N LEU D 310 106.24 17.61 -57.66
CA LEU D 310 104.90 18.10 -57.95
C LEU D 310 104.08 17.90 -56.68
N THR D 311 104.10 18.92 -55.81
CA THR D 311 103.45 18.79 -54.51
C THR D 311 101.94 18.76 -54.64
N LYS D 312 101.37 19.68 -55.43
CA LYS D 312 99.93 19.82 -55.52
C LYS D 312 99.53 20.05 -56.97
N PHE D 313 98.47 19.35 -57.40
CA PHE D 313 97.87 19.58 -58.70
C PHE D 313 96.36 19.43 -58.57
N ASP D 314 95.63 20.51 -58.84
CA ASP D 314 94.18 20.52 -58.72
C ASP D 314 93.57 21.17 -59.95
N GLU D 315 92.44 20.63 -60.39
CA GLU D 315 91.70 21.15 -61.53
C GLU D 315 90.22 21.23 -61.17
N ASP D 316 89.42 21.73 -62.12
CA ASP D 316 87.98 21.84 -61.95
C ASP D 316 87.22 21.04 -63.00
N GLY D 317 87.91 20.17 -63.73
CA GLY D 317 87.25 19.38 -64.75
C GLY D 317 86.46 18.23 -64.16
N ALA D 318 85.57 17.67 -64.98
CA ALA D 318 84.73 16.58 -64.55
C ALA D 318 84.22 15.83 -65.77
N THR D 319 83.71 14.62 -65.53
CA THR D 319 83.17 13.77 -66.57
C THR D 319 81.83 13.21 -66.11
N THR D 320 81.14 12.54 -67.02
CA THR D 320 79.87 11.92 -66.69
C THR D 320 80.08 10.83 -65.64
N GLY D 321 79.10 10.69 -64.76
CA GLY D 321 79.22 9.72 -63.67
C GLY D 321 77.86 9.31 -63.15
N PHE D 322 77.90 8.37 -62.21
CA PHE D 322 76.69 7.81 -61.62
C PHE D 322 76.75 7.96 -60.11
N LEU D 323 75.60 8.26 -59.51
CA LEU D 323 75.50 8.42 -58.06
C LEU D 323 76.04 7.20 -57.36
N THR D 324 77.07 7.39 -56.54
CA THR D 324 77.73 6.29 -55.84
C THR D 324 77.26 6.14 -54.40
N LYS D 325 77.28 7.21 -53.61
CA LYS D 325 76.82 7.12 -52.24
C LYS D 325 76.24 8.46 -51.82
N VAL D 326 75.37 8.42 -50.81
CA VAL D 326 74.68 9.60 -50.31
C VAL D 326 74.79 9.60 -48.78
N ASP D 327 75.15 10.74 -48.22
CA ASP D 327 75.26 10.87 -46.78
C ASP D 327 74.76 12.25 -46.37
N PHE D 328 74.41 12.37 -45.09
CA PHE D 328 73.90 13.61 -44.51
C PHE D 328 74.88 14.08 -43.45
N ASP D 329 75.24 15.36 -43.49
CA ASP D 329 76.09 15.93 -42.47
C ASP D 329 75.24 16.60 -41.40
N GLU D 330 75.90 17.13 -40.36
CA GLU D 330 75.18 17.74 -39.26
C GLU D 330 74.44 19.00 -39.67
N ASN D 331 74.91 19.68 -40.73
CA ASN D 331 74.26 20.90 -41.19
C ASN D 331 73.00 20.62 -42.01
N GLY D 332 72.67 19.35 -42.25
CA GLY D 332 71.51 19.00 -43.04
C GLY D 332 71.75 18.92 -44.53
N SER D 333 72.95 19.28 -44.99
CA SER D 333 73.26 19.18 -46.41
C SER D 333 73.36 17.72 -46.82
N VAL D 334 72.67 17.36 -47.89
CA VAL D 334 72.70 16.00 -48.42
C VAL D 334 73.76 15.98 -49.51
N MET D 335 74.90 15.36 -49.22
CA MET D 335 76.00 15.29 -50.16
C MET D 335 76.02 13.93 -50.85
N GLY D 336 76.39 13.94 -52.13
CA GLY D 336 76.47 12.71 -52.88
C GLY D 336 77.64 12.69 -53.83
N THR D 337 78.41 11.62 -53.81
CA THR D 337 79.59 11.47 -54.66
C THR D 337 79.25 10.61 -55.87
N TYR D 338 79.82 10.98 -57.01
CA TYR D 338 79.55 10.29 -58.27
C TYR D 338 80.78 9.49 -58.69
N SER D 339 80.66 8.82 -59.83
CA SER D 339 81.76 8.02 -60.34
C SER D 339 82.94 8.88 -60.77
N ASN D 340 82.67 10.11 -61.23
CA ASN D 340 83.75 11.00 -61.64
C ASN D 340 84.61 11.40 -60.44
N GLY D 341 84.00 11.63 -59.29
CA GLY D 341 84.71 12.03 -58.09
C GLY D 341 84.23 13.33 -57.49
N GLU D 342 83.39 14.11 -58.17
CA GLU D 342 82.90 15.36 -57.63
C GLU D 342 81.98 15.12 -56.44
N ASN D 343 82.18 15.92 -55.39
CA ASN D 343 81.34 15.83 -54.20
C ASN D 343 80.23 16.90 -54.27
N VAL D 344 79.30 16.64 -55.19
CA VAL D 344 78.22 17.59 -55.44
C VAL D 344 77.26 17.59 -54.26
N THR D 345 76.88 18.79 -53.82
CA THR D 345 75.90 18.96 -52.74
C THR D 345 74.54 19.18 -53.36
N LEU D 346 73.65 18.20 -53.21
CA LEU D 346 72.33 18.28 -53.83
C LEU D 346 71.49 19.40 -53.21
N GLY D 347 71.60 19.59 -51.90
CA GLY D 347 70.84 20.63 -51.25
C GLY D 347 70.88 20.46 -49.75
N ARG D 348 70.04 21.22 -49.06
CA ARG D 348 69.89 21.12 -47.63
C ARG D 348 68.46 20.73 -47.28
N VAL D 349 68.25 20.38 -46.02
CA VAL D 349 66.94 19.99 -45.51
C VAL D 349 66.38 21.16 -44.72
N ALA D 350 65.25 21.68 -45.17
CA ALA D 350 64.66 22.85 -44.53
C ALA D 350 64.17 22.51 -43.12
N LEU D 351 64.29 23.48 -42.23
CA LEU D 351 63.84 23.36 -40.85
C LEU D 351 62.91 24.51 -40.54
N VAL D 352 61.82 24.23 -39.82
CA VAL D 352 60.79 25.22 -39.53
C VAL D 352 60.61 25.32 -38.04
N ARG D 353 60.53 26.55 -37.53
CA ARG D 353 60.28 26.81 -36.12
C ARG D 353 59.20 27.86 -36.00
N VAL D 354 58.27 27.66 -35.07
CA VAL D 354 57.23 28.65 -34.81
C VAL D 354 57.40 29.18 -33.39
N PRO D 355 57.05 30.44 -33.12
CA PRO D 355 57.23 30.98 -31.76
C PRO D 355 56.36 30.28 -30.72
N ASN D 356 55.14 29.91 -31.09
CA ASN D 356 54.19 29.27 -30.17
C ASN D 356 53.84 27.90 -30.72
N GLU D 357 54.53 26.86 -30.22
CA GLU D 357 54.26 25.51 -30.70
C GLU D 357 52.95 24.94 -30.17
N GLN D 358 52.48 25.44 -29.02
CA GLN D 358 51.24 24.95 -28.43
C GLN D 358 50.01 25.35 -29.23
N GLY D 359 50.15 26.25 -30.20
CA GLY D 359 49.00 26.75 -30.92
C GLY D 359 48.85 26.17 -32.32
N LEU D 360 49.80 25.33 -32.72
CA LEU D 360 49.69 24.66 -34.00
C LEU D 360 48.45 23.77 -34.02
N ASP D 361 47.67 23.87 -35.10
CA ASP D 361 46.54 22.96 -35.28
C ASP D 361 47.05 21.62 -35.78
N LYS D 362 46.39 20.55 -35.35
CA LYS D 362 46.85 19.20 -35.60
C LYS D 362 46.13 18.61 -36.80
N LYS D 363 46.88 18.33 -37.86
CA LYS D 363 46.33 17.62 -39.00
C LYS D 363 46.49 16.12 -38.77
N GLY D 364 46.08 15.32 -39.74
CA GLY D 364 46.24 13.89 -39.63
C GLY D 364 47.67 13.46 -39.86
N GLY D 365 47.95 12.21 -39.48
CA GLY D 365 49.26 11.63 -39.72
C GLY D 365 50.39 12.32 -38.99
N THR D 366 50.14 12.82 -37.78
CA THR D 366 51.14 13.46 -36.94
C THR D 366 51.85 14.59 -37.69
N GLN D 367 51.04 15.50 -38.23
CA GLN D 367 51.54 16.67 -38.92
C GLN D 367 50.81 17.90 -38.42
N TRP D 368 51.51 19.04 -38.43
CA TRP D 368 50.97 20.28 -37.91
C TRP D 368 51.01 21.35 -38.99
N ASP D 369 50.20 22.38 -38.79
CA ASP D 369 50.18 23.56 -39.65
C ASP D 369 50.18 24.81 -38.78
N SER D 370 50.59 25.92 -39.36
CA SER D 370 50.69 27.18 -38.63
C SER D 370 49.38 27.95 -38.73
N THR D 371 48.79 28.25 -37.58
CA THR D 371 47.57 29.04 -37.52
C THR D 371 47.90 30.44 -37.01
N GLN D 372 46.85 31.24 -36.79
CA GLN D 372 47.04 32.58 -36.26
C GLN D 372 47.67 32.56 -34.88
N PHE D 373 47.20 31.66 -34.01
CA PHE D 373 47.72 31.60 -32.65
C PHE D 373 49.18 31.17 -32.62
N SER D 374 49.55 30.21 -33.48
CA SER D 374 50.92 29.72 -33.50
C SER D 374 51.91 30.81 -33.92
N GLY D 375 51.51 31.64 -34.89
CA GLY D 375 52.38 32.68 -35.42
C GLY D 375 52.60 32.49 -36.92
N ASP D 376 53.85 32.64 -37.34
CA ASP D 376 54.22 32.42 -38.73
C ASP D 376 55.46 31.54 -38.77
N LYS D 377 55.55 30.74 -39.84
CA LYS D 377 56.66 29.80 -39.97
C LYS D 377 57.96 30.56 -40.18
N ILE D 378 58.93 30.31 -39.30
CA ILE D 378 60.24 30.93 -39.38
C ILE D 378 61.21 29.88 -39.91
N TRP D 379 61.76 30.12 -41.10
CA TRP D 379 62.60 29.15 -41.77
C TRP D 379 64.06 29.34 -41.36
N GLY D 380 64.83 28.25 -41.46
CA GLY D 380 66.22 28.30 -41.09
C GLY D 380 66.91 27.01 -41.48
N GLU D 381 68.22 26.99 -41.28
CA GLU D 381 69.04 25.83 -41.59
C GLU D 381 69.15 24.93 -40.36
N SER D 382 70.04 23.94 -40.43
CA SER D 382 70.28 23.05 -39.31
C SER D 382 71.49 23.55 -38.51
N ASN D 383 71.37 23.52 -37.19
CA ASN D 383 72.42 23.99 -36.28
C ASN D 383 72.77 25.45 -36.57
N LYS D 384 71.76 26.29 -36.69
CA LYS D 384 71.93 27.72 -36.91
C LYS D 384 70.92 28.48 -36.08
N GLY D 385 71.36 29.55 -35.45
CA GLY D 385 70.46 30.35 -34.62
C GLY D 385 69.94 29.51 -33.46
N SER D 386 68.61 29.47 -33.33
CA SER D 386 67.96 28.70 -32.29
C SER D 386 67.52 27.32 -32.73
N PHE D 387 67.81 26.93 -33.97
CA PHE D 387 67.41 25.64 -34.48
C PHE D 387 68.29 24.53 -33.89
N GLY D 388 67.79 23.30 -33.99
CA GLY D 388 68.52 22.14 -33.55
C GLY D 388 69.33 21.54 -34.68
N THR D 389 69.79 20.31 -34.46
CA THR D 389 70.58 19.58 -35.43
C THR D 389 69.75 18.46 -36.04
N ILE D 390 70.24 17.96 -37.18
CA ILE D 390 69.60 16.86 -37.90
C ILE D 390 70.54 15.68 -37.90
N ASN D 391 70.06 14.53 -37.43
CA ASN D 391 70.84 13.31 -37.38
C ASN D 391 70.19 12.26 -38.27
N ASN D 392 70.98 11.62 -39.12
CA ASN D 392 70.49 10.54 -39.95
C ASN D 392 70.62 9.22 -39.20
N GLY D 393 69.79 8.25 -39.61
CA GLY D 393 69.80 6.94 -38.98
C GLY D 393 69.01 6.83 -37.70
N MET D 394 68.25 7.86 -37.34
CA MET D 394 67.46 7.86 -36.12
C MET D 394 66.02 8.25 -36.44
N LEU D 395 65.13 7.92 -35.51
CA LEU D 395 63.73 8.32 -35.58
C LEU D 395 63.25 8.69 -34.19
N GLU D 396 62.21 9.51 -34.14
CA GLU D 396 61.64 9.94 -32.87
C GLU D 396 60.47 9.04 -32.50
N GLN D 397 60.43 8.60 -31.25
CA GLN D 397 59.29 7.88 -30.72
C GLN D 397 58.38 8.84 -29.97
N SER D 398 57.26 8.32 -29.48
CA SER D 398 56.33 9.15 -28.74
C SER D 398 56.95 9.61 -27.43
N ASN D 399 56.70 10.86 -27.07
CA ASN D 399 57.26 11.44 -25.86
C ASN D 399 56.31 11.22 -24.68
N ILE D 400 55.98 9.96 -24.44
CA ILE D 400 55.05 9.58 -23.39
C ILE D 400 55.74 8.63 -22.44
N ASP D 401 55.20 8.56 -21.22
CA ASP D 401 55.70 7.66 -20.17
C ASP D 401 54.56 6.73 -19.80
N MET D 402 54.76 5.42 -20.04
CA MET D 402 53.66 4.46 -19.87
C MET D 402 53.14 4.43 -18.45
N THR D 403 54.05 4.42 -17.47
CA THR D 403 53.64 4.34 -16.08
C THR D 403 52.77 5.54 -15.70
N GLN D 404 53.19 6.74 -16.11
CA GLN D 404 52.40 7.92 -15.82
C GLN D 404 51.04 7.85 -16.49
N GLU D 405 50.98 7.32 -17.71
CA GLU D 405 49.70 7.19 -18.39
C GLU D 405 48.77 6.23 -17.65
N LEU D 406 49.30 5.11 -17.17
CA LEU D 406 48.45 4.17 -16.42
C LEU D 406 47.96 4.78 -15.12
N VAL D 407 48.83 5.51 -14.41
CA VAL D 407 48.41 6.15 -13.17
C VAL D 407 47.34 7.20 -13.44
N ASP D 408 47.51 7.97 -14.52
CA ASP D 408 46.49 8.96 -14.88
C ASP D 408 45.18 8.27 -15.24
N LEU D 409 45.26 7.11 -15.89
CA LEU D 409 44.05 6.35 -16.23
C LEU D 409 43.30 5.96 -14.96
N ILE D 410 44.05 5.46 -13.96
CA ILE D 410 43.41 5.05 -12.70
C ILE D 410 42.78 6.26 -12.01
N SER D 411 43.51 7.38 -11.97
CA SER D 411 42.97 8.56 -11.31
C SER D 411 41.72 9.07 -12.00
N ALA D 412 41.70 9.05 -13.33
CA ALA D 412 40.52 9.49 -14.07
C ALA D 412 39.35 8.57 -13.80
N GLN D 413 39.60 7.26 -13.72
CA GLN D 413 38.51 6.34 -13.38
C GLN D 413 37.94 6.65 -12.00
N ARG D 414 38.81 6.93 -11.03
CA ARG D 414 38.33 7.26 -9.69
C ARG D 414 37.49 8.54 -9.70
N ASN D 415 37.96 9.56 -10.43
CA ASN D 415 37.20 10.81 -10.50
C ASN D 415 35.84 10.60 -11.16
N PHE D 416 35.80 9.80 -12.22
CA PHE D 416 34.52 9.50 -12.87
C PHE D 416 33.57 8.79 -11.93
N GLN D 417 34.09 7.83 -11.15
CA GLN D 417 33.23 7.13 -10.20
C GLN D 417 32.68 8.09 -9.14
N ALA D 418 33.52 9.01 -8.66
CA ALA D 418 33.05 9.97 -7.66
C ALA D 418 31.95 10.87 -8.24
N ASN D 419 32.15 11.34 -9.47
CA ASN D 419 31.13 12.19 -10.10
C ASN D 419 29.83 11.42 -10.32
N SER D 420 29.92 10.15 -10.74
CA SER D 420 28.72 9.35 -10.90
C SER D 420 28.00 9.16 -9.58
N ARG D 421 28.75 8.97 -8.49
CA ARG D 421 28.14 8.86 -7.18
C ARG D 421 27.39 10.14 -6.82
N SER D 422 27.99 11.29 -7.10
CA SER D 422 27.32 12.56 -6.81
C SER D 422 26.02 12.69 -7.62
N LEU D 423 26.07 12.33 -8.90
CA LEU D 423 24.88 12.39 -9.74
C LEU D 423 23.79 11.47 -9.22
N GLU D 424 24.18 10.27 -8.78
CA GLU D 424 23.21 9.34 -8.21
C GLU D 424 22.58 9.91 -6.95
N VAL D 425 23.37 10.59 -6.12
CA VAL D 425 22.82 11.21 -4.91
C VAL D 425 21.80 12.27 -5.28
N HIS D 426 22.12 13.11 -6.28
CA HIS D 426 21.17 14.14 -6.71
C HIS D 426 19.86 13.51 -7.19
N ASN D 427 19.96 12.48 -8.03
CA ASN D 427 18.75 11.83 -8.53
C ASN D 427 17.94 11.21 -7.40
N GLN D 428 18.62 10.59 -6.43
CA GLN D 428 17.91 9.99 -5.31
C GLN D 428 17.18 11.04 -4.48
N LEU D 429 17.81 12.20 -4.27
CA LEU D 429 17.14 13.28 -3.56
C LEU D 429 15.88 13.74 -4.31
N GLN D 430 15.99 13.91 -5.63
CA GLN D 430 14.84 14.35 -6.39
C GLN D 430 13.71 13.32 -6.34
N GLN D 431 14.05 12.04 -6.48
CA GLN D 431 13.02 11.01 -6.41
C GLN D 431 12.44 10.89 -5.01
N ASN D 432 13.22 11.21 -3.98
CA ASN D 432 12.67 11.24 -2.63
C ASN D 432 11.65 12.35 -2.48
N ILE D 433 11.93 13.53 -3.04
CA ILE D 433 10.95 14.61 -2.98
C ILE D 433 9.71 14.24 -3.78
N LEU D 434 9.89 13.53 -4.90
CA LEU D 434 8.75 13.18 -5.75
C LEU D 434 7.69 12.40 -4.99
N GLN D 435 8.08 11.61 -3.99
CA GLN D 435 7.16 10.72 -3.29
C GLN D 435 6.67 11.35 -1.98
N ILE D 436 5.93 12.45 -2.13
CA ILE D 436 5.33 13.12 -0.99
C ILE D 436 3.87 13.44 -1.27
N SER E 2 8.85 2.46 -27.52
CA SER E 2 9.34 1.18 -27.02
C SER E 2 9.80 0.29 -28.15
N TYR E 3 9.13 0.39 -29.30
CA TYR E 3 9.50 -0.41 -30.46
C TYR E 3 10.89 -0.05 -30.96
N VAL E 4 11.33 1.19 -30.75
CA VAL E 4 12.70 1.56 -31.10
C VAL E 4 13.69 0.79 -30.24
N SER E 5 13.43 0.69 -28.94
CA SER E 5 14.30 -0.08 -28.07
C SER E 5 14.27 -1.56 -28.43
N LEU E 6 13.09 -2.07 -28.80
CA LEU E 6 13.00 -3.46 -29.23
C LEU E 6 13.81 -3.70 -30.50
N SER E 7 13.78 -2.74 -31.43
CA SER E 7 14.59 -2.85 -32.64
C SER E 7 16.07 -2.83 -32.30
N GLY E 8 16.47 -1.98 -31.35
CA GLY E 8 17.85 -1.97 -30.92
C GLY E 8 18.27 -3.30 -30.31
N LEU E 9 17.41 -3.88 -29.48
CA LEU E 9 17.69 -5.20 -28.91
C LEU E 9 17.84 -6.25 -30.01
N SER E 10 16.94 -6.21 -31.00
CA SER E 10 17.01 -7.19 -32.09
C SER E 10 18.31 -7.04 -32.88
N ALA E 11 18.71 -5.79 -33.16
CA ALA E 11 19.96 -5.58 -33.88
C ALA E 11 21.16 -6.06 -33.09
N ALA E 12 21.19 -5.76 -31.80
CA ALA E 12 22.30 -6.23 -30.96
C ALA E 12 22.34 -7.75 -30.92
N GLN E 13 21.18 -8.39 -30.82
CA GLN E 13 21.15 -9.85 -30.77
C GLN E 13 21.59 -10.45 -32.10
N LEU E 14 21.23 -9.83 -33.23
CA LEU E 14 21.70 -10.31 -34.52
C LEU E 14 23.20 -10.21 -34.63
N ASP E 15 23.77 -9.08 -34.18
CA ASP E 15 25.23 -8.96 -34.20
C ASP E 15 25.88 -9.99 -33.30
N LEU E 16 25.29 -10.25 -32.13
CA LEU E 16 25.82 -11.26 -31.23
C LEU E 16 25.78 -12.64 -31.88
N ASN E 17 24.68 -12.95 -32.57
CA ASN E 17 24.58 -14.24 -33.26
C ASN E 17 25.64 -14.37 -34.34
N THR E 18 25.84 -13.31 -35.12
CA THR E 18 26.85 -13.36 -36.18
C THR E 18 28.25 -13.57 -35.58
N THR E 19 28.56 -12.85 -34.51
CA THR E 19 29.86 -13.01 -33.87
C THR E 19 30.03 -14.42 -33.31
N SER E 20 28.99 -14.96 -32.69
CA SER E 20 29.06 -16.31 -32.15
C SER E 20 29.26 -17.34 -33.26
N ASN E 21 28.59 -17.15 -34.39
CA ASN E 21 28.80 -18.05 -35.52
C ASN E 21 30.23 -17.97 -36.04
N ASN E 22 30.77 -16.76 -36.14
CA ASN E 22 32.15 -16.59 -36.58
C ASN E 22 33.12 -17.29 -35.63
N ILE E 23 32.89 -17.15 -34.32
CA ILE E 23 33.76 -17.80 -33.34
C ILE E 23 33.63 -19.32 -33.44
N ALA E 24 32.41 -19.82 -33.59
CA ALA E 24 32.21 -21.26 -33.67
C ALA E 24 32.90 -21.85 -34.89
N ASN E 25 32.86 -21.15 -36.02
CA ASN E 25 33.48 -21.64 -37.24
C ASN E 25 34.97 -21.34 -37.32
N ALA E 26 35.63 -21.12 -36.18
CA ALA E 26 37.05 -20.78 -36.20
C ALA E 26 37.93 -21.89 -36.72
N ASN E 27 37.43 -23.14 -36.76
CA ASN E 27 38.24 -24.26 -37.19
C ASN E 27 37.79 -24.87 -38.51
N THR E 28 36.60 -24.53 -39.01
CA THR E 28 36.14 -25.09 -40.26
C THR E 28 37.02 -24.63 -41.42
N TYR E 29 37.37 -25.57 -42.29
CA TYR E 29 38.23 -25.29 -43.43
C TYR E 29 37.46 -24.50 -44.47
N GLY E 30 38.07 -23.43 -44.97
CA GLY E 30 37.47 -22.66 -46.03
C GLY E 30 36.32 -21.75 -45.62
N PHE E 31 36.05 -21.65 -44.32
CA PHE E 31 34.97 -20.78 -43.86
C PHE E 31 35.30 -19.32 -44.11
N LYS E 32 34.28 -18.54 -44.43
CA LYS E 32 34.40 -17.10 -44.61
C LYS E 32 33.53 -16.39 -43.59
N GLU E 33 34.09 -15.42 -42.89
CA GLU E 33 33.38 -14.77 -41.81
C GLU E 33 32.25 -13.90 -42.37
N SER E 34 31.37 -13.46 -41.46
CA SER E 34 30.22 -12.65 -41.81
C SER E 34 30.24 -11.37 -41.00
N ARG E 35 29.70 -10.30 -41.59
CA ARG E 35 29.60 -9.01 -40.94
C ARG E 35 28.16 -8.53 -41.00
N ALA E 36 27.69 -7.96 -39.89
CA ALA E 36 26.31 -7.49 -39.78
C ALA E 36 26.29 -5.99 -40.00
N GLU E 37 25.50 -5.54 -40.97
CA GLU E 37 25.36 -4.13 -41.30
C GLU E 37 23.92 -3.70 -41.07
N PHE E 38 23.74 -2.59 -40.38
CA PHE E 38 22.42 -2.08 -40.02
C PHE E 38 22.18 -0.73 -40.67
N ALA E 39 20.92 -0.32 -40.68
CA ALA E 39 20.52 0.93 -41.30
C ALA E 39 19.45 1.59 -40.46
N ASP E 40 19.39 2.92 -40.56
CA ASP E 40 18.41 3.69 -39.81
C ASP E 40 17.02 3.52 -40.41
N VAL E 41 16.01 3.77 -39.58
CA VAL E 41 14.60 3.67 -39.98
C VAL E 41 13.97 5.04 -39.86
N TYR E 42 13.20 5.42 -40.88
CA TYR E 42 12.50 6.69 -40.85
C TYR E 42 11.27 6.61 -41.73
N SER E 43 10.19 7.23 -41.28
CA SER E 43 8.92 7.18 -41.99
C SER E 43 8.97 8.05 -43.25
N ASN E 44 8.09 7.73 -44.19
CA ASN E 44 7.98 8.43 -45.47
C ASN E 44 6.53 8.81 -45.75
N SER E 45 5.87 9.38 -44.74
CA SER E 45 4.48 9.78 -44.92
C SER E 45 4.38 10.96 -45.87
N LEU E 46 3.22 11.08 -46.53
CA LEU E 46 2.99 12.19 -47.43
C LEU E 46 2.95 13.52 -46.68
N PHE E 47 2.32 13.52 -45.50
CA PHE E 47 2.27 14.68 -44.64
C PHE E 47 3.13 14.39 -43.40
N THR E 48 4.39 14.77 -43.49
CA THR E 48 5.38 14.49 -42.45
C THR E 48 5.83 15.80 -41.81
N ASN E 49 5.83 15.85 -40.47
CA ASN E 49 6.32 17.02 -39.77
C ASN E 49 7.84 17.13 -39.88
N ALA E 50 8.54 16.00 -39.97
CA ALA E 50 9.99 15.95 -40.15
C ALA E 50 10.75 16.59 -39.00
N LYS E 51 10.60 17.91 -38.83
CA LYS E 51 11.35 18.60 -37.80
C LYS E 51 10.96 18.13 -36.40
N THR E 52 9.71 17.69 -36.23
CA THR E 52 9.21 17.25 -34.93
C THR E 52 9.00 15.74 -34.87
N THR E 53 9.57 14.99 -35.80
CA THR E 53 9.40 13.54 -35.83
C THR E 53 10.71 12.86 -35.50
N PRO E 54 10.78 12.08 -34.42
CA PRO E 54 12.02 11.37 -34.10
C PRO E 54 12.27 10.18 -35.02
N GLY E 55 13.33 9.42 -34.74
CA GLY E 55 13.67 8.29 -35.58
C GLY E 55 12.71 7.12 -35.40
N GLY E 56 13.02 6.03 -36.09
CA GLY E 56 12.18 4.86 -36.07
C GLY E 56 12.90 3.59 -35.68
N GLY E 57 14.08 3.74 -35.07
CA GLY E 57 14.82 2.58 -34.60
C GLY E 57 15.95 2.18 -35.52
N ALA E 58 16.31 0.89 -35.51
CA ALA E 58 17.39 0.37 -36.33
C ALA E 58 16.93 -0.90 -37.01
N GLN E 59 17.20 -1.02 -38.31
CA GLN E 59 16.80 -2.17 -39.10
C GLN E 59 18.03 -2.84 -39.68
N ALA E 60 18.07 -4.17 -39.61
CA ALA E 60 19.17 -4.91 -40.21
C ALA E 60 19.13 -4.77 -41.73
N SER E 61 20.26 -4.39 -42.33
CA SER E 61 20.32 -4.20 -43.78
C SER E 61 20.71 -5.50 -44.48
N GLN E 62 21.85 -6.08 -44.12
CA GLN E 62 22.30 -7.33 -44.70
C GLN E 62 23.38 -7.92 -43.82
N VAL E 63 23.58 -9.23 -43.94
CA VAL E 63 24.69 -9.91 -43.29
C VAL E 63 25.75 -10.17 -44.35
N ALA E 64 26.90 -9.52 -44.21
CA ALA E 64 27.93 -9.60 -45.22
C ALA E 64 28.61 -10.96 -45.20
N GLN E 65 29.42 -11.21 -46.23
CA GLN E 65 30.13 -12.46 -46.43
C GLN E 65 31.58 -12.19 -46.82
N GLN E 66 32.26 -11.36 -46.03
CA GLN E 66 33.63 -10.94 -46.30
C GLN E 66 34.48 -12.09 -46.81
N PHE E 67 35.09 -11.89 -47.98
CA PHE E 67 35.77 -12.95 -48.72
C PHE E 67 37.28 -12.72 -48.79
N HIS E 68 37.84 -12.04 -47.80
CA HIS E 68 39.28 -11.81 -47.80
C HIS E 68 40.01 -13.13 -47.59
N GLU E 69 41.20 -13.24 -48.19
CA GLU E 69 41.97 -14.47 -48.13
C GLU E 69 42.26 -14.87 -46.69
N GLY E 70 42.04 -16.15 -46.39
CA GLY E 70 42.34 -16.66 -45.06
C GLY E 70 43.73 -17.28 -44.99
N SER E 71 44.15 -17.55 -43.76
CA SER E 71 45.46 -18.17 -43.55
C SER E 71 45.44 -19.62 -44.03
N SER E 72 46.63 -20.14 -44.33
CA SER E 72 46.78 -21.46 -44.89
C SER E 72 47.60 -22.34 -43.96
N ILE E 73 47.17 -23.57 -43.78
CA ILE E 73 47.89 -24.55 -42.96
C ILE E 73 48.50 -25.59 -43.88
N TYR E 74 49.61 -26.16 -43.43
CA TYR E 74 50.35 -27.14 -44.20
C TYR E 74 50.18 -28.51 -43.56
N THR E 75 49.66 -29.46 -44.32
CA THR E 75 49.49 -30.82 -43.86
C THR E 75 50.41 -31.81 -44.55
N ASN E 76 51.14 -31.39 -45.58
CA ASN E 76 52.02 -32.25 -46.37
C ASN E 76 51.25 -33.41 -47.00
N ASN E 77 49.95 -33.26 -47.19
CA ASN E 77 49.14 -34.28 -47.82
C ASN E 77 48.87 -33.86 -49.26
N PRO E 78 49.34 -34.61 -50.26
CA PRO E 78 49.22 -34.13 -51.64
C PRO E 78 47.79 -33.99 -52.12
N MET E 79 46.83 -34.65 -51.49
CA MET E 79 45.45 -34.56 -51.90
C MET E 79 44.74 -33.31 -51.38
N ASP E 80 45.40 -32.51 -50.54
CA ASP E 80 44.80 -31.29 -50.03
C ASP E 80 45.16 -30.13 -50.96
N LEU E 81 44.15 -29.36 -51.36
CA LEU E 81 44.32 -28.29 -52.33
C LEU E 81 43.79 -26.98 -51.77
N ARG E 82 44.43 -25.89 -52.19
CA ARG E 82 44.06 -24.54 -51.77
C ARG E 82 44.07 -23.62 -52.97
N VAL E 83 43.07 -22.74 -53.05
CA VAL E 83 42.98 -21.74 -54.10
C VAL E 83 43.58 -20.45 -53.57
N SER E 84 44.80 -20.13 -54.00
CA SER E 84 45.45 -18.88 -53.61
C SER E 84 45.07 -17.79 -54.61
N GLY E 85 44.30 -16.81 -54.14
CA GLY E 85 43.82 -15.77 -55.01
C GLY E 85 42.32 -15.79 -55.19
N THR E 86 41.84 -15.59 -56.43
CA THR E 86 40.42 -15.56 -56.72
C THR E 86 40.01 -16.82 -57.44
N GLY E 87 38.96 -17.46 -56.96
CA GLY E 87 38.43 -18.66 -57.58
C GLY E 87 37.92 -19.63 -56.53
N PHE E 88 36.93 -20.43 -56.94
CA PHE E 88 36.36 -21.46 -56.09
C PHE E 88 36.45 -22.81 -56.77
N PHE E 89 36.61 -23.86 -55.97
CA PHE E 89 36.47 -25.21 -56.47
C PHE E 89 35.03 -25.49 -56.84
N ALA E 90 34.84 -26.31 -57.86
CA ALA E 90 33.51 -26.71 -58.31
C ALA E 90 33.32 -28.20 -58.05
N VAL E 91 32.28 -28.54 -57.29
CA VAL E 91 31.99 -29.92 -56.92
C VAL E 91 30.54 -30.22 -57.26
N ALA E 92 30.29 -31.44 -57.72
CA ALA E 92 28.96 -31.86 -58.15
C ALA E 92 28.38 -32.88 -57.17
N LYS E 93 27.07 -32.81 -56.96
CA LYS E 93 26.40 -33.72 -56.04
C LYS E 93 26.51 -35.16 -56.52
N GLU E 94 26.26 -35.40 -57.81
CA GLU E 94 26.28 -36.73 -58.39
C GLU E 94 27.25 -36.78 -59.55
N ARG E 95 27.83 -37.97 -59.78
CA ARG E 95 28.82 -38.11 -60.83
C ARG E 95 28.21 -37.91 -62.22
N LEU E 96 26.99 -38.42 -62.42
CA LEU E 96 26.36 -38.41 -63.73
C LEU E 96 25.66 -37.09 -64.06
N THR E 97 25.66 -36.13 -63.13
CA THR E 97 25.04 -34.82 -63.35
C THR E 97 26.03 -33.73 -62.99
N PRO E 98 27.07 -33.54 -63.81
CA PRO E 98 28.01 -32.44 -63.54
C PRO E 98 27.38 -31.06 -63.62
N GLN E 99 26.22 -30.93 -64.27
CA GLN E 99 25.56 -29.64 -64.35
C GLN E 99 25.18 -29.12 -62.97
N GLN E 100 24.65 -29.99 -62.11
CA GLN E 100 24.26 -29.61 -60.76
C GLN E 100 25.51 -29.57 -59.90
N ASN E 101 26.03 -28.37 -59.66
CA ASN E 101 27.30 -28.22 -58.96
C ASN E 101 27.21 -27.06 -57.98
N GLU E 102 28.11 -27.07 -57.00
CA GLU E 102 28.22 -26.01 -56.00
C GLU E 102 29.68 -25.62 -55.82
N LEU E 103 29.89 -24.40 -55.37
CA LEU E 103 31.23 -23.86 -55.19
C LEU E 103 31.69 -24.04 -53.75
N THR E 104 32.99 -24.28 -53.58
CA THR E 104 33.56 -24.48 -52.25
C THR E 104 34.98 -23.92 -52.24
N ARG E 105 35.56 -23.91 -51.04
CA ARG E 105 36.92 -23.43 -50.85
C ARG E 105 37.84 -24.42 -50.15
N ASN E 106 37.32 -25.33 -49.34
CA ASN E 106 38.16 -26.32 -48.68
C ASN E 106 38.62 -27.39 -49.68
N GLY E 107 39.78 -27.98 -49.40
CA GLY E 107 40.34 -28.94 -50.33
C GLY E 107 40.63 -30.29 -49.73
N ALA E 108 39.79 -30.72 -48.77
CA ALA E 108 39.96 -32.03 -48.15
C ALA E 108 39.47 -33.09 -49.13
N PHE E 109 40.35 -33.50 -50.03
CA PHE E 109 40.01 -34.43 -51.09
C PHE E 109 40.61 -35.81 -50.82
N HIS E 110 39.93 -36.83 -51.34
CA HIS E 110 40.39 -38.20 -51.25
C HIS E 110 39.70 -39.02 -52.34
N LEU E 111 40.26 -40.20 -52.62
CA LEU E 111 39.73 -41.08 -53.65
C LEU E 111 38.65 -41.99 -53.06
N ASN E 112 37.51 -42.08 -53.74
CA ASN E 112 36.45 -42.97 -53.33
C ASN E 112 36.72 -44.36 -53.91
N LYS E 113 35.75 -45.27 -53.78
CA LYS E 113 35.94 -46.63 -54.26
C LYS E 113 36.01 -46.71 -55.79
N GLU E 114 35.62 -45.65 -56.49
CA GLU E 114 35.71 -45.60 -57.94
C GLU E 114 36.92 -44.82 -58.43
N ASN E 115 37.84 -44.47 -57.53
CA ASN E 115 39.03 -43.68 -57.86
C ASN E 115 38.66 -42.33 -58.48
N TYR E 116 37.65 -41.69 -57.91
CA TYR E 116 37.31 -40.31 -58.23
C TYR E 116 37.66 -39.43 -57.06
N MET E 117 38.14 -38.21 -57.35
CA MET E 117 38.45 -37.26 -56.29
C MET E 117 37.16 -36.66 -55.76
N VAL E 118 36.91 -36.87 -54.46
CA VAL E 118 35.67 -36.43 -53.82
C VAL E 118 36.02 -35.63 -52.58
N THR E 119 35.04 -34.88 -52.10
CA THR E 119 35.17 -34.10 -50.89
C THR E 119 34.85 -34.99 -49.69
N ALA E 120 34.69 -34.38 -48.51
CA ALA E 120 34.36 -35.15 -47.32
C ALA E 120 32.99 -35.81 -47.45
N ASN E 121 32.03 -35.11 -48.05
CA ASN E 121 30.68 -35.64 -48.24
C ASN E 121 30.52 -36.47 -49.49
N ASP E 122 31.63 -36.97 -50.05
CA ASP E 122 31.59 -37.80 -51.27
C ASP E 122 30.91 -37.05 -52.42
N GLU E 123 31.27 -35.78 -52.57
CA GLU E 123 30.83 -34.99 -53.70
C GLU E 123 31.96 -34.89 -54.70
N PHE E 124 31.67 -35.27 -55.95
CA PHE E 124 32.72 -35.38 -56.96
C PHE E 124 33.26 -34.01 -57.34
N LEU E 125 34.58 -33.93 -57.53
CA LEU E 125 35.24 -32.71 -57.92
C LEU E 125 35.25 -32.59 -59.44
N LEU E 126 34.75 -31.46 -59.95
CA LEU E 126 34.64 -31.25 -61.38
C LEU E 126 35.97 -30.80 -61.97
N GLY E 127 36.30 -31.34 -63.15
CA GLY E 127 37.54 -31.01 -63.81
C GLY E 127 37.38 -30.99 -65.31
N TYR E 128 38.43 -30.54 -65.99
CA TYR E 128 38.45 -30.45 -67.43
C TYR E 128 39.07 -31.71 -68.03
N GLN E 129 39.24 -31.70 -69.36
CA GLN E 129 39.88 -32.79 -70.08
C GLN E 129 40.89 -32.19 -71.05
N VAL E 130 42.16 -32.39 -70.79
CA VAL E 130 43.22 -31.80 -71.60
C VAL E 130 43.59 -32.75 -72.73
N ASP E 131 44.22 -32.20 -73.77
CA ASP E 131 44.66 -32.97 -74.92
C ASP E 131 45.88 -33.82 -74.56
N PRO E 132 46.08 -34.94 -75.24
CA PRO E 132 47.25 -35.79 -74.92
C PRO E 132 48.57 -35.06 -75.06
N SER E 133 48.77 -34.33 -76.16
CA SER E 133 50.00 -33.59 -76.41
C SER E 133 49.85 -32.10 -76.14
N SER E 134 48.79 -31.49 -76.66
CA SER E 134 48.58 -30.07 -76.45
C SER E 134 48.24 -29.80 -74.99
N GLY E 135 48.97 -28.85 -74.38
CA GLY E 135 48.68 -28.48 -73.01
C GLY E 135 47.33 -27.80 -72.84
N GLU E 136 46.88 -27.08 -73.86
CA GLU E 136 45.59 -26.42 -73.79
C GLU E 136 44.46 -27.43 -73.67
N VAL E 137 43.48 -27.11 -72.84
CA VAL E 137 42.30 -27.96 -72.68
C VAL E 137 41.36 -27.73 -73.86
N SER E 138 40.85 -28.82 -74.43
CA SER E 138 40.01 -28.71 -75.60
C SER E 138 38.61 -28.22 -75.24
N SER E 139 37.88 -29.01 -74.45
CA SER E 139 36.52 -28.66 -74.09
C SER E 139 36.46 -28.13 -72.67
N TYR E 140 35.67 -27.07 -72.47
CA TYR E 140 35.55 -26.41 -71.18
C TYR E 140 34.41 -26.94 -70.34
N GLU E 141 33.75 -28.01 -70.77
CA GLU E 141 32.69 -28.58 -69.95
C GLU E 141 33.28 -29.24 -68.71
N PRO E 142 32.60 -29.16 -67.58
CA PRO E 142 33.09 -29.80 -66.37
C PRO E 142 32.70 -31.27 -66.31
N GLN E 143 33.62 -32.09 -65.83
CA GLN E 143 33.39 -33.51 -65.67
C GLN E 143 34.15 -34.01 -64.44
N PRO E 144 33.68 -35.09 -63.82
CA PRO E 144 34.39 -35.64 -62.65
C PRO E 144 35.79 -36.09 -63.02
N ILE E 145 36.71 -35.94 -62.07
CA ILE E 145 38.10 -36.31 -62.27
C ILE E 145 38.31 -37.75 -61.83
N ASN E 146 38.83 -38.57 -62.72
CA ASN E 146 39.12 -39.97 -62.44
C ASN E 146 40.63 -40.19 -62.49
N ILE E 147 41.12 -41.05 -61.60
CA ILE E 147 42.54 -41.36 -61.53
C ILE E 147 42.70 -42.86 -61.72
N PRO E 148 42.81 -43.34 -62.96
CA PRO E 148 42.93 -44.78 -63.18
C PRO E 148 44.20 -45.34 -62.57
N ALA E 149 44.12 -46.58 -62.11
CA ALA E 149 45.26 -47.27 -61.55
C ALA E 149 46.06 -48.03 -62.59
N GLU E 150 45.58 -48.10 -63.83
CA GLU E 150 46.25 -48.82 -64.90
C GLU E 150 46.25 -48.02 -66.18
N PHE E 151 47.38 -48.05 -66.89
CA PHE E 151 47.48 -47.46 -68.22
C PHE E 151 47.02 -48.49 -69.25
N GLY E 152 45.73 -48.82 -69.13
CA GLY E 152 45.18 -49.95 -69.86
C GLY E 152 44.95 -49.72 -71.34
N LYS E 153 46.01 -49.40 -72.07
CA LYS E 153 45.93 -49.23 -73.51
C LYS E 153 47.31 -49.32 -74.13
N PRO E 154 47.77 -50.52 -74.49
CA PRO E 154 49.07 -50.63 -75.15
C PRO E 154 49.13 -49.80 -76.43
N LYS E 155 49.98 -48.79 -76.44
CA LYS E 155 50.07 -47.85 -77.56
C LYS E 155 51.19 -48.30 -78.48
N GLN E 156 50.84 -48.58 -79.74
CA GLN E 156 51.82 -49.05 -80.71
C GLN E 156 52.81 -47.94 -81.07
N THR E 157 53.99 -48.36 -81.48
CA THR E 157 55.02 -47.42 -81.93
C THR E 157 54.65 -46.91 -83.31
N ALA E 158 54.58 -45.58 -83.47
CA ALA E 158 54.19 -45.00 -84.74
C ALA E 158 55.21 -43.99 -85.23
N ASN E 159 55.80 -43.22 -84.32
CA ASN E 159 56.75 -42.17 -84.68
C ASN E 159 58.05 -42.38 -83.92
N ILE E 160 59.16 -42.37 -84.66
CA ILE E 160 60.50 -42.54 -84.09
C ILE E 160 61.35 -41.36 -84.52
N GLU E 161 61.86 -40.60 -83.56
CA GLU E 161 62.75 -39.49 -83.83
C GLU E 161 64.18 -39.93 -83.49
N VAL E 162 65.07 -39.82 -84.48
CA VAL E 162 66.45 -40.26 -84.33
C VAL E 162 67.36 -39.08 -84.62
N GLY E 163 68.25 -38.78 -83.68
CA GLY E 163 69.27 -37.76 -83.89
C GLY E 163 70.66 -38.33 -83.70
N VAL E 164 71.44 -38.40 -84.78
CA VAL E 164 72.77 -39.00 -84.74
C VAL E 164 73.78 -38.05 -85.38
N ASN E 165 75.04 -38.29 -85.05
CA ASN E 165 76.16 -37.59 -85.67
C ASN E 165 76.98 -38.61 -86.46
N LEU E 166 77.09 -38.40 -87.76
CA LEU E 166 77.81 -39.40 -88.54
C LEU E 166 79.25 -38.97 -88.78
N PRO E 167 80.19 -39.91 -88.73
CA PRO E 167 81.60 -39.55 -88.93
C PRO E 167 81.86 -39.16 -90.38
N ALA E 168 82.36 -37.93 -90.57
CA ALA E 168 82.67 -37.46 -91.91
C ALA E 168 83.91 -38.14 -92.48
N ASN E 169 84.77 -38.67 -91.63
CA ASN E 169 85.98 -39.36 -92.06
C ASN E 169 85.79 -40.86 -92.19
N GLY E 170 84.55 -41.35 -92.10
CA GLY E 170 84.32 -42.78 -92.22
C GLY E 170 84.66 -43.29 -93.62
N ASP E 171 85.05 -44.55 -93.68
CA ASP E 171 85.44 -45.16 -94.94
C ASP E 171 84.23 -45.35 -95.85
N LEU E 172 84.45 -45.17 -97.15
CA LEU E 172 83.37 -45.33 -98.11
C LEU E 172 83.01 -46.80 -98.29
N LYS E 173 81.76 -47.03 -98.66
CA LYS E 173 81.23 -48.38 -98.88
C LYS E 173 80.47 -48.42 -100.20
N ASP E 174 80.28 -49.64 -100.69
CA ASP E 174 79.60 -49.84 -101.97
C ASP E 174 78.10 -49.93 -101.73
N PRO E 175 77.29 -49.04 -102.30
CA PRO E 175 75.84 -49.13 -102.10
C PRO E 175 75.24 -50.43 -102.60
N THR E 176 75.75 -50.96 -103.71
CA THR E 176 75.16 -52.17 -104.29
C THR E 176 75.55 -53.43 -103.54
N GLN E 177 76.55 -53.36 -102.67
CA GLN E 177 77.04 -54.53 -101.93
C GLN E 177 76.48 -54.58 -100.52
N PHE E 178 75.45 -53.80 -100.21
CA PHE E 178 74.92 -53.78 -98.86
C PHE E 178 74.23 -55.10 -98.52
N ASP E 179 74.48 -55.59 -97.31
CA ASP E 179 73.84 -56.80 -96.82
C ASP E 179 73.92 -56.77 -95.30
N PHE E 180 72.78 -56.80 -94.62
CA PHE E 180 72.77 -56.71 -93.16
C PHE E 180 73.43 -57.91 -92.51
N SER E 181 73.60 -59.02 -93.22
CA SER E 181 74.25 -60.18 -92.66
C SER E 181 75.76 -60.02 -92.54
N ASP E 182 76.35 -59.15 -93.35
CA ASP E 182 77.80 -58.97 -93.35
C ASP E 182 78.14 -57.62 -92.74
N PRO E 183 78.81 -57.57 -91.58
CA PRO E 183 79.09 -56.27 -90.95
C PRO E 183 79.94 -55.34 -91.79
N ASP E 184 80.87 -55.87 -92.58
CA ASP E 184 81.79 -55.02 -93.32
C ASP E 184 81.14 -54.30 -94.48
N THR E 185 79.94 -54.70 -94.90
CA THR E 185 79.30 -54.05 -96.05
C THR E 185 78.81 -52.65 -95.70
N TYR E 186 78.59 -52.37 -94.43
CA TYR E 186 78.11 -51.06 -94.00
C TYR E 186 79.12 -50.42 -93.03
N ASN E 187 78.73 -49.28 -92.46
CA ASN E 187 79.58 -48.54 -91.54
C ASN E 187 79.21 -48.81 -90.08
N ARG E 188 77.97 -48.51 -89.70
CA ARG E 188 77.53 -48.60 -88.32
C ARG E 188 76.15 -49.22 -88.25
N SER E 189 75.85 -49.79 -87.08
CA SER E 189 74.55 -50.41 -86.82
C SER E 189 74.15 -50.11 -85.39
N THR E 190 72.88 -49.75 -85.20
CA THR E 190 72.33 -49.49 -83.88
C THR E 190 71.06 -50.29 -83.69
N SER E 191 70.79 -50.66 -82.44
CA SER E 191 69.64 -51.48 -82.09
C SER E 191 68.70 -50.69 -81.19
N SER E 192 67.42 -50.96 -81.31
CA SER E 192 66.41 -50.25 -80.55
C SER E 192 65.17 -51.12 -80.40
N THR E 193 64.29 -50.73 -79.49
CA THR E 193 63.10 -51.49 -79.16
C THR E 193 61.85 -50.73 -79.59
N ILE E 194 60.91 -51.46 -80.20
CA ILE E 194 59.64 -50.90 -80.62
C ILE E 194 58.52 -51.79 -80.09
N TYR E 195 57.31 -51.23 -80.06
CA TYR E 195 56.15 -51.93 -79.52
C TYR E 195 55.02 -51.91 -80.53
N ASP E 196 54.32 -53.04 -80.63
CA ASP E 196 53.21 -53.19 -81.55
C ASP E 196 51.90 -52.82 -80.84
N SER E 197 50.77 -53.19 -81.45
CA SER E 197 49.47 -52.87 -80.86
C SER E 197 49.25 -53.59 -79.54
N MET E 198 49.66 -54.85 -79.44
CA MET E 198 49.44 -55.65 -78.25
C MET E 198 50.52 -55.46 -77.19
N GLY E 199 51.50 -54.61 -77.45
CA GLY E 199 52.57 -54.36 -76.51
C GLY E 199 53.74 -55.32 -76.60
N GLN E 200 53.75 -56.22 -77.58
CA GLN E 200 54.89 -57.11 -77.75
C GLN E 200 56.14 -56.30 -78.12
N SER E 201 57.27 -56.65 -77.51
CA SER E 201 58.51 -55.95 -77.73
C SER E 201 59.24 -56.51 -78.93
N TYR E 202 59.69 -55.64 -79.82
CA TYR E 202 60.47 -56.02 -80.99
C TYR E 202 61.74 -55.21 -81.04
N LYS E 203 62.77 -55.80 -81.64
CA LYS E 203 64.09 -55.17 -81.73
C LYS E 203 64.25 -54.58 -83.13
N LEU E 204 64.50 -53.27 -83.19
CA LEU E 204 64.68 -52.56 -84.45
C LEU E 204 66.17 -52.26 -84.62
N THR E 205 66.73 -52.70 -85.75
CA THR E 205 68.13 -52.49 -86.06
C THR E 205 68.25 -51.56 -87.27
N THR E 206 69.03 -50.50 -87.12
CA THR E 206 69.24 -49.52 -88.17
C THR E 206 70.69 -49.60 -88.65
N TYR E 207 70.86 -49.67 -89.97
CA TYR E 207 72.18 -49.76 -90.58
C TYR E 207 72.47 -48.48 -91.34
N TYR E 208 73.63 -47.89 -91.09
CA TYR E 208 74.07 -46.67 -91.75
C TYR E 208 75.21 -46.99 -92.69
N LEU E 209 75.09 -46.57 -93.94
CA LEU E 209 76.08 -46.83 -94.97
C LEU E 209 76.50 -45.53 -95.63
N LYS E 210 77.80 -45.32 -95.74
CA LYS E 210 78.35 -44.12 -96.35
C LYS E 210 78.54 -44.35 -97.85
N ASP E 211 77.91 -43.52 -98.66
CA ASP E 211 77.98 -43.69 -100.10
C ASP E 211 79.37 -43.35 -100.61
N GLN E 212 79.83 -44.11 -101.60
CA GLN E 212 81.14 -43.88 -102.22
C GLN E 212 81.03 -43.04 -103.49
N THR E 213 79.98 -43.26 -104.29
CA THR E 213 79.84 -42.54 -105.54
C THR E 213 79.64 -41.04 -105.32
N GLN E 214 78.83 -40.68 -104.32
CA GLN E 214 78.50 -39.28 -104.06
C GLN E 214 79.08 -38.87 -102.72
N PRO E 215 79.86 -37.79 -102.65
CA PRO E 215 80.36 -37.32 -101.35
C PRO E 215 79.23 -36.78 -100.49
N ASN E 216 79.43 -36.90 -99.18
CA ASN E 216 78.47 -36.42 -98.18
C ASN E 216 77.08 -36.98 -98.41
N THR E 217 77.02 -38.27 -98.73
CA THR E 217 75.75 -38.96 -98.94
C THR E 217 75.78 -40.28 -98.18
N TRP E 218 74.68 -40.62 -97.54
CA TRP E 218 74.58 -41.82 -96.72
C TRP E 218 73.31 -42.59 -97.07
N ASN E 219 73.35 -43.89 -96.84
CA ASN E 219 72.21 -44.77 -97.04
C ASN E 219 71.85 -45.42 -95.71
N THR E 220 70.55 -45.46 -95.43
CA THR E 220 70.03 -45.99 -94.17
C THR E 220 69.03 -47.10 -94.45
N TYR E 221 69.18 -48.21 -93.73
CA TYR E 221 68.32 -49.38 -93.88
C TYR E 221 67.81 -49.82 -92.53
N TYR E 222 66.67 -50.51 -92.52
CA TYR E 222 66.01 -50.93 -91.30
C TYR E 222 65.66 -52.40 -91.35
N THR E 223 65.81 -53.09 -90.22
CA THR E 223 65.43 -54.49 -90.08
C THR E 223 64.72 -54.68 -88.75
N VAL E 224 63.84 -55.68 -88.71
CA VAL E 224 63.06 -56.01 -87.52
C VAL E 224 63.41 -57.42 -87.09
N THR E 225 63.73 -57.59 -85.82
CA THR E 225 64.17 -58.87 -85.26
C THR E 225 63.05 -59.45 -84.41
N ASP E 226 62.31 -60.40 -84.99
CA ASP E 226 61.30 -61.14 -84.26
C ASP E 226 61.85 -62.51 -83.87
N LYS E 227 60.99 -63.36 -83.29
CA LYS E 227 61.44 -64.68 -82.86
C LYS E 227 61.82 -65.56 -84.04
N GLU E 228 61.16 -65.40 -85.18
CA GLU E 228 61.50 -66.18 -86.36
C GLU E 228 62.91 -65.85 -86.85
N GLY E 229 63.26 -64.58 -86.85
CA GLY E 229 64.57 -64.16 -87.31
C GLY E 229 64.59 -62.66 -87.59
N GLU E 230 65.63 -62.24 -88.29
CA GLU E 230 65.82 -60.84 -88.65
C GLU E 230 65.30 -60.62 -90.06
N LYS E 231 64.22 -59.84 -90.19
CA LYS E 231 63.60 -59.58 -91.47
C LYS E 231 63.81 -58.13 -91.87
N PRO E 232 64.22 -57.87 -93.11
CA PRO E 232 64.41 -56.49 -93.54
C PRO E 232 63.10 -55.73 -93.62
N LEU E 233 63.19 -54.43 -93.41
CA LEU E 233 62.05 -53.51 -93.51
C LEU E 233 62.32 -52.51 -94.62
N ASN E 234 61.36 -52.31 -95.50
CA ASN E 234 61.51 -51.45 -96.66
C ASN E 234 60.79 -50.13 -96.45
N VAL E 235 61.35 -49.07 -97.01
CA VAL E 235 60.74 -47.74 -96.97
C VAL E 235 59.74 -47.64 -98.11
N ALA E 236 58.70 -46.82 -97.92
CA ALA E 236 57.63 -46.75 -98.90
C ALA E 236 58.14 -46.24 -100.24
N ALA E 237 58.91 -45.14 -100.23
CA ALA E 237 59.41 -44.55 -101.46
C ALA E 237 60.88 -44.18 -101.34
N GLY E 238 61.66 -45.00 -100.63
CA GLY E 238 63.07 -44.71 -100.46
C GLY E 238 63.83 -44.86 -101.76
N ASP E 239 64.77 -43.94 -101.98
CA ASP E 239 65.59 -43.94 -103.20
C ASP E 239 66.91 -44.67 -102.98
N ALA E 240 66.83 -45.91 -102.50
CA ALA E 240 68.03 -46.75 -102.33
C ALA E 240 67.58 -48.21 -102.44
N GLN E 241 67.75 -48.79 -103.63
CA GLN E 241 67.30 -50.14 -103.91
C GLN E 241 68.50 -51.04 -104.13
N THR E 242 68.77 -51.93 -103.18
CA THR E 242 69.82 -52.92 -103.33
C THR E 242 69.40 -53.98 -104.34
N PRO E 243 70.37 -54.70 -104.92
CA PRO E 243 70.01 -55.77 -105.86
C PRO E 243 69.11 -56.83 -105.25
N THR E 244 69.28 -57.14 -103.95
CA THR E 244 68.42 -58.12 -103.31
C THR E 244 66.96 -57.65 -103.28
N GLY E 245 66.75 -56.37 -103.00
CA GLY E 245 65.40 -55.82 -102.96
C GLY E 245 65.14 -54.95 -101.75
N HIS E 246 66.08 -54.93 -100.82
CA HIS E 246 65.95 -54.07 -99.65
C HIS E 246 65.94 -52.61 -100.05
N VAL E 247 65.01 -51.85 -99.49
CA VAL E 247 64.81 -50.45 -99.85
C VAL E 247 65.13 -49.58 -98.64
N GLY E 248 66.17 -48.76 -98.77
CA GLY E 248 66.51 -47.77 -97.78
C GLY E 248 66.24 -46.36 -98.26
N HIS E 249 66.75 -45.38 -97.52
CA HIS E 249 66.59 -43.98 -97.86
C HIS E 249 67.94 -43.29 -97.77
N THR E 250 68.07 -42.20 -98.52
CA THR E 250 69.34 -41.48 -98.64
C THR E 250 69.32 -40.22 -97.80
N MET E 251 70.48 -39.89 -97.23
CA MET E 251 70.66 -38.69 -96.43
C MET E 251 71.79 -37.86 -97.01
N LYS E 252 71.55 -36.57 -97.20
CA LYS E 252 72.52 -35.67 -97.78
C LYS E 252 72.81 -34.53 -96.83
N PHE E 253 74.03 -34.02 -96.84
CA PHE E 253 74.47 -32.99 -95.93
C PHE E 253 75.15 -31.86 -96.69
N ASN E 254 75.10 -30.66 -96.12
CA ASN E 254 75.72 -29.49 -96.73
C ASN E 254 77.21 -29.48 -96.43
N ASN E 255 77.90 -28.40 -96.84
CA ASN E 255 79.34 -28.30 -96.59
C ASN E 255 79.64 -28.20 -95.11
N ASP E 256 78.83 -27.44 -94.36
CA ASP E 256 79.06 -27.24 -92.93
C ASP E 256 78.66 -28.46 -92.11
N GLY E 257 78.21 -29.53 -92.73
CA GLY E 257 77.83 -30.73 -92.01
C GLY E 257 76.39 -30.78 -91.55
N THR E 258 75.63 -29.70 -91.74
CA THR E 258 74.23 -29.71 -91.35
C THR E 258 73.42 -30.58 -92.32
N LEU E 259 72.20 -30.90 -91.93
CA LEU E 259 71.33 -31.73 -92.75
C LEU E 259 70.87 -30.95 -93.98
N ALA E 260 70.94 -31.61 -95.14
CA ALA E 260 70.53 -30.99 -96.39
C ALA E 260 69.19 -31.52 -96.88
N SER E 261 69.07 -32.84 -97.03
CA SER E 261 67.84 -33.44 -97.53
C SER E 261 67.73 -34.86 -97.02
N LEU E 262 66.49 -35.37 -96.98
CA LEU E 262 66.20 -36.73 -96.54
C LEU E 262 65.27 -37.38 -97.53
N ASN E 263 65.75 -38.43 -98.20
CA ASN E 263 64.94 -39.21 -99.13
C ASN E 263 64.31 -38.31 -100.20
N ASN E 264 65.13 -37.46 -100.81
CA ASN E 264 64.70 -36.50 -101.83
C ASN E 264 63.63 -35.56 -101.28
N GLY E 265 63.71 -35.25 -99.99
CA GLY E 265 62.72 -34.37 -99.38
C GLY E 265 61.40 -35.02 -99.08
N GLN E 266 61.28 -36.33 -99.26
CA GLN E 266 60.02 -37.05 -99.02
C GLN E 266 59.97 -37.57 -97.59
N PRO E 267 58.78 -37.69 -97.02
CA PRO E 267 58.67 -38.28 -95.68
C PRO E 267 59.10 -39.73 -95.68
N ILE E 268 59.69 -40.14 -94.56
CA ILE E 268 60.20 -41.51 -94.40
C ILE E 268 59.13 -42.32 -93.68
N THR E 269 58.40 -43.13 -94.43
CA THR E 269 57.38 -44.01 -93.88
C THR E 269 57.68 -45.45 -94.29
N SER E 270 57.71 -46.34 -93.31
CA SER E 270 57.97 -47.74 -93.60
C SER E 270 56.70 -48.44 -94.08
N VAL E 271 56.89 -49.58 -94.75
CA VAL E 271 55.77 -50.40 -95.19
C VAL E 271 55.18 -51.11 -93.97
N ALA E 272 54.00 -51.70 -94.14
CA ALA E 272 53.36 -52.42 -93.04
C ALA E 272 54.22 -53.61 -92.62
N LEU E 273 54.39 -53.77 -91.30
CA LEU E 273 55.27 -54.81 -90.80
C LEU E 273 54.73 -56.20 -91.09
N GLY E 274 53.43 -56.40 -90.88
CA GLY E 274 52.86 -57.74 -90.97
C GLY E 274 51.91 -57.97 -92.12
N ASP E 275 51.93 -57.10 -93.13
CA ASP E 275 51.04 -57.26 -94.26
C ASP E 275 51.81 -57.85 -95.43
N PRO E 276 51.54 -59.10 -95.83
CA PRO E 276 52.24 -59.66 -96.99
C PRO E 276 51.94 -58.96 -98.30
N ALA E 277 50.81 -58.26 -98.40
CA ALA E 277 50.44 -57.58 -99.64
C ALA E 277 51.35 -56.40 -99.95
N THR E 278 52.05 -55.85 -98.95
CA THR E 278 52.94 -54.72 -99.16
C THR E 278 54.37 -54.98 -98.70
N ASN E 279 54.64 -56.10 -98.04
CA ASN E 279 55.98 -56.43 -97.58
C ASN E 279 56.34 -57.81 -98.08
N THR E 280 57.53 -57.94 -98.69
CA THR E 280 57.99 -59.23 -99.14
C THR E 280 58.46 -60.11 -97.99
N THR E 281 58.78 -59.53 -96.84
CA THR E 281 59.18 -60.26 -95.64
C THR E 281 58.33 -59.76 -94.50
N PRO E 282 57.09 -60.25 -94.39
CA PRO E 282 56.19 -59.76 -93.33
C PRO E 282 56.70 -60.16 -91.95
N VAL E 283 56.68 -59.21 -91.02
CA VAL E 283 57.08 -59.49 -89.65
C VAL E 283 55.99 -60.30 -88.96
N ASP E 284 56.40 -61.29 -88.17
CA ASP E 284 55.43 -62.12 -87.47
C ASP E 284 54.81 -61.37 -86.31
N MET E 285 53.66 -60.73 -86.55
CA MET E 285 53.00 -59.96 -85.51
C MET E 285 52.41 -60.83 -84.41
N ASN E 286 52.21 -62.14 -84.68
CA ASN E 286 51.68 -63.07 -83.69
C ASN E 286 50.33 -62.63 -83.17
N GLY E 287 49.49 -62.10 -84.05
CA GLY E 287 48.16 -61.64 -83.68
C GLY E 287 48.02 -60.14 -83.54
N ALA E 288 49.12 -59.40 -83.57
CA ALA E 288 49.04 -57.95 -83.47
C ALA E 288 48.56 -57.35 -84.79
N ASP E 289 48.44 -56.03 -84.81
CA ASP E 289 47.96 -55.35 -86.00
C ASP E 289 49.01 -55.45 -87.11
N PRO E 290 48.66 -56.04 -88.26
CA PRO E 290 49.64 -56.16 -89.35
C PRO E 290 49.82 -54.88 -90.16
N ALA E 291 49.00 -53.87 -89.93
CA ALA E 291 49.04 -52.64 -90.73
C ALA E 291 49.83 -51.53 -90.05
N GLN E 292 50.60 -51.84 -89.01
CA GLN E 292 51.36 -50.81 -88.33
C GLN E 292 52.44 -50.24 -89.24
N THR E 293 52.59 -48.91 -89.20
CA THR E 293 53.58 -48.21 -89.99
C THR E 293 54.43 -47.33 -89.08
N LEU E 294 55.68 -47.11 -89.48
CA LEU E 294 56.64 -46.33 -88.70
C LEU E 294 57.06 -45.11 -89.49
N ASN E 295 57.05 -43.96 -88.81
CA ASN E 295 57.51 -42.70 -89.39
C ASN E 295 58.78 -42.27 -88.69
N PHE E 296 59.84 -42.08 -89.47
CA PHE E 296 61.16 -41.73 -88.93
C PHE E 296 61.41 -40.24 -89.14
N GLY E 297 61.75 -39.54 -88.06
CA GLY E 297 62.10 -38.15 -88.15
C GLY E 297 63.57 -37.91 -87.85
N LEU E 298 64.34 -37.58 -88.88
CA LEU E 298 65.78 -37.40 -88.76
C LEU E 298 66.17 -35.97 -89.11
N GLY E 299 65.37 -35.01 -88.63
CA GLY E 299 65.64 -33.61 -88.94
C GLY E 299 66.82 -33.01 -88.20
N SER E 300 67.43 -33.75 -87.28
CA SER E 300 68.57 -33.27 -86.51
C SER E 300 69.83 -34.07 -86.77
N ALA E 301 69.86 -34.90 -87.80
CA ALA E 301 71.07 -35.66 -88.12
C ALA E 301 72.16 -34.73 -88.61
N THR E 302 73.39 -34.98 -88.16
CA THR E 302 74.52 -34.15 -88.52
C THR E 302 75.70 -35.04 -88.90
N GLN E 303 76.64 -34.46 -89.65
CA GLN E 303 77.86 -35.14 -90.06
C GLN E 303 79.03 -34.22 -89.80
N PHE E 304 79.82 -34.52 -88.77
CA PHE E 304 80.99 -33.74 -88.41
C PHE E 304 82.20 -34.68 -88.30
N ALA E 305 83.31 -34.13 -87.81
CA ALA E 305 84.52 -34.93 -87.63
C ALA E 305 84.44 -35.85 -86.41
N ALA E 306 83.44 -35.67 -85.56
CA ALA E 306 83.30 -36.51 -84.38
C ALA E 306 82.95 -37.94 -84.77
N PRO E 307 83.31 -38.93 -83.95
CA PRO E 307 82.96 -40.32 -84.26
C PRO E 307 81.45 -40.56 -84.24
N PHE E 308 81.03 -41.76 -84.63
CA PHE E 308 79.62 -42.08 -84.65
C PHE E 308 79.03 -41.99 -83.25
N GLU E 309 77.82 -41.44 -83.15
CA GLU E 309 77.19 -41.22 -81.85
C GLU E 309 75.69 -41.19 -82.02
N LEU E 310 74.98 -41.86 -81.11
CA LEU E 310 73.52 -41.83 -81.05
C LEU E 310 73.14 -40.79 -80.01
N THR E 311 73.02 -39.55 -80.45
CA THR E 311 72.77 -38.45 -79.52
C THR E 311 71.35 -38.52 -78.95
N LYS E 312 70.36 -38.72 -79.81
CA LYS E 312 68.96 -38.69 -79.38
C LYS E 312 68.20 -39.82 -80.05
N PHE E 313 67.36 -40.50 -79.26
CA PHE E 313 66.44 -41.51 -79.78
C PHE E 313 65.15 -41.41 -79.01
N ASP E 314 64.07 -41.06 -79.71
CA ASP E 314 62.77 -40.86 -79.09
C ASP E 314 61.71 -41.59 -79.89
N GLU E 315 60.78 -42.24 -79.19
CA GLU E 315 59.67 -42.95 -79.80
C GLU E 315 58.39 -42.60 -79.06
N ASP E 316 57.27 -43.10 -79.57
CA ASP E 316 55.96 -42.88 -78.97
C ASP E 316 55.29 -44.16 -78.52
N GLY E 317 56.06 -45.24 -78.39
CA GLY E 317 55.50 -46.51 -77.94
C GLY E 317 55.22 -46.53 -76.45
N ALA E 318 54.43 -47.53 -76.05
CA ALA E 318 54.07 -47.66 -74.64
C ALA E 318 53.65 -49.10 -74.38
N THR E 319 53.59 -49.44 -73.10
CA THR E 319 53.17 -50.76 -72.65
C THR E 319 52.23 -50.59 -71.46
N THR E 320 51.61 -51.69 -71.05
CA THR E 320 50.73 -51.65 -69.89
C THR E 320 51.54 -51.31 -68.63
N GLY E 321 50.91 -50.59 -67.72
CA GLY E 321 51.59 -50.14 -66.52
C GLY E 321 50.62 -49.87 -65.39
N PHE E 322 51.19 -49.53 -64.25
CA PHE E 322 50.41 -49.27 -63.03
C PHE E 322 50.74 -47.89 -62.52
N LEU E 323 49.70 -47.18 -62.04
CA LEU E 323 49.87 -45.84 -61.51
C LEU E 323 50.92 -45.84 -60.42
N THR E 324 51.99 -45.06 -60.63
CA THR E 324 53.11 -45.01 -59.72
C THR E 324 53.07 -43.82 -58.77
N LYS E 325 52.92 -42.61 -59.30
CA LYS E 325 52.86 -41.43 -58.44
C LYS E 325 51.95 -40.39 -59.09
N VAL E 326 51.42 -39.51 -58.25
CA VAL E 326 50.51 -38.46 -58.68
C VAL E 326 50.97 -37.15 -58.07
N ASP E 327 51.00 -36.09 -58.87
CA ASP E 327 51.40 -34.78 -58.39
C ASP E 327 50.57 -33.72 -59.11
N PHE E 328 50.52 -32.54 -58.50
CA PHE E 328 49.76 -31.41 -59.01
C PHE E 328 50.71 -30.26 -59.32
N ASP E 329 50.58 -29.68 -60.51
CA ASP E 329 51.38 -28.54 -60.87
C ASP E 329 50.62 -27.26 -60.57
N GLU E 330 51.27 -26.11 -60.81
CA GLU E 330 50.64 -24.82 -60.54
C GLU E 330 49.45 -24.57 -61.46
N ASN E 331 49.45 -25.16 -62.66
CA ASN E 331 48.33 -24.98 -63.58
C ASN E 331 47.11 -25.79 -63.17
N GLY E 332 47.22 -26.63 -62.14
CA GLY E 332 46.11 -27.45 -61.70
C GLY E 332 46.01 -28.79 -62.39
N SER E 333 46.84 -29.05 -63.38
CA SER E 333 46.82 -30.34 -64.06
C SER E 333 47.33 -31.42 -63.13
N VAL E 334 46.57 -32.51 -63.04
CA VAL E 334 46.96 -33.66 -62.23
C VAL E 334 47.68 -34.64 -63.14
N MET E 335 48.99 -34.77 -62.95
CA MET E 335 49.81 -35.64 -63.76
C MET E 335 50.15 -36.90 -62.99
N GLY E 336 50.18 -38.03 -63.71
CA GLY E 336 50.50 -39.30 -63.11
C GLY E 336 51.39 -40.14 -63.98
N THR E 337 52.45 -40.69 -63.41
CA THR E 337 53.39 -41.53 -64.14
C THR E 337 53.11 -42.99 -63.83
N TYR E 338 53.24 -43.84 -64.83
CA TYR E 338 52.95 -45.26 -64.71
C TYR E 338 54.25 -46.05 -64.77
N SER E 339 54.11 -47.38 -64.69
CA SER E 339 55.28 -48.24 -64.75
C SER E 339 55.94 -48.22 -66.12
N ASN E 340 55.14 -48.00 -67.17
CA ASN E 340 55.70 -47.94 -68.52
C ASN E 340 56.64 -46.75 -68.69
N GLY E 341 56.29 -45.62 -68.09
CA GLY E 341 57.09 -44.40 -68.19
C GLY E 341 56.35 -43.21 -68.75
N GLU E 342 55.16 -43.38 -69.32
CA GLU E 342 54.43 -42.26 -69.88
C GLU E 342 53.95 -41.30 -68.78
N ASN E 343 54.09 -40.01 -69.03
CA ASN E 343 53.63 -38.99 -68.10
C ASN E 343 52.25 -38.49 -68.54
N VAL E 344 51.26 -39.36 -68.34
CA VAL E 344 49.90 -39.07 -68.78
C VAL E 344 49.29 -38.01 -67.88
N THR E 345 48.65 -37.01 -68.49
CA THR E 345 47.94 -35.97 -67.75
C THR E 345 46.48 -36.38 -67.62
N LEU E 346 46.06 -36.68 -66.39
CA LEU E 346 44.69 -37.16 -66.18
C LEU E 346 43.67 -36.06 -66.46
N GLY E 347 43.98 -34.82 -66.11
CA GLY E 347 43.06 -33.73 -66.34
C GLY E 347 43.49 -32.50 -65.57
N ARG E 348 42.59 -31.53 -65.53
CA ARG E 348 42.80 -30.30 -64.77
C ARG E 348 41.71 -30.15 -63.73
N VAL E 349 41.94 -29.23 -62.79
CA VAL E 349 40.98 -28.94 -61.74
C VAL E 349 40.29 -27.63 -62.10
N ALA E 350 38.98 -27.70 -62.27
CA ALA E 350 38.22 -26.54 -62.70
C ALA E 350 38.23 -25.46 -61.62
N LEU E 351 38.21 -24.20 -62.06
CA LEU E 351 38.12 -23.05 -61.19
C LEU E 351 36.95 -22.19 -61.62
N VAL E 352 36.18 -21.71 -60.65
CA VAL E 352 34.96 -20.96 -60.91
C VAL E 352 35.06 -19.61 -60.21
N ARG E 353 34.71 -18.55 -60.93
CA ARG E 353 34.71 -17.20 -60.40
C ARG E 353 33.38 -16.54 -60.73
N VAL E 354 32.82 -15.81 -59.78
CA VAL E 354 31.58 -15.09 -59.99
C VAL E 354 31.86 -13.59 -59.88
N PRO E 355 31.17 -12.74 -60.64
CA PRO E 355 31.44 -11.29 -60.54
C PRO E 355 31.12 -10.71 -59.18
N ASN E 356 30.07 -11.19 -58.52
CA ASN E 356 29.65 -10.68 -57.22
C ASN E 356 29.66 -11.84 -56.22
N GLU E 357 30.74 -11.95 -55.44
CA GLU E 357 30.84 -13.01 -54.46
C GLU E 357 29.97 -12.74 -53.24
N GLN E 358 29.62 -11.49 -52.96
CA GLN E 358 28.78 -11.15 -51.82
C GLN E 358 27.34 -11.61 -51.99
N GLY E 359 26.94 -12.03 -53.18
CA GLY E 359 25.56 -12.37 -53.44
C GLY E 359 25.32 -13.87 -53.53
N LEU E 360 26.39 -14.65 -53.42
CA LEU E 360 26.25 -16.10 -53.41
C LEU E 360 25.43 -16.53 -52.21
N ASP E 361 24.45 -17.41 -52.44
CA ASP E 361 23.69 -17.98 -51.34
C ASP E 361 24.50 -19.09 -50.68
N LYS E 362 24.32 -19.23 -49.38
CA LYS E 362 25.14 -20.12 -48.57
C LYS E 362 24.41 -21.45 -48.36
N LYS E 363 24.99 -22.53 -48.87
CA LYS E 363 24.50 -23.86 -48.58
C LYS E 363 25.24 -24.41 -47.37
N GLY E 364 24.86 -25.61 -46.94
CA GLY E 364 25.53 -26.23 -45.81
C GLY E 364 26.90 -26.75 -46.18
N GLY E 365 27.68 -27.06 -45.14
CA GLY E 365 29.00 -27.61 -45.35
C GLY E 365 29.97 -26.68 -46.05
N THR E 366 29.83 -25.37 -45.82
CA THR E 366 30.72 -24.35 -46.37
C THR E 366 30.81 -24.48 -47.89
N GLN E 367 29.65 -24.42 -48.53
CA GLN E 367 29.55 -24.45 -49.98
C GLN E 367 28.61 -23.36 -50.44
N TRP E 368 28.87 -22.84 -51.64
CA TRP E 368 28.11 -21.73 -52.18
C TRP E 368 27.57 -22.11 -53.55
N ASP E 369 26.50 -21.42 -53.96
CA ASP E 369 25.89 -21.60 -55.25
C ASP E 369 25.59 -20.23 -55.86
N SER E 370 25.43 -20.19 -57.17
CA SER E 370 25.24 -18.95 -57.91
C SER E 370 23.76 -18.62 -57.99
N THR E 371 23.41 -17.40 -57.57
CA THR E 371 22.04 -16.92 -57.65
C THR E 371 21.95 -15.80 -58.69
N GLN E 372 20.76 -15.20 -58.78
CA GLN E 372 20.57 -14.07 -59.70
C GLN E 372 21.48 -12.89 -59.33
N PHE E 373 21.56 -12.56 -58.04
CA PHE E 373 22.36 -11.43 -57.61
C PHE E 373 23.85 -11.67 -57.84
N SER E 374 24.31 -12.90 -57.62
CA SER E 374 25.72 -13.20 -57.78
C SER E 374 26.16 -13.06 -59.24
N GLY E 375 25.30 -13.44 -60.18
CA GLY E 375 25.62 -13.42 -61.59
C GLY E 375 25.56 -14.81 -62.19
N ASP E 376 26.57 -15.14 -62.99
CA ASP E 376 26.70 -16.47 -63.56
C ASP E 376 28.12 -16.97 -63.36
N LYS E 377 28.25 -18.28 -63.20
CA LYS E 377 29.55 -18.89 -62.95
C LYS E 377 30.43 -18.74 -64.19
N ILE E 378 31.62 -18.16 -64.01
CA ILE E 378 32.59 -17.97 -65.08
C ILE E 378 33.71 -18.98 -64.88
N TRP E 379 33.84 -19.91 -65.81
CA TRP E 379 34.80 -21.01 -65.67
C TRP E 379 36.16 -20.62 -66.25
N GLY E 380 37.19 -21.28 -65.75
CA GLY E 380 38.54 -21.01 -66.21
C GLY E 380 39.52 -22.00 -65.61
N GLU E 381 40.76 -21.90 -66.05
CA GLU E 381 41.82 -22.76 -65.55
C GLU E 381 42.50 -22.09 -64.36
N SER E 382 43.63 -22.66 -63.93
CA SER E 382 44.41 -22.11 -62.83
C SER E 382 45.50 -21.20 -63.39
N ASN E 383 45.69 -20.06 -62.73
CA ASN E 383 46.70 -19.07 -63.13
C ASN E 383 46.48 -18.61 -64.56
N LYS E 384 45.23 -18.27 -64.87
CA LYS E 384 44.85 -17.76 -66.19
C LYS E 384 43.88 -16.60 -66.00
N GLY E 385 44.11 -15.53 -66.74
CA GLY E 385 43.25 -14.37 -66.63
C GLY E 385 43.29 -13.79 -65.23
N SER E 386 42.12 -13.64 -64.62
CA SER E 386 42.01 -13.08 -63.27
C SER E 386 41.97 -14.15 -62.19
N PHE E 387 42.10 -15.42 -62.56
CA PHE E 387 42.05 -16.49 -61.57
C PHE E 387 43.36 -16.58 -60.79
N GLY E 388 43.29 -17.29 -59.66
CA GLY E 388 44.44 -17.52 -58.83
C GLY E 388 45.14 -18.82 -59.19
N THR E 389 46.00 -19.27 -58.28
CA THR E 389 46.76 -20.49 -58.45
C THR E 389 46.24 -21.57 -57.51
N ILE E 390 46.67 -22.80 -57.75
CA ILE E 390 46.32 -23.95 -56.92
C ILE E 390 47.60 -24.54 -56.35
N ASN E 391 47.65 -24.67 -55.03
CA ASN E 391 48.79 -25.27 -54.35
C ASN E 391 48.32 -26.53 -53.64
N ASN E 392 49.02 -27.64 -53.88
CA ASN E 392 48.70 -28.89 -53.22
C ASN E 392 49.41 -28.97 -51.87
N GLY E 393 48.82 -29.73 -50.95
CA GLY E 393 49.37 -29.88 -49.63
C GLY E 393 49.00 -28.79 -48.65
N MET E 394 48.07 -27.91 -48.99
CA MET E 394 47.67 -26.81 -48.13
C MET E 394 46.15 -26.79 -47.99
N LEU E 395 45.69 -26.17 -46.92
CA LEU E 395 44.26 -25.98 -46.70
C LEU E 395 44.02 -24.59 -46.13
N GLU E 396 42.81 -24.09 -46.33
CA GLU E 396 42.43 -22.76 -45.86
C GLU E 396 41.75 -22.86 -44.51
N GLN E 397 42.12 -21.98 -43.59
CA GLN E 397 41.46 -21.84 -42.32
C GLN E 397 40.43 -20.71 -42.38
N SER E 398 39.73 -20.49 -41.28
CA SER E 398 38.77 -19.40 -41.22
C SER E 398 39.49 -18.06 -41.31
N ASN E 399 38.91 -17.14 -42.06
CA ASN E 399 39.49 -15.81 -42.25
C ASN E 399 38.97 -14.85 -41.19
N ILE E 400 39.16 -15.24 -39.93
CA ILE E 400 38.66 -14.48 -38.79
C ILE E 400 39.83 -14.13 -37.88
N ASP E 401 39.63 -13.08 -37.09
CA ASP E 401 40.59 -12.64 -36.10
C ASP E 401 39.94 -12.76 -34.73
N MET E 402 40.52 -13.60 -33.87
CA MET E 402 39.88 -13.91 -32.59
C MET E 402 39.73 -12.67 -31.72
N THR E 403 40.78 -11.85 -31.65
CA THR E 403 40.73 -10.66 -30.80
C THR E 403 39.62 -9.72 -31.26
N GLN E 404 39.50 -9.50 -32.57
CA GLN E 404 38.45 -8.64 -33.08
C GLN E 404 37.08 -9.21 -32.77
N GLU E 405 36.92 -10.53 -32.88
CA GLU E 405 35.64 -11.15 -32.57
C GLU E 405 35.27 -10.96 -31.09
N LEU E 406 36.24 -11.12 -30.20
CA LEU E 406 35.95 -10.93 -28.77
C LEU E 406 35.59 -9.48 -28.47
N VAL E 407 36.30 -8.53 -29.08
CA VAL E 407 35.98 -7.12 -28.87
C VAL E 407 34.58 -6.80 -29.41
N ASP E 408 34.24 -7.36 -30.57
CA ASP E 408 32.90 -7.16 -31.11
C ASP E 408 31.85 -7.77 -30.18
N LEU E 409 32.17 -8.91 -29.56
CA LEU E 409 31.26 -9.53 -28.61
C LEU E 409 31.00 -8.59 -27.43
N ILE E 410 32.06 -7.99 -26.90
CA ILE E 410 31.91 -7.06 -25.78
C ILE E 410 31.07 -5.86 -26.19
N SER E 411 31.35 -5.31 -27.37
CA SER E 411 30.60 -4.13 -27.82
C SER E 411 29.12 -4.45 -28.02
N ALA E 412 28.83 -5.63 -28.59
CA ALA E 412 27.44 -6.04 -28.78
C ALA E 412 26.73 -6.21 -27.44
N GLN E 413 27.42 -6.79 -26.46
CA GLN E 413 26.83 -6.92 -25.13
C GLN E 413 26.51 -5.55 -24.54
N ARG E 414 27.43 -4.60 -24.68
CA ARG E 414 27.19 -3.26 -24.15
C ARG E 414 25.98 -2.60 -24.84
N ASN E 415 25.90 -2.73 -26.16
CA ASN E 415 24.76 -2.16 -26.88
C ASN E 415 23.45 -2.79 -26.45
N PHE E 416 23.44 -4.12 -26.27
CA PHE E 416 22.24 -4.80 -25.82
C PHE E 416 21.82 -4.30 -24.43
N GLN E 417 22.79 -4.11 -23.53
CA GLN E 417 22.46 -3.63 -22.20
C GLN E 417 21.87 -2.21 -22.27
N ALA E 418 22.44 -1.35 -23.12
CA ALA E 418 21.91 0.00 -23.26
C ALA E 418 20.48 -0.02 -23.78
N ASN E 419 20.21 -0.85 -24.79
CA ASN E 419 18.85 -0.94 -25.33
C ASN E 419 17.87 -1.48 -24.29
N SER E 420 18.30 -2.47 -23.51
CA SER E 420 17.44 -2.98 -22.45
C SER E 420 17.15 -1.90 -21.42
N ARG E 421 18.15 -1.09 -21.08
CA ARG E 421 17.92 0.03 -20.16
C ARG E 421 16.89 0.99 -20.71
N SER E 422 16.99 1.32 -21.99
CA SER E 422 16.00 2.22 -22.60
C SER E 422 14.59 1.63 -22.55
N LEU E 423 14.47 0.33 -22.87
CA LEU E 423 13.17 -0.32 -22.81
C LEU E 423 12.60 -0.30 -21.41
N GLU E 424 13.45 -0.54 -20.40
CA GLU E 424 13.00 -0.49 -19.02
C GLU E 424 12.52 0.90 -18.65
N VAL E 425 13.21 1.94 -19.14
CA VAL E 425 12.78 3.31 -18.87
C VAL E 425 11.40 3.56 -19.48
N HIS E 426 11.19 3.10 -20.71
CA HIS E 426 9.87 3.29 -21.34
C HIS E 426 8.78 2.59 -20.53
N ASN E 427 9.04 1.35 -20.11
CA ASN E 427 8.05 0.62 -19.33
C ASN E 427 7.78 1.31 -18.00
N GLN E 428 8.82 1.83 -17.35
CA GLN E 428 8.62 2.54 -16.09
C GLN E 428 7.78 3.78 -16.28
N LEU E 429 8.00 4.52 -17.37
CA LEU E 429 7.18 5.69 -17.64
C LEU E 429 5.72 5.31 -17.83
N GLN E 430 5.47 4.25 -18.61
CA GLN E 430 4.08 3.83 -18.83
C GLN E 430 3.42 3.42 -17.53
N GLN E 431 4.12 2.64 -16.71
CA GLN E 431 3.54 2.21 -15.43
C GLN E 431 3.37 3.36 -14.47
N ASN E 432 4.22 4.39 -14.56
CA ASN E 432 4.03 5.59 -13.75
C ASN E 432 2.75 6.31 -14.15
N ILE E 433 2.48 6.42 -15.45
CA ILE E 433 1.24 7.03 -15.88
C ILE E 433 0.04 6.19 -15.45
N LEU E 434 0.20 4.86 -15.47
CA LEU E 434 -0.90 3.98 -15.10
C LEU E 434 -1.41 4.26 -13.69
N GLN E 435 -0.54 4.69 -12.79
CA GLN E 435 -0.91 4.89 -11.38
C GLN E 435 -1.31 6.35 -11.13
N ILE E 436 -2.37 6.77 -11.81
CA ILE E 436 -2.93 8.09 -11.61
C ILE E 436 -4.43 8.01 -11.41
N SER F 2 -1.99 -20.18 -16.21
CA SER F 2 -0.99 -20.41 -15.17
C SER F 2 -0.55 -21.87 -15.15
N TYR F 3 -1.47 -22.77 -15.49
CA TYR F 3 -1.14 -24.20 -15.52
C TYR F 3 -0.10 -24.50 -16.59
N VAL F 4 -0.07 -23.71 -17.67
CA VAL F 4 0.97 -23.88 -18.68
C VAL F 4 2.33 -23.57 -18.09
N SER F 5 2.43 -22.48 -17.33
CA SER F 5 3.69 -22.14 -16.68
C SER F 5 4.07 -23.19 -15.65
N LEU F 6 3.08 -23.73 -14.94
CA LEU F 6 3.37 -24.80 -13.99
C LEU F 6 3.90 -26.04 -14.69
N SER F 7 3.33 -26.36 -15.86
CA SER F 7 3.85 -27.48 -16.65
C SER F 7 5.27 -27.22 -17.10
N GLY F 8 5.56 -25.99 -17.51
CA GLY F 8 6.93 -25.64 -17.87
C GLY F 8 7.89 -25.81 -16.72
N LEU F 9 7.48 -25.35 -15.53
CA LEU F 9 8.30 -25.52 -14.34
C LEU F 9 8.54 -27.00 -14.04
N SER F 10 7.49 -27.81 -14.15
CA SER F 10 7.64 -29.23 -13.88
C SER F 10 8.59 -29.89 -14.87
N ALA F 11 8.47 -29.54 -16.15
CA ALA F 11 9.38 -30.11 -17.15
C ALA F 11 10.82 -29.69 -16.89
N ALA F 12 11.04 -28.41 -16.58
CA ALA F 12 12.40 -27.95 -16.30
C ALA F 12 12.97 -28.66 -15.08
N GLN F 13 12.16 -28.84 -14.04
CA GLN F 13 12.64 -29.51 -12.85
C GLN F 13 12.94 -30.98 -13.11
N LEU F 14 12.13 -31.64 -13.95
CA LEU F 14 12.43 -33.02 -14.32
C LEU F 14 13.76 -33.11 -15.06
N ASP F 15 13.99 -32.20 -16.00
CA ASP F 15 15.28 -32.20 -16.71
C ASP F 15 16.43 -31.94 -15.75
N LEU F 16 16.24 -31.02 -14.80
CA LEU F 16 17.26 -30.74 -13.80
C LEU F 16 17.57 -31.98 -12.96
N ASN F 17 16.52 -32.69 -12.55
CA ASN F 17 16.71 -33.91 -11.76
C ASN F 17 17.46 -34.96 -12.56
N THR F 18 17.11 -35.13 -13.83
CA THR F 18 17.80 -36.11 -14.65
C THR F 18 19.28 -35.77 -14.81
N THR F 19 19.57 -34.49 -15.05
CA THR F 19 20.96 -34.07 -15.18
C THR F 19 21.72 -34.25 -13.89
N SER F 20 21.08 -33.94 -12.76
CA SER F 20 21.73 -34.13 -11.46
C SER F 20 22.02 -35.60 -11.21
N ASN F 21 21.09 -36.48 -11.56
CA ASN F 21 21.34 -37.91 -11.40
C ASN F 21 22.49 -38.37 -12.29
N ASN F 22 22.54 -37.89 -13.53
CA ASN F 22 23.65 -38.23 -14.42
C ASN F 22 24.98 -37.77 -13.85
N ILE F 23 25.02 -36.57 -13.28
CA ILE F 23 26.26 -36.07 -12.69
C ILE F 23 26.64 -36.91 -11.47
N ALA F 24 25.66 -37.23 -10.63
CA ALA F 24 25.95 -38.01 -9.42
C ALA F 24 26.48 -39.39 -9.75
N ASN F 25 25.96 -40.02 -10.81
CA ASN F 25 26.40 -41.35 -11.19
C ASN F 25 27.63 -41.34 -12.08
N ALA F 26 28.44 -40.28 -12.03
CA ALA F 26 29.61 -40.19 -12.91
C ALA F 26 30.66 -41.24 -12.62
N ASN F 27 30.69 -41.80 -11.41
CA ASN F 27 31.70 -42.78 -11.04
C ASN F 27 31.17 -44.21 -10.97
N THR F 28 29.85 -44.40 -11.07
CA THR F 28 29.29 -45.74 -11.00
C THR F 28 29.74 -46.57 -12.19
N TYR F 29 30.13 -47.82 -11.91
CA TYR F 29 30.58 -48.73 -12.96
C TYR F 29 29.39 -49.25 -13.75
N GLY F 30 29.44 -49.11 -15.07
CA GLY F 30 28.39 -49.63 -15.91
C GLY F 30 27.13 -48.81 -15.97
N PHE F 31 27.11 -47.64 -15.34
CA PHE F 31 25.94 -46.78 -15.37
C PHE F 31 25.71 -46.26 -16.79
N LYS F 32 24.44 -46.14 -17.16
CA LYS F 32 24.03 -45.61 -18.45
C LYS F 32 23.20 -44.36 -18.24
N GLU F 33 23.54 -43.29 -18.96
CA GLU F 33 22.91 -42.01 -18.75
C GLU F 33 21.45 -42.03 -19.22
N SER F 34 20.72 -40.99 -18.87
CA SER F 34 19.33 -40.85 -19.24
C SER F 34 19.10 -39.49 -19.89
N ARG F 35 18.15 -39.45 -20.81
CA ARG F 35 17.79 -38.22 -21.51
C ARG F 35 16.30 -37.96 -21.32
N ALA F 36 15.95 -36.71 -21.05
CA ALA F 36 14.57 -36.32 -20.79
C ALA F 36 13.97 -35.77 -22.07
N GLU F 37 12.88 -36.39 -22.53
CA GLU F 37 12.20 -35.99 -23.75
C GLU F 37 10.77 -35.56 -23.40
N PHE F 38 10.37 -34.40 -23.90
CA PHE F 38 9.08 -33.82 -23.60
C PHE F 38 8.25 -33.70 -24.86
N ALA F 39 6.95 -33.45 -24.68
CA ALA F 39 6.01 -33.38 -25.77
C ALA F 39 5.01 -32.26 -25.51
N ASP F 40 4.48 -31.70 -26.60
CA ASP F 40 3.49 -30.65 -26.49
C ASP F 40 2.14 -31.22 -26.06
N VAL F 41 1.30 -30.34 -25.53
CA VAL F 41 -0.03 -30.71 -25.06
C VAL F 41 -1.05 -29.89 -25.85
N TYR F 42 -2.10 -30.57 -26.32
CA TYR F 42 -3.17 -29.88 -27.02
C TYR F 42 -4.46 -30.68 -26.85
N SER F 43 -5.57 -29.95 -26.65
CA SER F 43 -6.86 -30.59 -26.44
C SER F 43 -7.40 -31.18 -27.73
N ASN F 44 -8.30 -32.15 -27.58
CA ASN F 44 -8.93 -32.85 -28.70
C ASN F 44 -10.45 -32.83 -28.54
N SER F 45 -11.01 -31.66 -28.26
CA SER F 45 -12.44 -31.55 -28.09
C SER F 45 -13.16 -31.79 -29.43
N LEU F 46 -14.41 -32.27 -29.32
CA LEU F 46 -15.21 -32.50 -30.51
C LEU F 46 -15.53 -31.20 -31.22
N PHE F 47 -15.83 -30.15 -30.44
CA PHE F 47 -16.08 -28.81 -30.96
C PHE F 47 -14.91 -27.93 -30.56
N THR F 48 -13.92 -27.85 -31.44
CA THR F 48 -12.68 -27.13 -31.15
C THR F 48 -12.57 -25.93 -32.09
N ASN F 49 -12.25 -24.76 -31.52
CA ASN F 49 -12.02 -23.57 -32.33
C ASN F 49 -10.73 -23.66 -33.13
N ALA F 50 -9.72 -24.36 -32.58
CA ALA F 50 -8.44 -24.57 -33.24
C ALA F 50 -7.68 -23.27 -33.50
N LYS F 51 -8.23 -22.42 -34.36
CA LYS F 51 -7.53 -21.18 -34.70
C LYS F 51 -7.43 -20.25 -33.50
N THR F 52 -8.44 -20.26 -32.64
CA THR F 52 -8.51 -19.35 -31.50
C THR F 52 -8.13 -20.02 -30.19
N THR F 53 -7.58 -21.24 -30.24
CA THR F 53 -7.24 -21.97 -29.03
C THR F 53 -5.72 -22.07 -28.90
N PRO F 54 -5.13 -21.51 -27.85
CA PRO F 54 -3.68 -21.61 -27.66
C PRO F 54 -3.24 -22.99 -27.22
N GLY F 55 -1.97 -23.14 -26.89
CA GLY F 55 -1.44 -24.43 -26.48
C GLY F 55 -1.92 -24.84 -25.10
N GLY F 56 -1.41 -25.99 -24.66
CA GLY F 56 -1.81 -26.53 -23.37
C GLY F 56 -0.65 -26.87 -22.46
N GLY F 57 0.53 -26.32 -22.76
CA GLY F 57 1.69 -26.54 -21.93
C GLY F 57 2.63 -27.59 -22.46
N ALA F 58 3.44 -28.19 -21.59
CA ALA F 58 4.42 -29.19 -21.98
C ALA F 58 4.33 -30.37 -21.03
N GLN F 59 4.30 -31.57 -21.60
CA GLN F 59 4.17 -32.81 -20.84
C GLN F 59 5.39 -33.68 -21.08
N ALA F 60 5.89 -34.29 -20.01
CA ALA F 60 7.01 -35.23 -20.15
C ALA F 60 6.57 -36.46 -20.93
N SER F 61 7.34 -36.80 -21.95
CA SER F 61 7.03 -37.95 -22.80
C SER F 61 7.66 -39.22 -22.24
N GLN F 62 8.98 -39.22 -22.07
CA GLN F 62 9.69 -40.37 -21.53
C GLN F 62 11.07 -39.92 -21.09
N VAL F 63 11.67 -40.70 -20.19
CA VAL F 63 13.07 -40.52 -19.83
C VAL F 63 13.86 -41.62 -20.52
N ALA F 64 14.71 -41.24 -21.47
CA ALA F 64 15.42 -42.21 -22.27
C ALA F 64 16.51 -42.89 -21.45
N GLN F 65 17.12 -43.91 -22.05
CA GLN F 65 18.15 -44.72 -21.42
C GLN F 65 19.30 -44.95 -22.40
N GLN F 66 19.82 -43.86 -22.97
CA GLN F 66 20.89 -43.91 -23.96
C GLN F 66 21.96 -44.94 -23.59
N PHE F 67 22.17 -45.90 -24.48
CA PHE F 67 23.00 -47.06 -24.21
C PHE F 67 24.28 -47.07 -25.04
N HIS F 68 24.77 -45.88 -25.40
CA HIS F 68 26.00 -45.81 -26.16
C HIS F 68 27.17 -46.29 -25.32
N GLU F 69 28.14 -46.93 -25.97
CA GLU F 69 29.26 -47.53 -25.27
C GLU F 69 29.99 -46.50 -24.41
N GLY F 70 30.28 -46.88 -23.17
CA GLY F 70 31.03 -46.03 -22.28
C GLY F 70 32.51 -46.33 -22.30
N SER F 71 33.29 -45.39 -21.76
CA SER F 71 34.73 -45.56 -21.72
C SER F 71 35.11 -46.66 -20.74
N SER F 72 36.31 -47.20 -20.93
CA SER F 72 36.78 -48.35 -20.16
C SER F 72 38.04 -47.97 -19.38
N ILE F 73 38.10 -48.43 -18.14
CA ILE F 73 39.28 -48.23 -17.31
C ILE F 73 39.97 -49.57 -17.13
N TYR F 74 41.28 -49.51 -16.92
CA TYR F 74 42.11 -50.70 -16.77
C TYR F 74 42.55 -50.81 -15.33
N THR F 75 42.21 -51.93 -14.69
CA THR F 75 42.61 -52.19 -13.31
C THR F 75 43.62 -53.31 -13.19
N ASN F 76 43.93 -54.01 -14.28
CA ASN F 76 44.86 -55.14 -14.29
C ASN F 76 44.44 -56.24 -13.31
N ASN F 77 43.15 -56.30 -12.98
CA ASN F 77 42.63 -57.34 -12.12
C ASN F 77 41.92 -58.36 -12.99
N PRO F 78 42.37 -59.62 -13.01
CA PRO F 78 41.77 -60.60 -13.93
C PRO F 78 40.30 -60.85 -13.71
N MET F 79 39.79 -60.65 -12.50
CA MET F 79 38.39 -60.92 -12.20
C MET F 79 37.46 -59.81 -12.67
N ASP F 80 37.99 -58.70 -13.19
CA ASP F 80 37.16 -57.63 -13.71
C ASP F 80 36.87 -57.89 -15.18
N LEU F 81 35.60 -57.79 -15.57
CA LEU F 81 35.18 -58.10 -16.92
C LEU F 81 34.39 -56.94 -17.51
N ARG F 82 34.47 -56.82 -18.84
CA ARG F 82 33.77 -55.77 -19.57
C ARG F 82 33.21 -56.34 -20.85
N VAL F 83 31.99 -55.94 -21.18
CA VAL F 83 31.34 -56.37 -22.42
C VAL F 83 31.54 -55.28 -23.46
N SER F 84 32.43 -55.52 -24.41
CA SER F 84 32.66 -54.58 -25.50
C SER F 84 31.73 -54.91 -26.65
N GLY F 85 30.75 -54.03 -26.91
CA GLY F 85 29.78 -54.28 -27.93
C GLY F 85 28.37 -54.40 -27.39
N THR F 86 27.59 -55.35 -27.90
CA THR F 86 26.20 -55.51 -27.51
C THR F 86 26.06 -56.76 -26.65
N GLY F 87 25.41 -56.61 -25.51
CA GLY F 87 25.17 -57.72 -24.61
C GLY F 87 25.33 -57.31 -23.17
N PHE F 88 24.60 -57.99 -22.29
CA PHE F 88 24.64 -57.74 -20.86
C PHE F 88 25.03 -59.02 -20.12
N PHE F 89 25.75 -58.85 -19.01
CA PHE F 89 25.97 -59.96 -18.10
C PHE F 89 24.65 -60.38 -17.46
N ALA F 90 24.54 -61.67 -17.16
CA ALA F 90 23.37 -62.21 -16.49
C ALA F 90 23.76 -62.68 -15.10
N VAL F 91 23.08 -62.16 -14.08
CA VAL F 91 23.38 -62.48 -12.69
C VAL F 91 22.10 -62.96 -12.02
N ALA F 92 22.22 -63.96 -11.16
CA ALA F 92 21.08 -64.54 -10.46
C ALA F 92 21.11 -64.14 -8.99
N LYS F 93 19.93 -63.83 -8.45
CA LYS F 93 19.85 -63.44 -7.04
C LYS F 93 20.28 -64.60 -6.13
N GLU F 94 19.84 -65.81 -6.44
CA GLU F 94 20.14 -66.98 -5.64
C GLU F 94 20.77 -68.06 -6.52
N ARG F 95 21.65 -68.86 -5.91
CA ARG F 95 22.35 -69.90 -6.65
C ARG F 95 21.39 -70.95 -7.18
N LEU F 96 20.39 -71.33 -6.39
CA LEU F 96 19.50 -72.44 -6.73
C LEU F 96 18.35 -72.02 -7.64
N THR F 97 18.25 -70.74 -8.00
CA THR F 97 17.20 -70.26 -8.89
C THR F 97 17.84 -69.44 -10.01
N PRO F 98 18.51 -70.11 -10.96
CA PRO F 98 19.06 -69.37 -12.10
C PRO F 98 18.02 -68.70 -12.97
N GLN F 99 16.76 -69.15 -12.89
CA GLN F 99 15.71 -68.54 -13.70
C GLN F 99 15.52 -67.06 -13.33
N GLN F 100 15.51 -66.76 -12.04
CA GLN F 100 15.34 -65.38 -11.57
C GLN F 100 16.66 -64.65 -11.73
N ASN F 101 16.79 -63.90 -12.82
CA ASN F 101 18.06 -63.25 -13.16
C ASN F 101 17.81 -61.82 -13.60
N GLU F 102 18.86 -61.02 -13.53
CA GLU F 102 18.83 -59.63 -13.96
C GLU F 102 20.07 -59.32 -14.78
N LEU F 103 19.95 -58.31 -15.63
CA LEU F 103 21.02 -57.94 -16.54
C LEU F 103 21.85 -56.79 -15.96
N THR F 104 23.16 -56.84 -16.18
CA THR F 104 24.05 -55.82 -15.66
C THR F 104 25.16 -55.58 -16.68
N ARG F 105 25.97 -54.55 -16.39
CA ARG F 105 27.10 -54.21 -17.24
C ARG F 105 28.42 -54.09 -16.51
N ASN F 106 28.42 -53.84 -15.20
CA ASN F 106 29.66 -53.78 -14.46
C ASN F 106 30.23 -55.17 -14.25
N GLY F 107 31.55 -55.25 -14.11
CA GLY F 107 32.20 -56.55 -13.99
C GLY F 107 33.06 -56.73 -12.77
N ALA F 108 32.70 -56.10 -11.67
CA ALA F 108 33.44 -56.23 -10.41
C ALA F 108 33.10 -57.58 -9.79
N PHE F 109 33.81 -58.62 -10.23
CA PHE F 109 33.54 -59.98 -9.79
C PHE F 109 34.63 -60.47 -8.84
N HIS F 110 34.23 -61.41 -7.97
CA HIS F 110 35.16 -62.03 -7.04
C HIS F 110 34.56 -63.35 -6.58
N LEU F 111 35.43 -64.22 -6.06
CA LEU F 111 35.01 -65.52 -5.55
C LEU F 111 34.44 -65.38 -4.15
N ASN F 112 33.30 -66.02 -3.91
CA ASN F 112 32.70 -66.05 -2.58
C ASN F 112 33.30 -67.21 -1.79
N LYS F 113 32.73 -67.50 -0.62
CA LYS F 113 33.26 -68.58 0.21
C LYS F 113 33.03 -69.96 -0.41
N GLU F 114 32.17 -70.05 -1.42
CA GLU F 114 31.92 -71.31 -2.12
C GLU F 114 32.67 -71.38 -3.45
N ASN F 115 33.56 -70.43 -3.72
CA ASN F 115 34.32 -70.38 -4.97
C ASN F 115 33.40 -70.22 -6.18
N TYR F 116 32.40 -69.36 -6.04
CA TYR F 116 31.55 -68.95 -7.16
C TYR F 116 31.82 -67.50 -7.49
N MET F 117 31.78 -67.16 -8.79
CA MET F 117 31.98 -65.79 -9.21
C MET F 117 30.72 -64.99 -8.93
N VAL F 118 30.83 -63.97 -8.08
CA VAL F 118 29.69 -63.18 -7.65
C VAL F 118 30.01 -61.71 -7.83
N THR F 119 28.96 -60.89 -7.82
CA THR F 119 29.10 -59.45 -7.94
C THR F 119 29.39 -58.86 -6.57
N ALA F 120 29.32 -57.53 -6.46
CA ALA F 120 29.54 -56.88 -5.17
C ALA F 120 28.48 -57.29 -4.15
N ASN F 121 27.23 -57.41 -4.59
CA ASN F 121 26.12 -57.77 -3.71
C ASN F 121 25.94 -59.28 -3.57
N ASP F 122 26.98 -60.06 -3.86
CA ASP F 122 26.93 -61.52 -3.73
C ASP F 122 25.79 -62.11 -4.57
N GLU F 123 25.68 -61.64 -5.81
CA GLU F 123 24.76 -62.20 -6.78
C GLU F 123 25.55 -63.06 -7.76
N PHE F 124 25.16 -64.32 -7.87
CA PHE F 124 25.93 -65.28 -8.66
C PHE F 124 25.89 -64.94 -10.14
N LEU F 125 27.02 -65.10 -10.81
CA LEU F 125 27.12 -64.82 -12.24
C LEU F 125 26.74 -66.07 -13.02
N LEU F 126 25.81 -65.91 -13.96
CA LEU F 126 25.29 -67.02 -14.73
C LEU F 126 26.23 -67.36 -15.88
N GLY F 127 26.43 -68.67 -16.11
CA GLY F 127 27.31 -69.13 -17.15
C GLY F 127 26.81 -70.42 -17.76
N TYR F 128 27.50 -70.84 -18.82
CA TYR F 128 27.15 -72.05 -19.54
C TYR F 128 28.00 -73.22 -19.06
N GLN F 129 27.79 -74.38 -19.67
CA GLN F 129 28.57 -75.59 -19.39
C GLN F 129 29.08 -76.15 -20.70
N VAL F 130 30.39 -76.09 -20.92
CA VAL F 130 30.97 -76.51 -22.17
C VAL F 130 31.35 -77.99 -22.10
N ASP F 131 31.52 -78.60 -23.26
CA ASP F 131 31.92 -80.00 -23.36
C ASP F 131 33.40 -80.14 -23.03
N PRO F 132 33.83 -81.32 -22.55
CA PRO F 132 35.25 -81.51 -22.22
C PRO F 132 36.16 -81.29 -23.41
N SER F 133 35.89 -81.94 -24.54
CA SER F 133 36.72 -81.81 -25.73
C SER F 133 36.15 -80.83 -26.74
N SER F 134 34.86 -80.96 -27.06
CA SER F 134 34.23 -80.05 -28.01
C SER F 134 34.13 -78.65 -27.40
N GLY F 135 34.63 -77.65 -28.14
CA GLY F 135 34.56 -76.28 -27.67
C GLY F 135 33.14 -75.76 -27.57
N GLU F 136 32.25 -76.23 -28.45
CA GLU F 136 30.87 -75.77 -28.43
C GLU F 136 30.19 -76.15 -27.12
N VAL F 137 29.39 -75.23 -26.60
CA VAL F 137 28.63 -75.47 -25.38
C VAL F 137 27.43 -76.34 -25.71
N SER F 138 27.20 -77.38 -24.89
CA SER F 138 26.12 -78.31 -25.17
C SER F 138 24.76 -77.72 -24.80
N SER F 139 24.56 -77.40 -23.53
CA SER F 139 23.27 -76.90 -23.07
C SER F 139 23.33 -75.39 -22.86
N TYR F 140 22.28 -74.70 -23.31
CA TYR F 140 22.21 -73.25 -23.24
C TYR F 140 21.53 -72.74 -21.98
N GLU F 141 21.18 -73.63 -21.05
CA GLU F 141 20.60 -73.13 -19.82
C GLU F 141 21.66 -72.44 -18.96
N PRO F 142 21.29 -71.36 -18.29
CA PRO F 142 22.25 -70.67 -17.42
C PRO F 142 22.41 -71.35 -16.08
N GLN F 143 23.63 -71.40 -15.58
CA GLN F 143 23.93 -71.96 -14.28
C GLN F 143 25.07 -71.15 -13.65
N PRO F 144 25.15 -71.13 -12.32
CA PRO F 144 26.24 -70.41 -11.66
C PRO F 144 27.60 -70.97 -12.06
N ILE F 145 28.58 -70.08 -12.14
CA ILE F 145 29.94 -70.46 -12.51
C ILE F 145 30.72 -70.81 -11.25
N ASN F 146 31.27 -72.01 -11.21
CA ASN F 146 32.06 -72.49 -10.08
C ASN F 146 33.49 -72.70 -10.52
N ILE F 147 34.43 -72.34 -9.64
CA ILE F 147 35.85 -72.49 -9.94
C ILE F 147 36.46 -73.38 -8.86
N PRO F 148 36.43 -74.69 -9.05
CA PRO F 148 36.93 -75.59 -7.99
C PRO F 148 38.42 -75.39 -7.76
N ALA F 149 38.83 -75.62 -6.52
CA ALA F 149 40.24 -75.52 -6.16
C ALA F 149 40.99 -76.83 -6.34
N GLU F 150 40.30 -77.91 -6.69
CA GLU F 150 40.93 -79.20 -6.85
C GLU F 150 40.36 -79.92 -8.07
N PHE F 151 41.24 -80.59 -8.81
CA PHE F 151 40.84 -81.46 -9.92
C PHE F 151 40.55 -82.85 -9.34
N GLY F 152 39.49 -82.91 -8.54
CA GLY F 152 39.21 -84.09 -7.75
C GLY F 152 38.63 -85.27 -8.51
N LYS F 153 39.34 -85.74 -9.52
CA LYS F 153 38.92 -86.91 -10.27
C LYS F 153 40.10 -87.50 -11.03
N PRO F 154 40.86 -88.41 -10.42
CA PRO F 154 41.97 -89.06 -11.15
C PRO F 154 41.46 -89.76 -12.40
N LYS F 155 41.89 -89.29 -13.56
CA LYS F 155 41.42 -89.80 -14.84
C LYS F 155 42.37 -90.88 -15.33
N GLN F 156 41.85 -92.09 -15.52
CA GLN F 156 42.67 -93.21 -15.97
C GLN F 156 43.09 -93.01 -17.42
N THR F 157 44.22 -93.61 -17.77
CA THR F 157 44.72 -93.55 -19.13
C THR F 157 43.88 -94.48 -20.01
N ALA F 158 43.34 -93.95 -21.10
CA ALA F 158 42.48 -94.74 -21.98
C ALA F 158 43.00 -94.73 -23.41
N ASN F 159 43.46 -93.58 -23.89
CA ASN F 159 43.91 -93.43 -25.25
C ASN F 159 45.34 -92.92 -25.27
N ILE F 160 46.22 -93.61 -25.99
CA ILE F 160 47.62 -93.23 -26.13
C ILE F 160 47.91 -93.05 -27.61
N GLU F 161 48.32 -91.84 -28.00
CA GLU F 161 48.71 -91.55 -29.37
C GLU F 161 50.23 -91.51 -29.43
N VAL F 162 50.81 -92.34 -30.30
CA VAL F 162 52.26 -92.46 -30.43
C VAL F 162 52.62 -92.16 -31.88
N GLY F 163 53.55 -91.22 -32.07
CA GLY F 163 54.07 -90.94 -33.39
C GLY F 163 55.58 -91.11 -33.44
N VAL F 164 56.06 -92.11 -34.17
CA VAL F 164 57.48 -92.44 -34.21
C VAL F 164 57.94 -92.52 -35.66
N ASN F 165 59.25 -92.39 -35.84
CA ASN F 165 59.90 -92.61 -37.12
C ASN F 165 60.79 -93.84 -37.01
N LEU F 166 60.54 -94.83 -37.86
CA LEU F 166 61.36 -96.02 -37.67
C LEU F 166 62.48 -96.07 -38.69
N PRO F 167 63.68 -96.49 -38.27
CA PRO F 167 64.81 -96.56 -39.22
C PRO F 167 64.59 -97.65 -40.26
N ALA F 168 64.56 -97.25 -41.52
CA ALA F 168 64.38 -98.20 -42.61
C ALA F 168 65.62 -99.08 -42.82
N ASN F 169 66.78 -98.61 -42.40
CA ASN F 169 68.03 -99.35 -42.55
C ASN F 169 68.36 -100.20 -41.33
N GLY F 170 67.43 -100.32 -40.37
CA GLY F 170 67.69 -101.14 -39.21
C GLY F 170 67.83 -102.61 -39.58
N ASP F 171 68.60 -103.32 -38.76
CA ASP F 171 68.85 -104.74 -39.03
C ASP F 171 67.60 -105.57 -38.78
N LEU F 172 67.43 -106.60 -39.59
CA LEU F 172 66.27 -107.47 -39.45
C LEU F 172 66.40 -108.35 -38.22
N LYS F 173 65.25 -108.76 -37.68
CA LYS F 173 65.19 -109.58 -36.48
C LYS F 173 64.22 -110.73 -36.70
N ASP F 174 64.35 -111.76 -35.87
CA ASP F 174 63.51 -112.94 -35.97
C ASP F 174 62.23 -112.72 -35.19
N PRO F 175 61.06 -112.72 -35.84
CA PRO F 175 59.80 -112.53 -35.07
C PRO F 175 59.57 -113.60 -34.03
N THR F 176 59.96 -114.85 -34.31
CA THR F 176 59.69 -115.94 -33.38
C THR F 176 60.65 -115.93 -32.20
N GLN F 177 61.75 -115.19 -32.28
CA GLN F 177 62.75 -115.15 -31.22
C GLN F 177 62.59 -113.93 -30.32
N PHE F 178 61.46 -113.24 -30.41
CA PHE F 178 61.27 -112.02 -29.62
C PHE F 178 61.18 -112.36 -28.14
N ASP F 179 61.86 -111.56 -27.32
CA ASP F 179 61.80 -111.70 -25.86
C ASP F 179 62.20 -110.37 -25.26
N PHE F 180 61.31 -109.76 -24.46
CA PHE F 180 61.60 -108.45 -23.89
C PHE F 180 62.76 -108.49 -22.91
N SER F 181 63.10 -109.67 -22.38
CA SER F 181 64.22 -109.77 -21.46
C SER F 181 65.57 -109.65 -22.14
N ASP F 182 65.65 -109.96 -23.43
CA ASP F 182 66.90 -109.89 -24.17
C ASP F 182 66.89 -108.70 -25.12
N PRO F 183 67.73 -107.69 -24.91
CA PRO F 183 67.70 -106.51 -25.78
C PRO F 183 67.97 -106.81 -27.24
N ASP F 184 68.82 -107.79 -27.54
CA ASP F 184 69.23 -108.05 -28.91
C ASP F 184 68.13 -108.67 -29.76
N THR F 185 67.08 -109.22 -29.15
CA THR F 185 66.03 -109.85 -29.92
C THR F 185 65.21 -108.83 -30.71
N TYR F 186 65.11 -107.60 -30.21
CA TYR F 186 64.34 -106.56 -30.86
C TYR F 186 65.27 -105.44 -31.31
N ASN F 187 64.68 -104.36 -31.84
CA ASN F 187 65.44 -103.23 -32.37
C ASN F 187 65.51 -102.07 -31.37
N ARG F 188 64.34 -101.55 -30.95
CA ARG F 188 64.29 -100.36 -30.11
C ARG F 188 63.27 -100.58 -28.99
N SER F 189 63.46 -99.81 -27.92
CA SER F 189 62.57 -99.87 -26.77
C SER F 189 62.38 -98.46 -26.23
N THR F 190 61.13 -98.12 -25.92
CA THR F 190 60.80 -96.82 -25.34
C THR F 190 59.95 -97.02 -24.10
N SER F 191 60.07 -96.09 -23.16
CA SER F 191 59.36 -96.15 -21.89
C SER F 191 58.46 -94.94 -21.73
N SER F 192 57.34 -95.15 -21.03
CA SER F 192 56.36 -94.09 -20.85
C SER F 192 55.59 -94.35 -19.55
N THR F 193 54.82 -93.35 -19.13
CA THR F 193 54.08 -93.40 -17.89
C THR F 193 52.58 -93.38 -18.16
N ILE F 194 51.84 -94.23 -17.46
CA ILE F 194 50.40 -94.30 -17.56
C ILE F 194 49.80 -94.26 -16.16
N TYR F 195 48.52 -93.94 -16.09
CA TYR F 195 47.81 -93.79 -14.82
C TYR F 195 46.54 -94.63 -14.83
N ASP F 196 46.25 -95.25 -13.69
CA ASP F 196 45.07 -96.09 -13.54
C ASP F 196 43.92 -95.25 -12.97
N SER F 197 42.88 -95.93 -12.49
CA SER F 197 41.72 -95.22 -11.95
C SER F 197 42.08 -94.43 -10.70
N MET F 198 42.90 -95.01 -9.82
CA MET F 198 43.26 -94.36 -8.57
C MET F 198 44.42 -93.38 -8.71
N GLY F 199 44.95 -93.22 -9.92
CA GLY F 199 46.05 -92.31 -10.14
C GLY F 199 47.43 -92.89 -9.91
N GLN F 200 47.53 -94.19 -9.66
CA GLN F 200 48.84 -94.82 -9.50
C GLN F 200 49.61 -94.75 -10.81
N SER F 201 50.90 -94.43 -10.71
CA SER F 201 51.76 -94.31 -11.88
C SER F 201 52.34 -95.67 -12.23
N TYR F 202 52.24 -96.04 -13.51
CA TYR F 202 52.79 -97.28 -14.01
C TYR F 202 53.68 -96.99 -15.22
N LYS F 203 54.69 -97.83 -15.41
CA LYS F 203 55.66 -97.66 -16.48
C LYS F 203 55.28 -98.57 -17.65
N LEU F 204 55.06 -97.96 -18.81
CA LEU F 204 54.71 -98.68 -20.02
C LEU F 204 55.92 -98.71 -20.95
N THR F 205 56.34 -99.90 -21.34
CA THR F 205 57.48 -100.09 -22.23
C THR F 205 57.02 -100.66 -23.56
N THR F 206 57.41 -100.01 -24.64
CA THR F 206 57.05 -100.42 -25.99
C THR F 206 58.29 -100.91 -26.72
N TYR F 207 58.20 -102.11 -27.30
CA TYR F 207 59.30 -102.73 -28.04
C TYR F 207 58.96 -102.78 -29.52
N TYR F 208 59.89 -102.31 -30.35
CA TYR F 208 59.73 -102.31 -31.79
C TYR F 208 60.67 -103.32 -32.41
N LEU F 209 60.13 -104.20 -33.25
CA LEU F 209 60.89 -105.26 -33.90
C LEU F 209 60.67 -105.20 -35.40
N LYS F 210 61.75 -105.23 -36.16
CA LYS F 210 61.68 -105.19 -37.62
C LYS F 210 61.60 -106.62 -38.15
N ASP F 211 60.54 -106.90 -38.91
CA ASP F 211 60.34 -108.24 -39.44
C ASP F 211 61.36 -108.55 -40.52
N GLN F 212 61.86 -109.79 -40.50
CA GLN F 212 62.82 -110.25 -41.50
C GLN F 212 62.15 -110.94 -42.67
N THR F 213 61.07 -111.68 -42.42
CA THR F 213 60.39 -112.40 -43.50
C THR F 213 59.77 -111.44 -44.51
N GLN F 214 59.13 -110.37 -44.02
CA GLN F 214 58.41 -109.44 -44.89
C GLN F 214 59.09 -108.08 -44.87
N PRO F 215 59.45 -107.52 -46.02
CA PRO F 215 60.05 -106.19 -46.03
C PRO F 215 59.04 -105.12 -45.62
N ASN F 216 59.57 -104.05 -45.02
CA ASN F 216 58.75 -102.92 -44.57
C ASN F 216 57.63 -103.36 -43.63
N THR F 217 57.94 -104.28 -42.73
CA THR F 217 56.98 -104.77 -41.76
C THR F 217 57.63 -104.76 -40.38
N TRP F 218 56.88 -104.31 -39.38
CA TRP F 218 57.38 -104.19 -38.03
C TRP F 218 56.40 -104.83 -37.05
N ASN F 219 56.95 -105.32 -35.94
CA ASN F 219 56.17 -105.90 -34.86
C ASN F 219 56.35 -105.06 -33.60
N THR F 220 55.25 -104.80 -32.92
CA THR F 220 55.24 -103.95 -31.74
C THR F 220 54.65 -104.71 -30.57
N TYR F 221 55.33 -104.65 -29.42
CA TYR F 221 54.91 -105.32 -28.21
C TYR F 221 54.91 -104.35 -27.05
N TYR F 222 54.09 -104.64 -26.04
CA TYR F 222 53.92 -103.76 -24.89
C TYR F 222 54.08 -104.55 -23.60
N THR F 223 54.71 -103.92 -22.61
CA THR F 223 54.85 -104.47 -21.28
C THR F 223 54.56 -103.40 -20.25
N VAL F 224 54.05 -103.81 -19.10
CA VAL F 224 53.71 -102.92 -17.99
C VAL F 224 54.57 -103.29 -16.81
N THR F 225 55.24 -102.31 -16.23
CA THR F 225 56.20 -102.53 -15.14
C THR F 225 55.58 -102.01 -13.84
N ASP F 226 55.01 -102.92 -13.05
CA ASP F 226 54.51 -102.60 -11.72
C ASP F 226 55.59 -102.92 -10.69
N LYS F 227 55.24 -102.79 -9.40
CA LYS F 227 56.19 -103.07 -8.35
C LYS F 227 56.57 -104.54 -8.31
N GLU F 228 55.63 -105.44 -8.67
CA GLU F 228 55.93 -106.86 -8.68
C GLU F 228 56.99 -107.19 -9.72
N GLY F 229 56.88 -106.60 -10.90
CA GLY F 229 57.83 -106.87 -11.97
C GLY F 229 57.30 -106.37 -13.29
N GLU F 230 57.96 -106.81 -14.36
CA GLU F 230 57.60 -106.43 -15.72
C GLU F 230 56.74 -107.53 -16.34
N LYS F 231 55.46 -107.24 -16.55
CA LYS F 231 54.52 -108.21 -17.08
C LYS F 231 54.13 -107.84 -18.50
N PRO F 232 54.19 -108.79 -19.43
CA PRO F 232 53.81 -108.49 -20.81
C PRO F 232 52.33 -108.18 -20.94
N LEU F 233 52.00 -107.33 -21.91
CA LEU F 233 50.63 -106.96 -22.23
C LEU F 233 50.29 -107.43 -23.63
N ASN F 234 49.16 -108.10 -23.77
CA ASN F 234 48.74 -108.67 -25.05
C ASN F 234 47.65 -107.82 -25.69
N VAL F 235 47.68 -107.76 -27.01
CA VAL F 235 46.67 -107.04 -27.78
C VAL F 235 45.47 -107.95 -27.98
N ALA F 236 44.28 -107.35 -28.10
CA ALA F 236 43.06 -108.14 -28.21
C ALA F 236 43.06 -109.02 -29.46
N ALA F 237 43.42 -108.43 -30.61
CA ALA F 237 43.40 -109.15 -31.88
C ALA F 237 44.68 -108.91 -32.68
N GLY F 238 45.80 -108.75 -31.98
CA GLY F 238 47.05 -108.51 -32.67
C GLY F 238 47.52 -109.75 -33.44
N ASP F 239 48.00 -109.53 -34.65
CA ASP F 239 48.45 -110.60 -35.52
C ASP F 239 49.95 -110.84 -35.41
N ALA F 240 50.44 -111.01 -34.18
CA ALA F 240 51.85 -111.33 -33.95
C ALA F 240 51.94 -112.16 -32.66
N GLN F 241 51.97 -113.48 -32.83
CA GLN F 241 51.95 -114.41 -31.71
C GLN F 241 53.31 -115.07 -31.58
N THR F 242 54.05 -114.71 -30.54
CA THR F 242 55.31 -115.36 -30.24
C THR F 242 55.06 -116.75 -29.67
N PRO F 243 56.05 -117.66 -29.74
CA PRO F 243 55.88 -118.98 -29.14
C PRO F 243 55.55 -118.93 -27.65
N THR F 244 56.10 -117.96 -26.92
CA THR F 244 55.80 -117.85 -25.49
C THR F 244 54.32 -117.56 -25.26
N GLY F 245 53.73 -116.70 -26.07
CA GLY F 245 52.33 -116.37 -25.93
C GLY F 245 52.05 -114.88 -26.00
N HIS F 246 53.11 -114.07 -25.98
CA HIS F 246 52.97 -112.62 -26.08
C HIS F 246 52.39 -112.24 -27.43
N VAL F 247 51.40 -111.36 -27.42
CA VAL F 247 50.66 -110.98 -28.63
C VAL F 247 50.92 -109.50 -28.90
N GLY F 248 51.59 -109.22 -30.02
CA GLY F 248 51.77 -107.88 -30.50
C GLY F 248 50.96 -107.61 -31.75
N HIS F 249 51.25 -106.48 -32.39
CA HIS F 249 50.56 -106.08 -33.61
C HIS F 249 51.58 -105.72 -34.67
N THR F 250 51.15 -105.84 -35.93
CA THR F 250 52.03 -105.65 -37.08
C THR F 250 51.77 -104.29 -37.72
N MET F 251 52.84 -103.62 -38.13
CA MET F 251 52.78 -102.34 -38.80
C MET F 251 53.41 -102.47 -40.18
N LYS F 252 52.70 -102.00 -41.21
CA LYS F 252 53.17 -102.08 -42.58
C LYS F 252 53.26 -100.68 -43.18
N PHE F 253 54.22 -100.49 -44.07
CA PHE F 253 54.48 -99.20 -44.68
C PHE F 253 54.53 -99.34 -46.19
N ASN F 254 54.23 -98.24 -46.88
CA ASN F 254 54.25 -98.21 -48.34
C ASN F 254 55.68 -98.00 -48.82
N ASN F 255 55.85 -97.84 -50.14
CA ASN F 255 57.19 -97.60 -50.68
C ASN F 255 57.74 -96.27 -50.23
N ASP F 256 56.91 -95.22 -50.21
CA ASP F 256 57.36 -93.89 -49.83
C ASP F 256 57.58 -93.73 -48.34
N GLY F 257 57.41 -94.80 -47.55
CA GLY F 257 57.63 -94.74 -46.13
C GLY F 257 56.43 -94.34 -45.31
N THR F 258 55.33 -93.95 -45.95
CA THR F 258 54.12 -93.58 -45.22
C THR F 258 53.47 -94.85 -44.64
N LEU F 259 52.55 -94.64 -43.71
CA LEU F 259 51.86 -95.74 -43.05
C LEU F 259 50.92 -96.42 -44.03
N ALA F 260 50.96 -97.76 -44.07
CA ALA F 260 50.09 -98.53 -44.95
C ALA F 260 48.93 -99.18 -44.19
N SER F 261 49.24 -99.95 -43.15
CA SER F 261 48.21 -100.64 -42.38
C SER F 261 48.71 -100.89 -40.97
N LEU F 262 47.77 -101.02 -40.04
CA LEU F 262 48.06 -101.28 -38.64
C LEU F 262 47.20 -102.43 -38.16
N ASN F 263 47.86 -103.54 -37.80
CA ASN F 263 47.16 -104.73 -37.26
C ASN F 263 46.06 -105.18 -38.20
N ASN F 264 46.40 -105.32 -39.48
CA ASN F 264 45.45 -105.72 -40.53
C ASN F 264 44.26 -104.78 -40.63
N GLY F 265 44.49 -103.49 -40.38
CA GLY F 265 43.42 -102.52 -40.45
C GLY F 265 42.49 -102.51 -39.26
N GLN F 266 42.79 -103.28 -38.21
CA GLN F 266 41.93 -103.34 -37.04
C GLN F 266 42.41 -102.37 -35.97
N PRO F 267 41.50 -101.85 -35.14
CA PRO F 267 41.92 -100.98 -34.04
C PRO F 267 42.77 -101.74 -33.03
N ILE F 268 43.72 -101.04 -32.43
CA ILE F 268 44.64 -101.62 -31.47
C ILE F 268 44.09 -101.35 -30.08
N THR F 269 43.52 -102.38 -29.45
CA THR F 269 43.02 -102.31 -28.09
C THR F 269 43.68 -103.39 -27.26
N SER F 270 44.29 -103.01 -26.14
CA SER F 270 44.93 -103.97 -25.27
C SER F 270 43.89 -104.67 -24.39
N VAL F 271 44.28 -105.81 -23.85
CA VAL F 271 43.43 -106.56 -22.93
C VAL F 271 43.39 -105.84 -21.60
N ALA F 272 42.47 -106.25 -20.73
CA ALA F 272 42.39 -105.64 -19.40
C ALA F 272 43.67 -105.90 -18.62
N LEU F 273 44.17 -104.85 -17.95
CA LEU F 273 45.44 -104.97 -17.25
C LEU F 273 45.34 -105.90 -16.05
N GLY F 274 44.28 -105.76 -15.26
CA GLY F 274 44.19 -106.47 -14.00
C GLY F 274 43.14 -107.56 -13.94
N ASP F 275 42.64 -107.99 -15.09
CA ASP F 275 41.61 -109.02 -15.12
C ASP F 275 42.24 -110.36 -15.44
N PRO F 276 42.30 -111.31 -14.51
CA PRO F 276 42.88 -112.62 -14.82
C PRO F 276 42.10 -113.41 -15.85
N ALA F 277 40.81 -113.11 -16.05
CA ALA F 277 39.99 -113.85 -17.00
C ALA F 277 40.38 -113.60 -18.44
N THR F 278 41.02 -112.47 -18.73
CA THR F 278 41.43 -112.15 -20.10
C THR F 278 42.91 -111.89 -20.26
N ASN F 279 43.70 -111.92 -19.18
CA ASN F 279 45.14 -111.73 -19.25
C ASN F 279 45.81 -112.88 -18.52
N THR F 280 46.81 -113.48 -19.17
CA THR F 280 47.58 -114.54 -18.52
C THR F 280 48.55 -113.99 -17.48
N THR F 281 48.88 -112.71 -17.55
CA THR F 281 49.75 -112.05 -16.58
C THR F 281 49.05 -110.78 -16.11
N PRO F 282 48.11 -110.91 -15.17
CA PRO F 282 47.36 -109.73 -14.71
C PRO F 282 48.28 -108.74 -14.00
N VAL F 283 48.10 -107.46 -14.34
CA VAL F 283 48.88 -106.40 -13.70
C VAL F 283 48.32 -106.13 -12.31
N ASP F 284 49.20 -105.96 -11.33
CA ASP F 284 48.78 -105.71 -9.97
C ASP F 284 48.25 -104.29 -9.81
N MET F 285 46.93 -104.13 -9.96
CA MET F 285 46.32 -102.81 -9.86
C MET F 285 46.34 -102.26 -8.44
N ASN F 286 46.56 -103.12 -7.44
CA ASN F 286 46.63 -102.71 -6.03
C ASN F 286 45.35 -101.98 -5.60
N GLY F 287 44.20 -102.48 -6.05
CA GLY F 287 42.92 -101.89 -5.71
C GLY F 287 42.31 -101.04 -6.80
N ALA F 288 43.04 -100.77 -7.88
CA ALA F 288 42.49 -99.99 -8.97
C ALA F 288 41.55 -100.85 -9.81
N ASP F 289 40.93 -100.22 -10.82
CA ASP F 289 40.00 -100.92 -11.67
C ASP F 289 40.73 -101.96 -12.52
N PRO F 290 40.35 -103.24 -12.44
CA PRO F 290 41.05 -104.26 -13.22
C PRO F 290 40.65 -104.29 -14.69
N ALA F 291 39.60 -103.59 -15.08
CA ALA F 291 39.08 -103.65 -16.44
C ALA F 291 39.59 -102.51 -17.31
N GLN F 292 40.65 -101.82 -16.90
CA GLN F 292 41.18 -100.74 -17.71
C GLN F 292 41.73 -101.27 -19.03
N THR F 293 41.43 -100.56 -20.12
CA THR F 293 41.91 -100.92 -21.45
C THR F 293 42.60 -99.73 -22.08
N LEU F 294 43.55 -100.02 -22.96
CA LEU F 294 44.34 -99.00 -23.63
C LEU F 294 44.10 -99.06 -25.13
N ASN F 295 43.86 -97.89 -25.73
CA ASN F 295 43.69 -97.77 -27.17
C ASN F 295 44.89 -97.02 -27.73
N PHE F 296 45.60 -97.64 -28.66
CA PHE F 296 46.81 -97.07 -29.23
C PHE F 296 46.49 -96.51 -30.61
N GLY F 297 46.80 -95.24 -30.82
CA GLY F 297 46.64 -94.63 -32.13
C GLY F 297 47.97 -94.28 -32.76
N LEU F 298 48.35 -95.03 -33.79
CA LEU F 298 49.64 -94.86 -34.45
C LEU F 298 49.45 -94.48 -35.91
N GLY F 299 48.49 -93.58 -36.18
CA GLY F 299 48.21 -93.19 -37.55
C GLY F 299 49.26 -92.29 -38.18
N SER F 300 50.23 -91.82 -37.39
CA SER F 300 51.27 -90.93 -37.89
C SER F 300 52.65 -91.59 -37.88
N ALA F 301 52.71 -92.91 -37.68
CA ALA F 301 54.00 -93.60 -37.72
C ALA F 301 54.56 -93.59 -39.12
N THR F 302 55.87 -93.38 -39.23
CA THR F 302 56.55 -93.32 -40.51
C THR F 302 57.84 -94.11 -40.45
N GLN F 303 58.32 -94.52 -41.63
CA GLN F 303 59.58 -95.24 -41.76
C GLN F 303 60.40 -94.58 -42.85
N PHE F 304 61.46 -93.88 -42.45
CA PHE F 304 62.35 -93.20 -43.39
C PHE F 304 63.79 -93.65 -43.11
N ALA F 305 64.73 -93.00 -43.80
CA ALA F 305 66.14 -93.28 -43.57
C ALA F 305 66.65 -92.68 -42.27
N ALA F 306 65.87 -91.80 -41.65
CA ALA F 306 66.31 -91.17 -40.41
C ALA F 306 66.38 -92.20 -39.28
N PRO F 307 67.24 -91.99 -38.28
CA PRO F 307 67.31 -92.93 -37.16
C PRO F 307 66.04 -92.96 -36.34
N PHE F 308 65.98 -93.87 -35.37
CA PHE F 308 64.79 -93.99 -34.54
C PHE F 308 64.55 -92.71 -33.76
N GLU F 309 63.28 -92.31 -33.69
CA GLU F 309 62.91 -91.07 -33.02
C GLU F 309 61.48 -91.14 -32.54
N LEU F 310 61.24 -90.74 -31.29
CA LEU F 310 59.90 -90.64 -30.72
C LEU F 310 59.44 -89.19 -30.94
N THR F 311 58.82 -88.96 -32.10
CA THR F 311 58.43 -87.59 -32.46
C THR F 311 57.32 -87.07 -31.56
N LYS F 312 56.27 -87.87 -31.37
CA LYS F 312 55.09 -87.42 -30.64
C LYS F 312 54.60 -88.52 -29.71
N PHE F 313 54.25 -88.14 -28.48
CA PHE F 313 53.63 -89.05 -27.53
C PHE F 313 52.58 -88.26 -26.75
N ASP F 314 51.32 -88.66 -26.89
CA ASP F 314 50.21 -87.99 -26.23
C ASP F 314 49.31 -89.02 -25.58
N GLU F 315 48.79 -88.68 -24.40
CA GLU F 315 47.85 -89.55 -23.69
C GLU F 315 46.73 -88.70 -23.13
N ASP F 316 45.77 -89.37 -22.47
CA ASP F 316 44.64 -88.69 -21.85
C ASP F 316 44.57 -88.96 -20.35
N GLY F 317 45.66 -89.46 -19.75
CA GLY F 317 45.68 -89.70 -18.33
C GLY F 317 45.83 -88.42 -17.52
N ALA F 318 45.49 -88.52 -16.24
CA ALA F 318 45.55 -87.38 -15.36
C ALA F 318 45.65 -87.85 -13.91
N THR F 319 46.04 -86.93 -13.05
CA THR F 319 46.18 -87.21 -11.62
C THR F 319 45.57 -86.05 -10.85
N THR F 320 45.48 -86.22 -9.53
CA THR F 320 44.95 -85.16 -8.68
C THR F 320 45.84 -83.93 -8.77
N GLY F 321 45.21 -82.75 -8.72
CA GLY F 321 45.94 -81.51 -8.85
C GLY F 321 45.21 -80.37 -8.18
N PHE F 322 45.87 -79.22 -8.17
CA PHE F 322 45.36 -78.03 -7.51
C PHE F 322 45.32 -76.88 -8.50
N LEU F 323 44.24 -76.10 -8.43
CA LEU F 323 44.07 -74.95 -9.30
C LEU F 323 45.29 -74.04 -9.23
N THR F 324 45.96 -73.88 -10.37
CA THR F 324 47.18 -73.08 -10.44
C THR F 324 46.94 -71.66 -10.94
N LYS F 325 46.24 -71.50 -12.07
CA LYS F 325 45.97 -70.17 -12.58
C LYS F 325 44.64 -70.19 -13.32
N VAL F 326 44.05 -69.00 -13.45
CA VAL F 326 42.76 -68.83 -14.11
C VAL F 326 42.89 -67.66 -15.08
N ASP F 327 42.38 -67.84 -16.29
CA ASP F 327 42.41 -66.79 -17.30
C ASP F 327 41.14 -66.86 -18.14
N PHE F 328 40.84 -65.75 -18.81
CA PHE F 328 39.65 -65.61 -19.63
C PHE F 328 40.07 -65.34 -21.07
N ASP F 329 39.47 -66.07 -22.01
CA ASP F 329 39.73 -65.83 -23.41
C ASP F 329 38.68 -64.89 -23.98
N GLU F 330 38.84 -64.52 -25.26
CA GLU F 330 37.90 -63.60 -25.90
C GLU F 330 36.53 -64.23 -26.05
N ASN F 331 36.46 -65.56 -26.13
CA ASN F 331 35.16 -66.23 -26.22
C ASN F 331 34.41 -66.25 -24.90
N GLY F 332 35.02 -65.79 -23.82
CA GLY F 332 34.40 -65.78 -22.52
C GLY F 332 34.58 -67.04 -21.71
N SER F 333 35.20 -68.08 -22.29
CA SER F 333 35.44 -69.30 -21.55
C SER F 333 36.48 -69.07 -20.47
N VAL F 334 36.17 -69.48 -19.24
CA VAL F 334 37.08 -69.34 -18.13
C VAL F 334 37.85 -70.65 -18.01
N MET F 335 39.14 -70.61 -18.36
CA MET F 335 39.98 -71.79 -18.37
C MET F 335 40.89 -71.78 -17.14
N GLY F 336 41.14 -72.98 -16.62
CA GLY F 336 42.00 -73.11 -15.46
C GLY F 336 42.92 -74.31 -15.56
N THR F 337 44.21 -74.09 -15.26
CA THR F 337 45.20 -75.14 -15.31
C THR F 337 45.51 -75.60 -13.89
N TYR F 338 45.67 -76.90 -13.72
CA TYR F 338 45.94 -77.50 -12.42
C TYR F 338 47.38 -77.99 -12.36
N SER F 339 47.75 -78.53 -11.19
CA SER F 339 49.10 -79.04 -11.01
C SER F 339 49.37 -80.26 -11.88
N ASN F 340 48.33 -81.04 -12.17
CA ASN F 340 48.52 -82.23 -13.01
C ASN F 340 48.91 -81.84 -14.43
N GLY F 341 48.38 -80.73 -14.93
CA GLY F 341 48.68 -80.26 -16.27
C GLY F 341 47.48 -80.11 -17.18
N GLU F 342 46.33 -80.66 -16.81
CA GLU F 342 45.14 -80.56 -17.66
C GLU F 342 44.64 -79.12 -17.72
N ASN F 343 44.26 -78.68 -18.92
CA ASN F 343 43.70 -77.34 -19.12
C ASN F 343 42.17 -77.43 -19.14
N VAL F 344 41.62 -77.70 -17.97
CA VAL F 344 40.18 -77.89 -17.83
C VAL F 344 39.46 -76.57 -18.05
N THR F 345 38.38 -76.59 -18.82
CA THR F 345 37.56 -75.42 -19.06
C THR F 345 36.39 -75.43 -18.08
N LEU F 346 36.40 -74.49 -17.13
CA LEU F 346 35.35 -74.46 -16.11
C LEU F 346 34.00 -74.14 -16.71
N GLY F 347 33.95 -73.21 -17.66
CA GLY F 347 32.70 -72.84 -18.29
C GLY F 347 32.85 -71.60 -19.11
N ARG F 348 31.71 -71.06 -19.53
CA ARG F 348 31.65 -69.80 -20.25
C ARG F 348 30.82 -68.79 -19.47
N VAL F 349 30.91 -67.53 -19.87
CA VAL F 349 30.16 -66.46 -19.24
C VAL F 349 29.01 -66.10 -20.17
N ALA F 350 27.79 -66.22 -19.66
CA ALA F 350 26.60 -65.98 -20.47
C ALA F 350 26.51 -64.51 -20.87
N LEU F 351 25.96 -64.28 -22.05
CA LEU F 351 25.72 -62.94 -22.56
C LEU F 351 24.26 -62.83 -22.97
N VAL F 352 23.60 -61.74 -22.59
CA VAL F 352 22.18 -61.55 -22.82
C VAL F 352 21.97 -60.27 -23.63
N ARG F 353 21.14 -60.37 -24.66
CA ARG F 353 20.78 -59.23 -25.49
C ARG F 353 19.27 -59.18 -25.62
N VAL F 354 18.71 -57.98 -25.53
CA VAL F 354 17.27 -57.79 -25.72
C VAL F 354 17.07 -56.94 -26.97
N PRO F 355 15.99 -57.17 -27.73
CA PRO F 355 15.80 -56.37 -28.96
C PRO F 355 15.63 -54.89 -28.70
N ASN F 356 14.96 -54.53 -27.61
CA ASN F 356 14.69 -53.12 -27.26
C ASN F 356 15.34 -52.85 -25.92
N GLU F 357 16.53 -52.25 -25.94
CA GLU F 357 17.22 -51.93 -24.69
C GLU F 357 16.61 -50.75 -23.98
N GLN F 358 15.88 -49.89 -24.69
CA GLN F 358 15.24 -48.73 -24.07
C GLN F 358 14.07 -49.11 -23.17
N GLY F 359 13.60 -50.35 -23.23
CA GLY F 359 12.41 -50.73 -22.52
C GLY F 359 12.66 -51.54 -21.25
N LEU F 360 13.92 -51.87 -21.01
CA LEU F 360 14.27 -52.57 -19.77
C LEU F 360 13.96 -51.69 -18.58
N ASP F 361 13.29 -52.25 -17.58
CA ASP F 361 13.05 -51.53 -16.34
C ASP F 361 14.32 -51.49 -15.52
N LYS F 362 14.52 -50.39 -14.81
CA LYS F 362 15.77 -50.14 -14.10
C LYS F 362 15.62 -50.58 -12.64
N LYS F 363 16.28 -51.67 -12.29
CA LYS F 363 16.37 -52.08 -10.90
C LYS F 363 17.53 -51.32 -10.24
N GLY F 364 17.67 -51.49 -8.94
CA GLY F 364 18.75 -50.83 -8.24
C GLY F 364 20.09 -51.45 -8.53
N GLY F 365 21.14 -50.70 -8.23
CA GLY F 365 22.50 -51.21 -8.40
C GLY F 365 22.89 -51.48 -9.83
N THR F 366 22.51 -50.60 -10.76
CA THR F 366 22.91 -50.68 -12.16
C THR F 366 22.55 -52.03 -12.76
N GLN F 367 21.30 -52.44 -12.56
CA GLN F 367 20.81 -53.70 -13.07
C GLN F 367 19.47 -53.51 -13.75
N TRP F 368 19.22 -54.33 -14.77
CA TRP F 368 18.02 -54.24 -15.58
C TRP F 368 17.34 -55.61 -15.64
N ASP F 369 16.05 -55.59 -15.96
CA ASP F 369 15.28 -56.80 -16.16
C ASP F 369 14.42 -56.64 -17.40
N SER F 370 14.00 -57.78 -17.95
CA SER F 370 13.24 -57.81 -19.19
C SER F 370 11.75 -57.64 -18.89
N THR F 371 11.16 -56.60 -19.44
CA THR F 371 9.74 -56.35 -19.31
C THR F 371 9.02 -56.71 -20.61
N GLN F 372 7.72 -56.41 -20.66
CA GLN F 372 6.96 -56.65 -21.89
C GLN F 372 7.50 -55.82 -23.04
N PHE F 373 7.78 -54.54 -22.80
CA PHE F 373 8.21 -53.65 -23.88
C PHE F 373 9.59 -54.04 -24.41
N SER F 374 10.50 -54.45 -23.52
CA SER F 374 11.85 -54.78 -23.96
C SER F 374 11.86 -55.98 -24.89
N GLY F 375 11.02 -56.98 -24.63
CA GLY F 375 10.99 -58.20 -25.41
C GLY F 375 11.28 -59.41 -24.53
N ASP F 376 12.10 -60.31 -25.04
CA ASP F 376 12.54 -61.48 -24.30
C ASP F 376 14.05 -61.57 -24.35
N LYS F 377 14.64 -62.09 -23.26
CA LYS F 377 16.08 -62.22 -23.17
C LYS F 377 16.57 -63.24 -24.18
N ILE F 378 17.50 -62.85 -25.03
CA ILE F 378 18.08 -63.72 -26.04
C ILE F 378 19.50 -64.07 -25.60
N TRP F 379 19.72 -65.34 -25.30
CA TRP F 379 21.00 -65.79 -24.76
C TRP F 379 21.97 -66.11 -25.89
N GLY F 380 23.25 -66.06 -25.56
CA GLY F 380 24.28 -66.37 -26.53
C GLY F 380 25.65 -66.37 -25.89
N GLU F 381 26.65 -66.73 -26.68
CA GLU F 381 28.02 -66.75 -26.22
C GLU F 381 28.68 -65.40 -26.50
N SER F 382 29.99 -65.32 -26.32
CA SER F 382 30.74 -64.11 -26.59
C SER F 382 31.32 -64.17 -27.99
N ASN F 383 31.27 -63.05 -28.71
CA ASN F 383 31.76 -62.94 -30.07
C ASN F 383 31.07 -63.96 -30.98
N LYS F 384 29.75 -64.03 -30.87
CA LYS F 384 28.94 -64.92 -31.68
C LYS F 384 27.69 -64.17 -32.14
N GLY F 385 27.37 -64.30 -33.43
CA GLY F 385 26.21 -63.62 -33.95
C GLY F 385 26.35 -62.11 -33.82
N SER F 386 25.36 -61.48 -33.19
CA SER F 386 25.35 -60.04 -33.00
C SER F 386 25.92 -59.61 -31.66
N PHE F 387 26.39 -60.54 -30.85
CA PHE F 387 26.94 -60.21 -29.54
C PHE F 387 28.32 -59.60 -29.67
N GLY F 388 28.78 -58.98 -28.59
CA GLY F 388 30.10 -58.39 -28.52
C GLY F 388 31.11 -59.35 -27.91
N THR F 389 32.26 -58.80 -27.55
CA THR F 389 33.35 -59.56 -26.97
C THR F 389 33.46 -59.27 -25.48
N ILE F 390 34.19 -60.12 -24.79
CA ILE F 390 34.42 -59.99 -23.35
C ILE F 390 35.91 -59.84 -23.11
N ASN F 391 36.30 -58.76 -22.45
CA ASN F 391 37.69 -58.51 -22.10
C ASN F 391 37.84 -58.51 -20.59
N ASN F 392 38.83 -59.24 -20.09
CA ASN F 392 39.13 -59.23 -18.67
C ASN F 392 40.12 -58.11 -18.35
N GLY F 393 40.11 -57.69 -17.09
CA GLY F 393 40.99 -56.62 -16.65
C GLY F 393 40.49 -55.22 -16.93
N MET F 394 39.24 -55.08 -17.38
CA MET F 394 38.68 -53.77 -17.70
C MET F 394 37.34 -53.62 -17.00
N LEU F 395 36.91 -52.37 -16.85
CA LEU F 395 35.61 -52.05 -16.30
C LEU F 395 35.01 -50.89 -17.09
N GLU F 396 33.68 -50.82 -17.07
CA GLU F 396 32.97 -49.76 -17.77
C GLU F 396 32.69 -48.60 -16.82
N GLN F 397 32.99 -47.38 -17.28
CA GLN F 397 32.63 -46.18 -16.56
C GLN F 397 31.30 -45.66 -17.09
N SER F 398 30.79 -44.59 -16.46
CA SER F 398 29.55 -44.01 -16.93
C SER F 398 29.75 -43.35 -18.28
N ASN F 399 28.78 -43.54 -19.17
CA ASN F 399 28.86 -43.01 -20.53
C ASN F 399 28.24 -41.61 -20.58
N ILE F 400 28.85 -40.70 -19.83
CA ILE F 400 28.40 -39.31 -19.75
C ILE F 400 29.56 -38.40 -20.10
N ASP F 401 29.21 -37.18 -20.51
CA ASP F 401 30.18 -36.14 -20.79
C ASP F 401 29.92 -34.98 -19.83
N MET F 402 30.91 -34.66 -19.00
CA MET F 402 30.71 -33.67 -17.95
C MET F 402 30.35 -32.30 -18.53
N THR F 403 31.04 -31.89 -19.59
CA THR F 403 30.77 -30.58 -20.18
C THR F 403 29.34 -30.48 -20.67
N GLN F 404 28.87 -31.52 -21.36
CA GLN F 404 27.50 -31.51 -21.84
C GLN F 404 26.51 -31.47 -20.71
N GLU F 405 26.78 -32.20 -19.62
CA GLU F 405 25.88 -32.19 -18.48
C GLU F 405 25.81 -30.81 -17.85
N LEU F 406 26.95 -30.14 -17.70
CA LEU F 406 26.95 -28.79 -17.12
C LEU F 406 26.20 -27.80 -18.01
N VAL F 407 26.40 -27.90 -19.33
CA VAL F 407 25.68 -27.01 -20.24
C VAL F 407 24.17 -27.26 -20.17
N ASP F 408 23.78 -28.54 -20.10
CA ASP F 408 22.36 -28.87 -19.95
C ASP F 408 21.82 -28.32 -18.64
N LEU F 409 22.62 -28.38 -17.58
CA LEU F 409 22.22 -27.83 -16.28
C LEU F 409 21.92 -26.33 -16.40
N ILE F 410 22.83 -25.60 -17.06
CA ILE F 410 22.64 -24.15 -17.21
C ILE F 410 21.38 -23.87 -18.04
N SER F 411 21.20 -24.61 -19.13
CA SER F 411 20.03 -24.39 -19.98
C SER F 411 18.74 -24.67 -19.24
N ALA F 412 18.71 -25.75 -18.45
CA ALA F 412 17.52 -26.07 -17.67
C ALA F 412 17.24 -25.00 -16.63
N GLN F 413 18.29 -24.47 -15.99
CA GLN F 413 18.07 -23.37 -15.05
C GLN F 413 17.46 -22.16 -15.74
N ARG F 414 17.95 -21.83 -16.93
CA ARG F 414 17.40 -20.69 -17.66
C ARG F 414 15.94 -20.92 -18.01
N ASN F 415 15.60 -22.13 -18.47
CA ASN F 415 14.21 -22.43 -18.79
C ASN F 415 13.31 -22.34 -17.56
N PHE F 416 13.81 -22.84 -16.42
CA PHE F 416 13.05 -22.76 -15.18
C PHE F 416 12.79 -21.31 -14.79
N GLN F 417 13.81 -20.46 -14.92
CA GLN F 417 13.63 -19.05 -14.59
C GLN F 417 12.60 -18.39 -15.51
N ALA F 418 12.64 -18.72 -16.81
CA ALA F 418 11.67 -18.16 -17.74
C ALA F 418 10.24 -18.59 -17.37
N ASN F 419 10.06 -19.86 -17.04
CA ASN F 419 8.74 -20.34 -16.64
C ASN F 419 8.26 -19.66 -15.37
N SER F 420 9.16 -19.47 -14.40
CA SER F 420 8.80 -18.77 -13.18
C SER F 420 8.38 -17.34 -13.47
N ARG F 421 9.08 -16.68 -14.39
CA ARG F 421 8.70 -15.32 -14.77
C ARG F 421 7.30 -15.30 -15.37
N SER F 422 6.99 -16.27 -16.24
CA SER F 422 5.65 -16.33 -16.82
C SER F 422 4.59 -16.54 -15.75
N LEU F 423 4.85 -17.43 -14.80
CA LEU F 423 3.91 -17.66 -13.71
C LEU F 423 3.69 -16.40 -12.88
N GLU F 424 4.78 -15.68 -12.60
CA GLU F 424 4.67 -14.44 -11.86
C GLU F 424 3.83 -13.42 -12.62
N VAL F 425 3.98 -13.36 -13.95
CA VAL F 425 3.18 -12.44 -14.74
C VAL F 425 1.70 -12.80 -14.64
N HIS F 426 1.38 -14.10 -14.72
CA HIS F 426 -0.01 -14.52 -14.60
C HIS F 426 -0.58 -14.11 -13.25
N ASN F 427 0.15 -14.38 -12.17
CA ASN F 427 -0.34 -14.04 -10.84
C ASN F 427 -0.51 -12.53 -10.69
N GLN F 428 0.41 -11.75 -11.24
CA GLN F 428 0.30 -10.30 -11.15
C GLN F 428 -0.94 -9.80 -11.89
N LEU F 429 -1.23 -10.38 -13.06
CA LEU F 429 -2.45 -10.00 -13.78
C LEU F 429 -3.69 -10.30 -12.95
N GLN F 430 -3.74 -11.50 -12.36
CA GLN F 430 -4.92 -11.85 -11.56
C GLN F 430 -5.07 -10.90 -10.36
N GLN F 431 -3.97 -10.62 -9.66
CA GLN F 431 -4.06 -9.71 -8.52
C GLN F 431 -4.40 -8.29 -8.96
N ASN F 432 -4.00 -7.89 -10.16
CA ASN F 432 -4.39 -6.59 -10.68
C ASN F 432 -5.89 -6.53 -10.91
N ILE F 433 -6.47 -7.60 -11.46
CA ILE F 433 -7.92 -7.62 -11.64
C ILE F 433 -8.63 -7.61 -10.29
N LEU F 434 -8.05 -8.29 -9.30
CA LEU F 434 -8.68 -8.36 -7.98
C LEU F 434 -8.93 -6.99 -7.38
N GLN F 435 -8.07 -6.01 -7.69
CA GLN F 435 -8.16 -4.69 -7.08
C GLN F 435 -8.97 -3.73 -7.95
N ILE F 436 -10.24 -4.08 -8.16
CA ILE F 436 -11.15 -3.23 -8.91
C ILE F 436 -12.45 -3.06 -8.15
N SER G 2 -1.86 -21.29 11.30
CA SER G 2 -0.62 -20.55 11.51
C SER G 2 0.29 -21.27 12.50
N TYR G 3 -0.32 -21.95 13.46
CA TYR G 3 0.46 -22.68 14.45
C TYR G 3 1.28 -23.81 13.82
N VAL G 4 0.80 -24.37 12.72
CA VAL G 4 1.58 -25.38 12.00
C VAL G 4 2.84 -24.76 11.44
N SER G 5 2.73 -23.57 10.85
CA SER G 5 3.91 -22.87 10.33
C SER G 5 4.85 -22.49 11.46
N LEU G 6 4.30 -22.11 12.61
CA LEU G 6 5.14 -21.81 13.77
C LEU G 6 5.88 -23.05 14.25
N SER G 7 5.22 -24.21 14.22
CA SER G 7 5.88 -25.46 14.57
C SER G 7 7.00 -25.77 13.58
N GLY G 8 6.75 -25.53 12.29
CA GLY G 8 7.80 -25.72 11.30
C GLY G 8 9.00 -24.81 11.55
N LEU G 9 8.72 -23.54 11.88
CA LEU G 9 9.81 -22.61 12.20
C LEU G 9 10.60 -23.09 13.41
N SER G 10 9.90 -23.55 14.45
CA SER G 10 10.58 -24.03 15.64
C SER G 10 11.45 -25.25 15.34
N ALA G 11 10.93 -26.17 14.53
CA ALA G 11 11.71 -27.35 14.17
C ALA G 11 12.95 -26.97 13.36
N ALA G 12 12.78 -26.08 12.39
CA ALA G 12 13.93 -25.65 11.59
C ALA G 12 14.96 -24.96 12.45
N GLN G 13 14.52 -24.12 13.39
CA GLN G 13 15.47 -23.42 14.25
C GLN G 13 16.17 -24.39 15.20
N LEU G 14 15.47 -25.42 15.67
CA LEU G 14 16.12 -26.43 16.50
C LEU G 14 17.19 -27.18 15.72
N ASP G 15 16.89 -27.55 14.47
CA ASP G 15 17.89 -28.21 13.64
C ASP G 15 19.08 -27.30 13.40
N LEU G 16 18.82 -26.02 13.15
CA LEU G 16 19.88 -25.03 12.96
C LEU G 16 20.75 -24.94 14.20
N ASN G 17 20.13 -24.91 15.37
CA ASN G 17 20.89 -24.81 16.62
C ASN G 17 21.76 -26.04 16.83
N THR G 18 21.22 -27.23 16.56
CA THR G 18 22.02 -28.44 16.71
C THR G 18 23.19 -28.45 15.75
N THR G 19 22.97 -28.04 14.50
CA THR G 19 24.04 -27.99 13.53
C THR G 19 25.11 -26.98 13.94
N SER G 20 24.68 -25.82 14.46
CA SER G 20 25.63 -24.81 14.91
C SER G 20 26.46 -25.33 16.07
N ASN G 21 25.83 -26.05 17.01
CA ASN G 21 26.57 -26.61 18.13
C ASN G 21 27.59 -27.64 17.64
N ASN G 22 27.19 -28.48 16.68
CA ASN G 22 28.12 -29.47 16.13
C ASN G 22 29.30 -28.80 15.45
N ILE G 23 29.04 -27.72 14.71
CA ILE G 23 30.13 -27.00 14.06
C ILE G 23 31.05 -26.36 15.10
N ALA G 24 30.45 -25.77 16.15
CA ALA G 24 31.25 -25.10 17.17
C ALA G 24 32.15 -26.08 17.91
N ASN G 25 31.65 -27.29 18.17
CA ASN G 25 32.42 -28.30 18.89
C ASN G 25 33.37 -29.07 17.98
N ALA G 26 33.75 -28.52 16.82
CA ALA G 26 34.60 -29.24 15.88
C ALA G 26 35.99 -29.55 16.43
N ASN G 27 36.45 -28.82 17.43
CA ASN G 27 37.79 -29.01 17.97
C ASN G 27 37.81 -29.63 19.35
N THR G 28 36.66 -29.72 20.02
CA THR G 28 36.61 -30.33 21.35
C THR G 28 37.01 -31.79 21.29
N TYR G 29 37.87 -32.20 22.23
CA TYR G 29 38.36 -33.57 22.29
C TYR G 29 37.27 -34.49 22.81
N GLY G 30 37.00 -35.57 22.08
CA GLY G 30 36.05 -36.55 22.54
C GLY G 30 34.59 -36.17 22.39
N PHE G 31 34.31 -35.04 21.74
CA PHE G 31 32.93 -34.62 21.54
C PHE G 31 32.21 -35.60 20.63
N LYS G 32 30.91 -35.80 20.89
CA LYS G 32 30.06 -36.65 20.08
C LYS G 32 28.94 -35.80 19.50
N GLU G 33 28.76 -35.90 18.18
CA GLU G 33 27.81 -35.03 17.50
C GLU G 33 26.38 -35.39 17.88
N SER G 34 25.46 -34.50 17.53
CA SER G 34 24.04 -34.66 17.83
C SER G 34 23.24 -34.54 16.55
N ARG G 35 22.12 -35.25 16.50
CA ARG G 35 21.22 -35.24 15.36
C ARG G 35 19.81 -34.96 15.82
N ALA G 36 19.10 -34.12 15.07
CA ALA G 36 17.76 -33.70 15.43
C ALA G 36 16.75 -34.53 14.64
N GLU G 37 15.86 -35.22 15.35
CA GLU G 37 14.84 -36.06 14.75
C GLU G 37 13.47 -35.53 15.12
N PHE G 38 12.58 -35.42 14.15
CA PHE G 38 11.27 -34.82 14.33
C PHE G 38 10.18 -35.84 14.02
N ALA G 39 8.96 -35.49 14.43
CA ALA G 39 7.82 -36.38 14.28
C ALA G 39 6.59 -35.57 13.90
N ASP G 40 5.66 -36.23 13.22
CA ASP G 40 4.41 -35.60 12.83
C ASP G 40 3.47 -35.50 14.01
N VAL G 41 2.52 -34.58 13.90
CA VAL G 41 1.52 -34.33 14.95
C VAL G 41 0.14 -34.57 14.36
N TYR G 42 -0.70 -35.29 15.11
CA TYR G 42 -2.07 -35.51 14.67
C TYR G 42 -2.94 -35.70 15.89
N SER G 43 -4.14 -35.14 15.84
CA SER G 43 -5.07 -35.20 16.96
C SER G 43 -5.65 -36.61 17.11
N ASN G 44 -6.13 -36.91 18.31
CA ASN G 44 -6.73 -38.20 18.63
C ASN G 44 -8.07 -37.99 19.32
N SER G 45 -8.91 -37.14 18.74
CA SER G 45 -10.22 -36.89 19.31
C SER G 45 -11.10 -38.13 19.20
N LEU G 46 -12.05 -38.25 20.13
CA LEU G 46 -12.97 -39.38 20.12
C LEU G 46 -13.86 -39.34 18.88
N PHE G 47 -14.30 -38.15 18.50
CA PHE G 47 -15.10 -37.95 17.30
C PHE G 47 -14.25 -37.18 16.29
N THR G 48 -13.55 -37.93 15.45
CA THR G 48 -12.60 -37.37 14.50
C THR G 48 -13.10 -37.62 13.07
N ASN G 49 -13.09 -36.57 12.24
CA ASN G 49 -13.46 -36.74 10.84
C ASN G 49 -12.39 -37.49 10.06
N ALA G 50 -11.12 -37.37 10.47
CA ALA G 50 -10.00 -38.06 9.85
C ALA G 50 -9.81 -37.65 8.39
N LYS G 51 -10.77 -37.99 7.53
CA LYS G 51 -10.63 -37.69 6.11
C LYS G 51 -10.62 -36.18 5.86
N THR G 52 -11.34 -35.42 6.67
CA THR G 52 -11.49 -33.99 6.47
C THR G 52 -10.63 -33.17 7.44
N THR G 53 -9.71 -33.82 8.15
CA THR G 53 -8.88 -33.12 9.13
C THR G 53 -7.43 -33.12 8.66
N PRO G 54 -6.81 -31.96 8.48
CA PRO G 54 -5.41 -31.92 8.06
C PRO G 54 -4.44 -32.26 9.18
N GLY G 55 -3.16 -32.06 8.93
CA GLY G 55 -2.15 -32.37 9.92
C GLY G 55 -2.15 -31.38 11.08
N GLY G 56 -1.17 -31.57 11.97
CA GLY G 56 -1.06 -30.72 13.14
C GLY G 56 0.31 -30.11 13.32
N GLY G 57 1.13 -30.14 12.27
CA GLY G 57 2.45 -29.54 12.33
C GLY G 57 3.56 -30.55 12.54
N ALA G 58 4.68 -30.10 13.09
CA ALA G 58 5.84 -30.95 13.31
C ALA G 58 6.36 -30.72 14.72
N GLN G 59 6.61 -31.81 15.44
CA GLN G 59 7.07 -31.78 16.81
C GLN G 59 8.43 -32.45 16.91
N ALA G 60 9.34 -31.83 17.67
CA ALA G 60 10.64 -32.44 17.91
C ALA G 60 10.48 -33.71 18.74
N SER G 61 11.11 -34.79 18.28
CA SER G 61 11.03 -36.07 18.97
C SER G 61 12.16 -36.22 19.98
N GLN G 62 13.40 -36.13 19.51
CA GLN G 62 14.56 -36.23 20.38
C GLN G 62 15.77 -35.70 19.65
N VAL G 63 16.78 -35.29 20.42
CA VAL G 63 18.08 -34.93 19.88
C VAL G 63 19.02 -36.10 20.10
N ALA G 64 19.45 -36.73 19.00
CA ALA G 64 20.27 -37.93 19.10
C ALA G 64 21.68 -37.58 19.58
N GLN G 65 22.43 -38.62 19.90
CA GLN G 65 23.78 -38.51 20.44
C GLN G 65 24.71 -39.50 19.74
N GLN G 66 24.70 -39.49 18.41
CA GLN G 66 25.47 -40.41 17.59
C GLN G 66 26.87 -40.62 18.16
N PHE G 67 27.18 -41.87 18.48
CA PHE G 67 28.39 -42.24 19.20
C PHE G 67 29.38 -42.97 18.31
N HIS G 68 29.33 -42.73 17.01
CA HIS G 68 30.26 -43.40 16.10
C HIS G 68 31.68 -42.92 16.36
N GLU G 69 32.64 -43.84 16.22
CA GLU G 69 34.02 -43.54 16.53
C GLU G 69 34.52 -42.36 15.71
N GLY G 70 35.18 -41.42 16.40
CA GLY G 70 35.79 -40.30 15.72
C GLY G 70 37.23 -40.56 15.34
N SER G 71 37.80 -39.66 14.56
CA SER G 71 39.18 -39.79 14.15
C SER G 71 40.10 -39.51 15.34
N SER G 72 41.34 -39.97 15.22
CA SER G 72 42.32 -39.87 16.29
C SER G 72 43.49 -39.00 15.85
N ILE G 73 43.95 -38.14 16.75
CA ILE G 73 45.11 -37.30 16.49
C ILE G 73 46.26 -37.79 17.36
N TYR G 74 47.47 -37.64 16.84
CA TYR G 74 48.67 -38.13 17.51
C TYR G 74 49.44 -36.95 18.07
N THR G 75 49.65 -36.95 19.39
CA THR G 75 50.40 -35.90 20.06
C THR G 75 51.75 -36.38 20.58
N ASN G 76 52.02 -37.68 20.54
CA ASN G 76 53.25 -38.27 21.05
C ASN G 76 53.46 -37.96 22.54
N ASN G 77 52.39 -37.68 23.26
CA ASN G 77 52.45 -37.43 24.69
C ASN G 77 51.97 -38.67 25.42
N PRO G 78 52.80 -39.33 26.23
CA PRO G 78 52.39 -40.61 26.84
C PRO G 78 51.18 -40.51 27.75
N MET G 79 50.89 -39.33 28.30
CA MET G 79 49.77 -39.19 29.22
C MET G 79 48.44 -39.05 28.51
N ASP G 80 48.42 -38.97 27.18
CA ASP G 80 47.18 -38.87 26.43
C ASP G 80 46.68 -40.27 26.09
N LEU G 81 45.40 -40.52 26.37
CA LEU G 81 44.81 -41.84 26.19
C LEU G 81 43.57 -41.76 25.32
N ARG G 82 43.31 -42.84 24.60
CA ARG G 82 42.15 -42.94 23.72
C ARG G 82 41.55 -44.34 23.84
N VAL G 83 40.23 -44.40 23.85
CA VAL G 83 39.51 -45.67 23.90
C VAL G 83 39.13 -46.04 22.47
N SER G 84 39.80 -47.05 21.92
CA SER G 84 39.50 -47.53 20.59
C SER G 84 38.46 -48.65 20.68
N GLY G 85 37.24 -48.35 20.25
CA GLY G 85 36.16 -49.32 20.35
C GLY G 85 35.04 -48.86 21.26
N THR G 86 34.54 -49.75 22.10
CA THR G 86 33.42 -49.46 22.99
C THR G 86 33.93 -49.35 24.43
N GLY G 87 33.53 -48.28 25.10
CA GLY G 87 33.90 -48.07 26.48
C GLY G 87 34.17 -46.61 26.76
N PHE G 88 33.97 -46.21 28.01
CA PHE G 88 34.19 -44.84 28.45
C PHE G 88 35.17 -44.81 29.61
N PHE G 89 35.97 -43.76 29.67
CA PHE G 89 36.77 -43.49 30.85
C PHE G 89 35.87 -43.08 32.01
N ALA G 90 36.31 -43.39 33.23
CA ALA G 90 35.58 -43.03 34.44
C ALA G 90 36.43 -42.06 35.26
N VAL G 91 35.84 -40.90 35.58
CA VAL G 91 36.52 -39.87 36.35
C VAL G 91 35.65 -39.48 37.53
N ALA G 92 36.28 -39.20 38.67
CA ALA G 92 35.58 -38.86 39.89
C ALA G 92 35.82 -37.39 40.23
N LYS G 93 34.77 -36.73 40.73
CA LYS G 93 34.89 -35.33 41.11
C LYS G 93 35.88 -35.16 42.27
N GLU G 94 35.80 -36.04 43.26
CA GLU G 94 36.64 -35.95 44.44
C GLU G 94 37.37 -37.28 44.65
N ARG G 95 38.58 -37.19 45.21
CA ARG G 95 39.39 -38.38 45.41
C ARG G 95 38.75 -39.33 46.41
N LEU G 96 38.16 -38.80 47.47
CA LEU G 96 37.65 -39.61 48.56
C LEU G 96 36.25 -40.16 48.30
N THR G 97 35.64 -39.82 47.17
CA THR G 97 34.31 -40.30 46.81
C THR G 97 34.36 -40.89 45.40
N PRO G 98 34.97 -42.07 45.23
CA PRO G 98 34.99 -42.69 43.90
C PRO G 98 33.63 -43.07 43.39
N GLN G 99 32.64 -43.23 44.27
CA GLN G 99 31.30 -43.59 43.83
C GLN G 99 30.70 -42.53 42.90
N GLN G 100 30.87 -41.25 43.25
CA GLN G 100 30.36 -40.16 42.44
C GLN G 100 31.31 -39.96 41.26
N ASN G 101 30.95 -40.55 40.12
CA ASN G 101 31.82 -40.52 38.95
C ASN G 101 31.00 -40.23 37.70
N GLU G 102 31.70 -39.76 36.67
CA GLU G 102 31.09 -39.46 35.39
C GLU G 102 31.94 -40.03 34.27
N LEU G 103 31.30 -40.30 33.14
CA LEU G 103 31.95 -40.93 32.00
C LEU G 103 32.48 -39.87 31.04
N THR G 104 33.62 -40.15 30.43
CA THR G 104 34.23 -39.22 29.49
C THR G 104 34.98 -40.00 28.43
N ARG G 105 35.36 -39.29 27.37
CA ARG G 105 36.09 -39.90 26.25
C ARG G 105 37.43 -39.23 25.96
N ASN G 106 37.63 -37.97 26.31
CA ASN G 106 38.92 -37.33 26.09
C ASN G 106 39.96 -37.90 27.05
N GLY G 107 41.21 -37.84 26.64
CA GLY G 107 42.28 -38.42 27.43
C GLY G 107 43.39 -37.45 27.79
N ALA G 108 43.08 -36.17 27.90
CA ALA G 108 44.07 -35.15 28.26
C ALA G 108 44.35 -35.28 29.75
N PHE G 109 45.26 -36.19 30.10
CA PHE G 109 45.59 -36.48 31.49
C PHE G 109 46.95 -35.90 31.87
N HIS G 110 47.08 -35.59 33.16
CA HIS G 110 48.34 -35.10 33.70
C HIS G 110 48.34 -35.34 35.21
N LEU G 111 49.53 -35.33 35.79
CA LEU G 111 49.71 -35.57 37.21
C LEU G 111 49.47 -34.28 37.98
N ASN G 112 48.68 -34.36 39.05
CA ASN G 112 48.45 -33.22 39.93
C ASN G 112 49.57 -33.16 40.96
N LYS G 113 49.41 -32.27 41.96
CA LYS G 113 50.46 -32.11 42.96
C LYS G 113 50.58 -33.32 43.87
N GLU G 114 49.60 -34.22 43.86
CA GLU G 114 49.64 -35.44 44.66
C GLU G 114 50.03 -36.66 43.82
N ASN G 115 50.48 -36.45 42.59
CA ASN G 115 50.86 -37.54 41.69
C ASN G 115 49.69 -38.47 41.38
N TYR G 116 48.52 -37.89 41.15
CA TYR G 116 47.35 -38.61 40.66
C TYR G 116 47.04 -38.17 39.25
N MET G 117 46.57 -39.11 38.43
CA MET G 117 46.18 -38.79 37.06
C MET G 117 44.82 -38.12 37.07
N VAL G 118 44.77 -36.89 36.55
CA VAL G 118 43.55 -36.09 36.57
C VAL G 118 43.29 -35.56 35.16
N THR G 119 42.06 -35.09 34.95
CA THR G 119 41.69 -34.46 33.69
C THR G 119 42.09 -32.99 33.73
N ALA G 120 41.62 -32.21 32.75
CA ALA G 120 41.91 -30.78 32.73
C ALA G 120 41.32 -30.08 33.94
N ASN G 121 40.11 -30.48 34.34
CA ASN G 121 39.42 -29.87 35.48
C ASN G 121 39.81 -30.49 36.81
N ASP G 122 40.95 -31.17 36.88
CA ASP G 122 41.43 -31.80 38.11
C ASP G 122 40.40 -32.78 38.67
N GLU G 123 39.87 -33.63 37.80
CA GLU G 123 38.99 -34.72 38.20
C GLU G 123 39.78 -36.02 38.15
N PHE G 124 39.82 -36.74 39.27
CA PHE G 124 40.66 -37.91 39.38
C PHE G 124 40.17 -39.04 38.47
N LEU G 125 41.12 -39.73 37.85
CA LEU G 125 40.81 -40.84 36.96
C LEU G 125 40.69 -42.12 37.76
N LEU G 126 39.58 -42.84 37.57
CA LEU G 126 39.31 -44.05 38.33
C LEU G 126 39.97 -45.26 37.68
N GLY G 127 40.59 -46.10 38.51
CA GLY G 127 41.25 -47.28 38.04
C GLY G 127 41.15 -48.41 39.04
N TYR G 128 41.64 -49.58 38.63
CA TYR G 128 41.59 -50.77 39.47
C TYR G 128 42.90 -50.93 40.23
N GLN G 129 42.99 -52.01 41.00
CA GLN G 129 44.18 -52.35 41.76
C GLN G 129 44.53 -53.81 41.47
N VAL G 130 45.65 -54.02 40.78
CA VAL G 130 46.03 -55.36 40.35
C VAL G 130 46.89 -56.02 41.43
N ASP G 131 46.99 -57.35 41.34
CA ASP G 131 47.80 -58.13 42.25
C ASP G 131 49.29 -57.93 41.94
N PRO G 132 50.16 -58.14 42.93
CA PRO G 132 51.60 -57.99 42.65
C PRO G 132 52.10 -58.93 41.58
N SER G 133 51.81 -60.23 41.70
CA SER G 133 52.27 -61.23 40.75
C SER G 133 51.19 -61.61 39.74
N SER G 134 49.98 -61.93 40.20
CA SER G 134 48.90 -62.28 39.29
C SER G 134 48.48 -61.07 38.47
N GLY G 135 48.42 -61.24 37.15
CA GLY G 135 48.00 -60.15 36.28
C GLY G 135 46.55 -59.75 36.50
N GLU G 136 45.70 -60.70 36.85
CA GLU G 136 44.29 -60.41 37.06
C GLU G 136 44.10 -59.45 38.23
N VAL G 137 43.17 -58.51 38.05
CA VAL G 137 42.84 -57.57 39.12
C VAL G 137 41.97 -58.27 40.15
N SER G 138 42.29 -58.07 41.43
CA SER G 138 41.56 -58.75 42.49
C SER G 138 40.19 -58.12 42.72
N SER G 139 40.17 -56.85 43.11
CA SER G 139 38.93 -56.17 43.42
C SER G 139 38.52 -55.25 42.28
N TYR G 140 37.23 -55.27 41.96
CA TYR G 140 36.69 -54.51 40.85
C TYR G 140 36.17 -53.13 41.25
N GLU G 141 36.39 -52.72 42.49
CA GLU G 141 35.98 -51.37 42.87
C GLU G 141 36.89 -50.34 42.24
N PRO G 142 36.36 -49.18 41.85
CA PRO G 142 37.20 -48.13 41.28
C PRO G 142 37.86 -47.29 42.35
N GLN G 143 39.11 -46.92 42.10
CA GLN G 143 39.86 -46.07 43.00
C GLN G 143 40.77 -45.15 42.19
N PRO G 144 41.12 -43.98 42.71
CA PRO G 144 42.01 -43.08 41.99
C PRO G 144 43.37 -43.73 41.73
N ILE G 145 43.94 -43.40 40.58
CA ILE G 145 45.23 -43.96 40.18
C ILE G 145 46.34 -43.06 40.69
N ASN G 146 47.27 -43.64 41.44
CA ASN G 146 48.41 -42.93 42.01
C ASN G 146 49.69 -43.45 41.39
N ILE G 147 50.64 -42.55 41.14
CA ILE G 147 51.92 -42.92 40.56
C ILE G 147 53.01 -42.44 41.51
N PRO G 148 53.38 -43.25 42.51
CA PRO G 148 54.38 -42.81 43.49
C PRO G 148 55.73 -42.56 42.83
N ALA G 149 56.46 -41.60 43.37
CA ALA G 149 57.78 -41.26 42.86
C ALA G 149 58.89 -42.08 43.51
N GLU G 150 58.56 -42.93 44.49
CA GLU G 150 59.55 -43.75 45.16
C GLU G 150 59.01 -45.15 45.39
N PHE G 151 59.89 -46.14 45.26
CA PHE G 151 59.57 -47.52 45.63
C PHE G 151 59.87 -47.70 47.12
N GLY G 152 59.08 -47.01 47.94
CA GLY G 152 59.37 -46.89 49.35
C GLY G 152 59.04 -48.10 50.19
N LYS G 153 59.63 -49.24 49.87
CA LYS G 153 59.48 -50.45 50.68
C LYS G 153 60.59 -51.44 50.36
N PRO G 154 61.71 -51.39 51.08
CA PRO G 154 62.78 -52.37 50.83
C PRO G 154 62.29 -53.79 51.03
N LYS G 155 62.26 -54.57 49.95
CA LYS G 155 61.72 -55.92 49.98
C LYS G 155 62.85 -56.90 50.25
N GLN G 156 62.73 -57.64 51.35
CA GLN G 156 63.75 -58.61 51.72
C GLN G 156 63.78 -59.78 50.75
N THR G 157 64.94 -60.42 50.65
CA THR G 157 65.07 -61.59 49.80
C THR G 157 64.42 -62.79 50.48
N ALA G 158 63.50 -63.44 49.78
CA ALA G 158 62.79 -64.58 50.35
C ALA G 158 62.93 -65.82 49.49
N ASN G 159 62.86 -65.66 48.17
CA ASN G 159 62.91 -66.77 47.25
C ASN G 159 64.07 -66.58 46.29
N ILE G 160 64.90 -67.62 46.13
CA ILE G 160 66.03 -67.59 45.22
C ILE G 160 65.90 -68.81 44.31
N GLU G 161 65.78 -68.57 43.01
CA GLU G 161 65.72 -69.63 42.02
C GLU G 161 67.07 -69.70 41.31
N VAL G 162 67.70 -70.87 41.36
CA VAL G 162 69.02 -71.08 40.77
C VAL G 162 68.93 -72.23 39.78
N GLY G 163 69.40 -71.99 38.56
CA GLY G 163 69.50 -73.05 37.57
C GLY G 163 70.91 -73.19 37.07
N VAL G 164 71.56 -74.32 37.37
CA VAL G 164 72.96 -74.54 37.01
C VAL G 164 73.09 -75.87 36.31
N ASN G 165 74.18 -75.99 35.54
CA ASN G 165 74.55 -77.23 34.89
C ASN G 165 75.83 -77.75 35.54
N LEU G 166 75.77 -78.96 36.07
CA LEU G 166 76.98 -79.38 36.77
C LEU G 166 77.80 -80.31 35.90
N PRO G 167 79.13 -80.19 35.95
CA PRO G 167 79.98 -81.05 35.13
C PRO G 167 79.91 -82.50 35.59
N ALA G 168 79.45 -83.37 34.69
CA ALA G 168 79.33 -84.78 35.02
C ALA G 168 80.69 -85.46 35.13
N ASN G 169 81.72 -84.90 34.50
CA ASN G 169 83.07 -85.46 34.54
C ASN G 169 83.92 -84.84 35.64
N GLY G 170 83.32 -84.07 36.54
CA GLY G 170 84.10 -83.48 37.62
C GLY G 170 84.64 -84.53 38.57
N ASP G 171 85.78 -84.21 39.17
CA ASP G 171 86.44 -85.15 40.06
C ASP G 171 85.65 -85.32 41.35
N LEU G 172 85.66 -86.54 41.88
CA LEU G 172 84.94 -86.84 43.10
C LEU G 172 85.63 -86.22 44.31
N LYS G 173 84.83 -85.92 45.33
CA LYS G 173 85.32 -85.29 46.54
C LYS G 173 84.75 -86.01 47.76
N ASP G 174 85.38 -85.80 48.91
CA ASP G 174 84.95 -86.44 50.14
C ASP G 174 83.90 -85.57 50.82
N PRO G 175 82.67 -86.06 51.01
CA PRO G 175 81.65 -85.24 51.69
C PRO G 175 82.03 -84.87 53.11
N THR G 176 82.71 -85.76 53.83
CA THR G 176 83.04 -85.48 55.23
C THR G 176 84.19 -84.48 55.37
N GLN G 177 84.97 -84.27 54.31
CA GLN G 177 86.10 -83.36 54.35
C GLN G 177 85.76 -81.97 53.82
N PHE G 178 84.46 -81.67 53.67
CA PHE G 178 84.07 -80.38 53.12
C PHE G 178 84.43 -79.25 54.09
N ASP G 179 84.96 -78.16 53.54
CA ASP G 179 85.28 -76.98 54.32
C ASP G 179 85.33 -75.79 53.37
N PHE G 180 84.50 -74.78 53.61
CA PHE G 180 84.44 -73.63 52.72
C PHE G 180 85.74 -72.84 52.72
N SER G 181 86.57 -72.97 53.76
CA SER G 181 87.82 -72.25 53.80
C SER G 181 88.87 -72.83 52.87
N ASP G 182 88.75 -74.10 52.50
CA ASP G 182 89.72 -74.75 51.62
C ASP G 182 89.08 -74.97 50.25
N PRO G 183 89.57 -74.30 49.20
CA PRO G 183 88.95 -74.47 47.87
C PRO G 183 88.98 -75.90 47.35
N ASP G 184 90.02 -76.67 47.68
CA ASP G 184 90.18 -78.00 47.10
C ASP G 184 89.21 -79.03 47.67
N THR G 185 88.53 -78.73 48.77
CA THR G 185 87.62 -79.71 49.35
C THR G 185 86.35 -79.86 48.52
N TYR G 186 85.95 -78.80 47.82
CA TYR G 186 84.73 -78.82 47.01
C TYR G 186 85.10 -78.65 45.54
N ASN G 187 84.09 -78.57 44.68
CA ASN G 187 84.28 -78.48 43.24
C ASN G 187 84.18 -77.04 42.73
N ARG G 188 83.04 -76.38 42.94
CA ARG G 188 82.80 -75.07 42.40
C ARG G 188 82.14 -74.17 43.45
N SER G 189 82.31 -72.87 43.26
CA SER G 189 81.75 -71.88 44.18
C SER G 189 81.23 -70.70 43.36
N THR G 190 80.04 -70.23 43.70
CA THR G 190 79.43 -69.07 43.05
C THR G 190 79.01 -68.06 44.10
N SER G 191 79.05 -66.78 43.72
CA SER G 191 78.74 -65.68 44.62
C SER G 191 77.54 -64.91 44.09
N SER G 192 76.75 -64.36 45.01
CA SER G 192 75.55 -63.62 44.65
C SER G 192 75.22 -62.64 45.76
N THR G 193 74.30 -61.73 45.47
CA THR G 193 73.92 -60.67 46.38
C THR G 193 72.48 -60.85 46.83
N ILE G 194 72.24 -60.67 48.13
CA ILE G 194 70.91 -60.76 48.71
C ILE G 194 70.66 -59.52 49.56
N TYR G 195 69.38 -59.24 49.82
CA TYR G 195 68.98 -58.06 50.55
C TYR G 195 68.10 -58.43 51.73
N ASP G 196 68.31 -57.76 52.85
CA ASP G 196 67.54 -58.01 54.07
C ASP G 196 66.33 -57.08 54.10
N SER G 197 65.70 -56.97 55.27
CA SER G 197 64.52 -56.12 55.41
C SER G 197 64.86 -54.64 55.19
N MET G 198 66.00 -54.19 55.71
CA MET G 198 66.39 -52.78 55.62
C MET G 198 67.06 -52.43 54.29
N GLY G 199 67.23 -53.41 53.40
CA GLY G 199 67.88 -53.16 52.13
C GLY G 199 69.38 -53.29 52.13
N GLN G 200 69.99 -53.70 53.25
CA GLN G 200 71.41 -53.93 53.28
C GLN G 200 71.80 -55.07 52.35
N SER G 201 72.88 -54.89 51.61
CA SER G 201 73.34 -55.91 50.67
C SER G 201 74.25 -56.91 51.37
N TYR G 202 74.01 -58.20 51.14
CA TYR G 202 74.83 -59.25 51.69
C TYR G 202 75.29 -60.16 50.55
N LYS G 203 76.47 -60.76 50.73
CA LYS G 203 77.07 -61.61 49.73
C LYS G 203 76.79 -63.06 50.07
N LEU G 204 76.15 -63.78 49.15
CA LEU G 204 75.79 -65.17 49.32
C LEU G 204 76.70 -66.03 48.46
N THR G 205 77.40 -66.98 49.09
CA THR G 205 78.31 -67.88 48.39
C THR G 205 77.78 -69.30 48.48
N THR G 206 77.66 -69.95 47.33
CA THR G 206 77.15 -71.31 47.23
C THR G 206 78.27 -72.24 46.78
N TYR G 207 78.48 -73.33 47.53
CA TYR G 207 79.52 -74.30 47.24
C TYR G 207 78.89 -75.59 46.77
N TYR G 208 79.37 -76.13 45.65
CA TYR G 208 78.88 -77.37 45.09
C TYR G 208 79.97 -78.44 45.21
N LEU G 209 79.59 -79.59 45.77
CA LEU G 209 80.51 -80.69 45.99
C LEU G 209 79.94 -81.96 45.38
N LYS G 210 80.76 -82.68 44.62
CA LYS G 210 80.34 -83.91 43.98
C LYS G 210 80.63 -85.07 44.91
N ASP G 211 79.58 -85.84 45.24
CA ASP G 211 79.73 -86.96 46.16
C ASP G 211 80.54 -88.07 45.52
N GLN G 212 81.40 -88.70 46.31
CA GLN G 212 82.21 -89.82 45.86
C GLN G 212 81.55 -91.16 46.16
N THR G 213 80.88 -91.29 47.31
CA THR G 213 80.26 -92.56 47.67
C THR G 213 79.14 -92.93 46.72
N GLN G 214 78.31 -91.96 46.33
CA GLN G 214 77.14 -92.22 45.50
C GLN G 214 77.31 -91.55 44.15
N PRO G 215 77.23 -92.28 43.04
CA PRO G 215 77.32 -91.63 41.73
C PRO G 215 76.12 -90.74 41.46
N ASN G 216 76.36 -89.69 40.67
CA ASN G 216 75.34 -88.72 40.30
C ASN G 216 74.66 -88.12 41.53
N THR G 217 75.46 -87.80 42.55
CA THR G 217 74.97 -87.16 43.76
C THR G 217 75.87 -85.98 44.09
N TRP G 218 75.25 -84.86 44.45
CA TRP G 218 75.98 -83.64 44.74
C TRP G 218 75.53 -83.06 46.07
N ASN G 219 76.46 -82.38 46.74
CA ASN G 219 76.19 -81.71 48.00
C ASN G 219 76.36 -80.21 47.82
N THR G 220 75.41 -79.45 48.34
CA THR G 220 75.40 -78.00 48.19
C THR G 220 75.39 -77.34 49.56
N TYR G 221 76.22 -76.32 49.73
CA TYR G 221 76.34 -75.59 50.98
C TYR G 221 76.26 -74.09 50.71
N TYR G 222 75.85 -73.35 51.75
CA TYR G 222 75.64 -71.92 51.61
C TYR G 222 76.34 -71.18 52.75
N THR G 223 76.88 -70.01 52.43
CA THR G 223 77.52 -69.14 53.40
C THR G 223 77.12 -67.70 53.14
N VAL G 224 77.11 -66.89 54.20
CA VAL G 224 76.77 -65.48 54.11
C VAL G 224 77.96 -64.67 54.59
N THR G 225 78.37 -63.69 53.79
CA THR G 225 79.55 -62.89 54.07
C THR G 225 79.11 -61.49 54.46
N ASP G 226 79.03 -61.25 55.77
CA ASP G 226 78.77 -59.92 56.30
C ASP G 226 80.09 -59.22 56.59
N LYS G 227 80.00 -58.02 57.19
CA LYS G 227 81.22 -57.27 57.49
C LYS G 227 82.07 -57.97 58.53
N GLU G 228 81.44 -58.71 59.45
CA GLU G 228 82.21 -59.43 60.47
C GLU G 228 83.06 -60.53 59.83
N GLY G 229 82.49 -61.26 58.88
CA GLY G 229 83.20 -62.35 58.23
C GLY G 229 82.24 -63.23 57.46
N GLU G 230 82.73 -64.41 57.10
CA GLU G 230 81.97 -65.40 56.34
C GLU G 230 81.41 -66.44 57.29
N LYS G 231 80.08 -66.46 57.43
CA LYS G 231 79.41 -67.34 58.35
C LYS G 231 78.63 -68.41 57.60
N PRO G 232 78.76 -69.68 57.96
CA PRO G 232 78.01 -70.73 57.27
C PRO G 232 76.52 -70.64 57.56
N LEU G 233 75.73 -71.07 56.58
CA LEU G 233 74.27 -71.13 56.70
C LEU G 233 73.82 -72.58 56.61
N ASN G 234 72.96 -72.99 57.54
CA ASN G 234 72.47 -74.36 57.60
C ASN G 234 71.06 -74.44 57.06
N VAL G 235 70.76 -75.55 56.39
CA VAL G 235 69.42 -75.83 55.89
C VAL G 235 68.60 -76.42 57.02
N ALA G 236 67.28 -76.19 56.99
CA ALA G 236 66.42 -76.63 58.09
C ALA G 236 66.44 -78.15 58.23
N ALA G 237 66.33 -78.86 57.11
CA ALA G 237 66.28 -80.32 57.12
C ALA G 237 67.19 -80.92 56.06
N GLY G 238 68.34 -80.30 55.81
CA GLY G 238 69.25 -80.80 54.82
C GLY G 238 69.91 -82.10 55.24
N ASP G 239 69.99 -83.05 54.32
CA ASP G 239 70.57 -84.36 54.58
C ASP G 239 72.05 -84.42 54.21
N ALA G 240 72.84 -83.45 54.69
CA ALA G 240 74.28 -83.46 54.47
C ALA G 240 74.92 -82.76 55.67
N GLN G 241 75.35 -83.55 56.65
CA GLN G 241 75.88 -83.04 57.90
C GLN G 241 77.38 -83.31 57.95
N THR G 242 78.17 -82.25 57.82
CA THR G 242 79.60 -82.37 57.98
C THR G 242 79.96 -82.56 59.46
N PRO G 243 81.13 -83.12 59.75
CA PRO G 243 81.55 -83.24 61.15
C PRO G 243 81.61 -81.90 61.89
N THR G 244 81.94 -80.82 61.19
CA THR G 244 81.99 -79.51 61.84
C THR G 244 80.60 -79.09 62.33
N GLY G 245 79.57 -79.34 61.53
CA GLY G 245 78.23 -78.97 61.93
C GLY G 245 77.45 -78.29 60.82
N HIS G 246 78.13 -77.91 59.75
CA HIS G 246 77.47 -77.29 58.61
C HIS G 246 76.52 -78.28 57.94
N VAL G 247 75.32 -77.82 57.62
CA VAL G 247 74.27 -78.67 57.07
C VAL G 247 73.95 -78.18 55.67
N GLY G 248 74.22 -79.03 54.68
CA GLY G 248 73.83 -78.79 53.30
C GLY G 248 72.72 -79.71 52.86
N HIS G 249 72.46 -79.70 51.55
CA HIS G 249 71.41 -80.54 50.97
C HIS G 249 71.98 -81.31 49.79
N THR G 250 71.36 -82.45 49.52
CA THR G 250 71.84 -83.37 48.49
C THR G 250 70.98 -83.26 47.23
N MET G 251 71.63 -83.35 46.07
CA MET G 251 70.97 -83.30 44.78
C MET G 251 71.29 -84.57 44.02
N LYS G 252 70.26 -85.20 43.44
CA LYS G 252 70.40 -86.45 42.71
C LYS G 252 69.87 -86.27 41.29
N PHE G 253 70.47 -86.99 40.35
CA PHE G 253 70.12 -86.90 38.94
C PHE G 253 69.83 -88.30 38.39
N ASN G 254 69.04 -88.33 37.32
CA ASN G 254 68.70 -89.59 36.66
C ASN G 254 69.80 -89.98 35.69
N ASN G 255 69.54 -91.02 34.89
CA ASN G 255 70.52 -91.45 33.90
C ASN G 255 70.70 -90.41 32.79
N ASP G 256 69.60 -89.78 32.37
CA ASP G 256 69.66 -88.81 31.28
C ASP G 256 70.22 -87.46 31.71
N GLY G 257 70.64 -87.32 32.97
CA GLY G 257 71.18 -86.08 33.46
C GLY G 257 70.16 -85.10 34.00
N THR G 258 68.87 -85.41 33.87
CA THR G 258 67.85 -84.53 34.41
C THR G 258 67.81 -84.64 35.94
N LEU G 259 67.11 -83.70 36.56
CA LEU G 259 67.00 -83.66 38.01
C LEU G 259 66.13 -84.82 38.49
N ALA G 260 66.60 -85.51 39.53
CA ALA G 260 65.86 -86.63 40.10
C ALA G 260 65.20 -86.26 41.43
N SER G 261 65.99 -85.77 42.38
CA SER G 261 65.45 -85.45 43.70
C SER G 261 66.32 -84.37 44.34
N LEU G 262 65.70 -83.60 45.23
CA LEU G 262 66.37 -82.51 45.95
C LEU G 262 66.08 -82.65 47.43
N ASN G 263 67.13 -82.89 48.22
CA ASN G 263 67.03 -82.98 49.67
C ASN G 263 65.95 -83.99 50.08
N ASN G 264 65.99 -85.16 49.45
CA ASN G 264 65.03 -86.25 49.70
C ASN G 264 63.59 -85.80 49.45
N GLY G 265 63.39 -84.97 48.43
CA GLY G 265 62.06 -84.51 48.09
C GLY G 265 61.49 -83.44 49.00
N GLN G 266 62.30 -82.92 49.92
CA GLN G 266 61.81 -81.89 50.83
C GLN G 266 62.17 -80.50 50.31
N PRO G 267 61.32 -79.50 50.58
CA PRO G 267 61.66 -78.13 50.18
C PRO G 267 62.89 -77.63 50.90
N ILE G 268 63.68 -76.83 50.20
CA ILE G 268 64.94 -76.32 50.73
C ILE G 268 64.65 -74.96 51.36
N THR G 269 64.60 -74.93 52.69
CA THR G 269 64.42 -73.69 53.45
C THR G 269 65.59 -73.53 54.40
N SER G 270 66.23 -72.36 54.37
CA SER G 270 67.35 -72.11 55.26
C SER G 270 66.84 -71.67 56.63
N VAL G 271 67.73 -71.77 57.62
CA VAL G 271 67.41 -71.31 58.97
C VAL G 271 67.43 -69.79 58.99
N ALA G 272 66.92 -69.19 60.06
CA ALA G 272 66.92 -67.74 60.17
C ALA G 272 68.34 -67.21 60.21
N LEU G 273 68.59 -66.13 59.47
CA LEU G 273 69.95 -65.61 59.34
C LEU G 273 70.47 -65.06 60.66
N GLY G 274 69.65 -64.25 61.34
CA GLY G 274 70.12 -63.54 62.51
C GLY G 274 69.54 -64.00 63.83
N ASP G 275 68.97 -65.20 63.87
CA ASP G 275 68.37 -65.71 65.08
C ASP G 275 69.33 -66.67 65.78
N PRO G 276 69.89 -66.31 66.93
CA PRO G 276 70.82 -67.23 67.60
C PRO G 276 70.15 -68.51 68.09
N ALA G 277 68.84 -68.49 68.37
CA ALA G 277 68.18 -69.66 68.90
C ALA G 277 68.07 -70.79 67.89
N THR G 278 68.19 -70.50 66.60
CA THR G 278 68.10 -71.53 65.57
C THR G 278 69.34 -71.61 64.68
N ASN G 279 70.30 -70.70 64.82
CA ASN G 279 71.52 -70.71 64.04
C ASN G 279 72.72 -70.66 64.99
N THR G 280 73.69 -71.54 64.76
CA THR G 280 74.90 -71.52 65.57
C THR G 280 75.83 -70.37 65.19
N THR G 281 75.66 -69.80 64.00
CA THR G 281 76.44 -68.65 63.55
C THR G 281 75.48 -67.59 63.04
N PRO G 282 74.89 -66.80 63.95
CA PRO G 282 73.92 -65.79 63.52
C PRO G 282 74.58 -64.72 62.66
N VAL G 283 73.95 -64.42 61.53
CA VAL G 283 74.46 -63.37 60.65
C VAL G 283 74.18 -62.01 61.26
N ASP G 284 75.17 -61.11 61.17
CA ASP G 284 75.02 -59.78 61.75
C ASP G 284 74.07 -58.93 60.91
N MET G 285 72.79 -58.92 61.26
CA MET G 285 71.79 -58.17 60.51
C MET G 285 71.94 -56.67 60.69
N ASN G 286 72.64 -56.22 61.74
CA ASN G 286 72.88 -54.79 61.98
C ASN G 286 71.56 -54.02 62.11
N GLY G 287 70.58 -54.62 62.77
CA GLY G 287 69.28 -54.01 62.96
C GLY G 287 68.19 -54.51 62.06
N ALA G 288 68.51 -55.33 61.06
CA ALA G 288 67.49 -55.88 60.18
C ALA G 288 66.74 -56.99 60.90
N ASP G 289 65.73 -57.52 60.21
CA ASP G 289 64.92 -58.59 60.79
C ASP G 289 65.75 -59.85 60.92
N PRO G 290 65.90 -60.40 62.12
CA PRO G 290 66.69 -61.62 62.29
C PRO G 290 66.00 -62.89 61.83
N ALA G 291 64.70 -62.84 61.56
CA ALA G 291 63.93 -64.03 61.22
C ALA G 291 63.81 -64.26 59.72
N GLN G 292 64.63 -63.60 58.92
CA GLN G 292 64.56 -63.79 57.48
C GLN G 292 64.98 -65.21 57.11
N THR G 293 64.23 -65.82 56.19
CA THR G 293 64.49 -67.17 55.71
C THR G 293 64.58 -67.15 54.20
N LEU G 294 65.34 -68.10 53.65
CA LEU G 294 65.55 -68.20 52.22
C LEU G 294 65.04 -69.53 51.70
N ASN G 295 64.30 -69.49 50.59
CA ASN G 295 63.80 -70.68 49.93
C ASN G 295 64.50 -70.81 48.58
N PHE G 296 65.16 -71.95 48.37
CA PHE G 296 65.94 -72.19 47.16
C PHE G 296 65.16 -73.11 46.24
N GLY G 297 64.94 -72.68 45.00
CA GLY G 297 64.29 -73.51 44.01
C GLY G 297 65.22 -73.93 42.90
N LEU G 298 65.60 -75.20 42.90
CA LEU G 298 66.56 -75.74 41.94
C LEU G 298 65.92 -76.83 41.10
N GLY G 299 64.70 -76.60 40.64
CA GLY G 299 64.01 -77.59 39.83
C GLY G 299 64.53 -77.73 38.41
N SER G 300 65.42 -76.82 37.98
CA SER G 300 65.95 -76.84 36.64
C SER G 300 67.43 -77.20 36.60
N ALA G 301 68.00 -77.65 37.72
CA ALA G 301 69.40 -78.03 37.74
C ALA G 301 69.62 -79.28 36.90
N THR G 302 70.74 -79.30 36.15
CA THR G 302 71.06 -80.40 35.27
C THR G 302 72.52 -80.79 35.45
N GLN G 303 72.84 -82.02 35.07
CA GLN G 303 74.21 -82.52 35.08
C GLN G 303 74.48 -83.19 33.75
N PHE G 304 75.23 -82.51 32.88
CA PHE G 304 75.61 -83.03 31.57
C PHE G 304 77.12 -83.02 31.46
N ALA G 305 77.61 -83.38 30.27
CA ALA G 305 79.05 -83.36 30.02
C ALA G 305 79.59 -81.94 29.90
N ALA G 306 78.72 -80.94 29.78
CA ALA G 306 79.17 -79.57 29.64
C ALA G 306 79.85 -79.09 30.93
N PRO G 307 80.77 -78.12 30.83
CA PRO G 307 81.43 -77.60 32.03
C PRO G 307 80.47 -76.87 32.95
N PHE G 308 80.94 -76.49 34.13
CA PHE G 308 80.10 -75.80 35.09
C PHE G 308 79.60 -74.49 34.51
N GLU G 309 78.32 -74.18 34.75
CA GLU G 309 77.70 -72.99 34.19
C GLU G 309 76.55 -72.55 35.07
N LEU G 310 76.50 -71.25 35.38
CA LEU G 310 75.37 -70.65 36.09
C LEU G 310 74.40 -70.15 35.03
N THR G 311 73.48 -71.02 34.63
CA THR G 311 72.58 -70.68 33.53
C THR G 311 71.57 -69.60 33.94
N LYS G 312 70.96 -69.76 35.11
CA LYS G 312 69.90 -68.85 35.53
C LYS G 312 70.02 -68.57 37.02
N PHE G 313 69.85 -67.30 37.39
CA PHE G 313 69.80 -66.90 38.80
C PHE G 313 68.74 -65.82 38.94
N ASP G 314 67.70 -66.11 39.71
CA ASP G 314 66.60 -65.18 39.93
C ASP G 314 66.29 -65.11 41.41
N GLU G 315 65.98 -63.90 41.89
CA GLU G 315 65.61 -63.67 43.26
C GLU G 315 64.41 -62.74 43.31
N ASP G 316 63.88 -62.52 44.51
CA ASP G 316 62.76 -61.62 44.72
C ASP G 316 63.12 -60.44 45.62
N GLY G 317 64.41 -60.18 45.80
CA GLY G 317 64.84 -59.06 46.60
C GLY G 317 64.69 -57.74 45.87
N ALA G 318 64.71 -56.66 46.65
CA ALA G 318 64.55 -55.32 46.10
C ALA G 318 65.14 -54.31 47.07
N THR G 319 65.39 -53.11 46.54
CA THR G 319 65.94 -52.01 47.32
C THR G 319 65.16 -50.75 47.00
N THR G 320 65.43 -49.69 47.76
CA THR G 320 64.78 -48.41 47.51
C THR G 320 65.19 -47.88 46.14
N GLY G 321 64.24 -47.22 45.47
CA GLY G 321 64.48 -46.73 44.12
C GLY G 321 63.60 -45.56 43.80
N PHE G 322 63.81 -45.00 42.62
CA PHE G 322 63.10 -43.83 42.15
C PHE G 322 62.44 -44.12 40.82
N LEU G 323 61.21 -43.65 40.66
CA LEU G 323 60.46 -43.86 39.44
C LEU G 323 61.24 -43.35 38.23
N THR G 324 61.54 -44.26 37.31
CA THR G 324 62.35 -43.94 36.14
C THR G 324 61.51 -43.69 34.89
N LYS G 325 60.59 -44.59 34.55
CA LYS G 325 59.77 -44.39 33.37
C LYS G 325 58.38 -44.99 33.62
N VAL G 326 57.41 -44.47 32.87
CA VAL G 326 56.03 -44.90 32.96
C VAL G 326 55.52 -45.15 31.55
N ASP G 327 54.86 -46.29 31.36
CA ASP G 327 54.31 -46.64 30.05
C ASP G 327 52.99 -47.37 30.25
N PHE G 328 52.19 -47.37 29.19
CA PHE G 328 50.86 -47.98 29.20
C PHE G 328 50.83 -49.11 28.17
N ASP G 329 50.34 -50.27 28.58
CA ASP G 329 50.19 -51.39 27.67
C ASP G 329 48.77 -51.41 27.11
N GLU G 330 48.52 -52.33 26.17
CA GLU G 330 47.20 -52.41 25.54
C GLU G 330 46.12 -52.84 26.54
N ASN G 331 46.51 -53.55 27.60
CA ASN G 331 45.54 -53.94 28.63
C ASN G 331 45.15 -52.78 29.55
N GLY G 332 45.80 -51.63 29.41
CA GLY G 332 45.51 -50.48 30.25
C GLY G 332 46.29 -50.43 31.54
N SER G 333 47.09 -51.44 31.84
CA SER G 333 47.90 -51.41 33.06
C SER G 333 49.00 -50.38 32.92
N VAL G 334 49.13 -49.51 33.91
CA VAL G 334 50.17 -48.49 33.93
C VAL G 334 51.36 -49.06 34.71
N MET G 335 52.43 -49.37 34.00
CA MET G 335 53.61 -49.97 34.59
C MET G 335 54.70 -48.93 34.75
N GLY G 336 55.47 -49.06 35.83
CA GLY G 336 56.56 -48.14 36.09
C GLY G 336 57.78 -48.84 36.64
N THR G 337 58.94 -48.53 36.07
CA THR G 337 60.20 -49.13 36.50
C THR G 337 60.95 -48.15 37.39
N TYR G 338 61.57 -48.67 38.44
CA TYR G 338 62.30 -47.86 39.40
C TYR G 338 63.80 -48.10 39.25
N SER G 339 64.59 -47.39 40.06
CA SER G 339 66.04 -47.52 40.01
C SER G 339 66.49 -48.90 40.46
N ASN G 340 65.74 -49.53 41.37
CA ASN G 340 66.11 -50.87 41.84
C ASN G 340 66.01 -51.89 40.71
N GLY G 341 65.03 -51.73 39.83
CA GLY G 341 64.83 -52.65 38.72
C GLY G 341 63.47 -53.32 38.70
N GLU G 342 62.71 -53.26 39.78
CA GLU G 342 61.40 -53.90 39.82
C GLU G 342 60.43 -53.22 38.87
N ASN G 343 59.66 -54.02 38.12
CA ASN G 343 58.66 -53.51 37.20
C ASN G 343 57.29 -53.52 37.89
N VAL G 344 57.16 -52.59 38.84
CA VAL G 344 55.94 -52.50 39.64
C VAL G 344 54.78 -52.03 38.77
N THR G 345 53.64 -52.70 38.92
CA THR G 345 52.42 -52.32 38.20
C THR G 345 51.58 -51.45 39.12
N LEU G 346 51.46 -50.17 38.79
CA LEU G 346 50.71 -49.24 39.65
C LEU G 346 49.23 -49.57 39.65
N GLY G 347 48.67 -49.96 38.51
CA GLY G 347 47.27 -50.29 38.44
C GLY G 347 46.80 -50.36 36.99
N ARG G 348 45.49 -50.42 36.84
CA ARG G 348 44.85 -50.41 35.54
C ARG G 348 43.93 -49.20 35.42
N VAL G 349 43.51 -48.92 34.19
CA VAL G 349 42.60 -47.82 33.91
C VAL G 349 41.21 -48.41 33.69
N ALA G 350 40.26 -47.99 34.51
CA ALA G 350 38.91 -48.54 34.44
C ALA G 350 38.23 -48.13 33.15
N LEU G 351 37.39 -49.03 32.63
CA LEU G 351 36.57 -48.78 31.46
C LEU G 351 35.11 -49.06 31.81
N VAL G 352 34.22 -48.20 31.36
CA VAL G 352 32.80 -48.29 31.69
C VAL G 352 32.00 -48.37 30.40
N ARG G 353 31.03 -49.28 30.36
CA ARG G 353 30.16 -49.45 29.23
C ARG G 353 28.72 -49.48 29.70
N VAL G 354 27.85 -48.77 28.99
CA VAL G 354 26.43 -48.75 29.31
C VAL G 354 25.68 -49.44 28.18
N PRO G 355 24.55 -50.10 28.46
CA PRO G 355 23.82 -50.78 27.37
C PRO G 355 23.22 -49.81 26.36
N ASN G 356 22.65 -48.71 26.83
CA ASN G 356 22.03 -47.71 25.97
C ASN G 356 22.84 -46.42 26.06
N GLU G 357 23.72 -46.19 25.09
CA GLU G 357 24.53 -44.98 25.10
C GLU G 357 23.73 -43.74 24.71
N GLN G 358 22.64 -43.91 23.95
CA GLN G 358 21.83 -42.77 23.52
C GLN G 358 21.05 -42.14 24.67
N GLY G 359 20.98 -42.77 25.83
CA GLY G 359 20.18 -42.27 26.92
C GLY G 359 20.98 -41.61 28.01
N LEU G 360 22.31 -41.61 27.86
CA LEU G 360 23.17 -40.92 28.82
C LEU G 360 22.86 -39.43 28.81
N ASP G 361 22.68 -38.86 30.01
CA ASP G 361 22.50 -37.42 30.12
C ASP G 361 23.84 -36.73 29.97
N LYS G 362 23.82 -35.54 29.40
CA LYS G 362 25.04 -34.82 29.04
C LYS G 362 25.35 -33.79 30.12
N LYS G 363 26.46 -33.98 30.82
CA LYS G 363 26.97 -32.95 31.71
C LYS G 363 27.91 -32.05 30.92
N GLY G 364 28.42 -31.01 31.58
CA GLY G 364 29.35 -30.13 30.91
C GLY G 364 30.72 -30.76 30.74
N GLY G 365 31.49 -30.16 29.84
CA GLY G 365 32.86 -30.61 29.63
C GLY G 365 32.99 -32.00 29.06
N THR G 366 32.14 -32.35 28.09
CA THR G 366 32.21 -33.63 27.37
C THR G 366 32.20 -34.81 28.33
N GLN G 367 31.26 -34.77 29.28
CA GLN G 367 31.12 -35.83 30.26
C GLN G 367 29.67 -36.26 30.33
N TRP G 368 29.47 -37.56 30.60
CA TRP G 368 28.14 -38.15 30.66
C TRP G 368 27.96 -38.86 32.00
N ASP G 369 26.70 -39.11 32.34
CA ASP G 369 26.35 -39.88 33.53
C ASP G 369 25.27 -40.88 33.18
N SER G 370 25.12 -41.89 34.03
CA SER G 370 24.17 -42.97 33.78
C SER G 370 22.83 -42.61 34.41
N THR G 371 21.80 -42.51 33.59
CA THR G 371 20.44 -42.25 34.05
C THR G 371 19.63 -43.53 34.00
N GLN G 372 18.33 -43.41 34.27
CA GLN G 372 17.44 -44.56 34.22
C GLN G 372 17.38 -45.16 32.82
N PHE G 373 17.25 -44.31 31.80
CA PHE G 373 17.11 -44.81 30.43
C PHE G 373 18.39 -45.47 29.94
N SER G 374 19.55 -44.93 30.34
CA SER G 374 20.82 -45.48 29.89
C SER G 374 21.02 -46.90 30.42
N GLY G 375 20.62 -47.15 31.67
CA GLY G 375 20.82 -48.45 32.29
C GLY G 375 21.68 -48.31 33.55
N ASP G 376 22.64 -49.22 33.68
CA ASP G 376 23.60 -49.18 34.78
C ASP G 376 25.01 -49.34 34.22
N LYS G 377 25.95 -48.68 34.87
CA LYS G 377 27.35 -48.74 34.44
C LYS G 377 27.89 -50.15 34.61
N ILE G 378 28.42 -50.73 33.54
CA ILE G 378 29.00 -52.05 33.57
C ILE G 378 30.51 -51.89 33.47
N TRP G 379 31.21 -52.25 34.53
CA TRP G 379 32.65 -52.04 34.61
C TRP G 379 33.41 -53.20 33.96
N GLY G 380 34.62 -52.90 33.53
CA GLY G 380 35.45 -53.92 32.90
C GLY G 380 36.84 -53.38 32.65
N GLU G 381 37.72 -54.29 32.21
CA GLU G 381 39.08 -53.93 31.89
C GLU G 381 39.19 -53.54 30.42
N SER G 382 40.41 -53.41 29.93
CA SER G 382 40.66 -53.10 28.53
C SER G 382 40.88 -54.39 27.75
N ASN G 383 40.30 -54.46 26.56
CA ASN G 383 40.41 -55.62 25.67
C ASN G 383 39.92 -56.89 26.38
N LYS G 384 38.77 -56.78 27.03
CA LYS G 384 38.14 -57.91 27.71
C LYS G 384 36.66 -57.90 27.40
N GLY G 385 36.13 -59.06 27.03
CA GLY G 385 34.71 -59.13 26.71
C GLY G 385 34.37 -58.26 25.52
N SER G 386 33.41 -57.37 25.70
CA SER G 386 32.94 -56.48 24.64
C SER G 386 33.62 -55.12 24.65
N PHE G 387 34.56 -54.89 25.57
CA PHE G 387 35.23 -53.61 25.67
C PHE G 387 36.30 -53.48 24.58
N GLY G 388 36.75 -52.24 24.37
CA GLY G 388 37.79 -51.95 23.41
C GLY G 388 39.16 -51.92 24.04
N THR G 389 40.11 -51.34 23.31
CA THR G 389 41.49 -51.23 23.74
C THR G 389 41.80 -49.79 24.13
N ILE G 390 42.92 -49.62 24.83
CA ILE G 390 43.39 -48.31 25.27
C ILE G 390 44.75 -48.06 24.64
N ASN G 391 44.87 -46.95 23.91
CA ASN G 391 46.12 -46.58 23.26
C ASN G 391 46.62 -45.26 23.86
N ASN G 392 47.87 -45.25 24.28
CA ASN G 392 48.49 -44.03 24.78
C ASN G 392 49.11 -43.24 23.62
N GLY G 393 49.23 -41.93 23.82
CA GLY G 393 49.75 -41.06 22.80
C GLY G 393 48.76 -40.62 21.75
N MET G 394 47.47 -40.82 21.98
CA MET G 394 46.43 -40.43 21.02
C MET G 394 45.33 -39.70 21.75
N LEU G 395 44.53 -38.96 20.98
CA LEU G 395 43.34 -38.29 21.49
C LEU G 395 42.23 -38.40 20.46
N GLU G 396 40.99 -38.27 20.93
CA GLU G 396 39.82 -38.33 20.07
C GLU G 396 39.40 -36.93 19.66
N GLN G 397 39.11 -36.75 18.38
CA GLN G 397 38.52 -35.52 17.89
C GLN G 397 37.01 -35.69 17.79
N SER G 398 36.33 -34.61 17.41
CA SER G 398 34.89 -34.70 17.21
C SER G 398 34.56 -35.60 16.03
N ASN G 399 33.49 -36.37 16.19
CA ASN G 399 33.07 -37.30 15.14
C ASN G 399 32.04 -36.63 14.23
N ILE G 400 32.48 -35.54 13.59
CA ILE G 400 31.63 -34.75 12.71
C ILE G 400 32.30 -34.65 11.35
N ASP G 401 31.47 -34.35 10.34
CA ASP G 401 31.94 -34.11 8.99
C ASP G 401 31.55 -32.71 8.59
N MET G 402 32.53 -31.85 8.30
CA MET G 402 32.26 -30.44 8.05
C MET G 402 31.33 -30.26 6.86
N THR G 403 31.58 -30.98 5.77
CA THR G 403 30.76 -30.83 4.57
C THR G 403 29.31 -31.17 4.85
N GLN G 404 29.07 -32.27 5.56
CA GLN G 404 27.70 -32.65 5.89
C GLN G 404 27.05 -31.62 6.78
N GLU G 405 27.79 -31.05 7.73
CA GLU G 405 27.23 -30.01 8.59
C GLU G 405 26.83 -28.78 7.80
N LEU G 406 27.67 -28.36 6.84
CA LEU G 406 27.34 -27.20 6.04
C LEU G 406 26.12 -27.46 5.16
N VAL G 407 26.03 -28.66 4.57
CA VAL G 407 24.87 -28.98 3.75
C VAL G 407 23.60 -29.00 4.61
N ASP G 408 23.68 -29.57 5.81
CA ASP G 408 22.54 -29.55 6.71
C ASP G 408 22.16 -28.13 7.09
N LEU G 409 23.15 -27.26 7.27
CA LEU G 409 22.88 -25.86 7.58
C LEU G 409 22.10 -25.20 6.45
N ILE G 410 22.52 -25.43 5.21
CA ILE G 410 21.84 -24.84 4.07
C ILE G 410 20.41 -25.36 3.98
N SER G 411 20.23 -26.68 4.17
CA SER G 411 18.89 -27.25 4.10
C SER G 411 17.99 -26.71 5.19
N ALA G 412 18.52 -26.55 6.40
CA ALA G 412 17.74 -25.98 7.50
C ALA G 412 17.33 -24.55 7.20
N GLN G 413 18.23 -23.77 6.61
CA GLN G 413 17.87 -22.40 6.23
C GLN G 413 16.75 -22.41 5.20
N ARG G 414 16.84 -23.31 4.21
CA ARG G 414 15.79 -23.37 3.20
C ARG G 414 14.44 -23.74 3.82
N ASN G 415 14.44 -24.71 4.74
CA ASN G 415 13.19 -25.08 5.41
C ASN G 415 12.63 -23.93 6.23
N PHE G 416 13.50 -23.21 6.93
CA PHE G 416 13.06 -22.06 7.72
C PHE G 416 12.43 -21.00 6.83
N GLN G 417 13.03 -20.73 5.67
CA GLN G 417 12.46 -19.76 4.75
C GLN G 417 11.10 -20.23 4.24
N ALA G 418 10.97 -21.52 3.93
CA ALA G 418 9.68 -22.03 3.47
C ALA G 418 8.61 -21.87 4.53
N ASN G 419 8.94 -22.20 5.78
CA ASN G 419 7.96 -22.06 6.86
C ASN G 419 7.59 -20.60 7.09
N SER G 420 8.57 -19.70 7.01
CA SER G 420 8.28 -18.28 7.15
C SER G 420 7.36 -17.80 6.04
N ARG G 421 7.57 -18.30 4.81
CA ARG G 421 6.67 -17.95 3.72
C ARG G 421 5.26 -18.42 4.00
N SER G 422 5.11 -19.63 4.52
CA SER G 422 3.78 -20.13 4.85
C SER G 422 3.11 -19.27 5.92
N LEU G 423 3.86 -18.89 6.94
CA LEU G 423 3.32 -18.04 7.99
C LEU G 423 2.89 -16.68 7.43
N GLU G 424 3.71 -16.12 6.54
CA GLU G 424 3.35 -14.86 5.91
C GLU G 424 2.08 -14.97 5.11
N VAL G 425 1.90 -16.10 4.41
CA VAL G 425 0.66 -16.31 3.64
C VAL G 425 -0.53 -16.36 4.57
N HIS G 426 -0.40 -17.07 5.70
CA HIS G 426 -1.50 -17.12 6.67
C HIS G 426 -1.87 -15.73 7.16
N ASN G 427 -0.85 -14.94 7.54
CA ASN G 427 -1.11 -13.60 8.05
C ASN G 427 -1.76 -12.72 7.00
N GLN G 428 -1.29 -12.84 5.75
CA GLN G 428 -1.87 -12.03 4.68
C GLN G 428 -3.33 -12.40 4.44
N LEU G 429 -3.66 -13.69 4.51
CA LEU G 429 -5.06 -14.09 4.37
C LEU G 429 -5.91 -13.51 5.48
N GLN G 430 -5.41 -13.58 6.71
CA GLN G 430 -6.18 -13.01 7.83
C GLN G 430 -6.40 -11.52 7.66
N GLN G 431 -5.35 -10.79 7.27
CA GLN G 431 -5.49 -9.35 7.08
C GLN G 431 -6.38 -9.03 5.89
N ASN G 432 -6.40 -9.88 4.87
CA ASN G 432 -7.33 -9.69 3.77
C ASN G 432 -8.77 -9.83 4.22
N ILE G 433 -9.04 -10.81 5.08
CA ILE G 433 -10.39 -10.95 5.61
C ILE G 433 -10.74 -9.75 6.49
N LEU G 434 -9.77 -9.23 7.23
CA LEU G 434 -10.02 -8.11 8.14
C LEU G 434 -10.61 -6.90 7.41
N GLN G 435 -10.25 -6.70 6.15
CA GLN G 435 -10.65 -5.51 5.41
C GLN G 435 -11.90 -5.79 4.56
N ILE G 436 -13.00 -6.03 5.25
CA ILE G 436 -14.29 -6.26 4.58
C ILE G 436 -15.37 -5.38 5.21
N SER H 2 4.99 2.02 24.29
CA SER H 2 5.88 2.57 23.29
C SER H 2 7.18 3.05 23.92
N TYR H 3 7.09 3.52 25.17
CA TYR H 3 8.28 3.99 25.87
C TYR H 3 9.26 2.85 26.14
N VAL H 4 8.75 1.62 26.29
CA VAL H 4 9.65 0.48 26.47
C VAL H 4 10.47 0.26 25.21
N SER H 5 9.83 0.35 24.04
CA SER H 5 10.56 0.22 22.79
C SER H 5 11.55 1.37 22.59
N LEU H 6 11.16 2.56 23.03
CA LEU H 6 12.08 3.69 22.96
C LEU H 6 13.30 3.47 23.85
N SER H 7 13.09 2.91 25.04
CA SER H 7 14.21 2.56 25.90
C SER H 7 15.11 1.50 25.26
N GLY H 8 14.49 0.52 24.61
CA GLY H 8 15.28 -0.47 23.88
C GLY H 8 16.12 0.14 22.78
N LEU H 9 15.52 1.06 22.02
CA LEU H 9 16.26 1.77 20.98
C LEU H 9 17.43 2.55 21.58
N SER H 10 17.18 3.24 22.70
CA SER H 10 18.23 4.03 23.33
C SER H 10 19.37 3.14 23.80
N ALA H 11 19.04 1.99 24.40
CA ALA H 11 20.08 1.07 24.87
C ALA H 11 20.89 0.52 23.70
N ALA H 12 20.22 0.12 22.62
CA ALA H 12 20.94 -0.39 21.46
C ALA H 12 21.85 0.68 20.86
N GLN H 13 21.36 1.92 20.80
CA GLN H 13 22.18 2.99 20.24
C GLN H 13 23.37 3.30 21.14
N LEU H 14 23.19 3.24 22.47
CA LEU H 14 24.32 3.43 23.38
C LEU H 14 25.37 2.35 23.19
N ASP H 15 24.94 1.10 23.06
CA ASP H 15 25.90 0.02 22.82
C ASP H 15 26.62 0.22 21.49
N LEU H 16 25.88 0.64 20.47
CA LEU H 16 26.49 0.91 19.17
C LEU H 16 27.54 2.01 19.28
N ASN H 17 27.22 3.08 20.02
CA ASN H 17 28.17 4.18 20.19
C ASN H 17 29.42 3.72 20.92
N THR H 18 29.24 2.91 21.97
CA THR H 18 30.40 2.41 22.70
C THR H 18 31.29 1.56 21.80
N THR H 19 30.68 0.66 21.01
CA THR H 19 31.47 -0.17 20.11
C THR H 19 32.18 0.67 19.06
N SER H 20 31.50 1.70 18.54
CA SER H 20 32.13 2.57 17.54
C SER H 20 33.31 3.31 18.15
N ASN H 21 33.17 3.78 19.38
CA ASN H 21 34.30 4.45 20.05
C ASN H 21 35.47 3.50 20.24
N ASN H 22 35.19 2.26 20.65
CA ASN H 22 36.24 1.27 20.81
C ASN H 22 36.94 0.99 19.49
N ILE H 23 36.18 0.88 18.40
CA ILE H 23 36.78 0.64 17.09
C ILE H 23 37.62 1.83 16.66
N ALA H 24 37.12 3.04 16.87
CA ALA H 24 37.85 4.24 16.46
C ALA H 24 39.16 4.37 17.22
N ASN H 25 39.17 4.02 18.50
CA ASN H 25 40.38 4.14 19.31
C ASN H 25 41.31 2.93 19.17
N ALA H 26 41.21 2.18 18.08
CA ALA H 26 42.02 0.97 17.92
C ALA H 26 43.51 1.26 17.85
N ASN H 27 43.92 2.46 17.46
CA ASN H 27 45.33 2.79 17.32
C ASN H 27 45.86 3.70 18.41
N THR H 28 45.00 4.21 19.28
CA THR H 28 45.44 5.08 20.36
C THR H 28 46.31 4.31 21.35
N TYR H 29 47.42 4.92 21.76
CA TYR H 29 48.34 4.29 22.69
C TYR H 29 47.77 4.36 24.10
N GLY H 30 47.73 3.22 24.79
CA GLY H 30 47.29 3.19 26.15
C GLY H 30 45.80 3.26 26.36
N PHE H 31 45.01 3.22 25.29
CA PHE H 31 43.56 3.27 25.43
C PHE H 31 43.04 1.99 26.08
N LYS H 32 41.97 2.14 26.85
CA LYS H 32 41.30 1.03 27.49
C LYS H 32 39.86 0.96 26.99
N GLU H 33 39.44 -0.23 26.55
CA GLU H 33 38.12 -0.37 25.95
C GLU H 33 37.03 -0.18 27.00
N SER H 34 35.81 0.04 26.52
CA SER H 34 34.66 0.27 27.37
C SER H 34 33.57 -0.73 27.03
N ARG H 35 32.78 -1.09 28.05
CA ARG H 35 31.69 -2.05 27.90
C ARG H 35 30.41 -1.42 28.42
N ALA H 36 29.31 -1.65 27.70
CA ALA H 36 28.02 -1.08 28.05
C ALA H 36 27.19 -2.13 28.76
N GLU H 37 26.74 -1.81 29.98
CA GLU H 37 25.97 -2.72 30.80
C GLU H 37 24.62 -2.10 31.10
N PHE H 38 23.56 -2.90 30.98
CA PHE H 38 22.19 -2.41 31.13
C PHE H 38 21.49 -3.16 32.25
N ALA H 39 20.33 -2.64 32.63
CA ALA H 39 19.54 -3.20 33.72
C ALA H 39 18.06 -3.05 33.42
N ASP H 40 17.27 -3.95 33.99
CA ASP H 40 15.83 -3.93 33.80
C ASP H 40 15.19 -2.83 34.66
N VAL H 41 14.01 -2.39 34.23
CA VAL H 41 13.26 -1.35 34.91
C VAL H 41 11.94 -1.93 35.38
N TYR H 42 11.56 -1.62 36.62
CA TYR H 42 10.29 -2.06 37.15
C TYR H 42 9.84 -1.08 38.22
N SER H 43 8.53 -0.83 38.26
CA SER H 43 7.97 0.12 39.21
C SER H 43 7.98 -0.43 40.63
N ASN H 44 7.89 0.47 41.60
CA ASN H 44 7.86 0.13 43.02
C ASN H 44 6.71 0.86 43.71
N SER H 45 5.54 0.82 43.11
CA SER H 45 4.38 1.50 43.68
C SER H 45 3.96 0.83 44.98
N LEU H 46 3.35 1.62 45.86
CA LEU H 46 2.88 1.11 47.15
C LEU H 46 1.79 0.06 46.95
N PHE H 47 0.88 0.31 46.03
CA PHE H 47 -0.18 -0.63 45.67
C PHE H 47 0.10 -1.15 44.26
N THR H 48 0.87 -2.22 44.19
CA THR H 48 1.32 -2.79 42.93
C THR H 48 0.61 -4.12 42.69
N ASN H 49 0.08 -4.30 41.47
CA ASN H 49 -0.54 -5.58 41.12
C ASN H 49 0.50 -6.68 40.93
N ALA H 50 1.72 -6.31 40.49
CA ALA H 50 2.83 -7.25 40.32
C ALA H 50 2.52 -8.32 39.29
N LYS H 51 1.55 -9.18 39.57
CA LYS H 51 1.24 -10.28 38.66
C LYS H 51 0.72 -9.76 37.33
N THR H 52 -0.04 -8.67 37.35
CA THR H 52 -0.68 -8.13 36.14
C THR H 52 0.05 -6.92 35.59
N THR H 53 1.27 -6.65 36.06
CA THR H 53 2.03 -5.48 35.60
C THR H 53 3.25 -5.94 34.83
N PRO H 54 3.40 -5.54 33.57
CA PRO H 54 4.59 -5.92 32.79
C PRO H 54 5.80 -5.08 33.14
N GLY H 55 6.89 -5.27 32.41
CA GLY H 55 8.11 -4.55 32.68
C GLY H 55 8.04 -3.09 32.28
N GLY H 56 9.16 -2.40 32.45
CA GLY H 56 9.23 -0.98 32.17
C GLY H 56 10.35 -0.61 31.23
N GLY H 57 10.88 -1.58 30.50
CA GLY H 57 11.92 -1.31 29.53
C GLY H 57 13.31 -1.67 30.03
N ALA H 58 14.33 -1.03 29.47
CA ALA H 58 15.72 -1.29 29.83
C ALA H 58 16.42 0.03 30.07
N GLN H 59 17.17 0.11 31.17
CA GLN H 59 17.88 1.32 31.57
C GLN H 59 19.37 1.05 31.56
N ALA H 60 20.14 1.99 31.04
CA ALA H 60 21.59 1.87 31.06
C ALA H 60 22.10 1.95 32.49
N SER H 61 22.92 0.98 32.87
CA SER H 61 23.45 0.91 34.23
C SER H 61 24.76 1.69 34.35
N GLN H 62 25.75 1.31 33.55
CA GLN H 62 27.05 1.98 33.56
C GLN H 62 27.82 1.58 32.31
N VAL H 63 28.76 2.43 31.93
CA VAL H 63 29.70 2.12 30.86
C VAL H 63 31.03 1.73 31.52
N ALA H 64 31.40 0.47 31.42
CA ALA H 64 32.57 -0.04 32.10
C ALA H 64 33.84 0.48 31.43
N GLN H 65 34.96 0.24 32.10
CA GLN H 65 36.28 0.70 31.68
C GLN H 65 37.30 -0.42 31.82
N GLN H 66 36.98 -1.59 31.23
CA GLN H 66 37.81 -2.78 31.31
C GLN H 66 39.29 -2.45 31.17
N PHE H 67 40.08 -2.82 32.18
CA PHE H 67 41.47 -2.43 32.29
C PHE H 67 42.41 -3.61 32.08
N HIS H 68 41.98 -4.61 31.32
CA HIS H 68 42.84 -5.75 31.07
C HIS H 68 44.03 -5.33 30.22
N GLU H 69 45.18 -5.93 30.50
CA GLU H 69 46.42 -5.54 29.83
C GLU H 69 46.29 -5.68 28.32
N GLY H 70 46.70 -4.64 27.60
CA GLY H 70 46.74 -4.69 26.16
C GLY H 70 48.07 -5.18 25.63
N SER H 71 48.08 -5.47 24.33
CA SER H 71 49.31 -5.93 23.71
C SER H 71 50.32 -4.79 23.64
N SER H 72 51.59 -5.17 23.46
CA SER H 72 52.68 -4.22 23.45
C SER H 72 53.37 -4.23 22.10
N ILE H 73 53.73 -3.05 21.61
CA ILE H 73 54.47 -2.90 20.37
C ILE H 73 55.88 -2.43 20.71
N TYR H 74 56.83 -2.81 19.85
CA TYR H 74 58.22 -2.48 20.05
C TYR H 74 58.63 -1.43 19.03
N THR H 75 59.12 -0.29 19.54
CA THR H 75 59.60 0.79 18.70
C THR H 75 61.11 0.99 18.79
N ASN H 76 61.78 0.31 19.70
CA ASN H 76 63.22 0.43 19.91
C ASN H 76 63.63 1.86 20.23
N ASN H 77 62.72 2.67 20.75
CA ASN H 77 63.01 4.03 21.15
C ASN H 77 63.17 4.08 22.66
N PRO H 78 64.35 4.42 23.19
CA PRO H 78 64.56 4.32 24.64
C PRO H 78 63.65 5.20 25.46
N MET H 79 63.08 6.26 24.89
CA MET H 79 62.20 7.14 25.64
C MET H 79 60.77 6.64 25.72
N ASP H 80 60.45 5.51 25.10
CA ASP H 80 59.11 4.94 25.17
C ASP H 80 59.04 3.98 26.35
N LEU H 81 58.01 4.13 27.17
CA LEU H 81 57.88 3.35 28.40
C LEU H 81 56.52 2.67 28.44
N ARG H 82 56.48 1.51 29.09
CA ARG H 82 55.27 0.73 29.24
C ARG H 82 55.21 0.14 30.64
N VAL H 83 54.03 0.19 31.26
CA VAL H 83 53.80 -0.37 32.58
C VAL H 83 53.26 -1.78 32.41
N SER H 84 54.10 -2.78 32.69
CA SER H 84 53.68 -4.18 32.61
C SER H 84 53.10 -4.60 33.96
N GLY H 85 51.79 -4.80 33.99
CA GLY H 85 51.14 -5.16 35.24
C GLY H 85 50.18 -4.11 35.74
N THR H 86 50.24 -3.80 37.03
CA THR H 86 49.33 -2.83 37.65
C THR H 86 50.08 -1.54 37.95
N GLY H 87 49.50 -0.43 37.56
CA GLY H 87 50.06 0.87 37.85
C GLY H 87 49.88 1.84 36.69
N PHE H 88 49.84 3.12 37.02
CA PHE H 88 49.70 4.19 36.04
C PHE H 88 50.85 5.16 36.15
N PHE H 89 51.25 5.72 35.02
CA PHE H 89 52.16 6.86 35.02
C PHE H 89 51.47 8.08 35.60
N ALA H 90 52.26 8.97 36.21
CA ALA H 90 51.76 10.21 36.76
C ALA H 90 52.35 11.39 35.99
N VAL H 91 51.49 12.23 35.44
CA VAL H 91 51.92 13.39 34.66
C VAL H 91 51.26 14.64 35.22
N ALA H 92 52.00 15.74 35.24
CA ALA H 92 51.53 17.00 35.80
C ALA H 92 51.33 18.02 34.69
N LYS H 93 50.27 18.82 34.83
CA LYS H 93 49.98 19.85 33.83
C LYS H 93 51.11 20.89 33.77
N GLU H 94 51.55 21.36 34.94
CA GLU H 94 52.58 22.38 35.03
C GLU H 94 53.74 21.88 35.89
N ARG H 95 54.94 22.37 35.59
CA ARG H 95 56.12 21.94 36.31
C ARG H 95 56.07 22.36 37.78
N LEU H 96 55.56 23.56 38.05
CA LEU H 96 55.58 24.13 39.38
C LEU H 96 54.43 23.65 40.26
N THR H 97 53.52 22.84 39.74
CA THR H 97 52.40 22.31 40.51
C THR H 97 52.33 20.79 40.32
N PRO H 98 53.26 20.05 40.92
CA PRO H 98 53.20 18.59 40.83
C PRO H 98 51.97 17.99 41.48
N GLN H 99 51.33 18.72 42.40
CA GLN H 99 50.13 18.22 43.05
C GLN H 99 49.01 17.97 42.05
N GLN H 100 48.82 18.89 41.12
CA GLN H 100 47.79 18.75 40.08
C GLN H 100 48.32 17.80 39.02
N ASN H 101 47.94 16.53 39.13
CA ASN H 101 48.46 15.49 38.24
C ASN H 101 47.33 14.59 37.78
N GLU H 102 47.57 13.90 36.68
CA GLU H 102 46.61 12.94 36.11
C GLU H 102 47.34 11.68 35.73
N LEU H 103 46.59 10.58 35.67
CA LEU H 103 47.15 9.26 35.39
C LEU H 103 47.06 8.95 33.91
N THR H 104 48.07 8.25 33.39
CA THR H 104 48.10 7.86 31.99
C THR H 104 48.78 6.52 31.87
N ARG H 105 48.65 5.93 30.68
CA ARG H 105 49.26 4.63 30.39
C ARG H 105 50.20 4.64 29.20
N ASN H 106 50.08 5.60 28.28
CA ASN H 106 51.01 5.68 27.17
C ASN H 106 52.36 6.20 27.64
N GLY H 107 53.41 5.83 26.92
CA GLY H 107 54.75 6.22 27.32
C GLY H 107 55.52 6.95 26.24
N ALA H 108 54.81 7.68 25.38
CA ALA H 108 55.46 8.46 24.32
C ALA H 108 56.08 9.69 24.94
N PHE H 109 57.31 9.54 25.43
CA PHE H 109 57.99 10.61 26.15
C PHE H 109 59.13 11.19 25.30
N HIS H 110 59.45 12.44 25.58
CA HIS H 110 60.56 13.12 24.92
C HIS H 110 61.01 14.28 25.79
N LEU H 111 62.23 14.76 25.55
CA LEU H 111 62.80 15.88 26.27
C LEU H 111 62.30 17.18 25.66
N ASN H 112 61.86 18.10 26.52
CA ASN H 112 61.46 19.43 26.08
C ASN H 112 62.69 20.33 26.04
N LYS H 113 62.48 21.63 25.85
CA LYS H 113 63.61 22.55 25.75
C LYS H 113 64.34 22.72 27.07
N GLU H 114 63.73 22.33 28.19
CA GLU H 114 64.35 22.40 29.50
C GLU H 114 64.91 21.07 29.95
N ASN H 115 64.95 20.08 29.05
CA ASN H 115 65.44 18.73 29.37
C ASN H 115 64.59 18.06 30.45
N TYR H 116 63.28 18.21 30.35
CA TYR H 116 62.33 17.47 31.17
C TYR H 116 61.59 16.46 30.31
N MET H 117 61.32 15.29 30.86
CA MET H 117 60.56 14.28 30.15
C MET H 117 59.09 14.64 30.18
N VAL H 118 58.51 14.85 29.00
CA VAL H 118 57.13 15.29 28.86
C VAL H 118 56.40 14.38 27.90
N THR H 119 55.08 14.46 27.92
CA THR H 119 54.23 13.69 27.03
C THR H 119 54.08 14.43 25.70
N ALA H 120 53.16 13.97 24.86
CA ALA H 120 52.92 14.64 23.59
C ALA H 120 52.41 16.06 23.81
N ASN H 121 51.55 16.25 24.79
CA ASN H 121 50.98 17.56 25.09
C ASN H 121 51.87 18.40 25.99
N ASP H 122 53.15 18.05 26.11
CA ASP H 122 54.10 18.77 26.96
C ASP H 122 53.63 18.82 28.42
N GLU H 123 53.22 17.66 28.92
CA GLU H 123 52.87 17.49 30.33
C GLU H 123 54.02 16.76 31.03
N PHE H 124 54.54 17.36 32.08
CA PHE H 124 55.74 16.83 32.73
C PHE H 124 55.46 15.49 33.40
N LEU H 125 56.44 14.59 33.32
CA LEU H 125 56.34 13.28 33.94
C LEU H 125 56.85 13.35 35.37
N LEU H 126 56.03 12.87 36.31
CA LEU H 126 56.35 12.95 37.73
C LEU H 126 57.22 11.78 38.16
N GLY H 127 58.25 12.08 38.96
CA GLY H 127 59.15 11.06 39.43
C GLY H 127 59.66 11.39 40.83
N TYR H 128 60.40 10.44 41.40
CA TYR H 128 60.95 10.58 42.74
C TYR H 128 62.37 11.11 42.68
N GLN H 129 62.99 11.26 43.85
CA GLN H 129 64.37 11.71 43.97
C GLN H 129 65.11 10.73 44.87
N VAL H 130 66.03 9.98 44.28
CA VAL H 130 66.73 8.92 45.01
C VAL H 130 67.97 9.51 45.70
N ASP H 131 68.51 8.73 46.64
CA ASP H 131 69.73 9.11 47.35
C ASP H 131 70.94 8.94 46.44
N PRO H 132 72.02 9.67 46.70
CA PRO H 132 73.23 9.50 45.87
C PRO H 132 73.78 8.08 45.91
N SER H 133 73.99 7.53 47.11
CA SER H 133 74.53 6.18 47.27
C SER H 133 73.44 5.15 47.53
N SER H 134 72.56 5.40 48.49
CA SER H 134 71.50 4.45 48.81
C SER H 134 70.50 4.38 47.66
N GLY H 135 70.18 3.15 47.24
CA GLY H 135 69.21 2.97 46.18
C GLY H 135 67.81 3.40 46.58
N GLU H 136 67.46 3.23 47.85
CA GLU H 136 66.13 3.59 48.32
C GLU H 136 65.87 5.08 48.16
N VAL H 137 64.67 5.43 47.71
CA VAL H 137 64.29 6.82 47.55
C VAL H 137 63.97 7.41 48.92
N SER H 138 64.50 8.61 49.18
CA SER H 138 64.29 9.24 50.48
C SER H 138 62.89 9.83 50.60
N SER H 139 62.55 10.78 49.73
CA SER H 139 61.27 11.46 49.79
C SER H 139 60.33 10.93 48.73
N TYR H 140 59.08 10.68 49.14
CA TYR H 140 58.07 10.11 48.25
C TYR H 140 57.22 11.16 47.55
N GLU H 141 57.55 12.44 47.70
CA GLU H 141 56.79 13.45 46.97
C GLU H 141 57.12 13.39 45.48
N PRO H 142 56.13 13.62 44.62
CA PRO H 142 56.39 13.61 43.18
C PRO H 142 56.97 14.93 42.70
N GLN H 143 57.94 14.84 41.81
CA GLN H 143 58.56 16.02 41.23
C GLN H 143 58.89 15.74 39.77
N PRO H 144 58.96 16.79 38.94
CA PRO H 144 59.31 16.58 37.54
C PRO H 144 60.70 15.99 37.39
N ILE H 145 60.87 15.15 36.37
CA ILE H 145 62.14 14.49 36.11
C ILE H 145 62.97 15.34 35.17
N ASN H 146 64.18 15.68 35.60
CA ASN H 146 65.10 16.48 34.82
C ASN H 146 66.33 15.66 34.45
N ILE H 147 66.81 15.83 33.22
CA ILE H 147 67.99 15.10 32.75
C ILE H 147 69.03 16.12 32.34
N PRO H 148 69.86 16.59 33.28
CA PRO H 148 70.86 17.61 32.94
C PRO H 148 71.85 17.09 31.92
N ALA H 149 72.32 17.99 31.06
CA ALA H 149 73.31 17.67 30.05
C ALA H 149 74.74 17.82 30.56
N GLU H 150 74.92 18.31 31.79
CA GLU H 150 76.25 18.50 32.34
C GLU H 150 76.28 18.01 33.78
N PHE H 151 77.39 17.36 34.15
CA PHE H 151 77.66 17.00 35.54
C PHE H 151 78.36 18.19 36.21
N GLY H 152 77.61 19.29 36.30
CA GLY H 152 78.19 20.56 36.70
C GLY H 152 78.48 20.71 38.17
N LYS H 153 79.32 19.83 38.71
CA LYS H 153 79.76 19.93 40.09
C LYS H 153 81.03 19.13 40.30
N PRO H 154 82.21 19.74 40.09
CA PRO H 154 83.46 19.02 40.35
C PRO H 154 83.53 18.55 41.79
N LYS H 155 83.54 17.23 41.99
CA LYS H 155 83.49 16.64 43.32
C LYS H 155 84.91 16.35 43.79
N GLN H 156 85.30 16.96 44.91
CA GLN H 156 86.64 16.78 45.44
C GLN H 156 86.81 15.35 45.97
N THR H 157 88.06 14.90 45.96
CA THR H 157 88.39 13.57 46.46
C THR H 157 88.36 13.59 47.99
N ALA H 158 87.62 12.67 48.58
CA ALA H 158 87.50 12.62 50.04
C ALA H 158 87.82 11.23 50.57
N ASN H 159 87.43 10.19 49.84
CA ASN H 159 87.63 8.82 50.29
C ASN H 159 88.39 8.05 49.23
N ILE H 160 89.43 7.33 49.66
CA ILE H 160 90.24 6.51 48.77
C ILE H 160 90.33 5.12 49.38
N GLU H 161 89.86 4.12 48.63
CA GLU H 161 89.96 2.72 49.05
C GLU H 161 91.06 2.05 48.26
N VAL H 162 92.03 1.48 48.97
CA VAL H 162 93.18 0.84 48.35
C VAL H 162 93.27 -0.58 48.86
N GLY H 163 93.33 -1.55 47.94
CA GLY H 163 93.54 -2.93 48.30
C GLY H 163 94.77 -3.51 47.63
N VAL H 164 95.79 -3.83 48.42
CA VAL H 164 97.07 -4.28 47.89
C VAL H 164 97.48 -5.56 48.59
N ASN H 165 98.35 -6.31 47.91
CA ASN H 165 98.98 -7.49 48.47
C ASN H 165 100.46 -7.22 48.65
N LEU H 166 100.94 -7.35 49.89
CA LEU H 166 102.34 -6.99 50.04
C LEU H 166 103.21 -8.23 50.09
N PRO H 167 104.40 -8.17 49.49
CA PRO H 167 105.27 -9.37 49.48
C PRO H 167 105.81 -9.65 50.87
N ALA H 168 105.52 -10.85 51.37
CA ALA H 168 106.00 -11.25 52.69
C ALA H 168 107.50 -11.51 52.69
N ASN H 169 108.08 -11.83 51.54
CA ASN H 169 109.50 -12.10 51.43
C ASN H 169 110.31 -10.84 51.09
N GLY H 170 109.68 -9.68 51.12
CA GLY H 170 110.40 -8.45 50.81
C GLY H 170 111.48 -8.16 51.84
N ASP H 171 112.54 -7.51 51.37
CA ASP H 171 113.68 -7.21 52.24
C ASP H 171 113.31 -6.15 53.27
N LEU H 172 113.82 -6.32 54.48
CA LEU H 172 113.54 -5.39 55.56
C LEU H 172 114.25 -4.07 55.34
N LYS H 173 113.65 -3.00 55.86
CA LYS H 173 114.19 -1.66 55.71
C LYS H 173 114.16 -0.95 57.06
N ASP H 174 114.94 0.14 57.15
CA ASP H 174 115.04 0.90 58.38
C ASP H 174 113.95 1.96 58.42
N PRO H 175 113.03 1.92 59.39
CA PRO H 175 111.99 2.95 59.46
C PRO H 175 112.53 4.35 59.64
N THR H 176 113.62 4.51 60.39
CA THR H 176 114.16 5.83 60.66
C THR H 176 114.91 6.42 59.47
N GLN H 177 115.26 5.60 58.49
CA GLN H 177 116.00 6.06 57.31
C GLN H 177 115.08 6.29 56.11
N PHE H 178 113.77 6.33 56.32
CA PHE H 178 112.85 6.49 55.20
C PHE H 178 112.99 7.87 54.58
N ASP H 179 112.97 7.91 53.24
CA ASP H 179 113.03 9.17 52.50
C ASP H 179 112.45 8.91 51.12
N PHE H 180 111.43 9.68 50.75
CA PHE H 180 110.80 9.49 49.44
C PHE H 180 111.74 9.81 48.29
N SER H 181 112.79 10.61 48.53
CA SER H 181 113.71 10.96 47.47
C SER H 181 114.66 9.83 47.11
N ASP H 182 114.86 8.86 48.00
CA ASP H 182 115.76 7.75 47.74
C ASP H 182 114.96 6.47 47.57
N PRO H 183 114.96 5.86 46.38
CA PRO H 183 114.16 4.64 46.19
C PRO H 183 114.56 3.48 47.08
N ASP H 184 115.85 3.37 47.42
CA ASP H 184 116.32 2.21 48.18
C ASP H 184 115.89 2.22 49.63
N THR H 185 115.43 3.36 50.16
CA THR H 185 115.05 3.41 51.56
C THR H 185 113.74 2.66 51.81
N TYR H 186 112.87 2.58 50.82
CA TYR H 186 111.58 1.90 50.95
C TYR H 186 111.54 0.69 50.02
N ASN H 187 110.38 0.03 49.99
CA ASN H 187 110.20 -1.19 49.20
C ASN H 187 109.50 -0.94 47.88
N ARG H 188 108.29 -0.38 47.92
CA ARG H 188 107.47 -0.20 46.73
C ARG H 188 106.84 1.18 46.74
N SER H 189 106.50 1.66 45.55
CA SER H 189 105.88 2.96 45.37
C SER H 189 104.83 2.86 44.26
N THR H 190 103.65 3.44 44.52
CA THR H 190 102.59 3.49 43.53
C THR H 190 102.08 4.91 43.38
N SER H 191 101.59 5.24 42.18
CA SER H 191 101.12 6.58 41.87
C SER H 191 99.65 6.53 41.48
N SER H 192 98.93 7.61 41.80
CA SER H 192 97.51 7.67 41.52
C SER H 192 97.11 9.13 41.36
N THR H 193 95.88 9.34 40.88
CA THR H 193 95.36 10.67 40.58
C THR H 193 94.22 11.01 41.52
N ILE H 194 94.23 12.24 42.04
CA ILE H 194 93.18 12.75 42.90
C ILE H 194 92.74 14.11 42.36
N TYR H 195 91.56 14.54 42.80
CA TYR H 195 90.96 15.78 42.33
C TYR H 195 90.56 16.65 43.52
N ASP H 196 90.76 17.95 43.37
CA ASP H 196 90.41 18.92 44.41
C ASP H 196 89.00 19.44 44.17
N SER H 197 88.65 20.54 44.84
CA SER H 197 87.31 21.11 44.69
C SER H 197 87.06 21.62 43.28
N MET H 198 88.06 22.26 42.66
CA MET H 198 87.89 22.84 41.34
C MET H 198 88.11 21.84 40.21
N GLY H 199 88.40 20.59 40.54
CA GLY H 199 88.62 19.57 39.53
C GLY H 199 90.05 19.46 39.04
N GLN H 200 90.98 20.23 39.60
CA GLN H 200 92.38 20.11 39.22
C GLN H 200 92.90 18.73 39.63
N SER H 201 93.63 18.10 38.71
CA SER H 201 94.16 16.76 38.95
C SER H 201 95.50 16.84 39.66
N TYR H 202 95.67 16.03 40.71
CA TYR H 202 96.91 15.96 41.45
C TYR H 202 97.41 14.52 41.47
N LYS H 203 98.72 14.38 41.53
CA LYS H 203 99.37 13.07 41.50
C LYS H 203 99.68 12.65 42.93
N LEU H 204 99.08 11.54 43.35
CA LEU H 204 99.26 11.01 44.70
C LEU H 204 100.17 9.78 44.63
N THR H 205 101.27 9.82 45.38
CA THR H 205 102.23 8.74 45.42
C THR H 205 102.24 8.11 46.80
N THR H 206 102.14 6.79 46.85
CA THR H 206 102.13 6.04 48.10
C THR H 206 103.37 5.17 48.20
N TYR H 207 104.09 5.28 49.30
CA TYR H 207 105.32 4.52 49.54
C TYR H 207 105.06 3.49 50.64
N TYR H 208 105.45 2.25 50.37
CA TYR H 208 105.30 1.17 51.34
C TYR H 208 106.67 0.74 51.83
N LEU H 209 106.83 0.68 53.15
CA LEU H 209 108.09 0.29 53.77
C LEU H 209 107.85 -0.85 54.74
N LYS H 210 108.67 -1.89 54.63
CA LYS H 210 108.55 -3.06 55.50
C LYS H 210 109.43 -2.85 56.72
N ASP H 211 108.82 -2.89 57.89
CA ASP H 211 109.55 -2.64 59.13
C ASP H 211 110.52 -3.78 59.42
N GLN H 212 111.71 -3.42 59.89
CA GLN H 212 112.72 -4.39 60.27
C GLN H 212 112.63 -4.78 61.73
N THR H 213 112.34 -3.82 62.61
CA THR H 213 112.29 -4.11 64.04
C THR H 213 111.16 -5.07 64.38
N GLN H 214 109.99 -4.89 63.76
CA GLN H 214 108.81 -5.68 64.09
C GLN H 214 108.45 -6.56 62.91
N PRO H 215 108.37 -7.88 63.06
CA PRO H 215 107.95 -8.74 61.95
C PRO H 215 106.50 -8.49 61.59
N ASN H 216 106.20 -8.67 60.29
CA ASN H 216 104.86 -8.47 59.76
C ASN H 216 104.32 -7.09 60.08
N THR H 217 105.16 -6.08 59.94
CA THR H 217 104.76 -4.69 60.15
C THR H 217 105.23 -3.86 58.97
N TRP H 218 104.36 -3.00 58.47
CA TRP H 218 104.66 -2.16 57.31
C TRP H 218 104.37 -0.71 57.63
N ASN H 219 105.13 0.18 56.99
CA ASN H 219 104.96 1.62 57.14
C ASN H 219 104.58 2.21 55.79
N THR H 220 103.57 3.08 55.79
CA THR H 220 103.03 3.66 54.58
C THR H 220 103.12 5.18 54.66
N TYR H 221 103.56 5.80 53.56
CA TYR H 221 103.70 7.24 53.49
C TYR H 221 103.08 7.73 52.18
N TYR H 222 102.64 9.00 52.19
CA TYR H 222 101.95 9.59 51.06
C TYR H 222 102.58 10.92 50.70
N THR H 223 102.62 11.21 49.40
CA THR H 223 103.12 12.48 48.90
C THR H 223 102.21 12.97 47.78
N VAL H 224 102.16 14.29 47.62
CA VAL H 224 101.35 14.94 46.60
C VAL H 224 102.27 15.73 45.70
N THR H 225 102.14 15.54 44.40
CA THR H 225 103.02 16.16 43.40
C THR H 225 102.23 17.22 42.64
N ASP H 226 102.38 18.48 43.04
CA ASP H 226 101.82 19.61 42.32
C ASP H 226 102.87 20.18 41.36
N LYS H 227 102.53 21.30 40.72
CA LYS H 227 103.48 21.90 39.79
C LYS H 227 104.73 22.42 40.50
N GLU H 228 104.59 22.85 41.76
CA GLU H 228 105.74 23.32 42.50
C GLU H 228 106.74 22.19 42.75
N GLY H 229 106.25 21.02 43.13
CA GLY H 229 107.12 19.89 43.42
C GLY H 229 106.34 18.82 44.17
N GLU H 230 107.10 17.89 44.76
CA GLU H 230 106.54 16.79 45.51
C GLU H 230 106.63 17.11 47.00
N LYS H 231 105.47 17.28 47.64
CA LYS H 231 105.41 17.66 49.04
C LYS H 231 104.86 16.51 49.87
N PRO H 232 105.51 16.17 50.98
CA PRO H 232 105.00 15.07 51.82
C PRO H 232 103.67 15.44 52.47
N LEU H 233 102.86 14.42 52.69
CA LEU H 233 101.57 14.55 53.35
C LEU H 233 101.58 13.76 54.65
N ASN H 234 101.16 14.40 55.74
CA ASN H 234 101.19 13.79 57.06
C ASN H 234 99.80 13.31 57.46
N VAL H 235 99.76 12.19 58.17
CA VAL H 235 98.51 11.66 58.72
C VAL H 235 98.25 12.36 60.04
N ALA H 236 96.97 12.49 60.40
CA ALA H 236 96.60 13.24 61.60
C ALA H 236 97.18 12.61 62.86
N ALA H 237 97.06 11.28 62.98
CA ALA H 237 97.51 10.58 64.16
C ALA H 237 98.32 9.33 63.79
N GLY H 238 99.07 9.39 62.70
CA GLY H 238 99.84 8.24 62.28
C GLY H 238 100.99 7.96 63.23
N ASP H 239 101.19 6.68 63.52
CA ASP H 239 102.23 6.23 64.46
C ASP H 239 103.52 5.82 63.76
N ALA H 240 104.03 6.70 62.88
CA ALA H 240 105.31 6.44 62.21
C ALA H 240 105.95 7.79 61.93
N GLN H 241 106.83 8.22 62.83
CA GLN H 241 107.43 9.54 62.78
C GLN H 241 108.91 9.41 62.41
N THR H 242 109.25 9.81 61.19
CA THR H 242 110.63 9.86 60.78
C THR H 242 111.32 11.06 61.45
N PRO H 243 112.65 11.02 61.58
CA PRO H 243 113.35 12.19 62.14
C PRO H 243 113.12 13.46 61.37
N THR H 244 112.94 13.38 60.04
CA THR H 244 112.68 14.59 59.26
C THR H 244 111.37 15.25 59.68
N GLY H 245 110.34 14.46 59.92
CA GLY H 245 109.06 15.01 60.36
C GLY H 245 107.87 14.40 59.65
N HIS H 246 108.12 13.66 58.57
CA HIS H 246 107.04 13.01 57.84
C HIS H 246 106.36 11.96 58.70
N VAL H 247 105.03 11.94 58.69
CA VAL H 247 104.24 11.07 59.54
C VAL H 247 103.48 10.09 58.66
N GLY H 248 103.78 8.80 58.82
CA GLY H 248 103.04 7.73 58.16
C GLY H 248 102.21 6.94 59.15
N HIS H 249 101.70 5.80 58.68
CA HIS H 249 100.89 4.93 59.51
C HIS H 249 101.40 3.50 59.38
N THR H 250 101.14 2.71 60.42
CA THR H 250 101.66 1.35 60.52
C THR H 250 100.57 0.33 60.22
N MET H 251 100.94 -0.72 59.51
CA MET H 251 100.05 -1.80 59.15
C MET H 251 100.59 -3.12 59.70
N LYS H 252 99.72 -3.90 60.35
CA LYS H 252 100.11 -5.16 60.96
C LYS H 252 99.22 -6.28 60.43
N PHE H 253 99.78 -7.48 60.36
CA PHE H 253 99.09 -8.63 59.80
C PHE H 253 99.16 -9.80 60.77
N ASN H 254 98.20 -10.72 60.65
CA ASN H 254 98.14 -11.89 61.51
C ASN H 254 99.09 -12.96 60.95
N ASN H 255 99.02 -14.17 61.53
CA ASN H 255 99.85 -15.26 61.04
C ASN H 255 99.43 -15.71 59.66
N ASP H 256 98.12 -15.73 59.39
CA ASP H 256 97.62 -16.21 58.10
C ASP H 256 97.77 -15.19 56.99
N GLY H 257 98.39 -14.04 57.26
CA GLY H 257 98.59 -13.02 56.25
C GLY H 257 97.44 -12.05 56.10
N THR H 258 96.34 -12.25 56.82
CA THR H 258 95.22 -11.32 56.75
C THR H 258 95.55 -10.05 57.51
N LEU H 259 94.71 -9.04 57.34
CA LEU H 259 94.92 -7.75 58.00
C LEU H 259 94.62 -7.86 59.49
N ALA H 260 95.52 -7.32 60.31
CA ALA H 260 95.36 -7.35 61.77
C ALA H 260 94.93 -5.99 62.32
N SER H 261 95.70 -4.95 62.02
CA SER H 261 95.41 -3.62 62.55
C SER H 261 95.96 -2.57 61.61
N LEU H 262 95.39 -1.37 61.70
CA LEU H 262 95.79 -0.23 60.87
C LEU H 262 95.91 1.00 61.75
N ASN H 263 97.13 1.53 61.88
CA ASN H 263 97.40 2.75 62.65
C ASN H 263 96.83 2.62 64.06
N ASN H 264 97.15 1.50 64.72
CA ASN H 264 96.70 1.22 66.08
C ASN H 264 95.17 1.23 66.20
N GLY H 265 94.48 0.79 65.14
CA GLY H 265 93.04 0.76 65.15
C GLY H 265 92.37 2.10 64.95
N GLN H 266 93.13 3.14 64.63
CA GLN H 266 92.54 4.45 64.42
C GLN H 266 92.27 4.69 62.94
N PRO H 267 91.24 5.46 62.62
CA PRO H 267 90.96 5.77 61.22
C PRO H 267 92.09 6.59 60.59
N ILE H 268 92.32 6.34 59.31
CA ILE H 268 93.41 6.98 58.57
C ILE H 268 92.82 8.23 57.91
N THR H 269 93.14 9.39 58.46
CA THR H 269 92.74 10.68 57.89
C THR H 269 93.97 11.55 57.74
N SER H 270 94.17 12.08 56.54
CA SER H 270 95.31 12.95 56.29
C SER H 270 95.00 14.37 56.75
N VAL H 271 96.05 15.17 56.90
CA VAL H 271 95.90 16.58 57.26
C VAL H 271 95.41 17.35 56.05
N ALA H 272 94.97 18.58 56.26
CA ALA H 272 94.52 19.42 55.15
C ALA H 272 95.66 19.67 54.17
N LEU H 273 95.34 19.57 52.88
CA LEU H 273 96.38 19.66 51.86
C LEU H 273 96.99 21.05 51.79
N GLY H 274 96.14 22.08 51.75
CA GLY H 274 96.63 23.43 51.52
C GLY H 274 96.53 24.36 52.70
N ASP H 275 96.42 23.83 53.91
CA ASP H 275 96.29 24.65 55.10
C ASP H 275 97.63 24.75 55.80
N PRO H 276 98.29 25.90 55.80
CA PRO H 276 99.58 26.01 56.51
C PRO H 276 99.46 25.85 58.01
N ALA H 277 98.29 26.10 58.60
CA ALA H 277 98.13 26.01 60.05
C ALA H 277 98.21 24.58 60.55
N THR H 278 97.99 23.58 59.70
CA THR H 278 98.06 22.19 60.11
C THR H 278 99.04 21.35 59.29
N ASN H 279 99.62 21.90 58.22
CA ASN H 279 100.58 21.18 57.40
C ASN H 279 101.85 22.01 57.29
N THR H 280 102.99 21.38 57.54
CA THR H 280 104.27 22.06 57.38
C THR H 280 104.63 22.26 55.91
N THR H 281 104.03 21.49 55.01
CA THR H 281 104.25 21.61 53.57
C THR H 281 102.91 21.72 52.88
N PRO H 282 102.31 22.91 52.88
CA PRO H 282 100.99 23.07 52.24
C PRO H 282 101.05 22.82 50.75
N VAL H 283 100.10 22.05 50.24
CA VAL H 283 100.02 21.79 48.82
C VAL H 283 99.42 23.01 48.11
N ASP H 284 100.00 23.35 46.95
CA ASP H 284 99.53 24.52 46.20
C ASP H 284 98.21 24.22 45.53
N MET H 285 97.10 24.55 46.20
CA MET H 285 95.77 24.29 45.65
C MET H 285 95.45 25.18 44.46
N ASN H 286 96.17 26.29 44.28
CA ASN H 286 95.96 27.21 43.16
C ASN H 286 94.52 27.71 43.11
N GLY H 287 93.97 28.03 44.27
CA GLY H 287 92.62 28.54 44.38
C GLY H 287 91.59 27.53 44.83
N ALA H 288 91.95 26.26 44.93
CA ALA H 288 91.01 25.25 45.40
C ALA H 288 90.86 25.34 46.91
N ASP H 289 89.98 24.50 47.45
CA ASP H 289 89.75 24.51 48.89
C ASP H 289 90.97 23.96 49.60
N PRO H 290 91.56 24.73 50.52
CA PRO H 290 92.75 24.24 51.25
C PRO H 290 92.41 23.29 52.38
N ALA H 291 91.14 23.12 52.72
CA ALA H 291 90.72 22.28 53.84
C ALA H 291 90.37 20.87 53.42
N GLN H 292 90.73 20.46 52.20
CA GLN H 292 90.42 19.11 51.76
C GLN H 292 91.20 18.09 52.58
N THR H 293 90.50 17.01 52.97
CA THR H 293 91.10 15.93 53.72
C THR H 293 90.81 14.62 53.02
N LEU H 294 91.70 13.65 53.20
CA LEU H 294 91.60 12.34 52.57
C LEU H 294 91.46 11.26 53.63
N ASN H 295 90.50 10.36 53.43
CA ASN H 295 90.30 9.21 54.29
C ASN H 295 90.67 7.95 53.52
N PHE H 296 91.64 7.20 54.04
CA PHE H 296 92.16 6.01 53.38
C PHE H 296 91.56 4.77 54.02
N GLY H 297 90.95 3.92 53.21
CA GLY H 297 90.42 2.67 53.71
C GLY H 297 91.18 1.47 53.17
N LEU H 298 91.95 0.82 54.02
CA LEU H 298 92.78 -0.30 53.63
C LEU H 298 92.38 -1.56 54.39
N GLY H 299 91.08 -1.80 54.49
CA GLY H 299 90.60 -2.98 55.21
C GLY H 299 90.81 -4.29 54.49
N SER H 300 91.23 -4.24 53.22
CA SER H 300 91.42 -5.44 52.43
C SER H 300 92.88 -5.72 52.12
N ALA H 301 93.81 -5.01 52.75
CA ALA H 301 95.23 -5.24 52.51
C ALA H 301 95.64 -6.61 53.02
N THR H 302 96.51 -7.28 52.26
CA THR H 302 96.98 -8.61 52.61
C THR H 302 98.49 -8.68 52.42
N GLN H 303 99.12 -9.62 53.13
CA GLN H 303 100.54 -9.89 52.99
C GLN H 303 100.72 -11.40 52.83
N PHE H 304 100.99 -11.82 51.59
CA PHE H 304 101.22 -13.22 51.27
C PHE H 304 102.58 -13.36 50.61
N ALA H 305 102.88 -14.59 50.16
CA ALA H 305 104.13 -14.83 49.45
C ALA H 305 104.13 -14.25 48.05
N ALA H 306 102.97 -13.83 47.54
CA ALA H 306 102.88 -13.30 46.20
C ALA H 306 103.60 -11.97 46.10
N PRO H 307 104.09 -11.61 44.91
CA PRO H 307 104.78 -10.31 44.75
C PRO H 307 103.85 -9.13 44.95
N PHE H 308 104.41 -7.93 44.97
CA PHE H 308 103.61 -6.72 45.18
C PHE H 308 102.58 -6.57 44.07
N GLU H 309 101.37 -6.16 44.44
CA GLU H 309 100.28 -6.04 43.49
C GLU H 309 99.26 -5.04 44.01
N LEU H 310 98.83 -4.13 43.13
CA LEU H 310 97.76 -3.18 43.43
C LEU H 310 96.47 -3.79 42.91
N THR H 311 95.81 -4.58 43.77
CA THR H 311 94.64 -5.32 43.33
C THR H 311 93.46 -4.40 43.06
N LYS H 312 93.17 -3.47 43.98
CA LYS H 312 92.00 -2.62 43.88
C LYS H 312 92.36 -1.20 44.27
N PHE H 313 91.86 -0.23 43.51
CA PHE H 313 92.00 1.19 43.84
C PHE H 313 90.72 1.90 43.48
N ASP H 314 90.01 2.40 44.47
CA ASP H 314 88.74 3.09 44.27
C ASP H 314 88.76 4.40 45.03
N GLU H 315 88.24 5.45 44.40
CA GLU H 315 88.15 6.77 45.00
C GLU H 315 86.74 7.31 44.80
N ASP H 316 86.49 8.50 45.34
CA ASP H 316 85.20 9.17 45.18
C ASP H 316 85.33 10.51 44.49
N GLY H 317 86.44 10.75 43.80
CA GLY H 317 86.63 11.99 43.08
C GLY H 317 85.86 12.02 41.78
N ALA H 318 85.72 13.23 41.22
CA ALA H 318 84.98 13.42 39.99
C ALA H 318 85.43 14.72 39.33
N THR H 319 85.08 14.86 38.05
CA THR H 319 85.39 16.06 37.29
C THR H 319 84.17 16.43 36.45
N THR H 320 84.26 17.59 35.81
CA THR H 320 83.18 18.03 34.94
C THR H 320 83.02 17.07 33.76
N GLY H 321 81.77 16.87 33.34
CA GLY H 321 81.50 15.92 32.28
C GLY H 321 80.22 16.26 31.55
N PHE H 322 79.97 15.48 30.49
CA PHE H 322 78.82 15.68 29.62
C PHE H 322 78.02 14.39 29.55
N LEU H 323 76.71 14.53 29.56
CA LEU H 323 75.81 13.39 29.48
C LEU H 323 76.12 12.56 28.23
N THR H 324 76.48 11.29 28.44
CA THR H 324 76.85 10.41 27.35
C THR H 324 75.72 9.48 26.92
N LYS H 325 75.10 8.77 27.86
CA LYS H 325 74.01 7.87 27.52
C LYS H 325 73.01 7.83 28.66
N VAL H 326 71.77 7.47 28.33
CA VAL H 326 70.69 7.38 29.28
C VAL H 326 69.99 6.04 29.07
N ASP H 327 69.73 5.33 30.17
CA ASP H 327 69.06 4.05 30.10
C ASP H 327 68.16 3.89 31.32
N PHE H 328 67.18 3.00 31.18
CA PHE H 328 66.19 2.75 32.22
C PHE H 328 66.30 1.30 32.67
N ASP H 329 66.35 1.09 33.98
CA ASP H 329 66.38 -0.26 34.52
C ASP H 329 64.96 -0.71 34.85
N GLU H 330 64.81 -1.97 35.26
CA GLU H 330 63.50 -2.51 35.58
C GLU H 330 62.89 -1.82 36.79
N ASN H 331 63.72 -1.26 37.67
CA ASN H 331 63.20 -0.53 38.83
C ASN H 331 62.67 0.84 38.47
N GLY H 332 62.87 1.30 37.23
CA GLY H 332 62.40 2.59 36.82
C GLY H 332 63.38 3.73 37.01
N SER H 333 64.52 3.47 37.65
CA SER H 333 65.53 4.51 37.82
C SER H 333 66.14 4.87 36.49
N VAL H 334 66.19 6.16 36.18
CA VAL H 334 66.82 6.66 34.96
C VAL H 334 68.26 7.00 35.29
N MET H 335 69.18 6.20 34.78
CA MET H 335 70.60 6.40 35.05
C MET H 335 71.29 7.01 33.84
N GLY H 336 72.28 7.84 34.10
CA GLY H 336 73.04 8.48 33.04
C GLY H 336 74.52 8.53 33.35
N THR H 337 75.35 8.15 32.37
CA THR H 337 76.79 8.17 32.52
C THR H 337 77.35 9.39 31.82
N TYR H 338 78.34 10.02 32.45
CA TYR H 338 78.92 11.26 31.96
C TYR H 338 80.36 11.02 31.50
N SER H 339 80.98 12.08 30.98
CA SER H 339 82.35 11.98 30.50
C SER H 339 83.32 11.69 31.62
N ASN H 340 83.03 12.16 32.83
CA ASN H 340 83.91 11.88 33.97
C ASN H 340 83.91 10.39 34.31
N GLY H 341 82.77 9.73 34.17
CA GLY H 341 82.63 8.31 34.49
C GLY H 341 81.63 8.00 35.56
N GLU H 342 81.13 9.00 36.29
CA GLU H 342 80.16 8.75 37.35
C GLU H 342 78.84 8.26 36.78
N ASN H 343 78.25 7.26 37.43
CA ASN H 343 76.95 6.72 37.03
C ASN H 343 75.86 7.37 37.89
N VAL H 344 75.64 8.66 37.62
CA VAL H 344 74.69 9.44 38.41
C VAL H 344 73.27 8.99 38.11
N THR H 345 72.48 8.77 39.16
CA THR H 345 71.08 8.40 39.03
C THR H 345 70.23 9.66 39.07
N LEU H 346 69.61 10.00 37.94
CA LEU H 346 68.82 11.22 37.87
C LEU H 346 67.56 11.12 38.72
N GLY H 347 66.93 9.95 38.74
CA GLY H 347 65.73 9.77 39.54
C GLY H 347 65.02 8.49 39.15
N ARG H 348 63.79 8.36 39.67
CA ARG H 348 62.93 7.24 39.34
C ARG H 348 61.65 7.74 38.70
N VAL H 349 60.88 6.82 38.16
CA VAL H 349 59.63 7.12 37.48
C VAL H 349 58.50 6.70 38.40
N ALA H 350 57.66 7.65 38.79
CA ALA H 350 56.58 7.36 39.73
C ALA H 350 55.52 6.48 39.10
N LEU H 351 54.95 5.60 39.93
CA LEU H 351 53.84 4.75 39.53
C LEU H 351 52.70 4.93 40.51
N VAL H 352 51.48 5.01 39.98
CA VAL H 352 50.29 5.30 40.79
C VAL H 352 49.29 4.18 40.58
N ARG H 353 48.70 3.71 41.68
CA ARG H 353 47.69 2.66 41.65
C ARG H 353 46.51 3.09 42.51
N VAL H 354 45.30 2.86 42.01
CA VAL H 354 44.09 3.17 42.77
C VAL H 354 43.40 1.87 43.15
N PRO H 355 42.71 1.82 44.29
CA PRO H 355 42.01 0.58 44.66
C PRO H 355 40.94 0.18 43.67
N ASN H 356 40.21 1.15 43.11
CA ASN H 356 39.12 0.88 42.18
C ASN H 356 39.42 1.61 40.87
N GLU H 357 39.94 0.87 39.89
CA GLU H 357 40.25 1.48 38.60
C GLU H 357 39.02 1.78 37.76
N GLN H 358 37.90 1.08 38.02
CA GLN H 358 36.68 1.30 37.25
C GLN H 358 36.02 2.64 37.57
N GLY H 359 36.44 3.32 38.62
CA GLY H 359 35.78 4.53 39.05
C GLY H 359 36.52 5.80 38.68
N LEU H 360 37.70 5.65 38.06
CA LEU H 360 38.43 6.81 37.58
C LEU H 360 37.63 7.55 36.52
N ASP H 361 37.52 8.86 36.65
CA ASP H 361 36.89 9.66 35.62
C ASP H 361 37.85 9.83 34.45
N LYS H 362 37.30 9.85 33.25
CA LYS H 362 38.09 9.82 32.04
C LYS H 362 38.28 11.23 31.51
N LYS H 363 39.50 11.74 31.61
CA LYS H 363 39.85 13.01 30.99
C LYS H 363 40.22 12.76 29.53
N GLY H 364 40.47 13.83 28.79
CA GLY H 364 40.87 13.67 27.41
C GLY H 364 42.30 13.20 27.27
N GLY H 365 42.62 12.74 26.07
CA GLY H 365 43.98 12.31 25.79
C GLY H 365 44.42 11.09 26.57
N THR H 366 43.55 10.10 26.74
CA THR H 366 43.86 8.84 27.40
C THR H 366 44.46 9.07 28.79
N GLN H 367 43.82 9.96 29.54
CA GLN H 367 44.28 10.30 30.88
C GLN H 367 43.11 10.21 31.86
N TRP H 368 43.41 9.80 33.09
CA TRP H 368 42.42 9.62 34.12
C TRP H 368 42.78 10.47 35.34
N ASP H 369 41.80 10.63 36.22
CA ASP H 369 42.00 11.33 37.48
C ASP H 369 41.29 10.55 38.58
N SER H 370 41.70 10.81 39.82
CA SER H 370 41.18 10.09 40.98
C SER H 370 39.95 10.83 41.51
N THR H 371 38.83 10.13 41.58
CA THR H 371 37.60 10.68 42.10
C THR H 371 37.24 10.00 43.42
N GLN H 372 36.06 10.35 43.95
CA GLN H 372 35.61 9.77 45.21
C GLN H 372 35.40 8.27 45.08
N PHE H 373 34.76 7.83 44.00
CA PHE H 373 34.50 6.40 43.82
C PHE H 373 35.79 5.62 43.61
N SER H 374 36.74 6.20 42.89
CA SER H 374 38.00 5.50 42.61
C SER H 374 38.79 5.26 43.90
N GLY H 375 38.81 6.23 44.80
CA GLY H 375 39.61 6.16 46.01
C GLY H 375 40.63 7.28 46.07
N ASP H 376 41.83 6.95 46.50
CA ASP H 376 42.93 7.90 46.54
C ASP H 376 44.15 7.29 45.85
N LYS H 377 44.93 8.14 45.21
CA LYS H 377 46.13 7.71 44.51
C LYS H 377 47.13 7.15 45.53
N ILE H 378 47.58 5.93 45.31
CA ILE H 378 48.56 5.28 46.16
C ILE H 378 49.88 5.23 45.38
N TRP H 379 50.89 5.93 45.89
CA TRP H 379 52.16 6.05 45.19
C TRP H 379 53.07 4.89 45.52
N GLY H 380 53.98 4.59 44.59
CA GLY H 380 54.92 3.50 44.78
C GLY H 380 55.96 3.51 43.69
N GLU H 381 56.94 2.62 43.84
CA GLU H 381 58.02 2.50 42.87
C GLU H 381 57.65 1.44 41.84
N SER H 382 58.61 1.06 41.01
CA SER H 382 58.43 0.00 40.02
C SER H 382 58.91 -1.32 40.61
N ASN H 383 58.11 -2.38 40.40
CA ASN H 383 58.42 -3.72 40.89
C ASN H 383 58.60 -3.72 42.41
N LYS H 384 57.64 -3.09 43.10
CA LYS H 384 57.62 -3.05 44.56
C LYS H 384 56.20 -3.26 45.04
N GLY H 385 56.02 -4.11 46.03
CA GLY H 385 54.69 -4.38 46.54
C GLY H 385 53.82 -5.02 45.47
N SER H 386 52.67 -4.41 45.21
CA SER H 386 51.73 -4.92 44.22
C SER H 386 51.89 -4.27 42.86
N PHE H 387 52.85 -3.38 42.69
CA PHE H 387 53.03 -2.67 41.43
C PHE H 387 53.71 -3.58 40.41
N GLY H 388 53.64 -3.16 39.15
CA GLY H 388 54.27 -3.87 38.05
C GLY H 388 55.66 -3.35 37.77
N THR H 389 56.16 -3.70 36.59
CA THR H 389 57.48 -3.29 36.15
C THR H 389 57.37 -2.26 35.03
N ILE H 390 58.49 -1.59 34.76
CA ILE H 390 58.57 -0.59 33.70
C ILE H 390 59.57 -1.10 32.67
N ASN H 391 59.12 -1.22 31.42
CA ASN H 391 59.97 -1.65 30.32
C ASN H 391 60.12 -0.50 29.34
N ASN H 392 61.36 -0.18 28.99
CA ASN H 392 61.63 0.86 28.02
C ASN H 392 61.67 0.27 26.61
N GLY H 393 61.37 1.13 25.63
CA GLY H 393 61.33 0.71 24.25
C GLY H 393 60.05 0.04 23.81
N MET H 394 58.99 0.11 24.61
CA MET H 394 57.72 -0.51 24.27
C MET H 394 56.59 0.49 24.50
N LEU H 395 55.45 0.22 23.87
CA LEU H 395 54.26 1.03 24.05
C LEU H 395 53.04 0.12 24.11
N GLU H 396 51.97 0.61 24.72
CA GLU H 396 50.73 -0.13 24.85
C GLU H 396 49.77 0.25 23.74
N GLN H 397 49.17 -0.76 23.11
CA GLN H 397 48.09 -0.55 22.17
C GLN H 397 46.76 -0.68 22.88
N SER H 398 45.67 -0.44 22.15
CA SER H 398 44.35 -0.60 22.74
C SER H 398 44.09 -2.08 23.03
N ASN H 399 43.43 -2.32 24.16
CA ASN H 399 43.12 -3.68 24.58
C ASN H 399 41.76 -4.11 24.04
N ILE H 400 41.63 -4.07 22.72
CA ILE H 400 40.39 -4.42 22.04
C ILE H 400 40.67 -5.57 21.09
N ASP H 401 39.62 -6.31 20.77
CA ASP H 401 39.67 -7.40 19.79
C ASP H 401 38.72 -7.03 18.65
N MET H 402 39.28 -6.90 17.45
CA MET H 402 38.49 -6.41 16.32
C MET H 402 37.30 -7.33 16.03
N THR H 403 37.54 -8.64 16.05
CA THR H 403 36.46 -9.58 15.75
C THR H 403 35.31 -9.43 16.73
N GLN H 404 35.64 -9.34 18.02
CA GLN H 404 34.60 -9.20 19.04
C GLN H 404 33.84 -7.89 18.84
N GLU H 405 34.53 -6.80 18.51
CA GLU H 405 33.86 -5.53 18.30
C GLU H 405 32.92 -5.60 17.11
N LEU H 406 33.35 -6.22 16.02
CA LEU H 406 32.47 -6.34 14.85
C LEU H 406 31.25 -7.20 15.16
N VAL H 407 31.43 -8.30 15.89
CA VAL H 407 30.29 -9.14 16.24
C VAL H 407 29.33 -8.39 17.14
N ASP H 408 29.86 -7.62 18.10
CA ASP H 408 29.01 -6.79 18.95
C ASP H 408 28.26 -5.76 18.13
N LEU H 409 28.92 -5.20 17.12
CA LEU H 409 28.26 -4.23 16.24
C LEU H 409 27.08 -4.87 15.53
N ILE H 410 27.27 -6.08 15.00
CA ILE H 410 26.18 -6.77 14.30
C ILE H 410 25.03 -7.05 15.26
N SER H 411 25.35 -7.53 16.47
CA SER H 411 24.31 -7.84 17.43
C SER H 411 23.54 -6.60 17.85
N ALA H 412 24.25 -5.49 18.04
CA ALA H 412 23.58 -4.24 18.40
C ALA H 412 22.66 -3.77 17.28
N GLN H 413 23.10 -3.90 16.04
CA GLN H 413 22.22 -3.55 14.92
C GLN H 413 20.96 -4.40 14.91
N ARG H 414 21.13 -5.70 15.15
CA ARG H 414 19.96 -6.58 15.18
C ARG H 414 18.99 -6.20 16.30
N ASN H 415 19.52 -5.87 17.48
CA ASN H 415 18.66 -5.45 18.59
C ASN H 415 17.94 -4.15 18.26
N PHE H 416 18.64 -3.20 17.65
CA PHE H 416 18.01 -1.93 17.26
C PHE H 416 16.88 -2.17 16.25
N GLN H 417 17.11 -3.06 15.29
CA GLN H 417 16.05 -3.37 14.33
C GLN H 417 14.85 -4.00 15.02
N ALA H 418 15.08 -4.90 15.96
CA ALA H 418 13.97 -5.53 16.68
C ALA H 418 13.17 -4.49 17.46
N ASN H 419 13.86 -3.57 18.14
CA ASN H 419 13.16 -2.54 18.91
C ASN H 419 12.38 -1.60 18.00
N SER H 420 12.95 -1.25 16.84
CA SER H 420 12.24 -0.41 15.89
C SER H 420 10.98 -1.12 15.39
N ARG H 421 11.07 -2.43 15.16
CA ARG H 421 9.90 -3.19 14.76
C ARG H 421 8.81 -3.13 15.83
N SER H 422 9.21 -3.28 17.10
CA SER H 422 8.24 -3.19 18.19
C SER H 422 7.58 -1.81 18.24
N LEU H 423 8.37 -0.75 18.07
CA LEU H 423 7.82 0.60 18.06
C LEU H 423 6.84 0.78 16.91
N GLU H 424 7.18 0.25 15.74
CA GLU H 424 6.26 0.34 14.60
C GLU H 424 4.97 -0.39 14.89
N VAL H 425 5.05 -1.55 15.56
CA VAL H 425 3.82 -2.27 15.91
C VAL H 425 2.95 -1.43 16.83
N HIS H 426 3.56 -0.81 17.84
CA HIS H 426 2.81 0.05 18.76
C HIS H 426 2.11 1.17 18.00
N ASN H 427 2.84 1.86 17.13
CA ASN H 427 2.26 2.99 16.40
C ASN H 427 1.13 2.52 15.49
N GLN H 428 1.32 1.37 14.84
CA GLN H 428 0.27 0.86 13.95
C GLN H 428 -0.98 0.50 14.74
N LEU H 429 -0.83 -0.08 15.93
CA LEU H 429 -2.00 -0.36 16.76
C LEU H 429 -2.74 0.92 17.12
N GLN H 430 -1.99 1.96 17.53
CA GLN H 430 -2.65 3.21 17.90
C GLN H 430 -3.38 3.82 16.71
N GLN H 431 -2.73 3.83 15.54
CA GLN H 431 -3.38 4.40 14.36
C GLN H 431 -4.57 3.58 13.91
N ASN H 432 -4.54 2.27 14.14
CA ASN H 432 -5.70 1.44 13.85
C ASN H 432 -6.87 1.82 14.76
N ILE H 433 -6.58 2.07 16.04
CA ILE H 433 -7.64 2.49 16.94
C ILE H 433 -8.19 3.86 16.52
N LEU H 434 -7.32 4.74 16.04
CA LEU H 434 -7.75 6.09 15.66
C LEU H 434 -8.86 6.05 14.61
N GLN H 435 -8.85 5.07 13.72
CA GLN H 435 -9.79 5.02 12.60
C GLN H 435 -11.03 4.20 12.96
N ILE H 436 -11.77 4.70 13.94
CA ILE H 436 -13.01 4.06 14.36
C ILE H 436 -14.12 5.10 14.48
N SER I 2 6.19 24.64 8.56
CA SER I 2 6.68 23.96 7.38
C SER I 2 7.83 24.72 6.74
N TYR I 3 7.83 26.04 6.92
CA TYR I 3 8.91 26.86 6.37
C TYR I 3 10.25 26.51 6.99
N VAL I 4 10.26 26.06 8.25
CA VAL I 4 11.49 25.60 8.86
C VAL I 4 12.02 24.36 8.15
N SER I 5 11.13 23.43 7.82
CA SER I 5 11.54 22.24 7.07
C SER I 5 12.02 22.61 5.68
N LEU I 6 11.37 23.58 5.04
CA LEU I 6 11.82 24.04 3.74
C LEU I 6 13.19 24.68 3.82
N SER I 7 13.45 25.44 4.88
CA SER I 7 14.78 26.01 5.09
C SER I 7 15.81 24.92 5.29
N GLY I 8 15.48 23.89 6.05
CA GLY I 8 16.38 22.76 6.21
C GLY I 8 16.68 22.07 4.89
N LEU I 9 15.65 21.87 4.06
CA LEU I 9 15.86 21.31 2.73
C LEU I 9 16.79 22.18 1.90
N SER I 10 16.58 23.50 1.94
CA SER I 10 17.42 24.40 1.17
C SER I 10 18.86 24.36 1.64
N ALA I 11 19.08 24.32 2.95
CA ALA I 11 20.45 24.25 3.47
C ALA I 11 21.12 22.94 3.08
N ALA I 12 20.40 21.82 3.20
CA ALA I 12 20.98 20.53 2.81
C ALA I 12 21.31 20.51 1.33
N GLN I 13 20.42 21.06 0.50
CA GLN I 13 20.68 21.08 -0.94
C GLN I 13 21.85 21.99 -1.29
N LEU I 14 22.02 23.10 -0.58
CA LEU I 14 23.18 23.96 -0.80
C LEU I 14 24.47 23.22 -0.45
N ASP I 15 24.47 22.50 0.67
CA ASP I 15 25.66 21.73 1.03
C ASP I 15 25.94 20.65 -0.01
N LEU I 16 24.88 20.00 -0.51
CA LEU I 16 25.05 18.99 -1.55
C LEU I 16 25.65 19.60 -2.81
N ASN I 17 25.17 20.79 -3.19
CA ASN I 17 25.71 21.46 -4.38
C ASN I 17 27.18 21.81 -4.20
N THR I 18 27.53 22.31 -3.00
CA THR I 18 28.92 22.65 -2.75
C THR I 18 29.82 21.42 -2.84
N THR I 19 29.37 20.31 -2.24
CA THR I 19 30.15 19.09 -2.30
C THR I 19 30.28 18.57 -3.73
N SER I 20 29.19 18.66 -4.51
CA SER I 20 29.24 18.23 -5.90
C SER I 20 30.22 19.07 -6.70
N ASN I 21 30.23 20.38 -6.47
CA ASN I 21 31.18 21.25 -7.16
C ASN I 21 32.61 20.90 -6.78
N ASN I 22 32.85 20.64 -5.49
CA ASN I 22 34.19 20.27 -5.05
C ASN I 22 34.64 18.96 -5.69
N ILE I 23 33.75 17.99 -5.78
CA ILE I 23 34.09 16.72 -6.42
C ILE I 23 34.36 16.91 -7.90
N ALA I 24 33.52 17.72 -8.56
CA ALA I 24 33.69 17.95 -10.00
C ALA I 24 35.02 18.63 -10.30
N ASN I 25 35.44 19.57 -9.45
CA ASN I 25 36.69 20.28 -9.65
C ASN I 25 37.91 19.53 -9.14
N ALA I 26 37.84 18.21 -9.00
CA ALA I 26 38.94 17.43 -8.44
C ALA I 26 40.19 17.47 -9.31
N ASN I 27 40.07 17.77 -10.60
CA ASN I 27 41.20 17.77 -11.50
C ASN I 27 41.63 19.16 -11.96
N THR I 28 40.84 20.19 -11.65
CA THR I 28 41.20 21.54 -12.04
C THR I 28 42.46 21.99 -11.31
N TYR I 29 43.37 22.61 -12.06
CA TYR I 29 44.64 23.07 -11.50
C TYR I 29 44.42 24.34 -10.70
N GLY I 30 44.91 24.35 -9.46
CA GLY I 30 44.84 25.54 -8.64
C GLY I 30 43.49 25.80 -8.01
N PHE I 31 42.54 24.90 -8.15
CA PHE I 31 41.22 25.08 -7.55
C PHE I 31 41.32 25.01 -6.03
N LYS I 32 40.47 25.79 -5.37
CA LYS I 32 40.36 25.80 -3.92
C LYS I 32 38.96 25.37 -3.53
N GLU I 33 38.87 24.42 -2.60
CA GLU I 33 37.58 23.88 -2.22
C GLU I 33 36.75 24.92 -1.49
N SER I 34 35.46 24.63 -1.33
CA SER I 34 34.54 25.53 -0.66
C SER I 34 33.82 24.78 0.45
N ARG I 35 33.51 25.49 1.53
CA ARG I 35 32.82 24.93 2.67
C ARG I 35 31.58 25.76 2.94
N ALA I 36 30.47 25.09 3.22
CA ALA I 36 29.20 25.76 3.43
C ALA I 36 28.92 25.86 4.93
N GLU I 37 28.69 27.07 5.41
CA GLU I 37 28.44 27.33 6.83
C GLU I 37 27.07 27.95 6.99
N PHE I 38 26.32 27.48 7.98
CA PHE I 38 24.95 27.89 8.19
C PHE I 38 24.79 28.54 9.57
N ALA I 39 23.64 29.19 9.76
CA ALA I 39 23.37 29.91 10.99
C ALA I 39 21.92 29.71 11.37
N ASP I 40 21.64 29.82 12.67
CA ASP I 40 20.29 29.71 13.18
C ASP I 40 19.52 31.00 12.91
N VAL I 41 18.20 30.88 12.88
CA VAL I 41 17.30 32.01 12.63
C VAL I 41 16.38 32.15 13.82
N TYR I 42 16.23 33.38 14.32
CA TYR I 42 15.32 33.64 15.42
C TYR I 42 14.81 35.07 15.30
N SER I 43 13.54 35.27 15.64
CA SER I 43 12.91 36.57 15.52
C SER I 43 13.42 37.50 16.61
N ASN I 44 13.30 38.81 16.33
CA ASN I 44 13.71 39.87 17.25
C ASN I 44 12.58 40.87 17.43
N SER I 45 11.38 40.36 17.65
CA SER I 45 10.23 41.25 17.82
C SER I 45 10.36 42.06 19.10
N LEU I 46 9.72 43.23 19.11
CA LEU I 46 9.75 44.10 20.29
C LEU I 46 9.08 43.43 21.48
N PHE I 47 7.96 42.76 21.23
CA PHE I 47 7.25 42.01 22.27
C PHE I 47 7.38 40.53 21.94
N THR I 48 8.42 39.91 22.49
CA THR I 48 8.74 38.51 22.22
C THR I 48 8.54 37.69 23.48
N ASN I 49 7.83 36.56 23.36
CA ASN I 49 7.66 35.66 24.49
C ASN I 49 8.95 34.93 24.83
N ALA I 50 9.81 34.70 23.82
CA ALA I 50 11.10 34.02 24.00
C ALA I 50 10.93 32.60 24.51
N LYS I 51 10.40 32.44 25.73
CA LYS I 51 10.25 31.10 26.30
C LYS I 51 9.28 30.25 25.48
N THR I 52 8.22 30.84 24.96
CA THR I 52 7.17 30.11 24.26
C THR I 52 7.33 30.20 22.74
N THR I 53 8.45 30.73 22.26
CA THR I 53 8.65 30.91 20.82
C THR I 53 9.73 29.95 20.33
N PRO I 54 9.41 29.04 19.42
CA PRO I 54 10.42 28.12 18.91
C PRO I 54 11.36 28.77 17.90
N GLY I 55 12.21 27.96 17.27
CA GLY I 55 13.17 28.49 16.32
C GLY I 55 12.52 28.95 15.02
N GLY I 56 13.39 29.37 14.09
CA GLY I 56 12.93 29.87 12.82
C GLY I 56 13.58 29.20 11.62
N GLY I 57 14.24 28.06 11.85
CA GLY I 57 14.85 27.33 10.77
C GLY I 57 16.36 27.50 10.70
N ALA I 58 16.91 27.38 9.49
CA ALA I 58 18.34 27.52 9.26
C ALA I 58 18.57 28.38 8.05
N GLN I 59 19.52 29.30 8.13
CA GLN I 59 19.86 30.22 7.06
C GLN I 59 21.33 30.04 6.68
N ALA I 60 21.60 30.03 5.38
CA ALA I 60 22.99 29.96 4.92
C ALA I 60 23.73 31.22 5.31
N SER I 61 24.89 31.06 5.93
CA SER I 61 25.70 32.20 6.36
C SER I 61 26.66 32.64 5.26
N GLN I 62 27.51 31.72 4.80
CA GLN I 62 28.45 32.01 3.72
C GLN I 62 28.98 30.69 3.19
N VAL I 63 29.48 30.74 1.96
CA VAL I 63 30.21 29.62 1.38
C VAL I 63 31.70 29.95 1.47
N ALA I 64 32.43 29.19 2.28
CA ALA I 64 33.83 29.49 2.51
C ALA I 64 34.66 29.16 1.27
N GLN I 65 35.91 29.58 1.31
CA GLN I 65 36.86 29.42 0.21
C GLN I 65 38.21 28.94 0.76
N GLN I 66 38.16 27.86 1.55
CA GLN I 66 39.35 27.32 2.20
C GLN I 66 40.56 27.34 1.28
N PHE I 67 41.61 28.04 1.70
CA PHE I 67 42.77 28.31 0.87
C PHE I 67 44.00 27.53 1.34
N HIS I 68 43.77 26.40 1.98
CA HIS I 68 44.90 25.60 2.45
C HIS I 68 45.66 25.02 1.26
N GLU I 69 46.97 24.94 1.39
CA GLU I 69 47.82 24.51 0.29
C GLU I 69 47.42 23.12 -0.21
N GLY I 70 47.30 22.99 -1.52
CA GLY I 70 47.01 21.71 -2.13
C GLY I 70 48.28 20.98 -2.51
N SER I 71 48.11 19.71 -2.89
CA SER I 71 49.26 18.91 -3.29
C SER I 71 49.78 19.38 -4.64
N SER I 72 51.01 18.96 -4.95
CA SER I 72 51.70 19.38 -6.16
C SER I 72 52.02 18.17 -7.02
N ILE I 73 51.83 18.33 -8.33
CA ILE I 73 52.19 17.30 -9.29
C ILE I 73 53.39 17.78 -10.10
N TYR I 74 54.19 16.82 -10.56
CA TYR I 74 55.42 17.12 -11.28
C TYR I 74 55.24 16.73 -12.74
N THR I 75 55.41 17.71 -13.62
CA THR I 75 55.30 17.49 -15.06
C THR I 75 56.63 17.63 -15.79
N ASN I 76 57.67 18.11 -15.11
CA ASN I 76 58.99 18.33 -15.69
C ASN I 76 58.94 19.27 -16.89
N ASN I 77 57.93 20.13 -16.95
CA ASN I 77 57.83 21.14 -17.99
C ASN I 77 58.29 22.47 -17.41
N PRO I 78 59.37 23.07 -17.93
CA PRO I 78 59.92 24.27 -17.27
C PRO I 78 58.96 25.45 -17.24
N MET I 79 57.97 25.50 -18.12
CA MET I 79 57.05 26.63 -18.15
C MET I 79 55.93 26.49 -17.12
N ASP I 80 55.86 25.39 -16.39
CA ASP I 80 54.86 25.21 -15.35
C ASP I 80 55.40 25.76 -14.03
N LEU I 81 54.59 26.58 -13.36
CA LEU I 81 55.01 27.24 -12.14
C LEU I 81 54.02 26.97 -11.02
N ARG I 82 54.53 26.97 -9.78
CA ARG I 82 53.72 26.77 -8.59
C ARG I 82 54.16 27.74 -7.52
N VAL I 83 53.19 28.29 -6.79
CA VAL I 83 53.44 29.21 -5.70
C VAL I 83 53.42 28.41 -4.40
N SER I 84 54.60 28.13 -3.85
CA SER I 84 54.73 27.39 -2.60
C SER I 84 54.64 28.35 -1.43
N GLY I 85 53.53 28.29 -0.69
CA GLY I 85 53.33 29.20 0.42
C GLY I 85 52.19 30.16 0.20
N THR I 86 52.40 31.43 0.52
CA THR I 86 51.38 32.47 0.39
C THR I 86 51.71 33.36 -0.79
N GLY I 87 50.73 33.59 -1.65
CA GLY I 87 50.90 34.46 -2.79
C GLY I 87 50.11 33.97 -4.00
N PHE I 88 49.73 34.91 -4.86
CA PHE I 88 48.99 34.61 -6.07
C PHE I 88 49.74 35.16 -7.28
N PHE I 89 49.65 34.45 -8.39
CA PHE I 89 50.10 34.99 -9.66
C PHE I 89 49.17 36.10 -10.11
N ALA I 90 49.72 37.04 -10.88
CA ALA I 90 48.94 38.14 -11.44
C ALA I 90 48.93 38.03 -12.95
N VAL I 91 47.74 37.98 -13.53
CA VAL I 91 47.57 37.84 -14.98
C VAL I 91 46.66 38.96 -15.47
N ALA I 92 46.97 39.50 -16.65
CA ALA I 92 46.24 40.62 -17.22
C ALA I 92 45.45 40.18 -18.44
N LYS I 93 44.26 40.74 -18.60
CA LYS I 93 43.41 40.41 -19.74
C LYS I 93 44.05 40.85 -21.05
N GLU I 94 44.57 42.08 -21.09
CA GLU I 94 45.17 42.64 -22.29
C GLU I 94 46.59 43.09 -21.99
N ARG I 95 47.44 43.03 -23.02
CA ARG I 95 48.84 43.40 -22.84
C ARG I 95 49.00 44.87 -22.49
N LEU I 96 48.19 45.74 -23.10
CA LEU I 96 48.35 47.17 -22.95
C LEU I 96 47.66 47.73 -21.71
N THR I 97 46.99 46.90 -20.92
CA THR I 97 46.33 47.33 -19.69
C THR I 97 46.75 46.42 -18.54
N PRO I 98 47.99 46.56 -18.07
CA PRO I 98 48.41 45.77 -16.90
C PRO I 98 47.63 46.09 -15.64
N GLN I 99 47.00 47.27 -15.57
CA GLN I 99 46.23 47.62 -14.38
C GLN I 99 45.08 46.66 -14.18
N GLN I 100 44.38 46.29 -15.24
CA GLN I 100 43.26 45.36 -15.17
C GLN I 100 43.83 43.95 -15.08
N ASN I 101 43.91 43.41 -13.86
CA ASN I 101 44.53 42.12 -13.64
C ASN I 101 43.68 41.30 -12.68
N GLU I 102 43.89 39.98 -12.71
CA GLU I 102 43.21 39.06 -11.83
C GLU I 102 44.21 38.07 -11.26
N LEU I 103 43.89 37.53 -10.10
CA LEU I 103 44.77 36.62 -9.37
C LEU I 103 44.46 35.18 -9.74
N THR I 104 45.50 34.36 -9.79
CA THR I 104 45.33 32.94 -10.09
C THR I 104 46.41 32.15 -9.37
N ARG I 105 46.24 30.82 -9.39
CA ARG I 105 47.19 29.91 -8.75
C ARG I 105 47.79 28.88 -9.69
N ASN I 106 47.13 28.56 -10.80
CA ASN I 106 47.68 27.60 -11.75
C ASN I 106 48.86 28.20 -12.50
N GLY I 107 49.77 27.34 -12.94
CA GLY I 107 50.96 27.80 -13.64
C GLY I 107 51.12 27.22 -15.03
N ALA I 108 50.02 26.89 -15.68
CA ALA I 108 50.06 26.33 -17.03
C ALA I 108 50.37 27.46 -18.00
N PHE I 109 51.66 27.77 -18.14
CA PHE I 109 52.10 28.89 -18.96
C PHE I 109 52.75 28.40 -20.25
N HIS I 110 52.66 29.24 -21.28
CA HIS I 110 53.30 28.97 -22.55
C HIS I 110 53.47 30.29 -23.30
N LEU I 111 54.38 30.29 -24.28
CA LEU I 111 54.66 31.48 -25.06
C LEU I 111 53.64 31.61 -26.18
N ASN I 112 53.14 32.82 -26.39
CA ASN I 112 52.24 33.11 -27.49
C ASN I 112 53.06 33.45 -28.73
N LYS I 113 52.40 33.95 -29.78
CA LYS I 113 53.11 34.28 -31.00
C LYS I 113 54.03 35.47 -30.85
N GLU I 114 53.87 36.27 -29.79
CA GLU I 114 54.72 37.42 -29.53
C GLU I 114 55.79 37.12 -28.48
N ASN I 115 55.94 35.85 -28.09
CA ASN I 115 56.91 35.43 -27.09
C ASN I 115 56.63 36.07 -25.73
N TYR I 116 55.35 36.07 -25.34
CA TYR I 116 54.93 36.50 -24.01
C TYR I 116 54.41 35.30 -23.23
N MET I 117 54.67 35.31 -21.92
CA MET I 117 54.17 34.25 -21.06
C MET I 117 52.69 34.47 -20.79
N VAL I 118 51.86 33.52 -21.24
CA VAL I 118 50.41 33.64 -21.13
C VAL I 118 49.86 32.38 -20.49
N THR I 119 48.61 32.47 -20.05
CA THR I 119 47.91 31.34 -19.48
C THR I 119 47.23 30.54 -20.59
N ALA I 120 46.35 29.61 -20.21
CA ALA I 120 45.62 28.84 -21.21
C ALA I 120 44.73 29.74 -22.07
N ASN I 121 44.06 30.71 -21.44
CA ASN I 121 43.17 31.63 -22.15
C ASN I 121 43.90 32.80 -22.77
N ASP I 122 45.21 32.70 -22.99
CA ASP I 122 46.01 33.78 -23.58
C ASP I 122 45.90 35.07 -22.77
N GLU I 123 45.99 34.94 -21.46
CA GLU I 123 46.06 36.08 -20.57
C GLU I 123 47.51 36.29 -20.14
N PHE I 124 48.03 37.49 -20.35
CA PHE I 124 49.45 37.74 -20.13
C PHE I 124 49.79 37.67 -18.65
N LEU I 125 50.97 37.14 -18.35
CA LEU I 125 51.47 37.05 -16.99
C LEU I 125 52.22 38.32 -16.63
N LEU I 126 51.88 38.89 -15.47
CA LEU I 126 52.47 40.15 -15.05
C LEU I 126 53.76 39.93 -14.29
N GLY I 127 54.78 40.74 -14.62
CA GLY I 127 56.07 40.64 -13.98
C GLY I 127 56.72 42.00 -13.83
N TYR I 128 57.84 42.01 -13.10
CA TYR I 128 58.58 43.23 -12.84
C TYR I 128 59.71 43.40 -13.85
N GLN I 129 60.47 44.48 -13.70
CA GLN I 129 61.62 44.77 -14.56
C GLN I 129 62.83 45.01 -13.67
N VAL I 130 63.81 44.10 -13.73
CA VAL I 130 64.96 44.16 -12.85
C VAL I 130 66.06 44.98 -13.50
N ASP I 131 67.02 45.42 -12.68
CA ASP I 131 68.17 46.15 -13.16
C ASP I 131 69.14 45.22 -13.87
N PRO I 132 69.95 45.74 -14.80
CA PRO I 132 70.91 44.86 -15.49
C PRO I 132 71.91 44.20 -14.55
N SER I 133 72.56 44.99 -13.70
CA SER I 133 73.54 44.47 -12.76
C SER I 133 72.96 44.26 -11.36
N SER I 134 72.28 45.27 -10.82
CA SER I 134 71.68 45.13 -9.50
C SER I 134 70.54 44.12 -9.54
N GLY I 135 70.56 43.16 -8.61
CA GLY I 135 69.49 42.19 -8.54
C GLY I 135 68.16 42.79 -8.16
N GLU I 136 68.16 43.82 -7.33
CA GLU I 136 66.92 44.44 -6.89
C GLU I 136 66.16 45.05 -8.05
N VAL I 137 64.85 44.85 -8.05
CA VAL I 137 63.98 45.43 -9.08
C VAL I 137 63.79 46.91 -8.78
N SER I 138 63.93 47.74 -9.81
CA SER I 138 63.84 49.18 -9.63
C SER I 138 62.39 49.64 -9.49
N SER I 139 61.57 49.38 -10.50
CA SER I 139 60.18 49.82 -10.51
C SER I 139 59.26 48.65 -10.19
N TYR I 140 58.28 48.91 -9.32
CA TYR I 140 57.37 47.87 -8.85
C TYR I 140 56.07 47.81 -9.64
N GLU I 141 55.96 48.55 -10.75
CA GLU I 141 54.75 48.42 -11.55
C GLU I 141 54.76 47.10 -12.32
N PRO I 142 53.61 46.47 -12.48
CA PRO I 142 53.54 45.19 -13.20
C PRO I 142 53.48 45.40 -14.70
N GLN I 143 54.21 44.58 -15.43
CA GLN I 143 54.23 44.62 -16.88
C GLN I 143 54.30 43.20 -17.43
N PRO I 144 53.83 42.99 -18.66
CA PRO I 144 53.91 41.65 -19.25
C PRO I 144 55.36 41.18 -19.39
N ILE I 145 55.55 39.88 -19.21
CA ILE I 145 56.88 39.28 -19.30
C ILE I 145 57.14 38.87 -20.74
N ASN I 146 58.23 39.37 -21.31
CA ASN I 146 58.62 39.08 -22.67
C ASN I 146 59.92 38.29 -22.69
N ILE I 147 60.03 37.34 -23.61
CA ILE I 147 61.22 36.52 -23.75
C ILE I 147 61.74 36.64 -25.17
N PRO I 148 62.52 37.68 -25.47
CA PRO I 148 63.00 37.87 -26.85
C PRO I 148 63.88 36.72 -27.28
N ALA I 149 63.83 36.41 -28.57
CA ALA I 149 64.62 35.34 -29.14
C ALA I 149 66.00 35.81 -29.61
N GLU I 150 66.27 37.11 -29.56
CA GLU I 150 67.54 37.65 -29.99
C GLU I 150 68.07 38.66 -28.99
N PHE I 151 69.37 38.62 -28.73
CA PHE I 151 70.05 39.64 -27.95
C PHE I 151 70.42 40.79 -28.88
N GLY I 152 69.38 41.46 -29.37
CA GLY I 152 69.54 42.42 -30.43
C GLY I 152 70.12 43.76 -30.02
N LYS I 153 71.30 43.75 -29.41
CA LYS I 153 71.98 44.98 -29.06
C LYS I 153 73.47 44.71 -28.85
N PRO I 154 74.29 44.77 -29.90
CA PRO I 154 75.73 44.60 -29.72
C PRO I 154 76.29 45.64 -28.76
N LYS I 155 76.80 45.17 -27.62
CA LYS I 155 77.26 46.05 -26.55
C LYS I 155 78.77 46.27 -26.69
N GLN I 156 79.16 47.53 -26.82
CA GLN I 156 80.57 47.87 -26.96
C GLN I 156 81.32 47.58 -25.66
N THR I 157 82.59 47.26 -25.80
CA THR I 157 83.45 47.01 -24.64
C THR I 157 83.81 48.34 -23.99
N ALA I 158 83.56 48.47 -22.69
CA ALA I 158 83.83 49.71 -21.99
C ALA I 158 84.70 49.49 -20.76
N ASN I 159 84.49 48.39 -20.06
CA ASN I 159 85.23 48.10 -18.82
C ASN I 159 85.93 46.77 -18.98
N ILE I 160 87.24 46.76 -18.71
CA ILE I 160 88.05 45.56 -18.77
C ILE I 160 88.75 45.38 -17.43
N GLU I 161 88.50 44.27 -16.77
CA GLU I 161 89.15 43.92 -15.52
C GLU I 161 90.21 42.87 -15.79
N VAL I 162 91.44 43.14 -15.37
CA VAL I 162 92.57 42.23 -15.60
C VAL I 162 93.24 41.98 -14.26
N GLY I 163 93.43 40.71 -13.92
CA GLY I 163 94.18 40.34 -12.74
C GLY I 163 95.36 39.46 -13.08
N VAL I 164 96.57 39.97 -12.89
CA VAL I 164 97.79 39.26 -13.26
C VAL I 164 98.74 39.22 -12.08
N ASN I 165 99.64 38.24 -12.12
CA ASN I 165 100.74 38.14 -11.16
C ASN I 165 102.05 38.38 -11.90
N LEU I 166 102.79 39.39 -11.46
CA LEU I 166 103.98 39.62 -12.26
C LEU I 166 105.21 39.02 -11.60
N PRO I 167 106.11 38.44 -12.39
CA PRO I 167 107.29 37.81 -11.80
C PRO I 167 108.22 38.84 -11.19
N ALA I 168 108.46 38.72 -9.89
CA ALA I 168 109.33 39.66 -9.20
C ALA I 168 110.78 39.50 -9.59
N ASN I 169 111.18 38.31 -10.04
CA ASN I 169 112.55 38.04 -10.45
C ASN I 169 112.79 38.34 -11.93
N GLY I 170 111.82 38.93 -12.61
CA GLY I 170 112.00 39.23 -14.02
C GLY I 170 113.11 40.24 -14.25
N ASP I 171 113.76 40.13 -15.41
CA ASP I 171 114.88 41.00 -15.73
C ASP I 171 114.41 42.43 -15.97
N LEU I 172 115.23 43.38 -15.54
CA LEU I 172 114.90 44.79 -15.71
C LEU I 172 115.03 45.21 -17.17
N LYS I 173 114.26 46.22 -17.55
CA LYS I 173 114.25 46.74 -18.91
C LYS I 173 114.30 48.26 -18.87
N ASP I 174 114.67 48.85 -20.00
CA ASP I 174 114.79 50.30 -20.10
C ASP I 174 113.46 50.91 -20.50
N PRO I 175 112.85 51.77 -19.67
CA PRO I 175 111.57 52.37 -20.07
C PRO I 175 111.65 53.21 -21.33
N THR I 176 112.77 53.88 -21.57
CA THR I 176 112.90 54.75 -22.73
C THR I 176 113.09 53.96 -24.03
N GLN I 177 113.48 52.70 -23.94
CA GLN I 177 113.72 51.87 -25.12
C GLN I 177 112.55 50.97 -25.45
N PHE I 178 111.38 51.21 -24.85
CA PHE I 178 110.23 50.34 -25.09
C PHE I 178 109.76 50.48 -26.53
N ASP I 179 109.42 49.35 -27.14
CA ASP I 179 108.87 49.33 -28.49
C ASP I 179 108.10 48.03 -28.66
N PHE I 180 106.83 48.13 -29.01
CA PHE I 180 106.01 46.93 -29.18
C PHE I 180 106.47 46.06 -30.33
N SER I 181 107.20 46.63 -31.29
CA SER I 181 107.69 45.84 -32.42
C SER I 181 108.87 44.95 -32.07
N ASP I 182 109.59 45.25 -30.98
CA ASP I 182 110.74 44.47 -30.58
C ASP I 182 110.42 43.71 -29.29
N PRO I 183 110.31 42.38 -29.34
CA PRO I 183 109.95 41.63 -28.13
C PRO I 183 110.92 41.79 -26.98
N ASP I 184 112.22 41.96 -27.26
CA ASP I 184 113.21 42.02 -26.21
C ASP I 184 113.14 43.30 -25.39
N THR I 185 112.48 44.33 -25.89
CA THR I 185 112.43 45.60 -25.15
C THR I 185 111.58 45.49 -23.90
N TYR I 186 110.54 44.67 -23.92
CA TYR I 186 109.63 44.51 -22.78
C TYR I 186 109.76 43.11 -22.21
N ASN I 187 108.93 42.80 -21.21
CA ASN I 187 109.01 41.53 -20.50
C ASN I 187 107.97 40.53 -20.99
N ARG I 188 106.68 40.89 -20.94
CA ARG I 188 105.62 39.96 -21.28
C ARG I 188 104.56 40.66 -22.11
N SER I 189 103.84 39.87 -22.90
CA SER I 189 102.78 40.39 -23.76
C SER I 189 101.63 39.39 -23.77
N THR I 190 100.40 39.90 -23.63
CA THR I 190 99.20 39.09 -23.71
C THR I 190 98.23 39.68 -24.71
N SER I 191 97.42 38.82 -25.33
CA SER I 191 96.47 39.23 -26.35
C SER I 191 95.05 38.92 -25.86
N SER I 192 94.11 39.77 -26.28
CA SER I 192 92.72 39.62 -25.87
C SER I 192 91.83 40.20 -26.96
N THR I 193 90.53 39.88 -26.85
CA THR I 193 89.55 40.27 -27.84
C THR I 193 88.58 41.28 -27.23
N ILE I 194 88.30 42.34 -27.98
CA ILE I 194 87.35 43.37 -27.57
C ILE I 194 86.39 43.63 -28.72
N TYR I 195 85.24 44.23 -28.39
CA TYR I 195 84.18 44.47 -29.36
C TYR I 195 83.79 45.94 -29.35
N ASP I 196 83.48 46.47 -30.53
CA ASP I 196 83.07 47.84 -30.70
C ASP I 196 81.55 47.94 -30.63
N SER I 197 81.00 49.07 -31.05
CA SER I 197 79.55 49.27 -31.01
C SER I 197 78.83 48.31 -31.96
N MET I 198 79.38 48.08 -33.15
CA MET I 198 78.73 47.23 -34.14
C MET I 198 79.04 45.75 -33.94
N GLY I 199 79.81 45.39 -32.91
CA GLY I 199 80.15 44.02 -32.65
C GLY I 199 81.37 43.51 -33.38
N GLN I 200 82.09 44.36 -34.10
CA GLN I 200 83.32 43.94 -34.73
C GLN I 200 84.35 43.56 -33.67
N SER I 201 85.03 42.43 -33.89
CA SER I 201 86.01 41.94 -32.94
C SER I 201 87.36 42.59 -33.20
N TYR I 202 87.98 43.12 -32.15
CA TYR I 202 89.30 43.72 -32.24
C TYR I 202 90.25 43.03 -31.28
N LYS I 203 91.51 42.95 -31.67
CA LYS I 203 92.53 42.27 -30.90
C LYS I 203 93.28 43.30 -30.05
N LEU I 204 93.21 43.11 -28.73
CA LEU I 204 93.86 44.01 -27.78
C LEU I 204 95.09 43.30 -27.21
N THR I 205 96.25 43.93 -27.35
CA THR I 205 97.51 43.38 -26.86
C THR I 205 98.05 44.26 -25.75
N THR I 206 98.39 43.64 -24.62
CA THR I 206 98.90 44.35 -23.45
C THR I 206 100.36 43.99 -23.24
N TYR I 207 101.22 45.00 -23.13
CA TYR I 207 102.65 44.82 -22.95
C TYR I 207 103.05 45.26 -21.55
N TYR I 208 103.76 44.39 -20.84
CA TYR I 208 104.23 44.68 -19.49
C TYR I 208 105.74 44.84 -19.50
N LEU I 209 106.22 45.96 -18.97
CA LEU I 209 107.65 46.26 -18.91
C LEU I 209 108.04 46.57 -17.48
N LYS I 210 109.11 45.94 -17.01
CA LYS I 210 109.58 46.11 -15.64
C LYS I 210 110.59 47.25 -15.60
N ASP I 211 110.30 48.26 -14.78
CA ASP I 211 111.16 49.43 -14.71
C ASP I 211 112.50 49.08 -14.08
N GLN I 212 113.57 49.65 -14.64
CA GLN I 212 114.92 49.47 -14.13
C GLN I 212 115.29 50.54 -13.12
N THR I 213 114.86 51.78 -13.34
CA THR I 213 115.23 52.88 -12.46
C THR I 213 114.64 52.69 -11.07
N GLN I 214 113.36 52.31 -10.98
CA GLN I 214 112.67 52.23 -9.71
C GLN I 214 112.35 50.77 -9.40
N PRO I 215 112.77 50.24 -8.25
CA PRO I 215 112.40 48.87 -7.90
C PRO I 215 110.91 48.75 -7.64
N ASN I 216 110.38 47.55 -7.92
CA ASN I 216 108.95 47.25 -7.76
C ASN I 216 108.08 48.24 -8.54
N THR I 217 108.51 48.55 -9.76
CA THR I 217 107.77 49.43 -10.64
C THR I 217 107.67 48.78 -12.01
N TRP I 218 106.47 48.80 -12.59
CA TRP I 218 106.21 48.19 -13.88
C TRP I 218 105.52 49.20 -14.80
N ASN I 219 105.76 49.05 -16.10
CA ASN I 219 105.13 49.87 -17.11
C ASN I 219 104.27 49.00 -18.01
N THR I 220 103.07 49.48 -18.31
CA THR I 220 102.11 48.74 -19.11
C THR I 220 101.69 49.57 -20.32
N TYR I 221 101.66 48.93 -21.48
CA TYR I 221 101.27 49.57 -22.72
C TYR I 221 100.24 48.71 -23.44
N TYR I 222 99.43 49.37 -24.27
CA TYR I 222 98.33 48.71 -24.95
C TYR I 222 98.34 49.03 -26.44
N THR I 223 97.97 48.05 -27.25
CA THR I 223 97.87 48.23 -28.69
C THR I 223 96.61 47.54 -29.20
N VAL I 224 96.09 48.04 -30.32
CA VAL I 224 94.90 47.50 -30.96
C VAL I 224 95.29 47.06 -32.37
N THR I 225 94.91 45.84 -32.73
CA THR I 225 95.27 45.25 -34.02
C THR I 225 94.01 45.14 -34.88
N ASP I 226 93.87 46.05 -35.83
CA ASP I 226 92.81 45.98 -36.83
C ASP I 226 93.37 45.42 -38.14
N LYS I 227 92.53 45.41 -39.17
CA LYS I 227 92.98 44.89 -40.47
C LYS I 227 94.07 45.76 -41.07
N GLU I 228 94.05 47.07 -40.80
CA GLU I 228 95.10 47.94 -41.32
C GLU I 228 96.45 47.61 -40.71
N GLY I 229 96.49 47.33 -39.42
CA GLY I 229 97.74 47.02 -38.76
C GLY I 229 97.56 47.11 -37.25
N GLU I 230 98.69 47.20 -36.56
CA GLU I 230 98.71 47.32 -35.10
C GLU I 230 99.03 48.77 -34.74
N LYS I 231 98.07 49.43 -34.08
CA LYS I 231 98.20 50.83 -33.71
C LYS I 231 98.29 50.98 -32.21
N PRO I 232 99.23 51.76 -31.69
CA PRO I 232 99.32 51.95 -30.24
C PRO I 232 98.12 52.73 -29.70
N LEU I 233 97.78 52.43 -28.44
CA LEU I 233 96.72 53.12 -27.73
C LEU I 233 97.32 53.87 -26.55
N ASN I 234 96.98 55.14 -26.43
CA ASN I 234 97.52 56.00 -25.37
C ASN I 234 96.51 56.16 -24.24
N VAL I 235 97.01 56.22 -23.03
CA VAL I 235 96.19 56.48 -21.85
C VAL I 235 96.00 57.98 -21.71
N ALA I 236 94.85 58.39 -21.16
CA ALA I 236 94.53 59.80 -21.07
C ALA I 236 95.55 60.56 -20.23
N ALA I 237 95.90 60.01 -19.07
CA ALA I 237 96.83 60.66 -18.14
C ALA I 237 97.89 59.69 -17.63
N GLY I 238 98.28 58.73 -18.47
CA GLY I 238 99.28 57.77 -18.04
C GLY I 238 100.65 58.40 -17.89
N ASP I 239 101.34 58.03 -16.81
CA ASP I 239 102.65 58.59 -16.50
C ASP I 239 103.80 57.73 -17.01
N ALA I 240 103.76 57.39 -18.30
CA ALA I 240 104.86 56.63 -18.91
C ALA I 240 104.93 57.04 -20.38
N GLN I 241 105.79 58.02 -20.66
CA GLN I 241 105.89 58.62 -21.99
C GLN I 241 107.22 58.21 -22.62
N THR I 242 107.15 57.35 -23.64
CA THR I 242 108.31 57.03 -24.42
C THR I 242 108.65 58.20 -25.35
N PRO I 243 109.90 58.30 -25.80
CA PRO I 243 110.24 59.36 -26.76
C PRO I 243 109.42 59.29 -28.04
N THR I 244 109.00 58.10 -28.47
CA THR I 244 108.18 58.00 -29.67
C THR I 244 106.84 58.72 -29.50
N GLY I 245 106.23 58.58 -28.32
CA GLY I 245 104.97 59.25 -28.06
C GLY I 245 103.93 58.36 -27.41
N HIS I 246 104.17 57.06 -27.40
CA HIS I 246 103.25 56.11 -26.77
C HIS I 246 103.20 56.37 -25.27
N VAL I 247 101.99 56.37 -24.73
CA VAL I 247 101.76 56.71 -23.32
C VAL I 247 101.20 55.48 -22.61
N GLY I 248 101.96 54.96 -21.66
CA GLY I 248 101.52 53.89 -20.80
C GLY I 248 101.24 54.37 -19.38
N HIS I 249 101.06 53.42 -18.47
CA HIS I 249 100.80 53.71 -17.08
C HIS I 249 101.72 52.88 -16.20
N THR I 250 102.02 53.41 -15.02
CA THR I 250 102.97 52.81 -14.10
C THR I 250 102.24 52.10 -12.97
N MET I 251 102.76 50.94 -12.58
CA MET I 251 102.20 50.13 -11.50
C MET I 251 103.27 49.92 -10.44
N LYS I 252 102.92 50.15 -9.18
CA LYS I 252 103.84 50.01 -8.06
C LYS I 252 103.27 49.05 -7.04
N PHE I 253 104.17 48.33 -6.36
CA PHE I 253 103.80 47.31 -5.40
C PHE I 253 104.50 47.55 -4.07
N ASN I 254 103.89 47.03 -3.00
CA ASN I 254 104.44 47.19 -1.66
C ASN I 254 105.53 46.16 -1.42
N ASN I 255 105.99 46.06 -0.16
CA ASN I 255 107.01 45.07 0.17
C ASN I 255 106.44 43.65 0.11
N ASP I 256 105.19 43.48 0.55
CA ASP I 256 104.58 42.15 0.58
C ASP I 256 104.12 41.67 -0.78
N GLY I 257 104.38 42.43 -1.85
CA GLY I 257 103.98 42.05 -3.19
C GLY I 257 102.58 42.47 -3.57
N THR I 258 101.81 43.03 -2.66
CA THR I 258 100.47 43.48 -2.98
C THR I 258 100.52 44.77 -3.81
N LEU I 259 99.37 45.14 -4.35
CA LEU I 259 99.26 46.33 -5.17
C LEU I 259 99.36 47.59 -4.31
N ALA I 260 100.17 48.55 -4.74
CA ALA I 260 100.37 49.80 -4.01
C ALA I 260 99.64 50.97 -4.68
N SER I 261 99.93 51.21 -5.95
CA SER I 261 99.35 52.34 -6.66
C SER I 261 99.29 52.02 -8.15
N LEU I 262 98.39 52.72 -8.84
CA LEU I 262 98.20 52.55 -10.27
C LEU I 262 98.08 53.91 -10.93
N ASN I 263 99.05 54.23 -11.80
CA ASN I 263 99.05 55.48 -12.55
C ASN I 263 98.89 56.69 -11.64
N ASN I 264 99.69 56.71 -10.56
CA ASN I 264 99.67 57.78 -9.57
C ASN I 264 98.29 57.93 -8.92
N GLY I 265 97.58 56.82 -8.76
CA GLY I 265 96.27 56.86 -8.14
C GLY I 265 95.16 57.39 -9.02
N GLN I 266 95.43 57.64 -10.28
CA GLN I 266 94.40 58.12 -11.18
C GLN I 266 93.75 56.96 -11.92
N PRO I 267 92.47 57.09 -12.29
CA PRO I 267 91.81 56.01 -13.03
C PRO I 267 92.44 55.82 -14.39
N ILE I 268 92.44 54.58 -14.85
CA ILE I 268 93.03 54.22 -16.14
C ILE I 268 91.92 54.34 -17.19
N THR I 269 91.97 55.42 -17.97
CA THR I 269 91.03 55.65 -19.06
C THR I 269 91.81 55.84 -20.34
N SER I 270 91.53 55.03 -21.35
CA SER I 270 92.21 55.15 -22.62
C SER I 270 91.57 56.27 -23.46
N VAL I 271 92.30 56.70 -24.48
CA VAL I 271 91.79 57.71 -25.41
C VAL I 271 90.78 57.05 -26.34
N ALA I 272 90.01 57.86 -27.06
CA ALA I 272 89.05 57.33 -28.01
C ALA I 272 89.76 56.55 -29.11
N LEU I 273 89.20 55.40 -29.46
CA LEU I 273 89.86 54.50 -30.41
C LEU I 273 89.95 55.12 -31.80
N GLY I 274 88.85 55.69 -32.28
CA GLY I 274 88.80 56.16 -33.65
C GLY I 274 88.66 57.65 -33.83
N ASP I 275 89.03 58.43 -32.80
CA ASP I 275 88.90 59.87 -32.88
C ASP I 275 90.26 60.49 -33.20
N PRO I 276 90.45 61.05 -34.39
CA PRO I 276 91.76 61.67 -34.70
C PRO I 276 92.06 62.90 -33.86
N ALA I 277 91.05 63.56 -33.32
CA ALA I 277 91.28 64.77 -32.52
C ALA I 277 91.95 64.49 -31.19
N THR I 278 91.88 63.25 -30.70
CA THR I 278 92.50 62.90 -29.42
C THR I 278 93.48 61.73 -29.52
N ASN I 279 93.59 61.07 -30.67
CA ASN I 279 94.53 59.97 -30.85
C ASN I 279 95.37 60.25 -32.09
N THR I 280 96.68 60.10 -31.94
CA THR I 280 97.58 60.26 -33.09
C THR I 280 97.51 59.07 -34.04
N THR I 281 97.00 57.93 -33.58
CA THR I 281 96.86 56.73 -34.40
C THR I 281 95.43 56.23 -34.26
N PRO I 282 94.47 56.85 -34.97
CA PRO I 282 93.07 56.44 -34.84
C PRO I 282 92.86 55.03 -35.36
N VAL I 283 92.15 54.22 -34.56
CA VAL I 283 91.83 52.86 -34.97
C VAL I 283 90.71 52.89 -36.01
N ASP I 284 90.86 52.05 -37.04
CA ASP I 284 89.88 52.01 -38.11
C ASP I 284 88.61 51.30 -37.64
N MET I 285 87.63 52.07 -37.14
CA MET I 285 86.40 51.49 -36.63
C MET I 285 85.54 50.87 -37.73
N ASN I 286 85.75 51.29 -38.99
CA ASN I 286 85.00 50.76 -40.13
C ASN I 286 83.50 50.95 -39.94
N GLY I 287 83.11 52.12 -39.47
CA GLY I 287 81.72 52.47 -39.28
C GLY I 287 81.23 52.41 -37.85
N ALA I 288 82.04 51.92 -36.92
CA ALA I 288 81.64 51.88 -35.53
C ALA I 288 81.79 53.25 -34.89
N ASP I 289 81.45 53.33 -33.60
CA ASP I 289 81.58 54.59 -32.88
C ASP I 289 83.05 54.91 -32.67
N PRO I 290 83.52 56.06 -33.14
CA PRO I 290 84.94 56.41 -32.95
C PRO I 290 85.26 56.92 -31.56
N ALA I 291 84.25 57.21 -30.74
CA ALA I 291 84.47 57.79 -29.41
C ALA I 291 84.48 56.75 -28.31
N GLN I 292 84.62 55.47 -28.65
CA GLN I 292 84.64 54.43 -27.63
C GLN I 292 85.89 54.58 -26.75
N THR I 293 85.70 54.40 -25.45
CA THR I 293 86.78 54.47 -24.48
C THR I 293 86.81 53.20 -23.65
N LEU I 294 87.99 52.88 -23.13
CA LEU I 294 88.19 51.68 -22.34
C LEU I 294 88.66 52.06 -20.93
N ASN I 295 88.06 51.42 -19.93
CA ASN I 295 88.45 51.62 -18.53
C ASN I 295 89.06 50.32 -18.02
N PHE I 296 90.30 50.39 -17.56
CA PHE I 296 91.04 49.23 -17.11
C PHE I 296 91.06 49.19 -15.59
N GLY I 297 90.61 48.07 -15.02
CA GLY I 297 90.65 47.89 -13.58
C GLY I 297 91.63 46.82 -13.18
N LEU I 298 92.76 47.23 -12.58
CA LEU I 298 93.83 46.31 -12.20
C LEU I 298 94.06 46.37 -10.69
N GLY I 299 92.97 46.36 -9.92
CA GLY I 299 93.09 46.43 -8.47
C GLY I 299 93.57 45.15 -7.81
N SER I 300 93.66 44.05 -8.55
CA SER I 300 94.05 42.76 -8.01
C SER I 300 95.41 42.30 -8.48
N ALA I 301 96.15 43.14 -9.21
CA ALA I 301 97.46 42.75 -9.71
C ALA I 301 98.43 42.54 -8.56
N THR I 302 99.29 41.52 -8.71
CA THR I 302 100.25 41.19 -7.67
C THR I 302 101.61 40.95 -8.30
N GLN I 303 102.66 41.06 -7.49
CA GLN I 303 104.03 40.78 -7.91
C GLN I 303 104.66 39.85 -6.88
N PHE I 304 104.74 38.57 -7.20
CA PHE I 304 105.33 37.56 -6.33
C PHE I 304 106.47 36.87 -7.06
N ALA I 305 107.06 35.87 -6.41
CA ALA I 305 108.12 35.09 -7.04
C ALA I 305 107.60 34.17 -8.13
N ALA I 306 106.29 33.97 -8.21
CA ALA I 306 105.72 33.07 -9.20
C ALA I 306 105.93 33.63 -10.62
N PRO I 307 105.97 32.75 -11.63
CA PRO I 307 106.12 33.23 -13.01
C PRO I 307 104.92 34.05 -13.47
N PHE I 308 105.05 34.67 -14.65
CA PHE I 308 103.96 35.50 -15.17
C PHE I 308 102.71 34.65 -15.39
N GLU I 309 101.57 35.19 -14.98
CA GLU I 309 100.32 34.45 -15.04
C GLU I 309 99.16 35.42 -15.21
N LEU I 310 98.28 35.11 -16.16
CA LEU I 310 97.05 35.88 -16.38
C LEU I 310 95.94 35.17 -15.62
N THR I 311 95.78 35.56 -14.34
CA THR I 311 94.85 34.84 -13.47
C THR I 311 93.40 35.09 -13.87
N LYS I 312 93.03 36.34 -14.12
CA LYS I 312 91.64 36.69 -14.38
C LYS I 312 91.57 37.73 -15.48
N PHE I 313 90.61 37.57 -16.38
CA PHE I 313 90.33 38.55 -17.42
C PHE I 313 88.83 38.65 -17.62
N ASP I 314 88.27 39.81 -17.30
CA ASP I 314 86.83 40.03 -17.41
C ASP I 314 86.59 41.33 -18.17
N GLU I 315 85.59 41.30 -19.07
CA GLU I 315 85.19 42.47 -19.84
C GLU I 315 83.68 42.60 -19.79
N ASP I 316 83.17 43.65 -20.41
CA ASP I 316 81.73 43.89 -20.47
C ASP I 316 81.22 43.97 -21.91
N GLY I 317 82.00 43.49 -22.88
CA GLY I 317 81.56 43.49 -24.25
C GLY I 317 80.57 42.38 -24.54
N ALA I 318 79.89 42.50 -25.69
CA ALA I 318 78.90 41.52 -26.09
C ALA I 318 78.70 41.61 -27.59
N THR I 319 78.07 40.57 -28.14
CA THR I 319 77.77 40.48 -29.56
C THR I 319 76.37 39.94 -29.74
N THR I 320 75.89 39.96 -30.98
CA THR I 320 74.57 39.42 -31.28
C THR I 320 74.52 37.93 -30.97
N GLY I 321 73.37 37.49 -30.50
CA GLY I 321 73.21 36.10 -30.10
C GLY I 321 71.76 35.67 -30.17
N PHE I 322 71.56 34.37 -29.93
CA PHE I 322 70.24 33.76 -30.00
C PHE I 322 69.92 33.08 -28.68
N LEU I 323 68.67 33.20 -28.25
CA LEU I 323 68.23 32.59 -27.00
C LEU I 323 68.52 31.10 -27.01
N THR I 324 69.34 30.66 -26.06
CA THR I 324 69.75 29.26 -25.97
C THR I 324 68.94 28.46 -24.96
N LYS I 325 68.77 28.96 -23.74
CA LYS I 325 68.00 28.25 -22.74
C LYS I 325 67.34 29.25 -21.81
N VAL I 326 66.29 28.81 -21.14
CA VAL I 326 65.54 29.63 -20.20
C VAL I 326 65.31 28.82 -18.93
N ASP I 327 65.55 29.44 -17.78
CA ASP I 327 65.34 28.77 -16.51
C ASP I 327 64.83 29.79 -15.49
N PHE I 328 64.21 29.26 -14.43
CA PHE I 328 63.63 30.06 -13.37
C PHE I 328 64.34 29.74 -12.06
N ASP I 329 64.76 30.76 -11.34
CA ASP I 329 65.37 30.57 -10.04
C ASP I 329 64.30 30.66 -8.95
N GLU I 330 64.73 30.42 -7.70
CA GLU I 330 63.80 30.46 -6.58
C GLU I 330 63.27 31.86 -6.34
N ASN I 331 64.02 32.89 -6.72
CA ASN I 331 63.57 34.27 -6.56
C ASN I 331 62.52 34.67 -7.59
N GLY I 332 62.25 33.82 -8.57
CA GLY I 332 61.27 34.13 -9.61
C GLY I 332 61.82 34.81 -10.83
N SER I 333 63.10 35.19 -10.83
CA SER I 333 63.69 35.80 -12.00
C SER I 333 63.82 34.76 -13.11
N VAL I 334 63.37 35.12 -14.31
CA VAL I 334 63.49 34.25 -15.48
C VAL I 334 64.74 34.68 -16.23
N MET I 335 65.76 33.83 -16.20
CA MET I 335 67.04 34.14 -16.81
C MET I 335 67.20 33.39 -18.12
N GLY I 336 67.91 34.01 -19.06
CA GLY I 336 68.16 33.39 -20.33
C GLY I 336 69.56 33.64 -20.82
N THR I 337 70.22 32.58 -21.30
CA THR I 337 71.58 32.68 -21.83
C THR I 337 71.53 32.64 -23.35
N TYR I 338 72.34 33.46 -23.98
CA TYR I 338 72.36 33.60 -25.43
C TYR I 338 73.64 33.01 -26.00
N SER I 339 73.75 33.05 -27.33
CA SER I 339 74.93 32.52 -28.00
C SER I 339 76.17 33.34 -27.67
N ASN I 340 76.01 34.64 -27.43
CA ASN I 340 77.16 35.47 -27.07
C ASN I 340 77.74 35.07 -25.72
N GLY I 341 76.89 34.67 -24.77
CA GLY I 341 77.32 34.28 -23.45
C GLY I 341 76.73 35.09 -22.32
N GLU I 342 76.09 36.22 -22.61
CA GLU I 342 75.51 37.05 -21.55
C GLU I 342 74.34 36.35 -20.88
N ASN I 343 74.32 36.38 -19.56
CA ASN I 343 73.21 35.81 -18.78
C ASN I 343 72.19 36.91 -18.48
N VAL I 344 71.49 37.32 -19.53
CA VAL I 344 70.54 38.43 -19.42
C VAL I 344 69.33 37.98 -18.62
N THR I 345 68.92 38.82 -17.66
CA THR I 345 67.74 38.55 -16.84
C THR I 345 66.53 39.21 -17.51
N LEU I 346 65.61 38.38 -18.02
CA LEU I 346 64.45 38.92 -18.72
C LEU I 346 63.52 39.66 -17.77
N GLY I 347 63.36 39.16 -16.55
CA GLY I 347 62.51 39.82 -15.58
C GLY I 347 62.20 38.90 -14.42
N ARG I 348 61.28 39.36 -13.58
CA ARG I 348 60.78 38.58 -12.46
C ARG I 348 59.30 38.30 -12.64
N VAL I 349 58.78 37.37 -11.85
CA VAL I 349 57.38 36.99 -11.88
C VAL I 349 56.71 37.60 -10.67
N ALA I 350 55.71 38.45 -10.91
CA ALA I 350 55.05 39.15 -9.82
C ALA I 350 54.22 38.18 -8.98
N LEU I 351 54.14 38.49 -7.69
CA LEU I 351 53.33 37.75 -6.73
C LEU I 351 52.44 38.72 -5.99
N VAL I 352 51.19 38.33 -5.76
CA VAL I 352 50.21 39.20 -5.13
C VAL I 352 49.62 38.49 -3.92
N ARG I 353 49.48 39.23 -2.82
CA ARG I 353 48.92 38.71 -1.58
C ARG I 353 47.90 39.70 -1.05
N VAL I 354 46.77 39.19 -0.59
CA VAL I 354 45.72 40.03 -0.02
C VAL I 354 45.60 39.74 1.47
N PRO I 355 45.26 40.73 2.29
CA PRO I 355 45.12 40.46 3.74
C PRO I 355 44.02 39.45 4.06
N ASN I 356 42.92 39.47 3.32
CA ASN I 356 41.79 38.58 3.55
C ASN I 356 41.53 37.80 2.28
N GLU I 357 42.03 36.56 2.23
CA GLU I 357 41.82 35.73 1.05
C GLU I 357 40.40 35.19 0.96
N GLN I 358 39.69 35.11 2.08
CA GLN I 358 38.33 34.59 2.08
C GLN I 358 37.32 35.53 1.45
N GLY I 359 37.70 36.77 1.16
CA GLY I 359 36.77 37.75 0.64
C GLY I 359 36.91 38.01 -0.84
N LEU I 360 37.90 37.37 -1.47
CA LEU I 360 38.08 37.51 -2.90
C LEU I 360 36.86 37.00 -3.65
N ASP I 361 36.37 37.78 -4.60
CA ASP I 361 35.30 37.31 -5.47
C ASP I 361 35.89 36.35 -6.50
N LYS I 362 35.11 35.35 -6.87
CA LYS I 362 35.57 34.26 -7.71
C LYS I 362 35.14 34.52 -9.15
N LYS I 363 36.12 34.74 -10.03
CA LYS I 363 35.85 34.81 -11.45
C LYS I 363 35.94 33.41 -12.05
N GLY I 364 35.66 33.29 -13.33
CA GLY I 364 35.76 32.01 -13.98
C GLY I 364 37.19 31.61 -14.25
N GLY I 365 37.37 30.32 -14.50
CA GLY I 365 38.70 29.81 -14.81
C GLY I 365 39.68 29.89 -13.67
N THR I 366 39.23 29.62 -12.44
CA THR I 366 40.09 29.59 -11.25
C THR I 366 40.89 30.89 -11.11
N GLN I 367 40.18 32.01 -11.20
CA GLN I 367 40.79 33.31 -11.07
C GLN I 367 39.99 34.16 -10.09
N TRP I 368 40.68 35.01 -9.35
CA TRP I 368 40.08 35.85 -8.33
C TRP I 368 40.45 37.30 -8.57
N ASP I 369 39.64 38.19 -7.99
CA ASP I 369 39.88 39.63 -8.05
C ASP I 369 39.73 40.21 -6.65
N SER I 370 40.30 41.39 -6.46
CA SER I 370 40.30 42.03 -5.15
C SER I 370 39.06 42.91 -5.02
N THR I 371 38.27 42.67 -3.97
CA THR I 371 37.07 43.44 -3.70
C THR I 371 37.27 44.28 -2.44
N GLN I 372 36.21 44.95 -2.01
CA GLN I 372 36.27 45.76 -0.79
C GLN I 372 36.56 44.90 0.43
N PHE I 373 35.89 43.75 0.56
CA PHE I 373 36.08 42.91 1.73
C PHE I 373 37.48 42.31 1.76
N SER I 374 38.00 41.91 0.60
CA SER I 374 39.32 41.29 0.56
C SER I 374 40.41 42.27 0.98
N GLY I 375 40.29 43.54 0.55
CA GLY I 375 41.30 44.55 0.82
C GLY I 375 41.88 45.10 -0.47
N ASP I 376 43.19 45.31 -0.48
CA ASP I 376 43.89 45.78 -1.66
C ASP I 376 45.06 44.86 -1.95
N LYS I 377 45.35 44.68 -3.24
CA LYS I 377 46.43 43.80 -3.66
C LYS I 377 47.76 44.36 -3.17
N ILE I 378 48.51 43.55 -2.44
CA ILE I 378 49.83 43.91 -1.95
C ILE I 378 50.85 43.15 -2.79
N TRP I 379 51.64 43.88 -3.57
CA TRP I 379 52.58 43.28 -4.49
C TRP I 379 53.88 42.91 -3.77
N GLY I 380 54.62 41.99 -4.38
CA GLY I 380 55.89 41.58 -3.79
C GLY I 380 56.62 40.66 -4.74
N GLU I 381 57.85 40.32 -4.34
CA GLU I 381 58.67 39.39 -5.10
C GLU I 381 58.45 37.97 -4.58
N SER I 382 59.32 37.05 -4.98
CA SER I 382 59.29 35.67 -4.50
C SER I 382 60.28 35.52 -3.36
N ASN I 383 59.85 34.83 -2.29
CA ASN I 383 60.70 34.56 -1.12
C ASN I 383 61.20 35.87 -0.50
N LYS I 384 60.28 36.81 -0.33
CA LYS I 384 60.59 38.09 0.30
C LYS I 384 59.45 38.46 1.23
N GLY I 385 59.79 38.89 2.44
CA GLY I 385 58.77 39.25 3.40
C GLY I 385 57.92 38.04 3.77
N SER I 386 56.61 38.17 3.60
CA SER I 386 55.67 37.11 3.95
C SER I 386 55.29 36.24 2.77
N PHE I 387 55.85 36.50 1.59
CA PHE I 387 55.50 35.73 0.41
C PHE I 387 56.21 34.37 0.42
N GLY I 388 55.73 33.48 -0.45
CA GLY I 388 56.30 32.16 -0.61
C GLY I 388 57.34 32.11 -1.71
N THR I 389 57.63 30.90 -2.15
CA THR I 389 58.61 30.67 -3.21
C THR I 389 57.91 30.20 -4.48
N ILE I 390 58.63 30.30 -5.58
CA ILE I 390 58.13 29.88 -6.89
C ILE I 390 58.99 28.73 -7.39
N ASN I 391 58.36 27.61 -7.69
CA ASN I 391 59.05 26.43 -8.19
C ASN I 391 58.59 26.14 -9.61
N ASN I 392 59.55 26.00 -10.52
CA ASN I 392 59.23 25.65 -11.90
C ASN I 392 59.14 24.14 -12.05
N GLY I 393 58.32 23.70 -13.00
CA GLY I 393 58.10 22.29 -13.23
C GLY I 393 57.09 21.65 -12.30
N MET I 394 56.29 22.42 -11.59
CA MET I 394 55.28 21.89 -10.70
C MET I 394 53.95 22.58 -10.98
N LEU I 395 52.87 21.89 -10.63
CA LEU I 395 51.52 22.45 -10.76
C LEU I 395 50.72 22.09 -9.53
N GLU I 396 49.71 22.91 -9.24
CA GLU I 396 48.87 22.71 -8.08
C GLU I 396 47.62 21.93 -8.46
N GLN I 397 47.29 20.92 -7.67
CA GLN I 397 46.02 20.22 -7.79
C GLN I 397 45.00 20.85 -6.84
N SER I 398 43.78 20.35 -6.90
CA SER I 398 42.76 20.84 -5.98
C SER I 398 43.08 20.37 -4.57
N ASN I 399 42.78 21.24 -3.60
CA ASN I 399 43.05 20.95 -2.20
C ASN I 399 41.83 20.30 -1.55
N ILE I 400 41.45 19.14 -2.08
CA ILE I 400 40.29 18.39 -1.59
C ILE I 400 40.74 17.00 -1.21
N ASP I 401 39.94 16.37 -0.34
CA ASP I 401 40.13 14.98 0.04
C ASP I 401 38.88 14.21 -0.35
N MET I 402 39.05 13.22 -1.23
CA MET I 402 37.88 12.54 -1.80
C MET I 402 37.04 11.87 -0.73
N THR I 403 37.69 11.20 0.22
CA THR I 403 36.95 10.48 1.26
C THR I 403 36.08 11.43 2.07
N GLN I 404 36.65 12.58 2.46
CA GLN I 404 35.88 13.56 3.22
C GLN I 404 34.70 14.07 2.42
N GLU I 405 34.90 14.31 1.12
CA GLU I 405 33.81 14.81 0.29
C GLU I 405 32.69 13.77 0.17
N LEU I 406 33.04 12.49 0.01
CA LEU I 406 32.03 11.46 -0.07
C LEU I 406 31.25 11.31 1.24
N VAL I 407 31.96 11.38 2.37
CA VAL I 407 31.28 11.31 3.66
C VAL I 407 30.36 12.50 3.85
N ASP I 408 30.81 13.69 3.44
CA ASP I 408 29.94 14.87 3.50
C ASP I 408 28.72 14.69 2.62
N LEU I 409 28.89 14.07 1.45
CA LEU I 409 27.77 13.80 0.55
C LEU I 409 26.74 12.92 1.23
N ILE I 410 27.20 11.85 1.88
CA ILE I 410 26.28 10.95 2.57
C ILE I 410 25.55 11.66 3.69
N SER I 411 26.29 12.46 4.47
CA SER I 411 25.67 13.18 5.59
C SER I 411 24.64 14.19 5.08
N ALA I 412 24.96 14.89 4.00
CA ALA I 412 24.00 15.84 3.43
C ALA I 412 22.75 15.14 2.95
N GLN I 413 22.91 13.97 2.33
CA GLN I 413 21.73 13.21 1.91
C GLN I 413 20.88 12.81 3.11
N ARG I 414 21.52 12.38 4.20
CA ARG I 414 20.77 12.00 5.39
C ARG I 414 20.00 13.19 5.96
N ASN I 415 20.65 14.35 6.03
CA ASN I 415 19.97 15.55 6.54
C ASN I 415 18.80 15.94 5.64
N PHE I 416 18.99 15.85 4.33
CA PHE I 416 17.91 16.18 3.40
C PHE I 416 16.72 15.24 3.59
N GLN I 417 16.99 13.94 3.77
CA GLN I 417 15.92 12.99 4.01
C GLN I 417 15.18 13.31 5.30
N ALA I 418 15.91 13.67 6.35
CA ALA I 418 15.26 14.01 7.61
C ALA I 418 14.36 15.22 7.45
N ASN I 419 14.85 16.26 6.76
CA ASN I 419 14.04 17.45 6.55
C ASN I 419 12.80 17.15 5.71
N SER I 420 12.95 16.31 4.69
CA SER I 420 11.79 15.92 3.88
C SER I 420 10.77 15.18 4.72
N ARG I 421 11.23 14.32 5.63
CA ARG I 421 10.32 13.62 6.53
C ARG I 421 9.55 14.62 7.40
N SER I 422 10.25 15.63 7.92
CA SER I 422 9.58 16.65 8.74
C SER I 422 8.52 17.39 7.93
N LEU I 423 8.85 17.75 6.69
CA LEU I 423 7.88 18.44 5.83
C LEU I 423 6.67 17.56 5.56
N GLU I 424 6.90 16.27 5.34
CA GLU I 424 5.79 15.34 5.13
C GLU I 424 4.91 15.27 6.35
N VAL I 425 5.51 15.26 7.54
CA VAL I 425 4.70 15.23 8.77
C VAL I 425 3.85 16.48 8.87
N HIS I 426 4.42 17.66 8.57
CA HIS I 426 3.65 18.90 8.62
C HIS I 426 2.45 18.84 7.66
N ASN I 427 2.70 18.42 6.42
CA ASN I 427 1.63 18.37 5.44
C ASN I 427 0.55 17.37 5.84
N GLN I 428 0.96 16.23 6.40
CA GLN I 428 -0.02 15.24 6.83
C GLN I 428 -0.88 15.77 7.98
N LEU I 429 -0.28 16.52 8.91
CA LEU I 429 -1.07 17.12 9.97
C LEU I 429 -2.10 18.10 9.40
N GLN I 430 -1.67 18.94 8.45
CA GLN I 430 -2.61 19.90 7.88
C GLN I 430 -3.74 19.19 7.14
N GLN I 431 -3.41 18.16 6.36
CA GLN I 431 -4.46 17.44 5.64
C GLN I 431 -5.36 16.68 6.60
N ASN I 432 -4.84 16.25 7.74
CA ASN I 432 -5.69 15.63 8.76
C ASN I 432 -6.69 16.63 9.30
N ILE I 433 -6.25 17.86 9.56
CA ILE I 433 -7.18 18.88 10.03
C ILE I 433 -8.22 19.20 8.97
N LEU I 434 -7.80 19.19 7.69
CA LEU I 434 -8.72 19.53 6.61
C LEU I 434 -9.96 18.64 6.60
N GLN I 435 -9.84 17.40 7.05
CA GLN I 435 -10.94 16.43 6.99
C GLN I 435 -11.70 16.38 8.31
N ILE I 436 -12.37 17.49 8.62
CA ILE I 436 -13.19 17.56 9.82
C ILE I 436 -14.55 18.15 9.50
N SER J 2 -3.94 22.26 -16.96
CA SER J 2 -3.44 20.90 -17.07
C SER J 2 -2.83 20.64 -18.43
N TYR J 3 -3.26 21.42 -19.43
CA TYR J 3 -2.70 21.28 -20.77
C TYR J 3 -1.21 21.63 -20.78
N VAL J 4 -0.77 22.50 -19.87
CA VAL J 4 0.66 22.77 -19.75
C VAL J 4 1.40 21.52 -19.29
N SER J 5 0.84 20.81 -18.31
CA SER J 5 1.46 19.57 -17.86
C SER J 5 1.46 18.51 -18.95
N LEU J 6 0.38 18.45 -19.74
CA LEU J 6 0.34 17.52 -20.86
C LEU J 6 1.40 17.86 -21.90
N SER J 7 1.61 19.16 -22.16
CA SER J 7 2.67 19.57 -23.07
C SER J 7 4.04 19.20 -22.53
N GLY J 8 4.24 19.35 -21.22
CA GLY J 8 5.49 18.92 -20.62
C GLY J 8 5.71 17.42 -20.77
N LEU J 9 4.65 16.63 -20.56
CA LEU J 9 4.74 15.19 -20.77
C LEU J 9 5.09 14.87 -22.21
N SER J 10 4.47 15.57 -23.16
CA SER J 10 4.75 15.32 -24.57
C SER J 10 6.20 15.66 -24.90
N ALA J 11 6.71 16.76 -24.39
CA ALA J 11 8.09 17.14 -24.64
C ALA J 11 9.06 16.12 -24.04
N ALA J 12 8.79 15.69 -22.80
CA ALA J 12 9.66 14.70 -22.17
C ALA J 12 9.65 13.39 -22.94
N GLN J 13 8.47 12.96 -23.41
CA GLN J 13 8.39 11.72 -24.16
C GLN J 13 9.07 11.84 -25.52
N LEU J 14 8.99 13.01 -26.15
CA LEU J 14 9.72 13.22 -27.40
C LEU J 14 11.21 13.12 -27.19
N ASP J 15 11.72 13.73 -26.12
CA ASP J 15 13.15 13.62 -25.81
C ASP J 15 13.53 12.17 -25.54
N LEU J 16 12.67 11.45 -24.80
CA LEU J 16 12.92 10.04 -24.52
C LEU J 16 12.98 9.23 -25.81
N ASN J 17 12.06 9.49 -26.74
CA ASN J 17 12.06 8.76 -28.00
C ASN J 17 13.30 9.08 -28.82
N THR J 18 13.72 10.35 -28.85
CA THR J 18 14.93 10.71 -29.59
C THR J 18 16.15 10.01 -29.01
N THR J 19 16.27 9.98 -27.68
CA THR J 19 17.38 9.30 -27.04
C THR J 19 17.34 7.80 -27.31
N SER J 20 16.15 7.22 -27.28
CA SER J 20 16.03 5.80 -27.57
C SER J 20 16.46 5.48 -29.00
N ASN J 21 16.07 6.34 -29.96
CA ASN J 21 16.51 6.12 -31.33
C ASN J 21 18.02 6.25 -31.46
N ASN J 22 18.60 7.24 -30.78
CA ASN J 22 20.06 7.40 -30.82
C ASN J 22 20.77 6.18 -30.26
N ILE J 23 20.24 5.62 -29.17
CA ILE J 23 20.86 4.43 -28.59
C ILE J 23 20.68 3.23 -29.50
N ALA J 24 19.50 3.10 -30.11
CA ALA J 24 19.23 1.97 -30.99
C ALA J 24 20.15 1.98 -32.20
N ASN J 25 20.41 3.15 -32.76
CA ASN J 25 21.25 3.25 -33.95
C ASN J 25 22.75 3.31 -33.61
N ALA J 26 23.16 2.78 -32.47
CA ALA J 26 24.55 2.88 -32.04
C ALA J 26 25.51 2.15 -32.97
N ASN J 27 25.04 1.18 -33.75
CA ASN J 27 25.92 0.40 -34.61
C ASN J 27 25.71 0.65 -36.09
N THR J 28 24.67 1.38 -36.47
CA THR J 28 24.43 1.67 -37.88
C THR J 28 25.58 2.50 -38.45
N TYR J 29 26.08 2.08 -39.62
CA TYR J 29 27.20 2.76 -40.26
C TYR J 29 26.74 4.08 -40.84
N GLY J 30 27.46 5.16 -40.51
CA GLY J 30 27.15 6.45 -41.06
C GLY J 30 26.01 7.20 -40.41
N PHE J 31 25.44 6.66 -39.33
CA PHE J 31 24.33 7.32 -38.66
C PHE J 31 24.79 8.60 -37.97
N LYS J 32 23.90 9.59 -37.94
CA LYS J 32 24.13 10.85 -37.24
C LYS J 32 23.06 11.03 -36.17
N GLU J 33 23.49 11.36 -34.96
CA GLU J 33 22.57 11.45 -33.85
C GLU J 33 21.61 12.63 -34.03
N SER J 34 20.57 12.65 -33.20
CA SER J 34 19.57 13.70 -33.24
C SER J 34 19.45 14.33 -31.86
N ARG J 35 19.16 15.62 -31.84
CA ARG J 35 18.97 16.37 -30.60
C ARG J 35 17.62 17.05 -30.63
N ALA J 36 16.90 16.99 -29.51
CA ALA J 36 15.56 17.56 -29.41
C ALA J 36 15.64 18.93 -28.75
N GLU J 37 15.13 19.95 -29.43
CA GLU J 37 15.14 21.31 -28.93
C GLU J 37 13.71 21.79 -28.77
N PHE J 38 13.43 22.40 -27.61
CA PHE J 38 12.08 22.81 -27.26
C PHE J 38 12.03 24.33 -27.11
N ALA J 39 10.80 24.86 -27.14
CA ALA J 39 10.59 26.30 -27.09
C ALA J 39 9.39 26.60 -26.21
N ASP J 40 9.41 27.79 -25.62
CA ASP J 40 8.32 28.23 -24.75
C ASP J 40 7.12 28.69 -25.58
N VAL J 41 5.94 28.62 -24.97
CA VAL J 41 4.69 29.02 -25.60
C VAL J 41 4.07 30.15 -24.80
N TYR J 42 3.63 31.19 -25.50
CA TYR J 42 2.98 32.31 -24.85
C TYR J 42 1.99 32.94 -25.82
N SER J 43 0.83 33.35 -25.31
CA SER J 43 -0.22 33.91 -26.14
C SER J 43 0.16 35.31 -26.62
N ASN J 44 -0.45 35.71 -27.72
CA ASN J 44 -0.24 37.03 -28.32
C ASN J 44 -1.58 37.70 -28.59
N SER J 45 -2.46 37.69 -27.61
CA SER J 45 -3.77 38.31 -27.76
C SER J 45 -3.62 39.82 -27.89
N LEU J 46 -4.60 40.42 -28.57
CA LEU J 46 -4.60 41.86 -28.78
C LEU J 46 -4.71 42.61 -27.46
N PHE J 47 -5.56 42.11 -26.56
CA PHE J 47 -5.72 42.67 -25.22
C PHE J 47 -5.18 41.65 -24.21
N THR J 48 -3.88 41.75 -23.95
CA THR J 48 -3.18 40.81 -23.09
C THR J 48 -2.81 41.48 -21.78
N ASN J 49 -3.09 40.82 -20.65
CA ASN J 49 -2.69 41.36 -19.36
C ASN J 49 -1.19 41.23 -19.13
N ALA J 50 -0.55 40.22 -19.72
CA ALA J 50 0.88 40.00 -19.62
C ALA J 50 1.32 39.75 -18.18
N LYS J 51 1.18 40.75 -17.31
CA LYS J 51 1.62 40.60 -15.92
C LYS J 51 0.84 39.51 -15.20
N THR J 52 -0.45 39.38 -15.50
CA THR J 52 -1.32 38.44 -14.82
C THR J 52 -1.57 37.16 -15.63
N THR J 53 -0.79 36.95 -16.69
CA THR J 53 -0.99 35.79 -17.55
C THR J 53 0.21 34.85 -17.43
N PRO J 54 0.00 33.60 -17.00
CA PRO J 54 1.11 32.66 -16.90
C PRO J 54 1.54 32.12 -18.26
N GLY J 55 2.46 31.16 -18.27
CA GLY J 55 2.93 30.58 -19.51
C GLY J 55 1.90 29.66 -20.14
N GLY J 56 2.30 29.08 -21.27
CA GLY J 56 1.42 28.22 -22.03
C GLY J 56 1.98 26.83 -22.26
N GLY J 57 3.01 26.47 -21.51
CA GLY J 57 3.61 25.16 -21.63
C GLY J 57 4.90 25.17 -22.44
N ALA J 58 5.23 24.04 -23.06
CA ALA J 58 6.43 23.91 -23.85
C ALA J 58 6.09 23.23 -25.18
N GLN J 59 6.62 23.77 -26.27
CA GLN J 59 6.40 23.25 -27.61
C GLN J 59 7.72 22.83 -28.21
N ALA J 60 7.74 21.67 -28.85
CA ALA J 60 8.94 21.21 -29.54
C ALA J 60 9.26 22.13 -30.71
N SER J 61 10.52 22.56 -30.78
CA SER J 61 10.96 23.45 -31.85
C SER J 61 11.41 22.66 -33.07
N GLN J 62 12.39 21.77 -32.90
CA GLN J 62 12.86 20.94 -33.99
C GLN J 62 13.63 19.76 -33.41
N VAL J 63 13.79 18.72 -34.23
CA VAL J 63 14.68 17.61 -33.90
C VAL J 63 15.94 17.80 -34.72
N ALA J 64 17.05 18.12 -34.05
CA ALA J 64 18.28 18.42 -34.75
C ALA J 64 18.89 17.17 -35.35
N GLN J 65 19.88 17.37 -36.20
CA GLN J 65 20.58 16.31 -36.92
C GLN J 65 22.08 16.55 -36.86
N GLN J 66 22.59 16.72 -35.65
CA GLN J 66 24.01 16.99 -35.40
C GLN J 66 24.90 16.17 -36.33
N PHE J 67 25.75 16.86 -37.09
CA PHE J 67 26.55 16.25 -38.14
C PHE J 67 28.04 16.28 -37.79
N HIS J 68 28.36 16.24 -36.50
CA HIS J 68 29.77 16.21 -36.11
C HIS J 68 30.37 14.86 -36.49
N GLU J 69 31.64 14.90 -36.90
CA GLU J 69 32.30 13.70 -37.38
C GLU J 69 32.30 12.60 -36.32
N GLY J 70 31.93 11.39 -36.74
CA GLY J 70 31.98 10.24 -35.86
C GLY J 70 33.29 9.49 -35.97
N SER J 71 33.48 8.57 -35.05
CA SER J 71 34.70 7.76 -35.04
C SER J 71 34.71 6.80 -36.22
N SER J 72 35.89 6.29 -36.54
CA SER J 72 36.08 5.42 -37.69
C SER J 72 36.60 4.06 -37.23
N ILE J 73 36.07 3.00 -37.83
CA ILE J 73 36.55 1.65 -37.57
C ILE J 73 37.28 1.15 -38.80
N TYR J 74 38.21 0.23 -38.58
CA TYR J 74 39.08 -0.29 -39.63
C TYR J 74 38.70 -1.74 -39.92
N THR J 75 38.37 -2.02 -41.18
CA THR J 75 38.01 -3.36 -41.59
C THR J 75 39.01 -3.97 -42.57
N ASN J 76 39.95 -3.18 -43.08
CA ASN J 76 40.95 -3.62 -44.05
C ASN J 76 40.33 -4.19 -45.31
N ASN J 77 39.09 -3.78 -45.62
CA ASN J 77 38.44 -4.18 -46.85
C ASN J 77 38.54 -3.04 -47.85
N PRO J 78 39.21 -3.21 -48.99
CA PRO J 78 39.46 -2.07 -49.88
C PRO J 78 38.20 -1.43 -50.43
N MET J 79 37.08 -2.14 -50.46
CA MET J 79 35.84 -1.58 -50.98
C MET J 79 35.10 -0.72 -49.97
N ASP J 80 35.59 -0.63 -48.74
CA ASP J 80 34.96 0.21 -47.72
C ASP J 80 35.56 1.62 -47.80
N LEU J 81 34.69 2.62 -47.82
CA LEU J 81 35.10 4.01 -47.99
C LEU J 81 34.52 4.88 -46.88
N ARG J 82 35.24 5.93 -46.54
CA ARG J 82 34.81 6.89 -45.52
C ARG J 82 35.22 8.29 -45.96
N VAL J 83 34.33 9.25 -45.73
CA VAL J 83 34.56 10.64 -46.11
C VAL J 83 35.07 11.37 -44.88
N SER J 84 36.37 11.69 -44.87
CA SER J 84 36.97 12.40 -43.76
C SER J 84 36.83 13.90 -43.99
N GLY J 85 36.02 14.55 -43.18
CA GLY J 85 35.76 15.97 -43.35
C GLY J 85 34.34 16.26 -43.79
N THR J 86 34.17 17.17 -44.74
CA THR J 86 32.87 17.58 -45.22
C THR J 86 32.60 16.94 -46.58
N GLY J 87 31.45 16.32 -46.72
CA GLY J 87 31.05 15.73 -47.99
C GLY J 87 30.26 14.46 -47.79
N PHE J 88 29.35 14.19 -48.73
CA PHE J 88 28.53 13.01 -48.73
C PHE J 88 28.75 12.21 -50.02
N PHE J 89 28.65 10.90 -49.90
CA PHE J 89 28.61 10.05 -51.09
C PHE J 89 27.30 10.27 -51.82
N ALA J 90 27.33 10.06 -53.14
CA ALA J 90 26.14 10.18 -53.98
C ALA J 90 25.79 8.81 -54.54
N VAL J 91 24.56 8.37 -54.28
CA VAL J 91 24.09 7.05 -54.70
C VAL J 91 22.77 7.21 -55.45
N ALA J 92 22.60 6.44 -56.51
CA ALA J 92 21.42 6.51 -57.36
C ALA J 92 20.60 5.24 -57.24
N LYS J 93 19.28 5.39 -57.26
CA LYS J 93 18.39 4.24 -57.14
C LYS J 93 18.56 3.29 -58.33
N GLU J 94 18.61 3.84 -59.54
CA GLU J 94 18.71 3.04 -60.75
C GLU J 94 19.93 3.48 -61.55
N ARG J 95 20.50 2.54 -62.32
CA ARG J 95 21.68 2.84 -63.11
C ARG J 95 21.38 3.88 -64.19
N LEU J 96 20.22 3.78 -64.83
CA LEU J 96 19.89 4.61 -65.98
C LEU J 96 19.31 5.97 -65.60
N THR J 97 19.18 6.27 -64.30
CA THR J 97 18.65 7.54 -63.83
C THR J 97 19.60 8.13 -62.79
N PRO J 98 20.78 8.58 -63.22
CA PRO J 98 21.70 9.20 -62.27
C PRO J 98 21.17 10.48 -61.64
N GLN J 99 20.24 11.16 -62.30
CA GLN J 99 19.70 12.40 -61.75
C GLN J 99 19.01 12.15 -60.42
N GLN J 100 18.25 11.06 -60.31
CA GLN J 100 17.58 10.70 -59.07
C GLN J 100 18.60 10.07 -58.14
N ASN J 101 19.11 10.86 -57.20
CA ASN J 101 20.17 10.40 -56.31
C ASN J 101 19.91 10.90 -54.90
N GLU J 102 20.54 10.24 -53.94
CA GLU J 102 20.44 10.58 -52.53
C GLU J 102 21.83 10.58 -51.91
N LEU J 103 21.97 11.31 -50.82
CA LEU J 103 23.25 11.44 -50.12
C LEU J 103 23.35 10.41 -49.01
N THR J 104 24.56 9.90 -48.80
CA THR J 104 24.81 8.93 -47.74
C THR J 104 26.21 9.15 -47.19
N ARG J 105 26.52 8.43 -46.12
CA ARG J 105 27.84 8.49 -45.50
C ARG J 105 28.50 7.14 -45.30
N ASN J 106 27.76 6.04 -45.24
CA ASN J 106 28.37 4.73 -45.09
C ASN J 106 29.04 4.31 -46.41
N GLY J 107 30.06 3.47 -46.28
CA GLY J 107 30.83 3.07 -47.45
C GLY J 107 30.92 1.57 -47.65
N ALA J 108 29.90 0.84 -47.23
CA ALA J 108 29.87 -0.61 -47.41
C ALA J 108 29.54 -0.90 -48.86
N PHE J 109 30.56 -0.91 -49.72
CA PHE J 109 30.37 -1.07 -51.15
C PHE J 109 30.84 -2.44 -51.61
N HIS J 110 30.26 -2.89 -52.72
CA HIS J 110 30.65 -4.16 -53.35
C HIS J 110 30.21 -4.12 -54.81
N LEU J 111 30.82 -4.99 -55.61
CA LEU J 111 30.51 -5.09 -57.02
C LEU J 111 29.29 -5.99 -57.22
N ASN J 112 28.34 -5.53 -58.03
CA ASN J 112 27.17 -6.33 -58.36
C ASN J 112 27.52 -7.27 -59.51
N LYS J 113 26.52 -7.95 -60.07
CA LYS J 113 26.77 -8.88 -61.16
C LYS J 113 27.24 -8.19 -62.43
N GLU J 114 27.05 -6.88 -62.53
CA GLU J 114 27.50 -6.11 -63.69
C GLU J 114 28.80 -5.35 -63.42
N ASN J 115 29.49 -5.65 -62.33
CA ASN J 115 30.75 -5.00 -61.96
C ASN J 115 30.56 -3.50 -61.74
N TYR J 116 29.47 -3.12 -61.08
CA TYR J 116 29.23 -1.75 -60.67
C TYR J 116 29.31 -1.64 -59.15
N MET J 117 29.87 -0.54 -58.66
CA MET J 117 29.96 -0.31 -57.23
C MET J 117 28.60 0.07 -56.69
N VAL J 118 28.07 -0.75 -55.77
CA VAL J 118 26.74 -0.55 -55.23
C VAL J 118 26.80 -0.59 -53.71
N THR J 119 25.73 -0.10 -53.09
CA THR J 119 25.60 -0.12 -51.64
C THR J 119 24.98 -1.44 -51.21
N ALA J 120 24.57 -1.53 -49.94
CA ALA J 120 23.95 -2.76 -49.45
C ALA J 120 22.65 -3.06 -50.18
N ASN J 121 21.85 -2.02 -50.44
CA ASN J 121 20.57 -2.19 -51.12
C ASN J 121 20.70 -2.18 -52.63
N ASP J 122 21.88 -2.46 -53.17
CA ASP J 122 22.12 -2.48 -54.62
C ASP J 122 21.78 -1.13 -55.25
N GLU J 123 22.25 -0.06 -54.61
CA GLU J 123 22.12 1.29 -55.16
C GLU J 123 23.47 1.73 -55.70
N PHE J 124 23.49 2.12 -56.97
CA PHE J 124 24.75 2.40 -57.65
C PHE J 124 25.41 3.65 -57.09
N LEU J 125 26.74 3.64 -57.05
CA LEU J 125 27.52 4.76 -56.57
C LEU J 125 27.87 5.69 -57.72
N LEU J 126 27.57 6.97 -57.55
CA LEU J 126 27.78 7.96 -58.60
C LEU J 126 29.22 8.45 -58.60
N GLY J 127 29.81 8.52 -59.80
CA GLY J 127 31.18 8.97 -59.95
C GLY J 127 31.36 9.74 -61.23
N TYR J 128 32.53 10.37 -61.35
CA TYR J 128 32.87 11.17 -62.51
C TYR J 128 33.59 10.33 -63.56
N GLN J 129 33.95 10.96 -64.67
CA GLN J 129 34.72 10.34 -65.73
C GLN J 129 35.93 11.20 -66.03
N VAL J 130 37.12 10.69 -65.70
CA VAL J 130 38.35 11.46 -65.84
C VAL J 130 38.91 11.28 -67.24
N ASP J 131 39.84 12.17 -67.60
CA ASP J 131 40.54 12.09 -68.87
C ASP J 131 41.58 10.97 -68.83
N PRO J 132 41.92 10.40 -69.99
CA PRO J 132 42.93 9.33 -70.00
C PRO J 132 44.29 9.78 -69.47
N SER J 133 44.81 10.90 -69.96
CA SER J 133 46.10 11.42 -69.53
C SER J 133 45.96 12.57 -68.53
N SER J 134 45.11 13.54 -68.83
CA SER J 134 44.91 14.66 -67.92
C SER J 134 44.23 14.19 -66.64
N GLY J 135 44.80 14.57 -65.49
CA GLY J 135 44.21 14.19 -64.22
C GLY J 135 42.86 14.84 -63.98
N GLU J 136 42.67 16.05 -64.46
CA GLU J 136 41.42 16.76 -64.24
C GLU J 136 40.25 16.05 -64.92
N VAL J 137 39.11 16.03 -64.25
CA VAL J 137 37.90 15.44 -64.81
C VAL J 137 37.28 16.41 -65.78
N SER J 138 36.91 15.93 -66.97
CA SER J 138 36.35 16.80 -67.99
C SER J 138 34.90 17.14 -67.70
N SER J 139 34.04 16.13 -67.64
CA SER J 139 32.61 16.34 -67.44
C SER J 139 32.23 16.08 -65.99
N TYR J 140 31.46 17.01 -65.42
CA TYR J 140 31.09 16.96 -64.01
C TYR J 140 29.75 16.28 -63.77
N GLU J 141 29.12 15.72 -64.79
CA GLU J 141 27.88 15.01 -64.54
C GLU J 141 28.16 13.68 -63.86
N PRO J 142 27.29 13.26 -62.94
CA PRO J 142 27.51 11.98 -62.24
C PRO J 142 27.02 10.80 -63.06
N GLN J 143 27.80 9.72 -63.01
CA GLN J 143 27.44 8.48 -63.68
C GLN J 143 27.87 7.30 -62.83
N PRO J 144 27.21 6.15 -62.98
CA PRO J 144 27.61 4.98 -62.19
C PRO J 144 29.04 4.57 -62.50
N ILE J 145 29.73 4.10 -61.46
CA ILE J 145 31.12 3.68 -61.57
C ILE J 145 31.16 2.22 -62.00
N ASN J 146 31.89 1.94 -63.07
CA ASN J 146 32.05 0.59 -63.59
C ASN J 146 33.50 0.16 -63.49
N ILE J 147 33.72 -1.10 -63.16
CA ILE J 147 35.07 -1.64 -63.04
C ILE J 147 35.18 -2.84 -63.98
N PRO J 148 35.49 -2.61 -65.26
CA PRO J 148 35.55 -3.73 -66.21
C PRO J 148 36.65 -4.71 -65.83
N ALA J 149 36.40 -5.98 -66.14
CA ALA J 149 37.36 -7.04 -65.86
C ALA J 149 38.34 -7.28 -67.00
N GLU J 150 38.17 -6.61 -68.13
CA GLU J 150 39.04 -6.79 -69.28
C GLU J 150 39.39 -5.43 -69.88
N PHE J 151 40.66 -5.29 -70.27
CA PHE J 151 41.12 -4.13 -71.02
C PHE J 151 40.89 -4.38 -72.51
N GLY J 152 39.61 -4.51 -72.85
CA GLY J 152 39.22 -4.96 -74.17
C GLY J 152 39.36 -3.94 -75.28
N LYS J 153 40.58 -3.44 -75.49
CA LYS J 153 40.84 -2.52 -76.58
C LYS J 153 42.33 -2.49 -76.89
N PRO J 154 42.83 -3.39 -77.73
CA PRO J 154 44.25 -3.34 -78.10
C PRO J 154 44.62 -2.01 -78.73
N LYS J 155 45.49 -1.26 -78.06
CA LYS J 155 45.84 0.09 -78.47
C LYS J 155 47.11 0.05 -79.31
N GLN J 156 47.02 0.55 -80.54
CA GLN J 156 48.16 0.54 -81.45
C GLN J 156 49.24 1.51 -80.97
N THR J 157 50.48 1.18 -81.31
CA THR J 157 51.61 2.04 -80.98
C THR J 157 51.61 3.25 -81.91
N ALA J 158 51.64 4.45 -81.34
CA ALA J 158 51.61 5.67 -82.13
C ALA J 158 52.77 6.60 -81.78
N ASN J 159 53.10 6.68 -80.50
CA ASN J 159 54.15 7.57 -80.03
C ASN J 159 55.22 6.75 -79.32
N ILE J 160 56.48 6.96 -79.70
CA ILE J 160 57.61 6.29 -79.07
C ILE J 160 58.60 7.36 -78.61
N GLU J 161 58.90 7.37 -77.32
CA GLU J 161 59.88 8.28 -76.76
C GLU J 161 61.15 7.50 -76.46
N VAL J 162 62.27 7.94 -77.04
CA VAL J 162 63.55 7.26 -76.87
C VAL J 162 64.56 8.28 -76.37
N GLY J 163 65.21 7.97 -75.25
CA GLY J 163 66.29 8.80 -74.75
C GLY J 163 67.59 8.02 -74.66
N VAL J 164 68.56 8.37 -75.49
CA VAL J 164 69.81 7.65 -75.57
C VAL J 164 70.99 8.61 -75.42
N ASN J 165 72.11 8.07 -74.98
CA ASN J 165 73.37 8.80 -74.90
C ASN J 165 74.34 8.19 -75.90
N LEU J 166 74.86 9.02 -76.80
CA LEU J 166 75.71 8.38 -77.80
C LEU J 166 77.18 8.65 -77.50
N PRO J 167 78.04 7.66 -77.74
CA PRO J 167 79.47 7.86 -77.45
C PRO J 167 80.09 8.87 -78.42
N ALA J 168 80.66 9.93 -77.86
CA ALA J 168 81.28 10.96 -78.68
C ALA J 168 82.56 10.49 -79.34
N ASN J 169 83.24 9.50 -78.76
CA ASN J 169 84.48 8.99 -79.30
C ASN J 169 84.27 7.83 -80.27
N GLY J 170 83.02 7.55 -80.64
CA GLY J 170 82.77 6.48 -81.59
C GLY J 170 83.37 6.76 -82.95
N ASP J 171 83.74 5.69 -83.64
CA ASP J 171 84.39 5.82 -84.94
C ASP J 171 83.41 6.35 -85.99
N LEU J 172 83.93 7.18 -86.88
CA LEU J 172 83.12 7.75 -87.94
C LEU J 172 82.77 6.70 -88.98
N LYS J 173 81.64 6.88 -89.65
CA LYS J 173 81.15 5.96 -90.65
C LYS J 173 80.68 6.74 -91.87
N ASP J 174 80.58 6.05 -93.00
CA ASP J 174 80.20 6.67 -94.25
C ASP J 174 78.68 6.65 -94.38
N PRO J 175 78.02 7.80 -94.46
CA PRO J 175 76.55 7.79 -94.58
C PRO J 175 76.04 7.08 -95.83
N THR J 176 76.77 7.19 -96.94
CA THR J 176 76.30 6.58 -98.18
C THR J 176 76.44 5.07 -98.20
N GLN J 177 77.25 4.50 -97.31
CA GLN J 177 77.46 3.06 -97.26
C GLN J 177 76.63 2.37 -96.18
N PHE J 178 75.62 3.04 -95.65
CA PHE J 178 74.81 2.46 -94.60
C PHE J 178 74.00 1.28 -95.14
N ASP J 179 73.95 0.20 -94.36
CA ASP J 179 73.16 -0.98 -94.72
C ASP J 179 72.87 -1.75 -93.45
N PHE J 180 71.58 -1.97 -93.16
CA PHE J 180 71.20 -2.68 -91.95
C PHE J 180 71.66 -4.13 -91.95
N SER J 181 71.92 -4.70 -93.13
CA SER J 181 72.37 -6.09 -93.19
C SER J 181 73.83 -6.26 -92.81
N ASP J 182 74.62 -5.19 -92.86
CA ASP J 182 76.05 -5.27 -92.52
C ASP J 182 76.30 -4.51 -91.23
N PRO J 183 76.65 -5.21 -90.14
CA PRO J 183 76.85 -4.50 -88.85
C PRO J 183 77.95 -3.45 -88.89
N ASP J 184 79.00 -3.66 -89.67
CA ASP J 184 80.14 -2.75 -89.66
C ASP J 184 79.83 -1.41 -90.32
N THR J 185 78.75 -1.31 -91.08
CA THR J 185 78.43 -0.05 -91.75
C THR J 185 78.00 1.03 -90.76
N TYR J 186 77.30 0.64 -89.70
CA TYR J 186 76.78 1.58 -88.71
C TYR J 186 77.52 1.40 -87.38
N ASN J 187 77.07 2.12 -86.36
CA ASN J 187 77.72 2.11 -85.05
C ASN J 187 76.99 1.20 -84.07
N ARG J 188 75.71 1.44 -83.82
CA ARG J 188 74.97 0.71 -82.80
C ARG J 188 73.58 0.34 -83.33
N SER J 189 73.03 -0.72 -82.75
CA SER J 189 71.71 -1.20 -83.11
C SER J 189 70.99 -1.69 -81.86
N THR J 190 69.75 -1.25 -81.68
CA THR J 190 68.92 -1.67 -80.56
C THR J 190 67.59 -2.20 -81.08
N SER J 191 66.99 -3.09 -80.29
CA SER J 191 65.73 -3.74 -80.65
C SER J 191 64.67 -3.40 -79.63
N SER J 192 63.42 -3.32 -80.09
CA SER J 192 62.30 -2.99 -79.22
C SER J 192 61.04 -3.61 -79.82
N THR J 193 59.99 -3.65 -79.00
CA THR J 193 58.73 -4.28 -79.38
C THR J 193 57.64 -3.22 -79.52
N ILE J 194 56.86 -3.32 -80.59
CA ILE J 194 55.74 -2.43 -80.85
C ILE J 194 54.52 -3.27 -81.16
N TYR J 195 53.36 -2.65 -81.04
CA TYR J 195 52.08 -3.34 -81.22
C TYR J 195 51.23 -2.60 -82.25
N ASP J 196 50.52 -3.36 -83.08
CA ASP J 196 49.63 -2.80 -84.07
C ASP J 196 48.22 -2.67 -83.49
N SER J 197 47.23 -2.46 -84.37
CA SER J 197 45.86 -2.29 -83.90
C SER J 197 45.32 -3.57 -83.26
N MET J 198 45.64 -4.73 -83.83
CA MET J 198 45.11 -6.00 -83.34
C MET J 198 45.93 -6.58 -82.20
N GLY J 199 46.96 -5.88 -81.74
CA GLY J 199 47.78 -6.36 -80.65
C GLY J 199 48.93 -7.25 -81.06
N GLN J 200 49.16 -7.47 -82.35
CA GLN J 200 50.30 -8.25 -82.79
C GLN J 200 51.60 -7.54 -82.43
N SER J 201 52.56 -8.31 -81.93
CA SER J 201 53.85 -7.77 -81.53
C SER J 201 54.78 -7.72 -82.73
N TYR J 202 55.41 -6.56 -82.93
CA TYR J 202 56.38 -6.39 -84.01
C TYR J 202 57.70 -5.92 -83.42
N LYS J 203 58.79 -6.33 -84.06
CA LYS J 203 60.14 -6.04 -83.60
C LYS J 203 60.66 -4.81 -84.33
N LEU J 204 60.96 -3.75 -83.59
CA LEU J 204 61.47 -2.51 -84.15
C LEU J 204 62.95 -2.39 -83.81
N THR J 205 63.79 -2.25 -84.84
CA THR J 205 65.22 -2.14 -84.68
C THR J 205 65.67 -0.75 -85.11
N THR J 206 66.43 -0.09 -84.26
CA THR J 206 66.92 1.27 -84.51
C THR J 206 68.43 1.23 -84.70
N TYR J 207 68.89 1.81 -85.82
CA TYR J 207 70.31 1.83 -86.15
C TYR J 207 70.84 3.26 -86.05
N TYR J 208 71.92 3.43 -85.30
CA TYR J 208 72.57 4.72 -85.11
C TYR J 208 73.89 4.75 -85.86
N LEU J 209 74.06 5.76 -86.71
CA LEU J 209 75.28 5.91 -87.50
C LEU J 209 75.86 7.31 -87.28
N LYS J 210 77.16 7.35 -87.01
CA LYS J 210 77.84 8.62 -86.74
C LYS J 210 78.37 9.18 -88.06
N ASP J 211 77.96 10.41 -88.38
CA ASP J 211 78.34 11.02 -89.65
C ASP J 211 79.83 11.35 -89.66
N GLN J 212 80.46 11.11 -90.82
CA GLN J 212 81.86 11.42 -91.03
C GLN J 212 82.07 12.83 -91.57
N THR J 213 81.19 13.26 -92.48
CA THR J 213 81.37 14.57 -93.11
C THR J 213 81.21 15.71 -92.10
N GLN J 214 80.21 15.61 -91.23
CA GLN J 214 79.90 16.69 -90.29
C GLN J 214 80.16 16.23 -88.87
N PRO J 215 81.00 16.92 -88.10
CA PRO J 215 81.19 16.54 -86.70
C PRO J 215 79.92 16.77 -85.89
N ASN J 216 79.76 15.96 -84.84
CA ASN J 216 78.60 16.02 -83.96
C ASN J 216 77.29 15.84 -84.74
N THR J 217 77.31 14.93 -85.70
CA THR J 217 76.14 14.61 -86.50
C THR J 217 75.95 13.10 -86.54
N TRP J 218 74.72 12.67 -86.32
CA TRP J 218 74.39 11.25 -86.28
C TRP J 218 73.22 10.97 -87.22
N ASN J 219 73.19 9.76 -87.75
CA ASN J 219 72.12 9.29 -88.62
C ASN J 219 71.40 8.13 -87.96
N THR J 220 70.07 8.15 -88.01
CA THR J 220 69.25 7.14 -87.37
C THR J 220 68.33 6.50 -88.40
N TYR J 221 68.26 5.17 -88.38
CA TYR J 221 67.42 4.41 -89.29
C TYR J 221 66.62 3.39 -88.49
N TYR J 222 65.47 3.01 -89.03
CA TYR J 222 64.54 2.11 -88.36
C TYR J 222 64.12 0.99 -89.30
N THR J 223 63.96 -0.21 -88.73
CA THR J 223 63.51 -1.37 -89.47
C THR J 223 62.48 -2.12 -88.65
N VAL J 224 61.57 -2.79 -89.34
CA VAL J 224 60.52 -3.59 -88.73
C VAL J 224 60.68 -5.03 -89.21
N THR J 225 60.70 -5.97 -88.28
CA THR J 225 60.93 -7.38 -88.59
C THR J 225 59.64 -8.15 -88.32
N ASP J 226 58.93 -8.50 -89.38
CA ASP J 226 57.77 -9.36 -89.30
C ASP J 226 58.17 -10.80 -89.64
N LYS J 227 57.18 -11.68 -89.74
CA LYS J 227 57.47 -13.07 -90.06
C LYS J 227 58.05 -13.22 -91.47
N GLU J 228 57.66 -12.34 -92.39
CA GLU J 228 58.22 -12.38 -93.74
C GLU J 228 59.70 -12.07 -93.74
N GLY J 229 60.12 -11.08 -92.96
CA GLY J 229 61.51 -10.68 -92.92
C GLY J 229 61.64 -9.32 -92.26
N GLU J 230 62.80 -8.70 -92.46
CA GLU J 230 63.11 -7.38 -91.93
C GLU J 230 63.00 -6.36 -93.04
N LYS J 231 62.02 -5.46 -92.93
CA LYS J 231 61.78 -4.45 -93.95
C LYS J 231 62.14 -3.07 -93.41
N PRO J 232 62.90 -2.28 -94.16
CA PRO J 232 63.23 -0.93 -93.70
C PRO J 232 62.01 -0.03 -93.66
N LEU J 233 62.03 0.93 -92.74
CA LEU J 233 60.98 1.92 -92.59
C LEU J 233 61.53 3.30 -92.90
N ASN J 234 60.80 4.05 -93.73
CA ASN J 234 61.23 5.37 -94.17
C ASN J 234 60.51 6.45 -93.38
N VAL J 235 61.21 7.54 -93.11
CA VAL J 235 60.63 8.70 -92.44
C VAL J 235 60.01 9.60 -93.51
N ALA J 236 58.94 10.30 -93.14
CA ALA J 236 58.21 11.10 -94.11
C ALA J 236 59.07 12.20 -94.71
N ALA J 237 59.84 12.90 -93.88
CA ALA J 237 60.67 14.02 -94.33
C ALA J 237 62.07 13.93 -93.76
N GLY J 238 62.58 12.72 -93.55
CA GLY J 238 63.91 12.57 -93.00
C GLY J 238 64.98 13.02 -93.99
N ASP J 239 65.97 13.73 -93.47
CA ASP J 239 67.05 14.28 -94.30
C ASP J 239 68.28 13.38 -94.33
N ALA J 240 68.08 12.08 -94.60
CA ALA J 240 69.18 11.14 -94.72
C ALA J 240 68.77 10.05 -95.70
N GLN J 241 69.14 10.24 -96.97
CA GLN J 241 68.74 9.34 -98.04
C GLN J 241 69.95 8.59 -98.55
N THR J 242 70.02 7.30 -98.26
CA THR J 242 71.05 6.45 -98.83
C THR J 242 70.75 6.20 -100.31
N PRO J 243 71.76 5.84 -101.10
CA PRO J 243 71.50 5.52 -102.50
C PRO J 243 70.49 4.41 -102.71
N THR J 244 70.39 3.47 -101.77
CA THR J 244 69.39 2.41 -101.88
C THR J 244 67.97 2.98 -101.85
N GLY J 245 67.73 3.96 -100.99
CA GLY J 245 66.42 4.59 -100.92
C GLY J 245 65.89 4.71 -99.51
N HIS J 246 66.52 4.02 -98.56
CA HIS J 246 66.11 4.11 -97.17
C HIS J 246 66.32 5.53 -96.64
N VAL J 247 65.32 6.05 -95.94
CA VAL J 247 65.31 7.44 -95.49
C VAL J 247 65.37 7.45 -93.97
N GLY J 248 66.45 7.98 -93.42
CA GLY J 248 66.59 8.22 -92.00
C GLY J 248 66.52 9.69 -91.67
N HIS J 249 66.84 10.02 -90.41
CA HIS J 249 66.84 11.39 -89.95
C HIS J 249 68.17 11.69 -89.27
N THR J 250 68.54 12.97 -89.30
CA THR J 250 69.84 13.42 -88.79
C THR J 250 69.67 14.07 -87.42
N MET J 251 70.63 13.81 -86.54
CA MET J 251 70.65 14.39 -85.20
C MET J 251 71.93 15.18 -85.00
N LYS J 252 71.81 16.38 -84.45
CA LYS J 252 72.95 17.26 -84.23
C LYS J 252 72.99 17.71 -82.78
N PHE J 253 74.20 17.97 -82.28
CA PHE J 253 74.44 18.31 -80.89
C PHE J 253 75.27 19.58 -80.80
N ASN J 254 75.16 20.25 -79.65
CA ASN J 254 75.92 21.48 -79.42
C ASN J 254 77.31 21.15 -78.90
N ASN J 255 78.03 22.17 -78.44
CA ASN J 255 79.37 21.94 -77.90
C ASN J 255 79.30 21.24 -76.55
N ASP J 256 78.31 21.56 -75.72
CA ASP J 256 78.19 20.97 -74.40
C ASP J 256 77.65 19.55 -74.43
N GLY J 257 77.37 19.00 -75.61
CA GLY J 257 76.86 17.65 -75.72
C GLY J 257 75.36 17.54 -75.65
N THR J 258 74.65 18.63 -75.39
CA THR J 258 73.20 18.59 -75.34
C THR J 258 72.63 18.50 -76.76
N LEU J 259 71.34 18.25 -76.85
CA LEU J 259 70.67 18.12 -78.14
C LEU J 259 70.52 19.49 -78.79
N ALA J 260 70.87 19.57 -80.07
CA ALA J 260 70.78 20.81 -80.83
C ALA J 260 69.56 20.83 -81.74
N SER J 261 69.46 19.86 -82.66
CA SER J 261 68.37 19.83 -83.61
C SER J 261 68.11 18.39 -84.03
N LEU J 262 66.90 18.13 -84.52
CA LEU J 262 66.48 16.81 -84.94
C LEU J 262 65.75 16.91 -86.27
N ASN J 263 66.32 16.29 -87.30
CA ASN J 263 65.71 16.26 -88.64
C ASN J 263 65.37 17.67 -89.13
N ASN J 264 66.34 18.58 -89.00
CA ASN J 264 66.20 19.96 -89.42
C ASN J 264 65.02 20.65 -88.72
N GLY J 265 64.77 20.29 -87.46
CA GLY J 265 63.70 20.91 -86.70
C GLY J 265 62.31 20.40 -87.02
N GLN J 266 62.19 19.39 -87.88
CA GLN J 266 60.88 18.87 -88.20
C GLN J 266 60.53 17.67 -87.31
N PRO J 267 59.25 17.46 -87.03
CA PRO J 267 58.86 16.29 -86.24
C PRO J 267 59.16 15.00 -86.98
N ILE J 268 59.48 13.96 -86.22
CA ILE J 268 59.84 12.66 -86.79
C ILE J 268 58.57 11.83 -86.89
N THR J 269 58.05 11.71 -88.11
CA THR J 269 56.86 10.90 -88.38
C THR J 269 57.22 9.88 -89.45
N SER J 270 57.02 8.59 -89.14
CA SER J 270 57.32 7.54 -90.10
C SER J 270 56.16 7.40 -91.09
N VAL J 271 56.46 6.76 -92.21
CA VAL J 271 55.44 6.48 -93.22
C VAL J 271 54.56 5.34 -92.71
N ALA J 272 53.41 5.15 -93.36
CA ALA J 272 52.51 4.08 -92.95
C ALA J 272 53.18 2.72 -93.09
N LEU J 273 52.99 1.88 -92.08
CA LEU J 273 53.69 0.59 -92.04
C LEU J 273 53.23 -0.33 -93.17
N GLY J 274 51.92 -0.43 -93.39
CA GLY J 274 51.40 -1.40 -94.33
C GLY J 274 50.72 -0.82 -95.55
N ASP J 275 51.00 0.44 -95.87
CA ASP J 275 50.36 1.09 -97.01
C ASP J 275 51.33 1.10 -98.19
N PRO J 276 51.10 0.30 -99.23
CA PRO J 276 52.02 0.32 -100.38
C PRO J 276 52.04 1.64 -101.14
N ALA J 277 50.99 2.45 -101.02
CA ALA J 277 50.94 3.73 -101.73
C ALA J 277 51.94 4.74 -101.19
N THR J 278 52.45 4.55 -99.96
CA THR J 278 53.42 5.46 -99.38
C THR J 278 54.69 4.78 -98.91
N ASN J 279 54.75 3.45 -98.90
CA ASN J 279 55.94 2.73 -98.48
C ASN J 279 56.34 1.76 -99.58
N THR J 280 57.63 1.78 -99.92
CA THR J 280 58.14 0.83 -100.92
C THR J 280 58.28 -0.57 -100.37
N THR J 281 58.32 -0.73 -99.05
CA THR J 281 58.39 -2.03 -98.39
C THR J 281 57.29 -2.10 -97.35
N PRO J 282 56.05 -2.37 -97.76
CA PRO J 282 54.95 -2.40 -96.80
C PRO J 282 55.10 -3.55 -95.83
N VAL J 283 54.89 -3.26 -94.54
CA VAL J 283 54.96 -4.29 -93.51
C VAL J 283 53.70 -5.14 -93.55
N ASP J 284 53.87 -6.45 -93.45
CA ASP J 284 52.74 -7.37 -93.48
C ASP J 284 51.93 -7.27 -92.19
N MET J 285 50.89 -6.43 -92.20
CA MET J 285 50.09 -6.24 -91.00
C MET J 285 49.25 -7.47 -90.64
N ASN J 286 49.02 -8.36 -91.61
CA ASN J 286 48.26 -9.59 -91.38
C ASN J 286 46.87 -9.30 -90.84
N GLY J 287 46.22 -8.27 -91.40
CA GLY J 287 44.88 -7.89 -91.01
C GLY J 287 44.79 -6.68 -90.12
N ALA J 288 45.91 -6.14 -89.65
CA ALA J 288 45.89 -4.94 -88.83
C ALA J 288 45.70 -3.71 -89.71
N ASP J 289 45.65 -2.55 -89.06
CA ASP J 289 45.51 -1.30 -89.81
C ASP J 289 46.79 -1.02 -90.59
N PRO J 290 46.70 -0.86 -91.90
CA PRO J 290 47.91 -0.59 -92.69
C PRO J 290 48.36 0.87 -92.64
N ALA J 291 47.54 1.77 -92.09
CA ALA J 291 47.84 3.19 -92.06
C ALA J 291 48.47 3.64 -90.76
N GLN J 292 48.96 2.72 -89.93
CA GLN J 292 49.56 3.08 -88.66
C GLN J 292 50.83 3.89 -88.89
N THR J 293 51.02 4.94 -88.09
CA THR J 293 52.19 5.80 -88.16
C THR J 293 52.84 5.88 -86.80
N LEU J 294 54.15 6.15 -86.79
CA LEU J 294 54.92 6.23 -85.57
C LEU J 294 55.51 7.63 -85.42
N ASN J 295 55.41 8.18 -84.22
CA ASN J 295 56.02 9.48 -83.89
C ASN J 295 57.12 9.24 -82.88
N PHE J 296 58.34 9.65 -83.23
CA PHE J 296 59.51 9.43 -82.39
C PHE J 296 59.88 10.73 -81.69
N GLY J 297 59.97 10.68 -80.36
CA GLY J 297 60.40 11.83 -79.59
C GLY J 297 61.75 11.61 -78.94
N LEU J 298 62.77 12.29 -79.46
CA LEU J 298 64.13 12.16 -78.98
C LEU J 298 64.66 13.49 -78.46
N GLY J 299 63.85 14.19 -77.68
CA GLY J 299 64.25 15.49 -77.15
C GLY J 299 65.26 15.42 -76.03
N SER J 300 65.53 14.23 -75.50
CA SER J 300 66.46 14.07 -74.38
C SER J 300 67.75 13.38 -74.80
N ALA J 301 67.96 13.17 -76.10
CA ALA J 301 69.18 12.50 -76.55
C ALA J 301 70.40 13.36 -76.29
N THR J 302 71.48 12.73 -75.86
CA THR J 302 72.73 13.42 -75.56
C THR J 302 73.89 12.69 -76.19
N GLN J 303 75.01 13.40 -76.33
CA GLN J 303 76.26 12.83 -76.82
C GLN J 303 77.38 13.26 -75.88
N PHE J 304 77.81 12.33 -75.03
CA PHE J 304 78.88 12.58 -74.08
C PHE J 304 80.01 11.57 -74.31
N ALA J 305 81.01 11.59 -73.43
CA ALA J 305 82.10 10.63 -73.50
C ALA J 305 81.68 9.24 -73.05
N ALA J 306 80.51 9.12 -72.41
CA ALA J 306 80.07 7.84 -71.90
C ALA J 306 79.75 6.88 -73.05
N PRO J 307 79.89 5.57 -72.82
CA PRO J 307 79.57 4.61 -73.89
C PRO J 307 78.10 4.61 -74.27
N PHE J 308 77.75 3.87 -75.32
CA PHE J 308 76.37 3.82 -75.77
C PHE J 308 75.46 3.30 -74.68
N GLU J 309 74.34 3.99 -74.46
CA GLU J 309 73.43 3.63 -73.37
C GLU J 309 72.01 4.00 -73.76
N LEU J 310 71.10 3.05 -73.58
CA LEU J 310 69.67 3.26 -73.82
C LEU J 310 69.05 3.67 -72.49
N THR J 311 69.05 4.98 -72.22
CA THR J 311 68.64 5.46 -70.90
C THR J 311 67.16 5.26 -70.67
N LYS J 312 66.33 5.65 -71.63
CA LYS J 312 64.88 5.64 -71.45
C LYS J 312 64.21 5.18 -72.74
N PHE J 313 63.18 4.35 -72.60
CA PHE J 313 62.36 3.92 -73.72
C PHE J 313 60.91 3.84 -73.27
N ASP J 314 60.06 4.68 -73.86
CA ASP J 314 58.64 4.73 -73.52
C ASP J 314 57.81 4.71 -74.80
N GLU J 315 56.72 3.96 -74.78
CA GLU J 315 55.79 3.89 -75.90
C GLU J 315 54.37 4.03 -75.37
N ASP J 316 53.40 4.04 -76.29
CA ASP J 316 51.99 4.16 -75.94
C ASP J 316 51.19 2.94 -76.38
N GLY J 317 51.86 1.86 -76.75
CA GLY J 317 51.17 0.65 -77.16
C GLY J 317 50.56 -0.10 -76.00
N ALA J 318 49.66 -1.01 -76.33
CA ALA J 318 48.98 -1.81 -75.31
C ALA J 318 48.45 -3.08 -75.95
N THR J 319 48.11 -4.05 -75.09
CA THR J 319 47.56 -5.32 -75.53
C THR J 319 46.41 -5.69 -74.59
N THR J 320 45.70 -6.75 -74.95
CA THR J 320 44.60 -7.22 -74.13
C THR J 320 45.11 -7.67 -72.77
N GLY J 321 44.31 -7.43 -71.73
CA GLY J 321 44.73 -7.75 -70.38
C GLY J 321 43.54 -7.98 -69.48
N PHE J 322 43.84 -8.44 -68.27
CA PHE J 322 42.83 -8.79 -67.28
C PHE J 322 43.08 -7.99 -66.03
N LEU J 323 41.99 -7.56 -65.39
CA LEU J 323 42.07 -6.77 -64.17
C LEU J 323 42.89 -7.50 -63.12
N THR J 324 43.97 -6.87 -62.68
CA THR J 324 44.88 -7.46 -61.70
C THR J 324 44.62 -6.97 -60.28
N LYS J 325 44.55 -5.65 -60.08
CA LYS J 325 44.28 -5.11 -58.76
C LYS J 325 43.58 -3.77 -58.90
N VAL J 326 42.91 -3.37 -57.82
CA VAL J 326 42.18 -2.11 -57.76
C VAL J 326 42.55 -1.41 -56.45
N ASP J 327 42.84 -0.11 -56.53
CA ASP J 327 43.19 0.66 -55.35
C ASP J 327 42.58 2.05 -55.48
N PHE J 328 42.43 2.71 -54.34
CA PHE J 328 41.84 4.04 -54.25
C PHE J 328 42.89 4.99 -53.70
N ASP J 329 43.09 6.11 -54.38
CA ASP J 329 44.02 7.13 -53.90
C ASP J 329 43.27 8.14 -53.05
N GLU J 330 44.02 9.11 -52.50
CA GLU J 330 43.42 10.13 -51.66
C GLU J 330 42.48 11.03 -52.44
N ASN J 331 42.72 11.21 -53.75
CA ASN J 331 41.83 12.03 -54.56
C ASN J 331 40.52 11.33 -54.89
N GLY J 332 40.38 10.06 -54.56
CA GLY J 332 39.16 9.33 -54.84
C GLY J 332 39.14 8.61 -56.18
N SER J 333 40.16 8.80 -57.00
CA SER J 333 40.22 8.08 -58.27
C SER J 333 40.46 6.60 -58.01
N VAL J 334 39.65 5.75 -58.62
CA VAL J 334 39.76 4.31 -58.50
C VAL J 334 40.60 3.82 -59.68
N MET J 335 41.83 3.42 -59.40
CA MET J 335 42.76 2.99 -60.43
C MET J 335 42.86 1.48 -60.47
N GLY J 336 43.07 0.94 -61.66
CA GLY J 336 43.20 -0.49 -61.83
C GLY J 336 44.29 -0.86 -62.82
N THR J 337 45.12 -1.84 -62.46
CA THR J 337 46.20 -2.30 -63.31
C THR J 337 45.80 -3.61 -63.97
N TYR J 338 46.19 -3.79 -65.22
CA TYR J 338 45.83 -4.96 -66.00
C TYR J 338 47.08 -5.79 -66.30
N SER J 339 46.86 -6.92 -66.98
CA SER J 339 47.98 -7.80 -67.32
C SER J 339 48.93 -7.15 -68.33
N ASN J 340 48.39 -6.29 -69.20
CA ASN J 340 49.24 -5.61 -70.18
C ASN J 340 50.22 -4.67 -69.50
N GLY J 341 49.79 -3.98 -68.45
CA GLY J 341 50.61 -3.03 -67.73
C GLY J 341 50.03 -1.63 -67.64
N GLU J 342 48.98 -1.32 -68.39
CA GLU J 342 48.41 0.02 -68.34
C GLU J 342 47.72 0.26 -67.01
N ASN J 343 48.01 1.41 -66.40
CA ASN J 343 47.37 1.81 -65.15
C ASN J 343 46.15 2.67 -65.47
N VAL J 344 45.11 1.99 -65.97
CA VAL J 344 43.91 2.67 -66.42
C VAL J 344 43.14 3.22 -65.23
N THR J 345 42.72 4.48 -65.32
CA THR J 345 41.92 5.11 -64.28
C THR J 345 40.45 4.92 -64.61
N LEU J 346 39.77 4.08 -63.83
CA LEU J 346 38.36 3.78 -64.11
C LEU J 346 37.47 5.00 -63.91
N GLY J 347 37.75 5.78 -62.86
CA GLY J 347 36.93 6.95 -62.60
C GLY J 347 37.25 7.52 -61.23
N ARG J 348 36.43 8.49 -60.83
CA ARG J 348 36.51 9.10 -59.52
C ARG J 348 35.21 8.87 -58.76
N VAL J 349 35.26 9.14 -57.46
CA VAL J 349 34.10 8.98 -56.58
C VAL J 349 33.56 10.36 -56.28
N ALA J 350 32.33 10.62 -56.69
CA ALA J 350 31.73 11.93 -56.50
C ALA J 350 31.47 12.20 -55.03
N LEU J 351 31.60 13.47 -54.64
CA LEU J 351 31.31 13.93 -53.29
C LEU J 351 30.37 15.12 -53.38
N VAL J 352 29.40 15.16 -52.48
CA VAL J 352 28.34 16.17 -52.50
C VAL J 352 28.33 16.89 -51.16
N ARG J 353 28.20 18.21 -51.21
CA ARG J 353 28.12 19.04 -50.02
C ARG J 353 26.97 20.02 -50.17
N VAL J 354 26.16 20.16 -49.13
CA VAL J 354 25.06 21.11 -49.14
C VAL J 354 25.40 22.25 -48.18
N PRO J 355 24.96 23.48 -48.46
CA PRO J 355 25.28 24.58 -47.54
C PRO J 355 24.73 24.39 -46.14
N ASN J 356 23.55 23.79 -46.02
CA ASN J 356 22.88 23.59 -44.75
C ASN J 356 22.56 22.10 -44.60
N GLU J 357 23.39 21.40 -43.82
CA GLU J 357 23.17 19.97 -43.61
C GLU J 357 22.04 19.69 -42.62
N GLN J 358 21.67 20.67 -41.80
CA GLN J 358 20.62 20.47 -40.81
C GLN J 358 19.23 20.40 -41.42
N GLY J 359 19.08 20.75 -42.70
CA GLY J 359 17.76 20.80 -43.30
C GLY J 359 17.48 19.65 -44.24
N LEU J 360 18.46 18.78 -44.43
CA LEU J 360 18.25 17.60 -45.26
C LEU J 360 17.15 16.72 -44.67
N ASP J 361 16.21 16.32 -45.50
CA ASP J 361 15.19 15.38 -45.07
C ASP J 361 15.80 13.98 -45.02
N LYS J 362 15.38 13.20 -44.03
CA LYS J 362 15.99 11.90 -43.76
C LYS J 362 15.17 10.82 -44.44
N LYS J 363 15.80 10.12 -45.39
CA LYS J 363 15.21 8.93 -45.97
C LYS J 363 15.62 7.72 -45.15
N GLY J 364 15.11 6.55 -45.52
CA GLY J 364 15.49 5.34 -44.82
C GLY J 364 16.89 4.88 -45.19
N GLY J 365 17.43 4.02 -44.34
CA GLY J 365 18.74 3.45 -44.60
C GLY J 365 19.88 4.46 -44.58
N THR J 366 19.84 5.41 -43.65
CA THR J 366 20.92 6.38 -43.46
C THR J 366 21.25 7.12 -44.76
N GLN J 367 20.20 7.62 -45.41
CA GLN J 367 20.35 8.37 -46.64
C GLN J 367 19.54 9.65 -46.54
N TRP J 368 20.05 10.70 -47.17
CA TRP J 368 19.43 12.02 -47.13
C TRP J 368 19.15 12.50 -48.54
N ASP J 369 18.27 13.49 -48.64
CA ASP J 369 17.97 14.16 -49.89
C ASP J 369 17.98 15.66 -49.65
N SER J 370 18.16 16.41 -50.74
CA SER J 370 18.25 17.86 -50.67
C SER J 370 16.87 18.48 -50.83
N THR J 371 16.42 19.19 -49.80
CA THR J 371 15.14 19.87 -49.83
C THR J 371 15.35 21.36 -50.06
N GLN J 372 14.25 22.12 -49.98
CA GLN J 372 14.33 23.57 -50.14
C GLN J 372 15.17 24.20 -49.05
N PHE J 373 14.96 23.79 -47.79
CA PHE J 373 15.71 24.39 -46.69
C PHE J 373 17.18 24.06 -46.77
N SER J 374 17.51 22.82 -47.17
CA SER J 374 18.92 22.42 -47.24
C SER J 374 19.67 23.23 -48.28
N GLY J 375 19.04 23.50 -49.43
CA GLY J 375 19.69 24.20 -50.52
C GLY J 375 19.72 23.33 -51.78
N ASP J 376 20.82 23.40 -52.50
CA ASP J 376 21.02 22.58 -53.69
C ASP J 376 22.35 21.86 -53.58
N LYS J 377 22.38 20.64 -54.12
CA LYS J 377 23.58 19.82 -54.05
C LYS J 377 24.71 20.49 -54.82
N ILE J 378 25.85 20.68 -54.16
CA ILE J 378 27.04 21.24 -54.77
C ILE J 378 28.04 20.11 -54.93
N TRP J 379 28.36 19.77 -56.16
CA TRP J 379 29.23 18.64 -56.45
C TRP J 379 30.69 19.04 -56.36
N GLY J 380 31.55 18.04 -56.18
CA GLY J 380 32.98 18.30 -56.11
C GLY J 380 33.76 17.00 -56.06
N GLU J 381 35.07 17.14 -56.12
CA GLU J 381 35.98 16.00 -56.04
C GLU J 381 36.38 15.78 -54.58
N SER J 382 37.40 14.94 -54.37
CA SER J 382 37.94 14.70 -53.05
C SER J 382 39.18 15.55 -52.83
N ASN J 383 39.29 16.13 -51.64
CA ASN J 383 40.43 16.97 -51.26
C ASN J 383 40.59 18.15 -52.22
N LYS J 384 39.46 18.79 -52.53
CA LYS J 384 39.45 19.96 -53.41
C LYS J 384 38.49 20.99 -52.82
N GLY J 385 38.90 22.24 -52.82
CA GLY J 385 38.05 23.29 -52.28
C GLY J 385 37.80 23.07 -50.80
N SER J 386 36.53 23.02 -50.41
CA SER J 386 36.13 22.82 -49.03
C SER J 386 35.79 21.37 -48.71
N PHE J 387 35.92 20.47 -49.67
CA PHE J 387 35.59 19.07 -49.44
C PHE J 387 36.68 18.39 -48.64
N GLY J 388 36.34 17.22 -48.10
CA GLY J 388 37.28 16.40 -47.35
C GLY J 388 37.96 15.38 -48.22
N THR J 389 38.57 14.39 -47.56
CA THR J 389 39.30 13.34 -48.23
C THR J 389 38.53 12.03 -48.13
N ILE J 390 38.87 11.09 -49.00
CA ILE J 390 38.25 9.78 -49.06
C ILE J 390 39.31 8.75 -48.70
N ASN J 391 39.05 7.97 -47.66
CA ASN J 391 39.96 6.93 -47.20
C ASN J 391 39.33 5.57 -47.44
N ASN J 392 40.04 4.68 -48.12
CA ASN J 392 39.57 3.33 -48.33
C ASN J 392 39.96 2.45 -47.14
N GLY J 393 39.16 1.42 -46.91
CA GLY J 393 39.40 0.53 -45.79
C GLY J 393 38.88 1.00 -44.45
N MET J 394 37.99 1.99 -44.43
CA MET J 394 37.44 2.51 -43.19
C MET J 394 35.93 2.66 -43.33
N LEU J 395 35.25 2.68 -42.19
CA LEU J 395 33.82 2.91 -42.13
C LEU J 395 33.51 3.81 -40.94
N GLU J 396 32.40 4.54 -41.04
CA GLU J 396 31.97 5.47 -40.00
C GLU J 396 31.01 4.77 -39.05
N GLN J 397 31.20 4.99 -37.75
CA GLN J 397 30.25 4.57 -36.75
C GLN J 397 29.32 5.73 -36.40
N SER J 398 28.35 5.46 -35.53
CA SER J 398 27.47 6.52 -35.08
C SER J 398 28.25 7.53 -34.25
N ASN J 399 27.92 8.80 -34.44
CA ASN J 399 28.59 9.88 -33.71
C ASN J 399 27.86 10.18 -32.40
N ILE J 400 27.73 9.13 -31.57
CA ILE J 400 27.02 9.22 -30.31
C ILE J 400 27.96 8.84 -29.19
N ASP J 401 27.65 9.33 -27.99
CA ASP J 401 28.39 8.98 -26.78
C ASP J 401 27.42 8.30 -25.83
N MET J 402 27.71 7.03 -25.52
CA MET J 402 26.76 6.23 -24.74
C MET J 402 26.48 6.84 -23.38
N THR J 403 27.52 7.32 -22.71
CA THR J 403 27.34 7.90 -21.38
C THR J 403 26.40 9.09 -21.43
N GLN J 404 26.60 9.97 -22.42
CA GLN J 404 25.73 11.13 -22.54
C GLN J 404 24.29 10.71 -22.82
N GLU J 405 24.11 9.69 -23.66
CA GLU J 405 22.76 9.22 -23.97
C GLU J 405 22.06 8.67 -22.73
N LEU J 406 22.79 7.89 -21.92
CA LEU J 406 22.18 7.34 -20.71
C LEU J 406 21.83 8.44 -19.72
N VAL J 407 22.72 9.43 -19.56
CA VAL J 407 22.42 10.52 -18.64
C VAL J 407 21.21 11.32 -19.14
N ASP J 408 21.13 11.55 -20.45
CA ASP J 408 19.96 12.23 -21.01
C ASP J 408 18.70 11.42 -20.78
N LEU J 409 18.81 10.09 -20.88
CA LEU J 409 17.66 9.22 -20.61
C LEU J 409 17.17 9.40 -19.18
N ILE J 410 18.10 9.41 -18.22
CA ILE J 410 17.73 9.58 -16.82
C ILE J 410 17.07 10.95 -16.60
N SER J 411 17.65 12.00 -17.18
CA SER J 411 17.09 13.33 -17.00
C SER J 411 15.70 13.44 -17.61
N ALA J 412 15.51 12.85 -18.79
CA ALA J 412 14.20 12.88 -19.42
C ALA J 412 13.17 12.13 -18.58
N GLN J 413 13.57 11.00 -17.99
CA GLN J 413 12.66 10.28 -17.11
C GLN J 413 12.28 11.14 -15.91
N ARG J 414 13.26 11.84 -15.32
CA ARG J 414 12.96 12.70 -14.19
C ARG J 414 11.99 13.81 -14.56
N ASN J 415 12.19 14.43 -15.73
CA ASN J 415 11.26 15.48 -16.18
C ASN J 415 9.87 14.91 -16.42
N PHE J 416 9.77 13.71 -16.99
CA PHE J 416 8.47 13.10 -17.21
C PHE J 416 7.76 12.83 -15.90
N GLN J 417 8.50 12.35 -14.89
CA GLN J 417 7.89 12.12 -13.58
C GLN J 417 7.39 13.43 -12.98
N ALA J 418 8.18 14.50 -13.10
CA ALA J 418 7.74 15.79 -12.56
C ALA J 418 6.46 16.27 -13.24
N ASN J 419 6.40 16.16 -14.57
CA ASN J 419 5.21 16.60 -15.29
C ASN J 419 3.99 15.75 -14.92
N SER J 420 4.19 14.43 -14.77
CA SER J 420 3.08 13.59 -14.34
C SER J 420 2.59 13.98 -12.96
N ARG J 421 3.51 14.33 -12.06
CA ARG J 421 3.11 14.82 -10.74
C ARG J 421 2.28 16.10 -10.85
N SER J 422 2.69 17.02 -11.73
CA SER J 422 1.92 18.24 -11.91
C SER J 422 0.51 17.94 -12.43
N LEU J 423 0.40 17.04 -13.40
CA LEU J 423 -0.91 16.66 -13.92
C LEU J 423 -1.77 16.03 -12.84
N GLU J 424 -1.17 15.19 -12.00
CA GLU J 424 -1.91 14.59 -10.90
C GLU J 424 -2.42 15.67 -9.94
N VAL J 425 -1.59 16.68 -9.66
CA VAL J 425 -2.03 17.76 -8.78
C VAL J 425 -3.22 18.50 -9.39
N HIS J 426 -3.16 18.80 -10.69
CA HIS J 426 -4.28 19.48 -11.35
C HIS J 426 -5.56 18.66 -11.24
N ASN J 427 -5.48 17.36 -11.55
CA ASN J 427 -6.67 16.53 -11.51
C ASN J 427 -7.22 16.41 -10.08
N GLN J 428 -6.33 16.32 -9.09
CA GLN J 428 -6.79 16.22 -7.71
C GLN J 428 -7.49 17.51 -7.28
N LEU J 429 -6.98 18.66 -7.71
CA LEU J 429 -7.67 19.91 -7.40
C LEU J 429 -9.06 19.95 -8.03
N GLN J 430 -9.16 19.53 -9.29
CA GLN J 430 -10.47 19.54 -9.94
C GLN J 430 -11.44 18.60 -9.23
N GLN J 431 -10.98 17.40 -8.86
CA GLN J 431 -11.84 16.47 -8.16
C GLN J 431 -12.21 16.98 -6.77
N ASN J 432 -11.31 17.72 -6.12
CA ASN J 432 -11.64 18.32 -4.83
C ASN J 432 -12.77 19.33 -4.98
N ILE J 433 -12.72 20.14 -6.04
CA ILE J 433 -13.81 21.07 -6.28
C ILE J 433 -15.10 20.33 -6.60
N LEU J 434 -14.99 19.21 -7.33
CA LEU J 434 -16.18 18.46 -7.73
C LEU J 434 -17.00 18.01 -6.54
N GLN J 435 -16.37 17.81 -5.39
CA GLN J 435 -17.05 17.28 -4.19
C GLN J 435 -17.46 18.41 -3.25
N ILE J 436 -18.35 19.26 -3.73
CA ILE J 436 -18.89 20.35 -2.92
C ILE J 436 -20.41 20.41 -3.08
N SER K 2 -18.12 -0.91 -22.21
CA SER K 2 -17.23 -1.70 -21.37
C SER K 2 -16.85 -3.00 -22.04
N TYR K 3 -17.72 -3.48 -22.95
CA TYR K 3 -17.43 -4.72 -23.66
C TYR K 3 -16.19 -4.59 -24.53
N VAL K 4 -15.88 -3.38 -24.99
CA VAL K 4 -14.63 -3.16 -25.71
C VAL K 4 -13.44 -3.41 -24.81
N SER K 5 -13.50 -2.91 -23.56
CA SER K 5 -12.42 -3.16 -22.61
C SER K 5 -12.30 -4.64 -22.27
N LEU K 6 -13.44 -5.32 -22.15
CA LEU K 6 -13.41 -6.76 -21.88
C LEU K 6 -12.80 -7.51 -23.05
N SER K 7 -13.11 -7.08 -24.27
CA SER K 7 -12.49 -7.71 -25.45
C SER K 7 -10.99 -7.47 -25.46
N GLY K 8 -10.56 -6.27 -25.09
CA GLY K 8 -9.13 -6.01 -24.98
C GLY K 8 -8.46 -6.88 -23.95
N LEU K 9 -9.11 -7.06 -22.79
CA LEU K 9 -8.59 -7.95 -21.76
C LEU K 9 -8.48 -9.38 -22.28
N SER K 10 -9.50 -9.84 -23.00
CA SER K 10 -9.49 -11.20 -23.54
C SER K 10 -8.36 -11.37 -24.54
N ALA K 11 -8.16 -10.39 -25.42
CA ALA K 11 -7.08 -10.48 -26.40
C ALA K 11 -5.71 -10.48 -25.72
N ALA K 12 -5.53 -9.61 -24.73
CA ALA K 12 -4.25 -9.58 -24.02
C ALA K 12 -3.98 -10.88 -23.30
N GLN K 13 -5.02 -11.45 -22.67
CA GLN K 13 -4.83 -12.72 -21.96
C GLN K 13 -4.58 -13.86 -22.92
N LEU K 14 -5.19 -13.84 -24.11
CA LEU K 14 -4.89 -14.85 -25.11
C LEU K 14 -3.43 -14.77 -25.56
N ASP K 15 -2.94 -13.55 -25.80
CA ASP K 15 -1.53 -13.40 -26.14
C ASP K 15 -0.63 -13.87 -25.02
N LEU K 16 -1.01 -13.57 -23.77
CA LEU K 16 -0.24 -14.03 -22.62
C LEU K 16 -0.19 -15.55 -22.57
N ASN K 17 -1.33 -16.21 -22.80
CA ASN K 17 -1.36 -17.67 -22.78
C ASN K 17 -0.50 -18.25 -23.91
N THR K 18 -0.56 -17.64 -25.09
CA THR K 18 0.26 -18.13 -26.20
C THR K 18 1.74 -18.02 -25.87
N THR K 19 2.15 -16.88 -25.33
CA THR K 19 3.54 -16.70 -24.96
C THR K 19 3.95 -17.67 -23.86
N SER K 20 3.07 -17.91 -22.90
CA SER K 20 3.37 -18.87 -21.84
C SER K 20 3.55 -20.27 -22.39
N ASN K 21 2.70 -20.67 -23.35
CA ASN K 21 2.86 -21.97 -23.99
C ASN K 21 4.17 -22.06 -24.74
N ASN K 22 4.54 -20.98 -25.45
CA ASN K 22 5.80 -20.97 -26.18
C ASN K 22 6.98 -21.13 -25.23
N ILE K 23 6.94 -20.45 -24.09
CA ILE K 23 8.04 -20.55 -23.12
C ILE K 23 8.06 -21.95 -22.50
N ALA K 24 6.88 -22.50 -22.21
CA ALA K 24 6.82 -23.82 -21.59
C ALA K 24 7.40 -24.89 -22.51
N ASN K 25 7.12 -24.80 -23.81
CA ASN K 25 7.60 -25.78 -24.77
C ASN K 25 9.02 -25.48 -25.26
N ALA K 26 9.83 -24.77 -24.48
CA ALA K 26 11.17 -24.40 -24.91
C ALA K 26 12.09 -25.59 -25.11
N ASN K 27 11.77 -26.75 -24.51
CA ASN K 27 12.64 -27.91 -24.60
C ASN K 27 12.04 -29.07 -25.39
N THR K 28 10.77 -28.97 -25.79
CA THR K 28 10.16 -30.05 -26.55
C THR K 28 10.81 -30.18 -27.92
N TYR K 29 11.11 -31.41 -28.31
CA TYR K 29 11.76 -31.69 -29.59
C TYR K 29 10.75 -31.51 -30.72
N GLY K 30 11.13 -30.73 -31.73
CA GLY K 30 10.28 -30.56 -32.90
C GLY K 30 9.12 -29.61 -32.72
N PHE K 31 9.01 -28.95 -31.57
CA PHE K 31 7.92 -28.02 -31.34
C PHE K 31 8.08 -26.79 -32.23
N LYS K 32 6.94 -26.25 -32.68
CA LYS K 32 6.90 -25.03 -33.46
C LYS K 32 6.09 -23.99 -32.70
N GLU K 33 6.63 -22.78 -32.59
CA GLU K 33 6.00 -21.75 -31.78
C GLU K 33 4.70 -21.29 -32.42
N SER K 34 3.95 -20.48 -31.67
CA SER K 34 2.68 -19.95 -32.12
C SER K 34 2.67 -18.43 -31.97
N ARG K 35 1.93 -17.77 -32.85
CA ARG K 35 1.81 -16.32 -32.84
C ARG K 35 0.33 -15.95 -32.85
N ALA K 36 -0.04 -15.00 -32.00
CA ALA K 36 -1.43 -14.59 -31.86
C ALA K 36 -1.67 -13.34 -32.71
N GLU K 37 -2.63 -13.43 -33.62
CA GLU K 37 -2.98 -12.32 -34.50
C GLU K 37 -4.42 -11.92 -34.25
N PHE K 38 -4.66 -10.62 -34.11
CA PHE K 38 -5.98 -10.10 -33.76
C PHE K 38 -6.50 -9.22 -34.89
N ALA K 39 -7.79 -8.88 -34.79
CA ALA K 39 -8.45 -8.09 -35.81
C ALA K 39 -9.45 -7.15 -35.16
N ASP K 40 -9.74 -6.06 -35.86
CA ASP K 40 -10.69 -5.08 -35.38
C ASP K 40 -12.13 -5.57 -35.56
N VAL K 41 -13.04 -4.94 -34.83
CA VAL K 41 -14.46 -5.25 -34.90
C VAL K 41 -15.22 -3.97 -35.25
N TYR K 42 -16.14 -4.08 -36.20
CA TYR K 42 -16.97 -2.94 -36.56
C TYR K 42 -18.30 -3.46 -37.08
N SER K 43 -19.37 -2.77 -36.71
CA SER K 43 -20.72 -3.19 -37.10
C SER K 43 -20.96 -2.92 -38.58
N ASN K 44 -21.89 -3.67 -39.15
CA ASN K 44 -22.27 -3.55 -40.55
C ASN K 44 -23.78 -3.43 -40.68
N SER K 45 -24.37 -2.54 -39.87
CA SER K 45 -25.81 -2.34 -39.91
C SER K 45 -26.23 -1.71 -41.24
N LEU K 46 -27.50 -1.93 -41.59
CA LEU K 46 -28.02 -1.37 -42.84
C LEU K 46 -28.04 0.15 -42.79
N PHE K 47 -28.44 0.71 -41.65
CA PHE K 47 -28.44 2.16 -41.45
C PHE K 47 -27.38 2.49 -40.41
N THR K 48 -26.15 2.69 -40.90
CA THR K 48 -25.00 2.96 -40.04
C THR K 48 -24.58 4.41 -40.21
N ASN K 49 -24.40 5.12 -39.09
CA ASN K 49 -23.94 6.50 -39.16
C ASN K 49 -22.47 6.59 -39.54
N ALA K 50 -21.70 5.54 -39.27
CA ALA K 50 -20.28 5.46 -39.64
C ALA K 50 -19.46 6.55 -38.96
N LYS K 51 -19.73 7.82 -39.30
CA LYS K 51 -18.95 8.91 -38.73
C LYS K 51 -19.15 9.00 -37.22
N THR K 52 -20.36 8.74 -36.75
CA THR K 52 -20.70 8.90 -35.34
C THR K 52 -20.70 7.57 -34.58
N THR K 53 -20.19 6.50 -35.19
CA THR K 53 -20.17 5.19 -34.56
C THR K 53 -18.74 4.78 -34.25
N PRO K 54 -18.40 4.56 -32.98
CA PRO K 54 -17.03 4.15 -32.63
C PRO K 54 -16.76 2.69 -32.93
N GLY K 55 -15.60 2.20 -32.51
CA GLY K 55 -15.23 0.82 -32.77
C GLY K 55 -15.99 -0.16 -31.91
N GLY K 56 -15.65 -1.43 -32.08
CA GLY K 56 -16.30 -2.50 -31.36
C GLY K 56 -15.35 -3.41 -30.61
N GLY K 57 -14.12 -2.95 -30.40
CA GLY K 57 -13.17 -3.72 -29.64
C GLY K 57 -12.17 -4.48 -30.49
N ALA K 58 -11.66 -5.60 -29.98
CA ALA K 58 -10.69 -6.41 -30.70
C ALA K 58 -11.13 -7.87 -30.64
N GLN K 59 -11.06 -8.55 -31.79
CA GLN K 59 -11.44 -9.95 -31.90
C GLN K 59 -10.23 -10.75 -32.35
N ALA K 60 -9.98 -11.89 -31.70
CA ALA K 60 -8.89 -12.75 -32.09
C ALA K 60 -9.14 -13.32 -33.48
N SER K 61 -8.13 -13.23 -34.35
CA SER K 61 -8.25 -13.72 -35.72
C SER K 61 -7.83 -15.17 -35.82
N GLN K 62 -6.60 -15.49 -35.43
CA GLN K 62 -6.11 -16.86 -35.44
C GLN K 62 -4.85 -16.94 -34.60
N VAL K 63 -4.53 -18.16 -34.17
CA VAL K 63 -3.25 -18.44 -33.53
C VAL K 63 -2.37 -19.12 -34.56
N ALA K 64 -1.31 -18.44 -34.97
CA ALA K 64 -0.45 -18.94 -36.03
C ALA K 64 0.37 -20.13 -35.54
N GLN K 65 1.02 -20.78 -36.48
CA GLN K 65 1.85 -21.96 -36.23
C GLN K 65 3.17 -21.83 -36.99
N GLN K 66 3.84 -20.69 -36.80
CA GLN K 66 5.09 -20.38 -37.49
C GLN K 66 6.00 -21.60 -37.61
N PHE K 67 6.37 -21.94 -38.84
CA PHE K 67 7.08 -23.18 -39.13
C PHE K 67 8.52 -22.91 -39.58
N HIS K 68 9.11 -21.81 -39.11
CA HIS K 68 10.49 -21.54 -39.47
C HIS K 68 11.41 -22.55 -38.80
N GLU K 69 12.46 -22.95 -39.51
CA GLU K 69 13.35 -24.00 -39.04
C GLU K 69 13.97 -23.63 -37.70
N GLY K 70 13.95 -24.59 -36.77
CA GLY K 70 14.55 -24.40 -35.48
C GLY K 70 15.99 -24.86 -35.43
N SER K 71 16.65 -24.54 -34.32
CA SER K 71 18.04 -24.95 -34.16
C SER K 71 18.14 -26.45 -33.94
N SER K 72 19.34 -26.98 -34.18
CA SER K 72 19.59 -28.41 -34.13
C SER K 72 20.62 -28.73 -33.06
N ILE K 73 20.37 -29.78 -32.30
CA ILE K 73 21.29 -30.24 -31.28
C ILE K 73 21.87 -31.58 -31.72
N TYR K 74 23.08 -31.86 -31.25
CA TYR K 74 23.81 -33.07 -31.64
C TYR K 74 23.90 -34.01 -30.46
N THR K 75 23.41 -35.23 -30.65
CA THR K 75 23.47 -36.26 -29.62
C THR K 75 24.35 -37.43 -30.00
N ASN K 76 24.79 -37.52 -31.25
CA ASN K 76 25.62 -38.62 -31.76
C ASN K 76 24.94 -39.97 -31.60
N ASN K 77 23.60 -39.99 -31.57
CA ASN K 77 22.86 -41.24 -31.51
C ASN K 77 22.34 -41.54 -32.91
N PRO K 78 22.76 -42.65 -33.53
CA PRO K 78 22.39 -42.87 -34.95
C PRO K 78 20.91 -43.00 -35.20
N MET K 79 20.11 -43.34 -34.18
CA MET K 79 18.67 -43.47 -34.35
C MET K 79 17.94 -42.13 -34.28
N ASP K 80 18.65 -41.03 -34.02
CA ASP K 80 18.03 -39.71 -33.99
C ASP K 80 18.11 -39.09 -35.38
N LEU K 81 16.96 -38.62 -35.87
CA LEU K 81 16.86 -38.08 -37.21
C LEU K 81 16.27 -36.68 -37.18
N ARG K 82 16.68 -35.85 -38.14
CA ARG K 82 16.19 -34.49 -38.26
C ARG K 82 15.94 -34.19 -39.73
N VAL K 83 14.83 -33.50 -40.00
CA VAL K 83 14.45 -33.12 -41.35
C VAL K 83 14.96 -31.71 -41.60
N SER K 84 16.01 -31.58 -42.40
CA SER K 84 16.58 -30.28 -42.73
C SER K 84 15.89 -29.74 -43.98
N GLY K 85 15.13 -28.66 -43.82
CA GLY K 85 14.43 -28.09 -44.95
C GLY K 85 12.92 -28.23 -44.83
N THR K 86 12.28 -28.72 -45.88
CA THR K 86 10.83 -28.89 -45.90
C THR K 86 10.48 -30.37 -45.90
N GLY K 87 9.58 -30.76 -45.02
CA GLY K 87 9.12 -32.13 -44.94
C GLY K 87 8.85 -32.55 -43.50
N PHE K 88 7.96 -33.52 -43.35
CA PHE K 88 7.59 -34.07 -42.05
C PHE K 88 7.79 -35.57 -42.05
N PHE K 89 8.17 -36.10 -40.88
CA PHE K 89 8.14 -37.54 -40.68
C PHE K 89 6.70 -38.03 -40.61
N ALA K 90 6.48 -39.26 -41.07
CA ALA K 90 5.16 -39.87 -41.06
C ALA K 90 5.16 -41.04 -40.10
N VAL K 91 4.27 -41.01 -39.12
CA VAL K 91 4.19 -42.03 -38.09
C VAL K 91 2.75 -42.53 -38.01
N ALA K 92 2.59 -43.84 -37.79
CA ALA K 92 1.29 -44.48 -37.76
C ALA K 92 1.00 -45.01 -36.36
N LYS K 93 -0.28 -44.99 -35.97
CA LYS K 93 -0.67 -45.45 -34.65
C LYS K 93 -0.45 -46.95 -34.50
N GLU K 94 -0.96 -47.73 -35.46
CA GLU K 94 -0.87 -49.18 -35.41
C GLU K 94 -0.08 -49.69 -36.60
N ARG K 95 0.62 -50.81 -36.40
CA ARG K 95 1.45 -51.37 -37.47
C ARG K 95 0.59 -51.80 -38.66
N LEU K 96 -0.57 -52.37 -38.40
CA LEU K 96 -1.42 -52.94 -39.44
C LEU K 96 -2.31 -51.92 -40.13
N THR K 97 -2.24 -50.65 -39.73
CA THR K 97 -3.03 -49.58 -40.33
C THR K 97 -2.13 -48.42 -40.73
N PRO K 98 -1.30 -48.61 -41.75
CA PRO K 98 -0.43 -47.50 -42.19
C PRO K 98 -1.20 -46.30 -42.72
N GLN K 99 -2.44 -46.50 -43.19
CA GLN K 99 -3.21 -45.38 -43.72
C GLN K 99 -3.46 -44.32 -42.65
N GLN K 100 -3.78 -44.75 -41.44
CA GLN K 100 -4.00 -43.82 -40.33
C GLN K 100 -2.64 -43.37 -39.81
N ASN K 101 -2.22 -42.17 -40.22
CA ASN K 101 -0.89 -41.67 -39.88
C ASN K 101 -0.98 -40.20 -39.53
N GLU K 102 0.05 -39.72 -38.83
CA GLU K 102 0.16 -38.33 -38.44
C GLU K 102 1.57 -37.84 -38.73
N LEU K 103 1.69 -36.53 -38.93
CA LEU K 103 2.97 -35.91 -39.24
C LEU K 103 3.66 -35.44 -37.97
N THR K 104 4.98 -35.53 -37.95
CA THR K 104 5.76 -35.10 -36.81
C THR K 104 7.09 -34.56 -37.30
N ARG K 105 7.86 -33.99 -36.37
CA ARG K 105 9.17 -33.43 -36.67
C ARG K 105 10.28 -33.97 -35.78
N ASN K 106 9.99 -34.43 -34.57
CA ASN K 106 11.02 -34.97 -33.72
C ASN K 106 11.49 -36.32 -34.23
N GLY K 107 12.75 -36.64 -33.97
CA GLY K 107 13.34 -37.86 -34.47
C GLY K 107 13.88 -38.79 -33.41
N ALA K 108 13.29 -38.75 -32.21
CA ALA K 108 13.69 -39.64 -31.12
C ALA K 108 13.13 -41.03 -31.40
N PHE K 109 13.88 -41.80 -32.18
CA PHE K 109 13.45 -43.13 -32.60
C PHE K 109 14.24 -44.22 -31.87
N HIS K 110 13.60 -45.38 -31.74
CA HIS K 110 14.26 -46.55 -31.17
C HIS K 110 13.52 -47.80 -31.64
N LEU K 111 14.21 -48.93 -31.55
CA LEU K 111 13.66 -50.21 -31.98
C LEU K 111 12.78 -50.78 -30.87
N ASN K 112 11.56 -51.20 -31.22
CA ASN K 112 10.68 -51.85 -30.27
C ASN K 112 11.04 -53.33 -30.20
N LYS K 113 10.22 -54.12 -29.49
CA LYS K 113 10.53 -55.53 -29.33
C LYS K 113 10.43 -56.31 -30.63
N GLU K 114 9.80 -55.75 -31.65
CA GLU K 114 9.69 -56.40 -32.96
C GLU K 114 10.69 -55.85 -33.97
N ASN K 115 11.67 -55.06 -33.52
CA ASN K 115 12.68 -54.47 -34.39
C ASN K 115 12.07 -53.53 -35.43
N TYR K 116 11.12 -52.72 -35.00
CA TYR K 116 10.55 -51.67 -35.82
C TYR K 116 10.93 -50.30 -35.24
N MET K 117 11.22 -49.34 -36.12
CA MET K 117 11.54 -48.00 -35.67
C MET K 117 10.26 -47.30 -35.23
N VAL K 118 10.23 -46.88 -33.96
CA VAL K 118 9.04 -46.26 -33.38
C VAL K 118 9.45 -44.97 -32.68
N THR K 119 8.46 -44.16 -32.36
CA THR K 119 8.67 -42.92 -31.64
C THR K 119 8.66 -43.20 -30.13
N ALA K 120 8.63 -42.14 -29.33
CA ALA K 120 8.58 -42.31 -27.88
C ALA K 120 7.30 -43.02 -27.46
N ASN K 121 6.17 -42.69 -28.08
CA ASN K 121 4.89 -43.29 -27.76
C ASN K 121 4.66 -44.61 -28.48
N ASP K 122 5.72 -45.26 -28.95
CA ASP K 122 5.63 -46.54 -29.66
C ASP K 122 4.71 -46.46 -30.87
N GLU K 123 4.88 -45.40 -31.64
CA GLU K 123 4.17 -45.22 -32.91
C GLU K 123 5.13 -45.51 -34.06
N PHE K 124 4.74 -46.42 -34.94
CA PHE K 124 5.64 -46.90 -35.98
C PHE K 124 5.95 -45.80 -36.99
N LEU K 125 7.18 -45.80 -37.49
CA LEU K 125 7.61 -44.85 -38.50
C LEU K 125 7.33 -45.43 -39.89
N LEU K 126 6.70 -44.65 -40.74
CA LEU K 126 6.33 -45.10 -42.07
C LEU K 126 7.48 -44.89 -43.05
N GLY K 127 7.72 -45.92 -43.88
CA GLY K 127 8.80 -45.87 -44.83
C GLY K 127 8.43 -46.59 -46.12
N TYR K 128 9.28 -46.40 -47.13
CA TYR K 128 9.07 -47.00 -48.43
C TYR K 128 9.77 -48.36 -48.52
N GLN K 129 9.64 -49.01 -49.66
CA GLN K 129 10.31 -50.28 -49.95
C GLN K 129 11.05 -50.14 -51.26
N VAL K 130 12.38 -50.16 -51.20
CA VAL K 130 13.22 -49.94 -52.37
C VAL K 130 13.52 -51.27 -53.03
N ASP K 131 13.95 -51.21 -54.29
CA ASP K 131 14.33 -52.40 -55.04
C ASP K 131 15.69 -52.91 -54.56
N PRO K 132 15.95 -54.21 -54.72
CA PRO K 132 17.26 -54.74 -54.28
C PRO K 132 18.44 -54.09 -54.98
N SER K 133 18.42 -54.03 -56.31
CA SER K 133 19.50 -53.44 -57.09
C SER K 133 19.19 -52.00 -57.50
N SER K 134 17.99 -51.75 -58.03
CA SER K 134 17.62 -50.40 -58.43
C SER K 134 17.45 -49.51 -57.20
N GLY K 135 18.09 -48.34 -57.24
CA GLY K 135 17.94 -47.40 -56.15
C GLY K 135 16.55 -46.81 -56.04
N GLU K 136 15.86 -46.66 -57.16
CA GLU K 136 14.53 -46.07 -57.16
C GLU K 136 13.55 -46.97 -56.42
N VAL K 137 12.68 -46.35 -55.62
CA VAL K 137 11.64 -47.07 -54.90
C VAL K 137 10.53 -47.43 -55.87
N SER K 138 10.09 -48.70 -55.81
CA SER K 138 9.06 -49.16 -56.73
C SER K 138 7.67 -48.66 -56.33
N SER K 139 7.22 -49.05 -55.15
CA SER K 139 5.89 -48.69 -54.67
C SER K 139 5.97 -47.56 -53.66
N TYR K 140 5.10 -46.57 -53.82
CA TYR K 140 5.10 -45.38 -52.97
C TYR K 140 4.15 -45.48 -51.79
N GLU K 141 3.53 -46.64 -51.57
CA GLU K 141 2.70 -46.77 -50.39
C GLU K 141 3.57 -46.84 -49.13
N PRO K 142 3.14 -46.22 -48.04
CA PRO K 142 3.94 -46.23 -46.81
C PRO K 142 3.72 -47.51 -46.02
N GLN K 143 4.82 -48.03 -45.48
CA GLN K 143 4.77 -49.23 -44.66
C GLN K 143 5.74 -49.07 -43.49
N PRO K 144 5.48 -49.75 -42.38
CA PRO K 144 6.41 -49.68 -41.24
C PRO K 144 7.78 -50.19 -41.61
N ILE K 145 8.81 -49.56 -41.06
CA ILE K 145 10.19 -49.92 -41.33
C ILE K 145 10.61 -51.01 -40.36
N ASN K 146 11.11 -52.12 -40.89
CA ASN K 146 11.58 -53.24 -40.09
C ASN K 146 13.08 -53.40 -40.29
N ILE K 147 13.78 -53.74 -39.22
CA ILE K 147 15.22 -53.93 -39.26
C ILE K 147 15.54 -55.34 -38.78
N PRO K 148 15.48 -56.34 -39.66
CA PRO K 148 15.72 -57.72 -39.22
C PRO K 148 17.12 -57.91 -38.68
N ALA K 149 17.26 -58.81 -37.72
CA ALA K 149 18.55 -59.13 -37.14
C ALA K 149 19.26 -60.26 -37.87
N GLU K 150 18.61 -60.89 -38.85
CA GLU K 150 19.20 -61.98 -39.58
C GLU K 150 18.94 -61.83 -41.07
N PHE K 151 19.96 -62.12 -41.87
CA PHE K 151 19.82 -62.19 -43.32
C PHE K 151 19.37 -63.60 -43.69
N GLY K 152 18.16 -63.93 -43.25
CA GLY K 152 17.66 -65.29 -43.31
C GLY K 152 17.20 -65.77 -44.66
N LYS K 153 18.10 -65.76 -45.64
CA LYS K 153 17.79 -66.29 -46.97
C LYS K 153 19.09 -66.61 -47.70
N PRO K 154 19.63 -67.83 -47.54
CA PRO K 154 20.83 -68.20 -48.30
C PRO K 154 20.59 -68.07 -49.80
N LYS K 155 21.29 -67.14 -50.43
CA LYS K 155 21.06 -66.80 -51.84
C LYS K 155 22.06 -67.57 -52.70
N GLN K 156 21.54 -68.39 -53.61
CA GLN K 156 22.39 -69.20 -54.47
C GLN K 156 23.15 -68.32 -55.46
N THR K 157 24.31 -68.82 -55.88
CA THR K 157 25.12 -68.12 -56.86
C THR K 157 24.53 -68.34 -58.26
N ALA K 158 24.26 -67.25 -58.97
CA ALA K 158 23.66 -67.35 -60.30
C ALA K 158 24.47 -66.60 -61.35
N ASN K 159 25.03 -65.45 -60.97
CA ASN K 159 25.80 -64.63 -61.90
C ASN K 159 27.21 -64.46 -61.37
N ILE K 160 28.19 -64.71 -62.22
CA ILE K 160 29.60 -64.54 -61.87
C ILE K 160 30.24 -63.63 -62.92
N GLU K 161 30.80 -62.53 -62.47
CA GLU K 161 31.52 -61.60 -63.33
C GLU K 161 33.01 -61.76 -63.10
N VAL K 162 33.76 -62.03 -64.17
CA VAL K 162 35.20 -62.27 -64.08
C VAL K 162 35.89 -61.33 -65.05
N GLY K 163 36.87 -60.58 -64.53
CA GLY K 163 37.69 -59.74 -65.38
C GLY K 163 39.16 -60.11 -65.27
N VAL K 164 39.73 -60.66 -66.33
CA VAL K 164 41.11 -61.15 -66.32
C VAL K 164 41.86 -60.57 -67.50
N ASN K 165 43.18 -60.56 -67.37
CA ASN K 165 44.09 -60.19 -68.44
C ASN K 165 44.93 -61.40 -68.82
N LEU K 166 44.90 -61.76 -70.09
CA LEU K 166 45.64 -62.98 -70.38
C LEU K 166 46.98 -62.65 -71.03
N PRO K 167 48.04 -63.40 -70.72
CA PRO K 167 49.35 -63.12 -71.32
C PRO K 167 49.35 -63.47 -72.80
N ALA K 168 49.63 -62.47 -73.63
CA ALA K 168 49.68 -62.68 -75.07
C ALA K 168 50.88 -63.51 -75.50
N ASN K 169 51.94 -63.52 -74.70
CA ASN K 169 53.16 -64.26 -75.02
C ASN K 169 53.13 -65.68 -74.46
N GLY K 170 52.00 -66.11 -73.90
CA GLY K 170 51.94 -67.46 -73.35
C GLY K 170 52.09 -68.52 -74.42
N ASP K 171 52.65 -69.65 -74.01
CA ASP K 171 52.90 -70.74 -74.94
C ASP K 171 51.60 -71.36 -75.44
N LEU K 172 51.59 -71.75 -76.71
CA LEU K 172 50.41 -72.35 -77.30
C LEU K 172 50.20 -73.77 -76.78
N LYS K 173 48.95 -74.20 -76.77
CA LYS K 173 48.57 -75.52 -76.28
C LYS K 173 47.62 -76.17 -77.26
N ASP K 174 47.50 -77.49 -77.16
CA ASP K 174 46.65 -78.26 -78.05
C ASP K 174 45.25 -78.37 -77.47
N PRO K 175 44.21 -77.84 -78.13
CA PRO K 175 42.86 -77.92 -77.57
C PRO K 175 42.38 -79.34 -77.34
N THR K 176 42.74 -80.29 -78.21
CA THR K 176 42.24 -81.64 -78.09
C THR K 176 42.90 -82.42 -76.96
N GLN K 177 44.03 -81.95 -76.43
CA GLN K 177 44.73 -82.62 -75.35
C GLN K 177 44.45 -82.00 -73.98
N PHE K 178 43.43 -81.16 -73.88
CA PHE K 178 43.13 -80.52 -72.62
C PHE K 178 42.64 -81.54 -71.61
N ASP K 179 43.12 -81.42 -70.37
CA ASP K 179 42.71 -82.29 -69.27
C ASP K 179 42.99 -81.56 -67.97
N PHE K 180 41.96 -81.38 -67.15
CA PHE K 180 42.12 -80.64 -65.90
C PHE K 180 43.02 -81.36 -64.92
N SER K 181 43.18 -82.68 -65.05
CA SER K 181 44.05 -83.43 -64.15
C SER K 181 45.53 -83.26 -64.45
N ASP K 182 45.87 -82.78 -65.64
CA ASP K 182 47.27 -82.60 -66.02
C ASP K 182 47.55 -81.10 -66.17
N PRO K 183 48.36 -80.52 -65.29
CA PRO K 183 48.60 -79.07 -65.37
C PRO K 183 49.25 -78.61 -66.67
N ASP K 184 50.11 -79.44 -67.27
CA ASP K 184 50.83 -79.03 -68.47
C ASP K 184 49.94 -78.91 -69.69
N THR K 185 48.73 -79.47 -69.66
CA THR K 185 47.86 -79.41 -70.83
C THR K 185 47.33 -78.00 -71.06
N TYR K 186 47.08 -77.24 -70.01
CA TYR K 186 46.50 -75.91 -70.11
C TYR K 186 47.54 -74.86 -69.68
N ASN K 187 47.11 -73.60 -69.64
CA ASN K 187 48.00 -72.49 -69.32
C ASN K 187 47.87 -72.05 -67.86
N ARG K 188 46.65 -71.70 -67.44
CA ARG K 188 46.44 -71.13 -66.10
C ARG K 188 45.20 -71.75 -65.47
N SER K 189 45.17 -71.72 -64.15
CA SER K 189 44.04 -72.24 -63.38
C SER K 189 43.85 -71.39 -62.14
N THR K 190 42.61 -70.96 -61.89
CA THR K 190 42.27 -70.17 -60.72
C THR K 190 41.11 -70.84 -59.98
N SER K 191 41.05 -70.58 -58.68
CA SER K 191 40.04 -71.17 -57.81
C SER K 191 39.16 -70.08 -57.22
N SER K 192 37.90 -70.40 -56.98
CA SER K 192 36.95 -69.45 -56.44
C SER K 192 35.88 -70.22 -55.68
N THR K 193 35.11 -69.48 -54.88
CA THR K 193 34.10 -70.06 -54.01
C THR K 193 32.71 -69.63 -54.48
N ILE K 194 31.79 -70.59 -54.53
CA ILE K 194 30.40 -70.34 -54.89
C ILE K 194 29.51 -70.98 -53.83
N TYR K 195 28.24 -70.57 -53.83
CA TYR K 195 27.27 -71.03 -52.85
C TYR K 195 26.03 -71.55 -53.53
N ASP K 196 25.46 -72.62 -52.99
CA ASP K 196 24.24 -73.21 -53.52
C ASP K 196 23.04 -72.60 -52.80
N SER K 197 21.87 -73.23 -52.95
CA SER K 197 20.66 -72.70 -52.36
C SER K 197 20.72 -72.74 -50.83
N MET K 198 21.28 -73.80 -50.26
CA MET K 198 21.33 -73.97 -48.82
C MET K 198 22.55 -73.30 -48.18
N GLY K 199 23.36 -72.59 -48.96
CA GLY K 199 24.52 -71.91 -48.44
C GLY K 199 25.79 -72.74 -48.37
N GLN K 200 25.75 -73.98 -48.84
CA GLN K 200 26.95 -74.80 -48.87
C GLN K 200 27.98 -74.20 -49.81
N SER K 201 29.23 -74.11 -49.35
CA SER K 201 30.30 -73.53 -50.14
C SER K 201 30.88 -74.58 -51.07
N TYR K 202 31.06 -74.21 -52.35
CA TYR K 202 31.65 -75.08 -53.34
C TYR K 202 32.85 -74.40 -53.97
N LYS K 203 33.81 -75.20 -54.38
CA LYS K 203 35.05 -74.72 -54.97
C LYS K 203 34.94 -74.76 -56.48
N LEU K 204 35.02 -73.60 -57.12
CA LEU K 204 34.95 -73.48 -58.56
C LEU K 204 36.33 -73.17 -59.10
N THR K 205 36.80 -74.01 -60.03
CA THR K 205 38.11 -73.86 -60.65
C THR K 205 37.94 -73.56 -62.13
N THR K 206 38.62 -72.52 -62.60
CA THR K 206 38.55 -72.09 -64.00
C THR K 206 39.88 -72.34 -64.67
N TYR K 207 39.86 -73.00 -65.82
CA TYR K 207 41.06 -73.34 -66.57
C TYR K 207 41.09 -72.54 -67.88
N TYR K 208 42.21 -71.87 -68.12
CA TYR K 208 42.41 -71.08 -69.33
C TYR K 208 43.43 -71.75 -70.22
N LEU K 209 43.06 -71.98 -71.48
CA LEU K 209 43.92 -72.63 -72.45
C LEU K 209 44.03 -71.76 -73.70
N LYS K 210 45.27 -71.55 -74.15
CA LYS K 210 45.53 -70.71 -75.31
C LYS K 210 45.54 -71.59 -76.56
N ASP K 211 44.67 -71.26 -77.52
CA ASP K 211 44.53 -72.07 -78.71
C ASP K 211 45.76 -71.95 -79.59
N GLN K 212 46.17 -73.08 -80.17
CA GLN K 212 47.31 -73.12 -81.09
C GLN K 212 46.90 -72.91 -82.53
N THR K 213 45.76 -73.49 -82.94
CA THR K 213 45.35 -73.40 -84.34
C THR K 213 45.01 -71.97 -84.72
N GLN K 214 44.31 -71.24 -83.87
CA GLN K 214 43.85 -69.89 -84.16
C GLN K 214 44.58 -68.90 -83.27
N PRO K 215 45.32 -67.95 -83.83
CA PRO K 215 45.95 -66.92 -82.99
C PRO K 215 44.91 -66.03 -82.32
N ASN K 216 45.28 -65.51 -81.15
CA ASN K 216 44.41 -64.66 -80.33
C ASN K 216 43.10 -65.37 -80.01
N THR K 217 43.19 -66.66 -79.69
CA THR K 217 42.03 -67.46 -79.31
C THR K 217 42.36 -68.23 -78.04
N TRP K 218 41.43 -68.22 -77.09
CA TRP K 218 41.60 -68.89 -75.81
C TRP K 218 40.42 -69.80 -75.54
N ASN K 219 40.68 -70.87 -74.78
CA ASN K 219 39.66 -71.81 -74.38
C ASN K 219 39.55 -71.81 -72.86
N THR K 220 38.31 -71.82 -72.37
CA THR K 220 38.04 -71.74 -70.94
C THR K 220 37.19 -72.92 -70.52
N TYR K 221 37.58 -73.57 -69.43
CA TYR K 221 36.85 -74.71 -68.89
C TYR K 221 36.63 -74.51 -67.39
N TYR K 222 35.58 -75.13 -66.88
CA TYR K 222 35.15 -74.96 -65.50
C TYR K 222 34.98 -76.31 -64.82
N THR K 223 35.38 -76.38 -63.56
CA THR K 223 35.23 -77.58 -62.75
C THR K 223 34.72 -77.20 -61.37
N VAL K 224 33.93 -78.10 -60.79
CA VAL K 224 33.37 -77.93 -59.45
C VAL K 224 33.87 -79.08 -58.59
N THR K 225 34.42 -78.76 -57.43
CA THR K 225 35.02 -79.74 -56.53
C THR K 225 34.18 -79.82 -55.25
N ASP K 226 33.41 -80.90 -55.12
CA ASP K 226 32.68 -81.20 -53.90
C ASP K 226 33.45 -82.26 -53.09
N LYS K 227 32.82 -82.76 -52.04
CA LYS K 227 33.48 -83.75 -51.19
C LYS K 227 33.75 -85.05 -51.94
N GLU K 228 32.89 -85.41 -52.90
CA GLU K 228 33.12 -86.62 -53.68
C GLU K 228 34.38 -86.51 -54.52
N GLY K 229 34.60 -85.34 -55.13
CA GLY K 229 35.77 -85.15 -55.98
C GLY K 229 35.58 -83.90 -56.83
N GLU K 230 36.39 -83.82 -57.88
CA GLU K 230 36.35 -82.71 -58.83
C GLU K 230 35.61 -83.18 -60.09
N LYS K 231 34.47 -82.57 -60.37
CA LYS K 231 33.66 -82.92 -61.51
C LYS K 231 33.65 -81.79 -62.52
N PRO K 232 33.93 -82.07 -63.80
CA PRO K 232 33.89 -81.00 -64.81
C PRO K 232 32.48 -80.48 -65.03
N LEU K 233 32.40 -79.20 -65.40
CA LEU K 233 31.14 -78.54 -65.69
C LEU K 233 31.10 -78.16 -67.17
N ASN K 234 29.97 -78.47 -67.81
CA ASN K 234 29.81 -78.22 -69.24
C ASN K 234 28.98 -76.96 -69.47
N VAL K 235 29.32 -76.25 -70.53
CA VAL K 235 28.56 -75.08 -70.97
C VAL K 235 27.42 -75.56 -71.86
N ALA K 236 26.30 -74.84 -71.83
CA ALA K 236 25.12 -75.27 -72.59
C ALA K 236 25.41 -75.31 -74.08
N ALA K 237 26.04 -74.26 -74.61
CA ALA K 237 26.31 -74.16 -76.04
C ALA K 237 27.75 -73.71 -76.31
N GLY K 238 28.68 -74.12 -75.44
CA GLY K 238 30.06 -73.73 -75.64
C GLY K 238 30.67 -74.41 -76.85
N ASP K 239 31.43 -73.64 -77.63
CA ASP K 239 32.04 -74.13 -78.85
C ASP K 239 33.47 -74.64 -78.62
N ALA K 240 33.63 -75.52 -77.63
CA ALA K 240 34.94 -76.12 -77.36
C ALA K 240 34.68 -77.51 -76.77
N GLN K 241 34.69 -78.53 -77.62
CA GLN K 241 34.39 -79.90 -77.22
C GLN K 241 35.65 -80.74 -77.33
N THR K 242 36.20 -81.13 -76.18
CA THR K 242 37.31 -82.06 -76.17
C THR K 242 36.80 -83.46 -76.52
N PRO K 243 37.69 -84.35 -76.98
CA PRO K 243 37.25 -85.73 -77.26
C PRO K 243 36.64 -86.43 -76.05
N THR K 244 37.08 -86.09 -74.84
CA THR K 244 36.49 -86.70 -73.65
C THR K 244 35.01 -86.34 -73.53
N GLY K 245 34.66 -85.09 -73.80
CA GLY K 245 33.28 -84.67 -73.74
C GLY K 245 33.06 -83.37 -72.99
N HIS K 246 34.09 -82.90 -72.30
CA HIS K 246 34.01 -81.65 -71.56
C HIS K 246 33.82 -80.48 -72.54
N VAL K 247 32.91 -79.58 -72.22
CA VAL K 247 32.51 -78.50 -73.12
C VAL K 247 32.92 -77.18 -72.48
N GLY K 248 33.84 -76.47 -73.13
CA GLY K 248 34.21 -75.13 -72.76
C GLY K 248 33.72 -74.09 -73.76
N HIS K 249 34.23 -72.87 -73.61
CA HIS K 249 33.87 -71.78 -74.50
C HIS K 249 35.12 -71.07 -74.96
N THR K 250 35.03 -70.45 -76.14
CA THR K 250 36.17 -69.81 -76.78
C THR K 250 36.10 -68.30 -76.64
N MET K 251 37.27 -67.68 -76.45
CA MET K 251 37.38 -66.24 -76.33
C MET K 251 38.33 -65.71 -77.40
N LYS K 252 37.92 -64.64 -78.07
CA LYS K 252 38.70 -64.04 -79.16
C LYS K 252 38.92 -62.56 -78.87
N PHE K 253 40.04 -62.03 -79.36
CA PHE K 253 40.44 -60.65 -79.12
C PHE K 253 40.81 -59.97 -80.43
N ASN K 254 40.71 -58.64 -80.42
CA ASN K 254 41.02 -57.85 -81.60
C ASN K 254 42.53 -57.59 -81.66
N ASN K 255 42.94 -56.70 -82.56
CA ASN K 255 44.36 -56.38 -82.71
C ASN K 255 44.87 -55.60 -81.50
N ASP K 256 44.05 -54.72 -80.94
CA ASP K 256 44.48 -53.89 -79.82
C ASP K 256 44.47 -54.62 -78.49
N GLY K 257 44.11 -55.91 -78.47
CA GLY K 257 44.08 -56.66 -77.24
C GLY K 257 42.77 -56.62 -76.50
N THR K 258 41.81 -55.81 -76.95
CA THR K 258 40.51 -55.75 -76.30
C THR K 258 39.69 -56.98 -76.65
N LEU K 259 38.54 -57.11 -75.99
CA LEU K 259 37.67 -58.27 -76.20
C LEU K 259 36.95 -58.17 -77.54
N ALA K 260 36.96 -59.25 -78.30
CA ALA K 260 36.29 -59.29 -79.60
C ALA K 260 34.96 -60.04 -79.52
N SER K 261 34.98 -61.31 -79.11
CA SER K 261 33.77 -62.11 -79.07
C SER K 261 33.92 -63.19 -78.00
N LEU K 262 32.79 -63.70 -77.54
CA LEU K 262 32.75 -64.72 -76.50
C LEU K 262 31.75 -65.79 -76.89
N ASN K 263 32.24 -67.03 -77.06
CA ASN K 263 31.39 -68.18 -77.35
C ASN K 263 30.51 -67.92 -78.57
N ASN K 264 31.12 -67.39 -79.64
CA ASN K 264 30.42 -67.05 -80.88
C ASN K 264 29.30 -66.03 -80.62
N GLY K 265 29.50 -65.14 -79.66
CA GLY K 265 28.51 -64.13 -79.36
C GLY K 265 27.33 -64.61 -78.53
N GLN K 266 27.34 -65.85 -78.08
CA GLN K 266 26.23 -66.36 -77.30
C GLN K 266 26.52 -66.19 -75.80
N PRO K 267 25.48 -66.02 -74.98
CA PRO K 267 25.69 -65.92 -73.54
C PRO K 267 26.25 -67.22 -72.97
N ILE K 268 27.06 -67.08 -71.92
CA ILE K 268 27.69 -68.23 -71.29
C ILE K 268 26.79 -68.69 -70.16
N THR K 269 26.09 -69.80 -70.38
CA THR K 269 25.22 -70.41 -69.39
C THR K 269 25.65 -71.86 -69.18
N SER K 270 25.95 -72.21 -67.94
CA SER K 270 26.36 -73.57 -67.64
C SER K 270 25.14 -74.47 -67.46
N VAL K 271 25.38 -75.78 -67.58
CA VAL K 271 24.32 -76.76 -67.36
C VAL K 271 24.01 -76.83 -65.87
N ALA K 272 22.89 -77.45 -65.51
CA ALA K 272 22.53 -77.58 -64.11
C ALA K 272 23.58 -78.38 -63.36
N LEU K 273 23.93 -77.91 -62.16
CA LEU K 273 25.02 -78.51 -61.40
C LEU K 273 24.69 -79.95 -60.99
N GLY K 274 23.47 -80.17 -60.52
CA GLY K 274 23.13 -81.47 -59.97
C GLY K 274 22.04 -82.23 -60.69
N ASP K 275 21.77 -81.88 -61.94
CA ASP K 275 20.72 -82.54 -62.69
C ASP K 275 21.33 -83.56 -63.63
N PRO K 276 21.15 -84.86 -63.38
CA PRO K 276 21.72 -85.87 -64.29
C PRO K 276 21.12 -85.86 -65.68
N ALA K 277 19.90 -85.33 -65.84
CA ALA K 277 19.26 -85.31 -67.15
C ALA K 277 19.95 -84.37 -68.12
N THR K 278 20.74 -83.42 -67.64
CA THR K 278 21.46 -82.49 -68.51
C THR K 278 22.96 -82.46 -68.27
N ASN K 279 23.46 -83.07 -67.20
CA ASN K 279 24.88 -83.10 -66.89
C ASN K 279 25.34 -84.55 -66.77
N THR K 280 26.43 -84.88 -67.45
CA THR K 280 26.98 -86.22 -67.36
C THR K 280 27.70 -86.47 -66.04
N THR K 281 28.11 -85.40 -65.35
CA THR K 281 28.76 -85.49 -64.05
C THR K 281 28.01 -84.58 -63.07
N PRO K 282 26.87 -85.03 -62.55
CA PRO K 282 26.09 -84.19 -61.65
C PRO K 282 26.85 -83.91 -60.35
N VAL K 283 26.87 -82.64 -59.97
CA VAL K 283 27.50 -82.25 -58.72
C VAL K 283 26.62 -82.67 -57.55
N ASP K 284 27.24 -83.23 -56.50
CA ASP K 284 26.48 -83.70 -55.35
C ASP K 284 26.00 -82.50 -54.53
N MET K 285 24.77 -82.05 -54.79
CA MET K 285 24.23 -80.89 -54.08
C MET K 285 23.98 -81.19 -52.61
N ASN K 286 23.87 -82.46 -52.23
CA ASN K 286 23.66 -82.85 -50.83
C ASN K 286 22.40 -82.21 -50.26
N GLY K 287 21.33 -82.19 -51.05
CA GLY K 287 20.07 -81.63 -50.63
C GLY K 287 19.76 -80.25 -51.18
N ALA K 288 20.71 -79.61 -51.85
CA ALA K 288 20.45 -78.30 -52.44
C ALA K 288 19.70 -78.46 -53.76
N ASP K 289 19.39 -77.32 -54.37
CA ASP K 289 18.67 -77.35 -55.65
C ASP K 289 19.60 -77.88 -56.73
N PRO K 290 19.21 -78.97 -57.41
CA PRO K 290 20.06 -79.53 -58.46
C PRO K 290 19.98 -78.77 -59.77
N ALA K 291 19.04 -77.84 -59.92
CA ALA K 291 18.83 -77.14 -61.17
C ALA K 291 19.52 -75.77 -61.20
N GLN K 292 20.47 -75.54 -60.30
CA GLN K 292 21.17 -74.26 -60.29
C GLN K 292 21.99 -74.07 -61.56
N THR K 293 21.98 -72.86 -62.10
CA THR K 293 22.72 -72.52 -63.30
C THR K 293 23.62 -71.32 -63.03
N LEU K 294 24.72 -71.25 -63.75
CA LEU K 294 25.70 -70.18 -63.59
C LEU K 294 25.83 -69.39 -64.88
N ASN K 295 25.83 -68.07 -64.77
CA ASN K 295 26.02 -67.17 -65.90
C ASN K 295 27.33 -66.44 -65.70
N PHE K 296 28.23 -66.55 -66.67
CA PHE K 296 29.55 -65.96 -66.60
C PHE K 296 29.60 -64.71 -67.47
N GLY K 297 30.00 -63.59 -66.88
CA GLY K 297 30.16 -62.37 -67.64
C GLY K 297 31.61 -61.95 -67.76
N LEU K 298 32.19 -62.09 -68.95
CA LEU K 298 33.58 -61.77 -69.20
C LEU K 298 33.71 -60.69 -70.25
N GLY K 299 32.89 -59.64 -70.15
CA GLY K 299 32.94 -58.56 -71.11
C GLY K 299 34.13 -57.64 -70.97
N SER K 300 34.91 -57.78 -69.90
CA SER K 300 36.07 -56.94 -69.66
C SER K 300 37.39 -57.68 -69.84
N ALA K 301 37.35 -58.90 -70.36
CA ALA K 301 38.58 -59.68 -70.52
C ALA K 301 39.49 -59.03 -71.55
N THR K 302 40.80 -59.06 -71.28
CA THR K 302 41.79 -58.46 -72.15
C THR K 302 42.95 -59.43 -72.33
N GLN K 303 43.69 -59.23 -73.42
CA GLN K 303 44.91 -59.98 -73.69
C GLN K 303 46.01 -59.01 -74.08
N PHE K 304 46.92 -58.74 -73.15
CA PHE K 304 48.03 -57.81 -73.36
C PHE K 304 49.34 -58.54 -73.11
N ALA K 305 50.43 -57.77 -73.12
CA ALA K 305 51.74 -58.31 -72.80
C ALA K 305 51.90 -58.59 -71.32
N ALA K 306 51.00 -58.09 -70.48
CA ALA K 306 51.11 -58.28 -69.05
C ALA K 306 50.91 -59.75 -68.69
N PRO K 307 51.50 -60.20 -67.57
CA PRO K 307 51.31 -61.60 -67.15
C PRO K 307 49.88 -61.88 -66.73
N PHE K 308 49.56 -63.15 -66.50
CA PHE K 308 48.21 -63.53 -66.12
C PHE K 308 47.81 -62.86 -64.81
N GLU K 309 46.62 -62.27 -64.78
CA GLU K 309 46.18 -61.48 -63.65
C GLU K 309 44.68 -61.59 -63.49
N LEU K 310 44.22 -61.84 -62.27
CA LEU K 310 42.80 -61.89 -61.95
C LEU K 310 42.42 -60.52 -61.41
N THR K 311 42.03 -59.62 -62.32
CA THR K 311 41.80 -58.23 -61.93
C THR K 311 40.54 -58.09 -61.09
N LYS K 312 39.44 -58.70 -61.52
CA LYS K 312 38.16 -58.51 -60.87
C LYS K 312 37.40 -59.83 -60.81
N PHE K 313 36.77 -60.11 -59.67
CA PHE K 313 35.92 -61.27 -59.51
C PHE K 313 34.72 -60.89 -58.66
N ASP K 314 33.53 -60.93 -59.25
CA ASP K 314 32.30 -60.56 -58.56
C ASP K 314 31.26 -61.64 -58.78
N GLU K 315 30.52 -61.97 -57.71
CA GLU K 315 29.46 -62.95 -57.77
C GLU K 315 28.21 -62.37 -57.10
N ASP K 316 27.13 -63.14 -57.12
CA ASP K 316 25.87 -62.72 -56.51
C ASP K 316 25.43 -63.68 -55.41
N GLY K 317 26.33 -64.54 -54.94
CA GLY K 317 25.99 -65.47 -53.88
C GLY K 317 25.94 -64.80 -52.51
N ALA K 318 25.35 -65.51 -51.56
CA ALA K 318 25.23 -65.00 -50.20
C ALA K 318 25.04 -66.17 -49.25
N THR K 319 25.27 -65.90 -47.97
CA THR K 319 25.13 -66.90 -46.92
C THR K 319 24.39 -66.26 -45.74
N THR K 320 24.01 -67.09 -44.79
CA THR K 320 23.34 -66.58 -43.60
C THR K 320 24.26 -65.64 -42.82
N GLY K 321 23.66 -64.61 -42.24
CA GLY K 321 24.46 -63.61 -41.55
C GLY K 321 23.66 -62.90 -40.49
N PHE K 322 24.37 -62.10 -39.70
CA PHE K 322 23.78 -61.38 -38.58
C PHE K 322 24.02 -59.89 -38.77
N LEU K 323 23.02 -59.09 -38.41
CA LEU K 323 23.11 -57.65 -38.55
C LEU K 323 24.34 -57.12 -37.82
N THR K 324 25.24 -56.48 -38.56
CA THR K 324 26.47 -55.95 -38.01
C THR K 324 26.37 -54.46 -37.67
N LYS K 325 25.95 -53.63 -38.62
CA LYS K 325 25.81 -52.20 -38.35
C LYS K 325 24.70 -51.65 -39.22
N VAL K 326 24.15 -50.51 -38.79
CA VAL K 326 23.06 -49.84 -39.48
C VAL K 326 23.41 -48.35 -39.58
N ASP K 327 23.20 -47.78 -40.76
CA ASP K 327 23.50 -46.37 -40.98
C ASP K 327 22.47 -45.79 -41.95
N PHE K 328 22.37 -44.46 -41.93
CA PHE K 328 21.43 -43.73 -42.76
C PHE K 328 22.21 -42.82 -43.69
N ASP K 329 21.87 -42.84 -44.97
CA ASP K 329 22.50 -41.93 -45.93
C ASP K 329 21.64 -40.68 -46.08
N GLU K 330 22.14 -39.74 -46.90
CA GLU K 330 21.44 -38.48 -47.10
C GLU K 330 20.11 -38.67 -47.81
N ASN K 331 19.97 -39.74 -48.60
CA ASN K 331 18.70 -40.02 -49.28
C ASN K 331 17.64 -40.57 -48.33
N GLY K 332 18.00 -40.89 -47.09
CA GLY K 332 17.08 -41.47 -46.15
C GLY K 332 17.03 -42.98 -46.16
N SER K 333 17.75 -43.64 -47.08
CA SER K 333 17.78 -45.09 -47.10
C SER K 333 18.55 -45.60 -45.91
N VAL K 334 17.97 -46.56 -45.19
CA VAL K 334 18.60 -47.18 -44.05
C VAL K 334 19.24 -48.47 -44.53
N MET K 335 20.57 -48.51 -44.52
CA MET K 335 21.32 -49.65 -45.02
C MET K 335 21.91 -50.44 -43.87
N GLY K 336 22.03 -51.75 -44.08
CA GLY K 336 22.58 -52.61 -43.05
C GLY K 336 23.49 -53.69 -43.61
N THR K 337 24.68 -53.81 -43.04
CA THR K 337 25.66 -54.81 -43.46
C THR K 337 25.61 -56.00 -42.52
N TYR K 338 25.73 -57.19 -43.07
CA TYR K 338 25.60 -58.42 -42.32
C TYR K 338 26.93 -59.16 -42.28
N SER K 339 26.93 -60.32 -41.62
CA SER K 339 28.14 -61.13 -41.52
C SER K 339 28.56 -61.69 -42.86
N ASN K 340 27.61 -61.97 -43.74
CA ASN K 340 27.94 -62.47 -45.07
C ASN K 340 28.68 -61.42 -45.88
N GLY K 341 28.28 -60.17 -45.76
CA GLY K 341 28.87 -59.08 -46.50
C GLY K 341 27.91 -58.28 -47.35
N GLU K 342 26.69 -58.76 -47.57
CA GLU K 342 25.74 -58.04 -48.40
C GLU K 342 25.30 -56.75 -47.72
N ASN K 343 25.35 -55.65 -48.46
CA ASN K 343 24.90 -54.36 -47.96
C ASN K 343 23.41 -54.18 -48.28
N VAL K 344 22.59 -54.97 -47.58
CA VAL K 344 21.17 -54.99 -47.84
C VAL K 344 20.54 -53.67 -47.44
N THR K 345 19.69 -53.13 -48.32
CA THR K 345 18.99 -51.88 -48.05
C THR K 345 17.64 -52.22 -47.43
N LEU K 346 17.49 -51.90 -46.14
CA LEU K 346 16.25 -52.24 -45.44
C LEU K 346 15.07 -51.43 -45.95
N GLY K 347 15.28 -50.16 -46.26
CA GLY K 347 14.21 -49.33 -46.77
C GLY K 347 14.59 -47.87 -46.75
N ARG K 348 13.60 -47.02 -46.99
CA ARG K 348 13.76 -45.58 -46.94
C ARG K 348 12.83 -45.00 -45.89
N VAL K 349 13.10 -43.75 -45.51
CA VAL K 349 12.29 -43.03 -44.53
C VAL K 349 11.41 -42.07 -45.30
N ALA K 350 10.10 -42.27 -45.21
CA ALA K 350 9.16 -41.45 -45.94
C ALA K 350 9.17 -40.02 -45.42
N LEU K 351 8.94 -39.06 -46.32
CA LEU K 351 8.82 -37.66 -45.97
C LEU K 351 7.53 -37.12 -46.55
N VAL K 352 6.81 -36.32 -45.77
CA VAL K 352 5.50 -35.81 -46.15
C VAL K 352 5.52 -34.30 -46.08
N ARG K 353 4.96 -33.65 -47.10
CA ARG K 353 4.86 -32.21 -47.16
C ARG K 353 3.44 -31.83 -47.58
N VAL K 354 2.88 -30.83 -46.93
CA VAL K 354 1.55 -30.34 -47.28
C VAL K 354 1.67 -28.96 -47.89
N PRO K 355 0.78 -28.57 -48.81
CA PRO K 355 0.90 -27.24 -49.41
C PRO K 355 0.76 -26.10 -48.40
N ASN K 356 -0.09 -26.24 -47.41
CA ASN K 356 -0.34 -25.21 -46.41
C ASN K 356 -0.05 -25.79 -45.02
N GLU K 357 1.13 -25.48 -44.49
CA GLU K 357 1.50 -25.98 -43.17
C GLU K 357 0.79 -25.22 -42.05
N GLN K 358 0.35 -24.00 -42.30
CA GLN K 358 -0.33 -23.20 -41.28
C GLN K 358 -1.71 -23.73 -40.94
N GLY K 359 -2.25 -24.65 -41.72
CA GLY K 359 -3.62 -25.10 -41.51
C GLY K 359 -3.71 -26.48 -40.90
N LEU K 360 -2.57 -27.13 -40.68
CA LEU K 360 -2.57 -28.43 -40.03
C LEU K 360 -3.13 -28.32 -38.64
N ASP K 361 -4.08 -29.20 -38.30
CA ASP K 361 -4.59 -29.26 -36.95
C ASP K 361 -3.56 -29.93 -36.05
N LYS K 362 -3.49 -29.48 -34.80
CA LYS K 362 -2.44 -29.88 -33.90
C LYS K 362 -2.94 -31.00 -32.99
N LYS K 363 -2.31 -32.15 -33.07
CA LYS K 363 -2.55 -33.23 -32.13
C LYS K 363 -1.55 -33.13 -30.99
N GLY K 364 -1.68 -34.00 -30.01
CA GLY K 364 -0.77 -33.99 -28.88
C GLY K 364 0.58 -34.60 -29.24
N GLY K 365 1.56 -34.31 -28.38
CA GLY K 365 2.88 -34.88 -28.55
C GLY K 365 3.60 -34.39 -29.80
N THR K 366 3.43 -33.12 -30.15
CA THR K 366 4.08 -32.52 -31.31
C THR K 366 3.83 -33.33 -32.58
N GLN K 367 2.55 -33.58 -32.85
CA GLN K 367 2.14 -34.29 -34.05
C GLN K 367 1.01 -33.52 -34.72
N TRP K 368 0.96 -33.60 -36.04
CA TRP K 368 -0.03 -32.89 -36.83
C TRP K 368 -0.79 -33.87 -37.72
N ASP K 369 -1.93 -33.41 -38.21
CA ASP K 369 -2.73 -34.15 -39.18
C ASP K 369 -3.16 -33.21 -40.29
N SER K 370 -3.50 -33.78 -41.43
CA SER K 370 -3.88 -32.99 -42.61
C SER K 370 -5.38 -32.77 -42.59
N THR K 371 -5.80 -31.50 -42.57
CA THR K 371 -7.20 -31.14 -42.60
C THR K 371 -7.58 -30.63 -43.98
N GLN K 372 -8.82 -30.11 -44.08
CA GLN K 372 -9.27 -29.53 -45.33
C GLN K 372 -8.44 -28.30 -45.71
N PHE K 373 -8.20 -27.41 -44.73
CA PHE K 373 -7.46 -26.19 -45.03
C PHE K 373 -6.01 -26.49 -45.40
N SER K 374 -5.39 -27.45 -44.73
CA SER K 374 -4.00 -27.78 -45.03
C SER K 374 -3.86 -28.33 -46.44
N GLY K 375 -4.81 -29.16 -46.88
CA GLY K 375 -4.75 -29.79 -48.18
C GLY K 375 -4.69 -31.31 -48.05
N ASP K 376 -3.85 -31.93 -48.86
CA ASP K 376 -3.63 -33.37 -48.81
C ASP K 376 -2.15 -33.66 -48.69
N LYS K 377 -1.83 -34.75 -47.99
CA LYS K 377 -0.45 -35.14 -47.79
C LYS K 377 0.19 -35.51 -49.12
N ILE K 378 1.32 -34.89 -49.43
CA ILE K 378 2.09 -35.17 -50.64
C ILE K 378 3.32 -35.95 -50.22
N TRP K 379 3.44 -37.18 -50.72
CA TRP K 379 4.53 -38.06 -50.33
C TRP K 379 5.74 -37.86 -51.23
N GLY K 380 6.92 -38.14 -50.68
CA GLY K 380 8.14 -37.99 -51.44
C GLY K 380 9.31 -38.57 -50.67
N GLU K 381 10.47 -38.57 -51.34
CA GLU K 381 11.70 -39.08 -50.74
C GLU K 381 12.46 -37.95 -50.08
N SER K 382 13.71 -38.21 -49.69
CA SER K 382 14.58 -37.21 -49.11
C SER K 382 15.49 -36.63 -50.18
N ASN K 383 15.64 -35.30 -50.18
CA ASN K 383 16.47 -34.60 -51.15
C ASN K 383 16.02 -34.88 -52.57
N LYS K 384 14.71 -34.78 -52.80
CA LYS K 384 14.11 -34.97 -54.12
C LYS K 384 13.03 -33.92 -54.32
N GLY K 385 13.03 -33.30 -55.48
CA GLY K 385 12.02 -32.28 -55.75
C GLY K 385 12.17 -31.11 -54.79
N SER K 386 11.09 -30.80 -54.07
CA SER K 386 11.07 -29.69 -53.13
C SER K 386 11.34 -30.11 -51.70
N PHE K 387 11.61 -31.39 -51.46
CA PHE K 387 11.83 -31.88 -50.10
C PHE K 387 13.24 -31.54 -49.62
N GLY K 388 13.43 -31.66 -48.31
CA GLY K 388 14.72 -31.44 -47.69
C GLY K 388 15.51 -32.71 -47.54
N THR K 389 16.53 -32.64 -46.69
CA THR K 389 17.42 -33.76 -46.44
C THR K 389 17.19 -34.31 -45.04
N ILE K 390 17.66 -35.53 -44.82
CA ILE K 390 17.54 -36.21 -43.53
C ILE K 390 18.95 -36.45 -43.00
N ASN K 391 19.22 -35.94 -41.80
CA ASN K 391 20.51 -36.12 -41.15
C ASN K 391 20.32 -36.95 -39.89
N ASN K 392 21.10 -38.01 -39.77
CA ASN K 392 21.07 -38.84 -38.57
C ASN K 392 22.00 -38.26 -37.52
N GLY K 393 21.68 -38.53 -36.25
CA GLY K 393 22.45 -38.01 -35.15
C GLY K 393 22.10 -36.60 -34.72
N MET K 394 20.98 -36.05 -35.17
CA MET K 394 20.57 -34.71 -34.83
C MET K 394 19.11 -34.70 -34.40
N LEU K 395 18.74 -33.66 -33.65
CA LEU K 395 17.37 -33.47 -33.20
C LEU K 395 17.03 -31.99 -33.30
N GLU K 396 15.74 -31.71 -33.42
CA GLU K 396 15.25 -30.34 -33.54
C GLU K 396 14.83 -29.81 -32.18
N GLN K 397 15.22 -28.58 -31.88
CA GLN K 397 14.73 -27.87 -30.72
C GLN K 397 13.56 -26.96 -31.12
N SER K 398 12.99 -26.29 -30.14
CA SER K 398 11.92 -25.35 -30.43
C SER K 398 12.46 -24.16 -31.23
N ASN K 399 11.65 -23.67 -32.15
CA ASN K 399 12.03 -22.52 -32.97
C ASN K 399 11.58 -21.21 -32.31
N ILE K 400 12.03 -21.02 -31.07
CA ILE K 400 11.65 -19.87 -30.28
C ILE K 400 12.91 -19.12 -29.86
N ASP K 401 12.73 -17.84 -29.57
CA ASP K 401 13.78 -16.99 -29.05
C ASP K 401 13.34 -16.47 -27.69
N MET K 402 14.10 -16.80 -26.65
CA MET K 402 13.67 -16.49 -25.28
C MET K 402 13.49 -14.99 -25.08
N THR K 403 14.43 -14.19 -25.59
CA THR K 403 14.37 -12.75 -25.39
C THR K 403 13.09 -12.17 -25.98
N GLN K 404 12.74 -12.60 -27.19
CA GLN K 404 11.52 -12.11 -27.83
C GLN K 404 10.30 -12.52 -27.02
N GLU K 405 10.29 -13.75 -26.50
CA GLU K 405 9.16 -14.21 -25.70
C GLU K 405 8.99 -13.38 -24.44
N LEU K 406 10.09 -13.08 -23.76
CA LEU K 406 10.00 -12.28 -22.53
C LEU K 406 9.53 -10.87 -22.83
N VAL K 407 10.03 -10.27 -23.91
CA VAL K 407 9.59 -8.92 -24.27
C VAL K 407 8.11 -8.92 -24.63
N ASP K 408 7.66 -9.93 -25.36
CA ASP K 408 6.24 -10.05 -25.67
C ASP K 408 5.41 -10.22 -24.41
N LEU K 409 5.94 -10.97 -23.44
CA LEU K 409 5.25 -11.14 -22.16
C LEU K 409 5.06 -9.80 -21.47
N ILE K 410 6.12 -8.99 -21.44
CA ILE K 410 6.03 -7.67 -20.81
C ILE K 410 5.01 -6.80 -21.53
N SER K 411 5.05 -6.81 -22.87
CA SER K 411 4.12 -5.99 -23.64
C SER K 411 2.68 -6.43 -23.41
N ALA K 412 2.44 -7.73 -23.37
CA ALA K 412 1.09 -8.23 -23.12
C ALA K 412 0.60 -7.83 -21.74
N GLN K 413 1.48 -7.89 -20.74
CA GLN K 413 1.10 -7.44 -19.40
C GLN K 413 0.73 -5.96 -19.40
N ARG K 414 1.52 -5.14 -20.11
CA ARG K 414 1.21 -3.71 -20.17
C ARG K 414 -0.14 -3.46 -20.83
N ASN K 415 -0.42 -4.16 -21.92
CA ASN K 415 -1.71 -4.00 -22.60
C ASN K 415 -2.86 -4.44 -21.70
N PHE K 416 -2.67 -5.54 -20.97
CA PHE K 416 -3.70 -6.01 -20.06
C PHE K 416 -3.97 -4.99 -18.95
N GLN K 417 -2.91 -4.39 -18.42
CA GLN K 417 -3.10 -3.34 -17.41
C GLN K 417 -3.85 -2.15 -17.98
N ALA K 418 -3.51 -1.74 -19.19
CA ALA K 418 -4.22 -0.61 -19.81
C ALA K 418 -5.70 -0.92 -19.99
N ASN K 419 -6.02 -2.12 -20.47
CA ASN K 419 -7.42 -2.49 -20.66
C ASN K 419 -8.17 -2.57 -19.33
N SER K 420 -7.51 -3.09 -18.29
CA SER K 420 -8.14 -3.12 -16.98
C SER K 420 -8.42 -1.72 -16.47
N ARG K 421 -7.49 -0.79 -16.73
CA ARG K 421 -7.72 0.61 -16.35
C ARG K 421 -8.94 1.17 -17.09
N SER K 422 -9.06 0.88 -18.38
CA SER K 422 -10.22 1.36 -19.14
C SER K 422 -11.52 0.81 -18.56
N LEU K 423 -11.54 -0.49 -18.25
CA LEU K 423 -12.74 -1.09 -17.66
C LEU K 423 -13.07 -0.45 -16.32
N GLU K 424 -12.05 -0.18 -15.51
CA GLU K 424 -12.28 0.50 -14.24
C GLU K 424 -12.88 1.88 -14.45
N VAL K 425 -12.40 2.60 -15.46
CA VAL K 425 -12.96 3.93 -15.74
C VAL K 425 -14.43 3.82 -16.13
N HIS K 426 -14.76 2.84 -16.97
CA HIS K 426 -16.15 2.66 -17.37
C HIS K 426 -17.04 2.38 -16.16
N ASN K 427 -16.60 1.46 -15.30
CA ASN K 427 -17.40 1.12 -14.12
C ASN K 427 -17.54 2.31 -13.18
N GLN K 428 -16.46 3.10 -13.03
CA GLN K 428 -16.53 4.27 -12.16
C GLN K 428 -17.52 5.29 -12.72
N LEU K 429 -17.55 5.48 -14.04
CA LEU K 429 -18.53 6.37 -14.62
C LEU K 429 -19.95 5.88 -14.36
N GLN K 430 -20.18 4.58 -14.54
CA GLN K 430 -21.53 4.06 -14.29
C GLN K 430 -21.94 4.25 -12.84
N GLN K 431 -21.03 3.96 -11.91
CA GLN K 431 -21.35 4.14 -10.49
C GLN K 431 -21.54 5.61 -10.13
N ASN K 432 -20.82 6.50 -10.80
CA ASN K 432 -21.03 7.93 -10.58
C ASN K 432 -22.43 8.33 -11.01
N ILE K 433 -22.90 7.83 -12.15
CA ILE K 433 -24.26 8.12 -12.56
C ILE K 433 -25.26 7.50 -11.59
N LEU K 434 -24.95 6.32 -11.06
CA LEU K 434 -25.86 5.63 -10.15
C LEU K 434 -26.21 6.48 -8.94
N GLN K 435 -25.30 7.34 -8.51
CA GLN K 435 -25.49 8.14 -7.29
C GLN K 435 -26.04 9.52 -7.62
N ILE K 436 -27.24 9.54 -8.17
CA ILE K 436 -27.93 10.79 -8.49
C ILE K 436 -29.37 10.75 -7.99
N SER L 2 -24.26 -16.36 -0.30
CA SER L 2 -23.02 -16.05 0.43
C SER L 2 -22.41 -17.32 1.01
N TYR L 3 -23.26 -18.31 1.30
CA TYR L 3 -22.76 -19.57 1.85
C TYR L 3 -21.86 -20.29 0.86
N VAL L 4 -22.08 -20.10 -0.43
CA VAL L 4 -21.20 -20.70 -1.43
C VAL L 4 -19.81 -20.08 -1.32
N SER L 5 -19.74 -18.76 -1.17
CA SER L 5 -18.45 -18.10 -1.01
C SER L 5 -17.76 -18.53 0.29
N LEU L 6 -18.55 -18.68 1.35
CA LEU L 6 -17.97 -19.14 2.61
C LEU L 6 -17.44 -20.56 2.48
N SER L 7 -18.16 -21.42 1.75
CA SER L 7 -17.66 -22.76 1.50
C SER L 7 -16.36 -22.74 0.70
N GLY L 8 -16.29 -21.85 -0.30
CA GLY L 8 -15.04 -21.70 -1.04
C GLY L 8 -13.90 -21.24 -0.15
N LEU L 9 -14.17 -20.29 0.74
CA LEU L 9 -13.16 -19.85 1.70
C LEU L 9 -12.70 -21.00 2.59
N SER L 10 -13.64 -21.80 3.07
CA SER L 10 -13.28 -22.93 3.91
C SER L 10 -12.42 -23.94 3.16
N ALA L 11 -12.78 -24.23 1.91
CA ALA L 11 -11.98 -25.17 1.12
C ALA L 11 -10.58 -24.63 0.87
N ALA L 12 -10.47 -23.34 0.53
CA ALA L 12 -9.16 -22.75 0.29
C ALA L 12 -8.31 -22.78 1.56
N GLN L 13 -8.92 -22.48 2.70
CA GLN L 13 -8.17 -22.50 3.95
C GLN L 13 -7.76 -23.91 4.33
N LEU L 14 -8.59 -24.91 4.05
CA LEU L 14 -8.21 -26.30 4.28
C LEU L 14 -7.01 -26.68 3.42
N ASP L 15 -7.01 -26.27 2.15
CA ASP L 15 -5.87 -26.53 1.29
C ASP L 15 -4.63 -25.81 1.82
N LEU L 16 -4.79 -24.59 2.29
CA LEU L 16 -3.68 -23.84 2.86
C LEU L 16 -3.10 -24.57 4.08
N ASN L 17 -3.96 -25.07 4.95
CA ASN L 17 -3.50 -25.81 6.12
C ASN L 17 -2.79 -27.09 5.73
N THR L 18 -3.31 -27.80 4.73
CA THR L 18 -2.64 -29.02 4.28
C THR L 18 -1.25 -28.72 3.74
N THR L 19 -1.13 -27.67 2.93
CA THR L 19 0.17 -27.30 2.39
C THR L 19 1.12 -26.85 3.50
N SER L 20 0.61 -26.11 4.49
CA SER L 20 1.45 -25.69 5.60
C SER L 20 1.96 -26.88 6.39
N ASN L 21 1.09 -27.87 6.62
CA ASN L 21 1.53 -29.07 7.33
C ASN L 21 2.60 -29.81 6.53
N ASN L 22 2.41 -29.92 5.21
CA ASN L 22 3.41 -30.57 4.37
C ASN L 22 4.75 -29.85 4.45
N ILE L 23 4.74 -28.52 4.42
CA ILE L 23 5.98 -27.76 4.49
C ILE L 23 6.61 -27.91 5.87
N ALA L 24 5.81 -27.89 6.93
CA ALA L 24 6.35 -28.00 8.27
C ALA L 24 7.02 -29.35 8.49
N ASN L 25 6.43 -30.42 7.95
CA ASN L 25 6.98 -31.76 8.13
C ASN L 25 8.05 -32.10 7.10
N ALA L 26 8.72 -31.09 6.51
CA ALA L 26 9.70 -31.35 5.47
C ALA L 26 10.91 -32.12 5.97
N ASN L 27 11.17 -32.13 7.28
CA ASN L 27 12.34 -32.81 7.82
C ASN L 27 12.01 -34.05 8.64
N THR L 28 10.74 -34.30 8.92
CA THR L 28 10.36 -35.49 9.67
C THR L 28 10.72 -36.75 8.89
N TYR L 29 11.31 -37.72 9.58
CA TYR L 29 11.70 -38.98 8.96
C TYR L 29 10.47 -39.84 8.73
N GLY L 30 10.31 -40.32 7.50
CA GLY L 30 9.24 -41.24 7.19
C GLY L 30 7.88 -40.62 7.01
N PHE L 31 7.78 -39.29 7.05
CA PHE L 31 6.51 -38.63 6.84
C PHE L 31 6.04 -38.79 5.40
N LYS L 32 4.72 -38.90 5.23
CA LYS L 32 4.10 -38.97 3.92
C LYS L 32 3.18 -37.77 3.75
N GLU L 33 3.29 -37.08 2.62
CA GLU L 33 2.55 -35.86 2.41
C GLU L 33 1.05 -36.15 2.32
N SER L 34 0.27 -35.08 2.28
CA SER L 34 -1.18 -35.17 2.17
C SER L 34 -1.66 -34.30 1.02
N ARG L 35 -2.75 -34.70 0.41
CA ARG L 35 -3.36 -33.95 -0.69
C ARG L 35 -4.83 -33.72 -0.37
N ALA L 36 -5.30 -32.51 -0.63
CA ALA L 36 -6.67 -32.12 -0.34
C ALA L 36 -7.50 -32.23 -1.61
N GLU L 37 -8.58 -33.00 -1.56
CA GLU L 37 -9.47 -33.20 -2.70
C GLU L 37 -10.87 -32.76 -2.33
N PHE L 38 -11.49 -31.98 -3.23
CA PHE L 38 -12.79 -31.39 -2.98
C PHE L 38 -13.80 -31.89 -4.00
N ALA L 39 -15.08 -31.62 -3.71
CA ALA L 39 -16.16 -32.09 -4.57
C ALA L 39 -17.26 -31.03 -4.62
N ASP L 40 -18.01 -31.05 -5.72
CA ASP L 40 -19.10 -30.11 -5.91
C ASP L 40 -20.30 -30.50 -5.06
N VAL L 41 -21.14 -29.50 -4.77
CA VAL L 41 -22.34 -29.68 -3.97
C VAL L 41 -23.55 -29.34 -4.83
N TYR L 42 -24.59 -30.17 -4.74
CA TYR L 42 -25.81 -29.91 -5.49
C TYR L 42 -26.97 -30.56 -4.74
N SER L 43 -28.12 -29.89 -4.75
CA SER L 43 -29.29 -30.38 -4.05
C SER L 43 -29.92 -31.55 -4.80
N ASN L 44 -30.66 -32.37 -4.05
CA ASN L 44 -31.35 -33.54 -4.59
C ASN L 44 -32.80 -33.55 -4.13
N SER L 45 -33.46 -32.41 -4.24
CA SER L 45 -34.85 -32.32 -3.84
C SER L 45 -35.74 -33.13 -4.76
N LEU L 46 -36.91 -33.52 -4.24
CA LEU L 46 -37.85 -34.32 -5.02
C LEU L 46 -38.38 -33.53 -6.22
N PHE L 47 -38.71 -32.26 -5.99
CA PHE L 47 -39.17 -31.37 -7.05
C PHE L 47 -38.07 -30.35 -7.32
N THR L 48 -37.15 -30.72 -8.20
CA THR L 48 -35.98 -29.90 -8.51
C THR L 48 -36.13 -29.30 -9.90
N ASN L 49 -35.95 -27.98 -10.00
CA ASN L 49 -36.00 -27.34 -11.30
C ASN L 49 -34.78 -27.68 -12.15
N ALA L 50 -33.64 -27.97 -11.50
CA ALA L 50 -32.41 -28.36 -12.17
C ALA L 50 -31.88 -27.25 -13.09
N LYS L 51 -32.64 -26.92 -14.13
CA LYS L 51 -32.18 -25.91 -15.07
C LYS L 51 -32.06 -24.54 -14.41
N THR L 52 -32.96 -24.22 -13.50
CA THR L 52 -33.01 -22.91 -12.87
C THR L 52 -32.39 -22.91 -11.48
N THR L 53 -31.69 -23.98 -11.09
CA THR L 53 -31.09 -24.06 -9.77
C THR L 53 -29.57 -24.02 -9.89
N PRO L 54 -28.91 -23.02 -9.31
CA PRO L 54 -27.45 -22.96 -9.37
C PRO L 54 -26.78 -23.95 -8.44
N GLY L 55 -25.46 -23.87 -8.34
CA GLY L 55 -24.72 -24.80 -7.51
C GLY L 55 -24.90 -24.52 -6.03
N GLY L 56 -24.21 -25.33 -5.23
CA GLY L 56 -24.30 -25.21 -3.78
C GLY L 56 -22.97 -25.04 -3.09
N GLY L 57 -21.94 -24.67 -3.86
CA GLY L 57 -20.62 -24.43 -3.28
C GLY L 57 -19.67 -25.59 -3.48
N ALA L 58 -18.72 -25.74 -2.56
CA ALA L 58 -17.72 -26.81 -2.63
C ALA L 58 -17.61 -27.47 -1.27
N GLN L 59 -17.57 -28.80 -1.26
CA GLN L 59 -17.44 -29.59 -0.05
C GLN L 59 -16.15 -30.39 -0.11
N ALA L 60 -15.39 -30.37 0.98
CA ALA L 60 -14.17 -31.17 1.04
C ALA L 60 -14.52 -32.65 1.05
N SER L 61 -13.87 -33.41 0.16
CA SER L 61 -14.13 -34.83 0.05
C SER L 61 -13.26 -35.63 1.00
N GLN L 62 -11.94 -35.50 0.88
CA GLN L 62 -11.01 -36.20 1.76
C GLN L 62 -9.66 -35.52 1.68
N VAL L 63 -8.86 -35.76 2.71
CA VAL L 63 -7.45 -35.39 2.70
C VAL L 63 -6.66 -36.66 2.44
N ALA L 64 -6.04 -36.75 1.27
CA ALA L 64 -5.34 -37.96 0.88
C ALA L 64 -4.07 -38.13 1.71
N GLN L 65 -3.46 -39.30 1.56
CA GLN L 65 -2.25 -39.68 2.26
C GLN L 65 -1.25 -40.30 1.29
N GLN L 66 -0.99 -39.59 0.20
CA GLN L 66 -0.11 -40.06 -0.88
C GLN L 66 1.11 -40.79 -0.33
N PHE L 67 1.31 -42.02 -0.79
CA PHE L 67 2.31 -42.92 -0.24
C PHE L 67 3.40 -43.24 -1.25
N HIS L 68 3.71 -42.30 -2.13
CA HIS L 68 4.80 -42.51 -3.06
C HIS L 68 6.14 -42.48 -2.32
N GLU L 69 7.06 -43.32 -2.75
CA GLU L 69 8.33 -43.48 -2.03
C GLU L 69 9.09 -42.16 -1.96
N GLY L 70 9.58 -41.84 -0.77
CA GLY L 70 10.36 -40.64 -0.57
C GLY L 70 11.84 -40.88 -0.76
N SER L 71 12.60 -39.79 -0.72
CA SER L 71 14.04 -39.88 -0.89
C SER L 71 14.69 -40.52 0.33
N SER L 72 15.90 -41.01 0.16
CA SER L 72 16.65 -41.70 1.20
C SER L 72 17.95 -40.97 1.48
N ILE L 73 18.25 -40.79 2.76
CA ILE L 73 19.49 -40.17 3.18
C ILE L 73 20.35 -41.22 3.84
N TYR L 74 21.67 -41.00 3.81
CA TYR L 74 22.64 -41.95 4.32
C TYR L 74 23.30 -41.37 5.55
N THR L 75 23.22 -42.10 6.66
CA THR L 75 23.86 -41.69 7.90
C THR L 75 24.99 -42.59 8.32
N ASN L 76 25.19 -43.72 7.64
CA ASN L 76 26.22 -44.70 7.97
C ASN L 76 26.07 -45.23 9.40
N ASN L 77 24.86 -45.19 9.94
CA ASN L 77 24.60 -45.73 11.27
C ASN L 77 23.91 -47.07 11.11
N PRO L 78 24.53 -48.18 11.52
CA PRO L 78 23.96 -49.50 11.24
C PRO L 78 22.60 -49.73 11.87
N MET L 79 22.25 -49.00 12.93
CA MET L 79 20.95 -49.16 13.56
C MET L 79 19.83 -48.43 12.82
N ASP L 80 20.14 -47.66 11.78
CA ASP L 80 19.14 -46.99 10.99
C ASP L 80 18.68 -47.90 9.87
N LEU L 81 17.37 -48.03 9.71
CA LEU L 81 16.80 -48.94 8.71
C LEU L 81 15.79 -48.18 7.85
N ARG L 82 15.65 -48.65 6.61
CA ARG L 82 14.71 -48.08 5.66
C ARG L 82 14.09 -49.20 4.85
N VAL L 83 12.78 -49.09 4.62
CA VAL L 83 12.04 -50.07 3.83
C VAL L 83 11.98 -49.57 2.39
N SER L 84 12.71 -50.23 1.50
CA SER L 84 12.70 -49.88 0.09
C SER L 84 11.61 -50.67 -0.61
N GLY L 85 10.59 -49.96 -1.10
CA GLY L 85 9.49 -50.64 -1.76
C GLY L 85 8.20 -50.57 -0.97
N THR L 86 7.51 -51.70 -0.84
CA THR L 86 6.24 -51.77 -0.13
C THR L 86 6.43 -52.48 1.20
N GLY L 87 5.95 -51.88 2.26
CA GLY L 87 5.99 -52.48 3.58
C GLY L 87 6.25 -51.44 4.66
N PHE L 88 5.73 -51.72 5.86
CA PHE L 88 5.89 -50.85 7.01
C PHE L 88 6.57 -51.61 8.14
N PHE L 89 7.37 -50.90 8.93
CA PHE L 89 7.89 -51.45 10.17
C PHE L 89 6.75 -51.62 11.17
N ALA L 90 6.88 -52.63 12.02
CA ALA L 90 5.89 -52.91 13.06
C ALA L 90 6.50 -52.67 14.42
N VAL L 91 5.88 -51.78 15.21
CA VAL L 91 6.38 -51.42 16.53
C VAL L 91 5.24 -51.54 17.53
N ALA L 92 5.57 -51.99 18.75
CA ALA L 92 4.60 -52.21 19.81
C ALA L 92 4.84 -51.24 20.95
N LYS L 93 3.76 -50.83 21.62
CA LYS L 93 3.87 -49.88 22.72
C LYS L 93 4.61 -50.49 23.90
N GLU L 94 4.21 -51.69 24.32
CA GLU L 94 4.78 -52.37 25.47
C GLU L 94 5.43 -53.68 25.04
N ARG L 95 6.47 -54.07 25.77
CA ARG L 95 7.18 -55.30 25.43
C ARG L 95 6.28 -56.52 25.58
N LEU L 96 5.46 -56.54 26.62
CA LEU L 96 4.65 -57.71 26.96
C LEU L 96 3.34 -57.78 26.19
N THR L 97 3.06 -56.82 25.32
CA THR L 97 1.84 -56.80 24.52
C THR L 97 2.19 -56.59 23.05
N PRO L 98 2.78 -57.60 22.40
CA PRO L 98 3.08 -57.46 20.98
C PRO L 98 1.85 -57.31 20.10
N GLN L 99 0.69 -57.78 20.56
CA GLN L 99 -0.53 -57.68 19.75
C GLN L 99 -0.89 -56.22 19.47
N GLN L 100 -0.76 -55.36 20.48
CA GLN L 100 -1.04 -53.93 20.31
C GLN L 100 0.16 -53.30 19.62
N ASN L 101 0.03 -53.05 18.32
CA ASN L 101 1.13 -52.54 17.52
C ASN L 101 0.62 -51.51 16.53
N GLU L 102 1.55 -50.68 16.04
CA GLU L 102 1.26 -49.67 15.04
C GLU L 102 2.35 -49.70 13.97
N LEU L 103 1.98 -49.22 12.79
CA LEU L 103 2.89 -49.22 11.64
C LEU L 103 3.65 -47.91 11.56
N THR L 104 4.91 -47.99 11.11
CA THR L 104 5.74 -46.80 10.96
C THR L 104 6.67 -47.01 9.77
N ARG L 105 7.35 -45.93 9.40
CA ARG L 105 8.29 -45.96 8.28
C ARG L 105 9.69 -45.50 8.61
N ASN L 106 9.88 -44.66 9.63
CA ASN L 106 11.22 -44.23 10.01
C ASN L 106 11.96 -45.38 10.69
N GLY L 107 13.29 -45.32 10.61
CA GLY L 107 14.10 -46.39 11.16
C GLY L 107 15.14 -45.95 12.16
N ALA L 108 14.86 -44.88 12.90
CA ALA L 108 15.79 -44.39 13.92
C ALA L 108 15.69 -45.30 15.14
N PHE L 109 16.39 -46.43 15.07
CA PHE L 109 16.36 -47.43 16.12
C PHE L 109 17.61 -47.35 16.99
N HIS L 110 17.47 -47.80 18.24
CA HIS L 110 18.59 -47.91 19.15
C HIS L 110 18.24 -48.90 20.25
N LEU L 111 19.27 -49.40 20.91
CA LEU L 111 19.11 -50.38 21.98
C LEU L 111 18.75 -49.67 23.27
N ASN L 112 17.71 -50.15 23.95
CA ASN L 112 17.33 -49.62 25.25
C ASN L 112 18.20 -50.26 26.32
N LYS L 113 17.88 -50.02 27.60
CA LYS L 113 18.68 -50.56 28.67
C LYS L 113 18.55 -52.08 28.78
N GLU L 114 17.54 -52.68 28.16
CA GLU L 114 17.36 -54.12 28.16
C GLU L 114 17.89 -54.76 26.88
N ASN L 115 18.61 -54.01 26.05
CA ASN L 115 19.15 -54.49 24.77
C ASN L 115 18.03 -54.92 23.83
N TYR L 116 16.96 -54.14 23.78
CA TYR L 116 15.89 -54.30 22.80
C TYR L 116 15.92 -53.14 21.82
N MET L 117 15.68 -53.43 20.55
CA MET L 117 15.63 -52.39 19.53
C MET L 117 14.32 -51.61 19.66
N VAL L 118 14.44 -50.31 19.92
CA VAL L 118 13.27 -49.45 20.13
C VAL L 118 13.39 -48.22 19.26
N THR L 119 12.27 -47.54 19.09
CA THR L 119 12.22 -46.30 18.33
C THR L 119 12.62 -45.13 19.23
N ALA L 120 12.42 -43.91 18.74
CA ALA L 120 12.76 -42.74 19.55
C ALA L 120 11.93 -42.67 20.82
N ASN L 121 10.64 -42.99 20.72
CA ASN L 121 9.75 -42.96 21.87
C ASN L 121 9.83 -44.22 22.73
N ASP L 122 10.92 -44.99 22.60
CA ASP L 122 11.10 -46.23 23.35
C ASP L 122 9.95 -47.20 23.12
N GLU L 123 9.58 -47.35 21.85
CA GLU L 123 8.59 -48.34 21.43
C GLU L 123 9.30 -49.52 20.77
N PHE L 124 9.03 -50.72 21.27
CA PHE L 124 9.78 -51.89 20.85
C PHE L 124 9.46 -52.25 19.41
N LEU L 125 10.47 -52.74 18.68
CA LEU L 125 10.32 -53.15 17.30
C LEU L 125 9.97 -54.63 17.24
N LEU L 126 8.93 -54.95 16.48
CA LEU L 126 8.44 -56.33 16.38
C LEU L 126 9.24 -57.11 15.36
N GLY L 127 9.61 -58.34 15.72
CA GLY L 127 10.38 -59.19 14.83
C GLY L 127 9.99 -60.64 14.98
N TYR L 128 10.49 -61.46 14.06
CA TYR L 128 10.21 -62.88 14.04
C TYR L 128 11.29 -63.65 14.81
N GLN L 129 11.13 -64.97 14.86
CA GLN L 129 12.11 -65.86 15.50
C GLN L 129 12.45 -66.95 14.52
N VAL L 130 13.66 -66.92 13.97
CA VAL L 130 14.07 -67.86 12.93
C VAL L 130 14.65 -69.11 13.58
N ASP L 131 14.75 -70.18 12.78
CA ASP L 131 15.33 -71.42 13.22
C ASP L 131 16.86 -71.30 13.28
N PRO L 132 17.50 -72.10 14.14
CA PRO L 132 18.97 -72.03 14.24
C PRO L 132 19.67 -72.31 12.92
N SER L 133 19.34 -73.43 12.28
CA SER L 133 19.94 -73.82 11.01
C SER L 133 19.07 -73.45 9.81
N SER L 134 17.79 -73.80 9.86
CA SER L 134 16.89 -73.48 8.76
C SER L 134 16.70 -71.98 8.63
N GLY L 135 16.86 -71.48 7.41
CA GLY L 135 16.66 -70.06 7.16
C GLY L 135 15.22 -69.62 7.34
N GLU L 136 14.27 -70.48 6.99
CA GLU L 136 12.86 -70.12 7.10
C GLU L 136 12.47 -69.92 8.56
N VAL L 137 11.69 -68.88 8.81
CA VAL L 137 11.19 -68.60 10.15
C VAL L 137 10.05 -69.54 10.46
N SER L 138 10.07 -70.13 11.66
CA SER L 138 9.06 -71.13 12.01
C SER L 138 7.72 -70.48 12.35
N SER L 139 7.69 -69.65 13.38
CA SER L 139 6.46 -69.03 13.84
C SER L 139 6.37 -67.59 13.36
N TYR L 140 5.20 -67.20 12.88
CA TYR L 140 4.98 -65.88 12.31
C TYR L 140 4.39 -64.88 13.30
N GLU L 141 4.28 -65.26 14.57
CA GLU L 141 3.81 -64.27 15.54
C GLU L 141 4.90 -63.23 15.80
N PRO L 142 4.52 -61.96 15.95
CA PRO L 142 5.52 -60.93 16.20
C PRO L 142 5.96 -60.89 17.66
N GLN L 143 7.25 -60.68 17.86
CA GLN L 143 7.81 -60.57 19.20
C GLN L 143 8.91 -59.52 19.19
N PRO L 144 9.17 -58.89 20.34
CA PRO L 144 10.24 -57.89 20.40
C PRO L 144 11.59 -58.53 20.07
N ILE L 145 12.43 -57.75 19.41
CA ILE L 145 13.76 -58.21 19.01
C ILE L 145 14.74 -57.93 20.15
N ASN L 146 15.45 -58.95 20.58
CA ASN L 146 16.46 -58.83 21.62
C ASN L 146 17.83 -59.13 21.04
N ILE L 147 18.83 -58.40 21.50
CA ILE L 147 20.21 -58.59 21.04
C ILE L 147 21.09 -58.86 22.26
N PRO L 148 21.19 -60.11 22.70
CA PRO L 148 21.97 -60.40 23.90
C PRO L 148 23.44 -60.09 23.69
N ALA L 149 24.10 -59.68 24.76
CA ALA L 149 25.52 -59.39 24.72
C ALA L 149 26.39 -60.60 25.03
N GLU L 150 25.78 -61.72 25.39
CA GLU L 150 26.54 -62.93 25.73
C GLU L 150 25.90 -64.14 25.06
N PHE L 151 26.75 -65.02 24.54
CA PHE L 151 26.32 -66.32 24.03
C PHE L 151 26.32 -67.32 25.18
N GLY L 152 25.43 -67.06 26.14
CA GLY L 152 25.44 -67.77 27.39
C GLY L 152 24.88 -69.18 27.35
N LYS L 153 25.48 -70.03 26.55
CA LYS L 153 25.07 -71.43 26.47
C LYS L 153 26.19 -72.28 25.90
N PRO L 154 27.11 -72.77 26.72
CA PRO L 154 28.17 -73.66 26.21
C PRO L 154 27.56 -74.89 25.55
N LYS L 155 27.71 -75.00 24.24
CA LYS L 155 27.06 -76.05 23.45
C LYS L 155 28.03 -77.20 23.26
N GLN L 156 27.62 -78.39 23.70
CA GLN L 156 28.49 -79.56 23.62
C GLN L 156 28.67 -79.99 22.17
N THR L 157 29.80 -80.64 21.91
CA THR L 157 30.11 -81.16 20.59
C THR L 157 29.34 -82.46 20.38
N ALA L 158 28.54 -82.52 19.31
CA ALA L 158 27.72 -83.69 19.06
C ALA L 158 27.95 -84.26 17.65
N ASN L 159 28.13 -83.37 16.68
CA ASN L 159 28.33 -83.78 15.29
C ASN L 159 29.68 -83.28 14.81
N ILE L 160 30.48 -84.18 14.25
CA ILE L 160 31.80 -83.85 13.72
C ILE L 160 31.85 -84.32 12.27
N GLU L 161 32.12 -83.40 11.36
CA GLU L 161 32.28 -83.71 9.95
C GLU L 161 33.76 -83.66 9.61
N VAL L 162 34.28 -84.74 9.04
CA VAL L 162 35.69 -84.85 8.70
C VAL L 162 35.80 -85.24 7.23
N GLY L 163 36.53 -84.45 6.46
CA GLY L 163 36.83 -84.79 5.09
C GLY L 163 38.32 -84.88 4.84
N VAL L 164 38.81 -86.10 4.58
CA VAL L 164 40.23 -86.34 4.40
C VAL L 164 40.45 -87.12 3.12
N ASN L 165 41.68 -87.02 2.61
CA ASN L 165 42.14 -87.82 1.49
C ASN L 165 43.23 -88.76 1.97
N LEU L 166 43.05 -90.05 1.72
CA LEU L 166 44.06 -90.95 2.25
C LEU L 166 45.02 -91.38 1.17
N PRO L 167 46.32 -91.50 1.49
CA PRO L 167 47.29 -91.93 0.47
C PRO L 167 47.06 -93.38 0.09
N ALA L 168 46.84 -93.61 -1.21
CA ALA L 168 46.62 -94.97 -1.70
C ALA L 168 47.90 -95.80 -1.71
N ASN L 169 49.06 -95.14 -1.76
CA ASN L 169 50.34 -95.84 -1.80
C ASN L 169 50.93 -96.07 -0.42
N GLY L 170 50.18 -95.77 0.64
CA GLY L 170 50.71 -95.94 1.98
C GLY L 170 50.96 -97.40 2.29
N ASP L 171 51.94 -97.63 3.18
CA ASP L 171 52.31 -98.99 3.55
C ASP L 171 51.20 -99.66 4.35
N LEU L 172 51.01 -100.95 4.11
CA LEU L 172 49.99 -101.70 4.82
C LEU L 172 50.40 -101.95 6.26
N LYS L 173 49.42 -102.14 7.12
CA LYS L 173 49.63 -102.36 8.55
C LYS L 173 48.79 -103.53 9.02
N ASP L 174 49.14 -104.04 10.20
CA ASP L 174 48.46 -105.20 10.77
C ASP L 174 47.30 -104.73 11.64
N PRO L 175 46.06 -105.09 11.33
CA PRO L 175 44.94 -104.64 12.18
C PRO L 175 45.03 -105.13 13.62
N THR L 176 45.54 -106.33 13.85
CA THR L 176 45.58 -106.87 15.21
C THR L 176 46.65 -106.21 16.05
N GLN L 177 47.66 -105.61 15.44
CA GLN L 177 48.76 -104.99 16.16
C GLN L 177 48.58 -103.49 16.35
N PHE L 178 47.37 -102.98 16.18
CA PHE L 178 47.12 -101.55 16.35
C PHE L 178 47.29 -101.16 17.81
N ASP L 179 47.96 -100.03 18.04
CA ASP L 179 48.13 -99.49 19.38
C ASP L 179 48.43 -98.01 19.25
N PHE L 180 47.62 -97.17 19.89
CA PHE L 180 47.81 -95.73 19.77
C PHE L 180 49.11 -95.26 20.42
N SER L 181 49.67 -96.03 21.34
CA SER L 181 50.90 -95.63 22.00
C SER L 181 52.14 -95.85 21.12
N ASP L 182 52.03 -96.67 20.08
CA ASP L 182 53.17 -96.94 19.20
C ASP L 182 52.89 -96.35 17.82
N PRO L 183 53.62 -95.31 17.41
CA PRO L 183 53.32 -94.69 16.10
C PRO L 183 53.46 -95.62 14.91
N ASP L 184 54.39 -96.57 14.96
CA ASP L 184 54.65 -97.44 13.83
C ASP L 184 53.51 -98.43 13.57
N THR L 185 52.61 -98.61 14.53
CA THR L 185 51.52 -99.56 14.33
C THR L 185 50.49 -99.05 13.32
N TYR L 186 50.24 -97.75 13.29
CA TYR L 186 49.24 -97.16 12.42
C TYR L 186 49.93 -96.32 11.35
N ASN L 187 49.12 -95.64 10.52
CA ASN L 187 49.62 -94.85 9.41
C ASN L 187 49.68 -93.37 9.74
N ARG L 188 48.55 -92.77 10.12
CA ARG L 188 48.46 -91.34 10.32
C ARG L 188 47.66 -91.03 11.58
N SER L 189 47.95 -89.88 12.16
CA SER L 189 47.28 -89.42 13.36
C SER L 189 47.06 -87.91 13.29
N THR L 190 45.85 -87.47 13.57
CA THR L 190 45.51 -86.05 13.59
C THR L 190 44.87 -85.69 14.92
N SER L 191 45.03 -84.44 15.32
CA SER L 191 44.52 -83.94 16.57
C SER L 191 43.50 -82.83 16.32
N SER L 192 42.51 -82.76 17.19
CA SER L 192 41.46 -81.75 17.08
C SER L 192 40.88 -81.50 18.46
N THR L 193 40.14 -80.40 18.58
CA THR L 193 39.60 -79.95 19.86
C THR L 193 38.08 -80.11 19.86
N ILE L 194 37.55 -80.63 20.97
CA ILE L 194 36.12 -80.79 21.18
C ILE L 194 35.76 -80.16 22.51
N TYR L 195 34.47 -79.90 22.69
CA TYR L 195 33.96 -79.24 23.89
C TYR L 195 32.84 -80.05 24.50
N ASP L 196 32.80 -80.07 25.83
CA ASP L 196 31.76 -80.78 26.57
C ASP L 196 30.61 -79.82 26.87
N SER L 197 29.71 -80.23 27.77
CA SER L 197 28.55 -79.42 28.10
C SER L 197 28.97 -78.12 28.79
N MET L 198 29.95 -78.16 29.68
CA MET L 198 30.38 -76.99 30.42
C MET L 198 31.40 -76.15 29.67
N GLY L 199 31.73 -76.52 28.44
CA GLY L 199 32.67 -75.77 27.63
C GLY L 199 34.13 -76.13 27.82
N GLN L 200 34.42 -77.15 28.63
CA GLN L 200 35.81 -77.58 28.78
C GLN L 200 36.33 -78.13 27.47
N SER L 201 37.55 -77.73 27.12
CA SER L 201 38.18 -78.16 25.87
C SER L 201 38.84 -79.50 26.06
N TYR L 202 38.58 -80.43 25.14
CA TYR L 202 39.20 -81.75 25.16
C TYR L 202 39.90 -81.99 23.83
N LYS L 203 40.97 -82.77 23.88
CA LYS L 203 41.79 -83.06 22.72
C LYS L 203 41.36 -84.40 22.14
N LEU L 204 40.91 -84.38 20.88
CA LEU L 204 40.49 -85.57 20.17
C LEU L 204 41.54 -85.94 19.14
N THR L 205 42.04 -87.17 19.21
CA THR L 205 43.04 -87.67 18.28
C THR L 205 42.43 -88.79 17.45
N THR L 206 42.59 -88.71 16.13
CA THR L 206 42.06 -89.69 15.20
C THR L 206 43.22 -90.45 14.57
N TYR L 207 43.14 -91.78 14.62
CA TYR L 207 44.19 -92.65 14.08
C TYR L 207 43.68 -93.38 12.86
N TYR L 208 44.43 -93.31 11.77
CA TYR L 208 44.08 -93.97 10.52
C TYR L 208 45.04 -95.12 10.27
N LEU L 209 44.49 -96.31 10.03
CA LEU L 209 45.28 -97.51 9.80
C LEU L 209 44.84 -98.15 8.48
N LYS L 210 45.81 -98.47 7.64
CA LYS L 210 45.54 -99.07 6.33
C LYS L 210 45.56 -100.58 6.46
N ASP L 211 44.45 -101.22 6.11
CA ASP L 211 44.32 -102.67 6.28
C ASP L 211 45.22 -103.41 5.30
N GLN L 212 45.82 -104.50 5.77
CA GLN L 212 46.67 -105.34 4.96
C GLN L 212 45.89 -106.48 4.30
N THR L 213 44.96 -107.09 5.03
CA THR L 213 44.23 -108.24 4.49
C THR L 213 43.36 -107.85 3.32
N GLN L 214 42.66 -106.71 3.42
CA GLN L 214 41.72 -106.29 2.39
C GLN L 214 42.24 -105.05 1.70
N PRO L 215 42.46 -105.07 0.38
CA PRO L 215 42.87 -103.86 -0.32
C PRO L 215 41.77 -102.81 -0.31
N ASN L 216 42.20 -101.54 -0.35
CA ASN L 216 41.29 -100.39 -0.32
C ASN L 216 40.41 -100.42 0.92
N THR L 217 41.00 -100.80 2.06
CA THR L 217 40.29 -100.84 3.33
C THR L 217 41.13 -100.13 4.38
N TRP L 218 40.49 -99.29 5.18
CA TRP L 218 41.16 -98.52 6.22
C TRP L 218 40.44 -98.72 7.53
N ASN L 219 41.19 -98.61 8.63
CA ASN L 219 40.66 -98.68 9.98
C ASN L 219 40.90 -97.36 10.68
N THR L 220 39.89 -96.87 11.40
CA THR L 220 39.95 -95.60 12.07
C THR L 220 39.65 -95.79 13.56
N TYR L 221 40.47 -95.17 14.40
CA TYR L 221 40.31 -95.24 15.84
C TYR L 221 40.40 -93.84 16.44
N TYR L 222 39.77 -93.67 17.60
CA TYR L 222 39.64 -92.37 18.24
C TYR L 222 40.08 -92.44 19.69
N THR L 223 40.73 -91.39 20.16
CA THR L 223 41.17 -91.28 21.54
C THR L 223 40.88 -89.88 22.05
N VAL L 224 40.65 -89.78 23.35
CA VAL L 224 40.38 -88.51 24.03
C VAL L 224 41.43 -88.32 25.10
N THR L 225 42.05 -87.13 25.11
CA THR L 225 43.14 -86.82 26.04
C THR L 225 42.66 -85.77 27.04
N ASP L 226 42.39 -86.20 28.26
CA ASP L 226 42.11 -85.30 29.37
C ASP L 226 43.35 -85.16 30.24
N LYS L 227 43.19 -84.48 31.39
CA LYS L 227 44.33 -84.27 32.28
C LYS L 227 44.83 -85.57 32.88
N GLU L 228 43.94 -86.55 33.09
CA GLU L 228 44.36 -87.83 33.63
C GLU L 228 45.29 -88.56 32.67
N GLY L 229 44.98 -88.52 31.38
CA GLY L 229 45.78 -89.20 30.38
C GLY L 229 45.02 -89.29 29.07
N GLU L 230 45.47 -90.21 28.22
CA GLU L 230 44.84 -90.48 26.94
C GLU L 230 44.02 -91.76 27.05
N LYS L 231 42.72 -91.65 26.86
CA LYS L 231 41.82 -92.79 26.97
C LYS L 231 41.23 -93.12 25.61
N PRO L 232 41.30 -94.38 25.18
CA PRO L 232 40.69 -94.75 23.90
C PRO L 232 39.17 -94.65 23.95
N LEU L 233 38.59 -94.35 22.78
CA LEU L 233 37.15 -94.22 22.63
C LEU L 233 36.65 -95.31 21.69
N ASN L 234 35.55 -95.95 22.07
CA ASN L 234 34.99 -97.06 21.32
C ASN L 234 33.77 -96.61 20.53
N VAL L 235 33.59 -97.21 19.35
CA VAL L 235 32.41 -96.99 18.53
C VAL L 235 31.34 -97.98 18.96
N ALA L 236 30.07 -97.58 18.85
CA ALA L 236 28.98 -98.40 19.35
C ALA L 236 28.90 -99.72 18.59
N ALA L 237 28.98 -99.67 17.26
CA ALA L 237 28.85 -100.85 16.42
C ALA L 237 29.96 -100.93 15.38
N GLY L 238 31.14 -100.41 15.72
CA GLY L 238 32.24 -100.43 14.77
C GLY L 238 32.75 -101.85 14.54
N ASP L 239 33.04 -102.17 13.29
CA ASP L 239 33.50 -103.50 12.89
C ASP L 239 35.03 -103.57 12.84
N ALA L 240 35.69 -103.15 13.91
CA ALA L 240 37.14 -103.25 14.02
C ALA L 240 37.50 -103.41 15.50
N GLN L 241 37.66 -104.65 15.93
CA GLN L 241 37.94 -104.98 17.32
C GLN L 241 39.36 -105.48 17.44
N THR L 242 40.24 -104.67 18.04
CA THR L 242 41.58 -105.11 18.33
C THR L 242 41.55 -106.11 19.49
N PRO L 243 42.59 -106.94 19.62
CA PRO L 243 42.63 -107.88 20.75
C PRO L 243 42.56 -107.19 22.10
N THR L 244 43.09 -105.98 22.22
CA THR L 244 42.97 -105.24 23.47
C THR L 244 41.50 -104.94 23.80
N GLY L 245 40.71 -104.58 22.79
CA GLY L 245 39.30 -104.31 23.01
C GLY L 245 38.83 -103.01 22.39
N HIS L 246 39.78 -102.19 21.95
CA HIS L 246 39.44 -100.92 21.32
C HIS L 246 38.65 -101.17 20.04
N VAL L 247 37.58 -100.41 19.85
CA VAL L 247 36.64 -100.63 18.74
C VAL L 247 36.72 -99.43 17.81
N GLY L 248 37.16 -99.67 16.58
CA GLY L 248 37.12 -98.69 15.52
C GLY L 248 36.11 -99.04 14.44
N HIS L 249 36.19 -98.30 13.33
CA HIS L 249 35.30 -98.53 12.21
C HIS L 249 36.12 -98.63 10.92
N THR L 250 35.56 -99.33 9.94
CA THR L 250 36.26 -99.62 8.70
C THR L 250 35.74 -98.74 7.57
N MET L 251 36.65 -98.33 6.69
CA MET L 251 36.31 -97.49 5.54
C MET L 251 36.76 -98.19 4.26
N LYS L 252 35.88 -98.26 3.28
CA LYS L 252 36.14 -98.92 2.02
C LYS L 252 35.89 -97.96 0.86
N PHE L 253 36.63 -98.14 -0.23
CA PHE L 253 36.59 -97.26 -1.38
C PHE L 253 36.41 -98.04 -2.66
N ASN L 254 35.87 -97.37 -3.68
CA ASN L 254 35.62 -98.00 -4.98
C ASN L 254 36.91 -97.99 -5.80
N ASN L 255 36.77 -98.32 -7.09
CA ASN L 255 37.93 -98.35 -7.97
C ASN L 255 38.43 -96.94 -8.27
N ASP L 256 37.52 -95.98 -8.43
CA ASP L 256 37.90 -94.62 -8.76
C ASP L 256 38.39 -93.82 -7.56
N GLY L 257 38.49 -94.44 -6.39
CA GLY L 257 38.97 -93.77 -5.20
C GLY L 257 37.91 -93.06 -4.38
N THR L 258 36.67 -93.02 -4.86
CA THR L 258 35.60 -92.39 -4.09
C THR L 258 35.21 -93.27 -2.91
N LEU L 259 34.35 -92.74 -2.05
CA LEU L 259 33.90 -93.46 -0.88
C LEU L 259 32.89 -94.54 -1.27
N ALA L 260 33.09 -95.75 -0.74
CA ALA L 260 32.20 -96.87 -1.00
C ALA L 260 31.24 -97.12 0.16
N SER L 261 31.77 -97.39 1.35
CA SER L 261 30.95 -97.70 2.51
C SER L 261 31.69 -97.30 3.76
N LEU L 262 30.93 -97.08 4.84
CA LEU L 262 31.48 -96.68 6.12
C LEU L 262 30.85 -97.52 7.22
N ASN L 263 31.69 -98.30 7.91
CA ASN L 263 31.25 -99.12 9.05
C ASN L 263 30.06 -100.00 8.66
N ASN L 264 30.21 -100.70 7.54
CA ASN L 264 29.16 -101.57 7.00
C ASN L 264 27.86 -100.82 6.72
N GLY L 265 27.97 -99.55 6.35
CA GLY L 265 26.82 -98.74 6.07
C GLY L 265 26.07 -98.24 7.29
N GLN L 266 26.60 -98.45 8.48
CA GLN L 266 25.93 -98.00 9.69
C GLN L 266 26.46 -96.64 10.13
N PRO L 267 25.63 -95.83 10.79
CA PRO L 267 26.10 -94.54 11.30
C PRO L 267 27.17 -94.72 12.35
N ILE L 268 28.11 -93.77 12.40
CA ILE L 268 29.23 -93.81 13.32
C ILE L 268 28.82 -93.03 14.57
N THR L 269 28.50 -93.75 15.64
CA THR L 269 28.12 -93.15 16.91
C THR L 269 29.06 -93.70 17.99
N SER L 270 29.77 -92.80 18.66
CA SER L 270 30.67 -93.22 19.72
C SER L 270 29.90 -93.48 21.01
N VAL L 271 30.53 -94.22 21.91
CA VAL L 271 29.94 -94.52 23.21
C VAL L 271 30.00 -93.27 24.07
N ALA L 272 29.26 -93.26 25.17
CA ALA L 272 29.26 -92.11 26.07
C ALA L 272 30.66 -91.88 26.62
N LEU L 273 31.09 -90.61 26.63
CA LEU L 273 32.46 -90.29 27.01
C LEU L 273 32.73 -90.62 28.47
N GLY L 274 31.80 -90.28 29.36
CA GLY L 274 32.05 -90.42 30.78
C GLY L 274 31.14 -91.38 31.52
N ASP L 275 30.49 -92.28 30.80
CA ASP L 275 29.58 -93.22 31.43
C ASP L 275 30.26 -94.58 31.58
N PRO L 276 30.59 -95.01 32.79
CA PRO L 276 31.24 -96.32 32.96
C PRO L 276 30.37 -97.48 32.55
N ALA L 277 29.04 -97.32 32.53
CA ALA L 277 28.15 -98.41 32.16
C ALA L 277 28.26 -98.79 30.70
N THR L 278 28.80 -97.92 29.84
CA THR L 278 28.97 -98.22 28.43
C THR L 278 30.39 -98.04 27.92
N ASN L 279 31.29 -97.47 28.70
CA ASN L 279 32.67 -97.25 28.29
C ASN L 279 33.59 -97.91 29.31
N THR L 280 34.55 -98.70 28.82
CA THR L 280 35.52 -99.32 29.70
C THR L 280 36.57 -98.33 30.18
N THR L 281 36.73 -97.20 29.49
CA THR L 281 37.66 -96.14 29.88
C THR L 281 36.90 -94.83 29.88
N PRO L 282 36.10 -94.58 30.91
CA PRO L 282 35.29 -93.34 30.95
C PRO L 282 36.18 -92.12 31.02
N VAL L 283 35.85 -91.12 30.20
CA VAL L 283 36.59 -89.86 30.21
C VAL L 283 36.19 -89.06 31.43
N ASP L 284 37.17 -88.46 32.10
CA ASP L 284 36.91 -87.66 33.28
C ASP L 284 36.27 -86.34 32.88
N MET L 285 34.94 -86.29 32.84
CA MET L 285 34.23 -85.08 32.44
C MET L 285 34.43 -83.93 33.42
N ASN L 286 34.81 -84.23 34.67
CA ASN L 286 35.06 -83.21 35.69
C ASN L 286 33.84 -82.33 35.91
N GLY L 287 32.67 -82.96 35.98
CA GLY L 287 31.42 -82.27 36.20
C GLY L 287 30.56 -82.07 34.99
N ALA L 288 31.06 -82.37 33.79
CA ALA L 288 30.26 -82.24 32.59
C ALA L 288 29.32 -83.43 32.44
N ASP L 289 28.54 -83.41 31.37
CA ASP L 289 27.59 -84.49 31.13
C ASP L 289 28.33 -85.76 30.74
N PRO L 290 28.16 -86.84 31.50
CA PRO L 290 28.87 -88.08 31.16
C PRO L 290 28.24 -88.86 30.02
N ALA L 291 27.06 -88.45 29.54
CA ALA L 291 26.35 -89.17 28.49
C ALA L 291 26.54 -88.55 27.12
N GLN L 292 27.55 -87.69 26.95
CA GLN L 292 27.77 -87.05 25.66
C GLN L 292 28.16 -88.08 24.60
N THR L 293 27.62 -87.91 23.40
CA THR L 293 27.89 -88.81 22.28
C THR L 293 28.35 -88.00 21.08
N LEU L 294 29.17 -88.64 20.25
CA LEU L 294 29.73 -87.99 19.06
C LEU L 294 29.28 -88.73 17.82
N ASN L 295 28.86 -87.96 16.81
CA ASN L 295 28.49 -88.50 15.50
C ASN L 295 29.50 -88.02 14.48
N PHE L 296 30.14 -88.96 13.79
CA PHE L 296 31.18 -88.66 12.82
C PHE L 296 30.62 -88.78 11.42
N GLY L 297 30.76 -87.72 10.63
CA GLY L 297 30.33 -87.75 9.24
C GLY L 297 31.50 -87.71 8.29
N LEU L 298 31.78 -88.84 7.63
CA LEU L 298 32.91 -88.97 6.72
C LEU L 298 32.42 -89.32 5.32
N GLY L 299 31.35 -88.65 4.87
CA GLY L 299 30.81 -88.94 3.55
C GLY L 299 31.61 -88.40 2.40
N SER L 300 32.63 -87.60 2.66
CA SER L 300 33.46 -87.02 1.61
C SER L 300 34.89 -87.58 1.60
N ALA L 301 35.15 -88.64 2.37
CA ALA L 301 36.48 -89.21 2.41
C ALA L 301 36.86 -89.81 1.07
N THR L 302 38.13 -89.63 0.68
CA THR L 302 38.63 -90.14 -0.59
C THR L 302 39.97 -90.81 -0.37
N GLN L 303 40.32 -91.69 -1.31
CA GLN L 303 41.63 -92.34 -1.32
C GLN L 303 42.21 -92.19 -2.72
N PHE L 304 43.16 -91.28 -2.88
CA PHE L 304 43.81 -91.02 -4.15
C PHE L 304 45.31 -91.19 -4.00
N ALA L 305 46.05 -90.86 -5.06
CA ALA L 305 47.50 -90.90 -5.02
C ALA L 305 48.09 -89.76 -4.19
N ALA L 306 47.29 -88.75 -3.87
CA ALA L 306 47.78 -87.62 -3.11
C ALA L 306 48.15 -88.03 -1.69
N PRO L 307 49.10 -87.35 -1.06
CA PRO L 307 49.48 -87.70 0.31
C PRO L 307 48.36 -87.43 1.31
N PHE L 308 48.57 -87.83 2.56
CA PHE L 308 47.56 -87.61 3.59
C PHE L 308 47.29 -86.13 3.77
N GLU L 309 46.01 -85.77 3.80
CA GLU L 309 45.62 -84.37 3.85
C GLU L 309 44.29 -84.25 4.58
N LEU L 310 44.22 -83.30 5.52
CA LEU L 310 43.00 -83.01 6.28
C LEU L 310 42.32 -81.84 5.58
N THR L 311 41.46 -82.15 4.61
CA THR L 311 40.88 -81.11 3.78
C THR L 311 39.88 -80.26 4.55
N LYS L 312 38.97 -80.91 5.28
CA LYS L 312 37.87 -80.20 5.93
C LYS L 312 37.61 -80.81 7.30
N PHE L 313 37.42 -79.93 8.30
CA PHE L 313 37.06 -80.37 9.64
C PHE L 313 36.04 -79.38 10.20
N ASP L 314 34.85 -79.87 10.51
CA ASP L 314 33.76 -79.05 11.02
C ASP L 314 33.10 -79.74 12.20
N GLU L 315 32.76 -78.96 13.22
CA GLU L 315 32.08 -79.46 14.41
C GLU L 315 30.90 -78.57 14.73
N ASP L 316 30.14 -78.96 15.75
CA ASP L 316 28.98 -78.19 16.19
C ASP L 316 29.14 -77.69 17.63
N GLY L 317 30.35 -77.79 18.18
CA GLY L 317 30.60 -77.32 19.52
C GLY L 317 30.68 -75.80 19.60
N ALA L 318 30.60 -75.30 20.83
CA ALA L 318 30.67 -73.86 21.06
C ALA L 318 31.11 -73.61 22.49
N THR L 319 31.53 -72.37 22.74
CA THR L 319 31.97 -71.94 24.06
C THR L 319 31.34 -70.58 24.35
N THR L 320 31.49 -70.13 25.59
CA THR L 320 30.97 -68.83 25.97
C THR L 320 31.66 -67.73 25.16
N GLY L 321 30.89 -66.70 24.82
CA GLY L 321 31.43 -65.63 24.00
C GLY L 321 30.70 -64.33 24.27
N PHE L 322 31.24 -63.26 23.68
CA PHE L 322 30.73 -61.92 23.86
C PHE L 322 30.42 -61.32 22.51
N LEU L 323 29.31 -60.58 22.44
CA LEU L 323 28.88 -59.98 21.18
C LEU L 323 29.98 -59.11 20.61
N THR L 324 30.42 -59.45 19.40
CA THR L 324 31.50 -58.73 18.73
C THR L 324 30.99 -57.71 17.71
N LYS L 325 30.10 -58.12 16.82
CA LYS L 325 29.54 -57.20 15.84
C LYS L 325 28.15 -57.65 15.46
N VAL L 326 27.37 -56.70 14.94
CA VAL L 326 26.00 -56.94 14.52
C VAL L 326 25.79 -56.32 13.14
N ASP L 327 25.14 -57.06 12.25
CA ASP L 327 24.87 -56.57 10.91
C ASP L 327 23.53 -57.09 10.44
N PHE L 328 22.97 -56.42 9.43
CA PHE L 328 21.68 -56.76 8.86
C PHE L 328 21.86 -57.14 7.41
N ASP L 329 21.26 -58.25 7.00
CA ASP L 329 21.29 -58.66 5.61
C ASP L 329 20.06 -58.14 4.89
N GLU L 330 19.98 -58.41 3.58
CA GLU L 330 18.85 -57.93 2.79
C GLU L 330 17.55 -58.62 3.18
N ASN L 331 17.63 -59.83 3.73
CA ASN L 331 16.41 -60.54 4.14
C ASN L 331 15.81 -59.98 5.43
N GLY L 332 16.49 -59.05 6.10
CA GLY L 332 16.02 -58.52 7.35
C GLY L 332 16.51 -59.27 8.57
N SER L 333 17.21 -60.38 8.40
CA SER L 333 17.76 -61.12 9.53
C SER L 333 18.90 -60.33 10.14
N VAL L 334 18.87 -60.17 11.46
CA VAL L 334 19.93 -59.47 12.19
C VAL L 334 20.87 -60.53 12.75
N MET L 335 22.07 -60.61 12.19
CA MET L 335 23.05 -61.60 12.59
C MET L 335 24.11 -60.98 13.50
N GLY L 336 24.61 -61.79 14.43
CA GLY L 336 25.64 -61.34 15.33
C GLY L 336 26.68 -62.40 15.60
N THR L 337 27.95 -62.03 15.49
CA THR L 337 29.07 -62.94 15.72
C THR L 337 29.68 -62.66 17.08
N TYR L 338 30.05 -63.73 17.78
CA TYR L 338 30.56 -63.65 19.14
C TYR L 338 32.04 -64.02 19.17
N SER L 339 32.60 -64.03 20.38
CA SER L 339 34.01 -64.38 20.54
C SER L 339 34.26 -65.85 20.23
N ASN L 340 33.28 -66.72 20.50
CA ASN L 340 33.44 -68.14 20.23
C ASN L 340 33.56 -68.40 18.72
N GLY L 341 32.78 -67.68 17.92
CA GLY L 341 32.81 -67.83 16.48
C GLY L 341 31.47 -68.15 15.85
N GLU L 342 30.47 -68.57 16.62
CA GLU L 342 29.17 -68.90 16.05
C GLU L 342 28.49 -67.66 15.49
N ASN L 343 27.94 -67.79 14.29
CA ASN L 343 27.20 -66.69 13.66
C ASN L 343 25.72 -66.83 13.98
N VAL L 344 25.40 -66.54 15.25
CA VAL L 344 24.04 -66.71 15.74
C VAL L 344 23.12 -65.68 15.10
N THR L 345 21.96 -66.14 14.63
CA THR L 345 20.97 -65.25 14.04
C THR L 345 20.00 -64.82 15.15
N LEU L 346 20.04 -63.54 15.49
CA LEU L 346 19.20 -63.03 16.58
C LEU L 346 17.73 -63.05 16.21
N GLY L 347 17.40 -62.73 14.96
CA GLY L 347 16.02 -62.72 14.53
C GLY L 347 15.86 -62.03 13.20
N ARG L 348 14.61 -61.83 12.81
CA ARG L 348 14.27 -61.10 11.61
C ARG L 348 13.43 -59.88 11.97
N VAL L 349 13.33 -58.96 11.01
CA VAL L 349 12.58 -57.72 11.19
C VAL L 349 11.27 -57.88 10.42
N ALA L 350 10.16 -57.87 11.15
CA ALA L 350 8.86 -58.06 10.54
C ALA L 350 8.49 -56.87 9.65
N LEU L 351 7.79 -57.16 8.56
CA LEU L 351 7.29 -56.14 7.65
C LEU L 351 5.79 -56.33 7.48
N VAL L 352 5.05 -55.23 7.47
CA VAL L 352 3.59 -55.26 7.44
C VAL L 352 3.12 -54.49 6.22
N ARG L 353 2.13 -55.05 5.53
CA ARG L 353 1.53 -54.41 4.37
C ARG L 353 0.01 -54.51 4.49
N VAL L 354 -0.68 -53.43 4.12
CA VAL L 354 -2.14 -53.45 4.12
C VAL L 354 -2.63 -53.29 2.68
N PRO L 355 -3.78 -53.85 2.32
CA PRO L 355 -4.27 -53.71 0.94
C PRO L 355 -4.49 -52.27 0.53
N ASN L 356 -5.00 -51.44 1.43
CA ASN L 356 -5.31 -50.03 1.15
C ASN L 356 -4.57 -49.15 2.14
N GLU L 357 -3.48 -48.54 1.68
CA GLU L 357 -2.70 -47.67 2.55
C GLU L 357 -3.34 -46.29 2.73
N GLN L 358 -4.23 -45.89 1.84
CA GLN L 358 -4.85 -44.57 1.92
C GLN L 358 -5.88 -44.47 3.04
N GLY L 359 -6.26 -45.59 3.66
CA GLY L 359 -7.30 -45.56 4.67
C GLY L 359 -6.80 -45.72 6.08
N LEU L 360 -5.49 -45.93 6.23
CA LEU L 360 -4.89 -46.02 7.55
C LEU L 360 -5.12 -44.73 8.32
N ASP L 361 -5.59 -44.85 9.56
CA ASP L 361 -5.71 -43.68 10.42
C ASP L 361 -4.34 -43.28 10.93
N LYS L 362 -4.12 -41.98 11.05
CA LYS L 362 -2.80 -41.44 11.36
C LYS L 362 -2.69 -41.15 12.84
N LYS L 363 -1.80 -41.86 13.52
CA LYS L 363 -1.47 -41.56 14.90
C LYS L 363 -0.32 -40.56 14.93
N GLY L 364 0.07 -40.15 16.13
CA GLY L 364 1.18 -39.22 16.26
C GLY L 364 2.51 -39.90 16.04
N GLY L 365 3.54 -39.06 15.85
CA GLY L 365 4.88 -39.56 15.67
C GLY L 365 5.08 -40.39 14.42
N THR L 366 4.43 -40.00 13.32
CA THR L 366 4.55 -40.69 12.03
C THR L 366 4.28 -42.18 12.18
N GLN L 367 3.14 -42.50 12.76
CA GLN L 367 2.73 -43.89 12.97
C GLN L 367 1.30 -44.06 12.49
N TRP L 368 0.99 -45.26 12.00
CA TRP L 368 -0.32 -45.58 11.47
C TRP L 368 -0.87 -46.82 12.16
N ASP L 369 -2.19 -46.96 12.08
CA ASP L 369 -2.88 -48.16 12.54
C ASP L 369 -3.86 -48.59 11.46
N SER L 370 -4.24 -49.87 11.51
CA SER L 370 -5.13 -50.45 10.51
C SER L 370 -6.57 -50.30 10.98
N THR L 371 -7.39 -49.66 10.16
CA THR L 371 -8.80 -49.47 10.45
C THR L 371 -9.65 -50.41 9.61
N GLN L 372 -10.96 -50.23 9.67
CA GLN L 372 -11.86 -51.02 8.84
C GLN L 372 -11.62 -50.77 7.36
N PHE L 373 -11.48 -49.50 6.97
CA PHE L 373 -11.30 -49.17 5.56
C PHE L 373 -9.96 -49.69 5.04
N SER L 374 -8.91 -49.58 5.84
CA SER L 374 -7.60 -50.03 5.39
C SER L 374 -7.56 -51.53 5.14
N GLY L 375 -8.20 -52.31 6.02
CA GLY L 375 -8.19 -53.76 5.93
C GLY L 375 -7.60 -54.38 7.18
N ASP L 376 -6.81 -55.43 6.99
CA ASP L 376 -6.12 -56.11 8.08
C ASP L 376 -4.64 -56.20 7.76
N LYS L 377 -3.83 -56.16 8.82
CA LYS L 377 -2.38 -56.20 8.65
C LYS L 377 -1.97 -57.55 8.09
N ILE L 378 -1.22 -57.53 7.00
CA ILE L 378 -0.70 -58.73 6.36
C ILE L 378 0.80 -58.79 6.64
N TRP L 379 1.22 -59.81 7.38
CA TRP L 379 2.61 -59.91 7.81
C TRP L 379 3.44 -60.67 6.79
N GLY L 380 4.74 -60.41 6.82
CA GLY L 380 5.65 -61.06 5.87
C GLY L 380 7.08 -60.73 6.21
N GLU L 381 7.98 -61.33 5.45
CA GLU L 381 9.41 -61.11 5.61
C GLU L 381 9.87 -60.00 4.65
N SER L 382 11.18 -59.84 4.49
CA SER L 382 11.75 -58.86 3.59
C SER L 382 12.12 -59.52 2.27
N ASN L 383 11.81 -58.83 1.17
CA ASN L 383 12.10 -59.31 -0.18
C ASN L 383 11.46 -60.68 -0.43
N LYS L 384 10.20 -60.81 -0.03
CA LYS L 384 9.44 -62.03 -0.22
C LYS L 384 8.04 -61.66 -0.69
N GLY L 385 7.57 -62.33 -1.73
CA GLY L 385 6.25 -62.02 -2.25
C GLY L 385 6.19 -60.61 -2.80
N SER L 386 5.26 -59.81 -2.28
CA SER L 386 5.07 -58.45 -2.75
C SER L 386 5.78 -57.41 -1.88
N PHE L 387 6.52 -57.84 -0.86
CA PHE L 387 7.19 -56.89 0.01
C PHE L 387 8.47 -56.35 -0.64
N GLY L 388 8.99 -55.28 -0.07
CA GLY L 388 10.23 -54.69 -0.51
C GLY L 388 11.41 -55.21 0.27
N THR L 389 12.52 -54.48 0.18
CA THR L 389 13.76 -54.84 0.84
C THR L 389 14.01 -53.93 2.03
N ILE L 390 14.89 -54.37 2.92
CA ILE L 390 15.29 -53.61 4.08
C ILE L 390 16.78 -53.30 3.95
N ASN L 391 17.12 -52.01 3.99
CA ASN L 391 18.50 -51.56 3.89
C ASN L 391 18.90 -50.87 5.19
N ASN L 392 20.01 -51.32 5.76
CA ASN L 392 20.53 -50.70 6.97
C ASN L 392 21.43 -49.52 6.62
N GLY L 393 21.51 -48.57 7.54
CA GLY L 393 22.31 -47.38 7.33
C GLY L 393 21.64 -46.29 6.52
N MET L 394 20.33 -46.36 6.32
CA MET L 394 19.61 -45.34 5.57
C MET L 394 18.37 -44.91 6.35
N LEU L 395 17.82 -43.77 5.96
CA LEU L 395 16.59 -43.25 6.56
C LEU L 395 15.77 -42.58 5.47
N GLU L 396 14.47 -42.49 5.71
CA GLU L 396 13.54 -41.89 4.77
C GLU L 396 13.30 -40.43 5.11
N GLN L 397 13.31 -39.58 4.10
CA GLN L 397 12.86 -38.20 4.25
C GLN L 397 11.41 -38.09 3.81
N SER L 398 10.85 -36.89 3.94
CA SER L 398 9.48 -36.68 3.50
C SER L 398 9.38 -36.77 1.98
N ASN L 399 8.27 -37.30 1.51
CA ASN L 399 8.04 -37.45 0.07
C ASN L 399 7.34 -36.22 -0.49
N ILE L 400 7.97 -35.06 -0.27
CA ILE L 400 7.41 -33.78 -0.70
C ILE L 400 8.42 -33.08 -1.59
N ASP L 401 7.92 -32.17 -2.41
CA ASP L 401 8.74 -31.32 -3.27
C ASP L 401 8.40 -29.88 -2.92
N MET L 402 9.41 -29.12 -2.48
CA MET L 402 9.17 -27.76 -2.01
C MET L 402 8.59 -26.89 -3.11
N THR L 403 9.03 -27.08 -4.35
CA THR L 403 8.52 -26.29 -5.46
C THR L 403 7.01 -26.42 -5.59
N GLN L 404 6.51 -27.67 -5.63
CA GLN L 404 5.09 -27.88 -5.77
C GLN L 404 4.32 -27.32 -4.57
N GLU L 405 4.88 -27.47 -3.36
CA GLU L 405 4.19 -26.97 -2.18
C GLU L 405 4.06 -25.46 -2.22
N LEU L 406 5.14 -24.75 -2.60
CA LEU L 406 5.07 -23.29 -2.67
C LEU L 406 4.11 -22.82 -3.75
N VAL L 407 4.13 -23.47 -4.92
CA VAL L 407 3.22 -23.08 -5.98
C VAL L 407 1.77 -23.32 -5.56
N ASP L 408 1.51 -24.45 -4.89
CA ASP L 408 0.18 -24.72 -4.38
C ASP L 408 -0.23 -23.69 -3.33
N LEU L 409 0.73 -23.24 -2.52
CA LEU L 409 0.45 -22.20 -1.54
C LEU L 409 -0.01 -20.92 -2.23
N ILE L 410 0.69 -20.54 -3.30
CA ILE L 410 0.31 -19.34 -4.05
C ILE L 410 -1.09 -19.51 -4.64
N SER L 411 -1.36 -20.68 -5.23
CA SER L 411 -2.66 -20.90 -5.84
C SER L 411 -3.78 -20.87 -4.80
N ALA L 412 -3.54 -21.47 -3.63
CA ALA L 412 -4.53 -21.45 -2.57
C ALA L 412 -4.81 -20.03 -2.09
N GLN L 413 -3.75 -19.22 -1.97
CA GLN L 413 -3.97 -17.83 -1.58
C GLN L 413 -4.80 -17.09 -2.62
N ARG L 414 -4.52 -17.32 -3.90
CA ARG L 414 -5.29 -16.66 -4.95
C ARG L 414 -6.76 -17.07 -4.90
N ASN L 415 -7.02 -18.36 -4.73
CA ASN L 415 -8.40 -18.83 -4.64
C ASN L 415 -9.11 -18.24 -3.43
N PHE L 416 -8.41 -18.16 -2.29
CA PHE L 416 -9.00 -17.57 -1.10
C PHE L 416 -9.35 -16.11 -1.32
N GLN L 417 -8.46 -15.37 -1.99
CA GLN L 417 -8.75 -13.97 -2.29
C GLN L 417 -9.98 -13.84 -3.20
N ALA L 418 -10.08 -14.71 -4.20
CA ALA L 418 -11.23 -14.67 -5.10
C ALA L 418 -12.53 -14.93 -4.33
N ASN L 419 -12.52 -15.94 -3.47
CA ASN L 419 -13.72 -16.27 -2.70
C ASN L 419 -14.09 -15.14 -1.74
N SER L 420 -13.09 -14.52 -1.10
CA SER L 420 -13.37 -13.39 -0.23
C SER L 420 -13.97 -12.22 -1.02
N ARG L 421 -13.49 -12.01 -2.25
CA ARG L 421 -14.10 -10.98 -3.10
C ARG L 421 -15.56 -11.30 -3.38
N SER L 422 -15.86 -12.57 -3.66
CA SER L 422 -17.26 -12.95 -3.91
C SER L 422 -18.12 -12.69 -2.68
N LEU L 423 -17.63 -13.05 -1.50
CA LEU L 423 -18.38 -12.82 -0.27
C LEU L 423 -18.61 -11.32 -0.06
N GLU L 424 -17.59 -10.51 -0.33
CA GLU L 424 -17.73 -9.07 -0.20
C GLU L 424 -18.79 -8.54 -1.16
N VAL L 425 -18.83 -9.06 -2.38
CA VAL L 425 -19.85 -8.62 -3.34
C VAL L 425 -21.24 -8.98 -2.83
N HIS L 426 -21.40 -10.19 -2.29
CA HIS L 426 -22.71 -10.58 -1.75
C HIS L 426 -23.15 -9.64 -0.64
N ASN L 427 -22.24 -9.36 0.30
CA ASN L 427 -22.59 -8.47 1.40
C ASN L 427 -22.90 -7.06 0.92
N GLN L 428 -22.17 -6.58 -0.07
CA GLN L 428 -22.44 -5.25 -0.61
C GLN L 428 -23.80 -5.19 -1.27
N LEU L 429 -24.20 -6.25 -1.98
CA LEU L 429 -25.53 -6.29 -2.56
C LEU L 429 -26.59 -6.24 -1.48
N GLN L 430 -26.41 -7.03 -0.41
CA GLN L 430 -27.40 -7.03 0.67
C GLN L 430 -27.51 -5.66 1.32
N GLN L 431 -26.37 -5.02 1.59
CA GLN L 431 -26.40 -3.70 2.20
C GLN L 431 -26.99 -2.66 1.26
N ASN L 432 -26.78 -2.81 -0.04
CA ASN L 432 -27.41 -1.90 -1.01
C ASN L 432 -28.92 -2.02 -0.95
N ILE L 433 -29.43 -3.25 -0.84
CA ILE L 433 -30.87 -3.42 -0.71
C ILE L 433 -31.35 -2.84 0.61
N LEU L 434 -30.55 -2.97 1.68
CA LEU L 434 -30.97 -2.49 2.99
C LEU L 434 -31.28 -1.01 2.98
N GLN L 435 -30.64 -0.23 2.11
CA GLN L 435 -30.79 1.23 2.09
C GLN L 435 -31.82 1.65 1.03
N ILE L 436 -33.06 1.22 1.25
CA ILE L 436 -34.16 1.61 0.36
C ILE L 436 -35.37 2.01 1.18
N SER M 2 -19.86 -4.90 24.26
CA SER M 2 -18.69 -4.12 23.88
C SER M 2 -17.58 -4.28 24.91
N TYR M 3 -17.96 -4.47 26.17
CA TYR M 3 -16.96 -4.64 27.22
C TYR M 3 -16.12 -5.89 27.00
N VAL M 4 -16.69 -6.91 26.38
CA VAL M 4 -15.89 -8.08 26.03
C VAL M 4 -14.81 -7.72 25.02
N SER M 5 -15.17 -6.92 24.02
CA SER M 5 -14.19 -6.48 23.04
C SER M 5 -13.11 -5.60 23.68
N LEU M 6 -13.51 -4.74 24.61
CA LEU M 6 -12.53 -3.91 25.30
C LEU M 6 -11.61 -4.76 26.16
N SER M 7 -12.15 -5.82 26.79
CA SER M 7 -11.31 -6.74 27.55
C SER M 7 -10.31 -7.45 26.63
N GLY M 8 -10.76 -7.85 25.44
CA GLY M 8 -9.85 -8.44 24.48
C GLY M 8 -8.76 -7.48 24.05
N LEU M 9 -9.12 -6.22 23.83
CA LEU M 9 -8.13 -5.20 23.50
C LEU M 9 -7.11 -5.03 24.62
N SER M 10 -7.59 -5.00 25.87
CA SER M 10 -6.69 -4.85 27.00
C SER M 10 -5.74 -6.04 27.11
N ALA M 11 -6.26 -7.25 26.92
CA ALA M 11 -5.41 -8.43 26.97
C ALA M 11 -4.36 -8.42 25.88
N ALA M 12 -4.77 -8.07 24.65
CA ALA M 12 -3.82 -8.02 23.54
C ALA M 12 -2.75 -6.96 23.79
N GLN M 13 -3.15 -5.80 24.32
CA GLN M 13 -2.16 -4.76 24.58
C GLN M 13 -1.23 -5.13 25.72
N LEU M 14 -1.72 -5.86 26.72
CA LEU M 14 -0.85 -6.36 27.77
C LEU M 14 0.18 -7.34 27.20
N ASP M 15 -0.26 -8.23 26.32
CA ASP M 15 0.69 -9.13 25.66
C ASP M 15 1.71 -8.34 24.85
N LEU M 16 1.25 -7.30 24.15
CA LEU M 16 2.14 -6.47 23.37
C LEU M 16 3.19 -5.80 24.26
N ASN M 17 2.76 -5.28 25.41
CA ASN M 17 3.70 -4.63 26.32
C ASN M 17 4.70 -5.62 26.87
N THR M 18 4.25 -6.82 27.22
CA THR M 18 5.17 -7.84 27.73
C THR M 18 6.21 -8.19 26.67
N THR M 19 5.76 -8.39 25.43
CA THR M 19 6.70 -8.72 24.36
C THR M 19 7.68 -7.59 24.10
N SER M 20 7.19 -6.34 24.13
CA SER M 20 8.07 -5.20 23.92
C SER M 20 9.11 -5.09 25.02
N ASN M 21 8.71 -5.34 26.27
CA ASN M 21 9.68 -5.34 27.37
C ASN M 21 10.71 -6.43 27.18
N ASN M 22 10.28 -7.62 26.76
CA ASN M 22 11.22 -8.71 26.52
C ASN M 22 12.22 -8.33 25.44
N ILE M 23 11.76 -7.71 24.36
CA ILE M 23 12.66 -7.33 23.27
C ILE M 23 13.59 -6.22 23.72
N ALA M 24 13.09 -5.26 24.50
CA ALA M 24 13.93 -4.16 24.97
C ALA M 24 15.05 -4.66 25.88
N ASN M 25 14.74 -5.63 26.74
CA ASN M 25 15.75 -6.15 27.67
C ASN M 25 16.63 -7.23 27.05
N ALA M 26 16.75 -7.26 25.72
CA ALA M 26 17.49 -8.34 25.05
C ALA M 26 18.97 -8.35 25.41
N ASN M 27 19.52 -7.24 25.90
CA ASN M 27 20.94 -7.17 26.20
C ASN M 27 21.24 -7.07 27.69
N THR M 28 20.24 -6.89 28.53
CA THR M 28 20.47 -6.81 29.96
C THR M 28 21.02 -8.13 30.50
N TYR M 29 22.06 -8.04 31.33
CA TYR M 29 22.70 -9.22 31.89
C TYR M 29 21.81 -9.83 32.96
N GLY M 30 21.57 -11.14 32.87
CA GLY M 30 20.83 -11.83 33.89
C GLY M 30 19.34 -11.62 33.85
N PHE M 31 18.81 -10.91 32.85
CA PHE M 31 17.38 -10.69 32.76
C PHE M 31 16.66 -12.00 32.44
N LYS M 32 15.46 -12.15 32.99
CA LYS M 32 14.61 -13.30 32.74
C LYS M 32 13.33 -12.82 32.07
N GLU M 33 12.96 -13.47 30.97
CA GLU M 33 11.82 -13.04 30.18
C GLU M 33 10.52 -13.18 30.99
N SER M 34 9.44 -12.67 30.42
CA SER M 34 8.13 -12.76 31.02
C SER M 34 7.15 -13.34 30.00
N ARG M 35 6.16 -14.06 30.51
CA ARG M 35 5.10 -14.63 29.68
C ARG M 35 3.75 -14.20 30.24
N ALA M 36 2.84 -13.83 29.36
CA ALA M 36 1.52 -13.34 29.76
C ALA M 36 0.52 -14.48 29.61
N GLU M 37 -0.18 -14.78 30.70
CA GLU M 37 -1.17 -15.84 30.72
C GLU M 37 -2.53 -15.25 31.07
N PHE M 38 -3.55 -15.59 30.29
CA PHE M 38 -4.88 -15.04 30.44
C PHE M 38 -5.87 -16.13 30.82
N ALA M 39 -7.06 -15.71 31.23
CA ALA M 39 -8.09 -16.63 31.68
C ALA M 39 -9.45 -16.11 31.27
N ASP M 40 -10.40 -17.04 31.16
CA ASP M 40 -11.76 -16.71 30.77
C ASP M 40 -12.49 -15.99 31.89
N VAL M 41 -13.57 -15.31 31.53
CA VAL M 41 -14.43 -14.62 32.49
C VAL M 41 -15.83 -15.18 32.36
N TYR M 42 -16.44 -15.52 33.49
CA TYR M 42 -17.81 -16.01 33.49
C TYR M 42 -18.46 -15.65 34.82
N SER M 43 -19.74 -15.30 34.76
CA SER M 43 -20.47 -14.91 35.96
C SER M 43 -20.86 -16.15 36.78
N ASN M 44 -21.07 -15.91 38.07
CA ASN M 44 -21.46 -16.96 39.01
C ASN M 44 -22.68 -16.53 39.81
N SER M 45 -23.70 -16.04 39.11
CA SER M 45 -24.92 -15.59 39.76
C SER M 45 -25.66 -16.77 40.37
N LEU M 46 -26.47 -16.46 41.39
CA LEU M 46 -27.25 -17.50 42.06
C LEU M 46 -28.28 -18.10 41.12
N PHE M 47 -28.93 -17.25 40.32
CA PHE M 47 -29.91 -17.70 39.32
C PHE M 47 -29.31 -17.45 37.94
N THR M 48 -28.57 -18.45 37.46
CA THR M 48 -27.86 -18.36 36.19
C THR M 48 -28.50 -19.29 35.18
N ASN M 49 -28.79 -18.75 33.99
CA ASN M 49 -29.35 -19.59 32.92
C ASN M 49 -28.30 -20.52 32.31
N ALA M 50 -27.03 -20.12 32.35
CA ALA M 50 -25.92 -20.93 31.84
C ALA M 50 -26.04 -21.17 30.35
N LYS M 51 -27.08 -21.91 29.93
CA LYS M 51 -27.22 -22.23 28.52
C LYS M 51 -27.45 -20.98 27.67
N THR M 52 -28.18 -20.01 28.21
CA THR M 52 -28.52 -18.80 27.46
C THR M 52 -27.62 -17.63 27.82
N THR M 53 -26.55 -17.86 28.59
CA THR M 53 -25.67 -16.78 29.02
C THR M 53 -24.33 -16.91 28.32
N PRO M 54 -23.93 -15.92 27.51
CA PRO M 54 -22.63 -15.99 26.84
C PRO M 54 -21.47 -15.69 27.78
N GLY M 55 -20.26 -15.61 27.24
CA GLY M 55 -19.09 -15.37 28.04
C GLY M 55 -19.00 -13.93 28.53
N GLY M 56 -17.91 -13.63 29.22
CA GLY M 56 -17.71 -12.32 29.79
C GLY M 56 -16.39 -11.68 29.44
N GLY M 57 -15.74 -12.17 28.39
CA GLY M 57 -14.48 -11.59 27.95
C GLY M 57 -13.27 -12.38 28.39
N ALA M 58 -12.13 -11.70 28.55
CA ALA M 58 -10.89 -12.34 28.97
C ALA M 58 -10.21 -11.47 30.01
N GLN M 59 -9.75 -12.10 31.09
CA GLN M 59 -9.07 -11.42 32.18
C GLN M 59 -7.65 -11.94 32.29
N ALA M 60 -6.70 -11.02 32.42
CA ALA M 60 -5.31 -11.42 32.59
C ALA M 60 -5.13 -12.14 33.93
N SER M 61 -4.47 -13.30 33.88
CA SER M 61 -4.25 -14.10 35.07
C SER M 61 -2.97 -13.69 35.80
N GLN M 62 -1.84 -13.75 35.10
CA GLN M 62 -0.57 -13.36 35.68
C GLN M 62 0.44 -13.13 34.57
N VAL M 63 1.47 -12.35 34.88
CA VAL M 63 2.63 -12.21 34.01
C VAL M 63 3.73 -13.08 34.59
N ALA M 64 4.04 -14.17 33.91
CA ALA M 64 5.01 -15.13 34.42
C ALA M 64 6.42 -14.54 34.37
N GLN M 65 7.35 -15.25 34.99
CA GLN M 65 8.75 -14.84 35.11
C GLN M 65 9.65 -16.01 34.77
N GLN M 66 9.40 -16.65 33.63
CA GLN M 66 10.12 -17.84 33.18
C GLN M 66 11.60 -17.76 33.52
N PHE M 67 12.09 -18.77 34.24
CA PHE M 67 13.44 -18.77 34.81
C PHE M 67 14.33 -19.82 34.18
N HIS M 68 14.08 -20.15 32.91
CA HIS M 68 14.94 -21.12 32.24
C HIS M 68 16.32 -20.51 31.99
N GLU M 69 17.35 -21.35 32.07
CA GLU M 69 18.72 -20.87 31.99
C GLU M 69 18.97 -20.13 30.68
N GLY M 70 19.60 -18.97 30.78
CA GLY M 70 19.96 -18.20 29.61
C GLY M 70 21.34 -18.54 29.09
N SER M 71 21.67 -17.97 27.94
CA SER M 71 22.97 -18.20 27.34
C SER M 71 24.06 -17.50 28.15
N SER M 72 25.30 -17.93 27.92
CA SER M 72 26.45 -17.40 28.63
C SER M 72 27.44 -16.80 27.64
N ILE M 73 27.96 -15.63 27.97
CA ILE M 73 28.97 -14.98 27.16
C ILE M 73 30.29 -14.97 27.92
N TYR M 74 31.38 -14.96 27.18
CA TYR M 74 32.71 -15.04 27.75
C TYR M 74 33.42 -13.71 27.56
N THR M 75 33.84 -13.10 28.67
CA THR M 75 34.54 -11.84 28.63
C THR M 75 36.00 -11.93 29.08
N ASN M 76 36.41 -13.09 29.59
CA ASN M 76 37.77 -13.31 30.10
C ASN M 76 38.12 -12.34 31.23
N ASN M 77 37.11 -11.82 31.92
CA ASN M 77 37.33 -10.93 33.05
C ASN M 77 37.14 -11.71 34.33
N PRO M 78 38.18 -11.88 35.15
CA PRO M 78 38.04 -12.76 36.32
C PRO M 78 37.01 -12.30 37.32
N MET M 79 36.64 -11.02 37.34
CA MET M 79 35.66 -10.53 38.28
C MET M 79 34.22 -10.78 37.84
N ASP M 80 34.01 -11.33 36.64
CA ASP M 80 32.67 -11.63 36.16
C ASP M 80 32.30 -13.05 36.59
N LEU M 81 31.11 -13.20 37.16
CA LEU M 81 30.66 -14.49 37.68
C LEU M 81 29.30 -14.84 37.11
N ARG M 82 29.05 -16.14 36.97
CA ARG M 82 27.79 -16.66 36.47
C ARG M 82 27.40 -17.88 37.27
N VAL M 83 26.13 -17.97 37.64
CA VAL M 83 25.60 -19.09 38.39
C VAL M 83 25.04 -20.11 37.39
N SER M 84 25.73 -21.23 37.21
CA SER M 84 25.28 -22.27 36.32
C SER M 84 24.41 -23.25 37.09
N GLY M 85 23.12 -23.30 36.74
CA GLY M 85 22.21 -24.18 37.45
C GLY M 85 21.16 -23.42 38.25
N THR M 86 20.94 -23.84 39.49
CA THR M 86 19.96 -23.22 40.37
C THR M 86 20.66 -22.44 41.47
N GLY M 87 20.28 -21.19 41.65
CA GLY M 87 20.84 -20.35 42.68
C GLY M 87 20.96 -18.92 42.22
N PHE M 88 20.89 -17.99 43.18
CA PHE M 88 21.00 -16.57 42.92
C PHE M 88 22.12 -15.97 43.76
N PHE M 89 22.77 -14.95 43.21
CA PHE M 89 23.71 -14.15 43.98
C PHE M 89 22.96 -13.31 45.00
N ALA M 90 23.59 -13.08 46.15
CA ALA M 90 23.01 -12.28 47.22
C ALA M 90 23.81 -11.01 47.40
N VAL M 91 23.15 -9.86 47.29
CA VAL M 91 23.79 -8.56 47.39
C VAL M 91 23.04 -7.71 48.40
N ALA M 92 23.78 -6.92 49.17
CA ALA M 92 23.21 -6.07 50.21
C ALA M 92 23.39 -4.61 49.85
N LYS M 93 22.39 -3.80 50.18
CA LYS M 93 22.43 -2.38 49.85
C LYS M 93 23.56 -1.68 50.59
N GLU M 94 23.67 -1.92 51.89
CA GLU M 94 24.69 -1.28 52.72
C GLU M 94 25.61 -2.33 53.31
N ARG M 95 26.88 -1.95 53.51
CA ARG M 95 27.85 -2.88 54.06
C ARG M 95 27.48 -3.30 55.48
N LEU M 96 27.00 -2.37 56.29
CA LEU M 96 26.74 -2.61 57.70
C LEU M 96 25.40 -3.27 57.96
N THR M 97 24.61 -3.54 56.92
CA THR M 97 23.30 -4.18 57.07
C THR M 97 23.20 -5.36 56.09
N PRO M 98 23.93 -6.44 56.36
CA PRO M 98 23.83 -7.62 55.47
C PRO M 98 22.46 -8.24 55.44
N GLN M 99 21.65 -8.05 56.49
CA GLN M 99 20.33 -8.67 56.52
C GLN M 99 19.46 -8.18 55.38
N GLN M 100 19.49 -6.87 55.10
CA GLN M 100 18.72 -6.30 54.00
C GLN M 100 19.43 -6.63 52.70
N ASN M 101 18.94 -7.65 51.99
CA ASN M 101 19.61 -8.14 50.80
C ASN M 101 18.57 -8.47 49.73
N GLU M 102 19.04 -8.52 48.48
CA GLU M 102 18.20 -8.86 47.34
C GLU M 102 18.95 -9.84 46.45
N LEU M 103 18.18 -10.62 45.70
CA LEU M 103 18.73 -11.65 44.83
C LEU M 103 18.96 -11.11 43.43
N THR M 104 20.03 -11.59 42.79
CA THR M 104 20.37 -11.15 41.45
C THR M 104 21.05 -12.29 40.71
N ARG M 105 21.22 -12.10 39.40
CA ARG M 105 21.84 -13.11 38.55
C ARG M 105 23.04 -12.62 37.76
N ASN M 106 23.14 -11.32 37.47
CA ASN M 106 24.29 -10.80 36.73
C ASN M 106 25.53 -10.79 37.61
N GLY M 107 26.69 -10.84 36.96
CA GLY M 107 27.94 -10.95 37.69
C GLY M 107 28.96 -9.88 37.38
N ALA M 108 28.49 -8.67 37.03
CA ALA M 108 29.39 -7.56 36.76
C ALA M 108 29.90 -7.01 38.08
N PHE M 109 30.93 -7.64 38.62
CA PHE M 109 31.48 -7.27 39.92
C PHE M 109 32.82 -6.55 39.76
N HIS M 110 33.13 -5.71 40.73
CA HIS M 110 34.41 -5.00 40.77
C HIS M 110 34.66 -4.54 42.20
N LEU M 111 35.92 -4.22 42.47
CA LEU M 111 36.33 -3.75 43.79
C LEU M 111 36.02 -2.26 43.91
N ASN M 112 35.42 -1.88 45.03
CA ASN M 112 35.19 -0.46 45.33
C ASN M 112 36.44 0.11 45.97
N LYS M 113 36.36 1.36 46.43
CA LYS M 113 37.53 2.01 47.04
C LYS M 113 37.92 1.36 48.37
N GLU M 114 37.05 0.54 48.95
CA GLU M 114 37.34 -0.17 50.18
C GLU M 114 37.77 -1.62 49.92
N ASN M 115 38.01 -1.98 48.67
CA ASN M 115 38.38 -3.34 48.27
C ASN M 115 37.30 -4.35 48.66
N TYR M 116 36.04 -3.98 48.43
CA TYR M 116 34.91 -4.89 48.58
C TYR M 116 34.30 -5.15 47.21
N MET M 117 33.92 -6.40 46.97
CA MET M 117 33.30 -6.76 45.70
C MET M 117 31.87 -6.23 45.67
N VAL M 118 31.58 -5.38 44.69
CA VAL M 118 30.29 -4.73 44.57
C VAL M 118 29.76 -4.88 43.16
N THR M 119 28.47 -4.65 43.00
CA THR M 119 27.82 -4.70 41.69
C THR M 119 28.00 -3.35 40.99
N ALA M 120 27.30 -3.17 39.87
CA ALA M 120 27.39 -1.90 39.15
C ALA M 120 26.88 -0.74 40.00
N ASN M 121 25.80 -0.95 40.75
CA ASN M 121 25.22 0.08 41.58
C ASN M 121 25.90 0.21 42.93
N ASP M 122 27.13 -0.29 43.07
CA ASP M 122 27.87 -0.23 44.33
C ASP M 122 27.10 -0.91 45.46
N GLU M 123 26.55 -2.07 45.16
CA GLU M 123 25.88 -2.91 46.15
C GLU M 123 26.81 -4.06 46.53
N PHE M 124 27.09 -4.19 47.83
CA PHE M 124 28.07 -5.17 48.28
C PHE M 124 27.56 -6.59 48.07
N LEU M 125 28.48 -7.49 47.71
CA LEU M 125 28.17 -8.88 47.49
C LEU M 125 28.34 -9.67 48.78
N LEU M 126 27.33 -10.47 49.13
CA LEU M 126 27.32 -11.22 50.37
C LEU M 126 28.10 -12.52 50.22
N GLY M 127 28.93 -12.82 51.22
CA GLY M 127 29.74 -14.02 51.20
C GLY M 127 29.89 -14.61 52.58
N TYR M 128 30.41 -15.84 52.61
CA TYR M 128 30.63 -16.57 53.84
C TYR M 128 32.03 -16.31 54.37
N GLN M 129 32.35 -16.95 55.50
CA GLN M 129 33.68 -16.88 56.10
C GLN M 129 34.15 -18.30 56.39
N VAL M 130 35.18 -18.74 55.67
CA VAL M 130 35.66 -20.10 55.78
C VAL M 130 36.75 -20.18 56.83
N ASP M 131 37.01 -21.41 57.30
CA ASP M 131 38.07 -21.66 58.26
C ASP M 131 39.44 -21.61 57.57
N PRO M 132 40.50 -21.24 58.32
CA PRO M 132 41.82 -21.17 57.69
C PRO M 132 42.29 -22.47 57.07
N SER M 133 42.14 -23.59 57.79
CA SER M 133 42.54 -24.90 57.30
C SER M 133 41.37 -25.74 56.85
N SER M 134 40.31 -25.82 57.65
CA SER M 134 39.12 -26.58 57.27
C SER M 134 38.42 -25.92 56.09
N GLY M 135 38.11 -26.71 55.07
CA GLY M 135 37.38 -26.19 53.93
C GLY M 135 35.95 -25.78 54.25
N GLU M 136 35.33 -26.48 55.19
CA GLU M 136 33.94 -26.19 55.54
C GLU M 136 33.82 -24.80 56.18
N VAL M 137 32.80 -24.07 55.78
CA VAL M 137 32.52 -22.76 56.35
C VAL M 137 31.90 -22.92 57.72
N SER M 138 32.41 -22.17 58.69
CA SER M 138 31.93 -22.32 60.07
C SER M 138 30.56 -21.67 60.26
N SER M 139 30.49 -20.36 60.05
CA SER M 139 29.25 -19.62 60.25
C SER M 139 28.56 -19.34 58.93
N TYR M 140 27.27 -19.59 58.88
CA TYR M 140 26.49 -19.46 57.65
C TYR M 140 25.82 -18.09 57.51
N GLU M 141 26.12 -17.15 58.41
CA GLU M 141 25.56 -15.82 58.22
C GLU M 141 26.28 -15.11 57.08
N PRO M 142 25.56 -14.31 56.30
CA PRO M 142 26.20 -13.61 55.18
C PRO M 142 26.89 -12.33 55.62
N GLN M 143 28.04 -12.07 55.01
CA GLN M 143 28.80 -10.86 55.27
C GLN M 143 29.46 -10.40 53.99
N PRO M 144 29.74 -9.11 53.86
CA PRO M 144 30.41 -8.60 52.66
C PRO M 144 31.79 -9.24 52.49
N ILE M 145 32.16 -9.46 51.23
CA ILE M 145 33.44 -10.06 50.90
C ILE M 145 34.49 -8.96 50.77
N ASN M 146 35.59 -9.10 51.50
CA ASN M 146 36.69 -8.15 51.45
C ASN M 146 37.93 -8.83 50.88
N ILE M 147 38.67 -8.10 50.07
CA ILE M 147 39.89 -8.62 49.45
C ILE M 147 41.05 -7.71 49.85
N PRO M 148 41.65 -7.92 51.02
CA PRO M 148 42.73 -7.03 51.46
C PRO M 148 43.93 -7.11 50.54
N ALA M 149 44.63 -6.00 50.43
CA ALA M 149 45.82 -5.92 49.59
C ALA M 149 47.10 -6.28 50.34
N GLU M 150 47.02 -6.54 51.64
CA GLU M 150 48.19 -6.88 52.44
C GLU M 150 47.88 -8.04 53.37
N PHE M 151 48.83 -8.96 53.50
CA PHE M 151 48.75 -10.04 54.48
C PHE M 151 49.32 -9.54 55.80
N GLY M 152 48.60 -8.60 56.39
CA GLY M 152 49.12 -7.84 57.52
C GLY M 152 49.07 -8.56 58.85
N LYS M 153 49.74 -9.71 58.94
CA LYS M 153 49.84 -10.44 60.19
C LYS M 153 51.02 -11.40 60.16
N PRO M 154 52.21 -10.94 60.54
CA PRO M 154 53.36 -11.87 60.60
C PRO M 154 53.07 -13.03 61.54
N LYS M 155 52.99 -14.23 60.98
CA LYS M 155 52.61 -15.42 61.72
C LYS M 155 53.85 -16.19 62.13
N GLN M 156 54.02 -16.40 63.43
CA GLN M 156 55.20 -17.08 63.94
C GLN M 156 55.17 -18.57 63.58
N THR M 157 56.35 -19.16 63.51
CA THR M 157 56.47 -20.58 63.21
C THR M 157 56.15 -21.38 64.47
N ALA M 158 55.17 -22.28 64.37
CA ALA M 158 54.74 -23.05 65.54
C ALA M 158 54.84 -24.54 65.29
N ASN M 159 54.49 -24.98 64.08
CA ASN M 159 54.53 -26.40 63.75
C ASN M 159 55.50 -26.61 62.60
N ILE M 160 56.42 -27.55 62.75
CA ILE M 160 57.40 -27.89 61.73
C ILE M 160 57.31 -29.38 61.46
N GLU M 161 57.02 -29.73 60.21
CA GLU M 161 56.96 -31.12 59.78
C GLU M 161 58.22 -31.43 58.98
N VAL M 162 58.95 -32.46 59.38
CA VAL M 162 60.20 -32.84 58.73
C VAL M 162 60.08 -34.30 58.32
N GLY M 163 60.33 -34.58 57.04
CA GLY M 163 60.39 -35.95 56.57
C GLY M 163 61.74 -36.26 55.95
N VAL M 164 62.52 -37.11 56.61
CA VAL M 164 63.87 -37.44 56.15
C VAL M 164 64.04 -38.95 56.14
N ASN M 165 65.01 -39.40 55.35
CA ASN M 165 65.43 -40.79 55.33
C ASN M 165 66.85 -40.87 55.85
N LEU M 166 67.07 -41.72 56.84
CA LEU M 166 68.42 -41.72 57.39
C LEU M 166 69.22 -42.90 56.86
N PRO M 167 70.52 -42.71 56.61
CA PRO M 167 71.34 -43.82 56.11
C PRO M 167 71.50 -44.89 57.18
N ALA M 168 71.09 -46.11 56.83
CA ALA M 168 71.21 -47.23 57.76
C ALA M 168 72.65 -47.69 57.92
N ASN M 169 73.49 -47.48 56.90
CA ASN M 169 74.88 -47.90 56.93
C ASN M 169 75.81 -46.83 57.49
N GLY M 170 75.27 -45.72 58.00
CA GLY M 170 76.11 -44.67 58.52
C GLY M 170 76.89 -45.11 59.74
N ASP M 171 78.05 -44.49 59.93
CA ASP M 171 78.94 -44.86 61.03
C ASP M 171 78.33 -44.48 62.37
N LEU M 172 78.57 -45.33 63.36
CA LEU M 172 78.07 -45.05 64.71
C LEU M 172 78.86 -43.94 65.36
N LYS M 173 78.20 -43.24 66.30
CA LYS M 173 78.79 -42.11 67.00
C LYS M 173 78.53 -42.25 68.49
N ASP M 174 79.31 -41.51 69.28
CA ASP M 174 79.19 -41.56 70.73
C ASP M 174 78.17 -40.52 71.19
N PRO M 175 77.07 -40.93 71.85
CA PRO M 175 76.09 -39.93 72.30
C PRO M 175 76.65 -38.90 73.27
N THR M 176 77.58 -39.32 74.14
CA THR M 176 78.10 -38.40 75.15
C THR M 176 79.05 -37.36 74.59
N GLN M 177 79.63 -37.61 73.41
CA GLN M 177 80.60 -36.70 72.82
C GLN M 177 79.97 -35.76 71.80
N PHE M 178 78.65 -35.68 71.76
CA PHE M 178 78.00 -34.81 70.78
C PHE M 178 78.31 -33.35 71.07
N ASP M 179 78.61 -32.60 70.01
CA ASP M 179 78.89 -31.18 70.13
C ASP M 179 78.65 -30.56 68.76
N PHE M 180 77.74 -29.57 68.70
CA PHE M 180 77.37 -28.98 67.43
C PHE M 180 78.53 -28.22 66.78
N SER M 181 79.52 -27.81 67.58
CA SER M 181 80.67 -27.09 67.03
C SER M 181 81.65 -28.01 66.32
N ASP M 182 81.60 -29.31 66.59
CA ASP M 182 82.53 -30.26 65.98
C ASP M 182 81.78 -31.14 64.99
N PRO M 183 82.04 -31.02 63.69
CA PRO M 183 81.28 -31.82 62.71
C PRO M 183 81.46 -33.32 62.88
N ASP M 184 82.63 -33.77 63.32
CA ASP M 184 82.91 -35.20 63.41
C ASP M 184 82.14 -35.89 64.52
N THR M 185 81.54 -35.14 65.46
CA THR M 185 80.82 -35.76 66.56
C THR M 185 79.49 -36.34 66.10
N TYR M 186 78.80 -35.68 65.17
CA TYR M 186 77.48 -36.11 64.71
C TYR M 186 77.60 -36.66 63.29
N ASN M 187 76.44 -37.03 62.72
CA ASN M 187 76.39 -37.60 61.38
C ASN M 187 76.04 -36.57 60.32
N ARG M 188 74.90 -35.90 60.47
CA ARG M 188 74.41 -34.98 59.45
C ARG M 188 73.87 -33.72 60.11
N SER M 189 73.87 -32.63 59.33
CA SER M 189 73.36 -31.35 59.78
C SER M 189 72.63 -30.67 58.63
N THR M 190 71.42 -30.18 58.90
CA THR M 190 70.63 -29.48 57.91
C THR M 190 70.21 -28.12 58.46
N SER M 191 70.01 -27.17 57.56
CA SER M 191 69.65 -25.81 57.92
C SER M 191 68.29 -25.46 57.36
N SER M 192 67.56 -24.63 58.09
CA SER M 192 66.24 -24.18 57.65
C SER M 192 65.94 -22.85 58.31
N THR M 193 64.93 -22.17 57.79
CA THR M 193 64.57 -20.83 58.23
C THR M 193 63.23 -20.85 58.94
N ILE M 194 63.16 -20.11 60.06
CA ILE M 194 61.94 -19.97 60.84
C ILE M 194 61.70 -18.49 61.08
N TYR M 195 60.46 -18.16 61.44
CA TYR M 195 60.05 -16.79 61.65
C TYR M 195 59.42 -16.63 63.02
N ASP M 196 59.69 -15.50 63.66
CA ASP M 196 59.15 -15.20 64.97
C ASP M 196 57.84 -14.42 64.81
N SER M 197 57.37 -13.82 65.91
CA SER M 197 56.11 -13.08 65.86
C SER M 197 56.21 -11.86 64.96
N MET M 198 57.34 -11.16 64.99
CA MET M 198 57.51 -9.94 64.20
C MET M 198 58.00 -10.20 62.78
N GLY M 199 58.13 -11.46 62.39
CA GLY M 199 58.56 -11.81 61.05
C GLY M 199 60.05 -11.86 60.83
N GLN M 200 60.85 -11.68 61.87
CA GLN M 200 62.30 -11.80 61.73
C GLN M 200 62.67 -13.24 61.39
N SER M 201 63.61 -13.39 60.47
CA SER M 201 64.04 -14.70 60.01
C SER M 201 65.16 -15.22 60.90
N TYR M 202 65.01 -16.47 61.35
CA TYR M 202 66.02 -17.13 62.16
C TYR M 202 66.44 -18.42 61.47
N LYS M 203 67.70 -18.80 61.66
CA LYS M 203 68.27 -19.98 61.04
C LYS M 203 68.19 -21.15 62.02
N LEU M 204 67.52 -22.22 61.62
CA LEU M 204 67.34 -23.42 62.44
C LEU M 204 68.19 -24.53 61.86
N THR M 205 69.10 -25.07 62.67
CA THR M 205 69.99 -26.15 62.26
C THR M 205 69.65 -27.41 63.05
N THR M 206 69.44 -28.51 62.34
CA THR M 206 69.10 -29.79 62.95
C THR M 206 70.27 -30.74 62.80
N TYR M 207 70.68 -31.35 63.91
CA TYR M 207 71.82 -32.26 63.93
C TYR M 207 71.32 -33.68 64.17
N TYR M 208 71.73 -34.60 63.31
CA TYR M 208 71.34 -36.01 63.39
C TYR M 208 72.55 -36.84 63.81
N LEU M 209 72.38 -37.64 64.85
CA LEU M 209 73.45 -38.47 65.38
C LEU M 209 72.96 -39.91 65.48
N LYS M 210 73.77 -40.85 64.99
CA LYS M 210 73.44 -42.26 65.03
C LYS M 210 73.99 -42.87 66.31
N ASP M 211 73.11 -43.48 67.10
CA ASP M 211 73.52 -44.03 68.38
C ASP M 211 74.37 -45.28 68.18
N GLN M 212 75.39 -45.43 69.02
CA GLN M 212 76.27 -46.59 68.98
C GLN M 212 75.82 -47.69 69.91
N THR M 213 75.34 -47.34 71.10
CA THR M 213 74.95 -48.35 72.08
C THR M 213 73.75 -49.16 71.59
N GLN M 214 72.76 -48.50 71.01
CA GLN M 214 71.52 -49.15 70.60
C GLN M 214 71.41 -49.13 69.09
N PRO M 215 71.33 -50.27 68.42
CA PRO M 215 71.12 -50.27 66.97
C PRO M 215 69.75 -49.73 66.60
N ASN M 216 69.68 -49.15 65.40
CA ASN M 216 68.46 -48.53 64.88
C ASN M 216 67.95 -47.43 65.82
N THR M 217 68.88 -46.67 66.39
CA THR M 217 68.55 -45.57 67.27
C THR M 217 69.32 -44.33 66.83
N TRP M 218 68.62 -43.20 66.79
CA TRP M 218 69.20 -41.93 66.36
C TRP M 218 68.91 -40.86 67.39
N ASN M 219 69.82 -39.88 67.46
CA ASN M 219 69.66 -38.72 68.32
C ASN M 219 69.57 -37.46 67.48
N THR M 220 68.65 -36.58 67.85
CA THR M 220 68.41 -35.35 67.11
C THR M 220 68.56 -34.15 68.04
N TYR M 221 69.28 -33.14 67.58
CA TYR M 221 69.49 -31.92 68.34
C TYR M 221 69.24 -30.71 67.45
N TYR M 222 68.88 -29.59 68.09
CA TYR M 222 68.48 -28.40 67.38
C TYR M 222 69.24 -27.19 67.89
N THR M 223 69.57 -26.27 67.00
CA THR M 223 70.23 -25.03 67.35
C THR M 223 69.60 -23.88 66.57
N VAL M 224 69.64 -22.69 67.17
CA VAL M 224 69.13 -21.48 66.55
C VAL M 224 70.27 -20.48 66.46
N THR M 225 70.48 -19.92 65.27
CA THR M 225 71.59 -19.00 65.03
C THR M 225 71.03 -17.60 64.79
N ASP M 226 71.15 -16.74 65.79
CA ASP M 226 70.82 -15.33 65.65
C ASP M 226 72.11 -14.53 65.41
N LYS M 227 71.98 -13.20 65.44
CA LYS M 227 73.14 -12.36 65.18
C LYS M 227 74.18 -12.48 66.30
N GLU M 228 73.75 -12.75 67.53
CA GLU M 228 74.69 -12.92 68.63
C GLU M 228 75.57 -14.15 68.40
N GLY M 229 74.99 -15.24 67.93
CA GLY M 229 75.73 -16.47 67.72
C GLY M 229 74.77 -17.63 67.52
N GLU M 230 75.31 -18.83 67.69
CA GLU M 230 74.53 -20.06 67.58
C GLU M 230 74.24 -20.57 69.00
N LYS M 231 72.97 -20.64 69.35
CA LYS M 231 72.56 -21.08 70.67
C LYS M 231 71.81 -22.40 70.58
N PRO M 232 72.22 -23.41 71.32
CA PRO M 232 71.50 -24.69 71.29
C PRO M 232 70.10 -24.57 71.87
N LEU M 233 69.19 -25.40 71.36
CA LEU M 233 67.81 -25.43 71.79
C LEU M 233 67.50 -26.76 72.46
N ASN M 234 66.80 -26.71 73.59
CA ASN M 234 66.50 -27.89 74.38
C ASN M 234 65.05 -28.31 74.17
N VAL M 235 64.82 -29.62 74.18
CA VAL M 235 63.48 -30.19 74.12
C VAL M 235 62.93 -30.27 75.53
N ALA M 236 61.60 -30.16 75.65
CA ALA M 236 60.98 -30.11 76.97
C ALA M 236 61.23 -31.40 77.75
N ALA M 237 60.97 -32.55 77.12
CA ALA M 237 61.11 -33.85 77.78
C ALA M 237 61.90 -34.82 76.92
N GLY M 238 62.86 -34.32 76.15
CA GLY M 238 63.65 -35.19 75.30
C GLY M 238 64.54 -36.10 76.12
N ASP M 239 64.60 -37.36 75.71
CA ASP M 239 65.38 -38.37 76.43
C ASP M 239 66.79 -38.52 75.86
N ALA M 240 67.49 -37.40 75.70
CA ALA M 240 68.88 -37.43 75.23
C ALA M 240 69.58 -36.22 75.83
N GLN M 241 70.25 -36.42 76.96
CA GLN M 241 70.91 -35.35 77.69
C GLN M 241 72.41 -35.55 77.59
N THR M 242 73.08 -34.68 76.84
CA THR M 242 74.53 -34.69 76.79
C THR M 242 75.09 -34.16 78.11
N PRO M 243 76.34 -34.52 78.43
CA PRO M 243 76.95 -33.98 79.67
C PRO M 243 76.97 -32.47 79.73
N THR M 244 77.06 -31.79 78.59
CA THR M 244 77.02 -30.33 78.58
C THR M 244 75.68 -29.82 79.09
N GLY M 245 74.59 -30.46 78.68
CA GLY M 245 73.27 -30.06 79.10
C GLY M 245 72.27 -29.94 77.98
N HIS M 246 72.75 -30.01 76.74
CA HIS M 246 71.87 -29.96 75.58
C HIS M 246 70.95 -31.17 75.56
N VAL M 247 69.66 -30.92 75.32
CA VAL M 247 68.64 -31.96 75.41
C VAL M 247 68.06 -32.18 74.01
N GLY M 248 68.25 -33.38 73.47
CA GLY M 248 67.63 -33.80 72.24
C GLY M 248 66.60 -34.90 72.47
N HIS M 249 66.15 -35.49 71.37
CA HIS M 249 65.19 -36.58 71.43
C HIS M 249 65.70 -37.75 70.60
N THR M 250 65.24 -38.95 70.96
CA THR M 250 65.70 -40.18 70.35
C THR M 250 64.67 -40.71 69.35
N MET M 251 65.17 -41.25 68.24
CA MET M 251 64.32 -41.82 67.20
C MET M 251 64.68 -43.30 67.02
N LYS M 252 63.66 -44.14 66.99
CA LYS M 252 63.83 -45.59 66.86
C LYS M 252 63.01 -46.10 65.67
N PHE M 253 63.52 -47.16 65.05
CA PHE M 253 62.91 -47.70 63.84
C PHE M 253 62.72 -49.20 63.97
N ASN M 254 61.77 -49.74 63.19
CA ASN M 254 61.46 -51.16 63.22
C ASN M 254 62.43 -51.92 62.33
N ASN M 255 62.13 -53.19 62.06
CA ASN M 255 62.99 -54.00 61.21
C ASN M 255 62.87 -53.59 59.75
N ASP M 256 61.67 -53.24 59.29
CA ASP M 256 61.46 -52.89 57.90
C ASP M 256 61.91 -51.47 57.57
N GLY M 257 62.50 -50.75 58.52
CA GLY M 257 62.97 -49.40 58.29
C GLY M 257 61.96 -48.31 58.56
N THR M 258 60.71 -48.67 58.85
CA THR M 258 59.70 -47.67 59.14
C THR M 258 59.92 -47.10 60.54
N LEU M 259 59.15 -46.06 60.86
CA LEU M 259 59.26 -45.40 62.15
C LEU M 259 58.64 -46.25 63.25
N ALA M 260 59.34 -46.37 64.38
CA ALA M 260 58.84 -47.13 65.53
C ALA M 260 58.29 -46.21 66.61
N SER M 261 59.14 -45.33 67.15
CA SER M 261 58.72 -44.44 68.22
C SER M 261 59.58 -43.19 68.18
N LEU M 262 59.07 -42.11 68.77
CA LEU M 262 59.75 -40.82 68.79
C LEU M 262 59.71 -40.25 70.20
N ASN M 263 60.89 -40.07 70.79
CA ASN M 263 61.01 -39.47 72.13
C ASN M 263 60.14 -40.19 73.14
N ASN M 264 60.26 -41.52 73.17
CA ASN M 264 59.47 -42.38 74.07
C ASN M 264 57.98 -42.21 73.83
N GLY M 265 57.59 -41.91 72.60
CA GLY M 265 56.18 -41.73 72.27
C GLY M 265 55.59 -40.40 72.68
N GLN M 266 56.38 -39.50 73.22
CA GLN M 266 55.85 -38.21 73.63
C GLN M 266 55.99 -37.19 72.50
N PRO M 267 55.11 -36.19 72.46
CA PRO M 267 55.24 -35.15 71.45
C PRO M 267 56.51 -34.34 71.67
N ILE M 268 57.07 -33.86 70.56
CA ILE M 268 58.32 -33.10 70.61
C ILE M 268 57.97 -31.62 70.69
N THR M 269 58.12 -31.05 71.89
CA THR M 269 57.87 -29.64 72.13
C THR M 269 59.14 -29.01 72.66
N SER M 270 59.64 -27.99 71.96
CA SER M 270 60.84 -27.31 72.39
C SER M 270 60.51 -26.26 73.46
N VAL M 271 61.54 -25.88 74.21
CA VAL M 271 61.39 -24.87 75.25
C VAL M 271 61.24 -23.50 74.59
N ALA M 272 60.81 -22.51 75.36
CA ALA M 272 60.64 -21.17 74.82
C ALA M 272 61.97 -20.62 74.33
N LEU M 273 61.94 -20.03 73.13
CA LEU M 273 63.18 -19.59 72.49
C LEU M 273 63.86 -18.47 73.28
N GLY M 274 63.08 -17.49 73.73
CA GLY M 274 63.66 -16.32 74.34
C GLY M 274 63.33 -16.12 75.81
N ASP M 275 62.87 -17.17 76.48
CA ASP M 275 62.51 -17.05 77.89
C ASP M 275 63.64 -17.62 78.74
N PRO M 276 64.36 -16.78 79.49
CA PRO M 276 65.44 -17.31 80.34
C PRO M 276 64.95 -18.22 81.45
N ALA M 277 63.69 -18.09 81.87
CA ALA M 277 63.17 -18.91 82.96
C ALA M 277 63.08 -20.39 82.60
N THR M 278 63.08 -20.73 81.31
CA THR M 278 63.02 -22.11 80.88
C THR M 278 64.12 -22.51 79.92
N ASN M 279 64.95 -21.58 79.46
CA ASN M 279 66.04 -21.87 78.54
C ASN M 279 67.34 -21.34 79.12
N THR M 280 68.37 -22.18 79.12
CA THR M 280 69.68 -21.75 79.61
C THR M 280 70.41 -20.87 78.59
N THR M 281 70.02 -20.91 77.33
CA THR M 281 70.59 -20.09 76.27
C THR M 281 69.44 -19.39 75.55
N PRO M 282 68.89 -18.34 76.14
CA PRO M 282 67.73 -17.66 75.52
C PRO M 282 68.12 -17.04 74.18
N VAL M 283 67.29 -17.31 73.16
CA VAL M 283 67.52 -16.70 71.86
C VAL M 283 67.12 -15.23 71.90
N ASP M 284 67.96 -14.38 71.33
CA ASP M 284 67.69 -12.95 71.33
C ASP M 284 66.56 -12.63 70.37
N MET M 285 65.33 -12.57 70.89
CA MET M 285 64.17 -12.29 70.05
C MET M 285 64.19 -10.87 69.49
N ASN M 286 64.95 -9.96 70.10
CA ASN M 286 65.07 -8.59 69.62
C ASN M 286 63.71 -7.91 69.52
N GLY M 287 62.87 -8.12 70.54
CA GLY M 287 61.56 -7.53 70.59
C GLY M 287 60.42 -8.48 70.24
N ALA M 288 60.72 -9.67 69.75
CA ALA M 288 59.68 -10.63 69.42
C ALA M 288 59.19 -11.31 70.69
N ASP M 289 58.21 -12.21 70.52
CA ASP M 289 57.64 -12.93 71.64
C ASP M 289 58.64 -13.92 72.19
N PRO M 290 59.02 -13.80 73.47
CA PRO M 290 60.01 -14.74 74.04
C PRO M 290 59.43 -16.09 74.38
N ALA M 291 58.11 -16.26 74.34
CA ALA M 291 57.47 -17.52 74.72
C ALA M 291 57.15 -18.41 73.53
N GLN M 292 57.73 -18.14 72.37
CA GLN M 292 57.45 -18.94 71.19
C GLN M 292 57.94 -20.37 71.38
N THR M 293 57.13 -21.33 70.93
CA THR M 293 57.44 -22.74 71.05
C THR M 293 57.34 -23.41 69.68
N LEU M 294 58.11 -24.47 69.49
CA LEU M 294 58.16 -25.20 68.24
C LEU M 294 57.70 -26.64 68.46
N ASN M 295 56.83 -27.12 67.57
CA ASN M 295 56.38 -28.50 67.58
C ASN M 295 56.91 -29.19 66.33
N PHE M 296 57.62 -30.30 66.52
CA PHE M 296 58.25 -31.03 65.43
C PHE M 296 57.43 -32.28 65.12
N GLY M 297 57.03 -32.43 63.86
CA GLY M 297 56.34 -33.63 63.44
C GLY M 297 57.18 -34.46 62.50
N LEU M 298 57.63 -35.62 62.97
CA LEU M 298 58.52 -36.49 62.20
C LEU M 298 57.89 -37.88 62.07
N GLY M 299 56.59 -37.92 61.76
CA GLY M 299 55.90 -39.20 61.64
C GLY M 299 56.20 -39.96 60.36
N SER M 300 56.92 -39.36 59.42
CA SER M 300 57.27 -40.01 58.17
C SER M 300 58.75 -40.33 58.06
N ALA M 301 59.51 -40.19 59.15
CA ALA M 301 60.93 -40.48 59.12
C ALA M 301 61.18 -41.96 58.86
N THR M 302 62.19 -42.25 58.04
CA THR M 302 62.53 -43.62 57.69
C THR M 302 64.03 -43.81 57.77
N GLN M 303 64.44 -45.06 57.90
CA GLN M 303 65.85 -45.45 57.86
C GLN M 303 66.00 -46.60 56.87
N PHE M 304 66.53 -46.30 55.69
CA PHE M 304 66.73 -47.28 54.64
C PHE M 304 68.21 -47.29 54.24
N ALA M 305 68.52 -48.08 53.21
CA ALA M 305 69.87 -48.12 52.68
C ALA M 305 70.22 -46.87 51.87
N ALA M 306 69.23 -46.05 51.55
CA ALA M 306 69.49 -44.85 50.77
C ALA M 306 70.30 -43.85 51.59
N PRO M 307 71.07 -42.98 50.93
CA PRO M 307 71.84 -41.97 51.68
C PRO M 307 70.95 -40.95 52.37
N PHE M 308 71.56 -40.07 53.16
CA PHE M 308 70.80 -39.03 53.85
C PHE M 308 70.07 -38.15 52.85
N GLU M 309 68.79 -37.91 53.11
CA GLU M 309 67.96 -37.16 52.18
C GLU M 309 66.88 -36.41 52.94
N LEU M 310 66.71 -35.14 52.60
CA LEU M 310 65.66 -34.30 53.18
C LEU M 310 64.49 -34.30 52.21
N THR M 311 63.58 -35.27 52.40
CA THR M 311 62.49 -35.45 51.45
C THR M 311 61.48 -34.31 51.53
N LYS M 312 61.04 -33.97 52.74
CA LYS M 312 59.97 -33.01 52.92
C LYS M 312 60.25 -32.11 54.11
N PHE M 313 60.01 -30.82 53.95
CA PHE M 313 60.13 -29.85 55.04
C PHE M 313 58.96 -28.87 54.94
N ASP M 314 58.10 -28.87 55.94
CA ASP M 314 56.93 -28.01 55.95
C ASP M 314 56.85 -27.26 57.28
N GLU M 315 56.49 -25.99 57.21
CA GLU M 315 56.32 -25.14 58.39
C GLU M 315 55.02 -24.36 58.27
N ASP M 316 54.67 -23.65 59.33
CA ASP M 316 53.46 -22.83 59.36
C ASP M 316 53.79 -21.35 59.52
N GLY M 317 55.05 -20.96 59.32
CA GLY M 317 55.42 -19.57 59.45
C GLY M 317 54.97 -18.73 58.27
N ALA M 318 55.00 -17.42 58.47
CA ALA M 318 54.59 -16.49 57.43
C ALA M 318 55.25 -15.15 57.68
N THR M 319 55.26 -14.32 56.63
CA THR M 319 55.85 -12.99 56.69
C THR M 319 54.90 -12.02 56.01
N THR M 320 55.18 -10.73 56.15
CA THR M 320 54.38 -9.72 55.49
C THR M 320 54.47 -9.88 53.97
N GLY M 321 53.35 -9.62 53.29
CA GLY M 321 53.29 -9.82 51.86
C GLY M 321 52.23 -8.94 51.24
N PHE M 322 52.21 -8.97 49.90
CA PHE M 322 51.31 -8.14 49.12
C PHE M 322 50.53 -9.02 48.16
N LEU M 323 49.26 -8.67 47.97
CA LEU M 323 48.38 -9.46 47.10
C LEU M 323 48.98 -9.57 45.71
N THR M 324 49.17 -10.80 45.26
CA THR M 324 49.74 -11.08 43.94
C THR M 324 48.68 -11.41 42.90
N LYS M 325 47.80 -12.37 43.19
CA LYS M 325 46.75 -12.72 42.25
C LYS M 325 45.54 -13.26 43.01
N VAL M 326 44.40 -13.24 42.34
CA VAL M 326 43.13 -13.70 42.91
C VAL M 326 42.45 -14.59 41.89
N ASP M 327 41.90 -15.71 42.36
CA ASP M 327 41.17 -16.62 41.50
C ASP M 327 40.02 -17.24 42.26
N PHE M 328 39.05 -17.76 41.51
CA PHE M 328 37.85 -18.37 42.05
C PHE M 328 37.81 -19.82 41.63
N ASP M 329 37.55 -20.71 42.59
CA ASP M 329 37.41 -22.13 42.28
C ASP M 329 35.94 -22.47 42.05
N GLU M 330 35.69 -23.73 41.72
CA GLU M 330 34.32 -24.18 41.44
C GLU M 330 33.45 -24.12 42.69
N ASN M 331 34.03 -24.23 43.87
CA ASN M 331 33.26 -24.16 45.11
C ASN M 331 32.82 -22.75 45.44
N GLY M 332 33.27 -21.75 44.70
CA GLY M 332 32.97 -20.37 44.99
C GLY M 332 33.94 -19.70 45.93
N SER M 333 34.92 -20.43 46.47
CA SER M 333 35.91 -19.83 47.34
C SER M 333 36.84 -18.93 46.54
N VAL M 334 37.06 -17.72 47.02
CA VAL M 334 37.95 -16.76 46.38
C VAL M 334 39.29 -16.84 47.09
N MET M 335 40.31 -17.29 46.38
CA MET M 335 41.64 -17.48 46.96
C MET M 335 42.60 -16.41 46.44
N GLY M 336 43.51 -16.00 47.31
CA GLY M 336 44.49 -15.00 46.94
C GLY M 336 45.85 -15.29 47.51
N THR M 337 46.88 -15.30 46.66
CA THR M 337 48.24 -15.60 47.06
C THR M 337 49.02 -14.31 47.22
N TYR M 338 49.86 -14.27 48.26
CA TYR M 338 50.63 -13.08 48.59
C TYR M 338 52.10 -13.31 48.28
N SER M 339 52.91 -12.28 48.56
CA SER M 339 54.35 -12.38 48.31
C SER M 339 55.02 -13.37 49.25
N ASN M 340 54.48 -13.55 50.46
CA ASN M 340 55.07 -14.49 51.40
C ASN M 340 54.94 -15.92 50.90
N GLY M 341 53.82 -16.25 50.27
CA GLY M 341 53.58 -17.58 49.74
C GLY M 341 52.32 -18.25 50.24
N GLU M 342 51.69 -17.73 51.30
CA GLU M 342 50.48 -18.34 51.82
C GLU M 342 49.32 -18.17 50.85
N ASN M 343 48.55 -19.24 50.65
CA ASN M 343 47.37 -19.20 49.79
C ASN M 343 46.12 -18.96 50.66
N VAL M 344 46.01 -17.72 51.13
CA VAL M 344 44.92 -17.35 52.02
C VAL M 344 43.59 -17.40 51.27
N THR M 345 42.59 -17.99 51.90
CA THR M 345 41.24 -18.03 51.33
C THR M 345 40.45 -16.85 51.89
N LEU M 346 40.11 -15.90 51.01
CA LEU M 346 39.42 -14.70 51.46
C LEU M 346 38.00 -15.01 51.92
N GLY M 347 37.32 -15.94 51.24
CA GLY M 347 35.98 -16.30 51.62
C GLY M 347 35.31 -17.11 50.52
N ARG M 348 34.00 -17.26 50.68
CA ARG M 348 33.17 -17.92 49.68
C ARG M 348 32.08 -16.97 49.21
N VAL M 349 31.45 -17.31 48.10
CA VAL M 349 30.37 -16.52 47.53
C VAL M 349 29.06 -17.23 47.87
N ALA M 350 28.20 -16.55 48.62
CA ALA M 350 26.94 -17.15 49.03
C ALA M 350 26.03 -17.37 47.82
N LEU M 351 25.23 -18.44 47.90
CA LEU M 351 24.23 -18.74 46.88
C LEU M 351 22.88 -18.94 47.55
N VAL M 352 21.85 -18.37 46.95
CA VAL M 352 20.51 -18.35 47.54
C VAL M 352 19.53 -19.00 46.59
N ARG M 353 18.66 -19.84 47.13
CA ARG M 353 17.63 -20.52 46.36
C ARG M 353 16.31 -20.42 47.10
N VAL M 354 15.23 -20.15 46.37
CA VAL M 354 13.90 -20.07 46.96
C VAL M 354 13.05 -21.21 46.38
N PRO M 355 12.11 -21.76 47.16
CA PRO M 355 11.30 -22.87 46.61
C PRO M 355 10.47 -22.49 45.40
N ASN M 356 9.94 -21.26 45.37
CA ASN M 356 9.10 -20.78 44.27
C ASN M 356 9.76 -19.55 43.68
N GLU M 357 10.45 -19.71 42.56
CA GLU M 357 11.09 -18.57 41.91
C GLU M 357 10.08 -17.69 41.17
N GLN M 358 8.94 -18.24 40.76
CA GLN M 358 7.94 -17.48 40.03
C GLN M 358 7.22 -16.44 40.87
N GLY M 359 7.41 -16.45 42.19
CA GLY M 359 6.67 -15.55 43.06
C GLY M 359 7.50 -14.42 43.61
N LEU M 360 8.80 -14.40 43.29
CA LEU M 360 9.65 -13.31 43.70
C LEU M 360 9.15 -11.99 43.11
N ASP M 361 9.05 -10.97 43.95
CA ASP M 361 8.73 -9.64 43.44
C ASP M 361 9.95 -9.04 42.78
N LYS M 362 9.72 -8.29 41.71
CA LYS M 362 10.79 -7.82 40.85
C LYS M 362 11.15 -6.39 41.23
N LYS M 363 12.38 -6.20 41.72
CA LYS M 363 12.90 -4.88 41.96
C LYS M 363 13.61 -4.39 40.70
N GLY M 364 14.12 -3.16 40.74
CA GLY M 364 14.81 -2.61 39.60
C GLY M 364 16.21 -3.20 39.43
N GLY M 365 16.74 -3.03 38.23
CA GLY M 365 18.10 -3.46 37.96
C GLY M 365 18.31 -4.96 38.02
N THR M 366 17.34 -5.74 37.53
CA THR M 366 17.44 -7.20 37.49
C THR M 366 17.76 -7.77 38.87
N GLN M 367 16.94 -7.38 39.85
CA GLN M 367 17.07 -7.86 41.21
C GLN M 367 15.72 -8.33 41.72
N TRP M 368 15.75 -9.32 42.61
CA TRP M 368 14.54 -9.90 43.17
C TRP M 368 14.62 -9.92 44.68
N ASP M 369 13.46 -10.00 45.32
CA ASP M 369 13.36 -10.17 46.75
C ASP M 369 12.37 -11.28 47.05
N SER M 370 12.48 -11.85 48.24
CA SER M 370 11.64 -12.97 48.64
C SER M 370 10.38 -12.44 49.31
N THR M 371 9.22 -12.78 48.75
CA THR M 371 7.95 -12.39 49.32
C THR M 371 7.30 -13.58 50.03
N GLN M 372 6.05 -13.39 50.46
CA GLN M 372 5.32 -14.48 51.08
C GLN M 372 5.11 -15.65 50.11
N PHE M 373 4.71 -15.34 48.87
CA PHE M 373 4.45 -16.39 47.90
C PHE M 373 5.71 -17.15 47.54
N SER M 374 6.83 -16.45 47.38
CA SER M 374 8.07 -17.10 46.98
C SER M 374 8.55 -18.09 48.03
N GLY M 375 8.42 -17.73 49.31
CA GLY M 375 8.88 -18.56 50.39
C GLY M 375 9.92 -17.84 51.24
N ASP M 376 10.94 -18.57 51.67
CA ASP M 376 12.03 -18.00 52.44
C ASP M 376 13.35 -18.34 51.78
N LYS M 377 14.29 -17.40 51.82
CA LYS M 377 15.59 -17.59 51.20
C LYS M 377 16.34 -18.74 51.87
N ILE M 378 16.78 -19.70 51.07
CA ILE M 378 17.53 -20.85 51.56
C ILE M 378 18.98 -20.67 51.11
N TRP M 379 19.88 -20.51 52.07
CA TRP M 379 21.27 -20.24 51.77
C TRP M 379 22.07 -21.53 51.61
N GLY M 380 23.16 -21.44 50.86
CA GLY M 380 23.98 -22.59 50.60
C GLY M 380 25.26 -22.18 49.89
N GLU M 381 26.11 -23.18 49.65
CA GLU M 381 27.37 -22.97 48.96
C GLU M 381 27.23 -23.29 47.49
N SER M 382 28.34 -23.32 46.77
CA SER M 382 28.35 -23.63 45.34
C SER M 382 28.60 -25.12 45.15
N ASN M 383 27.82 -25.73 44.25
CA ASN M 383 27.94 -27.16 43.94
C ASN M 383 27.76 -28.02 45.20
N LYS M 384 26.73 -27.70 45.97
CA LYS M 384 26.40 -28.45 47.18
C LYS M 384 24.90 -28.67 47.22
N GLY M 385 24.49 -29.92 47.42
CA GLY M 385 23.08 -30.21 47.47
C GLY M 385 22.40 -29.93 46.13
N SER M 386 21.36 -29.11 46.17
CA SER M 386 20.58 -28.79 44.98
C SER M 386 21.04 -27.53 44.28
N PHE M 387 22.09 -26.88 44.77
CA PHE M 387 22.59 -25.67 44.14
C PHE M 387 23.41 -25.98 42.89
N GLY M 388 23.66 -24.96 42.10
CA GLY M 388 24.47 -25.07 40.90
C GLY M 388 25.92 -24.73 41.16
N THR M 389 26.64 -24.50 40.07
CA THR M 389 28.06 -24.16 40.12
C THR M 389 28.26 -22.69 39.81
N ILE M 390 29.44 -22.18 40.20
CA ILE M 390 29.82 -20.79 39.95
C ILE M 390 31.06 -20.80 39.08
N ASN M 391 30.98 -20.12 37.93
CA ASN M 391 32.09 -20.03 36.99
C ASN M 391 32.49 -18.57 36.84
N ASN M 392 33.78 -18.29 37.01
CA ASN M 392 34.29 -16.95 36.81
C ASN M 392 34.65 -16.74 35.34
N GLY M 393 34.67 -15.47 34.94
CA GLY M 393 34.94 -15.14 33.55
C GLY M 393 33.77 -15.25 32.61
N MET M 394 32.56 -15.41 33.13
CA MET M 394 31.37 -15.54 32.29
C MET M 394 30.29 -14.60 32.80
N LEU M 395 29.30 -14.34 31.93
CA LEU M 395 28.15 -13.53 32.28
C LEU M 395 26.92 -14.11 31.60
N GLU M 396 25.76 -13.81 32.16
CA GLU M 396 24.49 -14.30 31.64
C GLU M 396 23.86 -13.27 30.73
N GLN M 397 23.37 -13.72 29.58
CA GLN M 397 22.53 -12.90 28.72
C GLN M 397 21.06 -13.19 29.02
N SER M 398 20.18 -12.45 28.36
CA SER M 398 18.75 -12.67 28.56
C SER M 398 18.35 -14.02 27.97
N ASN M 399 17.40 -14.67 28.64
CA ASN M 399 16.93 -15.98 28.20
C ASN M 399 15.72 -15.84 27.27
N ILE M 400 15.93 -15.07 26.21
CA ILE M 400 14.87 -14.78 25.25
C ILE M 400 15.33 -15.23 23.86
N ASP M 401 14.36 -15.47 23.00
CA ASP M 401 14.59 -15.86 21.61
C ASP M 401 13.90 -14.84 20.73
N MET M 402 14.69 -14.14 19.90
CA MET M 402 14.14 -13.05 19.11
C MET M 402 13.07 -13.53 18.15
N THR M 403 13.26 -14.71 17.56
CA THR M 403 12.28 -15.26 16.64
C THR M 403 10.92 -15.39 17.31
N GLN M 404 10.88 -16.03 18.48
CA GLN M 404 9.62 -16.22 19.18
C GLN M 404 9.00 -14.88 19.58
N GLU M 405 9.83 -13.93 20.03
CA GLU M 405 9.30 -12.63 20.42
C GLU M 405 8.65 -11.91 19.25
N LEU M 406 9.31 -11.93 18.08
CA LEU M 406 8.74 -11.25 16.92
C LEU M 406 7.46 -11.93 16.45
N VAL M 407 7.44 -13.27 16.45
CA VAL M 407 6.23 -13.97 16.04
C VAL M 407 5.09 -13.68 17.00
N ASP M 408 5.38 -13.65 18.31
CA ASP M 408 4.37 -13.28 19.29
C ASP M 408 3.89 -11.86 19.07
N LEU M 409 4.78 -10.96 18.67
CA LEU M 409 4.39 -9.59 18.38
C LEU M 409 3.39 -9.55 17.24
N ILE M 410 3.66 -10.31 16.17
CA ILE M 410 2.75 -10.36 15.04
C ILE M 410 1.39 -10.91 15.47
N SER M 411 1.41 -12.00 16.25
CA SER M 411 0.15 -12.60 16.69
C SER M 411 -0.65 -11.66 17.57
N ALA M 412 0.03 -10.95 18.47
CA ALA M 412 -0.65 -9.98 19.33
C ALA M 412 -1.27 -8.86 18.52
N GLN M 413 -0.55 -8.37 17.51
CA GLN M 413 -1.12 -7.35 16.65
C GLN M 413 -2.37 -7.86 15.94
N ARG M 414 -2.32 -9.10 15.44
CA ARG M 414 -3.49 -9.66 14.76
C ARG M 414 -4.68 -9.78 15.71
N ASN M 415 -4.44 -10.25 16.94
CA ASN M 415 -5.53 -10.37 17.91
C ASN M 415 -6.11 -9.00 18.25
N PHE M 416 -5.24 -8.00 18.41
CA PHE M 416 -5.71 -6.65 18.72
C PHE M 416 -6.57 -6.11 17.59
N GLN M 417 -6.16 -6.34 16.35
CA GLN M 417 -6.97 -5.90 15.20
C GLN M 417 -8.33 -6.59 15.20
N ALA M 418 -8.36 -7.89 15.49
CA ALA M 418 -9.63 -8.61 15.55
C ALA M 418 -10.55 -8.04 16.62
N ASN M 419 -10.00 -7.77 17.81
CA ASN M 419 -10.82 -7.21 18.88
C ASN M 419 -11.31 -5.81 18.54
N SER M 420 -10.47 -5.00 17.92
CA SER M 420 -10.91 -3.68 17.49
C SER M 420 -12.03 -3.78 16.48
N ARG M 421 -11.95 -4.74 15.56
CA ARG M 421 -13.03 -4.96 14.61
C ARG M 421 -14.33 -5.33 15.32
N SER M 422 -14.24 -6.18 16.34
CA SER M 422 -15.44 -6.55 17.10
C SER M 422 -16.05 -5.33 17.78
N LEU M 423 -15.21 -4.50 18.41
CA LEU M 423 -15.71 -3.28 19.06
C LEU M 423 -16.37 -2.35 18.05
N GLU M 424 -15.76 -2.22 16.86
CA GLU M 424 -16.35 -1.40 15.81
C GLU M 424 -17.71 -1.94 15.39
N VAL M 425 -17.85 -3.26 15.29
CA VAL M 425 -19.14 -3.85 14.94
C VAL M 425 -20.18 -3.53 16.01
N HIS M 426 -19.81 -3.65 17.29
CA HIS M 426 -20.75 -3.34 18.36
C HIS M 426 -21.21 -1.88 18.27
N ASN M 427 -20.27 -0.96 18.09
CA ASN M 427 -20.63 0.45 18.01
C ASN M 427 -21.50 0.73 16.80
N GLN M 428 -21.21 0.08 15.67
CA GLN M 428 -22.03 0.29 14.48
C GLN M 428 -23.45 -0.21 14.69
N LEU M 429 -23.61 -1.35 15.39
CA LEU M 429 -24.95 -1.83 15.70
C LEU M 429 -25.70 -0.82 16.57
N GLN M 430 -25.03 -0.30 17.61
CA GLN M 430 -25.68 0.66 18.47
C GLN M 430 -26.09 1.92 17.72
N GLN M 431 -25.20 2.41 16.85
CA GLN M 431 -25.53 3.60 16.05
C GLN M 431 -26.65 3.31 15.07
N ASN M 432 -26.72 2.08 14.54
CA ASN M 432 -27.83 1.73 13.66
C ASN M 432 -29.15 1.77 14.41
N ILE M 433 -29.16 1.28 15.65
CA ILE M 433 -30.39 1.36 16.43
C ILE M 433 -30.72 2.81 16.77
N LEU M 434 -29.69 3.63 17.00
CA LEU M 434 -29.91 5.03 17.36
C LEU M 434 -30.71 5.77 16.29
N GLN M 435 -30.60 5.34 15.03
CA GLN M 435 -31.24 6.04 13.91
C GLN M 435 -32.58 5.38 13.54
N ILE M 436 -33.50 5.42 14.49
CA ILE M 436 -34.86 4.92 14.24
C ILE M 436 -35.89 5.91 14.77
N SER N 2 -14.19 22.10 24.18
CA SER N 2 -13.44 22.00 22.95
C SER N 2 -12.12 22.76 23.04
N TYR N 3 -12.07 23.76 23.92
CA TYR N 3 -10.85 24.53 24.09
C TYR N 3 -9.73 23.67 24.65
N VAL N 4 -10.05 22.63 25.40
CA VAL N 4 -9.01 21.70 25.87
C VAL N 4 -8.36 21.00 24.68
N SER N 5 -9.17 20.54 23.73
CA SER N 5 -8.63 19.88 22.55
C SER N 5 -7.82 20.86 21.71
N LEU N 6 -8.28 22.11 21.60
CA LEU N 6 -7.52 23.09 20.85
C LEU N 6 -6.19 23.39 21.52
N SER N 7 -6.17 23.44 22.87
CA SER N 7 -4.91 23.61 23.59
C SER N 7 -3.98 22.43 23.35
N GLY N 8 -4.52 21.22 23.33
CA GLY N 8 -3.70 20.06 23.03
C GLY N 8 -3.13 20.11 21.63
N LEU N 9 -3.93 20.54 20.66
CA LEU N 9 -3.45 20.71 19.29
C LEU N 9 -2.33 21.74 19.23
N SER N 10 -2.50 22.86 19.94
CA SER N 10 -1.47 23.89 19.94
C SER N 10 -0.18 23.37 20.57
N ALA N 11 -0.30 22.62 21.66
CA ALA N 11 0.90 22.05 22.30
C ALA N 11 1.60 21.06 21.38
N ALA N 12 0.85 20.19 20.71
CA ALA N 12 1.45 19.24 19.79
C ALA N 12 2.12 19.95 18.63
N GLN N 13 1.49 21.00 18.11
CA GLN N 13 2.09 21.73 17.01
C GLN N 13 3.34 22.49 17.44
N LEU N 14 3.36 23.00 18.68
CA LEU N 14 4.57 23.62 19.20
C LEU N 14 5.70 22.62 19.31
N ASP N 15 5.40 21.41 19.80
CA ASP N 15 6.43 20.37 19.84
C ASP N 15 6.91 20.03 18.44
N LEU N 16 5.99 19.96 17.48
CA LEU N 16 6.35 19.67 16.10
C LEU N 16 7.27 20.75 15.55
N ASN N 17 6.96 22.02 15.81
CA ASN N 17 7.80 23.11 15.33
C ASN N 17 9.17 23.06 15.97
N THR N 18 9.25 22.77 17.27
CA THR N 18 10.55 22.67 17.93
C THR N 18 11.38 21.55 17.31
N THR N 19 10.76 20.39 17.08
CA THR N 19 11.48 19.28 16.48
C THR N 19 11.93 19.61 15.06
N SER N 20 11.07 20.29 14.30
CA SER N 20 11.43 20.67 12.93
C SER N 20 12.59 21.63 12.92
N ASN N 21 12.61 22.59 13.84
CA ASN N 21 13.74 23.52 13.93
C ASN N 21 15.02 22.77 14.29
N ASN N 22 14.93 21.83 15.24
CA ASN N 22 16.10 21.04 15.60
C ASN N 22 16.64 20.26 14.42
N ILE N 23 15.75 19.64 13.63
CA ILE N 23 16.19 18.87 12.47
C ILE N 23 16.78 19.78 11.41
N ALA N 24 16.16 20.95 11.19
CA ALA N 24 16.66 21.86 10.16
C ALA N 24 18.05 22.37 10.52
N ASN N 25 18.30 22.65 11.79
CA ASN N 25 19.60 23.16 12.19
C ASN N 25 20.64 22.07 12.43
N ALA N 26 20.45 20.89 11.82
CA ALA N 26 21.35 19.76 12.07
C ALA N 26 22.77 20.01 11.60
N ASN N 27 23.00 21.00 10.74
CA ASN N 27 24.34 21.27 10.23
C ASN N 27 24.92 22.59 10.72
N THR N 28 24.13 23.42 11.39
CA THR N 28 24.63 24.70 11.88
C THR N 28 25.72 24.48 12.92
N TYR N 29 26.81 25.24 12.79
CA TYR N 29 27.93 25.14 13.72
C TYR N 29 27.55 25.79 15.04
N GLY N 30 27.79 25.09 16.14
CA GLY N 30 27.57 25.65 17.45
C GLY N 30 26.13 25.74 17.87
N PHE N 31 25.20 25.17 17.09
CA PHE N 31 23.80 25.21 17.45
C PHE N 31 23.54 24.36 18.69
N LYS N 32 22.61 24.82 19.52
CA LYS N 32 22.17 24.09 20.70
C LYS N 32 20.68 23.79 20.55
N GLU N 33 20.32 22.52 20.75
CA GLU N 33 18.95 22.11 20.52
C GLU N 33 18.01 22.76 21.53
N SER N 34 16.71 22.56 21.30
CA SER N 34 15.67 23.08 22.18
C SER N 34 14.73 21.95 22.56
N ARG N 35 14.14 22.06 23.75
CA ARG N 35 13.18 21.08 24.23
C ARG N 35 11.92 21.82 24.67
N ALA N 36 10.77 21.25 24.35
CA ALA N 36 9.49 21.86 24.67
C ALA N 36 8.95 21.23 25.95
N GLU N 37 8.68 22.07 26.95
CA GLU N 37 8.15 21.63 28.23
C GLU N 37 6.78 22.27 28.45
N PHE N 38 5.81 21.46 28.82
CA PHE N 38 4.43 21.90 28.99
C PHE N 38 4.00 21.75 30.44
N ALA N 39 2.81 22.25 30.73
CA ALA N 39 2.28 22.21 32.10
C ALA N 39 0.76 22.12 32.05
N ASP N 40 0.20 21.59 33.13
CA ASP N 40 -1.24 21.43 33.23
C ASP N 40 -1.91 22.78 33.48
N VAL N 41 -3.22 22.83 33.22
CA VAL N 41 -4.04 24.01 33.45
C VAL N 41 -5.15 23.64 34.42
N TYR N 42 -5.37 24.51 35.40
CA TYR N 42 -6.46 24.29 36.35
C TYR N 42 -6.91 25.63 36.91
N SER N 43 -8.22 25.76 37.11
CA SER N 43 -8.78 27.00 37.61
C SER N 43 -8.48 27.17 39.10
N ASN N 44 -8.46 28.42 39.54
CA ASN N 44 -8.21 28.78 40.94
C ASN N 44 -9.28 29.72 41.44
N SER N 45 -10.54 29.39 41.16
CA SER N 45 -11.64 30.23 41.59
C SER N 45 -11.80 30.18 43.11
N LEU N 46 -12.42 31.24 43.64
CA LEU N 46 -12.64 31.32 45.09
C LEU N 46 -13.59 30.23 45.56
N PHE N 47 -14.65 29.98 44.79
CA PHE N 47 -15.62 28.93 45.10
C PHE N 47 -15.47 27.83 44.06
N THR N 48 -14.59 26.88 44.36
CA THR N 48 -14.25 25.80 43.43
C THR N 48 -14.77 24.48 43.97
N ASN N 49 -15.48 23.72 43.13
CA ASN N 49 -15.95 22.40 43.53
C ASN N 49 -14.82 21.40 43.62
N ALA N 50 -13.75 21.60 42.84
CA ALA N 50 -12.57 20.73 42.84
C ALA N 50 -12.90 19.30 42.43
N LYS N 51 -13.72 18.61 43.23
CA LYS N 51 -14.05 17.23 42.93
C LYS N 51 -14.85 17.11 41.65
N THR N 52 -15.72 18.09 41.36
CA THR N 52 -16.61 18.05 40.22
C THR N 52 -16.12 18.92 39.06
N THR N 53 -14.89 19.43 39.13
CA THR N 53 -14.38 20.33 38.10
C THR N 53 -13.26 19.64 37.33
N PRO N 54 -13.40 19.44 36.03
CA PRO N 54 -12.35 18.79 35.25
C PRO N 54 -11.19 19.73 34.96
N GLY N 55 -10.22 19.27 34.17
CA GLY N 55 -9.06 20.07 33.85
C GLY N 55 -9.36 21.18 32.88
N GLY N 56 -8.31 21.89 32.48
CA GLY N 56 -8.45 23.02 31.59
C GLY N 56 -7.53 22.98 30.38
N GLY N 57 -6.96 21.80 30.11
CA GLY N 57 -6.09 21.66 28.96
C GLY N 57 -4.63 21.66 29.31
N ALA N 58 -3.77 22.01 28.35
CA ALA N 58 -2.34 22.01 28.54
C ALA N 58 -1.76 23.32 28.04
N GLN N 59 -0.88 23.92 28.84
CA GLN N 59 -0.27 25.20 28.51
C GLN N 59 1.23 25.04 28.39
N ALA N 60 1.81 25.61 27.33
CA ALA N 60 3.25 25.56 27.15
C ALA N 60 3.94 26.36 28.24
N SER N 61 4.95 25.74 28.87
CA SER N 61 5.68 26.39 29.95
C SER N 61 6.89 27.15 29.42
N GLN N 62 7.78 26.46 28.72
CA GLN N 62 8.96 27.10 28.17
C GLN N 62 9.55 26.21 27.10
N VAL N 63 10.31 26.82 26.19
CA VAL N 63 11.12 26.08 25.23
C VAL N 63 12.56 26.14 25.73
N ALA N 64 13.09 25.00 26.15
CA ALA N 64 14.41 24.96 26.75
C ALA N 64 15.49 25.23 25.69
N GLN N 65 16.71 25.36 26.17
CA GLN N 65 17.89 25.61 25.34
C GLN N 65 19.02 24.69 25.77
N GLN N 66 18.72 23.40 25.87
CA GLN N 66 19.66 22.39 26.35
C GLN N 66 21.08 22.63 25.81
N PHE N 67 22.04 22.74 26.73
CA PHE N 67 23.39 23.20 26.41
C PHE N 67 24.42 22.09 26.60
N HIS N 68 24.02 20.84 26.43
CA HIS N 68 24.98 19.76 26.55
C HIS N 68 25.98 19.80 25.40
N GLU N 69 27.23 19.45 25.69
CA GLU N 69 28.30 19.57 24.72
C GLU N 69 28.00 18.78 23.46
N GLY N 70 28.19 19.42 22.30
CA GLY N 70 27.99 18.75 21.03
C GLY N 70 29.25 18.08 20.53
N SER N 71 29.10 17.35 19.43
CA SER N 71 30.24 16.67 18.83
C SER N 71 31.18 17.67 18.19
N SER N 72 32.41 17.22 17.93
CA SER N 72 33.44 18.06 17.35
C SER N 72 33.91 17.48 16.03
N ILE N 73 34.06 18.35 15.03
CA ILE N 73 34.55 17.96 13.72
C ILE N 73 35.92 18.59 13.51
N TYR N 74 36.74 17.91 12.72
CA TYR N 74 38.11 18.32 12.48
C TYR N 74 38.26 18.81 11.05
N THR N 75 38.69 20.05 10.89
CA THR N 75 38.89 20.64 9.58
C THR N 75 40.35 20.95 9.27
N ASN N 76 41.24 20.82 10.26
CA ASN N 76 42.66 21.12 10.12
C ASN N 76 42.89 22.57 9.70
N ASN N 77 41.95 23.45 10.00
CA ASN N 77 42.10 24.87 9.69
C ASN N 77 42.47 25.61 10.97
N PRO N 78 43.67 26.19 11.06
CA PRO N 78 44.10 26.78 12.33
C PRO N 78 43.23 27.92 12.83
N MET N 79 42.46 28.56 11.95
CA MET N 79 41.60 29.66 12.35
C MET N 79 40.29 29.19 12.97
N ASP N 80 40.02 27.89 12.99
CA ASP N 80 38.81 27.36 13.58
C ASP N 80 39.06 27.04 15.06
N LEU N 81 38.17 27.51 15.93
CA LEU N 81 38.33 27.36 17.36
C LEU N 81 37.08 26.74 17.96
N ARG N 82 37.27 25.99 19.04
CA ARG N 82 36.18 25.33 19.75
C ARG N 82 36.42 25.43 21.25
N VAL N 83 35.36 25.70 22.00
CA VAL N 83 35.42 25.78 23.45
C VAL N 83 34.99 24.43 24.00
N SER N 84 35.96 23.66 24.52
CA SER N 84 35.69 22.37 25.13
C SER N 84 35.40 22.57 26.61
N GLY N 85 34.16 22.32 27.01
CA GLY N 85 33.77 22.54 28.39
C GLY N 85 32.75 23.64 28.55
N THR N 86 32.97 24.55 29.49
CA THR N 86 32.05 25.64 29.77
C THR N 86 32.68 26.96 29.32
N GLY N 87 31.93 27.74 28.58
CA GLY N 87 32.37 29.05 28.14
C GLY N 87 31.90 29.35 26.73
N PHE N 88 31.73 30.64 26.45
CA PHE N 88 31.32 31.11 25.14
C PHE N 88 32.32 32.13 24.61
N PHE N 89 32.48 32.14 23.29
CA PHE N 89 33.24 33.20 22.64
C PHE N 89 32.48 34.52 22.72
N ALA N 90 33.21 35.62 22.79
CA ALA N 90 32.63 36.95 22.86
C ALA N 90 32.99 37.72 21.60
N VAL N 91 31.97 38.20 20.89
CA VAL N 91 32.16 38.92 19.64
C VAL N 91 31.40 40.24 19.71
N ALA N 92 32.01 41.29 19.17
CA ALA N 92 31.42 42.62 19.18
C ALA N 92 31.01 43.03 17.76
N LYS N 93 29.88 43.73 17.66
CA LYS N 93 29.38 44.13 16.35
C LYS N 93 30.33 45.08 15.64
N GLU N 94 30.85 46.07 16.36
CA GLU N 94 31.74 47.08 15.81
C GLU N 94 33.07 47.06 16.54
N ARG N 95 34.14 47.39 15.81
CA ARG N 95 35.47 47.39 16.40
C ARG N 95 35.58 48.40 17.52
N LEU N 96 34.98 49.58 17.34
CA LEU N 96 35.15 50.70 18.27
C LEU N 96 34.22 50.63 19.47
N THR N 97 33.36 49.62 19.55
CA THR N 97 32.42 49.46 20.67
C THR N 97 32.51 48.03 21.20
N PRO N 98 33.61 47.70 21.89
CA PRO N 98 33.72 46.34 22.46
C PRO N 98 32.66 46.05 23.51
N GLN N 99 32.10 47.08 24.15
CA GLN N 99 31.10 46.85 25.19
C GLN N 99 29.88 46.12 24.64
N GLN N 100 29.41 46.53 23.47
CA GLN N 100 28.26 45.89 22.83
C GLN N 100 28.72 44.57 22.22
N ASN N 101 28.47 43.47 22.92
CA ASN N 101 28.96 42.17 22.52
C ASN N 101 27.90 41.10 22.74
N GLU N 102 28.05 39.99 22.04
CA GLU N 102 27.14 38.86 22.14
C GLU N 102 27.96 37.57 22.24
N LEU N 103 27.32 36.54 22.80
CA LEU N 103 27.98 35.27 23.05
C LEU N 103 27.68 34.28 21.93
N THR N 104 28.70 33.51 21.55
CA THR N 104 28.56 32.55 20.46
C THR N 104 29.38 31.31 20.79
N ARG N 105 29.24 30.29 19.94
CA ARG N 105 29.95 29.04 20.11
C ARG N 105 30.73 28.57 18.89
N ASN N 106 30.31 28.95 17.69
CA ASN N 106 31.03 28.53 16.49
C ASN N 106 32.34 29.29 16.35
N GLY N 107 33.31 28.66 15.69
CA GLY N 107 34.64 29.24 15.60
C GLY N 107 35.14 29.44 14.19
N ALA N 108 34.24 29.67 13.25
CA ALA N 108 34.63 29.91 11.86
C ALA N 108 35.16 31.33 11.75
N PHE N 109 36.43 31.51 12.09
CA PHE N 109 37.07 32.82 12.12
C PHE N 109 37.99 33.00 10.93
N HIS N 110 38.22 34.26 10.57
CA HIS N 110 39.15 34.61 9.51
C HIS N 110 39.58 36.06 9.69
N LEU N 111 40.71 36.41 9.06
CA LEU N 111 41.23 37.76 9.11
C LEU N 111 40.48 38.63 8.12
N ASN N 112 40.03 39.81 8.56
CA ASN N 112 39.38 40.76 7.68
C ASN N 112 40.46 41.58 6.97
N LYS N 113 40.04 42.59 6.20
CA LYS N 113 41.01 43.40 5.47
C LYS N 113 41.90 44.22 6.39
N GLU N 114 41.52 44.37 7.66
CA GLU N 114 42.35 45.07 8.64
C GLU N 114 43.15 44.11 9.52
N ASN N 115 43.19 42.82 9.15
CA ASN N 115 43.90 41.80 9.92
C ASN N 115 43.35 41.67 11.34
N TYR N 116 42.03 41.73 11.47
CA TYR N 116 41.34 41.42 12.71
C TYR N 116 40.55 40.13 12.55
N MET N 117 40.57 39.30 13.58
CA MET N 117 39.82 38.04 13.54
C MET N 117 38.33 38.35 13.69
N VAL N 118 37.55 37.94 12.69
CA VAL N 118 36.11 38.19 12.68
C VAL N 118 35.38 36.91 12.35
N THR N 119 34.09 36.90 12.64
CA THR N 119 33.23 35.76 12.35
C THR N 119 32.78 35.81 10.89
N ALA N 120 31.83 34.95 10.54
CA ALA N 120 31.33 34.93 9.16
C ALA N 120 30.67 36.24 8.79
N ASN N 121 29.91 36.82 9.73
CA ASN N 121 29.21 38.08 9.50
C ASN N 121 30.10 39.29 9.73
N ASP N 122 31.43 39.12 9.72
CA ASP N 122 32.38 40.20 9.92
C ASP N 122 32.16 40.90 11.27
N GLU N 123 31.98 40.08 12.31
CA GLU N 123 31.85 40.58 13.68
C GLU N 123 33.15 40.29 14.43
N PHE N 124 33.75 41.33 15.00
CA PHE N 124 35.08 41.21 15.57
C PHE N 124 35.07 40.35 16.83
N LEU N 125 36.14 39.59 17.02
CA LEU N 125 36.29 38.71 18.17
C LEU N 125 37.01 39.45 19.29
N LEU N 126 36.46 39.39 20.49
CA LEU N 126 37.00 40.10 21.63
C LEU N 126 38.10 39.29 22.31
N GLY N 127 39.19 39.97 22.67
CA GLY N 127 40.31 39.32 23.33
C GLY N 127 40.96 40.24 24.33
N TYR N 128 41.84 39.65 25.14
CA TYR N 128 42.56 40.38 26.18
C TYR N 128 43.88 40.90 25.63
N GLN N 129 44.65 41.57 26.49
CA GLN N 129 45.96 42.09 26.15
C GLN N 129 46.95 41.64 27.21
N VAL N 130 47.86 40.75 26.84
CA VAL N 130 48.80 40.16 27.79
C VAL N 130 50.08 41.01 27.85
N ASP N 131 50.85 40.79 28.93
CA ASP N 131 52.12 41.48 29.12
C ASP N 131 53.19 40.87 28.22
N PRO N 132 54.20 41.66 27.84
CA PRO N 132 55.26 41.11 26.97
C PRO N 132 55.98 39.92 27.57
N SER N 133 56.36 40.01 28.85
CA SER N 133 57.07 38.93 29.52
C SER N 133 56.18 38.12 30.46
N SER N 134 55.41 38.80 31.31
CA SER N 134 54.52 38.10 32.23
C SER N 134 53.37 37.45 31.46
N GLY N 135 53.15 36.16 31.73
CA GLY N 135 52.05 35.46 31.09
C GLY N 135 50.69 35.96 31.50
N GLU N 136 50.54 36.41 32.74
CA GLU N 136 49.27 36.90 33.23
C GLU N 136 48.83 38.14 32.45
N VAL N 137 47.55 38.18 32.11
CA VAL N 137 46.98 39.31 31.40
C VAL N 137 46.77 40.46 32.38
N SER N 138 47.19 41.66 31.98
CA SER N 138 47.12 42.81 32.87
C SER N 138 45.69 43.31 33.01
N SER N 139 45.11 43.81 31.92
CA SER N 139 43.78 44.39 31.95
C SER N 139 42.76 43.41 31.41
N TYR N 140 41.62 43.31 32.10
CA TYR N 140 40.58 42.33 31.76
C TYR N 140 39.49 42.92 30.88
N GLU N 141 39.66 44.15 30.42
CA GLU N 141 38.67 44.69 29.49
C GLU N 141 38.81 44.01 28.13
N PRO N 142 37.69 43.78 27.44
CA PRO N 142 37.77 43.14 26.12
C PRO N 142 38.13 44.14 25.03
N GLN N 143 38.98 43.69 24.11
CA GLN N 143 39.34 44.50 22.95
C GLN N 143 39.49 43.58 21.75
N PRO N 144 39.26 44.10 20.54
CA PRO N 144 39.41 43.27 19.34
C PRO N 144 40.83 42.78 19.19
N ILE N 145 40.95 41.56 18.67
CA ILE N 145 42.25 40.93 18.46
C ILE N 145 42.78 41.34 17.10
N ASN N 146 44.01 41.86 17.08
CA ASN N 146 44.68 42.26 15.86
C ASN N 146 45.91 41.39 15.64
N ILE N 147 46.16 41.02 14.39
CA ILE N 147 47.31 40.19 14.04
C ILE N 147 48.15 40.96 13.03
N PRO N 148 49.05 41.83 13.49
CA PRO N 148 49.84 42.63 12.55
C PRO N 148 50.75 41.76 11.70
N ALA N 149 50.99 42.20 10.46
CA ALA N 149 51.85 41.49 9.54
C ALA N 149 53.30 41.92 9.64
N GLU N 150 53.62 42.93 10.47
CA GLU N 150 54.98 43.41 10.61
C GLU N 150 55.30 43.66 12.07
N PHE N 151 56.51 43.29 12.48
CA PHE N 151 57.03 43.60 13.81
C PHE N 151 57.71 44.96 13.75
N GLY N 152 56.90 45.99 13.52
CA GLY N 152 57.40 47.32 13.22
C GLY N 152 57.88 48.11 14.42
N LYS N 153 58.88 47.59 15.13
CA LYS N 153 59.46 48.31 16.26
C LYS N 153 60.85 47.76 16.55
N PRO N 154 61.89 48.25 15.86
CA PRO N 154 63.25 47.80 16.16
C PRO N 154 63.61 48.05 17.61
N LYS N 155 63.82 46.97 18.36
CA LYS N 155 64.04 47.04 19.80
C LYS N 155 65.54 47.00 20.07
N GLN N 156 66.06 48.04 20.72
CA GLN N 156 67.48 48.12 21.01
C GLN N 156 67.88 47.09 22.05
N THR N 157 69.16 46.69 22.00
CA THR N 157 69.69 45.73 22.97
C THR N 157 69.93 46.45 24.29
N ALA N 158 69.34 45.94 25.36
CA ALA N 158 69.47 46.57 26.67
C ALA N 158 70.01 45.61 27.72
N ASN N 159 69.55 44.36 27.68
CA ASN N 159 69.97 43.35 28.65
C ASN N 159 70.67 42.22 27.91
N ILE N 160 71.87 41.87 28.36
CA ILE N 160 72.66 40.78 27.78
C ILE N 160 72.99 39.81 28.90
N GLU N 161 72.57 38.55 28.73
CA GLU N 161 72.90 37.49 29.67
C GLU N 161 73.97 36.62 29.06
N VAL N 162 75.08 36.44 29.78
CA VAL N 162 76.21 35.66 29.32
C VAL N 162 76.53 34.61 30.38
N GLY N 163 76.57 33.35 29.96
CA GLY N 163 77.01 32.28 30.84
C GLY N 163 78.20 31.54 30.26
N VAL N 164 79.37 31.68 30.88
CA VAL N 164 80.59 31.06 30.38
C VAL N 164 81.25 30.28 31.52
N ASN N 165 82.09 29.33 31.12
CA ASN N 165 82.93 28.58 32.04
C ASN N 165 84.39 28.95 31.77
N LEU N 166 85.09 29.38 32.82
CA LEU N 166 86.44 29.84 32.53
C LEU N 166 87.45 28.78 32.92
N PRO N 167 88.54 28.64 32.15
CA PRO N 167 89.56 27.65 32.47
C PRO N 167 90.30 28.03 33.74
N ALA N 168 90.27 27.11 34.72
CA ALA N 168 90.96 27.37 35.98
C ALA N 168 92.47 27.24 35.84
N ASN N 169 92.95 26.47 34.88
CA ASN N 169 94.37 26.26 34.67
C ASN N 169 94.98 27.23 33.66
N GLY N 170 94.22 28.24 33.23
CA GLY N 170 94.75 29.18 32.26
C GLY N 170 95.90 29.99 32.84
N ASP N 171 96.79 30.43 31.96
CA ASP N 171 97.97 31.16 32.37
C ASP N 171 97.60 32.54 32.91
N LEU N 172 98.29 32.97 33.96
CA LEU N 172 98.03 34.28 34.54
C LEU N 172 98.54 35.38 33.63
N LYS N 173 97.91 36.55 33.73
CA LYS N 173 98.23 37.70 32.89
C LYS N 173 98.36 38.94 33.75
N ASP N 174 99.00 39.96 33.19
CA ASP N 174 99.22 41.21 33.90
C ASP N 174 98.04 42.14 33.68
N PRO N 175 97.31 42.52 34.73
CA PRO N 175 96.17 43.44 34.53
C PRO N 175 96.56 44.78 33.93
N THR N 176 97.74 45.31 34.28
CA THR N 176 98.12 46.63 33.82
C THR N 176 98.52 46.63 32.35
N GLN N 177 98.88 45.47 31.79
CA GLN N 177 99.33 45.38 30.40
C GLN N 177 98.21 44.97 29.45
N PHE N 178 96.95 45.04 29.91
CA PHE N 178 95.84 44.66 29.05
C PHE N 178 95.72 45.62 27.87
N ASP N 179 95.51 45.06 26.68
CA ASP N 179 95.31 45.85 25.48
C ASP N 179 94.58 44.98 24.46
N PHE N 180 93.40 45.44 24.02
CA PHE N 180 92.58 44.64 23.13
C PHE N 180 93.25 44.42 21.77
N SER N 181 94.20 45.27 21.39
CA SER N 181 94.87 45.11 20.10
C SER N 181 95.93 44.03 20.12
N ASP N 182 96.36 43.57 21.30
CA ASP N 182 97.39 42.55 21.41
C ASP N 182 96.78 41.27 21.98
N PRO N 183 96.70 40.19 21.19
CA PRO N 183 96.07 38.95 21.70
C PRO N 183 96.77 38.37 22.91
N ASP N 184 98.09 38.52 23.01
CA ASP N 184 98.85 37.88 24.09
C ASP N 184 98.60 38.53 25.45
N THR N 185 98.03 39.73 25.48
CA THR N 185 97.83 40.41 26.76
C THR N 185 96.70 39.78 27.56
N TYR N 186 95.68 39.24 26.90
CA TYR N 186 94.52 38.67 27.56
C TYR N 186 94.49 37.16 27.33
N ASN N 187 93.43 36.52 27.80
CA ASN N 187 93.27 35.07 27.69
C ASN N 187 92.36 34.69 26.52
N ARG N 188 91.12 35.18 26.52
CA ARG N 188 90.13 34.78 25.53
C ARG N 188 89.36 35.99 25.05
N SER N 189 88.80 35.87 23.86
CA SER N 189 87.97 36.91 23.26
C SER N 189 86.80 36.27 22.53
N THR N 190 85.60 36.80 22.75
CA THR N 190 84.40 36.31 22.11
C THR N 190 83.68 37.45 21.41
N SER N 191 82.97 37.12 20.35
CA SER N 191 82.27 38.10 19.54
C SER N 191 80.77 37.86 19.59
N SER N 192 80.00 38.95 19.52
CA SER N 192 78.55 38.85 19.53
C SER N 192 77.99 40.09 18.85
N THR N 193 76.71 40.01 18.49
CA THR N 193 76.04 41.06 17.75
C THR N 193 74.96 41.70 18.61
N ILE N 194 74.90 43.03 18.57
CA ILE N 194 73.89 43.81 19.29
C ILE N 194 73.21 44.74 18.30
N TYR N 195 72.05 45.25 18.70
CA TYR N 195 71.24 46.12 17.85
C TYR N 195 70.93 47.41 18.58
N ASP N 196 70.97 48.52 17.84
CA ASP N 196 70.66 49.83 18.39
C ASP N 196 69.18 50.12 18.21
N SER N 197 68.79 51.39 18.38
CA SER N 197 67.38 51.76 18.28
C SER N 197 66.85 51.57 16.86
N MET N 198 67.65 51.90 15.85
CA MET N 198 67.22 51.82 14.46
C MET N 198 67.42 50.44 13.85
N GLY N 199 67.89 49.47 14.62
CA GLY N 199 68.08 48.12 14.13
C GLY N 199 69.42 47.85 13.49
N GLN N 200 70.33 48.83 13.48
CA GLN N 200 71.67 48.59 12.96
C GLN N 200 72.40 47.59 13.83
N SER N 201 73.11 46.66 13.20
CA SER N 201 73.83 45.62 13.91
C SER N 201 75.24 46.09 14.23
N TYR N 202 75.67 45.86 15.47
CA TYR N 202 77.01 46.20 15.91
C TYR N 202 77.68 44.97 16.47
N LYS N 203 79.01 44.91 16.32
CA LYS N 203 79.80 43.77 16.75
C LYS N 203 80.34 44.02 18.14
N LEU N 204 80.00 43.15 19.07
CA LEU N 204 80.43 43.27 20.47
C LEU N 204 81.49 42.21 20.74
N THR N 205 82.66 42.64 21.21
CA THR N 205 83.75 41.76 21.55
C THR N 205 84.00 41.82 23.05
N THR N 206 84.03 40.65 23.69
CA THR N 206 84.27 40.53 25.12
C THR N 206 85.62 39.88 25.36
N TYR N 207 86.46 40.52 26.17
CA TYR N 207 87.81 40.04 26.45
C TYR N 207 87.89 39.58 27.90
N TYR N 208 88.36 38.34 28.10
CA TYR N 208 88.50 37.75 29.41
C TYR N 208 89.97 37.66 29.78
N LEU N 209 90.31 38.16 30.96
CA LEU N 209 91.69 38.18 31.44
C LEU N 209 91.76 37.58 32.82
N LYS N 210 92.73 36.70 33.03
CA LYS N 210 92.92 36.03 34.33
C LYS N 210 93.91 36.82 35.16
N ASP N 211 93.49 37.24 36.35
CA ASP N 211 94.34 38.07 37.19
C ASP N 211 95.48 37.26 37.77
N GLN N 212 96.66 37.86 37.81
CA GLN N 212 97.86 37.24 38.35
C GLN N 212 98.04 37.54 39.83
N THR N 213 97.75 38.77 40.25
CA THR N 213 97.94 39.15 41.65
C THR N 213 97.01 38.38 42.57
N GLN N 214 95.75 38.22 42.17
CA GLN N 214 94.74 37.59 43.01
C GLN N 214 94.30 36.28 42.38
N PRO N 215 94.45 35.15 43.06
CA PRO N 215 93.95 33.89 42.49
C PRO N 215 92.43 33.86 42.43
N ASN N 216 91.93 33.08 41.46
CA ASN N 216 90.49 32.95 41.22
C ASN N 216 89.84 34.29 40.95
N THR N 217 90.54 35.16 40.23
CA THR N 217 90.04 36.48 39.88
C THR N 217 90.24 36.71 38.39
N TRP N 218 89.21 37.26 37.75
CA TRP N 218 89.21 37.51 36.32
C TRP N 218 88.83 38.96 36.05
N ASN N 219 89.35 39.50 34.95
CA ASN N 219 89.01 40.82 34.47
C ASN N 219 88.32 40.71 33.12
N THR N 220 87.26 41.48 32.94
CA THR N 220 86.47 41.45 31.72
C THR N 220 86.38 42.84 31.12
N TYR N 221 86.62 42.93 29.81
CA TYR N 221 86.56 44.19 29.09
C TYR N 221 85.73 44.02 27.83
N TYR N 222 85.15 45.12 27.36
CA TYR N 222 84.23 45.10 26.24
C TYR N 222 84.63 46.14 25.21
N THR N 223 84.43 45.80 23.94
CA THR N 223 84.72 46.72 22.83
C THR N 223 83.57 46.63 21.83
N VAL N 224 83.36 47.73 21.11
CA VAL N 224 82.34 47.82 20.06
C VAL N 224 83.03 48.19 18.76
N THR N 225 82.76 47.43 17.70
CA THR N 225 83.38 47.63 16.40
C THR N 225 82.33 48.13 15.42
N ASP N 226 82.34 49.43 15.15
CA ASP N 226 81.53 50.03 14.10
C ASP N 226 82.36 50.17 12.84
N LYS N 227 81.82 50.88 11.85
CA LYS N 227 82.52 51.04 10.58
C LYS N 227 83.77 51.90 10.74
N GLU N 228 83.75 52.87 11.68
CA GLU N 228 84.93 53.70 11.90
C GLU N 228 86.09 52.87 12.42
N GLY N 229 85.83 51.95 13.33
CA GLY N 229 86.87 51.13 13.91
C GLY N 229 86.35 50.43 15.15
N GLU N 230 87.29 49.91 15.95
CA GLU N 230 86.98 49.23 17.20
C GLU N 230 87.20 50.20 18.35
N LYS N 231 86.14 50.50 19.09
CA LYS N 231 86.22 51.44 20.19
C LYS N 231 85.94 50.73 21.52
N PRO N 232 86.83 50.86 22.49
CA PRO N 232 86.60 50.22 23.79
C PRO N 232 85.41 50.84 24.51
N LEU N 233 84.74 50.02 25.32
CA LEU N 233 83.57 50.42 26.08
C LEU N 233 83.89 50.36 27.56
N ASN N 234 83.49 51.39 28.31
CA ASN N 234 83.79 51.49 29.73
C ASN N 234 82.57 51.13 30.56
N VAL N 235 82.82 50.51 31.71
CA VAL N 235 81.78 50.19 32.68
C VAL N 235 81.62 51.37 33.63
N ALA N 236 80.40 51.58 34.11
CA ALA N 236 80.12 52.76 34.94
C ALA N 236 80.92 52.75 36.23
N ALA N 237 80.91 51.62 36.94
CA ALA N 237 81.58 51.50 38.23
C ALA N 237 82.46 50.26 38.29
N GLY N 238 83.00 49.84 37.15
CA GLY N 238 83.87 48.67 37.15
C GLY N 238 85.18 48.95 37.88
N ASP N 239 85.58 48.00 38.71
CA ASP N 239 86.79 48.14 39.52
C ASP N 239 88.00 47.52 38.83
N ALA N 240 88.22 47.89 37.56
CA ALA N 240 89.40 47.42 36.82
C ALA N 240 89.75 48.51 35.81
N GLN N 241 90.68 49.38 36.19
CA GLN N 241 91.07 50.54 35.39
C GLN N 241 92.48 50.31 34.87
N THR N 242 92.60 50.08 33.56
CA THR N 242 93.91 49.98 32.94
C THR N 242 94.58 51.34 32.90
N PRO N 243 95.91 51.38 32.80
CA PRO N 243 96.60 52.68 32.69
C PRO N 243 96.14 53.51 31.51
N THR N 244 95.75 52.86 30.40
CA THR N 244 95.22 53.61 29.26
C THR N 244 93.93 54.33 29.63
N GLY N 245 93.07 53.70 30.40
CA GLY N 245 91.81 54.32 30.81
C GLY N 245 90.61 53.41 30.62
N HIS N 246 90.80 52.28 29.94
CA HIS N 246 89.72 51.33 29.76
C HIS N 246 89.28 50.77 31.10
N VAL N 247 87.96 50.72 31.31
CA VAL N 247 87.40 50.32 32.60
C VAL N 247 86.62 49.04 32.39
N GLY N 248 87.08 47.95 33.02
CA GLY N 248 86.38 46.70 33.06
C GLY N 248 85.88 46.38 34.45
N HIS N 249 85.42 45.14 34.63
CA HIS N 249 84.90 44.70 35.91
C HIS N 249 85.59 43.39 36.29
N THR N 250 85.64 43.13 37.59
CA THR N 250 86.34 41.97 38.14
C THR N 250 85.35 40.89 38.55
N MET N 251 85.73 39.64 38.32
CA MET N 251 84.91 38.48 38.67
C MET N 251 85.71 37.59 39.63
N LYS N 252 85.05 37.17 40.71
CA LYS N 252 85.68 36.33 41.72
C LYS N 252 84.84 35.07 41.93
N PHE N 253 85.50 33.98 42.31
CA PHE N 253 84.87 32.68 42.44
C PHE N 253 85.24 32.05 43.77
N ASN N 254 84.37 31.14 44.23
CA ASN N 254 84.58 30.45 45.50
C ASN N 254 85.52 29.27 45.30
N ASN N 255 85.65 28.43 46.33
CA ASN N 255 86.53 27.27 46.23
C ASN N 255 85.97 26.21 45.31
N ASP N 256 84.65 25.98 45.34
CA ASP N 256 84.05 24.96 44.51
C ASP N 256 83.91 25.36 43.06
N GLY N 257 84.41 26.53 42.68
CA GLY N 257 84.35 26.99 41.30
C GLY N 257 83.12 27.77 40.94
N THR N 258 82.14 27.87 41.83
CA THR N 258 80.94 28.64 41.54
C THR N 258 81.24 30.14 41.62
N LEU N 259 80.22 30.94 41.34
CA LEU N 259 80.37 32.39 41.34
C LEU N 259 80.36 32.92 42.77
N ALA N 260 81.25 33.87 43.05
CA ALA N 260 81.32 34.51 44.36
C ALA N 260 80.77 35.93 44.32
N SER N 261 81.35 36.78 43.48
CA SER N 261 80.95 38.19 43.40
C SER N 261 81.27 38.73 42.02
N LEU N 262 80.58 39.81 41.65
CA LEU N 262 80.75 40.44 40.35
C LEU N 262 80.83 41.95 40.54
N ASN N 263 81.98 42.53 40.18
CA ASN N 263 82.19 43.98 40.26
C ASN N 263 81.87 44.50 41.66
N ASN N 264 82.44 43.85 42.67
CA ASN N 264 82.22 44.19 44.07
C ASN N 264 80.74 44.14 44.45
N GLY N 265 79.99 43.24 43.81
CA GLY N 265 78.58 43.11 44.09
C GLY N 265 77.70 44.15 43.44
N GLN N 266 78.25 45.02 42.62
CA GLN N 266 77.45 46.06 41.98
C GLN N 266 76.95 45.58 40.62
N PRO N 267 75.80 46.09 40.19
CA PRO N 267 75.33 45.76 38.84
C PRO N 267 76.27 46.32 37.77
N ILE N 268 76.38 45.59 36.67
CA ILE N 268 77.28 45.95 35.58
C ILE N 268 76.46 46.72 34.54
N THR N 269 76.69 48.02 34.46
CA THR N 269 76.05 48.87 33.46
C THR N 269 77.12 49.63 32.71
N SER N 270 77.11 49.51 31.39
CA SER N 270 78.08 50.21 30.56
C SER N 270 77.64 51.66 30.35
N VAL N 271 78.60 52.49 29.97
CA VAL N 271 78.34 53.91 29.71
C VAL N 271 77.58 54.02 28.40
N ALA N 272 77.02 55.20 28.14
CA ALA N 272 76.29 55.42 26.90
C ALA N 272 77.21 55.23 25.70
N LEU N 273 76.72 54.48 24.71
CA LEU N 273 77.56 54.10 23.58
C LEU N 273 77.98 55.31 22.76
N GLY N 274 77.04 56.21 22.47
CA GLY N 274 77.32 57.30 21.57
C GLY N 274 77.26 58.68 22.19
N ASP N 275 77.35 58.78 23.52
CA ASP N 275 77.28 60.07 24.18
C ASP N 275 78.68 60.49 24.59
N PRO N 276 79.26 61.52 23.96
CA PRO N 276 80.60 61.96 24.35
C PRO N 276 80.69 62.51 25.77
N ALA N 277 79.58 62.95 26.35
CA ALA N 277 79.60 63.51 27.69
C ALA N 277 79.96 62.48 28.75
N THR N 278 79.82 61.18 28.47
CA THR N 278 80.15 60.14 29.41
C THR N 278 81.11 59.09 28.87
N ASN N 279 81.43 59.10 27.57
CA ASN N 279 82.30 58.12 26.96
C ASN N 279 83.44 58.84 26.26
N THR N 280 84.67 58.39 26.51
CA THR N 280 85.83 58.99 25.85
C THR N 280 85.95 58.55 24.40
N THR N 281 85.35 57.42 24.03
CA THR N 281 85.36 56.91 22.66
C THR N 281 83.91 56.64 22.26
N PRO N 282 83.15 57.69 21.93
CA PRO N 282 81.74 57.50 21.59
C PRO N 282 81.58 56.63 20.34
N VAL N 283 80.65 55.68 20.42
CA VAL N 283 80.36 54.83 19.27
C VAL N 283 79.53 55.61 18.25
N ASP N 284 79.88 55.48 16.97
CA ASP N 284 79.16 56.18 15.92
C ASP N 284 77.79 55.55 15.72
N MET N 285 76.77 56.09 16.39
CA MET N 285 75.42 55.54 16.27
C MET N 285 74.83 55.73 14.88
N ASN N 286 75.36 56.68 14.10
CA ASN N 286 74.89 56.94 12.74
C ASN N 286 73.39 57.23 12.71
N GLY N 287 72.93 58.04 13.66
CA GLY N 287 71.53 58.41 13.75
C GLY N 287 70.74 57.68 14.81
N ALA N 288 71.31 56.65 15.44
CA ALA N 288 70.61 55.95 16.49
C ALA N 288 70.70 56.74 17.80
N ASP N 289 70.05 56.21 18.84
CA ASP N 289 70.05 56.87 20.14
C ASP N 289 71.43 56.77 20.77
N PRO N 290 72.05 57.91 21.10
CA PRO N 290 73.37 57.87 21.72
C PRO N 290 73.36 57.50 23.18
N ALA N 291 72.20 57.42 23.82
CA ALA N 291 72.09 57.14 25.24
C ALA N 291 71.83 55.67 25.55
N GLN N 292 72.04 54.78 24.58
CA GLN N 292 71.79 53.37 24.80
C GLN N 292 72.77 52.82 25.85
N THR N 293 72.24 52.00 26.76
CA THR N 293 73.03 51.39 27.82
C THR N 293 72.84 49.89 27.81
N LEU N 294 73.86 49.17 28.25
CA LEU N 294 73.86 47.72 28.26
C LEU N 294 73.99 47.20 29.68
N ASN N 295 73.17 46.21 30.02
CA ASN N 295 73.23 45.53 31.32
C ASN N 295 73.69 44.10 31.07
N PHE N 296 74.76 43.71 31.75
CA PHE N 296 75.34 42.38 31.60
C PHE N 296 74.95 41.52 32.80
N GLY N 297 74.34 40.37 32.54
CA GLY N 297 74.01 39.44 33.59
C GLY N 297 74.85 38.19 33.52
N LEU N 298 75.79 38.04 34.44
CA LEU N 298 76.71 36.91 34.46
C LEU N 298 76.55 36.11 35.74
N GLY N 299 75.31 35.86 36.13
CA GLY N 299 75.04 35.13 37.37
C GLY N 299 75.32 33.65 37.30
N SER N 300 75.59 33.11 36.12
CA SER N 300 75.87 31.69 35.95
C SER N 300 77.32 31.42 35.58
N ALA N 301 78.20 32.42 35.71
CA ALA N 301 79.60 32.23 35.36
C ALA N 301 80.25 31.25 36.34
N THR N 302 81.10 30.37 35.79
CA THR N 302 81.78 29.36 36.59
C THR N 302 83.23 29.27 36.15
N GLN N 303 84.07 28.75 37.04
CA GLN N 303 85.47 28.48 36.75
C GLN N 303 85.78 27.06 37.19
N PHE N 304 85.86 26.15 36.22
CA PHE N 304 86.15 24.74 36.47
C PHE N 304 87.39 24.34 35.69
N ALA N 305 87.70 23.05 35.73
CA ALA N 305 88.84 22.52 34.99
C ALA N 305 88.57 22.45 33.49
N ALA N 306 87.31 22.59 33.08
CA ALA N 306 86.98 22.51 31.66
C ALA N 306 87.55 23.71 30.91
N PRO N 307 87.82 23.55 29.61
CA PRO N 307 88.36 24.68 28.84
C PRO N 307 87.37 25.82 28.69
N PHE N 308 87.81 26.91 28.04
CA PHE N 308 86.93 28.05 27.81
C PHE N 308 85.75 27.62 26.95
N GLU N 309 84.55 28.03 27.35
CA GLU N 309 83.33 27.61 26.67
C GLU N 309 82.25 28.65 26.85
N LEU N 310 81.56 28.99 25.76
CA LEU N 310 80.45 29.94 25.78
C LEU N 310 79.17 29.12 25.88
N THR N 311 78.74 28.86 27.11
CA THR N 311 77.60 27.97 27.32
C THR N 311 76.29 28.62 26.88
N LYS N 312 76.07 29.87 27.30
CA LYS N 312 74.79 30.53 27.06
C LYS N 312 75.01 32.00 26.73
N PHE N 313 74.29 32.49 25.73
CA PHE N 313 74.31 33.91 25.37
C PHE N 313 72.90 34.32 24.98
N ASP N 314 72.34 35.29 25.70
CA ASP N 314 70.98 35.76 25.47
C ASP N 314 70.95 37.27 25.50
N GLU N 315 70.15 37.86 24.61
CA GLU N 315 69.97 39.31 24.55
C GLU N 315 68.49 39.62 24.40
N ASP N 316 68.16 40.91 24.45
CA ASP N 316 66.79 41.38 24.31
C ASP N 316 66.61 42.26 23.08
N GLY N 317 67.59 42.29 22.18
CA GLY N 317 67.47 43.09 20.98
C GLY N 317 66.55 42.46 19.96
N ALA N 318 66.15 43.28 18.99
CA ALA N 318 65.24 42.81 17.96
C ALA N 318 65.43 43.66 16.71
N THR N 319 64.96 43.13 15.59
CA THR N 319 65.06 43.80 14.30
C THR N 319 63.71 43.72 13.61
N THR N 320 63.56 44.47 12.53
CA THR N 320 62.33 44.44 11.75
C THR N 320 62.10 43.04 11.18
N GLY N 321 60.84 42.64 11.13
CA GLY N 321 60.52 41.29 10.66
C GLY N 321 59.12 41.23 10.11
N PHE N 322 58.81 40.06 9.55
CA PHE N 322 57.53 39.80 8.91
C PHE N 322 56.91 38.56 9.52
N LEU N 323 55.59 38.60 9.71
CA LEU N 323 54.88 37.48 10.29
C LEU N 323 55.12 36.21 9.50
N THR N 324 55.63 35.18 10.17
CA THR N 324 55.93 33.90 9.54
C THR N 324 54.86 32.85 9.79
N LYS N 325 54.46 32.65 11.04
CA LYS N 325 53.41 31.68 11.36
C LYS N 325 52.68 32.11 12.62
N VAL N 326 51.47 31.59 12.78
CA VAL N 326 50.61 31.91 13.91
C VAL N 326 50.02 30.61 14.44
N ASP N 327 50.00 30.46 15.75
CA ASP N 327 49.43 29.28 16.40
C ASP N 327 48.76 29.68 17.69
N PHE N 328 47.92 28.79 18.19
CA PHE N 328 47.16 29.00 19.41
C PHE N 328 47.53 27.93 20.42
N ASP N 329 47.78 28.33 21.67
CA ASP N 329 48.05 27.36 22.72
C ASP N 329 46.76 27.05 23.48
N GLU N 330 46.88 26.13 24.45
CA GLU N 330 45.70 25.74 25.22
C GLU N 330 45.19 26.87 26.11
N ASN N 331 46.06 27.81 26.48
CA ASN N 331 45.64 28.93 27.31
C ASN N 331 44.84 29.97 26.55
N GLY N 332 44.73 29.83 25.23
CA GLY N 332 44.03 30.81 24.41
C GLY N 332 44.91 31.92 23.88
N SER N 333 46.18 31.96 24.27
CA SER N 333 47.09 32.98 23.76
C SER N 333 47.44 32.68 22.31
N VAL N 334 47.31 33.68 21.45
CA VAL N 334 47.67 33.57 20.04
C VAL N 334 49.08 34.11 19.87
N MET N 335 50.01 33.23 19.56
CA MET N 335 51.42 33.60 19.42
C MET N 335 51.81 33.62 17.96
N GLY N 336 52.72 34.53 17.62
CA GLY N 336 53.21 34.62 16.26
C GLY N 336 54.68 34.97 16.20
N THR N 337 55.45 34.18 15.45
CA THR N 337 56.88 34.38 15.31
C THR N 337 57.17 35.10 14.00
N TYR N 338 58.13 36.01 14.03
CA TYR N 338 58.46 36.85 12.90
C TYR N 338 59.81 36.43 12.32
N SER N 339 60.26 37.18 11.31
CA SER N 339 61.54 36.90 10.68
C SER N 339 62.71 37.19 11.62
N ASN N 340 62.55 38.17 12.52
CA ASN N 340 63.62 38.48 13.46
C ASN N 340 63.86 37.33 14.42
N GLY N 341 62.79 36.67 14.87
CA GLY N 341 62.90 35.57 15.80
C GLY N 341 62.10 35.73 17.08
N GLU N 342 61.61 36.94 17.39
CA GLU N 342 60.84 37.14 18.62
C GLU N 342 59.51 36.41 18.54
N ASN N 343 59.14 35.76 19.64
CA ASN N 343 57.85 35.04 19.72
C ASN N 343 56.83 35.94 20.41
N VAL N 344 56.40 36.96 19.66
CA VAL N 344 55.46 37.94 20.20
C VAL N 344 54.11 37.29 20.43
N THR N 345 53.51 37.54 21.60
CA THR N 345 52.18 37.06 21.91
C THR N 345 51.17 38.15 21.54
N LEU N 346 50.37 37.89 20.51
CA LEU N 346 49.43 38.89 20.03
C LEU N 346 48.34 39.19 21.07
N GLY N 347 47.87 38.16 21.76
CA GLY N 347 46.85 38.36 22.77
C GLY N 347 46.25 37.03 23.18
N ARG N 348 45.15 37.12 23.93
CA ARG N 348 44.38 35.95 24.34
C ARG N 348 42.97 36.06 23.78
N VAL N 349 42.25 34.95 23.86
CA VAL N 349 40.86 34.88 23.39
C VAL N 349 39.97 34.88 24.61
N ALA N 350 39.11 35.89 24.72
CA ALA N 350 38.23 36.01 25.87
C ALA N 350 37.21 34.89 25.89
N LEU N 351 36.88 34.43 27.10
CA LEU N 351 35.87 33.41 27.31
C LEU N 351 34.85 33.95 28.31
N VAL N 352 33.57 33.74 28.02
CA VAL N 352 32.49 34.30 28.83
C VAL N 352 31.60 33.16 29.31
N ARG N 353 31.25 33.20 30.59
CA ARG N 353 30.34 32.23 31.20
C ARG N 353 29.28 32.99 31.97
N VAL N 354 28.05 32.51 31.89
CA VAL N 354 26.95 33.10 32.64
C VAL N 354 26.44 32.09 33.65
N PRO N 355 25.93 32.52 34.80
CA PRO N 355 25.45 31.53 35.80
C PRO N 355 24.29 30.69 35.30
N ASN N 356 23.39 31.27 34.51
CA ASN N 356 22.21 30.58 34.00
C ASN N 356 22.23 30.63 32.48
N GLU N 357 22.67 29.54 31.85
CA GLU N 357 22.71 29.50 30.39
C GLU N 357 21.32 29.32 29.78
N GLN N 358 20.37 28.75 30.51
CA GLN N 358 19.03 28.55 29.99
C GLN N 358 18.25 29.85 29.84
N GLY N 359 18.74 30.96 30.37
CA GLY N 359 18.00 32.20 30.35
C GLY N 359 18.49 33.20 29.33
N LEU N 360 19.56 32.86 28.63
CA LEU N 360 20.06 33.72 27.57
C LEU N 360 19.01 33.89 26.48
N ASP N 361 18.79 35.12 26.05
CA ASP N 361 17.94 35.37 24.91
C ASP N 361 18.69 35.04 23.63
N LYS N 362 17.99 34.50 22.65
CA LYS N 362 18.61 33.97 21.44
C LYS N 362 18.51 35.01 20.33
N LYS N 363 19.65 35.48 19.87
CA LYS N 363 19.71 36.31 18.67
C LYS N 363 19.93 35.41 17.46
N GLY N 364 20.00 36.03 16.28
CA GLY N 364 20.25 35.27 15.08
C GLY N 364 21.69 34.83 14.95
N GLY N 365 21.92 33.90 14.02
CA GLY N 365 23.27 33.45 13.75
C GLY N 365 23.94 32.72 14.89
N THR N 366 23.17 31.93 15.65
CA THR N 366 23.69 31.14 16.77
C THR N 366 24.47 32.03 17.74
N GLN N 367 23.81 33.10 18.17
CA GLN N 367 24.42 34.05 19.11
C GLN N 367 23.45 34.32 20.25
N TRP N 368 24.02 34.56 21.43
CA TRP N 368 23.25 34.80 22.64
C TRP N 368 23.69 36.11 23.28
N ASP N 369 22.80 36.67 24.09
CA ASP N 369 23.09 37.84 24.90
C ASP N 369 22.62 37.58 26.32
N SER N 370 23.16 38.34 27.26
CA SER N 370 22.87 38.16 28.67
C SER N 370 21.67 39.04 29.05
N THR N 371 20.63 38.40 29.57
CA THR N 371 19.45 39.11 30.02
C THR N 371 19.41 39.11 31.55
N GLN N 372 18.32 39.63 32.11
CA GLN N 372 18.15 39.67 33.55
C GLN N 372 18.12 38.26 34.14
N PHE N 373 17.36 37.35 33.53
CA PHE N 373 17.26 35.99 34.05
C PHE N 373 18.58 35.24 33.92
N SER N 374 19.29 35.45 32.82
CA SER N 374 20.56 34.76 32.62
C SER N 374 21.59 35.17 33.66
N GLY N 375 21.64 36.46 34.01
CA GLY N 375 22.60 36.98 34.96
C GLY N 375 23.47 38.04 34.33
N ASP N 376 24.76 38.01 34.67
CA ASP N 376 25.73 38.94 34.10
C ASP N 376 26.91 38.17 33.55
N LYS N 377 27.48 38.68 32.46
CA LYS N 377 28.61 38.02 31.82
C LYS N 377 29.80 37.98 32.76
N ILE N 378 30.35 36.79 32.97
CA ILE N 378 31.53 36.60 33.81
C ILE N 378 32.70 36.27 32.89
N TRP N 379 33.68 37.15 32.84
CA TRP N 379 34.81 37.00 31.95
C TRP N 379 35.91 36.16 32.59
N GLY N 380 36.72 35.55 31.74
CA GLY N 380 37.81 34.71 32.22
C GLY N 380 38.68 34.27 31.06
N GLU N 381 39.76 33.59 31.41
CA GLU N 381 40.70 33.08 30.41
C GLU N 381 40.34 31.64 30.07
N SER N 382 41.22 30.97 29.34
CA SER N 382 41.02 29.57 28.95
C SER N 382 41.70 28.65 29.95
N ASN N 383 41.01 27.58 30.33
CA ASN N 383 41.52 26.60 31.28
C ASN N 383 41.90 27.26 32.61
N LYS N 384 41.00 28.13 33.09
CA LYS N 384 41.19 28.83 34.35
C LYS N 384 39.90 28.81 35.13
N GLY N 385 39.98 28.45 36.41
CA GLY N 385 38.78 28.39 37.23
C GLY N 385 37.82 27.34 36.70
N SER N 386 36.58 27.75 36.47
CA SER N 386 35.54 26.84 36.01
C SER N 386 35.38 26.82 34.50
N PHE N 387 36.22 27.56 33.78
CA PHE N 387 36.11 27.60 32.32
C PHE N 387 36.71 26.35 31.70
N GLY N 388 36.40 26.15 30.43
CA GLY N 388 36.93 25.04 29.66
C GLY N 388 38.19 25.43 28.92
N THR N 389 38.55 24.60 27.94
CA THR N 389 39.75 24.81 27.14
C THR N 389 39.36 25.23 25.73
N ILE N 390 40.35 25.75 25.00
CA ILE N 390 40.17 26.20 23.62
C ILE N 390 41.08 25.36 22.73
N ASN N 391 40.50 24.70 21.74
CA ASN N 391 41.24 23.87 20.81
C ASN N 391 41.11 24.47 19.41
N ASN N 392 42.24 24.66 18.74
CA ASN N 392 42.24 25.14 17.38
C ASN N 392 42.16 23.96 16.40
N GLY N 393 41.65 24.24 15.21
CA GLY N 393 41.49 23.22 14.20
C GLY N 393 40.23 22.39 14.32
N MET N 394 39.31 22.76 15.20
CA MET N 394 38.06 22.03 15.38
C MET N 394 36.89 23.00 15.32
N LEU N 395 35.69 22.42 15.17
CA LEU N 395 34.46 23.18 15.17
C LEU N 395 33.37 22.36 15.86
N GLU N 396 32.35 23.06 16.35
CA GLU N 396 31.22 22.42 17.03
C GLU N 396 30.09 22.16 16.05
N GLN N 397 29.52 20.96 16.12
CA GLN N 397 28.30 20.66 15.39
C GLN N 397 27.10 20.83 16.32
N SER N 398 25.92 20.57 15.80
CA SER N 398 24.72 20.63 16.62
C SER N 398 24.72 19.50 17.64
N ASN N 399 24.19 19.78 18.82
CA ASN N 399 24.12 18.80 19.89
C ASN N 399 22.78 18.07 19.85
N ILE N 400 22.46 17.52 18.68
CA ILE N 400 21.19 16.85 18.45
C ILE N 400 21.45 15.42 18.02
N ASP N 401 20.45 14.57 18.24
CA ASP N 401 20.49 13.17 17.84
C ASP N 401 19.32 12.93 16.89
N MET N 402 19.62 12.55 15.65
CA MET N 402 18.58 12.42 14.64
C MET N 402 17.55 11.38 15.02
N THR N 403 17.99 10.26 15.60
CA THR N 403 17.06 9.21 16.00
C THR N 403 16.02 9.74 16.99
N GLN N 404 16.48 10.44 18.03
CA GLN N 404 15.55 10.97 19.02
C GLN N 404 14.62 12.01 18.40
N GLU N 405 15.15 12.85 17.51
CA GLU N 405 14.31 13.86 16.87
C GLU N 405 13.20 13.22 16.05
N LEU N 406 13.53 12.19 15.26
CA LEU N 406 12.53 11.54 14.43
C LEU N 406 11.49 10.82 15.28
N VAL N 407 11.93 10.16 16.35
CA VAL N 407 10.98 9.47 17.22
C VAL N 407 10.04 10.47 17.89
N ASP N 408 10.59 11.60 18.35
CA ASP N 408 9.75 12.65 18.92
C ASP N 408 8.79 13.20 17.88
N LEU N 409 9.24 13.27 16.62
CA LEU N 409 8.36 13.71 15.54
C LEU N 409 7.16 12.79 15.40
N ILE N 410 7.41 11.48 15.42
CA ILE N 410 6.32 10.51 15.33
C ILE N 410 5.37 10.65 16.51
N SER N 411 5.94 10.79 17.71
CA SER N 411 5.10 10.92 18.90
C SER N 411 4.24 12.17 18.85
N ALA N 412 4.82 13.29 18.40
CA ALA N 412 4.07 14.53 18.30
C ALA N 412 2.94 14.41 17.28
N GLN N 413 3.21 13.75 16.15
CA GLN N 413 2.15 13.53 15.18
C GLN N 413 1.01 12.70 15.78
N ARG N 414 1.36 11.66 16.53
CA ARG N 414 0.34 10.83 17.15
C ARG N 414 -0.50 11.62 18.15
N ASN N 415 0.15 12.45 18.97
CA ASN N 415 -0.58 13.28 19.93
C ASN N 415 -1.49 14.27 19.22
N PHE N 416 -1.00 14.86 18.12
CA PHE N 416 -1.81 15.79 17.35
C PHE N 416 -3.05 15.10 16.79
N GLN N 417 -2.88 13.88 16.27
CA GLN N 417 -4.02 13.14 15.75
C GLN N 417 -5.04 12.84 16.86
N ALA N 418 -4.55 12.46 18.04
CA ALA N 418 -5.46 12.18 19.15
C ALA N 418 -6.25 13.44 19.54
N ASN N 419 -5.57 14.58 19.63
CA ASN N 419 -6.26 15.82 19.98
C ASN N 419 -7.28 16.21 18.92
N SER N 420 -6.93 16.04 17.64
CA SER N 420 -7.88 16.33 16.58
C SER N 420 -9.10 15.43 16.68
N ARG N 421 -8.89 14.16 17.04
CA ARG N 421 -10.02 13.25 17.25
C ARG N 421 -10.92 13.76 18.37
N SER N 422 -10.33 14.22 19.47
CA SER N 422 -11.13 14.75 20.57
C SER N 422 -11.94 15.97 20.13
N LEU N 423 -11.32 16.87 19.39
CA LEU N 423 -12.02 18.05 18.89
C LEU N 423 -13.18 17.65 17.98
N GLU N 424 -12.95 16.67 17.11
CA GLU N 424 -14.00 16.19 16.23
C GLU N 424 -15.16 15.60 17.04
N VAL N 425 -14.86 14.87 18.11
CA VAL N 425 -15.91 14.31 18.94
C VAL N 425 -16.74 15.43 19.58
N HIS N 426 -16.07 16.47 20.09
CA HIS N 426 -16.79 17.59 20.68
C HIS N 426 -17.73 18.24 19.66
N ASN N 427 -17.22 18.50 18.46
CA ASN N 427 -18.05 19.13 17.44
C ASN N 427 -19.22 18.25 17.03
N GLN N 428 -18.98 16.93 16.95
CA GLN N 428 -20.07 16.03 16.61
C GLN N 428 -21.15 16.02 17.68
N LEU N 429 -20.75 16.08 18.95
CA LEU N 429 -21.74 16.16 20.02
C LEU N 429 -22.57 17.43 19.90
N GLN N 430 -21.91 18.57 19.67
CA GLN N 430 -22.65 19.83 19.54
C GLN N 430 -23.60 19.79 18.36
N GLN N 431 -23.16 19.27 17.23
CA GLN N 431 -24.04 19.18 16.06
C GLN N 431 -25.18 18.20 16.31
N ASN N 432 -24.94 17.15 17.09
CA ASN N 432 -26.03 16.23 17.45
C ASN N 432 -27.10 16.94 18.27
N ILE N 433 -26.67 17.79 19.22
CA ILE N 433 -27.65 18.55 19.99
C ILE N 433 -28.37 19.55 19.09
N LEU N 434 -27.65 20.14 18.13
CA LEU N 434 -28.26 21.14 17.25
C LEU N 434 -29.48 20.59 16.52
N GLN N 435 -29.52 19.29 16.26
CA GLN N 435 -30.60 18.69 15.47
C GLN N 435 -31.67 18.09 16.38
N ILE N 436 -32.32 18.97 17.13
CA ILE N 436 -33.44 18.57 17.98
C ILE N 436 -34.60 19.56 17.83
N SER O 2 -18.13 35.11 0.28
CA SER O 2 -17.71 33.95 -0.52
C SER O 2 -16.72 34.37 -1.60
N TYR O 3 -16.81 35.63 -2.04
CA TYR O 3 -15.92 36.12 -3.08
C TYR O 3 -14.47 36.14 -2.61
N VAL O 4 -14.23 36.28 -1.31
CA VAL O 4 -12.87 36.19 -0.80
C VAL O 4 -12.31 34.79 -1.02
N SER O 5 -13.11 33.77 -0.74
CA SER O 5 -12.66 32.40 -0.95
C SER O 5 -12.43 32.13 -2.44
N LEU O 6 -13.30 32.66 -3.29
CA LEU O 6 -13.11 32.49 -4.73
C LEU O 6 -11.83 33.18 -5.20
N SER O 7 -11.54 34.36 -4.65
CA SER O 7 -10.28 35.03 -4.98
C SER O 7 -9.08 34.22 -4.52
N GLY O 8 -9.17 33.62 -3.34
CA GLY O 8 -8.09 32.76 -2.87
C GLY O 8 -7.89 31.55 -3.77
N LEU O 9 -9.00 30.94 -4.20
CA LEU O 9 -8.91 29.82 -5.14
C LEU O 9 -8.26 30.25 -6.44
N SER O 10 -8.64 31.42 -6.96
CA SER O 10 -8.06 31.90 -8.20
C SER O 10 -6.57 32.15 -8.05
N ALA O 11 -6.16 32.74 -6.93
CA ALA O 11 -4.74 32.99 -6.70
C ALA O 11 -3.96 31.68 -6.59
N ALA O 12 -4.50 30.71 -5.86
CA ALA O 12 -3.82 29.42 -5.73
C ALA O 12 -3.71 28.73 -7.08
N GLN O 13 -4.77 28.80 -7.89
CA GLN O 13 -4.72 28.15 -9.19
C GLN O 13 -3.77 28.87 -10.14
N LEU O 14 -3.65 30.19 -10.05
CA LEU O 14 -2.66 30.91 -10.83
C LEU O 14 -1.25 30.48 -10.43
N ASP O 15 -0.99 30.34 -9.14
CA ASP O 15 0.31 29.85 -8.70
C ASP O 15 0.56 28.44 -9.21
N LEU O 16 -0.47 27.60 -9.19
CA LEU O 16 -0.37 26.24 -9.71
C LEU O 16 0.00 26.25 -11.19
N ASN O 17 -0.67 27.12 -11.96
CA ASN O 17 -0.38 27.21 -13.40
C ASN O 17 1.04 27.69 -13.64
N THR O 18 1.50 28.67 -12.86
CA THR O 18 2.87 29.15 -13.01
C THR O 18 3.88 28.04 -12.73
N THR O 19 3.66 27.29 -11.64
CA THR O 19 4.57 26.19 -11.33
C THR O 19 4.53 25.12 -12.41
N SER O 20 3.34 24.81 -12.92
CA SER O 20 3.23 23.81 -13.98
C SER O 20 3.96 24.26 -15.24
N ASN O 21 3.86 25.54 -15.58
CA ASN O 21 4.60 26.06 -16.74
C ASN O 21 6.11 25.94 -16.51
N ASN O 22 6.56 26.29 -15.30
CA ASN O 22 7.99 26.17 -14.98
C ASN O 22 8.47 24.72 -15.12
N ILE O 23 7.68 23.77 -14.63
CA ILE O 23 8.08 22.37 -14.71
C ILE O 23 8.04 21.89 -16.16
N ALA O 24 7.06 22.33 -16.93
CA ALA O 24 6.96 21.92 -18.33
C ALA O 24 8.14 22.43 -19.13
N ASN O 25 8.60 23.65 -18.86
CA ASN O 25 9.72 24.23 -19.58
C ASN O 25 11.08 23.77 -19.06
N ALA O 26 11.14 22.64 -18.35
CA ALA O 26 12.39 22.22 -17.71
C ALA O 26 13.50 21.92 -18.71
N ASN O 27 13.17 21.69 -19.98
CA ASN O 27 14.18 21.35 -20.97
C ASN O 27 14.39 22.43 -22.03
N THR O 28 13.56 23.46 -22.04
CA THR O 28 13.71 24.52 -23.03
C THR O 28 15.01 25.28 -22.82
N TYR O 29 15.73 25.53 -23.92
CA TYR O 29 17.00 26.25 -23.86
C TYR O 29 16.73 27.74 -23.66
N GLY O 30 17.42 28.34 -22.69
CA GLY O 30 17.32 29.76 -22.48
C GLY O 30 16.06 30.22 -21.79
N PHE O 31 15.21 29.30 -21.32
CA PHE O 31 14.00 29.68 -20.63
C PHE O 31 14.33 30.34 -19.30
N LYS O 32 13.49 31.30 -18.90
CA LYS O 32 13.61 31.96 -17.62
C LYS O 32 12.32 31.73 -16.83
N GLU O 33 12.47 31.26 -15.59
CA GLU O 33 11.32 30.88 -14.79
C GLU O 33 10.47 32.10 -14.45
N SER O 34 9.30 31.84 -13.88
CA SER O 34 8.37 32.88 -13.49
C SER O 34 7.97 32.68 -12.04
N ARG O 35 7.62 33.77 -11.38
CA ARG O 35 7.19 33.74 -9.99
C ARG O 35 5.87 34.48 -9.86
N ALA O 36 4.97 33.94 -9.05
CA ALA O 36 3.65 34.51 -8.84
C ALA O 36 3.67 35.36 -7.58
N GLU O 37 3.36 36.65 -7.73
CA GLU O 37 3.34 37.59 -6.62
C GLU O 37 1.94 38.15 -6.47
N PHE O 38 1.41 38.12 -5.24
CA PHE O 38 0.05 38.53 -4.97
C PHE O 38 0.04 39.71 -4.01
N ALA O 39 -1.15 40.28 -3.81
CA ALA O 39 -1.30 41.45 -2.96
C ALA O 39 -2.68 41.42 -2.31
N ASP O 40 -2.78 42.15 -1.20
CA ASP O 40 -4.04 42.23 -0.46
C ASP O 40 -5.05 43.09 -1.19
N VAL O 41 -6.32 42.92 -0.83
CA VAL O 41 -7.41 43.72 -1.35
C VAL O 41 -8.08 44.42 -0.18
N TYR O 42 -8.36 45.71 -0.33
CA TYR O 42 -9.05 46.45 0.70
C TYR O 42 -9.80 47.61 0.07
N SER O 43 -10.97 47.91 0.62
CA SER O 43 -11.81 48.98 0.10
C SER O 43 -11.22 50.35 0.46
N ASN O 44 -11.58 51.34 -0.35
CA ASN O 44 -11.14 52.73 -0.16
C ASN O 44 -12.33 53.67 -0.26
N SER O 45 -13.42 53.32 0.43
CA SER O 45 -14.61 54.15 0.40
C SER O 45 -14.38 55.46 1.15
N LEU O 46 -15.19 56.46 0.79
CA LEU O 46 -15.08 57.77 1.44
C LEU O 46 -15.47 57.68 2.91
N PHE O 47 -16.54 56.94 3.21
CA PHE O 47 -16.99 56.73 4.58
C PHE O 47 -16.71 55.27 4.93
N THR O 48 -15.53 55.03 5.48
CA THR O 48 -15.05 53.68 5.77
C THR O 48 -14.98 53.48 7.28
N ASN O 49 -15.55 52.37 7.76
CA ASN O 49 -15.47 52.05 9.19
C ASN O 49 -14.07 51.60 9.58
N ALA O 50 -13.32 50.99 8.65
CA ALA O 50 -11.95 50.54 8.88
C ALA O 50 -11.87 49.51 9.99
N LYS O 51 -12.19 49.90 11.22
CA LYS O 51 -12.10 48.98 12.34
C LYS O 51 -13.11 47.84 12.21
N THR O 52 -14.28 48.11 11.64
CA THR O 52 -15.35 47.13 11.56
C THR O 52 -15.47 46.52 10.16
N THR O 53 -14.51 46.77 9.29
CA THR O 53 -14.57 46.25 7.93
C THR O 53 -13.47 45.22 7.70
N PRO O 54 -13.83 43.99 7.35
CA PRO O 54 -12.81 42.96 7.10
C PRO O 54 -12.14 43.14 5.74
N GLY O 55 -11.27 42.20 5.37
CA GLY O 55 -10.53 42.29 4.14
C GLY O 55 -11.40 42.01 2.92
N GLY O 56 -10.76 42.00 1.76
CA GLY O 56 -11.46 41.78 0.52
C GLY O 56 -10.86 40.70 -0.36
N GLY O 57 -10.04 39.85 0.25
CA GLY O 57 -9.43 38.75 -0.48
C GLY O 57 -8.00 39.02 -0.89
N ALA O 58 -7.55 38.38 -1.98
CA ALA O 58 -6.19 38.54 -2.47
C ALA O 58 -6.24 38.68 -3.99
N GLN O 59 -5.50 39.66 -4.51
CA GLN O 59 -5.46 39.94 -5.93
C GLN O 59 -4.06 39.67 -6.46
N ALA O 60 -3.98 39.02 -7.62
CA ALA O 60 -2.69 38.80 -8.26
C ALA O 60 -2.08 40.12 -8.68
N SER O 61 -0.82 40.33 -8.30
CA SER O 61 -0.13 41.57 -8.64
C SER O 61 0.59 41.47 -9.96
N GLN O 62 1.49 40.50 -10.09
CA GLN O 62 2.25 40.31 -11.32
C GLN O 62 2.85 38.91 -11.33
N VAL O 63 3.12 38.42 -12.53
CA VAL O 63 3.89 37.19 -12.70
C VAL O 63 5.30 37.59 -13.10
N ALA O 64 6.27 37.34 -12.22
CA ALA O 64 7.62 37.80 -12.45
C ALA O 64 8.27 37.00 -13.58
N GLN O 65 9.46 37.45 -13.97
CA GLN O 65 10.27 36.83 -15.02
C GLN O 65 11.71 36.71 -14.57
N GLN O 66 11.90 36.14 -13.38
CA GLN O 66 13.21 36.02 -12.75
C GLN O 66 14.30 35.67 -13.75
N PHE O 67 15.34 36.49 -13.78
CA PHE O 67 16.37 36.44 -14.82
C PHE O 67 17.73 36.05 -14.26
N HIS O 68 17.77 35.22 -13.23
CA HIS O 68 19.05 34.77 -12.71
C HIS O 68 19.67 33.78 -13.68
N GLU O 69 21.00 33.80 -13.75
CA GLU O 69 21.72 32.98 -14.72
C GLU O 69 21.39 31.50 -14.54
N GLY O 70 21.10 30.83 -15.65
CA GLY O 70 20.84 29.41 -15.62
C GLY O 70 22.10 28.59 -15.84
N SER O 71 21.95 27.28 -15.63
CA SER O 71 23.08 26.38 -15.82
C SER O 71 23.42 26.26 -17.29
N SER O 72 24.64 25.78 -17.56
CA SER O 72 25.16 25.68 -18.91
C SER O 72 25.49 24.22 -19.21
N ILE O 73 25.11 23.78 -20.41
CA ILE O 73 25.44 22.43 -20.88
C ILE O 73 26.45 22.56 -22.01
N TYR O 74 27.29 21.54 -22.13
CA TYR O 74 28.36 21.52 -23.12
C TYR O 74 27.99 20.50 -24.20
N THR O 75 27.87 20.98 -25.43
CA THR O 75 27.55 20.13 -26.56
C THR O 75 28.72 19.95 -27.53
N ASN O 76 29.81 20.69 -27.33
CA ASN O 76 30.99 20.63 -28.20
C ASN O 76 30.65 20.98 -29.63
N ASN O 77 29.57 21.73 -29.85
CA ASN O 77 29.18 22.15 -31.19
C ASN O 77 29.56 23.60 -31.37
N PRO O 78 30.45 23.93 -32.31
CA PRO O 78 30.94 25.32 -32.41
C PRO O 78 29.86 26.34 -32.72
N MET O 79 28.75 25.92 -33.31
CA MET O 79 27.68 26.85 -33.66
C MET O 79 26.76 27.18 -32.50
N ASP O 80 26.96 26.57 -31.33
CA ASP O 80 26.14 26.85 -30.16
C ASP O 80 26.80 27.96 -29.34
N LEU O 81 26.01 28.95 -28.95
CA LEU O 81 26.52 30.11 -28.24
C LEU O 81 25.72 30.35 -26.96
N ARG O 82 26.39 30.91 -25.97
CA ARG O 82 25.78 31.25 -24.68
C ARG O 82 26.29 32.59 -24.22
N VAL O 83 25.38 33.41 -23.67
CA VAL O 83 25.74 34.71 -23.11
C VAL O 83 25.95 34.54 -21.62
N SER O 84 27.20 34.60 -21.19
CA SER O 84 27.54 34.50 -19.78
C SER O 84 27.54 35.88 -19.16
N GLY O 85 26.59 36.14 -18.27
CA GLY O 85 26.47 37.45 -17.67
C GLY O 85 25.19 38.17 -18.07
N THR O 86 25.31 39.44 -18.44
CA THR O 86 24.16 40.25 -18.82
C THR O 86 24.17 40.51 -20.31
N GLY O 87 23.06 40.27 -20.97
CA GLY O 87 22.94 40.52 -22.39
C GLY O 87 22.10 39.46 -23.08
N PHE O 88 21.46 39.88 -24.18
CA PHE O 88 20.63 38.99 -24.99
C PHE O 88 21.11 38.99 -26.43
N PHE O 89 20.94 37.86 -27.11
CA PHE O 89 21.16 37.81 -28.54
C PHE O 89 20.04 38.56 -29.27
N ALA O 90 20.37 39.12 -30.42
CA ALA O 90 19.42 39.87 -31.23
C ALA O 90 19.19 39.13 -32.54
N VAL O 91 17.93 38.82 -32.84
CA VAL O 91 17.56 38.08 -34.04
C VAL O 91 16.44 38.81 -34.75
N ALA O 92 16.48 38.80 -36.07
CA ALA O 92 15.49 39.48 -36.89
C ALA O 92 14.66 38.47 -37.67
N LYS O 93 13.36 38.78 -37.82
CA LYS O 93 12.46 37.87 -38.52
C LYS O 93 12.85 37.72 -39.99
N GLU O 94 13.15 38.84 -40.64
CA GLU O 94 13.49 38.85 -42.06
C GLU O 94 14.89 39.41 -42.25
N ARG O 95 15.59 38.91 -43.27
CA ARG O 95 16.95 39.39 -43.53
C ARG O 95 16.96 40.87 -43.92
N LEU O 96 15.99 41.30 -44.71
CA LEU O 96 15.97 42.64 -45.26
C LEU O 96 15.42 43.69 -44.31
N THR O 97 14.96 43.29 -43.13
CA THR O 97 14.42 44.22 -42.13
C THR O 97 15.08 43.94 -40.78
N PRO O 98 16.35 44.29 -40.63
CA PRO O 98 17.01 44.09 -39.33
C PRO O 98 16.42 44.91 -38.21
N GLN O 99 15.70 46.00 -38.53
CA GLN O 99 15.10 46.82 -37.49
C GLN O 99 14.10 46.03 -36.68
N GLN O 100 13.26 45.23 -37.33
CA GLN O 100 12.29 44.39 -36.64
C GLN O 100 13.03 43.21 -36.04
N ASN O 101 13.34 43.28 -34.75
CA ASN O 101 14.15 42.28 -34.10
C ASN O 101 13.58 41.97 -32.72
N GLU O 102 13.95 40.80 -32.20
CA GLU O 102 13.54 40.34 -30.89
C GLU O 102 14.75 39.79 -30.15
N LEU O 103 14.65 39.78 -28.82
CA LEU O 103 15.75 39.34 -27.97
C LEU O 103 15.55 37.90 -27.57
N THR O 104 16.66 37.17 -27.45
CA THR O 104 16.62 35.75 -27.11
C THR O 104 17.83 35.41 -26.28
N ARG O 105 17.85 34.17 -25.78
CA ARG O 105 18.95 33.68 -24.97
C ARG O 105 19.55 32.35 -25.43
N ASN O 106 18.78 31.51 -26.12
CA ASN O 106 19.31 30.23 -26.58
C ASN O 106 20.24 30.44 -27.76
N GLY O 107 21.15 29.48 -27.96
CA GLY O 107 22.15 29.62 -28.99
C GLY O 107 22.21 28.49 -29.99
N ALA O 108 21.05 27.87 -30.26
CA ALA O 108 20.99 26.80 -31.25
C ALA O 108 21.01 27.42 -32.64
N PHE O 109 22.21 27.73 -33.13
CA PHE O 109 22.39 28.38 -34.42
C PHE O 109 22.88 27.38 -35.45
N HIS O 110 22.57 27.69 -36.72
CA HIS O 110 23.08 26.91 -37.84
C HIS O 110 22.99 27.76 -39.10
N LEU O 111 23.78 27.38 -40.10
CA LEU O 111 23.80 28.08 -41.37
C LEU O 111 22.60 27.64 -42.21
N ASN O 112 21.89 28.62 -42.77
CA ASN O 112 20.77 28.31 -43.66
C ASN O 112 21.31 28.08 -45.07
N LYS O 113 20.41 27.96 -46.05
CA LYS O 113 20.83 27.68 -47.41
C LYS O 113 21.59 28.85 -48.03
N GLU O 114 21.49 30.04 -47.46
CA GLU O 114 22.23 31.21 -47.91
C GLU O 114 23.49 31.45 -47.10
N ASN O 115 23.87 30.50 -46.25
CA ASN O 115 25.04 30.63 -45.37
C ASN O 115 24.90 31.82 -44.42
N TYR O 116 23.71 31.98 -43.85
CA TYR O 116 23.47 32.95 -42.80
C TYR O 116 23.17 32.22 -41.50
N MET O 117 23.69 32.74 -40.40
CA MET O 117 23.46 32.13 -39.10
C MET O 117 22.03 32.44 -38.65
N VAL O 118 21.23 31.40 -38.44
CA VAL O 118 19.83 31.54 -38.08
C VAL O 118 19.54 30.64 -36.89
N THR O 119 18.41 30.91 -36.24
CA THR O 119 17.95 30.12 -35.12
C THR O 119 17.19 28.90 -35.64
N ALA O 120 16.52 28.17 -34.73
CA ALA O 120 15.75 27.01 -35.14
C ALA O 120 14.61 27.40 -36.07
N ASN O 121 13.95 28.52 -35.79
CA ASN O 121 12.84 29.01 -36.59
C ASN O 121 13.30 29.79 -37.83
N ASP O 122 14.55 29.64 -38.25
CA ASP O 122 15.10 30.33 -39.42
C ASP O 122 14.97 31.84 -39.27
N GLU O 123 15.34 32.34 -38.09
CA GLU O 123 15.40 33.77 -37.83
C GLU O 123 16.85 34.22 -37.82
N PHE O 124 17.17 35.20 -38.66
CA PHE O 124 18.56 35.59 -38.86
C PHE O 124 19.14 36.23 -37.60
N LEU O 125 20.42 35.97 -37.35
CA LEU O 125 21.11 36.51 -36.19
C LEU O 125 21.75 37.84 -36.54
N LEU O 126 21.49 38.86 -35.73
CA LEU O 126 21.99 40.20 -35.98
C LEU O 126 23.43 40.33 -35.53
N GLY O 127 24.25 40.96 -36.37
CA GLY O 127 25.66 41.15 -36.08
C GLY O 127 26.16 42.48 -36.59
N TYR O 128 27.35 42.84 -36.13
CA TYR O 128 27.99 44.08 -36.52
C TYR O 128 28.90 43.85 -37.72
N GLN O 129 29.57 44.92 -38.16
CA GLN O 129 30.52 44.86 -39.28
C GLN O 129 31.82 45.50 -38.82
N VAL O 130 32.86 44.70 -38.68
CA VAL O 130 34.14 45.18 -38.18
C VAL O 130 35.02 45.61 -39.35
N ASP O 131 36.04 46.41 -39.05
CA ASP O 131 37.00 46.87 -40.04
C ASP O 131 37.99 45.75 -40.38
N PRO O 132 38.53 45.77 -41.61
CA PRO O 132 39.50 44.72 -41.98
C PRO O 132 40.72 44.67 -41.07
N SER O 133 41.25 45.82 -40.69
CA SER O 133 42.43 45.90 -39.83
C SER O 133 42.09 46.31 -38.40
N SER O 134 41.34 47.40 -38.23
CA SER O 134 40.97 47.86 -36.90
C SER O 134 39.98 46.89 -36.28
N GLY O 135 40.27 46.47 -35.04
CA GLY O 135 39.35 45.60 -34.32
C GLY O 135 38.04 46.26 -33.98
N GLU O 136 38.06 47.57 -33.71
CA GLU O 136 36.83 48.28 -33.35
C GLU O 136 35.84 48.24 -34.50
N VAL O 137 34.57 48.05 -34.15
CA VAL O 137 33.50 48.02 -35.14
C VAL O 137 33.17 49.45 -35.55
N SER O 138 33.05 49.67 -36.85
CA SER O 138 32.81 51.02 -37.36
C SER O 138 31.37 51.45 -37.15
N SER O 139 30.43 50.76 -37.79
CA SER O 139 29.02 51.11 -37.70
C SER O 139 28.30 50.18 -36.73
N TYR O 140 27.47 50.75 -35.87
CA TYR O 140 26.79 50.01 -34.82
C TYR O 140 25.40 49.54 -35.24
N GLU O 141 25.01 49.75 -36.48
CA GLU O 141 23.72 49.23 -36.90
C GLU O 141 23.78 47.71 -37.02
N PRO O 142 22.69 47.02 -36.69
CA PRO O 142 22.68 45.55 -36.78
C PRO O 142 22.41 45.08 -38.19
N GLN O 143 23.13 44.04 -38.61
CA GLN O 143 22.92 43.43 -39.90
C GLN O 143 23.11 41.92 -39.77
N PRO O 144 22.45 41.14 -40.63
CA PRO O 144 22.61 39.68 -40.55
C PRO O 144 24.05 39.26 -40.80
N ILE O 145 24.47 38.19 -40.14
CA ILE O 145 25.82 37.67 -40.26
C ILE O 145 25.87 36.67 -41.40
N ASN O 146 26.79 36.88 -42.33
CA ASN O 146 26.99 35.99 -43.46
C ASN O 146 28.38 35.36 -43.36
N ILE O 147 28.46 34.08 -43.72
CA ILE O 147 29.71 33.34 -43.68
C ILE O 147 29.98 32.81 -45.08
N PRO O 148 30.57 33.61 -45.97
CA PRO O 148 30.80 33.14 -47.35
C PRO O 148 31.77 31.98 -47.38
N ALA O 149 31.56 31.09 -48.35
CA ALA O 149 32.43 29.94 -48.53
C ALA O 149 33.59 30.21 -49.47
N GLU O 150 33.68 31.41 -50.04
CA GLU O 150 34.76 31.75 -50.95
C GLU O 150 35.29 33.14 -50.63
N PHE O 151 36.61 33.27 -50.65
CA PHE O 151 37.27 34.57 -50.53
C PHE O 151 37.44 35.17 -51.93
N GLY O 152 36.31 35.50 -52.53
CA GLY O 152 36.27 35.89 -53.93
C GLY O 152 36.71 37.32 -54.19
N LYS O 153 37.96 37.64 -53.86
CA LYS O 153 38.52 38.95 -54.16
C LYS O 153 40.04 38.89 -54.13
N PRO O 154 40.68 38.49 -55.23
CA PRO O 154 42.15 38.48 -55.26
C PRO O 154 42.73 39.85 -54.97
N LYS O 155 43.45 39.96 -53.86
CA LYS O 155 43.96 41.23 -53.37
C LYS O 155 45.39 41.43 -53.84
N GLN O 156 45.63 42.49 -54.59
CA GLN O 156 46.96 42.76 -55.12
C GLN O 156 47.90 43.16 -54.00
N THR O 157 49.18 42.85 -54.20
CA THR O 157 50.21 43.21 -53.23
C THR O 157 50.49 44.70 -53.32
N ALA O 158 50.35 45.40 -52.19
CA ALA O 158 50.55 46.85 -52.18
C ALA O 158 51.59 47.25 -51.15
N ASN O 159 51.61 46.57 -50.00
CA ASN O 159 52.55 46.89 -48.93
C ASN O 159 53.40 45.66 -48.64
N ILE O 160 54.71 45.84 -48.64
CA ILE O 160 55.66 44.78 -48.35
C ILE O 160 56.56 45.24 -47.22
N GLU O 161 56.54 44.52 -46.10
CA GLU O 161 57.39 44.82 -44.96
C GLU O 161 58.52 43.81 -44.92
N VAL O 162 59.76 44.30 -44.93
CA VAL O 162 60.95 43.46 -44.95
C VAL O 162 61.85 43.88 -43.80
N GLY O 163 62.26 42.92 -42.97
CA GLY O 163 63.23 43.18 -41.94
C GLY O 163 64.44 42.28 -42.08
N VAL O 164 65.60 42.85 -42.41
CA VAL O 164 66.81 42.07 -42.63
C VAL O 164 67.94 42.65 -41.79
N ASN O 165 68.95 41.81 -41.55
CA ASN O 165 70.18 42.22 -40.91
C ASN O 165 71.32 42.12 -41.91
N LEU O 166 72.04 43.21 -42.10
CA LEU O 166 73.06 43.13 -43.13
C LEU O 166 74.44 42.92 -42.52
N PRO O 167 75.29 42.13 -43.17
CA PRO O 167 76.63 41.88 -42.63
C PRO O 167 77.47 43.14 -42.69
N ALA O 168 77.92 43.59 -41.51
CA ALA O 168 78.76 44.78 -41.44
C ALA O 168 80.16 44.53 -42.00
N ASN O 169 80.60 43.28 -42.01
CA ASN O 169 81.93 42.92 -42.51
C ASN O 169 81.91 42.53 -43.98
N GLY O 170 80.78 42.68 -44.67
CA GLY O 170 80.72 42.31 -46.06
C GLY O 170 81.64 43.16 -46.92
N ASP O 171 82.12 42.57 -48.00
CA ASP O 171 83.05 43.25 -48.89
C ASP O 171 82.37 44.40 -49.61
N LEU O 172 83.09 45.50 -49.77
CA LEU O 172 82.54 46.66 -50.45
C LEU O 172 82.40 46.40 -51.94
N LYS O 173 81.44 47.08 -52.56
CA LYS O 173 81.15 46.93 -53.97
C LYS O 173 81.04 48.30 -54.62
N ASP O 174 81.21 48.32 -55.95
CA ASP O 174 81.15 49.56 -56.70
C ASP O 174 79.70 49.86 -57.07
N PRO O 175 79.12 50.97 -56.62
CA PRO O 175 77.73 51.27 -56.99
C PRO O 175 77.51 51.41 -58.48
N THR O 176 78.48 51.94 -59.21
CA THR O 176 78.29 52.17 -60.64
C THR O 176 78.33 50.87 -61.44
N GLN O 177 78.91 49.81 -60.90
CA GLN O 177 79.06 48.55 -61.61
C GLN O 177 77.95 47.56 -61.30
N PHE O 178 76.87 48.01 -60.67
CA PHE O 178 75.79 47.10 -60.31
C PHE O 178 75.10 46.57 -61.55
N ASP O 179 74.85 45.26 -61.57
CA ASP O 179 74.13 44.61 -62.66
C ASP O 179 73.53 43.32 -62.12
N PHE O 180 72.21 43.20 -62.18
CA PHE O 180 71.54 42.03 -61.61
C PHE O 180 71.91 40.74 -62.32
N SER O 181 72.41 40.83 -63.56
CA SER O 181 72.81 39.63 -64.29
C SER O 181 74.13 39.07 -63.79
N ASP O 182 74.95 39.86 -63.11
CA ASP O 182 76.24 39.40 -62.62
C ASP O 182 76.22 39.31 -61.10
N PRO O 183 76.29 38.11 -60.52
CA PRO O 183 76.25 37.99 -59.06
C PRO O 183 77.37 38.73 -58.35
N ASP O 184 78.56 38.81 -58.96
CA ASP O 184 79.71 39.41 -58.31
C ASP O 184 79.58 40.91 -58.15
N THR O 185 78.65 41.56 -58.84
CA THR O 185 78.53 43.01 -58.73
C THR O 185 77.88 43.43 -57.42
N TYR O 186 76.99 42.62 -56.87
CA TYR O 186 76.29 42.95 -55.64
C TYR O 186 76.74 42.00 -54.53
N ASN O 187 76.11 42.14 -53.35
CA ASN O 187 76.45 41.32 -52.19
C ASN O 187 75.49 40.15 -52.00
N ARG O 188 74.20 40.43 -51.89
CA ARG O 188 73.21 39.40 -51.59
C ARG O 188 71.98 39.61 -52.46
N SER O 189 71.24 38.53 -52.67
CA SER O 189 70.00 38.55 -53.44
C SER O 189 68.99 37.63 -52.77
N THR O 190 67.77 38.12 -52.62
CA THR O 190 66.68 37.35 -52.03
C THR O 190 65.49 37.35 -52.97
N SER O 191 64.70 36.28 -52.91
CA SER O 191 63.55 36.09 -53.77
C SER O 191 62.28 36.03 -52.94
N SER O 192 61.20 36.53 -53.51
CA SER O 192 59.90 36.50 -52.85
C SER O 192 58.81 36.56 -53.92
N THR O 193 57.59 36.24 -53.50
CA THR O 193 56.46 36.15 -54.41
C THR O 193 55.46 37.25 -54.10
N ILE O 194 54.93 37.88 -55.16
CA ILE O 194 53.93 38.91 -55.05
C ILE O 194 52.77 38.55 -55.98
N TYR O 195 51.61 39.14 -55.71
CA TYR O 195 50.40 38.85 -56.46
C TYR O 195 49.83 40.14 -57.03
N ASP O 196 49.34 40.06 -58.26
CA ASP O 196 48.74 41.19 -58.95
C ASP O 196 47.24 41.24 -58.66
N SER O 197 46.51 42.04 -59.43
CA SER O 197 45.08 42.19 -59.20
C SER O 197 44.32 40.88 -59.47
N MET O 198 44.70 40.14 -60.50
CA MET O 198 44.01 38.92 -60.88
C MET O 198 44.51 37.69 -60.13
N GLY O 199 45.45 37.86 -59.21
CA GLY O 199 45.95 36.75 -58.43
C GLY O 199 47.12 36.01 -59.04
N GLN O 200 47.63 36.45 -60.18
CA GLN O 200 48.81 35.83 -60.77
C GLN O 200 50.02 36.04 -59.86
N SER O 201 50.84 35.01 -59.73
CA SER O 201 52.00 35.06 -58.86
C SER O 201 53.21 35.54 -59.65
N TYR O 202 53.93 36.51 -59.10
CA TYR O 202 55.14 37.05 -59.71
C TYR O 202 56.30 36.89 -58.74
N LYS O 203 57.50 36.73 -59.30
CA LYS O 203 58.71 36.53 -58.52
C LYS O 203 59.42 37.86 -58.34
N LEU O 204 59.58 38.27 -57.08
CA LEU O 204 60.25 39.52 -56.74
C LEU O 204 61.61 39.21 -56.15
N THR O 205 62.65 39.74 -56.78
CA THR O 205 64.03 39.53 -56.34
C THR O 205 64.61 40.85 -55.85
N THR O 206 65.15 40.85 -54.63
CA THR O 206 65.75 42.02 -54.03
C THR O 206 67.26 41.85 -53.96
N TYR O 207 67.99 42.85 -54.45
CA TYR O 207 69.45 42.82 -54.48
C TYR O 207 69.99 43.84 -53.51
N TYR O 208 70.92 43.41 -52.65
CA TYR O 208 71.55 44.27 -51.67
C TYR O 208 73.01 44.49 -52.03
N LEU O 209 73.41 45.76 -52.08
CA LEU O 209 74.77 46.14 -52.45
C LEU O 209 75.34 47.07 -51.38
N LYS O 210 76.54 46.77 -50.93
CA LYS O 210 77.21 47.55 -49.90
C LYS O 210 78.05 48.64 -50.58
N ASP O 211 77.78 49.89 -50.22
CA ASP O 211 78.48 51.00 -50.85
C ASP O 211 79.94 51.03 -50.42
N GLN O 212 80.82 51.33 -51.37
CA GLN O 212 82.25 51.44 -51.10
C GLN O 212 82.66 52.87 -50.75
N THR O 213 82.09 53.86 -51.44
CA THR O 213 82.46 55.25 -51.17
C THR O 213 82.05 55.68 -49.76
N GLN O 214 80.85 55.31 -49.34
CA GLN O 214 80.32 55.75 -48.06
C GLN O 214 80.23 54.58 -47.10
N PRO O 215 80.91 54.62 -45.96
CA PRO O 215 80.78 53.53 -44.99
C PRO O 215 79.39 53.48 -44.38
N ASN O 216 78.97 52.27 -43.99
CA ASN O 216 77.65 52.03 -43.40
C ASN O 216 76.54 52.52 -44.33
N THR O 217 76.71 52.28 -45.63
CA THR O 217 75.74 52.66 -46.63
C THR O 217 75.49 51.48 -47.56
N TRP O 218 74.22 51.23 -47.86
CA TRP O 218 73.83 50.12 -48.71
C TRP O 218 72.90 50.59 -49.82
N ASN O 219 72.95 49.90 -50.95
CA ASN O 219 72.07 50.16 -52.08
C ASN O 219 71.19 48.94 -52.30
N THR O 220 69.90 49.19 -52.55
CA THR O 220 68.92 48.13 -52.73
C THR O 220 68.25 48.29 -54.08
N TYR O 221 68.14 47.19 -54.82
CA TYR O 221 67.53 47.18 -56.14
C TYR O 221 66.54 46.02 -56.23
N TYR O 222 65.53 46.19 -57.08
CA TYR O 222 64.44 45.24 -57.20
C TYR O 222 64.23 44.84 -58.65
N THR O 223 63.86 43.58 -58.87
CA THR O 223 63.55 43.06 -60.19
C THR O 223 62.30 42.19 -60.11
N VAL O 224 61.58 42.12 -61.22
CA VAL O 224 60.39 41.30 -61.36
C VAL O 224 60.60 40.33 -62.50
N THR O 225 60.34 39.05 -62.26
CA THR O 225 60.56 38.00 -63.24
C THR O 225 59.22 37.40 -63.67
N ASP O 226 58.73 37.81 -64.83
CA ASP O 226 57.55 37.22 -65.44
C ASP O 226 57.98 36.15 -66.44
N LYS O 227 57.02 35.67 -67.23
CA LYS O 227 57.33 34.64 -68.21
C LYS O 227 58.23 35.16 -69.31
N GLU O 228 58.11 36.45 -69.66
CA GLU O 228 58.97 37.02 -70.69
C GLU O 228 60.43 37.02 -70.26
N GLY O 229 60.69 37.35 -69.00
CA GLY O 229 62.04 37.41 -68.50
C GLY O 229 62.07 38.15 -67.17
N GLU O 230 63.28 38.56 -66.79
CA GLU O 230 63.50 39.32 -65.56
C GLU O 230 63.64 40.80 -65.92
N LYS O 231 62.72 41.62 -65.42
CA LYS O 231 62.71 43.04 -65.74
C LYS O 231 62.99 43.86 -64.49
N PRO O 232 63.97 44.75 -64.54
CA PRO O 232 64.27 45.58 -63.36
C PRO O 232 63.15 46.54 -63.03
N LEU O 233 63.02 46.84 -61.74
CA LEU O 233 62.00 47.75 -61.23
C LEU O 233 62.68 48.97 -60.62
N ASN O 234 62.14 50.15 -60.91
CA ASN O 234 62.71 51.41 -60.47
C ASN O 234 61.89 52.00 -59.33
N VAL O 235 62.56 52.73 -58.45
CA VAL O 235 61.92 53.46 -57.36
C VAL O 235 61.55 54.85 -57.85
N ALA O 236 60.48 55.41 -57.29
CA ALA O 236 59.99 56.71 -57.76
C ALA O 236 61.01 57.82 -57.51
N ALA O 237 61.57 57.87 -56.30
CA ALA O 237 62.51 58.93 -55.93
C ALA O 237 63.76 58.34 -55.27
N GLY O 238 64.14 57.13 -55.66
CA GLY O 238 65.33 56.52 -55.09
C GLY O 238 66.58 57.24 -55.52
N ASP O 239 67.46 57.49 -54.56
CA ASP O 239 68.71 58.22 -54.81
C ASP O 239 69.87 57.27 -55.13
N ALA O 240 69.65 56.37 -56.08
CA ALA O 240 70.70 55.44 -56.52
C ALA O 240 70.44 55.12 -57.99
N GLN O 241 71.12 55.84 -58.87
CA GLN O 241 70.91 55.70 -60.32
C GLN O 241 72.13 55.05 -60.93
N THR O 242 71.97 53.81 -61.38
CA THR O 242 73.02 53.14 -62.12
C THR O 242 73.18 53.76 -63.50
N PRO O 243 74.36 53.64 -64.10
CA PRO O 243 74.54 54.18 -65.47
C PRO O 243 73.57 53.60 -66.48
N THR O 244 73.16 52.33 -66.30
CA THR O 244 72.18 51.74 -67.20
C THR O 244 70.84 52.45 -67.10
N GLY O 245 70.42 52.80 -65.88
CA GLY O 245 69.16 53.49 -65.69
C GLY O 245 68.34 52.94 -64.54
N HIS O 246 68.76 51.80 -64.00
CA HIS O 246 68.06 51.20 -62.87
C HIS O 246 68.17 52.10 -61.65
N VAL O 247 67.05 52.30 -60.95
CA VAL O 247 66.97 53.23 -59.84
C VAL O 247 66.64 52.45 -58.57
N GLY O 248 67.56 52.45 -57.62
CA GLY O 248 67.34 51.91 -56.31
C GLY O 248 67.32 52.98 -55.24
N HIS O 249 67.36 52.54 -53.98
CA HIS O 249 67.33 53.45 -52.84
C HIS O 249 68.49 53.11 -51.92
N THR O 250 68.91 54.11 -51.14
CA THR O 250 70.06 53.98 -50.26
C THR O 250 69.61 53.85 -48.81
N MET O 251 70.34 53.03 -48.05
CA MET O 251 70.06 52.80 -46.65
C MET O 251 71.29 53.13 -45.82
N LYS O 252 71.10 53.89 -44.75
CA LYS O 252 72.19 54.32 -43.88
C LYS O 252 71.91 53.89 -42.44
N PHE O 253 72.98 53.64 -41.69
CA PHE O 253 72.89 53.12 -40.33
C PHE O 253 73.73 53.96 -39.39
N ASN O 254 73.37 53.93 -38.11
CA ASN O 254 74.07 54.70 -37.09
C ASN O 254 75.29 53.92 -36.60
N ASN O 255 75.91 54.40 -35.53
CA ASN O 255 77.10 53.74 -34.99
C ASN O 255 76.74 52.43 -34.30
N ASP O 256 75.59 52.39 -33.62
CA ASP O 256 75.19 51.18 -32.90
C ASP O 256 74.62 50.10 -33.82
N GLY O 257 74.60 50.32 -35.12
CA GLY O 257 74.08 49.35 -36.06
C GLY O 257 72.60 49.45 -36.35
N THR O 258 71.88 50.34 -35.67
CA THR O 258 70.46 50.49 -35.92
C THR O 258 70.24 51.32 -37.18
N LEU O 259 68.98 51.50 -37.55
CA LEU O 259 68.62 52.22 -38.76
C LEU O 259 68.76 53.73 -38.56
N ALA O 260 69.32 54.41 -39.55
CA ALA O 260 69.47 55.87 -39.51
C ALA O 260 68.49 56.56 -40.44
N SER O 261 68.51 56.21 -41.73
CA SER O 261 67.65 56.85 -42.71
C SER O 261 67.43 55.91 -43.89
N LEU O 262 66.36 56.16 -44.64
CA LEU O 262 66.00 55.34 -45.79
C LEU O 262 65.62 56.25 -46.95
N ASN O 263 66.40 56.18 -48.04
CA ASN O 263 66.11 56.93 -49.26
C ASN O 263 65.96 58.42 -48.96
N ASN O 264 66.92 58.98 -48.21
CA ASN O 264 66.90 60.38 -47.80
C ASN O 264 65.64 60.73 -47.01
N GLY O 265 65.13 59.76 -46.24
CA GLY O 265 63.94 59.99 -45.45
C GLY O 265 62.64 59.97 -46.22
N GLN O 266 62.67 59.62 -47.50
CA GLN O 266 61.45 59.61 -48.28
C GLN O 266 60.84 58.21 -48.35
N PRO O 267 59.52 58.12 -48.48
CA PRO O 267 58.90 56.80 -48.62
C PRO O 267 59.35 56.10 -49.89
N ILE O 268 59.50 54.79 -49.80
CA ILE O 268 59.95 53.97 -50.92
C ILE O 268 58.71 53.45 -51.65
N THR O 269 58.42 54.04 -52.81
CA THR O 269 57.31 53.61 -53.64
C THR O 269 57.83 53.32 -55.05
N SER O 270 57.59 52.12 -55.54
CA SER O 270 58.04 51.74 -56.86
C SER O 270 57.08 52.29 -57.93
N VAL O 271 57.58 52.34 -59.16
CA VAL O 271 56.78 52.80 -60.30
C VAL O 271 55.75 51.73 -60.63
N ALA O 272 54.78 52.08 -61.47
CA ALA O 272 53.77 51.12 -61.90
C ALA O 272 54.43 49.97 -62.65
N LEU O 273 54.02 48.74 -62.32
CA LEU O 273 54.68 47.57 -62.89
C LEU O 273 54.45 47.47 -64.40
N GLY O 274 53.22 47.69 -64.83
CA GLY O 274 52.88 47.46 -66.23
C GLY O 274 52.50 48.69 -67.03
N ASP O 275 52.87 49.87 -66.54
CA ASP O 275 52.54 51.10 -67.24
C ASP O 275 53.76 51.60 -67.98
N PRO O 276 53.78 51.55 -69.32
CA PRO O 276 54.96 52.06 -70.05
C PRO O 276 55.19 53.55 -69.88
N ALA O 277 54.16 54.32 -69.52
CA ALA O 277 54.32 55.76 -69.37
C ALA O 277 55.24 56.15 -68.22
N THR O 278 55.47 55.25 -67.26
CA THR O 278 56.36 55.53 -66.14
C THR O 278 57.44 54.48 -65.93
N ASN O 279 57.44 53.39 -66.69
CA ASN O 279 58.43 52.33 -66.54
C ASN O 279 59.08 52.07 -67.88
N THR O 280 60.41 52.01 -67.90
CA THR O 280 61.14 51.71 -69.12
C THR O 280 61.08 50.24 -69.48
N THR O 281 60.80 49.36 -68.51
CA THR O 281 60.66 47.93 -68.73
C THR O 281 59.32 47.49 -68.12
N PRO O 282 58.22 47.74 -68.81
CA PRO O 282 56.90 47.41 -68.25
C PRO O 282 56.77 45.91 -68.02
N VAL O 283 56.25 45.54 -66.86
CA VAL O 283 56.00 44.14 -66.55
C VAL O 283 54.75 43.67 -67.27
N ASP O 284 54.83 42.49 -67.88
CA ASP O 284 53.69 41.95 -68.61
C ASP O 284 52.61 41.48 -67.66
N MET O 285 51.66 42.36 -67.35
CA MET O 285 50.60 42.02 -66.39
C MET O 285 49.67 40.93 -66.91
N ASN O 286 49.68 40.65 -68.21
CA ASN O 286 48.84 39.61 -68.81
C ASN O 286 47.37 39.84 -68.50
N GLY O 287 46.94 41.10 -68.57
CA GLY O 287 45.57 41.48 -68.32
C GLY O 287 45.30 42.07 -66.95
N ALA O 288 46.29 42.04 -66.05
CA ALA O 288 46.09 42.59 -64.73
C ALA O 288 46.20 44.12 -64.77
N ASP O 289 46.02 44.73 -63.60
CA ASP O 289 46.08 46.19 -63.51
C ASP O 289 47.51 46.66 -63.73
N PRO O 290 47.75 47.51 -64.73
CA PRO O 290 49.12 48.00 -64.96
C PRO O 290 49.56 49.08 -64.00
N ALA O 291 48.66 49.62 -63.17
CA ALA O 291 48.98 50.71 -62.28
C ALA O 291 49.33 50.25 -60.87
N GLN O 292 49.65 48.97 -60.69
CA GLN O 292 49.97 48.47 -59.37
C GLN O 292 51.26 49.10 -58.85
N THR O 293 51.25 49.49 -57.58
CA THR O 293 52.40 50.11 -56.93
C THR O 293 52.74 49.36 -55.66
N LEU O 294 54.03 49.34 -55.33
CA LEU O 294 54.53 48.63 -54.16
C LEU O 294 55.15 49.62 -53.18
N ASN O 295 54.78 49.49 -51.91
CA ASN O 295 55.38 50.28 -50.84
C ASN O 295 56.22 49.35 -49.97
N PHE O 296 57.50 49.68 -49.81
CA PHE O 296 58.43 48.85 -49.06
C PHE O 296 58.65 49.46 -47.68
N GLY O 297 58.41 48.68 -46.64
CA GLY O 297 58.67 49.13 -45.29
C GLY O 297 59.83 48.40 -44.66
N LEU O 298 60.95 49.08 -44.50
CA LEU O 298 62.18 48.50 -43.96
C LEU O 298 62.60 49.22 -42.69
N GLY O 299 61.64 49.53 -41.82
CA GLY O 299 61.95 50.27 -40.62
C GLY O 299 62.67 49.48 -39.56
N SER O 300 62.80 48.16 -39.73
CA SER O 300 63.49 47.31 -38.78
C SER O 300 64.83 46.81 -39.30
N ALA O 301 65.31 47.37 -40.41
CA ALA O 301 66.58 46.91 -40.98
C ALA O 301 67.74 47.26 -40.05
N THR O 302 68.69 46.34 -39.93
CA THR O 302 69.83 46.50 -39.04
C THR O 302 71.09 46.05 -39.77
N GLN O 303 72.23 46.53 -39.27
CA GLN O 303 73.54 46.11 -39.76
C GLN O 303 74.41 45.78 -38.56
N PHE O 304 74.60 44.49 -38.29
CA PHE O 304 75.42 44.02 -37.18
C PHE O 304 76.51 43.11 -37.72
N ALA O 305 77.27 42.51 -36.80
CA ALA O 305 78.32 41.57 -37.19
C ALA O 305 77.76 40.23 -37.65
N ALA O 306 76.47 39.97 -37.42
CA ALA O 306 75.87 38.71 -37.82
C ALA O 306 75.81 38.63 -39.35
N PRO O 307 75.82 37.42 -39.91
CA PRO O 307 75.75 37.29 -41.37
C PRO O 307 74.43 37.77 -41.94
N PHE O 308 74.33 37.77 -43.28
CA PHE O 308 73.09 38.18 -43.93
C PHE O 308 71.96 37.23 -43.53
N GLU O 309 70.81 37.81 -43.19
CA GLU O 309 69.69 37.04 -42.68
C GLU O 309 68.38 37.75 -43.00
N LEU O 310 67.40 36.99 -43.47
CA LEU O 310 66.06 37.50 -43.75
C LEU O 310 65.19 37.18 -42.53
N THR O 311 65.16 38.12 -41.59
CA THR O 311 64.46 37.86 -40.32
C THR O 311 62.94 37.85 -40.52
N LYS O 312 62.41 38.83 -41.24
CA LYS O 312 60.97 39.00 -41.35
C LYS O 312 60.60 39.42 -42.76
N PHE O 313 59.52 38.84 -43.28
CA PHE O 313 58.96 39.23 -44.57
C PHE O 313 57.45 39.15 -44.49
N ASP O 314 56.77 40.27 -44.70
CA ASP O 314 55.33 40.34 -44.63
C ASP O 314 54.78 41.14 -45.80
N GLU O 315 53.69 40.66 -46.38
CA GLU O 315 53.03 41.34 -47.49
C GLU O 315 51.53 41.41 -47.22
N ASP O 316 50.81 42.09 -48.11
CA ASP O 316 49.37 42.24 -48.00
C ASP O 316 48.63 41.58 -49.17
N GLY O 317 49.35 40.80 -49.98
CA GLY O 317 48.73 40.14 -51.10
C GLY O 317 47.87 38.97 -50.68
N ALA O 318 47.01 38.54 -51.61
CA ALA O 318 46.09 37.44 -51.33
C ALA O 318 45.67 36.80 -52.65
N THR O 319 45.15 35.59 -52.54
CA THR O 319 44.69 34.83 -53.70
C THR O 319 43.33 34.24 -53.38
N THR O 320 42.71 33.64 -54.40
CA THR O 320 41.43 32.99 -54.20
C THR O 320 41.58 31.82 -53.23
N GLY O 321 40.54 31.61 -52.42
CA GLY O 321 40.60 30.57 -51.42
C GLY O 321 39.22 30.08 -51.04
N PHE O 322 39.21 29.04 -50.21
CA PHE O 322 37.98 28.40 -49.77
C PHE O 322 37.96 28.33 -48.26
N LEU O 323 36.79 28.49 -47.68
CA LEU O 323 36.64 28.45 -46.23
C LEU O 323 37.17 27.13 -45.68
N THR O 324 38.07 27.23 -44.70
CA THR O 324 38.66 26.05 -44.08
C THR O 324 38.11 25.78 -42.68
N LYS O 325 38.08 26.79 -41.81
CA LYS O 325 37.55 26.61 -40.47
C LYS O 325 37.00 27.92 -39.96
N VAL O 326 36.10 27.82 -38.97
CA VAL O 326 35.44 28.97 -38.37
C VAL O 326 35.49 28.82 -36.86
N ASP O 327 35.81 29.91 -36.16
CA ASP O 327 35.84 29.91 -34.72
C ASP O 327 35.39 31.27 -34.20
N PHE O 328 35.03 31.30 -32.92
CA PHE O 328 34.54 32.49 -32.25
C PHE O 328 35.47 32.83 -31.09
N ASP O 329 35.84 34.10 -30.99
CA ASP O 329 36.66 34.54 -29.86
C ASP O 329 35.76 35.08 -28.75
N GLU O 330 36.38 35.46 -27.64
CA GLU O 330 35.64 35.98 -26.50
C GLU O 330 34.99 37.32 -26.80
N ASN O 331 35.55 38.09 -27.74
CA ASN O 331 34.95 39.37 -28.10
C ASN O 331 33.70 39.23 -28.94
N GLY O 332 33.35 38.02 -29.38
CA GLY O 332 32.21 37.81 -30.24
C GLY O 332 32.51 37.86 -31.72
N SER O 333 33.74 38.19 -32.10
CA SER O 333 34.10 38.20 -33.51
C SER O 333 34.20 36.78 -34.04
N VAL O 334 33.58 36.53 -35.19
CA VAL O 334 33.63 35.23 -35.84
C VAL O 334 34.67 35.30 -36.93
N MET O 335 35.76 34.57 -36.76
CA MET O 335 36.88 34.59 -37.70
C MET O 335 36.89 33.31 -38.54
N GLY O 336 37.27 33.46 -39.80
CA GLY O 336 37.36 32.33 -40.70
C GLY O 336 38.59 32.39 -41.58
N THR O 337 39.38 31.34 -41.57
CA THR O 337 40.62 31.28 -42.34
C THR O 337 40.38 30.49 -43.62
N TYR O 338 40.93 30.98 -44.71
CA TYR O 338 40.72 30.41 -46.03
C TYR O 338 41.98 29.69 -46.51
N SER O 339 41.91 29.16 -47.72
CA SER O 339 43.04 28.42 -48.29
C SER O 339 44.21 29.35 -48.60
N ASN O 340 43.94 30.61 -48.95
CA ASN O 340 45.01 31.55 -49.23
C ASN O 340 45.83 31.85 -47.98
N GLY O 341 45.17 31.92 -46.83
CA GLY O 341 45.84 32.16 -45.57
C GLY O 341 45.32 33.36 -44.79
N GLU O 342 44.54 34.24 -45.41
CA GLU O 342 44.03 35.41 -44.69
C GLU O 342 43.04 35.00 -43.62
N ASN O 343 43.18 35.61 -42.44
CA ASN O 343 42.26 35.36 -41.32
C ASN O 343 41.18 36.44 -41.31
N VAL O 344 40.28 36.33 -42.29
CA VAL O 344 39.22 37.32 -42.45
C VAL O 344 38.25 37.25 -41.29
N THR O 345 37.91 38.40 -40.72
CA THR O 345 36.93 38.49 -39.65
C THR O 345 35.57 38.76 -40.27
N LEU O 346 34.68 37.77 -40.21
CA LEU O 346 33.37 37.90 -40.84
C LEU O 346 32.53 38.98 -40.16
N GLY O 347 32.58 39.05 -38.84
CA GLY O 347 31.81 40.04 -38.12
C GLY O 347 31.80 39.74 -36.64
N ARG O 348 30.95 40.48 -35.92
CA ARG O 348 30.74 40.27 -34.50
C ARG O 348 29.29 39.91 -34.24
N VAL O 349 29.03 39.42 -33.03
CA VAL O 349 27.69 39.03 -32.61
C VAL O 349 27.15 40.14 -31.72
N ALA O 350 26.05 40.76 -32.15
CA ALA O 350 25.47 41.85 -31.40
C ALA O 350 24.89 41.35 -30.08
N LEU O 351 25.03 42.17 -29.04
CA LEU O 351 24.48 41.89 -27.72
C LEU O 351 23.58 43.05 -27.31
N VAL O 352 22.43 42.73 -26.75
CA VAL O 352 21.43 43.73 -26.39
C VAL O 352 21.11 43.61 -24.91
N ARG O 353 21.04 44.76 -24.24
CA ARG O 353 20.70 44.82 -22.83
C ARG O 353 19.65 45.91 -22.63
N VAL O 354 18.67 45.63 -21.78
CA VAL O 354 17.63 46.62 -21.47
C VAL O 354 17.75 47.00 -19.99
N PRO O 355 17.42 48.25 -19.62
CA PRO O 355 17.54 48.62 -18.20
C PRO O 355 16.64 47.81 -17.28
N ASN O 356 15.45 47.46 -17.73
CA ASN O 356 14.48 46.70 -16.92
C ASN O 356 14.14 45.43 -17.67
N GLU O 357 14.77 44.32 -17.28
CA GLU O 357 14.49 43.04 -17.93
C GLU O 357 13.16 42.45 -17.50
N GLN O 358 12.63 42.85 -16.33
CA GLN O 358 11.37 42.33 -15.84
C GLN O 358 10.16 42.85 -16.61
N GLY O 359 10.35 43.84 -17.48
CA GLY O 359 9.23 44.44 -18.18
C GLY O 359 9.12 44.02 -19.63
N LEU O 360 10.07 43.22 -20.10
CA LEU O 360 10.02 42.70 -21.45
C LEU O 360 8.76 41.86 -21.65
N ASP O 361 8.05 42.11 -22.74
CA ASP O 361 6.92 41.26 -23.09
C ASP O 361 7.45 39.96 -23.70
N LYS O 362 6.76 38.87 -23.42
CA LYS O 362 7.24 37.54 -23.77
C LYS O 362 6.55 37.07 -25.05
N LYS O 363 7.33 36.92 -26.11
CA LYS O 363 6.83 36.31 -27.34
C LYS O 363 7.05 34.80 -27.27
N GLY O 364 6.65 34.11 -28.32
CA GLY O 364 6.82 32.67 -28.35
C GLY O 364 8.25 32.26 -28.61
N GLY O 365 8.54 31.00 -28.33
CA GLY O 365 9.85 30.44 -28.62
C GLY O 365 10.99 31.05 -27.83
N THR O 366 10.77 31.34 -26.55
CA THR O 366 11.79 31.88 -25.65
C THR O 366 12.44 33.13 -26.25
N GLN O 367 11.59 34.06 -26.66
CA GLN O 367 12.05 35.31 -27.23
C GLN O 367 11.33 36.47 -26.55
N TRP O 368 12.01 37.61 -26.47
CA TRP O 368 11.50 38.79 -25.82
C TRP O 368 11.62 39.99 -26.73
N ASP O 369 10.78 41.00 -26.47
CA ASP O 369 10.81 42.26 -27.18
C ASP O 369 10.75 43.39 -26.15
N SER O 370 11.19 44.57 -26.57
CA SER O 370 11.27 45.72 -25.67
C SER O 370 9.96 46.51 -25.71
N THR O 371 9.35 46.70 -24.54
CA THR O 371 8.14 47.49 -24.43
C THR O 371 8.47 48.83 -23.77
N GLN O 372 7.42 49.61 -23.50
CA GLN O 372 7.60 50.89 -22.84
C GLN O 372 8.19 50.74 -21.45
N PHE O 373 7.67 49.78 -20.66
CA PHE O 373 8.16 49.58 -19.31
C PHE O 373 9.60 49.09 -19.30
N SER O 374 9.94 48.20 -20.26
CA SER O 374 11.30 47.65 -20.30
C SER O 374 12.33 48.73 -20.57
N GLY O 375 12.01 49.69 -21.45
CA GLY O 375 12.92 50.74 -21.82
C GLY O 375 13.21 50.70 -23.33
N ASP O 376 14.48 50.94 -23.67
CA ASP O 376 14.93 50.88 -25.05
C ASP O 376 16.14 49.98 -25.16
N LYS O 377 16.26 49.30 -26.30
CA LYS O 377 17.36 48.37 -26.51
C LYS O 377 18.68 49.12 -26.56
N ILE O 378 19.61 48.72 -25.71
CA ILE O 378 20.95 49.31 -25.66
C ILE O 378 21.91 48.32 -26.29
N TRP O 379 22.50 48.70 -27.41
CA TRP O 379 23.37 47.82 -28.16
C TRP O 379 24.81 47.92 -27.66
N GLY O 380 25.56 46.84 -27.85
CA GLY O 380 26.93 46.79 -27.40
C GLY O 380 27.60 45.53 -27.90
N GLU O 381 28.90 45.43 -27.61
CA GLU O 381 29.69 44.28 -28.01
C GLU O 381 29.77 43.28 -26.86
N SER O 382 30.58 42.24 -27.04
CA SER O 382 30.79 41.22 -26.02
C SER O 382 31.96 41.62 -25.13
N ASN O 383 31.78 41.44 -23.82
CA ASN O 383 32.80 41.77 -22.83
C ASN O 383 33.22 43.23 -22.94
N LYS O 384 32.23 44.11 -23.06
CA LYS O 384 32.45 45.55 -23.15
C LYS O 384 31.46 46.26 -22.27
N GLY O 385 31.95 47.18 -21.45
CA GLY O 385 31.07 47.91 -20.55
C GLY O 385 30.43 46.98 -19.55
N SER O 386 29.10 47.00 -19.48
CA SER O 386 28.34 46.19 -18.54
C SER O 386 27.88 44.86 -19.12
N PHE O 387 28.24 44.56 -20.37
CA PHE O 387 27.82 43.31 -20.99
C PHE O 387 28.66 42.15 -20.49
N GLY O 388 28.17 40.94 -20.74
CA GLY O 388 28.89 39.72 -20.42
C GLY O 388 29.71 39.23 -21.59
N THR O 389 30.12 37.98 -21.50
CA THR O 389 30.94 37.34 -22.52
C THR O 389 30.12 36.35 -23.33
N ILE O 390 30.68 35.94 -24.47
CA ILE O 390 30.05 34.97 -25.35
C ILE O 390 30.98 33.78 -25.45
N ASN O 391 30.45 32.59 -25.18
CA ASN O 391 31.20 31.35 -25.26
C ASN O 391 30.55 30.42 -26.27
N ASN O 392 31.37 29.88 -27.18
CA ASN O 392 30.89 28.90 -28.14
C ASN O 392 30.99 27.50 -27.56
N GLY O 393 30.20 26.59 -28.11
CA GLY O 393 30.16 25.23 -27.63
C GLY O 393 29.33 25.00 -26.40
N MET O 394 28.52 25.98 -25.98
CA MET O 394 27.69 25.86 -24.80
C MET O 394 26.26 26.28 -25.13
N LEU O 395 25.35 25.93 -24.23
CA LEU O 395 23.96 26.34 -24.33
C LEU O 395 23.42 26.59 -22.93
N GLU O 396 22.35 27.37 -22.84
CA GLU O 396 21.71 27.69 -21.58
C GLU O 396 20.53 26.74 -21.35
N GLN O 397 20.46 26.18 -20.15
CA GLN O 397 19.27 25.46 -19.73
C GLN O 397 18.37 26.40 -18.93
N SER O 398 17.19 25.90 -18.55
CA SER O 398 16.27 26.72 -17.79
C SER O 398 16.81 26.96 -16.39
N ASN O 399 16.55 28.15 -15.87
CA ASN O 399 17.01 28.51 -14.52
C ASN O 399 15.94 28.17 -13.47
N ILE O 400 15.62 26.88 -13.38
CA ILE O 400 14.63 26.38 -12.44
C ILE O 400 15.28 25.31 -11.58
N ASP O 401 14.69 25.11 -10.41
CA ASP O 401 15.13 24.08 -9.47
C ASP O 401 13.94 23.18 -9.18
N MET O 402 14.06 21.90 -9.57
CA MET O 402 12.93 20.99 -9.47
C MET O 402 12.44 20.85 -8.03
N THR O 403 13.37 20.81 -7.08
CA THR O 403 12.99 20.70 -5.67
C THR O 403 12.05 21.84 -5.26
N GLN O 404 12.46 23.07 -5.53
CA GLN O 404 11.63 24.21 -5.15
C GLN O 404 10.30 24.21 -5.89
N GLU O 405 10.31 23.82 -7.16
CA GLU O 405 9.06 23.79 -7.92
C GLU O 405 8.09 22.78 -7.32
N LEU O 406 8.56 21.59 -7.00
CA LEU O 406 7.68 20.57 -6.43
C LEU O 406 7.16 20.98 -5.05
N VAL O 407 8.03 21.57 -4.22
CA VAL O 407 7.58 22.00 -2.90
C VAL O 407 6.54 23.10 -3.03
N ASP O 408 6.76 24.04 -3.95
CA ASP O 408 5.76 25.08 -4.20
C ASP O 408 4.47 24.48 -4.72
N LEU O 409 4.56 23.41 -5.51
CA LEU O 409 3.36 22.72 -6.00
C LEU O 409 2.54 22.17 -4.84
N ILE O 410 3.23 21.53 -3.89
CA ILE O 410 2.54 20.99 -2.72
C ILE O 410 1.89 22.12 -1.92
N SER O 411 2.63 23.21 -1.71
CA SER O 411 2.09 24.33 -0.94
C SER O 411 0.88 24.94 -1.63
N ALA O 412 0.93 25.08 -2.95
CA ALA O 412 -0.19 25.63 -3.70
C ALA O 412 -1.41 24.74 -3.60
N GLN O 413 -1.21 23.41 -3.67
CA GLN O 413 -2.33 22.50 -3.49
C GLN O 413 -2.95 22.66 -2.10
N ARG O 414 -2.11 22.79 -1.08
CA ARG O 414 -2.62 22.97 0.28
C ARG O 414 -3.42 24.26 0.39
N ASN O 415 -2.93 25.35 -0.19
CA ASN O 415 -3.65 26.62 -0.15
C ASN O 415 -4.99 26.51 -0.87
N PHE O 416 -5.00 25.84 -2.02
CA PHE O 416 -6.24 25.68 -2.77
C PHE O 416 -7.26 24.88 -1.96
N GLN O 417 -6.79 23.83 -1.28
CA GLN O 417 -7.70 23.05 -0.44
C GLN O 417 -8.26 23.88 0.70
N ALA O 418 -7.42 24.71 1.33
CA ALA O 418 -7.91 25.56 2.42
C ALA O 418 -8.97 26.54 1.91
N ASN O 419 -8.72 27.18 0.77
CA ASN O 419 -9.68 28.13 0.23
C ASN O 419 -11.00 27.43 -0.15
N SER O 420 -10.90 26.23 -0.73
CA SER O 420 -12.10 25.48 -1.06
C SER O 420 -12.89 25.15 0.20
N ARG O 421 -12.19 24.82 1.29
CA ARG O 421 -12.86 24.58 2.56
C ARG O 421 -13.61 25.82 3.03
N SER O 422 -12.97 26.99 2.91
CA SER O 422 -13.65 28.23 3.30
C SER O 422 -14.90 28.47 2.47
N LEU O 423 -14.81 28.25 1.16
CA LEU O 423 -15.97 28.43 0.29
C LEU O 423 -17.09 27.46 0.67
N GLU O 424 -16.72 26.22 0.99
CA GLU O 424 -17.71 25.24 1.41
C GLU O 424 -18.40 25.67 2.70
N VAL O 425 -17.64 26.24 3.63
CA VAL O 425 -18.23 26.73 4.87
C VAL O 425 -19.23 27.85 4.59
N HIS O 426 -18.84 28.78 3.70
CA HIS O 426 -19.76 29.87 3.34
C HIS O 426 -21.06 29.33 2.77
N ASN O 427 -20.95 28.39 1.82
CA ASN O 427 -22.16 27.84 1.20
C ASN O 427 -23.00 27.08 2.21
N GLN O 428 -22.37 26.36 3.14
CA GLN O 428 -23.12 25.64 4.16
C GLN O 428 -23.87 26.61 5.06
N LEU O 429 -23.25 27.74 5.42
CA LEU O 429 -23.95 28.74 6.22
C LEU O 429 -25.16 29.28 5.47
N GLN O 430 -24.99 29.60 4.19
CA GLN O 430 -26.11 30.13 3.43
C GLN O 430 -27.25 29.12 3.33
N GLN O 431 -26.92 27.86 3.07
CA GLN O 431 -27.95 26.83 2.98
C GLN O 431 -28.61 26.58 4.32
N ASN O 432 -27.87 26.75 5.41
CA ASN O 432 -28.47 26.65 6.74
C ASN O 432 -29.50 27.75 6.95
N ILE O 433 -29.18 28.97 6.52
CA ILE O 433 -30.15 30.05 6.65
C ILE O 433 -31.36 29.79 5.75
N LEU O 434 -31.14 29.21 4.57
CA LEU O 434 -32.23 28.95 3.65
C LEU O 434 -33.32 28.08 4.28
N GLN O 435 -32.96 27.20 5.20
CA GLN O 435 -33.91 26.25 5.78
C GLN O 435 -34.50 26.78 7.09
N ILE O 436 -35.17 27.92 6.97
CA ILE O 436 -35.87 28.51 8.12
C ILE O 436 -37.27 28.95 7.71
N SER P 2 -31.38 20.91 -19.08
CA SER P 2 -30.92 19.58 -18.73
C SER P 2 -30.39 18.86 -19.96
N TYR P 3 -31.02 19.09 -21.11
CA TYR P 3 -30.61 18.42 -22.34
C TYR P 3 -29.20 18.80 -22.74
N VAL P 4 -28.75 20.01 -22.37
CA VAL P 4 -27.37 20.38 -22.63
C VAL P 4 -26.42 19.50 -21.84
N SER P 5 -26.74 19.25 -20.56
CA SER P 5 -25.91 18.38 -19.74
C SER P 5 -25.93 16.95 -20.27
N LEU P 6 -27.10 16.50 -20.74
CA LEU P 6 -27.19 15.16 -21.31
C LEU P 6 -26.36 15.04 -22.58
N SER P 7 -26.36 16.10 -23.40
CA SER P 7 -25.52 16.10 -24.59
C SER P 7 -24.04 16.06 -24.23
N GLY P 8 -23.66 16.80 -23.19
CA GLY P 8 -22.28 16.74 -22.72
C GLY P 8 -21.90 15.36 -22.22
N LEU P 9 -22.80 14.72 -21.48
CA LEU P 9 -22.56 13.35 -21.02
C LEU P 9 -22.39 12.40 -22.19
N SER P 10 -23.26 12.53 -23.20
CA SER P 10 -23.16 11.67 -24.37
C SER P 10 -21.83 11.89 -25.10
N ALA P 11 -21.42 13.15 -25.24
CA ALA P 11 -20.14 13.43 -25.90
C ALA P 11 -18.97 12.84 -25.13
N ALA P 12 -18.97 13.01 -23.81
CA ALA P 12 -17.89 12.45 -23.00
C ALA P 12 -17.86 10.93 -23.08
N GLN P 13 -19.04 10.30 -23.07
CA GLN P 13 -19.09 8.85 -23.16
C GLN P 13 -18.64 8.37 -24.54
N LEU P 14 -18.96 9.12 -25.59
CA LEU P 14 -18.46 8.76 -26.93
C LEU P 14 -16.94 8.84 -26.98
N ASP P 15 -16.36 9.89 -26.40
CA ASP P 15 -14.91 9.98 -26.34
C ASP P 15 -14.32 8.83 -25.54
N LEU P 16 -14.98 8.46 -24.45
CA LEU P 16 -14.54 7.34 -23.64
C LEU P 16 -14.56 6.05 -24.44
N ASN P 17 -15.62 5.83 -25.21
CA ASN P 17 -15.72 4.63 -26.05
C ASN P 17 -14.63 4.61 -27.10
N THR P 18 -14.35 5.75 -27.72
CA THR P 18 -13.30 5.82 -28.72
C THR P 18 -11.95 5.48 -28.11
N THR P 19 -11.66 6.04 -26.93
CA THR P 19 -10.40 5.74 -26.26
C THR P 19 -10.31 4.27 -25.88
N SER P 20 -11.41 3.70 -25.39
CA SER P 20 -11.41 2.29 -25.02
C SER P 20 -11.15 1.41 -26.23
N ASN P 21 -11.77 1.73 -27.37
CA ASN P 21 -11.52 0.96 -28.59
C ASN P 21 -10.06 1.07 -29.01
N ASN P 22 -9.49 2.28 -28.94
CA ASN P 22 -8.09 2.45 -29.28
C ASN P 22 -7.18 1.63 -28.39
N ILE P 23 -7.46 1.61 -27.08
CA ILE P 23 -6.64 0.83 -26.16
C ILE P 23 -6.82 -0.67 -26.42
N ALA P 24 -8.05 -1.11 -26.71
CA ALA P 24 -8.30 -2.52 -26.96
C ALA P 24 -7.56 -3.00 -28.20
N ASN P 25 -7.49 -2.16 -29.24
CA ASN P 25 -6.82 -2.53 -30.47
C ASN P 25 -5.30 -2.32 -30.42
N ALA P 26 -4.71 -2.29 -29.23
CA ALA P 26 -3.28 -1.99 -29.12
C ALA P 26 -2.40 -3.04 -29.76
N ASN P 27 -2.91 -4.25 -29.99
CA ASN P 27 -2.11 -5.33 -30.56
C ASN P 27 -2.53 -5.74 -31.95
N THR P 28 -3.66 -5.25 -32.45
CA THR P 28 -4.12 -5.60 -33.78
C THR P 28 -3.14 -5.09 -34.84
N TYR P 29 -2.82 -5.95 -35.80
CA TYR P 29 -1.91 -5.59 -36.88
C TYR P 29 -2.62 -4.69 -37.87
N GLY P 30 -1.99 -3.56 -38.21
CA GLY P 30 -2.52 -2.69 -39.22
C GLY P 30 -3.65 -1.78 -38.77
N PHE P 31 -3.97 -1.76 -37.48
CA PHE P 31 -5.05 -0.93 -36.98
C PHE P 31 -4.67 0.55 -37.09
N LYS P 32 -5.68 1.37 -37.35
CA LYS P 32 -5.52 2.82 -37.39
C LYS P 32 -6.41 3.45 -36.31
N GLU P 33 -5.82 4.31 -35.49
CA GLU P 33 -6.54 4.87 -34.37
C GLU P 33 -7.67 5.78 -34.83
N SER P 34 -8.51 6.17 -33.89
CA SER P 34 -9.64 7.05 -34.16
C SER P 34 -9.61 8.22 -33.19
N ARG P 35 -10.11 9.36 -33.65
CA ARG P 35 -10.19 10.56 -32.84
C ARG P 35 -11.61 11.10 -32.89
N ALA P 36 -12.11 11.55 -31.75
CA ALA P 36 -13.47 12.05 -31.63
C ALA P 36 -13.46 13.57 -31.71
N GLU P 37 -14.22 14.12 -32.65
CA GLU P 37 -14.32 15.56 -32.85
C GLU P 37 -15.76 15.99 -32.66
N PHE P 38 -15.97 17.05 -31.88
CA PHE P 38 -17.29 17.52 -31.53
C PHE P 38 -17.51 18.93 -32.06
N ALA P 39 -18.75 19.39 -31.96
CA ALA P 39 -19.14 20.69 -32.48
C ALA P 39 -20.21 21.30 -31.58
N ASP P 40 -20.28 22.63 -31.62
CA ASP P 40 -21.27 23.36 -30.85
C ASP P 40 -22.66 23.17 -31.47
N VAL P 41 -23.68 23.43 -30.65
CA VAL P 41 -25.07 23.41 -31.08
C VAL P 41 -25.66 24.79 -30.83
N TYR P 42 -26.35 25.32 -31.84
CA TYR P 42 -27.00 26.61 -31.68
C TYR P 42 -28.21 26.68 -32.59
N SER P 43 -29.27 27.31 -32.09
CA SER P 43 -30.51 27.42 -32.85
C SER P 43 -30.36 28.42 -33.98
N ASN P 44 -31.15 28.21 -35.03
CA ASN P 44 -31.16 29.08 -36.21
C ASN P 44 -32.59 29.49 -36.54
N SER P 45 -33.34 29.90 -35.53
CA SER P 45 -34.73 30.29 -35.73
C SER P 45 -34.81 31.59 -36.53
N LEU P 46 -35.96 31.78 -37.18
CA LEU P 46 -36.17 32.99 -37.98
C LEU P 46 -36.18 34.23 -37.10
N PHE P 47 -36.82 34.14 -35.94
CA PHE P 47 -36.85 35.24 -34.98
C PHE P 47 -36.04 34.82 -33.75
N THR P 48 -34.75 35.17 -33.79
CA THR P 48 -33.80 34.76 -32.76
C THR P 48 -33.35 35.98 -31.97
N ASN P 49 -33.37 35.87 -30.63
CA ASN P 49 -32.86 36.94 -29.79
C ASN P 49 -31.34 37.00 -29.80
N ALA P 50 -30.68 35.85 -29.99
CA ALA P 50 -29.22 35.76 -30.07
C ALA P 50 -28.55 36.22 -28.79
N LYS P 51 -28.69 37.52 -28.45
CA LYS P 51 -28.03 38.04 -27.25
C LYS P 51 -28.61 37.42 -25.99
N THR P 52 -29.90 37.10 -25.99
CA THR P 52 -30.57 36.56 -24.82
C THR P 52 -30.77 35.05 -24.89
N THR P 53 -30.13 34.38 -25.85
CA THR P 53 -30.31 32.94 -26.02
C THR P 53 -28.99 32.23 -25.75
N PRO P 54 -28.96 31.30 -24.79
CA PRO P 54 -27.74 30.54 -24.54
C PRO P 54 -27.52 29.46 -25.58
N GLY P 55 -26.49 28.63 -25.37
CA GLY P 55 -26.16 27.59 -26.32
C GLY P 55 -27.14 26.44 -26.30
N GLY P 56 -26.79 25.39 -27.04
CA GLY P 56 -27.64 24.22 -27.15
C GLY P 56 -26.93 22.91 -26.85
N GLY P 57 -25.76 22.99 -26.22
CA GLY P 57 -25.02 21.80 -25.87
C GLY P 57 -23.88 21.52 -26.82
N ALA P 58 -23.52 20.25 -26.97
CA ALA P 58 -22.46 19.83 -27.88
C ALA P 58 -22.90 18.62 -28.66
N GLN P 59 -22.60 18.60 -29.95
CA GLN P 59 -22.98 17.52 -30.84
C GLN P 59 -21.72 16.87 -31.42
N ALA P 60 -21.71 15.55 -31.46
CA ALA P 60 -20.60 14.83 -32.08
C ALA P 60 -20.56 15.11 -33.57
N SER P 61 -19.42 15.54 -34.07
CA SER P 61 -19.26 15.87 -35.48
C SER P 61 -18.87 14.64 -36.29
N GLN P 62 -17.75 14.01 -35.94
CA GLN P 62 -17.27 12.83 -36.65
C GLN P 62 -16.27 12.10 -35.77
N VAL P 63 -16.11 10.81 -36.04
CA VAL P 63 -15.04 10.02 -35.47
C VAL P 63 -13.97 9.86 -36.55
N ALA P 64 -12.81 10.47 -36.32
CA ALA P 64 -11.77 10.46 -37.33
C ALA P 64 -11.16 9.08 -37.45
N GLN P 65 -10.32 8.91 -38.47
CA GLN P 65 -9.62 7.67 -38.76
C GLN P 65 -8.16 7.95 -39.05
N GLN P 66 -7.52 8.70 -38.15
CA GLN P 66 -6.14 9.14 -38.30
C GLN P 66 -5.26 8.05 -38.89
N PHE P 67 -4.60 8.38 -40.00
CA PHE P 67 -3.91 7.41 -40.84
C PHE P 67 -2.41 7.62 -40.84
N HIS P 68 -1.86 8.11 -39.73
CA HIS P 68 -0.42 8.30 -39.67
C HIS P 68 0.28 6.95 -39.57
N GLU P 69 1.49 6.88 -40.12
CA GLU P 69 2.23 5.62 -40.19
C GLU P 69 2.45 5.04 -38.80
N GLY P 70 2.19 3.74 -38.67
CA GLY P 70 2.42 3.05 -37.42
C GLY P 70 3.79 2.40 -37.35
N SER P 71 4.14 1.93 -36.16
CA SER P 71 5.43 1.30 -35.96
C SER P 71 5.47 -0.06 -36.66
N SER P 72 6.68 -0.55 -36.87
CA SER P 72 6.91 -1.80 -37.58
C SER P 72 7.61 -2.80 -36.68
N ILE P 73 7.14 -4.05 -36.72
CA ILE P 73 7.77 -5.13 -35.98
C ILE P 73 8.41 -6.07 -36.97
N TYR P 74 9.50 -6.70 -36.54
CA TYR P 74 10.28 -7.60 -37.39
C TYR P 74 10.07 -9.03 -36.93
N THR P 75 9.52 -9.85 -37.81
CA THR P 75 9.27 -11.25 -37.51
C THR P 75 10.16 -12.20 -38.29
N ASN P 76 10.95 -11.70 -39.23
CA ASN P 76 11.85 -12.50 -40.07
C ASN P 76 11.09 -13.56 -40.85
N ASN P 77 9.79 -13.37 -41.06
CA ASN P 77 8.99 -14.30 -41.82
C ASN P 77 8.80 -13.75 -43.23
N PRO P 78 9.29 -14.43 -44.27
CA PRO P 78 9.24 -13.84 -45.62
C PRO P 78 7.84 -13.58 -46.13
N MET P 79 6.82 -14.26 -45.59
CA MET P 79 5.45 -14.07 -46.05
C MET P 79 4.77 -12.88 -45.38
N ASP P 80 5.44 -12.18 -44.47
CA ASP P 80 4.89 -10.99 -43.84
C ASP P 80 5.28 -9.76 -44.63
N LEU P 81 4.32 -8.89 -44.93
CA LEU P 81 4.54 -7.73 -45.77
C LEU P 81 4.02 -6.48 -45.08
N ARG P 82 4.69 -5.35 -45.36
CA ARG P 82 4.31 -4.06 -44.81
C ARG P 82 4.44 -3.00 -45.90
N VAL P 83 3.45 -2.11 -45.98
CA VAL P 83 3.45 -1.03 -46.94
C VAL P 83 4.00 0.21 -46.24
N SER P 84 5.23 0.59 -46.60
CA SER P 84 5.87 1.78 -46.03
C SER P 84 5.51 2.99 -46.89
N GLY P 85 4.79 3.93 -46.29
CA GLY P 85 4.39 5.12 -47.03
C GLY P 85 2.90 5.17 -47.28
N THR P 86 2.50 5.48 -48.51
CA THR P 86 1.10 5.57 -48.88
C THR P 86 0.73 4.39 -49.78
N GLY P 87 -0.35 3.72 -49.45
CA GLY P 87 -0.84 2.61 -50.25
C GLY P 87 -1.43 1.53 -49.37
N PHE P 88 -2.44 0.85 -49.90
CA PHE P 88 -3.11 -0.23 -49.21
C PHE P 88 -3.01 -1.52 -50.03
N PHE P 89 -2.94 -2.64 -49.33
CA PHE P 89 -3.08 -3.93 -49.99
C PHE P 89 -4.52 -4.12 -50.46
N ALA P 90 -4.68 -4.91 -51.52
CA ALA P 90 -5.99 -5.24 -52.07
C ALA P 90 -6.22 -6.74 -51.95
N VAL P 91 -7.32 -7.12 -51.29
CA VAL P 91 -7.66 -8.51 -51.08
C VAL P 91 -9.10 -8.74 -51.53
N ALA P 92 -9.34 -9.89 -52.13
CA ALA P 92 -10.66 -10.25 -52.65
C ALA P 92 -11.27 -11.37 -51.81
N LYS P 93 -12.58 -11.30 -51.60
CA LYS P 93 -13.27 -12.31 -50.80
C LYS P 93 -13.19 -13.67 -51.48
N GLU P 94 -13.39 -13.72 -52.80
CA GLU P 94 -13.39 -14.95 -53.56
C GLU P 94 -12.33 -14.88 -54.65
N ARG P 95 -11.79 -16.04 -55.02
CA ARG P 95 -10.77 -16.07 -56.06
C ARG P 95 -11.33 -15.67 -57.41
N LEU P 96 -12.55 -16.11 -57.72
CA LEU P 96 -13.13 -15.94 -59.04
C LEU P 96 -13.82 -14.59 -59.24
N THR P 97 -13.85 -13.73 -58.22
CA THR P 97 -14.44 -12.40 -58.32
C THR P 97 -13.45 -11.37 -57.78
N PRO P 98 -12.36 -11.11 -58.51
CA PRO P 98 -11.40 -10.10 -58.05
C PRO P 98 -11.99 -8.70 -57.99
N GLN P 99 -13.09 -8.44 -58.71
CA GLN P 99 -13.70 -7.11 -58.66
C GLN P 99 -14.16 -6.75 -57.26
N GLN P 100 -14.79 -7.69 -56.56
CA GLN P 100 -15.22 -7.47 -55.19
C GLN P 100 -14.01 -7.58 -54.28
N ASN P 101 -13.45 -6.42 -53.91
CA ASN P 101 -12.21 -6.39 -53.15
C ASN P 101 -12.30 -5.33 -52.07
N GLU P 102 -11.44 -5.47 -51.06
CA GLU P 102 -11.36 -4.54 -49.94
C GLU P 102 -9.91 -4.21 -49.66
N LEU P 103 -9.70 -3.06 -49.03
CA LEU P 103 -8.37 -2.55 -48.75
C LEU P 103 -7.95 -2.90 -47.33
N THR P 104 -6.69 -3.28 -47.17
CA THR P 104 -6.16 -3.67 -45.86
C THR P 104 -4.75 -3.15 -45.74
N ARG P 105 -4.20 -3.29 -44.52
CA ARG P 105 -2.83 -2.85 -44.24
C ARG P 105 -1.96 -3.92 -43.62
N ASN P 106 -2.52 -4.91 -42.93
CA ASN P 106 -1.72 -5.97 -42.34
C ASN P 106 -1.21 -6.91 -43.42
N GLY P 107 -0.11 -7.59 -43.12
CA GLY P 107 0.51 -8.46 -44.09
C GLY P 107 0.74 -9.88 -43.63
N ALA P 108 -0.12 -10.39 -42.76
CA ALA P 108 0.00 -11.77 -42.28
C ALA P 108 -0.51 -12.71 -43.36
N PHE P 109 0.34 -12.99 -44.34
CA PHE P 109 -0.02 -13.79 -45.50
C PHE P 109 0.54 -15.20 -45.38
N HIS P 110 -0.13 -16.14 -46.06
CA HIS P 110 0.33 -17.52 -46.11
C HIS P 110 -0.30 -18.19 -47.33
N LEU P 111 0.30 -19.31 -47.72
CA LEU P 111 -0.18 -20.08 -48.86
C LEU P 111 -1.33 -20.98 -48.42
N ASN P 112 -2.42 -20.98 -49.18
CA ASN P 112 -3.55 -21.85 -48.90
C ASN P 112 -3.31 -23.21 -49.58
N LYS P 113 -4.32 -24.07 -49.56
CA LYS P 113 -4.16 -25.41 -50.13
C LYS P 113 -3.99 -25.37 -51.65
N GLU P 114 -4.38 -24.27 -52.30
CA GLU P 114 -4.20 -24.12 -53.74
C GLU P 114 -2.95 -23.31 -54.09
N ASN P 115 -2.10 -23.04 -53.11
CA ASN P 115 -0.88 -22.26 -53.31
C ASN P 115 -1.19 -20.84 -53.78
N TYR P 116 -2.19 -20.22 -53.16
CA TYR P 116 -2.49 -18.81 -53.35
C TYR P 116 -2.23 -18.07 -52.05
N MET P 117 -1.64 -16.88 -52.15
CA MET P 117 -1.37 -16.08 -50.97
C MET P 117 -2.67 -15.49 -50.45
N VAL P 118 -3.01 -15.79 -49.20
CA VAL P 118 -4.25 -15.36 -48.60
C VAL P 118 -3.97 -14.72 -47.25
N THR P 119 -4.97 -14.01 -46.73
CA THR P 119 -4.89 -13.38 -45.43
C THR P 119 -5.27 -14.39 -44.35
N ALA P 120 -5.47 -13.91 -43.12
CA ALA P 120 -5.86 -14.81 -42.03
C ALA P 120 -7.22 -15.43 -42.29
N ASN P 121 -8.16 -14.64 -42.83
CA ASN P 121 -9.51 -15.11 -43.12
C ASN P 121 -9.62 -15.80 -44.47
N ASP P 122 -8.52 -16.28 -45.04
CA ASP P 122 -8.51 -16.95 -46.33
C ASP P 122 -9.10 -16.07 -47.43
N GLU P 123 -8.68 -14.81 -47.42
CA GLU P 123 -9.04 -13.86 -48.48
C GLU P 123 -7.85 -13.67 -49.40
N PHE P 124 -8.07 -13.90 -50.70
CA PHE P 124 -6.96 -13.91 -51.65
C PHE P 124 -6.38 -12.52 -51.83
N LEU P 125 -5.06 -12.46 -51.98
CA LEU P 125 -4.35 -11.20 -52.19
C LEU P 125 -4.28 -10.91 -53.68
N LEU P 126 -4.71 -9.71 -54.07
CA LEU P 126 -4.76 -9.32 -55.47
C LEU P 126 -3.41 -8.85 -55.96
N GLY P 127 -3.03 -9.30 -57.16
CA GLY P 127 -1.76 -8.93 -57.74
C GLY P 127 -1.86 -8.77 -59.24
N TYR P 128 -0.79 -8.23 -59.82
CA TYR P 128 -0.72 -7.97 -61.25
C TYR P 128 -0.06 -9.15 -61.97
N GLN P 129 0.04 -9.04 -63.29
CA GLN P 129 0.67 -10.05 -64.12
C GLN P 129 1.74 -9.38 -64.97
N VAL P 130 3.00 -9.68 -64.69
CA VAL P 130 4.11 -9.04 -65.37
C VAL P 130 4.51 -9.85 -66.60
N ASP P 131 5.26 -9.21 -67.50
CA ASP P 131 5.76 -9.86 -68.71
C ASP P 131 6.92 -10.79 -68.37
N PRO P 132 7.11 -11.86 -69.17
CA PRO P 132 8.25 -12.75 -68.91
C PRO P 132 9.60 -12.05 -68.94
N SER P 133 9.79 -11.11 -69.88
CA SER P 133 11.04 -10.38 -70.01
C SER P 133 10.91 -8.91 -69.61
N SER P 134 9.90 -8.21 -70.11
CA SER P 134 9.72 -6.81 -69.79
C SER P 134 9.32 -6.65 -68.31
N GLY P 135 10.01 -5.74 -67.63
CA GLY P 135 9.69 -5.49 -66.23
C GLY P 135 8.32 -4.87 -66.03
N GLU P 136 7.90 -4.01 -66.95
CA GLU P 136 6.60 -3.35 -66.84
C GLU P 136 5.48 -4.38 -66.87
N VAL P 137 4.48 -4.17 -66.03
CA VAL P 137 3.30 -5.03 -66.00
C VAL P 137 2.40 -4.66 -67.17
N SER P 138 1.93 -5.69 -67.89
CA SER P 138 1.14 -5.44 -69.09
C SER P 138 -0.27 -4.99 -68.75
N SER P 139 -1.05 -5.86 -68.11
CA SER P 139 -2.44 -5.56 -67.79
C SER P 139 -2.57 -5.16 -66.33
N TYR P 140 -3.32 -4.09 -66.08
CA TYR P 140 -3.47 -3.52 -64.75
C TYR P 140 -4.69 -4.06 -64.01
N GLU P 141 -5.40 -5.03 -64.58
CA GLU P 141 -6.49 -5.62 -63.83
C GLU P 141 -5.95 -6.50 -62.70
N PRO P 142 -6.65 -6.53 -61.57
CA PRO P 142 -6.17 -7.34 -60.43
C PRO P 142 -6.58 -8.80 -60.58
N GLN P 143 -5.66 -9.68 -60.22
CA GLN P 143 -5.92 -11.11 -60.21
C GLN P 143 -5.20 -11.75 -59.03
N PRO P 144 -5.71 -12.86 -58.51
CA PRO P 144 -5.05 -13.51 -57.38
C PRO P 144 -3.65 -13.96 -57.73
N ILE P 145 -2.77 -13.92 -56.74
CA ILE P 145 -1.38 -14.33 -56.92
C ILE P 145 -1.26 -15.81 -56.65
N ASN P 146 -0.68 -16.54 -57.60
CA ASN P 146 -0.46 -17.97 -57.47
C ASN P 146 1.03 -18.26 -57.48
N ILE P 147 1.45 -19.21 -56.66
CA ILE P 147 2.87 -19.59 -56.57
C ILE P 147 2.97 -21.08 -56.88
N PRO P 148 3.04 -21.47 -58.15
CA PRO P 148 3.10 -22.90 -58.48
C PRO P 148 4.39 -23.52 -57.97
N ALA P 149 4.30 -24.79 -57.59
CA ALA P 149 5.44 -25.52 -57.09
C ALA P 149 6.21 -26.24 -58.19
N GLU P 150 5.75 -26.16 -59.43
CA GLU P 150 6.40 -26.84 -60.55
C GLU P 150 6.52 -25.89 -61.73
N PHE P 151 7.68 -25.92 -62.38
CA PHE P 151 7.88 -25.20 -63.65
C PHE P 151 7.50 -26.14 -64.79
N GLY P 152 6.22 -26.50 -64.81
CA GLY P 152 5.72 -27.52 -65.72
C GLY P 152 5.54 -27.06 -67.15
N LYS P 153 6.63 -26.63 -67.78
CA LYS P 153 6.60 -26.23 -69.18
C LYS P 153 8.01 -26.27 -69.77
N PRO P 154 8.47 -27.44 -70.22
CA PRO P 154 9.80 -27.51 -70.83
C PRO P 154 9.93 -26.58 -72.03
N LYS P 155 10.82 -25.61 -71.92
CA LYS P 155 10.97 -24.56 -72.93
C LYS P 155 12.10 -24.93 -73.87
N GLN P 156 11.79 -25.02 -75.16
CA GLN P 156 12.79 -25.37 -76.15
C GLN P 156 13.78 -24.23 -76.35
N THR P 157 15.00 -24.59 -76.73
CA THR P 157 16.04 -23.60 -76.98
C THR P 157 15.78 -22.94 -78.33
N ALA P 158 15.67 -21.61 -78.33
CA ALA P 158 15.37 -20.87 -79.55
C ALA P 158 16.42 -19.82 -79.86
N ASN P 159 16.95 -19.16 -78.82
CA ASN P 159 17.95 -18.12 -78.98
C ASN P 159 19.21 -18.51 -78.25
N ILE P 160 20.34 -18.44 -78.93
CA ILE P 160 21.64 -18.75 -78.35
C ILE P 160 22.55 -17.55 -78.57
N GLU P 161 23.05 -16.98 -77.48
CA GLU P 161 23.98 -15.86 -77.54
C GLU P 161 25.36 -16.35 -77.16
N VAL P 162 26.32 -16.19 -78.07
CA VAL P 162 27.69 -16.64 -77.86
C VAL P 162 28.64 -15.48 -78.10
N GLY P 163 29.51 -15.23 -77.14
CA GLY P 163 30.56 -14.24 -77.30
C GLY P 163 31.93 -14.84 -77.11
N VAL P 164 32.73 -14.90 -78.17
CA VAL P 164 34.05 -15.50 -78.12
C VAL P 164 35.07 -14.54 -78.69
N ASN P 165 36.33 -14.75 -78.32
CA ASN P 165 37.47 -14.02 -78.85
C ASN P 165 38.32 -14.97 -79.68
N LEU P 166 38.57 -14.61 -80.92
CA LEU P 166 39.28 -15.58 -81.73
C LEU P 166 40.76 -15.21 -81.84
N PRO P 167 41.65 -16.20 -81.85
CA PRO P 167 43.08 -15.91 -81.96
C PRO P 167 43.41 -15.33 -83.32
N ALA P 168 43.94 -14.10 -83.32
CA ALA P 168 44.33 -13.45 -84.57
C ALA P 168 45.56 -14.09 -85.19
N ASN P 169 46.39 -14.75 -84.39
CA ASN P 169 47.60 -15.41 -84.87
C ASN P 169 47.37 -16.88 -85.18
N GLY P 170 46.13 -17.34 -85.19
CA GLY P 170 45.87 -18.74 -85.47
C GLY P 170 46.26 -19.11 -86.89
N ASP P 171 46.62 -20.38 -87.07
CA ASP P 171 47.05 -20.86 -88.37
C ASP P 171 45.88 -20.91 -89.35
N LEU P 172 46.16 -20.55 -90.60
CA LEU P 172 45.14 -20.55 -91.63
C LEU P 172 44.77 -21.97 -92.03
N LYS P 173 43.53 -22.15 -92.47
CA LYS P 173 43.01 -23.45 -92.87
C LYS P 173 42.28 -23.32 -94.20
N ASP P 174 42.10 -24.46 -94.85
CA ASP P 174 41.43 -24.50 -96.15
C ASP P 174 39.93 -24.63 -95.95
N PRO P 175 39.13 -23.65 -96.38
CA PRO P 175 37.67 -23.78 -96.21
C PRO P 175 37.07 -24.98 -96.91
N THR P 176 37.60 -25.34 -98.07
CA THR P 176 37.04 -26.46 -98.84
C THR P 176 37.36 -27.82 -98.20
N GLN P 177 38.34 -27.88 -97.32
CA GLN P 177 38.74 -29.14 -96.69
C GLN P 177 38.12 -29.33 -95.31
N PHE P 178 37.14 -28.52 -94.95
CA PHE P 178 36.55 -28.60 -93.61
C PHE P 178 35.80 -29.92 -93.45
N ASP P 179 36.03 -30.57 -92.31
CA ASP P 179 35.33 -31.80 -91.97
C ASP P 179 35.35 -31.94 -90.46
N PHE P 180 34.16 -32.01 -89.85
CA PHE P 180 34.06 -32.08 -88.40
C PHE P 180 34.68 -33.36 -87.83
N SER P 181 34.86 -34.38 -88.67
CA SER P 181 35.47 -35.63 -88.20
C SER P 181 36.97 -35.50 -88.01
N ASP P 182 37.63 -34.56 -88.68
CA ASP P 182 39.07 -34.42 -88.60
C ASP P 182 39.42 -33.14 -87.86
N PRO P 183 40.03 -33.21 -86.68
CA PRO P 183 40.36 -31.98 -85.94
C PRO P 183 41.30 -31.06 -86.69
N ASP P 184 42.21 -31.61 -87.51
CA ASP P 184 43.20 -30.79 -88.19
C ASP P 184 42.60 -29.93 -89.30
N THR P 185 41.36 -30.20 -89.71
CA THR P 185 40.74 -29.40 -90.76
C THR P 185 40.33 -28.02 -90.27
N TYR P 186 39.90 -27.92 -89.01
CA TYR P 186 39.44 -26.66 -88.44
C TYR P 186 40.42 -26.20 -87.36
N ASN P 187 40.07 -25.10 -86.69
CA ASN P 187 40.93 -24.51 -85.66
C ASN P 187 40.48 -24.91 -84.25
N ARG P 188 39.24 -24.60 -83.90
CA ARG P 188 38.75 -24.81 -82.54
C ARG P 188 37.36 -25.41 -82.59
N SER P 189 37.02 -26.11 -81.50
CA SER P 189 35.71 -26.75 -81.36
C SER P 189 35.24 -26.59 -79.92
N THR P 190 33.98 -26.19 -79.75
CA THR P 190 33.37 -26.01 -78.44
C THR P 190 32.09 -26.81 -78.37
N SER P 191 31.75 -27.25 -77.15
CA SER P 191 30.57 -28.07 -76.91
C SER P 191 29.61 -27.33 -75.99
N SER P 192 28.32 -27.54 -76.22
CA SER P 192 27.28 -26.91 -75.42
C SER P 192 26.03 -27.77 -75.49
N THR P 193 25.11 -27.52 -74.56
CA THR P 193 23.90 -28.31 -74.41
C THR P 193 22.68 -27.48 -74.79
N ILE P 194 21.75 -28.11 -75.52
CA ILE P 194 20.49 -27.49 -75.91
C ILE P 194 19.36 -28.44 -75.55
N TYR P 195 18.16 -27.89 -75.47
CA TYR P 195 16.98 -28.64 -75.07
C TYR P 195 15.89 -28.48 -76.13
N ASP P 196 15.17 -29.56 -76.38
CA ASP P 196 14.06 -29.55 -77.33
C ASP P 196 12.76 -29.20 -76.61
N SER P 197 11.63 -29.43 -77.27
CA SER P 197 10.34 -29.10 -76.67
C SER P 197 10.04 -29.96 -75.45
N MET P 198 10.41 -31.25 -75.49
CA MET P 198 10.12 -32.17 -74.39
C MET P 198 11.18 -32.15 -73.31
N GLY P 199 12.20 -31.30 -73.43
CA GLY P 199 13.23 -31.19 -72.42
C GLY P 199 14.41 -32.13 -72.58
N GLN P 200 14.45 -32.92 -73.66
CA GLN P 200 15.60 -33.77 -73.91
C GLN P 200 16.83 -32.91 -74.17
N SER P 201 17.96 -33.30 -73.59
CA SER P 201 19.20 -32.55 -73.72
C SER P 201 19.97 -33.04 -74.95
N TYR P 202 20.40 -32.09 -75.79
CA TYR P 202 21.21 -32.41 -76.95
C TYR P 202 22.53 -31.66 -76.87
N LYS P 203 23.58 -32.29 -77.41
CA LYS P 203 24.92 -31.73 -77.38
C LYS P 203 25.17 -30.95 -78.66
N LEU P 204 25.43 -29.65 -78.51
CA LEU P 204 25.69 -28.77 -79.65
C LEU P 204 27.19 -28.47 -79.71
N THR P 205 27.79 -28.79 -80.85
CA THR P 205 29.22 -28.58 -81.07
C THR P 205 29.41 -27.52 -82.15
N THR P 206 30.21 -26.51 -81.84
CA THR P 206 30.49 -25.42 -82.75
C THR P 206 31.96 -25.49 -83.17
N TYR P 207 32.21 -25.47 -84.48
CA TYR P 207 33.55 -25.54 -85.03
C TYR P 207 33.93 -24.20 -85.65
N TYR P 208 35.10 -23.69 -85.27
CA TYR P 208 35.61 -22.41 -85.77
C TYR P 208 36.78 -22.67 -86.70
N LEU P 209 36.72 -22.09 -87.90
CA LEU P 209 37.76 -22.27 -88.90
C LEU P 209 38.21 -20.91 -89.41
N LYS P 210 39.52 -20.73 -89.52
CA LYS P 210 40.10 -19.47 -89.98
C LYS P 210 40.32 -19.54 -91.48
N ASP P 211 39.76 -18.57 -92.21
CA ASP P 211 39.86 -18.57 -93.65
C ASP P 211 41.27 -18.21 -94.09
N GLN P 212 41.78 -18.94 -95.07
CA GLN P 212 43.10 -18.70 -95.64
C GLN P 212 43.06 -17.69 -96.77
N THR P 213 42.04 -17.75 -97.62
CA THR P 213 41.96 -16.84 -98.76
C THR P 213 41.76 -15.39 -98.31
N GLN P 214 40.89 -15.17 -97.33
CA GLN P 214 40.53 -13.82 -96.92
C GLN P 214 41.06 -13.55 -95.52
N PRO P 215 41.91 -12.54 -95.33
CA PRO P 215 42.38 -12.22 -93.98
C PRO P 215 41.26 -11.70 -93.09
N ASN P 216 41.39 -11.95 -91.79
CA ASN P 216 40.39 -11.54 -90.80
C ASN P 216 39.01 -12.10 -91.14
N THR P 217 38.97 -13.34 -91.60
CA THR P 217 37.73 -14.00 -91.97
C THR P 217 37.70 -15.39 -91.35
N TRP P 218 36.55 -15.75 -90.77
CA TRP P 218 36.39 -17.02 -90.10
C TRP P 218 35.13 -17.71 -90.60
N ASN P 219 35.14 -19.04 -90.56
CA ASN P 219 33.99 -19.87 -90.91
C ASN P 219 33.54 -20.64 -89.68
N THR P 220 32.23 -20.70 -89.49
CA THR P 220 31.65 -21.36 -88.32
C THR P 220 30.67 -22.43 -88.78
N TYR P 221 30.77 -23.60 -88.16
CA TYR P 221 29.90 -24.73 -88.48
C TYR P 221 29.36 -25.34 -87.20
N TYR P 222 28.20 -25.98 -87.31
CA TYR P 222 27.49 -26.51 -86.16
C TYR P 222 27.09 -27.96 -86.40
N THR P 223 27.11 -28.76 -85.33
CA THR P 223 26.70 -30.16 -85.39
C THR P 223 25.88 -30.49 -84.15
N VAL P 224 25.01 -31.48 -84.28
CA VAL P 224 24.18 -31.95 -83.19
C VAL P 224 24.49 -33.43 -82.96
N THR P 225 24.73 -33.81 -81.71
CA THR P 225 25.09 -35.17 -81.34
C THR P 225 23.95 -35.79 -80.53
N ASP P 226 23.13 -36.59 -81.21
CA ASP P 226 22.09 -37.37 -80.56
C ASP P 226 22.60 -38.79 -80.30
N LYS P 227 21.69 -39.68 -79.92
CA LYS P 227 22.10 -41.05 -79.64
C LYS P 227 22.49 -41.80 -80.91
N GLU P 228 21.87 -41.46 -82.06
CA GLU P 228 22.24 -42.10 -83.31
C GLU P 228 23.67 -41.77 -83.71
N GLY P 229 24.06 -40.52 -83.54
CA GLY P 229 25.40 -40.08 -83.91
C GLY P 229 25.46 -38.57 -83.97
N GLU P 230 26.52 -38.07 -84.60
CA GLU P 230 26.73 -36.64 -84.75
C GLU P 230 26.32 -36.23 -86.16
N LYS P 231 25.34 -35.34 -86.25
CA LYS P 231 24.81 -34.91 -87.54
C LYS P 231 25.06 -33.43 -87.74
N PRO P 232 25.60 -33.02 -88.89
CA PRO P 232 25.82 -31.59 -89.14
C PRO P 232 24.51 -30.83 -89.27
N LEU P 233 24.56 -29.56 -88.89
CA LEU P 233 23.43 -28.65 -88.96
C LEU P 233 23.74 -27.54 -89.95
N ASN P 234 22.79 -27.25 -90.83
CA ASN P 234 22.99 -26.27 -91.90
C ASN P 234 22.30 -24.96 -91.55
N VAL P 235 22.95 -23.85 -91.90
CA VAL P 235 22.39 -22.52 -91.73
C VAL P 235 21.53 -22.21 -92.94
N ALA P 236 20.43 -21.48 -92.72
CA ALA P 236 19.45 -21.26 -93.78
C ALA P 236 20.06 -20.48 -94.94
N ALA P 237 20.82 -19.41 -94.64
CA ALA P 237 21.38 -18.56 -95.67
C ALA P 237 22.87 -18.31 -95.44
N GLY P 238 23.54 -19.26 -94.81
CA GLY P 238 24.96 -19.10 -94.56
C GLY P 238 25.77 -19.16 -95.84
N ASP P 239 26.74 -18.26 -95.95
CA ASP P 239 27.57 -18.15 -97.15
C ASP P 239 28.87 -18.94 -97.02
N ALA P 240 28.78 -20.20 -96.63
CA ALA P 240 29.96 -21.06 -96.52
C ALA P 240 29.49 -22.49 -96.80
N GLN P 241 29.64 -22.92 -98.05
CA GLN P 241 29.16 -24.22 -98.51
C GLN P 241 30.35 -25.12 -98.76
N THR P 242 30.51 -26.13 -97.91
CA THR P 242 31.53 -27.13 -98.13
C THR P 242 31.14 -28.03 -99.29
N PRO P 243 32.12 -28.66 -99.96
CA PRO P 243 31.78 -29.57 -101.06
C PRO P 243 30.87 -30.70 -100.64
N THR P 244 30.97 -31.16 -99.39
CA THR P 244 30.06 -32.20 -98.90
C THR P 244 28.62 -31.71 -98.89
N GLY P 245 28.40 -30.47 -98.49
CA GLY P 245 27.06 -29.91 -98.44
C GLY P 245 26.78 -29.16 -97.15
N HIS P 246 27.67 -29.29 -96.17
CA HIS P 246 27.51 -28.58 -94.91
C HIS P 246 27.59 -27.08 -95.14
N VAL P 247 26.65 -26.34 -94.55
CA VAL P 247 26.52 -24.90 -94.78
C VAL P 247 26.75 -24.18 -93.46
N GLY P 248 27.84 -23.42 -93.39
CA GLY P 248 28.12 -22.55 -92.27
C GLY P 248 27.96 -21.09 -92.64
N HIS P 249 28.44 -20.21 -91.75
CA HIS P 249 28.35 -18.78 -91.96
C HIS P 249 29.74 -18.17 -91.76
N THR P 250 29.95 -17.03 -92.40
CA THR P 250 31.25 -16.35 -92.40
C THR P 250 31.22 -15.15 -91.46
N MET P 251 32.34 -14.92 -90.78
CA MET P 251 32.49 -13.81 -89.85
C MET P 251 33.69 -12.98 -90.26
N LYS P 252 33.52 -11.66 -90.32
CA LYS P 252 34.56 -10.73 -90.72
C LYS P 252 34.77 -9.68 -89.62
N PHE P 253 36.00 -9.21 -89.50
CA PHE P 253 36.39 -8.29 -88.45
C PHE P 253 37.09 -7.08 -89.03
N ASN P 254 37.06 -5.97 -88.28
CA ASN P 254 37.66 -4.72 -88.73
C ASN P 254 39.16 -4.73 -88.40
N ASN P 255 39.79 -3.57 -88.57
CA ASN P 255 41.22 -3.46 -88.28
C ASN P 255 41.49 -3.48 -86.78
N ASP P 256 40.61 -2.88 -85.99
CA ASP P 256 40.81 -2.83 -84.54
C ASP P 256 40.44 -4.14 -83.86
N GLY P 257 40.08 -5.18 -84.60
CA GLY P 257 39.73 -6.45 -84.03
C GLY P 257 38.27 -6.62 -83.65
N THR P 258 37.47 -5.55 -83.76
CA THR P 258 36.06 -5.65 -83.42
C THR P 258 35.30 -6.35 -84.54
N LEU P 259 34.00 -6.54 -84.32
CA LEU P 259 33.16 -7.23 -85.28
C LEU P 259 32.79 -6.29 -86.43
N ALA P 260 32.89 -6.82 -87.66
CA ALA P 260 32.53 -6.05 -88.85
C ALA P 260 31.20 -6.48 -89.43
N SER P 261 31.06 -7.77 -89.75
CA SER P 261 29.83 -8.28 -90.36
C SER P 261 29.69 -9.75 -90.03
N LEU P 262 28.45 -10.25 -90.11
CA LEU P 262 28.13 -11.64 -89.82
C LEU P 262 27.22 -12.18 -90.91
N ASN P 263 27.71 -13.18 -91.64
CA ASN P 263 26.92 -13.87 -92.67
C ASN P 263 26.33 -12.88 -93.66
N ASN P 264 27.18 -11.98 -94.18
CA ASN P 264 26.77 -10.94 -95.12
C ASN P 264 25.69 -10.05 -94.55
N GLY P 265 25.72 -9.83 -93.24
CA GLY P 265 24.74 -8.97 -92.60
C GLY P 265 23.38 -9.60 -92.40
N GLN P 266 23.23 -10.89 -92.67
CA GLN P 266 21.94 -11.54 -92.53
C GLN P 266 21.84 -12.27 -91.19
N PRO P 267 20.65 -12.40 -90.64
CA PRO P 267 20.48 -13.16 -89.40
C PRO P 267 20.86 -14.63 -89.59
N ILE P 268 21.45 -15.21 -88.56
CA ILE P 268 21.89 -16.59 -88.58
C ILE P 268 20.79 -17.45 -87.98
N THR P 269 20.05 -18.16 -88.83
CA THR P 269 19.01 -19.07 -88.40
C THR P 269 19.27 -20.44 -89.00
N SER P 270 19.33 -21.45 -88.15
CA SER P 270 19.56 -22.81 -88.62
C SER P 270 18.26 -23.43 -89.12
N VAL P 271 18.41 -24.51 -89.90
CA VAL P 271 17.26 -25.22 -90.43
C VAL P 271 16.62 -26.03 -89.31
N ALA P 272 15.42 -26.56 -89.57
CA ALA P 272 14.75 -27.38 -88.57
C ALA P 272 15.57 -28.61 -88.25
N LEU P 273 15.67 -28.92 -86.95
CA LEU P 273 16.53 -30.02 -86.52
C LEU P 273 16.01 -31.36 -87.02
N GLY P 274 14.71 -31.59 -86.93
CA GLY P 274 14.17 -32.91 -87.22
C GLY P 274 13.21 -32.98 -88.39
N ASP P 275 13.25 -31.98 -89.28
CA ASP P 275 12.37 -31.98 -90.44
C ASP P 275 13.16 -32.40 -91.67
N PRO P 276 12.89 -33.57 -92.24
CA PRO P 276 13.63 -33.98 -93.45
C PRO P 276 13.37 -33.11 -94.65
N ALA P 277 12.25 -32.37 -94.68
CA ALA P 277 11.94 -31.54 -95.82
C ALA P 277 12.91 -30.37 -96.01
N THR P 278 13.63 -29.98 -94.97
CA THR P 278 14.60 -28.89 -95.06
C THR P 278 15.98 -29.26 -94.56
N ASN P 279 16.19 -30.46 -94.04
CA ASN P 279 17.48 -30.88 -93.52
C ASN P 279 17.86 -32.21 -94.15
N THR P 280 19.10 -32.30 -94.64
CA THR P 280 19.59 -33.54 -95.23
C THR P 280 19.95 -34.57 -94.16
N THR P 281 20.20 -34.12 -92.93
CA THR P 281 20.53 -35.01 -91.81
C THR P 281 19.59 -34.66 -90.66
N PRO P 282 18.35 -35.14 -90.71
CA PRO P 282 17.38 -34.78 -89.66
C PRO P 282 17.82 -35.32 -88.30
N VAL P 283 17.74 -34.46 -87.29
CA VAL P 283 18.07 -34.88 -85.94
C VAL P 283 16.90 -35.67 -85.36
N ASP P 284 17.22 -36.81 -84.72
CA ASP P 284 16.19 -37.67 -84.16
C ASP P 284 15.59 -37.02 -82.91
N MET P 285 14.48 -36.31 -83.08
CA MET P 285 13.84 -35.64 -81.96
C MET P 285 13.24 -36.60 -80.94
N ASN P 286 13.04 -37.86 -81.33
CA ASN P 286 12.49 -38.90 -80.43
C ASN P 286 11.14 -38.47 -79.86
N GLY P 287 10.30 -37.89 -80.72
CA GLY P 287 8.98 -37.46 -80.32
C GLY P 287 8.84 -35.98 -80.07
N ALA P 288 9.93 -35.23 -80.07
CA ALA P 288 9.85 -33.79 -79.86
C ALA P 288 9.42 -33.08 -81.14
N ASP P 289 9.33 -31.75 -81.04
CA ASP P 289 8.91 -30.94 -82.17
C ASP P 289 10.02 -30.91 -83.22
N PRO P 290 9.73 -31.35 -84.45
CA PRO P 290 10.77 -31.37 -85.49
C PRO P 290 11.04 -30.01 -86.12
N ALA P 291 10.19 -29.02 -85.87
CA ALA P 291 10.33 -27.71 -86.48
C ALA P 291 11.12 -26.73 -85.63
N GLN P 292 11.88 -27.22 -84.65
CA GLN P 292 12.66 -26.34 -83.80
C GLN P 292 13.74 -25.62 -84.59
N THR P 293 13.88 -24.33 -84.35
CA THR P 293 14.86 -23.50 -85.04
C THR P 293 15.71 -22.77 -84.02
N LEU P 294 16.98 -22.53 -84.38
CA LEU P 294 17.94 -21.88 -83.49
C LEU P 294 18.39 -20.57 -84.11
N ASN P 295 18.41 -19.52 -83.28
CA ASN P 295 18.92 -18.21 -83.68
C ASN P 295 20.20 -17.95 -82.92
N PHE P 296 21.27 -17.66 -83.64
CA PHE P 296 22.59 -17.44 -83.06
C PHE P 296 22.87 -15.94 -83.01
N GLY P 297 23.20 -15.44 -81.83
CA GLY P 297 23.59 -14.05 -81.68
C GLY P 297 25.04 -13.91 -81.28
N LEU P 298 25.88 -13.45 -82.21
CA LEU P 298 27.31 -13.31 -81.99
C LEU P 298 27.74 -11.87 -82.15
N GLY P 299 26.97 -10.94 -81.59
CA GLY P 299 27.26 -9.52 -81.76
C GLY P 299 28.45 -9.03 -80.97
N SER P 300 28.99 -9.85 -80.07
CA SER P 300 30.13 -9.47 -79.24
C SER P 300 31.41 -10.19 -79.66
N ALA P 301 31.40 -10.88 -80.79
CA ALA P 301 32.58 -11.63 -81.22
C ALA P 301 33.73 -10.69 -81.53
N THR P 302 34.93 -11.07 -81.11
CA THR P 302 36.12 -10.27 -81.30
C THR P 302 37.26 -11.14 -81.78
N GLN P 303 38.25 -10.51 -82.42
CA GLN P 303 39.48 -11.18 -82.83
C GLN P 303 40.65 -10.32 -82.38
N PHE P 304 41.31 -10.74 -81.30
CA PHE P 304 42.46 -10.03 -80.75
C PHE P 304 43.65 -10.99 -80.70
N ALA P 305 44.75 -10.50 -80.12
CA ALA P 305 45.95 -11.32 -79.97
C ALA P 305 45.80 -12.37 -78.87
N ALA P 306 44.75 -12.26 -78.05
CA ALA P 306 44.54 -13.23 -76.99
C ALA P 306 44.16 -14.59 -77.59
N PRO P 307 44.45 -15.69 -76.86
CA PRO P 307 44.11 -17.02 -77.39
C PRO P 307 42.61 -17.25 -77.50
N PHE P 308 42.22 -18.41 -78.01
CA PHE P 308 40.80 -18.75 -78.11
C PHE P 308 40.18 -18.79 -76.73
N GLU P 309 39.01 -18.19 -76.58
CA GLU P 309 38.35 -18.09 -75.29
C GLU P 309 36.85 -17.99 -75.47
N LEU P 310 36.11 -18.75 -74.66
CA LEU P 310 34.65 -18.71 -74.64
C LEU P 310 34.23 -17.77 -73.51
N THR P 311 34.07 -16.49 -73.84
CA THR P 311 33.80 -15.49 -72.81
C THR P 311 32.39 -15.61 -72.26
N LYS P 312 31.40 -15.77 -73.14
CA LYS P 312 30.01 -15.76 -72.72
C LYS P 312 29.21 -16.77 -73.53
N PHE P 313 28.31 -17.49 -72.86
CA PHE P 313 27.37 -18.38 -73.52
C PHE P 313 26.03 -18.28 -72.82
N ASP P 314 25.00 -17.86 -73.55
CA ASP P 314 23.67 -17.69 -72.99
C ASP P 314 22.65 -18.29 -73.95
N GLU P 315 21.67 -18.99 -73.38
CA GLU P 315 20.59 -19.61 -74.14
C GLU P 315 19.26 -19.30 -73.46
N ASP P 316 18.17 -19.77 -74.07
CA ASP P 316 16.83 -19.58 -73.54
C ASP P 316 16.13 -20.90 -73.26
N GLY P 317 16.86 -22.01 -73.30
CA GLY P 317 16.27 -23.30 -73.02
C GLY P 317 15.97 -23.49 -71.54
N ALA P 318 15.11 -24.47 -71.27
CA ALA P 318 14.70 -24.74 -69.90
C ALA P 318 14.24 -26.19 -69.79
N THR P 319 14.17 -26.67 -68.56
CA THR P 319 13.75 -28.04 -68.28
C THR P 319 12.78 -28.01 -67.10
N THR P 320 12.17 -29.15 -66.83
CA THR P 320 11.26 -29.26 -65.70
C THR P 320 12.01 -29.03 -64.40
N GLY P 321 11.34 -28.39 -63.44
CA GLY P 321 11.98 -28.06 -62.19
C GLY P 321 10.97 -27.89 -61.08
N PHE P 322 11.50 -27.72 -59.86
CA PHE P 322 10.69 -27.60 -58.67
C PHE P 322 11.04 -26.30 -57.96
N LEU P 323 10.03 -25.67 -57.36
CA LEU P 323 10.24 -24.43 -56.62
C LEU P 323 11.29 -24.63 -55.54
N THR P 324 12.28 -23.75 -55.52
CA THR P 324 13.36 -23.82 -54.53
C THR P 324 13.28 -22.72 -53.48
N LYS P 325 13.14 -21.46 -53.89
CA LYS P 325 13.04 -20.37 -52.94
C LYS P 325 12.21 -19.25 -53.54
N VAL P 326 11.66 -18.42 -52.65
CA VAL P 326 10.80 -17.30 -53.04
C VAL P 326 11.24 -16.06 -52.27
N ASP P 327 11.35 -14.94 -52.96
CA ASP P 327 11.71 -13.69 -52.33
C ASP P 327 10.96 -12.55 -53.01
N PHE P 328 10.88 -11.42 -52.31
CA PHE P 328 10.17 -10.24 -52.78
C PHE P 328 11.15 -9.09 -52.91
N ASP P 329 11.09 -8.37 -54.02
CA ASP P 329 11.95 -7.21 -54.21
C ASP P 329 11.21 -5.94 -53.79
N GLU P 330 11.90 -4.81 -53.87
CA GLU P 330 11.31 -3.54 -53.46
C GLU P 330 10.18 -3.12 -54.39
N ASN P 331 10.19 -3.58 -55.64
CA ASN P 331 9.12 -3.23 -56.58
C ASN P 331 7.84 -4.01 -56.32
N GLY P 332 7.85 -4.97 -55.39
CA GLY P 332 6.70 -5.80 -55.14
C GLY P 332 6.61 -7.05 -55.97
N SER P 333 7.54 -7.26 -56.90
CA SER P 333 7.54 -8.46 -57.71
C SER P 333 8.00 -9.64 -56.89
N VAL P 334 7.23 -10.72 -56.92
CA VAL P 334 7.56 -11.94 -56.20
C VAL P 334 8.26 -12.89 -57.17
N MET P 335 9.53 -13.17 -56.91
CA MET P 335 10.33 -14.00 -57.78
C MET P 335 10.62 -15.35 -57.12
N GLY P 336 10.66 -16.39 -57.94
CA GLY P 336 10.94 -17.72 -57.45
C GLY P 336 11.83 -18.51 -58.39
N THR P 337 12.91 -19.07 -57.87
CA THR P 337 13.87 -19.82 -58.67
C THR P 337 13.58 -21.30 -58.54
N TYR P 338 13.74 -22.02 -59.64
CA TYR P 338 13.41 -23.43 -59.71
C TYR P 338 14.69 -24.26 -59.86
N SER P 339 14.50 -25.58 -59.96
CA SER P 339 15.64 -26.47 -60.09
C SER P 339 16.36 -26.30 -61.41
N ASN P 340 15.62 -25.99 -62.48
CA ASN P 340 16.26 -25.79 -63.78
C ASN P 340 17.16 -24.57 -63.78
N GLY P 341 16.75 -23.51 -63.08
CA GLY P 341 17.54 -22.29 -62.97
C GLY P 341 16.84 -21.02 -63.38
N GLU P 342 15.68 -21.10 -64.03
CA GLU P 342 14.98 -19.90 -64.45
C GLU P 342 14.46 -19.12 -63.25
N ASN P 343 14.63 -17.81 -63.28
CA ASN P 343 14.14 -16.93 -62.22
C ASN P 343 12.79 -16.34 -62.62
N VAL P 344 11.77 -17.20 -62.60
CA VAL P 344 10.43 -16.80 -63.03
C VAL P 344 9.87 -15.79 -62.04
N THR P 345 9.31 -14.70 -62.56
CA THR P 345 8.64 -13.70 -61.75
C THR P 345 7.15 -14.05 -61.71
N LEU P 346 6.67 -14.47 -60.54
CA LEU P 346 5.28 -14.92 -60.43
C LEU P 346 4.30 -13.77 -60.64
N GLY P 347 4.63 -12.59 -60.12
CA GLY P 347 3.74 -11.46 -60.27
C GLY P 347 4.18 -10.32 -59.36
N ARG P 348 3.31 -9.33 -59.25
CA ARG P 348 3.51 -8.21 -58.35
C ARG P 348 2.37 -8.15 -57.34
N VAL P 349 2.54 -7.31 -56.33
CA VAL P 349 1.54 -7.13 -55.28
C VAL P 349 0.85 -5.80 -55.54
N ALA P 350 -0.46 -5.86 -55.75
CA ALA P 350 -1.22 -4.66 -56.09
C ALA P 350 -1.27 -3.70 -54.90
N LEU P 351 -1.14 -2.42 -55.20
CA LEU P 351 -1.24 -1.36 -54.21
C LEU P 351 -2.33 -0.39 -54.63
N VAL P 352 -3.16 0.02 -53.66
CA VAL P 352 -4.30 0.87 -53.92
C VAL P 352 -4.22 2.09 -53.02
N ARG P 353 -4.48 3.26 -53.61
CA ARG P 353 -4.50 4.52 -52.89
C ARG P 353 -5.79 5.26 -53.22
N VAL P 354 -6.39 5.89 -52.22
CA VAL P 354 -7.60 6.67 -52.42
C VAL P 354 -7.30 8.14 -52.14
N PRO P 355 -7.96 9.08 -52.81
CA PRO P 355 -7.67 10.50 -52.54
C PRO P 355 -7.99 10.94 -51.12
N ASN P 356 -9.06 10.40 -50.54
CA ASN P 356 -9.49 10.75 -49.19
C ASN P 356 -9.53 9.48 -48.35
N GLU P 357 -8.48 9.25 -47.56
CA GLU P 357 -8.45 8.07 -46.70
C GLU P 357 -9.37 8.20 -45.49
N GLN P 358 -9.72 9.43 -45.10
CA GLN P 358 -10.59 9.66 -43.95
C GLN P 358 -12.03 9.26 -44.20
N GLY P 359 -12.40 8.95 -45.45
CA GLY P 359 -13.80 8.68 -45.76
C GLY P 359 -14.09 7.22 -46.04
N LEU P 360 -13.06 6.39 -46.02
CA LEU P 360 -13.26 4.96 -46.22
C LEU P 360 -14.16 4.40 -45.11
N ASP P 361 -15.13 3.59 -45.49
CA ASP P 361 -15.94 2.87 -44.52
C ASP P 361 -15.13 1.69 -43.98
N LYS P 362 -15.32 1.39 -42.70
CA LYS P 362 -14.51 0.39 -42.01
C LYS P 362 -15.29 -0.91 -41.94
N LYS P 363 -14.79 -1.94 -42.61
CA LYS P 363 -15.33 -3.28 -42.47
C LYS P 363 -14.64 -3.97 -41.31
N GLY P 364 -15.00 -5.22 -41.06
CA GLY P 364 -14.36 -5.98 -40.00
C GLY P 364 -12.97 -6.45 -40.39
N GLY P 365 -12.20 -6.81 -39.36
CA GLY P 365 -10.87 -7.34 -39.58
C GLY P 365 -9.89 -6.35 -40.16
N THR P 366 -9.92 -5.09 -39.72
CA THR P 366 -8.97 -4.06 -40.15
C THR P 366 -8.92 -3.95 -41.67
N GLN P 367 -10.10 -3.78 -42.26
CA GLN P 367 -10.22 -3.66 -43.71
C GLN P 367 -11.11 -2.47 -44.04
N TRP P 368 -10.84 -1.85 -45.19
CA TRP P 368 -11.58 -0.70 -45.64
C TRP P 368 -12.07 -0.92 -47.06
N ASP P 369 -13.12 -0.18 -47.43
CA ASP P 369 -13.67 -0.21 -48.78
C ASP P 369 -13.89 1.23 -49.23
N SER P 370 -14.04 1.40 -50.54
CA SER P 370 -14.16 2.72 -51.14
C SER P 370 -15.63 3.13 -51.19
N THR P 371 -15.94 4.26 -50.57
CA THR P 371 -17.28 4.81 -50.60
C THR P 371 -17.30 6.06 -51.48
N GLN P 372 -18.45 6.73 -51.53
CA GLN P 372 -18.57 7.96 -52.30
C GLN P 372 -17.65 9.06 -51.78
N PHE P 373 -17.62 9.24 -50.46
CA PHE P 373 -16.80 10.31 -49.88
C PHE P 373 -15.31 10.00 -50.04
N SER P 374 -14.94 8.73 -49.93
CA SER P 374 -13.53 8.37 -50.06
C SER P 374 -13.01 8.65 -51.46
N GLY P 375 -13.82 8.39 -52.49
CA GLY P 375 -13.41 8.56 -53.86
C GLY P 375 -13.49 7.24 -54.62
N ASP P 376 -12.49 6.99 -55.46
CA ASP P 376 -12.39 5.76 -56.23
C ASP P 376 -10.99 5.17 -56.07
N LYS P 377 -10.92 3.84 -56.13
CA LYS P 377 -9.65 3.15 -55.96
C LYS P 377 -8.71 3.49 -57.11
N ILE P 378 -7.52 3.97 -56.77
CA ILE P 378 -6.49 4.27 -57.76
C ILE P 378 -5.41 3.21 -57.64
N TRP P 379 -5.26 2.39 -58.67
CA TRP P 379 -4.31 1.28 -58.61
C TRP P 379 -2.93 1.73 -59.04
N GLY P 380 -1.92 1.01 -58.58
CA GLY P 380 -0.54 1.32 -58.91
C GLY P 380 0.38 0.23 -58.40
N GLU P 381 1.65 0.36 -58.77
CA GLU P 381 2.65 -0.60 -58.36
C GLU P 381 3.33 -0.12 -57.08
N SER P 382 4.41 -0.79 -56.69
CA SER P 382 5.17 -0.42 -55.51
C SER P 382 6.31 0.50 -55.90
N ASN P 383 6.52 1.56 -55.10
CA ASN P 383 7.58 2.53 -55.33
C ASN P 383 7.45 3.17 -56.71
N LYS P 384 6.23 3.55 -57.06
CA LYS P 384 5.94 4.19 -58.34
C LYS P 384 4.98 5.34 -58.11
N GLY P 385 5.29 6.49 -58.68
CA GLY P 385 4.43 7.65 -58.52
C GLY P 385 4.36 8.08 -57.07
N SER P 386 3.15 8.17 -56.53
CA SER P 386 2.92 8.60 -55.16
C SER P 386 2.81 7.46 -54.17
N PHE P 387 2.91 6.21 -54.63
CA PHE P 387 2.81 5.07 -53.73
C PHE P 387 4.11 4.90 -52.95
N GLY P 388 4.04 4.12 -51.88
CA GLY P 388 5.19 3.79 -51.07
C GLY P 388 5.84 2.50 -51.54
N THR P 389 6.67 1.95 -50.67
CA THR P 389 7.40 0.73 -50.95
C THR P 389 6.75 -0.44 -50.22
N ILE P 390 7.16 -1.66 -50.60
CA ILE P 390 6.71 -2.88 -49.96
C ILE P 390 7.93 -3.56 -49.35
N ASN P 391 7.86 -3.86 -48.05
CA ASN P 391 8.93 -4.52 -47.35
C ASN P 391 8.44 -5.86 -46.83
N ASN P 392 9.23 -6.91 -47.09
CA ASN P 392 8.91 -8.23 -46.57
C ASN P 392 9.59 -8.44 -45.22
N GLY P 393 9.03 -9.37 -44.44
CA GLY P 393 9.56 -9.67 -43.13
C GLY P 393 9.15 -8.71 -42.04
N MET P 394 8.21 -7.81 -42.30
CA MET P 394 7.74 -6.85 -41.32
C MET P 394 6.22 -6.85 -41.27
N LEU P 395 5.69 -6.26 -40.21
CA LEU P 395 4.25 -6.09 -40.04
C LEU P 395 3.99 -4.74 -39.39
N GLU P 396 2.78 -4.23 -39.57
CA GLU P 396 2.37 -2.95 -39.01
C GLU P 396 1.68 -3.16 -37.68
N GLN P 397 2.10 -2.39 -36.69
CA GLN P 397 1.40 -2.34 -35.41
C GLN P 397 0.40 -1.19 -35.42
N SER P 398 -0.36 -1.07 -34.33
CA SER P 398 -1.32 0.01 -34.23
C SER P 398 -0.60 1.34 -34.10
N ASN P 399 -1.18 2.38 -34.69
CA ASN P 399 -0.59 3.72 -34.65
C ASN P 399 -1.17 4.52 -33.48
N ILE P 400 -1.03 3.95 -32.29
CA ILE P 400 -1.56 4.56 -31.07
C ILE P 400 -0.42 4.77 -30.09
N ASP P 401 -0.63 5.70 -29.17
CA ASP P 401 0.32 5.99 -28.11
C ASP P 401 -0.39 5.81 -26.78
N MET P 402 0.10 4.85 -25.99
CA MET P 402 -0.59 4.50 -24.75
C MET P 402 -0.67 5.69 -23.79
N THR P 403 0.40 6.47 -23.71
CA THR P 403 0.39 7.64 -22.83
C THR P 403 -0.73 8.60 -23.19
N GLN P 404 -0.83 8.96 -24.47
CA GLN P 404 -1.87 9.89 -24.89
C GLN P 404 -3.26 9.30 -24.67
N GLU P 405 -3.42 8.00 -24.94
CA GLU P 405 -4.73 7.38 -24.75
C GLU P 405 -5.15 7.41 -23.29
N LEU P 406 -4.23 7.08 -22.38
CA LEU P 406 -4.57 7.09 -20.95
C LEU P 406 -4.88 8.50 -20.46
N VAL P 407 -4.09 9.49 -20.90
CA VAL P 407 -4.35 10.86 -20.48
C VAL P 407 -5.71 11.33 -21.00
N ASP P 408 -6.03 10.98 -22.25
CA ASP P 408 -7.35 11.31 -22.79
C ASP P 408 -8.45 10.60 -22.00
N LEU P 409 -8.18 9.39 -21.54
CA LEU P 409 -9.15 8.67 -20.73
C LEU P 409 -9.44 9.43 -19.43
N ILE P 410 -8.38 9.91 -18.77
CA ILE P 410 -8.57 10.68 -17.54
C ILE P 410 -9.36 11.95 -17.82
N SER P 411 -9.00 12.65 -18.90
CA SER P 411 -9.68 13.90 -19.23
C SER P 411 -11.15 13.66 -19.54
N ALA P 412 -11.46 12.58 -20.27
CA ALA P 412 -12.84 12.27 -20.59
C ALA P 412 -13.63 11.95 -19.34
N GLN P 413 -13.02 11.21 -18.41
CA GLN P 413 -13.70 10.94 -17.14
C GLN P 413 -14.00 12.22 -16.39
N ARG P 414 -13.04 13.15 -16.38
CA ARG P 414 -13.26 14.43 -15.71
C ARG P 414 -14.41 15.21 -16.35
N ASN P 415 -14.44 15.24 -17.68
CA ASN P 415 -15.53 15.94 -18.38
C ASN P 415 -16.87 15.30 -18.09
N PHE P 416 -16.92 13.97 -18.06
CA PHE P 416 -18.17 13.27 -17.76
C PHE P 416 -18.64 13.59 -16.35
N GLN P 417 -17.72 13.64 -15.39
CA GLN P 417 -18.09 14.00 -14.02
C GLN P 417 -18.64 15.42 -13.96
N ALA P 418 -18.02 16.36 -14.69
CA ALA P 418 -18.51 17.73 -14.69
C ALA P 418 -19.92 17.81 -15.28
N ASN P 419 -20.16 17.11 -16.39
CA ASN P 419 -21.49 17.13 -17.00
C ASN P 419 -22.53 16.50 -16.08
N SER P 420 -22.17 15.41 -15.41
CA SER P 420 -23.09 14.80 -14.47
C SER P 420 -23.41 15.75 -13.32
N ARG P 421 -22.41 16.51 -12.86
CA ARG P 421 -22.66 17.52 -11.84
C ARG P 421 -23.65 18.57 -12.32
N SER P 422 -23.50 19.01 -13.56
CA SER P 422 -24.44 20.00 -14.10
C SER P 422 -25.85 19.44 -14.15
N LEU P 423 -25.99 18.19 -14.61
CA LEU P 423 -27.31 17.56 -14.66
C LEU P 423 -27.91 17.44 -13.27
N GLU P 424 -27.09 17.08 -12.29
CA GLU P 424 -27.56 16.98 -10.92
C GLU P 424 -28.06 18.33 -10.41
N VAL P 425 -27.34 19.41 -10.73
CA VAL P 425 -27.77 20.74 -10.31
C VAL P 425 -29.11 21.08 -10.95
N HIS P 426 -29.28 20.78 -12.24
CA HIS P 426 -30.56 21.03 -12.91
C HIS P 426 -31.69 20.30 -12.21
N ASN P 427 -31.50 19.01 -11.92
CA ASN P 427 -32.54 18.22 -11.27
C ASN P 427 -32.84 18.75 -9.88
N GLN P 428 -31.81 19.18 -9.15
CA GLN P 428 -32.04 19.73 -7.81
C GLN P 428 -32.84 21.02 -7.88
N LEU P 429 -32.57 21.87 -8.88
CA LEU P 429 -33.36 23.08 -9.04
C LEU P 429 -34.82 22.74 -9.32
N GLN P 430 -35.06 21.78 -10.20
CA GLN P 430 -36.43 21.40 -10.51
C GLN P 430 -37.15 20.85 -9.29
N GLN P 431 -36.47 20.00 -8.52
CA GLN P 431 -37.09 19.46 -7.31
C GLN P 431 -37.33 20.54 -6.27
N ASN P 432 -36.45 21.55 -6.21
CA ASN P 432 -36.67 22.67 -5.31
C ASN P 432 -37.93 23.43 -5.68
N ILE P 433 -38.14 23.65 -6.99
CA ILE P 433 -39.36 24.32 -7.41
C ILE P 433 -40.58 23.46 -7.12
N LEU P 434 -40.46 22.14 -7.27
CA LEU P 434 -41.58 21.25 -7.02
C LEU P 434 -42.13 21.39 -5.61
N GLN P 435 -41.29 21.71 -4.64
CA GLN P 435 -41.70 21.77 -3.24
C GLN P 435 -42.11 23.18 -2.84
N ILE P 436 -43.13 23.69 -3.50
CA ILE P 436 -43.68 25.01 -3.18
C ILE P 436 -45.20 24.93 -3.07
N SER Q 2 -43.15 -2.56 -11.02
CA SER Q 2 -42.22 -2.93 -9.96
C SER Q 2 -41.76 -4.37 -10.12
N TYR Q 3 -42.68 -5.24 -10.54
CA TYR Q 3 -42.36 -6.65 -10.69
C TYR Q 3 -41.29 -6.87 -11.76
N VAL Q 4 -41.21 -5.98 -12.76
CA VAL Q 4 -40.14 -6.07 -13.73
C VAL Q 4 -38.79 -5.83 -13.06
N SER Q 5 -38.72 -4.83 -12.17
CA SER Q 5 -37.48 -4.57 -11.45
C SER Q 5 -37.13 -5.73 -10.54
N LEU Q 6 -38.14 -6.33 -9.90
CA LEU Q 6 -37.89 -7.48 -9.05
C LEU Q 6 -37.38 -8.67 -9.86
N SER Q 7 -37.92 -8.86 -11.06
CA SER Q 7 -37.42 -9.92 -11.94
C SER Q 7 -35.98 -9.66 -12.35
N GLY Q 8 -35.64 -8.40 -12.64
CA GLY Q 8 -34.27 -8.06 -12.94
C GLY Q 8 -33.33 -8.33 -11.77
N LEU Q 9 -33.78 -7.98 -10.56
CA LEU Q 9 -33.00 -8.28 -9.36
C LEU Q 9 -32.79 -9.78 -9.20
N SER Q 10 -33.84 -10.56 -9.42
CA SER Q 10 -33.72 -12.02 -9.31
C SER Q 10 -32.75 -12.57 -10.34
N ALA Q 11 -32.80 -12.06 -11.57
CA ALA Q 11 -31.88 -12.52 -12.60
C ALA Q 11 -30.44 -12.17 -12.25
N ALA Q 12 -30.20 -10.94 -11.79
CA ALA Q 12 -28.85 -10.54 -11.41
C ALA Q 12 -28.34 -11.39 -10.25
N GLN Q 13 -29.19 -11.67 -9.27
CA GLN Q 13 -28.77 -12.48 -8.14
C GLN Q 13 -28.52 -13.93 -8.55
N LEU Q 14 -29.29 -14.45 -9.50
CA LEU Q 14 -29.01 -15.79 -10.01
C LEU Q 14 -27.67 -15.85 -10.71
N ASP Q 15 -27.36 -14.83 -11.52
CA ASP Q 15 -26.04 -14.79 -12.15
C ASP Q 15 -24.93 -14.68 -11.11
N LEU Q 16 -25.18 -13.90 -10.06
CA LEU Q 16 -24.21 -13.77 -8.97
C LEU Q 16 -23.98 -15.12 -8.29
N ASN Q 17 -25.07 -15.87 -8.05
CA ASN Q 17 -24.94 -17.18 -7.44
C ASN Q 17 -24.16 -18.14 -8.33
N THR Q 18 -24.44 -18.10 -9.63
CA THR Q 18 -23.71 -18.98 -10.55
C THR Q 18 -22.22 -18.65 -10.54
N THR Q 19 -21.88 -17.36 -10.59
CA THR Q 19 -20.47 -16.97 -10.58
C THR Q 19 -19.82 -17.36 -9.25
N SER Q 20 -20.52 -17.17 -8.14
CA SER Q 20 -19.98 -17.54 -6.84
C SER Q 20 -19.72 -19.03 -6.75
N ASN Q 21 -20.64 -19.85 -7.27
CA ASN Q 21 -20.42 -21.28 -7.28
C ASN Q 21 -19.22 -21.66 -8.13
N ASN Q 22 -19.09 -21.03 -9.31
CA ASN Q 22 -17.94 -21.29 -10.17
C ASN Q 22 -16.64 -20.95 -9.45
N ILE Q 23 -16.59 -19.81 -8.77
CA ILE Q 23 -15.37 -19.42 -8.07
C ILE Q 23 -15.09 -20.34 -6.90
N ALA Q 24 -16.13 -20.75 -6.18
CA ALA Q 24 -15.95 -21.62 -5.03
C ALA Q 24 -15.40 -22.98 -5.45
N ASN Q 25 -15.85 -23.50 -6.61
CA ASN Q 25 -15.40 -24.79 -7.08
C ASN Q 25 -14.06 -24.72 -7.83
N ALA Q 26 -13.27 -23.67 -7.61
CA ALA Q 26 -12.06 -23.47 -8.40
C ALA Q 26 -11.02 -24.58 -8.22
N ASN Q 27 -11.09 -25.35 -7.13
CA ASN Q 27 -10.13 -26.41 -6.89
C ASN Q 27 -10.71 -27.81 -7.02
N THR Q 28 -12.03 -27.94 -7.15
CA THR Q 28 -12.63 -29.26 -7.29
C THR Q 28 -12.15 -29.94 -8.57
N TYR Q 29 -11.79 -31.22 -8.45
CA TYR Q 29 -11.31 -32.00 -9.57
C TYR Q 29 -12.47 -32.39 -10.47
N GLY Q 30 -12.32 -32.16 -11.77
CA GLY Q 30 -13.33 -32.57 -12.71
C GLY Q 30 -14.57 -31.70 -12.77
N PHE Q 31 -14.55 -30.55 -12.09
CA PHE Q 31 -15.71 -29.67 -12.10
C PHE Q 31 -15.92 -29.06 -13.47
N LYS Q 32 -17.18 -28.84 -13.82
CA LYS Q 32 -17.55 -28.18 -15.06
C LYS Q 32 -18.32 -26.90 -14.72
N GLU Q 33 -17.88 -25.78 -15.28
CA GLU Q 33 -18.47 -24.49 -14.93
C GLU Q 33 -19.90 -24.40 -15.42
N SER Q 34 -20.60 -23.38 -14.95
CA SER Q 34 -21.99 -23.16 -15.30
C SER Q 34 -22.15 -21.73 -15.82
N ARG Q 35 -23.11 -21.55 -16.72
CA ARG Q 35 -23.40 -20.25 -17.30
C ARG Q 35 -24.89 -19.98 -17.18
N ALA Q 36 -25.24 -18.73 -16.88
CA ALA Q 36 -26.63 -18.33 -16.70
C ALA Q 36 -27.14 -17.69 -17.98
N GLU Q 37 -28.25 -18.21 -18.50
CA GLU Q 37 -28.89 -17.69 -19.70
C GLU Q 37 -30.32 -17.27 -19.36
N PHE Q 38 -30.69 -16.07 -19.77
CA PHE Q 38 -31.99 -15.50 -19.46
C PHE Q 38 -32.77 -15.24 -20.74
N ALA Q 39 -34.04 -14.86 -20.58
CA ALA Q 39 -34.92 -14.60 -21.71
C ALA Q 39 -35.91 -13.52 -21.34
N ASP Q 40 -36.42 -12.84 -22.37
CA ASP Q 40 -37.41 -11.79 -22.19
C ASP Q 40 -38.77 -12.41 -21.84
N VAL Q 41 -39.63 -11.57 -21.26
CA VAL Q 41 -40.99 -11.94 -20.92
C VAL Q 41 -41.93 -11.02 -21.69
N TYR Q 42 -42.95 -11.61 -22.32
CA TYR Q 42 -43.96 -10.82 -23.00
C TYR Q 42 -45.29 -11.56 -22.97
N SER Q 43 -46.36 -10.80 -22.82
CA SER Q 43 -47.69 -11.38 -22.71
C SER Q 43 -48.15 -11.91 -24.06
N ASN Q 44 -49.08 -12.88 -24.00
CA ASN Q 44 -49.67 -13.49 -25.19
C ASN Q 44 -51.18 -13.50 -25.07
N SER Q 45 -51.75 -12.38 -24.64
CA SER Q 45 -53.18 -12.28 -24.47
C SER Q 45 -53.90 -12.33 -25.83
N LEU Q 46 -55.16 -12.74 -25.79
CA LEU Q 46 -55.96 -12.82 -27.01
C LEU Q 46 -56.17 -11.43 -27.61
N PHE Q 47 -56.45 -10.45 -26.75
CA PHE Q 47 -56.62 -9.07 -27.18
C PHE Q 47 -55.47 -8.25 -26.61
N THR Q 48 -54.40 -8.15 -27.40
CA THR Q 48 -53.17 -7.48 -26.98
C THR Q 48 -52.97 -6.22 -27.81
N ASN Q 49 -52.65 -5.11 -27.14
CA ASN Q 49 -52.36 -3.87 -27.85
C ASN Q 49 -51.00 -3.91 -28.53
N ALA Q 50 -50.05 -4.64 -27.96
CA ALA Q 50 -48.71 -4.81 -28.53
C ALA Q 50 -47.95 -3.48 -28.62
N LYS Q 51 -48.45 -2.56 -29.44
CA LYS Q 51 -47.77 -1.28 -29.61
C LYS Q 51 -47.78 -0.46 -28.32
N THR Q 52 -48.85 -0.59 -27.54
CA THR Q 52 -49.02 0.20 -26.32
C THR Q 52 -48.71 -0.60 -25.06
N THR Q 53 -48.11 -1.78 -25.19
CA THR Q 53 -47.81 -2.63 -24.04
C THR Q 53 -46.31 -2.76 -23.86
N PRO Q 54 -45.77 -2.42 -22.69
CA PRO Q 54 -44.34 -2.58 -22.46
C PRO Q 54 -43.95 -4.03 -22.19
N GLY Q 55 -42.69 -4.25 -21.86
CA GLY Q 55 -42.20 -5.59 -21.59
C GLY Q 55 -42.71 -6.15 -20.27
N GLY Q 56 -42.23 -7.35 -19.95
CA GLY Q 56 -42.66 -8.03 -18.75
C GLY Q 56 -41.53 -8.48 -17.86
N GLY Q 57 -40.34 -7.89 -18.04
CA GLY Q 57 -39.21 -8.23 -17.21
C GLY Q 57 -38.28 -9.22 -17.86
N ALA Q 58 -37.55 -10.00 -17.06
CA ALA Q 58 -36.62 -10.99 -17.56
C ALA Q 58 -36.77 -12.27 -16.76
N GLN Q 59 -36.82 -13.41 -17.45
CA GLN Q 59 -37.01 -14.71 -16.84
C GLN Q 59 -35.80 -15.58 -17.11
N ALA Q 60 -35.33 -16.28 -16.08
CA ALA Q 60 -34.22 -17.22 -16.25
C ALA Q 60 -34.62 -18.35 -17.18
N SER Q 61 -33.77 -18.64 -18.17
CA SER Q 61 -34.05 -19.71 -19.11
C SER Q 61 -33.45 -21.03 -18.63
N GLN Q 62 -32.14 -21.07 -18.43
CA GLN Q 62 -31.48 -22.27 -17.97
C GLN Q 62 -30.10 -21.91 -17.44
N VAL Q 63 -29.58 -22.77 -16.58
CA VAL Q 63 -28.20 -22.67 -16.12
C VAL Q 63 -27.39 -23.71 -16.89
N ALA Q 64 -26.52 -23.25 -17.77
CA ALA Q 64 -25.77 -24.15 -18.62
C ALA Q 64 -24.73 -24.93 -17.82
N GLN Q 65 -24.13 -25.91 -18.47
CA GLN Q 65 -23.13 -26.80 -17.88
C GLN Q 65 -21.96 -26.95 -18.85
N GLN Q 66 -21.43 -25.83 -19.32
CA GLN Q 66 -20.37 -25.80 -20.32
C GLN Q 66 -19.33 -26.89 -20.07
N PHE Q 67 -19.15 -27.76 -21.06
CA PHE Q 67 -18.38 -28.99 -20.92
C PHE Q 67 -17.06 -28.93 -21.69
N HIS Q 68 -16.50 -27.74 -21.86
CA HIS Q 68 -15.24 -27.64 -22.56
C HIS Q 68 -14.12 -28.22 -21.70
N GLU Q 69 -13.11 -28.79 -22.37
CA GLU Q 69 -12.03 -29.48 -21.68
C GLU Q 69 -11.32 -28.57 -20.71
N GLY Q 70 -11.07 -29.09 -19.50
CA GLY Q 70 -10.34 -28.35 -18.49
C GLY Q 70 -8.85 -28.65 -18.50
N SER Q 71 -8.11 -27.86 -17.74
CA SER Q 71 -6.68 -28.04 -17.67
C SER Q 71 -6.33 -29.30 -16.87
N SER Q 72 -5.11 -29.79 -17.07
CA SER Q 72 -4.66 -31.03 -16.46
C SER Q 72 -3.47 -30.77 -15.57
N ILE Q 73 -3.47 -31.36 -14.38
CA ILE Q 73 -2.36 -31.28 -13.46
C ILE Q 73 -1.67 -32.63 -13.43
N TYR Q 74 -0.36 -32.61 -13.22
CA TYR Q 74 0.46 -33.80 -13.21
C TYR Q 74 0.85 -34.13 -11.78
N THR Q 75 0.34 -35.23 -11.27
CA THR Q 75 0.63 -35.67 -9.91
C THR Q 75 1.62 -36.82 -9.84
N ASN Q 76 2.02 -37.38 -10.99
CA ASN Q 76 2.93 -38.51 -11.06
C ASN Q 76 2.42 -39.71 -10.27
N ASN Q 77 1.11 -39.77 -10.03
CA ASN Q 77 0.50 -40.90 -9.34
C ASN Q 77 -0.31 -41.69 -10.34
N PRO Q 78 0.13 -42.88 -10.75
CA PRO Q 78 -0.54 -43.59 -11.86
C PRO Q 78 -1.98 -43.96 -11.57
N MET Q 79 -2.40 -43.98 -10.31
CA MET Q 79 -3.79 -44.25 -9.97
C MET Q 79 -4.71 -43.07 -10.29
N ASP Q 80 -4.16 -41.93 -10.68
CA ASP Q 80 -4.95 -40.79 -11.12
C ASP Q 80 -5.16 -40.88 -12.62
N LEU Q 81 -6.42 -40.75 -13.06
CA LEU Q 81 -6.77 -40.94 -14.45
C LEU Q 81 -7.51 -39.71 -14.98
N ARG Q 82 -7.32 -39.43 -16.26
CA ARG Q 82 -7.96 -38.31 -16.92
C ARG Q 82 -8.45 -38.76 -18.29
N VAL Q 83 -9.66 -38.31 -18.65
CA VAL Q 83 -10.25 -38.61 -19.95
C VAL Q 83 -9.97 -37.42 -20.86
N SER Q 84 -9.03 -37.59 -21.79
CA SER Q 84 -8.70 -36.55 -22.75
C SER Q 84 -9.61 -36.70 -23.95
N GLY Q 85 -10.51 -35.74 -24.15
CA GLY Q 85 -11.46 -35.82 -25.24
C GLY Q 85 -12.89 -35.94 -24.75
N THR Q 86 -13.67 -36.83 -25.37
CA THR Q 86 -15.06 -37.03 -25.01
C THR Q 86 -15.24 -38.36 -24.31
N GLY Q 87 -15.92 -38.35 -23.19
CA GLY Q 87 -16.21 -39.57 -22.45
C GLY Q 87 -16.16 -39.33 -20.95
N PHE Q 88 -16.97 -40.10 -20.23
CA PHE Q 88 -17.03 -40.02 -18.78
C PHE Q 88 -16.71 -41.37 -18.16
N PHE Q 89 -16.06 -41.34 -17.01
CA PHE Q 89 -15.90 -42.53 -16.20
C PHE Q 89 -17.25 -42.97 -15.65
N ALA Q 90 -17.40 -44.28 -15.45
CA ALA Q 90 -18.61 -44.85 -14.88
C ALA Q 90 -18.29 -45.46 -13.52
N VAL Q 91 -19.03 -45.04 -12.49
CA VAL Q 91 -18.82 -45.54 -11.14
C VAL Q 91 -20.16 -46.00 -10.58
N ALA Q 92 -20.14 -47.08 -9.80
CA ALA Q 92 -21.33 -47.66 -9.21
C ALA Q 92 -21.30 -47.51 -7.70
N LYS Q 93 -22.47 -47.24 -7.11
CA LYS Q 93 -22.55 -47.07 -5.66
C LYS Q 93 -22.18 -48.37 -4.93
N GLU Q 94 -22.69 -49.50 -5.42
CA GLU Q 94 -22.46 -50.80 -4.81
C GLU Q 94 -21.77 -51.72 -5.79
N ARG Q 95 -20.94 -52.63 -5.26
CA ARG Q 95 -20.22 -53.57 -6.11
C ARG Q 95 -21.18 -54.52 -6.80
N LEU Q 96 -22.20 -54.99 -6.10
CA LEU Q 96 -23.08 -56.04 -6.59
C LEU Q 96 -24.19 -55.54 -7.51
N THR Q 97 -24.30 -54.23 -7.72
CA THR Q 97 -25.31 -53.65 -8.59
C THR Q 97 -24.65 -52.70 -9.57
N PRO Q 98 -23.91 -53.22 -10.54
CA PRO Q 98 -23.26 -52.34 -11.52
C PRO Q 98 -24.24 -51.56 -12.37
N GLN Q 99 -25.51 -51.99 -12.44
CA GLN Q 99 -26.49 -51.25 -13.23
C GLN Q 99 -26.68 -49.84 -12.70
N GLN Q 100 -26.78 -49.69 -11.39
CA GLN Q 100 -26.92 -48.38 -10.76
C GLN Q 100 -25.56 -47.69 -10.81
N ASN Q 101 -25.36 -46.84 -11.81
CA ASN Q 101 -24.07 -46.21 -12.04
C ASN Q 101 -24.26 -44.74 -12.36
N GLU Q 102 -23.21 -43.97 -12.11
CA GLU Q 102 -23.20 -42.54 -12.38
C GLU Q 102 -21.92 -42.17 -13.11
N LEU Q 103 -21.99 -41.07 -13.86
CA LEU Q 103 -20.87 -40.62 -14.67
C LEU Q 103 -20.05 -39.60 -13.90
N THR Q 104 -18.74 -39.64 -14.10
CA THR Q 104 -17.82 -38.75 -13.41
C THR Q 104 -16.66 -38.41 -14.32
N ARG Q 105 -15.88 -37.42 -13.91
CA ARG Q 105 -14.71 -36.99 -14.66
C ARG Q 105 -13.41 -37.00 -13.88
N ASN Q 106 -13.44 -36.90 -12.56
CA ASN Q 106 -12.22 -36.93 -11.76
C ASN Q 106 -11.67 -38.35 -11.71
N GLY Q 107 -10.36 -38.45 -11.45
CA GLY Q 107 -9.71 -39.74 -11.43
C GLY Q 107 -8.98 -40.06 -10.15
N ALA Q 108 -9.45 -39.55 -9.02
CA ALA Q 108 -8.82 -39.81 -7.73
C ALA Q 108 -9.20 -41.22 -7.29
N PHE Q 109 -8.46 -42.20 -7.80
CA PHE Q 109 -8.75 -43.60 -7.55
C PHE Q 109 -7.74 -44.22 -6.61
N HIS Q 110 -8.19 -45.25 -5.88
CA HIS Q 110 -7.30 -46.01 -5.01
C HIS Q 110 -7.94 -47.37 -4.76
N LEU Q 111 -7.11 -48.31 -4.31
CA LEU Q 111 -7.59 -49.65 -3.98
C LEU Q 111 -8.24 -49.63 -2.60
N ASN Q 112 -9.37 -50.33 -2.48
CA ASN Q 112 -10.02 -50.47 -1.19
C ASN Q 112 -9.46 -51.71 -0.49
N LYS Q 113 -10.09 -52.12 0.62
CA LYS Q 113 -9.62 -53.29 1.35
C LYS Q 113 -9.82 -54.58 0.57
N GLU Q 114 -10.67 -54.57 -0.46
CA GLU Q 114 -10.91 -55.75 -1.29
C GLU Q 114 -10.15 -55.69 -2.61
N ASN Q 115 -9.19 -54.76 -2.74
CA ASN Q 115 -8.41 -54.59 -3.96
C ASN Q 115 -9.31 -54.24 -5.16
N TYR Q 116 -10.30 -53.40 -4.94
CA TYR Q 116 -11.11 -52.84 -6.02
C TYR Q 116 -10.81 -51.35 -6.14
N MET Q 117 -10.75 -50.87 -7.38
CA MET Q 117 -10.51 -49.46 -7.62
C MET Q 117 -11.78 -48.67 -7.30
N VAL Q 118 -11.66 -47.73 -6.37
CA VAL Q 118 -12.80 -46.93 -5.91
C VAL Q 118 -12.43 -45.46 -5.96
N THR Q 119 -13.44 -44.61 -5.92
CA THR Q 119 -13.25 -43.17 -5.86
C THR Q 119 -13.03 -42.75 -4.40
N ALA Q 120 -13.06 -41.44 -4.15
CA ALA Q 120 -12.89 -40.95 -2.79
C ALA Q 120 -14.03 -41.42 -1.88
N ASN Q 121 -15.25 -41.47 -2.41
CA ASN Q 121 -16.42 -41.89 -1.66
C ASN Q 121 -16.61 -43.40 -1.65
N ASP Q 122 -15.56 -44.17 -1.96
CA ASP Q 122 -15.64 -45.63 -2.00
C ASP Q 122 -16.71 -46.10 -2.97
N GLU Q 123 -16.76 -45.44 -4.13
CA GLU Q 123 -17.63 -45.85 -5.23
C GLU Q 123 -16.81 -46.61 -6.25
N PHE Q 124 -17.22 -47.84 -6.56
CA PHE Q 124 -16.42 -48.71 -7.41
C PHE Q 124 -16.40 -48.21 -8.85
N LEU Q 125 -15.24 -48.34 -9.49
CA LEU Q 125 -15.07 -47.95 -10.88
C LEU Q 125 -15.44 -49.12 -11.78
N LEU Q 126 -16.32 -48.86 -12.74
CA LEU Q 126 -16.83 -49.90 -13.62
C LEU Q 126 -15.88 -50.15 -14.78
N GLY Q 127 -15.66 -51.43 -15.08
CA GLY Q 127 -14.74 -51.81 -16.14
C GLY Q 127 -15.25 -53.02 -16.90
N TYR Q 128 -14.56 -53.33 -17.99
CA TYR Q 128 -14.92 -54.44 -18.85
C TYR Q 128 -14.08 -55.67 -18.52
N GLN Q 129 -14.31 -56.74 -19.27
CA GLN Q 129 -13.58 -57.99 -19.10
C GLN Q 129 -13.00 -58.40 -20.46
N VAL Q 130 -11.69 -58.38 -20.57
CA VAL Q 130 -11.01 -58.69 -21.83
C VAL Q 130 -10.67 -60.17 -21.89
N ASP Q 131 -10.40 -60.65 -23.11
CA ASP Q 131 -10.00 -62.03 -23.33
C ASP Q 131 -8.55 -62.25 -22.90
N PRO Q 132 -8.21 -63.48 -22.48
CA PRO Q 132 -6.81 -63.74 -22.11
C PRO Q 132 -5.82 -63.46 -23.22
N SER Q 133 -6.17 -63.81 -24.46
CA SER Q 133 -5.29 -63.58 -25.61
C SER Q 133 -5.81 -62.46 -26.51
N SER Q 134 -7.08 -62.53 -26.91
CA SER Q 134 -7.64 -61.53 -27.82
C SER Q 134 -7.75 -60.18 -27.12
N GLY Q 135 -7.25 -59.14 -27.79
CA GLY Q 135 -7.31 -57.80 -27.23
C GLY Q 135 -8.73 -57.27 -27.10
N GLU Q 136 -9.61 -57.63 -28.03
CA GLU Q 136 -10.98 -57.13 -27.98
C GLU Q 136 -11.69 -57.62 -26.73
N VAL Q 137 -12.49 -56.74 -26.14
CA VAL Q 137 -13.31 -57.10 -24.99
C VAL Q 137 -14.50 -57.91 -25.45
N SER Q 138 -14.75 -59.03 -24.78
CA SER Q 138 -15.83 -59.93 -25.20
C SER Q 138 -17.18 -59.39 -24.79
N SER Q 139 -17.43 -59.26 -23.49
CA SER Q 139 -18.71 -58.82 -22.99
C SER Q 139 -18.66 -57.33 -22.64
N TYR Q 140 -19.68 -56.60 -23.08
CA TYR Q 140 -19.72 -55.16 -22.92
C TYR Q 140 -20.48 -54.71 -21.67
N GLU Q 141 -20.91 -55.66 -20.84
CA GLU Q 141 -21.56 -55.27 -19.60
C GLU Q 141 -20.52 -54.72 -18.61
N PRO Q 142 -20.90 -53.75 -17.79
CA PRO Q 142 -19.94 -53.18 -16.83
C PRO Q 142 -19.85 -54.01 -15.56
N GLN Q 143 -18.63 -54.18 -15.08
CA GLN Q 143 -18.37 -54.87 -13.82
C GLN Q 143 -17.23 -54.18 -13.09
N PRO Q 144 -17.21 -54.27 -11.76
CA PRO Q 144 -16.13 -53.63 -11.00
C PRO Q 144 -14.76 -54.21 -11.36
N ILE Q 145 -13.75 -53.36 -11.31
CA ILE Q 145 -12.38 -53.75 -11.62
C ILE Q 145 -11.71 -54.26 -10.36
N ASN Q 146 -11.17 -55.47 -10.41
CA ASN Q 146 -10.47 -56.07 -9.30
C ASN Q 146 -9.01 -56.28 -9.67
N ILE Q 147 -8.12 -56.05 -8.72
CA ILE Q 147 -6.68 -56.20 -8.95
C ILE Q 147 -6.13 -57.21 -7.94
N PRO Q 148 -6.24 -58.50 -8.22
CA PRO Q 148 -5.76 -59.51 -7.26
C PRO Q 148 -4.26 -59.39 -7.05
N ALA Q 149 -3.82 -59.69 -5.84
CA ALA Q 149 -2.41 -59.65 -5.50
C ALA Q 149 -1.71 -60.99 -5.73
N GLU Q 150 -2.44 -62.01 -6.16
CA GLU Q 150 -1.85 -63.33 -6.39
C GLU Q 150 -2.36 -63.90 -7.71
N PHE Q 151 -1.44 -64.49 -8.47
CA PHE Q 151 -1.80 -65.24 -9.68
C PHE Q 151 -2.09 -66.69 -9.28
N GLY Q 152 -3.18 -66.84 -8.53
CA GLY Q 152 -3.50 -68.12 -7.92
C GLY Q 152 -4.12 -69.13 -8.86
N LYS Q 153 -3.40 -69.50 -9.90
CA LYS Q 153 -3.86 -70.54 -10.81
C LYS Q 153 -2.68 -71.11 -11.59
N PRO Q 154 -1.97 -72.09 -11.02
CA PRO Q 154 -0.86 -72.72 -11.77
C PRO Q 154 -1.32 -73.29 -13.09
N LYS Q 155 -0.80 -72.75 -14.18
CA LYS Q 155 -1.24 -73.10 -15.53
C LYS Q 155 -0.29 -74.13 -16.11
N GLN Q 156 -0.84 -75.28 -16.49
CA GLN Q 156 -0.03 -76.35 -17.06
C GLN Q 156 0.43 -75.98 -18.47
N THR Q 157 1.59 -76.51 -18.85
CA THR Q 157 2.14 -76.28 -20.18
C THR Q 157 1.35 -77.10 -21.20
N ALA Q 158 0.82 -76.43 -22.23
CA ALA Q 158 0.02 -77.10 -23.22
C ALA Q 158 0.57 -76.90 -24.63
N ASN Q 159 1.06 -75.69 -24.93
CA ASN Q 159 1.58 -75.37 -26.26
C ASN Q 159 3.02 -74.92 -26.12
N ILE Q 160 3.90 -75.51 -26.93
CA ILE Q 160 5.32 -75.19 -26.94
C ILE Q 160 5.70 -74.82 -28.36
N GLU Q 161 6.18 -73.60 -28.56
CA GLU Q 161 6.64 -73.14 -29.86
C GLU Q 161 8.16 -73.10 -29.86
N VAL Q 162 8.77 -73.87 -30.77
CA VAL Q 162 10.22 -73.97 -30.87
C VAL Q 162 10.62 -73.66 -32.31
N GLY Q 163 11.52 -72.71 -32.48
CA GLY Q 163 12.09 -72.43 -33.79
C GLY Q 163 13.60 -72.56 -33.77
N VAL Q 164 14.13 -73.56 -34.50
CA VAL Q 164 15.56 -73.82 -34.50
C VAL Q 164 16.05 -73.89 -35.94
N ASN Q 165 17.35 -73.69 -36.09
CA ASN Q 165 18.04 -73.83 -37.37
C ASN Q 165 18.96 -75.04 -37.29
N LEU Q 166 18.79 -75.97 -38.23
CA LEU Q 166 19.61 -77.16 -38.10
C LEU Q 166 20.80 -77.10 -39.06
N PRO Q 167 21.94 -77.63 -38.64
CA PRO Q 167 23.13 -77.60 -39.53
C PRO Q 167 22.92 -78.53 -40.72
N ALA Q 168 22.97 -77.95 -41.92
CA ALA Q 168 22.79 -78.73 -43.13
C ALA Q 168 23.99 -79.62 -43.42
N ASN Q 169 25.16 -79.29 -42.87
CA ASN Q 169 26.37 -80.08 -43.05
C ASN Q 169 26.59 -81.07 -41.91
N GLY Q 170 25.61 -81.28 -41.05
CA GLY Q 170 25.77 -82.21 -39.96
C GLY Q 170 25.94 -83.64 -40.45
N ASP Q 171 26.67 -84.43 -39.67
CA ASP Q 171 26.93 -85.82 -40.03
C ASP Q 171 25.65 -86.64 -39.98
N LEU Q 172 25.52 -87.57 -40.91
CA LEU Q 172 24.35 -88.45 -40.95
C LEU Q 172 24.41 -89.46 -39.81
N LYS Q 173 23.23 -89.88 -39.37
CA LYS Q 173 23.10 -90.83 -38.28
C LYS Q 173 22.08 -91.90 -38.65
N ASP Q 174 22.17 -93.04 -37.97
CA ASP Q 174 21.27 -94.16 -38.24
C ASP Q 174 20.00 -93.99 -37.42
N PRO Q 175 18.84 -93.83 -38.06
CA PRO Q 175 17.60 -93.70 -37.27
C PRO Q 175 17.29 -94.90 -36.40
N THR Q 176 17.63 -96.10 -36.86
CA THR Q 176 17.33 -97.31 -36.09
C THR Q 176 18.24 -97.48 -34.88
N GLN Q 177 19.36 -96.76 -34.82
CA GLN Q 177 20.30 -96.85 -33.71
C GLN Q 177 20.12 -95.73 -32.70
N PHE Q 178 19.03 -94.97 -32.80
CA PHE Q 178 18.83 -93.83 -31.90
C PHE Q 178 18.63 -94.32 -30.47
N ASP Q 179 19.31 -93.66 -29.52
CA ASP Q 179 19.18 -93.98 -28.11
C ASP Q 179 19.58 -92.75 -27.31
N PHE Q 180 18.64 -92.23 -26.53
CA PHE Q 180 18.91 -91.00 -25.78
C PHE Q 180 20.02 -91.18 -24.75
N SER Q 181 20.32 -92.42 -24.36
CA SER Q 181 21.40 -92.66 -23.42
C SER Q 181 22.78 -92.53 -24.05
N ASP Q 182 22.87 -92.62 -25.37
CA ASP Q 182 24.16 -92.53 -26.06
C ASP Q 182 24.21 -91.24 -26.87
N PRO Q 183 25.06 -90.28 -26.50
CA PRO Q 183 25.12 -89.02 -27.27
C PRO Q 183 25.51 -89.21 -28.72
N ASP Q 184 26.36 -90.19 -29.02
CA ASP Q 184 26.85 -90.36 -30.39
C ASP Q 184 25.78 -90.88 -31.35
N THR Q 185 24.66 -91.39 -30.84
CA THR Q 185 23.62 -91.90 -31.73
C THR Q 185 22.85 -90.78 -32.40
N TYR Q 186 22.69 -89.64 -31.74
CA TYR Q 186 21.97 -88.50 -32.29
C TYR Q 186 22.95 -87.36 -32.56
N ASN Q 187 22.41 -86.22 -33.00
CA ASN Q 187 23.21 -85.06 -33.36
C ASN Q 187 23.25 -84.03 -32.24
N ARG Q 188 22.08 -83.52 -31.84
CA ARG Q 188 22.01 -82.42 -30.89
C ARG Q 188 20.95 -82.72 -29.84
N SER Q 189 21.13 -82.13 -28.66
CA SER Q 189 20.20 -82.29 -27.54
C SER Q 189 20.04 -80.96 -26.84
N THR Q 190 18.79 -80.57 -26.58
CA THR Q 190 18.49 -79.33 -25.89
C THR Q 190 17.59 -79.62 -24.70
N SER Q 191 17.68 -78.76 -23.69
CA SER Q 191 16.92 -78.92 -22.46
C SER Q 191 15.99 -77.72 -22.26
N SER Q 192 14.84 -77.98 -21.66
CA SER Q 192 13.87 -76.93 -21.39
C SER Q 192 13.01 -77.37 -20.21
N THR Q 193 12.29 -76.39 -19.64
CA THR Q 193 11.50 -76.62 -18.44
C THR Q 193 10.01 -76.48 -18.77
N ILE Q 194 9.21 -77.40 -18.24
CA ILE Q 194 7.76 -77.37 -18.39
C ILE Q 194 7.14 -77.52 -17.02
N TYR Q 195 5.87 -77.10 -16.92
CA TYR Q 195 5.14 -77.10 -15.66
C TYR Q 195 3.86 -77.91 -15.81
N ASP Q 196 3.53 -78.66 -14.77
CA ASP Q 196 2.31 -79.47 -14.76
C ASP Q 196 1.16 -78.65 -14.16
N SER Q 197 0.06 -79.31 -13.83
CA SER Q 197 -1.10 -78.62 -13.28
C SER Q 197 -0.79 -77.99 -11.93
N MET Q 198 -0.04 -78.66 -11.08
CA MET Q 198 0.28 -78.17 -9.75
C MET Q 198 1.46 -77.23 -9.71
N GLY Q 199 2.08 -76.95 -10.87
CA GLY Q 199 3.21 -76.05 -10.93
C GLY Q 199 4.56 -76.69 -10.71
N GLN Q 200 4.63 -78.01 -10.57
CA GLN Q 200 5.91 -78.69 -10.47
C GLN Q 200 6.69 -78.54 -11.78
N SER Q 201 7.98 -78.24 -11.66
CA SER Q 201 8.82 -78.02 -12.82
C SER Q 201 9.39 -79.35 -13.31
N TYR Q 202 9.26 -79.61 -14.61
CA TYR Q 202 9.81 -80.80 -15.24
C TYR Q 202 10.79 -80.39 -16.33
N LYS Q 203 11.84 -81.19 -16.48
CA LYS Q 203 12.89 -80.92 -17.46
C LYS Q 203 12.57 -81.67 -18.73
N LEU Q 204 12.41 -80.94 -19.83
CA LEU Q 204 12.10 -81.50 -21.13
C LEU Q 204 13.34 -81.45 -22.00
N THR Q 205 13.79 -82.61 -22.46
CA THR Q 205 14.97 -82.72 -23.30
C THR Q 205 14.57 -83.17 -24.70
N THR Q 206 15.01 -82.43 -25.71
CA THR Q 206 14.69 -82.71 -27.11
C THR Q 206 15.95 -83.15 -27.84
N TYR Q 207 15.87 -84.25 -28.55
CA TYR Q 207 17.00 -84.81 -29.30
C TYR Q 207 16.73 -84.68 -30.79
N TYR Q 208 17.70 -84.15 -31.52
CA TYR Q 208 17.60 -83.97 -32.97
C TYR Q 208 18.56 -84.93 -33.66
N LEU Q 209 18.04 -85.68 -34.62
CA LEU Q 209 18.80 -86.69 -35.34
C LEU Q 209 18.63 -86.49 -36.84
N LYS Q 210 19.73 -86.50 -37.57
CA LYS Q 210 19.72 -86.29 -39.01
C LYS Q 210 19.60 -87.64 -39.72
N ASP Q 211 18.60 -87.78 -40.57
CA ASP Q 211 18.37 -89.04 -41.25
C ASP Q 211 19.46 -89.29 -42.30
N GLN Q 212 19.90 -90.54 -42.38
CA GLN Q 212 20.90 -90.95 -43.35
C GLN Q 212 20.27 -91.44 -44.65
N THR Q 213 19.17 -92.18 -44.57
CA THR Q 213 18.53 -92.71 -45.76
C THR Q 213 17.97 -91.60 -46.64
N GLN Q 214 17.31 -90.61 -46.02
CA GLN Q 214 16.63 -89.56 -46.76
C GLN Q 214 17.35 -88.24 -46.57
N PRO Q 215 17.82 -87.59 -47.64
CA PRO Q 215 18.46 -86.29 -47.49
C PRO Q 215 17.47 -85.22 -47.05
N ASN Q 216 17.98 -84.23 -46.32
CA ASN Q 216 17.17 -83.12 -45.80
C ASN Q 216 16.00 -83.64 -44.97
N THR Q 217 16.26 -84.66 -44.16
CA THR Q 217 15.25 -85.25 -43.29
C THR Q 217 15.83 -85.40 -41.90
N TRP Q 218 15.04 -85.03 -40.89
CA TRP Q 218 15.48 -85.07 -39.51
C TRP Q 218 14.45 -85.80 -38.66
N ASN Q 219 14.94 -86.44 -37.59
CA ASN Q 219 14.09 -87.11 -36.62
C ASN Q 219 14.23 -86.41 -35.27
N THR Q 220 13.09 -86.20 -34.60
CA THR Q 220 13.05 -85.49 -33.34
C THR Q 220 12.42 -86.38 -32.28
N TYR Q 221 13.06 -86.44 -31.11
CA TYR Q 221 12.58 -87.23 -29.99
C TYR Q 221 12.60 -86.40 -28.72
N TYR Q 222 11.72 -86.76 -27.78
CA TYR Q 222 11.54 -85.99 -26.56
C TYR Q 222 11.61 -86.91 -25.36
N THR Q 223 12.17 -86.40 -24.26
CA THR Q 223 12.27 -87.13 -23.00
C THR Q 223 11.91 -86.21 -21.86
N VAL Q 224 11.39 -86.79 -20.78
CA VAL Q 224 11.01 -86.06 -19.58
C VAL Q 224 11.85 -86.60 -18.42
N THR Q 225 12.48 -85.70 -17.68
CA THR Q 225 13.36 -86.06 -16.57
C THR Q 225 12.70 -85.65 -15.26
N ASP Q 226 12.08 -86.61 -14.58
CA ASP Q 226 11.53 -86.42 -13.26
C ASP Q 226 12.53 -86.92 -12.22
N LYS Q 227 12.08 -86.98 -10.96
CA LYS Q 227 12.97 -87.46 -9.90
C LYS Q 227 13.29 -88.93 -10.03
N GLU Q 228 12.34 -89.73 -10.54
CA GLU Q 228 12.59 -91.16 -10.71
C GLU Q 228 13.69 -91.40 -11.74
N GLY Q 229 13.65 -90.66 -12.84
CA GLY Q 229 14.64 -90.82 -13.89
C GLY Q 229 14.16 -90.14 -15.16
N GLU Q 230 14.87 -90.41 -16.25
CA GLU Q 230 14.56 -89.83 -17.55
C GLU Q 230 13.74 -90.84 -18.34
N LYS Q 231 12.51 -90.49 -18.65
CA LYS Q 231 11.59 -91.38 -19.36
C LYS Q 231 11.27 -90.81 -20.73
N PRO Q 232 11.38 -91.61 -21.78
CA PRO Q 232 11.06 -91.11 -23.12
C PRO Q 232 9.58 -90.79 -23.27
N LEU Q 233 9.30 -89.82 -24.14
CA LEU Q 233 7.94 -89.39 -24.44
C LEU Q 233 7.62 -89.70 -25.89
N ASN Q 234 6.45 -90.30 -26.12
CA ASN Q 234 6.05 -90.74 -27.44
C ASN Q 234 5.04 -89.79 -28.06
N VAL Q 235 5.16 -89.57 -29.36
CA VAL Q 235 4.22 -88.74 -30.11
C VAL Q 235 3.04 -89.61 -30.52
N ALA Q 236 1.85 -89.01 -30.56
CA ALA Q 236 0.64 -89.78 -30.81
C ALA Q 236 0.66 -90.44 -32.18
N ALA Q 237 1.08 -89.70 -33.20
CA ALA Q 237 1.09 -90.21 -34.57
C ALA Q 237 2.40 -89.91 -35.27
N GLY Q 238 3.50 -89.85 -34.52
CA GLY Q 238 4.79 -89.58 -35.13
C GLY Q 238 5.25 -90.75 -35.99
N ASP Q 239 5.79 -90.42 -37.17
CA ASP Q 239 6.22 -91.42 -38.13
C ASP Q 239 7.70 -91.75 -37.99
N ALA Q 240 8.13 -92.06 -36.77
CA ALA Q 240 9.53 -92.45 -36.52
C ALA Q 240 9.55 -93.37 -35.31
N GLN Q 241 9.58 -94.67 -35.57
CA GLN Q 241 9.49 -95.69 -34.53
C GLN Q 241 10.82 -96.41 -34.41
N THR Q 242 11.50 -96.22 -33.29
CA THR Q 242 12.72 -96.94 -33.02
C THR Q 242 12.41 -98.39 -32.66
N PRO Q 243 13.37 -99.30 -32.82
CA PRO Q 243 13.14 -100.70 -32.41
C PRO Q 243 12.77 -100.84 -30.95
N THR Q 244 13.30 -99.98 -30.07
CA THR Q 244 12.92 -100.04 -28.67
C THR Q 244 11.44 -99.74 -28.48
N GLY Q 245 10.92 -98.76 -29.21
CA GLY Q 245 9.51 -98.39 -29.09
C GLY Q 245 9.29 -96.89 -28.99
N HIS Q 246 10.38 -96.14 -28.83
CA HIS Q 246 10.27 -94.69 -28.75
C HIS Q 246 9.79 -94.13 -30.09
N VAL Q 247 8.81 -93.24 -30.03
CA VAL Q 247 8.14 -92.71 -31.22
C VAL Q 247 8.42 -91.22 -31.31
N GLY Q 248 9.16 -90.82 -32.34
CA GLY Q 248 9.38 -89.42 -32.66
C GLY Q 248 8.65 -89.01 -33.92
N HIS Q 249 8.99 -87.82 -34.41
CA HIS Q 249 8.39 -87.27 -35.62
C HIS Q 249 9.49 -86.84 -36.58
N THR Q 250 9.16 -86.88 -37.87
CA THR Q 250 10.11 -86.58 -38.92
C THR Q 250 9.89 -85.18 -39.47
N MET Q 251 10.98 -84.50 -39.81
CA MET Q 251 10.95 -83.16 -40.36
C MET Q 251 11.66 -83.14 -41.71
N LYS Q 252 11.04 -82.48 -42.69
CA LYS Q 252 11.58 -82.40 -44.05
C LYS Q 252 11.67 -80.94 -44.48
N PHE Q 253 12.64 -80.66 -45.35
CA PHE Q 253 12.92 -79.29 -45.78
C PHE Q 253 13.05 -79.23 -47.30
N ASN Q 254 12.81 -78.04 -47.85
CA ASN Q 254 12.85 -77.83 -49.29
C ASN Q 254 14.29 -77.58 -49.74
N ASN Q 255 14.45 -77.19 -51.00
CA ASN Q 255 15.78 -76.93 -51.54
C ASN Q 255 16.39 -75.66 -50.96
N ASP Q 256 15.56 -74.65 -50.71
CA ASP Q 256 16.05 -73.39 -50.18
C ASP Q 256 16.32 -73.43 -48.68
N GLY Q 257 16.13 -74.58 -48.03
CA GLY Q 257 16.35 -74.71 -46.61
C GLY Q 257 15.16 -74.38 -45.74
N THR Q 258 14.05 -73.93 -46.32
CA THR Q 258 12.86 -73.63 -45.54
C THR Q 258 12.15 -74.92 -45.16
N LEU Q 259 11.12 -74.79 -44.32
CA LEU Q 259 10.37 -75.95 -43.85
C LEU Q 259 9.44 -76.46 -44.93
N ALA Q 260 9.43 -77.78 -45.12
CA ALA Q 260 8.58 -78.42 -46.12
C ALA Q 260 7.37 -79.11 -45.49
N SER Q 261 7.61 -80.04 -44.56
CA SER Q 261 6.53 -80.79 -43.94
C SER Q 261 6.96 -81.23 -42.55
N LEU Q 262 5.98 -81.53 -41.70
CA LEU Q 262 6.20 -81.95 -40.32
C LEU Q 262 5.30 -83.13 -40.01
N ASN Q 263 5.92 -84.28 -39.72
CA ASN Q 263 5.19 -85.49 -39.33
C ASN Q 263 4.10 -85.84 -40.33
N ASN Q 264 4.46 -85.81 -41.62
CA ASN Q 264 3.54 -86.07 -42.72
C ASN Q 264 2.34 -85.13 -42.70
N GLY Q 265 2.57 -83.88 -42.30
CA GLY Q 265 1.50 -82.90 -42.27
C GLY Q 265 0.55 -83.01 -41.11
N GLN Q 266 0.81 -83.89 -40.15
CA GLN Q 266 -0.08 -84.04 -39.03
C GLN Q 266 0.40 -83.21 -37.84
N PRO Q 267 -0.51 -82.74 -36.99
CA PRO Q 267 -0.09 -82.00 -35.80
C PRO Q 267 0.69 -82.90 -34.86
N ILE Q 268 1.66 -82.28 -34.17
CA ILE Q 268 2.53 -83.01 -33.25
C ILE Q 268 1.94 -82.87 -31.85
N THR Q 269 1.30 -83.92 -31.37
CA THR Q 269 0.74 -83.97 -30.03
C THR Q 269 1.29 -85.19 -29.31
N SER Q 270 1.90 -84.96 -28.15
CA SER Q 270 2.47 -86.06 -27.37
C SER Q 270 1.38 -86.78 -26.57
N VAL Q 271 1.70 -87.99 -26.14
CA VAL Q 271 0.79 -88.78 -25.33
C VAL Q 271 0.73 -88.21 -23.92
N ALA Q 272 -0.24 -88.65 -23.14
CA ALA Q 272 -0.37 -88.18 -21.76
C ALA Q 272 0.86 -88.57 -20.95
N LEU Q 273 1.35 -87.63 -20.13
CA LEU Q 273 2.58 -87.85 -19.40
C LEU Q 273 2.44 -88.95 -18.36
N GLY Q 274 1.38 -88.89 -17.55
CA GLY Q 274 1.26 -89.77 -16.42
C GLY Q 274 0.15 -90.80 -16.52
N ASP Q 275 -0.35 -91.04 -17.73
CA ASP Q 275 -1.41 -92.03 -17.92
C ASP Q 275 -0.81 -93.32 -18.44
N PRO Q 276 -0.80 -94.40 -17.66
CA PRO Q 276 -0.27 -95.67 -18.17
C PRO Q 276 -1.09 -96.26 -19.31
N ALA Q 277 -2.34 -95.83 -19.47
CA ALA Q 277 -3.21 -96.38 -20.51
C ALA Q 277 -2.74 -96.05 -21.92
N THR Q 278 -1.95 -94.97 -22.09
CA THR Q 278 -1.44 -94.59 -23.40
C THR Q 278 0.06 -94.42 -23.45
N ASN Q 279 0.77 -94.53 -22.32
CA ASN Q 279 2.21 -94.33 -22.28
C ASN Q 279 2.85 -95.56 -21.64
N THR Q 280 3.90 -96.08 -22.29
CA THR Q 280 4.61 -97.23 -21.73
C THR Q 280 5.52 -96.83 -20.58
N THR Q 281 5.90 -95.55 -20.50
CA THR Q 281 6.75 -95.03 -19.43
C THR Q 281 6.04 -93.82 -18.82
N PRO Q 282 5.05 -94.05 -17.97
CA PRO Q 282 4.28 -92.93 -17.39
C PRO Q 282 5.18 -92.03 -16.56
N VAL Q 283 5.01 -90.72 -16.74
CA VAL Q 283 5.75 -89.76 -15.94
C VAL Q 283 5.10 -89.62 -14.57
N ASP Q 284 5.93 -89.62 -13.52
CA ASP Q 284 5.42 -89.53 -12.16
C ASP Q 284 4.94 -88.12 -11.87
N MET Q 285 3.65 -87.87 -12.06
CA MET Q 285 3.09 -86.53 -11.85
C MET Q 285 3.09 -86.14 -10.38
N ASN Q 286 3.25 -87.09 -9.46
CA ASN Q 286 3.27 -86.83 -8.02
C ASN Q 286 2.00 -86.11 -7.57
N GLY Q 287 0.85 -86.54 -8.11
CA GLY Q 287 -0.43 -85.97 -7.76
C GLY Q 287 -0.98 -84.97 -8.77
N ALA Q 288 -0.21 -84.63 -9.80
CA ALA Q 288 -0.69 -83.72 -10.82
C ALA Q 288 -1.62 -84.44 -11.80
N ASP Q 289 -2.14 -83.69 -12.76
CA ASP Q 289 -3.04 -84.26 -13.75
C ASP Q 289 -2.27 -85.20 -14.68
N PRO Q 290 -2.66 -86.48 -14.75
CA PRO Q 290 -1.94 -87.42 -15.61
C PRO Q 290 -2.28 -87.30 -17.08
N ALA Q 291 -3.35 -86.59 -17.43
CA ALA Q 291 -3.81 -86.48 -18.80
C ALA Q 291 -3.25 -85.25 -19.52
N GLN Q 292 -2.19 -84.65 -19.00
CA GLN Q 292 -1.62 -83.48 -19.65
C GLN Q 292 -1.04 -83.85 -21.01
N THR Q 293 -1.32 -83.00 -22.00
CA THR Q 293 -0.85 -83.21 -23.36
C THR Q 293 -0.09 -81.99 -23.83
N LEU Q 294 0.93 -82.22 -24.67
CA LEU Q 294 1.79 -81.16 -25.16
C LEU Q 294 1.64 -81.05 -26.67
N ASN Q 295 1.51 -79.82 -27.15
CA ASN Q 295 1.45 -79.52 -28.58
C ASN Q 295 2.72 -78.78 -28.97
N PHE Q 296 3.43 -79.30 -29.97
CA PHE Q 296 4.68 -78.72 -30.42
C PHE Q 296 4.44 -77.96 -31.72
N GLY Q 297 4.83 -76.69 -31.74
CA GLY Q 297 4.74 -75.91 -32.96
C GLY Q 297 6.10 -75.54 -33.48
N LEU Q 298 6.51 -76.16 -34.59
CA LEU Q 298 7.82 -75.95 -35.19
C LEU Q 298 7.68 -75.41 -36.61
N GLY Q 299 6.76 -74.46 -36.80
CA GLY Q 299 6.53 -73.91 -38.12
C GLY Q 299 7.62 -72.99 -38.63
N SER Q 300 8.58 -72.63 -37.77
CA SER Q 300 9.68 -71.75 -38.15
C SER Q 300 11.01 -72.48 -38.27
N ALA Q 301 10.99 -73.81 -38.23
CA ALA Q 301 12.23 -74.58 -38.29
C ALA Q 301 12.89 -74.42 -39.66
N THR Q 302 14.21 -74.30 -39.65
CA THR Q 302 14.98 -74.11 -40.87
C THR Q 302 16.21 -75.00 -40.83
N GLN Q 303 16.76 -75.25 -42.02
CA GLN Q 303 18.02 -75.98 -42.17
C GLN Q 303 18.91 -75.21 -43.13
N PHE Q 304 19.90 -74.50 -42.59
CA PHE Q 304 20.83 -73.71 -43.37
C PHE Q 304 22.26 -74.16 -43.09
N ALA Q 305 23.22 -73.44 -43.66
CA ALA Q 305 24.62 -73.74 -43.43
C ALA Q 305 25.09 -73.32 -42.04
N ALA Q 306 24.32 -72.51 -41.34
CA ALA Q 306 24.70 -72.06 -40.01
C ALA Q 306 24.67 -73.24 -39.04
N PRO Q 307 25.46 -73.17 -37.96
CA PRO Q 307 25.48 -74.28 -37.00
C PRO Q 307 24.15 -74.42 -36.25
N PHE Q 308 24.05 -75.44 -35.40
CA PHE Q 308 22.84 -75.64 -34.61
C PHE Q 308 22.62 -74.45 -33.68
N GLU Q 309 21.37 -73.99 -33.63
CA GLU Q 309 21.06 -72.78 -32.88
C GLU Q 309 19.60 -72.82 -32.43
N LEU Q 310 19.36 -72.46 -31.18
CA LEU Q 310 18.03 -72.37 -30.61
C LEU Q 310 17.59 -70.92 -30.69
N THR Q 311 16.93 -70.57 -31.79
CA THR Q 311 16.58 -69.17 -32.03
C THR Q 311 15.44 -68.72 -31.11
N LYS Q 312 14.39 -69.53 -30.98
CA LYS Q 312 13.21 -69.12 -30.25
C LYS Q 312 12.64 -70.29 -29.47
N PHE Q 313 12.21 -70.03 -28.24
CA PHE Q 313 11.51 -71.02 -27.42
C PHE Q 313 10.40 -70.32 -26.66
N ASP Q 314 9.16 -70.73 -26.90
CA ASP Q 314 8.00 -70.15 -26.26
C ASP Q 314 7.08 -71.25 -25.76
N GLU Q 315 6.53 -71.06 -24.56
CA GLU Q 315 5.59 -71.99 -23.96
C GLU Q 315 4.42 -71.20 -23.37
N ASP Q 316 3.44 -71.92 -22.84
CA ASP Q 316 2.27 -71.31 -22.22
C ASP Q 316 2.13 -71.72 -20.75
N GLY Q 317 3.17 -72.30 -20.16
CA GLY Q 317 3.12 -72.68 -18.77
C GLY Q 317 3.26 -71.49 -17.84
N ALA Q 318 2.88 -71.71 -16.58
CA ALA Q 318 2.92 -70.65 -15.58
C ALA Q 318 3.00 -71.26 -14.21
N THR Q 319 3.40 -70.44 -13.24
CA THR Q 319 3.54 -70.87 -11.86
C THR Q 319 2.93 -69.79 -10.96
N THR Q 320 2.80 -70.13 -9.67
CA THR Q 320 2.27 -69.17 -8.70
C THR Q 320 3.17 -67.95 -8.61
N GLY Q 321 2.55 -66.79 -8.42
CA GLY Q 321 3.31 -65.55 -8.40
C GLY Q 321 2.58 -64.47 -7.64
N PHE Q 322 3.30 -63.36 -7.44
CA PHE Q 322 2.79 -62.22 -6.69
C PHE Q 322 2.84 -60.98 -7.57
N LEU Q 323 1.81 -60.14 -7.44
CA LEU Q 323 1.73 -58.92 -8.22
C LEU Q 323 2.97 -58.07 -8.01
N THR Q 324 3.63 -57.71 -9.11
CA THR Q 324 4.86 -56.94 -9.07
C THR Q 324 4.67 -55.48 -9.46
N LYS Q 325 3.98 -55.20 -10.56
CA LYS Q 325 3.71 -53.83 -10.95
C LYS Q 325 2.47 -53.78 -11.82
N VAL Q 326 1.87 -52.59 -11.89
CA VAL Q 326 0.65 -52.36 -12.65
C VAL Q 326 0.79 -51.06 -13.41
N ASP Q 327 0.40 -51.07 -14.68
CA ASP Q 327 0.44 -49.88 -15.51
C ASP Q 327 -0.82 -49.82 -16.37
N PHE Q 328 -1.08 -48.65 -16.93
CA PHE Q 328 -2.26 -48.40 -17.76
C PHE Q 328 -1.80 -47.98 -19.14
N ASP Q 329 -2.35 -48.63 -20.18
CA ASP Q 329 -2.03 -48.26 -21.54
C ASP Q 329 -3.05 -47.27 -22.08
N GLU Q 330 -2.81 -46.77 -23.29
CA GLU Q 330 -3.69 -45.77 -23.88
C GLU Q 330 -5.08 -46.32 -24.17
N ASN Q 331 -5.19 -47.63 -24.39
CA ASN Q 331 -6.49 -48.24 -24.62
C ASN Q 331 -7.34 -48.33 -23.35
N GLY Q 332 -6.77 -48.00 -22.20
CA GLY Q 332 -7.48 -48.14 -20.95
C GLY Q 332 -7.32 -49.48 -20.27
N SER Q 333 -6.64 -50.42 -20.91
CA SER Q 333 -6.43 -51.73 -20.30
C SER Q 333 -5.43 -51.62 -19.16
N VAL Q 334 -5.79 -52.18 -18.01
CA VAL Q 334 -4.91 -52.20 -16.85
C VAL Q 334 -4.19 -53.54 -16.84
N MET Q 335 -2.88 -53.50 -17.04
CA MET Q 335 -2.07 -54.71 -17.13
C MET Q 335 -1.17 -54.83 -15.91
N GLY Q 336 -0.93 -56.07 -15.50
CA GLY Q 336 -0.08 -56.31 -14.35
C GLY Q 336 0.81 -57.52 -14.52
N THR Q 337 2.10 -57.36 -14.21
CA THR Q 337 3.06 -58.45 -14.33
C THR Q 337 3.30 -59.05 -12.96
N TYR Q 338 3.42 -60.37 -12.91
CA TYR Q 338 3.56 -61.12 -11.67
C TYR Q 338 4.97 -61.70 -11.56
N SER Q 339 5.19 -62.43 -10.47
CA SER Q 339 6.51 -63.01 -10.24
C SER Q 339 6.82 -64.11 -11.24
N ASN Q 340 5.82 -64.87 -11.66
CA ASN Q 340 6.05 -65.92 -12.65
C ASN Q 340 6.45 -65.34 -14.00
N GLY Q 341 5.89 -64.18 -14.35
CA GLY Q 341 6.21 -63.50 -15.59
C GLY Q 341 5.03 -63.22 -16.49
N GLU Q 342 3.86 -63.79 -16.22
CA GLU Q 342 2.70 -63.58 -17.08
C GLU Q 342 2.22 -62.14 -17.00
N ASN Q 343 1.97 -61.53 -18.15
CA ASN Q 343 1.45 -60.16 -18.22
C ASN Q 343 -0.08 -60.20 -18.30
N VAL Q 344 -0.68 -60.55 -17.16
CA VAL Q 344 -2.13 -60.69 -17.08
C VAL Q 344 -2.78 -59.32 -17.23
N THR Q 345 -3.76 -59.23 -18.11
CA THR Q 345 -4.54 -58.01 -18.29
C THR Q 345 -5.79 -58.09 -17.43
N LEU Q 346 -5.82 -57.27 -16.37
CA LEU Q 346 -6.93 -57.33 -15.41
C LEU Q 346 -8.26 -56.94 -16.06
N GLY Q 347 -8.24 -55.90 -16.90
CA GLY Q 347 -9.46 -55.46 -17.54
C GLY Q 347 -9.24 -54.12 -18.22
N ARG Q 348 -10.35 -53.49 -18.59
CA ARG Q 348 -10.35 -52.16 -19.18
C ARG Q 348 -11.16 -51.22 -18.31
N VAL Q 349 -11.05 -49.93 -18.60
CA VAL Q 349 -11.77 -48.90 -17.88
C VAL Q 349 -12.93 -48.43 -18.76
N ALA Q 350 -14.14 -48.58 -18.26
CA ALA Q 350 -15.32 -48.25 -19.05
C ALA Q 350 -15.39 -46.75 -19.29
N LEU Q 351 -15.82 -46.38 -20.49
CA LEU Q 351 -16.02 -45.00 -20.88
C LEU Q 351 -17.45 -44.83 -21.38
N VAL Q 352 -18.11 -43.77 -20.91
CA VAL Q 352 -19.52 -43.53 -21.21
C VAL Q 352 -19.65 -42.15 -21.84
N ARG Q 353 -20.47 -42.07 -22.90
CA ARG Q 353 -20.75 -40.83 -23.59
C ARG Q 353 -22.25 -40.72 -23.78
N VAL Q 354 -22.78 -39.50 -23.67
CA VAL Q 354 -24.21 -39.27 -23.93
C VAL Q 354 -24.34 -38.30 -25.10
N PRO Q 355 -25.40 -38.41 -25.91
CA PRO Q 355 -25.54 -37.48 -27.03
C PRO Q 355 -25.70 -36.03 -26.61
N ASN Q 356 -26.39 -35.78 -25.50
CA ASN Q 356 -26.62 -34.43 -24.99
C ASN Q 356 -26.01 -34.34 -23.60
N GLU Q 357 -24.80 -33.78 -23.51
CA GLU Q 357 -24.16 -33.62 -22.21
C GLU Q 357 -24.78 -32.48 -21.41
N GLN Q 358 -25.42 -31.52 -22.07
CA GLN Q 358 -26.04 -30.39 -21.38
C GLN Q 358 -27.28 -30.78 -20.58
N GLY Q 359 -27.79 -32.00 -20.76
CA GLY Q 359 -29.03 -32.38 -20.11
C GLY Q 359 -28.87 -33.32 -18.94
N LEU Q 360 -27.63 -33.74 -18.67
CA LEU Q 360 -27.37 -34.59 -17.52
C LEU Q 360 -27.74 -33.87 -16.24
N ASP Q 361 -28.44 -34.57 -15.36
CA ASP Q 361 -28.71 -34.03 -14.03
C ASP Q 361 -27.45 -34.17 -13.17
N LYS Q 362 -27.25 -33.21 -12.28
CA LYS Q 362 -26.02 -33.11 -11.51
C LYS Q 362 -26.26 -33.66 -10.10
N LYS Q 363 -25.59 -34.76 -9.79
CA LYS Q 363 -25.59 -35.29 -8.44
C LYS Q 363 -24.45 -34.67 -7.65
N GLY Q 364 -24.29 -35.11 -6.41
CA GLY Q 364 -23.21 -34.60 -5.59
C GLY Q 364 -21.87 -35.18 -5.98
N GLY Q 365 -20.81 -34.49 -5.55
CA GLY Q 365 -19.46 -34.98 -5.78
C GLY Q 365 -19.02 -35.01 -7.22
N THR Q 366 -19.37 -33.99 -8.00
CA THR Q 366 -18.96 -33.86 -9.40
C THR Q 366 -19.31 -35.11 -10.19
N GLN Q 367 -20.55 -35.53 -10.07
CA GLN Q 367 -21.03 -36.71 -10.76
C GLN Q 367 -22.34 -36.41 -11.46
N TRP Q 368 -22.55 -37.06 -12.61
CA TRP Q 368 -23.74 -36.86 -13.42
C TRP Q 368 -24.43 -38.19 -13.66
N ASP Q 369 -25.71 -38.11 -13.99
CA ASP Q 369 -26.51 -39.28 -14.34
C ASP Q 369 -27.31 -38.97 -15.59
N SER Q 370 -27.77 -40.02 -16.26
CA SER Q 370 -28.49 -39.89 -17.51
C SER Q 370 -29.98 -39.69 -17.24
N THR Q 371 -30.53 -38.63 -17.81
CA THR Q 371 -31.95 -38.35 -17.71
C THR Q 371 -32.60 -38.50 -19.09
N GLN Q 372 -33.89 -38.17 -19.16
CA GLN Q 372 -34.61 -38.24 -20.43
C GLN Q 372 -34.03 -37.28 -21.46
N PHE Q 373 -33.75 -36.04 -21.05
CA PHE Q 373 -33.25 -35.04 -21.99
C PHE Q 373 -31.85 -35.37 -22.46
N SER Q 374 -31.01 -35.91 -21.58
CA SER Q 374 -29.64 -36.24 -21.96
C SER Q 374 -29.61 -37.35 -23.00
N GLY Q 375 -30.49 -38.34 -22.86
CA GLY Q 375 -30.53 -39.49 -23.75
C GLY Q 375 -30.29 -40.78 -22.97
N ASP Q 376 -29.49 -41.66 -23.55
CA ASP Q 376 -29.13 -42.92 -22.92
C ASP Q 376 -27.62 -43.09 -22.95
N LYS Q 377 -27.10 -43.74 -21.91
CA LYS Q 377 -25.66 -43.95 -21.81
C LYS Q 377 -25.17 -44.82 -22.95
N ILE Q 378 -24.15 -44.36 -23.66
CA ILE Q 378 -23.52 -45.11 -24.74
C ILE Q 378 -22.17 -45.57 -24.25
N TRP Q 379 -21.99 -46.88 -24.12
CA TRP Q 379 -20.76 -47.43 -23.61
C TRP Q 379 -19.75 -47.64 -24.74
N GLY Q 380 -18.48 -47.63 -24.36
CA GLY Q 380 -17.41 -47.81 -25.33
C GLY Q 380 -16.08 -47.94 -24.62
N GLU Q 381 -15.04 -48.20 -25.42
CA GLU Q 381 -13.70 -48.34 -24.89
C GLU Q 381 -12.97 -46.99 -25.00
N SER Q 382 -11.69 -46.99 -24.66
CA SER Q 382 -10.86 -45.79 -24.76
C SER Q 382 -10.21 -45.73 -26.13
N ASN Q 383 -10.19 -44.53 -26.72
CA ASN Q 383 -9.58 -44.29 -28.02
C ASN Q 383 -10.21 -45.19 -29.10
N LYS Q 384 -11.55 -45.26 -29.07
CA LYS Q 384 -12.31 -46.05 -30.03
C LYS Q 384 -13.51 -45.25 -30.49
N GLY Q 385 -13.73 -45.21 -31.80
CA GLY Q 385 -14.86 -44.47 -32.33
C GLY Q 385 -14.70 -42.99 -32.06
N SER Q 386 -15.69 -42.41 -31.36
CA SER Q 386 -15.70 -40.99 -31.05
C SER Q 386 -15.19 -40.68 -29.65
N PHE Q 387 -14.79 -41.69 -28.88
CA PHE Q 387 -14.33 -41.46 -27.53
C PHE Q 387 -12.91 -40.91 -27.53
N GLY Q 388 -12.50 -40.40 -26.37
CA GLY Q 388 -11.15 -39.90 -26.18
C GLY Q 388 -10.24 -40.97 -25.61
N THR Q 389 -9.10 -40.53 -25.09
CA THR Q 389 -8.11 -41.41 -24.52
C THR Q 389 -8.11 -41.31 -23.00
N ILE Q 390 -7.44 -42.25 -22.36
CA ILE Q 390 -7.28 -42.28 -20.91
C ILE Q 390 -5.80 -42.12 -20.61
N ASN Q 391 -5.46 -41.13 -19.79
CA ASN Q 391 -4.08 -40.88 -19.39
C ASN Q 391 -3.95 -41.08 -17.89
N ASN Q 392 -2.99 -41.88 -17.48
CA ASN Q 392 -2.70 -42.08 -16.06
C ASN Q 392 -1.68 -41.05 -15.59
N GLY Q 393 -1.71 -40.78 -14.29
CA GLY Q 393 -0.82 -39.80 -13.71
C GLY Q 393 -1.27 -38.36 -13.83
N MET Q 394 -2.48 -38.11 -14.29
CA MET Q 394 -3.01 -36.76 -14.44
C MET Q 394 -4.38 -36.67 -13.78
N LEU Q 395 -4.83 -35.43 -13.58
CA LEU Q 395 -6.16 -35.18 -13.06
C LEU Q 395 -6.74 -33.96 -13.77
N GLU Q 396 -8.06 -33.86 -13.76
CA GLU Q 396 -8.76 -32.74 -14.37
C GLU Q 396 -9.01 -31.66 -13.32
N GLN Q 397 -8.66 -30.43 -13.65
CA GLN Q 397 -9.02 -29.29 -12.84
C GLN Q 397 -10.34 -28.70 -13.33
N SER Q 398 -10.80 -27.66 -12.65
CA SER Q 398 -12.01 -26.98 -13.09
C SER Q 398 -11.77 -26.26 -14.41
N ASN Q 399 -12.80 -26.23 -15.26
CA ASN Q 399 -12.71 -25.54 -16.54
C ASN Q 399 -13.26 -24.13 -16.41
N ILE Q 400 -12.67 -23.36 -15.50
CA ILE Q 400 -13.10 -21.99 -15.24
C ILE Q 400 -11.91 -21.07 -15.45
N ASP Q 401 -12.23 -19.80 -15.71
CA ASP Q 401 -11.22 -18.76 -15.88
C ASP Q 401 -11.49 -17.68 -14.85
N MET Q 402 -10.55 -17.46 -13.93
CA MET Q 402 -10.78 -16.54 -12.83
C MET Q 402 -11.03 -15.12 -13.33
N THR Q 403 -10.30 -14.70 -14.36
CA THR Q 403 -10.49 -13.36 -14.91
C THR Q 403 -11.93 -13.16 -15.37
N GLN Q 404 -12.45 -14.08 -16.18
CA GLN Q 404 -13.81 -13.95 -16.66
C GLN Q 404 -14.82 -14.00 -15.52
N GLU Q 405 -14.57 -14.86 -14.53
CA GLU Q 405 -15.49 -14.96 -13.40
C GLU Q 405 -15.55 -13.66 -12.63
N LEU Q 406 -14.39 -13.05 -12.36
CA LEU Q 406 -14.38 -11.79 -11.60
C LEU Q 406 -15.04 -10.66 -12.39
N VAL Q 407 -14.76 -10.59 -13.70
CA VAL Q 407 -15.39 -9.56 -14.51
C VAL Q 407 -16.90 -9.73 -14.55
N ASP Q 408 -17.37 -10.98 -14.68
CA ASP Q 408 -18.79 -11.24 -14.63
C ASP Q 408 -19.38 -10.88 -13.27
N LEU Q 409 -18.62 -11.10 -12.20
CA LEU Q 409 -19.07 -10.70 -10.87
C LEU Q 409 -19.30 -9.21 -10.80
N ILE Q 410 -18.35 -8.42 -11.31
CA ILE Q 410 -18.50 -6.97 -11.31
C ILE Q 410 -19.71 -6.56 -12.14
N SER Q 411 -19.87 -7.16 -13.33
CA SER Q 411 -20.99 -6.81 -14.19
C SER Q 411 -22.33 -7.14 -13.55
N ALA Q 412 -22.41 -8.30 -12.90
CA ALA Q 412 -23.64 -8.68 -12.22
C ALA Q 412 -23.96 -7.74 -11.08
N GLN Q 413 -22.95 -7.30 -10.34
CA GLN Q 413 -23.18 -6.31 -9.29
C GLN Q 413 -23.72 -5.02 -9.87
N ARG Q 414 -23.16 -4.58 -11.00
CA ARG Q 414 -23.64 -3.36 -11.65
C ARG Q 414 -25.10 -3.51 -12.08
N ASN Q 415 -25.45 -4.66 -12.67
CA ASN Q 415 -26.83 -4.88 -13.08
C ASN Q 415 -27.78 -4.90 -11.88
N PHE Q 416 -27.36 -5.54 -10.80
CA PHE Q 416 -28.19 -5.57 -9.59
C PHE Q 416 -28.41 -4.17 -9.04
N GLN Q 417 -27.36 -3.35 -9.04
CA GLN Q 417 -27.53 -1.97 -8.58
C GLN Q 417 -28.50 -1.20 -9.47
N ALA Q 418 -28.40 -1.39 -10.78
CA ALA Q 418 -29.32 -0.71 -11.70
C ALA Q 418 -30.76 -1.11 -11.43
N ASN Q 419 -31.00 -2.42 -11.26
CA ASN Q 419 -32.36 -2.88 -11.00
C ASN Q 419 -32.88 -2.37 -9.67
N SER Q 420 -32.03 -2.32 -8.65
CA SER Q 420 -32.44 -1.77 -7.37
C SER Q 420 -32.80 -0.29 -7.51
N ARG Q 421 -32.04 0.45 -8.32
CA ARG Q 421 -32.38 1.85 -8.57
C ARG Q 421 -33.75 1.97 -9.22
N SER Q 422 -34.04 1.11 -10.20
CA SER Q 422 -35.35 1.14 -10.85
C SER Q 422 -36.47 0.86 -9.86
N LEU Q 423 -36.28 -0.15 -9.01
CA LEU Q 423 -37.30 -0.47 -8.00
C LEU Q 423 -37.49 0.70 -7.04
N GLU Q 424 -36.40 1.36 -6.64
CA GLU Q 424 -36.50 2.52 -5.77
C GLU Q 424 -37.28 3.64 -6.44
N VAL Q 425 -37.06 3.85 -7.73
CA VAL Q 425 -37.82 4.88 -8.45
C VAL Q 425 -39.30 4.54 -8.46
N HIS Q 426 -39.64 3.27 -8.70
CA HIS Q 426 -41.05 2.87 -8.69
C HIS Q 426 -41.68 3.14 -7.34
N ASN Q 427 -41.01 2.74 -6.26
CA ASN Q 427 -41.55 2.95 -4.92
C ASN Q 427 -41.69 4.43 -4.60
N GLN Q 428 -40.72 5.24 -5.03
CA GLN Q 428 -40.82 6.68 -4.78
C GLN Q 428 -42.01 7.27 -5.52
N LEU Q 429 -42.26 6.85 -6.75
CA LEU Q 429 -43.43 7.34 -7.47
C LEU Q 429 -44.71 6.95 -6.75
N GLN Q 430 -44.80 5.70 -6.28
CA GLN Q 430 -46.01 5.27 -5.58
C GLN Q 430 -46.22 6.08 -4.30
N GLN Q 431 -45.15 6.31 -3.55
CA GLN Q 431 -45.28 7.10 -2.32
C GLN Q 431 -45.63 8.55 -2.63
N ASN Q 432 -45.12 9.08 -3.75
CA ASN Q 432 -45.50 10.44 -4.14
C ASN Q 432 -46.98 10.53 -4.43
N ILE Q 433 -47.53 9.53 -5.11
CA ILE Q 433 -48.98 9.54 -5.35
C ILE Q 433 -49.73 9.36 -4.04
N LEU Q 434 -49.18 8.57 -3.11
CA LEU Q 434 -49.84 8.34 -1.83
C LEU Q 434 -50.10 9.64 -1.08
N GLN Q 435 -49.22 10.63 -1.24
CA GLN Q 435 -49.31 11.87 -0.49
C GLN Q 435 -50.07 12.95 -1.27
N ILE Q 436 -51.32 12.64 -1.56
CA ILE Q 436 -52.20 13.58 -2.24
C ILE Q 436 -53.52 13.72 -1.49
N SER R 2 -44.07 -6.75 16.08
CA SER R 2 -42.85 -6.05 16.44
C SER R 2 -42.01 -6.90 17.39
N TYR R 3 -42.68 -7.67 18.26
CA TYR R 3 -41.97 -8.52 19.20
C TYR R 3 -41.17 -9.59 18.48
N VAL R 4 -41.62 -10.03 17.30
CA VAL R 4 -40.83 -10.98 16.52
C VAL R 4 -39.52 -10.33 16.08
N SER R 5 -39.59 -9.07 15.62
CA SER R 5 -38.37 -8.36 15.25
C SER R 5 -37.47 -8.14 16.45
N LEU R 6 -38.07 -7.85 17.61
CA LEU R 6 -37.27 -7.68 18.82
C LEU R 6 -36.58 -8.99 19.20
N SER R 7 -37.27 -10.11 19.05
CA SER R 7 -36.65 -11.41 19.30
C SER R 7 -35.51 -11.68 18.33
N GLY R 8 -35.69 -11.32 17.06
CA GLY R 8 -34.61 -11.46 16.11
C GLY R 8 -33.40 -10.59 16.46
N LEU R 9 -33.66 -9.36 16.90
CA LEU R 9 -32.58 -8.50 17.35
C LEU R 9 -31.85 -9.10 18.54
N SER R 10 -32.60 -9.65 19.50
CA SER R 10 -31.98 -10.26 20.66
C SER R 10 -31.13 -11.46 20.27
N ALA R 11 -31.62 -12.28 19.34
CA ALA R 11 -30.86 -13.43 18.89
C ALA R 11 -29.58 -13.00 18.18
N ALA R 12 -29.67 -12.01 17.30
CA ALA R 12 -28.49 -11.53 16.60
C ALA R 12 -27.48 -10.96 17.58
N GLN R 13 -27.95 -10.21 18.57
CA GLN R 13 -27.04 -9.65 19.56
C GLN R 13 -26.41 -10.72 20.42
N LEU R 14 -27.14 -11.79 20.73
CA LEU R 14 -26.56 -12.91 21.46
C LEU R 14 -25.46 -13.57 20.65
N ASP R 15 -25.68 -13.77 19.35
CA ASP R 15 -24.63 -14.34 18.51
C ASP R 15 -23.43 -13.40 18.44
N LEU R 16 -23.69 -12.10 18.37
CA LEU R 16 -22.62 -11.12 18.37
C LEU R 16 -21.80 -11.21 19.65
N ASN R 17 -22.47 -11.32 20.79
CA ASN R 17 -21.77 -11.44 22.07
C ASN R 17 -20.95 -12.71 22.13
N THR R 18 -21.51 -13.82 21.64
CA THR R 18 -20.76 -15.08 21.63
C THR R 18 -19.50 -14.96 20.78
N THR R 19 -19.63 -14.37 19.60
CA THR R 19 -18.47 -14.19 18.73
C THR R 19 -17.44 -13.27 19.36
N SER R 20 -17.91 -12.20 20.01
CA SER R 20 -16.98 -11.28 20.66
C SER R 20 -16.23 -11.96 21.79
N ASN R 21 -16.92 -12.80 22.57
CA ASN R 21 -16.25 -13.55 23.63
C ASN R 21 -15.22 -14.50 23.05
N ASN R 22 -15.56 -15.19 21.96
CA ASN R 22 -14.61 -16.10 21.32
C ASN R 22 -13.38 -15.36 20.85
N ILE R 23 -13.57 -14.19 20.23
CA ILE R 23 -12.43 -13.43 19.73
C ILE R 23 -11.59 -12.88 20.88
N ALA R 24 -12.24 -12.43 21.95
CA ALA R 24 -11.51 -11.91 23.10
C ALA R 24 -10.67 -13.00 23.76
N ASN R 25 -11.18 -14.22 23.81
CA ASN R 25 -10.44 -15.32 24.41
C ASN R 25 -9.44 -15.98 23.46
N ALA R 26 -9.01 -15.27 22.42
CA ALA R 26 -8.13 -15.88 21.41
C ALA R 26 -6.78 -16.29 21.97
N ASN R 27 -6.36 -15.74 23.11
CA ASN R 27 -5.05 -16.05 23.67
C ASN R 27 -5.12 -16.82 24.98
N THR R 28 -6.31 -16.96 25.58
CA THR R 28 -6.43 -17.70 26.82
C THR R 28 -6.05 -19.16 26.62
N TYR R 29 -5.25 -19.69 27.55
CA TYR R 29 -4.81 -21.08 27.48
C TYR R 29 -5.96 -22.00 27.88
N GLY R 30 -6.19 -23.03 27.08
CA GLY R 30 -7.20 -24.02 27.41
C GLY R 30 -8.63 -23.60 27.17
N PHE R 31 -8.85 -22.46 26.51
CA PHE R 31 -10.19 -22.01 26.24
C PHE R 31 -10.89 -22.93 25.23
N LYS R 32 -12.19 -23.10 25.41
CA LYS R 32 -13.03 -23.87 24.49
C LYS R 32 -14.09 -22.94 23.93
N GLU R 33 -14.21 -22.91 22.60
CA GLU R 33 -15.09 -21.95 21.96
C GLU R 33 -16.55 -22.26 22.26
N SER R 34 -17.42 -21.32 21.92
CA SER R 34 -18.85 -21.45 22.14
C SER R 34 -19.59 -21.19 20.84
N ARG R 35 -20.74 -21.83 20.69
CA ARG R 35 -21.58 -21.68 19.51
C ARG R 35 -23.00 -21.37 19.94
N ALA R 36 -23.63 -20.43 19.25
CA ALA R 36 -24.98 -20.00 19.57
C ALA R 36 -25.97 -20.77 18.70
N GLU R 37 -26.94 -21.42 19.34
CA GLU R 37 -27.96 -22.18 18.65
C GLU R 37 -29.33 -21.64 19.04
N PHE R 38 -30.17 -21.39 18.04
CA PHE R 38 -31.48 -20.80 18.25
C PHE R 38 -32.57 -21.76 17.78
N ALA R 39 -33.82 -21.41 18.10
CA ALA R 39 -34.95 -22.24 17.75
C ALA R 39 -36.15 -21.35 17.45
N ASP R 40 -37.07 -21.90 16.67
CA ASP R 40 -38.29 -21.19 16.31
C ASP R 40 -39.23 -21.13 17.51
N VAL R 41 -40.19 -20.20 17.43
CA VAL R 41 -41.24 -20.05 18.44
C VAL R 41 -42.57 -20.25 17.76
N TYR R 42 -43.44 -21.05 18.37
CA TYR R 42 -44.78 -21.23 17.83
C TYR R 42 -45.74 -21.55 18.97
N SER R 43 -46.93 -20.96 18.90
CA SER R 43 -47.92 -21.14 19.95
C SER R 43 -48.49 -22.55 19.91
N ASN R 44 -49.00 -22.99 21.06
CA ASN R 44 -49.65 -24.29 21.22
C ASN R 44 -50.99 -24.13 21.89
N SER R 45 -51.77 -23.15 21.44
CA SER R 45 -53.07 -22.89 22.02
C SER R 45 -54.02 -24.07 21.76
N LEU R 46 -55.00 -24.21 22.65
CA LEU R 46 -55.99 -25.28 22.52
C LEU R 46 -56.79 -25.12 21.24
N PHE R 47 -57.17 -23.89 20.91
CA PHE R 47 -57.90 -23.59 19.68
C PHE R 47 -57.02 -22.72 18.80
N THR R 48 -56.24 -23.38 17.95
CA THR R 48 -55.26 -22.72 17.10
C THR R 48 -55.68 -22.84 15.64
N ASN R 49 -55.62 -21.72 14.91
CA ASN R 49 -55.95 -21.74 13.49
C ASN R 49 -54.84 -22.35 12.65
N ALA R 50 -53.58 -22.25 13.11
CA ALA R 50 -52.43 -22.86 12.45
C ALA R 50 -52.21 -22.32 11.04
N LYS R 51 -53.17 -22.57 10.14
CA LYS R 51 -53.03 -22.10 8.76
C LYS R 51 -53.04 -20.58 8.69
N THR R 52 -53.78 -19.93 9.59
CA THR R 52 -53.91 -18.48 9.60
C THR R 52 -53.06 -17.82 10.68
N THR R 53 -52.16 -18.57 11.31
CA THR R 53 -51.34 -18.03 12.38
C THR R 53 -49.88 -17.98 11.95
N PRO R 54 -49.25 -16.80 11.96
CA PRO R 54 -47.84 -16.72 11.59
C PRO R 54 -46.92 -17.22 12.70
N GLY R 55 -45.62 -17.04 12.50
CA GLY R 55 -44.65 -17.50 13.48
C GLY R 55 -44.64 -16.64 14.74
N GLY R 56 -43.74 -16.99 15.64
CA GLY R 56 -43.63 -16.30 16.91
C GLY R 56 -42.25 -15.75 17.20
N GLY R 57 -41.41 -15.63 16.17
CA GLY R 57 -40.08 -15.10 16.34
C GLY R 57 -39.02 -16.17 16.44
N ALA R 58 -37.93 -15.87 17.14
CA ALA R 58 -36.85 -16.81 17.34
C ALA R 58 -36.40 -16.74 18.80
N GLN R 59 -36.15 -17.90 19.39
CA GLN R 59 -35.78 -18.01 20.80
C GLN R 59 -34.43 -18.72 20.89
N ALA R 60 -33.54 -18.20 21.75
CA ALA R 60 -32.27 -18.84 21.99
C ALA R 60 -32.47 -20.20 22.64
N SER R 61 -31.82 -21.23 22.08
CA SER R 61 -31.91 -22.57 22.62
C SER R 61 -30.81 -22.84 23.65
N GLN R 62 -29.56 -22.70 23.24
CA GLN R 62 -28.44 -22.93 24.14
C GLN R 62 -27.18 -22.33 23.51
N VAL R 63 -26.21 -22.01 24.35
CA VAL R 63 -24.89 -21.60 23.91
C VAL R 63 -23.98 -22.83 24.04
N ALA R 64 -23.50 -23.34 22.92
CA ALA R 64 -22.71 -24.55 22.92
C ALA R 64 -21.35 -24.30 23.55
N GLN R 65 -20.62 -25.38 23.81
CA GLN R 65 -19.29 -25.36 24.40
C GLN R 65 -18.39 -26.33 23.65
N GLN R 66 -18.34 -26.18 22.32
CA GLN R 66 -17.57 -27.06 21.45
C GLN R 66 -16.22 -27.41 22.05
N PHE R 67 -15.97 -28.71 22.20
CA PHE R 67 -14.81 -29.22 22.94
C PHE R 67 -13.80 -29.90 22.02
N HIS R 68 -13.76 -29.50 20.75
CA HIS R 68 -12.81 -30.09 19.83
C HIS R 68 -11.39 -29.67 20.20
N GLU R 69 -10.44 -30.58 19.99
CA GLU R 69 -9.06 -30.35 20.41
C GLU R 69 -8.49 -29.09 19.76
N GLY R 70 -7.83 -28.27 20.57
CA GLY R 70 -7.19 -27.07 20.07
C GLY R 70 -5.71 -27.29 19.75
N SER R 71 -5.13 -26.29 19.10
CA SER R 71 -3.73 -26.36 18.74
C SER R 71 -2.84 -26.22 19.97
N SER R 72 -1.60 -26.69 19.84
CA SER R 72 -0.66 -26.73 20.94
C SER R 72 0.56 -25.88 20.63
N ILE R 73 1.02 -25.12 21.63
CA ILE R 73 2.22 -24.32 21.50
C ILE R 73 3.32 -24.99 22.34
N TYR R 74 4.56 -24.78 21.91
CA TYR R 74 5.71 -25.39 22.55
C TYR R 74 6.50 -24.31 23.27
N THR R 75 6.60 -24.44 24.59
CA THR R 75 7.32 -23.49 25.42
C THR R 75 8.63 -24.03 25.96
N ASN R 76 8.92 -25.32 25.74
CA ASN R 76 10.11 -25.98 26.26
C ASN R 76 10.21 -25.88 27.78
N ASN R 77 9.09 -25.65 28.46
CA ASN R 77 9.06 -25.59 29.91
C ASN R 77 8.37 -26.83 30.43
N PRO R 78 9.08 -27.78 31.04
CA PRO R 78 8.46 -29.06 31.39
C PRO R 78 7.34 -28.95 32.40
N MET R 79 7.24 -27.84 33.14
CA MET R 79 6.13 -27.64 34.05
C MET R 79 4.83 -27.32 33.32
N ASP R 80 4.86 -27.11 32.02
CA ASP R 80 3.66 -26.90 31.23
C ASP R 80 3.17 -28.24 30.69
N LEU R 81 1.89 -28.53 30.91
CA LEU R 81 1.31 -29.82 30.56
C LEU R 81 0.10 -29.63 29.67
N ARG R 82 -0.12 -30.62 28.79
CA ARG R 82 -1.25 -30.63 27.88
C ARG R 82 -1.87 -32.01 27.85
N VAL R 83 -3.19 -32.07 27.88
CA VAL R 83 -3.93 -33.32 27.80
C VAL R 83 -4.28 -33.55 26.34
N SER R 84 -3.58 -34.48 25.69
CA SER R 84 -3.82 -34.80 24.29
C SER R 84 -4.89 -35.88 24.22
N GLY R 85 -6.06 -35.51 23.70
CA GLY R 85 -7.15 -36.48 23.61
C GLY R 85 -8.33 -36.12 24.49
N THR R 86 -8.81 -37.08 25.27
CA THR R 86 -9.95 -36.89 26.15
C THR R 86 -9.49 -36.89 27.59
N GLY R 87 -9.93 -35.89 28.35
CA GLY R 87 -9.61 -35.82 29.76
C GLY R 87 -9.32 -34.39 30.20
N PHE R 88 -9.56 -34.13 31.49
CA PHE R 88 -9.32 -32.83 32.09
C PHE R 88 -8.43 -32.99 33.31
N PHE R 89 -7.60 -31.98 33.56
CA PHE R 89 -6.87 -31.91 34.82
C PHE R 89 -7.83 -31.63 35.97
N ALA R 90 -7.45 -32.07 37.16
CA ALA R 90 -8.25 -31.86 38.36
C ALA R 90 -7.46 -30.97 39.32
N VAL R 91 -8.08 -29.86 39.74
CA VAL R 91 -7.45 -28.90 40.64
C VAL R 91 -8.38 -28.61 41.79
N ALA R 92 -7.82 -28.49 43.00
CA ALA R 92 -8.58 -28.25 44.20
C ALA R 92 -8.28 -26.86 44.75
N LYS R 93 -9.32 -26.22 45.29
CA LYS R 93 -9.16 -24.86 45.83
C LYS R 93 -8.21 -24.87 47.03
N GLU R 94 -8.39 -25.82 47.93
CA GLU R 94 -7.59 -25.91 49.14
C GLU R 94 -6.85 -27.25 49.18
N ARG R 95 -5.67 -27.24 49.80
CA ARG R 95 -4.86 -28.45 49.87
C ARG R 95 -5.55 -29.53 50.70
N LEU R 96 -6.16 -29.15 51.81
CA LEU R 96 -6.71 -30.10 52.77
C LEU R 96 -8.12 -30.58 52.40
N THR R 97 -8.69 -30.08 51.32
CA THR R 97 -10.02 -30.49 50.87
C THR R 97 -9.98 -30.89 49.40
N PRO R 98 -9.35 -32.02 49.08
CA PRO R 98 -9.29 -32.45 47.68
C PRO R 98 -10.66 -32.78 47.10
N GLN R 99 -11.65 -33.04 47.95
CA GLN R 99 -12.99 -33.35 47.44
C GLN R 99 -13.55 -32.19 46.62
N GLN R 100 -13.39 -30.96 47.10
CA GLN R 100 -13.84 -29.77 46.37
C GLN R 100 -12.82 -29.51 45.27
N ASN R 101 -13.15 -29.93 44.05
CA ASN R 101 -12.24 -29.81 42.93
C ASN R 101 -13.00 -29.39 41.68
N GLU R 102 -12.24 -28.86 40.71
CA GLU R 102 -12.78 -28.43 39.44
C GLU R 102 -11.89 -28.93 38.31
N LEU R 103 -12.46 -28.97 37.12
CA LEU R 103 -11.77 -29.46 35.94
C LEU R 103 -11.18 -28.30 35.14
N THR R 104 -10.01 -28.52 34.56
CA THR R 104 -9.34 -27.51 33.78
C THR R 104 -8.63 -28.17 32.60
N ARG R 105 -8.14 -27.33 31.69
CA ARG R 105 -7.39 -27.81 30.54
C ARG R 105 -6.03 -27.17 30.37
N ASN R 106 -5.80 -25.96 30.90
CA ASN R 106 -4.50 -25.33 30.80
C ASN R 106 -3.51 -26.02 31.73
N GLY R 107 -2.23 -25.94 31.36
CA GLY R 107 -1.20 -26.61 32.14
C GLY R 107 -0.12 -25.69 32.66
N ALA R 108 -0.48 -24.44 32.97
CA ALA R 108 0.47 -23.47 33.52
C ALA R 108 0.69 -23.80 34.99
N PHE R 109 1.61 -24.72 35.26
CA PHE R 109 1.89 -25.18 36.61
C PHE R 109 3.24 -24.70 37.10
N HIS R 110 3.36 -24.55 38.42
CA HIS R 110 4.61 -24.17 39.04
C HIS R 110 4.56 -24.58 40.51
N LEU R 111 5.74 -24.66 41.12
CA LEU R 111 5.85 -25.03 42.52
C LEU R 111 5.58 -23.80 43.39
N ASN R 112 4.77 -24.00 44.43
CA ASN R 112 4.52 -22.93 45.39
C ASN R 112 5.58 -22.99 46.49
N LYS R 113 5.39 -22.22 47.56
CA LYS R 113 6.37 -22.19 48.64
C LYS R 113 6.44 -23.51 49.39
N GLU R 114 5.43 -24.36 49.25
CA GLU R 114 5.40 -25.66 49.91
C GLU R 114 5.78 -26.80 48.97
N ASN R 115 6.32 -26.49 47.79
CA ASN R 115 6.71 -27.49 46.80
C ASN R 115 5.53 -28.34 46.35
N TYR R 116 4.38 -27.70 46.17
CA TYR R 116 3.21 -28.32 45.57
C TYR R 116 2.96 -27.70 44.20
N MET R 117 2.59 -28.53 43.23
CA MET R 117 2.28 -28.03 41.89
C MET R 117 0.92 -27.35 41.91
N VAL R 118 0.89 -26.07 41.54
CA VAL R 118 -0.33 -25.28 41.56
C VAL R 118 -0.49 -24.57 40.23
N THR R 119 -1.70 -24.09 39.99
CA THR R 119 -2.01 -23.33 38.79
C THR R 119 -1.63 -21.86 39.00
N ALA R 120 -2.07 -21.00 38.09
CA ALA R 120 -1.78 -19.58 38.22
C ALA R 120 -2.44 -18.99 39.47
N ASN R 121 -3.67 -19.42 39.76
CA ASN R 121 -4.40 -18.95 40.93
C ASN R 121 -4.02 -19.68 42.21
N ASP R 122 -2.88 -20.38 42.23
CA ASP R 122 -2.43 -21.14 43.39
C ASP R 122 -3.48 -22.19 43.79
N GLU R 123 -3.97 -22.92 42.80
CA GLU R 123 -4.88 -24.03 43.02
C GLU R 123 -4.13 -25.34 42.84
N PHE R 124 -4.18 -26.19 43.86
CA PHE R 124 -3.35 -27.40 43.87
C PHE R 124 -3.83 -28.39 42.82
N LEU R 125 -2.87 -29.05 42.18
CA LEU R 125 -3.16 -30.07 41.18
C LEU R 125 -3.30 -31.43 41.86
N LEU R 126 -4.41 -32.10 41.60
CA LEU R 126 -4.72 -33.38 42.25
C LEU R 126 -4.04 -34.53 41.53
N GLY R 127 -3.47 -35.46 42.31
CA GLY R 127 -2.77 -36.58 41.76
C GLY R 127 -2.99 -37.83 42.60
N TYR R 128 -2.52 -38.96 42.06
CA TYR R 128 -2.66 -40.24 42.71
C TYR R 128 -1.40 -40.57 43.52
N GLN R 129 -1.40 -41.73 44.16
CA GLN R 129 -0.26 -42.21 44.94
C GLN R 129 0.11 -43.60 44.44
N VAL R 130 1.29 -43.72 43.83
CA VAL R 130 1.71 -44.97 43.23
C VAL R 130 2.51 -45.78 44.25
N ASP R 131 2.67 -47.08 43.96
CA ASP R 131 3.43 -47.97 44.81
C ASP R 131 4.92 -47.75 44.62
N PRO R 132 5.73 -48.01 45.66
CA PRO R 132 7.19 -47.86 45.49
C PRO R 132 7.76 -48.73 44.38
N SER R 133 7.28 -49.97 44.24
CA SER R 133 7.74 -50.87 43.20
C SER R 133 6.71 -51.07 42.09
N SER R 134 5.48 -51.42 42.46
CA SER R 134 4.44 -51.69 41.47
C SER R 134 4.06 -50.42 40.72
N GLY R 135 4.01 -50.52 39.39
CA GLY R 135 3.63 -49.36 38.59
C GLY R 135 2.20 -48.92 38.79
N GLU R 136 1.29 -49.87 39.01
CA GLU R 136 -0.11 -49.54 39.19
C GLU R 136 -0.32 -48.71 40.44
N VAL R 137 -1.21 -47.72 40.34
CA VAL R 137 -1.55 -46.89 41.48
C VAL R 137 -2.47 -47.67 42.41
N SER R 138 -2.18 -47.63 43.72
CA SER R 138 -2.95 -48.40 44.68
C SER R 138 -4.29 -47.72 44.98
N SER R 139 -4.25 -46.53 45.58
CA SER R 139 -5.46 -45.82 45.96
C SER R 139 -5.82 -44.78 44.92
N TYR R 140 -7.10 -44.77 44.53
CA TYR R 140 -7.58 -43.89 43.47
C TYR R 140 -8.15 -42.58 44.00
N GLU R 141 -8.05 -42.34 45.30
CA GLU R 141 -8.51 -41.05 45.81
C GLU R 141 -7.56 -39.94 45.39
N PRO R 142 -8.07 -38.75 45.11
CA PRO R 142 -7.20 -37.65 44.69
C PRO R 142 -6.53 -36.98 45.87
N GLN R 143 -5.24 -36.69 45.71
CA GLN R 143 -4.48 -35.97 46.73
C GLN R 143 -3.50 -35.04 46.04
N PRO R 144 -3.15 -33.92 46.68
CA PRO R 144 -2.22 -32.97 46.05
C PRO R 144 -0.87 -33.59 45.80
N ILE R 145 -0.23 -33.16 44.71
CA ILE R 145 1.08 -33.65 44.33
C ILE R 145 2.15 -32.81 45.02
N ASN R 146 3.05 -33.48 45.74
CA ASN R 146 4.14 -32.82 46.43
C ASN R 146 5.47 -33.30 45.86
N ILE R 147 6.42 -32.39 45.75
CA ILE R 147 7.74 -32.72 45.19
C ILE R 147 8.80 -32.38 46.24
N PRO R 148 9.11 -33.29 47.15
CA PRO R 148 10.10 -32.98 48.20
C PRO R 148 11.47 -32.73 47.59
N ALA R 149 12.20 -31.83 48.23
CA ALA R 149 13.55 -31.49 47.81
C ALA R 149 14.61 -32.36 48.47
N GLU R 150 14.22 -33.25 49.38
CA GLU R 150 15.16 -34.13 50.06
C GLU R 150 14.61 -35.54 50.12
N PHE R 151 15.49 -36.51 49.91
CA PHE R 151 15.15 -37.92 50.11
C PHE R 151 15.48 -38.29 51.56
N GLY R 152 14.72 -37.68 52.47
CA GLY R 152 15.01 -37.78 53.88
C GLY R 152 14.54 -39.06 54.54
N LYS R 153 15.07 -40.19 54.09
CA LYS R 153 14.77 -41.47 54.72
C LYS R 153 15.87 -42.48 54.36
N PRO R 154 16.97 -42.51 55.11
CA PRO R 154 18.04 -43.48 54.82
C PRO R 154 17.52 -44.90 54.87
N LYS R 155 17.54 -45.58 53.73
CA LYS R 155 16.97 -46.91 53.58
C LYS R 155 18.06 -47.95 53.79
N GLN R 156 17.85 -48.84 54.76
CA GLN R 156 18.81 -49.89 55.04
C GLN R 156 18.81 -50.95 53.94
N THR R 157 19.95 -51.59 53.74
CA THR R 157 20.08 -52.65 52.75
C THR R 157 19.39 -53.90 53.27
N ALA R 158 18.50 -54.47 52.47
CA ALA R 158 17.75 -55.66 52.87
C ALA R 158 17.87 -56.78 51.84
N ASN R 159 17.86 -56.42 50.57
CA ASN R 159 17.92 -57.42 49.49
C ASN R 159 19.12 -57.12 48.61
N ILE R 160 19.93 -58.15 48.36
CA ILE R 160 21.11 -58.05 47.51
C ILE R 160 21.00 -59.13 46.45
N GLU R 161 21.01 -58.72 45.18
CA GLU R 161 20.97 -59.65 44.06
C GLU R 161 22.34 -59.68 43.40
N VAL R 162 22.95 -60.86 43.36
CA VAL R 162 24.28 -61.03 42.78
C VAL R 162 24.20 -62.15 41.75
N GLY R 163 24.68 -61.87 40.53
CA GLY R 163 24.80 -62.89 39.52
C GLY R 163 26.23 -63.00 39.02
N VAL R 164 26.89 -64.13 39.30
CA VAL R 164 28.29 -64.30 38.96
C VAL R 164 28.46 -65.59 38.15
N ASN R 165 29.55 -65.63 37.41
CA ASN R 165 29.96 -66.83 36.67
C ASN R 165 31.21 -67.40 37.32
N LEU R 166 31.13 -68.66 37.72
CA LEU R 166 32.32 -69.15 38.40
C LEU R 166 33.18 -69.96 37.46
N PRO R 167 34.50 -69.88 37.58
CA PRO R 167 35.39 -70.65 36.70
C PRO R 167 35.28 -72.13 37.02
N ALA R 168 34.82 -72.91 36.04
CA ALA R 168 34.67 -74.35 36.22
C ALA R 168 36.01 -75.06 36.32
N ASN R 169 37.08 -74.44 35.83
CA ASN R 169 38.41 -75.02 35.89
C ASN R 169 39.20 -74.55 37.10
N GLY R 170 38.55 -73.92 38.08
CA GLY R 170 39.26 -73.46 39.25
C GLY R 170 39.79 -74.61 40.08
N ASP R 171 40.90 -74.35 40.76
CA ASP R 171 41.52 -75.37 41.60
C ASP R 171 40.68 -75.68 42.81
N LEU R 172 40.61 -76.96 43.17
CA LEU R 172 39.82 -77.38 44.32
C LEU R 172 40.47 -76.92 45.62
N LYS R 173 39.64 -76.70 46.63
CA LYS R 173 40.09 -76.23 47.93
C LYS R 173 39.45 -77.07 49.02
N ASP R 174 40.07 -77.06 50.19
CA ASP R 174 39.58 -77.83 51.33
C ASP R 174 38.52 -77.03 52.07
N PRO R 175 37.28 -77.49 52.15
CA PRO R 175 36.26 -76.73 52.89
C PRO R 175 36.59 -76.51 54.35
N THR R 176 37.25 -77.48 55.00
CA THR R 176 37.56 -77.34 56.41
C THR R 176 38.70 -76.38 56.67
N GLN R 177 39.48 -76.02 55.64
CA GLN R 177 40.62 -75.14 55.78
C GLN R 177 40.30 -73.70 55.41
N PHE R 178 39.02 -73.38 55.22
CA PHE R 178 38.66 -72.03 54.80
C PHE R 178 38.96 -71.02 55.89
N ASP R 179 39.58 -69.90 55.50
CA ASP R 179 39.89 -68.83 56.45
C ASP R 179 40.00 -67.54 55.64
N PHE R 180 39.15 -66.56 55.97
CA PHE R 180 39.13 -65.32 55.21
C PHE R 180 40.43 -64.54 55.34
N SER R 181 41.21 -64.79 56.38
CA SER R 181 42.48 -64.09 56.55
C SER R 181 43.57 -64.62 55.62
N ASP R 182 43.41 -65.83 55.10
CA ASP R 182 44.40 -66.42 54.20
C ASP R 182 43.82 -66.51 52.79
N PRO R 183 44.31 -65.73 51.83
CA PRO R 183 43.76 -65.79 50.47
C PRO R 183 43.85 -67.17 49.82
N ASP R 184 44.90 -67.92 50.12
CA ASP R 184 45.11 -69.20 49.46
C ASP R 184 44.10 -70.27 49.87
N THR R 185 43.37 -70.06 50.97
CA THR R 185 42.40 -71.06 51.40
C THR R 185 41.17 -71.09 50.51
N TYR R 186 40.80 -69.95 49.94
CA TYR R 186 39.63 -69.84 49.07
C TYR R 186 40.10 -69.54 47.64
N ASN R 187 39.13 -69.33 46.75
CA ASN R 187 39.41 -69.08 45.34
C ASN R 187 39.33 -67.60 44.99
N ARG R 188 38.19 -66.97 45.25
CA ARG R 188 37.96 -65.60 44.82
C ARG R 188 37.33 -64.81 45.96
N SER R 189 37.55 -63.49 45.93
CA SER R 189 37.01 -62.58 46.92
C SER R 189 36.55 -61.30 46.22
N THR R 190 35.35 -60.85 46.57
CA THR R 190 34.79 -59.62 46.02
C THR R 190 34.36 -58.70 47.13
N SER R 191 34.34 -57.40 46.85
CA SER R 191 33.98 -56.38 47.82
C SER R 191 32.78 -55.60 47.34
N SER R 192 31.95 -55.15 48.29
CA SER R 192 30.76 -54.39 47.97
C SER R 192 30.39 -53.53 49.17
N THR R 193 29.51 -52.57 48.94
CA THR R 193 29.12 -51.60 49.95
C THR R 193 27.65 -51.80 50.32
N ILE R 194 27.35 -51.74 51.61
CA ILE R 194 25.99 -51.83 52.13
C ILE R 194 25.76 -50.67 53.08
N TYR R 195 24.48 -50.38 53.32
CA TYR R 195 24.07 -49.25 54.15
C TYR R 195 23.14 -49.73 55.24
N ASP R 196 23.33 -49.19 56.44
CA ASP R 196 22.51 -49.55 57.59
C ASP R 196 21.31 -48.59 57.68
N SER R 197 20.63 -48.59 58.82
CA SER R 197 19.45 -47.75 58.98
C SER R 197 19.81 -46.27 58.94
N MET R 198 20.93 -45.88 59.55
CA MET R 198 21.34 -44.48 59.60
C MET R 198 22.12 -44.04 58.37
N GLY R 199 22.31 -44.94 57.40
CA GLY R 199 23.03 -44.58 56.19
C GLY R 199 24.54 -44.76 56.26
N GLN R 200 25.06 -45.30 57.34
CA GLN R 200 26.49 -45.59 57.42
C GLN R 200 26.86 -46.66 56.38
N SER R 201 27.94 -46.42 55.66
CA SER R 201 28.40 -47.34 54.63
C SER R 201 29.27 -48.42 55.26
N TYR R 202 28.97 -49.68 54.93
CA TYR R 202 29.75 -50.80 55.41
C TYR R 202 30.28 -51.59 54.21
N LYS R 203 31.47 -52.15 54.38
CA LYS R 203 32.14 -52.89 53.33
C LYS R 203 31.81 -54.38 53.48
N LEU R 204 31.16 -54.94 52.47
CA LEU R 204 30.78 -56.35 52.45
C LEU R 204 31.72 -57.11 51.52
N THR R 205 32.37 -58.14 52.05
CA THR R 205 33.30 -58.95 51.29
C THR R 205 32.77 -60.36 51.17
N THR R 206 32.71 -60.87 49.94
CA THR R 206 32.19 -62.20 49.66
C THR R 206 33.33 -63.10 49.18
N TYR R 207 33.44 -64.28 49.76
CA TYR R 207 34.48 -65.25 49.42
C TYR R 207 33.86 -66.47 48.77
N TYR R 208 34.41 -66.90 47.64
CA TYR R 208 33.93 -68.06 46.91
C TYR R 208 34.98 -69.17 46.99
N LEU R 209 34.55 -70.35 47.43
CA LEU R 209 35.43 -71.49 47.61
C LEU R 209 34.86 -72.69 46.85
N LYS R 210 35.72 -73.35 46.07
CA LYS R 210 35.31 -74.50 45.27
C LYS R 210 35.50 -75.77 46.08
N ASP R 211 34.42 -76.55 46.22
CA ASP R 211 34.48 -77.77 47.02
C ASP R 211 35.32 -78.82 46.31
N GLN R 212 36.13 -79.53 47.10
CA GLN R 212 36.96 -80.61 46.59
C GLN R 212 36.26 -81.96 46.65
N THR R 213 35.53 -82.23 47.74
CA THR R 213 34.86 -83.52 47.86
C THR R 213 33.76 -83.69 46.83
N GLN R 214 32.97 -82.64 46.59
CA GLN R 214 31.81 -82.73 45.71
C GLN R 214 32.06 -81.94 44.44
N PRO R 215 32.02 -82.56 43.27
CA PRO R 215 32.19 -81.82 42.02
C PRO R 215 31.03 -80.86 41.77
N ASN R 216 31.34 -79.77 41.07
CA ASN R 216 30.35 -78.74 40.74
C ASN R 216 29.64 -78.22 41.99
N THR R 217 30.39 -78.05 43.06
CA THR R 217 29.85 -77.54 44.32
C THR R 217 30.77 -76.45 44.85
N TRP R 218 30.18 -75.36 45.33
CA TRP R 218 30.92 -74.21 45.83
C TRP R 218 30.40 -73.80 47.19
N ASN R 219 31.29 -73.20 47.99
CA ASN R 219 30.95 -72.66 49.28
C ASN R 219 31.17 -71.15 49.26
N THR R 220 30.22 -70.42 49.85
CA THR R 220 30.26 -68.97 49.84
C THR R 220 30.20 -68.45 51.27
N TYR R 221 31.06 -67.48 51.58
CA TYR R 221 31.13 -66.89 52.91
C TYR R 221 31.15 -65.37 52.77
N TYR R 222 30.66 -64.70 53.82
CA TYR R 222 30.53 -63.25 53.81
C TYR R 222 31.16 -62.67 55.07
N THR R 223 31.76 -61.48 54.94
CA THR R 223 32.36 -60.78 56.05
C THR R 223 31.99 -59.30 55.97
N VAL R 224 31.94 -58.65 57.14
CA VAL R 224 31.62 -57.24 57.25
C VAL R 224 32.81 -56.52 57.84
N THR R 225 33.23 -55.44 57.19
CA THR R 225 34.41 -54.68 57.59
C THR R 225 33.96 -53.32 58.12
N ASP R 226 33.88 -53.20 59.45
CA ASP R 226 33.61 -51.93 60.10
C ASP R 226 34.92 -51.30 60.57
N LYS R 227 34.81 -50.21 61.33
CA LYS R 227 36.01 -49.54 61.81
C LYS R 227 36.78 -50.40 62.81
N GLU R 228 36.08 -51.21 63.59
CA GLU R 228 36.76 -52.09 64.55
C GLU R 228 37.61 -53.12 63.83
N GLY R 229 37.09 -53.71 62.76
CA GLY R 229 37.80 -54.72 62.01
C GLY R 229 36.85 -55.46 61.10
N GLU R 230 37.33 -56.59 60.58
CA GLU R 230 36.57 -57.44 59.67
C GLU R 230 35.99 -58.60 60.47
N LYS R 231 34.66 -58.69 60.52
CA LYS R 231 33.99 -59.72 61.29
C LYS R 231 33.21 -60.65 60.37
N PRO R 232 33.36 -61.95 60.51
CA PRO R 232 32.60 -62.88 59.65
C PRO R 232 31.11 -62.81 59.94
N LEU R 233 30.32 -63.06 58.90
CA LEU R 233 28.87 -63.06 58.99
C LEU R 233 28.34 -64.46 58.71
N ASN R 234 27.44 -64.92 59.56
CA ASN R 234 26.91 -66.28 59.48
C ASN R 234 25.52 -66.29 58.86
N VAL R 235 25.25 -67.30 58.06
CA VAL R 235 23.94 -67.50 57.47
C VAL R 235 23.08 -68.28 58.45
N ALA R 236 21.78 -67.97 58.47
CA ALA R 236 20.89 -68.54 59.48
C ALA R 236 20.84 -70.06 59.40
N ALA R 237 20.73 -70.60 58.18
CA ALA R 237 20.61 -72.04 57.98
C ALA R 237 21.54 -72.54 56.89
N GLY R 238 22.69 -71.88 56.72
CA GLY R 238 23.63 -72.31 55.71
C GLY R 238 24.27 -73.65 56.06
N ASP R 239 24.38 -74.51 55.05
CA ASP R 239 24.94 -75.86 55.24
C ASP R 239 26.43 -75.90 54.95
N ALA R 240 27.20 -75.00 55.57
CA ALA R 240 28.65 -74.99 55.41
C ALA R 240 29.25 -74.45 56.72
N GLN R 241 29.63 -75.36 57.60
CA GLN R 241 30.10 -75.02 58.94
C GLN R 241 31.59 -75.31 59.02
N THR R 242 32.39 -74.25 59.08
CA THR R 242 33.82 -74.40 59.28
C THR R 242 34.11 -74.81 60.72
N PRO R 243 35.27 -75.42 60.97
CA PRO R 243 35.62 -75.78 62.35
C PRO R 243 35.65 -74.58 63.29
N THR R 244 36.04 -73.39 62.79
CA THR R 244 36.02 -72.21 63.63
C THR R 244 34.61 -71.86 64.06
N GLY R 245 33.63 -71.99 63.16
CA GLY R 245 32.26 -71.69 63.48
C GLY R 245 31.57 -70.84 62.44
N HIS R 246 32.34 -70.31 61.49
CA HIS R 246 31.78 -69.50 60.41
C HIS R 246 30.84 -70.36 59.56
N VAL R 247 29.67 -69.81 59.25
CA VAL R 247 28.62 -70.55 58.56
C VAL R 247 28.41 -69.91 57.20
N GLY R 248 28.71 -70.65 56.13
CA GLY R 248 28.42 -70.25 54.78
C GLY R 248 27.30 -71.05 54.17
N HIS R 249 27.13 -70.93 52.86
CA HIS R 249 26.10 -71.64 52.14
C HIS R 249 26.71 -72.29 50.91
N THR R 250 26.10 -73.39 50.49
CA THR R 250 26.61 -74.21 49.39
C THR R 250 25.81 -73.96 48.12
N MET R 251 26.51 -73.94 46.99
CA MET R 251 25.90 -73.74 45.68
C MET R 251 26.25 -74.92 44.79
N LYS R 252 25.24 -75.44 44.09
CA LYS R 252 25.40 -76.60 43.22
C LYS R 252 24.91 -76.28 41.82
N PHE R 253 25.50 -76.92 40.82
CA PHE R 253 25.20 -76.65 39.41
C PHE R 253 24.93 -77.95 38.67
N ASN R 254 24.18 -77.82 37.57
CA ASN R 254 23.81 -78.97 36.76
C ASN R 254 24.94 -79.30 35.78
N ASN R 255 24.66 -80.21 34.85
CA ASN R 255 25.67 -80.60 33.87
C ASN R 255 25.92 -79.49 32.86
N ASP R 256 24.87 -78.77 32.46
CA ASP R 256 25.02 -77.70 31.48
C ASP R 256 25.60 -76.42 32.08
N GLY R 257 26.01 -76.44 33.34
CA GLY R 257 26.60 -75.28 33.98
C GLY R 257 25.60 -74.33 34.61
N THR R 258 24.31 -74.56 34.45
CA THR R 258 23.31 -73.68 35.03
C THR R 258 23.19 -73.94 36.53
N LEU R 259 22.35 -73.14 37.19
CA LEU R 259 22.16 -73.26 38.62
C LEU R 259 21.25 -74.44 38.93
N ALA R 260 21.65 -75.25 39.91
CA ALA R 260 20.87 -76.43 40.31
C ALA R 260 20.14 -76.19 41.62
N SER R 261 20.86 -75.82 42.67
CA SER R 261 20.26 -75.62 43.98
C SER R 261 21.13 -74.66 44.79
N LEU R 262 20.52 -74.06 45.81
CA LEU R 262 21.18 -73.09 46.66
C LEU R 262 20.83 -73.39 48.11
N ASN R 263 21.85 -73.71 48.92
CA ASN R 263 21.69 -73.93 50.36
C ASN R 263 20.59 -74.95 50.65
N ASN R 264 20.63 -76.06 49.91
CA ASN R 264 19.64 -77.13 50.03
C ASN R 264 18.22 -76.62 49.76
N GLY R 265 18.08 -75.68 48.84
CA GLY R 265 16.77 -75.15 48.51
C GLY R 265 16.20 -74.17 49.50
N GLN R 266 16.96 -73.76 50.51
CA GLN R 266 16.46 -72.83 51.50
C GLN R 266 16.87 -71.40 51.17
N PRO R 267 16.05 -70.42 51.56
CA PRO R 267 16.43 -69.02 51.34
C PRO R 267 17.68 -68.66 52.13
N ILE R 268 18.50 -67.78 51.55
CA ILE R 268 19.76 -67.37 52.16
C ILE R 268 19.49 -66.07 52.91
N THR R 269 19.35 -66.17 54.23
CA THR R 269 19.15 -65.01 55.08
C THR R 269 20.23 -64.99 56.15
N SER R 270 20.96 -63.89 56.23
CA SER R 270 22.03 -63.78 57.20
C SER R 270 21.48 -63.40 58.57
N VAL R 271 22.29 -63.63 59.61
CA VAL R 271 21.92 -63.29 60.96
C VAL R 271 21.99 -61.78 61.14
N ALA R 272 21.43 -61.29 62.25
CA ALA R 272 21.47 -59.85 62.53
C ALA R 272 22.92 -59.38 62.69
N LEU R 273 23.22 -58.22 62.12
CA LEU R 273 24.59 -57.71 62.13
C LEU R 273 25.03 -57.36 63.55
N GLY R 274 24.21 -56.62 64.28
CA GLY R 274 24.63 -56.08 65.56
C GLY R 274 23.93 -56.66 66.77
N ASP R 275 23.31 -57.82 66.62
CA ASP R 275 22.64 -58.45 67.75
C ASP R 275 23.52 -59.57 68.29
N PRO R 276 24.07 -59.43 69.50
CA PRO R 276 24.87 -60.53 70.08
C PRO R 276 24.05 -61.78 70.35
N ALA R 277 22.73 -61.67 70.46
CA ALA R 277 21.88 -62.81 70.76
C ALA R 277 21.89 -63.87 69.65
N THR R 278 22.21 -63.48 68.42
CA THR R 278 22.26 -64.42 67.31
C THR R 278 23.57 -64.42 66.55
N ASN R 279 24.50 -63.52 66.86
CA ASN R 279 25.77 -63.41 66.16
C ASN R 279 26.90 -63.49 67.17
N THR R 280 27.89 -64.35 66.89
CA THR R 280 29.05 -64.46 67.76
C THR R 280 30.01 -63.29 67.60
N THR R 281 29.95 -62.60 66.46
CA THR R 281 30.78 -61.41 66.20
C THR R 281 29.86 -60.28 65.77
N PRO R 282 29.20 -59.63 66.72
CA PRO R 282 28.24 -58.57 66.37
C PRO R 282 28.94 -57.42 65.67
N VAL R 283 28.29 -56.88 64.63
CA VAL R 283 28.83 -55.72 63.93
C VAL R 283 28.53 -54.46 64.73
N ASP R 284 29.53 -53.59 64.85
CA ASP R 284 29.38 -52.34 65.58
C ASP R 284 28.54 -51.36 64.78
N MET R 285 27.22 -51.38 64.99
CA MET R 285 26.32 -50.52 64.23
C MET R 285 26.50 -49.05 64.57
N ASN R 286 27.19 -48.72 65.66
CA ASN R 286 27.44 -47.35 66.08
C ASN R 286 26.13 -46.58 66.26
N GLY R 287 25.14 -47.24 66.85
CA GLY R 287 23.85 -46.65 67.09
C GLY R 287 22.78 -47.00 66.08
N ALA R 288 23.12 -47.73 65.02
CA ALA R 288 22.14 -48.12 64.03
C ALA R 288 21.33 -49.31 64.53
N ASP R 289 20.39 -49.74 63.69
CA ASP R 289 19.52 -50.86 64.04
C ASP R 289 20.34 -52.15 64.05
N PRO R 290 20.39 -52.85 65.18
CA PRO R 290 21.19 -54.08 65.26
C PRO R 290 20.50 -55.29 64.66
N ALA R 291 19.20 -55.22 64.39
CA ALA R 291 18.44 -56.36 63.89
C ALA R 291 18.34 -56.39 62.38
N GLN R 292 19.24 -55.69 61.68
CA GLN R 292 19.21 -55.69 60.23
C GLN R 292 19.53 -57.09 59.69
N THR R 293 18.77 -57.52 58.70
CA THR R 293 18.96 -58.82 58.08
C THR R 293 19.14 -58.65 56.57
N LEU R 294 19.95 -59.52 55.98
CA LEU R 294 20.25 -59.45 54.56
C LEU R 294 19.76 -60.71 53.86
N ASN R 295 19.09 -60.52 52.73
CA ASN R 295 18.64 -61.62 51.89
C ASN R 295 19.44 -61.61 50.60
N PHE R 296 20.11 -62.73 50.31
CA PHE R 296 20.95 -62.86 49.13
C PHE R 296 20.19 -63.64 48.06
N GLY R 297 20.07 -63.04 46.88
CA GLY R 297 19.47 -63.73 45.76
C GLY R 297 20.48 -64.03 44.66
N LEU R 298 20.83 -65.30 44.50
CA LEU R 298 21.82 -65.72 43.53
C LEU R 298 21.20 -66.67 42.51
N GLY R 299 20.00 -66.35 42.04
CA GLY R 299 19.31 -67.21 41.10
C GLY R 299 19.89 -67.20 39.70
N SER R 300 20.81 -66.29 39.41
CA SER R 300 21.43 -66.20 38.10
C SER R 300 22.86 -66.72 38.09
N ALA R 301 23.31 -67.33 39.19
CA ALA R 301 24.69 -67.80 39.27
C ALA R 301 24.93 -68.94 38.29
N THR R 302 26.09 -68.90 37.63
CA THR R 302 26.44 -69.89 36.63
C THR R 302 27.88 -70.34 36.85
N GLN R 303 28.20 -71.50 36.32
CA GLN R 303 29.57 -72.04 36.33
C GLN R 303 29.90 -72.53 34.93
N PHE R 304 30.70 -71.76 34.20
CA PHE R 304 31.09 -72.08 32.84
C PHE R 304 32.61 -72.10 32.75
N ALA R 305 33.12 -72.28 31.53
CA ALA R 305 34.56 -72.27 31.29
C ALA R 305 35.15 -70.88 31.39
N ALA R 306 34.33 -69.84 31.35
CA ALA R 306 34.83 -68.48 31.43
C ALA R 306 35.43 -68.21 32.80
N PRO R 307 36.38 -67.26 32.90
CA PRO R 307 36.97 -66.96 34.21
C PRO R 307 35.98 -66.33 35.18
N PHE R 308 36.42 -66.08 36.41
CA PHE R 308 35.56 -65.46 37.41
C PHE R 308 35.14 -64.07 36.95
N GLU R 309 33.86 -63.76 37.10
CA GLU R 309 33.31 -62.49 36.61
C GLU R 309 32.13 -62.09 37.47
N LEU R 310 32.08 -60.82 37.83
CA LEU R 310 30.96 -60.24 38.58
C LEU R 310 30.04 -59.57 37.57
N THR R 311 29.08 -60.34 37.04
CA THR R 311 28.23 -59.84 35.97
C THR R 311 27.24 -58.80 36.49
N LYS R 312 26.58 -59.08 37.61
CA LYS R 312 25.51 -58.23 38.09
C LYS R 312 25.57 -58.11 39.60
N PHE R 313 25.37 -56.90 40.11
CA PHE R 313 25.27 -56.64 41.53
C PHE R 313 24.22 -55.57 41.76
N ASP R 314 23.16 -55.91 42.48
CA ASP R 314 22.06 -54.99 42.76
C ASP R 314 21.66 -55.09 44.22
N GLU R 315 21.40 -53.95 44.84
CA GLU R 315 20.96 -53.89 46.23
C GLU R 315 19.78 -52.92 46.33
N ASP R 316 19.21 -52.83 47.54
CA ASP R 316 18.09 -51.94 47.79
C ASP R 316 18.42 -50.88 48.83
N GLY R 317 19.70 -50.71 49.16
CA GLY R 317 20.09 -49.69 50.11
C GLY R 317 20.04 -48.29 49.51
N ALA R 318 20.02 -47.30 50.39
CA ALA R 318 19.93 -45.91 49.96
C ALA R 318 20.49 -45.01 51.05
N THR R 319 20.80 -43.78 50.66
CA THR R 319 21.36 -42.79 51.57
C THR R 319 20.65 -41.46 51.33
N THR R 320 20.93 -40.50 52.20
CA THR R 320 20.32 -39.17 52.07
C THR R 320 20.77 -38.50 50.78
N GLY R 321 19.86 -37.74 50.18
CA GLY R 321 20.15 -37.12 48.90
C GLY R 321 19.31 -35.88 48.67
N PHE R 322 19.58 -35.22 47.55
CA PHE R 322 18.91 -33.99 47.17
C PHE R 322 18.33 -34.15 45.78
N LEU R 323 17.14 -33.56 45.57
CA LEU R 323 16.48 -33.60 44.28
C LEU R 323 17.40 -33.05 43.20
N THR R 324 17.63 -33.86 42.15
CA THR R 324 18.50 -33.48 41.06
C THR R 324 17.74 -33.10 39.80
N LYS R 325 16.78 -33.91 39.36
CA LYS R 325 16.00 -33.57 38.18
C LYS R 325 14.64 -34.24 38.28
N VAL R 326 13.68 -33.69 37.54
CA VAL R 326 12.30 -34.19 37.51
C VAL R 326 11.84 -34.20 36.07
N ASP R 327 11.21 -35.30 35.66
CA ASP R 327 10.66 -35.41 34.32
C ASP R 327 9.32 -36.14 34.39
N PHE R 328 8.54 -36.01 33.32
CA PHE R 328 7.21 -36.58 33.22
C PHE R 328 7.17 -37.59 32.08
N ASP R 329 6.67 -38.79 32.35
CA ASP R 329 6.52 -39.79 31.32
C ASP R 329 5.11 -39.74 30.74
N GLU R 330 4.88 -40.55 29.70
CA GLU R 330 3.59 -40.53 29.02
C GLU R 330 2.46 -41.03 29.92
N ASN R 331 2.75 -41.87 30.90
CA ASN R 331 1.73 -42.36 31.80
C ASN R 331 1.25 -41.29 32.79
N GLY R 332 1.91 -40.14 32.84
CA GLY R 332 1.59 -39.11 33.80
C GLY R 332 2.35 -39.20 35.10
N SER R 333 3.15 -40.24 35.28
CA SER R 333 3.94 -40.38 36.50
C SER R 333 5.06 -39.36 36.51
N VAL R 334 5.20 -38.64 37.62
CA VAL R 334 6.25 -37.65 37.79
C VAL R 334 7.40 -38.33 38.53
N MET R 335 8.53 -38.50 37.85
CA MET R 335 9.67 -39.18 38.41
C MET R 335 10.79 -38.20 38.72
N GLY R 336 11.50 -38.45 39.80
CA GLY R 336 12.60 -37.61 40.20
C GLY R 336 13.79 -38.39 40.72
N THR R 337 14.99 -38.06 40.23
CA THR R 337 16.20 -38.72 40.66
C THR R 337 16.92 -37.87 41.68
N TYR R 338 17.46 -38.51 42.71
CA TYR R 338 18.12 -37.83 43.81
C TYR R 338 19.62 -38.10 43.76
N SER R 339 20.35 -37.49 44.69
CA SER R 339 21.80 -37.62 44.70
C SER R 339 22.25 -39.04 45.00
N ASN R 340 21.52 -39.75 45.87
CA ASN R 340 21.88 -41.13 46.19
C ASN R 340 21.72 -42.03 44.97
N GLY R 341 20.75 -41.74 44.12
CA GLY R 341 20.52 -42.49 42.89
C GLY R 341 19.14 -43.08 42.75
N GLU R 342 18.33 -43.10 43.80
CA GLU R 342 16.99 -43.69 43.70
C GLU R 342 16.11 -42.86 42.78
N ASN R 343 15.41 -43.55 41.88
CA ASN R 343 14.48 -42.89 40.95
C ASN R 343 13.06 -42.95 41.54
N VAL R 344 12.85 -42.15 42.58
CA VAL R 344 11.58 -42.16 43.29
C VAL R 344 10.49 -41.57 42.40
N THR R 345 9.35 -42.26 42.34
CA THR R 345 8.19 -41.78 41.60
C THR R 345 7.30 -41.01 42.58
N LEU R 346 7.23 -39.69 42.39
CA LEU R 346 6.48 -38.86 43.34
C LEU R 346 4.99 -39.12 43.26
N GLY R 347 4.47 -39.43 42.08
CA GLY R 347 3.06 -39.70 41.93
C GLY R 347 2.65 -39.67 40.47
N ARG R 348 1.35 -39.63 40.26
CA ARG R 348 0.77 -39.48 38.94
C ARG R 348 -0.11 -38.24 38.89
N VAL R 349 -0.48 -37.83 37.68
CA VAL R 349 -1.34 -36.68 37.47
C VAL R 349 -2.73 -37.20 37.16
N ALA R 350 -3.69 -36.85 38.00
CA ALA R 350 -5.05 -37.36 37.85
C ALA R 350 -5.70 -36.78 36.60
N LEU R 351 -6.53 -37.61 35.95
CA LEU R 351 -7.28 -37.22 34.77
C LEU R 351 -8.76 -37.48 35.02
N VAL R 352 -9.60 -36.55 34.58
CA VAL R 352 -11.03 -36.63 34.81
C VAL R 352 -11.75 -36.52 33.47
N ARG R 353 -12.74 -37.38 33.26
CA ARG R 353 -13.58 -37.35 32.08
C ARG R 353 -15.03 -37.47 32.50
N VAL R 354 -15.90 -36.71 31.85
CA VAL R 354 -17.33 -36.80 32.12
C VAL R 354 -18.03 -37.33 30.88
N PRO R 355 -19.14 -38.07 31.03
CA PRO R 355 -19.84 -38.58 29.84
C PRO R 355 -20.36 -37.49 28.92
N ASN R 356 -20.81 -36.37 29.49
CA ASN R 356 -21.37 -35.25 28.74
C ASN R 356 -20.55 -34.00 29.04
N GLU R 357 -19.63 -33.65 28.13
CA GLU R 357 -18.83 -32.45 28.33
C GLU R 357 -19.61 -31.18 28.03
N GLN R 358 -20.67 -31.26 27.24
CA GLN R 358 -21.45 -30.08 26.89
C GLN R 358 -22.27 -29.54 28.05
N GLY R 359 -22.38 -30.28 29.15
CA GLY R 359 -23.24 -29.88 30.25
C GLY R 359 -22.50 -29.33 31.46
N LEU R 360 -21.16 -29.35 31.39
CA LEU R 360 -20.36 -28.78 32.46
C LEU R 360 -20.67 -27.31 32.62
N ASP R 361 -20.88 -26.87 33.87
CA ASP R 361 -21.04 -25.46 34.15
C ASP R 361 -19.66 -24.79 34.14
N LYS R 362 -19.61 -23.56 33.66
CA LYS R 362 -18.36 -22.86 33.41
C LYS R 362 -18.06 -21.93 34.58
N LYS R 363 -16.96 -22.19 35.28
CA LYS R 363 -16.48 -21.27 36.29
C LYS R 363 -15.45 -20.32 35.67
N GLY R 364 -14.91 -19.43 36.48
CA GLY R 364 -13.91 -18.52 35.99
C GLY R 364 -12.56 -19.19 35.81
N GLY R 365 -11.69 -18.50 35.07
CA GLY R 365 -10.34 -19.01 34.84
C GLY R 365 -10.28 -20.29 34.03
N THR R 366 -11.13 -20.42 33.02
CA THR R 366 -11.12 -21.56 32.11
C THR R 366 -11.20 -22.88 32.88
N GLN R 367 -12.13 -22.94 33.83
CA GLN R 367 -12.33 -24.11 34.66
C GLN R 367 -13.79 -24.52 34.62
N TRP R 368 -14.02 -25.82 34.74
CA TRP R 368 -15.35 -26.40 34.69
C TRP R 368 -15.60 -27.26 35.93
N ASP R 369 -16.87 -27.47 36.23
CA ASP R 369 -17.29 -28.33 37.33
C ASP R 369 -18.38 -29.27 36.84
N SER R 370 -18.61 -30.32 37.60
CA SER R 370 -19.57 -31.36 37.22
C SER R 370 -20.94 -31.00 37.77
N THR R 371 -21.95 -30.96 36.90
CA THR R 371 -23.32 -30.73 37.29
C THR R 371 -24.15 -31.98 37.04
N GLN R 372 -25.46 -31.86 37.26
CA GLN R 372 -26.37 -32.99 37.04
C GLN R 372 -26.38 -33.41 35.58
N PHE R 373 -26.47 -32.45 34.65
CA PHE R 373 -26.55 -32.78 33.23
C PHE R 373 -25.25 -33.39 32.73
N SER R 374 -24.11 -32.90 33.23
CA SER R 374 -22.83 -33.44 32.80
C SER R 374 -22.66 -34.89 33.21
N GLY R 375 -23.12 -35.25 34.41
CA GLY R 375 -22.96 -36.59 34.95
C GLY R 375 -22.15 -36.57 36.23
N ASP R 376 -21.24 -37.52 36.36
CA ASP R 376 -20.34 -37.60 37.51
C ASP R 376 -18.91 -37.78 37.01
N LYS R 377 -17.98 -37.22 37.78
CA LYS R 377 -16.57 -37.26 37.40
C LYS R 377 -16.08 -38.71 37.40
N ILE R 378 -15.55 -39.15 36.27
CA ILE R 378 -14.97 -40.49 36.13
C ILE R 378 -13.47 -40.35 36.17
N TRP R 379 -12.85 -40.86 37.23
CA TRP R 379 -11.41 -40.71 37.41
C TRP R 379 -10.66 -41.82 36.68
N GLY R 380 -9.43 -41.50 36.28
CA GLY R 380 -8.62 -42.45 35.56
C GLY R 380 -7.20 -41.94 35.42
N GLU R 381 -6.35 -42.80 34.87
CA GLU R 381 -4.95 -42.44 34.66
C GLU R 381 -4.77 -41.90 33.24
N SER R 382 -3.52 -41.66 32.86
CA SER R 382 -3.18 -41.17 31.53
C SER R 382 -2.91 -42.34 30.60
N ASN R 383 -3.42 -42.25 29.37
CA ASN R 383 -3.24 -43.28 28.36
C ASN R 383 -3.76 -44.63 28.83
N LYS R 384 -4.92 -44.61 29.48
CA LYS R 384 -5.56 -45.80 30.00
C LYS R 384 -7.04 -45.75 29.68
N GLY R 385 -7.57 -46.86 29.17
CA GLY R 385 -8.99 -46.89 28.81
C GLY R 385 -9.28 -45.89 27.71
N SER R 386 -10.23 -44.99 27.97
CA SER R 386 -10.65 -44.00 26.99
C SER R 386 -9.95 -42.66 27.15
N PHE R 387 -9.03 -42.53 28.09
CA PHE R 387 -8.36 -41.26 28.32
C PHE R 387 -7.25 -41.06 27.30
N GLY R 388 -6.79 -39.81 27.22
CA GLY R 388 -5.69 -39.44 26.36
C GLY R 388 -4.37 -39.50 27.08
N THR R 389 -3.37 -38.86 26.49
CA THR R 389 -2.02 -38.83 27.03
C THR R 389 -1.71 -37.46 27.63
N ILE R 390 -0.61 -37.40 28.38
CA ILE R 390 -0.14 -36.16 28.97
C ILE R 390 1.24 -35.87 28.41
N ASN R 391 1.41 -34.67 27.84
CA ASN R 391 2.68 -34.24 27.28
C ASN R 391 3.16 -33.01 28.04
N ASN R 392 4.40 -33.06 28.51
CA ASN R 392 5.00 -31.91 29.16
C ASN R 392 5.67 -31.01 28.13
N GLY R 393 5.82 -29.74 28.49
CA GLY R 393 6.40 -28.76 27.59
C GLY R 393 5.47 -28.20 26.55
N MET R 394 4.17 -28.43 26.66
CA MET R 394 3.19 -27.91 25.73
C MET R 394 2.05 -27.25 26.49
N LEU R 395 1.29 -26.42 25.79
CA LEU R 395 0.10 -25.79 26.33
C LEU R 395 -0.96 -25.76 25.25
N GLU R 396 -2.22 -25.69 25.68
CA GLU R 396 -3.35 -25.64 24.77
C GLU R 396 -3.73 -24.18 24.51
N GLN R 397 -3.87 -23.83 23.23
CA GLN R 397 -4.42 -22.54 22.86
C GLN R 397 -5.92 -22.67 22.68
N SER R 398 -6.57 -21.55 22.38
CA SER R 398 -8.01 -21.58 22.13
C SER R 398 -8.31 -22.36 20.86
N ASN R 399 -9.43 -23.08 20.88
CA ASN R 399 -9.84 -23.90 19.74
C ASN R 399 -10.75 -23.11 18.81
N ILE R 400 -10.29 -21.92 18.45
CA ILE R 400 -11.08 -21.01 17.62
C ILE R 400 -10.33 -20.75 16.32
N ASP R 401 -11.09 -20.35 15.31
CA ASP R 401 -10.54 -19.96 14.01
C ASP R 401 -10.95 -18.52 13.74
N MET R 402 -9.97 -17.65 13.57
CA MET R 402 -10.25 -16.22 13.41
C MET R 402 -11.10 -15.96 12.16
N THR R 403 -10.81 -16.67 11.08
CA THR R 403 -11.57 -16.49 9.84
C THR R 403 -13.05 -16.75 10.06
N GLN R 404 -13.38 -17.89 10.66
CA GLN R 404 -14.78 -18.23 10.89
C GLN R 404 -15.44 -17.23 11.84
N GLU R 405 -14.73 -16.80 12.87
CA GLU R 405 -15.30 -15.85 13.81
C GLU R 405 -15.61 -14.52 13.13
N LEU R 406 -14.69 -14.03 12.30
CA LEU R 406 -14.92 -12.76 11.62
C LEU R 406 -16.08 -12.87 10.63
N VAL R 407 -16.15 -13.98 9.89
CA VAL R 407 -17.25 -14.16 8.95
C VAL R 407 -18.58 -14.23 9.69
N ASP R 408 -18.62 -14.94 10.82
CA ASP R 408 -19.83 -14.98 11.63
C ASP R 408 -20.18 -13.61 12.18
N LEU R 409 -19.16 -12.81 12.51
CA LEU R 409 -19.41 -11.44 12.96
C LEU R 409 -20.13 -10.64 11.89
N ILE R 410 -19.63 -10.73 10.65
CA ILE R 410 -20.26 -10.01 9.54
C ILE R 410 -21.70 -10.49 9.35
N SER R 411 -21.90 -11.81 9.37
CA SER R 411 -23.24 -12.35 9.17
C SER R 411 -24.19 -11.91 10.27
N ALA R 412 -23.72 -11.90 11.53
CA ALA R 412 -24.56 -11.47 12.64
C ALA R 412 -24.93 -10.00 12.50
N GLN R 413 -23.98 -9.17 12.07
CA GLN R 413 -24.30 -7.76 11.84
C GLN R 413 -25.35 -7.61 10.76
N ARG R 414 -25.24 -8.39 9.69
CA ARG R 414 -26.24 -8.33 8.63
C ARG R 414 -27.63 -8.73 9.14
N ASN R 415 -27.69 -9.81 9.94
CA ASN R 415 -28.96 -10.24 10.51
C ASN R 415 -29.55 -9.17 11.42
N PHE R 416 -28.70 -8.55 12.23
CA PHE R 416 -29.17 -7.50 13.13
C PHE R 416 -29.74 -6.32 12.34
N GLN R 417 -29.07 -5.94 11.25
CA GLN R 417 -29.57 -4.86 10.42
C GLN R 417 -30.92 -5.22 9.81
N ALA R 418 -31.06 -6.47 9.34
CA ALA R 418 -32.34 -6.89 8.75
C ALA R 418 -33.46 -6.83 9.78
N ASN R 419 -33.20 -7.33 11.00
CA ASN R 419 -34.22 -7.30 12.03
C ASN R 419 -34.59 -5.88 12.44
N SER R 420 -33.59 -5.00 12.53
CA SER R 420 -33.87 -3.60 12.82
C SER R 420 -34.73 -2.97 11.74
N ARG R 421 -34.47 -3.32 10.47
CA ARG R 421 -35.30 -2.83 9.38
C ARG R 421 -36.74 -3.29 9.53
N SER R 422 -36.94 -4.57 9.90
CA SER R 422 -38.29 -5.07 10.09
C SER R 422 -39.01 -4.32 11.22
N LEU R 423 -38.30 -4.09 12.33
CA LEU R 423 -38.90 -3.35 13.44
C LEU R 423 -39.25 -1.93 13.02
N GLU R 424 -38.38 -1.30 12.21
CA GLU R 424 -38.64 0.04 11.72
C GLU R 424 -39.90 0.07 10.86
N VAL R 425 -40.07 -0.96 10.00
CA VAL R 425 -41.27 -1.02 9.18
C VAL R 425 -42.52 -1.16 10.05
N HIS R 426 -42.45 -1.99 11.09
CA HIS R 426 -43.59 -2.15 12.00
C HIS R 426 -43.95 -0.83 12.65
N ASN R 427 -42.96 -0.12 13.18
CA ASN R 427 -43.21 1.16 13.83
C ASN R 427 -43.78 2.18 12.85
N GLN R 428 -43.26 2.19 11.62
CA GLN R 428 -43.78 3.11 10.62
C GLN R 428 -45.24 2.82 10.29
N LEU R 429 -45.61 1.54 10.20
CA LEU R 429 -47.01 1.20 9.96
C LEU R 429 -47.89 1.68 11.11
N GLN R 430 -47.44 1.46 12.35
CA GLN R 430 -48.23 1.90 13.49
C GLN R 430 -48.41 3.42 13.49
N GLN R 431 -47.33 4.15 13.21
CA GLN R 431 -47.43 5.61 13.17
C GLN R 431 -48.31 6.07 12.02
N ASN R 432 -48.29 5.35 10.89
CA ASN R 432 -49.16 5.70 9.78
C ASN R 432 -50.63 5.55 10.16
N ILE R 433 -50.95 4.48 10.88
CA ILE R 433 -52.33 4.33 11.35
C ILE R 433 -52.67 5.41 12.37
N LEU R 434 -51.70 5.79 13.20
CA LEU R 434 -51.95 6.82 14.21
C LEU R 434 -52.45 8.12 13.59
N GLN R 435 -52.01 8.43 12.37
CA GLN R 435 -52.34 9.71 11.73
C GLN R 435 -53.60 9.58 10.86
N ILE R 436 -54.70 9.22 11.50
CA ILE R 436 -55.98 9.12 10.82
C ILE R 436 -57.06 9.82 11.64
N SER S 2 -37.47 14.69 31.90
CA SER S 2 -36.52 15.35 31.02
C SER S 2 -35.25 15.73 31.78
N TYR S 3 -35.40 16.06 33.06
CA TYR S 3 -34.24 16.42 33.86
C TYR S 3 -33.32 15.24 34.08
N VAL S 4 -33.85 14.02 34.09
CA VAL S 4 -32.99 12.84 34.17
C VAL S 4 -32.12 12.75 32.92
N SER S 5 -32.72 12.97 31.75
CA SER S 5 -31.95 12.94 30.51
C SER S 5 -30.92 14.06 30.47
N LEU S 6 -31.30 15.24 30.98
CA LEU S 6 -30.36 16.35 31.03
C LEU S 6 -29.19 16.04 31.95
N SER S 7 -29.46 15.39 33.09
CA SER S 7 -28.39 14.97 33.98
C SER S 7 -27.48 13.95 33.32
N GLY S 8 -28.07 13.02 32.56
CA GLY S 8 -27.25 12.07 31.82
C GLY S 8 -26.37 12.76 30.79
N LEU S 9 -26.92 13.75 30.09
CA LEU S 9 -26.12 14.53 29.14
C LEU S 9 -24.98 15.24 29.85
N SER S 10 -25.26 15.84 31.01
CA SER S 10 -24.23 16.53 31.76
C SER S 10 -23.13 15.58 32.21
N ALA S 11 -23.51 14.38 32.67
CA ALA S 11 -22.51 13.40 33.08
C ALA S 11 -21.65 12.95 31.90
N ALA S 12 -22.28 12.67 30.76
CA ALA S 12 -21.53 12.26 29.59
C ALA S 12 -20.58 13.35 29.14
N GLN S 13 -21.03 14.61 29.17
CA GLN S 13 -20.18 15.71 28.76
C GLN S 13 -19.03 15.92 29.75
N LEU S 14 -19.27 15.71 31.04
CA LEU S 14 -18.19 15.77 32.02
C LEU S 14 -17.14 14.71 31.76
N ASP S 15 -17.57 13.49 31.45
CA ASP S 15 -16.62 12.44 31.12
C ASP S 15 -15.85 12.79 29.85
N LEU S 16 -16.54 13.37 28.87
CA LEU S 16 -15.90 13.81 27.64
C LEU S 16 -14.82 14.85 27.94
N ASN S 17 -15.14 15.82 28.80
CA ASN S 17 -14.17 16.86 29.16
C ASN S 17 -12.97 16.27 29.88
N THR S 18 -13.21 15.33 30.80
CA THR S 18 -12.10 14.70 31.51
C THR S 18 -11.19 13.94 30.56
N THR S 19 -11.78 13.18 29.63
CA THR S 19 -10.96 12.45 28.67
C THR S 19 -10.20 13.40 27.75
N SER S 20 -10.85 14.50 27.35
CA SER S 20 -10.18 15.48 26.51
C SER S 20 -9.00 16.12 27.24
N ASN S 21 -9.17 16.42 28.53
CA ASN S 21 -8.06 16.97 29.30
C ASN S 21 -6.92 15.97 29.41
N ASN S 22 -7.24 14.70 29.64
CA ASN S 22 -6.20 13.67 29.70
C ASN S 22 -5.44 13.58 28.38
N ILE S 23 -6.16 13.61 27.26
CA ILE S 23 -5.50 13.52 25.95
C ILE S 23 -4.66 14.76 25.69
N ALA S 24 -5.17 15.94 26.07
CA ALA S 24 -4.42 17.17 25.85
C ALA S 24 -3.12 17.17 26.65
N ASN S 25 -3.16 16.63 27.86
CA ASN S 25 -1.96 16.61 28.71
C ASN S 25 -1.06 15.41 28.42
N ALA S 26 -1.11 14.84 27.22
CA ALA S 26 -0.34 13.64 26.92
C ALA S 26 1.16 13.89 26.94
N ASN S 27 1.61 15.13 26.82
CA ASN S 27 3.03 15.43 26.79
C ASN S 27 3.52 16.19 28.02
N THR S 28 2.62 16.67 28.87
CA THR S 28 3.03 17.40 30.07
C THR S 28 3.83 16.49 30.99
N TYR S 29 4.93 17.02 31.51
CA TYR S 29 5.79 16.27 32.42
C TYR S 29 5.16 16.22 33.81
N GLY S 30 5.09 15.03 34.38
CA GLY S 30 4.57 14.87 35.72
C GLY S 30 3.07 14.91 35.84
N PHE S 31 2.33 14.90 34.73
CA PHE S 31 0.89 14.91 34.80
C PHE S 31 0.36 13.60 35.36
N LYS S 32 -0.75 13.70 36.09
CA LYS S 32 -1.45 12.54 36.63
C LYS S 32 -2.86 12.52 36.07
N GLU S 33 -3.26 11.37 35.52
CA GLU S 33 -4.53 11.29 34.82
C GLU S 33 -5.70 11.44 35.80
N SER S 34 -6.88 11.64 35.25
CA SER S 34 -8.09 11.81 36.04
C SER S 34 -9.16 10.84 35.55
N ARG S 35 -10.03 10.45 36.47
CA ARG S 35 -11.14 9.56 36.17
C ARG S 35 -12.42 10.14 36.74
N ALA S 36 -13.48 10.08 35.96
CA ALA S 36 -14.78 10.62 36.36
C ALA S 36 -15.64 9.50 36.92
N GLU S 37 -16.16 9.70 38.13
CA GLU S 37 -17.00 8.72 38.79
C GLU S 37 -18.34 9.37 39.12
N PHE S 38 -19.42 8.66 38.83
CA PHE S 38 -20.77 9.18 39.00
C PHE S 38 -21.53 8.33 40.01
N ALA S 39 -22.72 8.79 40.37
CA ALA S 39 -23.56 8.11 41.34
C ALA S 39 -25.02 8.31 40.96
N ASP S 40 -25.85 7.38 41.42
CA ASP S 40 -27.28 7.45 41.18
C ASP S 40 -27.92 8.51 42.06
N VAL S 41 -29.09 8.99 41.64
CA VAL S 41 -29.86 9.98 42.38
C VAL S 41 -31.18 9.35 42.78
N TYR S 42 -31.58 9.53 44.03
CA TYR S 42 -32.86 9.05 44.49
C TYR S 42 -33.35 9.92 45.63
N SER S 43 -34.65 10.19 45.64
CA SER S 43 -35.24 11.04 46.66
C SER S 43 -35.29 10.31 48.00
N ASN S 44 -35.40 11.09 49.06
CA ASN S 44 -35.53 10.58 50.42
C ASN S 44 -36.65 11.30 51.15
N SER S 45 -37.79 11.44 50.47
CA SER S 45 -38.93 12.14 51.06
C SER S 45 -39.45 11.36 52.26
N LEU S 46 -40.10 12.10 53.17
CA LEU S 46 -40.65 11.49 54.38
C LEU S 46 -41.74 10.48 54.02
N PHE S 47 -42.58 10.83 53.06
CA PHE S 47 -43.63 9.93 52.57
C PHE S 47 -43.31 9.58 51.12
N THR S 48 -42.58 8.48 50.95
CA THR S 48 -42.10 8.03 49.65
C THR S 48 -42.78 6.72 49.28
N ASN S 49 -43.26 6.64 48.04
CA ASN S 49 -43.88 5.39 47.57
C ASN S 49 -42.84 4.33 47.25
N ALA S 50 -41.62 4.73 46.88
CA ALA S 50 -40.52 3.82 46.59
C ALA S 50 -40.82 2.87 45.44
N LYS S 51 -41.81 1.99 45.61
CA LYS S 51 -42.14 1.04 44.55
C LYS S 51 -42.68 1.76 43.32
N THR S 52 -43.37 2.87 43.51
CA THR S 52 -44.02 3.59 42.42
C THR S 52 -43.26 4.85 42.00
N THR S 53 -42.00 4.98 42.41
CA THR S 53 -41.21 6.15 42.07
C THR S 53 -39.98 5.74 41.27
N PRO S 54 -39.77 6.30 40.08
CA PRO S 54 -38.58 5.96 39.30
C PRO S 54 -37.33 6.64 39.83
N GLY S 55 -36.23 6.52 39.11
CA GLY S 55 -34.98 7.10 39.53
C GLY S 55 -34.98 8.62 39.42
N GLY S 56 -33.83 9.21 39.76
CA GLY S 56 -33.68 10.64 39.73
C GLY S 56 -32.53 11.11 38.87
N GLY S 57 -32.05 10.26 37.99
CA GLY S 57 -30.97 10.62 37.09
C GLY S 57 -29.62 10.13 37.55
N ALA S 58 -28.56 10.87 37.21
CA ALA S 58 -27.21 10.53 37.62
C ALA S 58 -26.49 11.81 38.03
N GLN S 59 -25.74 11.74 39.13
CA GLN S 59 -25.04 12.89 39.67
C GLN S 59 -23.55 12.59 39.72
N ALA S 60 -22.73 13.56 39.31
CA ALA S 60 -21.28 13.40 39.39
C ALA S 60 -20.85 13.29 40.85
N SER S 61 -20.05 12.28 41.15
CA SER S 61 -19.55 12.07 42.51
C SER S 61 -18.24 12.80 42.72
N GLN S 62 -17.22 12.48 41.93
CA GLN S 62 -15.93 13.13 42.03
C GLN S 62 -15.13 12.87 40.76
N VAL S 63 -14.15 13.72 40.50
CA VAL S 63 -13.17 13.49 39.46
C VAL S 63 -11.91 12.98 40.15
N ALA S 64 -11.56 11.71 39.89
CA ALA S 64 -10.43 11.11 40.56
C ALA S 64 -9.12 11.70 40.04
N GLN S 65 -8.04 11.36 40.72
CA GLN S 65 -6.70 11.84 40.43
C GLN S 65 -5.71 10.69 40.48
N GLN S 66 -6.03 9.62 39.75
CA GLN S 66 -5.23 8.40 39.73
C GLN S 66 -3.74 8.70 39.74
N PHE S 67 -3.04 8.22 40.76
CA PHE S 67 -1.65 8.57 41.02
C PHE S 67 -0.71 7.40 40.74
N HIS S 68 -1.10 6.51 39.83
CA HIS S 68 -0.23 5.40 39.51
C HIS S 68 1.00 5.87 38.76
N GLU S 69 2.12 5.18 38.98
CA GLU S 69 3.39 5.62 38.43
C GLU S 69 3.35 5.72 36.91
N GLY S 70 3.91 6.81 36.37
CA GLY S 70 4.00 6.99 34.94
C GLY S 70 5.34 6.53 34.38
N SER S 71 5.40 6.49 33.07
CA SER S 71 6.63 6.06 32.41
C SER S 71 7.68 7.16 32.49
N SER S 72 8.93 6.77 32.24
CA SER S 72 10.07 7.66 32.38
C SER S 72 10.78 7.80 31.05
N ILE S 73 11.17 9.03 30.72
CA ILE S 73 11.98 9.30 29.54
C ILE S 73 13.39 9.62 30.01
N TYR S 74 14.35 9.35 29.14
CA TYR S 74 15.76 9.55 29.44
C TYR S 74 16.31 10.69 28.60
N THR S 75 16.76 11.75 29.25
CA THR S 75 17.30 12.91 28.57
C THR S 75 18.80 13.07 28.71
N ASN S 76 19.44 12.23 29.53
CA ASN S 76 20.87 12.32 29.81
C ASN S 76 21.27 13.67 30.36
N ASN S 77 20.32 14.41 30.93
CA ASN S 77 20.58 15.70 31.55
C ASN S 77 20.44 15.55 33.05
N PRO S 78 21.55 15.54 33.82
CA PRO S 78 21.45 15.20 35.24
C PRO S 78 20.62 16.18 36.06
N MET S 79 20.36 17.38 35.55
CA MET S 79 19.48 18.31 36.24
C MET S 79 18.01 17.89 36.18
N ASP S 80 17.68 16.87 35.40
CA ASP S 80 16.34 16.32 35.37
C ASP S 80 16.22 15.20 36.41
N LEU S 81 15.24 15.33 37.30
CA LEU S 81 15.09 14.39 38.42
C LEU S 81 13.72 13.76 38.38
N ARG S 82 13.66 12.50 38.81
CA ARG S 82 12.42 11.75 38.85
C ARG S 82 12.30 11.04 40.20
N VAL S 83 11.12 11.10 40.79
CA VAL S 83 10.83 10.41 42.05
C VAL S 83 10.23 9.06 41.71
N SER S 84 11.03 8.01 41.85
CA SER S 84 10.57 6.65 41.58
C SER S 84 9.97 6.07 42.85
N GLY S 85 8.67 5.80 42.82
CA GLY S 85 7.99 5.27 43.99
C GLY S 85 7.00 6.24 44.58
N THR S 86 7.06 6.46 45.89
CA THR S 86 6.17 7.36 46.59
C THR S 86 6.93 8.60 47.04
N GLY S 87 6.40 9.77 46.74
CA GLY S 87 6.99 11.02 47.16
C GLY S 87 6.84 12.11 46.12
N PHE S 88 6.80 13.35 46.58
CA PHE S 88 6.71 14.51 45.71
C PHE S 88 7.83 15.49 46.03
N PHE S 89 8.30 16.19 45.00
CA PHE S 89 9.22 17.29 45.20
C PHE S 89 8.50 18.47 45.86
N ALA S 90 9.24 19.25 46.62
CA ALA S 90 8.72 20.43 47.29
C ALA S 90 9.37 21.67 46.71
N VAL S 91 8.55 22.61 46.23
CA VAL S 91 9.03 23.83 45.60
C VAL S 91 8.34 25.02 46.25
N ALA S 92 9.10 26.10 46.43
CA ALA S 92 8.60 27.31 47.08
C ALA S 92 8.50 28.45 46.08
N LYS S 93 7.45 29.26 46.22
CA LYS S 93 7.26 30.40 45.32
C LYS S 93 8.38 31.41 45.48
N GLU S 94 8.76 31.72 46.71
CA GLU S 94 9.78 32.71 47.01
C GLU S 94 10.92 32.07 47.79
N ARG S 95 12.13 32.59 47.58
CA ARG S 95 13.30 32.03 48.26
C ARG S 95 13.21 32.23 49.77
N LEU S 96 12.75 33.40 50.20
CA LEU S 96 12.78 33.76 51.61
C LEU S 96 11.60 33.24 52.41
N THR S 97 10.66 32.55 51.78
CA THR S 97 9.49 32.00 52.46
C THR S 97 9.33 30.52 52.10
N PRO S 98 10.20 29.66 52.64
CA PRO S 98 10.06 28.22 52.37
C PRO S 98 8.79 27.62 52.93
N GLN S 99 8.14 28.30 53.89
CA GLN S 99 6.90 27.78 54.46
C GLN S 99 5.82 27.64 53.38
N GLN S 100 5.69 28.63 52.51
CA GLN S 100 4.73 28.59 51.41
C GLN S 100 5.31 27.74 50.30
N ASN S 101 4.86 26.48 50.20
CA ASN S 101 5.41 25.55 49.23
C ASN S 101 4.30 24.69 48.65
N GLU S 102 4.58 24.09 47.49
CA GLU S 102 3.67 23.21 46.81
C GLU S 102 4.41 21.95 46.35
N LEU S 103 3.64 20.91 46.09
CA LEU S 103 4.20 19.63 45.69
C LEU S 103 4.16 19.47 44.19
N THR S 104 5.21 18.88 43.62
CA THR S 104 5.31 18.69 42.19
C THR S 104 5.96 17.35 41.90
N ARG S 105 5.86 16.91 40.65
CA ARG S 105 6.44 15.65 40.21
C ARG S 105 7.43 15.78 39.07
N ASN S 106 7.36 16.82 38.26
CA ASN S 106 8.32 17.01 37.18
C ASN S 106 9.66 17.45 37.75
N GLY S 107 10.72 17.15 37.01
CA GLY S 107 12.06 17.48 37.47
C GLY S 107 12.86 18.35 36.52
N ALA S 108 12.17 19.25 35.81
CA ALA S 108 12.85 20.16 34.88
C ALA S 108 13.48 21.27 35.70
N PHE S 109 14.67 21.00 36.23
CA PHE S 109 15.38 21.93 37.10
C PHE S 109 16.57 22.55 36.38
N HIS S 110 16.90 23.77 36.78
CA HIS S 110 18.07 24.47 36.23
C HIS S 110 18.48 25.55 37.21
N LEU S 111 19.72 26.02 37.06
CA LEU S 111 20.26 27.07 37.91
C LEU S 111 19.77 28.42 37.43
N ASN S 112 19.34 29.27 38.36
CA ASN S 112 18.99 30.65 38.04
C ASN S 112 20.24 31.51 38.15
N LYS S 113 20.06 32.83 38.09
CA LYS S 113 21.21 33.73 38.15
C LYS S 113 21.89 33.73 39.51
N GLU S 114 21.24 33.20 40.54
CA GLU S 114 21.81 33.13 41.88
C GLU S 114 22.34 31.73 42.22
N ASN S 115 22.47 30.86 41.22
CA ASN S 115 22.94 29.49 41.43
C ASN S 115 22.03 28.71 42.37
N TYR S 116 20.73 28.96 42.28
CA TYR S 116 19.73 28.19 43.00
C TYR S 116 18.97 27.30 42.01
N MET S 117 18.69 26.07 42.41
CA MET S 117 17.94 25.16 41.55
C MET S 117 16.48 25.57 41.55
N VAL S 118 15.96 25.88 40.36
CA VAL S 118 14.59 26.36 40.21
C VAL S 118 13.90 25.52 39.14
N THR S 119 12.58 25.60 39.13
CA THR S 119 11.78 24.90 38.14
C THR S 119 11.62 25.79 36.90
N ALA S 120 10.72 25.40 36.00
CA ALA S 120 10.50 26.19 34.78
C ALA S 120 9.99 27.58 35.10
N ASN S 121 9.11 27.70 36.10
CA ASN S 121 8.55 28.98 36.50
C ASN S 121 9.42 29.72 37.50
N ASP S 122 10.70 29.38 37.59
CA ASP S 122 11.63 30.01 38.53
C ASP S 122 11.13 29.87 39.97
N GLU S 123 10.70 28.67 40.32
CA GLU S 123 10.32 28.34 41.68
C GLU S 123 11.41 27.51 42.33
N PHE S 124 11.90 27.95 43.47
CA PHE S 124 13.04 27.32 44.10
C PHE S 124 12.69 25.94 44.64
N LEU S 125 13.63 25.01 44.53
CA LEU S 125 13.45 23.65 45.04
C LEU S 125 13.90 23.60 46.49
N LEU S 126 13.04 23.05 47.36
CA LEU S 126 13.32 22.97 48.79
C LEU S 126 14.19 21.77 49.10
N GLY S 127 15.18 21.98 49.97
CA GLY S 127 16.08 20.92 50.36
C GLY S 127 16.48 21.04 51.82
N TYR S 128 17.15 20.01 52.30
CA TYR S 128 17.62 19.95 53.67
C TYR S 128 19.07 20.45 53.76
N GLN S 129 19.63 20.43 54.97
CA GLN S 129 21.01 20.81 55.21
C GLN S 129 21.70 19.68 55.96
N VAL S 130 22.64 19.03 55.31
CA VAL S 130 23.32 17.87 55.89
C VAL S 130 24.53 18.35 56.69
N ASP S 131 25.06 17.45 57.53
CA ASP S 131 26.25 17.73 58.32
C ASP S 131 27.50 17.65 57.45
N PRO S 132 28.54 18.40 57.80
CA PRO S 132 29.79 18.33 57.02
C PRO S 132 30.38 16.94 56.94
N SER S 133 30.34 16.19 58.05
CA SER S 133 30.88 14.82 58.09
C SER S 133 29.78 13.77 58.23
N SER S 134 28.86 13.96 59.19
CA SER S 134 27.80 13.00 59.41
C SER S 134 26.85 12.97 58.23
N GLY S 135 26.52 11.75 57.77
CA GLY S 135 25.61 11.62 56.65
C GLY S 135 24.20 12.06 56.98
N GLU S 136 23.75 11.83 58.21
CA GLU S 136 22.40 12.19 58.60
C GLU S 136 22.22 13.70 58.56
N VAL S 137 21.06 14.14 58.07
CA VAL S 137 20.72 15.55 58.03
C VAL S 137 20.34 16.01 59.42
N SER S 138 20.87 17.16 59.83
CA SER S 138 20.63 17.65 61.19
C SER S 138 19.23 18.25 61.32
N SER S 139 18.97 19.34 60.59
CA SER S 139 17.71 20.05 60.70
C SER S 139 16.79 19.68 59.55
N TYR S 140 15.53 19.40 59.87
CA TYR S 140 14.55 18.94 58.90
C TYR S 140 13.71 20.07 58.31
N GLU S 141 14.01 21.31 58.65
CA GLU S 141 13.27 22.40 58.04
C GLU S 141 13.68 22.56 56.57
N PRO S 142 12.75 22.96 55.71
CA PRO S 142 13.08 23.11 54.29
C PRO S 142 13.73 24.45 54.00
N GLN S 143 14.76 24.41 53.16
CA GLN S 143 15.43 25.61 52.70
C GLN S 143 15.85 25.44 51.25
N PRO S 144 15.95 26.53 50.49
CA PRO S 144 16.34 26.42 49.09
C PRO S 144 17.74 25.83 48.94
N ILE S 145 17.93 25.09 47.86
CA ILE S 145 19.21 24.46 47.57
C ILE S 145 20.07 25.41 46.74
N ASN S 146 21.28 25.67 47.23
CA ASN S 146 22.22 26.55 46.55
C ASN S 146 23.46 25.76 46.17
N ILE S 147 24.03 26.09 45.02
CA ILE S 147 25.23 25.42 44.52
C ILE S 147 26.30 26.48 44.28
N PRO S 148 27.07 26.85 45.30
CA PRO S 148 28.09 27.88 45.12
C PRO S 148 29.13 27.46 44.11
N ALA S 149 29.63 28.43 43.36
CA ALA S 149 30.65 28.19 42.35
C ALA S 149 32.07 28.30 42.89
N GLU S 150 32.22 28.68 44.16
CA GLU S 150 33.53 28.82 44.77
C GLU S 150 33.52 28.20 46.15
N PHE S 151 34.59 27.47 46.48
CA PHE S 151 34.80 26.97 47.83
C PHE S 151 35.51 28.04 48.65
N GLY S 152 34.78 29.13 48.88
CA GLY S 152 35.35 30.32 49.48
C GLY S 152 35.54 30.26 50.99
N LYS S 153 36.35 29.31 51.44
CA LYS S 153 36.69 29.21 52.86
C LYS S 153 37.96 28.38 53.04
N PRO S 154 39.14 29.00 52.96
CA PRO S 154 40.38 28.25 53.18
C PRO S 154 40.39 27.61 54.56
N LYS S 155 40.40 26.28 54.60
CA LYS S 155 40.27 25.52 55.84
C LYS S 155 41.65 25.14 56.33
N GLN S 156 41.98 25.56 57.55
CA GLN S 156 43.29 25.25 58.13
C GLN S 156 43.39 23.77 58.48
N THR S 157 44.61 23.25 58.45
CA THR S 157 44.86 21.85 58.80
C THR S 157 44.79 21.70 60.31
N ALA S 158 43.96 20.77 60.78
CA ALA S 158 43.76 20.58 62.21
C ALA S 158 44.00 19.12 62.62
N ASN S 159 43.64 18.19 61.75
CA ASN S 159 43.79 16.76 62.04
C ASN S 159 44.62 16.12 60.94
N ILE S 160 45.63 15.36 61.35
CA ILE S 160 46.50 14.63 60.41
C ILE S 160 46.50 13.17 60.84
N GLU S 161 46.10 12.28 59.93
CA GLU S 161 46.13 10.85 60.17
C GLU S 161 47.25 10.23 59.34
N VAL S 162 48.20 9.58 60.01
CA VAL S 162 49.34 8.97 59.35
C VAL S 162 49.42 7.52 59.78
N GLY S 163 49.49 6.60 58.81
CA GLY S 163 49.71 5.20 59.10
C GLY S 163 50.95 4.68 58.41
N VAL S 164 51.97 4.32 59.20
CA VAL S 164 53.25 3.91 58.66
C VAL S 164 53.65 2.56 59.25
N ASN S 165 54.53 1.88 58.53
CA ASN S 165 55.13 0.63 58.99
C ASN S 165 56.61 0.86 59.24
N LEU S 166 57.07 0.54 60.44
CA LEU S 166 58.47 0.84 60.68
C LEU S 166 59.31 -0.43 60.58
N PRO S 167 60.53 -0.33 60.05
CA PRO S 167 61.38 -1.52 59.93
C PRO S 167 61.85 -1.98 61.30
N ALA S 168 61.48 -3.21 61.66
CA ALA S 168 61.90 -3.77 62.94
C ALA S 168 63.39 -4.06 62.99
N ASN S 169 64.05 -4.18 61.83
CA ASN S 169 65.46 -4.44 61.74
C ASN S 169 66.29 -3.16 61.65
N GLY S 170 65.66 -2.00 61.80
CA GLY S 170 66.39 -0.74 61.69
C GLY S 170 67.43 -0.60 62.78
N ASP S 171 68.53 0.05 62.42
CA ASP S 171 69.63 0.24 63.36
C ASP S 171 69.25 1.20 64.48
N LEU S 172 69.68 0.88 65.69
CA LEU S 172 69.36 1.71 66.83
C LEU S 172 70.11 3.04 66.78
N LYS S 173 69.51 4.06 67.39
CA LYS S 173 70.09 5.40 67.41
C LYS S 173 70.03 5.93 68.83
N ASP S 174 70.87 6.94 69.09
CA ASP S 174 70.94 7.55 70.42
C ASP S 174 69.87 8.62 70.54
N PRO S 175 68.91 8.49 71.46
CA PRO S 175 67.87 9.52 71.59
C PRO S 175 68.40 10.90 71.91
N THR S 176 69.46 10.99 72.71
CA THR S 176 70.00 12.30 73.08
C THR S 176 70.79 12.94 71.96
N GLN S 177 71.17 12.18 70.94
CA GLN S 177 71.95 12.68 69.83
C GLN S 177 71.09 13.08 68.63
N PHE S 178 69.77 13.10 68.80
CA PHE S 178 68.90 13.41 67.67
C PHE S 178 69.06 14.86 67.24
N ASP S 179 69.21 15.07 65.94
CA ASP S 179 69.32 16.41 65.38
C ASP S 179 68.81 16.36 63.94
N PHE S 180 67.78 17.15 63.65
CA PHE S 180 67.17 17.13 62.33
C PHE S 180 68.12 17.59 61.23
N SER S 181 69.16 18.34 61.58
CA SER S 181 70.12 18.81 60.59
C SER S 181 71.07 17.71 60.13
N ASP S 182 71.23 16.65 60.92
CA ASP S 182 72.13 15.55 60.57
C ASP S 182 71.31 14.30 60.28
N PRO S 183 71.25 13.83 59.03
CA PRO S 183 70.44 12.64 58.73
C PRO S 183 70.86 11.40 59.49
N ASP S 184 72.16 11.25 59.79
CA ASP S 184 72.64 10.05 60.44
C ASP S 184 72.16 9.92 61.88
N THR S 185 71.66 10.99 62.49
CA THR S 185 71.20 10.91 63.87
C THR S 185 69.90 10.11 63.99
N TYR S 186 69.03 10.21 63.00
CA TYR S 186 67.74 9.54 63.02
C TYR S 186 67.73 8.43 61.96
N ASN S 187 66.58 7.78 61.81
CA ASN S 187 66.43 6.66 60.87
C ASN S 187 65.79 7.10 59.56
N ARG S 188 64.59 7.68 59.62
CA ARG S 188 63.83 8.02 58.42
C ARG S 188 63.26 9.42 58.53
N SER S 189 63.03 10.03 57.38
CA SER S 189 62.46 11.37 57.30
C SER S 189 61.45 11.41 56.17
N THR S 190 60.27 11.98 56.44
CA THR S 190 59.22 12.11 55.45
C THR S 190 58.78 13.56 55.37
N SER S 191 58.27 13.95 54.20
CA SER S 191 57.82 15.32 53.95
C SER S 191 56.34 15.31 53.58
N SER S 192 55.64 16.36 54.01
CA SER S 192 54.22 16.50 53.72
C SER S 192 53.87 17.98 53.76
N THR S 193 52.70 18.29 53.21
CA THR S 193 52.25 19.67 53.07
C THR S 193 51.05 19.92 53.98
N ILE S 194 51.04 21.08 54.62
CA ILE S 194 49.94 21.51 55.47
C ILE S 194 49.55 22.93 55.09
N TYR S 195 48.32 23.30 55.43
CA TYR S 195 47.76 24.59 55.06
C TYR S 195 47.29 25.32 56.31
N ASP S 196 47.54 26.62 56.35
CA ASP S 196 47.14 27.46 57.48
C ASP S 196 45.74 28.04 57.21
N SER S 197 45.36 29.04 58.00
CA SER S 197 44.04 29.64 57.86
C SER S 197 43.86 30.33 56.51
N MET S 198 44.90 31.01 56.03
CA MET S 198 44.84 31.76 54.78
C MET S 198 45.11 30.90 53.56
N GLY S 199 45.35 29.60 53.73
CA GLY S 199 45.63 28.73 52.62
C GLY S 199 47.07 28.64 52.20
N GLN S 200 47.99 29.28 52.93
CA GLN S 200 49.40 29.16 52.64
C GLN S 200 49.86 27.73 52.87
N SER S 201 50.64 27.20 51.94
CA SER S 201 51.14 25.84 52.03
C SER S 201 52.44 25.83 52.82
N TYR S 202 52.52 24.95 53.81
CA TYR S 202 53.73 24.77 54.60
C TYR S 202 54.19 23.33 54.49
N LYS S 203 55.50 23.13 54.52
CA LYS S 203 56.11 21.82 54.39
C LYS S 203 56.34 21.24 55.78
N LEU S 204 55.71 20.12 56.07
CA LEU S 204 55.85 19.42 57.35
C LEU S 204 56.75 18.22 57.15
N THR S 205 57.83 18.15 57.94
CA THR S 205 58.79 17.07 57.85
C THR S 205 58.76 16.26 59.14
N THR S 206 58.60 14.95 59.02
CA THR S 206 58.50 14.04 60.15
C THR S 206 59.76 13.17 60.19
N TYR S 207 60.38 13.10 61.37
CA TYR S 207 61.58 12.29 61.57
C TYR S 207 61.27 11.15 62.52
N TYR S 208 61.66 9.93 62.13
CA TYR S 208 61.46 8.74 62.94
C TYR S 208 62.79 8.22 63.43
N LEU S 209 62.90 8.02 64.74
CA LEU S 209 64.13 7.57 65.38
C LEU S 209 63.84 6.35 66.24
N LYS S 210 64.65 5.31 66.09
CA LYS S 210 64.47 4.06 66.82
C LYS S 210 65.26 4.12 68.12
N ASP S 211 64.58 3.87 69.23
CA ASP S 211 65.22 3.96 70.53
C ASP S 211 66.22 2.82 70.72
N GLN S 212 67.36 3.15 71.33
CA GLN S 212 68.39 2.16 71.63
C GLN S 212 68.22 1.55 73.01
N THR S 213 67.88 2.37 74.01
CA THR S 213 67.74 1.85 75.37
C THR S 213 66.56 0.89 75.48
N GLN S 214 65.43 1.21 74.86
CA GLN S 214 64.21 0.43 75.00
C GLN S 214 63.89 -0.27 73.69
N PRO S 215 63.80 -1.60 73.68
CA PRO S 215 63.42 -2.30 72.45
C PRO S 215 61.97 -2.00 72.06
N ASN S 216 61.70 -2.05 70.76
CA ASN S 216 60.37 -1.80 70.21
C ASN S 216 59.84 -0.43 70.65
N THR S 217 60.72 0.56 70.67
CA THR S 217 60.36 1.92 71.03
C THR S 217 60.93 2.89 70.01
N TRP S 218 60.13 3.86 69.62
CA TRP S 218 60.52 4.83 68.60
C TRP S 218 60.23 6.25 69.09
N ASN S 219 61.04 7.19 68.63
CA ASN S 219 60.83 8.60 68.90
C ASN S 219 60.52 9.32 67.60
N THR S 220 59.54 10.22 67.64
CA THR S 220 59.07 10.93 66.47
C THR S 220 59.19 12.44 66.70
N TYR S 221 59.69 13.15 65.70
CA TYR S 221 59.85 14.59 65.77
C TYR S 221 59.31 15.23 64.49
N TYR S 222 58.90 16.49 64.62
CA TYR S 222 58.29 17.21 63.51
C TYR S 222 58.95 18.58 63.35
N THR S 223 59.06 19.02 62.10
CA THR S 223 59.61 20.33 61.79
C THR S 223 58.76 20.99 60.71
N VAL S 224 58.73 22.32 60.72
CA VAL S 224 57.98 23.11 59.76
C VAL S 224 58.96 23.96 58.98
N THR S 225 58.83 23.93 57.64
CA THR S 225 59.74 24.65 56.75
C THR S 225 58.98 25.80 56.10
N ASP S 226 59.22 27.01 56.60
CA ASP S 226 58.71 28.22 55.98
C ASP S 226 59.83 28.89 55.17
N LYS S 227 59.55 30.10 54.69
CA LYS S 227 60.55 30.80 53.88
C LYS S 227 61.76 31.21 54.72
N GLU S 228 61.55 31.52 56.00
CA GLU S 228 62.67 31.89 56.86
C GLU S 228 63.63 30.71 57.04
N GLY S 229 63.10 29.53 57.25
CA GLY S 229 63.91 28.35 57.44
C GLY S 229 63.09 27.22 58.03
N GLU S 230 63.78 26.18 58.46
CA GLU S 230 63.15 25.00 59.05
C GLU S 230 63.20 25.13 60.56
N LYS S 231 62.02 25.18 61.18
CA LYS S 231 61.91 25.34 62.62
C LYS S 231 61.32 24.11 63.26
N PRO S 232 61.93 23.58 64.31
CA PRO S 232 61.36 22.41 64.98
C PRO S 232 60.04 22.73 65.66
N LEU S 233 59.16 21.73 65.70
CA LEU S 233 57.85 21.85 66.31
C LEU S 233 57.78 20.93 67.54
N ASN S 234 57.31 21.48 68.65
CA ASN S 234 57.27 20.75 69.91
C ASN S 234 55.86 20.26 70.20
N VAL S 235 55.76 19.07 70.76
CA VAL S 235 54.49 18.51 71.20
C VAL S 235 54.19 18.99 72.61
N ALA S 236 52.91 19.18 72.92
CA ALA S 236 52.54 19.79 74.19
C ALA S 236 52.99 18.95 75.37
N ALA S 237 52.77 17.63 75.31
CA ALA S 237 53.08 16.75 76.43
C ALA S 237 53.86 15.52 75.95
N GLY S 238 54.66 15.67 74.91
CA GLY S 238 55.44 14.55 74.41
C GLY S 238 56.55 14.17 75.38
N ASP S 239 56.73 12.86 75.56
CA ASP S 239 57.72 12.34 76.49
C ASP S 239 59.05 12.03 75.79
N ALA S 240 59.57 13.00 75.04
CA ALA S 240 60.86 12.82 74.37
C ALA S 240 61.51 14.21 74.28
N GLN S 241 62.37 14.52 75.24
CA GLN S 241 63.01 15.82 75.35
C GLN S 241 64.48 15.70 75.03
N THR S 242 64.88 16.22 73.87
CA THR S 242 66.28 16.27 73.52
C THR S 242 67.01 17.30 74.38
N PRO S 243 68.33 17.18 74.52
CA PRO S 243 69.07 18.20 75.27
C PRO S 243 68.91 19.60 74.69
N THR S 244 68.76 19.73 73.37
CA THR S 244 68.53 21.04 72.78
C THR S 244 67.22 21.65 73.26
N GLY S 245 66.17 20.84 73.37
CA GLY S 245 64.89 21.32 73.84
C GLY S 245 63.73 20.87 72.99
N HIS S 246 64.03 20.30 71.82
CA HIS S 246 62.99 19.80 70.93
C HIS S 246 62.23 18.66 71.60
N VAL S 247 60.91 18.72 71.54
CA VAL S 247 60.04 17.79 72.25
C VAL S 247 59.31 16.93 71.23
N GLY S 248 59.61 15.63 71.22
CA GLY S 248 58.90 14.66 70.42
C GLY S 248 58.02 13.76 71.27
N HIS S 249 57.54 12.69 70.64
CA HIS S 249 56.69 11.72 71.32
C HIS S 249 57.20 10.32 71.03
N THR S 250 56.90 9.41 71.95
CA THR S 250 57.40 8.05 71.91
C THR S 250 56.30 7.09 71.45
N MET S 251 56.69 6.09 70.66
CA MET S 251 55.78 5.08 70.15
C MET S 251 56.30 3.70 70.54
N LYS S 252 55.40 2.87 71.06
CA LYS S 252 55.75 1.53 71.54
C LYS S 252 54.84 0.50 70.87
N PHE S 253 55.37 -0.71 70.69
CA PHE S 253 54.68 -1.77 69.97
C PHE S 253 54.69 -3.07 70.78
N ASN S 254 53.72 -3.93 70.50
CA ASN S 254 53.58 -5.19 71.21
C ASN S 254 54.54 -6.23 70.63
N ASN S 255 54.38 -7.48 71.06
CA ASN S 255 55.23 -8.55 70.55
C ASN S 255 54.87 -8.91 69.12
N ASP S 256 53.58 -8.86 68.78
CA ASP S 256 53.13 -9.21 67.43
C ASP S 256 53.33 -8.09 66.43
N GLY S 257 53.95 -6.97 66.82
CA GLY S 257 54.21 -5.87 65.92
C GLY S 257 53.11 -4.84 65.84
N THR S 258 51.98 -5.06 66.50
CA THR S 258 50.90 -4.09 66.47
C THR S 258 51.23 -2.91 67.39
N LEU S 259 50.37 -1.91 67.37
CA LEU S 259 50.57 -0.71 68.18
C LEU S 259 50.21 -1.00 69.64
N ALA S 260 51.10 -0.59 70.55
CA ALA S 260 50.88 -0.79 71.99
C ALA S 260 50.44 0.48 72.68
N SER S 261 51.22 1.55 72.54
CA SER S 261 50.91 2.82 73.20
C SER S 261 51.52 3.96 72.41
N LEU S 262 50.96 5.16 72.60
CA LEU S 262 51.42 6.37 71.94
C LEU S 262 51.54 7.49 72.97
N ASN S 263 52.74 8.00 73.15
CA ASN S 263 52.99 9.15 74.02
C ASN S 263 52.41 8.93 75.41
N ASN S 264 52.66 7.74 75.96
CA ASN S 264 52.17 7.34 77.29
C ASN S 264 50.64 7.42 77.36
N GLY S 265 49.97 7.09 76.26
CA GLY S 265 48.52 7.10 76.25
C GLY S 265 47.88 8.46 76.14
N GLN S 266 48.67 9.51 75.91
CA GLN S 266 48.11 10.86 75.82
C GLN S 266 47.94 11.28 74.36
N PRO S 267 46.96 12.11 74.07
CA PRO S 267 46.79 12.60 72.70
C PRO S 267 47.97 13.45 72.27
N ILE S 268 48.30 13.36 70.98
CA ILE S 268 49.45 14.08 70.42
C ILE S 268 48.92 15.39 69.85
N THR S 269 49.11 16.48 70.60
CA THR S 269 48.72 17.81 70.19
C THR S 269 49.94 18.70 70.18
N SER S 270 50.24 19.30 69.03
CA SER S 270 51.41 20.17 68.92
C SER S 270 51.09 21.55 69.48
N VAL S 271 52.15 22.31 69.74
CA VAL S 271 52.02 23.68 70.22
C VAL S 271 51.59 24.58 69.08
N ALA S 272 51.16 25.80 69.40
CA ALA S 272 50.78 26.75 68.37
C ALA S 272 51.98 27.09 67.48
N LEU S 273 51.74 27.15 66.17
CA LEU S 273 52.83 27.35 65.23
C LEU S 273 53.42 28.76 65.37
N GLY S 274 52.58 29.78 65.39
CA GLY S 274 53.06 31.14 65.34
C GLY S 274 52.92 31.93 66.62
N ASP S 275 52.71 31.25 67.74
CA ASP S 275 52.58 31.92 69.01
C ASP S 275 53.88 31.81 69.78
N PRO S 276 54.63 32.90 69.98
CA PRO S 276 55.85 32.82 70.79
C PRO S 276 55.59 32.49 72.25
N ALA S 277 54.37 32.66 72.74
CA ALA S 277 54.06 32.39 74.14
C ALA S 277 54.18 30.91 74.49
N THR S 278 54.04 30.00 73.53
CA THR S 278 54.16 28.58 73.79
C THR S 278 55.16 27.87 72.88
N ASN S 279 55.78 28.57 71.94
CA ASN S 279 56.74 27.97 71.03
C ASN S 279 58.03 28.78 71.08
N THR S 280 59.16 28.09 71.24
CA THR S 280 60.44 28.76 71.25
C THR S 280 60.90 29.16 69.85
N THR S 281 60.36 28.53 68.82
CA THR S 281 60.68 28.84 67.42
C THR S 281 59.36 29.07 66.69
N PRO S 282 58.76 30.25 66.85
CA PRO S 282 57.44 30.50 66.24
C PRO S 282 57.52 30.45 64.72
N VAL S 283 56.53 29.81 64.11
CA VAL S 283 56.47 29.75 62.66
C VAL S 283 55.93 31.07 62.12
N ASP S 284 56.57 31.59 61.07
CA ASP S 284 56.17 32.84 60.47
C ASP S 284 54.89 32.65 59.67
N MET S 285 53.73 32.88 60.31
CA MET S 285 52.45 32.68 59.66
C MET S 285 52.20 33.69 58.54
N ASN S 286 52.99 34.78 58.49
CA ASN S 286 52.83 35.81 57.47
C ASN S 286 51.42 36.38 57.46
N GLY S 287 50.89 36.63 58.65
CA GLY S 287 49.55 37.18 58.81
C GLY S 287 48.47 36.16 59.10
N ALA S 288 48.78 34.86 59.05
CA ALA S 288 47.80 33.83 59.31
C ALA S 288 47.57 33.69 60.81
N ASP S 289 46.67 32.77 61.16
CA ASP S 289 46.33 32.53 62.55
C ASP S 289 47.50 31.88 63.27
N PRO S 290 48.05 32.52 64.30
CA PRO S 290 49.22 31.95 64.99
C PRO S 290 48.87 30.85 65.99
N ALA S 291 47.61 30.74 66.39
CA ALA S 291 47.20 29.76 67.38
C ALA S 291 46.77 28.44 66.77
N GLN S 292 47.22 28.13 65.56
CA GLN S 292 46.86 26.87 64.93
C GLN S 292 47.47 25.70 65.70
N THR S 293 46.67 24.65 65.88
CA THR S 293 47.11 23.45 66.58
C THR S 293 46.87 22.25 65.69
N LEU S 294 47.78 21.28 65.78
CA LEU S 294 47.73 20.07 64.96
C LEU S 294 47.51 18.85 65.85
N ASN S 295 46.62 17.96 65.42
CA ASN S 295 46.37 16.71 66.11
C ASN S 295 46.81 15.57 65.20
N PHE S 296 47.71 14.73 65.71
CA PHE S 296 48.27 13.62 64.95
C PHE S 296 47.59 12.33 65.37
N GLY S 297 47.08 11.58 64.39
CA GLY S 297 46.50 10.28 64.66
C GLY S 297 47.31 9.17 64.04
N LEU S 298 47.99 8.37 64.87
CA LEU S 298 48.84 7.28 64.41
C LEU S 298 48.37 5.95 64.96
N GLY S 299 47.05 5.73 64.95
CA GLY S 299 46.50 4.50 65.50
C GLY S 299 46.71 3.29 64.64
N SER S 300 47.18 3.46 63.40
CA SER S 300 47.44 2.35 62.50
C SER S 300 48.92 2.05 62.35
N ALA S 301 49.77 2.67 63.16
CA ALA S 301 51.21 2.46 63.04
C ALA S 301 51.58 1.04 63.42
N THR S 302 52.47 0.44 62.64
CA THR S 302 52.90 -0.94 62.87
C THR S 302 54.41 -1.00 62.73
N GLN S 303 55.01 -2.03 63.34
CA GLN S 303 56.43 -2.30 63.22
C GLN S 303 56.60 -3.78 62.87
N PHE S 304 56.90 -4.06 61.60
CA PHE S 304 57.09 -5.41 61.11
C PHE S 304 58.47 -5.53 60.49
N ALA S 305 58.73 -6.70 59.89
CA ALA S 305 59.99 -6.93 59.19
C ALA S 305 60.08 -6.16 57.88
N ALA S 306 58.96 -5.66 57.37
CA ALA S 306 58.97 -4.95 56.11
C ALA S 306 59.73 -3.63 56.24
N PRO S 307 60.32 -3.12 55.15
CA PRO S 307 61.04 -1.84 55.23
C PRO S 307 60.13 -0.67 55.54
N PHE S 308 60.72 0.51 55.71
CA PHE S 308 59.95 1.71 56.01
C PHE S 308 58.99 2.02 54.86
N GLU S 309 57.75 2.39 55.20
CA GLU S 309 56.72 2.60 54.20
C GLU S 309 55.69 3.58 54.74
N LEU S 310 55.28 4.53 53.89
CA LEU S 310 54.23 5.48 54.21
C LEU S 310 52.93 4.95 53.59
N THR S 311 52.21 4.13 54.36
CA THR S 311 51.03 3.46 53.82
C THR S 311 49.88 4.45 53.62
N LYS S 312 49.65 5.32 54.59
CA LYS S 312 48.48 6.20 54.56
C LYS S 312 48.86 7.58 55.09
N PHE S 313 48.33 8.61 54.42
CA PHE S 313 48.45 9.99 54.89
C PHE S 313 47.16 10.72 54.58
N ASP S 314 46.48 11.18 55.62
CA ASP S 314 45.22 11.90 55.46
C ASP S 314 45.22 13.14 56.34
N GLU S 315 44.73 14.24 55.79
CA GLU S 315 44.61 15.50 56.52
C GLU S 315 43.23 16.10 56.26
N ASP S 316 42.94 17.21 56.93
CA ASP S 316 41.67 17.91 56.78
C ASP S 316 41.84 19.32 56.22
N GLY S 317 43.03 19.64 55.72
CA GLY S 317 43.27 20.95 55.17
C GLY S 317 42.61 21.15 53.82
N ALA S 318 42.46 22.41 53.43
CA ALA S 318 41.81 22.73 52.18
C ALA S 318 42.26 24.11 51.72
N THR S 319 42.05 24.38 50.44
CA THR S 319 42.41 25.66 49.83
C THR S 319 41.25 26.11 48.95
N THR S 320 41.35 27.35 48.47
CA THR S 320 40.31 27.89 47.60
C THR S 320 40.23 27.09 46.31
N GLY S 321 39.00 26.95 45.80
CA GLY S 321 38.79 26.14 44.62
C GLY S 321 37.53 26.56 43.88
N PHE S 322 37.34 25.93 42.72
CA PHE S 322 36.23 26.24 41.84
C PHE S 322 35.41 24.98 41.58
N LEU S 323 34.10 25.15 41.53
CA LEU S 323 33.19 24.05 41.28
C LEU S 323 33.56 23.34 39.97
N THR S 324 33.91 22.07 40.08
CA THR S 324 34.36 21.28 38.95
C THR S 324 33.27 20.37 38.38
N LYS S 325 32.57 19.62 39.23
CA LYS S 325 31.49 18.78 38.74
C LYS S 325 30.47 18.58 39.86
N VAL S 326 29.25 18.21 39.46
CA VAL S 326 28.15 17.99 40.38
C VAL S 326 27.42 16.72 39.95
N ASP S 327 27.11 15.86 40.92
CA ASP S 327 26.34 14.65 40.64
C ASP S 327 25.39 14.39 41.79
N PHE S 328 24.40 13.53 41.54
CA PHE S 328 23.36 13.22 42.50
C PHE S 328 23.41 11.73 42.82
N ASP S 329 23.41 11.40 44.11
CA ASP S 329 23.37 10.01 44.52
C ASP S 329 21.94 9.56 44.76
N GLU S 330 21.77 8.27 45.06
CA GLU S 330 20.43 7.72 45.24
C GLU S 330 19.74 8.29 46.48
N ASN S 331 20.52 8.73 47.47
CA ASN S 331 19.93 9.29 48.68
C ASN S 331 19.37 10.69 48.48
N GLY S 332 19.56 11.28 47.30
CA GLY S 332 19.14 12.64 47.05
C GLY S 332 20.16 13.69 47.40
N SER S 333 21.29 13.31 47.98
CA SER S 333 22.33 14.27 48.30
C SER S 333 23.02 14.74 47.02
N VAL S 334 23.12 16.04 46.85
CA VAL S 334 23.79 16.64 45.70
C VAL S 334 25.21 16.94 46.11
N MET S 335 26.17 16.23 45.51
CA MET S 335 27.58 16.37 45.85
C MET S 335 28.33 17.09 44.74
N GLY S 336 29.32 17.87 45.14
CA GLY S 336 30.13 18.60 44.20
C GLY S 336 31.59 18.63 44.58
N THR S 337 32.47 18.39 43.61
CA THR S 337 33.91 18.40 43.85
C THR S 337 34.50 19.69 43.31
N TYR S 338 35.45 20.25 44.06
CA TYR S 338 36.09 21.51 43.72
C TYR S 338 37.54 21.26 43.32
N SER S 339 38.23 22.35 42.96
CA SER S 339 39.61 22.23 42.49
C SER S 339 40.54 21.79 43.60
N ASN S 340 40.27 22.19 44.85
CA ASN S 340 41.11 21.77 45.96
C ASN S 340 41.02 20.28 46.19
N GLY S 341 39.83 19.69 45.99
CA GLY S 341 39.63 18.27 46.15
C GLY S 341 38.54 17.89 47.13
N GLU S 342 38.03 18.81 47.92
CA GLU S 342 36.99 18.48 48.90
C GLU S 342 35.69 18.13 48.18
N ASN S 343 35.09 17.01 48.58
CA ASN S 343 33.81 16.58 48.03
C ASN S 343 32.67 17.10 48.91
N VAL S 344 32.45 18.42 48.80
CA VAL S 344 31.47 19.09 49.63
C VAL S 344 30.07 18.63 49.22
N THR S 345 29.25 18.28 50.22
CA THR S 345 27.86 17.90 49.99
C THR S 345 27.00 19.14 50.14
N LEU S 346 26.46 19.63 49.03
CA LEU S 346 25.69 20.87 49.05
C LEU S 346 24.41 20.72 49.86
N GLY S 347 23.76 19.58 49.76
CA GLY S 347 22.53 19.35 50.52
C GLY S 347 21.81 18.12 50.01
N ARG S 348 20.57 17.97 50.47
CA ARG S 348 19.69 16.92 50.03
C ARG S 348 18.44 17.50 49.38
N VAL S 349 17.71 16.66 48.66
CA VAL S 349 16.50 17.06 47.97
C VAL S 349 15.32 16.60 48.81
N ALA S 350 14.50 17.55 49.26
CA ALA S 350 13.38 17.22 50.12
C ALA S 350 12.33 16.40 49.37
N LEU S 351 11.71 15.47 50.08
CA LEU S 351 10.61 14.66 49.55
C LEU S 351 9.43 14.77 50.49
N VAL S 352 8.23 14.88 49.90
CA VAL S 352 7.00 15.07 50.66
C VAL S 352 6.02 13.98 50.28
N ARG S 353 5.35 13.42 51.29
CA ARG S 353 4.33 12.41 51.09
C ARG S 353 3.11 12.77 51.94
N VAL S 354 1.92 12.57 51.38
CA VAL S 354 0.69 12.82 52.13
C VAL S 354 -0.05 11.50 52.30
N PRO S 355 -0.77 11.31 53.41
CA PRO S 355 -1.51 10.05 53.58
C PRO S 355 -2.57 9.83 52.52
N ASN S 356 -3.22 10.90 52.06
CA ASN S 356 -4.29 10.82 51.06
C ASN S 356 -3.88 11.65 49.86
N GLU S 357 -3.34 11.01 48.83
CA GLU S 357 -2.96 11.73 47.63
C GLU S 357 -4.15 12.12 46.77
N GLN S 358 -5.29 11.43 46.92
CA GLN S 358 -6.48 11.73 46.15
C GLN S 358 -7.14 13.03 46.54
N GLY S 359 -6.71 13.65 47.64
CA GLY S 359 -7.38 14.84 48.14
C GLY S 359 -6.62 16.13 47.93
N LEU S 360 -5.42 16.02 47.37
CA LEU S 360 -4.63 17.21 47.07
C LEU S 360 -5.38 18.11 46.08
N ASP S 361 -5.45 19.40 46.39
CA ASP S 361 -6.00 20.35 45.45
C ASP S 361 -4.97 20.66 44.37
N LYS S 362 -5.44 20.85 43.14
CA LYS S 362 -4.57 20.94 41.98
C LYS S 362 -4.37 22.40 41.61
N LYS S 363 -3.13 22.88 41.73
CA LYS S 363 -2.77 24.20 41.26
C LYS S 363 -2.30 24.11 39.81
N GLY S 364 -1.93 25.24 39.24
CA GLY S 364 -1.43 25.25 37.88
C GLY S 364 -0.02 24.72 37.78
N GLY S 365 0.37 24.39 36.55
CA GLY S 365 1.72 23.93 36.29
C GLY S 365 2.06 22.59 36.93
N THR S 366 1.10 21.65 36.94
CA THR S 366 1.30 20.31 37.48
C THR S 366 1.83 20.35 38.90
N GLN S 367 1.15 21.10 39.75
CA GLN S 367 1.53 21.24 41.15
C GLN S 367 0.33 21.03 42.04
N TRP S 368 0.58 20.49 43.23
CA TRP S 368 -0.47 20.20 44.19
C TRP S 368 -0.12 20.81 45.53
N ASP S 369 -1.14 21.01 46.36
CA ASP S 369 -0.98 21.55 47.69
C ASP S 369 -1.77 20.70 48.67
N SER S 370 -1.44 20.82 49.96
CA SER S 370 -2.05 20.01 51.00
C SER S 370 -3.29 20.72 51.54
N THR S 371 -4.42 20.01 51.51
CA THR S 371 -5.66 20.53 52.05
C THR S 371 -6.09 19.70 53.26
N GLN S 372 -7.28 20.00 53.78
CA GLN S 372 -7.80 19.28 54.94
C GLN S 372 -7.99 17.80 54.64
N PHE S 373 -8.58 17.48 53.50
CA PHE S 373 -8.84 16.08 53.17
C PHE S 373 -7.54 15.32 52.88
N SER S 374 -6.57 15.99 52.28
CA SER S 374 -5.29 15.34 52.00
C SER S 374 -4.56 14.95 53.27
N GLY S 375 -4.60 15.81 54.29
CA GLY S 375 -3.89 15.59 55.53
C GLY S 375 -2.87 16.70 55.78
N ASP S 376 -1.67 16.29 56.19
CA ASP S 376 -0.57 17.21 56.39
C ASP S 376 0.67 16.68 55.71
N LYS S 377 1.52 17.59 55.26
CA LYS S 377 2.75 17.22 54.56
C LYS S 377 3.68 16.49 55.51
N ILE S 378 4.09 15.28 55.13
CA ILE S 378 5.03 14.48 55.89
C ILE S 378 6.37 14.55 55.18
N TRP S 379 7.34 15.19 55.81
CA TRP S 379 8.65 15.39 55.18
C TRP S 379 9.56 14.20 55.43
N GLY S 380 10.51 14.00 54.53
CA GLY S 380 11.41 12.87 54.64
C GLY S 380 12.51 12.97 53.61
N GLU S 381 13.44 12.02 53.69
CA GLU S 381 14.55 11.95 52.76
C GLU S 381 14.23 10.98 51.64
N SER S 382 15.20 10.71 50.78
CA SER S 382 15.04 9.79 49.67
C SER S 382 15.46 8.39 50.09
N ASN S 383 14.66 7.39 49.69
CA ASN S 383 14.93 5.98 49.97
C ASN S 383 15.03 5.74 51.48
N LYS S 384 14.12 6.36 52.23
CA LYS S 384 14.06 6.23 53.68
C LYS S 384 12.62 6.00 54.10
N GLY S 385 12.41 5.01 54.95
CA GLY S 385 11.06 4.71 55.38
C GLY S 385 10.20 4.25 54.21
N SER S 386 9.10 4.94 53.98
CA SER S 386 8.16 4.59 52.93
C SER S 386 8.36 5.40 51.65
N PHE S 387 9.36 6.28 51.60
CA PHE S 387 9.58 7.09 50.42
C PHE S 387 10.28 6.28 49.33
N GLY S 388 10.26 6.83 48.11
CA GLY S 388 10.93 6.23 46.98
C GLY S 388 12.33 6.75 46.81
N THR S 389 12.87 6.56 45.61
CA THR S 389 14.23 6.98 45.28
C THR S 389 14.18 8.16 44.32
N ILE S 390 15.34 8.81 44.19
CA ILE S 390 15.51 9.94 43.29
C ILE S 390 16.56 9.55 42.25
N ASN S 391 16.20 9.63 40.98
CA ASN S 391 17.10 9.32 39.88
C ASN S 391 17.30 10.57 39.02
N ASN S 392 18.55 10.90 38.75
CA ASN S 392 18.87 12.01 37.89
C ASN S 392 18.93 11.55 36.43
N GLY S 393 18.69 12.50 35.53
CA GLY S 393 18.69 12.20 34.11
C GLY S 393 17.40 11.62 33.57
N MET S 394 16.34 11.60 34.36
CA MET S 394 15.05 11.07 33.93
C MET S 394 13.96 12.09 34.21
N LEU S 395 12.84 11.94 33.49
CA LEU S 395 11.66 12.74 33.71
C LEU S 395 10.43 11.86 33.61
N GLU S 396 9.35 12.30 34.24
CA GLU S 396 8.09 11.57 34.22
C GLU S 396 7.19 12.11 33.13
N GLN S 397 6.66 11.20 32.30
CA GLN S 397 5.65 11.56 31.34
C GLN S 397 4.27 11.43 31.98
N SER S 398 3.23 11.72 31.21
CA SER S 398 1.88 11.52 31.72
C SER S 398 1.58 10.04 31.88
N ASN S 399 0.86 9.71 32.96
CA ASN S 399 0.51 8.32 33.26
C ASN S 399 -0.84 7.97 32.62
N ILE S 400 -0.92 8.19 31.31
CA ILE S 400 -2.14 7.96 30.56
C ILE S 400 -1.85 6.93 29.47
N ASP S 401 -2.92 6.27 29.03
CA ASP S 401 -2.85 5.29 27.95
C ASP S 401 -3.77 5.76 26.84
N MET S 402 -3.20 6.04 25.66
CA MET S 402 -3.97 6.62 24.57
C MET S 402 -5.10 5.70 24.14
N THR S 403 -4.85 4.40 24.11
CA THR S 403 -5.89 3.44 23.70
C THR S 403 -7.11 3.54 24.60
N GLN S 404 -6.89 3.51 25.92
CA GLN S 404 -8.01 3.57 26.84
C GLN S 404 -8.73 4.91 26.74
N GLU S 405 -7.98 6.00 26.58
CA GLU S 405 -8.62 7.31 26.45
C GLU S 405 -9.50 7.39 25.21
N LEU S 406 -9.02 6.88 24.08
CA LEU S 406 -9.82 6.91 22.85
C LEU S 406 -11.06 6.04 22.98
N VAL S 407 -10.92 4.85 23.57
CA VAL S 407 -12.08 3.99 23.75
C VAL S 407 -13.10 4.65 24.68
N ASP S 408 -12.64 5.27 25.75
CA ASP S 408 -13.55 5.99 26.65
C ASP S 408 -14.20 7.16 25.93
N LEU S 409 -13.48 7.80 25.02
CA LEU S 409 -14.06 8.88 24.23
C LEU S 409 -15.22 8.36 23.40
N ILE S 410 -15.03 7.23 22.74
CA ILE S 410 -16.10 6.63 21.93
C ILE S 410 -17.29 6.28 22.81
N SER S 411 -17.04 5.67 23.96
CA SER S 411 -18.13 5.27 24.85
C SER S 411 -18.89 6.48 25.37
N ALA S 412 -18.17 7.55 25.72
CA ALA S 412 -18.83 8.77 26.20
C ALA S 412 -19.69 9.39 25.11
N GLN S 413 -19.20 9.39 23.87
CA GLN S 413 -20.01 9.91 22.78
C GLN S 413 -21.28 9.09 22.61
N ARG S 414 -21.17 7.76 22.70
CA ARG S 414 -22.34 6.91 22.58
C ARG S 414 -23.35 7.19 23.68
N ASN S 415 -22.87 7.35 24.92
CA ASN S 415 -23.77 7.65 26.04
C ASN S 415 -24.46 9.01 25.85
N PHE S 416 -23.70 10.00 25.38
CA PHE S 416 -24.28 11.31 25.12
C PHE S 416 -25.37 11.23 24.05
N GLN S 417 -25.12 10.45 22.99
CA GLN S 417 -26.14 10.28 21.96
C GLN S 417 -27.39 9.61 22.52
N ALA S 418 -27.21 8.60 23.38
CA ALA S 418 -28.36 7.92 23.97
C ALA S 418 -29.18 8.88 24.83
N ASN S 419 -28.51 9.69 25.66
CA ASN S 419 -29.22 10.63 26.51
C ASN S 419 -29.94 11.69 25.68
N SER S 420 -29.31 12.17 24.60
CA SER S 420 -29.97 13.12 23.73
C SER S 420 -31.21 12.51 23.10
N ARG S 421 -31.14 11.23 22.72
CA ARG S 421 -32.30 10.56 22.17
C ARG S 421 -33.43 10.49 23.20
N SER S 422 -33.09 10.19 24.46
CA SER S 422 -34.11 10.15 25.50
C SER S 422 -34.76 11.51 25.70
N LEU S 423 -33.96 12.57 25.72
CA LEU S 423 -34.51 13.92 25.86
C LEU S 423 -35.41 14.27 24.68
N GLU S 424 -35.01 13.87 23.48
CA GLU S 424 -35.82 14.10 22.29
C GLU S 424 -37.17 13.39 22.41
N VAL S 425 -37.16 12.16 22.92
CA VAL S 425 -38.42 11.43 23.09
C VAL S 425 -39.31 12.14 24.11
N HIS S 426 -38.73 12.63 25.20
CA HIS S 426 -39.53 13.37 26.19
C HIS S 426 -40.18 14.60 25.56
N ASN S 427 -39.39 15.38 24.82
CA ASN S 427 -39.92 16.59 24.21
C ASN S 427 -40.99 16.25 23.17
N GLN S 428 -40.80 15.18 22.41
CA GLN S 428 -41.81 14.79 21.44
C GLN S 428 -43.11 14.39 22.12
N LEU S 429 -43.03 13.69 23.24
CA LEU S 429 -44.25 13.35 23.99
C LEU S 429 -44.95 14.61 24.47
N GLN S 430 -44.20 15.58 25.00
CA GLN S 430 -44.81 16.81 25.47
C GLN S 430 -45.48 17.56 24.33
N GLN S 431 -44.81 17.66 23.19
CA GLN S 431 -45.41 18.34 22.04
C GLN S 431 -46.63 17.59 21.52
N ASN S 432 -46.63 16.26 21.59
CA ASN S 432 -47.79 15.50 21.18
C ASN S 432 -48.99 15.81 22.07
N ILE S 433 -48.76 15.89 23.37
CA ILE S 433 -49.85 16.25 24.27
C ILE S 433 -50.31 17.68 24.01
N LEU S 434 -49.37 18.57 23.68
CA LEU S 434 -49.72 19.97 23.41
C LEU S 434 -50.75 20.10 22.31
N GLN S 435 -50.73 19.20 21.32
CA GLN S 435 -51.61 19.31 20.16
C GLN S 435 -52.89 18.49 20.37
N ILE S 436 -53.65 18.88 21.39
CA ILE S 436 -54.92 18.25 21.68
C ILE S 436 -56.00 19.30 21.88
N SER T 2 -35.23 38.92 19.10
CA SER T 2 -34.77 38.34 17.85
C SER T 2 -33.56 39.10 17.32
N TYR T 3 -33.49 40.40 17.63
CA TYR T 3 -32.37 41.20 17.17
C TYR T 3 -31.07 40.78 17.84
N VAL T 4 -31.14 40.21 19.04
CA VAL T 4 -29.94 39.69 19.68
C VAL T 4 -29.37 38.54 18.88
N SER T 5 -30.23 37.62 18.43
CA SER T 5 -29.76 36.51 17.61
C SER T 5 -29.23 37.00 16.28
N LEU T 6 -29.86 38.03 15.71
CA LEU T 6 -29.37 38.60 14.46
C LEU T 6 -28.00 39.23 14.65
N SER T 7 -27.78 39.90 15.79
CA SER T 7 -26.47 40.44 16.09
C SER T 7 -25.43 39.33 16.24
N GLY T 8 -25.81 38.23 16.89
CA GLY T 8 -24.90 37.09 16.97
C GLY T 8 -24.56 36.52 15.60
N LEU T 9 -25.56 36.42 14.72
CA LEU T 9 -25.32 35.98 13.35
C LEU T 9 -24.36 36.91 12.63
N SER T 10 -24.57 38.22 12.78
CA SER T 10 -23.69 39.19 12.13
C SER T 10 -22.26 39.07 12.65
N ALA T 11 -22.10 38.91 13.95
CA ALA T 11 -20.75 38.75 14.51
C ALA T 11 -20.09 37.48 14.00
N ALA T 12 -20.84 36.38 13.97
CA ALA T 12 -20.27 35.12 13.47
C ALA T 12 -19.88 35.26 12.00
N GLN T 13 -20.72 35.92 11.20
CA GLN T 13 -20.39 36.10 9.79
C GLN T 13 -19.19 37.01 9.61
N LEU T 14 -19.04 38.04 10.46
CA LEU T 14 -17.85 38.88 10.40
C LEU T 14 -16.59 38.08 10.71
N ASP T 15 -16.65 37.23 11.73
CA ASP T 15 -15.49 36.40 12.04
C ASP T 15 -15.19 35.44 10.90
N LEU T 16 -16.24 34.88 10.28
CA LEU T 16 -16.06 34.01 9.12
C LEU T 16 -15.38 34.75 7.99
N ASN T 17 -15.81 35.99 7.73
CA ASN T 17 -15.21 36.79 6.66
C ASN T 17 -13.74 37.08 6.96
N THR T 18 -13.43 37.41 8.21
CA THR T 18 -12.04 37.68 8.58
C THR T 18 -11.18 36.44 8.38
N THR T 19 -11.68 35.29 8.81
CA THR T 19 -10.93 34.04 8.63
C THR T 19 -10.75 33.72 7.15
N SER T 20 -11.79 33.95 6.34
CA SER T 20 -11.69 33.70 4.92
C SER T 20 -10.67 34.61 4.27
N ASN T 21 -10.64 35.89 4.66
CA ASN T 21 -9.65 36.80 4.13
C ASN T 21 -8.23 36.37 4.51
N ASN T 22 -8.04 35.96 5.76
CA ASN T 22 -6.72 35.49 6.19
C ASN T 22 -6.29 34.26 5.40
N ILE T 23 -7.21 33.32 5.17
CA ILE T 23 -6.87 32.12 4.42
C ILE T 23 -6.56 32.46 2.97
N ALA T 24 -7.34 33.37 2.38
CA ALA T 24 -7.11 33.76 0.98
C ALA T 24 -5.76 34.42 0.81
N ASN T 25 -5.36 35.26 1.77
CA ASN T 25 -4.08 35.96 1.68
C ASN T 25 -2.90 35.11 2.15
N ALA T 26 -3.03 33.79 2.15
CA ALA T 26 -1.97 32.93 2.68
C ALA T 26 -0.68 33.02 1.88
N ASN T 27 -0.74 33.42 0.61
CA ASN T 27 0.46 33.49 -0.22
C ASN T 27 0.92 34.91 -0.51
N THR T 28 0.15 35.92 -0.12
CA THR T 28 0.55 37.30 -0.34
C THR T 28 1.80 37.63 0.46
N TYR T 29 2.73 38.34 -0.17
CA TYR T 29 3.97 38.73 0.49
C TYR T 29 3.71 39.91 1.42
N GLY T 30 4.18 39.80 2.65
CA GLY T 30 4.07 40.89 3.59
C GLY T 30 2.70 41.08 4.21
N PHE T 31 1.77 40.16 3.98
CA PHE T 31 0.45 40.30 4.58
C PHE T 31 0.52 40.12 6.09
N LYS T 32 -0.32 40.86 6.79
CA LYS T 32 -0.45 40.75 8.23
C LYS T 32 -1.87 40.31 8.57
N GLU T 33 -1.99 39.26 9.39
CA GLU T 33 -3.29 38.67 9.65
C GLU T 33 -4.17 39.63 10.45
N SER T 34 -5.46 39.32 10.48
CA SER T 34 -6.43 40.13 11.18
C SER T 34 -7.20 39.27 12.17
N ARG T 35 -7.58 39.87 13.28
CA ARG T 35 -8.35 39.21 14.32
C ARG T 35 -9.57 40.04 14.64
N ALA T 36 -10.72 39.38 14.80
CA ALA T 36 -11.98 40.05 15.06
C ALA T 36 -12.28 39.98 16.55
N GLU T 37 -12.52 41.14 17.15
CA GLU T 37 -12.84 41.25 18.57
C GLU T 37 -14.21 41.89 18.72
N PHE T 38 -15.03 41.32 19.59
CA PHE T 38 -16.40 41.76 19.80
C PHE T 38 -16.59 42.23 21.23
N ALA T 39 -17.73 42.86 21.48
CA ALA T 39 -18.05 43.39 22.79
C ALA T 39 -19.54 43.23 23.05
N ASP T 40 -19.88 43.14 24.33
CA ASP T 40 -21.27 43.00 24.74
C ASP T 40 -22.01 44.34 24.58
N VAL T 41 -23.33 44.25 24.49
CA VAL T 41 -24.20 45.41 24.37
C VAL T 41 -25.11 45.46 25.58
N TYR T 42 -25.28 46.65 26.14
CA TYR T 42 -26.19 46.82 27.26
C TYR T 42 -26.69 48.26 27.27
N SER T 43 -27.97 48.43 27.56
CA SER T 43 -28.57 49.75 27.57
C SER T 43 -28.10 50.55 28.79
N ASN T 44 -28.22 51.87 28.69
CA ASN T 44 -27.89 52.79 29.78
C ASN T 44 -29.00 53.81 29.94
N SER T 45 -30.24 53.34 29.96
CA SER T 45 -31.38 54.23 30.13
C SER T 45 -31.33 54.89 31.50
N LEU T 46 -31.95 56.07 31.59
CA LEU T 46 -31.97 56.82 32.84
C LEU T 46 -32.71 56.04 33.92
N PHE T 47 -33.81 55.40 33.55
CA PHE T 47 -34.58 54.56 34.48
C PHE T 47 -34.49 53.12 33.97
N THR T 48 -33.47 52.42 34.45
CA THR T 48 -33.18 51.05 34.05
C THR T 48 -33.41 50.10 35.22
N ASN T 49 -34.12 49.00 34.97
CA ASN T 49 -34.33 48.02 36.03
C ASN T 49 -33.08 47.19 36.29
N ALA T 50 -32.21 47.04 35.29
CA ALA T 50 -30.94 46.32 35.43
C ALA T 50 -31.16 44.85 35.80
N LYS T 51 -31.70 44.58 36.98
CA LYS T 51 -31.89 43.21 37.42
C LYS T 51 -32.89 42.48 36.53
N THR T 52 -33.90 43.20 36.02
CA THR T 52 -34.96 42.61 35.21
C THR T 52 -34.76 42.85 33.71
N THR T 53 -33.59 43.33 33.31
CA THR T 53 -33.33 43.62 31.91
C THR T 53 -32.25 42.68 31.38
N PRO T 54 -32.54 41.92 30.33
CA PRO T 54 -31.52 41.02 29.77
C PRO T 54 -30.47 41.77 28.95
N GLY T 55 -29.59 41.03 28.28
CA GLY T 55 -28.57 41.64 27.48
C GLY T 55 -29.12 42.27 26.21
N GLY T 56 -28.22 42.83 25.42
CA GLY T 56 -28.60 43.49 24.18
C GLY T 56 -27.91 42.93 22.96
N GLY T 57 -27.34 41.72 23.09
CA GLY T 57 -26.69 41.09 21.97
C GLY T 57 -25.18 41.22 21.99
N ALA T 58 -24.56 41.23 20.81
CA ALA T 58 -23.12 41.38 20.68
C ALA T 58 -22.82 42.34 19.54
N GLN T 59 -21.86 43.23 19.77
CA GLN T 59 -21.48 44.25 18.80
C GLN T 59 -20.01 44.09 18.46
N ALA T 60 -19.68 44.24 17.18
CA ALA T 60 -18.28 44.21 16.76
C ALA T 60 -17.52 45.40 17.31
N SER T 61 -16.38 45.13 17.94
CA SER T 61 -15.56 46.20 18.51
C SER T 61 -14.55 46.72 17.50
N GLN T 62 -13.69 45.83 16.99
CA GLN T 62 -12.68 46.22 16.02
C GLN T 62 -12.15 44.97 15.34
N VAL T 63 -11.57 45.16 14.16
CA VAL T 63 -10.82 44.11 13.48
C VAL T 63 -9.34 44.39 13.70
N ALA T 64 -8.68 43.54 14.47
CA ALA T 64 -7.28 43.78 14.81
C ALA T 64 -6.39 43.55 13.60
N GLN T 65 -5.14 43.95 13.74
CA GLN T 65 -4.14 43.89 12.69
C GLN T 65 -2.83 43.34 13.22
N GLN T 66 -2.92 42.19 13.92
CA GLN T 66 -1.76 41.56 14.54
C GLN T 66 -0.53 41.64 13.65
N PHE T 67 0.52 42.29 14.15
CA PHE T 67 1.71 42.62 13.38
C PHE T 67 2.90 41.75 13.77
N HIS T 68 2.63 40.55 14.27
CA HIS T 68 3.72 39.68 14.70
C HIS T 68 4.52 39.21 13.50
N GLU T 69 5.82 39.03 13.71
CA GLU T 69 6.73 38.72 12.60
C GLU T 69 6.32 37.44 11.87
N GLY T 70 6.31 37.52 10.54
CA GLY T 70 6.02 36.37 9.72
C GLY T 70 7.26 35.61 9.30
N SER T 71 7.05 34.44 8.71
CA SER T 71 8.16 33.62 8.26
C SER T 71 8.77 34.19 6.99
N SER T 72 10.02 33.80 6.73
CA SER T 72 10.79 34.32 5.62
C SER T 72 11.13 33.21 4.65
N ILE T 73 10.98 33.49 3.36
CA ILE T 73 11.37 32.56 2.31
C ILE T 73 12.64 33.08 1.67
N TYR T 74 13.43 32.16 1.12
CA TYR T 74 14.70 32.49 0.50
C TYR T 74 14.58 32.30 -1.00
N THR T 75 14.79 33.39 -1.76
CA THR T 75 14.72 33.34 -3.21
C THR T 75 16.06 33.51 -3.89
N ASN T 76 17.13 33.79 -3.13
CA ASN T 76 18.46 34.03 -3.65
C ASN T 76 18.48 35.17 -4.67
N ASN T 77 17.50 36.06 -4.59
CA ASN T 77 17.44 37.22 -5.47
C ASN T 77 17.73 38.46 -4.65
N PRO T 78 18.91 39.08 -4.78
CA PRO T 78 19.27 40.17 -3.86
C PRO T 78 18.37 41.38 -3.94
N MET T 79 17.59 41.53 -5.02
CA MET T 79 16.61 42.61 -5.09
C MET T 79 15.40 42.38 -4.19
N ASP T 80 15.30 41.22 -3.56
CA ASP T 80 14.25 40.96 -2.57
C ASP T 80 14.76 41.35 -1.19
N LEU T 81 13.98 42.15 -0.48
CA LEU T 81 14.40 42.68 0.82
C LEU T 81 13.36 42.36 1.88
N ARG T 82 13.84 42.19 3.12
CA ARG T 82 12.99 41.88 4.25
C ARG T 82 13.41 42.71 5.45
N VAL T 83 12.45 43.26 6.16
CA VAL T 83 12.69 44.03 7.37
C VAL T 83 12.53 43.10 8.55
N SER T 84 13.65 42.68 9.15
CA SER T 84 13.62 41.79 10.30
C SER T 84 13.59 42.63 11.57
N GLY T 85 12.48 42.55 12.30
CA GLY T 85 12.32 43.35 13.49
C GLY T 85 11.20 44.37 13.37
N THR T 86 11.46 45.61 13.77
CA THR T 86 10.48 46.68 13.72
C THR T 86 10.85 47.66 12.61
N GLY T 87 9.89 48.00 11.78
CA GLY T 87 10.10 48.96 10.71
C GLY T 87 9.35 48.56 9.46
N PHE T 88 9.03 49.57 8.64
CA PHE T 88 8.34 49.37 7.37
C PHE T 88 9.12 50.05 6.25
N PHE T 89 9.05 49.45 5.06
CA PHE T 89 9.56 50.11 3.87
C PHE T 89 8.65 51.28 3.50
N ALA T 90 9.25 52.30 2.89
CA ALA T 90 8.53 53.49 2.47
C ALA T 90 8.58 53.61 0.95
N VAL T 91 7.41 53.72 0.33
CA VAL T 91 7.29 53.82 -1.12
C VAL T 91 6.42 55.01 -1.48
N ALA T 92 6.81 55.72 -2.54
CA ALA T 92 6.08 56.89 -3.00
C ALA T 92 5.41 56.61 -4.34
N LYS T 93 4.21 57.15 -4.52
CA LYS T 93 3.45 56.93 -5.74
C LYS T 93 4.18 57.52 -6.95
N GLU T 94 4.68 58.75 -6.81
CA GLU T 94 5.33 59.45 -7.90
C GLU T 94 6.77 59.79 -7.52
N ARG T 95 7.64 59.82 -8.52
CA ARG T 95 9.06 60.08 -8.27
C ARG T 95 9.27 61.49 -7.72
N LEU T 96 8.53 62.46 -8.26
CA LEU T 96 8.74 63.87 -7.93
C LEU T 96 8.03 64.31 -6.66
N THR T 97 7.26 63.43 -6.02
CA THR T 97 6.52 63.76 -4.81
C THR T 97 6.82 62.72 -3.73
N PRO T 98 8.02 62.74 -3.15
CA PRO T 98 8.31 61.81 -2.05
C PRO T 98 7.46 62.03 -0.82
N GLN T 99 6.86 63.22 -0.68
CA GLN T 99 6.02 63.49 0.49
C GLN T 99 4.84 62.52 0.55
N GLN T 100 4.19 62.29 -0.58
CA GLN T 100 3.06 61.35 -0.64
C GLN T 100 3.62 59.94 -0.69
N ASN T 101 3.64 59.26 0.45
CA ASN T 101 4.25 57.95 0.56
C ASN T 101 3.39 57.04 1.42
N GLU T 102 3.59 55.74 1.26
CA GLU T 102 2.88 54.72 2.02
C GLU T 102 3.87 53.69 2.52
N LEU T 103 3.48 52.99 3.59
CA LEU T 103 4.31 51.96 4.20
C LEU T 103 4.00 50.59 3.61
N THR T 104 5.03 49.77 3.49
CA THR T 104 4.86 48.42 2.97
C THR T 104 5.88 47.50 3.62
N ARG T 105 5.61 46.20 3.54
CA ARG T 105 6.48 45.19 4.13
C ARG T 105 7.05 44.20 3.12
N ASN T 106 6.45 44.05 1.94
CA ASN T 106 7.00 43.17 0.92
C ASN T 106 8.24 43.80 0.31
N GLY T 107 9.11 42.95 -0.23
CA GLY T 107 10.37 43.44 -0.79
C GLY T 107 10.61 43.04 -2.23
N ALA T 108 9.55 42.86 -3.02
CA ALA T 108 9.68 42.49 -4.42
C ALA T 108 10.06 43.74 -5.20
N PHE T 109 11.35 44.04 -5.24
CA PHE T 109 11.87 45.25 -5.88
C PHE T 109 12.58 44.90 -7.19
N HIS T 110 12.57 45.87 -8.11
CA HIS T 110 13.28 45.74 -9.36
C HIS T 110 13.51 47.13 -9.95
N LEU T 111 14.42 47.20 -10.90
CA LEU T 111 14.75 48.45 -11.57
C LEU T 111 13.75 48.70 -12.69
N ASN T 112 13.26 49.94 -12.78
CA ASN T 112 12.40 50.34 -13.88
C ASN T 112 13.28 50.82 -15.03
N LYS T 113 12.67 51.39 -16.07
CA LYS T 113 13.43 51.84 -17.22
C LYS T 113 14.34 53.03 -16.90
N GLU T 114 14.12 53.68 -15.75
CA GLU T 114 14.95 54.79 -15.32
C GLU T 114 15.98 54.38 -14.28
N ASN T 115 16.18 53.08 -14.07
CA ASN T 115 17.12 52.56 -13.08
C ASN T 115 16.78 53.03 -11.66
N TYR T 116 15.49 53.11 -11.36
CA TYR T 116 15.01 53.38 -10.01
C TYR T 116 14.40 52.11 -9.43
N MET T 117 14.67 51.87 -8.16
CA MET T 117 14.10 50.69 -7.50
C MET T 117 12.61 50.92 -7.24
N VAL T 118 11.78 50.05 -7.80
CA VAL T 118 10.34 50.19 -7.72
C VAL T 118 9.73 48.88 -7.24
N THR T 119 8.49 48.95 -6.78
CA THR T 119 7.74 47.77 -6.36
C THR T 119 7.06 47.15 -7.56
N ALA T 120 6.15 46.20 -7.31
CA ALA T 120 5.42 45.56 -8.40
C ALA T 120 4.57 46.56 -9.15
N ASN T 121 3.92 47.48 -8.44
CA ASN T 121 3.08 48.50 -9.04
C ASN T 121 3.86 49.71 -9.55
N ASP T 122 5.18 49.57 -9.73
CA ASP T 122 6.03 50.67 -10.19
C ASP T 122 5.94 51.87 -9.26
N GLU T 123 6.02 51.59 -7.95
CA GLU T 123 6.08 52.64 -6.94
C GLU T 123 7.51 52.76 -6.44
N PHE T 124 8.05 53.98 -6.50
CA PHE T 124 9.45 54.19 -6.19
C PHE T 124 9.71 54.01 -4.70
N LEU T 125 10.87 53.42 -4.39
CA LEU T 125 11.27 53.17 -3.01
C LEU T 125 12.02 54.39 -2.47
N LEU T 126 11.62 54.86 -1.30
CA LEU T 126 12.21 56.04 -0.70
C LEU T 126 13.50 55.69 0.04
N GLY T 127 14.51 56.55 -0.10
CA GLY T 127 15.79 56.33 0.52
C GLY T 127 16.43 57.64 0.93
N TYR T 128 17.53 57.52 1.66
CA TYR T 128 18.30 58.66 2.13
C TYR T 128 19.45 58.95 1.17
N GLN T 129 20.25 59.95 1.50
CA GLN T 129 21.44 60.32 0.73
C GLN T 129 22.62 60.40 1.68
N VAL T 130 23.57 59.47 1.55
CA VAL T 130 24.71 59.39 2.46
C VAL T 130 25.84 60.28 1.95
N ASP T 131 26.81 60.53 2.82
CA ASP T 131 27.98 61.31 2.48
C ASP T 131 28.97 60.48 1.66
N PRO T 132 29.73 61.13 0.78
CA PRO T 132 30.72 60.37 -0.02
C PRO T 132 31.72 59.60 0.82
N SER T 133 32.19 60.19 1.92
CA SER T 133 33.14 59.54 2.81
C SER T 133 32.54 59.18 4.16
N SER T 134 31.88 60.14 4.82
CA SER T 134 31.29 59.90 6.12
C SER T 134 30.16 58.88 6.02
N GLY T 135 30.15 57.93 6.95
CA GLY T 135 29.11 56.91 6.94
C GLY T 135 27.73 57.45 7.23
N GLU T 136 27.64 58.43 8.14
CA GLU T 136 26.34 58.95 8.54
C GLU T 136 25.67 59.70 7.39
N VAL T 137 24.36 59.51 7.27
CA VAL T 137 23.57 60.21 6.26
C VAL T 137 23.36 61.64 6.71
N SER T 138 23.56 62.59 5.79
CA SER T 138 23.45 64.00 6.14
C SER T 138 21.99 64.44 6.27
N SER T 139 21.26 64.40 5.17
CA SER T 139 19.88 64.87 5.15
C SER T 139 18.92 63.69 5.31
N TYR T 140 17.94 63.86 6.20
CA TYR T 140 17.01 62.80 6.54
C TYR T 140 15.73 62.86 5.69
N GLU T 141 15.66 63.76 4.73
CA GLU T 141 14.49 63.78 3.86
C GLU T 141 14.49 62.57 2.94
N PRO T 142 13.33 62.03 2.63
CA PRO T 142 13.26 60.85 1.75
C PRO T 142 13.32 61.23 0.28
N GLN T 143 14.10 60.47 -0.48
CA GLN T 143 14.19 60.66 -1.91
C GLN T 143 14.28 59.31 -2.59
N PRO T 144 13.83 59.20 -3.84
CA PRO T 144 13.90 57.92 -4.54
C PRO T 144 15.33 57.45 -4.72
N ILE T 145 15.51 56.13 -4.72
CA ILE T 145 16.82 55.52 -4.87
C ILE T 145 17.09 55.28 -6.34
N ASN T 146 18.22 55.77 -6.83
CA ASN T 146 18.64 55.59 -8.21
C ASN T 146 19.95 54.81 -8.24
N ILE T 147 20.12 53.99 -9.26
CA ILE T 147 21.33 53.19 -9.43
C ILE T 147 21.92 53.49 -10.80
N PRO T 148 22.73 54.53 -10.95
CA PRO T 148 23.29 54.85 -12.26
C PRO T 148 24.17 53.72 -12.78
N ALA T 149 24.13 53.53 -14.10
CA ALA T 149 24.90 52.50 -14.75
C ALA T 149 26.29 52.97 -15.16
N GLU T 150 26.59 54.26 -15.00
CA GLU T 150 27.88 54.82 -15.36
C GLU T 150 28.38 55.70 -14.24
N PHE T 151 29.67 55.58 -13.91
CA PHE T 151 30.33 56.51 -12.99
C PHE T 151 30.79 57.73 -13.80
N GLY T 152 29.81 58.49 -14.26
CA GLY T 152 30.05 59.56 -15.20
C GLY T 152 30.59 60.83 -14.59
N LYS T 153 31.77 60.75 -13.97
CA LYS T 153 32.43 61.94 -13.43
C LYS T 153 33.91 61.65 -13.21
N PRO T 154 34.76 61.85 -14.21
CA PRO T 154 36.20 61.67 -14.01
C PRO T 154 36.71 62.56 -12.88
N LYS T 155 37.18 61.93 -11.81
CA LYS T 155 37.58 62.62 -10.60
C LYS T 155 39.10 62.83 -10.61
N GLN T 156 39.52 64.08 -10.54
CA GLN T 156 40.95 64.40 -10.57
C GLN T 156 41.63 63.95 -9.29
N THR T 157 42.91 63.63 -9.41
CA THR T 157 43.71 63.24 -8.24
C THR T 157 44.04 64.47 -7.42
N ALA T 158 43.71 64.43 -6.13
CA ALA T 158 43.92 65.59 -5.26
C ALA T 158 44.73 65.21 -4.03
N ASN T 159 44.50 64.03 -3.48
CA ASN T 159 45.19 63.57 -2.28
C ASN T 159 45.93 62.28 -2.59
N ILE T 160 47.21 62.22 -2.24
CA ILE T 160 48.02 61.03 -2.43
C ILE T 160 48.64 60.68 -1.08
N GLU T 161 48.37 59.46 -0.61
CA GLU T 161 48.94 58.95 0.63
C GLU T 161 49.99 57.90 0.30
N VAL T 162 51.22 58.14 0.73
CA VAL T 162 52.34 57.22 0.48
C VAL T 162 52.99 56.90 1.81
N GLY T 163 53.13 55.61 2.11
CA GLY T 163 53.86 55.18 3.29
C GLY T 163 55.03 54.29 2.91
N VAL T 164 56.25 54.77 3.14
CA VAL T 164 57.45 54.07 2.70
C VAL T 164 58.39 53.89 3.88
N ASN T 165 59.24 52.87 3.77
CA ASN T 165 60.31 52.61 4.73
C ASN T 165 61.64 52.85 4.04
N LEU T 166 62.43 53.75 4.61
CA LEU T 166 63.67 54.05 3.91
C LEU T 166 64.84 53.33 4.55
N PRO T 167 65.81 52.88 3.75
CA PRO T 167 66.95 52.17 4.32
C PRO T 167 67.84 53.11 5.11
N ALA T 168 68.02 52.80 6.39
CA ALA T 168 68.87 53.62 7.25
C ALA T 168 70.34 53.49 6.89
N ASN T 169 70.72 52.42 6.21
CA ASN T 169 72.10 52.18 5.80
C ASN T 169 72.39 52.68 4.39
N GLY T 170 71.46 53.41 3.78
CA GLY T 170 71.68 53.90 2.44
C GLY T 170 72.83 54.90 2.38
N ASP T 171 73.52 54.91 1.25
CA ASP T 171 74.67 55.78 1.07
C ASP T 171 74.24 57.24 0.95
N LEU T 172 75.01 58.12 1.57
CA LEU T 172 74.71 59.54 1.53
C LEU T 172 74.93 60.10 0.13
N LYS T 173 74.20 61.17 -0.19
CA LYS T 173 74.28 61.82 -1.48
C LYS T 173 74.40 63.33 -1.29
N ASP T 174 74.81 64.02 -2.35
CA ASP T 174 75.00 65.46 -2.31
C ASP T 174 73.67 66.14 -2.62
N PRO T 175 73.12 66.93 -1.70
CA PRO T 175 71.83 67.60 -1.98
C PRO T 175 71.89 68.53 -3.17
N THR T 176 72.99 69.24 -3.38
CA THR T 176 73.08 70.18 -4.49
C THR T 176 73.32 69.49 -5.83
N GLN T 177 73.72 68.22 -5.81
CA GLN T 177 74.01 67.49 -7.03
C GLN T 177 72.83 66.65 -7.50
N PHE T 178 71.65 66.83 -6.91
CA PHE T 178 70.50 66.04 -7.29
C PHE T 178 70.07 66.37 -8.71
N ASP T 179 69.81 65.33 -9.50
CA ASP T 179 69.35 65.50 -10.88
C ASP T 179 68.59 64.25 -11.26
N PHE T 180 67.32 64.41 -11.62
CA PHE T 180 66.48 63.25 -11.92
C PHE T 180 66.95 62.51 -13.16
N SER T 181 67.73 63.15 -14.03
CA SER T 181 68.25 62.48 -15.21
C SER T 181 69.41 61.56 -14.91
N ASP T 182 70.05 61.72 -13.75
CA ASP T 182 71.18 60.88 -13.37
C ASP T 182 70.79 60.00 -12.19
N PRO T 183 70.66 58.68 -12.38
CA PRO T 183 70.25 57.82 -11.26
C PRO T 183 71.20 57.83 -10.07
N ASP T 184 72.50 58.01 -10.31
CA ASP T 184 73.48 57.93 -9.23
C ASP T 184 73.40 59.11 -8.27
N THR T 185 72.75 60.20 -8.65
CA THR T 185 72.68 61.35 -7.76
C THR T 185 71.76 61.10 -6.57
N TYR T 186 70.67 60.37 -6.78
CA TYR T 186 69.70 60.08 -5.74
C TYR T 186 69.80 58.60 -5.34
N ASN T 187 68.96 58.20 -4.38
CA ASN T 187 68.99 56.83 -3.86
C ASN T 187 67.95 55.94 -4.53
N ARG T 188 66.68 56.33 -4.50
CA ARG T 188 65.60 55.48 -4.98
C ARG T 188 64.64 56.29 -5.83
N SER T 189 63.93 55.59 -6.71
CA SER T 189 62.95 56.20 -7.60
C SER T 189 61.74 55.28 -7.68
N THR T 190 60.55 55.86 -7.55
CA THR T 190 59.30 55.12 -7.64
C THR T 190 58.39 55.78 -8.68
N SER T 191 57.54 54.96 -9.29
CA SER T 191 56.62 55.43 -10.32
C SER T 191 55.19 55.16 -9.90
N SER T 192 54.29 56.07 -10.27
CA SER T 192 52.88 55.94 -9.93
C SER T 192 52.06 56.70 -10.96
N THR T 193 50.76 56.41 -10.99
CA THR T 193 49.85 56.98 -11.97
C THR T 193 48.86 57.91 -11.28
N ILE T 194 48.60 59.05 -11.92
CA ILE T 194 47.65 60.04 -11.43
C ILE T 194 46.70 60.39 -12.57
N TYR T 195 45.55 60.94 -12.20
CA TYR T 195 44.49 61.27 -13.16
C TYR T 195 44.11 62.73 -13.01
N ASP T 196 43.89 63.39 -14.13
CA ASP T 196 43.52 64.79 -14.16
C ASP T 196 41.99 64.91 -14.14
N SER T 197 41.48 66.11 -14.44
CA SER T 197 40.04 66.33 -14.44
C SER T 197 39.35 65.53 -15.53
N MET T 198 39.98 65.42 -16.71
CA MET T 198 39.39 64.71 -17.84
C MET T 198 39.64 63.21 -17.81
N GLY T 199 40.33 62.71 -16.79
CA GLY T 199 40.62 61.30 -16.68
C GLY T 199 41.88 60.84 -17.39
N GLN T 200 42.67 61.76 -17.95
CA GLN T 200 43.94 61.37 -18.56
C GLN T 200 44.90 60.87 -17.48
N SER T 201 45.60 59.78 -17.81
CA SER T 201 46.55 59.19 -16.88
C SER T 201 47.92 59.81 -17.07
N TYR T 202 48.54 60.23 -15.97
CA TYR T 202 49.89 60.78 -15.99
C TYR T 202 50.77 59.98 -15.04
N LYS T 203 52.04 59.86 -15.41
CA LYS T 203 53.00 59.08 -14.65
C LYS T 203 53.71 60.00 -13.66
N LEU T 204 53.58 59.67 -12.37
CA LEU T 204 54.22 60.44 -11.30
C LEU T 204 55.42 59.66 -10.80
N THR T 205 56.59 60.30 -10.82
CA THR T 205 57.84 59.68 -10.39
C THR T 205 58.34 60.39 -9.16
N THR T 206 58.66 59.63 -8.11
CA THR T 206 59.15 60.17 -6.86
C THR T 206 60.59 59.72 -6.63
N TYR T 207 61.47 60.68 -6.35
CA TYR T 207 62.88 60.42 -6.11
C TYR T 207 63.20 60.68 -4.64
N TYR T 208 63.87 59.72 -4.01
CA TYR T 208 64.25 59.83 -2.61
C TYR T 208 65.77 59.96 -2.51
N LEU T 209 66.23 61.00 -1.81
CA LEU T 209 67.64 61.29 -1.65
C LEU T 209 67.98 61.44 -0.19
N LYS T 210 69.04 60.78 0.25
CA LYS T 210 69.46 60.80 1.64
C LYS T 210 70.44 61.94 1.86
N ASP T 211 70.13 62.83 2.79
CA ASP T 211 70.97 63.99 3.04
C ASP T 211 72.30 63.56 3.66
N GLN T 212 73.38 64.20 3.21
CA GLN T 212 74.71 63.92 3.74
C GLN T 212 75.07 64.82 4.91
N THR T 213 74.72 66.10 4.82
CA THR T 213 75.09 67.03 5.89
C THR T 213 74.37 66.70 7.19
N GLN T 214 73.08 66.38 7.11
CA GLN T 214 72.26 66.15 8.29
C GLN T 214 71.88 64.68 8.39
N PRO T 215 72.24 64.00 9.48
CA PRO T 215 71.84 62.59 9.62
C PRO T 215 70.34 62.46 9.82
N ASN T 216 69.82 61.31 9.42
CA ASN T 216 68.39 61.00 9.52
C ASN T 216 67.54 62.05 8.83
N THR T 217 68.03 62.53 7.68
CA THR T 217 67.33 63.53 6.89
C THR T 217 67.31 63.09 5.44
N TRP T 218 66.15 63.22 4.80
CA TRP T 218 65.97 62.80 3.42
C TRP T 218 65.34 63.93 2.61
N ASN T 219 65.67 63.95 1.32
CA ASN T 219 65.09 64.89 0.38
C ASN T 219 64.28 64.14 -0.66
N THR T 220 63.08 64.64 -0.94
CA THR T 220 62.15 63.99 -1.84
C THR T 220 61.79 64.95 -2.97
N TYR T 221 61.80 64.44 -4.20
CA TYR T 221 61.46 65.23 -5.38
C TYR T 221 60.47 64.46 -6.24
N TYR T 222 59.68 65.21 -6.99
CA TYR T 222 58.61 64.65 -7.80
C TYR T 222 58.72 65.15 -9.24
N THR T 223 58.39 64.29 -10.19
CA THR T 223 58.36 64.64 -11.59
C THR T 223 57.12 64.07 -12.25
N VAL T 224 56.65 64.74 -13.30
CA VAL T 224 55.47 64.33 -14.04
C VAL T 224 55.89 64.02 -15.47
N THR T 225 55.48 62.86 -15.97
CA THR T 225 55.85 62.39 -17.30
C THR T 225 54.62 62.42 -18.20
N ASP T 226 54.55 63.42 -19.07
CA ASP T 226 53.54 63.50 -20.11
C ASP T 226 54.14 63.08 -21.45
N LYS T 227 53.36 63.24 -22.53
CA LYS T 227 53.86 62.86 -23.84
C LYS T 227 54.99 63.76 -24.31
N GLU T 228 54.97 65.04 -23.92
CA GLU T 228 56.04 65.96 -24.31
C GLU T 228 57.36 65.54 -23.68
N GLY T 229 57.34 65.15 -22.41
CA GLY T 229 58.54 64.74 -21.73
C GLY T 229 58.30 64.71 -20.23
N GLU T 230 59.40 64.56 -19.49
CA GLU T 230 59.36 64.52 -18.03
C GLU T 230 59.67 65.91 -17.49
N LYS T 231 58.74 66.46 -16.73
CA LYS T 231 58.90 67.79 -16.19
C LYS T 231 58.93 67.74 -14.67
N PRO T 232 59.92 68.37 -14.03
CA PRO T 232 59.96 68.39 -12.57
C PRO T 232 58.79 69.19 -11.99
N LEU T 233 58.35 68.77 -10.81
CA LEU T 233 57.25 69.41 -10.11
C LEU T 233 57.77 70.02 -8.82
N ASN T 234 57.43 71.27 -8.56
CA ASN T 234 57.91 72.00 -7.40
C ASN T 234 56.84 72.06 -6.32
N VAL T 235 57.25 71.93 -5.07
CA VAL T 235 56.36 72.04 -3.93
C VAL T 235 56.25 73.52 -3.56
N ALA T 236 55.08 73.91 -3.05
CA ALA T 236 54.81 75.33 -2.82
C ALA T 236 55.77 75.92 -1.81
N ALA T 237 56.02 75.21 -0.70
CA ALA T 237 56.87 75.72 0.36
C ALA T 237 57.89 74.69 0.82
N GLY T 238 58.34 73.83 -0.10
CA GLY T 238 59.33 72.84 0.27
C GLY T 238 60.68 73.46 0.56
N ASP T 239 61.33 72.96 1.60
CA ASP T 239 62.63 73.47 2.03
C ASP T 239 63.79 72.66 1.44
N ALA T 240 63.78 72.47 0.12
CA ALA T 240 64.87 71.77 -0.56
C ALA T 240 64.97 72.34 -1.98
N GLN T 241 65.84 73.32 -2.16
CA GLN T 241 65.99 74.01 -3.43
C GLN T 241 67.33 73.63 -4.06
N THR T 242 67.27 72.89 -5.16
CA THR T 242 68.47 72.57 -5.91
C THR T 242 68.98 73.81 -6.65
N PRO T 243 70.26 73.82 -7.02
CA PRO T 243 70.78 74.95 -7.81
C PRO T 243 70.02 75.17 -9.11
N THR T 244 69.54 74.10 -9.74
CA THR T 244 68.74 74.27 -10.96
C THR T 244 67.45 75.02 -10.66
N GLY T 245 66.81 74.73 -9.53
CA GLY T 245 65.58 75.41 -9.16
C GLY T 245 64.49 74.46 -8.71
N HIS T 246 64.70 73.17 -8.92
CA HIS T 246 63.73 72.17 -8.50
C HIS T 246 63.56 72.19 -6.99
N VAL T 247 62.31 72.20 -6.53
CA VAL T 247 61.99 72.39 -5.12
C VAL T 247 61.39 71.09 -4.60
N GLY T 248 62.08 70.47 -3.65
CA GLY T 248 61.58 69.31 -2.94
C GLY T 248 61.27 69.61 -1.49
N HIS T 249 61.04 68.55 -0.72
CA HIS T 249 60.74 68.67 0.69
C HIS T 249 61.62 67.71 1.48
N THR T 250 61.86 68.06 2.74
CA THR T 250 62.77 67.32 3.59
C THR T 250 62.00 66.47 4.60
N MET T 251 62.50 65.27 4.85
CA MET T 251 61.90 64.35 5.82
C MET T 251 62.92 64.02 6.89
N LYS T 252 62.51 64.12 8.15
CA LYS T 252 63.38 63.89 9.29
C LYS T 252 62.75 62.86 10.21
N PHE T 253 63.61 62.08 10.87
CA PHE T 253 63.17 60.94 11.68
C PHE T 253 63.80 61.01 13.07
N ASN T 254 63.11 60.39 14.03
CA ASN T 254 63.56 60.36 15.41
C ASN T 254 64.65 59.31 15.58
N ASN T 255 65.05 59.07 16.83
CA ASN T 255 66.07 58.05 17.09
C ASN T 255 65.53 56.65 16.90
N ASP T 256 64.27 56.42 17.26
CA ASP T 256 63.66 55.10 17.12
C ASP T 256 63.26 54.77 15.70
N GLY T 257 63.56 55.64 14.73
CA GLY T 257 63.21 55.40 13.35
C GLY T 257 61.84 55.89 12.93
N THR T 258 61.03 56.38 13.86
CA THR T 258 59.72 56.90 13.51
C THR T 258 59.84 58.26 12.84
N LEU T 259 58.71 58.77 12.37
CA LEU T 259 58.68 60.06 11.69
C LEU T 259 58.78 61.19 12.71
N ALA T 260 59.67 62.15 12.45
CA ALA T 260 59.87 63.29 13.33
C ALA T 260 59.19 64.55 12.79
N SER T 261 59.50 64.92 11.55
CA SER T 261 58.95 66.13 10.96
C SER T 261 58.90 65.98 9.45
N LEU T 262 58.02 66.75 8.83
CA LEU T 262 57.85 66.75 7.38
C LEU T 262 57.81 68.18 6.87
N ASN T 263 58.79 68.55 6.04
CA ASN T 263 58.82 69.87 5.40
C ASN T 263 58.67 70.99 6.42
N ASN T 264 59.41 70.86 7.53
CA ASN T 264 59.37 71.81 8.64
C ASN T 264 57.96 71.96 9.20
N GLY T 265 57.21 70.86 9.24
CA GLY T 265 55.88 70.87 9.81
C GLY T 265 54.80 71.46 8.93
N GLN T 266 55.12 71.81 7.69
CA GLN T 266 54.14 72.41 6.81
C GLN T 266 53.52 71.35 5.90
N PRO T 267 52.27 71.55 5.49
CA PRO T 267 51.65 70.60 4.56
C PRO T 267 52.35 70.62 3.21
N ILE T 268 52.38 69.46 2.56
CA ILE T 268 53.07 69.30 1.28
C ILE T 268 52.03 69.49 0.18
N THR T 269 52.02 70.68 -0.42
CA THR T 269 51.12 70.98 -1.52
C THR T 269 51.96 71.38 -2.73
N SER T 270 51.76 70.68 -3.84
CA SER T 270 52.50 70.97 -5.05
C SER T 270 51.88 72.15 -5.79
N VAL T 271 52.66 72.74 -6.69
CA VAL T 271 52.18 73.85 -7.51
C VAL T 271 51.25 73.31 -8.58
N ALA T 272 50.53 74.20 -9.25
CA ALA T 272 49.62 73.79 -10.31
C ALA T 272 50.40 73.14 -11.45
N LEU T 273 49.87 72.04 -11.97
CA LEU T 273 50.58 71.28 -12.99
C LEU T 273 50.69 72.07 -14.29
N GLY T 274 49.58 72.63 -14.75
CA GLY T 274 49.55 73.24 -16.06
C GLY T 274 49.41 74.74 -16.09
N ASP T 275 49.70 75.40 -14.97
CA ASP T 275 49.60 76.86 -14.91
C ASP T 275 50.99 77.46 -14.99
N PRO T 276 51.35 78.13 -16.09
CA PRO T 276 52.67 78.77 -16.16
C PRO T 276 52.87 79.89 -15.15
N ALA T 277 51.79 80.44 -14.58
CA ALA T 277 51.90 81.52 -13.62
C ALA T 277 52.57 81.10 -12.31
N THR T 278 52.55 79.80 -11.98
CA THR T 278 53.17 79.31 -10.76
C THR T 278 54.16 78.17 -10.98
N ASN T 279 54.28 77.64 -12.20
CA ASN T 279 55.19 76.55 -12.49
C ASN T 279 56.09 76.94 -13.64
N THR T 280 57.40 76.73 -13.48
CA THR T 280 58.34 77.02 -14.54
C THR T 280 58.30 75.98 -15.65
N THR T 281 57.80 74.78 -15.37
CA THR T 281 57.66 73.72 -16.36
C THR T 281 56.22 73.24 -16.33
N PRO T 282 55.30 73.98 -16.97
CA PRO T 282 53.88 73.61 -16.91
C PRO T 282 53.63 72.27 -17.58
N VAL T 283 52.83 71.42 -16.94
CA VAL T 283 52.47 70.14 -17.50
C VAL T 283 51.42 70.35 -18.58
N ASP T 284 51.60 69.69 -19.72
CA ASP T 284 50.67 69.82 -20.84
C ASP T 284 49.38 69.06 -20.53
N MET T 285 48.40 69.76 -19.96
CA MET T 285 47.14 69.11 -19.58
C MET T 285 46.32 68.68 -20.79
N ASN T 286 46.65 69.18 -21.98
CA ASN T 286 45.94 68.82 -23.21
C ASN T 286 44.45 69.10 -23.10
N GLY T 287 44.10 70.25 -22.50
CA GLY T 287 42.73 70.66 -22.33
C GLY T 287 42.17 70.44 -20.94
N ALA T 288 42.89 69.74 -20.07
CA ALA T 288 42.40 69.48 -18.73
C ALA T 288 42.55 70.73 -17.85
N ASP T 289 42.14 70.58 -16.59
CA ASP T 289 42.23 71.70 -15.65
C ASP T 289 43.69 71.97 -15.32
N PRO T 290 44.20 73.16 -15.62
CA PRO T 290 45.61 73.45 -15.36
C PRO T 290 45.91 73.84 -13.91
N ALA T 291 44.90 74.10 -13.10
CA ALA T 291 45.09 74.53 -11.72
C ALA T 291 45.03 73.38 -10.73
N GLN T 292 45.25 72.14 -11.20
CA GLN T 292 45.21 71.00 -10.30
C GLN T 292 46.35 71.06 -9.30
N THR T 293 46.03 70.76 -8.04
CA THR T 293 47.02 70.75 -6.97
C THR T 293 47.00 69.39 -6.27
N LEU T 294 48.18 68.96 -5.83
CA LEU T 294 48.34 67.66 -5.21
C LEU T 294 48.76 67.82 -3.76
N ASN T 295 48.14 67.06 -2.87
CA ASN T 295 48.48 67.03 -1.46
C ASN T 295 49.07 65.65 -1.12
N PHE T 296 50.28 65.64 -0.59
CA PHE T 296 50.99 64.41 -0.27
C PHE T 296 50.91 64.16 1.23
N GLY T 297 50.47 62.98 1.61
CA GLY T 297 50.45 62.59 3.01
C GLY T 297 51.44 61.48 3.30
N LEU T 298 52.51 61.80 4.02
CA LEU T 298 53.56 60.84 4.34
C LEU T 298 53.72 60.70 5.84
N GLY T 299 52.60 60.60 6.56
CA GLY T 299 52.66 60.47 8.01
C GLY T 299 53.05 59.10 8.50
N SER T 300 53.12 58.11 7.61
CA SER T 300 53.53 56.76 7.98
C SER T 300 54.96 56.45 7.57
N ALA T 301 55.71 57.45 7.11
CA ALA T 301 57.07 57.22 6.65
C ALA T 301 57.96 56.80 7.82
N THR T 302 58.78 55.78 7.58
CA THR T 302 59.68 55.25 8.59
C THR T 302 61.06 55.04 7.98
N GLN T 303 62.07 55.04 8.83
CA GLN T 303 63.44 54.73 8.42
C GLN T 303 64.01 53.70 9.38
N PHE T 304 64.11 52.46 8.93
CA PHE T 304 64.62 51.36 9.73
C PHE T 304 65.79 50.72 9.00
N ALA T 305 66.28 49.61 9.56
CA ALA T 305 67.35 48.84 8.92
C ALA T 305 66.87 48.10 7.68
N ALA T 306 65.56 47.98 7.49
CA ALA T 306 65.03 47.27 6.34
C ALA T 306 65.35 48.02 5.05
N PRO T 307 65.48 47.31 3.93
CA PRO T 307 65.74 47.98 2.65
C PRO T 307 64.57 48.84 2.20
N PHE T 308 64.73 49.51 1.06
CA PHE T 308 63.67 50.36 0.54
C PHE T 308 62.43 49.54 0.22
N GLU T 309 61.26 50.06 0.58
CA GLU T 309 60.01 49.35 0.40
C GLU T 309 58.87 50.34 0.28
N LEU T 310 57.98 50.10 -0.69
CA LEU T 310 56.76 50.89 -0.86
C LEU T 310 55.63 50.13 -0.18
N THR T 311 55.40 50.44 1.09
CA THR T 311 54.43 49.68 1.88
C THR T 311 53.00 49.99 1.45
N LYS T 312 52.68 51.27 1.26
CA LYS T 312 51.31 51.69 1.02
C LYS T 312 51.28 52.83 0.02
N PHE T 313 50.35 52.76 -0.93
CA PHE T 313 50.10 53.84 -1.87
C PHE T 313 48.60 53.95 -2.11
N ASP T 314 48.02 55.08 -1.71
CA ASP T 314 46.60 55.32 -1.85
C ASP T 314 46.37 56.71 -2.42
N GLU T 315 45.41 56.82 -3.33
CA GLU T 315 45.04 58.09 -3.94
C GLU T 315 43.52 58.20 -3.97
N ASP T 316 43.04 59.34 -4.47
CA ASP T 316 41.60 59.59 -4.58
C ASP T 316 41.18 59.82 -6.03
N GLY T 317 42.05 59.51 -6.99
CA GLY T 317 41.71 59.68 -8.39
C GLY T 317 40.74 58.62 -8.88
N ALA T 318 40.10 58.92 -10.01
CA ALA T 318 39.10 58.02 -10.57
C ALA T 318 38.97 58.29 -12.05
N THR T 319 38.38 57.32 -12.76
CA THR T 319 38.16 57.40 -14.19
C THR T 319 36.76 56.89 -14.50
N THR T 320 36.33 57.09 -15.75
CA THR T 320 35.02 56.63 -16.17
C THR T 320 34.92 55.12 -16.07
N GLY T 321 33.73 54.64 -15.70
CA GLY T 321 33.54 53.21 -15.49
C GLY T 321 32.09 52.81 -15.65
N PHE T 322 31.86 51.51 -15.53
CA PHE T 322 30.55 50.92 -15.69
C PHE T 322 30.17 50.13 -14.45
N LEU T 323 28.92 50.23 -14.04
CA LEU T 323 28.41 49.50 -12.89
C LEU T 323 28.65 48.01 -13.06
N THR T 324 29.46 47.43 -12.16
CA THR T 324 29.85 46.03 -12.23
C THR T 324 29.01 45.13 -11.34
N LYS T 325 28.78 45.52 -10.09
CA LYS T 325 27.94 44.72 -9.21
C LYS T 325 27.32 45.63 -8.15
N VAL T 326 26.22 45.16 -7.56
CA VAL T 326 25.51 45.88 -6.51
C VAL T 326 25.17 44.91 -5.40
N ASP T 327 25.41 45.32 -4.16
CA ASP T 327 25.08 44.50 -3.00
C ASP T 327 24.56 45.39 -1.88
N PHE T 328 23.90 44.76 -0.91
CA PHE T 328 23.28 45.45 0.20
C PHE T 328 23.91 44.99 1.50
N ASP T 329 24.26 45.93 2.36
CA ASP T 329 24.81 45.60 3.67
C ASP T 329 23.70 45.61 4.72
N GLU T 330 24.06 45.21 5.94
CA GLU T 330 23.07 45.13 7.02
C GLU T 330 22.53 46.51 7.40
N ASN T 331 23.31 47.57 7.17
CA ASN T 331 22.86 48.92 7.49
C ASN T 331 21.85 49.44 6.47
N GLY T 332 21.60 48.71 5.39
CA GLY T 332 20.69 49.16 4.36
C GLY T 332 21.33 49.98 3.27
N SER T 333 22.62 50.30 3.39
CA SER T 333 23.30 51.05 2.35
C SER T 333 23.49 50.17 1.12
N VAL T 334 23.09 50.68 -0.04
CA VAL T 334 23.23 49.97 -1.30
C VAL T 334 24.53 50.42 -1.94
N MET T 335 25.51 49.53 -1.98
CA MET T 335 26.83 49.83 -2.50
C MET T 335 27.01 49.21 -3.88
N GLY T 336 27.78 49.89 -4.72
CA GLY T 336 28.06 49.40 -6.05
C GLY T 336 29.49 49.68 -6.47
N THR T 337 30.15 48.67 -7.04
CA THR T 337 31.52 48.82 -7.53
C THR T 337 31.50 48.97 -9.04
N TYR T 338 32.34 49.86 -9.54
CA TYR T 338 32.41 50.17 -10.97
C TYR T 338 33.73 49.65 -11.54
N SER T 339 33.89 49.83 -12.85
CA SER T 339 35.08 49.33 -13.52
C SER T 339 36.34 50.07 -13.08
N ASN T 340 36.22 51.36 -12.77
CA ASN T 340 37.38 52.12 -12.30
C ASN T 340 37.87 51.60 -10.96
N GLY T 341 36.95 51.21 -10.07
CA GLY T 341 37.31 50.65 -8.78
C GLY T 341 36.65 51.34 -7.59
N GLU T 342 36.06 52.51 -7.76
CA GLU T 342 35.45 53.21 -6.64
C GLU T 342 34.22 52.44 -6.14
N ASN T 343 34.11 52.30 -4.83
CA ASN T 343 32.97 51.63 -4.20
C ASN T 343 31.95 52.69 -3.75
N VAL T 344 31.32 53.30 -4.75
CA VAL T 344 30.37 54.38 -4.50
C VAL T 344 29.14 53.84 -3.80
N THR T 345 28.72 54.51 -2.73
CA THR T 345 27.51 54.15 -1.99
C THR T 345 26.34 54.92 -2.57
N LEU T 346 25.43 54.20 -3.23
CA LEU T 346 24.31 54.86 -3.90
C LEU T 346 23.38 55.53 -2.90
N GLY T 347 23.14 54.90 -1.75
CA GLY T 347 22.27 55.49 -0.76
C GLY T 347 21.90 54.46 0.29
N ARG T 348 20.92 54.83 1.11
CA ARG T 348 20.37 53.93 2.13
C ARG T 348 18.89 53.70 1.86
N VAL T 349 18.36 52.67 2.49
CA VAL T 349 16.96 52.30 2.35
C VAL T 349 16.23 52.83 3.57
N ALA T 350 15.26 53.70 3.34
CA ALA T 350 14.54 54.34 4.44
C ALA T 350 13.68 53.33 5.18
N LEU T 351 13.60 53.51 6.49
CA LEU T 351 12.77 52.68 7.36
C LEU T 351 11.85 53.58 8.16
N VAL T 352 10.60 53.15 8.31
CA VAL T 352 9.56 53.95 8.96
C VAL T 352 8.94 53.13 10.08
N ARG T 353 8.72 53.77 11.22
CA ARG T 353 8.07 53.15 12.36
C ARG T 353 7.04 54.11 12.92
N VAL T 354 5.88 53.59 13.33
CA VAL T 354 4.87 54.41 13.97
C VAL T 354 4.69 53.93 15.40
N PRO T 355 4.33 54.80 16.35
CA PRO T 355 4.13 54.32 17.73
C PRO T 355 3.02 53.31 17.86
N ASN T 356 1.95 53.44 17.08
CA ASN T 356 0.80 52.56 17.14
C ASN T 356 0.61 51.93 15.77
N GLU T 357 1.06 50.69 15.61
CA GLU T 357 0.88 49.99 14.34
C GLU T 357 -0.55 49.49 14.16
N GLN T 358 -1.31 49.32 15.24
CA GLN T 358 -2.67 48.83 15.17
C GLN T 358 -3.64 49.83 14.56
N GLY T 359 -3.22 51.08 14.36
CA GLY T 359 -4.12 52.11 13.88
C GLY T 359 -3.88 52.52 12.45
N LEU T 360 -2.89 51.91 11.80
CA LEU T 360 -2.62 52.19 10.40
C LEU T 360 -3.83 51.83 9.56
N ASP T 361 -4.25 52.73 8.68
CA ASP T 361 -5.29 52.43 7.72
C ASP T 361 -4.71 51.62 6.58
N LYS T 362 -5.48 50.65 6.09
CA LYS T 362 -4.99 49.66 5.15
C LYS T 362 -5.38 50.05 3.74
N LYS T 363 -4.39 50.35 2.90
CA LYS T 363 -4.62 50.59 1.49
C LYS T 363 -4.48 49.27 0.73
N GLY T 364 -4.65 49.34 -0.59
CA GLY T 364 -4.51 48.15 -1.39
C GLY T 364 -3.06 47.75 -1.58
N GLY T 365 -2.87 46.49 -1.97
CA GLY T 365 -1.54 45.98 -2.24
C GLY T 365 -0.63 45.89 -1.03
N THR T 366 -1.18 45.45 0.10
CA THR T 366 -0.41 45.24 1.34
C THR T 366 0.38 46.50 1.71
N GLN T 367 -0.32 47.62 1.73
CA GLN T 367 0.28 48.90 2.05
C GLN T 367 -0.55 49.63 3.09
N TRP T 368 0.13 50.39 3.94
CA TRP T 368 -0.50 51.12 5.02
C TRP T 368 -0.08 52.59 4.98
N ASP T 369 -0.90 53.43 5.61
CA ASP T 369 -0.62 54.85 5.71
C ASP T 369 -0.81 55.28 7.16
N SER T 370 -0.29 56.47 7.49
CA SER T 370 -0.33 56.98 8.85
C SER T 370 -1.59 57.82 9.03
N THR T 371 -2.39 57.49 10.03
CA THR T 371 -3.58 58.24 10.37
C THR T 371 -3.41 58.92 11.73
N GLN T 372 -4.48 59.56 12.20
CA GLN T 372 -4.44 60.24 13.50
C GLN T 372 -4.18 59.25 14.62
N PHE T 373 -4.88 58.11 14.62
CA PHE T 373 -4.73 57.13 15.70
C PHE T 373 -3.34 56.51 15.68
N SER T 374 -2.79 56.26 14.48
CA SER T 374 -1.47 55.66 14.40
C SER T 374 -0.40 56.58 14.97
N GLY T 375 -0.51 57.89 14.70
CA GLY T 375 0.48 58.87 15.10
C GLY T 375 1.12 59.53 13.90
N ASP T 376 2.44 59.65 13.93
CA ASP T 376 3.19 60.21 12.82
C ASP T 376 4.35 59.28 12.47
N LYS T 377 4.71 59.27 11.18
CA LYS T 377 5.79 58.42 10.71
C LYS T 377 7.10 58.88 11.33
N ILE T 378 7.81 57.95 11.97
CA ILE T 378 9.11 58.21 12.57
C ILE T 378 10.17 57.59 11.66
N TRP T 379 10.98 58.43 11.04
CA TRP T 379 11.97 57.96 10.08
C TRP T 379 13.26 57.57 10.79
N GLY T 380 13.97 56.62 10.20
CA GLY T 380 15.21 56.16 10.78
C GLY T 380 15.94 55.24 9.82
N GLU T 381 17.15 54.87 10.19
CA GLU T 381 17.99 54.01 9.37
C GLU T 381 17.74 52.55 9.76
N SER T 382 18.56 51.65 9.21
CA SER T 382 18.47 50.23 9.52
C SER T 382 19.41 49.89 10.66
N ASN T 383 18.93 49.07 11.59
CA ASN T 383 19.72 48.61 12.74
C ASN T 383 20.23 49.80 13.55
N LYS T 384 19.36 50.79 13.75
CA LYS T 384 19.69 51.98 14.52
C LYS T 384 18.52 52.30 15.44
N GLY T 385 18.84 52.61 16.69
CA GLY T 385 17.78 52.90 17.65
C GLY T 385 16.93 51.66 17.89
N SER T 386 15.63 51.79 17.69
CA SER T 386 14.69 50.70 17.91
C SER T 386 14.31 49.96 16.63
N PHE T 387 14.90 50.32 15.49
CA PHE T 387 14.56 49.69 14.23
C PHE T 387 15.24 48.32 14.11
N GLY T 388 14.79 47.56 13.12
CA GLY T 388 15.35 46.26 12.83
C GLY T 388 16.41 46.33 11.75
N THR T 389 16.71 45.16 11.18
CA THR T 389 17.71 45.03 10.15
C THR T 389 17.07 44.78 8.79
N ILE T 390 17.87 44.94 7.74
CA ILE T 390 17.43 44.69 6.37
C ILE T 390 18.30 43.59 5.79
N ASN T 391 17.67 42.52 5.33
CA ASN T 391 18.37 41.40 4.71
C ASN T 391 17.93 41.29 3.26
N ASN T 392 18.89 41.19 2.35
CA ASN T 392 18.59 40.98 0.94
C ASN T 392 18.46 39.48 0.67
N GLY T 393 17.71 39.16 -0.38
CA GLY T 393 17.48 37.78 -0.75
C GLY T 393 16.39 37.08 0.03
N MET T 394 15.58 37.80 0.79
CA MET T 394 14.49 37.22 1.54
C MET T 394 13.21 38.01 1.30
N LEU T 395 12.08 37.35 1.55
CA LEU T 395 10.77 37.97 1.48
C LEU T 395 9.94 37.50 2.65
N GLU T 396 8.96 38.31 3.02
CA GLU T 396 8.05 37.97 4.12
C GLU T 396 6.81 37.29 3.58
N GLN T 397 6.47 36.14 4.15
CA GLN T 397 5.21 35.48 3.86
C GLN T 397 4.15 35.99 4.82
N SER T 398 2.92 35.50 4.66
CA SER T 398 1.86 35.89 5.57
C SER T 398 2.12 35.30 6.96
N ASN T 399 1.82 36.10 7.98
CA ASN T 399 2.05 35.68 9.36
C ASN T 399 0.79 34.99 9.92
N ILE T 400 0.36 33.96 9.20
CA ILE T 400 -0.86 33.24 9.55
C ILE T 400 -0.50 31.78 9.76
N ASP T 401 -1.37 31.09 10.52
CA ASP T 401 -1.22 29.68 10.81
C ASP T 401 -2.47 28.98 10.30
N MET T 402 -2.30 28.09 9.31
CA MET T 402 -3.45 27.46 8.68
C MET T 402 -4.28 26.65 9.68
N THR T 403 -3.61 25.96 10.60
CA THR T 403 -4.32 25.17 11.59
C THR T 403 -5.27 26.04 12.42
N GLN T 404 -4.77 27.16 12.94
CA GLN T 404 -5.60 28.04 13.74
C GLN T 404 -6.74 28.61 12.91
N GLU T 405 -6.46 28.99 11.66
CA GLU T 405 -7.51 29.54 10.81
C GLU T 405 -8.62 28.53 10.58
N LEU T 406 -8.26 27.27 10.31
CA LEU T 406 -9.27 26.25 10.07
C LEU T 406 -10.09 25.97 11.32
N VAL T 407 -9.43 25.91 12.48
CA VAL T 407 -10.17 25.67 13.72
C VAL T 407 -11.11 26.84 14.01
N ASP T 408 -10.65 28.07 13.77
CA ASP T 408 -11.52 29.23 13.95
C ASP T 408 -12.68 29.20 12.96
N LEU T 409 -12.44 28.70 11.75
CA LEU T 409 -13.52 28.56 10.78
C LEU T 409 -14.60 27.61 11.30
N ILE T 410 -14.17 26.48 11.85
CA ILE T 410 -15.12 25.52 12.41
C ILE T 410 -15.90 26.15 13.56
N SER T 411 -15.20 26.85 14.45
CA SER T 411 -15.87 27.45 15.59
C SER T 411 -16.86 28.53 15.16
N ALA T 412 -16.49 29.33 14.16
CA ALA T 412 -17.39 30.36 13.67
C ALA T 412 -18.63 29.75 13.03
N GLN T 413 -18.46 28.65 12.29
CA GLN T 413 -19.62 27.97 11.74
C GLN T 413 -20.54 27.45 12.83
N ARG T 414 -19.95 26.89 13.90
CA ARG T 414 -20.76 26.39 15.01
C ARG T 414 -21.53 27.53 15.68
N ASN T 415 -20.88 28.67 15.89
CA ASN T 415 -21.56 29.82 16.50
C ASN T 415 -22.68 30.33 15.61
N PHE T 416 -22.45 30.38 14.29
CA PHE T 416 -23.48 30.82 13.37
C PHE T 416 -24.68 29.88 13.39
N GLN T 417 -24.41 28.57 13.44
CA GLN T 417 -25.52 27.61 13.55
C GLN T 417 -26.30 27.81 14.83
N ALA T 418 -25.60 28.02 15.94
CA ALA T 418 -26.30 28.23 17.22
C ALA T 418 -27.18 29.47 17.17
N ASN T 419 -26.65 30.57 16.63
CA ASN T 419 -27.44 31.80 16.56
C ASN T 419 -28.64 31.64 15.63
N SER T 420 -28.45 30.93 14.51
CA SER T 420 -29.58 30.67 13.62
C SER T 420 -30.65 29.85 14.32
N ARG T 421 -30.24 28.88 15.13
CA ARG T 421 -31.20 28.10 15.90
C ARG T 421 -31.97 28.99 16.86
N SER T 422 -31.28 29.91 17.54
CA SER T 422 -31.96 30.83 18.45
C SER T 422 -32.97 31.69 17.71
N LEU T 423 -32.59 32.22 16.54
CA LEU T 423 -33.51 33.03 15.75
C LEU T 423 -34.72 32.22 15.31
N GLU T 424 -34.50 30.96 14.94
CA GLU T 424 -35.59 30.08 14.56
C GLU T 424 -36.55 29.86 15.73
N VAL T 425 -36.01 29.70 16.93
CA VAL T 425 -36.86 29.53 18.11
C VAL T 425 -37.70 30.78 18.34
N HIS T 426 -37.09 31.97 18.21
CA HIS T 426 -37.84 33.20 18.38
C HIS T 426 -38.99 33.30 17.37
N ASN T 427 -38.70 33.00 16.10
CA ASN T 427 -39.73 33.09 15.07
C ASN T 427 -40.83 32.07 15.32
N GLN T 428 -40.47 30.87 15.78
CA GLN T 428 -41.48 29.87 16.08
C GLN T 428 -42.38 30.31 17.22
N LEU T 429 -41.80 30.94 18.25
CA LEU T 429 -42.63 31.46 19.33
C LEU T 429 -43.61 32.52 18.81
N GLN T 430 -43.13 33.43 17.98
CA GLN T 430 -44.01 34.46 17.44
C GLN T 430 -45.13 33.86 16.61
N GLN T 431 -44.80 32.89 15.76
CA GLN T 431 -45.83 32.26 14.94
C GLN T 431 -46.82 31.48 15.79
N ASN T 432 -46.35 30.87 16.88
CA ASN T 432 -47.26 30.17 17.78
C ASN T 432 -48.24 31.14 18.42
N ILE T 433 -47.76 32.31 18.83
CA ILE T 433 -48.67 33.30 19.40
C ILE T 433 -49.66 33.80 18.34
N LEU T 434 -49.18 33.96 17.10
CA LEU T 434 -50.05 34.44 16.03
C LEU T 434 -51.29 33.57 15.84
N GLN T 435 -51.18 32.28 16.13
CA GLN T 435 -52.27 31.33 15.88
C GLN T 435 -53.14 31.15 17.14
N ILE T 436 -53.72 32.26 17.58
CA ILE T 436 -54.62 32.23 18.72
C ILE T 436 -55.89 32.99 18.40
N SER U 2 -44.13 39.67 -6.83
CA SER U 2 -43.81 38.29 -7.14
C SER U 2 -43.10 38.17 -8.48
N TYR U 3 -43.42 39.10 -9.39
CA TYR U 3 -42.78 39.08 -10.70
C TYR U 3 -41.29 39.41 -10.61
N VAL U 4 -40.88 40.17 -9.60
CA VAL U 4 -39.46 40.41 -9.39
C VAL U 4 -38.75 39.10 -9.07
N SER U 5 -39.35 38.28 -8.20
CA SER U 5 -38.76 37.00 -7.87
C SER U 5 -38.74 36.08 -9.09
N LEU U 6 -39.78 36.13 -9.91
CA LEU U 6 -39.80 35.33 -11.13
C LEU U 6 -38.71 35.77 -12.09
N SER U 7 -38.47 37.08 -12.19
CA SER U 7 -37.37 37.58 -13.01
C SER U 7 -36.03 37.10 -12.48
N GLY U 8 -35.86 37.11 -11.15
CA GLY U 8 -34.64 36.57 -10.58
C GLY U 8 -34.46 35.10 -10.87
N LEU U 9 -35.54 34.32 -10.79
CA LEU U 9 -35.48 32.91 -11.15
C LEU U 9 -35.08 32.72 -12.60
N SER U 10 -35.66 33.53 -13.50
CA SER U 10 -35.33 33.41 -14.92
C SER U 10 -33.87 33.75 -15.16
N ALA U 11 -33.36 34.80 -14.50
CA ALA U 11 -31.95 35.16 -14.66
C ALA U 11 -31.03 34.06 -14.14
N ALA U 12 -31.36 33.49 -12.97
CA ALA U 12 -30.55 32.41 -12.43
C ALA U 12 -30.57 31.20 -13.35
N GLN U 13 -31.73 30.87 -13.91
CA GLN U 13 -31.82 29.74 -14.81
C GLN U 13 -31.07 30.00 -16.11
N LEU U 14 -31.08 31.24 -16.61
CA LEU U 14 -30.29 31.57 -17.79
C LEU U 14 -28.80 31.40 -17.53
N ASP U 15 -28.33 31.88 -16.37
CA ASP U 15 -26.93 31.69 -16.02
C ASP U 15 -26.59 30.23 -15.89
N LEU U 16 -27.50 29.45 -15.30
CA LEU U 16 -27.29 28.01 -15.16
C LEU U 16 -27.18 27.35 -16.53
N ASN U 17 -28.05 27.74 -17.47
CA ASN U 17 -28.00 27.17 -18.81
C ASN U 17 -26.71 27.55 -19.53
N THR U 18 -26.26 28.79 -19.36
CA THR U 18 -25.01 29.22 -19.98
C THR U 18 -23.84 28.41 -19.44
N THR U 19 -23.80 28.22 -18.12
CA THR U 19 -22.73 27.44 -17.52
C THR U 19 -22.80 25.98 -17.98
N SER U 20 -24.00 25.43 -18.08
CA SER U 20 -24.14 24.06 -18.54
C SER U 20 -23.66 23.91 -19.97
N ASN U 21 -23.98 24.87 -20.84
CA ASN U 21 -23.49 24.83 -22.21
C ASN U 21 -21.98 24.91 -22.27
N ASN U 22 -21.38 25.79 -21.45
CA ASN U 22 -19.93 25.90 -21.41
C ASN U 22 -19.29 24.60 -20.97
N ILE U 23 -19.85 23.96 -19.94
CA ILE U 23 -19.31 22.70 -19.46
C ILE U 23 -19.46 21.61 -20.51
N ALA U 24 -20.61 21.56 -21.17
CA ALA U 24 -20.85 20.54 -22.19
C ALA U 24 -19.88 20.68 -23.35
N ASN U 25 -19.56 21.92 -23.74
CA ASN U 25 -18.66 22.14 -24.87
C ASN U 25 -17.19 22.13 -24.46
N ALA U 26 -16.84 21.46 -23.36
CA ALA U 26 -15.46 21.47 -22.89
C ALA U 26 -14.49 20.79 -23.83
N ASN U 27 -14.97 19.93 -24.74
CA ASN U 27 -14.10 19.21 -25.65
C ASN U 27 -14.24 19.66 -27.10
N THR U 28 -15.24 20.48 -27.42
CA THR U 28 -15.40 20.95 -28.79
C THR U 28 -14.20 21.80 -29.21
N TYR U 29 -13.71 21.54 -30.42
CA TYR U 29 -12.56 22.26 -30.95
C TYR U 29 -12.98 23.66 -31.37
N GLY U 30 -12.21 24.66 -30.94
CA GLY U 30 -12.46 26.02 -31.37
C GLY U 30 -13.61 26.72 -30.69
N PHE U 31 -14.24 26.09 -29.69
CA PHE U 31 -15.35 26.72 -29.00
C PHE U 31 -14.87 27.90 -28.17
N LYS U 32 -15.73 28.91 -28.07
CA LYS U 32 -15.47 30.08 -27.25
C LYS U 32 -16.55 30.18 -26.18
N GLU U 33 -16.13 30.36 -24.93
CA GLU U 33 -17.07 30.34 -23.81
C GLU U 33 -18.03 31.52 -23.90
N SER U 34 -19.07 31.47 -23.08
CA SER U 34 -20.08 32.51 -23.04
C SER U 34 -20.25 32.98 -21.60
N ARG U 35 -20.56 34.27 -21.45
CA ARG U 35 -20.80 34.87 -20.15
C ARG U 35 -22.14 35.59 -20.18
N ALA U 36 -22.94 35.39 -19.13
CA ALA U 36 -24.26 35.96 -19.03
C ALA U 36 -24.19 37.23 -18.19
N GLU U 37 -24.65 38.34 -18.77
CA GLU U 37 -24.64 39.63 -18.09
C GLU U 37 -26.07 40.13 -17.99
N PHE U 38 -26.44 40.66 -16.83
CA PHE U 38 -27.79 41.11 -16.55
C PHE U 38 -27.80 42.58 -16.20
N ALA U 39 -29.00 43.14 -16.11
CA ALA U 39 -29.18 44.55 -15.81
C ALA U 39 -30.42 44.75 -14.96
N ASP U 40 -30.44 45.85 -14.23
CA ASP U 40 -31.57 46.18 -13.37
C ASP U 40 -32.76 46.64 -14.21
N VAL U 41 -33.94 46.60 -13.59
CA VAL U 41 -35.17 47.06 -14.21
C VAL U 41 -35.74 48.19 -13.37
N TYR U 42 -36.16 49.27 -14.04
CA TYR U 42 -36.78 50.37 -13.33
C TYR U 42 -37.70 51.12 -14.30
N SER U 43 -38.88 51.48 -13.82
CA SER U 43 -39.85 52.17 -14.65
C SER U 43 -39.44 53.62 -14.87
N ASN U 44 -39.95 54.20 -15.96
CA ASN U 44 -39.73 55.59 -16.31
C ASN U 44 -41.05 56.28 -16.58
N SER U 45 -42.02 56.10 -15.68
CA SER U 45 -43.32 56.71 -15.84
C SER U 45 -43.22 58.22 -15.78
N LEU U 46 -44.16 58.89 -16.44
CA LEU U 46 -44.16 60.35 -16.47
C LEU U 46 -44.33 60.92 -15.07
N PHE U 47 -45.20 60.31 -14.27
CA PHE U 47 -45.40 60.70 -12.88
C PHE U 47 -44.93 59.56 -11.99
N THR U 48 -43.66 59.62 -11.62
CA THR U 48 -43.01 58.58 -10.84
C THR U 48 -42.65 59.12 -9.46
N ASN U 49 -42.97 58.35 -8.41
CA ASN U 49 -42.62 58.77 -7.06
C ASN U 49 -41.12 58.62 -6.79
N ALA U 50 -40.45 57.69 -7.48
CA ALA U 50 -39.02 57.47 -7.36
C ALA U 50 -38.63 57.04 -5.96
N LYS U 51 -38.81 57.92 -4.97
CA LYS U 51 -38.42 57.59 -3.61
C LYS U 51 -39.28 56.47 -3.04
N THR U 52 -40.56 56.44 -3.41
CA THR U 52 -41.52 55.48 -2.85
C THR U 52 -41.74 54.29 -3.77
N THR U 53 -40.94 54.16 -4.83
CA THR U 53 -41.12 53.06 -5.77
C THR U 53 -39.94 52.11 -5.71
N PRO U 54 -40.15 50.84 -5.41
CA PRO U 54 -39.05 49.87 -5.37
C PRO U 54 -38.57 49.48 -6.75
N GLY U 55 -37.64 48.53 -6.81
CA GLY U 55 -37.11 48.08 -8.09
C GLY U 55 -38.10 47.25 -8.87
N GLY U 56 -37.67 46.84 -10.05
CA GLY U 56 -38.52 46.09 -10.95
C GLY U 56 -37.96 44.75 -11.37
N GLY U 57 -37.01 44.24 -10.59
CA GLY U 57 -36.43 42.94 -10.86
C GLY U 57 -35.11 43.01 -11.60
N ALA U 58 -34.79 41.95 -12.34
CA ALA U 58 -33.56 41.88 -13.11
C ALA U 58 -33.88 41.39 -14.51
N GLN U 59 -33.27 42.01 -15.51
CA GLN U 59 -33.50 41.69 -16.92
C GLN U 59 -32.19 41.25 -17.56
N ALA U 60 -32.26 40.19 -18.36
CA ALA U 60 -31.08 39.72 -19.06
C ALA U 60 -30.63 40.74 -20.09
N SER U 61 -29.34 41.08 -20.06
CA SER U 61 -28.80 42.08 -20.98
C SER U 61 -28.28 41.43 -22.26
N GLN U 62 -27.32 40.52 -22.13
CA GLN U 62 -26.75 39.84 -23.29
C GLN U 62 -25.97 38.63 -22.82
N VAL U 63 -25.82 37.66 -23.71
CA VAL U 63 -24.94 36.52 -23.48
C VAL U 63 -23.65 36.79 -24.24
N ALA U 64 -22.57 37.03 -23.52
CA ALA U 64 -21.32 37.41 -24.15
C ALA U 64 -20.69 36.21 -24.86
N GLN U 65 -19.64 36.48 -25.61
CA GLN U 65 -18.93 35.50 -26.41
C GLN U 65 -17.43 35.65 -26.24
N GLN U 66 -16.98 35.69 -24.98
CA GLN U 66 -15.59 35.91 -24.63
C GLN U 66 -14.65 35.17 -25.58
N PHE U 67 -13.80 35.94 -26.28
CA PHE U 67 -12.98 35.43 -27.36
C PHE U 67 -11.52 35.33 -26.97
N HIS U 68 -11.23 35.16 -25.68
CA HIS U 68 -9.85 35.06 -25.25
C HIS U 68 -9.24 33.76 -25.76
N GLU U 69 -7.96 33.81 -26.09
CA GLU U 69 -7.30 32.68 -26.73
C GLU U 69 -7.34 31.44 -25.85
N GLY U 70 -7.70 30.31 -26.46
CA GLY U 70 -7.73 29.04 -25.75
C GLY U 70 -6.42 28.29 -25.86
N SER U 71 -6.34 27.20 -25.10
CA SER U 71 -5.12 26.39 -25.10
C SER U 71 -5.01 25.60 -26.41
N SER U 72 -3.81 25.12 -26.68
CA SER U 72 -3.50 24.41 -27.91
C SER U 72 -3.08 22.99 -27.59
N ILE U 73 -3.61 22.04 -28.35
CA ILE U 73 -3.25 20.65 -28.23
C ILE U 73 -2.46 20.23 -29.47
N TYR U 74 -1.54 19.29 -29.27
CA TYR U 74 -0.64 18.85 -30.32
C TYR U 74 -1.03 17.45 -30.75
N THR U 75 -1.35 17.30 -32.04
CA THR U 75 -1.74 16.02 -32.60
C THR U 75 -0.71 15.44 -33.56
N ASN U 76 0.33 16.20 -33.90
CA ASN U 76 1.35 15.80 -34.86
C ASN U 76 0.75 15.46 -36.22
N ASN U 77 -0.44 16.01 -36.52
CA ASN U 77 -1.07 15.81 -37.81
C ASN U 77 -1.04 17.13 -38.56
N PRO U 78 -0.19 17.29 -39.57
CA PRO U 78 0.01 18.62 -40.17
C PRO U 78 -1.23 19.19 -40.82
N MET U 79 -2.23 18.38 -41.12
CA MET U 79 -3.50 18.89 -41.65
C MET U 79 -4.31 19.63 -40.60
N ASP U 80 -3.91 19.59 -39.34
CA ASP U 80 -4.58 20.35 -38.28
C ASP U 80 -3.95 21.73 -38.18
N LEU U 81 -4.79 22.76 -38.16
CA LEU U 81 -4.32 24.14 -38.20
C LEU U 81 -4.88 24.92 -37.01
N ARG U 82 -4.11 25.89 -36.55
CA ARG U 82 -4.51 26.74 -35.44
C ARG U 82 -4.13 28.19 -35.75
N VAL U 83 -5.03 29.11 -35.45
CA VAL U 83 -4.78 30.54 -35.61
C VAL U 83 -4.32 31.08 -34.26
N SER U 84 -3.03 31.36 -34.14
CA SER U 84 -2.48 31.92 -32.91
C SER U 84 -2.51 33.44 -32.99
N GLY U 85 -3.38 34.05 -32.17
CA GLY U 85 -3.53 35.49 -32.21
C GLY U 85 -4.90 35.93 -32.64
N THR U 86 -4.98 36.89 -33.56
CA THR U 86 -6.25 37.43 -34.04
C THR U 86 -6.51 36.95 -35.45
N GLY U 87 -7.71 36.44 -35.68
CA GLY U 87 -8.11 36.01 -37.01
C GLY U 87 -8.91 34.73 -36.96
N PHE U 88 -9.74 34.54 -37.99
CA PHE U 88 -10.56 33.34 -38.13
C PHE U 88 -10.35 32.72 -39.50
N PHE U 89 -10.44 31.39 -39.55
CA PHE U 89 -10.49 30.70 -40.83
C PHE U 89 -11.79 31.01 -41.56
N ALA U 90 -11.76 30.94 -42.88
CA ALA U 90 -12.93 31.16 -43.71
C ALA U 90 -13.26 29.87 -44.47
N VAL U 91 -14.50 29.41 -44.35
CA VAL U 91 -14.95 28.19 -45.01
C VAL U 91 -16.23 28.48 -45.77
N ALA U 92 -16.36 27.89 -46.96
CA ALA U 92 -17.51 28.09 -47.82
C ALA U 92 -18.32 26.82 -47.94
N LYS U 93 -19.65 26.98 -47.99
CA LYS U 93 -20.54 25.82 -48.04
C LYS U 93 -20.35 25.04 -49.33
N GLU U 94 -20.32 25.72 -50.47
CA GLU U 94 -20.19 25.09 -51.77
C GLU U 94 -18.92 25.58 -52.47
N ARG U 95 -18.33 24.70 -53.27
CA ARG U 95 -17.07 25.02 -53.93
C ARG U 95 -17.24 26.18 -54.90
N LEU U 96 -18.35 26.22 -55.63
CA LEU U 96 -18.57 27.20 -56.69
C LEU U 96 -19.10 28.53 -56.18
N THR U 97 -19.35 28.67 -54.89
CA THR U 97 -19.87 29.91 -54.30
C THR U 97 -19.00 30.32 -53.11
N PRO U 98 -17.79 30.80 -53.37
CA PRO U 98 -16.94 31.28 -52.26
C PRO U 98 -17.53 32.50 -51.55
N GLN U 99 -18.44 33.22 -52.20
CA GLN U 99 -19.03 34.39 -51.56
C GLN U 99 -19.76 34.02 -50.27
N GLN U 100 -20.54 32.94 -50.30
CA GLN U 100 -21.25 32.47 -49.11
C GLN U 100 -20.26 31.72 -48.24
N ASN U 101 -19.74 32.39 -47.21
CA ASN U 101 -18.71 31.82 -46.36
C ASN U 101 -19.01 32.13 -44.91
N GLU U 102 -18.42 31.33 -44.01
CA GLU U 102 -18.56 31.49 -42.59
C GLU U 102 -17.20 31.41 -41.92
N LEU U 103 -17.11 31.99 -40.73
CA LEU U 103 -15.87 32.02 -39.97
C LEU U 103 -15.82 30.85 -38.99
N THR U 104 -14.63 30.32 -38.79
CA THR U 104 -14.43 29.19 -37.88
C THR U 104 -13.06 29.31 -37.25
N ARG U 105 -12.86 28.52 -36.19
CA ARG U 105 -11.59 28.50 -35.46
C ARG U 105 -10.95 27.14 -35.35
N ASN U 106 -11.70 26.05 -35.49
CA ASN U 106 -11.12 24.72 -35.45
C ASN U 106 -10.35 24.44 -36.75
N GLY U 107 -9.35 23.57 -36.66
CA GLY U 107 -8.52 23.29 -37.81
C GLY U 107 -8.53 21.84 -38.25
N ALA U 108 -9.65 21.13 -38.02
CA ALA U 108 -9.77 19.73 -38.43
C ALA U 108 -10.02 19.69 -39.93
N PHE U 109 -8.93 19.71 -40.69
CA PHE U 109 -8.99 19.73 -42.15
C PHE U 109 -8.50 18.40 -42.71
N HIS U 110 -9.03 18.07 -43.89
CA HIS U 110 -8.61 16.86 -44.60
C HIS U 110 -8.98 17.02 -46.07
N LEU U 111 -8.35 16.19 -46.91
CA LEU U 111 -8.62 16.20 -48.34
C LEU U 111 -9.89 15.39 -48.62
N ASN U 112 -10.76 15.95 -49.46
CA ASN U 112 -11.93 15.22 -49.93
C ASN U 112 -11.56 14.43 -51.18
N LYS U 113 -12.56 13.85 -51.85
CA LYS U 113 -12.27 13.04 -53.03
C LYS U 113 -11.78 13.89 -54.20
N GLU U 114 -11.95 15.20 -54.15
CA GLU U 114 -11.49 16.11 -55.19
C GLU U 114 -10.16 16.76 -54.85
N ASN U 115 -9.48 16.29 -53.80
CA ASN U 115 -8.21 16.88 -53.35
C ASN U 115 -8.36 18.34 -52.96
N TYR U 116 -9.49 18.67 -52.33
CA TYR U 116 -9.72 19.98 -51.76
C TYR U 116 -9.72 19.86 -50.24
N MET U 117 -9.13 20.85 -49.57
CA MET U 117 -9.11 20.86 -48.12
C MET U 117 -10.48 21.28 -47.60
N VAL U 118 -11.10 20.41 -46.80
CA VAL U 118 -12.43 20.63 -46.28
C VAL U 118 -12.42 20.37 -44.77
N THR U 119 -13.47 20.86 -44.11
CA THR U 119 -13.63 20.64 -42.68
C THR U 119 -14.33 19.29 -42.44
N ALA U 120 -14.75 19.05 -41.20
CA ALA U 120 -15.44 17.81 -40.89
C ALA U 120 -16.75 17.69 -41.65
N ASN U 121 -17.47 18.81 -41.80
CA ASN U 121 -18.74 18.83 -42.51
C ASN U 121 -18.57 18.99 -44.02
N ASP U 122 -17.39 18.69 -44.55
CA ASP U 122 -17.11 18.80 -45.98
C ASP U 122 -17.39 20.22 -46.50
N GLU U 123 -16.93 21.21 -45.74
CA GLU U 123 -17.00 22.61 -46.15
C GLU U 123 -15.62 23.05 -46.62
N PHE U 124 -15.56 23.56 -47.85
CA PHE U 124 -14.27 23.89 -48.46
C PHE U 124 -13.63 25.08 -47.75
N LEU U 125 -12.30 25.01 -47.62
CA LEU U 125 -11.54 26.07 -46.97
C LEU U 125 -11.15 27.12 -48.00
N LEU U 126 -11.40 28.39 -47.67
CA LEU U 126 -11.11 29.48 -48.58
C LEU U 126 -9.63 29.86 -48.52
N GLY U 127 -9.06 30.13 -49.69
CA GLY U 127 -7.67 30.51 -49.79
C GLY U 127 -7.44 31.51 -50.91
N TYR U 128 -6.23 32.04 -50.95
CA TYR U 128 -5.82 33.00 -51.96
C TYR U 128 -5.09 32.27 -53.09
N GLN U 129 -4.61 33.06 -54.06
CA GLN U 129 -3.80 32.54 -55.17
C GLN U 129 -2.55 33.39 -55.30
N VAL U 130 -1.39 32.79 -55.03
CA VAL U 130 -0.14 33.52 -55.01
C VAL U 130 0.51 33.48 -56.39
N ASP U 131 1.47 34.39 -56.60
CA ASP U 131 2.23 34.44 -57.85
C ASP U 131 3.23 33.30 -57.90
N PRO U 132 3.56 32.82 -59.10
CA PRO U 132 4.54 31.72 -59.21
C PRO U 132 5.89 32.04 -58.60
N SER U 133 6.42 33.25 -58.87
CA SER U 133 7.70 33.67 -58.34
C SER U 133 7.57 34.69 -57.22
N SER U 134 6.79 35.74 -57.43
CA SER U 134 6.60 36.76 -56.40
C SER U 134 5.88 36.17 -55.19
N GLY U 135 6.39 36.46 -54.00
CA GLY U 135 5.77 35.96 -52.79
C GLY U 135 4.40 36.53 -52.52
N GLU U 136 4.19 37.80 -52.87
CA GLU U 136 2.92 38.47 -52.58
C GLU U 136 1.79 37.85 -53.39
N VAL U 137 0.62 37.75 -52.76
CA VAL U 137 -0.58 37.26 -53.42
C VAL U 137 -1.13 38.34 -54.33
N SER U 138 -1.49 37.97 -55.56
CA SER U 138 -1.97 38.95 -56.53
C SER U 138 -3.41 39.35 -56.24
N SER U 139 -4.33 38.40 -56.36
CA SER U 139 -5.75 38.68 -56.18
C SER U 139 -6.19 38.30 -54.77
N TYR U 140 -6.92 39.19 -54.12
CA TYR U 140 -7.34 39.02 -52.74
C TYR U 140 -8.70 38.34 -52.62
N GLU U 141 -9.29 37.92 -53.73
CA GLU U 141 -10.55 37.19 -53.64
C GLU U 141 -10.32 35.80 -53.06
N PRO U 142 -11.26 35.30 -52.28
CA PRO U 142 -11.12 33.95 -51.71
C PRO U 142 -11.55 32.88 -52.70
N GLN U 143 -10.77 31.81 -52.76
CA GLN U 143 -11.10 30.67 -53.61
C GLN U 143 -10.73 29.39 -52.88
N PRO U 144 -11.41 28.28 -53.18
CA PRO U 144 -11.09 27.02 -52.51
C PRO U 144 -9.67 26.57 -52.81
N ILE U 145 -9.07 25.89 -51.82
CA ILE U 145 -7.69 25.43 -51.93
C ILE U 145 -7.67 24.03 -52.48
N ASN U 146 -6.93 23.82 -53.57
CA ASN U 146 -6.78 22.52 -54.21
C ASN U 146 -5.33 22.09 -54.15
N ILE U 147 -5.12 20.79 -53.98
CA ILE U 147 -3.77 20.23 -53.91
C ILE U 147 -3.66 19.13 -54.97
N PRO U 148 -3.32 19.49 -56.21
CA PRO U 148 -3.22 18.46 -57.26
C PRO U 148 -2.13 17.45 -56.95
N ALA U 149 -2.38 16.20 -57.34
CA ALA U 149 -1.44 15.12 -57.12
C ALA U 149 -0.42 14.98 -58.25
N GLU U 150 -0.57 15.75 -59.33
CA GLU U 150 0.35 15.69 -60.44
C GLU U 150 0.73 17.10 -60.88
N PHE U 151 2.01 17.29 -61.18
CA PHE U 151 2.49 18.54 -61.78
C PHE U 151 2.32 18.43 -63.29
N GLY U 152 1.06 18.44 -63.72
CA GLY U 152 0.72 18.15 -65.10
C GLY U 152 0.93 19.30 -66.06
N LYS U 153 2.17 19.75 -66.19
CA LYS U 153 2.51 20.79 -67.16
C LYS U 153 4.00 20.79 -67.42
N PRO U 154 4.50 19.99 -68.37
CA PRO U 154 5.93 20.04 -68.71
C PRO U 154 6.37 21.43 -69.11
N LYS U 155 7.25 22.04 -68.32
CA LYS U 155 7.66 23.42 -68.51
C LYS U 155 8.96 23.45 -69.31
N GLN U 156 8.94 24.14 -70.44
CA GLN U 156 10.11 24.21 -71.31
C GLN U 156 11.20 25.07 -70.68
N THR U 157 12.43 24.79 -71.08
CA THR U 157 13.57 25.57 -70.61
C THR U 157 13.61 26.91 -71.34
N ALA U 158 13.62 28.01 -70.58
CA ALA U 158 13.63 29.33 -71.19
C ALA U 158 14.77 30.19 -70.64
N ASN U 159 15.07 30.06 -69.36
CA ASN U 159 16.10 30.85 -68.72
C ASN U 159 17.13 29.91 -68.09
N ILE U 160 18.41 30.14 -68.42
CA ILE U 160 19.50 29.36 -67.88
C ILE U 160 20.50 30.33 -67.25
N GLU U 161 20.78 30.15 -65.97
CA GLU U 161 21.76 30.96 -65.26
C GLU U 161 23.00 30.12 -65.00
N VAL U 162 24.14 30.58 -65.51
CA VAL U 162 25.41 29.87 -65.37
C VAL U 162 26.42 30.82 -64.76
N GLY U 163 27.07 30.38 -63.69
CA GLY U 163 28.16 31.15 -63.11
C GLY U 163 29.44 30.34 -63.07
N VAL U 164 30.45 30.75 -63.84
CA VAL U 164 31.68 30.00 -63.95
C VAL U 164 32.87 30.92 -63.67
N ASN U 165 33.96 30.30 -63.24
CA ASN U 165 35.22 30.99 -63.04
C ASN U 165 36.20 30.52 -64.11
N LEU U 166 36.72 31.46 -64.89
CA LEU U 166 37.58 30.97 -65.95
C LEU U 166 39.05 31.12 -65.56
N PRO U 167 39.90 30.16 -65.92
CA PRO U 167 41.31 30.25 -65.56
C PRO U 167 41.99 31.37 -66.34
N ALA U 168 42.54 32.34 -65.61
CA ALA U 168 43.23 33.45 -66.24
C ALA U 168 44.56 33.01 -66.86
N ASN U 169 45.09 31.87 -66.44
CA ASN U 169 46.35 31.36 -66.98
C ASN U 169 46.14 30.40 -68.14
N GLY U 170 44.91 30.22 -68.61
CA GLY U 170 44.66 29.30 -69.69
C GLY U 170 45.35 29.73 -70.98
N ASP U 171 45.77 28.74 -71.75
CA ASP U 171 46.47 29.02 -73.00
C ASP U 171 45.53 29.62 -74.03
N LEU U 172 46.04 30.59 -74.78
CA LEU U 172 45.23 31.27 -75.79
C LEU U 172 44.93 30.32 -76.95
N LYS U 173 43.83 30.60 -77.64
CA LYS U 173 43.40 29.79 -78.77
C LYS U 173 43.05 30.72 -79.94
N ASP U 174 43.00 30.14 -81.13
CA ASP U 174 42.69 30.89 -82.34
C ASP U 174 41.17 31.00 -82.49
N PRO U 175 40.60 32.21 -82.47
CA PRO U 175 39.14 32.32 -82.60
C PRO U 175 38.59 31.72 -83.88
N THR U 176 39.30 31.87 -85.00
CA THR U 176 38.79 31.37 -86.27
C THR U 176 38.94 29.85 -86.39
N GLN U 177 39.78 29.23 -85.55
CA GLN U 177 40.03 27.80 -85.62
C GLN U 177 39.13 27.01 -84.69
N PHE U 178 38.13 27.66 -84.09
CA PHE U 178 37.25 26.95 -83.17
C PHE U 178 36.42 25.90 -83.90
N ASP U 179 36.36 24.70 -83.34
CA ASP U 179 35.56 23.62 -83.90
C ASP U 179 35.20 22.67 -82.77
N PHE U 180 33.90 22.49 -82.54
CA PHE U 180 33.46 21.67 -81.42
C PHE U 180 33.86 20.20 -81.56
N SER U 181 34.13 19.74 -82.78
CA SER U 181 34.55 18.36 -82.98
C SER U 181 35.99 18.12 -82.58
N ASP U 182 36.79 19.18 -82.45
CA ASP U 182 38.19 19.06 -82.06
C ASP U 182 38.39 19.66 -80.68
N PRO U 183 38.69 18.86 -79.65
CA PRO U 183 38.85 19.44 -78.31
C PRO U 183 39.98 20.45 -78.20
N ASP U 184 41.07 20.27 -78.96
CA ASP U 184 42.24 21.13 -78.82
C ASP U 184 42.00 22.55 -79.31
N THR U 185 40.93 22.80 -80.06
CA THR U 185 40.68 24.14 -80.56
C THR U 185 40.21 25.08 -79.46
N TYR U 186 39.43 24.59 -78.51
CA TYR U 186 38.88 25.40 -77.42
C TYR U 186 39.57 25.02 -76.11
N ASN U 187 39.13 25.65 -75.03
CA ASN U 187 39.72 25.43 -73.71
C ASN U 187 38.93 24.43 -72.88
N ARG U 188 37.64 24.69 -72.67
CA ARG U 188 36.83 23.88 -71.77
C ARG U 188 35.49 23.58 -72.43
N SER U 189 34.87 22.49 -71.97
CA SER U 189 33.56 22.07 -72.44
C SER U 189 32.75 21.57 -71.25
N THR U 190 31.50 22.01 -71.16
CA THR U 190 30.60 21.60 -70.09
C THR U 190 29.33 21.03 -70.68
N SER U 191 28.70 20.13 -69.93
CA SER U 191 27.48 19.47 -70.36
C SER U 191 26.35 19.77 -69.39
N SER U 192 25.14 19.90 -69.93
CA SER U 192 23.96 20.16 -69.11
C SER U 192 22.73 19.67 -69.87
N THR U 193 21.62 19.52 -69.14
CA THR U 193 20.40 18.99 -69.68
C THR U 193 19.31 20.06 -69.71
N ILE U 194 18.55 20.10 -70.80
CA ILE U 194 17.47 21.05 -70.97
C ILE U 194 16.22 20.28 -71.38
N TYR U 195 15.06 20.92 -71.17
CA TYR U 195 13.77 20.30 -71.43
C TYR U 195 12.97 21.16 -72.38
N ASP U 196 12.30 20.51 -73.33
CA ASP U 196 11.48 21.19 -74.32
C ASP U 196 10.05 21.31 -73.81
N SER U 197 9.11 21.64 -74.72
CA SER U 197 7.72 21.78 -74.33
C SER U 197 7.11 20.45 -73.89
N MET U 198 7.49 19.35 -74.54
CA MET U 198 6.95 18.03 -74.23
C MET U 198 7.70 17.33 -73.11
N GLY U 199 8.70 17.98 -72.51
CA GLY U 199 9.47 17.38 -71.44
C GLY U 199 10.62 16.52 -71.87
N GLN U 200 10.89 16.43 -73.17
CA GLN U 200 12.05 15.67 -73.64
C GLN U 200 13.34 16.34 -73.18
N SER U 201 14.27 15.53 -72.70
CA SER U 201 15.55 16.02 -72.22
C SER U 201 16.55 16.09 -73.37
N TYR U 202 17.20 17.25 -73.51
CA TYR U 202 18.24 17.44 -74.51
C TYR U 202 19.53 17.82 -73.81
N LYS U 203 20.65 17.39 -74.37
CA LYS U 203 21.96 17.64 -73.80
C LYS U 203 22.53 18.93 -74.37
N LEU U 204 22.79 19.89 -73.50
CA LEU U 204 23.35 21.18 -73.90
C LEU U 204 24.83 21.20 -73.54
N THR U 205 25.67 21.45 -74.54
CA THR U 205 27.12 21.48 -74.36
C THR U 205 27.63 22.90 -74.59
N THR U 206 28.37 23.43 -73.63
CA THR U 206 28.91 24.78 -73.69
C THR U 206 30.43 24.71 -73.84
N TYR U 207 30.96 25.40 -74.85
CA TYR U 207 32.39 25.44 -75.12
C TYR U 207 32.93 26.82 -74.79
N TYR U 208 34.01 26.86 -74.02
CA TYR U 208 34.65 28.11 -73.64
C TYR U 208 36.02 28.23 -74.30
N LEU U 209 36.25 29.34 -74.99
CA LEU U 209 37.48 29.58 -75.73
C LEU U 209 38.07 30.92 -75.32
N LYS U 210 39.38 30.95 -75.11
CA LYS U 210 40.08 32.15 -74.67
C LYS U 210 40.63 32.88 -75.88
N ASP U 211 40.27 34.16 -76.02
CA ASP U 211 40.70 34.94 -77.18
C ASP U 211 42.20 35.20 -77.12
N GLN U 212 42.84 35.11 -78.27
CA GLN U 212 44.27 35.39 -78.38
C GLN U 212 44.56 36.84 -78.75
N THR U 213 43.79 37.41 -79.68
CA THR U 213 44.04 38.77 -80.11
C THR U 213 43.79 39.77 -78.99
N GLN U 214 42.72 39.57 -78.22
CA GLN U 214 42.32 40.52 -77.19
C GLN U 214 42.49 39.90 -75.81
N PRO U 215 43.31 40.47 -74.93
CA PRO U 215 43.45 39.91 -73.58
C PRO U 215 42.18 40.10 -72.77
N ASN U 216 42.00 39.21 -71.79
CA ASN U 216 40.82 39.23 -70.92
C ASN U 216 39.52 39.15 -71.72
N THR U 217 39.54 38.34 -72.78
CA THR U 217 38.38 38.15 -73.63
C THR U 217 38.20 36.66 -73.89
N TRP U 218 36.95 36.21 -73.82
CA TRP U 218 36.62 34.81 -74.04
C TRP U 218 35.47 34.70 -75.03
N ASN U 219 35.46 33.60 -75.77
CA ASN U 219 34.39 33.28 -76.70
C ASN U 219 33.68 32.01 -76.23
N THR U 220 32.35 32.05 -76.23
CA THR U 220 31.54 30.95 -75.74
C THR U 220 30.61 30.47 -76.84
N TYR U 221 30.53 29.16 -77.01
CA TYR U 221 29.70 28.54 -78.02
C TYR U 221 28.86 27.44 -77.39
N TYR U 222 27.70 27.19 -77.99
CA TYR U 222 26.74 26.22 -77.47
C TYR U 222 26.36 25.23 -78.56
N THR U 223 26.13 23.98 -78.16
CA THR U 223 25.67 22.94 -79.08
C THR U 223 24.59 22.12 -78.40
N VAL U 224 23.69 21.56 -79.21
CA VAL U 224 22.59 20.74 -78.74
C VAL U 224 22.76 19.34 -79.31
N THR U 225 22.68 18.33 -78.44
CA THR U 225 22.87 16.93 -78.83
C THR U 225 21.54 16.20 -78.74
N ASP U 226 20.94 15.94 -79.89
CA ASP U 226 19.76 15.11 -79.98
C ASP U 226 20.15 13.71 -80.46
N LYS U 227 19.14 12.88 -80.74
CA LYS U 227 19.42 11.53 -81.22
C LYS U 227 20.05 11.54 -82.61
N GLU U 228 19.67 12.50 -83.45
CA GLU U 228 20.25 12.59 -84.78
C GLU U 228 21.74 12.88 -84.71
N GLY U 229 22.14 13.79 -83.83
CA GLY U 229 23.53 14.16 -83.68
C GLY U 229 23.66 15.45 -82.89
N GLU U 230 24.87 16.01 -82.92
CA GLU U 230 25.17 17.26 -82.22
C GLU U 230 25.09 18.40 -83.23
N LYS U 231 24.19 19.34 -82.98
CA LYS U 231 23.99 20.47 -83.87
C LYS U 231 24.37 21.76 -83.18
N PRO U 232 25.22 22.59 -83.79
CA PRO U 232 25.60 23.85 -83.17
C PRO U 232 24.41 24.80 -83.06
N LEU U 233 24.45 25.63 -82.02
CA LEU U 233 23.41 26.61 -81.76
C LEU U 233 23.98 28.02 -81.87
N ASN U 234 23.28 28.88 -82.60
CA ASN U 234 23.72 30.25 -82.84
C ASN U 234 22.94 31.22 -81.96
N VAL U 235 23.64 32.26 -81.50
CA VAL U 235 23.02 33.32 -80.71
C VAL U 235 22.47 34.36 -81.67
N ALA U 236 21.44 35.09 -81.22
CA ALA U 236 20.74 36.01 -82.11
C ALA U 236 21.66 37.12 -82.59
N ALA U 237 22.41 37.74 -81.68
CA ALA U 237 23.27 38.87 -82.03
C ALA U 237 24.67 38.70 -81.44
N GLY U 238 25.15 37.46 -81.37
CA GLY U 238 26.47 37.22 -80.82
C GLY U 238 27.56 37.76 -81.72
N ASP U 239 28.53 38.42 -81.11
CA ASP U 239 29.66 39.00 -81.83
C ASP U 239 30.86 38.05 -81.87
N ALA U 240 30.61 36.81 -82.30
CA ALA U 240 31.69 35.83 -82.47
C ALA U 240 31.25 34.88 -83.59
N GLN U 241 31.71 35.17 -84.80
CA GLN U 241 31.33 34.42 -85.99
C GLN U 241 32.53 33.63 -86.49
N THR U 242 32.47 32.31 -86.38
CA THR U 242 33.49 31.46 -86.94
C THR U 242 33.37 31.42 -88.46
N PRO U 243 34.46 31.07 -89.16
CA PRO U 243 34.37 30.94 -90.62
C PRO U 243 33.32 29.93 -91.07
N THR U 244 33.10 28.86 -90.29
CA THR U 244 32.05 27.91 -90.63
C THR U 244 30.68 28.57 -90.60
N GLY U 245 30.44 29.43 -89.61
CA GLY U 245 29.18 30.13 -89.51
C GLY U 245 28.59 30.09 -88.11
N HIS U 246 29.17 29.27 -87.24
CA HIS U 246 28.70 29.16 -85.87
C HIS U 246 28.87 30.50 -85.15
N VAL U 247 27.83 30.92 -84.45
CA VAL U 247 27.78 32.24 -83.82
C VAL U 247 27.80 32.05 -82.31
N GLY U 248 28.86 32.55 -81.68
CA GLY U 248 28.97 32.60 -80.24
C GLY U 248 28.91 34.02 -79.71
N HIS U 249 29.20 34.16 -78.42
CA HIS U 249 29.19 35.45 -77.77
C HIS U 249 30.49 35.64 -77.02
N THR U 250 30.90 36.90 -76.87
CA THR U 250 32.17 37.25 -76.28
C THR U 250 31.99 37.74 -74.85
N MET U 251 32.92 37.34 -73.97
CA MET U 251 32.91 37.74 -72.58
C MET U 251 34.21 38.49 -72.27
N LYS U 252 34.09 39.63 -71.61
CA LYS U 252 35.23 40.47 -71.27
C LYS U 252 35.21 40.77 -69.77
N PHE U 253 36.40 40.96 -69.20
CA PHE U 253 36.56 41.10 -67.77
C PHE U 253 37.40 42.32 -67.43
N ASN U 254 37.23 42.84 -66.22
CA ASN U 254 37.94 44.03 -65.77
C ASN U 254 39.35 43.64 -65.33
N ASN U 255 40.07 44.60 -64.75
CA ASN U 255 41.43 44.33 -64.28
C ASN U 255 41.41 43.47 -63.02
N ASP U 256 40.41 43.65 -62.16
CA ASP U 256 40.30 42.87 -60.93
C ASP U 256 39.72 41.50 -61.15
N GLY U 257 39.42 41.11 -62.39
CA GLY U 257 38.87 39.80 -62.69
C GLY U 257 37.35 39.72 -62.67
N THR U 258 36.66 40.79 -62.28
CA THR U 258 35.21 40.78 -62.29
C THR U 258 34.69 40.86 -63.73
N LEU U 259 33.38 40.81 -63.88
CA LEU U 259 32.76 40.83 -65.19
C LEU U 259 32.68 42.26 -65.72
N ALA U 260 33.14 42.46 -66.96
CA ALA U 260 33.13 43.77 -67.59
C ALA U 260 31.95 43.94 -68.55
N SER U 261 31.83 43.04 -69.52
CA SER U 261 30.79 43.15 -70.53
C SER U 261 30.44 41.77 -71.05
N LEU U 262 29.23 41.63 -71.59
CA LEU U 262 28.75 40.37 -72.15
C LEU U 262 28.11 40.67 -73.50
N ASN U 263 28.68 40.11 -74.57
CA ASN U 263 28.13 40.23 -75.92
C ASN U 263 27.87 41.69 -76.28
N ASN U 264 28.85 42.54 -75.97
CA ASN U 264 28.75 43.99 -76.20
C ASN U 264 27.53 44.59 -75.50
N GLY U 265 27.23 44.09 -74.29
CA GLY U 265 26.12 44.61 -73.51
C GLY U 265 24.74 44.16 -73.95
N GLN U 266 24.66 43.27 -74.94
CA GLN U 266 23.36 42.82 -75.42
C GLN U 266 22.93 41.54 -74.71
N PRO U 267 21.63 41.32 -74.56
CA PRO U 267 21.16 40.08 -73.96
C PRO U 267 21.49 38.89 -74.84
N ILE U 268 21.76 37.75 -74.20
CA ILE U 268 22.13 36.52 -74.89
C ILE U 268 20.86 35.70 -75.09
N THR U 269 20.33 35.73 -76.30
CA THR U 269 19.15 34.94 -76.67
C THR U 269 19.51 34.06 -77.85
N SER U 270 19.32 32.76 -77.70
CA SER U 270 19.63 31.82 -78.76
C SER U 270 18.51 31.82 -79.80
N VAL U 271 18.84 31.32 -80.99
CA VAL U 271 17.87 31.19 -82.07
C VAL U 271 16.92 30.04 -81.76
N ALA U 272 15.82 29.94 -82.50
CA ALA U 272 14.87 28.86 -82.30
C ALA U 272 15.54 27.52 -82.58
N LEU U 273 15.27 26.55 -81.69
CA LEU U 273 15.93 25.25 -81.80
C LEU U 273 15.49 24.49 -83.04
N GLY U 274 14.18 24.41 -83.27
CA GLY U 274 13.67 23.55 -84.33
C GLY U 274 13.04 24.27 -85.49
N ASP U 275 13.33 25.57 -85.65
CA ASP U 275 12.77 26.33 -86.75
C ASP U 275 13.82 26.49 -87.84
N PRO U 276 13.65 25.87 -89.01
CA PRO U 276 14.63 26.06 -90.09
C PRO U 276 14.67 27.49 -90.63
N ALA U 277 13.63 28.29 -90.37
CA ALA U 277 13.60 29.66 -90.87
C ALA U 277 14.65 30.55 -90.23
N THR U 278 15.14 30.21 -89.04
CA THR U 278 16.14 31.01 -88.34
C THR U 278 17.37 30.22 -87.91
N ASN U 279 17.40 28.90 -88.08
CA ASN U 279 18.53 28.08 -87.69
C ASN U 279 18.99 27.26 -88.87
N THR U 280 20.30 27.27 -89.12
CA THR U 280 20.85 26.48 -90.21
C THR U 280 20.90 24.99 -89.91
N THR U 281 20.90 24.62 -88.62
CA THR U 281 20.89 23.22 -88.18
C THR U 281 19.76 23.07 -87.18
N PRO U 282 18.51 22.97 -87.66
CA PRO U 282 17.37 22.90 -86.74
C PRO U 282 17.41 21.64 -85.90
N VAL U 283 17.13 21.79 -84.61
CA VAL U 283 17.10 20.64 -83.70
C VAL U 283 15.82 19.85 -83.93
N ASP U 284 15.95 18.53 -84.00
CA ASP U 284 14.80 17.67 -84.21
C ASP U 284 13.94 17.63 -82.95
N MET U 285 12.93 18.50 -82.89
CA MET U 285 12.07 18.57 -81.72
C MET U 285 11.21 17.33 -81.55
N ASN U 286 11.05 16.53 -82.60
CA ASN U 286 10.26 15.29 -82.56
C ASN U 286 8.83 15.58 -82.10
N GLY U 287 8.26 16.69 -82.59
CA GLY U 287 6.92 17.09 -82.24
C GLY U 287 6.82 18.19 -81.21
N ALA U 288 7.93 18.58 -80.59
CA ALA U 288 7.90 19.64 -79.59
C ALA U 288 7.77 21.00 -80.27
N ASP U 289 7.72 22.04 -79.45
CA ASP U 289 7.62 23.40 -79.97
C ASP U 289 8.93 23.78 -80.63
N PRO U 290 8.93 24.08 -81.93
CA PRO U 290 10.19 24.41 -82.61
C PRO U 290 10.66 25.84 -82.39
N ALA U 291 9.80 26.70 -81.83
CA ALA U 291 10.14 28.10 -81.63
C ALA U 291 10.70 28.39 -80.24
N GLN U 292 11.22 27.39 -79.56
CA GLN U 292 11.78 27.60 -78.23
C GLN U 292 13.03 28.47 -78.32
N THR U 293 13.13 29.43 -77.39
CA THR U 293 14.27 30.31 -77.30
C THR U 293 14.88 30.22 -75.90
N LEU U 294 16.20 30.34 -75.83
CA LEU U 294 16.94 30.22 -74.59
C LEU U 294 17.59 31.55 -74.24
N ASN U 295 17.47 31.95 -72.99
CA ASN U 295 18.11 33.17 -72.48
C ASN U 295 19.17 32.75 -71.46
N PHE U 296 20.40 33.18 -71.70
CA PHE U 296 21.53 32.83 -70.85
C PHE U 296 21.89 34.02 -69.97
N GLY U 297 21.97 33.78 -68.67
CA GLY U 297 22.41 34.81 -67.74
C GLY U 297 23.75 34.48 -67.14
N LEU U 298 24.80 35.22 -67.52
CA LEU U 298 26.15 34.99 -67.05
C LEU U 298 26.70 36.21 -66.34
N GLY U 299 25.88 36.84 -65.51
CA GLY U 299 26.31 38.03 -64.80
C GLY U 299 27.26 37.77 -63.65
N SER U 300 27.47 36.50 -63.27
CA SER U 300 28.37 36.14 -62.18
C SER U 300 29.67 35.55 -62.68
N ALA U 301 29.92 35.60 -63.98
CA ALA U 301 31.15 35.03 -64.53
C ALA U 301 32.37 35.80 -64.05
N THR U 302 33.41 35.06 -63.68
CA THR U 302 34.64 35.66 -63.18
C THR U 302 35.83 34.99 -63.84
N GLN U 303 36.95 35.70 -63.88
CA GLN U 303 38.21 35.17 -64.38
C GLN U 303 39.29 35.46 -63.35
N PHE U 304 39.70 34.43 -62.62
CA PHE U 304 40.71 34.54 -61.57
C PHE U 304 41.83 33.55 -61.86
N ALA U 305 42.76 33.47 -60.90
CA ALA U 305 43.86 32.53 -61.00
C ALA U 305 43.42 31.08 -60.79
N ALA U 306 42.23 30.87 -60.23
CA ALA U 306 41.75 29.52 -59.97
C ALA U 306 41.47 28.79 -61.29
N PRO U 307 41.56 27.45 -61.29
CA PRO U 307 41.26 26.69 -62.51
C PRO U 307 39.79 26.79 -62.90
N PHE U 308 39.43 26.15 -64.02
CA PHE U 308 38.05 26.19 -64.49
C PHE U 308 37.13 25.51 -63.48
N GLU U 309 35.95 26.10 -63.28
CA GLU U 309 35.03 25.63 -62.26
C GLU U 309 33.61 26.06 -62.62
N LEU U 310 32.66 25.13 -62.50
CA LEU U 310 31.25 25.43 -62.71
C LEU U 310 30.64 25.68 -61.33
N THR U 311 30.61 26.94 -60.92
CA THR U 311 30.18 27.28 -59.57
C THR U 311 28.68 27.10 -59.39
N LYS U 312 27.89 27.57 -60.37
CA LYS U 312 26.45 27.61 -60.22
C LYS U 312 25.77 27.36 -61.57
N PHE U 313 24.79 26.45 -61.58
CA PHE U 313 23.98 26.21 -62.76
C PHE U 313 22.53 26.10 -62.34
N ASP U 314 21.69 26.97 -62.88
CA ASP U 314 20.27 27.01 -62.56
C ASP U 314 19.46 27.20 -63.83
N GLU U 315 18.34 26.49 -63.93
CA GLU U 315 17.43 26.61 -65.06
C GLU U 315 16.01 26.70 -64.53
N ASP U 316 15.06 26.90 -65.45
CA ASP U 316 13.65 27.00 -65.10
C ASP U 316 12.82 25.91 -65.77
N GLY U 317 13.47 24.89 -66.32
CA GLY U 317 12.74 23.80 -66.93
C GLY U 317 12.17 22.85 -65.90
N ALA U 318 11.20 22.04 -66.35
CA ALA U 318 10.53 21.11 -65.46
C ALA U 318 9.94 19.99 -66.28
N THR U 319 9.62 18.89 -65.59
CA THR U 319 9.04 17.71 -66.20
C THR U 319 7.88 17.23 -65.33
N THR U 320 7.14 16.25 -65.86
CA THR U 320 6.01 15.71 -65.13
C THR U 320 6.47 15.06 -63.83
N GLY U 321 5.62 15.16 -62.81
CA GLY U 321 5.98 14.64 -61.50
C GLY U 321 4.76 14.32 -60.68
N PHE U 322 5.02 13.79 -59.49
CA PHE U 322 3.99 13.36 -58.56
C PHE U 322 4.18 14.04 -57.22
N LEU U 323 3.06 14.46 -56.63
CA LEU U 323 3.09 15.12 -55.33
C LEU U 323 3.80 14.25 -54.30
N THR U 324 4.92 14.76 -53.78
CA THR U 324 5.75 14.01 -52.85
C THR U 324 5.51 14.36 -51.40
N LYS U 325 5.42 15.65 -51.07
CA LYS U 325 5.12 16.06 -49.70
C LYS U 325 4.50 17.44 -49.72
N VAL U 326 3.81 17.77 -48.63
CA VAL U 326 3.15 19.06 -48.46
C VAL U 326 3.41 19.56 -47.05
N ASP U 327 3.77 20.84 -46.94
CA ASP U 327 4.01 21.45 -45.64
C ASP U 327 3.47 22.87 -45.64
N PHE U 328 3.29 23.42 -44.44
CA PHE U 328 2.74 24.75 -44.25
C PHE U 328 3.79 25.61 -43.55
N ASP U 329 4.01 26.82 -44.06
CA ASP U 329 4.92 27.75 -43.42
C ASP U 329 4.14 28.70 -42.52
N GLU U 330 4.88 29.58 -41.82
CA GLU U 330 4.24 30.51 -40.90
C GLU U 330 3.36 31.51 -41.63
N ASN U 331 3.69 31.84 -42.89
CA ASN U 331 2.88 32.76 -43.67
C ASN U 331 1.55 32.16 -44.09
N GLY U 332 1.35 30.86 -43.89
CA GLY U 332 0.15 30.18 -44.32
C GLY U 332 0.22 29.62 -45.72
N SER U 333 1.30 29.85 -46.44
CA SER U 333 1.45 29.30 -47.78
C SER U 333 1.62 27.79 -47.71
N VAL U 334 0.79 27.07 -48.45
CA VAL U 334 0.86 25.62 -48.52
C VAL U 334 1.77 25.25 -49.68
N MET U 335 2.95 24.75 -49.37
CA MET U 335 3.94 24.43 -50.38
C MET U 335 4.02 22.92 -50.59
N GLY U 336 4.25 22.54 -51.84
CA GLY U 336 4.34 21.13 -52.17
C GLY U 336 5.47 20.85 -53.15
N THR U 337 6.23 19.80 -52.87
CA THR U 337 7.34 19.39 -53.73
C THR U 337 6.93 18.15 -54.52
N TYR U 338 7.32 18.12 -55.78
CA TYR U 338 6.98 17.03 -56.68
C TYR U 338 8.23 16.25 -57.06
N SER U 339 8.04 15.19 -57.84
CA SER U 339 9.16 14.34 -58.22
C SER U 339 10.15 15.07 -59.12
N ASN U 340 9.66 16.01 -59.94
CA ASN U 340 10.56 16.77 -60.80
C ASN U 340 11.49 17.66 -59.98
N GLY U 341 10.99 18.21 -58.88
CA GLY U 341 11.79 19.04 -57.99
C GLY U 341 11.25 20.42 -57.76
N GLU U 342 10.29 20.90 -58.55
CA GLU U 342 9.76 22.24 -58.36
C GLU U 342 9.01 22.35 -57.05
N ASN U 343 9.29 23.42 -56.30
CA ASN U 343 8.59 23.68 -55.04
C ASN U 343 7.40 24.59 -55.30
N VAL U 344 6.39 24.01 -55.94
CA VAL U 344 5.20 24.76 -56.33
C VAL U 344 4.43 25.17 -55.09
N THR U 345 4.05 26.44 -55.03
CA THR U 345 3.23 26.96 -53.93
C THR U 345 1.77 26.87 -54.34
N LEU U 346 1.03 25.98 -53.67
CA LEU U 346 -0.37 25.77 -54.04
C LEU U 346 -1.22 27.00 -53.76
N GLY U 347 -0.95 27.69 -52.66
CA GLY U 347 -1.71 28.88 -52.32
C GLY U 347 -1.46 29.28 -50.89
N ARG U 348 -2.30 30.19 -50.41
CA ARG U 348 -2.28 30.62 -49.02
C ARG U 348 -3.63 30.34 -48.36
N VAL U 349 -3.65 30.44 -47.04
CA VAL U 349 -4.85 30.18 -46.26
C VAL U 349 -5.42 31.54 -45.85
N ALA U 350 -6.67 31.78 -46.23
CA ALA U 350 -7.31 33.05 -45.93
C ALA U 350 -7.54 33.20 -44.43
N LEU U 351 -7.38 34.44 -43.95
CA LEU U 351 -7.65 34.79 -42.57
C LEU U 351 -8.60 35.97 -42.53
N VAL U 352 -9.57 35.92 -41.63
CA VAL U 352 -10.62 36.93 -41.55
C VAL U 352 -10.66 37.49 -40.14
N ARG U 353 -10.74 38.82 -40.05
CA ARG U 353 -10.88 39.52 -38.78
C ARG U 353 -12.03 40.50 -38.88
N VAL U 354 -12.82 40.58 -37.82
CA VAL U 354 -13.93 41.54 -37.79
C VAL U 354 -13.63 42.57 -36.72
N PRO U 355 -14.05 43.83 -36.89
CA PRO U 355 -13.76 44.84 -35.86
C PRO U 355 -14.40 44.53 -34.52
N ASN U 356 -15.59 43.92 -34.53
CA ASN U 356 -16.32 43.59 -33.31
C ASN U 356 -16.61 42.10 -33.33
N GLU U 357 -15.79 41.33 -32.60
CA GLU U 357 -16.00 39.88 -32.52
C GLU U 357 -17.19 39.53 -31.63
N GLN U 358 -17.57 40.41 -30.70
CA GLN U 358 -18.69 40.15 -29.82
C GLN U 358 -20.03 40.20 -30.53
N GLY U 359 -20.07 40.67 -31.77
CA GLY U 359 -21.32 40.83 -32.48
C GLY U 359 -21.57 39.76 -33.53
N LEU U 360 -20.62 38.85 -33.69
CA LEU U 360 -20.79 37.74 -34.62
C LEU U 360 -21.98 36.89 -34.19
N ASP U 361 -22.83 36.55 -35.15
CA ASP U 361 -23.91 35.61 -34.88
C ASP U 361 -23.38 34.19 -34.96
N LYS U 362 -23.93 33.32 -34.13
CA LYS U 362 -23.38 31.97 -33.94
C LYS U 362 -24.19 30.97 -34.75
N LYS U 363 -23.55 30.36 -35.74
CA LYS U 363 -24.15 29.27 -36.47
C LYS U 363 -23.77 27.95 -35.79
N GLY U 364 -24.23 26.84 -36.33
CA GLY U 364 -23.89 25.55 -35.77
C GLY U 364 -22.47 25.13 -36.10
N GLY U 365 -22.00 24.15 -35.34
CA GLY U 365 -20.68 23.59 -35.60
C GLY U 365 -19.53 24.54 -35.36
N THR U 366 -19.61 25.35 -34.31
CA THR U 366 -18.55 26.28 -33.92
C THR U 366 -18.17 27.20 -35.09
N GLN U 367 -19.19 27.81 -35.68
CA GLN U 367 -18.99 28.70 -36.82
C GLN U 367 -19.74 30.00 -36.58
N TRP U 368 -19.18 31.09 -37.09
CA TRP U 368 -19.74 32.41 -36.94
C TRP U 368 -19.86 33.08 -38.30
N ASP U 369 -20.74 34.07 -38.38
CA ASP U 369 -20.95 34.84 -39.60
C ASP U 369 -20.95 36.32 -39.23
N SER U 370 -20.77 37.16 -40.25
CA SER U 370 -20.67 38.60 -40.06
C SER U 370 -22.05 39.23 -40.16
N THR U 371 -22.44 39.96 -39.12
CA THR U 371 -23.72 40.66 -39.10
C THR U 371 -23.48 42.18 -39.07
N GLN U 372 -24.58 42.93 -38.97
CA GLN U 372 -24.48 44.38 -38.95
C GLN U 372 -23.69 44.88 -37.75
N PHE U 373 -23.96 44.32 -36.55
CA PHE U 373 -23.26 44.77 -35.36
C PHE U 373 -21.78 44.42 -35.41
N SER U 374 -21.45 43.24 -35.94
CA SER U 374 -20.05 42.83 -36.00
C SER U 374 -19.24 43.74 -36.92
N GLY U 375 -19.83 44.17 -38.03
CA GLY U 375 -19.13 44.97 -39.02
C GLY U 375 -19.09 44.25 -40.36
N ASP U 376 -17.91 44.26 -40.98
CA ASP U 376 -17.69 43.55 -42.23
C ASP U 376 -16.39 42.75 -42.13
N LYS U 377 -16.36 41.63 -42.84
CA LYS U 377 -15.19 40.77 -42.84
C LYS U 377 -14.00 41.52 -43.45
N ILE U 378 -12.89 41.57 -42.73
CA ILE U 378 -11.67 42.19 -43.20
C ILE U 378 -10.69 41.09 -43.54
N TRP U 379 -10.39 40.94 -44.83
CA TRP U 379 -9.55 39.86 -45.30
C TRP U 379 -8.08 40.23 -45.22
N GLY U 380 -7.24 39.21 -45.05
CA GLY U 380 -5.81 39.44 -44.92
C GLY U 380 -5.07 38.11 -44.94
N GLU U 381 -3.76 38.22 -44.86
CA GLU U 381 -2.89 37.05 -44.84
C GLU U 381 -2.55 36.68 -43.40
N SER U 382 -1.63 35.74 -43.24
CA SER U 382 -1.16 35.31 -41.93
C SER U 382 0.09 36.09 -41.56
N ASN U 383 0.16 36.53 -40.30
CA ASN U 383 1.30 37.27 -39.77
C ASN U 383 1.54 38.55 -40.58
N LYS U 384 0.46 39.23 -40.93
CA LYS U 384 0.51 40.47 -41.69
C LYS U 384 -0.45 41.47 -41.08
N GLY U 385 0.01 42.69 -40.89
CA GLY U 385 -0.82 43.70 -40.26
C GLY U 385 -1.11 43.34 -38.81
N SER U 386 -2.39 43.23 -38.47
CA SER U 386 -2.81 42.91 -37.11
C SER U 386 -3.22 41.45 -36.94
N PHE U 387 -3.05 40.61 -37.97
CA PHE U 387 -3.44 39.22 -37.88
C PHE U 387 -2.39 38.41 -37.11
N GLY U 388 -2.77 37.21 -36.71
CA GLY U 388 -1.88 36.28 -36.04
C GLY U 388 -1.20 35.35 -37.02
N THR U 389 -0.65 34.28 -36.48
CA THR U 389 0.08 33.30 -37.27
C THR U 389 -0.71 32.00 -37.37
N ILE U 390 -0.27 31.13 -38.27
CA ILE U 390 -0.89 29.83 -38.50
C ILE U 390 0.15 28.76 -38.22
N ASN U 391 -0.18 27.83 -37.34
CA ASN U 391 0.70 26.71 -37.01
C ASN U 391 0.00 25.42 -37.38
N ASN U 392 0.71 24.54 -38.10
CA ASN U 392 0.18 23.25 -38.45
C ASN U 392 0.47 22.23 -37.35
N GLY U 393 -0.36 21.20 -37.29
CA GLY U 393 -0.21 20.19 -36.26
C GLY U 393 -0.78 20.53 -34.91
N MET U 394 -1.56 21.62 -34.81
CA MET U 394 -2.15 22.02 -33.54
C MET U 394 -3.63 22.30 -33.74
N LEU U 395 -4.37 22.24 -32.64
CA LEU U 395 -5.80 22.52 -32.64
C LEU U 395 -6.14 23.34 -31.41
N GLU U 396 -7.27 24.04 -31.49
CA GLU U 396 -7.74 24.86 -30.38
C GLU U 396 -8.77 24.08 -29.58
N GLN U 397 -8.59 24.06 -28.26
CA GLN U 397 -9.58 23.51 -27.36
C GLN U 397 -10.51 24.64 -26.90
N SER U 398 -11.51 24.27 -26.11
CA SER U 398 -12.41 25.28 -25.57
C SER U 398 -11.67 26.15 -24.57
N ASN U 399 -11.94 27.45 -24.62
CA ASN U 399 -11.26 28.41 -23.76
C ASN U 399 -12.04 28.62 -22.46
N ILE U 400 -12.25 27.51 -21.75
CA ILE U 400 -13.03 27.51 -20.51
C ILE U 400 -12.16 26.98 -19.39
N ASP U 401 -12.53 27.34 -18.16
CA ASP U 401 -11.87 26.86 -16.96
C ASP U 401 -12.90 26.11 -16.13
N MET U 402 -12.66 24.81 -15.92
CA MET U 402 -13.65 23.98 -15.25
C MET U 402 -13.91 24.45 -13.82
N THR U 403 -12.85 24.87 -13.12
CA THR U 403 -13.01 25.36 -11.76
C THR U 403 -13.99 26.54 -11.71
N GLN U 404 -13.78 27.53 -12.57
CA GLN U 404 -14.66 28.69 -12.55
C GLN U 404 -16.08 28.32 -12.94
N GLU U 405 -16.23 27.41 -13.91
CA GLU U 405 -17.57 26.98 -14.30
C GLU U 405 -18.30 26.30 -13.14
N LEU U 406 -17.62 25.43 -12.41
CA LEU U 406 -18.25 24.74 -11.28
C LEU U 406 -18.61 25.73 -10.17
N VAL U 407 -17.72 26.68 -9.88
CA VAL U 407 -18.01 27.66 -8.85
C VAL U 407 -19.22 28.51 -9.25
N ASP U 408 -19.27 28.91 -10.53
CA ASP U 408 -20.42 29.67 -11.00
C ASP U 408 -21.69 28.84 -10.96
N LEU U 409 -21.58 27.54 -11.20
CA LEU U 409 -22.73 26.66 -11.09
C LEU U 409 -23.28 26.66 -9.67
N ILE U 410 -22.40 26.55 -8.69
CA ILE U 410 -22.82 26.59 -7.29
C ILE U 410 -23.48 27.92 -6.96
N SER U 411 -22.86 29.02 -7.42
CA SER U 411 -23.41 30.34 -7.12
C SER U 411 -24.78 30.53 -7.76
N ALA U 412 -24.95 30.05 -9.00
CA ALA U 412 -26.23 30.18 -9.67
C ALA U 412 -27.30 29.36 -8.96
N GLN U 413 -26.95 28.17 -8.50
CA GLN U 413 -27.90 27.38 -7.72
C GLN U 413 -28.31 28.12 -6.44
N ARG U 414 -27.34 28.74 -5.77
CA ARG U 414 -27.65 29.49 -4.55
C ARG U 414 -28.60 30.66 -4.86
N ASN U 415 -28.34 31.39 -5.94
CA ASN U 415 -29.20 32.50 -6.31
C ASN U 415 -30.60 32.03 -6.66
N PHE U 416 -30.70 30.90 -7.38
CA PHE U 416 -32.00 30.35 -7.73
C PHE U 416 -32.77 29.96 -6.48
N GLN U 417 -32.10 29.35 -5.50
CA GLN U 417 -32.76 28.99 -4.25
C GLN U 417 -33.25 30.23 -3.51
N ALA U 418 -32.44 31.29 -3.49
CA ALA U 418 -32.85 32.52 -2.81
C ALA U 418 -34.08 33.12 -3.47
N ASN U 419 -34.09 33.17 -4.80
CA ASN U 419 -35.25 33.73 -5.51
C ASN U 419 -36.49 32.86 -5.29
N SER U 420 -36.33 31.54 -5.28
CA SER U 420 -37.46 30.67 -5.00
C SER U 420 -38.01 30.92 -3.60
N ARG U 421 -37.12 31.14 -2.63
CA ARG U 421 -37.57 31.47 -1.28
C ARG U 421 -38.37 32.77 -1.28
N SER U 422 -37.91 33.78 -2.02
CA SER U 422 -38.65 35.04 -2.08
C SER U 422 -40.03 34.84 -2.68
N LEU U 423 -40.12 34.07 -3.77
CA LEU U 423 -41.41 33.80 -4.38
C LEU U 423 -42.34 33.05 -3.44
N GLU U 424 -41.78 32.09 -2.70
CA GLU U 424 -42.58 31.36 -1.73
C GLU U 424 -43.11 32.29 -0.64
N VAL U 425 -42.29 33.24 -0.21
CA VAL U 425 -42.75 34.21 0.80
C VAL U 425 -43.90 35.04 0.25
N HIS U 426 -43.78 35.49 -1.01
CA HIS U 426 -44.86 36.26 -1.62
C HIS U 426 -46.15 35.46 -1.67
N ASN U 427 -46.06 34.21 -2.11
CA ASN U 427 -47.26 33.38 -2.20
C ASN U 427 -47.87 33.13 -0.82
N GLN U 428 -47.02 32.92 0.19
CA GLN U 428 -47.54 32.72 1.54
C GLN U 428 -48.25 33.97 2.05
N LEU U 429 -47.70 35.14 1.77
CA LEU U 429 -48.38 36.38 2.16
C LEU U 429 -49.74 36.49 1.49
N GLN U 430 -49.80 36.19 0.19
CA GLN U 430 -51.08 36.28 -0.51
C GLN U 430 -52.09 35.29 0.06
N GLN U 431 -51.65 34.06 0.33
CA GLN U 431 -52.57 33.08 0.90
C GLN U 431 -53.01 33.47 2.31
N ASN U 432 -52.12 34.09 3.09
CA ASN U 432 -52.52 34.55 4.42
C ASN U 432 -53.59 35.63 4.32
N ILE U 433 -53.44 36.55 3.37
CA ILE U 433 -54.48 37.57 3.19
C ILE U 433 -55.77 36.92 2.72
N LEU U 434 -55.67 35.88 1.87
CA LEU U 434 -56.85 35.22 1.36
C LEU U 434 -57.75 34.68 2.47
N GLN U 435 -57.16 34.27 3.59
CA GLN U 435 -57.89 33.63 4.67
C GLN U 435 -58.34 34.66 5.71
N ILE U 436 -59.15 35.61 5.26
CA ILE U 436 -59.70 36.63 6.14
C ILE U 436 -61.20 36.76 5.92
N SER V 2 -58.41 17.80 -15.37
CA SER V 2 -57.73 16.83 -14.52
C SER V 2 -57.33 15.59 -15.31
N TYR V 3 -58.15 15.25 -16.31
CA TYR V 3 -57.85 14.08 -17.12
C TYR V 3 -56.59 14.27 -17.96
N VAL V 4 -56.25 15.51 -18.29
CA VAL V 4 -54.98 15.77 -18.96
C VAL V 4 -53.82 15.38 -18.05
N SER V 5 -53.90 15.75 -16.77
CA SER V 5 -52.86 15.38 -15.83
C SER V 5 -52.79 13.87 -15.66
N LEU V 6 -53.94 13.20 -15.65
CA LEU V 6 -53.95 11.75 -15.55
C LEU V 6 -53.31 11.11 -16.78
N SER V 7 -53.56 11.68 -17.96
CA SER V 7 -52.92 11.19 -19.16
C SER V 7 -51.41 11.37 -19.09
N GLY V 8 -50.96 12.52 -18.58
CA GLY V 8 -49.53 12.71 -18.38
C GLY V 8 -48.94 11.71 -17.41
N LEU V 9 -49.64 11.43 -16.32
CA LEU V 9 -49.18 10.42 -15.37
C LEU V 9 -49.08 9.05 -16.03
N SER V 10 -50.08 8.69 -16.83
CA SER V 10 -50.06 7.39 -17.51
C SER V 10 -48.90 7.31 -18.48
N ALA V 11 -48.65 8.38 -19.24
CA ALA V 11 -47.53 8.38 -20.17
C ALA V 11 -46.19 8.26 -19.44
N ALA V 12 -46.03 9.01 -18.35
CA ALA V 12 -44.79 8.93 -17.58
C ALA V 12 -44.60 7.53 -17.01
N GLN V 13 -45.68 6.93 -16.51
CA GLN V 13 -45.57 5.57 -15.97
C GLN V 13 -45.26 4.55 -17.05
N LEU V 14 -45.81 4.73 -18.25
CA LEU V 14 -45.47 3.83 -19.35
C LEU V 14 -44.00 3.94 -19.72
N ASP V 15 -43.47 5.17 -19.78
CA ASP V 15 -42.05 5.33 -20.05
C ASP V 15 -41.20 4.72 -18.94
N LEU V 16 -41.65 4.88 -17.69
CA LEU V 16 -40.94 4.27 -16.56
C LEU V 16 -40.92 2.76 -16.69
N ASN V 17 -42.05 2.16 -17.07
CA ASN V 17 -42.12 0.71 -17.23
C ASN V 17 -41.23 0.24 -18.37
N THR V 18 -41.21 0.98 -19.47
CA THR V 18 -40.35 0.60 -20.59
C THR V 18 -38.88 0.64 -20.19
N THR V 19 -38.48 1.70 -19.48
CA THR V 19 -37.10 1.80 -19.02
C THR V 19 -36.77 0.69 -18.03
N SER V 20 -37.72 0.36 -17.15
CA SER V 20 -37.50 -0.72 -16.20
C SER V 20 -37.31 -2.05 -16.91
N ASN V 21 -38.12 -2.31 -17.93
CA ASN V 21 -37.96 -3.55 -18.69
C ASN V 21 -36.60 -3.59 -19.39
N ASN V 22 -36.20 -2.47 -19.99
CA ASN V 22 -34.90 -2.43 -20.67
C ASN V 22 -33.76 -2.68 -19.69
N ILE V 23 -33.84 -2.10 -18.49
CA ILE V 23 -32.81 -2.32 -17.49
C ILE V 23 -32.82 -3.77 -17.01
N ALA V 24 -34.02 -4.33 -16.80
CA ALA V 24 -34.12 -5.70 -16.31
C ALA V 24 -33.53 -6.69 -17.30
N ASN V 25 -33.75 -6.47 -18.59
CA ASN V 25 -33.26 -7.39 -19.60
C ASN V 25 -31.82 -7.11 -20.03
N ALA V 26 -31.03 -6.46 -19.17
CA ALA V 26 -29.67 -6.08 -19.55
C ALA V 26 -28.76 -7.27 -19.82
N ASN V 27 -29.05 -8.44 -19.24
CA ASN V 27 -28.22 -9.62 -19.43
C ASN V 27 -28.84 -10.65 -20.36
N THR V 28 -30.08 -10.45 -20.79
CA THR V 28 -30.72 -11.39 -21.72
C THR V 28 -29.99 -11.40 -23.06
N TYR V 29 -29.77 -12.59 -23.59
CA TYR V 29 -29.07 -12.73 -24.87
C TYR V 29 -30.00 -12.37 -26.01
N GLY V 30 -29.54 -11.51 -26.91
CA GLY V 30 -30.28 -11.17 -28.10
C GLY V 30 -31.44 -10.22 -27.90
N PHE V 31 -31.60 -9.67 -26.71
CA PHE V 31 -32.69 -8.74 -26.46
C PHE V 31 -32.49 -7.45 -27.24
N LYS V 32 -33.60 -6.87 -27.69
CA LYS V 32 -33.60 -5.58 -28.39
C LYS V 32 -34.38 -4.59 -27.55
N GLU V 33 -33.78 -3.42 -27.30
CA GLU V 33 -34.38 -2.44 -26.41
C GLU V 33 -35.66 -1.88 -27.02
N SER V 34 -36.44 -1.20 -26.18
CA SER V 34 -37.69 -0.60 -26.60
C SER V 34 -37.70 0.87 -26.27
N ARG V 35 -38.39 1.65 -27.09
CA ARG V 35 -38.53 3.09 -26.89
C ARG V 35 -40.00 3.46 -26.92
N ALA V 36 -40.41 4.32 -26.01
CA ALA V 36 -41.80 4.76 -25.89
C ALA V 36 -41.96 6.10 -26.58
N GLU V 37 -42.86 6.17 -27.55
CA GLU V 37 -43.14 7.39 -28.29
C GLU V 37 -44.60 7.76 -28.08
N PHE V 38 -44.86 9.03 -27.80
CA PHE V 38 -46.19 9.51 -27.46
C PHE V 38 -46.66 10.52 -28.50
N ALA V 39 -47.94 10.88 -28.41
CA ALA V 39 -48.55 11.79 -29.36
C ALA V 39 -49.49 12.73 -28.62
N ASP V 40 -49.69 13.90 -29.20
CA ASP V 40 -50.60 14.88 -28.64
C ASP V 40 -52.05 14.46 -28.90
N VAL V 41 -52.96 15.01 -28.09
CA VAL V 41 -54.39 14.76 -28.20
C VAL V 41 -55.09 16.08 -28.47
N TYR V 42 -55.99 16.09 -29.45
CA TYR V 42 -56.77 17.27 -29.74
C TYR V 42 -58.09 16.85 -30.38
N SER V 43 -59.16 17.52 -29.98
CA SER V 43 -60.48 17.18 -30.49
C SER V 43 -60.63 17.65 -31.93
N ASN V 44 -61.56 17.02 -32.64
CA ASN V 44 -61.91 17.37 -34.01
C ASN V 44 -63.42 17.49 -34.16
N SER V 45 -64.03 18.22 -33.24
CA SER V 45 -65.47 18.43 -33.29
C SER V 45 -65.86 19.20 -34.54
N LEU V 46 -67.10 18.98 -35.00
CA LEU V 46 -67.59 19.66 -36.18
C LEU V 46 -67.63 21.17 -35.96
N PHE V 47 -68.03 21.60 -34.78
CA PHE V 47 -68.03 23.00 -34.40
C PHE V 47 -67.02 23.19 -33.27
N THR V 48 -65.79 23.52 -33.66
CA THR V 48 -64.67 23.65 -32.75
C THR V 48 -64.23 25.12 -32.70
N ASN V 49 -64.02 25.64 -31.48
CA ASN V 49 -63.51 26.99 -31.35
C ASN V 49 -62.04 27.10 -31.72
N ALA V 50 -61.28 26.02 -31.55
CA ALA V 50 -59.86 25.97 -31.90
C ALA V 50 -59.04 26.98 -31.11
N LYS V 51 -59.30 28.27 -31.33
CA LYS V 51 -58.54 29.30 -30.63
C LYS V 51 -58.81 29.28 -29.13
N THR V 52 -60.05 28.98 -28.73
CA THR V 52 -60.45 29.03 -27.34
C THR V 52 -60.48 27.66 -26.69
N THR V 53 -59.97 26.63 -27.36
CA THR V 53 -59.99 25.28 -26.84
C THR V 53 -58.57 24.81 -26.55
N PRO V 54 -58.26 24.45 -25.30
CA PRO V 54 -56.91 23.95 -24.98
C PRO V 54 -56.69 22.54 -25.47
N GLY V 55 -55.55 21.96 -25.13
CA GLY V 55 -55.22 20.61 -25.55
C GLY V 55 -56.04 19.56 -24.82
N GLY V 56 -55.77 18.31 -25.17
CA GLY V 56 -56.49 17.20 -24.58
C GLY V 56 -55.60 16.18 -23.91
N GLY V 57 -54.36 16.56 -23.63
CA GLY V 57 -53.44 15.68 -22.94
C GLY V 57 -52.42 15.03 -23.85
N ALA V 58 -51.93 13.86 -23.46
CA ALA V 58 -50.93 13.12 -24.24
C ALA V 58 -51.35 11.66 -24.32
N GLN V 59 -51.26 11.10 -25.52
CA GLN V 59 -51.66 9.71 -25.78
C GLN V 59 -50.45 8.91 -26.22
N ALA V 60 -50.32 7.70 -25.69
CA ALA V 60 -49.25 6.81 -26.11
C ALA V 60 -49.44 6.41 -27.56
N SER V 61 -48.39 6.57 -28.36
CA SER V 61 -48.46 6.23 -29.79
C SER V 61 -48.05 4.79 -30.03
N GLN V 62 -46.83 4.43 -29.63
CA GLN V 62 -46.33 3.08 -29.84
C GLN V 62 -45.09 2.87 -28.96
N VAL V 63 -44.81 1.61 -28.67
CA VAL V 63 -43.56 1.23 -28.03
C VAL V 63 -42.66 0.66 -29.12
N ALA V 64 -41.61 1.40 -29.46
CA ALA V 64 -40.72 0.99 -30.54
C ALA V 64 -39.90 -0.22 -30.13
N GLN V 65 -39.21 -0.78 -31.11
CA GLN V 65 -38.42 -1.99 -30.96
C GLN V 65 -37.05 -1.82 -31.63
N GLN V 66 -36.37 -0.72 -31.30
CA GLN V 66 -35.08 -0.38 -31.88
C GLN V 66 -34.20 -1.61 -32.06
N PHE V 67 -33.78 -1.85 -33.31
CA PHE V 67 -33.13 -3.09 -33.70
C PHE V 67 -31.65 -2.87 -34.02
N HIS V 68 -31.04 -1.85 -33.44
CA HIS V 68 -29.64 -1.59 -33.72
C HIS V 68 -28.77 -2.68 -33.13
N GLU V 69 -27.69 -3.02 -33.83
CA GLU V 69 -26.86 -4.15 -33.45
C GLU V 69 -26.29 -3.97 -32.05
N GLY V 70 -26.38 -5.02 -31.25
CA GLY V 70 -25.81 -5.00 -29.92
C GLY V 70 -24.38 -5.51 -29.89
N SER V 71 -23.74 -5.36 -28.74
CA SER V 71 -22.37 -5.80 -28.59
C SER V 71 -22.30 -7.33 -28.58
N SER V 72 -21.09 -7.84 -28.80
CA SER V 72 -20.86 -9.27 -28.90
C SER V 72 -19.89 -9.71 -27.81
N ILE V 73 -20.20 -10.83 -27.16
CA ILE V 73 -19.33 -11.43 -26.16
C ILE V 73 -18.76 -12.71 -26.73
N TYR V 74 -17.59 -13.08 -26.24
CA TYR V 74 -16.87 -14.25 -26.73
C TYR V 74 -16.86 -15.32 -25.64
N THR V 75 -17.39 -16.50 -25.98
CA THR V 75 -17.44 -17.61 -25.05
C THR V 75 -16.52 -18.76 -25.42
N ASN V 76 -15.91 -18.71 -26.61
CA ASN V 76 -15.06 -19.79 -27.12
C ASN V 76 -15.81 -21.11 -27.19
N ASN V 77 -17.13 -21.06 -27.30
CA ASN V 77 -17.95 -22.25 -27.44
C ASN V 77 -18.54 -22.26 -28.84
N PRO V 78 -18.03 -23.07 -29.77
CA PRO V 78 -18.45 -22.93 -31.17
C PRO V 78 -19.93 -23.21 -31.42
N MET V 79 -20.62 -23.84 -30.46
CA MET V 79 -22.06 -24.02 -30.59
C MET V 79 -22.84 -22.73 -30.42
N ASP V 80 -22.19 -21.65 -30.00
CA ASP V 80 -22.84 -20.35 -29.88
C ASP V 80 -22.69 -19.60 -31.21
N LEU V 81 -23.81 -19.07 -31.69
CA LEU V 81 -23.85 -18.42 -33.01
C LEU V 81 -24.36 -17.00 -32.87
N ARG V 82 -23.81 -16.12 -33.70
CA ARG V 82 -24.21 -14.71 -33.74
C ARG V 82 -24.40 -14.28 -35.18
N VAL V 83 -25.47 -13.53 -35.43
CA VAL V 83 -25.75 -12.97 -36.75
C VAL V 83 -25.24 -11.54 -36.76
N SER V 84 -24.13 -11.31 -37.48
CA SER V 84 -23.56 -9.99 -37.61
C SER V 84 -24.16 -9.30 -38.84
N GLY V 85 -24.92 -8.24 -38.62
CA GLY V 85 -25.54 -7.54 -39.72
C GLY V 85 -27.05 -7.62 -39.69
N THR V 86 -27.66 -7.97 -40.82
CA THR V 86 -29.11 -8.08 -40.93
C THR V 86 -29.50 -9.54 -41.07
N GLY V 87 -30.46 -9.97 -40.27
CA GLY V 87 -30.96 -11.33 -40.35
C GLY V 87 -31.25 -11.90 -38.97
N PHE V 88 -32.17 -12.85 -38.92
CA PHE V 88 -32.54 -13.53 -37.70
C PHE V 88 -32.46 -15.04 -37.90
N PHE V 89 -32.15 -15.75 -36.82
CA PHE V 89 -32.25 -17.20 -36.83
C PHE V 89 -33.72 -17.62 -36.87
N ALA V 90 -33.96 -18.81 -37.44
CA ALA V 90 -35.29 -19.38 -37.50
C ALA V 90 -35.34 -20.67 -36.69
N VAL V 91 -36.28 -20.75 -35.76
CA VAL V 91 -36.43 -21.91 -34.89
C VAL V 91 -37.86 -22.39 -34.94
N ALA V 92 -38.05 -23.71 -34.94
CA ALA V 92 -39.36 -24.32 -35.03
C ALA V 92 -39.71 -25.03 -33.73
N LYS V 93 -40.98 -24.96 -33.35
CA LYS V 93 -41.42 -25.56 -32.10
C LYS V 93 -41.28 -27.07 -32.13
N GLU V 94 -41.73 -27.71 -33.20
CA GLU V 94 -41.69 -29.15 -33.34
C GLU V 94 -40.85 -29.55 -34.54
N ARG V 95 -40.19 -30.71 -34.44
CA ARG V 95 -39.33 -31.17 -35.51
C ARG V 95 -40.11 -31.44 -36.79
N LEU V 96 -41.30 -32.00 -36.68
CA LEU V 96 -42.08 -32.42 -37.84
C LEU V 96 -42.90 -31.30 -38.45
N THR V 97 -42.86 -30.10 -37.89
CA THR V 97 -43.61 -28.96 -38.40
C THR V 97 -42.69 -27.76 -38.55
N PRO V 98 -41.80 -27.78 -39.55
CA PRO V 98 -40.96 -26.60 -39.79
C PRO V 98 -41.75 -25.37 -40.23
N GLN V 99 -42.98 -25.57 -40.71
CA GLN V 99 -43.79 -24.43 -41.13
C GLN V 99 -44.05 -23.46 -39.98
N GLN V 100 -44.37 -23.99 -38.79
CA GLN V 100 -44.59 -23.15 -37.62
C GLN V 100 -43.24 -22.82 -37.01
N ASN V 101 -42.76 -21.61 -37.25
CA ASN V 101 -41.44 -21.21 -36.79
C ASN V 101 -41.49 -19.77 -36.29
N GLU V 102 -40.46 -19.41 -35.52
CA GLU V 102 -40.33 -18.06 -34.98
C GLU V 102 -38.89 -17.58 -35.16
N LEU V 103 -38.73 -16.27 -35.17
CA LEU V 103 -37.43 -15.65 -35.39
C LEU V 103 -36.78 -15.31 -34.06
N THR V 104 -35.47 -15.56 -33.98
CA THR V 104 -34.72 -15.31 -32.76
C THR V 104 -33.36 -14.75 -33.11
N ARG V 105 -32.67 -14.23 -32.10
CA ARG V 105 -31.36 -13.64 -32.28
C ARG V 105 -30.26 -14.26 -31.42
N ASN V 106 -30.60 -14.88 -30.29
CA ASN V 106 -29.60 -15.53 -29.47
C ASN V 106 -29.11 -16.81 -30.13
N GLY V 107 -27.91 -17.24 -29.76
CA GLY V 107 -27.33 -18.41 -30.38
C GLY V 107 -26.92 -19.51 -29.42
N ALA V 108 -27.62 -19.63 -28.30
CA ALA V 108 -27.32 -20.67 -27.32
C ALA V 108 -27.88 -21.99 -27.83
N PHE V 109 -27.10 -22.65 -28.69
CA PHE V 109 -27.50 -23.89 -29.32
C PHE V 109 -26.72 -25.08 -28.74
N HIS V 110 -27.36 -26.24 -28.76
CA HIS V 110 -26.73 -27.47 -28.29
C HIS V 110 -27.47 -28.66 -28.89
N LEU V 111 -26.81 -29.82 -28.85
CA LEU V 111 -27.40 -31.06 -29.36
C LEU V 111 -28.34 -31.65 -28.32
N ASN V 112 -29.53 -32.03 -28.75
CA ASN V 112 -30.46 -32.76 -27.90
C ASN V 112 -30.14 -34.25 -28.00
N LYS V 113 -31.01 -35.09 -27.42
CA LYS V 113 -30.73 -36.52 -27.42
C LYS V 113 -30.80 -37.14 -28.81
N GLU V 114 -31.39 -36.43 -29.78
CA GLU V 114 -31.50 -36.90 -31.14
C GLU V 114 -30.42 -36.31 -32.05
N ASN V 115 -29.42 -35.65 -31.48
CA ASN V 115 -28.37 -34.99 -32.25
C ASN V 115 -28.93 -33.93 -33.19
N TYR V 116 -29.94 -33.20 -32.72
CA TYR V 116 -30.49 -32.06 -33.43
C TYR V 116 -30.12 -30.78 -32.69
N MET V 117 -29.77 -29.74 -33.44
CA MET V 117 -29.40 -28.46 -32.84
C MET V 117 -30.67 -27.75 -32.38
N VAL V 118 -30.74 -27.47 -31.08
CA VAL V 118 -31.92 -26.85 -30.48
C VAL V 118 -31.46 -25.67 -29.61
N THR V 119 -32.43 -24.84 -29.26
CA THR V 119 -32.18 -23.71 -28.37
C THR V 119 -32.29 -24.16 -26.92
N ALA V 120 -32.34 -23.20 -25.99
CA ALA V 120 -32.46 -23.55 -24.58
C ALA V 120 -33.80 -24.24 -24.29
N ASN V 121 -34.87 -23.79 -24.94
CA ASN V 121 -36.20 -24.36 -24.75
C ASN V 121 -36.44 -25.60 -25.61
N ASP V 122 -35.38 -26.24 -26.11
CA ASP V 122 -35.50 -27.42 -26.97
C ASP V 122 -36.35 -27.12 -28.21
N GLU V 123 -36.08 -25.97 -28.83
CA GLU V 123 -36.72 -25.59 -30.07
C GLU V 123 -35.75 -25.82 -31.21
N PHE V 124 -36.17 -26.61 -32.20
CA PHE V 124 -35.26 -27.01 -33.27
C PHE V 124 -34.87 -25.83 -34.15
N LEU V 125 -33.62 -25.84 -34.60
CA LEU V 125 -33.10 -24.80 -35.47
C LEU V 125 -33.33 -25.19 -36.93
N LEU V 126 -33.91 -24.29 -37.70
CA LEU V 126 -34.23 -24.57 -39.10
C LEU V 126 -33.04 -24.31 -40.00
N GLY V 127 -32.80 -25.23 -40.94
CA GLY V 127 -31.69 -25.10 -41.86
C GLY V 127 -32.07 -25.62 -43.23
N TYR V 128 -31.16 -25.40 -44.18
CA TYR V 128 -31.34 -25.85 -45.55
C TYR V 128 -30.68 -27.21 -45.75
N GLN V 129 -30.72 -27.69 -46.99
CA GLN V 129 -30.08 -28.95 -47.37
C GLN V 129 -29.24 -28.70 -48.61
N VAL V 130 -27.91 -28.75 -48.46
CA VAL V 130 -27.00 -28.42 -49.55
C VAL V 130 -26.77 -29.66 -50.40
N ASP V 131 -26.22 -29.42 -51.60
CA ASP V 131 -25.85 -30.50 -52.51
C ASP V 131 -24.55 -31.16 -52.05
N PRO V 132 -24.38 -32.45 -52.34
CA PRO V 132 -23.12 -33.12 -51.94
C PRO V 132 -21.88 -32.47 -52.50
N SER V 133 -21.88 -32.13 -53.79
CA SER V 133 -20.72 -31.52 -54.44
C SER V 133 -20.93 -30.04 -54.72
N SER V 134 -22.06 -29.65 -55.30
CA SER V 134 -22.33 -28.25 -55.58
C SER V 134 -22.51 -27.47 -54.29
N GLY V 135 -21.85 -26.31 -54.21
CA GLY V 135 -21.95 -25.49 -53.02
C GLY V 135 -23.33 -24.90 -52.80
N GLU V 136 -24.01 -24.54 -53.88
CA GLU V 136 -25.34 -23.94 -53.77
C GLU V 136 -26.34 -24.92 -53.18
N VAL V 137 -27.24 -24.41 -52.35
CA VAL V 137 -28.30 -25.22 -51.76
C VAL V 137 -29.40 -25.44 -52.79
N SER V 138 -29.87 -26.67 -52.91
CA SER V 138 -30.87 -27.00 -53.92
C SER V 138 -32.26 -26.53 -53.51
N SER V 139 -32.79 -27.08 -52.42
CA SER V 139 -34.13 -26.76 -51.97
C SER V 139 -34.08 -25.72 -50.86
N TYR V 140 -34.93 -24.70 -50.98
CA TYR V 140 -34.94 -23.57 -50.05
C TYR V 140 -35.93 -23.76 -48.91
N GLU V 141 -36.58 -24.92 -48.82
CA GLU V 141 -37.47 -25.16 -47.69
C GLU V 141 -36.66 -25.34 -46.40
N PRO V 142 -37.20 -24.89 -45.27
CA PRO V 142 -36.50 -25.07 -44.00
C PRO V 142 -36.75 -26.46 -43.41
N GLN V 143 -35.69 -27.06 -42.90
CA GLN V 143 -35.77 -28.35 -42.23
C GLN V 143 -34.82 -28.35 -41.04
N PRO V 144 -35.12 -29.15 -40.01
CA PRO V 144 -34.24 -29.19 -38.84
C PRO V 144 -32.85 -29.67 -39.18
N ILE V 145 -31.86 -29.15 -38.46
CA ILE V 145 -30.47 -29.49 -38.69
C ILE V 145 -30.09 -30.67 -37.81
N ASN V 146 -29.56 -31.73 -38.42
CA ASN V 146 -29.14 -32.94 -37.73
C ASN V 146 -27.66 -33.17 -37.96
N ILE V 147 -26.98 -33.67 -36.94
CA ILE V 147 -25.55 -33.95 -37.01
C ILE V 147 -25.32 -35.42 -36.68
N PRO V 148 -25.41 -36.32 -37.65
CA PRO V 148 -25.20 -37.74 -37.35
C PRO V 148 -23.81 -38.02 -36.83
N ALA V 149 -23.72 -38.98 -35.91
CA ALA V 149 -22.45 -39.37 -35.32
C ALA V 149 -21.72 -40.45 -36.11
N GLU V 150 -22.36 -41.00 -37.14
CA GLU V 150 -21.75 -42.02 -37.96
C GLU V 150 -21.97 -41.70 -39.43
N PHE V 151 -20.93 -41.89 -40.24
CA PHE V 151 -21.05 -41.82 -41.69
C PHE V 151 -21.52 -43.19 -42.21
N GLY V 152 -22.77 -43.50 -41.89
CA GLY V 152 -23.30 -44.82 -42.12
C GLY V 152 -23.71 -45.11 -43.56
N LYS V 153 -22.75 -45.03 -44.48
CA LYS V 153 -23.01 -45.38 -45.87
C LYS V 153 -21.70 -45.63 -46.60
N PRO V 154 -21.19 -46.86 -46.57
CA PRO V 154 -19.97 -47.18 -47.33
C PRO V 154 -20.14 -46.87 -48.81
N LYS V 155 -19.37 -45.91 -49.31
CA LYS V 155 -19.51 -45.41 -50.66
C LYS V 155 -18.52 -46.13 -51.57
N GLN V 156 -19.03 -46.76 -52.62
CA GLN V 156 -18.18 -47.50 -53.55
C GLN V 156 -17.35 -46.56 -54.40
N THR V 157 -16.21 -47.06 -54.86
CA THR V 157 -15.32 -46.30 -55.73
C THR V 157 -15.91 -46.27 -57.14
N ALA V 158 -16.10 -45.08 -57.69
CA ALA V 158 -16.67 -44.94 -59.02
C ALA V 158 -15.80 -44.08 -59.92
N ASN V 159 -15.19 -43.03 -59.37
CA ASN V 159 -14.36 -42.12 -60.13
C ASN V 159 -12.97 -42.09 -59.53
N ILE V 160 -11.95 -42.30 -60.37
CA ILE V 160 -10.55 -42.25 -59.94
C ILE V 160 -9.83 -41.27 -60.84
N GLU V 161 -9.23 -40.24 -60.24
CA GLU V 161 -8.46 -39.24 -60.96
C GLU V 161 -6.98 -39.46 -60.67
N VAL V 162 -6.20 -39.68 -61.72
CA VAL V 162 -4.77 -39.94 -61.60
C VAL V 162 -4.03 -38.97 -62.50
N GLY V 163 -3.05 -38.26 -61.94
CA GLY V 163 -2.18 -37.41 -62.73
C GLY V 163 -0.73 -37.83 -62.60
N VAL V 164 -0.14 -38.32 -63.69
CA VAL V 164 1.22 -38.86 -63.66
C VAL V 164 2.05 -38.20 -64.74
N ASN V 165 3.37 -38.22 -64.55
CA ASN V 165 4.33 -37.78 -65.53
C ASN V 165 5.13 -38.98 -66.01
N LEU V 166 5.15 -39.19 -67.32
CA LEU V 166 5.87 -40.38 -67.74
C LEU V 166 7.22 -40.01 -68.31
N PRO V 167 8.25 -40.81 -68.03
CA PRO V 167 9.60 -40.48 -68.52
C PRO V 167 9.67 -40.64 -70.04
N ALA V 168 10.00 -39.54 -70.73
CA ALA V 168 10.13 -39.58 -72.17
C ALA V 168 11.34 -40.39 -72.62
N ASN V 169 12.32 -40.59 -71.74
CA ASN V 169 13.53 -41.34 -72.05
C ASN V 169 13.41 -42.82 -71.69
N GLY V 170 12.24 -43.28 -71.25
CA GLY V 170 12.09 -44.67 -70.89
C GLY V 170 12.27 -45.59 -72.09
N ASP V 171 12.81 -46.78 -71.82
CA ASP V 171 13.06 -47.73 -72.88
C ASP V 171 11.76 -48.30 -73.43
N LEU V 172 11.72 -48.49 -74.75
CA LEU V 172 10.52 -48.99 -75.39
C LEU V 172 10.29 -50.46 -75.04
N LYS V 173 9.03 -50.89 -75.14
CA LYS V 173 8.65 -52.26 -74.83
C LYS V 173 7.78 -52.80 -75.96
N ASP V 174 7.66 -54.13 -76.00
CA ASP V 174 6.85 -54.79 -77.01
C ASP V 174 5.40 -54.83 -76.55
N PRO V 175 4.47 -54.19 -77.27
CA PRO V 175 3.06 -54.21 -76.83
C PRO V 175 2.48 -55.61 -76.71
N THR V 176 2.86 -56.53 -77.60
CA THR V 176 2.27 -57.86 -77.57
C THR V 176 2.85 -58.73 -76.47
N GLN V 177 3.99 -58.33 -75.89
CA GLN V 177 4.66 -59.13 -74.87
C GLN V 177 4.31 -58.68 -73.45
N PHE V 178 3.28 -57.85 -73.29
CA PHE V 178 2.93 -57.36 -71.97
C PHE V 178 2.39 -58.49 -71.10
N ASP V 179 2.87 -58.56 -69.86
CA ASP V 179 2.41 -59.55 -68.90
C ASP V 179 2.67 -59.00 -67.51
N PHE V 180 1.61 -58.86 -66.70
CA PHE V 180 1.76 -58.26 -65.39
C PHE V 180 2.62 -59.10 -64.45
N SER V 181 2.73 -60.41 -64.71
CA SER V 181 3.54 -61.25 -63.85
C SER V 181 5.04 -61.05 -64.08
N ASP V 182 5.43 -60.49 -65.22
CA ASP V 182 6.83 -60.25 -65.52
C ASP V 182 7.12 -58.75 -65.49
N PRO V 183 7.87 -58.25 -64.52
CA PRO V 183 8.12 -56.80 -64.45
C PRO V 183 8.83 -56.23 -65.67
N ASP V 184 9.71 -57.00 -66.30
CA ASP V 184 10.52 -56.48 -67.40
C ASP V 184 9.71 -56.20 -68.66
N THR V 185 8.47 -56.70 -68.75
CA THR V 185 7.67 -56.47 -69.95
C THR V 185 7.18 -55.03 -70.03
N TYR V 186 6.87 -54.42 -68.90
CA TYR V 186 6.35 -53.06 -68.86
C TYR V 186 7.40 -52.12 -68.26
N ASN V 187 7.01 -50.85 -68.11
CA ASN V 187 7.92 -49.82 -67.61
C ASN V 187 7.73 -49.57 -66.11
N ARG V 188 6.51 -49.24 -65.70
CA ARG V 188 6.23 -48.86 -64.31
C ARG V 188 4.97 -49.54 -63.83
N SER V 189 4.88 -49.68 -62.51
CA SER V 189 3.70 -50.26 -61.86
C SER V 189 3.41 -49.47 -60.59
N THR V 190 2.15 -49.12 -60.40
CA THR V 190 1.72 -48.36 -59.23
C THR V 190 0.63 -49.13 -58.50
N SER V 191 0.51 -48.88 -57.21
CA SER V 191 -0.47 -49.53 -56.36
C SER V 191 -1.40 -48.49 -55.73
N SER V 192 -2.66 -48.88 -55.57
CA SER V 192 -3.65 -48.01 -54.96
C SER V 192 -4.76 -48.87 -54.35
N THR V 193 -5.55 -48.24 -53.49
CA THR V 193 -6.61 -48.94 -52.77
C THR V 193 -7.97 -48.41 -53.21
N ILE V 194 -8.91 -49.33 -53.43
CA ILE V 194 -10.27 -49.00 -53.83
C ILE V 194 -11.24 -49.69 -52.89
N TYR V 195 -12.47 -49.17 -52.85
CA TYR V 195 -13.50 -49.66 -51.95
C TYR V 195 -14.75 -50.02 -52.74
N ASP V 196 -15.38 -51.13 -52.38
CA ASP V 196 -16.60 -51.59 -53.03
C ASP V 196 -17.81 -51.04 -52.29
N SER V 197 -18.98 -51.62 -52.56
CA SER V 197 -20.20 -51.18 -51.91
C SER V 197 -20.20 -51.49 -50.42
N MET V 198 -19.65 -52.65 -50.03
CA MET V 198 -19.64 -53.08 -48.63
C MET V 198 -18.46 -52.53 -47.85
N GLY V 199 -17.62 -51.69 -48.47
CA GLY V 199 -16.49 -51.12 -47.77
C GLY V 199 -15.23 -51.97 -47.78
N GLN V 200 -15.25 -53.12 -48.45
CA GLN V 200 -14.05 -53.94 -48.55
C GLN V 200 -12.98 -53.22 -49.36
N SER V 201 -11.75 -53.24 -48.87
CA SER V 201 -10.64 -52.59 -49.54
C SER V 201 -9.98 -53.55 -50.51
N TYR V 202 -9.75 -53.09 -51.73
CA TYR V 202 -9.08 -53.88 -52.76
C TYR V 202 -7.87 -53.12 -53.26
N LYS V 203 -6.86 -53.87 -53.68
CA LYS V 203 -5.61 -53.28 -54.18
C LYS V 203 -5.68 -53.18 -55.70
N LEU V 204 -5.56 -51.96 -56.21
CA LEU V 204 -5.60 -51.71 -57.65
C LEU V 204 -4.18 -51.42 -58.12
N THR V 205 -3.72 -52.19 -59.10
CA THR V 205 -2.38 -52.04 -59.65
C THR V 205 -2.48 -51.56 -61.10
N THR V 206 -1.76 -50.48 -61.41
CA THR V 206 -1.76 -49.90 -62.74
C THR V 206 -0.38 -50.08 -63.36
N TYR V 207 -0.34 -50.66 -64.56
CA TYR V 207 0.90 -50.93 -65.26
C TYR V 207 1.01 -49.99 -66.46
N TYR V 208 2.16 -49.30 -66.57
CA TYR V 208 2.42 -48.37 -67.66
C TYR V 208 3.46 -48.95 -68.60
N LEU V 209 3.13 -48.99 -69.89
CA LEU V 209 4.01 -49.54 -70.91
C LEU V 209 4.21 -48.51 -72.02
N LYS V 210 5.45 -48.36 -72.47
CA LYS V 210 5.79 -47.39 -73.50
C LYS V 210 5.78 -48.11 -74.85
N ASP V 211 4.99 -47.59 -75.79
CA ASP V 211 4.87 -48.22 -77.09
C ASP V 211 6.16 -48.08 -77.88
N GLN V 212 6.54 -49.15 -78.58
CA GLN V 212 7.72 -49.15 -79.43
C GLN V 212 7.38 -48.77 -80.87
N THR V 213 6.27 -49.28 -81.41
CA THR V 213 5.93 -49.01 -82.79
C THR V 213 5.60 -47.53 -83.01
N GLN V 214 4.84 -46.93 -82.09
CA GLN V 214 4.41 -45.55 -82.23
C GLN V 214 5.08 -44.68 -81.17
N PRO V 215 5.87 -43.69 -81.56
CA PRO V 215 6.49 -42.81 -80.56
C PRO V 215 5.45 -41.93 -79.87
N ASN V 216 5.78 -41.51 -78.66
CA ASN V 216 4.90 -40.69 -77.82
C ASN V 216 3.56 -41.39 -77.60
N THR V 217 3.60 -42.70 -77.40
CA THR V 217 2.42 -43.50 -77.16
C THR V 217 2.67 -44.43 -75.99
N TRP V 218 1.70 -44.53 -75.08
CA TRP V 218 1.81 -45.35 -73.90
C TRP V 218 0.57 -46.24 -73.77
N ASN V 219 0.78 -47.43 -73.22
CA ASN V 219 -0.30 -48.37 -72.95
C ASN V 219 -0.42 -48.57 -71.45
N THR V 220 -1.66 -48.52 -70.96
CA THR V 220 -1.93 -48.62 -69.54
C THR V 220 -2.86 -49.79 -69.27
N TYR V 221 -2.51 -50.59 -68.26
CA TYR V 221 -3.27 -51.77 -67.89
C TYR V 221 -3.53 -51.75 -66.39
N TYR V 222 -4.63 -52.40 -65.99
CA TYR V 222 -5.06 -52.41 -64.60
C TYR V 222 -5.31 -53.84 -64.14
N THR V 223 -5.00 -54.10 -62.87
CA THR V 223 -5.28 -55.38 -62.25
C THR V 223 -5.83 -55.15 -60.85
N VAL V 224 -6.67 -56.08 -60.40
CA VAL V 224 -7.28 -56.03 -59.07
C VAL V 224 -6.81 -57.25 -58.29
N THR V 225 -6.29 -57.01 -57.09
CA THR V 225 -5.74 -58.06 -56.25
C THR V 225 -6.69 -58.29 -55.06
N ASP V 226 -7.42 -59.40 -55.10
CA ASP V 226 -8.22 -59.84 -53.98
C ASP V 226 -7.50 -60.95 -53.23
N LYS V 227 -8.19 -61.56 -52.27
CA LYS V 227 -7.60 -62.66 -51.51
C LYS V 227 -7.34 -63.88 -52.38
N GLU V 228 -8.19 -64.11 -53.39
CA GLU V 228 -7.98 -65.24 -54.29
C GLU V 228 -6.70 -65.08 -55.09
N GLY V 229 -6.46 -63.88 -55.58
CA GLY V 229 -5.27 -63.62 -56.38
C GLY V 229 -5.41 -62.29 -57.11
N GLU V 230 -4.53 -62.10 -58.10
CA GLU V 230 -4.52 -60.89 -58.91
C GLU V 230 -5.22 -61.20 -60.24
N LYS V 231 -6.31 -60.48 -60.50
CA LYS V 231 -7.09 -60.68 -61.72
C LYS V 231 -7.02 -59.45 -62.59
N PRO V 232 -6.66 -59.58 -63.86
CA PRO V 232 -6.59 -58.42 -64.74
C PRO V 232 -7.97 -57.83 -65.00
N LEU V 233 -7.99 -56.52 -65.19
CA LEU V 233 -9.22 -55.77 -65.44
C LEU V 233 -9.18 -55.22 -66.86
N ASN V 234 -10.27 -55.40 -67.59
CA ASN V 234 -10.36 -54.98 -68.99
C ASN V 234 -11.18 -53.70 -69.10
N VAL V 235 -10.76 -52.82 -70.00
CA VAL V 235 -11.48 -51.59 -70.28
C VAL V 235 -12.57 -51.89 -71.30
N ALA V 236 -13.68 -51.15 -71.22
CA ALA V 236 -14.83 -51.44 -72.07
C ALA V 236 -14.50 -51.29 -73.55
N ALA V 237 -13.81 -50.21 -73.91
CA ALA V 237 -13.49 -49.92 -75.31
C ALA V 237 -12.03 -49.55 -75.49
N GLY V 238 -11.16 -50.12 -74.65
CA GLY V 238 -9.74 -49.82 -74.76
C GLY V 238 -9.13 -50.38 -76.04
N ASP V 239 -8.34 -49.54 -76.71
CA ASP V 239 -7.69 -49.93 -77.96
C ASP V 239 -6.30 -50.50 -77.72
N ALA V 240 -6.20 -51.48 -76.82
CA ALA V 240 -4.93 -52.16 -76.55
C ALA V 240 -5.27 -53.59 -76.11
N GLN V 241 -5.24 -54.51 -77.06
CA GLN V 241 -5.60 -55.90 -76.81
C GLN V 241 -4.35 -56.76 -76.91
N THR V 242 -3.92 -57.30 -75.78
CA THR V 242 -2.81 -58.24 -75.77
C THR V 242 -3.26 -59.58 -76.35
N PRO V 243 -2.32 -60.39 -76.82
CA PRO V 243 -2.70 -61.74 -77.31
C PRO V 243 -3.40 -62.58 -76.26
N THR V 244 -3.05 -62.42 -74.99
CA THR V 244 -3.75 -63.15 -73.93
C THR V 244 -5.22 -62.74 -73.86
N GLY V 245 -5.50 -61.45 -74.02
CA GLY V 245 -6.87 -60.97 -74.01
C GLY V 245 -7.08 -59.76 -73.13
N HIS V 246 -6.06 -59.41 -72.34
CA HIS V 246 -6.15 -58.24 -71.47
C HIS V 246 -6.29 -56.97 -72.30
N VAL V 247 -7.23 -56.12 -71.92
CA VAL V 247 -7.59 -54.92 -72.69
C VAL V 247 -7.15 -53.70 -71.90
N GLY V 248 -6.19 -52.96 -72.43
CA GLY V 248 -5.78 -51.69 -71.89
C GLY V 248 -6.19 -50.53 -72.77
N HIS V 249 -5.70 -49.35 -72.42
CA HIS V 249 -6.02 -48.13 -73.17
C HIS V 249 -4.72 -47.41 -73.51
N THR V 250 -4.76 -46.66 -74.60
CA THR V 250 -3.58 -45.99 -75.13
C THR V 250 -3.60 -44.50 -74.80
N MET V 251 -2.43 -43.97 -74.46
CA MET V 251 -2.26 -42.55 -74.17
C MET V 251 -1.25 -41.96 -75.15
N LYS V 252 -1.59 -40.83 -75.74
CA LYS V 252 -0.76 -40.15 -76.72
C LYS V 252 -0.54 -38.71 -76.29
N PHE V 253 0.62 -38.16 -76.65
CA PHE V 253 1.04 -36.85 -76.20
C PHE V 253 1.49 -35.98 -77.37
N ASN V 254 1.41 -34.67 -77.18
CA ASN V 254 1.75 -33.72 -78.22
C ASN V 254 3.27 -33.57 -78.29
N ASN V 255 3.73 -32.62 -79.11
CA ASN V 255 5.16 -32.38 -79.24
C ASN V 255 5.73 -31.71 -78.00
N ASP V 256 4.95 -30.85 -77.35
CA ASP V 256 5.41 -30.17 -76.13
C ASP V 256 5.29 -31.04 -74.89
N GLY V 257 4.86 -32.30 -75.04
CA GLY V 257 4.74 -33.20 -73.91
C GLY V 257 3.40 -33.18 -73.21
N THR V 258 2.51 -32.27 -73.57
CA THR V 258 1.18 -32.23 -72.96
C THR V 258 0.34 -33.39 -73.50
N LEU V 259 -0.85 -33.54 -72.92
CA LEU V 259 -1.72 -34.65 -73.29
C LEU V 259 -2.39 -34.38 -74.64
N ALA V 260 -2.33 -35.37 -75.53
CA ALA V 260 -2.94 -35.26 -76.85
C ALA V 260 -4.28 -35.97 -76.92
N SER V 261 -4.31 -37.26 -76.61
CA SER V 261 -5.54 -38.03 -76.70
C SER V 261 -5.50 -39.18 -75.71
N LEU V 262 -6.69 -39.64 -75.31
CA LEU V 262 -6.83 -40.75 -74.36
C LEU V 262 -7.82 -41.75 -74.93
N ASN V 263 -7.33 -42.97 -75.17
CA ASN V 263 -8.18 -44.07 -75.63
C ASN V 263 -8.99 -43.67 -76.86
N ASN V 264 -8.32 -43.02 -77.82
CA ASN V 264 -8.93 -42.54 -79.05
C ASN V 264 -10.09 -41.60 -78.78
N GLY V 265 -9.98 -40.77 -77.74
CA GLY V 265 -11.01 -39.81 -77.42
C GLY V 265 -12.22 -40.37 -76.72
N GLN V 266 -12.19 -41.65 -76.34
CA GLN V 266 -13.33 -42.26 -75.66
C GLN V 266 -13.13 -42.24 -74.15
N PRO V 267 -14.21 -42.17 -73.39
CA PRO V 267 -14.08 -42.24 -71.93
C PRO V 267 -13.56 -43.59 -71.48
N ILE V 268 -12.78 -43.59 -70.41
CA ILE V 268 -12.17 -44.80 -69.88
C ILE V 268 -13.09 -45.35 -68.80
N THR V 269 -13.83 -46.42 -69.13
CA THR V 269 -14.70 -47.10 -68.20
C THR V 269 -14.32 -48.57 -68.17
N SER V 270 -14.06 -49.09 -66.98
CA SER V 270 -13.71 -50.51 -66.85
C SER V 270 -14.97 -51.37 -66.85
N VAL V 271 -14.78 -52.66 -67.08
CA VAL V 271 -15.87 -53.62 -67.05
C VAL V 271 -16.28 -53.88 -65.61
N ALA V 272 -17.42 -54.53 -65.42
CA ALA V 272 -17.87 -54.86 -64.07
C ALA V 272 -16.88 -55.80 -63.39
N LEU V 273 -16.58 -55.50 -62.12
CA LEU V 273 -15.56 -56.26 -61.40
C LEU V 273 -15.99 -57.70 -61.17
N GLY V 274 -17.20 -57.90 -60.67
CA GLY V 274 -17.61 -59.23 -60.24
C GLY V 274 -18.70 -59.87 -61.08
N ASP V 275 -18.91 -59.37 -62.30
CA ASP V 275 -19.94 -59.93 -63.17
C ASP V 275 -19.28 -60.82 -64.20
N PRO V 276 -19.48 -62.14 -64.14
CA PRO V 276 -18.88 -63.03 -65.16
C PRO V 276 -19.44 -62.80 -66.55
N ALA V 277 -20.62 -62.18 -66.68
CA ALA V 277 -21.21 -61.96 -67.99
C ALA V 277 -20.44 -60.94 -68.83
N THR V 278 -19.61 -60.11 -68.21
CA THR V 278 -18.82 -59.13 -68.93
C THR V 278 -17.33 -59.17 -68.62
N ASN V 279 -16.89 -59.97 -67.65
CA ASN V 279 -15.49 -60.05 -67.27
C ASN V 279 -15.05 -61.50 -67.34
N THR V 280 -13.91 -61.75 -67.99
CA THR V 280 -13.37 -63.10 -68.08
C THR V 280 -12.75 -63.56 -66.78
N THR V 281 -12.35 -62.63 -65.91
CA THR V 281 -11.79 -62.95 -64.59
C THR V 281 -12.55 -62.13 -63.56
N PRO V 282 -13.75 -62.56 -63.18
CA PRO V 282 -14.57 -61.77 -62.25
C PRO V 282 -13.90 -61.66 -60.89
N VAL V 283 -13.93 -60.45 -60.33
CA VAL V 283 -13.38 -60.22 -59.00
C VAL V 283 -14.31 -60.79 -57.94
N ASP V 284 -13.74 -61.46 -56.95
CA ASP V 284 -14.53 -62.05 -55.87
C ASP V 284 -15.04 -60.96 -54.95
N MET V 285 -16.25 -60.45 -55.23
CA MET V 285 -16.81 -59.36 -54.43
C MET V 285 -17.13 -59.79 -53.01
N ASN V 286 -17.23 -61.10 -52.75
CA ASN V 286 -17.54 -61.62 -51.42
C ASN V 286 -18.83 -61.03 -50.87
N GLY V 287 -19.83 -60.89 -51.74
CA GLY V 287 -21.12 -60.35 -51.37
C GLY V 287 -21.36 -58.91 -51.78
N ALA V 288 -20.33 -58.23 -52.28
CA ALA V 288 -20.50 -56.84 -52.70
C ALA V 288 -21.25 -56.76 -54.02
N ASP V 289 -21.48 -55.53 -54.48
CA ASP V 289 -22.15 -55.33 -55.74
C ASP V 289 -21.22 -55.76 -56.88
N PRO V 290 -21.61 -56.74 -57.70
CA PRO V 290 -20.73 -57.21 -58.77
C PRO V 290 -20.74 -56.32 -60.00
N ALA V 291 -21.67 -55.36 -60.10
CA ALA V 291 -21.79 -54.51 -61.27
C ALA V 291 -21.04 -53.19 -61.10
N GLN V 292 -20.08 -53.11 -60.18
CA GLN V 292 -19.33 -51.88 -59.98
C GLN V 292 -18.48 -51.57 -61.20
N THR V 293 -18.48 -50.30 -61.60
CA THR V 293 -17.69 -49.83 -62.73
C THR V 293 -16.80 -48.68 -62.28
N LEU V 294 -15.64 -48.57 -62.91
CA LEU V 294 -14.65 -47.56 -62.57
C LEU V 294 -14.44 -46.61 -63.75
N ASN V 295 -14.45 -45.31 -63.47
CA ASN V 295 -14.17 -44.28 -64.46
C ASN V 295 -12.83 -43.64 -64.12
N PHE V 296 -11.90 -43.66 -65.07
CA PHE V 296 -10.56 -43.14 -64.87
C PHE V 296 -10.44 -41.79 -65.57
N GLY V 297 -10.01 -40.78 -64.82
CA GLY V 297 -9.76 -39.48 -65.41
C GLY V 297 -8.27 -39.14 -65.41
N LEU V 298 -7.66 -39.13 -66.58
CA LEU V 298 -6.23 -38.89 -66.73
C LEU V 298 -5.99 -37.70 -67.64
N GLY V 299 -6.75 -36.62 -67.45
CA GLY V 299 -6.62 -35.44 -68.28
C GLY V 299 -5.41 -34.59 -67.99
N SER V 300 -4.70 -34.87 -66.89
CA SER V 300 -3.51 -34.12 -66.52
C SER V 300 -2.22 -34.89 -66.77
N ALA V 301 -2.30 -36.02 -67.47
CA ALA V 301 -1.10 -36.83 -67.71
C ALA V 301 -0.13 -36.08 -68.61
N THR V 302 1.15 -36.17 -68.29
CA THR V 302 2.19 -35.50 -69.04
C THR V 302 3.34 -36.46 -69.30
N GLN V 303 4.11 -36.18 -70.34
CA GLN V 303 5.32 -36.93 -70.65
C GLN V 303 6.45 -35.95 -70.88
N PHE V 304 7.34 -35.82 -69.90
CA PHE V 304 8.48 -34.91 -69.97
C PHE V 304 9.76 -35.69 -69.76
N ALA V 305 10.87 -34.96 -69.64
CA ALA V 305 12.16 -35.58 -69.38
C ALA V 305 12.29 -36.04 -67.93
N ALA V 306 11.40 -35.58 -67.04
CA ALA V 306 11.47 -35.98 -65.66
C ALA V 306 11.16 -37.46 -65.50
N PRO V 307 11.71 -38.11 -64.48
CA PRO V 307 11.42 -39.54 -64.26
C PRO V 307 9.96 -39.80 -63.92
N PHE V 308 9.58 -41.06 -63.79
CA PHE V 308 8.20 -41.42 -63.47
C PHE V 308 7.80 -40.85 -62.12
N GLU V 309 6.59 -40.31 -62.04
CA GLU V 309 6.13 -39.65 -60.83
C GLU V 309 4.61 -39.71 -60.76
N LEU V 310 4.09 -40.08 -59.59
CA LEU V 310 2.66 -40.07 -59.33
C LEU V 310 2.34 -38.73 -58.65
N THR V 311 1.99 -37.74 -59.46
CA THR V 311 1.82 -36.39 -58.94
C THR V 311 0.54 -36.27 -58.11
N LYS V 312 -0.56 -36.85 -58.59
CA LYS V 312 -1.86 -36.66 -57.95
C LYS V 312 -2.67 -37.93 -58.07
N PHE V 313 -3.30 -38.34 -56.97
CA PHE V 313 -4.21 -39.48 -56.97
C PHE V 313 -5.41 -39.13 -56.10
N ASP V 314 -6.60 -39.16 -56.71
CA ASP V 314 -7.83 -38.84 -56.01
C ASP V 314 -8.90 -39.84 -56.40
N GLU V 315 -9.73 -40.23 -55.44
CA GLU V 315 -10.86 -41.13 -55.67
C GLU V 315 -12.08 -40.59 -54.93
N ASP V 316 -13.21 -41.26 -55.14
CA ASP V 316 -14.46 -40.90 -54.48
C ASP V 316 -14.96 -42.00 -53.55
N GLY V 317 -14.13 -42.99 -53.26
CA GLY V 317 -14.52 -44.04 -52.35
C GLY V 317 -14.52 -43.60 -50.91
N ALA V 318 -15.23 -44.35 -50.08
CA ALA V 318 -15.35 -44.02 -48.67
C ALA V 318 -15.73 -45.27 -47.90
N THR V 319 -15.53 -45.21 -46.59
CA THR V 319 -15.83 -46.31 -45.70
C THR V 319 -16.55 -45.76 -44.46
N THR V 320 -16.97 -46.67 -43.58
CA THR V 320 -17.65 -46.27 -42.36
C THR V 320 -16.71 -45.42 -41.50
N GLY V 321 -17.31 -44.47 -40.78
CA GLY V 321 -16.51 -43.57 -39.97
C GLY V 321 -17.31 -42.99 -38.82
N PHE V 322 -16.60 -42.28 -37.95
CA PHE V 322 -17.17 -41.68 -36.76
C PHE V 322 -16.95 -40.19 -36.78
N LEU V 323 -17.98 -39.44 -36.39
CA LEU V 323 -17.90 -37.99 -36.35
C LEU V 323 -16.74 -37.55 -35.47
N THR V 324 -15.78 -36.85 -36.07
CA THR V 324 -14.55 -36.45 -35.39
C THR V 324 -14.56 -35.00 -34.92
N LYS V 325 -15.02 -34.08 -35.76
CA LYS V 325 -15.11 -32.69 -35.35
C LYS V 325 -16.18 -31.99 -36.18
N VAL V 326 -16.66 -30.86 -35.66
CA VAL V 326 -17.68 -30.05 -36.32
C VAL V 326 -17.25 -28.58 -36.23
N ASP V 327 -17.32 -27.88 -37.36
CA ASP V 327 -17.01 -26.46 -37.40
C ASP V 327 -17.96 -25.76 -38.36
N PHE V 328 -18.01 -24.43 -38.24
CA PHE V 328 -18.91 -23.60 -39.01
C PHE V 328 -18.09 -22.59 -39.81
N ASP V 329 -18.41 -22.45 -41.10
CA ASP V 329 -17.76 -21.45 -41.93
C ASP V 329 -18.58 -20.17 -41.96
N GLU V 330 -18.04 -19.15 -42.63
CA GLU V 330 -18.71 -17.85 -42.69
C GLU V 330 -20.03 -17.93 -43.46
N ASN V 331 -20.14 -18.88 -44.40
CA ASN V 331 -21.38 -19.03 -45.16
C ASN V 331 -22.50 -19.66 -44.33
N GLY V 332 -22.20 -20.12 -43.12
CA GLY V 332 -23.18 -20.79 -42.30
C GLY V 332 -23.26 -22.29 -42.50
N SER V 333 -22.52 -22.83 -43.46
CA SER V 333 -22.50 -24.27 -43.67
C SER V 333 -21.81 -24.96 -42.51
N VAL V 334 -22.46 -25.98 -41.96
CA VAL V 334 -21.90 -26.75 -40.86
C VAL V 334 -21.22 -27.97 -41.45
N MET V 335 -19.90 -28.02 -41.33
CA MET V 335 -19.11 -29.11 -41.89
C MET V 335 -18.61 -30.02 -40.79
N GLY V 336 -18.56 -31.32 -41.09
CA GLY V 336 -18.08 -32.30 -40.15
C GLY V 336 -17.20 -33.33 -40.81
N THR V 337 -16.04 -33.61 -40.20
CA THR V 337 -15.10 -34.58 -40.73
C THR V 337 -15.22 -35.87 -39.94
N TYR V 338 -15.16 -36.98 -40.65
CA TYR V 338 -15.32 -38.30 -40.05
C TYR V 338 -13.98 -39.04 -40.08
N SER V 339 -13.97 -40.24 -39.51
CA SER V 339 -12.75 -41.02 -39.44
C SER V 339 -12.29 -41.46 -40.83
N ASN V 340 -13.22 -41.69 -41.75
CA ASN V 340 -12.86 -42.07 -43.11
C ASN V 340 -12.11 -40.95 -43.81
N GLY V 341 -12.52 -39.70 -43.57
CA GLY V 341 -11.87 -38.54 -44.15
C GLY V 341 -12.76 -37.62 -44.95
N GLU V 342 -13.96 -38.06 -45.33
CA GLU V 342 -14.85 -37.21 -46.12
C GLU V 342 -15.31 -36.00 -45.31
N ASN V 343 -15.24 -34.82 -45.93
CA ASN V 343 -15.68 -33.59 -45.29
C ASN V 343 -17.14 -33.34 -45.66
N VAL V 344 -18.01 -34.15 -45.05
CA VAL V 344 -19.43 -34.10 -45.35
C VAL V 344 -20.02 -32.80 -44.81
N THR V 345 -20.79 -32.11 -45.65
CA THR V 345 -21.47 -30.88 -45.25
C THR V 345 -22.87 -31.24 -44.78
N LEU V 346 -23.11 -31.08 -43.46
CA LEU V 346 -24.40 -31.47 -42.90
C LEU V 346 -25.52 -30.57 -43.40
N GLY V 347 -25.23 -29.29 -43.60
CA GLY V 347 -26.24 -28.38 -44.10
C GLY V 347 -25.83 -26.94 -43.89
N ARG V 348 -26.80 -26.05 -44.06
CA ARG V 348 -26.62 -24.63 -43.81
C ARG V 348 -27.59 -24.18 -42.72
N VAL V 349 -27.34 -22.99 -42.18
CA VAL V 349 -28.17 -22.41 -41.14
C VAL V 349 -29.06 -21.36 -41.80
N ALA V 350 -30.37 -21.54 -41.69
CA ALA V 350 -31.30 -20.63 -42.32
C ALA V 350 -31.26 -19.26 -41.66
N LEU V 351 -31.42 -18.22 -42.47
CA LEU V 351 -31.50 -16.85 -42.00
C LEU V 351 -32.76 -16.21 -42.56
N VAL V 352 -33.44 -15.42 -41.73
CA VAL V 352 -34.70 -14.81 -42.10
C VAL V 352 -34.59 -13.31 -41.92
N ARG V 353 -35.08 -12.57 -42.91
CA ARG V 353 -35.13 -11.12 -42.88
C ARG V 353 -36.53 -10.67 -43.26
N VAL V 354 -37.04 -9.67 -42.55
CA VAL V 354 -38.36 -9.11 -42.87
C VAL V 354 -38.16 -7.66 -43.32
N PRO V 355 -39.00 -7.16 -44.24
CA PRO V 355 -38.82 -5.76 -44.68
C PRO V 355 -39.00 -4.75 -43.55
N ASN V 356 -39.91 -5.01 -42.62
CA ASN V 356 -40.21 -4.10 -41.51
C ASN V 356 -39.96 -4.85 -40.21
N GLU V 357 -38.81 -4.61 -39.59
CA GLU V 357 -38.51 -5.25 -38.32
C GLU V 357 -39.26 -4.62 -37.15
N GLN V 358 -39.70 -3.37 -37.30
CA GLN V 358 -40.43 -2.69 -36.23
C GLN V 358 -41.84 -3.23 -36.02
N GLY V 359 -42.33 -4.10 -36.92
CA GLY V 359 -43.69 -4.56 -36.83
C GLY V 359 -43.82 -6.01 -36.38
N LEU V 360 -42.69 -6.66 -36.13
CA LEU V 360 -42.71 -8.01 -35.61
C LEU V 360 -43.40 -8.04 -34.26
N ASP V 361 -44.30 -9.01 -34.07
CA ASP V 361 -44.92 -9.21 -32.77
C ASP V 361 -43.96 -10.02 -31.90
N LYS V 362 -43.95 -9.68 -30.61
CA LYS V 362 -42.94 -10.20 -29.69
C LYS V 362 -43.53 -11.37 -28.90
N LYS V 363 -42.98 -12.56 -29.12
CA LYS V 363 -43.33 -13.72 -28.33
C LYS V 363 -42.40 -13.82 -27.13
N GLY V 364 -42.54 -14.87 -26.35
CA GLY V 364 -41.66 -15.07 -25.22
C GLY V 364 -40.29 -15.56 -25.62
N GLY V 365 -39.35 -15.45 -24.69
CA GLY V 365 -38.01 -15.96 -24.90
C GLY V 365 -37.24 -15.25 -25.99
N THR V 366 -37.37 -13.93 -26.09
CA THR V 366 -36.65 -13.11 -27.06
C THR V 366 -36.83 -13.66 -28.48
N GLN V 367 -38.09 -13.90 -28.84
CA GLN V 367 -38.43 -14.44 -30.14
C GLN V 367 -39.52 -13.59 -30.78
N TRP V 368 -39.48 -13.53 -32.11
CA TRP V 368 -40.43 -12.73 -32.87
C TRP V 368 -41.07 -13.58 -33.96
N ASP V 369 -42.24 -13.14 -34.40
CA ASP V 369 -42.99 -13.80 -35.45
C ASP V 369 -43.43 -12.74 -36.47
N SER V 370 -43.79 -13.20 -37.66
CA SER V 370 -44.15 -12.32 -38.76
C SER V 370 -45.63 -12.02 -38.72
N THR V 371 -45.98 -10.74 -38.71
CA THR V 371 -47.38 -10.30 -38.74
C THR V 371 -47.67 -9.55 -40.03
N GLN V 372 -48.88 -9.00 -40.12
CA GLN V 372 -49.28 -8.24 -41.29
C GLN V 372 -48.41 -7.00 -41.49
N PHE V 373 -48.17 -6.26 -40.40
CA PHE V 373 -47.38 -5.03 -40.51
C PHE V 373 -45.94 -5.33 -40.89
N SER V 374 -45.37 -6.41 -40.33
CA SER V 374 -43.98 -6.75 -40.62
C SER V 374 -43.78 -7.10 -42.09
N GLY V 375 -44.73 -7.83 -42.68
CA GLY V 375 -44.61 -8.30 -44.05
C GLY V 375 -44.63 -9.81 -44.10
N ASP V 376 -43.71 -10.38 -44.87
CA ASP V 376 -43.54 -11.82 -44.96
C ASP V 376 -42.08 -12.18 -44.80
N LYS V 377 -41.83 -13.35 -44.20
CA LYS V 377 -40.47 -13.81 -43.98
C LYS V 377 -39.77 -14.03 -45.31
N ILE V 378 -38.59 -13.45 -45.45
CA ILE V 378 -37.78 -13.60 -46.65
C ILE V 378 -36.59 -14.49 -46.31
N TRP V 379 -36.56 -15.68 -46.91
CA TRP V 379 -35.54 -16.67 -46.59
C TRP V 379 -34.30 -16.44 -47.46
N GLY V 380 -33.14 -16.77 -46.89
CA GLY V 380 -31.89 -16.59 -47.60
C GLY V 380 -30.76 -17.23 -46.82
N GLU V 381 -29.59 -17.23 -47.44
CA GLU V 381 -28.39 -17.81 -46.84
C GLU V 381 -27.63 -16.75 -46.05
N SER V 382 -26.43 -17.10 -45.61
CA SER V 382 -25.57 -16.18 -44.88
C SER V 382 -24.61 -15.50 -45.85
N ASN V 383 -24.42 -14.19 -45.66
CA ASN V 383 -23.52 -13.40 -46.49
C ASN V 383 -23.91 -13.49 -47.97
N LYS V 384 -25.21 -13.42 -48.23
CA LYS V 384 -25.75 -13.44 -49.58
C LYS V 384 -26.83 -12.39 -49.70
N GLY V 385 -26.75 -11.58 -50.75
CA GLY V 385 -27.72 -10.50 -50.92
C GLY V 385 -27.56 -9.48 -49.82
N SER V 386 -28.65 -9.19 -49.12
CA SER V 386 -28.66 -8.18 -48.06
C SER V 386 -28.50 -8.76 -46.67
N PHE V 387 -28.28 -10.07 -46.55
CA PHE V 387 -28.12 -10.69 -45.25
C PHE V 387 -26.72 -10.45 -44.69
N GLY V 388 -26.58 -10.67 -43.39
CA GLY V 388 -25.30 -10.55 -42.72
C GLY V 388 -24.55 -11.87 -42.70
N THR V 389 -23.57 -11.94 -41.82
CA THR V 389 -22.74 -13.12 -41.67
C THR V 389 -23.05 -13.84 -40.36
N ILE V 390 -22.59 -15.09 -40.27
CA ILE V 390 -22.77 -15.91 -39.08
C ILE V 390 -21.40 -16.24 -38.51
N ASN V 391 -21.20 -15.94 -37.24
CA ASN V 391 -19.95 -16.19 -36.55
C ASN V 391 -20.19 -17.14 -35.39
N ASN V 392 -19.38 -18.19 -35.30
CA ASN V 392 -19.46 -19.12 -34.18
C ASN V 392 -18.59 -18.64 -33.02
N GLY V 393 -18.97 -19.07 -31.83
CA GLY V 393 -18.25 -18.68 -30.63
C GLY V 393 -18.59 -17.31 -30.08
N MET V 394 -19.66 -16.68 -30.56
CA MET V 394 -20.06 -15.37 -30.10
C MET V 394 -21.55 -15.37 -29.80
N LEU V 395 -21.97 -14.42 -28.97
CA LEU V 395 -23.37 -14.26 -28.59
C LEU V 395 -23.71 -12.79 -28.57
N GLU V 396 -25.00 -12.48 -28.70
CA GLU V 396 -25.48 -11.11 -28.70
C GLU V 396 -25.95 -10.73 -27.31
N GLN V 397 -25.48 -9.58 -26.83
CA GLN V 397 -25.98 -9.00 -25.59
C GLN V 397 -27.12 -8.03 -25.91
N SER V 398 -27.74 -7.48 -24.87
CA SER V 398 -28.78 -6.50 -25.08
C SER V 398 -28.18 -5.21 -25.64
N ASN V 399 -28.90 -4.62 -26.58
CA ASN V 399 -28.42 -3.41 -27.26
C ASN V 399 -28.88 -2.16 -26.50
N ILE V 400 -28.52 -2.11 -25.21
CA ILE V 400 -28.94 -1.03 -24.34
C ILE V 400 -27.70 -0.37 -23.76
N ASP V 401 -27.88 0.86 -23.29
CA ASP V 401 -26.84 1.64 -22.64
C ASP V 401 -27.35 2.03 -21.25
N MET V 402 -26.64 1.57 -20.22
CA MET V 402 -27.12 1.79 -18.85
C MET V 402 -27.20 3.27 -18.52
N THR V 403 -26.22 4.06 -18.96
CA THR V 403 -26.23 5.48 -18.68
C THR V 403 -27.50 6.14 -19.21
N GLN V 404 -27.83 5.88 -20.48
CA GLN V 404 -29.02 6.50 -21.06
C GLN V 404 -30.28 6.02 -20.35
N GLU V 405 -30.33 4.74 -20.00
CA GLU V 405 -31.52 4.22 -19.32
C GLU V 405 -31.71 4.90 -17.97
N LEU V 406 -30.62 5.07 -17.21
CA LEU V 406 -30.73 5.72 -15.90
C LEU V 406 -31.14 7.19 -16.05
N VAL V 407 -30.58 7.89 -17.03
CA VAL V 407 -30.95 9.29 -17.25
C VAL V 407 -32.42 9.39 -17.63
N ASP V 408 -32.89 8.49 -18.50
CA ASP V 408 -34.30 8.47 -18.86
C ASP V 408 -35.17 8.15 -17.66
N LEU V 409 -34.70 7.29 -16.77
CA LEU V 409 -35.43 6.99 -15.54
C LEU V 409 -35.61 8.25 -14.71
N ILE V 410 -34.54 9.01 -14.54
CA ILE V 410 -34.61 10.26 -13.78
C ILE V 410 -35.59 11.23 -14.43
N SER V 411 -35.50 11.37 -15.75
CA SER V 411 -36.37 12.31 -16.46
C SER V 411 -37.84 11.90 -16.35
N ALA V 412 -38.12 10.59 -16.46
CA ALA V 412 -39.49 10.11 -16.35
C ALA V 412 -40.03 10.34 -14.95
N GLN V 413 -39.20 10.13 -13.93
CA GLN V 413 -39.62 10.42 -12.57
C GLN V 413 -39.96 11.90 -12.40
N ARG V 414 -39.13 12.78 -12.97
CA ARG V 414 -39.40 14.20 -12.88
C ARG V 414 -40.72 14.57 -13.56
N ASN V 415 -40.97 14.00 -14.75
CA ASN V 415 -42.23 14.28 -15.45
C ASN V 415 -43.43 13.75 -14.66
N PHE V 416 -43.28 12.58 -14.06
CA PHE V 416 -44.36 12.02 -13.25
C PHE V 416 -44.66 12.91 -12.05
N GLN V 417 -43.62 13.43 -11.40
CA GLN V 417 -43.83 14.35 -10.29
C GLN V 417 -44.53 15.62 -10.75
N ALA V 418 -44.14 16.15 -11.92
CA ALA V 418 -44.79 17.36 -12.43
C ALA V 418 -46.27 17.12 -12.70
N ASN V 419 -46.59 15.98 -13.33
CA ASN V 419 -47.99 15.69 -13.62
C ASN V 419 -48.79 15.48 -12.34
N SER V 420 -48.20 14.82 -11.35
CA SER V 420 -48.88 14.66 -10.06
C SER V 420 -49.14 16.00 -9.42
N ARG V 421 -48.18 16.93 -9.52
CA ARG V 421 -48.39 18.28 -9.01
C ARG V 421 -49.56 18.96 -9.70
N SER V 422 -49.64 18.82 -11.03
CA SER V 422 -50.76 19.42 -11.75
C SER V 422 -52.09 18.84 -11.30
N LEU V 423 -52.15 17.52 -11.14
CA LEU V 423 -53.39 16.89 -10.68
C LEU V 423 -53.76 17.37 -9.29
N GLU V 424 -52.77 17.51 -8.41
CA GLU V 424 -53.03 18.02 -7.07
C GLU V 424 -53.58 19.44 -7.13
N VAL V 425 -53.05 20.27 -8.02
CA VAL V 425 -53.56 21.63 -8.16
C VAL V 425 -55.01 21.62 -8.62
N HIS V 426 -55.34 20.75 -9.58
CA HIS V 426 -56.72 20.64 -10.04
C HIS V 426 -57.65 20.25 -8.89
N ASN V 427 -57.24 19.24 -8.12
CA ASN V 427 -58.07 18.80 -7.00
C ASN V 427 -58.22 19.90 -5.95
N GLN V 428 -57.16 20.65 -5.69
CA GLN V 428 -57.25 21.75 -4.73
C GLN V 428 -58.21 22.83 -5.22
N LEU V 429 -58.18 23.13 -6.52
CA LEU V 429 -59.12 24.11 -7.06
C LEU V 429 -60.55 23.63 -6.89
N GLN V 430 -60.81 22.35 -7.19
CA GLN V 430 -62.16 21.83 -7.04
C GLN V 430 -62.62 21.87 -5.59
N GLN V 431 -61.74 21.48 -4.66
CA GLN V 431 -62.09 21.51 -3.26
C GLN V 431 -62.32 22.93 -2.76
N ASN V 432 -61.55 23.90 -3.27
CA ASN V 432 -61.80 25.29 -2.91
C ASN V 432 -63.16 25.75 -3.40
N ILE V 433 -63.54 25.35 -4.61
CA ILE V 433 -64.87 25.69 -5.10
C ILE V 433 -65.94 25.05 -4.24
N LEU V 434 -65.70 23.82 -3.78
CA LEU V 434 -66.69 23.11 -2.98
C LEU V 434 -67.06 23.86 -1.71
N GLN V 435 -66.12 24.59 -1.12
CA GLN V 435 -66.33 25.24 0.17
C GLN V 435 -66.83 26.68 -0.01
N ILE V 436 -68.00 26.79 -0.64
CA ILE V 436 -68.63 28.09 -0.86
C ILE V 436 -70.08 28.05 -0.41
N SER W 2 -65.95 -0.04 4.09
CA SER W 2 -64.82 0.19 4.98
C SER W 2 -64.23 -1.12 5.48
N TYR W 3 -65.09 -2.13 5.64
CA TYR W 3 -64.62 -3.43 6.09
C TYR W 3 -63.70 -4.08 5.07
N VAL W 4 -63.88 -3.78 3.78
CA VAL W 4 -62.95 -4.26 2.78
C VAL W 4 -61.55 -3.69 3.03
N SER W 5 -61.48 -2.39 3.35
CA SER W 5 -60.20 -1.78 3.65
C SER W 5 -59.59 -2.39 4.91
N LEU W 6 -60.41 -2.70 5.90
CA LEU W 6 -59.91 -3.34 7.11
C LEU W 6 -59.37 -4.73 6.81
N SER W 7 -60.05 -5.47 5.93
CA SER W 7 -59.56 -6.77 5.51
C SER W 7 -58.23 -6.65 4.79
N GLY W 8 -58.09 -5.64 3.92
CA GLY W 8 -56.82 -5.41 3.26
C GLY W 8 -55.71 -5.09 4.24
N LEU W 9 -56.00 -4.25 5.23
CA LEU W 9 -55.02 -3.95 6.27
C LEU W 9 -54.62 -5.19 7.03
N SER W 10 -55.60 -6.03 7.37
CA SER W 10 -55.30 -7.26 8.10
C SER W 10 -54.42 -8.19 7.28
N ALA W 11 -54.72 -8.33 5.98
CA ALA W 11 -53.90 -9.18 5.13
C ALA W 11 -52.48 -8.63 5.01
N ALA W 12 -52.34 -7.31 4.83
CA ALA W 12 -51.01 -6.73 4.74
C ALA W 12 -50.24 -6.93 6.03
N GLN W 13 -50.90 -6.77 7.18
CA GLN W 13 -50.22 -6.96 8.45
C GLN W 13 -49.85 -8.42 8.67
N LEU W 14 -50.68 -9.36 8.22
CA LEU W 14 -50.31 -10.77 8.30
C LEU W 14 -49.09 -11.07 7.46
N ASP W 15 -49.03 -10.53 6.25
CA ASP W 15 -47.84 -10.73 5.42
C ASP W 15 -46.61 -10.10 6.07
N LEU W 16 -46.79 -8.93 6.68
CA LEU W 16 -45.70 -8.27 7.39
C LEU W 16 -45.19 -9.14 8.52
N ASN W 17 -46.10 -9.73 9.29
CA ASN W 17 -45.71 -10.58 10.41
C ASN W 17 -45.00 -11.84 9.92
N THR W 18 -45.48 -12.43 8.82
CA THR W 18 -44.82 -13.61 8.27
C THR W 18 -43.40 -13.28 7.82
N THR W 19 -43.24 -12.14 7.13
CA THR W 19 -41.92 -11.73 6.70
C THR W 19 -41.01 -11.44 7.88
N SER W 20 -41.56 -10.82 8.93
CA SER W 20 -40.78 -10.53 10.13
C SER W 20 -40.31 -11.83 10.78
N ASN W 21 -41.20 -12.83 10.85
CA ASN W 21 -40.80 -14.12 11.42
C ASN W 21 -39.70 -14.77 10.59
N ASN W 22 -39.84 -14.72 9.26
CA ASN W 22 -38.82 -15.29 8.39
C ASN W 22 -37.47 -14.60 8.61
N ILE W 23 -37.48 -13.27 8.72
CA ILE W 23 -36.23 -12.55 8.94
C ILE W 23 -35.65 -12.87 10.30
N ALA W 24 -36.49 -12.94 11.33
CA ALA W 24 -36.01 -13.20 12.68
C ALA W 24 -35.38 -14.58 12.79
N ASN W 25 -35.95 -15.56 12.09
CA ASN W 25 -35.42 -16.93 12.15
C ASN W 25 -34.29 -17.17 11.15
N ALA W 26 -33.58 -16.12 10.74
CA ALA W 26 -32.53 -16.28 9.73
C ALA W 26 -31.38 -17.16 10.18
N ASN W 27 -31.16 -17.31 11.48
CA ASN W 27 -30.05 -18.09 11.99
C ASN W 27 -30.47 -19.39 12.65
N THR W 28 -31.77 -19.62 12.84
CA THR W 28 -32.23 -20.86 13.46
C THR W 28 -31.90 -22.05 12.57
N TYR W 29 -31.38 -23.12 13.20
CA TYR W 29 -30.98 -24.31 12.47
C TYR W 29 -32.22 -25.11 12.08
N GLY W 30 -32.29 -25.50 10.81
CA GLY W 30 -33.36 -26.35 10.35
C GLY W 30 -34.69 -25.65 10.11
N PHE W 31 -34.74 -24.33 10.21
CA PHE W 31 -35.99 -23.61 10.02
C PHE W 31 -36.41 -23.65 8.55
N LYS W 32 -37.73 -23.68 8.35
CA LYS W 32 -38.32 -23.62 7.02
C LYS W 32 -39.19 -22.38 6.93
N GLU W 33 -38.99 -21.58 5.89
CA GLU W 33 -39.68 -20.31 5.77
C GLU W 33 -41.17 -20.53 5.55
N SER W 34 -41.93 -19.45 5.71
CA SER W 34 -43.38 -19.48 5.55
C SER W 34 -43.79 -18.44 4.53
N ARG W 35 -44.84 -18.77 3.79
CA ARG W 35 -45.38 -17.88 2.75
C ARG W 35 -46.87 -17.68 3.00
N ALA W 36 -47.32 -16.44 2.88
CA ALA W 36 -48.71 -16.09 3.14
C ALA W 36 -49.45 -16.02 1.82
N GLU W 37 -50.53 -16.81 1.71
CA GLU W 37 -51.35 -16.86 0.52
C GLU W 37 -52.77 -16.43 0.88
N PHE W 38 -53.38 -15.61 0.03
CA PHE W 38 -54.67 -15.01 0.32
C PHE W 38 -55.68 -15.40 -0.75
N ALA W 39 -56.94 -15.06 -0.50
CA ALA W 39 -58.02 -15.43 -1.40
C ALA W 39 -59.08 -14.33 -1.38
N ASP W 40 -59.84 -14.27 -2.47
CA ASP W 40 -60.89 -13.28 -2.60
C ASP W 40 -62.12 -13.69 -1.78
N VAL W 41 -62.96 -12.69 -1.49
CA VAL W 41 -64.21 -12.90 -0.77
C VAL W 41 -65.35 -12.45 -1.66
N TYR W 42 -66.40 -13.26 -1.71
CA TYR W 42 -67.59 -12.89 -2.48
C TYR W 42 -68.80 -13.59 -1.86
N SER W 43 -69.89 -12.85 -1.73
CA SER W 43 -71.10 -13.39 -1.16
C SER W 43 -71.76 -14.38 -2.11
N ASN W 44 -72.52 -15.31 -1.54
CA ASN W 44 -73.26 -16.33 -2.28
C ASN W 44 -74.71 -16.33 -1.85
N SER W 45 -75.32 -15.15 -1.79
CA SER W 45 -76.72 -15.04 -1.40
C SER W 45 -77.61 -15.75 -2.42
N LEU W 46 -78.77 -16.21 -1.93
CA LEU W 46 -79.72 -16.89 -2.80
C LEU W 46 -80.21 -15.97 -3.90
N PHE W 47 -80.45 -14.70 -3.56
CA PHE W 47 -80.85 -13.68 -4.52
C PHE W 47 -79.74 -12.64 -4.60
N THR W 48 -78.83 -12.86 -5.56
CA THR W 48 -77.65 -12.03 -5.74
C THR W 48 -77.75 -11.27 -7.06
N ASN W 49 -77.45 -9.96 -7.02
CA ASN W 49 -77.41 -9.18 -8.26
C ASN W 49 -76.14 -9.49 -9.06
N ALA W 50 -75.05 -9.86 -8.39
CA ALA W 50 -73.79 -10.22 -9.03
C ALA W 50 -73.21 -9.08 -9.85
N LYS W 51 -73.91 -8.66 -10.90
CA LYS W 51 -73.41 -7.57 -11.74
C LYS W 51 -73.31 -6.27 -10.97
N THR W 52 -74.27 -6.01 -10.07
CA THR W 52 -74.34 -4.75 -9.34
C THR W 52 -73.76 -4.86 -7.93
N THR W 53 -73.10 -5.97 -7.61
CA THR W 53 -72.53 -6.17 -6.28
C THR W 53 -71.02 -6.19 -6.36
N PRO W 54 -70.33 -5.32 -5.63
CA PRO W 54 -68.87 -5.33 -5.66
C PRO W 54 -68.27 -6.49 -4.87
N GLY W 55 -66.96 -6.52 -4.74
CA GLY W 55 -66.30 -7.58 -4.00
C GLY W 55 -66.51 -7.44 -2.51
N GLY W 56 -65.95 -8.41 -1.77
CA GLY W 56 -66.11 -8.45 -0.34
C GLY W 56 -64.80 -8.40 0.42
N GLY W 57 -63.74 -7.97 -0.25
CA GLY W 57 -62.45 -7.83 0.40
C GLY W 57 -61.48 -8.95 0.13
N ALA W 58 -60.57 -9.19 1.06
CA ALA W 58 -59.56 -10.23 0.93
C ALA W 58 -59.50 -11.03 2.22
N GLN W 59 -59.42 -12.35 2.09
CA GLN W 59 -59.38 -13.26 3.23
C GLN W 59 -58.09 -14.07 3.19
N ALA W 60 -57.45 -14.22 4.34
CA ALA W 60 -56.26 -15.05 4.43
C ALA W 60 -56.64 -16.52 4.19
N SER W 61 -55.91 -17.16 3.28
CA SER W 61 -56.19 -18.55 2.94
C SER W 61 -55.38 -19.51 3.82
N GLN W 62 -54.05 -19.39 3.77
CA GLN W 62 -53.19 -20.25 4.56
C GLN W 62 -51.80 -19.63 4.64
N VAL W 63 -51.06 -20.01 5.67
CA VAL W 63 -49.65 -19.68 5.77
C VAL W 63 -48.87 -20.94 5.39
N ALA W 64 -48.23 -20.92 4.24
CA ALA W 64 -47.53 -22.09 3.74
C ALA W 64 -46.27 -22.35 4.56
N GLN W 65 -45.68 -23.50 4.33
CA GLN W 65 -44.50 -23.99 5.04
C GLN W 65 -43.48 -24.53 4.07
N GLN W 66 -43.14 -23.73 3.05
CA GLN W 66 -42.24 -24.12 1.98
C GLN W 66 -41.06 -24.93 2.51
N PHE W 67 -40.90 -26.14 1.98
CA PHE W 67 -39.97 -27.13 2.52
C PHE W 67 -38.80 -27.38 1.57
N HIS W 68 -38.44 -26.38 0.76
CA HIS W 68 -37.31 -26.55 -0.14
C HIS W 68 -36.01 -26.62 0.64
N GLU W 69 -35.06 -27.40 0.14
CA GLU W 69 -33.82 -27.64 0.85
C GLU W 69 -33.07 -26.34 1.12
N GLY W 70 -32.61 -26.18 2.37
CA GLY W 70 -31.83 -25.02 2.74
C GLY W 70 -30.35 -25.25 2.55
N SER W 71 -29.58 -24.18 2.75
CA SER W 71 -28.14 -24.27 2.62
C SER W 71 -27.54 -25.05 3.79
N SER W 72 -26.31 -25.50 3.60
CA SER W 72 -25.61 -26.31 4.58
C SER W 72 -24.34 -25.61 5.00
N ILE W 73 -24.07 -25.60 6.30
CA ILE W 73 -22.84 -25.06 6.85
C ILE W 73 -22.01 -26.21 7.40
N TYR W 74 -20.70 -26.02 7.40
CA TYR W 74 -19.77 -27.05 7.83
C TYR W 74 -19.12 -26.62 9.14
N THR W 75 -19.28 -27.45 10.17
CA THR W 75 -18.71 -27.16 11.49
C THR W 75 -17.60 -28.11 11.88
N ASN W 76 -17.33 -29.14 11.07
CA ASN W 76 -16.32 -30.15 11.35
C ASN W 76 -16.57 -30.85 12.68
N ASN W 77 -17.83 -30.90 13.11
CA ASN W 77 -18.20 -31.60 14.33
C ASN W 77 -19.03 -32.80 13.95
N PRO W 78 -18.49 -34.03 13.99
CA PRO W 78 -19.23 -35.19 13.46
C PRO W 78 -20.52 -35.48 14.21
N MET W 79 -20.70 -34.96 15.42
CA MET W 79 -21.97 -35.12 16.13
C MET W 79 -23.09 -34.30 15.50
N ASP W 80 -22.78 -33.42 14.56
CA ASP W 80 -23.78 -32.66 13.83
C ASP W 80 -24.23 -33.45 12.61
N LEU W 81 -25.54 -33.57 12.42
CA LEU W 81 -26.11 -34.37 11.35
C LEU W 81 -27.02 -33.53 10.49
N ARG W 82 -27.06 -33.86 9.19
CA ARG W 82 -27.89 -33.17 8.22
C ARG W 82 -28.52 -34.16 7.28
N VAL W 83 -29.81 -33.97 7.00
CA VAL W 83 -30.55 -34.83 6.07
C VAL W 83 -30.54 -34.14 4.72
N SER W 84 -29.82 -34.72 3.76
CA SER W 84 -29.79 -34.21 2.40
C SER W 84 -30.83 -34.95 1.57
N GLY W 85 -31.84 -34.23 1.10
CA GLY W 85 -32.90 -34.85 0.32
C GLY W 85 -34.24 -34.80 1.02
N THR W 86 -34.96 -35.91 1.04
CA THR W 86 -36.26 -36.00 1.69
C THR W 86 -36.16 -36.85 2.94
N GLY W 87 -36.67 -36.34 4.05
CA GLY W 87 -36.66 -37.08 5.30
C GLY W 87 -36.43 -36.13 6.47
N PHE W 88 -36.93 -36.54 7.64
CA PHE W 88 -36.77 -35.79 8.87
C PHE W 88 -36.20 -36.69 9.96
N PHE W 89 -35.44 -36.09 10.87
CA PHE W 89 -35.04 -36.79 12.07
C PHE W 89 -36.22 -36.97 12.99
N ALA W 90 -36.19 -38.05 13.79
CA ALA W 90 -37.23 -38.35 14.76
C ALA W 90 -36.65 -38.28 16.15
N VAL W 91 -37.26 -37.48 17.02
CA VAL W 91 -36.81 -37.30 18.39
C VAL W 91 -37.97 -37.55 19.34
N ALA W 92 -37.70 -38.25 20.44
CA ALA W 92 -38.70 -38.60 21.42
C ALA W 92 -38.50 -37.78 22.69
N LYS W 93 -39.61 -37.35 23.28
CA LYS W 93 -39.54 -36.51 24.48
C LYS W 93 -38.90 -37.26 25.64
N GLU W 94 -39.33 -38.50 25.86
CA GLU W 94 -38.83 -39.32 26.95
C GLU W 94 -38.19 -40.58 26.40
N ARG W 95 -37.18 -41.09 27.12
CA ARG W 95 -36.47 -42.28 26.67
C ARG W 95 -37.37 -43.50 26.61
N LEU W 96 -38.25 -43.65 27.61
CA LEU W 96 -39.05 -44.85 27.75
C LEU W 96 -40.32 -44.83 26.91
N THR W 97 -40.59 -43.75 26.19
CA THR W 97 -41.79 -43.63 25.35
C THR W 97 -41.39 -43.20 23.95
N PRO W 98 -40.81 -44.10 23.16
CA PRO W 98 -40.49 -43.75 21.77
C PRO W 98 -41.71 -43.48 20.92
N GLN W 99 -42.89 -43.94 21.36
CA GLN W 99 -44.11 -43.70 20.58
C GLN W 99 -44.40 -42.20 20.44
N GLN W 100 -44.25 -41.45 21.52
CA GLN W 100 -44.46 -40.01 21.48
C GLN W 100 -43.20 -39.35 20.92
N ASN W 101 -43.25 -39.00 19.63
CA ASN W 101 -42.09 -38.46 18.95
C ASN W 101 -42.51 -37.30 18.06
N GLU W 102 -41.53 -36.47 17.70
CA GLU W 102 -41.74 -35.35 16.81
C GLU W 102 -40.64 -35.32 15.76
N LEU W 103 -40.95 -34.71 14.62
CA LEU W 103 -40.01 -34.64 13.51
C LEU W 103 -39.23 -33.34 13.56
N THR W 104 -37.94 -33.43 13.25
CA THR W 104 -37.06 -32.27 13.28
C THR W 104 -36.06 -32.36 12.14
N ARG W 105 -35.36 -31.26 11.90
CA ARG W 105 -34.38 -31.18 10.84
C ARG W 105 -32.99 -30.76 11.30
N ASN W 106 -32.86 -30.05 12.42
CA ASN W 106 -31.55 -29.67 12.92
C ASN W 106 -30.80 -30.89 13.46
N GLY W 107 -29.48 -30.80 13.47
CA GLY W 107 -28.67 -31.93 13.87
C GLY W 107 -27.69 -31.66 15.00
N ALA W 108 -28.02 -30.72 15.88
CA ALA W 108 -27.17 -30.40 17.02
C ALA W 108 -27.35 -31.49 18.07
N PHE W 109 -26.60 -32.58 17.92
CA PHE W 109 -26.70 -33.73 18.81
C PHE W 109 -25.47 -33.82 19.70
N HIS W 110 -25.69 -34.38 20.90
CA HIS W 110 -24.62 -34.59 21.86
C HIS W 110 -25.04 -35.67 22.83
N LEU W 111 -24.06 -36.28 23.49
CA LEU W 111 -24.30 -37.31 24.49
C LEU W 111 -24.72 -36.67 25.80
N ASN W 112 -25.77 -37.20 26.42
CA ASN W 112 -26.17 -36.78 27.75
C ASN W 112 -25.38 -37.61 28.78
N LYS W 113 -25.75 -37.51 30.05
CA LYS W 113 -25.02 -38.24 31.08
C LYS W 113 -25.17 -39.75 30.96
N GLU W 114 -26.16 -40.22 30.20
CA GLU W 114 -26.39 -41.64 30.00
C GLU W 114 -25.80 -42.15 28.69
N ASN W 115 -24.99 -41.34 28.01
CA ASN W 115 -24.43 -41.70 26.70
C ASN W 115 -25.50 -41.97 25.66
N TYR W 116 -26.56 -41.15 25.67
CA TYR W 116 -27.60 -41.20 24.65
C TYR W 116 -27.53 -39.93 23.82
N MET W 117 -27.71 -40.08 22.51
CA MET W 117 -27.70 -38.92 21.62
C MET W 117 -29.00 -38.16 21.75
N VAL W 118 -28.89 -36.87 22.13
CA VAL W 118 -30.06 -36.03 22.37
C VAL W 118 -29.86 -34.70 21.66
N THR W 119 -30.95 -33.96 21.53
CA THR W 119 -30.93 -32.63 20.93
C THR W 119 -30.54 -31.61 21.99
N ALA W 120 -30.70 -30.32 21.66
CA ALA W 120 -30.40 -29.27 22.63
C ALA W 120 -31.31 -29.35 23.84
N ASN W 121 -32.59 -29.65 23.63
CA ASN W 121 -33.56 -29.77 24.70
C ASN W 121 -33.52 -31.12 25.40
N ASP W 122 -32.44 -31.88 25.24
CA ASP W 122 -32.31 -33.20 25.84
C ASP W 122 -33.45 -34.12 25.41
N GLU W 123 -33.74 -34.13 24.11
CA GLU W 123 -34.73 -35.03 23.53
C GLU W 123 -34.02 -36.15 22.81
N PHE W 124 -34.32 -37.39 23.19
CA PHE W 124 -33.58 -38.53 22.68
C PHE W 124 -33.85 -38.73 21.19
N LEU W 125 -32.81 -39.12 20.47
CA LEU W 125 -32.90 -39.36 19.03
C LEU W 125 -33.32 -40.81 18.78
N LEU W 126 -34.37 -40.98 17.99
CA LEU W 126 -34.91 -42.31 17.71
C LEU W 126 -34.09 -42.99 16.62
N GLY W 127 -33.83 -44.29 16.83
CA GLY W 127 -33.05 -45.06 15.89
C GLY W 127 -33.52 -46.50 15.83
N TYR W 128 -32.92 -47.25 14.91
CA TYR W 128 -33.24 -48.65 14.70
C TYR W 128 -32.24 -49.53 15.45
N GLN W 129 -32.36 -50.84 15.27
CA GLN W 129 -31.42 -51.81 15.84
C GLN W 129 -31.03 -52.79 14.75
N VAL W 130 -29.78 -52.74 14.33
CA VAL W 130 -29.30 -53.55 13.23
C VAL W 130 -28.88 -54.92 13.74
N ASP W 131 -28.74 -55.87 12.81
CA ASP W 131 -28.25 -57.20 13.11
C ASP W 131 -26.73 -57.17 13.28
N PRO W 132 -26.18 -58.06 14.11
CA PRO W 132 -24.71 -58.06 14.29
C PRO W 132 -23.95 -58.28 13.01
N SER W 133 -24.35 -59.25 12.19
CA SER W 133 -23.67 -59.56 10.93
C SER W 133 -24.43 -59.04 9.71
N SER W 134 -25.73 -59.32 9.62
CA SER W 134 -26.52 -58.84 8.50
C SER W 134 -26.66 -57.33 8.56
N GLY W 135 -26.43 -56.67 7.42
CA GLY W 135 -26.54 -55.22 7.38
C GLY W 135 -27.96 -54.71 7.58
N GLU W 136 -28.95 -55.45 7.08
CA GLU W 136 -30.33 -55.01 7.17
C GLU W 136 -30.79 -54.96 8.63
N VAL W 137 -31.57 -53.94 8.94
CA VAL W 137 -32.15 -53.80 10.28
C VAL W 137 -33.33 -54.76 10.40
N SER W 138 -33.39 -55.48 11.52
CA SER W 138 -34.44 -56.48 11.69
C SER W 138 -35.78 -55.82 12.05
N SER W 139 -35.83 -55.13 13.18
CA SER W 139 -37.06 -54.53 13.66
C SER W 139 -37.10 -53.05 13.31
N TYR W 140 -38.23 -52.60 12.78
CA TYR W 140 -38.40 -51.23 12.33
C TYR W 140 -38.95 -50.31 13.41
N GLU W 141 -39.12 -50.81 14.62
CA GLU W 141 -39.59 -49.94 15.70
C GLU W 141 -38.50 -48.94 16.08
N PRO W 142 -38.89 -47.71 16.44
CA PRO W 142 -37.90 -46.72 16.86
C PRO W 142 -37.52 -46.89 18.32
N GLN W 143 -36.23 -46.77 18.60
CA GLN W 143 -35.72 -46.84 19.96
C GLN W 143 -34.59 -45.85 20.13
N PRO W 144 -34.35 -45.37 21.35
CA PRO W 144 -33.27 -44.42 21.57
C PRO W 144 -31.92 -45.02 21.24
N ILE W 145 -31.01 -44.17 20.77
CA ILE W 145 -29.67 -44.59 20.37
C ILE W 145 -28.73 -44.43 21.56
N ASN W 146 -28.04 -45.51 21.90
CA ASN W 146 -27.08 -45.51 23.00
C ASN W 146 -25.70 -45.84 22.47
N ILE W 147 -24.68 -45.22 23.05
CA ILE W 147 -23.30 -45.43 22.64
C ILE W 147 -22.50 -45.87 23.86
N PRO W 148 -22.48 -47.18 24.17
CA PRO W 148 -21.76 -47.63 25.37
C PRO W 148 -20.28 -47.35 25.26
N ALA W 149 -19.67 -47.05 26.39
CA ALA W 149 -18.25 -46.76 26.46
C ALA W 149 -17.40 -48.00 26.66
N GLU W 150 -18.02 -49.15 26.89
CA GLU W 150 -17.31 -50.41 27.09
C GLU W 150 -17.96 -51.51 26.27
N PHE W 151 -17.14 -52.34 25.66
CA PHE W 151 -17.62 -53.56 25.02
C PHE W 151 -17.67 -54.67 26.08
N GLY W 152 -18.58 -54.48 27.02
CA GLY W 152 -18.64 -55.31 28.21
C GLY W 152 -19.24 -56.68 28.00
N LYS W 153 -18.63 -57.48 27.13
CA LYS W 153 -19.08 -58.84 26.89
C LYS W 153 -17.98 -59.64 26.21
N PRO W 154 -17.07 -60.26 26.97
CA PRO W 154 -16.05 -61.11 26.36
C PRO W 154 -16.66 -62.22 25.52
N LYS W 155 -16.40 -62.19 24.21
CA LYS W 155 -17.02 -63.12 23.26
C LYS W 155 -16.08 -64.30 23.05
N GLN W 156 -16.59 -65.51 23.30
CA GLN W 156 -15.78 -66.71 23.15
C GLN W 156 -15.51 -67.00 21.68
N THR W 157 -14.40 -67.70 21.43
CA THR W 157 -14.04 -68.09 20.08
C THR W 157 -14.87 -69.30 19.67
N ALA W 158 -15.60 -69.18 18.56
CA ALA W 158 -16.48 -70.26 18.10
C ALA W 158 -16.17 -70.66 16.67
N ASN W 159 -15.83 -69.68 15.82
CA ASN W 159 -15.53 -69.94 14.42
C ASN W 159 -14.13 -69.46 14.10
N ILE W 160 -13.33 -70.31 13.47
CA ILE W 160 -11.98 -69.98 13.07
C ILE W 160 -11.83 -70.31 11.58
N GLU W 161 -11.52 -69.29 10.78
CA GLU W 161 -11.32 -69.46 9.35
C GLU W 161 -9.83 -69.32 9.05
N VAL W 162 -9.26 -70.36 8.43
CA VAL W 162 -7.84 -70.39 8.10
C VAL W 162 -7.71 -70.75 6.62
N GLY W 163 -6.94 -69.94 5.90
CA GLY W 163 -6.62 -70.24 4.51
C GLY W 163 -5.13 -70.37 4.31
N VAL W 164 -4.65 -71.57 3.99
CA VAL W 164 -3.22 -71.83 3.86
C VAL W 164 -2.95 -72.49 2.52
N ASN W 165 -1.70 -72.36 2.08
CA ASN W 165 -1.21 -73.05 0.89
C ASN W 165 -0.15 -74.06 1.32
N LEU W 166 -0.36 -75.32 0.97
CA LEU W 166 0.60 -76.29 1.45
C LEU W 166 1.59 -76.66 0.36
N PRO W 167 2.86 -76.83 0.70
CA PRO W 167 3.87 -77.12 -0.32
C PRO W 167 3.65 -78.52 -0.91
N ALA W 168 3.43 -78.58 -2.22
CA ALA W 168 3.24 -79.86 -2.89
C ALA W 168 4.51 -80.67 -2.94
N ASN W 169 5.68 -80.04 -2.81
CA ASN W 169 6.96 -80.72 -2.86
C ASN W 169 7.46 -81.13 -1.49
N GLY W 170 6.67 -80.93 -0.44
CA GLY W 170 7.11 -81.29 0.89
C GLY W 170 7.30 -82.80 1.04
N ASP W 171 8.25 -83.18 1.89
CA ASP W 171 8.55 -84.58 2.10
C ASP W 171 7.40 -85.28 2.82
N LEU W 172 7.17 -86.53 2.45
CA LEU W 172 6.09 -87.31 3.06
C LEU W 172 6.46 -87.70 4.49
N LYS W 173 5.43 -87.95 5.29
CA LYS W 173 5.60 -88.34 6.69
C LYS W 173 4.72 -89.54 6.99
N ASP W 174 5.04 -90.22 8.08
CA ASP W 174 4.30 -91.40 8.48
C ASP W 174 3.08 -90.99 9.29
N PRO W 175 1.86 -91.29 8.82
CA PRO W 175 0.66 -90.89 9.58
C PRO W 175 0.61 -91.46 10.97
N THR W 176 1.05 -92.71 11.16
CA THR W 176 0.98 -93.34 12.47
C THR W 176 2.05 -92.86 13.43
N GLN W 177 3.08 -92.18 12.93
CA GLN W 177 4.19 -91.73 13.74
C GLN W 177 4.07 -90.26 14.16
N PHE W 178 2.89 -89.67 13.98
CA PHE W 178 2.71 -88.27 14.32
C PHE W 178 2.81 -88.07 15.83
N ASP W 179 3.53 -87.02 16.24
CA ASP W 179 3.64 -86.67 17.65
C ASP W 179 4.03 -85.20 17.72
N PHE W 180 3.19 -84.39 18.37
CA PHE W 180 3.44 -82.95 18.40
C PHE W 180 4.71 -82.59 19.15
N SER W 181 5.20 -83.47 20.03
CA SER W 181 6.44 -83.20 20.75
C SER W 181 7.68 -83.33 19.89
N ASP W 182 7.59 -84.03 18.77
CA ASP W 182 8.72 -84.20 17.87
C ASP W 182 8.48 -83.44 16.58
N PRO W 183 9.25 -82.37 16.31
CA PRO W 183 9.01 -81.60 15.08
C PRO W 183 9.18 -82.40 13.80
N ASP W 184 10.09 -83.37 13.78
CA ASP W 184 10.39 -84.11 12.55
C ASP W 184 9.26 -85.03 12.11
N THR W 185 8.30 -85.32 12.99
CA THR W 185 7.21 -86.21 12.60
C THR W 185 6.25 -85.54 11.62
N TYR W 186 6.01 -84.25 11.77
CA TYR W 186 5.08 -83.51 10.92
C TYR W 186 5.85 -82.57 10.01
N ASN W 187 5.11 -81.80 9.21
CA ASN W 187 5.71 -80.88 8.25
C ASN W 187 5.78 -79.45 8.78
N ARG W 188 4.65 -78.89 9.20
CA ARG W 188 4.58 -77.50 9.60
C ARG W 188 3.76 -77.37 10.87
N SER W 189 4.01 -76.29 11.60
CA SER W 189 3.27 -75.97 12.81
C SER W 189 3.02 -74.47 12.86
N THR W 190 1.79 -74.08 13.16
CA THR W 190 1.40 -72.68 13.25
C THR W 190 0.86 -72.39 14.64
N SER W 191 1.00 -71.14 15.07
CA SER W 191 0.55 -70.71 16.37
C SER W 191 -0.49 -69.61 16.23
N SER W 192 -1.46 -69.61 17.13
CA SER W 192 -2.54 -68.63 17.09
C SER W 192 -3.12 -68.49 18.50
N THR W 193 -3.90 -67.42 18.69
CA THR W 193 -4.49 -67.11 19.98
C THR W 193 -6.01 -67.19 19.89
N ILE W 194 -6.62 -67.81 20.90
CA ILE W 194 -8.06 -67.94 20.99
C ILE W 194 -8.50 -67.45 22.36
N TYR W 195 -9.79 -67.12 22.45
CA TYR W 195 -10.37 -66.56 23.67
C TYR W 195 -11.58 -67.37 24.09
N ASP W 196 -11.70 -67.60 25.40
CA ASP W 196 -12.80 -68.35 25.97
C ASP W 196 -13.93 -67.41 26.35
N SER W 197 -14.87 -67.90 27.17
CA SER W 197 -15.98 -67.07 27.62
C SER W 197 -15.52 -65.94 28.52
N MET W 198 -14.54 -66.20 29.40
CA MET W 198 -14.08 -65.20 30.37
C MET W 198 -13.00 -64.28 29.80
N GLY W 199 -12.67 -64.43 28.52
CA GLY W 199 -11.65 -63.58 27.92
C GLY W 199 -10.22 -64.05 28.10
N GLN W 200 -10.01 -65.20 28.73
CA GLN W 200 -8.66 -65.72 28.87
C GLN W 200 -8.09 -66.08 27.51
N SER W 201 -6.83 -65.69 27.29
CA SER W 201 -6.16 -65.97 26.03
C SER W 201 -5.48 -67.33 26.09
N TYR W 202 -5.73 -68.15 25.07
CA TYR W 202 -5.12 -69.47 24.95
C TYR W 202 -4.38 -69.56 23.63
N LYS W 203 -3.31 -70.35 23.62
CA LYS W 203 -2.50 -70.54 22.43
C LYS W 203 -2.95 -71.79 21.71
N LEU W 204 -3.36 -71.64 20.46
CA LEU W 204 -3.81 -72.75 19.63
C LEU W 204 -2.73 -73.05 18.60
N THR W 205 -2.26 -74.28 18.59
CA THR W 205 -1.20 -74.72 17.68
C THR W 205 -1.77 -75.74 16.70
N THR W 206 -1.54 -75.50 15.41
CA THR W 206 -2.02 -76.37 14.34
C THR W 206 -0.83 -77.04 13.67
N TYR W 207 -0.86 -78.36 13.58
CA TYR W 207 0.19 -79.15 12.96
C TYR W 207 -0.31 -79.73 11.65
N TYR W 208 0.47 -79.54 10.58
CA TYR W 208 0.13 -80.05 9.26
C TYR W 208 1.09 -81.18 8.88
N LEU W 209 0.54 -82.32 8.51
CA LEU W 209 1.32 -83.50 8.15
C LEU W 209 0.91 -83.97 6.77
N LYS W 210 1.89 -84.23 5.92
CA LYS W 210 1.64 -84.67 4.55
C LYS W 210 1.58 -86.19 4.52
N ASP W 211 0.46 -86.72 4.05
CA ASP W 211 0.26 -88.17 4.01
C ASP W 211 1.21 -88.81 3.02
N GLN W 212 1.77 -89.96 3.40
CA GLN W 212 2.64 -90.73 2.53
C GLN W 212 1.88 -91.79 1.74
N THR W 213 0.95 -92.49 2.39
CA THR W 213 0.23 -93.56 1.71
C THR W 213 -0.63 -93.02 0.57
N GLN W 214 -1.32 -91.91 0.80
CA GLN W 214 -2.20 -91.34 -0.21
C GLN W 214 -1.63 -90.02 -0.71
N PRO W 215 -1.31 -89.90 -1.99
CA PRO W 215 -0.83 -88.61 -2.51
C PRO W 215 -1.92 -87.56 -2.50
N ASN W 216 -1.50 -86.30 -2.42
CA ASN W 216 -2.41 -85.15 -2.36
C ASN W 216 -3.33 -85.25 -1.15
N THR W 217 -2.80 -85.75 -0.04
CA THR W 217 -3.56 -85.88 1.19
C THR W 217 -2.74 -85.32 2.35
N TRP W 218 -3.40 -84.57 3.23
CA TRP W 218 -2.75 -83.96 4.37
C TRP W 218 -3.54 -84.25 5.64
N ASN W 219 -2.83 -84.33 6.75
CA ASN W 219 -3.43 -84.54 8.06
C ASN W 219 -3.15 -83.33 8.94
N THR W 220 -4.19 -82.86 9.62
CA THR W 220 -4.12 -81.65 10.44
C THR W 220 -4.49 -81.99 11.87
N TYR W 221 -3.67 -81.52 12.81
CA TYR W 221 -3.88 -81.76 14.22
C TYR W 221 -3.80 -80.44 14.98
N TYR W 222 -4.52 -80.37 16.09
CA TYR W 222 -4.61 -79.16 16.90
C TYR W 222 -4.25 -79.45 18.34
N THR W 223 -3.59 -78.49 18.98
CA THR W 223 -3.26 -78.58 20.40
C THR W 223 -3.55 -77.24 21.06
N VAL W 224 -3.87 -77.29 22.35
CA VAL W 224 -4.14 -76.11 23.15
C VAL W 224 -3.12 -76.03 24.26
N THR W 225 -2.46 -74.88 24.38
CA THR W 225 -1.38 -74.68 25.36
C THR W 225 -1.89 -73.74 26.45
N ASP W 226 -2.26 -74.30 27.59
CA ASP W 226 -2.60 -73.54 28.77
C ASP W 226 -1.40 -73.47 29.70
N LYS W 227 -1.62 -72.92 30.90
CA LYS W 227 -0.52 -72.81 31.86
C LYS W 227 -0.07 -74.18 32.35
N GLU W 228 -0.99 -75.16 32.44
CA GLU W 228 -0.61 -76.49 32.87
C GLU W 228 0.33 -77.15 31.88
N GLY W 229 0.06 -76.99 30.59
CA GLY W 229 0.88 -77.59 29.56
C GLY W 229 0.17 -77.54 28.23
N GLU W 230 0.67 -78.32 27.28
CA GLU W 230 0.09 -78.43 25.95
C GLU W 230 -0.74 -79.70 25.89
N LYS W 231 -2.05 -79.54 25.67
CA LYS W 231 -2.96 -80.67 25.62
C LYS W 231 -3.52 -80.83 24.22
N PRO W 232 -3.42 -82.01 23.62
CA PRO W 232 -3.96 -82.21 22.27
C PRO W 232 -5.47 -82.08 22.25
N LEU W 233 -5.99 -81.60 21.12
CA LEU W 233 -7.41 -81.42 20.89
C LEU W 233 -7.88 -82.39 19.82
N ASN W 234 -8.98 -83.09 20.09
CA ASN W 234 -9.52 -84.08 19.18
C ASN W 234 -10.73 -83.53 18.44
N VAL W 235 -10.83 -83.88 17.17
CA VAL W 235 -11.97 -83.49 16.34
C VAL W 235 -13.09 -84.49 16.57
N ALA W 236 -14.33 -84.01 16.46
CA ALA W 236 -15.48 -84.85 16.78
C ALA W 236 -15.56 -86.08 15.88
N ALA W 237 -15.41 -85.88 14.57
CA ALA W 237 -15.55 -86.96 13.60
C ALA W 237 -14.40 -86.98 12.61
N GLY W 238 -13.21 -86.56 13.05
CA GLY W 238 -12.07 -86.54 12.16
C GLY W 238 -11.60 -87.95 11.81
N ASP W 239 -11.29 -88.15 10.54
CA ASP W 239 -10.84 -89.45 10.04
C ASP W 239 -9.31 -89.57 10.06
N ALA W 240 -8.71 -89.26 11.21
CA ALA W 240 -7.27 -89.41 11.37
C ALA W 240 -7.01 -89.70 12.85
N GLN W 241 -6.88 -91.00 13.17
CA GLN W 241 -6.71 -91.45 14.54
C GLN W 241 -5.30 -92.02 14.69
N THR W 242 -4.45 -91.31 15.42
CA THR W 242 -3.12 -91.80 15.71
C THR W 242 -3.20 -92.94 16.72
N PRO W 243 -2.18 -93.81 16.77
CA PRO W 243 -2.19 -94.87 17.79
C PRO W 243 -2.28 -94.36 19.21
N THR W 244 -1.71 -93.20 19.50
CA THR W 244 -1.84 -92.62 20.83
C THR W 244 -3.29 -92.32 21.16
N GLY W 245 -4.05 -91.80 20.19
CA GLY W 245 -5.45 -91.50 20.40
C GLY W 245 -5.86 -90.14 19.89
N HIS W 246 -4.87 -89.31 19.54
CA HIS W 246 -5.17 -87.97 19.02
C HIS W 246 -5.91 -88.07 17.70
N VAL W 247 -6.95 -87.26 17.55
CA VAL W 247 -7.84 -87.33 16.39
C VAL W 247 -7.69 -86.05 15.59
N GLY W 248 -7.19 -86.17 14.36
CA GLY W 248 -7.14 -85.08 13.41
C GLY W 248 -8.11 -85.27 12.27
N HIS W 249 -7.95 -84.44 11.25
CA HIS W 249 -8.81 -84.50 10.07
C HIS W 249 -7.94 -84.47 8.82
N THR W 250 -8.49 -85.04 7.75
CA THR W 250 -7.76 -85.21 6.50
C THR W 250 -8.20 -84.19 5.47
N MET W 251 -7.25 -83.68 4.69
CA MET W 251 -7.50 -82.73 3.63
C MET W 251 -6.99 -83.30 2.31
N LYS W 252 -7.82 -83.26 1.29
CA LYS W 252 -7.48 -83.78 -0.03
C LYS W 252 -7.68 -82.70 -1.08
N PHE W 253 -6.86 -82.74 -2.14
CA PHE W 253 -6.84 -81.71 -3.15
C PHE W 253 -6.98 -82.32 -4.53
N ASN W 254 -7.45 -81.51 -5.48
CA ASN W 254 -7.68 -81.95 -6.85
C ASN W 254 -6.36 -81.96 -7.61
N ASN W 255 -6.43 -82.22 -8.91
CA ASN W 255 -5.23 -82.24 -9.74
C ASN W 255 -4.67 -80.84 -9.93
N ASP W 256 -5.54 -79.83 -10.04
CA ASP W 256 -5.10 -78.45 -10.21
C ASP W 256 -4.65 -77.81 -8.90
N GLY W 257 -4.65 -78.54 -7.79
CA GLY W 257 -4.21 -78.02 -6.52
C GLY W 257 -5.30 -77.37 -5.69
N THR W 258 -6.50 -77.21 -6.24
CA THR W 258 -7.60 -76.63 -5.47
C THR W 258 -8.10 -77.65 -4.44
N LEU W 259 -8.97 -77.19 -3.55
CA LEU W 259 -9.47 -78.03 -2.48
C LEU W 259 -10.48 -79.04 -3.02
N ALA W 260 -10.30 -80.31 -2.65
CA ALA W 260 -11.19 -81.39 -3.08
C ALA W 260 -12.19 -81.76 -2.00
N SER W 261 -11.71 -82.13 -0.81
CA SER W 261 -12.59 -82.56 0.26
C SER W 261 -11.94 -82.25 1.60
N LEU W 262 -12.78 -82.11 2.62
CA LEU W 262 -12.34 -81.82 3.98
C LEU W 262 -13.01 -82.78 4.94
N ASN W 263 -12.22 -83.63 5.60
CA ASN W 263 -12.72 -84.56 6.62
C ASN W 263 -13.87 -85.39 6.07
N ASN W 264 -13.69 -85.90 4.85
CA ASN W 264 -14.70 -86.70 4.16
C ASN W 264 -16.03 -85.95 4.01
N GLY W 265 -15.94 -84.64 3.79
CA GLY W 265 -17.14 -83.83 3.60
C GLY W 265 -17.89 -83.48 4.86
N GLN W 266 -17.35 -83.81 6.03
CA GLN W 266 -18.04 -83.49 7.27
C GLN W 266 -17.53 -82.18 7.85
N PRO W 267 -18.38 -81.44 8.56
CA PRO W 267 -17.91 -80.21 9.21
C PRO W 267 -16.89 -80.51 10.29
N ILE W 268 -15.93 -79.60 10.45
CA ILE W 268 -14.84 -79.76 11.40
C ILE W 268 -15.25 -79.07 12.70
N THR W 269 -15.63 -79.87 13.69
CA THR W 269 -15.99 -79.37 15.01
C THR W 269 -15.15 -80.10 16.05
N SER W 270 -14.45 -79.33 16.89
CA SER W 270 -13.64 -79.93 17.93
C SER W 270 -14.49 -80.29 19.14
N VAL W 271 -13.95 -81.15 19.98
CA VAL W 271 -14.62 -81.56 21.22
C VAL W 271 -14.56 -80.42 22.22
N ALA W 272 -15.33 -80.53 23.29
CA ALA W 272 -15.32 -79.51 24.33
C ALA W 272 -13.94 -79.41 24.98
N LEU W 273 -13.48 -78.18 25.17
CA LEU W 273 -12.13 -77.97 25.68
C LEU W 273 -11.98 -78.44 27.11
N GLY W 274 -12.91 -78.06 27.98
CA GLY W 274 -12.74 -78.32 29.40
C GLY W 274 -13.71 -79.33 29.98
N ASP W 275 -14.34 -80.15 29.14
CA ASP W 275 -15.28 -81.14 29.61
C ASP W 275 -14.61 -82.51 29.58
N PRO W 276 -14.31 -83.12 30.73
CA PRO W 276 -13.70 -84.46 30.72
C PRO W 276 -14.61 -85.54 30.17
N ALA W 277 -15.93 -85.30 30.13
CA ALA W 277 -16.86 -86.31 29.64
C ALA W 277 -16.70 -86.59 28.16
N THR W 278 -16.08 -85.69 27.40
CA THR W 278 -15.87 -85.88 25.97
C THR W 278 -14.43 -85.68 25.53
N ASN W 279 -13.54 -85.22 26.39
CA ASN W 279 -12.15 -84.98 26.05
C ASN W 279 -11.25 -85.74 27.01
N THR W 280 -10.28 -86.47 26.47
CA THR W 280 -9.35 -87.22 27.30
C THR W 280 -8.33 -86.32 27.99
N THR W 281 -8.10 -85.12 27.45
CA THR W 281 -7.18 -84.15 28.03
C THR W 281 -7.91 -82.82 28.17
N PRO W 282 -8.74 -82.67 29.20
CA PRO W 282 -9.54 -81.45 29.34
C PRO W 282 -8.66 -80.22 29.56
N VAL W 283 -8.98 -79.14 28.84
CA VAL W 283 -8.24 -77.91 28.99
C VAL W 283 -8.67 -77.21 30.29
N ASP W 284 -7.68 -76.69 31.03
CA ASP W 284 -7.96 -76.01 32.28
C ASP W 284 -8.62 -74.65 32.00
N MET W 285 -9.95 -74.62 32.02
CA MET W 285 -10.67 -73.39 31.72
C MET W 285 -10.49 -72.33 32.80
N ASN W 286 -10.07 -72.73 34.01
CA ASN W 286 -9.89 -71.81 35.12
C ASN W 286 -11.16 -71.01 35.41
N GLY W 287 -12.31 -71.69 35.34
CA GLY W 287 -13.60 -71.08 35.59
C GLY W 287 -14.40 -70.74 34.36
N ALA W 288 -13.81 -70.84 33.17
CA ALA W 288 -14.52 -70.50 31.95
C ALA W 288 -15.51 -71.61 31.59
N ASP W 289 -16.24 -71.39 30.50
CA ASP W 289 -17.21 -72.39 30.05
C ASP W 289 -16.46 -73.60 29.51
N PRO W 290 -16.69 -74.78 30.09
CA PRO W 290 -15.98 -75.98 29.64
C PRO W 290 -16.56 -76.61 28.37
N ALA W 291 -17.75 -76.19 27.95
CA ALA W 291 -18.41 -76.77 26.79
C ALA W 291 -18.15 -76.01 25.49
N GLN W 292 -17.12 -75.17 25.46
CA GLN W 292 -16.80 -74.41 24.26
C GLN W 292 -16.39 -75.34 23.13
N THR W 293 -16.92 -75.08 21.94
CA THR W 293 -16.62 -75.86 20.75
C THR W 293 -16.11 -74.95 19.65
N LEU W 294 -15.19 -75.47 18.86
CA LEU W 294 -14.54 -74.71 17.79
C LEU W 294 -14.92 -75.28 16.44
N ASN W 295 -15.27 -74.41 15.51
CA ASN W 295 -15.57 -74.78 14.13
C ASN W 295 -14.51 -74.19 13.23
N PHE W 296 -13.83 -75.05 12.46
CA PHE W 296 -12.75 -74.64 11.58
C PHE W 296 -13.26 -74.60 10.15
N GLY W 297 -13.10 -73.46 9.48
CA GLY W 297 -13.45 -73.34 8.09
C GLY W 297 -12.23 -73.21 7.20
N LEU W 298 -11.91 -74.26 6.46
CA LEU W 298 -10.72 -74.29 5.62
C LEU W 298 -11.11 -74.50 4.16
N GLY W 299 -12.15 -73.78 3.71
CA GLY W 299 -12.64 -73.94 2.35
C GLY W 299 -11.77 -73.32 1.29
N SER W 300 -10.77 -72.55 1.67
CA SER W 300 -9.87 -71.89 0.73
C SER W 300 -8.46 -72.46 0.74
N ALA W 301 -8.27 -73.63 1.37
CA ALA W 301 -6.94 -74.24 1.41
C ALA W 301 -6.50 -74.67 0.02
N THR W 302 -5.21 -74.50 -0.27
CA THR W 302 -4.66 -74.85 -1.56
C THR W 302 -3.36 -75.60 -1.38
N GLN W 303 -2.98 -76.36 -2.40
CA GLN W 303 -1.70 -77.06 -2.42
C GLN W 303 -1.05 -76.82 -3.79
N PHE W 304 -0.08 -75.92 -3.83
CA PHE W 304 0.64 -75.58 -5.05
C PHE W 304 2.13 -75.82 -4.84
N ALA W 305 2.92 -75.40 -5.83
CA ALA W 305 4.37 -75.51 -5.72
C ALA W 305 4.94 -74.49 -4.76
N ALA W 306 4.17 -73.48 -4.36
CA ALA W 306 4.67 -72.48 -3.45
C ALA W 306 4.92 -73.09 -2.07
N PRO W 307 5.87 -72.54 -1.31
CA PRO W 307 6.14 -73.07 0.03
C PRO W 307 4.98 -72.83 0.99
N PHE W 308 5.11 -73.32 2.23
CA PHE W 308 4.05 -73.15 3.21
C PHE W 308 3.79 -71.68 3.49
N GLU W 309 2.52 -71.32 3.59
CA GLU W 309 2.12 -69.93 3.77
C GLU W 309 0.78 -69.86 4.49
N LEU W 310 0.70 -69.00 5.50
CA LEU W 310 -0.55 -68.72 6.20
C LEU W 310 -1.13 -67.46 5.59
N THR W 311 -1.98 -67.63 4.58
CA THR W 311 -2.49 -66.49 3.82
C THR W 311 -3.50 -65.69 4.64
N LYS W 312 -4.42 -66.38 5.32
CA LYS W 312 -5.52 -65.72 6.00
C LYS W 312 -5.84 -66.44 7.30
N PHE W 313 -6.03 -65.67 8.37
CA PHE W 313 -6.46 -66.20 9.66
C PHE W 313 -7.50 -65.26 10.23
N ASP W 314 -8.71 -65.78 10.47
CA ASP W 314 -9.81 -64.99 11.00
C ASP W 314 -10.52 -65.79 12.08
N GLU W 315 -10.93 -65.08 13.14
CA GLU W 315 -11.70 -65.67 14.23
C GLU W 315 -12.85 -64.74 14.57
N ASP W 316 -13.71 -65.21 15.47
CA ASP W 316 -14.84 -64.41 15.95
C ASP W 316 -14.75 -64.14 17.45
N GLY W 317 -13.59 -64.40 18.06
CA GLY W 317 -13.42 -64.12 19.47
C GLY W 317 -13.20 -62.64 19.73
N ALA W 318 -13.42 -62.26 20.98
CA ALA W 318 -13.28 -60.87 21.39
C ALA W 318 -13.05 -60.79 22.88
N THR W 319 -12.55 -59.64 23.32
CA THR W 319 -12.25 -59.40 24.72
C THR W 319 -12.80 -58.04 25.11
N THR W 320 -12.64 -57.70 26.39
CA THR W 320 -13.11 -56.42 26.89
C THR W 320 -12.36 -55.28 26.21
N GLY W 321 -13.05 -54.17 26.00
CA GLY W 321 -12.46 -53.04 25.29
C GLY W 321 -13.14 -51.74 25.66
N PHE W 322 -12.54 -50.65 25.18
CA PHE W 322 -13.00 -49.30 25.46
C PHE W 322 -13.32 -48.59 24.16
N LEU W 323 -14.44 -47.87 24.15
CA LEU W 323 -14.84 -47.12 22.96
C LEU W 323 -13.74 -46.16 22.55
N THR W 324 -13.20 -46.38 21.35
CA THR W 324 -12.06 -45.61 20.86
C THR W 324 -12.46 -44.49 19.92
N LYS W 325 -13.37 -44.74 18.99
CA LYS W 325 -13.85 -43.69 18.09
C LYS W 325 -15.24 -44.04 17.59
N VAL W 326 -15.94 -43.02 17.11
CA VAL W 326 -17.29 -43.16 16.57
C VAL W 326 -17.38 -42.37 15.27
N ASP W 327 -17.95 -42.99 14.24
CA ASP W 327 -18.16 -42.32 12.97
C ASP W 327 -19.49 -42.75 12.39
N PHE W 328 -19.95 -42.01 11.38
CA PHE W 328 -21.24 -42.23 10.74
C PHE W 328 -21.01 -42.46 9.25
N ASP W 329 -21.63 -43.51 8.71
CA ASP W 329 -21.55 -43.77 7.28
C ASP W 329 -22.73 -43.13 6.56
N GLU W 330 -22.73 -43.23 5.23
CA GLU W 330 -23.79 -42.63 4.43
C GLU W 330 -25.14 -43.30 4.68
N ASN W 331 -25.12 -44.57 5.07
CA ASN W 331 -26.38 -45.27 5.35
C ASN W 331 -26.99 -44.86 6.68
N GLY W 332 -26.29 -44.05 7.47
CA GLY W 332 -26.79 -43.65 8.77
C GLY W 332 -26.39 -44.55 9.92
N SER W 333 -25.74 -45.67 9.63
CA SER W 333 -25.29 -46.56 10.68
C SER W 333 -24.17 -45.92 11.47
N VAL W 334 -24.30 -45.90 12.79
CA VAL W 334 -23.29 -45.34 13.67
C VAL W 334 -22.41 -46.48 14.17
N MET W 335 -21.16 -46.47 13.74
CA MET W 335 -20.21 -47.52 14.10
C MET W 335 -19.20 -47.02 15.12
N GLY W 336 -18.75 -47.92 15.97
CA GLY W 336 -17.74 -47.59 16.96
C GLY W 336 -16.73 -48.70 17.15
N THR W 337 -15.45 -48.35 17.06
CA THR W 337 -14.38 -49.31 17.21
C THR W 337 -13.87 -49.27 18.65
N TYR W 338 -13.60 -50.44 19.21
CA TYR W 338 -13.17 -50.56 20.59
C TYR W 338 -11.71 -51.00 20.65
N SER W 339 -11.20 -51.12 21.87
CA SER W 339 -9.80 -51.50 22.05
C SER W 339 -9.53 -52.92 21.59
N ASN W 340 -10.51 -53.82 21.74
CA ASN W 340 -10.33 -55.19 21.29
C ASN W 340 -10.19 -55.26 19.77
N GLY W 341 -10.95 -54.45 19.05
CA GLY W 341 -10.88 -54.40 17.60
C GLY W 341 -12.20 -54.60 16.89
N GLU W 342 -13.24 -55.08 17.57
CA GLU W 342 -14.52 -55.31 16.92
C GLU W 342 -15.16 -54.00 16.48
N ASN W 343 -15.67 -53.98 15.25
CA ASN W 343 -16.35 -52.81 14.72
C ASN W 343 -17.87 -52.97 14.92
N VAL W 344 -18.26 -52.88 16.19
CA VAL W 344 -19.66 -53.07 16.57
C VAL W 344 -20.49 -51.91 16.05
N THR W 345 -21.61 -52.22 15.40
CA THR W 345 -22.52 -51.21 14.89
C THR W 345 -23.56 -50.90 15.96
N LEU W 346 -23.52 -49.68 16.49
CA LEU W 346 -24.43 -49.31 17.58
C LEU W 346 -25.88 -49.26 17.10
N GLY W 347 -26.10 -48.82 15.87
CA GLY W 347 -27.44 -48.76 15.34
C GLY W 347 -27.50 -47.90 14.10
N ARG W 348 -28.72 -47.55 13.71
CA ARG W 348 -28.98 -46.63 12.62
C ARG W 348 -29.79 -45.45 13.13
N VAL W 349 -29.84 -44.39 12.32
CA VAL W 349 -30.55 -43.18 12.66
C VAL W 349 -31.87 -43.19 11.90
N ALA W 350 -32.97 -43.11 12.63
CA ALA W 350 -34.29 -43.18 12.02
C ALA W 350 -34.55 -41.95 11.15
N LEU W 351 -35.21 -42.18 10.03
CA LEU W 351 -35.65 -41.11 9.13
C LEU W 351 -37.14 -41.27 8.86
N VAL W 352 -37.86 -40.15 8.88
CA VAL W 352 -39.31 -40.16 8.74
C VAL W 352 -39.69 -39.24 7.59
N ARG W 353 -40.60 -39.70 6.75
CA ARG W 353 -41.12 -38.93 5.63
C ARG W 353 -42.64 -38.99 5.66
N VAL W 354 -43.28 -37.86 5.39
CA VAL W 354 -44.74 -37.83 5.35
C VAL W 354 -45.18 -37.50 3.92
N PRO W 355 -46.34 -38.01 3.47
CA PRO W 355 -46.76 -37.71 2.09
C PRO W 355 -46.99 -36.23 1.82
N ASN W 356 -47.54 -35.51 2.80
CA ASN W 356 -47.85 -34.09 2.65
C ASN W 356 -47.11 -33.32 3.74
N GLU W 357 -46.00 -32.70 3.37
CA GLU W 357 -45.22 -31.93 4.35
C GLU W 357 -45.86 -30.58 4.66
N GLN W 358 -46.73 -30.09 3.79
CA GLN W 358 -47.39 -28.80 3.99
C GLN W 358 -48.42 -28.83 5.11
N GLY W 359 -48.76 -30.00 5.64
CA GLY W 359 -49.81 -30.10 6.63
C GLY W 359 -49.33 -30.43 8.02
N LEU W 360 -48.02 -30.65 8.18
CA LEU W 360 -47.47 -30.89 9.51
C LEU W 360 -47.73 -29.69 10.40
N ASP W 361 -48.22 -29.95 11.61
CA ASP W 361 -48.41 -28.89 12.58
C ASP W 361 -47.07 -28.55 13.23
N LYS W 362 -46.86 -27.27 13.51
CA LYS W 362 -45.57 -26.77 13.92
C LYS W 362 -45.52 -26.65 15.44
N LYS W 363 -44.70 -27.48 16.07
CA LYS W 363 -44.45 -27.37 17.49
C LYS W 363 -43.30 -26.38 17.71
N GLY W 364 -42.90 -26.19 18.96
CA GLY W 364 -41.80 -25.31 19.25
C GLY W 364 -40.46 -25.92 18.91
N GLY W 365 -39.46 -25.05 18.82
CA GLY W 365 -38.10 -25.50 18.61
C GLY W 365 -37.85 -26.17 17.28
N THR W 366 -38.46 -25.67 16.21
CA THR W 366 -38.27 -26.19 14.85
C THR W 366 -38.56 -27.69 14.79
N GLN W 367 -39.72 -28.06 15.32
CA GLN W 367 -40.14 -29.45 15.33
C GLN W 367 -41.58 -29.55 14.84
N TRP W 368 -41.89 -30.66 14.17
CA TRP W 368 -43.20 -30.89 13.59
C TRP W 368 -43.76 -32.21 14.06
N ASP W 369 -45.08 -32.35 13.94
CA ASP W 369 -45.79 -33.58 14.29
C ASP W 369 -46.75 -33.92 13.16
N SER W 370 -47.17 -35.17 13.11
CA SER W 370 -48.03 -35.66 12.05
C SER W 370 -49.50 -35.47 12.43
N THR W 371 -50.25 -34.78 11.58
CA THR W 371 -51.66 -34.54 11.80
C THR W 371 -52.49 -35.27 10.75
N GLN W 372 -53.80 -35.05 10.77
CA GLN W 372 -54.69 -35.68 9.80
C GLN W 372 -54.37 -35.25 8.37
N PHE W 373 -54.18 -33.95 8.15
CA PHE W 373 -53.88 -33.47 6.80
C PHE W 373 -52.53 -33.96 6.33
N SER W 374 -51.54 -34.01 7.23
CA SER W 374 -50.19 -34.42 6.84
C SER W 374 -50.17 -35.87 6.38
N GLY W 375 -50.94 -36.74 7.03
CA GLY W 375 -50.96 -38.15 6.72
C GLY W 375 -50.49 -38.98 7.93
N ASP W 376 -49.64 -39.96 7.66
CA ASP W 376 -49.06 -40.78 8.70
C ASP W 376 -47.57 -40.89 8.48
N LYS W 377 -46.82 -40.99 9.59
CA LYS W 377 -45.37 -41.08 9.52
C LYS W 377 -44.96 -42.37 8.81
N ILE W 378 -44.11 -42.24 7.79
CA ILE W 378 -43.60 -43.37 7.05
C ILE W 378 -42.13 -43.53 7.41
N TRP W 379 -41.81 -44.63 8.08
CA TRP W 379 -40.44 -44.85 8.56
C TRP W 379 -39.61 -45.53 7.50
N GLY W 380 -38.31 -45.23 7.53
CA GLY W 380 -37.39 -45.81 6.56
C GLY W 380 -35.96 -45.49 6.94
N GLU W 381 -35.04 -46.10 6.20
CA GLU W 381 -33.62 -45.92 6.46
C GLU W 381 -33.09 -44.73 5.65
N SER W 382 -31.78 -44.57 5.63
CA SER W 382 -31.13 -43.50 4.89
C SER W 382 -30.69 -44.02 3.52
N ASN W 383 -30.92 -43.21 2.48
CA ASN W 383 -30.57 -43.56 1.11
C ASN W 383 -31.24 -44.87 0.69
N LYS W 384 -32.51 -45.00 1.05
CA LYS W 384 -33.31 -46.16 0.70
C LYS W 384 -34.69 -45.71 0.24
N GLY W 385 -35.15 -46.24 -0.88
CA GLY W 385 -36.44 -45.81 -1.40
C GLY W 385 -36.41 -44.36 -1.82
N SER W 386 -37.35 -43.58 -1.29
CA SER W 386 -37.46 -42.17 -1.63
C SER W 386 -36.78 -41.25 -0.61
N PHE W 387 -36.12 -41.81 0.40
CA PHE W 387 -35.47 -41.00 1.41
C PHE W 387 -34.15 -40.44 0.90
N GLY W 388 -33.61 -39.47 1.64
CA GLY W 388 -32.33 -38.86 1.32
C GLY W 388 -31.20 -39.54 2.05
N THR W 389 -30.08 -38.83 2.14
CA THR W 389 -28.87 -39.33 2.80
C THR W 389 -28.61 -38.52 4.06
N ILE W 390 -27.74 -39.08 4.91
CA ILE W 390 -27.35 -38.46 6.17
C ILE W 390 -25.86 -38.14 6.11
N ASN W 391 -25.52 -36.88 6.34
CA ASN W 391 -24.13 -36.43 6.34
C ASN W 391 -23.79 -35.91 7.72
N ASN W 392 -22.63 -36.31 8.24
CA ASN W 392 -22.15 -35.80 9.52
C ASN W 392 -21.24 -34.59 9.30
N GLY W 393 -21.16 -33.75 10.33
CA GLY W 393 -20.36 -32.55 10.26
C GLY W 393 -21.01 -31.37 9.59
N MET W 394 -22.29 -31.46 9.25
CA MET W 394 -23.00 -30.38 8.58
C MET W 394 -24.29 -30.08 9.32
N LEU W 395 -24.79 -28.86 9.12
CA LEU W 395 -26.05 -28.43 9.74
C LEU W 395 -26.85 -27.66 8.71
N GLU W 396 -28.16 -27.60 8.94
CA GLU W 396 -29.07 -26.90 8.03
C GLU W 396 -29.31 -25.49 8.54
N GLN W 397 -29.17 -24.51 7.64
CA GLN W 397 -29.58 -23.15 7.93
C GLN W 397 -31.02 -22.94 7.48
N SER W 398 -31.54 -21.75 7.74
CA SER W 398 -32.88 -21.42 7.25
C SER W 398 -32.88 -21.31 5.74
N ASN W 399 -33.95 -21.80 5.12
CA ASN W 399 -34.08 -21.77 3.67
C ASN W 399 -34.74 -20.47 3.21
N ILE W 400 -34.14 -19.35 3.61
CA ILE W 400 -34.68 -18.03 3.32
C ILE W 400 -33.65 -17.25 2.51
N ASP W 401 -34.15 -16.24 1.80
CA ASP W 401 -33.32 -15.33 1.02
C ASP W 401 -33.59 -13.91 1.50
N MET W 402 -32.56 -13.26 2.04
CA MET W 402 -32.74 -11.95 2.66
C MET W 402 -33.26 -10.93 1.65
N THR W 403 -32.74 -10.97 0.42
CA THR W 403 -33.17 -10.03 -0.60
C THR W 403 -34.68 -10.12 -0.83
N GLN W 404 -35.19 -11.33 -1.03
CA GLN W 404 -36.61 -11.49 -1.29
C GLN W 404 -37.44 -11.08 -0.08
N GLU W 405 -36.97 -11.39 1.13
CA GLU W 405 -37.71 -11.01 2.32
C GLU W 405 -37.81 -9.49 2.45
N LEU W 406 -36.70 -8.79 2.19
CA LEU W 406 -36.73 -7.33 2.27
C LEU W 406 -37.63 -6.72 1.21
N VAL W 407 -37.58 -7.26 -0.01
CA VAL W 407 -38.46 -6.76 -1.06
C VAL W 407 -39.92 -6.99 -0.69
N ASP W 408 -40.23 -8.17 -0.16
CA ASP W 408 -41.59 -8.44 0.29
C ASP W 408 -42.00 -7.50 1.42
N LEU W 409 -41.05 -7.15 2.29
CA LEU W 409 -41.34 -6.20 3.35
C LEU W 409 -41.74 -4.85 2.78
N ILE W 410 -41.00 -4.38 1.78
CA ILE W 410 -41.33 -3.11 1.14
C ILE W 410 -42.71 -3.17 0.50
N SER W 411 -42.99 -4.27 -0.22
CA SER W 411 -44.27 -4.41 -0.89
C SER W 411 -45.42 -4.45 0.11
N ALA W 412 -45.24 -5.17 1.22
CA ALA W 412 -46.28 -5.25 2.23
C ALA W 412 -46.54 -3.88 2.86
N GLN W 413 -45.47 -3.12 3.12
CA GLN W 413 -45.66 -1.77 3.64
C GLN W 413 -46.45 -0.91 2.66
N ARG W 414 -46.12 -1.02 1.37
CA ARG W 414 -46.83 -0.23 0.36
C ARG W 414 -48.31 -0.61 0.32
N ASN W 415 -48.61 -1.91 0.36
CA ASN W 415 -50.01 -2.34 0.34
C ASN W 415 -50.75 -1.87 1.58
N PHE W 416 -50.10 -1.94 2.74
CA PHE W 416 -50.71 -1.47 3.97
C PHE W 416 -51.02 0.01 3.90
N GLN W 417 -50.09 0.81 3.36
CA GLN W 417 -50.35 2.23 3.20
C GLN W 417 -51.52 2.49 2.26
N ALA W 418 -51.59 1.74 1.16
CA ALA W 418 -52.71 1.91 0.23
C ALA W 418 -54.05 1.60 0.89
N ASN W 419 -54.11 0.51 1.64
CA ASN W 419 -55.35 0.14 2.31
C ASN W 419 -55.73 1.17 3.38
N SER W 420 -54.74 1.68 4.10
CA SER W 420 -55.02 2.73 5.08
C SER W 420 -55.56 3.98 4.40
N ARG W 421 -55.03 4.31 3.21
CA ARG W 421 -55.55 5.43 2.46
C ARG W 421 -57.01 5.20 2.08
N SER W 422 -57.35 3.99 1.63
CA SER W 422 -58.73 3.69 1.29
C SER W 422 -59.65 3.82 2.50
N LEU W 423 -59.21 3.32 3.66
CA LEU W 423 -60.01 3.43 4.87
C LEU W 423 -60.20 4.89 5.25
N GLU W 424 -59.15 5.70 5.12
CA GLU W 424 -59.25 7.12 5.41
C GLU W 424 -60.25 7.79 4.48
N VAL W 425 -60.25 7.42 3.20
CA VAL W 425 -61.21 8.00 2.26
C VAL W 425 -62.63 7.64 2.66
N HIS W 426 -62.85 6.38 3.06
CA HIS W 426 -64.18 5.98 3.51
C HIS W 426 -64.63 6.80 4.72
N ASN W 427 -63.74 6.95 5.70
CA ASN W 427 -64.10 7.73 6.89
C ASN W 427 -64.38 9.18 6.53
N GLN W 428 -63.60 9.76 5.61
CA GLN W 428 -63.84 11.14 5.20
C GLN W 428 -65.19 11.29 4.52
N LEU W 429 -65.56 10.31 3.68
CA LEU W 429 -66.87 10.36 3.03
C LEU W 429 -67.99 10.30 4.07
N GLN W 430 -67.85 9.41 5.04
CA GLN W 430 -68.89 9.31 6.07
C GLN W 430 -68.99 10.59 6.88
N GLN W 431 -67.86 11.18 7.26
CA GLN W 431 -67.90 12.42 8.02
C GLN W 431 -68.44 13.58 7.20
N ASN W 432 -68.18 13.58 5.88
CA ASN W 432 -68.76 14.59 5.02
C ASN W 432 -70.27 14.47 4.97
N ILE W 433 -70.78 13.24 4.90
CA ILE W 433 -72.22 13.04 4.95
C ILE W 433 -72.79 13.47 6.30
N LEU W 434 -72.04 13.24 7.37
CA LEU W 434 -72.51 13.58 8.71
C LEU W 434 -72.83 15.07 8.84
N GLN W 435 -72.09 15.93 8.14
CA GLN W 435 -72.22 17.37 8.30
C GLN W 435 -73.20 17.95 7.28
N ILE W 436 -74.45 17.49 7.37
CA ILE W 436 -75.50 17.97 6.49
C ILE W 436 -76.71 18.40 7.30
N SER X 2 -62.35 8.29 29.88
CA SER X 2 -61.24 9.23 29.75
C SER X 2 -60.18 8.97 30.81
N TYR X 3 -60.63 8.59 32.01
CA TYR X 3 -59.68 8.31 33.09
C TYR X 3 -58.86 7.07 32.80
N VAL X 4 -59.42 6.10 32.06
CA VAL X 4 -58.64 4.94 31.66
C VAL X 4 -57.50 5.37 30.73
N SER X 5 -57.79 6.26 29.79
CA SER X 5 -56.75 6.78 28.92
C SER X 5 -55.70 7.55 29.70
N LEU X 6 -56.13 8.30 30.71
CA LEU X 6 -55.18 9.03 31.55
C LEU X 6 -54.30 8.06 32.32
N SER X 7 -54.87 6.96 32.80
CA SER X 7 -54.06 5.94 33.48
C SER X 7 -53.05 5.33 32.51
N GLY X 8 -53.46 5.07 31.27
CA GLY X 8 -52.52 4.57 30.28
C GLY X 8 -51.40 5.55 30.01
N LEU X 9 -51.74 6.84 29.89
CA LEU X 9 -50.72 7.86 29.71
C LEU X 9 -49.75 7.91 30.88
N SER X 10 -50.28 7.81 32.10
CA SER X 10 -49.43 7.82 33.29
C SER X 10 -48.49 6.62 33.31
N ALA X 11 -49.00 5.44 32.96
CA ALA X 11 -48.15 4.25 32.92
C ALA X 11 -47.07 4.39 31.86
N ALA X 12 -47.43 4.90 30.67
CA ALA X 12 -46.44 5.08 29.62
C ALA X 12 -45.37 6.07 30.04
N GLN X 13 -45.77 7.16 30.70
CA GLN X 13 -44.79 8.15 31.15
C GLN X 13 -43.91 7.59 32.25
N LEU X 14 -44.46 6.76 33.14
CA LEU X 14 -43.64 6.12 34.17
C LEU X 14 -42.59 5.20 33.54
N ASP X 15 -43.00 4.41 32.54
CA ASP X 15 -42.04 3.56 31.85
C ASP X 15 -40.99 4.40 31.13
N LEU X 16 -41.41 5.52 30.54
CA LEU X 16 -40.48 6.43 29.89
C LEU X 16 -39.45 6.97 30.88
N ASN X 17 -39.92 7.37 32.06
CA ASN X 17 -39.00 7.89 33.08
C ASN X 17 -38.05 6.82 33.57
N THR X 18 -38.54 5.59 33.75
CA THR X 18 -37.68 4.50 34.16
C THR X 18 -36.58 4.25 33.13
N THR X 19 -36.98 4.21 31.85
CA THR X 19 -35.99 3.99 30.80
C THR X 19 -34.99 5.14 30.73
N SER X 20 -35.47 6.37 30.92
CA SER X 20 -34.58 7.53 30.91
C SER X 20 -33.58 7.45 32.05
N ASN X 21 -34.02 7.04 33.23
CA ASN X 21 -33.09 6.88 34.36
C ASN X 21 -32.06 5.80 34.06
N ASN X 22 -32.52 4.68 33.48
CA ASN X 22 -31.59 3.61 33.12
C ASN X 22 -30.54 4.09 32.12
N ILE X 23 -30.96 4.87 31.13
CA ILE X 23 -30.02 5.39 30.14
C ILE X 23 -29.06 6.38 30.80
N ALA X 24 -29.57 7.28 31.63
CA ALA X 24 -28.74 8.29 32.26
C ALA X 24 -27.68 7.67 33.16
N ASN X 25 -28.03 6.58 33.84
CA ASN X 25 -27.09 5.93 34.74
C ASN X 25 -26.22 4.89 34.03
N ALA X 26 -25.97 5.04 32.74
CA ALA X 26 -25.19 4.06 32.00
C ALA X 26 -23.74 3.97 32.45
N ASN X 27 -23.20 5.03 33.04
CA ASN X 27 -21.80 5.06 33.45
C ASN X 27 -21.60 5.00 34.95
N THR X 28 -22.67 5.08 35.74
CA THR X 28 -22.55 5.02 37.19
C THR X 28 -22.04 3.65 37.62
N TYR X 29 -21.10 3.65 38.56
CA TYR X 29 -20.48 2.42 39.04
C TYR X 29 -21.42 1.70 39.98
N GLY X 30 -21.63 0.40 39.75
CA GLY X 30 -22.42 -0.41 40.63
C GLY X 30 -23.92 -0.22 40.53
N PHE X 31 -24.39 0.57 39.56
CA PHE X 31 -25.81 0.85 39.42
C PHE X 31 -26.54 -0.41 38.95
N LYS X 32 -27.78 -0.56 39.43
CA LYS X 32 -28.65 -1.65 39.03
C LYS X 32 -29.89 -1.07 38.35
N GLU X 33 -30.21 -1.59 37.16
CA GLU X 33 -31.31 -1.05 36.38
C GLU X 33 -32.64 -1.28 37.08
N SER X 34 -33.67 -0.63 36.55
CA SER X 34 -35.02 -0.75 37.09
C SER X 34 -35.99 -1.13 35.97
N ARG X 35 -36.97 -1.93 36.33
CA ARG X 35 -37.99 -2.37 35.39
C ARG X 35 -39.36 -2.05 35.97
N ALA X 36 -40.22 -1.48 35.14
CA ALA X 36 -41.56 -1.05 35.56
C ALA X 36 -42.56 -2.14 35.20
N GLU X 37 -43.29 -2.62 36.20
CA GLU X 37 -44.32 -3.64 36.02
C GLU X 37 -45.66 -3.07 36.43
N PHE X 38 -46.68 -3.34 35.62
CA PHE X 38 -48.00 -2.75 35.81
C PHE X 38 -49.03 -3.84 36.06
N ALA X 39 -50.22 -3.42 36.48
CA ALA X 39 -51.29 -4.34 36.80
C ALA X 39 -52.62 -3.76 36.35
N ASP X 40 -53.56 -4.66 36.04
CA ASP X 40 -54.88 -4.25 35.62
C ASP X 40 -55.70 -3.75 36.81
N VAL X 41 -56.71 -2.94 36.51
CA VAL X 41 -57.62 -2.39 37.50
C VAL X 41 -59.02 -2.88 37.20
N TYR X 42 -59.72 -3.32 38.24
CA TYR X 42 -61.10 -3.76 38.07
C TYR X 42 -61.86 -3.53 39.37
N SER X 43 -63.09 -3.06 39.25
CA SER X 43 -63.90 -2.78 40.42
C SER X 43 -64.35 -4.06 41.10
N ASN X 44 -64.61 -3.96 42.40
CA ASN X 44 -65.08 -5.07 43.22
C ASN X 44 -66.29 -4.65 44.03
N SER X 45 -67.24 -3.99 43.37
CA SER X 45 -68.46 -3.56 44.04
C SER X 45 -69.27 -4.77 44.51
N LEU X 46 -70.08 -4.55 45.55
CA LEU X 46 -70.91 -5.61 46.08
C LEU X 46 -71.91 -6.08 45.04
N PHE X 47 -72.47 -5.15 44.27
CA PHE X 47 -73.39 -5.45 43.19
C PHE X 47 -72.73 -5.04 41.87
N THR X 48 -72.04 -5.99 41.26
CA THR X 48 -71.30 -5.76 40.02
C THR X 48 -71.92 -6.58 38.88
N ASN X 49 -72.15 -5.92 37.74
CA ASN X 49 -72.65 -6.64 36.58
C ASN X 49 -71.57 -7.50 35.91
N ALA X 50 -70.30 -7.10 36.04
CA ALA X 50 -69.16 -7.86 35.54
C ALA X 50 -69.21 -8.02 34.01
N LYS X 51 -70.22 -8.73 33.51
CA LYS X 51 -70.32 -8.95 32.07
C LYS X 51 -70.53 -7.64 31.33
N THR X 52 -71.26 -6.70 31.93
CA THR X 52 -71.57 -5.42 31.29
C THR X 52 -70.69 -4.28 31.79
N THR X 53 -69.63 -4.60 32.54
CA THR X 53 -68.75 -3.57 33.08
C THR X 53 -67.37 -3.70 32.45
N PRO X 54 -66.87 -2.66 31.80
CA PRO X 54 -65.53 -2.73 31.21
C PRO X 54 -64.43 -2.62 32.24
N GLY X 55 -63.17 -2.56 31.80
CA GLY X 55 -62.05 -2.44 32.70
C GLY X 55 -61.96 -1.07 33.32
N GLY X 56 -60.95 -0.91 34.17
CA GLY X 56 -60.78 0.33 34.90
C GLY X 56 -59.43 0.99 34.69
N GLY X 57 -58.73 0.59 33.63
CA GLY X 57 -57.46 1.20 33.31
C GLY X 57 -56.26 0.35 33.69
N ALA X 58 -55.12 1.00 33.93
CA ALA X 58 -53.89 0.31 34.29
C ALA X 58 -53.25 1.04 35.46
N GLN X 59 -52.78 0.26 36.45
CA GLN X 59 -52.17 0.79 37.66
C GLN X 59 -50.74 0.30 37.76
N ALA X 60 -49.82 1.21 38.11
CA ALA X 60 -48.43 0.81 38.32
C ALA X 60 -48.33 -0.09 39.54
N SER X 61 -47.71 -1.25 39.35
CA SER X 61 -47.58 -2.22 40.43
C SER X 61 -46.31 -1.97 41.25
N GLN X 62 -45.15 -1.99 40.59
CA GLN X 62 -43.89 -1.78 41.27
C GLN X 62 -42.82 -1.43 40.25
N VAL X 63 -41.78 -0.75 40.70
CA VAL X 63 -40.58 -0.53 39.91
C VAL X 63 -39.52 -1.50 40.44
N ALA X 64 -39.22 -2.53 39.65
CA ALA X 64 -38.29 -3.55 40.09
C ALA X 64 -36.87 -3.01 40.13
N GLN X 65 -35.98 -3.80 40.71
CA GLN X 65 -34.58 -3.44 40.93
C GLN X 65 -33.68 -4.59 40.51
N GLN X 66 -33.88 -5.07 39.29
CA GLN X 66 -33.15 -6.22 38.75
C GLN X 66 -31.68 -6.18 39.15
N PHE X 67 -31.23 -7.23 39.84
CA PHE X 67 -29.92 -7.27 40.47
C PHE X 67 -28.99 -8.25 39.75
N HIS X 68 -29.19 -8.45 38.46
CA HIS X 68 -28.33 -9.36 37.72
C HIS X 68 -26.93 -8.76 37.59
N GLU X 69 -25.92 -9.63 37.63
CA GLU X 69 -24.53 -9.18 37.65
C GLU X 69 -24.21 -8.33 36.42
N GLY X 70 -23.55 -7.20 36.66
CA GLY X 70 -23.15 -6.32 35.58
C GLY X 70 -21.76 -6.64 35.07
N SER X 71 -21.38 -5.93 34.01
CA SER X 71 -20.06 -6.12 33.43
C SER X 71 -18.99 -5.52 34.34
N SER X 72 -17.76 -5.96 34.12
CA SER X 72 -16.63 -5.54 34.94
C SER X 72 -15.59 -4.84 34.06
N ILE X 73 -15.08 -3.72 34.56
CA ILE X 73 -14.01 -2.99 33.88
C ILE X 73 -12.74 -3.14 34.69
N TYR X 74 -11.61 -3.09 33.99
CA TYR X 74 -10.30 -3.26 34.61
C TYR X 74 -9.56 -1.94 34.58
N THR X 75 -9.21 -1.43 35.75
CA THR X 75 -8.51 -0.16 35.86
C THR X 75 -7.07 -0.32 36.34
N ASN X 76 -6.65 -1.53 36.69
CA ASN X 76 -5.32 -1.82 37.21
C ASN X 76 -5.01 -0.99 38.47
N ASN X 77 -6.05 -0.59 39.21
CA ASN X 77 -5.87 0.12 40.46
C ASN X 77 -6.31 -0.79 41.59
N PRO X 78 -5.39 -1.36 42.36
CA PRO X 78 -5.78 -2.39 43.34
C PRO X 78 -6.70 -1.88 44.44
N MET X 79 -6.80 -0.57 44.64
CA MET X 79 -7.76 -0.03 45.59
C MET X 79 -9.21 -0.16 45.13
N ASP X 80 -9.43 -0.53 43.87
CA ASP X 80 -10.77 -0.76 43.36
C ASP X 80 -11.18 -2.20 43.62
N LEU X 81 -12.39 -2.39 44.14
CA LEU X 81 -12.87 -3.70 44.52
C LEU X 81 -14.19 -4.00 43.84
N ARG X 82 -14.42 -5.29 43.57
CA ARG X 82 -15.64 -5.76 42.93
C ARG X 82 -16.09 -7.03 43.62
N VAL X 83 -17.40 -7.16 43.82
CA VAL X 83 -18.00 -8.36 44.40
C VAL X 83 -18.49 -9.23 43.26
N SER X 84 -17.81 -10.34 43.01
CA SER X 84 -18.23 -11.29 41.99
C SER X 84 -19.11 -12.35 42.64
N GLY X 85 -20.39 -12.37 42.25
CA GLY X 85 -21.32 -13.29 42.86
C GLY X 85 -22.41 -12.58 43.65
N THR X 86 -22.73 -13.09 44.84
CA THR X 86 -23.75 -12.50 45.69
C THR X 86 -23.09 -11.87 46.91
N GLY X 87 -23.48 -10.63 47.20
CA GLY X 87 -22.96 -9.93 48.36
C GLY X 87 -22.81 -8.44 48.06
N PHE X 88 -22.87 -7.64 49.12
CA PHE X 88 -22.73 -6.20 49.01
C PHE X 88 -21.65 -5.70 49.96
N PHE X 89 -20.94 -4.66 49.53
CA PHE X 89 -20.05 -3.94 50.43
C PHE X 89 -20.85 -3.19 51.48
N ALA X 90 -20.28 -3.04 52.66
CA ALA X 90 -20.91 -2.32 53.76
C ALA X 90 -20.07 -1.09 54.10
N VAL X 91 -20.70 0.07 54.11
CA VAL X 91 -20.03 1.33 54.41
C VAL X 91 -20.78 2.06 55.50
N ALA X 92 -20.06 2.68 56.41
CA ALA X 92 -20.63 3.39 57.54
C ALA X 92 -20.42 4.89 57.36
N LYS X 93 -21.44 5.67 57.73
CA LYS X 93 -21.38 7.12 57.55
C LYS X 93 -20.27 7.73 58.42
N GLU X 94 -20.23 7.34 59.69
CA GLU X 94 -19.24 7.85 60.63
C GLU X 94 -18.36 6.72 61.14
N ARG X 95 -17.10 7.04 61.44
CA ARG X 95 -16.16 6.01 61.87
C ARG X 95 -16.58 5.40 63.20
N LEU X 96 -17.08 6.21 64.12
CA LEU X 96 -17.39 5.77 65.47
C LEU X 96 -18.76 5.11 65.60
N THR X 97 -19.53 5.04 64.51
CA THR X 97 -20.85 4.41 64.53
C THR X 97 -20.95 3.39 63.40
N PRO X 98 -20.27 2.25 63.54
CA PRO X 98 -20.41 1.19 62.52
C PRO X 98 -21.81 0.62 62.43
N GLN X 99 -22.63 0.80 63.47
CA GLN X 99 -23.99 0.29 63.42
C GLN X 99 -24.80 0.90 62.29
N GLN X 100 -24.69 2.22 62.11
CA GLN X 100 -25.38 2.91 61.02
C GLN X 100 -24.58 2.70 59.74
N ASN X 101 -25.04 1.78 58.90
CA ASN X 101 -24.32 1.43 57.69
C ASN X 101 -25.30 1.24 56.54
N GLU X 102 -24.77 1.35 55.32
CA GLU X 102 -25.54 1.14 54.11
C GLU X 102 -24.78 0.22 53.17
N LEU X 103 -25.52 -0.49 52.34
CA LEU X 103 -24.94 -1.44 51.40
C LEU X 103 -24.66 -0.77 50.07
N THR X 104 -23.52 -1.11 49.48
CA THR X 104 -23.13 -0.55 48.19
C THR X 104 -22.46 -1.63 47.36
N ARG X 105 -22.24 -1.33 46.09
CA ARG X 105 -21.62 -2.26 45.16
C ARG X 105 -20.37 -1.73 44.48
N ASN X 106 -20.23 -0.42 44.32
CA ASN X 106 -19.03 0.13 43.70
C ASN X 106 -17.83 0.00 44.63
N GLY X 107 -16.64 -0.02 44.05
CA GLY X 107 -15.43 -0.21 44.82
C GLY X 107 -14.41 0.88 44.67
N ALA X 108 -14.84 2.11 44.40
CA ALA X 108 -13.93 3.24 44.26
C ALA X 108 -13.46 3.65 45.65
N PHE X 109 -12.44 2.95 46.15
CA PHE X 109 -11.93 3.16 47.50
C PHE X 109 -10.59 3.88 47.47
N HIS X 110 -10.31 4.62 48.54
CA HIS X 110 -9.04 5.31 48.70
C HIS X 110 -8.83 5.61 50.18
N LEU X 111 -7.56 5.85 50.54
CA LEU X 111 -7.21 6.18 51.91
C LEU X 111 -7.49 7.65 52.18
N ASN X 112 -8.15 7.93 53.30
CA ASN X 112 -8.36 9.29 53.75
C ASN X 112 -7.15 9.74 54.56
N LYS X 113 -7.26 10.91 55.22
CA LYS X 113 -6.13 11.43 55.97
C LYS X 113 -5.79 10.57 57.18
N GLU X 114 -6.72 9.73 57.64
CA GLU X 114 -6.49 8.86 58.78
C GLU X 114 -6.08 7.44 58.37
N ASN X 115 -5.78 7.23 57.09
CA ASN X 115 -5.42 5.92 56.56
C ASN X 115 -6.55 4.90 56.75
N TYR X 116 -7.78 5.34 56.54
CA TYR X 116 -8.94 4.46 56.51
C TYR X 116 -9.48 4.37 55.10
N MET X 117 -9.90 3.18 54.69
CA MET X 117 -10.46 2.98 53.36
C MET X 117 -11.89 3.53 53.33
N VAL X 118 -12.13 4.49 52.44
CA VAL X 118 -13.42 5.15 52.34
C VAL X 118 -13.84 5.19 50.89
N THR X 119 -15.13 5.49 50.68
CA THR X 119 -15.67 5.64 49.34
C THR X 119 -15.42 7.07 48.85
N ALA X 120 -16.05 7.44 47.73
CA ALA X 120 -15.88 8.79 47.21
C ALA X 120 -16.45 9.83 48.18
N ASN X 121 -17.57 9.52 48.82
CA ASN X 121 -18.20 10.40 49.79
C ASN X 121 -17.55 10.33 51.17
N ASP X 122 -16.35 9.78 51.27
CA ASP X 122 -15.63 9.63 52.55
C ASP X 122 -16.49 8.84 53.55
N GLU X 123 -17.05 7.74 53.09
CA GLU X 123 -17.80 6.82 53.95
C GLU X 123 -16.91 5.61 54.24
N PHE X 124 -16.68 5.35 55.52
CA PHE X 124 -15.73 4.33 55.91
C PHE X 124 -16.21 2.95 55.52
N LEU X 125 -15.29 2.12 55.03
CA LEU X 125 -15.59 0.75 54.64
C LEU X 125 -15.52 -0.16 55.86
N LEU X 126 -16.59 -0.91 56.10
CA LEU X 126 -16.67 -1.78 57.27
C LEU X 126 -15.94 -3.08 57.02
N GLY X 127 -15.20 -3.54 58.04
CA GLY X 127 -14.44 -4.76 57.94
C GLY X 127 -14.38 -5.49 59.26
N TYR X 128 -13.84 -6.69 59.21
CA TYR X 128 -13.71 -7.54 60.38
C TYR X 128 -12.31 -7.37 60.98
N GLN X 129 -12.02 -8.17 62.01
CA GLN X 129 -10.71 -8.20 62.65
C GLN X 129 -10.27 -9.65 62.80
N VAL X 130 -9.23 -10.02 62.06
CA VAL X 130 -8.79 -11.41 62.03
C VAL X 130 -7.79 -11.66 63.17
N ASP X 131 -7.60 -12.94 63.48
CA ASP X 131 -6.64 -13.35 64.49
C ASP X 131 -5.22 -13.29 63.93
N PRO X 132 -4.23 -12.98 64.78
CA PRO X 132 -2.85 -12.88 64.28
C PRO X 132 -2.35 -14.14 63.60
N SER X 133 -2.63 -15.31 64.17
CA SER X 133 -2.20 -16.58 63.60
C SER X 133 -3.33 -17.35 62.94
N SER X 134 -4.44 -17.54 63.63
CA SER X 134 -5.58 -18.24 63.05
C SER X 134 -6.20 -17.41 61.94
N GLY X 135 -6.45 -18.05 60.79
CA GLY X 135 -7.05 -17.35 59.67
C GLY X 135 -8.47 -16.90 59.94
N GLU X 136 -9.23 -17.69 60.69
CA GLU X 136 -10.62 -17.37 60.96
C GLU X 136 -10.74 -16.06 61.73
N VAL X 137 -11.75 -15.27 61.37
CA VAL X 137 -12.02 -14.02 62.07
C VAL X 137 -12.73 -14.34 63.38
N SER X 138 -12.27 -13.72 64.47
CA SER X 138 -12.84 -14.01 65.78
C SER X 138 -14.19 -13.33 65.97
N SER X 139 -14.20 -12.00 65.94
CA SER X 139 -15.41 -11.24 66.19
C SER X 139 -16.04 -10.81 64.87
N TYR X 140 -17.36 -11.02 64.77
CA TYR X 140 -18.09 -10.75 63.54
C TYR X 140 -18.68 -9.34 63.50
N GLU X 141 -18.38 -8.51 64.49
CA GLU X 141 -18.87 -7.14 64.43
C GLU X 141 -18.11 -6.35 63.36
N PRO X 142 -18.81 -5.47 62.65
CA PRO X 142 -18.12 -4.64 61.65
C PRO X 142 -17.42 -3.45 62.29
N GLN X 143 -16.21 -3.18 61.81
CA GLN X 143 -15.42 -2.05 62.27
C GLN X 143 -14.68 -1.44 61.09
N PRO X 144 -14.36 -0.15 61.14
CA PRO X 144 -13.65 0.47 60.02
C PRO X 144 -12.28 -0.16 59.80
N ILE X 145 -11.86 -0.19 58.54
CA ILE X 145 -10.58 -0.78 58.17
C ILE X 145 -9.52 0.30 58.20
N ASN X 146 -8.43 0.04 58.91
CA ASN X 146 -7.30 0.96 59.02
C ASN X 146 -6.04 0.29 58.48
N ILE X 147 -5.19 1.07 57.83
CA ILE X 147 -3.94 0.57 57.28
C ILE X 147 -2.80 1.40 57.86
N PRO X 148 -2.27 1.04 59.02
CA PRO X 148 -1.17 1.82 59.61
C PRO X 148 0.06 1.80 58.73
N ALA X 149 0.77 2.92 58.74
CA ALA X 149 1.99 3.06 57.94
C ALA X 149 3.23 2.59 58.69
N GLU X 150 3.10 2.25 59.96
CA GLU X 150 4.22 1.77 60.76
C GLU X 150 3.80 0.55 61.55
N PHE X 151 4.70 -0.43 61.64
CA PHE X 151 4.53 -1.56 62.54
C PHE X 151 5.12 -1.19 63.90
N GLY X 152 4.45 -0.23 64.54
CA GLY X 152 4.97 0.38 65.75
C GLY X 152 4.83 -0.46 67.00
N LYS X 153 5.43 -1.64 66.99
CA LYS X 153 5.43 -2.51 68.16
C LYS X 153 6.55 -3.54 68.06
N PRO X 154 7.75 -3.21 68.55
CA PRO X 154 8.83 -4.19 68.55
C PRO X 154 8.45 -5.46 69.29
N LYS X 155 8.38 -6.58 68.58
CA LYS X 155 7.93 -7.85 69.14
C LYS X 155 9.14 -8.64 69.61
N GLN X 156 9.17 -8.99 70.89
CA GLN X 156 10.27 -9.76 71.45
C GLN X 156 10.26 -11.18 70.93
N THR X 157 11.45 -11.79 70.90
CA THR X 157 11.59 -13.17 70.47
C THR X 157 11.12 -14.09 71.59
N ALA X 158 10.18 -14.97 71.29
CA ALA X 158 9.64 -15.87 72.30
C ALA X 158 9.72 -17.33 71.88
N ASN X 159 9.53 -17.60 70.59
CA ASN X 159 9.59 -18.95 70.07
C ASN X 159 10.63 -19.02 68.96
N ILE X 160 11.51 -20.02 69.03
CA ILE X 160 12.53 -20.25 68.02
C ILE X 160 12.43 -21.70 67.58
N GLU X 161 12.17 -21.91 66.30
CA GLU X 161 12.09 -23.25 65.73
C GLU X 161 13.37 -23.53 64.94
N VAL X 162 14.06 -24.60 65.30
CA VAL X 162 15.31 -24.98 64.66
C VAL X 162 15.19 -26.43 64.19
N GLY X 163 15.47 -26.66 62.92
CA GLY X 163 15.53 -28.00 62.38
C GLY X 163 16.89 -28.28 61.76
N VAL X 164 17.67 -29.18 62.36
CA VAL X 164 19.02 -29.46 61.91
C VAL X 164 19.19 -30.96 61.71
N ASN X 165 20.17 -31.31 60.90
CA ASN X 165 20.59 -32.69 60.71
C ASN X 165 21.98 -32.86 61.31
N LEU X 166 22.11 -33.81 62.23
CA LEU X 166 23.42 -33.89 62.85
C LEU X 166 24.22 -35.05 62.27
N PRO X 167 25.52 -34.86 62.09
CA PRO X 167 26.34 -35.93 61.49
C PRO X 167 26.47 -37.12 62.45
N ALA X 168 26.00 -38.28 61.99
CA ALA X 168 26.10 -39.48 62.80
C ALA X 168 27.53 -40.00 62.90
N ASN X 169 28.40 -39.61 61.98
CA ASN X 169 29.78 -40.04 61.97
C ASN X 169 30.72 -39.07 62.70
N GLY X 170 30.17 -38.04 63.34
CA GLY X 170 31.01 -37.09 64.04
C GLY X 170 31.73 -37.72 65.21
N ASP X 171 32.91 -37.17 65.51
CA ASP X 171 33.73 -37.70 66.60
C ASP X 171 33.10 -37.35 67.94
N LEU X 172 33.21 -38.28 68.90
CA LEU X 172 32.64 -38.09 70.22
C LEU X 172 33.45 -37.06 71.02
N LYS X 173 32.78 -36.46 72.00
CA LYS X 173 33.39 -35.45 72.87
C LYS X 173 33.07 -35.77 74.32
N ASP X 174 33.80 -35.16 75.22
CA ASP X 174 33.61 -35.36 76.64
C ASP X 174 32.54 -34.40 77.16
N PRO X 175 31.41 -34.90 77.67
CA PRO X 175 30.36 -33.98 78.15
C PRO X 175 30.82 -33.06 79.26
N THR X 176 31.66 -33.54 80.18
CA THR X 176 32.09 -32.70 81.29
C THR X 176 33.15 -31.68 80.89
N GLN X 177 33.75 -31.83 79.72
CA GLN X 177 34.81 -30.94 79.25
C GLN X 177 34.29 -29.85 78.32
N PHE X 178 32.97 -29.67 78.25
CA PHE X 178 32.41 -28.67 77.34
C PHE X 178 32.75 -27.26 77.81
N ASP X 179 33.14 -26.41 76.87
CA ASP X 179 33.43 -25.01 77.15
C ASP X 179 33.30 -24.23 75.85
N PHE X 180 32.41 -23.24 75.84
CA PHE X 180 32.15 -22.50 74.60
C PHE X 180 33.36 -21.72 74.12
N SER X 181 34.30 -21.42 75.01
CA SER X 181 35.50 -20.69 74.59
C SER X 181 36.48 -21.56 73.82
N ASP X 182 36.40 -22.88 73.96
CA ASP X 182 37.29 -23.79 73.26
C ASP X 182 36.54 -24.51 72.16
N PRO X 183 36.83 -24.25 70.89
CA PRO X 183 36.08 -24.91 69.81
C PRO X 183 36.19 -26.42 69.81
N ASP X 184 37.34 -26.97 70.21
CA ASP X 184 37.57 -28.41 70.10
C ASP X 184 36.76 -29.23 71.09
N THR X 185 36.20 -28.60 72.14
CA THR X 185 35.43 -29.36 73.11
C THR X 185 34.10 -29.83 72.55
N TYR X 186 33.49 -29.03 71.67
CA TYR X 186 32.19 -29.36 71.08
C TYR X 186 32.38 -29.70 69.61
N ASN X 187 31.27 -29.97 68.93
CA ASN X 187 31.29 -30.37 67.53
C ASN X 187 30.99 -29.20 66.59
N ARG X 188 29.86 -28.53 66.79
CA ARG X 188 29.43 -27.47 65.89
C ARG X 188 28.90 -26.29 66.69
N SER X 189 28.91 -25.13 66.06
CA SER X 189 28.38 -23.90 66.64
C SER X 189 27.67 -23.11 65.57
N THR X 190 26.46 -22.64 65.88
CA THR X 190 25.66 -21.85 64.94
C THR X 190 25.33 -20.50 65.55
N SER X 191 25.22 -19.49 64.70
CA SER X 191 24.96 -18.13 65.12
C SER X 191 23.63 -17.66 64.54
N SER X 192 22.92 -16.85 65.32
CA SER X 192 21.62 -16.33 64.91
C SER X 192 21.34 -15.03 65.65
N THR X 193 20.33 -14.32 65.20
CA THR X 193 19.95 -13.03 65.77
C THR X 193 18.59 -13.11 66.43
N ILE X 194 18.47 -12.52 67.61
CA ILE X 194 17.22 -12.47 68.37
C ILE X 194 16.95 -11.02 68.75
N TYR X 195 15.69 -10.73 69.07
CA TYR X 195 15.25 -9.39 69.39
C TYR X 195 14.54 -9.37 70.73
N ASP X 196 14.81 -8.35 71.52
CA ASP X 196 14.20 -8.16 72.82
C ASP X 196 12.95 -7.31 72.69
N SER X 197 12.42 -6.84 73.82
CA SER X 197 11.21 -6.01 73.80
C SER X 197 11.46 -4.67 73.12
N MET X 198 12.64 -4.07 73.33
CA MET X 198 12.95 -2.76 72.77
C MET X 198 13.49 -2.85 71.35
N GLY X 199 13.56 -4.04 70.76
CA GLY X 199 14.05 -4.19 69.42
C GLY X 199 15.55 -4.31 69.27
N GLN X 200 16.30 -4.32 70.38
CA GLN X 200 17.73 -4.50 70.32
C GLN X 200 18.06 -5.88 69.77
N SER X 201 19.04 -5.94 68.87
CA SER X 201 19.46 -7.19 68.26
C SER X 201 20.54 -7.85 69.10
N TYR X 202 20.35 -9.12 69.41
CA TYR X 202 21.34 -9.91 70.14
C TYR X 202 21.73 -11.12 69.32
N LYS X 203 22.99 -11.53 69.47
CA LYS X 203 23.52 -12.69 68.75
C LYS X 203 23.37 -13.92 69.63
N LEU X 204 22.64 -14.92 69.14
CA LEU X 204 22.43 -16.17 69.85
C LEU X 204 23.29 -17.25 69.23
N THR X 205 24.14 -17.87 70.04
CA THR X 205 25.04 -18.91 69.59
C THR X 205 24.64 -20.24 70.20
N THR X 206 24.46 -21.25 69.37
CA THR X 206 24.07 -22.59 69.81
C THR X 206 25.20 -23.57 69.54
N TYR X 207 25.62 -24.29 70.57
CA TYR X 207 26.71 -25.25 70.47
C TYR X 207 26.15 -26.66 70.57
N TYR X 208 26.55 -27.52 69.63
CA TYR X 208 26.11 -28.91 69.59
C TYR X 208 27.27 -29.82 69.93
N LEU X 209 27.06 -30.69 70.91
CA LEU X 209 28.10 -31.59 71.39
C LEU X 209 27.59 -33.03 71.33
N LYS X 210 28.40 -33.91 70.77
CA LYS X 210 28.04 -35.31 70.62
C LYS X 210 28.49 -36.08 71.85
N ASP X 211 27.55 -36.75 72.51
CA ASP X 211 27.87 -37.50 73.73
C ASP X 211 28.72 -38.72 73.41
N GLN X 212 29.70 -38.97 74.26
CA GLN X 212 30.54 -40.16 74.14
C GLN X 212 30.00 -41.33 74.96
N THR X 213 29.52 -41.07 76.17
CA THR X 213 29.06 -42.14 77.04
C THR X 213 27.84 -42.85 76.45
N GLN X 214 26.89 -42.09 75.90
CA GLN X 214 25.67 -42.66 75.37
C GLN X 214 25.61 -42.44 73.87
N PRO X 215 25.60 -43.50 73.05
CA PRO X 215 25.47 -43.31 71.61
C PRO X 215 24.11 -42.77 71.22
N ASN X 216 24.08 -42.09 70.07
CA ASN X 216 22.88 -41.44 69.55
C ASN X 216 22.33 -40.42 70.55
N THR X 217 23.24 -39.71 71.22
CA THR X 217 22.88 -38.68 72.18
C THR X 217 23.71 -37.43 71.90
N TRP X 218 23.04 -36.28 71.90
CA TRP X 218 23.68 -35.00 71.65
C TRP X 218 23.32 -34.01 72.74
N ASN X 219 24.27 -33.12 73.04
CA ASN X 219 24.07 -32.07 74.02
C ASN X 219 24.11 -30.72 73.34
N THR X 220 23.17 -29.86 73.70
CA THR X 220 23.01 -28.56 73.07
C THR X 220 23.11 -27.46 74.11
N TYR X 221 23.92 -26.45 73.83
CA TYR X 221 24.14 -25.34 74.74
C TYR X 221 23.96 -24.03 73.99
N TYR X 222 23.54 -23.00 74.72
CA TYR X 222 23.25 -21.69 74.15
C TYR X 222 24.01 -20.61 74.89
N THR X 223 24.43 -19.59 74.14
CA THR X 223 25.07 -18.41 74.72
C THR X 223 24.50 -17.18 74.05
N VAL X 224 24.51 -16.06 74.79
CA VAL X 224 24.01 -14.77 74.30
C VAL X 224 25.18 -13.80 74.29
N THR X 225 25.41 -13.16 73.14
CA THR X 225 26.54 -12.25 72.96
C THR X 225 26.02 -10.83 72.89
N ASP X 226 26.19 -10.08 73.97
CA ASP X 226 25.87 -8.66 74.03
C ASP X 226 27.16 -7.85 73.87
N LYS X 227 27.04 -6.53 74.06
CA LYS X 227 28.22 -5.68 73.97
C LYS X 227 29.20 -5.94 75.10
N GLU X 228 28.70 -6.32 76.28
CA GLU X 228 29.59 -6.63 77.39
C GLU X 228 30.44 -7.86 77.09
N GLY X 229 29.85 -8.88 76.49
CA GLY X 229 30.57 -10.09 76.17
C GLY X 229 29.59 -11.22 75.84
N GLU X 230 30.10 -12.44 75.88
CA GLU X 230 29.31 -13.63 75.63
C GLU X 230 28.97 -14.27 76.97
N LYS X 231 27.68 -14.36 77.28
CA LYS X 231 27.21 -14.94 78.53
C LYS X 231 26.44 -16.21 78.25
N PRO X 232 26.79 -17.32 78.90
CA PRO X 232 26.05 -18.57 78.67
C PRO X 232 24.63 -18.49 79.18
N LEU X 233 23.75 -19.23 78.52
CA LEU X 233 22.33 -19.27 78.87
C LEU X 233 21.98 -20.67 79.37
N ASN X 234 21.27 -20.74 80.49
CA ASN X 234 20.91 -22.00 81.11
C ASN X 234 19.45 -22.33 80.82
N VAL X 235 19.18 -23.60 80.59
CA VAL X 235 17.83 -24.09 80.37
C VAL X 235 17.18 -24.34 81.73
N ALA X 236 15.86 -24.15 81.80
CA ALA X 236 15.17 -24.24 83.08
C ALA X 236 15.30 -25.62 83.71
N ALA X 237 15.12 -26.67 82.91
CA ALA X 237 15.16 -28.04 83.41
C ALA X 237 16.00 -28.94 82.50
N GLY X 238 17.04 -28.40 81.90
CA GLY X 238 17.88 -29.19 81.02
C GLY X 238 18.66 -30.24 81.79
N ASP X 239 18.72 -31.44 81.23
CA ASP X 239 19.42 -32.57 81.85
C ASP X 239 20.86 -32.68 81.36
N ALA X 240 21.60 -31.56 81.42
CA ALA X 240 23.02 -31.55 81.04
C ALA X 240 23.68 -30.41 81.82
N GLN X 241 24.32 -30.76 82.93
CA GLN X 241 24.95 -29.79 83.81
C GLN X 241 26.46 -29.97 83.75
N THR X 242 27.14 -28.99 83.16
CA THR X 242 28.60 -29.01 83.14
C THR X 242 29.14 -28.67 84.53
N PRO X 243 30.38 -29.08 84.83
CA PRO X 243 30.96 -28.73 86.13
C PRO X 243 31.03 -27.24 86.38
N THR X 244 31.19 -26.42 85.34
CA THR X 244 31.15 -24.98 85.53
C THR X 244 29.79 -24.51 86.03
N GLY X 245 28.72 -25.11 85.51
CA GLY X 245 27.38 -24.77 85.95
C GLY X 245 26.42 -24.52 84.80
N HIS X 246 26.97 -24.44 83.59
CA HIS X 246 26.14 -24.22 82.40
C HIS X 246 25.20 -25.39 82.19
N VAL X 247 23.93 -25.10 81.91
CA VAL X 247 22.89 -26.11 81.79
C VAL X 247 22.41 -26.16 80.35
N GLY X 248 22.66 -27.28 79.68
CA GLY X 248 22.12 -27.55 78.38
C GLY X 248 21.06 -28.62 78.41
N HIS X 249 20.66 -29.09 77.23
CA HIS X 249 19.64 -30.12 77.11
C HIS X 249 20.14 -31.21 76.18
N THR X 250 19.61 -32.41 76.38
CA THR X 250 20.05 -33.61 75.66
C THR X 250 19.06 -33.97 74.57
N MET X 251 19.58 -34.42 73.43
CA MET X 251 18.77 -34.86 72.30
C MET X 251 19.14 -36.31 71.98
N LYS X 252 18.13 -37.16 71.87
CA LYS X 252 18.31 -38.57 71.58
C LYS X 252 17.51 -38.95 70.34
N PHE X 253 18.03 -39.90 69.58
CA PHE X 253 17.46 -40.26 68.29
C PHE X 253 17.24 -41.77 68.21
N ASN X 254 16.32 -42.17 67.34
CA ASN X 254 15.97 -43.57 67.18
C ASN X 254 17.02 -44.27 66.31
N ASN X 255 16.75 -45.54 65.97
CA ASN X 255 17.69 -46.30 65.16
C ASN X 255 17.70 -45.79 63.72
N ASP X 256 16.55 -45.36 63.20
CA ASP X 256 16.47 -44.85 61.84
C ASP X 256 16.96 -43.41 61.71
N GLY X 257 17.41 -42.80 62.79
CA GLY X 257 17.90 -41.44 62.76
C GLY X 257 16.87 -40.37 63.03
N THR X 258 15.59 -40.74 63.13
CA THR X 258 14.57 -39.76 63.47
C THR X 258 14.67 -39.38 64.94
N LEU X 259 13.95 -38.32 65.31
CA LEU X 259 14.02 -37.80 66.66
C LEU X 259 13.28 -38.70 67.64
N ALA X 260 13.94 -39.00 68.77
CA ALA X 260 13.36 -39.87 69.79
C ALA X 260 12.82 -39.08 70.97
N SER X 261 13.68 -38.29 71.63
CA SER X 261 13.27 -37.55 72.81
C SER X 261 14.09 -36.27 72.91
N LEU X 262 13.52 -35.28 73.60
CA LEU X 262 14.15 -33.98 73.78
C LEU X 262 14.06 -33.59 75.25
N ASN X 263 15.21 -33.43 75.90
CA ASN X 263 15.29 -33.00 77.29
C ASN X 263 14.40 -33.85 78.19
N ASN X 264 14.47 -35.16 78.00
CA ASN X 264 13.66 -36.13 78.75
C ASN X 264 12.17 -35.86 78.59
N GLY X 265 11.76 -35.41 77.40
CA GLY X 265 10.36 -35.14 77.14
C GLY X 265 9.82 -33.85 77.69
N GLN X 266 10.67 -33.00 78.25
CA GLN X 266 10.22 -31.73 78.80
C GLN X 266 10.40 -30.61 77.76
N PRO X 267 9.54 -29.59 77.81
CA PRO X 267 9.72 -28.46 76.90
C PRO X 267 11.01 -27.70 77.22
N ILE X 268 11.63 -27.16 76.18
CA ILE X 268 12.89 -26.45 76.30
C ILE X 268 12.58 -24.98 76.50
N THR X 269 12.69 -24.50 77.73
CA THR X 269 12.48 -23.11 78.06
C THR X 269 13.72 -22.58 78.77
N SER X 270 14.30 -21.50 78.25
CA SER X 270 15.48 -20.92 78.86
C SER X 270 15.09 -20.03 80.02
N VAL X 271 16.07 -19.73 80.88
CA VAL X 271 15.87 -18.84 82.01
C VAL X 271 15.76 -17.41 81.51
N ALA X 272 15.35 -16.50 82.38
CA ALA X 272 15.25 -15.09 82.01
C ALA X 272 16.62 -14.55 81.64
N LEU X 273 16.65 -13.79 80.54
CA LEU X 273 17.93 -13.28 80.01
C LEU X 273 18.58 -12.31 80.98
N GLY X 274 17.81 -11.36 81.50
CA GLY X 274 18.39 -10.28 82.29
C GLY X 274 17.95 -10.22 83.73
N ASP X 275 17.45 -11.33 84.28
CA ASP X 275 17.03 -11.35 85.67
C ASP X 275 18.08 -12.03 86.52
N PRO X 276 18.81 -11.31 87.37
CA PRO X 276 19.82 -11.96 88.21
C PRO X 276 19.25 -12.95 89.21
N ALA X 277 17.97 -12.85 89.53
CA ALA X 277 17.36 -13.76 90.50
C ALA X 277 17.27 -15.20 90.00
N THR X 278 17.35 -15.42 88.69
CA THR X 278 17.27 -16.76 88.13
C THR X 278 18.43 -17.10 87.19
N ASN X 279 19.27 -16.14 86.82
CA ASN X 279 20.38 -16.37 85.90
C ASN X 279 21.67 -15.92 86.57
N THR X 280 22.68 -16.79 86.51
CA THR X 280 23.98 -16.46 87.09
C THR X 280 24.75 -15.45 86.25
N THR X 281 24.43 -15.32 84.97
CA THR X 281 25.07 -14.36 84.07
C THR X 281 23.97 -13.57 83.37
N PRO X 282 23.41 -12.57 84.05
CA PRO X 282 22.30 -11.80 83.47
C PRO X 282 22.75 -11.05 82.23
N VAL X 283 21.96 -11.15 81.16
CA VAL X 283 22.26 -10.43 79.94
C VAL X 283 21.89 -8.96 80.10
N ASP X 284 22.79 -8.08 79.66
CA ASP X 284 22.58 -6.64 79.80
C ASP X 284 21.48 -6.18 78.86
N MET X 285 20.25 -6.12 79.37
CA MET X 285 19.10 -5.76 78.53
C MET X 285 19.13 -4.30 78.08
N ASN X 286 19.92 -3.45 78.75
CA ASN X 286 20.04 -2.04 78.41
C ASN X 286 18.67 -1.36 78.41
N GLY X 287 17.84 -1.71 79.40
CA GLY X 287 16.51 -1.15 79.53
C GLY X 287 15.39 -2.04 79.04
N ALA X 288 15.70 -3.15 78.38
CA ALA X 288 14.66 -4.03 77.88
C ALA X 288 14.07 -4.86 79.01
N ASP X 289 13.10 -5.69 78.66
CA ASP X 289 12.45 -6.53 79.66
C ASP X 289 13.41 -7.62 80.11
N PRO X 290 13.74 -7.69 81.41
CA PRO X 290 14.69 -8.69 81.88
C PRO X 290 14.09 -10.07 82.06
N ALA X 291 12.78 -10.23 81.99
CA ALA X 291 12.12 -11.50 82.21
C ALA X 291 11.82 -12.24 80.92
N GLN X 292 12.46 -11.88 79.81
CA GLN X 292 12.20 -12.56 78.55
C GLN X 292 12.64 -14.01 78.62
N THR X 293 11.80 -14.90 78.09
CA THR X 293 12.08 -16.32 78.07
C THR X 293 11.97 -16.83 76.63
N LEU X 294 12.81 -17.80 76.31
CA LEU X 294 12.88 -18.37 74.96
C LEU X 294 12.43 -19.82 74.99
N ASN X 295 11.59 -20.19 74.02
CA ASN X 295 11.13 -21.55 73.85
C ASN X 295 11.69 -22.09 72.55
N PHE X 296 12.40 -23.22 72.64
CA PHE X 296 13.05 -23.84 71.48
C PHE X 296 12.22 -25.02 71.02
N GLY X 297 11.87 -25.03 69.74
CA GLY X 297 11.18 -26.17 69.16
C GLY X 297 12.06 -26.90 68.16
N LEU X 298 12.54 -28.08 68.55
CA LEU X 298 13.46 -28.86 67.73
C LEU X 298 12.85 -30.23 67.42
N GLY X 299 11.56 -30.25 67.08
CA GLY X 299 10.87 -31.50 66.83
C GLY X 299 11.21 -32.17 65.52
N SER X 300 11.95 -31.49 64.64
CA SER X 300 12.31 -32.05 63.35
C SER X 300 13.81 -32.32 63.23
N ALA X 301 14.54 -32.30 64.33
CA ALA X 301 15.97 -32.59 64.29
C ALA X 301 16.21 -34.04 63.92
N THR X 302 17.22 -34.26 63.07
CA THR X 302 17.55 -35.61 62.60
C THR X 302 19.05 -35.84 62.73
N GLN X 303 19.41 -37.11 62.75
CA GLN X 303 20.81 -37.53 62.78
C GLN X 303 21.01 -38.60 61.71
N PHE X 304 21.57 -38.22 60.58
CA PHE X 304 21.83 -39.12 59.46
C PHE X 304 23.31 -39.10 59.14
N ALA X 305 23.67 -39.78 58.05
CA ALA X 305 25.05 -39.81 57.60
C ALA X 305 25.47 -38.49 56.97
N ALA X 306 24.52 -37.62 56.66
CA ALA X 306 24.86 -36.34 56.06
C ALA X 306 25.61 -35.46 57.05
N PRO X 307 26.46 -34.55 56.56
CA PRO X 307 27.18 -33.65 57.47
C PRO X 307 26.26 -32.67 58.18
N PHE X 308 26.82 -31.84 59.05
CA PHE X 308 26.02 -30.88 59.80
C PHE X 308 25.35 -29.89 58.86
N GLU X 309 24.09 -29.58 59.12
CA GLU X 309 23.31 -28.73 58.24
C GLU X 309 22.21 -28.05 59.03
N LEU X 310 22.05 -26.75 58.83
CA LEU X 310 20.96 -25.97 59.42
C LEU X 310 19.87 -25.85 58.37
N THR X 311 18.92 -26.79 58.41
CA THR X 311 17.90 -26.85 57.36
C THR X 311 16.91 -25.70 57.48
N LYS X 312 16.43 -25.43 58.69
CA LYS X 312 15.36 -24.45 58.89
C LYS X 312 15.61 -23.69 60.17
N PHE X 313 15.41 -22.36 60.12
CA PHE X 313 15.50 -21.52 61.32
C PHE X 313 14.37 -20.50 61.26
N ASP X 314 13.47 -20.56 62.23
CA ASP X 314 12.32 -19.68 62.29
C ASP X 314 12.17 -19.11 63.69
N GLU X 315 11.78 -17.85 63.79
CA GLU X 315 11.54 -17.18 65.05
C GLU X 315 10.25 -16.37 64.96
N ASP X 316 9.88 -15.75 66.07
CA ASP X 316 8.71 -14.88 66.12
C ASP X 316 9.08 -13.45 66.48
N GLY X 317 10.37 -13.11 66.44
CA GLY X 317 10.79 -11.76 66.73
C GLY X 317 10.51 -10.80 65.59
N ALA X 318 10.50 -9.51 65.93
CA ALA X 318 10.22 -8.47 64.95
C ALA X 318 10.78 -7.15 65.44
N THR X 319 10.90 -6.21 64.52
CA THR X 319 11.43 -4.88 64.81
C THR X 319 10.53 -3.85 64.15
N THR X 320 10.83 -2.58 64.41
CA THR X 320 10.08 -1.49 63.81
C THR X 320 10.22 -1.51 62.30
N GLY X 321 9.15 -1.15 61.61
CA GLY X 321 9.15 -1.20 60.16
C GLY X 321 8.16 -0.24 59.56
N PHE X 322 8.22 -0.12 58.23
CA PHE X 322 7.39 0.78 57.46
C PHE X 322 6.57 0.01 56.44
N LEU X 323 5.30 0.39 56.29
CA LEU X 323 4.42 -0.26 55.34
C LEU X 323 5.02 -0.19 53.94
N THR X 324 5.32 -1.35 53.37
CA THR X 324 5.97 -1.44 52.07
C THR X 324 5.00 -1.67 50.92
N LYS X 325 4.06 -2.61 51.06
CA LYS X 325 3.06 -2.85 50.04
C LYS X 325 1.83 -3.45 50.66
N VAL X 326 0.71 -3.34 49.95
CA VAL X 326 -0.58 -3.87 50.40
C VAL X 326 -1.26 -4.55 49.22
N ASP X 327 -1.77 -5.75 49.46
CA ASP X 327 -2.47 -6.49 48.42
C ASP X 327 -3.70 -7.16 49.05
N PHE X 328 -4.59 -7.63 48.18
CA PHE X 328 -5.85 -8.25 48.58
C PHE X 328 -5.89 -9.68 48.04
N ASP X 329 -6.25 -10.63 48.90
CA ASP X 329 -6.41 -12.01 48.46
C ASP X 329 -7.87 -12.28 48.12
N GLU X 330 -8.12 -13.49 47.60
CA GLU X 330 -9.47 -13.85 47.18
C GLU X 330 -10.41 -13.98 48.37
N ASN X 331 -9.89 -14.27 49.56
CA ASN X 331 -10.73 -14.35 50.75
C ASN X 331 -11.16 -12.97 51.26
N GLY X 332 -10.62 -11.90 50.69
CA GLY X 332 -10.94 -10.55 51.13
C GLY X 332 -10.02 -10.00 52.18
N SER X 333 -9.08 -10.79 52.69
CA SER X 333 -8.14 -10.31 53.68
C SER X 333 -7.17 -9.32 53.04
N VAL X 334 -7.01 -8.17 53.67
CA VAL X 334 -6.08 -7.15 53.21
C VAL X 334 -4.78 -7.34 53.98
N MET X 335 -3.74 -7.77 53.29
CA MET X 335 -2.45 -8.05 53.91
C MET X 335 -1.43 -6.99 53.53
N GLY X 336 -0.50 -6.74 54.43
CA GLY X 336 0.55 -5.78 54.19
C GLY X 336 1.89 -6.23 54.73
N THR X 337 2.93 -6.09 53.94
CA THR X 337 4.28 -6.46 54.34
C THR X 337 5.06 -5.21 54.69
N TYR X 338 5.80 -5.26 55.79
CA TYR X 338 6.54 -4.13 56.31
C TYR X 338 8.04 -4.32 56.08
N SER X 339 8.81 -3.34 56.51
CA SER X 339 10.27 -3.40 56.33
C SER X 339 10.89 -4.51 57.17
N ASN X 340 10.37 -4.75 58.37
CA ASN X 340 10.91 -5.81 59.20
C ASN X 340 10.70 -7.19 58.57
N GLY X 341 9.55 -7.39 57.93
CA GLY X 341 9.27 -8.63 57.23
C GLY X 341 7.97 -9.31 57.60
N GLU X 342 7.32 -8.92 58.70
CA GLU X 342 6.08 -9.57 59.10
C GLU X 342 4.97 -9.30 58.09
N ASN X 343 4.21 -10.34 57.75
CA ASN X 343 3.08 -10.22 56.84
C ASN X 343 1.80 -10.04 57.63
N VAL X 344 1.70 -8.89 58.28
CA VAL X 344 0.59 -8.60 59.17
C VAL X 344 -0.69 -8.44 58.37
N THR X 345 -1.74 -9.13 58.79
CA THR X 345 -3.05 -9.05 58.14
C THR X 345 -3.85 -7.94 58.81
N LEU X 346 -4.14 -6.88 58.07
CA LEU X 346 -4.84 -5.73 58.64
C LEU X 346 -6.30 -6.08 58.96
N GLY X 347 -6.92 -6.92 58.15
CA GLY X 347 -8.30 -7.30 58.40
C GLY X 347 -8.91 -7.94 57.17
N ARG X 348 -10.23 -8.08 57.22
CA ARG X 348 -11.01 -8.56 56.10
C ARG X 348 -12.03 -7.50 55.69
N VAL X 349 -12.62 -7.70 54.52
CA VAL X 349 -13.62 -6.79 53.98
C VAL X 349 -14.99 -7.40 54.22
N ALA X 350 -15.84 -6.70 54.94
CA ALA X 350 -17.16 -7.21 55.26
C ALA X 350 -18.02 -7.32 54.01
N LEU X 351 -18.81 -8.39 53.95
CA LEU X 351 -19.76 -8.61 52.87
C LEU X 351 -21.13 -8.86 53.46
N VAL X 352 -22.16 -8.30 52.85
CA VAL X 352 -23.52 -8.37 53.37
C VAL X 352 -24.44 -8.92 52.30
N ARG X 353 -25.31 -9.84 52.69
CA ARG X 353 -26.31 -10.42 51.81
C ARG X 353 -27.67 -10.37 52.49
N VAL X 354 -28.71 -10.05 51.71
CA VAL X 354 -30.06 -10.05 52.25
C VAL X 354 -30.87 -11.12 51.52
N PRO X 355 -31.88 -11.71 52.15
CA PRO X 355 -32.66 -12.76 51.45
C PRO X 355 -33.43 -12.24 50.25
N ASN X 356 -34.02 -11.05 50.36
CA ASN X 356 -34.82 -10.45 49.29
C ASN X 356 -34.15 -9.16 48.86
N GLU X 357 -33.44 -9.19 47.74
CA GLU X 357 -32.76 -8.00 47.26
C GLU X 357 -33.69 -7.03 46.56
N GLN X 358 -34.87 -7.49 46.12
CA GLN X 358 -35.82 -6.62 45.43
C GLN X 358 -36.51 -5.64 46.36
N GLY X 359 -36.35 -5.78 47.67
CA GLY X 359 -37.07 -4.94 48.61
C GLY X 359 -36.21 -3.90 49.30
N LEU X 360 -34.91 -3.91 49.03
CA LEU X 360 -34.03 -2.92 49.60
C LEU X 360 -34.44 -1.52 49.16
N ASP X 361 -34.57 -0.60 50.11
CA ASP X 361 -34.87 0.77 49.77
C ASP X 361 -33.61 1.45 49.24
N LYS X 362 -33.81 2.37 48.30
CA LYS X 362 -32.70 2.95 47.55
C LYS X 362 -32.36 4.32 48.12
N LYS X 363 -31.16 4.44 48.68
CA LYS X 363 -30.64 5.73 49.09
C LYS X 363 -29.87 6.37 47.94
N GLY X 364 -29.28 7.53 48.19
CA GLY X 364 -28.48 8.18 47.18
C GLY X 364 -27.12 7.53 47.01
N GLY X 365 -26.49 7.86 45.88
CA GLY X 365 -25.14 7.40 45.62
C GLY X 365 -24.99 5.90 45.47
N THR X 366 -25.93 5.25 44.78
CA THR X 366 -25.88 3.82 44.51
C THR X 366 -25.68 3.01 45.80
N GLN X 367 -26.47 3.34 46.80
CA GLN X 367 -26.40 2.67 48.09
C GLN X 367 -27.80 2.27 48.53
N TRP X 368 -27.88 1.15 49.25
CA TRP X 368 -29.13 0.59 49.70
C TRP X 368 -29.09 0.34 51.20
N ASP X 369 -30.28 0.25 51.79
CA ASP X 369 -30.45 -0.05 53.20
C ASP X 369 -31.47 -1.18 53.33
N SER X 370 -31.47 -1.81 54.50
CA SER X 370 -32.33 -2.97 54.75
C SER X 370 -33.65 -2.52 55.38
N THR X 371 -34.76 -2.88 54.75
CA THR X 371 -36.08 -2.56 55.27
C THR X 371 -36.80 -3.83 55.71
N GLN X 372 -38.07 -3.66 56.09
CA GLN X 372 -38.87 -4.79 56.55
C GLN X 372 -39.03 -5.84 55.45
N PHE X 373 -39.35 -5.40 54.23
CA PHE X 373 -39.54 -6.34 53.13
C PHE X 373 -38.25 -7.05 52.77
N SER X 374 -37.12 -6.33 52.81
CA SER X 374 -35.84 -6.92 52.44
C SER X 374 -35.45 -8.05 53.38
N GLY X 375 -35.69 -7.86 54.67
CA GLY X 375 -35.26 -8.81 55.69
C GLY X 375 -34.29 -8.16 56.66
N ASP X 376 -33.23 -8.89 57.00
CA ASP X 376 -32.18 -8.39 57.86
C ASP X 376 -30.83 -8.69 57.23
N LYS X 377 -29.87 -7.80 57.48
CA LYS X 377 -28.54 -7.95 56.93
C LYS X 377 -27.88 -9.20 57.47
N ILE X 378 -27.43 -10.07 56.57
CA ILE X 378 -26.73 -11.31 56.94
C ILE X 378 -25.26 -11.11 56.63
N TRP X 379 -24.43 -11.06 57.66
CA TRP X 379 -23.01 -10.79 57.50
C TRP X 379 -22.25 -12.07 57.22
N GLY X 380 -21.12 -11.91 56.53
CA GLY X 380 -20.29 -13.06 56.22
C GLY X 380 -18.99 -12.61 55.58
N GLU X 381 -18.12 -13.57 55.34
CA GLU X 381 -16.83 -13.31 54.72
C GLU X 381 -16.97 -13.45 53.21
N SER X 382 -15.84 -13.43 52.51
CA SER X 382 -15.81 -13.59 51.07
C SER X 382 -15.54 -15.05 50.72
N ASN X 383 -16.24 -15.56 49.72
CA ASN X 383 -16.10 -16.95 49.26
C ASN X 383 -16.37 -17.93 50.40
N LYS X 384 -17.41 -17.64 51.17
CA LYS X 384 -17.83 -18.50 52.28
C LYS X 384 -19.35 -18.61 52.26
N GLY X 385 -19.85 -19.83 52.39
CA GLY X 385 -21.29 -20.04 52.35
C GLY X 385 -21.84 -19.68 50.98
N SER X 386 -22.86 -18.84 50.96
CA SER X 386 -23.51 -18.43 49.72
C SER X 386 -22.95 -17.13 49.16
N PHE X 387 -21.94 -16.55 49.80
CA PHE X 387 -21.36 -15.30 49.32
C PHE X 387 -20.44 -15.55 48.13
N GLY X 388 -20.15 -14.49 47.40
CA GLY X 388 -19.25 -14.53 46.27
C GLY X 388 -17.82 -14.21 46.67
N THR X 389 -17.02 -13.88 45.68
CA THR X 389 -15.62 -13.55 45.88
C THR X 389 -15.39 -12.06 45.69
N ILE X 390 -14.22 -11.60 46.11
CA ILE X 390 -13.83 -10.20 46.01
C ILE X 390 -12.58 -10.12 45.14
N ASN X 391 -12.64 -9.32 44.09
CA ASN X 391 -11.52 -9.11 43.17
C ASN X 391 -11.08 -7.67 43.23
N ASN X 392 -9.77 -7.46 43.38
CA ASN X 392 -9.21 -6.11 43.35
C ASN X 392 -8.80 -5.74 41.93
N GLY X 393 -8.76 -4.43 41.67
CA GLY X 393 -8.43 -3.94 40.34
C GLY X 393 -9.58 -3.92 39.37
N MET X 394 -10.80 -4.19 39.82
CA MET X 394 -11.96 -4.20 38.94
C MET X 394 -13.07 -3.34 39.56
N LEU X 395 -14.02 -2.96 38.72
CA LEU X 395 -15.16 -2.17 39.15
C LEU X 395 -16.40 -2.66 38.41
N GLU X 396 -17.57 -2.34 38.97
CA GLU X 396 -18.84 -2.75 38.39
C GLU X 396 -19.42 -1.60 37.56
N GLN X 397 -19.84 -1.91 36.35
CA GLN X 397 -20.57 -0.97 35.52
C GLN X 397 -22.07 -1.18 35.71
N SER X 398 -22.87 -0.35 35.05
CA SER X 398 -24.31 -0.52 35.10
C SER X 398 -24.72 -1.78 34.33
N ASN X 399 -25.66 -2.52 34.91
CA ASN X 399 -26.13 -3.77 34.30
C ASN X 399 -27.32 -3.49 33.38
N ILE X 400 -27.05 -2.70 32.34
CA ILE X 400 -28.07 -2.29 31.38
C ILE X 400 -27.59 -2.66 29.99
N ASP X 401 -28.56 -2.76 29.07
CA ASP X 401 -28.29 -3.03 27.66
C ASP X 401 -28.89 -1.89 26.85
N MET X 402 -28.02 -1.12 26.18
CA MET X 402 -28.47 0.07 25.49
C MET X 402 -29.48 -0.26 24.40
N THR X 403 -29.27 -1.36 23.68
CA THR X 403 -30.22 -1.78 22.66
C THR X 403 -31.61 -1.97 23.24
N GLN X 404 -31.71 -2.73 24.34
CA GLN X 404 -33.01 -2.99 24.95
C GLN X 404 -33.62 -1.69 25.48
N GLU X 405 -32.81 -0.82 26.06
CA GLU X 405 -33.34 0.44 26.58
C GLU X 405 -33.91 1.30 25.47
N LEU X 406 -33.21 1.41 24.35
CA LEU X 406 -33.71 2.21 23.23
C LEU X 406 -34.98 1.61 22.64
N VAL X 407 -35.03 0.27 22.51
CA VAL X 407 -36.24 -0.36 21.99
C VAL X 407 -37.41 -0.12 22.93
N ASP X 408 -37.18 -0.23 24.24
CA ASP X 408 -38.24 0.05 25.20
C ASP X 408 -38.68 1.51 25.14
N LEU X 409 -37.73 2.42 24.89
CA LEU X 409 -38.07 3.83 24.74
C LEU X 409 -39.02 4.02 23.56
N ILE X 410 -38.71 3.38 22.43
CA ILE X 410 -39.58 3.49 21.26
C ILE X 410 -40.96 2.93 21.57
N SER X 411 -41.01 1.77 22.22
CA SER X 411 -42.30 1.14 22.52
C SER X 411 -43.12 2.00 23.48
N ALA X 412 -42.46 2.59 24.47
CA ALA X 412 -43.18 3.45 25.42
C ALA X 412 -43.73 4.68 24.72
N GLN X 413 -42.95 5.27 23.80
CA GLN X 413 -43.46 6.41 23.04
C GLN X 413 -44.68 6.01 22.21
N ARG X 414 -44.62 4.83 21.59
CA ARG X 414 -45.77 4.36 20.81
C ARG X 414 -47.01 4.19 21.68
N ASN X 415 -46.84 3.58 22.86
CA ASN X 415 -47.97 3.40 23.78
C ASN X 415 -48.53 4.73 24.24
N PHE X 416 -47.65 5.69 24.53
CA PHE X 416 -48.10 7.01 24.95
C PHE X 416 -48.89 7.69 23.85
N GLN X 417 -48.44 7.58 22.60
CA GLN X 417 -49.19 8.15 21.49
C GLN X 417 -50.55 7.49 21.34
N ALA X 418 -50.61 6.17 21.49
CA ALA X 418 -51.90 5.49 21.38
C ALA X 418 -52.87 5.94 22.46
N ASN X 419 -52.40 6.05 23.70
CA ASN X 419 -53.26 6.50 24.79
C ASN X 419 -53.71 7.94 24.59
N SER X 420 -52.80 8.80 24.10
CA SER X 420 -53.20 10.17 23.79
C SER X 420 -54.27 10.21 22.72
N ARG X 421 -54.15 9.34 21.72
CA ARG X 421 -55.19 9.24 20.70
C ARG X 421 -56.53 8.85 21.32
N SER X 422 -56.51 7.88 22.24
CA SER X 422 -57.76 7.47 22.90
C SER X 422 -58.37 8.63 23.68
N LEU X 423 -57.54 9.37 24.42
CA LEU X 423 -58.05 10.50 25.18
C LEU X 423 -58.62 11.57 24.27
N GLU X 424 -57.97 11.81 23.13
CA GLU X 424 -58.50 12.77 22.16
C GLU X 424 -59.83 12.31 21.61
N VAL X 425 -59.99 11.00 21.38
CA VAL X 425 -61.27 10.49 20.91
C VAL X 425 -62.36 10.72 21.95
N HIS X 426 -62.04 10.47 23.23
CA HIS X 426 -63.01 10.72 24.29
C HIS X 426 -63.43 12.18 24.32
N ASN X 427 -62.45 13.09 24.24
CA ASN X 427 -62.77 14.51 24.26
C ASN X 427 -63.60 14.92 23.06
N GLN X 428 -63.29 14.37 21.88
CA GLN X 428 -64.07 14.69 20.69
C GLN X 428 -65.50 14.20 20.82
N LEU X 429 -65.71 13.01 21.38
CA LEU X 429 -67.07 12.52 21.60
C LEU X 429 -67.83 13.43 22.55
N GLN X 430 -67.18 13.83 23.65
CA GLN X 430 -67.86 14.71 24.60
C GLN X 430 -68.21 16.06 23.97
N GLN X 431 -67.29 16.63 23.20
CA GLN X 431 -67.56 17.91 22.56
C GLN X 431 -68.64 17.78 21.49
N ASN X 432 -68.69 16.64 20.79
CA ASN X 432 -69.75 16.41 19.82
C ASN X 432 -71.11 16.36 20.52
N ILE X 433 -71.17 15.70 21.68
CA ILE X 433 -72.42 15.69 22.44
C ILE X 433 -72.76 17.10 22.92
N LEU X 434 -71.75 17.89 23.27
CA LEU X 434 -71.98 19.24 23.79
C LEU X 434 -72.73 20.10 22.78
N GLN X 435 -72.52 19.88 21.49
CA GLN X 435 -73.09 20.74 20.45
C GLN X 435 -74.42 20.19 19.94
N ILE X 436 -75.37 20.05 20.87
CA ILE X 436 -76.70 19.57 20.53
C ILE X 436 -77.75 20.55 21.03
N SER Y 2 -56.11 34.61 33.21
CA SER Y 2 -55.37 34.88 31.98
C SER Y 2 -54.11 35.68 32.27
N TYR Y 3 -54.16 36.52 33.30
CA TYR Y 3 -52.98 37.30 33.67
C TYR Y 3 -51.86 36.42 34.20
N VAL Y 4 -52.21 35.31 34.87
CA VAL Y 4 -51.17 34.36 35.30
C VAL Y 4 -50.49 33.75 34.08
N SER Y 5 -51.27 33.39 33.06
CA SER Y 5 -50.69 32.84 31.84
C SER Y 5 -49.83 33.88 31.13
N LEU Y 6 -50.27 35.14 31.14
CA LEU Y 6 -49.45 36.20 30.55
C LEU Y 6 -48.14 36.38 31.30
N SER Y 7 -48.19 36.27 32.63
CA SER Y 7 -46.96 36.32 33.42
C SER Y 7 -46.03 35.16 33.07
N GLY Y 8 -46.60 33.97 32.89
CA GLY Y 8 -45.81 32.83 32.47
C GLY Y 8 -45.17 33.04 31.11
N LEU Y 9 -45.93 33.59 30.16
CA LEU Y 9 -45.39 33.92 28.85
C LEU Y 9 -44.25 34.92 28.96
N SER Y 10 -44.42 35.94 29.78
CA SER Y 10 -43.37 36.94 29.96
C SER Y 10 -42.12 36.33 30.56
N ALA Y 11 -42.28 35.46 31.55
CA ALA Y 11 -41.13 34.80 32.15
C ALA Y 11 -40.41 33.90 31.15
N ALA Y 12 -41.17 33.13 30.36
CA ALA Y 12 -40.55 32.28 29.36
C ALA Y 12 -39.81 33.10 28.31
N GLN Y 13 -40.40 34.21 27.88
CA GLN Y 13 -39.75 35.06 26.89
C GLN Y 13 -38.51 35.74 27.46
N LEU Y 14 -38.54 36.11 28.74
CA LEU Y 14 -37.35 36.67 29.36
C LEU Y 14 -36.21 35.65 29.42
N ASP Y 15 -36.54 34.41 29.78
CA ASP Y 15 -35.53 33.36 29.77
C ASP Y 15 -35.00 33.12 28.37
N LEU Y 16 -35.90 33.15 27.38
CA LEU Y 16 -35.48 32.98 25.99
C LEU Y 16 -34.52 34.08 25.57
N ASN Y 17 -34.83 35.33 25.94
CA ASN Y 17 -33.96 36.45 25.59
C ASN Y 17 -32.61 36.33 26.29
N THR Y 18 -32.60 35.89 27.55
CA THR Y 18 -31.34 35.72 28.26
C THR Y 18 -30.48 34.66 27.59
N THR Y 19 -31.10 33.53 27.21
CA THR Y 19 -30.35 32.48 26.53
C THR Y 19 -29.85 32.96 25.17
N SER Y 20 -30.67 33.73 24.45
CA SER Y 20 -30.25 34.27 23.17
C SER Y 20 -29.06 35.20 23.32
N ASN Y 21 -29.08 36.04 24.36
CA ASN Y 21 -27.94 36.93 24.61
C ASN Y 21 -26.69 36.12 24.93
N ASN Y 22 -26.83 35.08 25.76
CA ASN Y 22 -25.68 34.22 26.08
C ASN Y 22 -25.11 33.57 24.83
N ILE Y 23 -25.99 33.10 23.94
CA ILE Y 23 -25.51 32.46 22.71
C ILE Y 23 -24.84 33.48 21.80
N ALA Y 24 -25.44 34.68 21.68
CA ALA Y 24 -24.89 35.70 20.81
C ALA Y 24 -23.50 36.14 21.27
N ASN Y 25 -23.30 36.22 22.59
CA ASN Y 25 -22.01 36.64 23.13
C ASN Y 25 -21.02 35.48 23.27
N ALA Y 26 -21.19 34.41 22.49
CA ALA Y 26 -20.31 33.24 22.62
C ALA Y 26 -18.87 33.54 22.28
N ASN Y 27 -18.60 34.58 21.50
CA ASN Y 27 -17.24 34.89 21.08
C ASN Y 27 -16.70 36.17 21.71
N THR Y 28 -17.52 36.94 22.41
CA THR Y 28 -17.05 38.17 23.05
C THR Y 28 -16.04 37.84 24.13
N TYR Y 29 -14.94 38.60 24.14
CA TYR Y 29 -13.86 38.36 25.09
C TYR Y 29 -14.25 38.87 26.47
N GLY Y 30 -14.06 38.02 27.48
CA GLY Y 30 -14.30 38.41 28.85
C GLY Y 30 -15.76 38.48 29.24
N PHE Y 31 -16.67 38.07 28.37
CA PHE Y 31 -18.09 38.10 28.68
C PHE Y 31 -18.43 37.10 29.77
N LYS Y 32 -19.41 37.45 30.60
CA LYS Y 32 -19.91 36.59 31.65
C LYS Y 32 -21.39 36.32 31.39
N GLU Y 33 -21.77 35.04 31.44
CA GLU Y 33 -23.13 34.65 31.11
C GLU Y 33 -24.12 35.20 32.13
N SER Y 34 -25.40 35.10 31.81
CA SER Y 34 -26.47 35.55 32.68
C SER Y 34 -27.48 34.43 32.87
N ARG Y 35 -28.06 34.37 34.06
CA ARG Y 35 -29.05 33.36 34.40
C ARG Y 35 -30.30 34.06 34.90
N ALA Y 36 -31.46 33.57 34.47
CA ALA Y 36 -32.74 34.16 34.82
C ALA Y 36 -33.35 33.38 35.98
N GLU Y 37 -33.65 34.08 37.08
CA GLU Y 37 -34.24 33.48 38.26
C GLU Y 37 -35.59 34.14 38.52
N PHE Y 38 -36.60 33.33 38.79
CA PHE Y 38 -37.97 33.79 38.95
C PHE Y 38 -38.47 33.49 40.35
N ALA Y 39 -39.63 34.06 40.67
CA ALA Y 39 -40.22 33.92 42.00
C ALA Y 39 -41.74 33.88 41.87
N ASP Y 40 -42.37 33.25 42.86
CA ASP Y 40 -43.81 33.14 42.88
C ASP Y 40 -44.43 34.45 43.35
N VAL Y 41 -45.71 34.64 43.02
CA VAL Y 41 -46.48 35.81 43.39
C VAL Y 41 -47.67 35.36 44.24
N TYR Y 42 -47.93 36.09 45.31
CA TYR Y 42 -49.07 35.79 46.15
C TYR Y 42 -49.54 37.07 46.84
N SER Y 43 -50.86 37.24 46.92
CA SER Y 43 -51.44 38.41 47.54
C SER Y 43 -51.32 38.34 49.06
N ASN Y 44 -51.41 39.50 49.69
CA ASN Y 44 -51.31 39.63 51.14
C ASN Y 44 -52.42 40.56 51.66
N SER Y 45 -53.64 40.32 51.19
CA SER Y 45 -54.77 41.12 51.62
C SER Y 45 -55.06 40.91 53.11
N LEU Y 46 -55.71 41.90 53.70
CA LEU Y 46 -56.02 41.82 55.13
C LEU Y 46 -56.92 40.62 55.43
N PHE Y 47 -57.96 40.42 54.62
CA PHE Y 47 -58.83 39.27 54.75
C PHE Y 47 -58.62 38.36 53.54
N THR Y 48 -57.66 37.44 53.69
CA THR Y 48 -57.31 36.49 52.64
C THR Y 48 -57.81 35.10 53.04
N ASN Y 49 -58.55 34.46 52.15
CA ASN Y 49 -59.03 33.11 52.43
C ASN Y 49 -57.92 32.07 52.33
N ALA Y 50 -56.87 32.36 51.55
CA ALA Y 50 -55.69 31.52 51.45
C ALA Y 50 -56.01 30.12 50.91
N LYS Y 51 -56.78 29.34 51.67
CA LYS Y 51 -57.15 28.01 51.22
C LYS Y 51 -58.00 28.06 49.96
N THR Y 52 -58.78 29.12 49.79
CA THR Y 52 -59.68 29.26 48.64
C THR Y 52 -59.14 30.25 47.60
N THR Y 53 -57.88 30.67 47.74
CA THR Y 53 -57.29 31.62 46.81
C THR Y 53 -56.13 30.98 46.07
N PRO Y 54 -56.16 30.94 44.74
CA PRO Y 54 -55.05 30.35 43.98
C PRO Y 54 -53.83 31.27 43.92
N GLY Y 55 -52.81 30.87 43.18
CA GLY Y 55 -51.61 31.66 43.06
C GLY Y 55 -51.83 32.91 42.21
N GLY Y 56 -50.77 33.69 42.08
CA GLY Y 56 -50.84 34.94 41.35
C GLY Y 56 -49.88 35.02 40.19
N GLY Y 57 -49.38 33.87 39.75
CA GLY Y 57 -48.50 33.84 38.59
C GLY Y 57 -47.03 33.73 38.95
N ALA Y 58 -46.16 34.21 38.07
CA ALA Y 58 -44.72 34.17 38.27
C ALA Y 58 -44.12 35.53 37.95
N GLN Y 59 -43.22 35.99 38.81
CA GLN Y 59 -42.57 37.29 38.66
C GLN Y 59 -41.07 37.10 38.51
N ALA Y 60 -40.47 37.80 37.56
CA ALA Y 60 -39.03 37.77 37.40
C ALA Y 60 -38.36 38.41 38.60
N SER Y 61 -37.42 37.69 39.21
CA SER Y 61 -36.72 38.18 40.39
C SER Y 61 -35.49 38.99 40.01
N GLN Y 62 -34.55 38.37 39.31
CA GLN Y 62 -33.33 39.05 38.89
C GLN Y 62 -32.69 38.26 37.77
N VAL Y 63 -31.88 38.95 36.98
CA VAL Y 63 -31.04 38.31 35.98
C VAL Y 63 -29.63 38.22 36.55
N ALA Y 64 -29.19 37.00 36.89
CA ALA Y 64 -27.91 36.83 37.54
C ALA Y 64 -26.77 37.12 36.55
N GLN Y 65 -25.57 37.19 37.09
CA GLN Y 65 -24.36 37.54 36.34
C GLN Y 65 -23.23 36.59 36.72
N GLN Y 66 -23.51 35.28 36.65
CA GLN Y 66 -22.56 34.23 37.03
C GLN Y 66 -21.16 34.57 36.57
N PHE Y 67 -20.23 34.61 37.53
CA PHE Y 67 -18.86 35.10 37.31
C PHE Y 67 -17.84 33.98 37.40
N HIS Y 68 -18.23 32.76 37.05
CA HIS Y 68 -17.29 31.66 37.08
C HIS Y 68 -16.24 31.83 35.99
N GLU Y 69 -15.02 31.41 36.29
CA GLU Y 69 -13.90 31.62 35.37
C GLU Y 69 -14.16 30.93 34.04
N GLY Y 70 -13.91 31.67 32.95
CA GLY Y 70 -14.07 31.13 31.62
C GLY Y 70 -12.79 30.53 31.08
N SER Y 71 -12.92 29.87 29.94
CA SER Y 71 -11.76 29.25 29.31
C SER Y 71 -10.82 30.31 28.75
N SER Y 72 -9.56 29.93 28.55
CA SER Y 72 -8.52 30.83 28.10
C SER Y 72 -7.98 30.36 26.76
N ILE Y 73 -7.83 31.29 25.82
CA ILE Y 73 -7.25 31.01 24.53
C ILE Y 73 -5.86 31.63 24.48
N TYR Y 74 -5.01 31.04 23.65
CA TYR Y 74 -3.63 31.48 23.53
C TYR Y 74 -3.43 32.13 22.16
N THR Y 75 -3.03 33.40 22.17
CA THR Y 75 -2.80 34.15 20.94
C THR Y 75 -1.33 34.42 20.68
N ASN Y 76 -0.45 34.06 21.61
CA ASN Y 76 0.99 34.34 21.52
C ASN Y 76 1.28 35.82 21.29
N ASN Y 77 0.38 36.68 21.77
CA ASN Y 77 0.57 38.13 21.70
C ASN Y 77 0.73 38.65 23.12
N PRO Y 78 1.95 38.99 23.56
CA PRO Y 78 2.15 39.35 24.98
C PRO Y 78 1.38 40.57 25.43
N MET Y 79 0.92 41.42 24.51
CA MET Y 79 0.06 42.54 24.89
C MET Y 79 -1.32 42.09 25.33
N ASP Y 80 -1.68 40.83 25.13
CA ASP Y 80 -2.94 40.28 25.60
C ASP Y 80 -2.77 39.79 27.03
N LEU Y 81 -3.69 40.18 27.90
CA LEU Y 81 -3.59 39.87 29.32
C LEU Y 81 -4.85 39.18 29.80
N ARG Y 82 -4.67 38.29 30.79
CA ARG Y 82 -5.77 37.57 31.40
C ARG Y 82 -5.59 37.55 32.90
N VAL Y 83 -6.69 37.75 33.63
CA VAL Y 83 -6.68 37.71 35.09
C VAL Y 83 -7.13 36.31 35.51
N SER Y 84 -6.19 35.52 36.00
CA SER Y 84 -6.48 34.17 36.46
C SER Y 84 -6.83 34.22 37.95
N GLY Y 85 -8.10 33.93 38.27
CA GLY Y 85 -8.54 33.99 39.65
C GLY Y 85 -9.56 35.10 39.89
N THR Y 86 -9.42 35.84 40.97
CA THR Y 86 -10.34 36.91 41.32
C THR Y 86 -9.67 38.25 41.09
N GLY Y 87 -10.35 39.15 40.40
CA GLY Y 87 -9.84 40.47 40.12
C GLY Y 87 -10.27 40.94 38.74
N PHE Y 88 -10.39 42.25 38.60
CA PHE Y 88 -10.78 42.87 37.35
C PHE Y 88 -9.72 43.89 36.92
N PHE Y 89 -9.54 44.01 35.61
CA PHE Y 89 -8.76 45.11 35.07
C PHE Y 89 -9.51 46.41 35.24
N ALA Y 90 -8.77 47.50 35.45
CA ALA Y 90 -9.34 48.82 35.61
C ALA Y 90 -8.92 49.70 34.44
N VAL Y 91 -9.89 50.31 33.78
CA VAL Y 91 -9.65 51.18 32.64
C VAL Y 91 -10.36 52.50 32.86
N ALA Y 92 -9.71 53.59 32.48
CA ALA Y 92 -10.25 54.94 32.66
C ALA Y 92 -10.60 55.53 31.30
N LYS Y 93 -11.72 56.27 31.25
CA LYS Y 93 -12.18 56.84 30.00
C LYS Y 93 -11.19 57.85 29.45
N GLU Y 94 -10.71 58.76 30.30
CA GLU Y 94 -9.78 59.80 29.90
C GLU Y 94 -8.48 59.65 30.68
N ARG Y 95 -7.38 60.03 30.05
CA ARG Y 95 -6.06 59.87 30.67
C ARG Y 95 -5.94 60.74 31.91
N LEU Y 96 -6.46 61.96 31.87
CA LEU Y 96 -6.28 62.94 32.94
C LEU Y 96 -7.28 62.78 34.07
N THR Y 97 -8.21 61.82 33.98
CA THR Y 97 -9.21 61.59 35.01
C THR Y 97 -9.21 60.11 35.40
N PRO Y 98 -8.17 59.65 36.11
CA PRO Y 98 -8.15 58.25 36.54
C PRO Y 98 -9.26 57.91 37.52
N GLN Y 99 -9.86 58.90 38.16
CA GLN Y 99 -10.94 58.63 39.12
C GLN Y 99 -12.12 57.96 38.45
N GLN Y 100 -12.51 58.44 37.27
CA GLN Y 100 -13.62 57.85 36.52
C GLN Y 100 -13.10 56.61 35.79
N ASN Y 101 -13.41 55.44 36.32
CA ASN Y 101 -12.88 54.20 35.78
C ASN Y 101 -13.97 53.13 35.82
N GLU Y 102 -13.78 52.09 35.01
CA GLU Y 102 -14.68 50.95 34.95
C GLU Y 102 -13.87 49.66 34.96
N LEU Y 103 -14.51 48.59 35.42
CA LEU Y 103 -13.86 47.30 35.55
C LEU Y 103 -14.14 46.43 34.33
N THR Y 104 -13.11 45.72 33.88
CA THR Y 104 -13.25 44.87 32.70
C THR Y 104 -12.43 43.61 32.90
N ARG Y 105 -12.59 42.67 31.98
CA ARG Y 105 -11.89 41.38 32.03
C ARG Y 105 -11.07 41.04 30.81
N ASN Y 106 -11.44 41.54 29.63
CA ASN Y 106 -10.67 41.23 28.43
C ASN Y 106 -9.35 41.99 28.42
N GLY Y 107 -8.37 41.43 27.73
CA GLY Y 107 -7.03 42.00 27.74
C GLY Y 107 -6.49 42.39 26.38
N ALA Y 108 -7.36 42.78 25.46
CA ALA Y 108 -6.93 43.21 24.13
C ALA Y 108 -6.35 44.60 24.24
N PHE Y 109 -5.06 44.67 24.56
CA PHE Y 109 -4.37 45.93 24.78
C PHE Y 109 -3.39 46.23 23.64
N HIS Y 110 -3.17 47.51 23.41
CA HIS Y 110 -2.21 47.97 22.40
C HIS Y 110 -1.79 49.39 22.74
N LEU Y 111 -0.62 49.78 22.22
CA LEU Y 111 -0.09 51.12 22.44
C LEU Y 111 -0.80 52.10 21.52
N ASN Y 112 -1.23 53.23 22.06
CA ASN Y 112 -1.79 54.31 21.26
C ASN Y 112 -0.64 55.20 20.77
N LYS Y 113 -0.98 56.35 20.19
CA LYS Y 113 0.05 57.23 19.65
C LYS Y 113 0.93 57.83 20.73
N GLU Y 114 0.47 57.84 21.98
CA GLU Y 114 1.23 58.38 23.10
C GLU Y 114 1.95 57.31 23.90
N ASN Y 115 2.01 56.08 23.38
CA ASN Y 115 2.66 54.95 24.06
C ASN Y 115 1.99 54.64 25.40
N TYR Y 116 0.66 54.74 25.44
CA TYR Y 116 -0.13 54.32 26.59
C TYR Y 116 -0.91 53.06 26.23
N MET Y 117 -1.00 52.13 27.17
CA MET Y 117 -1.73 50.90 26.94
C MET Y 117 -3.22 51.17 27.08
N VAL Y 118 -3.98 50.89 26.01
CA VAL Y 118 -5.41 51.16 25.97
C VAL Y 118 -6.13 49.92 25.46
N THR Y 119 -7.45 49.93 25.65
CA THR Y 119 -8.31 48.86 25.14
C THR Y 119 -8.66 49.13 23.68
N ALA Y 120 -9.61 48.37 23.15
CA ALA Y 120 -10.05 48.59 21.77
C ALA Y 120 -10.69 49.96 21.61
N ASN Y 121 -11.44 50.41 22.61
CA ASN Y 121 -12.10 51.71 22.59
C ASN Y 121 -11.18 52.85 23.02
N ASP Y 122 -9.86 52.64 22.97
CA ASP Y 122 -8.88 53.66 23.35
C ASP Y 122 -9.11 54.16 24.78
N GLU Y 123 -9.38 53.24 25.68
CA GLU Y 123 -9.56 53.54 27.09
C GLU Y 123 -8.30 53.15 27.85
N PHE Y 124 -7.71 54.12 28.54
CA PHE Y 124 -6.40 53.92 29.15
C PHE Y 124 -6.46 52.91 30.28
N LEU Y 125 -5.43 52.08 30.38
CA LEU Y 125 -5.35 51.05 31.40
C LEU Y 125 -4.70 51.62 32.65
N LEU Y 126 -5.39 51.49 33.78
CA LEU Y 126 -4.92 52.05 35.04
C LEU Y 126 -3.86 51.15 35.66
N GLY Y 127 -2.80 51.79 36.17
CA GLY Y 127 -1.70 51.05 36.77
C GLY Y 127 -1.09 51.84 37.93
N TYR Y 128 -0.20 51.16 38.64
CA TYR Y 128 0.48 51.74 39.79
C TYR Y 128 1.83 52.30 39.36
N GLN Y 129 2.58 52.82 40.33
CA GLN Y 129 3.93 53.33 40.12
C GLN Y 129 4.84 52.74 41.17
N VAL Y 130 5.80 51.93 40.74
CA VAL Y 130 6.66 51.20 41.65
C VAL Y 130 7.91 52.02 41.94
N ASP Y 131 8.61 51.67 43.03
CA ASP Y 131 9.85 52.31 43.40
C ASP Y 131 10.98 51.86 42.50
N PRO Y 132 11.98 52.72 42.25
CA PRO Y 132 13.08 52.32 41.36
C PRO Y 132 13.82 51.07 41.83
N SER Y 133 14.08 50.95 43.14
CA SER Y 133 14.77 49.80 43.70
C SER Y 133 13.85 48.87 44.48
N SER Y 134 13.07 49.42 45.40
CA SER Y 134 12.16 48.61 46.20
C SER Y 134 11.04 48.06 45.31
N GLY Y 135 10.81 46.75 45.42
CA GLY Y 135 9.75 46.14 44.62
C GLY Y 135 8.37 46.61 44.98
N GLU Y 136 8.14 46.92 46.26
CA GLU Y 136 6.82 47.35 46.70
C GLU Y 136 6.43 48.66 46.02
N VAL Y 137 5.16 48.76 45.63
CA VAL Y 137 4.63 49.97 45.04
C VAL Y 137 4.42 51.01 46.13
N SER Y 138 4.87 52.24 45.89
CA SER Y 138 4.78 53.28 46.90
C SER Y 138 3.37 53.81 47.03
N SER Y 139 2.84 54.40 45.96
CA SER Y 139 1.52 55.01 45.98
C SER Y 139 0.50 54.09 45.32
N TYR Y 140 -0.65 53.94 45.96
CA TYR Y 140 -1.70 53.04 45.50
C TYR Y 140 -2.73 53.73 44.61
N GLU Y 141 -2.51 55.00 44.26
CA GLU Y 141 -3.44 55.65 43.36
C GLU Y 141 -3.31 55.09 41.95
N PRO Y 142 -4.42 54.98 41.23
CA PRO Y 142 -4.36 54.51 39.83
C PRO Y 142 -3.93 55.61 38.88
N GLN Y 143 -3.03 55.26 37.97
CA GLN Y 143 -2.56 56.19 36.95
C GLN Y 143 -2.38 55.43 35.64
N PRO Y 144 -2.52 56.10 34.51
CA PRO Y 144 -2.32 55.43 33.22
C PRO Y 144 -0.90 54.91 33.08
N ILE Y 145 -0.77 53.79 32.39
CA ILE Y 145 0.53 53.15 32.19
C ILE Y 145 1.14 53.68 30.89
N ASN Y 146 2.38 54.15 30.97
CA ASN Y 146 3.10 54.66 29.82
C ASN Y 146 4.37 53.84 29.63
N ILE Y 147 4.74 53.61 28.37
CA ILE Y 147 5.94 52.85 28.04
C ILE Y 147 6.83 53.72 27.16
N PRO Y 148 7.69 54.54 27.74
CA PRO Y 148 8.56 55.40 26.92
C PRO Y 148 9.50 54.58 26.06
N ALA Y 149 9.77 55.09 24.86
CA ALA Y 149 10.67 54.41 23.92
C ALA Y 149 12.12 54.81 24.12
N GLU Y 150 12.40 55.76 25.01
CA GLU Y 150 13.76 56.20 25.28
C GLU Y 150 13.99 56.29 26.77
N PHE Y 151 15.17 55.87 27.22
CA PHE Y 151 15.60 56.10 28.59
C PHE Y 151 16.32 57.44 28.64
N GLY Y 152 15.55 58.49 28.37
CA GLY Y 152 16.10 59.82 28.19
C GLY Y 152 16.53 60.51 29.48
N LYS Y 153 17.48 59.90 30.19
CA LYS Y 153 18.01 60.50 31.41
C LYS Y 153 19.35 59.89 31.73
N PRO Y 154 20.45 60.43 31.19
CA PRO Y 154 21.79 59.92 31.56
C PRO Y 154 22.02 59.97 33.06
N LYS Y 155 22.21 58.80 33.67
CA LYS Y 155 22.34 58.70 35.12
C LYS Y 155 23.82 58.64 35.48
N GLN Y 156 24.26 59.58 36.32
CA GLN Y 156 25.65 59.63 36.74
C GLN Y 156 25.99 58.47 37.64
N THR Y 157 27.27 58.09 37.64
CA THR Y 157 27.75 57.02 38.51
C THR Y 157 27.90 57.57 39.93
N ALA Y 158 27.25 56.91 40.89
CA ALA Y 158 27.28 57.38 42.26
C ALA Y 158 27.76 56.29 43.22
N ASN Y 159 27.41 55.04 42.93
CA ASN Y 159 27.79 53.91 43.76
C ASN Y 159 28.51 52.87 42.91
N ILE Y 160 29.66 52.41 43.38
CA ILE Y 160 30.43 51.37 42.71
C ILE Y 160 30.73 50.28 43.72
N GLU Y 161 30.29 49.07 43.44
CA GLU Y 161 30.55 47.91 44.29
C GLU Y 161 31.64 47.07 43.64
N VAL Y 162 32.72 46.82 44.38
CA VAL Y 162 33.86 46.06 43.88
C VAL Y 162 34.15 44.94 44.84
N GLY Y 163 34.18 43.71 44.34
CA GLY Y 163 34.58 42.56 45.14
C GLY Y 163 35.77 41.85 44.53
N VAL Y 164 36.91 41.89 45.22
CA VAL Y 164 38.15 41.32 44.69
C VAL Y 164 38.76 40.40 45.73
N ASN Y 165 39.63 39.52 45.26
CA ASN Y 165 40.44 38.66 46.11
C ASN Y 165 41.90 39.08 45.97
N LEU Y 166 42.55 39.36 47.10
CA LEU Y 166 43.91 39.83 46.95
C LEU Y 166 44.90 38.73 47.27
N PRO Y 167 46.00 38.64 46.53
CA PRO Y 167 46.98 37.57 46.77
C PRO Y 167 47.69 37.77 48.09
N ALA Y 168 47.56 36.78 48.98
CA ALA Y 168 48.23 36.85 50.27
C ALA Y 168 49.73 36.67 50.15
N ASN Y 169 50.20 36.02 49.09
CA ASN Y 169 51.62 35.77 48.88
C ASN Y 169 52.28 36.87 48.05
N GLY Y 170 51.57 37.94 47.73
CA GLY Y 170 52.16 39.00 46.93
C GLY Y 170 53.30 39.69 47.65
N ASP Y 171 54.24 40.19 46.86
CA ASP Y 171 55.40 40.87 47.42
C ASP Y 171 55.02 42.22 48.01
N LEU Y 172 55.66 42.59 49.10
CA LEU Y 172 55.37 43.85 49.77
C LEU Y 172 55.94 45.02 48.97
N LYS Y 173 55.33 46.19 49.17
CA LYS Y 173 55.76 47.41 48.52
C LYS Y 173 55.87 48.53 49.56
N ASP Y 174 56.54 49.61 49.17
CA ASP Y 174 56.74 50.74 50.07
C ASP Y 174 55.56 51.71 49.93
N PRO Y 175 54.77 51.92 50.98
CA PRO Y 175 53.62 52.84 50.86
C PRO Y 175 54.03 54.26 50.50
N THR Y 176 55.17 54.74 50.98
CA THR Y 176 55.57 56.11 50.70
C THR Y 176 56.09 56.27 49.28
N GLN Y 177 56.42 55.18 48.59
CA GLN Y 177 56.97 55.23 47.26
C GLN Y 177 55.94 54.97 46.17
N PHE Y 178 54.65 55.02 46.52
CA PHE Y 178 53.60 54.75 45.55
C PHE Y 178 53.55 55.83 44.48
N ASP Y 179 53.39 55.41 43.23
CA ASP Y 179 53.26 56.35 42.12
C ASP Y 179 52.59 55.59 40.97
N PHE Y 180 51.44 56.09 40.52
CA PHE Y 180 50.68 55.39 39.49
C PHE Y 180 51.40 55.34 38.16
N SER Y 181 52.36 56.24 37.93
CA SER Y 181 53.10 56.24 36.67
C SER Y 181 54.11 55.10 36.60
N ASP Y 182 54.52 54.55 37.74
CA ASP Y 182 55.50 53.47 37.77
C ASP Y 182 54.82 52.17 38.17
N PRO Y 183 54.73 51.18 37.29
CA PRO Y 183 54.05 49.93 37.65
C PRO Y 183 54.68 49.20 38.83
N ASP Y 184 56.00 49.30 38.99
CA ASP Y 184 56.70 48.52 40.00
C ASP Y 184 56.43 49.00 41.42
N THR Y 185 55.88 50.20 41.59
CA THR Y 185 55.63 50.71 42.94
C THR Y 185 54.45 50.00 43.60
N TYR Y 186 53.43 49.63 42.82
CA TYR Y 186 52.23 49.01 43.34
C TYR Y 186 52.18 47.55 42.89
N ASN Y 187 51.09 46.86 43.27
CA ASN Y 187 50.92 45.44 42.97
C ASN Y 187 50.06 45.21 41.73
N ARG Y 188 48.84 45.73 41.73
CA ARG Y 188 47.90 45.48 40.66
C ARG Y 188 47.19 46.77 40.28
N SER Y 189 46.70 46.81 39.04
CA SER Y 189 45.95 47.94 38.53
C SER Y 189 44.77 47.42 37.71
N THR Y 190 43.57 47.92 38.00
CA THR Y 190 42.36 47.52 37.30
C THR Y 190 41.72 48.73 36.64
N SER Y 191 41.10 48.50 35.50
CA SER Y 191 40.48 49.56 34.71
C SER Y 191 38.98 49.31 34.61
N SER Y 192 38.22 50.40 34.56
CA SER Y 192 36.76 50.32 34.46
C SER Y 192 36.25 51.61 33.84
N THR Y 193 34.96 51.63 33.55
CA THR Y 193 34.31 52.77 32.91
C THR Y 193 33.24 53.33 33.83
N ILE Y 194 33.20 54.67 33.93
CA ILE Y 194 32.21 55.38 34.73
C ILE Y 194 31.57 56.45 33.84
N TYR Y 195 30.40 56.90 34.26
CA TYR Y 195 29.62 57.88 33.51
C TYR Y 195 29.26 59.06 34.38
N ASP Y 196 29.35 60.25 33.82
CA ASP Y 196 29.01 61.48 34.52
C ASP Y 196 27.53 61.81 34.28
N SER Y 197 27.14 63.04 34.61
CA SER Y 197 25.75 63.46 34.43
C SER Y 197 25.36 63.51 32.96
N MET Y 198 26.28 63.95 32.08
CA MET Y 198 26.00 64.10 30.66
C MET Y 198 26.21 62.81 29.88
N GLY Y 199 26.55 61.70 30.54
CA GLY Y 199 26.75 60.45 29.87
C GLY Y 199 28.13 60.25 29.28
N GLN Y 200 29.05 61.18 29.48
CA GLN Y 200 30.42 61.02 29.01
C GLN Y 200 31.06 59.83 29.70
N SER Y 201 31.79 59.03 28.93
CA SER Y 201 32.47 57.86 29.47
C SER Y 201 33.85 58.25 29.98
N TYR Y 202 34.15 57.85 31.21
CA TYR Y 202 35.46 58.09 31.80
C TYR Y 202 36.05 56.76 32.24
N LYS Y 203 37.38 56.67 32.17
CA LYS Y 203 38.10 55.46 32.55
C LYS Y 203 38.59 55.62 33.98
N LEU Y 204 38.13 54.74 34.86
CA LEU Y 204 38.53 54.74 36.26
C LEU Y 204 39.54 53.62 36.49
N THR Y 205 40.71 53.98 37.00
CA THR Y 205 41.78 53.03 37.26
C THR Y 205 42.01 52.91 38.75
N THR Y 206 42.01 51.69 39.27
CA THR Y 206 42.21 51.42 40.68
C THR Y 206 43.54 50.69 40.86
N TYR Y 207 44.38 51.21 41.76
CA TYR Y 207 45.70 50.64 42.04
C TYR Y 207 45.70 50.06 43.45
N TYR Y 208 46.11 48.79 43.56
CA TYR Y 208 46.18 48.10 44.84
C TYR Y 208 47.64 47.93 45.24
N LEU Y 209 47.96 48.32 46.47
CA LEU Y 209 49.32 48.26 46.98
C LEU Y 209 49.33 47.49 48.30
N LYS Y 210 50.24 46.54 48.41
CA LYS Y 210 50.35 45.70 49.60
C LYS Y 210 51.32 46.36 50.58
N ASP Y 211 50.82 46.65 51.79
CA ASP Y 211 51.64 47.33 52.78
C ASP Y 211 52.75 46.43 53.28
N GLN Y 212 53.93 47.03 53.47
CA GLN Y 212 55.09 46.31 54.00
C GLN Y 212 55.19 46.44 55.52
N THR Y 213 54.92 47.63 56.06
CA THR Y 213 55.06 47.84 57.50
C THR Y 213 54.07 46.99 58.29
N GLN Y 214 52.83 46.91 57.83
CA GLN Y 214 51.79 46.19 58.54
C GLN Y 214 51.34 44.99 57.72
N PRO Y 215 51.51 43.76 58.22
CA PRO Y 215 51.01 42.60 57.49
C PRO Y 215 49.48 42.58 57.43
N ASN Y 216 48.96 41.93 56.39
CA ASN Y 216 47.52 41.87 56.14
C ASN Y 216 46.90 43.25 56.02
N THR Y 217 47.63 44.16 55.36
CA THR Y 217 47.16 45.51 55.13
C THR Y 217 47.42 45.88 53.67
N TRP Y 218 46.43 46.50 53.03
CA TRP Y 218 46.53 46.90 51.65
C TRP Y 218 46.10 48.35 51.50
N ASN Y 219 46.69 49.02 50.51
CA ASN Y 219 46.35 50.40 50.18
C ASN Y 219 45.76 50.45 48.78
N THR Y 220 44.71 51.25 48.61
CA THR Y 220 43.99 51.35 47.36
C THR Y 220 43.96 52.80 46.90
N TYR Y 221 44.30 53.03 45.64
CA TYR Y 221 44.32 54.36 45.07
C TYR Y 221 43.54 54.36 43.76
N TYR Y 222 42.97 55.52 43.42
CA TYR Y 222 42.11 55.67 42.26
C TYR Y 222 42.62 56.82 41.40
N THR Y 223 42.50 56.66 40.08
CA THR Y 223 42.83 57.71 39.14
C THR Y 223 41.75 57.77 38.07
N VAL Y 224 41.55 58.96 37.51
CA VAL Y 224 40.56 59.19 36.47
C VAL Y 224 41.30 59.64 35.21
N THR Y 225 41.02 58.96 34.09
CA THR Y 225 41.69 59.23 32.83
C THR Y 225 40.71 59.91 31.88
N ASP Y 226 40.86 61.22 31.73
CA ASP Y 226 40.11 62.00 30.75
C ASP Y 226 40.98 62.24 29.52
N LYS Y 227 40.46 63.07 28.60
CA LYS Y 227 41.22 63.37 27.40
C LYS Y 227 42.48 64.19 27.71
N GLU Y 228 42.42 65.03 28.74
CA GLU Y 228 43.59 65.81 29.13
C GLU Y 228 44.72 64.91 29.61
N GLY Y 229 44.39 63.88 30.39
CA GLY Y 229 45.38 62.98 30.93
C GLY Y 229 44.79 62.15 32.05
N GLU Y 230 45.68 61.56 32.83
CA GLU Y 230 45.31 60.75 34.00
C GLU Y 230 45.50 61.60 35.25
N LYS Y 231 44.40 61.91 35.93
CA LYS Y 231 44.45 62.70 37.14
C LYS Y 231 44.10 61.85 38.34
N PRO Y 232 44.95 61.83 39.37
CA PRO Y 232 44.64 61.02 40.56
C PRO Y 232 43.44 61.56 41.30
N LEU Y 233 42.71 60.64 41.94
CA LEU Y 233 41.53 60.98 42.73
C LEU Y 233 41.80 60.72 44.20
N ASN Y 234 41.43 61.67 45.04
CA ASN Y 234 41.69 61.61 46.46
C ASN Y 234 40.40 61.23 47.21
N VAL Y 235 40.56 60.42 48.24
CA VAL Y 235 39.44 60.03 49.10
C VAL Y 235 39.26 61.11 50.16
N ALA Y 236 38.01 61.33 50.57
CA ALA Y 236 37.71 62.43 51.48
C ALA Y 236 38.43 62.28 52.81
N ALA Y 237 38.41 61.06 53.39
CA ALA Y 237 39.02 60.82 54.69
C ALA Y 237 39.87 59.55 54.67
N GLY Y 238 40.48 59.26 53.52
CA GLY Y 238 41.30 58.07 53.42
C GLY Y 238 42.58 58.19 54.25
N ASP Y 239 42.91 57.11 54.95
CA ASP Y 239 44.08 57.09 55.82
C ASP Y 239 45.32 56.56 55.09
N ALA Y 240 45.60 57.13 53.92
CA ALA Y 240 46.80 56.77 53.15
C ALA Y 240 47.22 58.00 52.35
N GLN Y 241 48.17 58.75 52.91
CA GLN Y 241 48.64 59.99 52.30
C GLN Y 241 50.07 59.79 51.80
N THR Y 242 50.23 59.74 50.49
CA THR Y 242 51.55 59.68 49.91
C THR Y 242 52.24 61.04 50.04
N PRO Y 243 53.58 61.06 49.99
CA PRO Y 243 54.28 62.36 50.05
C PRO Y 243 53.88 63.32 48.95
N THR Y 244 53.50 62.81 47.77
CA THR Y 244 53.03 63.69 46.71
C THR Y 244 51.75 64.40 47.11
N GLY Y 245 50.85 63.70 47.78
CA GLY Y 245 49.60 64.28 48.23
C GLY Y 245 48.38 63.44 47.90
N HIS Y 246 48.59 62.39 47.11
CA HIS Y 246 47.49 61.50 46.74
C HIS Y 246 46.96 60.78 47.97
N VAL Y 247 45.63 60.70 48.08
CA VAL Y 247 44.97 60.14 49.25
C VAL Y 247 44.24 58.87 48.83
N GLY Y 248 44.70 57.73 49.35
CA GLY Y 248 44.02 56.47 49.21
C GLY Y 248 43.41 56.00 50.51
N HIS Y 249 42.96 54.74 50.52
CA HIS Y 249 42.35 54.16 51.70
C HIS Y 249 42.98 52.80 51.96
N THR Y 250 42.93 52.37 53.23
CA THR Y 250 43.59 51.16 53.68
C THR Y 250 42.58 50.05 53.89
N MET Y 251 42.98 48.83 53.53
CA MET Y 251 42.15 47.64 53.71
C MET Y 251 42.89 46.65 54.58
N LYS Y 252 42.21 46.16 55.63
CA LYS Y 252 42.78 45.21 56.57
C LYS Y 252 41.92 43.97 56.63
N PHE Y 253 42.55 42.82 56.87
CA PHE Y 253 41.88 41.53 56.81
C PHE Y 253 42.15 40.72 58.07
N ASN Y 254 41.25 39.77 58.33
CA ASN Y 254 41.33 38.94 59.53
C ASN Y 254 42.32 37.80 59.30
N ASN Y 255 42.42 36.90 60.29
CA ASN Y 255 43.34 35.77 60.18
C ASN Y 255 42.85 34.77 59.13
N ASP Y 256 41.54 34.57 59.02
CA ASP Y 256 40.99 33.65 58.03
C ASP Y 256 40.91 34.27 56.64
N GLY Y 257 41.37 35.50 56.46
CA GLY Y 257 41.37 36.15 55.17
C GLY Y 257 40.13 36.95 54.84
N THR Y 258 39.10 36.89 55.68
CA THR Y 258 37.90 37.69 55.44
C THR Y 258 38.19 39.15 55.73
N LEU Y 259 37.25 40.01 55.37
CA LEU Y 259 37.44 41.45 55.50
C LEU Y 259 37.31 41.88 56.96
N ALA Y 260 38.28 42.68 57.41
CA ALA Y 260 38.30 43.16 58.79
C ALA Y 260 37.80 44.60 58.90
N SER Y 261 38.46 45.53 58.21
CA SER Y 261 38.10 46.94 58.31
C SER Y 261 38.46 47.64 57.02
N LEU Y 262 37.75 48.74 56.75
CA LEU Y 262 37.95 49.53 55.54
C LEU Y 262 38.07 51.00 55.91
N ASN Y 263 39.24 51.58 55.65
CA ASN Y 263 39.48 53.00 55.88
C ASN Y 263 39.13 53.39 57.33
N ASN Y 264 39.61 52.59 58.27
CA ASN Y 264 39.35 52.79 59.70
C ASN Y 264 37.86 52.80 60.02
N GLY Y 265 37.09 51.99 59.29
CA GLY Y 265 35.67 51.91 59.52
C GLY Y 265 34.85 53.06 58.96
N GLN Y 266 35.47 53.95 58.19
CA GLN Y 266 34.74 55.07 57.62
C GLN Y 266 34.29 54.75 56.20
N PRO Y 267 33.16 55.31 55.77
CA PRO Y 267 32.72 55.09 54.39
C PRO Y 267 33.69 55.73 53.40
N ILE Y 268 33.84 55.08 52.24
CA ILE Y 268 34.78 55.53 51.22
C ILE Y 268 34.01 56.46 50.28
N THR Y 269 34.25 57.76 50.42
CA THR Y 269 33.66 58.77 49.53
C THR Y 269 34.79 59.58 48.92
N SER Y 270 34.82 59.63 47.58
CA SER Y 270 35.84 60.40 46.90
C SER Y 270 35.46 61.87 46.86
N VAL Y 271 36.46 62.72 46.60
CA VAL Y 271 36.23 64.15 46.48
C VAL Y 271 35.52 64.42 45.17
N ALA Y 272 35.02 65.65 45.00
CA ALA Y 272 34.34 66.01 43.76
C ALA Y 272 35.30 65.91 42.58
N LEU Y 273 34.78 65.38 41.47
CA LEU Y 273 35.63 65.15 40.30
C LEU Y 273 36.09 66.45 39.68
N GLY Y 274 35.17 67.39 39.47
CA GLY Y 274 35.50 68.59 38.73
C GLY Y 274 35.47 69.89 39.52
N ASP Y 275 35.53 69.80 40.85
CA ASP Y 275 35.51 70.99 41.67
C ASP Y 275 36.92 71.32 42.14
N PRO Y 276 37.52 72.40 41.65
CA PRO Y 276 38.88 72.75 42.11
C PRO Y 276 38.95 73.14 43.57
N ALA Y 277 37.84 73.56 44.18
CA ALA Y 277 37.85 73.99 45.57
C ALA Y 277 38.14 72.85 46.54
N THR Y 278 37.93 71.60 46.12
CA THR Y 278 38.19 70.45 46.97
C THR Y 278 39.14 69.43 46.36
N ASN Y 279 39.48 69.55 45.08
CA ASN Y 279 40.35 68.61 44.39
C ASN Y 279 41.53 69.36 43.80
N THR Y 280 42.74 68.84 44.05
CA THR Y 280 43.94 69.47 43.52
C THR Y 280 44.10 69.22 42.03
N THR Y 281 43.47 68.19 41.49
CA THR Y 281 43.54 67.86 40.06
C THR Y 281 42.11 67.69 39.55
N PRO Y 282 41.41 68.78 39.27
CA PRO Y 282 40.02 68.69 38.84
C PRO Y 282 39.89 67.97 37.50
N VAL Y 283 38.94 67.03 37.44
CA VAL Y 283 38.71 66.29 36.21
C VAL Y 283 37.92 67.16 35.24
N ASP Y 284 38.32 67.15 33.97
CA ASP Y 284 37.67 67.97 32.95
C ASP Y 284 36.29 67.40 32.63
N MET Y 285 35.26 67.95 33.28
CA MET Y 285 33.90 67.44 33.10
C MET Y 285 33.33 67.74 31.72
N ASN Y 286 33.93 68.69 30.99
CA ASN Y 286 33.43 69.10 29.67
C ASN Y 286 31.96 69.52 29.73
N GLY Y 287 31.61 70.24 30.78
CA GLY Y 287 30.25 70.71 30.97
C GLY Y 287 29.40 69.91 31.93
N ALA Y 288 29.90 68.75 32.38
CA ALA Y 288 29.13 67.91 33.28
C ALA Y 288 29.14 68.50 34.70
N ASP Y 289 28.44 67.83 35.60
CA ASP Y 289 28.38 68.28 36.98
C ASP Y 289 29.73 68.11 37.65
N PRO Y 290 30.33 69.18 38.15
CA PRO Y 290 31.65 69.06 38.79
C PRO Y 290 31.61 68.54 40.21
N ALA Y 291 30.43 68.43 40.81
CA ALA Y 291 30.30 68.00 42.20
C ALA Y 291 30.00 66.51 42.33
N GLN Y 292 30.25 65.72 41.30
CA GLN Y 292 29.98 64.29 41.36
C GLN Y 292 30.88 63.61 42.38
N THR Y 293 30.29 62.75 43.22
CA THR Y 293 31.00 62.01 44.23
C THR Y 293 30.75 60.53 44.05
N LEU Y 294 31.78 59.73 44.33
CA LEU Y 294 31.74 58.29 44.16
C LEU Y 294 31.83 57.60 45.51
N ASN Y 295 30.97 56.60 45.72
CA ASN Y 295 30.98 55.78 46.92
C ASN Y 295 31.38 54.37 46.54
N PHE Y 296 32.43 53.86 47.17
CA PHE Y 296 32.96 52.53 46.88
C PHE Y 296 32.53 51.58 47.99
N GLY Y 297 31.89 50.47 47.60
CA GLY Y 297 31.53 49.45 48.56
C GLY Y 297 32.33 48.18 48.34
N LEU Y 298 33.28 47.92 49.25
CA LEU Y 298 34.19 46.78 49.13
C LEU Y 298 34.01 45.83 50.29
N GLY Y 299 32.76 45.56 50.66
CA GLY Y 299 32.46 44.73 51.81
C GLY Y 299 32.71 43.25 51.60
N SER Y 300 32.96 42.83 50.37
CA SER Y 300 33.21 41.42 50.07
C SER Y 300 34.65 41.16 49.64
N ALA Y 301 35.55 42.12 49.83
CA ALA Y 301 36.95 41.91 49.47
C ALA Y 301 37.58 40.86 50.38
N THR Y 302 38.41 40.00 49.80
CA THR Y 302 39.03 38.92 50.53
C THR Y 302 40.52 38.85 50.17
N GLN Y 303 41.29 38.25 51.07
CA GLN Y 303 42.71 38.02 50.84
C GLN Y 303 43.01 36.56 51.15
N PHE Y 304 43.12 35.74 50.11
CA PHE Y 304 43.42 34.33 50.23
C PHE Y 304 44.69 34.00 49.47
N ALA Y 305 45.00 32.70 49.39
CA ALA Y 305 46.17 32.27 48.64
C ALA Y 305 45.97 32.35 47.13
N ALA Y 306 44.74 32.54 46.68
CA ALA Y 306 44.47 32.63 45.25
C ALA Y 306 45.09 33.91 44.68
N PRO Y 307 45.45 33.90 43.39
CA PRO Y 307 46.02 35.11 42.78
C PRO Y 307 45.02 36.26 42.70
N PHE Y 308 45.47 37.41 42.19
CA PHE Y 308 44.61 38.58 42.09
C PHE Y 308 43.45 38.29 41.13
N GLU Y 309 42.25 38.74 41.52
CA GLU Y 309 41.05 38.45 40.75
C GLU Y 309 40.01 39.52 40.99
N LEU Y 310 39.33 39.94 39.92
CA LEU Y 310 38.21 40.88 40.00
C LEU Y 310 36.93 40.04 39.89
N THR Y 311 36.40 39.64 41.04
CA THR Y 311 35.26 38.73 41.04
C THR Y 311 33.99 39.44 40.59
N LYS Y 312 33.73 40.63 41.12
CA LYS Y 312 32.47 41.33 40.85
C LYS Y 312 32.75 42.82 40.70
N PHE Y 313 32.09 43.44 39.72
CA PHE Y 313 32.14 44.88 39.53
C PHE Y 313 30.76 45.36 39.15
N ASP Y 314 30.17 46.22 39.99
CA ASP Y 314 28.83 46.75 39.76
C ASP Y 314 28.82 48.25 39.99
N GLU Y 315 28.07 48.97 39.18
CA GLU Y 315 27.87 50.40 39.32
C GLU Y 315 26.40 50.72 39.12
N ASP Y 316 26.05 51.99 39.32
CA ASP Y 316 24.68 52.46 39.12
C ASP Y 316 24.59 53.47 37.99
N GLY Y 317 25.64 53.60 37.18
CA GLY Y 317 25.62 54.51 36.06
C GLY Y 317 24.78 54.00 34.91
N ALA Y 318 24.41 54.93 34.03
CA ALA Y 318 23.59 54.59 32.88
C ALA Y 318 23.79 55.66 31.81
N THR Y 319 23.40 55.32 30.58
CA THR Y 319 23.53 56.21 29.45
C THR Y 319 22.22 56.20 28.66
N THR Y 320 22.14 57.07 27.66
CA THR Y 320 20.94 57.13 26.83
C THR Y 320 20.74 55.80 26.10
N GLY Y 321 19.48 55.41 25.95
CA GLY Y 321 19.19 54.12 25.35
C GLY Y 321 17.81 54.10 24.73
N PHE Y 322 17.53 53.00 24.03
CA PHE Y 322 16.30 52.82 23.30
C PHE Y 322 15.59 51.57 23.80
N LEU Y 323 14.27 51.66 23.95
CA LEU Y 323 13.47 50.54 24.41
C LEU Y 323 13.68 49.33 23.52
N THR Y 324 14.23 48.25 24.09
CA THR Y 324 14.58 47.06 23.34
C THR Y 324 13.50 45.99 23.39
N LYS Y 325 12.99 45.67 24.58
CA LYS Y 325 11.90 44.71 24.69
C LYS Y 325 11.12 44.97 25.97
N VAL Y 326 9.89 44.47 26.00
CA VAL Y 326 8.99 44.64 27.13
C VAL Y 326 8.35 43.29 27.42
N ASP Y 327 8.34 42.91 28.70
CA ASP Y 327 7.71 41.66 29.11
C ASP Y 327 6.99 41.88 30.42
N PHE Y 328 6.10 40.93 30.75
CA PHE Y 328 5.26 41.00 31.94
C PHE Y 328 5.58 39.83 32.85
N ASP Y 329 5.76 40.10 34.13
CA ASP Y 329 6.00 39.04 35.10
C ASP Y 329 4.68 38.64 35.77
N GLU Y 330 4.75 37.63 36.64
CA GLU Y 330 3.55 37.14 37.31
C GLU Y 330 2.98 38.15 38.29
N ASN Y 331 3.83 39.05 38.82
CA ASN Y 331 3.35 40.09 39.73
C ASN Y 331 2.61 41.20 39.01
N GLY Y 332 2.60 41.20 37.68
CA GLY Y 332 1.97 42.25 36.92
C GLY Y 332 2.87 43.42 36.59
N SER Y 333 4.09 43.43 37.08
CA SER Y 333 5.02 44.51 36.77
C SER Y 333 5.44 44.43 35.30
N VAL Y 334 5.33 45.53 34.59
CA VAL Y 334 5.75 45.62 33.20
C VAL Y 334 7.17 46.14 33.17
N MET Y 335 8.10 45.27 32.80
CA MET Y 335 9.52 45.61 32.78
C MET Y 335 10.00 45.83 31.35
N GLY Y 336 10.94 46.74 31.20
CA GLY Y 336 11.51 47.03 29.90
C GLY Y 336 13.02 47.21 29.95
N THR Y 337 13.72 46.55 29.05
CA THR Y 337 15.17 46.65 28.96
C THR Y 337 15.53 47.58 27.81
N TYR Y 338 16.51 48.45 28.05
CA TYR Y 338 16.92 49.45 27.08
C TYR Y 338 18.30 49.09 26.53
N SER Y 339 18.78 49.94 25.61
CA SER Y 339 20.08 49.68 24.99
C SER Y 339 21.22 49.84 25.98
N ASN Y 340 21.08 50.76 26.94
CA ASN Y 340 22.14 50.95 27.93
C ASN Y 340 22.28 49.71 28.82
N GLY Y 341 21.17 49.08 29.17
CA GLY Y 341 21.19 47.86 29.97
C GLY Y 341 20.30 47.88 31.20
N GLU Y 342 19.81 49.04 31.64
CA GLU Y 342 18.98 49.10 32.84
C GLU Y 342 17.66 48.40 32.60
N ASN Y 343 17.23 47.62 33.58
CA ASN Y 343 15.93 46.93 33.53
C ASN Y 343 14.89 47.76 34.29
N VAL Y 344 14.58 48.92 33.71
CA VAL Y 344 13.67 49.87 34.35
C VAL Y 344 12.27 49.30 34.37
N THR Y 345 11.63 49.36 35.53
CA THR Y 345 10.27 48.86 35.70
C THR Y 345 9.29 50.00 35.43
N LEU Y 346 8.51 49.87 34.36
CA LEU Y 346 7.60 50.94 33.97
C LEU Y 346 6.46 51.10 34.97
N GLY Y 347 5.99 50.00 35.54
CA GLY Y 347 4.93 50.07 36.53
C GLY Y 347 4.31 48.72 36.76
N ARG Y 348 3.16 48.74 37.42
CA ARG Y 348 2.36 47.54 37.64
C ARG Y 348 0.97 47.75 37.06
N VAL Y 349 0.22 46.65 36.95
CA VAL Y 349 -1.13 46.66 36.40
C VAL Y 349 -2.10 46.53 37.57
N ALA Y 350 -2.98 47.51 37.71
CA ALA Y 350 -3.92 47.53 38.82
C ALA Y 350 -4.93 46.40 38.69
N LEU Y 351 -5.31 45.83 39.82
CA LEU Y 351 -6.35 44.81 39.91
C LEU Y 351 -7.38 45.26 40.93
N VAL Y 352 -8.65 45.10 40.59
CA VAL Y 352 -9.76 45.57 41.42
C VAL Y 352 -10.69 44.40 41.73
N ARG Y 353 -11.07 44.27 42.99
CA ARG Y 353 -12.01 43.25 43.43
C ARG Y 353 -13.11 43.91 44.25
N VAL Y 354 -14.35 43.49 44.03
CA VAL Y 354 -15.47 44.00 44.80
C VAL Y 354 -16.03 42.86 45.65
N PRO Y 355 -16.54 43.15 46.85
CA PRO Y 355 -17.08 42.05 47.69
C PRO Y 355 -18.25 41.33 47.05
N ASN Y 356 -19.11 42.04 46.33
CA ASN Y 356 -20.30 41.48 45.70
C ASN Y 356 -20.20 41.71 44.20
N GLU Y 357 -19.78 40.68 43.46
CA GLU Y 357 -19.68 40.81 42.02
C GLU Y 357 -21.03 40.70 41.33
N GLN Y 358 -22.05 40.15 42.00
CA GLN Y 358 -23.37 40.01 41.41
C GLN Y 358 -24.13 41.33 41.35
N GLY Y 359 -23.62 42.38 41.96
CA GLY Y 359 -24.35 43.64 42.02
C GLY Y 359 -23.78 44.73 41.15
N LEU Y 360 -22.65 44.46 40.50
CA LEU Y 360 -22.07 45.42 39.58
C LEU Y 360 -23.02 45.69 38.43
N ASP Y 361 -23.25 46.97 38.14
CA ASP Y 361 -24.07 47.33 36.99
C ASP Y 361 -23.25 47.19 35.71
N LYS Y 362 -23.92 46.85 34.63
CA LYS Y 362 -23.27 46.45 33.40
C LYS Y 362 -23.27 47.61 32.41
N LYS Y 363 -22.09 48.12 32.09
CA LYS Y 363 -21.94 49.11 31.04
C LYS Y 363 -21.71 48.40 29.71
N GLY Y 364 -21.53 49.17 28.66
CA GLY Y 364 -21.27 48.59 27.36
C GLY Y 364 -19.85 48.08 27.24
N GLY Y 365 -19.66 47.21 26.24
CA GLY Y 365 -18.33 46.71 25.94
C GLY Y 365 -17.72 45.84 27.02
N THR Y 366 -18.51 44.96 27.62
CA THR Y 366 -18.03 44.01 28.63
C THR Y 366 -17.28 44.72 29.75
N GLN Y 367 -17.89 45.77 30.27
CA GLN Y 367 -17.32 46.55 31.36
C GLN Y 367 -18.36 46.77 32.43
N TRP Y 368 -17.90 46.84 33.68
CA TRP Y 368 -18.76 46.99 34.84
C TRP Y 368 -18.33 48.18 35.67
N ASP Y 369 -19.25 48.66 36.48
CA ASP Y 369 -18.99 49.75 37.41
C ASP Y 369 -19.53 49.37 38.79
N SER Y 370 -19.02 50.04 39.82
CA SER Y 370 -19.35 49.71 41.20
C SER Y 370 -20.58 50.50 41.63
N THR Y 371 -21.59 49.79 42.11
CA THR Y 371 -22.80 50.43 42.60
C THR Y 371 -22.93 50.23 44.11
N GLN Y 372 -24.06 50.66 44.66
CA GLN Y 372 -24.30 50.54 46.10
C GLN Y 372 -24.34 49.08 46.53
N PHE Y 373 -25.05 48.23 45.77
CA PHE Y 373 -25.14 46.82 46.13
C PHE Y 373 -23.81 46.12 45.96
N SER Y 374 -23.04 46.50 44.95
CA SER Y 374 -21.76 45.86 44.70
C SER Y 374 -20.78 46.11 45.84
N GLY Y 375 -20.76 47.31 46.39
CA GLY Y 375 -19.83 47.69 47.43
C GLY Y 375 -18.93 48.83 46.97
N ASP Y 376 -17.65 48.74 47.34
CA ASP Y 376 -16.66 49.70 46.92
C ASP Y 376 -15.47 48.99 46.31
N LYS Y 377 -14.85 49.63 45.32
CA LYS Y 377 -13.71 49.04 44.64
C LYS Y 377 -12.55 48.87 45.62
N ILE Y 378 -12.04 47.64 45.72
CA ILE Y 378 -10.89 47.33 46.57
C ILE Y 378 -9.71 47.08 45.66
N TRP Y 379 -8.71 47.96 45.71
CA TRP Y 379 -7.57 47.88 44.84
C TRP Y 379 -6.51 46.96 45.42
N GLY Y 380 -5.71 46.37 44.52
CA GLY Y 380 -4.64 45.49 44.95
C GLY Y 380 -3.76 45.12 43.79
N GLU Y 381 -2.64 44.48 44.10
CA GLU Y 381 -1.69 44.04 43.09
C GLU Y 381 -2.09 42.66 42.57
N SER Y 382 -1.20 42.05 41.80
CA SER Y 382 -1.41 40.71 41.27
C SER Y 382 -0.76 39.69 42.20
N ASN Y 383 -1.47 38.58 42.44
CA ASN Y 383 -0.98 37.51 43.30
C ASN Y 383 -0.66 38.02 44.70
N LYS Y 384 -1.55 38.85 45.23
CA LYS Y 384 -1.41 39.40 46.58
C LYS Y 384 -2.75 39.36 47.28
N GLY Y 385 -2.75 38.86 48.51
CA GLY Y 385 -4.00 38.75 49.26
C GLY Y 385 -4.94 37.79 48.57
N SER Y 386 -6.16 38.24 48.31
CA SER Y 386 -7.19 37.42 47.68
C SER Y 386 -7.23 37.58 46.17
N PHE Y 387 -6.37 38.40 45.59
CA PHE Y 387 -6.35 38.60 44.16
C PHE Y 387 -5.65 37.44 43.46
N GLY Y 388 -5.94 37.28 42.18
CA GLY Y 388 -5.32 36.26 41.36
C GLY Y 388 -4.05 36.73 40.70
N THR Y 389 -3.63 35.99 39.70
CA THR Y 389 -2.41 36.29 38.96
C THR Y 389 -2.76 36.85 37.58
N ILE Y 390 -1.74 37.41 36.93
CA ILE Y 390 -1.88 38.00 35.61
C ILE Y 390 -0.96 37.26 34.66
N ASN Y 391 -1.53 36.75 33.56
CA ASN Y 391 -0.78 36.02 32.55
C ASN Y 391 -0.87 36.76 31.23
N ASN Y 392 0.27 36.97 30.59
CA ASN Y 392 0.30 37.58 29.27
C ASN Y 392 0.25 36.51 28.19
N GLY Y 393 -0.22 36.91 27.00
CA GLY Y 393 -0.36 36.00 25.89
C GLY Y 393 -1.63 35.20 25.88
N MET Y 394 -2.60 35.53 26.72
CA MET Y 394 -3.86 34.81 26.78
C MET Y 394 -5.02 35.81 26.75
N LEU Y 395 -6.22 35.27 26.50
CA LEU Y 395 -7.44 36.05 26.53
C LEU Y 395 -8.56 35.18 27.09
N GLU Y 396 -9.60 35.84 27.60
CA GLU Y 396 -10.73 35.15 28.19
C GLU Y 396 -11.86 35.03 27.19
N GLN Y 397 -12.43 33.83 27.06
CA GLN Y 397 -13.61 33.62 26.26
C GLN Y 397 -14.85 33.72 27.14
N SER Y 398 -16.02 33.57 26.53
CA SER Y 398 -17.26 33.57 27.29
C SER Y 398 -17.34 32.33 28.17
N ASN Y 399 -17.88 32.51 29.37
CA ASN Y 399 -18.01 31.41 30.32
C ASN Y 399 -19.38 30.75 30.16
N ILE Y 400 -19.64 30.26 28.94
CA ILE Y 400 -20.90 29.64 28.60
C ILE Y 400 -20.64 28.24 28.06
N ASP Y 401 -21.68 27.41 28.11
CA ASP Y 401 -21.64 26.07 27.56
C ASP Y 401 -22.76 25.93 26.54
N MET Y 402 -22.39 25.70 25.28
CA MET Y 402 -23.36 25.71 24.20
C MET Y 402 -24.44 24.65 24.40
N THR Y 403 -24.05 23.46 24.87
CA THR Y 403 -25.02 22.40 25.11
C THR Y 403 -26.09 22.84 26.11
N GLN Y 404 -25.65 23.41 27.24
CA GLN Y 404 -26.61 23.85 28.25
C GLN Y 404 -27.51 24.96 27.72
N GLU Y 405 -26.94 25.90 26.94
CA GLU Y 405 -27.74 26.98 26.40
C GLU Y 405 -28.80 26.46 25.45
N LEU Y 406 -28.44 25.52 24.57
CA LEU Y 406 -29.41 24.97 23.63
C LEU Y 406 -30.51 24.20 24.36
N VAL Y 407 -30.14 23.42 25.37
CA VAL Y 407 -31.15 22.67 26.12
C VAL Y 407 -32.09 23.64 26.85
N ASP Y 408 -31.53 24.70 27.43
CA ASP Y 408 -32.37 25.70 28.09
C ASP Y 408 -33.29 26.39 27.09
N LEU Y 409 -32.79 26.62 25.86
CA LEU Y 409 -33.63 27.20 24.82
C LEU Y 409 -34.83 26.30 24.53
N ILE Y 410 -34.57 24.99 24.41
CA ILE Y 410 -35.66 24.05 24.15
C ILE Y 410 -36.66 24.08 25.29
N SER Y 411 -36.17 24.05 26.53
CA SER Y 411 -37.07 24.04 27.69
C SER Y 411 -37.90 25.31 27.77
N ALA Y 412 -37.27 26.47 27.50
CA ALA Y 412 -37.99 27.73 27.53
C ALA Y 412 -39.07 27.77 26.45
N GLN Y 413 -38.77 27.25 25.27
CA GLN Y 413 -39.79 27.19 24.22
C GLN Y 413 -40.95 26.31 24.65
N ARG Y 414 -40.65 25.17 25.29
CA ARG Y 414 -41.71 24.29 25.77
C ARG Y 414 -42.59 25.00 26.81
N ASN Y 415 -41.97 25.72 27.74
CA ASN Y 415 -42.74 26.46 28.75
C ASN Y 415 -43.61 27.54 28.09
N PHE Y 416 -43.06 28.23 27.10
CA PHE Y 416 -43.82 29.26 26.39
C PHE Y 416 -45.03 28.66 25.70
N GLN Y 417 -44.85 27.50 25.06
CA GLN Y 417 -45.98 26.84 24.41
C GLN Y 417 -47.04 26.42 25.42
N ALA Y 418 -46.61 25.92 26.58
CA ALA Y 418 -47.57 25.54 27.62
C ALA Y 418 -48.37 26.75 28.10
N ASN Y 419 -47.69 27.87 28.34
CA ASN Y 419 -48.37 29.07 28.80
C ASN Y 419 -49.33 29.60 27.74
N SER Y 420 -48.92 29.56 26.47
CA SER Y 420 -49.82 29.98 25.40
C SER Y 420 -51.05 29.10 25.34
N ARG Y 421 -50.87 27.80 25.56
CA ARG Y 421 -52.02 26.90 25.61
C ARG Y 421 -52.97 27.28 26.75
N SER Y 422 -52.41 27.60 27.92
CA SER Y 422 -53.26 28.01 29.03
C SER Y 422 -54.02 29.29 28.71
N LEU Y 423 -53.36 30.26 28.11
CA LEU Y 423 -54.02 31.51 27.74
C LEU Y 423 -55.13 31.26 26.72
N GLU Y 424 -54.86 30.38 25.75
CA GLU Y 424 -55.88 30.04 24.77
C GLU Y 424 -57.08 29.37 25.42
N VAL Y 425 -56.83 28.52 26.41
CA VAL Y 425 -57.94 27.88 27.13
C VAL Y 425 -58.78 28.92 27.86
N HIS Y 426 -58.11 29.88 28.51
CA HIS Y 426 -58.85 30.95 29.20
C HIS Y 426 -59.72 31.73 28.22
N ASN Y 427 -59.15 32.10 27.08
CA ASN Y 427 -59.92 32.85 26.09
C ASN Y 427 -61.08 32.03 25.54
N GLN Y 428 -60.86 30.73 25.33
CA GLN Y 428 -61.94 29.88 24.85
C GLN Y 428 -63.08 29.79 25.86
N LEU Y 429 -62.74 29.69 27.15
CA LEU Y 429 -63.78 29.67 28.18
C LEU Y 429 -64.56 30.97 28.19
N GLN Y 430 -63.86 32.10 28.10
CA GLN Y 430 -64.55 33.39 28.10
C GLN Y 430 -65.47 33.53 26.89
N GLN Y 431 -64.99 33.14 25.71
CA GLN Y 431 -65.84 33.23 24.52
C GLN Y 431 -67.00 32.25 24.58
N ASN Y 432 -66.81 31.09 25.23
CA ASN Y 432 -67.93 30.16 25.42
C ASN Y 432 -69.00 30.78 26.30
N ILE Y 433 -68.59 31.47 27.37
CA ILE Y 433 -69.57 32.16 28.20
C ILE Y 433 -70.24 33.29 27.41
N LEU Y 434 -69.48 33.95 26.53
CA LEU Y 434 -70.02 35.05 25.74
C LEU Y 434 -71.23 34.62 24.92
N GLN Y 435 -71.26 33.38 24.46
CA GLN Y 435 -72.31 32.89 23.56
C GLN Y 435 -73.43 32.22 24.35
N ILE Y 436 -74.05 32.99 25.23
CA ILE Y 436 -75.18 32.50 26.01
C ILE Y 436 -76.34 33.49 25.94
N SER Z 2 -58.63 50.43 11.19
CA SER Z 2 -58.36 49.46 10.13
C SER Z 2 -57.38 50.04 9.10
N TYR Z 3 -57.46 51.35 8.89
CA TYR Z 3 -56.54 51.99 7.95
C TYR Z 3 -55.11 51.98 8.47
N VAL Z 4 -54.92 52.00 9.78
CA VAL Z 4 -53.58 51.86 10.34
C VAL Z 4 -53.01 50.48 10.03
N SER Z 5 -53.84 49.44 10.17
CA SER Z 5 -53.39 48.09 9.83
C SER Z 5 -53.11 47.98 8.34
N LEU Z 6 -53.92 48.63 7.50
CA LEU Z 6 -53.66 48.61 6.07
C LEU Z 6 -52.35 49.32 5.74
N SER Z 7 -52.06 50.42 6.44
CA SER Z 7 -50.77 51.09 6.26
C SER Z 7 -49.62 50.19 6.67
N GLY Z 8 -49.79 49.45 7.77
CA GLY Z 8 -48.77 48.49 8.17
C GLY Z 8 -48.56 47.40 7.12
N LEU Z 9 -49.66 46.89 6.55
CA LEU Z 9 -49.55 45.91 5.49
C LEU Z 9 -48.82 46.49 4.28
N SER Z 10 -49.14 47.72 3.91
CA SER Z 10 -48.48 48.35 2.76
C SER Z 10 -46.99 48.52 3.02
N ALA Z 11 -46.62 48.96 4.21
CA ALA Z 11 -45.20 49.11 4.53
C ALA Z 11 -44.47 47.77 4.51
N ALA Z 12 -45.08 46.74 5.09
CA ALA Z 12 -44.46 45.42 5.08
C ALA Z 12 -44.30 44.89 3.67
N GLN Z 13 -45.30 45.09 2.81
CA GLN Z 13 -45.20 44.61 1.44
C GLN Z 13 -44.18 45.42 0.65
N LEU Z 14 -44.05 46.72 0.94
CA LEU Z 14 -43.00 47.51 0.29
C LEU Z 14 -41.62 47.01 0.68
N ASP Z 15 -41.41 46.71 1.96
CA ASP Z 15 -40.13 46.15 2.38
C ASP Z 15 -39.90 44.79 1.73
N LEU Z 16 -40.95 43.99 1.62
CA LEU Z 16 -40.83 42.69 0.96
C LEU Z 16 -40.43 42.84 -0.49
N ASN Z 17 -41.04 43.80 -1.19
CA ASN Z 17 -40.69 44.02 -2.59
C ASN Z 17 -39.26 44.52 -2.74
N THR Z 18 -38.83 45.40 -1.85
CA THR Z 18 -37.45 45.88 -1.89
C THR Z 18 -36.47 44.73 -1.69
N THR Z 19 -36.75 43.87 -0.72
CA THR Z 19 -35.89 42.72 -0.47
C THR Z 19 -35.88 41.77 -1.66
N SER Z 20 -37.05 41.57 -2.27
CA SER Z 20 -37.13 40.70 -3.46
C SER Z 20 -36.32 41.27 -4.61
N ASN Z 21 -36.37 42.59 -4.81
CA ASN Z 21 -35.58 43.21 -5.85
C ASN Z 21 -34.09 43.07 -5.58
N ASN Z 22 -33.68 43.26 -4.32
CA ASN Z 22 -32.27 43.08 -3.95
C ASN Z 22 -31.82 41.65 -4.21
N ILE Z 23 -32.66 40.66 -3.88
CA ILE Z 23 -32.31 39.28 -4.11
C ILE Z 23 -32.23 38.98 -5.60
N ALA Z 24 -33.19 39.49 -6.38
CA ALA Z 24 -33.22 39.22 -7.81
C ALA Z 24 -31.99 39.81 -8.50
N ASN Z 25 -31.56 41.00 -8.08
CA ASN Z 25 -30.40 41.65 -8.69
C ASN Z 25 -29.08 41.17 -8.09
N ALA Z 26 -29.04 39.97 -7.50
CA ALA Z 26 -27.83 39.48 -6.88
C ALA Z 26 -26.68 39.29 -7.86
N ASN Z 27 -26.97 39.09 -9.15
CA ASN Z 27 -25.94 38.84 -10.13
C ASN Z 27 -25.72 39.99 -11.09
N THR Z 28 -26.58 41.01 -11.08
CA THR Z 28 -26.41 42.15 -11.96
C THR Z 28 -25.11 42.89 -11.62
N TYR Z 29 -24.34 43.21 -12.65
CA TYR Z 29 -23.06 43.87 -12.47
C TYR Z 29 -23.28 45.33 -12.13
N GLY Z 30 -22.57 45.81 -11.11
CA GLY Z 30 -22.63 47.20 -10.74
C GLY Z 30 -23.89 47.64 -10.02
N PHE Z 31 -24.76 46.69 -9.67
CA PHE Z 31 -26.00 47.02 -8.99
C PHE Z 31 -25.73 47.50 -7.57
N LYS Z 32 -26.56 48.42 -7.10
CA LYS Z 32 -26.50 48.91 -5.73
C LYS Z 32 -27.83 48.60 -5.04
N GLU Z 33 -27.76 48.03 -3.85
CA GLU Z 33 -28.95 47.60 -3.15
C GLU Z 33 -29.82 48.79 -2.77
N SER Z 34 -31.02 48.49 -2.28
CA SER Z 34 -31.96 49.51 -1.83
C SER Z 34 -32.43 49.18 -0.42
N ARG Z 35 -32.68 50.22 0.36
CA ARG Z 35 -33.15 50.07 1.74
C ARG Z 35 -34.43 50.87 1.92
N ALA Z 36 -35.39 50.28 2.63
CA ALA Z 36 -36.69 50.90 2.86
C ALA Z 36 -36.70 51.55 4.23
N GLU Z 37 -37.02 52.84 4.27
CA GLU Z 37 -37.11 53.60 5.51
C GLU Z 37 -38.50 54.17 5.64
N PHE Z 38 -39.09 54.06 6.83
CA PHE Z 38 -40.45 54.48 7.08
C PHE Z 38 -40.49 55.54 8.16
N ALA Z 39 -41.67 56.14 8.34
CA ALA Z 39 -41.84 57.22 9.30
C ALA Z 39 -43.24 57.15 9.89
N ASP Z 40 -43.38 57.68 11.10
CA ASP Z 40 -44.66 57.71 11.78
C ASP Z 40 -45.56 58.80 11.21
N VAL Z 41 -46.86 58.62 11.39
CA VAL Z 41 -47.87 59.56 10.91
C VAL Z 41 -48.64 60.09 12.10
N TYR Z 42 -48.89 61.39 12.12
CA TYR Z 42 -49.67 62.00 13.19
C TYR Z 42 -50.37 63.23 12.65
N SER Z 43 -51.60 63.44 13.11
CA SER Z 43 -52.40 64.58 12.67
C SER Z 43 -51.92 65.86 13.33
N ASN Z 44 -52.26 66.98 12.70
CA ASN Z 44 -51.90 68.32 13.19
C ASN Z 44 -53.11 69.24 13.11
N SER Z 45 -54.24 68.75 13.59
CA SER Z 45 -55.46 69.55 13.58
C SER Z 45 -55.33 70.74 14.52
N LEU Z 46 -56.14 71.77 14.25
CA LEU Z 46 -56.09 72.98 15.06
C LEU Z 46 -56.43 72.67 16.53
N PHE Z 47 -57.46 71.86 16.74
CA PHE Z 47 -57.85 71.44 18.09
C PHE Z 47 -57.62 69.94 18.21
N THR Z 48 -56.40 69.58 18.64
CA THR Z 48 -55.99 68.20 18.81
C THR Z 48 -55.88 67.90 20.30
N ASN Z 49 -56.52 66.82 20.74
CA ASN Z 49 -56.44 66.43 22.14
C ASN Z 49 -55.08 65.82 22.50
N ALA Z 50 -54.37 65.29 21.50
CA ALA Z 50 -53.00 64.78 21.68
C ALA Z 50 -52.96 63.62 22.66
N LYS Z 51 -53.26 63.89 23.94
CA LYS Z 51 -53.23 62.84 24.94
C LYS Z 51 -54.29 61.78 24.67
N THR Z 52 -55.39 62.17 24.03
CA THR Z 52 -56.50 61.26 23.75
C THR Z 52 -56.57 60.85 22.28
N THR Z 53 -55.53 61.12 21.50
CA THR Z 53 -55.52 60.79 20.08
C THR Z 53 -54.44 59.78 19.78
N PRO Z 54 -54.79 58.61 19.23
CA PRO Z 54 -53.76 57.61 18.90
C PRO Z 54 -52.99 57.97 17.64
N GLY Z 55 -52.08 57.10 17.23
CA GLY Z 55 -51.30 57.35 16.04
C GLY Z 55 -52.11 57.20 14.77
N GLY Z 56 -51.45 57.44 13.65
CA GLY Z 56 -52.12 57.39 12.36
C GLY Z 56 -51.53 56.38 11.41
N GLY Z 57 -50.76 55.44 11.95
CA GLY Z 57 -50.16 54.40 11.13
C GLY Z 57 -48.71 54.65 10.78
N ALA Z 58 -48.27 54.11 9.66
CA ALA Z 58 -46.89 54.27 9.20
C ALA Z 58 -46.89 54.63 7.73
N GLN Z 59 -46.03 55.56 7.35
CA GLN Z 59 -45.92 56.06 5.99
C GLN Z 59 -44.53 55.78 5.45
N ALA Z 60 -44.45 55.30 4.22
CA ALA Z 60 -43.15 55.10 3.58
C ALA Z 60 -42.47 56.44 3.37
N SER Z 61 -41.23 56.54 3.84
CA SER Z 61 -40.48 57.79 3.71
C SER Z 61 -39.70 57.84 2.39
N GLN Z 62 -38.82 56.87 2.18
CA GLN Z 62 -38.04 56.80 0.96
C GLN Z 62 -37.42 55.42 0.83
N VAL Z 63 -37.10 55.04 -0.40
CA VAL Z 63 -36.33 53.84 -0.66
C VAL Z 63 -34.90 54.27 -0.94
N ALA Z 64 -34.00 53.94 -0.02
CA ALA Z 64 -32.62 54.38 -0.14
C ALA Z 64 -31.91 53.65 -1.28
N GLN Z 65 -30.71 54.11 -1.59
CA GLN Z 65 -29.88 53.60 -2.68
C GLN Z 65 -28.45 53.42 -2.19
N GLN Z 66 -28.29 52.72 -1.07
CA GLN Z 66 -27.01 52.51 -0.43
C GLN Z 66 -25.91 52.24 -1.45
N PHE Z 67 -24.88 53.09 -1.43
CA PHE Z 67 -23.84 53.10 -2.46
C PHE Z 67 -22.50 52.61 -1.91
N HIS Z 68 -22.54 51.72 -0.94
CA HIS Z 68 -21.29 51.17 -0.42
C HIS Z 68 -20.65 50.26 -1.45
N GLU Z 69 -19.32 50.27 -1.48
CA GLU Z 69 -18.58 49.51 -2.50
C GLU Z 69 -18.90 48.03 -2.43
N GLY Z 70 -19.18 47.44 -3.60
CA GLY Z 70 -19.43 46.02 -3.69
C GLY Z 70 -18.18 45.23 -3.98
N SER Z 71 -18.30 43.91 -3.91
CA SER Z 71 -17.17 43.05 -4.16
C SER Z 71 -16.81 43.06 -5.64
N SER Z 72 -15.59 42.61 -5.93
CA SER Z 72 -15.05 42.62 -7.29
C SER Z 72 -14.73 41.21 -7.73
N ILE Z 73 -15.08 40.89 -8.96
CA ILE Z 73 -14.76 39.61 -9.57
C ILE Z 73 -13.67 39.83 -10.61
N TYR Z 74 -12.89 38.77 -10.85
CA TYR Z 74 -11.78 38.83 -11.78
C TYR Z 74 -12.11 37.95 -12.99
N THR Z 75 -12.13 38.56 -14.17
CA THR Z 75 -12.42 37.84 -15.40
C THR Z 75 -11.23 37.73 -16.33
N ASN Z 76 -10.11 38.40 -16.01
CA ASN Z 76 -8.92 38.44 -16.84
C ASN Z 76 -9.22 38.96 -18.24
N ASN Z 77 -10.23 39.81 -18.38
CA ASN Z 77 -10.56 40.45 -19.64
C ASN Z 77 -10.30 41.93 -19.50
N PRO Z 78 -9.22 42.46 -20.08
CA PRO Z 78 -8.85 43.87 -19.80
C PRO Z 78 -9.88 44.88 -20.27
N MET Z 79 -10.81 44.50 -21.15
CA MET Z 79 -11.88 45.40 -21.54
C MET Z 79 -12.90 45.59 -20.42
N ASP Z 80 -12.82 44.82 -19.35
CA ASP Z 80 -13.68 45.00 -18.19
C ASP Z 80 -13.02 45.97 -17.22
N LEU Z 81 -13.77 46.98 -16.78
CA LEU Z 81 -13.24 48.04 -15.94
C LEU Z 81 -14.06 48.17 -14.67
N ARG Z 82 -13.39 48.55 -13.59
CA ARG Z 82 -14.03 48.76 -12.29
C ARG Z 82 -13.50 50.05 -11.68
N VAL Z 83 -14.41 50.84 -11.12
CA VAL Z 83 -14.06 52.08 -10.45
C VAL Z 83 -13.93 51.79 -8.96
N SER Z 84 -12.69 51.72 -8.47
CA SER Z 84 -12.43 51.44 -7.07
C SER Z 84 -12.39 52.77 -6.30
N GLY Z 85 -13.37 52.97 -5.42
CA GLY Z 85 -13.45 54.20 -4.68
C GLY Z 85 -14.70 55.00 -5.02
N THR Z 86 -14.54 56.30 -5.24
CA THR Z 86 -15.65 57.18 -5.58
C THR Z 86 -15.55 57.58 -7.04
N GLY Z 87 -16.65 57.46 -7.76
CA GLY Z 87 -16.70 57.84 -9.16
C GLY Z 87 -17.59 56.92 -9.95
N PHE Z 88 -18.16 57.45 -11.04
CA PHE Z 88 -19.01 56.70 -11.93
C PHE Z 88 -18.51 56.82 -13.36
N PHE Z 89 -18.69 55.75 -14.13
CA PHE Z 89 -18.46 55.81 -15.57
C PHE Z 89 -19.56 56.66 -16.22
N ALA Z 90 -19.19 57.34 -17.30
CA ALA Z 90 -20.12 58.16 -18.06
C ALA Z 90 -20.28 57.58 -19.45
N VAL Z 91 -21.53 57.31 -19.83
CA VAL Z 91 -21.84 56.74 -21.14
C VAL Z 91 -22.92 57.59 -21.80
N ALA Z 92 -22.80 57.78 -23.11
CA ALA Z 92 -23.74 58.58 -23.88
C ALA Z 92 -24.55 57.67 -24.80
N LYS Z 93 -25.83 58.01 -24.96
CA LYS Z 93 -26.72 57.20 -25.79
C LYS Z 93 -26.26 57.21 -27.24
N GLU Z 94 -25.92 58.38 -27.76
CA GLU Z 94 -25.52 58.55 -29.15
C GLU Z 94 -24.11 59.10 -29.23
N ARG Z 95 -23.39 58.72 -30.28
CA ARG Z 95 -22.00 59.15 -30.43
C ARG Z 95 -21.90 60.65 -30.61
N LEU Z 96 -22.82 61.24 -31.37
CA LEU Z 96 -22.74 62.64 -31.75
C LEU Z 96 -23.32 63.59 -30.70
N THR Z 97 -23.85 63.07 -29.60
CA THR Z 97 -24.43 63.89 -28.54
C THR Z 97 -23.84 63.47 -27.19
N PRO Z 98 -22.58 63.82 -26.93
CA PRO Z 98 -22.00 63.52 -25.62
C PRO Z 98 -22.67 64.25 -24.48
N GLN Z 99 -23.40 65.33 -24.77
CA GLN Z 99 -24.08 66.06 -23.70
C GLN Z 99 -25.11 65.18 -23.00
N GLN Z 100 -25.89 64.42 -23.76
CA GLN Z 100 -26.87 63.50 -23.19
C GLN Z 100 -26.15 62.25 -22.71
N ASN Z 101 -25.92 62.14 -21.41
CA ASN Z 101 -25.16 61.03 -20.86
C ASN Z 101 -25.79 60.57 -19.55
N GLU Z 102 -25.46 59.34 -19.17
CA GLU Z 102 -25.90 58.77 -17.91
C GLU Z 102 -24.72 58.09 -17.23
N LEU Z 103 -24.82 57.96 -15.91
CA LEU Z 103 -23.76 57.40 -15.11
C LEU Z 103 -23.99 55.91 -14.89
N THR Z 104 -22.89 55.15 -14.87
CA THR Z 104 -22.98 53.71 -14.65
C THR Z 104 -21.75 53.25 -13.89
N ARG Z 105 -21.80 52.00 -13.43
CA ARG Z 105 -20.70 51.40 -12.68
C ARG Z 105 -20.14 50.13 -13.30
N ASN Z 106 -20.93 49.34 -14.03
CA ASN Z 106 -20.41 48.13 -14.64
C ASN Z 106 -19.49 48.48 -15.80
N GLY Z 107 -18.52 47.61 -16.05
CA GLY Z 107 -17.51 47.89 -17.05
C GLY Z 107 -17.40 46.85 -18.15
N ALA Z 108 -18.52 46.19 -18.49
CA ALA Z 108 -18.52 45.20 -19.55
C ALA Z 108 -18.48 45.94 -20.89
N PHE Z 109 -17.27 46.28 -21.31
CA PHE Z 109 -17.05 47.07 -22.52
C PHE Z 109 -16.53 46.21 -23.66
N HIS Z 110 -16.82 46.65 -24.88
CA HIS Z 110 -16.32 46.00 -26.08
C HIS Z 110 -16.34 46.99 -27.23
N LEU Z 111 -15.52 46.71 -28.24
CA LEU Z 111 -15.45 47.55 -29.43
C LEU Z 111 -16.61 47.22 -30.37
N ASN Z 112 -17.29 48.25 -30.86
CA ASN Z 112 -18.34 48.06 -31.84
C ASN Z 112 -17.70 48.07 -33.24
N LYS Z 113 -18.53 48.10 -34.28
CA LYS Z 113 -18.01 48.05 -35.64
C LYS Z 113 -17.19 49.29 -36.01
N GLU Z 114 -17.33 50.37 -35.27
CA GLU Z 114 -16.60 51.61 -35.53
C GLU Z 114 -15.39 51.76 -34.62
N ASN Z 115 -15.00 50.71 -33.90
CA ASN Z 115 -13.86 50.74 -32.97
C ASN Z 115 -14.06 51.76 -31.86
N TYR Z 116 -15.29 51.87 -31.35
CA TYR Z 116 -15.61 52.68 -30.19
C TYR Z 116 -15.97 51.78 -29.02
N MET Z 117 -15.53 52.16 -27.83
CA MET Z 117 -15.85 51.37 -26.64
C MET Z 117 -17.27 51.66 -26.19
N VAL Z 118 -18.09 50.61 -26.12
CA VAL Z 118 -19.50 50.74 -25.78
C VAL Z 118 -19.84 49.73 -24.69
N THR Z 119 -21.03 49.90 -24.11
CA THR Z 119 -21.55 48.97 -23.12
C THR Z 119 -22.33 47.86 -23.83
N ALA Z 120 -23.08 47.08 -23.05
CA ALA Z 120 -23.88 46.01 -23.63
C ALA Z 120 -24.96 46.56 -24.55
N ASN Z 121 -25.54 47.70 -24.19
CA ASN Z 121 -26.57 48.35 -24.99
C ASN Z 121 -26.02 49.22 -26.11
N ASP Z 122 -24.75 49.03 -26.48
CA ASP Z 122 -24.09 49.81 -27.52
C ASP Z 122 -24.14 51.30 -27.21
N GLU Z 123 -23.88 51.63 -25.95
CA GLU Z 123 -23.84 53.01 -25.49
C GLU Z 123 -22.39 53.45 -25.35
N PHE Z 124 -22.02 54.53 -26.05
CA PHE Z 124 -20.63 54.92 -26.16
C PHE Z 124 -20.09 55.41 -24.83
N LEU Z 125 -18.85 55.04 -24.54
CA LEU Z 125 -18.19 55.42 -23.29
C LEU Z 125 -17.50 56.76 -23.47
N LEU Z 126 -17.83 57.72 -22.60
CA LEU Z 126 -17.30 59.07 -22.70
C LEU Z 126 -15.87 59.12 -22.17
N GLY Z 127 -15.03 59.89 -22.87
CA GLY Z 127 -13.64 60.01 -22.47
C GLY Z 127 -13.10 61.40 -22.78
N TYR Z 128 -11.89 61.64 -22.31
CA TYR Z 128 -11.22 62.91 -22.52
C TYR Z 128 -10.27 62.81 -23.72
N GLN Z 129 -9.55 63.89 -23.98
CA GLN Z 129 -8.55 63.93 -25.04
C GLN Z 129 -7.26 64.47 -24.45
N VAL Z 130 -6.24 63.63 -24.38
CA VAL Z 130 -4.98 64.01 -23.74
C VAL Z 130 -4.05 64.62 -24.78
N ASP Z 131 -3.06 65.37 -24.30
CA ASP Z 131 -2.07 65.98 -25.16
C ASP Z 131 -1.06 64.94 -25.64
N PRO Z 132 -0.49 65.13 -26.83
CA PRO Z 132 0.46 64.12 -27.34
C PRO Z 132 1.65 63.89 -26.42
N SER Z 133 2.25 64.96 -25.90
CA SER Z 133 3.40 64.86 -25.01
C SER Z 133 3.03 65.11 -23.54
N SER Z 134 2.34 66.21 -23.27
CA SER Z 134 1.94 66.52 -21.91
C SER Z 134 0.90 65.52 -21.43
N GLY Z 135 1.11 64.98 -20.22
CA GLY Z 135 0.17 64.03 -19.66
C GLY Z 135 -1.17 64.64 -19.34
N GLU Z 136 -1.20 65.90 -18.91
CA GLU Z 136 -2.44 66.55 -18.53
C GLU Z 136 -3.39 66.63 -19.71
N VAL Z 137 -4.66 66.38 -19.45
CA VAL Z 137 -5.70 66.51 -20.47
C VAL Z 137 -6.01 67.98 -20.68
N SER Z 138 -6.03 68.42 -21.94
CA SER Z 138 -6.24 69.83 -22.24
C SER Z 138 -7.70 70.22 -22.06
N SER Z 139 -8.59 69.62 -22.83
CA SER Z 139 -10.00 69.96 -22.79
C SER Z 139 -10.76 68.92 -21.96
N TYR Z 140 -11.63 69.41 -21.08
CA TYR Z 140 -12.36 68.56 -20.16
C TYR Z 140 -13.74 68.15 -20.69
N GLU Z 141 -14.04 68.49 -21.93
CA GLU Z 141 -15.32 68.07 -22.50
C GLU Z 141 -15.33 66.55 -22.74
N PRO Z 142 -16.46 65.90 -22.52
CA PRO Z 142 -16.54 64.47 -22.77
C PRO Z 142 -16.76 64.16 -24.25
N GLN Z 143 -16.05 63.15 -24.73
CA GLN Z 143 -16.18 62.69 -26.11
C GLN Z 143 -16.03 61.18 -26.14
N PRO Z 144 -16.64 60.52 -27.12
CA PRO Z 144 -16.51 59.07 -27.22
C PRO Z 144 -15.06 58.65 -27.44
N ILE Z 145 -14.70 57.50 -26.90
CA ILE Z 145 -13.34 56.98 -27.00
C ILE Z 145 -13.25 56.10 -28.25
N ASN Z 146 -12.27 56.39 -29.09
CA ASN Z 146 -12.01 55.62 -30.31
C ASN Z 146 -10.65 54.97 -30.22
N ILE Z 147 -10.53 53.76 -30.76
CA ILE Z 147 -9.27 53.04 -30.74
C ILE Z 147 -8.93 52.66 -32.19
N PRO Z 148 -8.31 53.56 -32.95
CA PRO Z 148 -7.99 53.23 -34.34
C PRO Z 148 -7.02 52.07 -34.44
N ALA Z 149 -7.20 51.26 -35.48
CA ALA Z 149 -6.36 50.11 -35.73
C ALA Z 149 -5.16 50.43 -36.61
N GLU Z 150 -5.05 51.67 -37.08
CA GLU Z 150 -3.93 52.08 -37.92
C GLU Z 150 -3.39 53.42 -37.43
N PHE Z 151 -2.06 53.53 -37.42
CA PHE Z 151 -1.41 54.81 -37.17
C PHE Z 151 -1.21 55.52 -38.50
N GLY Z 152 -2.33 55.85 -39.12
CA GLY Z 152 -2.34 56.38 -40.48
C GLY Z 152 -1.90 57.81 -40.60
N LYS Z 153 -0.67 58.11 -40.18
CA LYS Z 153 -0.11 59.43 -40.32
C LYS Z 153 1.41 59.37 -40.22
N PRO Z 154 2.10 59.15 -41.35
CA PRO Z 154 3.58 59.16 -41.32
C PRO Z 154 4.10 60.49 -40.80
N LYS Z 155 4.81 60.45 -39.66
CA LYS Z 155 5.30 61.65 -39.01
C LYS Z 155 6.75 61.88 -39.40
N GLN Z 156 7.03 63.05 -39.97
CA GLN Z 156 8.39 63.37 -40.40
C GLN Z 156 9.29 63.60 -39.20
N THR Z 157 10.58 63.37 -39.39
CA THR Z 157 11.57 63.59 -38.36
C THR Z 157 11.83 65.09 -38.21
N ALA Z 158 11.68 65.61 -36.99
CA ALA Z 158 11.86 67.04 -36.76
C ALA Z 158 12.87 67.31 -35.65
N ASN Z 159 12.93 66.43 -34.65
CA ASN Z 159 13.84 66.58 -33.53
C ASN Z 159 14.68 65.31 -33.41
N ILE Z 160 15.99 65.48 -33.29
CA ILE Z 160 16.91 64.37 -33.07
C ILE Z 160 17.78 64.71 -31.88
N GLU Z 161 17.72 63.88 -30.84
CA GLU Z 161 18.55 64.04 -29.66
C GLU Z 161 19.68 63.02 -29.71
N VAL Z 162 20.92 63.51 -29.64
CA VAL Z 162 22.10 62.65 -29.70
C VAL Z 162 22.97 62.95 -28.49
N GLY Z 163 23.30 61.90 -27.73
CA GLY Z 163 24.23 62.03 -26.63
C GLY Z 163 25.41 61.10 -26.80
N VAL Z 164 26.61 61.67 -27.01
CA VAL Z 164 27.80 60.88 -27.28
C VAL Z 164 28.91 61.31 -26.34
N ASN Z 165 29.89 60.43 -26.19
CA ASN Z 165 31.12 60.72 -25.44
C ASN Z 165 32.28 60.72 -26.41
N LEU Z 166 33.04 61.82 -26.42
CA LEU Z 166 34.09 61.86 -27.42
C LEU Z 166 35.44 61.60 -26.78
N PRO Z 167 36.34 60.88 -27.47
CA PRO Z 167 37.65 60.57 -26.90
C PRO Z 167 38.51 61.82 -26.81
N ALA Z 168 38.95 62.14 -25.58
CA ALA Z 168 39.83 63.28 -25.37
C ALA Z 168 41.24 63.03 -25.90
N ASN Z 169 41.65 61.76 -26.01
CA ASN Z 169 42.98 61.39 -26.47
C ASN Z 169 43.04 61.17 -27.98
N GLY Z 170 41.95 61.44 -28.70
CA GLY Z 170 41.96 61.24 -30.13
C GLY Z 170 42.91 62.19 -30.83
N ASP Z 171 43.44 61.72 -31.96
CA ASP Z 171 44.39 62.52 -32.73
C ASP Z 171 43.69 63.70 -33.40
N LEU Z 172 44.39 64.82 -33.46
CA LEU Z 172 43.82 66.03 -34.06
C LEU Z 172 43.75 65.90 -35.58
N LYS Z 173 42.86 66.68 -36.17
CA LYS Z 173 42.67 66.72 -37.62
C LYS Z 173 42.63 68.16 -38.08
N ASP Z 174 42.80 68.35 -39.38
CA ASP Z 174 42.78 69.70 -39.96
C ASP Z 174 41.35 70.06 -40.33
N PRO Z 175 40.76 71.09 -39.72
CA PRO Z 175 39.37 71.45 -40.05
C PRO Z 175 39.18 71.83 -41.51
N THR Z 176 40.17 72.49 -42.12
CA THR Z 176 40.02 72.92 -43.51
C THR Z 176 40.12 71.77 -44.49
N GLN Z 177 40.65 70.62 -44.07
CA GLN Z 177 40.84 69.47 -44.94
C GLN Z 177 39.74 68.43 -44.79
N PHE Z 178 38.62 68.79 -44.15
CA PHE Z 178 37.55 67.83 -43.92
C PHE Z 178 36.89 67.43 -45.24
N ASP Z 179 36.61 66.14 -45.38
CA ASP Z 179 35.93 65.62 -46.56
C ASP Z 179 35.30 64.29 -46.19
N PHE Z 180 33.98 64.19 -46.31
CA PHE Z 180 33.28 62.97 -45.91
C PHE Z 180 33.66 61.77 -46.76
N SER Z 181 34.19 61.99 -47.97
CA SER Z 181 34.59 60.88 -48.82
C SER Z 181 35.87 60.21 -48.36
N ASP Z 182 36.72 60.92 -47.63
CA ASP Z 182 37.99 60.37 -47.15
C ASP Z 182 37.90 60.09 -45.67
N PRO Z 183 37.94 58.84 -45.23
CA PRO Z 183 37.81 58.54 -43.79
C PRO Z 183 38.89 59.18 -42.95
N ASP Z 184 40.11 59.32 -43.48
CA ASP Z 184 41.24 59.80 -42.68
C ASP Z 184 41.14 61.27 -42.32
N THR Z 185 40.29 62.05 -43.00
CA THR Z 185 40.20 63.47 -42.70
C THR Z 185 39.53 63.74 -41.36
N TYR Z 186 38.55 62.92 -40.99
CA TYR Z 186 37.79 63.11 -39.76
C TYR Z 186 38.15 62.03 -38.76
N ASN Z 187 37.45 62.02 -37.62
CA ASN Z 187 37.71 61.07 -36.55
C ASN Z 187 36.73 59.90 -36.56
N ARG Z 188 35.43 60.20 -36.49
CA ARG Z 188 34.42 59.17 -36.38
C ARG Z 188 33.23 59.50 -37.29
N SER Z 189 32.46 58.46 -37.60
CA SER Z 189 31.27 58.59 -38.43
C SER Z 189 30.21 57.65 -37.90
N THR Z 190 29.00 58.16 -37.68
CA THR Z 190 27.89 57.37 -37.19
C THR Z 190 26.74 57.43 -38.19
N SER Z 191 26.00 56.33 -38.29
CA SER Z 191 24.91 56.20 -39.24
C SER Z 191 23.59 55.98 -38.50
N SER Z 192 22.52 56.49 -39.08
CA SER Z 192 21.19 56.39 -38.48
C SER Z 192 20.15 56.51 -39.57
N THR Z 193 18.88 56.38 -39.17
CA THR Z 193 17.76 56.45 -40.10
C THR Z 193 16.82 57.58 -39.70
N ILE Z 194 16.35 58.33 -40.70
CA ILE Z 194 15.38 59.39 -40.51
C ILE Z 194 14.23 59.17 -41.50
N TYR Z 195 13.09 59.79 -41.20
CA TYR Z 195 11.88 59.62 -42.00
C TYR Z 195 11.34 60.98 -42.42
N ASP Z 196 10.89 61.06 -43.67
CA ASP Z 196 10.31 62.29 -44.20
C ASP Z 196 8.80 62.28 -43.98
N SER Z 197 8.10 63.19 -44.65
CA SER Z 197 6.65 63.28 -44.49
C SER Z 197 5.96 62.04 -45.02
N MET Z 198 6.45 61.47 -46.13
CA MET Z 198 5.82 60.31 -46.75
C MET Z 198 6.27 58.99 -46.14
N GLY Z 199 7.14 59.03 -45.13
CA GLY Z 199 7.61 57.81 -44.50
C GLY Z 199 8.78 57.14 -45.18
N GLN Z 200 9.36 57.76 -46.20
CA GLN Z 200 10.55 57.22 -46.84
C GLN Z 200 11.70 57.16 -45.85
N SER Z 201 12.47 56.07 -45.90
CA SER Z 201 13.61 55.91 -45.01
C SER Z 201 14.84 56.54 -45.65
N TYR Z 202 15.52 57.40 -44.89
CA TYR Z 202 16.76 58.02 -45.33
C TYR Z 202 17.85 57.73 -44.32
N LYS Z 203 19.09 57.62 -44.82
CA LYS Z 203 20.24 57.33 -43.99
C LYS Z 203 20.96 58.63 -43.68
N LEU Z 204 21.05 58.97 -42.40
CA LEU Z 204 21.73 60.18 -41.94
C LEU Z 204 23.07 59.80 -41.34
N THR Z 205 24.14 60.38 -41.87
CA THR Z 205 25.50 60.12 -41.42
C THR Z 205 26.08 61.37 -40.77
N THR Z 206 26.58 61.23 -39.55
CA THR Z 206 27.18 62.33 -38.81
C THR Z 206 28.67 62.09 -38.65
N TYR Z 207 29.47 63.08 -39.03
CA TYR Z 207 30.92 62.99 -38.97
C TYR Z 207 31.44 63.93 -37.89
N TYR Z 208 32.28 63.39 -37.01
CA TYR Z 208 32.88 64.16 -35.93
C TYR Z 208 34.37 64.36 -36.21
N LEU Z 209 34.81 65.61 -36.13
CA LEU Z 209 36.20 65.97 -36.39
C LEU Z 209 36.76 66.72 -35.19
N LYS Z 210 37.95 66.31 -34.75
CA LYS Z 210 38.60 66.93 -33.60
C LYS Z 210 39.47 68.08 -34.08
N ASP Z 211 39.16 69.28 -33.61
CA ASP Z 211 39.89 70.47 -34.04
C ASP Z 211 41.32 70.43 -33.55
N GLN Z 212 42.25 70.85 -34.40
CA GLN Z 212 43.66 70.92 -34.04
C GLN Z 212 44.05 72.29 -33.51
N THR Z 213 43.52 73.36 -34.12
CA THR Z 213 43.91 74.70 -33.73
C THR Z 213 43.47 75.02 -32.30
N GLN Z 214 42.25 74.61 -31.93
CA GLN Z 214 41.71 74.93 -30.62
C GLN Z 214 41.53 73.64 -29.82
N PRO Z 215 42.18 73.51 -28.67
CA PRO Z 215 41.97 72.32 -27.83
C PRO Z 215 40.56 72.27 -27.27
N ASN Z 216 40.09 71.03 -27.03
CA ASN Z 216 38.75 70.78 -26.52
C ASN Z 216 37.67 71.37 -27.43
N THR Z 217 37.89 71.27 -28.74
CA THR Z 217 36.95 71.76 -29.73
C THR Z 217 36.74 70.67 -30.78
N TRP Z 218 35.48 70.45 -31.15
CA TRP Z 218 35.11 69.45 -32.13
C TRP Z 218 34.22 70.05 -33.20
N ASN Z 219 34.31 69.49 -34.40
CA ASN Z 219 33.47 69.90 -35.52
C ASN Z 219 32.58 68.73 -35.92
N THR Z 220 31.32 69.03 -36.21
CA THR Z 220 30.33 68.03 -36.55
C THR Z 220 29.69 68.35 -37.89
N TYR Z 221 29.62 67.35 -38.76
CA TYR Z 221 29.05 67.49 -40.09
C TYR Z 221 28.05 66.38 -40.34
N TYR Z 222 27.07 66.67 -41.19
CA TYR Z 222 25.99 65.74 -41.47
C TYR Z 222 25.84 65.55 -42.98
N THR Z 223 25.51 64.33 -43.38
CA THR Z 223 25.23 64.00 -44.77
C THR Z 223 24.01 63.12 -44.85
N VAL Z 224 23.28 63.21 -45.95
CA VAL Z 224 22.08 62.42 -46.19
C VAL Z 224 22.33 61.55 -47.41
N THR Z 225 22.09 60.25 -47.29
CA THR Z 225 22.34 59.28 -48.34
C THR Z 225 21.01 58.79 -48.91
N ASP Z 226 20.62 59.35 -50.04
CA ASP Z 226 19.45 58.91 -50.78
C ASP Z 226 19.88 57.96 -51.90
N LYS Z 227 18.93 57.57 -52.74
CA LYS Z 227 19.25 56.66 -53.84
C LYS Z 227 20.20 57.29 -54.85
N GLU Z 228 20.09 58.61 -55.04
CA GLU Z 228 20.99 59.29 -55.98
C GLU Z 228 22.43 59.24 -55.49
N GLY Z 229 22.65 59.44 -54.19
CA GLY Z 229 23.98 59.42 -53.63
C GLY Z 229 23.97 60.02 -52.24
N GLU Z 230 25.17 60.36 -51.77
CA GLU Z 230 25.36 60.97 -50.45
C GLU Z 230 25.55 62.47 -50.63
N LYS Z 231 24.58 63.24 -50.13
CA LYS Z 231 24.62 64.69 -50.24
C LYS Z 231 24.88 65.33 -48.89
N PRO Z 232 25.86 66.21 -48.77
CA PRO Z 232 26.11 66.86 -47.48
C PRO Z 232 24.96 67.78 -47.10
N LEU Z 233 24.77 67.92 -45.79
CA LEU Z 233 23.74 68.78 -45.23
C LEU Z 233 24.39 69.93 -44.48
N ASN Z 234 23.91 71.15 -44.73
CA ASN Z 234 24.49 72.35 -44.17
C ASN Z 234 23.64 72.86 -43.01
N VAL Z 235 24.31 73.36 -41.99
CA VAL Z 235 23.66 73.97 -40.83
C VAL Z 235 23.36 75.43 -41.16
N ALA Z 236 22.23 75.92 -40.64
CA ALA Z 236 21.78 77.26 -41.00
C ALA Z 236 22.79 78.32 -40.58
N ALA Z 237 23.30 78.22 -39.35
CA ALA Z 237 24.24 79.20 -38.80
C ALA Z 237 25.43 78.53 -38.14
N GLY Z 238 25.82 77.36 -38.64
CA GLY Z 238 26.95 76.65 -38.07
C GLY Z 238 28.25 77.40 -38.32
N ASP Z 239 29.08 77.46 -37.29
CA ASP Z 239 30.36 78.17 -37.35
C ASP Z 239 31.50 77.25 -37.78
N ALA Z 240 31.30 76.53 -38.89
CA ALA Z 240 32.35 75.65 -39.42
C ALA Z 240 32.10 75.55 -40.94
N GLN Z 241 32.85 76.35 -41.70
CA GLN Z 241 32.72 76.39 -43.15
C GLN Z 241 33.98 75.80 -43.78
N THR Z 242 33.83 74.66 -44.43
CA THR Z 242 34.93 74.07 -45.17
C THR Z 242 35.15 74.84 -46.47
N PRO Z 243 36.34 74.76 -47.05
CA PRO Z 243 36.57 75.43 -48.35
C PRO Z 243 35.62 74.97 -49.44
N THR Z 244 35.17 73.71 -49.41
CA THR Z 244 34.21 73.25 -50.40
C THR Z 244 32.89 74.00 -50.27
N GLY Z 245 32.45 74.26 -49.04
CA GLY Z 245 31.20 74.97 -48.82
C GLY Z 245 30.32 74.31 -47.77
N HIS Z 246 30.70 73.10 -47.35
CA HIS Z 246 29.94 72.38 -46.35
C HIS Z 246 29.98 73.11 -45.01
N VAL Z 247 28.82 73.19 -44.35
CA VAL Z 247 28.68 73.95 -43.11
C VAL Z 247 28.37 72.97 -41.98
N GLY Z 248 29.27 72.89 -41.01
CA GLY Z 248 29.05 72.15 -39.79
C GLY Z 248 28.94 73.07 -38.59
N HIS Z 249 28.97 72.47 -37.40
CA HIS Z 249 28.87 73.22 -36.16
C HIS Z 249 29.97 72.76 -35.21
N THR Z 250 30.35 73.65 -34.29
CA THR Z 250 31.46 73.42 -33.38
C THR Z 250 30.95 73.11 -31.98
N MET Z 251 31.64 72.18 -31.32
CA MET Z 251 31.31 71.78 -29.95
C MET Z 251 32.51 72.01 -29.05
N LYS Z 252 32.30 72.72 -27.95
CA LYS Z 252 33.35 73.05 -27.00
C LYS Z 252 32.99 72.49 -25.63
N PHE Z 253 34.01 72.08 -24.88
CA PHE Z 253 33.81 71.42 -23.59
C PHE Z 253 34.65 72.09 -22.53
N ASN Z 254 34.22 71.94 -21.28
CA ASN Z 254 34.89 72.56 -20.15
C ASN Z 254 36.10 71.74 -19.75
N ASN Z 255 36.75 72.12 -18.64
CA ASN Z 255 37.94 71.41 -18.19
C ASN Z 255 37.60 70.03 -17.66
N ASP Z 256 36.42 69.87 -17.05
CA ASP Z 256 36.01 68.59 -16.49
C ASP Z 256 35.41 67.65 -17.53
N GLY Z 257 35.34 68.06 -18.80
CA GLY Z 257 34.80 67.23 -19.84
C GLY Z 257 33.31 67.40 -20.10
N THR Z 258 32.61 68.18 -19.30
CA THR Z 258 31.20 68.43 -19.55
C THR Z 258 31.04 69.37 -20.74
N LEU Z 259 29.80 69.55 -21.17
CA LEU Z 259 29.50 70.37 -22.34
C LEU Z 259 29.57 71.85 -21.97
N ALA Z 260 30.28 72.62 -22.79
CA ALA Z 260 30.43 74.06 -22.56
C ALA Z 260 29.53 74.89 -23.46
N SER Z 261 29.68 74.76 -24.77
CA SER Z 261 28.90 75.55 -25.71
C SER Z 261 28.73 74.77 -27.00
N LEU Z 262 27.64 75.06 -27.71
CA LEU Z 262 27.29 74.38 -28.96
C LEU Z 262 26.99 75.44 -30.02
N ASN Z 263 27.79 75.44 -31.09
CA ASN Z 263 27.57 76.33 -32.23
C ASN Z 263 27.45 77.79 -31.79
N ASN Z 264 28.36 78.22 -30.91
CA ASN Z 264 28.36 79.57 -30.36
C ASN Z 264 27.06 79.89 -29.63
N GLY Z 265 26.45 78.88 -29.01
CA GLY Z 265 25.23 79.10 -28.27
C GLY Z 265 23.98 79.20 -29.10
N GLN Z 266 24.05 78.95 -30.41
CA GLN Z 266 22.87 79.01 -31.25
C GLN Z 266 22.27 77.62 -31.45
N PRO Z 267 20.95 77.52 -31.59
CA PRO Z 267 20.34 76.21 -31.84
C PRO Z 267 20.78 75.64 -33.18
N ILE Z 268 20.90 74.32 -33.22
CA ILE Z 268 21.37 73.62 -34.42
C ILE Z 268 20.16 73.29 -35.27
N THR Z 269 19.95 74.08 -36.32
CA THR Z 269 18.86 73.86 -37.28
C THR Z 269 19.46 73.68 -38.65
N SER Z 270 19.15 72.56 -39.30
CA SER Z 270 19.67 72.29 -40.63
C SER Z 270 18.84 73.02 -41.68
N VAL Z 271 19.42 73.16 -42.88
CA VAL Z 271 18.71 73.76 -44.00
C VAL Z 271 17.67 72.78 -44.51
N ALA Z 272 16.77 73.26 -45.37
CA ALA Z 272 15.75 72.39 -45.93
C ALA Z 272 16.38 71.29 -46.77
N LEU Z 273 15.86 70.08 -46.63
CA LEU Z 273 16.46 68.92 -47.30
C LEU Z 273 16.30 69.00 -48.81
N GLY Z 274 15.09 69.30 -49.28
CA GLY Z 274 14.80 69.23 -50.70
C GLY Z 274 14.52 70.56 -51.37
N ASP Z 275 14.90 71.67 -50.74
CA ASP Z 275 14.66 72.99 -51.31
C ASP Z 275 15.94 73.51 -51.93
N PRO Z 276 16.03 73.62 -53.25
CA PRO Z 276 17.26 74.15 -53.86
C PRO Z 276 17.51 75.62 -53.55
N ALA Z 277 16.49 76.37 -53.16
CA ALA Z 277 16.66 77.80 -52.89
C ALA Z 277 17.54 78.08 -51.69
N THR Z 278 17.68 77.12 -50.77
CA THR Z 278 18.54 77.28 -49.61
C THR Z 278 19.59 76.20 -49.46
N ASN Z 279 19.52 75.12 -50.24
CA ASN Z 279 20.45 74.00 -50.15
C ASN Z 279 21.15 73.83 -51.48
N THR Z 280 22.49 73.78 -51.45
CA THR Z 280 23.26 73.60 -52.67
C THR Z 280 23.19 72.17 -53.19
N THR Z 281 22.83 71.21 -52.32
CA THR Z 281 22.69 69.80 -52.70
C THR Z 281 21.32 69.33 -52.22
N PRO Z 282 20.26 69.63 -52.96
CA PRO Z 282 18.91 69.26 -52.52
C PRO Z 282 18.74 67.75 -52.48
N VAL Z 283 18.19 67.26 -51.37
CA VAL Z 283 17.94 65.83 -51.23
C VAL Z 283 16.71 65.44 -52.03
N ASP Z 284 16.81 64.31 -52.74
CA ASP Z 284 15.71 63.85 -53.57
C ASP Z 284 14.56 63.34 -52.70
N MET Z 285 13.59 64.21 -52.42
CA MET Z 285 12.47 63.84 -51.55
C MET Z 285 11.53 62.84 -52.20
N ASN Z 286 11.59 62.68 -53.53
CA ASN Z 286 10.72 61.76 -54.26
C ASN Z 286 9.24 62.04 -53.97
N GLY Z 287 8.89 63.32 -53.91
CA GLY Z 287 7.53 63.74 -53.66
C GLY Z 287 7.25 64.20 -52.24
N ALA Z 288 8.19 63.98 -51.31
CA ALA Z 288 7.97 64.37 -49.93
C ALA Z 288 8.12 65.89 -49.77
N ASP Z 289 7.93 66.36 -48.54
CA ASP Z 289 8.03 67.78 -48.27
C ASP Z 289 9.48 68.23 -48.40
N PRO Z 290 9.76 69.19 -49.29
CA PRO Z 290 11.15 69.64 -49.47
C PRO Z 290 11.62 70.62 -48.40
N ALA Z 291 10.71 71.15 -47.57
CA ALA Z 291 11.06 72.15 -46.58
C ALA Z 291 11.28 71.55 -45.19
N GLN Z 292 11.53 70.25 -45.10
CA GLN Z 292 11.75 69.62 -43.82
C GLN Z 292 13.03 70.14 -43.18
N THR Z 293 12.94 70.44 -41.88
CA THR Z 293 14.09 70.93 -41.12
C THR Z 293 14.33 70.04 -39.91
N LEU Z 294 15.61 69.87 -39.58
CA LEU Z 294 16.02 68.99 -38.48
C LEU Z 294 16.63 69.83 -37.37
N ASN Z 295 16.24 69.53 -36.13
CA ASN Z 295 16.79 70.18 -34.95
C ASN Z 295 17.57 69.14 -34.15
N PHE Z 296 18.84 69.43 -33.89
CA PHE Z 296 19.72 68.51 -33.18
C PHE Z 296 19.90 68.98 -31.75
N GLY Z 297 19.62 68.08 -30.80
CA GLY Z 297 19.84 68.39 -29.40
C GLY Z 297 20.97 67.55 -28.82
N LEU Z 298 22.11 68.18 -28.57
CA LEU Z 298 23.30 67.49 -28.07
C LEU Z 298 23.71 68.07 -26.73
N GLY Z 299 22.74 68.28 -25.84
CA GLY Z 299 23.02 68.89 -24.55
C GLY Z 299 23.71 67.98 -23.55
N SER Z 300 23.81 66.69 -23.84
CA SER Z 300 24.44 65.74 -22.94
C SER Z 300 25.75 65.20 -23.48
N ALA Z 301 26.29 65.80 -24.54
CA ALA Z 301 27.56 65.33 -25.08
C ALA Z 301 28.69 65.58 -24.10
N THR Z 302 29.61 64.64 -24.03
CA THR Z 302 30.74 64.72 -23.10
C THR Z 302 32.02 64.35 -23.82
N GLN Z 303 33.14 64.79 -23.27
CA GLN Z 303 34.47 64.43 -23.78
C GLN Z 303 35.33 63.99 -22.60
N PHE Z 304 35.53 62.67 -22.47
CA PHE Z 304 36.34 62.09 -21.41
C PHE Z 304 37.45 61.27 -22.04
N ALA Z 305 38.19 60.56 -21.19
CA ALA Z 305 39.23 59.65 -21.67
C ALA Z 305 38.65 58.39 -22.29
N ALA Z 306 37.36 58.14 -22.12
CA ALA Z 306 36.75 56.95 -22.66
C ALA Z 306 36.72 57.01 -24.19
N PRO Z 307 36.72 55.85 -24.87
CA PRO Z 307 36.68 55.86 -26.33
C PRO Z 307 35.37 56.41 -26.88
N PHE Z 308 35.28 56.50 -28.21
CA PHE Z 308 34.07 57.00 -28.85
C PHE Z 308 32.89 56.08 -28.55
N GLU Z 309 31.74 56.68 -28.25
CA GLU Z 309 30.56 55.91 -27.85
C GLU Z 309 29.30 56.69 -28.20
N LEU Z 310 28.31 55.98 -28.73
CA LEU Z 310 26.98 56.53 -28.98
C LEU Z 310 26.06 56.08 -27.86
N THR Z 311 25.97 56.90 -26.81
CA THR Z 311 25.21 56.50 -25.63
C THR Z 311 23.71 56.48 -25.90
N LYS Z 312 23.20 57.54 -26.52
CA LYS Z 312 21.76 57.70 -26.70
C LYS Z 312 21.47 58.28 -28.06
N PHE Z 313 20.42 57.79 -28.71
CA PHE Z 313 19.94 58.32 -29.98
C PHE Z 313 18.42 58.28 -29.99
N ASP Z 314 17.79 59.45 -30.03
CA ASP Z 314 16.35 59.56 -30.01
C ASP Z 314 15.88 60.50 -31.10
N GLU Z 315 14.77 60.15 -31.73
CA GLU Z 315 14.15 60.97 -32.77
C GLU Z 315 12.65 61.03 -32.52
N ASP Z 316 11.97 61.87 -33.29
CA ASP Z 316 10.51 61.98 -33.22
C ASP Z 316 9.86 61.49 -34.51
N GLY Z 317 10.61 60.79 -35.36
CA GLY Z 317 10.04 60.26 -36.58
C GLY Z 317 9.16 59.05 -36.34
N ALA Z 318 8.34 58.75 -37.34
CA ALA Z 318 7.43 57.62 -37.25
C ALA Z 318 7.03 57.21 -38.66
N THR Z 319 6.50 55.99 -38.75
CA THR Z 319 6.07 55.41 -40.01
C THR Z 319 4.70 54.77 -39.82
N THR Z 320 4.11 54.34 -40.92
CA THR Z 320 2.81 53.69 -40.86
C THR Z 320 2.90 52.40 -40.05
N GLY Z 321 1.84 52.13 -39.27
CA GLY Z 321 1.86 50.98 -38.40
C GLY Z 321 0.47 50.49 -38.08
N PHE Z 322 0.42 49.34 -37.42
CA PHE Z 322 -0.83 48.66 -37.09
C PHE Z 322 -0.93 48.48 -35.59
N LEU Z 323 -2.13 48.67 -35.06
CA LEU Z 323 -2.38 48.52 -33.64
C LEU Z 323 -1.95 47.13 -33.18
N THR Z 324 -1.01 47.09 -32.23
CA THR Z 324 -0.46 45.83 -31.74
C THR Z 324 -1.06 45.39 -30.41
N LYS Z 325 -1.12 46.26 -29.42
CA LYS Z 325 -1.71 45.91 -28.13
C LYS Z 325 -2.26 47.16 -27.47
N VAL Z 326 -3.18 46.95 -26.54
CA VAL Z 326 -3.83 48.03 -25.80
C VAL Z 326 -3.88 47.63 -24.33
N ASP Z 327 -3.50 48.56 -23.47
CA ASP Z 327 -3.55 48.34 -22.03
C ASP Z 327 -4.05 49.61 -21.35
N PHE Z 328 -4.43 49.46 -20.08
CA PHE Z 328 -4.96 50.55 -19.28
C PHE Z 328 -4.06 50.77 -18.07
N ASP Z 329 -3.65 52.01 -17.84
CA ASP Z 329 -2.87 52.34 -16.66
C ASP Z 329 -3.80 52.77 -15.53
N GLU Z 330 -3.21 52.99 -14.35
CA GLU Z 330 -3.99 53.34 -13.18
C GLU Z 330 -4.65 54.71 -13.33
N ASN Z 331 -4.07 55.60 -14.15
CA ASN Z 331 -4.65 56.92 -14.36
C ASN Z 331 -5.88 56.88 -15.25
N GLY Z 332 -6.19 55.73 -15.86
CA GLY Z 332 -7.31 55.63 -16.77
C GLY Z 332 -6.96 55.88 -18.22
N SER Z 333 -5.72 56.25 -18.52
CA SER Z 333 -5.32 56.45 -19.90
C SER Z 333 -5.23 55.12 -20.63
N VAL Z 334 -5.87 55.04 -21.78
CA VAL Z 334 -5.86 53.85 -22.61
C VAL Z 334 -4.74 54.02 -23.63
N MET Z 335 -3.65 53.28 -23.43
CA MET Z 335 -2.47 53.38 -24.28
C MET Z 335 -2.40 52.24 -25.27
N GLY Z 336 -1.87 52.53 -26.44
CA GLY Z 336 -1.71 51.51 -27.47
C GLY Z 336 -0.41 51.65 -28.22
N THR Z 337 0.28 50.53 -28.42
CA THR Z 337 1.53 50.51 -29.17
C THR Z 337 1.27 49.97 -30.56
N TYR Z 338 1.90 50.58 -31.55
CA TYR Z 338 1.72 50.23 -32.95
C TYR Z 338 2.96 49.50 -33.48
N SER Z 339 2.90 49.11 -34.74
CA SER Z 339 4.01 48.38 -35.34
C SER Z 339 5.24 49.27 -35.49
N ASN Z 340 5.04 50.55 -35.76
CA ASN Z 340 6.16 51.47 -35.89
C ASN Z 340 6.92 51.61 -34.57
N GLY Z 341 6.19 51.66 -33.46
CA GLY Z 341 6.79 51.75 -32.14
C GLY Z 341 6.25 52.88 -31.27
N GLU Z 342 5.52 53.84 -31.81
CA GLU Z 342 5.01 54.94 -31.00
C GLU Z 342 3.95 54.43 -30.03
N ASN Z 343 4.05 54.88 -28.77
CA ASN Z 343 3.09 54.50 -27.74
C ASN Z 343 2.02 55.60 -27.63
N VAL Z 344 1.21 55.69 -28.67
CA VAL Z 344 0.22 56.75 -28.76
C VAL Z 344 -0.87 56.54 -27.72
N THR Z 345 -1.20 57.60 -26.99
CA THR Z 345 -2.24 57.54 -25.96
C THR Z 345 -3.57 57.90 -26.60
N LEU Z 346 -4.48 56.92 -26.64
CA LEU Z 346 -5.77 57.14 -27.29
C LEU Z 346 -6.63 58.14 -26.50
N GLY Z 347 -6.56 58.10 -25.18
CA GLY Z 347 -7.30 59.04 -24.37
C GLY Z 347 -7.39 58.56 -22.94
N ARG Z 348 -8.27 59.22 -22.18
CA ARG Z 348 -8.58 58.84 -20.81
C ARG Z 348 -10.05 58.49 -20.69
N VAL Z 349 -10.40 57.86 -19.58
CA VAL Z 349 -11.76 57.45 -19.30
C VAL Z 349 -12.35 58.43 -18.31
N ALA Z 350 -13.46 59.06 -18.68
CA ALA Z 350 -14.08 60.06 -17.81
C ALA Z 350 -14.65 59.41 -16.56
N LEU Z 351 -14.55 60.13 -15.45
CA LEU Z 351 -15.12 59.72 -14.18
C LEU Z 351 -16.00 60.85 -13.65
N VAL Z 352 -17.16 60.51 -13.13
CA VAL Z 352 -18.15 61.49 -12.68
C VAL Z 352 -18.48 61.23 -11.22
N ARG Z 353 -18.55 62.30 -10.44
CA ARG Z 353 -18.94 62.24 -9.04
C ARG Z 353 -19.98 63.31 -8.77
N VAL Z 354 -21.02 62.95 -8.03
CA VAL Z 354 -22.03 63.92 -7.62
C VAL Z 354 -21.96 64.08 -6.11
N PRO Z 355 -22.24 65.28 -5.58
CA PRO Z 355 -22.17 65.46 -4.12
C PRO Z 355 -23.13 64.56 -3.34
N ASN Z 356 -24.32 64.32 -3.89
CA ASN Z 356 -25.35 63.51 -3.22
C ASN Z 356 -25.70 62.34 -4.14
N GLU Z 357 -25.12 61.16 -3.84
CA GLU Z 357 -25.42 59.98 -4.63
C GLU Z 357 -26.77 59.37 -4.29
N GLN Z 358 -27.33 59.70 -3.13
CA GLN Z 358 -28.63 59.15 -2.72
C GLN Z 358 -29.79 59.77 -3.47
N GLY Z 359 -29.58 60.81 -4.26
CA GLY Z 359 -30.66 61.48 -4.94
C GLY Z 359 -30.71 61.22 -6.43
N LEU Z 360 -29.72 60.50 -6.94
CA LEU Z 360 -29.71 60.16 -8.36
C LEU Z 360 -30.94 59.32 -8.71
N ASP Z 361 -31.65 59.73 -9.77
CA ASP Z 361 -32.77 58.95 -10.25
C ASP Z 361 -32.25 57.75 -11.03
N LYS Z 362 -32.99 56.65 -10.96
CA LYS Z 362 -32.54 55.36 -11.48
C LYS Z 362 -33.19 55.11 -12.84
N LYS Z 363 -32.36 55.03 -13.88
CA LYS Z 363 -32.82 54.60 -15.18
C LYS Z 363 -32.66 53.09 -15.29
N GLY Z 364 -33.02 52.53 -16.43
CA GLY Z 364 -32.85 51.11 -16.64
C GLY Z 364 -31.40 50.73 -16.90
N GLY Z 365 -31.12 49.44 -16.75
CA GLY Z 365 -29.79 48.93 -17.04
C GLY Z 365 -28.71 49.43 -16.11
N THR Z 366 -29.02 49.56 -14.82
CA THR Z 366 -28.06 49.96 -13.79
C THR Z 366 -27.35 51.27 -14.17
N GLN Z 367 -28.15 52.26 -14.53
CA GLN Z 367 -27.64 53.56 -14.91
C GLN Z 367 -28.41 54.65 -14.17
N TRP Z 368 -27.72 55.75 -13.89
CA TRP Z 368 -28.28 56.85 -13.12
C TRP Z 368 -28.11 58.16 -13.88
N ASP Z 369 -28.93 59.14 -13.51
CA ASP Z 369 -28.86 60.48 -14.07
C ASP Z 369 -28.88 61.48 -12.92
N SER Z 370 -28.42 62.70 -13.21
CA SER Z 370 -28.29 63.73 -12.19
C SER Z 370 -29.57 64.56 -12.14
N THR Z 371 -30.21 64.61 -10.98
CA THR Z 371 -31.42 65.38 -10.78
C THR Z 371 -31.11 66.61 -9.93
N GLN Z 372 -32.15 67.35 -9.57
CA GLN Z 372 -31.99 68.55 -8.75
C GLN Z 372 -31.42 68.21 -7.38
N PHE Z 373 -31.96 67.17 -6.74
CA PHE Z 373 -31.48 66.81 -5.41
C PHE Z 373 -30.06 66.25 -5.46
N SER Z 374 -29.73 65.52 -6.53
CA SER Z 374 -28.40 64.93 -6.64
C SER Z 374 -27.32 66.00 -6.74
N GLY Z 375 -27.59 67.07 -7.48
CA GLY Z 375 -26.62 68.13 -7.71
C GLY Z 375 -26.28 68.25 -9.18
N ASP Z 376 -25.01 68.54 -9.46
CA ASP Z 376 -24.52 68.64 -10.82
C ASP Z 376 -23.33 67.71 -10.99
N LYS Z 377 -23.22 67.12 -12.18
CA LYS Z 377 -22.15 66.18 -12.47
C LYS Z 377 -20.80 66.89 -12.38
N ILE Z 378 -19.93 66.40 -11.50
CA ILE Z 378 -18.59 66.94 -11.34
C ILE Z 378 -17.63 65.99 -12.05
N TRP Z 379 -17.01 66.47 -13.12
CA TRP Z 379 -16.13 65.64 -13.93
C TRP Z 379 -14.72 65.66 -13.35
N GLY Z 380 -13.97 64.60 -13.66
CA GLY Z 380 -12.60 64.50 -13.19
C GLY Z 380 -11.92 63.31 -13.81
N GLU Z 381 -10.63 63.19 -13.52
CA GLU Z 381 -9.84 62.08 -14.01
C GLU Z 381 -9.88 60.94 -13.00
N SER Z 382 -9.05 59.92 -13.20
CA SER Z 382 -8.94 58.81 -12.28
C SER Z 382 -7.78 59.04 -11.33
N ASN Z 383 -7.99 58.74 -10.05
CA ASN Z 383 -6.99 58.92 -9.00
C ASN Z 383 -6.54 60.38 -8.93
N LYS Z 384 -7.51 61.29 -8.99
CA LYS Z 384 -7.25 62.71 -8.89
C LYS Z 384 -8.30 63.34 -7.98
N GLY Z 385 -7.85 64.13 -7.01
CA GLY Z 385 -8.78 64.75 -6.09
C GLY Z 385 -9.48 63.71 -5.23
N SER Z 386 -10.80 63.74 -5.24
CA SER Z 386 -11.61 62.83 -4.45
C SER Z 386 -12.05 61.59 -5.22
N PHE Z 387 -11.64 61.46 -6.48
CA PHE Z 387 -12.03 60.31 -7.29
C PHE Z 387 -11.17 59.09 -6.95
N GLY Z 388 -11.68 57.93 -7.31
CA GLY Z 388 -10.98 56.68 -7.10
C GLY Z 388 -10.11 56.29 -8.28
N THR Z 389 -9.71 55.04 -8.30
CA THR Z 389 -8.86 54.50 -9.36
C THR Z 389 -9.67 53.57 -10.26
N ILE Z 390 -9.11 53.28 -11.42
CA ILE Z 390 -9.74 52.41 -12.42
C ILE Z 390 -8.86 51.19 -12.61
N ASN Z 391 -9.42 50.02 -12.37
CA ASN Z 391 -8.71 48.75 -12.51
C ASN Z 391 -9.34 47.96 -13.65
N ASN Z 392 -8.51 47.55 -14.60
CA ASN Z 392 -8.99 46.73 -15.71
C ASN Z 392 -8.94 45.26 -15.34
N GLY Z 393 -9.76 44.46 -16.02
CA GLY Z 393 -9.85 43.05 -15.75
C GLY Z 393 -10.74 42.67 -14.59
N MET Z 394 -11.50 43.62 -14.03
CA MET Z 394 -12.39 43.35 -12.92
C MET Z 394 -13.77 43.88 -13.22
N LEU Z 395 -14.76 43.39 -12.48
CA LEU Z 395 -16.12 43.88 -12.58
C LEU Z 395 -16.72 43.92 -11.18
N GLU Z 396 -17.73 44.78 -11.01
CA GLU Z 396 -18.40 44.95 -9.73
C GLU Z 396 -19.63 44.07 -9.66
N GLN Z 397 -19.79 43.36 -8.54
CA GLN Z 397 -20.98 42.60 -8.27
C GLN Z 397 -21.98 43.44 -7.49
N SER Z 398 -23.13 42.85 -7.16
CA SER Z 398 -24.08 43.54 -6.31
C SER Z 398 -23.53 43.71 -4.91
N ASN Z 399 -23.81 44.86 -4.31
CA ASN Z 399 -23.33 45.15 -2.96
C ASN Z 399 -24.37 44.72 -1.93
N ILE Z 400 -24.74 43.44 -2.01
CA ILE Z 400 -25.77 42.87 -1.16
C ILE Z 400 -25.18 41.70 -0.38
N ASP Z 401 -25.83 41.36 0.72
CA ASP Z 401 -25.46 40.22 1.55
C ASP Z 401 -26.68 39.30 1.66
N MET Z 402 -26.55 38.08 1.14
CA MET Z 402 -27.70 37.18 1.05
C MET Z 402 -28.27 36.87 2.43
N THR Z 403 -27.40 36.67 3.43
CA THR Z 403 -27.86 36.39 4.78
C THR Z 403 -28.77 37.50 5.29
N GLN Z 404 -28.32 38.75 5.17
CA GLN Z 404 -29.12 39.88 5.64
C GLN Z 404 -30.43 39.97 4.88
N GLU Z 405 -30.40 39.75 3.56
CA GLU Z 405 -31.63 39.84 2.78
C GLU Z 405 -32.63 38.77 3.21
N LEU Z 406 -32.18 37.54 3.42
CA LEU Z 406 -33.10 36.48 3.84
C LEU Z 406 -33.68 36.75 5.23
N VAL Z 407 -32.84 37.23 6.16
CA VAL Z 407 -33.34 37.53 7.50
C VAL Z 407 -34.35 38.67 7.45
N ASP Z 408 -34.07 39.69 6.63
CA ASP Z 408 -35.03 40.78 6.46
C ASP Z 408 -36.32 40.28 5.84
N LEU Z 409 -36.22 39.33 4.91
CA LEU Z 409 -37.41 38.74 4.32
C LEU Z 409 -38.28 38.07 5.37
N ILE Z 410 -37.65 37.30 6.26
CA ILE Z 410 -38.39 36.64 7.33
C ILE Z 410 -39.05 37.66 8.24
N SER Z 411 -38.30 38.70 8.62
CA SER Z 411 -38.85 39.71 9.53
C SER Z 411 -40.01 40.45 8.88
N ALA Z 412 -39.90 40.78 7.59
CA ALA Z 412 -40.97 41.46 6.89
C ALA Z 412 -42.22 40.59 6.81
N GLN Z 413 -42.04 39.29 6.56
CA GLN Z 413 -43.18 38.39 6.56
C GLN Z 413 -43.85 38.35 7.94
N ARG Z 414 -43.05 38.33 8.99
CA ARG Z 414 -43.61 38.33 10.35
C ARG Z 414 -44.42 39.60 10.60
N ASN Z 415 -43.88 40.76 10.20
CA ASN Z 415 -44.61 42.02 10.39
C ASN Z 415 -45.90 42.03 9.58
N PHE Z 416 -45.86 41.51 8.35
CA PHE Z 416 -47.06 41.47 7.52
C PHE Z 416 -48.12 40.58 8.16
N GLN Z 417 -47.71 39.44 8.72
CA GLN Z 417 -48.67 38.56 9.40
C GLN Z 417 -49.28 39.26 10.61
N ALA Z 418 -48.46 39.98 11.38
CA ALA Z 418 -48.98 40.69 12.55
C ALA Z 418 -50.01 41.75 12.14
N ASN Z 419 -49.69 42.52 11.09
CA ASN Z 419 -50.63 43.55 10.63
C ASN Z 419 -51.91 42.93 10.09
N SER Z 420 -51.81 41.81 9.38
CA SER Z 420 -53.01 41.13 8.91
C SER Z 420 -53.86 40.66 10.09
N ARG Z 421 -53.21 40.18 11.15
CA ARG Z 421 -53.94 39.81 12.35
C ARG Z 421 -54.68 41.01 12.94
N SER Z 422 -54.02 42.17 12.99
CA SER Z 422 -54.68 43.37 13.50
C SER Z 422 -55.89 43.74 12.64
N LEU Z 423 -55.74 43.69 11.33
CA LEU Z 423 -56.85 44.01 10.44
C LEU Z 423 -58.01 43.05 10.64
N GLU Z 424 -57.69 41.76 10.80
CA GLU Z 424 -58.74 40.77 11.06
C GLU Z 424 -59.45 41.05 12.37
N VAL Z 425 -58.71 41.48 13.40
CA VAL Z 425 -59.33 41.82 14.67
C VAL Z 425 -60.28 43.00 14.50
N HIS Z 426 -59.86 44.02 13.76
CA HIS Z 426 -60.73 45.16 13.51
C HIS Z 426 -62.02 44.74 12.81
N ASN Z 427 -61.89 43.91 11.76
CA ASN Z 427 -63.07 43.45 11.03
C ASN Z 427 -63.97 42.60 11.92
N GLN Z 428 -63.38 41.76 12.77
CA GLN Z 428 -64.19 40.95 13.68
C GLN Z 428 -64.96 41.82 14.66
N LEU Z 429 -64.33 42.86 15.19
CA LEU Z 429 -65.03 43.79 16.08
C LEU Z 429 -66.19 44.45 15.36
N GLN Z 430 -65.96 44.92 14.13
CA GLN Z 430 -67.03 45.59 13.39
C GLN Z 430 -68.18 44.63 13.11
N GLN Z 431 -67.87 43.40 12.71
CA GLN Z 431 -68.94 42.44 12.44
C GLN Z 431 -69.67 42.02 13.71
N ASN Z 432 -68.98 41.99 14.85
CA ASN Z 432 -69.64 41.73 16.12
C ASN Z 432 -70.62 42.85 16.45
N ILE Z 433 -70.23 44.10 16.21
CA ILE Z 433 -71.15 45.21 16.41
C ILE Z 433 -72.33 45.11 15.45
N LEU Z 434 -72.07 44.63 14.22
CA LEU Z 434 -73.13 44.53 13.22
C LEU Z 434 -74.27 43.64 13.68
N GLN Z 435 -73.97 42.60 14.47
CA GLN Z 435 -74.97 41.61 14.86
C GLN Z 435 -75.57 41.95 16.23
N ILE Z 436 -76.25 43.09 16.26
CA ILE Z 436 -76.91 43.54 17.48
C ILE Z 436 -78.36 43.91 17.20
N SER AA 2 -71.22 39.15 -10.09
CA SER AA 2 -70.82 37.76 -9.93
C SER AA 2 -70.36 37.18 -11.27
N TYR AA 3 -70.96 37.65 -12.36
CA TYR AA 3 -70.57 37.17 -13.68
C TYR AA 3 -69.15 37.57 -14.02
N VAL AA 4 -68.69 38.73 -13.53
CA VAL AA 4 -67.29 39.09 -13.71
C VAL AA 4 -66.38 38.12 -12.96
N SER AA 5 -66.77 37.77 -11.73
CA SER AA 5 -66.00 36.78 -10.98
C SER AA 5 -66.03 35.42 -11.66
N LEU AA 6 -67.18 35.06 -12.23
CA LEU AA 6 -67.27 33.79 -12.96
C LEU AA 6 -66.39 33.80 -14.19
N SER AA 7 -66.31 34.94 -14.88
CA SER AA 7 -65.41 35.06 -16.02
C SER AA 7 -63.96 34.94 -15.58
N GLY AA 8 -63.62 35.54 -14.45
CA GLY AA 8 -62.27 35.37 -13.91
C GLY AA 8 -61.95 33.93 -13.58
N LEU AA 9 -62.91 33.22 -12.97
CA LEU AA 9 -62.72 31.80 -12.70
C LEU AA 9 -62.53 31.02 -13.98
N SER AA 10 -63.32 31.31 -15.00
CA SER AA 10 -63.20 30.61 -16.28
C SER AA 10 -61.84 30.85 -16.91
N ALA AA 11 -61.36 32.11 -16.88
CA ALA AA 11 -60.06 32.42 -17.45
C ALA AA 11 -58.95 31.72 -16.69
N ALA AA 12 -59.02 31.72 -15.35
CA ALA AA 12 -58.00 31.05 -14.56
C ALA AA 12 -57.99 29.55 -14.84
N GLN AA 13 -59.17 28.95 -14.94
CA GLN AA 13 -59.23 27.51 -15.21
C GLN AA 13 -58.76 27.18 -16.62
N LEU AA 14 -59.02 28.07 -17.58
CA LEU AA 14 -58.49 27.86 -18.93
C LEU AA 14 -56.96 27.91 -18.94
N ASP AA 15 -56.38 28.87 -18.23
CA ASP AA 15 -54.92 28.91 -18.12
C ASP AA 15 -54.39 27.67 -17.42
N LEU AA 16 -55.11 27.21 -16.39
CA LEU AA 16 -54.72 26.00 -15.68
C LEU AA 16 -54.73 24.80 -16.62
N ASN AA 17 -55.76 24.68 -17.45
CA ASN AA 17 -55.84 23.56 -18.39
C ASN AA 17 -54.74 23.65 -19.44
N THR AA 18 -54.43 24.86 -19.91
CA THR AA 18 -53.34 25.01 -20.87
C THR AA 18 -52.01 24.58 -20.25
N THR AA 19 -51.76 24.99 -19.01
CA THR AA 19 -50.53 24.60 -18.33
C THR AA 19 -50.50 23.09 -18.11
N SER AA 20 -51.63 22.50 -17.76
CA SER AA 20 -51.69 21.05 -17.57
C SER AA 20 -51.38 20.32 -18.86
N ASN AA 21 -51.92 20.78 -19.99
CA ASN AA 21 -51.62 20.16 -21.27
C ASN AA 21 -50.14 20.29 -21.61
N ASN AA 22 -49.56 21.47 -21.35
CA ASN AA 22 -48.13 21.66 -21.61
C ASN AA 22 -47.29 20.70 -20.77
N ILE AA 23 -47.65 20.53 -19.49
CA ILE AA 23 -46.90 19.63 -18.64
C ILE AA 23 -47.07 18.19 -19.08
N ALA AA 24 -48.30 17.80 -19.46
CA ALA AA 24 -48.56 16.43 -19.87
C ALA AA 24 -47.79 16.08 -21.13
N ASN AA 25 -47.69 17.02 -22.07
CA ASN AA 25 -46.99 16.77 -23.32
C ASN AA 25 -45.48 16.98 -23.22
N ALA AA 26 -44.91 16.88 -22.01
CA ALA AA 26 -43.49 17.14 -21.83
C ALA AA 26 -42.60 16.16 -22.58
N ASN AA 27 -43.09 14.95 -22.87
CA ASN AA 27 -42.27 13.94 -23.53
C ASN AA 27 -42.68 13.68 -24.97
N THR AA 28 -43.80 14.22 -25.42
CA THR AA 28 -44.23 14.04 -26.81
C THR AA 28 -43.22 14.66 -27.76
N TYR AA 29 -42.85 13.91 -28.79
CA TYR AA 29 -41.86 14.36 -29.77
C TYR AA 29 -42.49 15.41 -30.68
N GLY AA 30 -41.79 16.52 -30.87
CA GLY AA 30 -42.23 17.54 -31.80
C GLY AA 30 -43.38 18.40 -31.32
N PHE AA 31 -43.82 18.22 -30.07
CA PHE AA 31 -44.91 19.02 -29.54
C PHE AA 31 -44.48 20.48 -29.39
N LYS AA 32 -45.44 21.38 -29.59
CA LYS AA 32 -45.22 22.80 -29.41
C LYS AA 32 -46.16 23.31 -28.32
N GLU AA 33 -45.61 24.06 -27.36
CA GLU AA 33 -46.39 24.51 -26.22
C GLU AA 33 -47.50 25.47 -26.67
N SER AA 34 -48.40 25.75 -25.74
CA SER AA 34 -49.51 26.67 -25.98
C SER AA 34 -49.54 27.72 -24.88
N ARG AA 35 -49.93 28.93 -25.25
CA ARG AA 35 -50.01 30.04 -24.32
C ARG AA 35 -51.41 30.64 -24.37
N ALA AA 36 -51.97 30.94 -23.19
CA ALA AA 36 -53.31 31.47 -23.09
C ALA AA 36 -53.25 32.99 -22.98
N GLU AA 37 -53.96 33.67 -23.87
CA GLU AA 37 -54.00 35.13 -23.90
C GLU AA 37 -55.44 35.58 -23.72
N PHE AA 38 -55.65 36.57 -22.85
CA PHE AA 38 -56.96 37.04 -22.49
C PHE AA 38 -57.10 38.52 -22.82
N ALA AA 39 -58.34 39.00 -22.77
CA ALA AA 39 -58.64 40.37 -23.13
C ALA AA 39 -59.76 40.90 -22.25
N ASP AA 40 -59.82 42.23 -22.13
CA ASP AA 40 -60.84 42.87 -21.33
C ASP AA 40 -62.16 42.94 -22.09
N VAL AA 41 -63.25 43.09 -21.34
CA VAL AA 41 -64.59 43.20 -21.89
C VAL AA 41 -65.17 44.54 -21.49
N TYR AA 42 -65.81 45.22 -22.43
CA TYR AA 42 -66.45 46.49 -22.14
C TYR AA 42 -67.63 46.67 -23.08
N SER AA 43 -68.73 47.19 -22.53
CA SER AA 43 -69.95 47.38 -23.31
C SER AA 43 -69.82 48.61 -24.20
N ASN AA 44 -70.64 48.63 -25.25
CA ASN AA 44 -70.65 49.70 -26.24
C ASN AA 44 -72.08 50.13 -26.53
N SER AA 45 -72.86 50.33 -25.47
CA SER AA 45 -74.25 50.75 -25.61
C SER AA 45 -74.32 52.15 -26.20
N LEU AA 46 -75.47 52.46 -26.82
CA LEU AA 46 -75.65 53.77 -27.44
C LEU AA 46 -75.54 54.88 -26.41
N PHE AA 47 -76.18 54.69 -25.25
CA PHE AA 47 -76.11 55.65 -24.15
C PHE AA 47 -75.36 55.00 -22.98
N THR AA 48 -74.04 55.15 -23.01
CA THR AA 48 -73.16 54.59 -21.99
C THR AA 48 -72.61 55.73 -21.12
N ASN AA 49 -72.75 55.59 -19.80
CA ASN AA 49 -72.21 56.61 -18.91
C ASN AA 49 -70.69 56.55 -18.84
N ALA AA 50 -70.09 55.39 -19.12
CA ALA AA 50 -68.65 55.22 -19.20
C ALA AA 50 -67.97 55.53 -17.87
N LYS AA 51 -68.03 56.79 -17.42
CA LYS AA 51 -67.39 57.16 -16.17
C LYS AA 51 -68.03 56.44 -14.99
N THR AA 52 -69.31 56.08 -15.12
CA THR AA 52 -70.05 55.40 -14.06
C THR AA 52 -70.34 53.95 -14.41
N THR AA 53 -69.61 53.36 -15.35
CA THR AA 53 -69.83 51.98 -15.75
C THR AA 53 -68.58 51.15 -15.48
N PRO AA 54 -68.66 50.11 -14.64
CA PRO AA 54 -67.48 49.27 -14.40
C PRO AA 54 -67.19 48.34 -15.58
N GLY AA 55 -66.12 47.56 -15.48
CA GLY AA 55 -65.77 46.65 -16.54
C GLY AA 55 -66.74 45.49 -16.63
N GLY AA 56 -66.52 44.67 -17.66
CA GLY AA 56 -67.41 43.54 -17.92
C GLY AA 56 -66.74 42.20 -17.74
N GLY AA 57 -65.60 42.18 -17.06
CA GLY AA 57 -64.91 40.94 -16.80
C GLY AA 57 -63.73 40.71 -17.73
N ALA AA 58 -63.39 39.44 -17.95
CA ALA AA 58 -62.27 39.07 -18.80
C ALA AA 58 -62.73 37.97 -19.76
N GLN AA 59 -62.37 38.13 -21.03
CA GLN AA 59 -62.74 37.18 -22.08
C GLN AA 59 -61.47 36.55 -22.64
N ALA AA 60 -61.49 35.23 -22.79
CA ALA AA 60 -60.37 34.54 -23.42
C ALA AA 60 -60.25 34.96 -24.88
N SER AA 61 -59.06 35.39 -25.27
CA SER AA 61 -58.83 35.85 -26.63
C SER AA 61 -58.46 34.70 -27.56
N GLN AA 62 -57.36 34.01 -27.26
CA GLN AA 62 -56.92 32.89 -28.08
C GLN AA 62 -55.92 32.06 -27.29
N VAL AA 63 -55.77 30.81 -27.70
CA VAL AA 63 -54.72 29.94 -27.17
C VAL AA 63 -53.61 29.88 -28.21
N ALA AA 64 -52.48 30.49 -27.90
CA ALA AA 64 -51.38 30.57 -28.85
C ALA AA 64 -50.73 29.20 -29.05
N GLN AA 65 -49.86 29.13 -30.05
CA GLN AA 65 -49.17 27.91 -30.46
C GLN AA 65 -47.69 28.20 -30.67
N GLN AA 66 -47.06 28.84 -29.68
CA GLN AA 66 -45.65 29.24 -29.76
C GLN AA 66 -44.80 28.17 -30.43
N PHE AA 67 -44.17 28.55 -31.54
CA PHE AA 67 -43.48 27.62 -32.42
C PHE AA 67 -41.97 27.76 -32.32
N HIS AA 68 -41.47 28.21 -31.19
CA HIS AA 68 -40.03 28.36 -31.03
C HIS AA 68 -39.37 26.99 -31.00
N GLU AA 69 -38.15 26.92 -31.57
CA GLU AA 69 -37.47 25.64 -31.72
C GLU AA 69 -37.25 24.96 -30.37
N GLY AA 70 -37.58 23.67 -30.31
CA GLY AA 70 -37.36 22.89 -29.12
C GLY AA 70 -36.00 22.21 -29.12
N SER AA 71 -35.67 21.62 -27.97
CA SER AA 71 -34.39 20.95 -27.83
C SER AA 71 -34.36 19.67 -28.64
N SER AA 72 -33.15 19.18 -28.91
CA SER AA 72 -32.94 18.02 -29.74
C SER AA 72 -32.25 16.93 -28.94
N ILE AA 73 -32.76 15.70 -29.07
CA ILE AA 73 -32.15 14.54 -28.43
C ILE AA 73 -31.49 13.69 -29.51
N TYR AA 74 -30.44 12.98 -29.10
CA TYR AA 74 -29.67 12.15 -30.01
C TYR AA 74 -29.93 10.68 -29.70
N THR AA 75 -30.46 9.97 -30.68
CA THR AA 75 -30.76 8.54 -30.52
C THR AA 75 -29.85 7.65 -31.34
N ASN AA 76 -28.99 8.22 -32.19
CA ASN AA 76 -28.09 7.48 -33.07
C ASN AA 76 -28.86 6.53 -33.99
N ASN AA 77 -30.13 6.86 -34.29
CA ASN AA 77 -30.94 6.08 -35.20
C ASN AA 77 -31.16 6.91 -36.46
N PRO AA 78 -30.46 6.63 -37.56
CA PRO AA 78 -30.51 7.54 -38.72
C PRO AA 78 -31.89 7.67 -39.34
N MET AA 79 -32.81 6.74 -39.08
CA MET AA 79 -34.18 6.89 -39.55
C MET AA 79 -34.94 7.99 -38.80
N ASP AA 80 -34.38 8.52 -37.73
CA ASP AA 80 -34.97 9.64 -37.01
C ASP AA 80 -34.48 10.94 -37.62
N LEU AA 81 -35.41 11.85 -37.91
CA LEU AA 81 -35.09 13.09 -38.61
C LEU AA 81 -35.61 14.28 -37.81
N ARG AA 82 -34.90 15.40 -37.95
CA ARG AA 82 -35.25 16.64 -37.29
C ARG AA 82 -35.10 17.80 -38.26
N VAL AA 83 -36.04 18.74 -38.21
CA VAL AA 83 -35.99 19.95 -39.03
C VAL AA 83 -35.44 21.07 -38.18
N SER AA 84 -34.19 21.46 -38.43
CA SER AA 84 -33.55 22.55 -37.70
C SER AA 84 -33.82 23.86 -38.43
N GLY AA 85 -34.58 24.75 -37.80
CA GLY AA 85 -34.92 26.00 -38.42
C GLY AA 85 -36.40 26.12 -38.72
N THR AA 86 -36.75 26.57 -39.93
CA THR AA 86 -38.13 26.73 -40.34
C THR AA 86 -38.50 25.64 -41.34
N GLY AA 87 -39.62 25.00 -41.13
CA GLY AA 87 -40.10 23.97 -42.03
C GLY AA 87 -40.78 22.84 -41.27
N PHE AA 88 -41.70 22.16 -41.94
CA PHE AA 88 -42.41 21.03 -41.39
C PHE AA 88 -42.31 19.83 -42.32
N PHE AA 89 -42.25 18.64 -41.73
CA PHE AA 89 -42.37 17.42 -42.50
C PHE AA 89 -43.80 17.28 -43.01
N ALA AA 90 -43.94 16.71 -44.20
CA ALA AA 90 -45.24 16.49 -44.82
C ALA AA 90 -45.50 14.99 -44.90
N VAL AA 91 -46.64 14.56 -44.36
CA VAL AA 91 -47.02 13.16 -44.36
C VAL AA 91 -48.43 13.04 -44.91
N ALA AA 92 -48.67 11.98 -45.68
CA ALA AA 92 -49.96 11.75 -46.31
C ALA AA 92 -50.65 10.56 -45.66
N LYS AA 93 -51.97 10.66 -45.51
CA LYS AA 93 -52.75 9.59 -44.87
C LYS AA 93 -52.67 8.31 -45.68
N GLU AA 94 -52.82 8.41 -47.00
CA GLU AA 94 -52.83 7.25 -47.90
C GLU AA 94 -51.77 7.42 -48.97
N ARG AA 95 -51.21 6.28 -49.41
CA ARG AA 95 -50.13 6.32 -50.40
C ARG AA 95 -50.61 6.89 -51.72
N LEU AA 96 -51.82 6.53 -52.14
CA LEU AA 96 -52.33 6.91 -53.46
C LEU AA 96 -52.94 8.31 -53.50
N THR AA 97 -52.97 9.01 -52.37
CA THR AA 97 -53.53 10.36 -52.30
C THR AA 97 -52.54 11.29 -51.63
N PRO AA 98 -51.45 11.64 -52.33
CA PRO AA 98 -50.51 12.61 -51.74
C PRO AA 98 -51.10 13.99 -51.56
N GLN AA 99 -52.21 14.31 -52.25
CA GLN AA 99 -52.83 15.61 -52.07
C GLN AA 99 -53.31 15.81 -50.64
N GLN AA 100 -53.94 14.79 -50.06
CA GLN AA 100 -54.40 14.85 -48.68
C GLN AA 100 -53.21 14.60 -47.77
N ASN AA 101 -52.66 15.68 -47.19
CA ASN AA 101 -51.47 15.59 -46.37
C ASN AA 101 -51.60 16.52 -45.17
N GLU AA 102 -50.77 16.27 -44.17
CA GLU AA 102 -50.70 17.08 -42.97
C GLU AA 102 -49.24 17.32 -42.58
N LEU AA 103 -49.01 18.39 -41.83
CA LEU AA 103 -47.67 18.77 -41.44
C LEU AA 103 -47.33 18.21 -40.07
N THR AA 104 -46.08 17.82 -39.89
CA THR AA 104 -45.63 17.28 -38.61
C THR AA 104 -44.16 17.66 -38.40
N ARG AA 105 -43.71 17.48 -37.16
CA ARG AA 105 -42.35 17.83 -36.79
C ARG AA 105 -41.52 16.66 -36.25
N ASN AA 106 -42.14 15.65 -35.65
CA ASN AA 106 -41.39 14.51 -35.15
C ASN AA 106 -40.90 13.65 -36.30
N GLY AA 107 -39.80 12.93 -36.07
CA GLY AA 107 -39.18 12.16 -37.13
C GLY AA 107 -39.04 10.68 -36.84
N ALA AA 108 -39.97 10.09 -36.09
CA ALA AA 108 -39.93 8.67 -35.79
C ALA AA 108 -40.39 7.90 -37.01
N PHE AA 109 -39.46 7.68 -37.95
CA PHE AA 109 -39.77 7.04 -39.22
C PHE AA 109 -39.25 5.61 -39.24
N HIS AA 110 -39.93 4.76 -40.01
CA HIS AA 110 -39.51 3.39 -40.20
C HIS AA 110 -40.12 2.87 -41.49
N LEU AA 111 -39.47 1.86 -42.07
CA LEU AA 111 -39.94 1.24 -43.30
C LEU AA 111 -41.10 0.31 -42.99
N ASN AA 112 -42.19 0.42 -43.75
CA ASN AA 112 -43.30 -0.50 -43.62
C ASN AA 112 -43.04 -1.73 -44.49
N LYS AA 113 -44.03 -2.61 -44.63
CA LYS AA 113 -43.83 -3.83 -45.40
C LYS AA 113 -43.61 -3.56 -46.88
N GLU AA 114 -43.96 -2.37 -47.36
CA GLU AA 114 -43.78 -2.01 -48.75
C GLU AA 114 -42.53 -1.16 -48.98
N ASN AA 115 -41.65 -1.06 -47.99
CA ASN AA 115 -40.41 -0.29 -48.09
C ASN AA 115 -40.69 1.19 -48.33
N TYR AA 116 -41.73 1.72 -47.70
CA TYR AA 116 -42.01 3.15 -47.70
C TYR AA 116 -41.77 3.72 -46.31
N MET AA 117 -41.22 4.93 -46.27
CA MET AA 117 -40.96 5.59 -45.00
C MET AA 117 -42.25 6.17 -44.44
N VAL AA 118 -42.66 5.69 -43.26
CA VAL AA 118 -43.92 6.08 -42.64
C VAL AA 118 -43.66 6.52 -41.21
N THR AA 119 -44.69 7.12 -40.61
CA THR AA 119 -44.63 7.57 -39.23
C THR AA 119 -45.09 6.44 -38.30
N ALA AA 120 -45.31 6.77 -37.03
CA ALA AA 120 -45.79 5.77 -36.09
C ALA AA 120 -47.18 5.28 -36.46
N ASN AA 121 -48.03 6.17 -36.96
CA ASN AA 121 -49.38 5.82 -37.39
C ASN AA 121 -49.43 5.28 -38.82
N ASP AA 122 -48.28 4.84 -39.35
CA ASP AA 122 -48.19 4.30 -40.71
C ASP AA 122 -48.71 5.32 -41.73
N GLU AA 123 -48.28 6.56 -41.58
CA GLU AA 123 -48.59 7.62 -42.53
C GLU AA 123 -47.37 7.88 -43.40
N PHE AA 124 -47.56 7.78 -44.72
CA PHE AA 124 -46.43 7.85 -45.63
C PHE AA 124 -45.80 9.23 -45.64
N LEU AA 125 -44.47 9.26 -45.74
CA LEU AA 125 -43.73 10.52 -45.75
C LEU AA 125 -43.61 11.02 -47.18
N LEU AA 126 -43.99 12.27 -47.40
CA LEU AA 126 -43.98 12.88 -48.72
C LEU AA 126 -42.57 13.28 -49.12
N GLY AA 127 -42.25 13.08 -50.41
CA GLY AA 127 -40.95 13.42 -50.92
C GLY AA 127 -41.02 13.86 -52.37
N TYR AA 128 -39.87 14.32 -52.88
CA TYR AA 128 -39.73 14.73 -54.26
C TYR AA 128 -39.12 13.61 -55.08
N GLN AA 129 -38.88 13.90 -56.36
CA GLN AA 129 -38.19 12.97 -57.26
C GLN AA 129 -37.09 13.76 -57.97
N VAL AA 130 -35.84 13.39 -57.71
CA VAL AA 130 -34.70 14.10 -58.25
C VAL AA 130 -34.27 13.46 -59.57
N ASP AA 131 -33.51 14.22 -60.37
CA ASP AA 131 -32.99 13.72 -61.62
C ASP AA 131 -31.83 12.76 -61.37
N PRO AA 132 -31.67 11.75 -62.23
CA PRO AA 132 -30.59 10.77 -62.01
C PRO AA 132 -29.20 11.39 -61.96
N SER AA 133 -28.93 12.38 -62.81
CA SER AA 133 -27.64 13.05 -62.83
C SER AA 133 -27.71 14.45 -62.25
N SER AA 134 -28.65 15.28 -62.71
CA SER AA 134 -28.80 16.63 -62.19
C SER AA 134 -29.28 16.58 -60.75
N GLY AA 135 -28.63 17.37 -59.88
CA GLY AA 135 -29.04 17.42 -58.48
C GLY AA 135 -30.41 18.04 -58.29
N GLU AA 136 -30.77 19.00 -59.12
CA GLU AA 136 -32.04 19.70 -58.96
C GLU AA 136 -33.21 18.74 -59.17
N VAL AA 137 -34.25 18.90 -58.34
CA VAL AA 137 -35.47 18.12 -58.47
C VAL AA 137 -36.28 18.68 -59.64
N SER AA 138 -36.74 17.78 -60.52
CA SER AA 138 -37.48 18.23 -61.70
C SER AA 138 -38.90 18.63 -61.34
N SER AA 139 -39.70 17.69 -60.83
CA SER AA 139 -41.09 17.96 -60.51
C SER AA 139 -41.26 18.17 -59.02
N TYR AA 140 -41.98 19.22 -58.66
CA TYR AA 140 -42.17 19.60 -57.26
C TYR AA 140 -43.40 18.97 -56.62
N GLU AA 141 -44.08 18.07 -57.34
CA GLU AA 141 -45.23 17.41 -56.74
C GLU AA 141 -44.78 16.45 -55.64
N PRO AA 142 -45.56 16.34 -54.56
CA PRO AA 142 -45.19 15.42 -53.49
C PRO AA 142 -45.61 13.99 -53.79
N GLN AA 143 -44.74 13.05 -53.45
CA GLN AA 143 -45.01 11.64 -53.63
C GLN AA 143 -44.39 10.85 -52.49
N PRO AA 144 -44.93 9.68 -52.16
CA PRO AA 144 -44.35 8.86 -51.11
C PRO AA 144 -42.92 8.43 -51.47
N ILE AA 145 -42.09 8.30 -50.44
CA ILE AA 145 -40.70 7.91 -50.62
C ILE AA 145 -40.59 6.40 -50.50
N ASN AA 146 -39.98 5.78 -51.50
CA ASN AA 146 -39.76 4.34 -51.52
C ASN AA 146 -38.27 4.05 -51.50
N ILE AA 147 -37.89 2.97 -50.81
CA ILE AA 147 -36.49 2.57 -50.72
C ILE AA 147 -36.38 1.14 -51.21
N PRO AA 148 -36.27 0.91 -52.52
CA PRO AA 148 -36.18 -0.46 -53.04
C PRO AA 148 -34.93 -1.16 -52.51
N ALA AA 149 -35.06 -2.46 -52.26
CA ALA AA 149 -33.95 -3.26 -51.80
C ALA AA 149 -33.15 -3.90 -52.93
N GLU AA 150 -33.60 -3.72 -54.17
CA GLU AA 150 -32.92 -4.29 -55.33
C GLU AA 150 -32.76 -3.22 -56.40
N PHE AA 151 -31.58 -3.19 -57.01
CA PHE AA 151 -31.35 -2.37 -58.20
C PHE AA 151 -31.70 -3.21 -59.43
N GLY AA 152 -32.97 -3.56 -59.52
CA GLY AA 152 -33.45 -4.47 -60.55
C GLY AA 152 -33.56 -3.87 -61.92
N LYS AA 153 -32.45 -3.38 -62.45
CA LYS AA 153 -32.41 -2.83 -63.80
C LYS AA 153 -30.98 -2.80 -64.31
N PRO AA 154 -30.50 -3.87 -64.93
CA PRO AA 154 -29.16 -3.85 -65.52
C PRO AA 154 -29.02 -2.75 -66.56
N LYS AA 155 -28.13 -1.79 -66.31
CA LYS AA 155 -27.96 -0.64 -67.19
C LYS AA 155 -26.80 -0.92 -68.14
N GLN AA 156 -27.07 -0.87 -69.44
CA GLN AA 156 -26.04 -1.13 -70.43
C GLN AA 156 -25.01 0.00 -70.46
N THR AA 157 -23.81 -0.34 -70.88
CA THR AA 157 -22.74 0.65 -71.01
C THR AA 157 -22.97 1.48 -72.26
N ALA AA 158 -23.02 2.80 -72.11
CA ALA AA 158 -23.28 3.69 -73.23
C ALA AA 158 -22.19 4.73 -73.38
N ASN AA 159 -21.61 5.18 -72.27
CA ASN AA 159 -20.57 6.20 -72.28
C ASN AA 159 -19.35 5.69 -71.54
N ILE AA 160 -18.17 5.83 -72.16
CA ILE AA 160 -16.92 5.44 -71.55
C ILE AA 160 -15.98 6.64 -71.61
N GLU AA 161 -15.50 7.09 -70.46
CA GLU AA 161 -14.53 8.17 -70.38
C GLU AA 161 -13.17 7.59 -70.08
N VAL AA 162 -12.19 7.88 -70.93
CA VAL AA 162 -10.84 7.34 -70.79
C VAL AA 162 -9.87 8.51 -70.79
N GLY AA 163 -9.04 8.59 -69.76
CA GLY AA 163 -7.97 9.58 -69.71
C GLY AA 163 -6.62 8.91 -69.54
N VAL AA 164 -5.78 9.00 -70.57
CA VAL AA 164 -4.48 8.34 -70.57
C VAL AA 164 -3.40 9.34 -70.95
N ASN AA 165 -2.17 9.02 -70.56
CA ASN AA 165 -0.99 9.77 -70.96
C ASN AA 165 -0.14 8.90 -71.88
N LEU AA 166 0.15 9.42 -73.06
CA LEU AA 166 0.88 8.54 -73.97
C LEU AA 166 2.35 8.93 -74.02
N PRO AA 167 3.25 7.94 -74.10
CA PRO AA 167 4.68 8.26 -74.14
C PRO AA 167 5.07 8.93 -75.44
N ALA AA 168 5.63 10.14 -75.34
CA ALA AA 168 6.07 10.86 -76.51
C ALA AA 168 7.33 10.26 -77.13
N ASN AA 169 8.13 9.55 -76.34
CA ASN AA 169 9.36 8.94 -76.82
C ASN AA 169 9.17 7.51 -77.29
N GLY AA 170 7.92 7.04 -77.37
CA GLY AA 170 7.67 5.68 -77.82
C GLY AA 170 8.06 5.48 -79.27
N ASP AA 171 8.40 4.25 -79.60
CA ASP AA 171 8.81 3.92 -80.96
C ASP AA 171 7.63 3.99 -81.93
N LEU AA 172 7.90 4.46 -83.14
CA LEU AA 172 6.86 4.57 -84.16
C LEU AA 172 6.50 3.19 -84.70
N LYS AA 173 5.28 3.09 -85.23
CA LYS AA 173 4.77 1.85 -85.81
C LYS AA 173 4.13 2.15 -87.15
N ASP AA 174 3.94 1.09 -87.95
CA ASP AA 174 3.35 1.23 -89.28
C ASP AA 174 1.83 1.17 -89.16
N PRO AA 175 1.11 2.23 -89.51
CA PRO AA 175 -0.36 2.17 -89.41
C PRO AA 175 -1.00 1.09 -90.26
N THR AA 176 -0.46 0.81 -91.44
CA THR AA 176 -1.06 -0.18 -92.32
C THR AA 176 -0.78 -1.61 -91.88
N GLN AA 177 0.19 -1.83 -90.99
CA GLN AA 177 0.55 -3.15 -90.52
C GLN AA 177 -0.10 -3.51 -89.19
N PHE AA 178 -1.09 -2.72 -88.75
CA PHE AA 178 -1.71 -2.95 -87.46
C PHE AA 178 -2.47 -4.26 -87.46
N ASP AA 179 -2.33 -5.02 -86.38
CA ASP AA 179 -3.07 -6.27 -86.20
C ASP AA 179 -3.09 -6.59 -84.72
N PHE AA 180 -4.30 -6.71 -84.15
CA PHE AA 180 -4.41 -6.92 -82.70
C PHE AA 180 -3.87 -8.28 -82.28
N SER AA 181 -3.73 -9.23 -83.21
CA SER AA 181 -3.20 -10.54 -82.86
C SER AA 181 -1.69 -10.53 -82.66
N ASP AA 182 -0.98 -9.54 -83.21
CA ASP AA 182 0.47 -9.46 -83.08
C ASP AA 182 0.84 -8.30 -82.17
N PRO AA 183 1.41 -8.56 -80.99
CA PRO AA 183 1.73 -7.45 -80.07
C PRO AA 183 2.70 -6.44 -80.65
N ASP AA 184 3.64 -6.87 -81.50
CA ASP AA 184 4.68 -5.99 -81.99
C ASP AA 184 4.17 -4.94 -82.97
N THR AA 185 2.97 -5.12 -83.53
CA THR AA 185 2.47 -4.15 -84.50
C THR AA 185 2.07 -2.84 -83.86
N TYR AA 186 1.55 -2.88 -82.64
CA TYR AA 186 1.07 -1.69 -81.94
C TYR AA 186 1.99 -1.37 -80.76
N ASN AA 187 1.62 -0.35 -80.00
CA ASN AA 187 2.41 0.11 -78.86
C ASN AA 187 1.91 -0.44 -77.53
N ARG AA 188 0.63 -0.21 -77.22
CA ARG AA 188 0.08 -0.59 -75.93
C ARG AA 188 -1.30 -1.19 -76.11
N SER AA 189 -1.72 -1.96 -75.10
CA SER AA 189 -3.04 -2.57 -75.07
C SER AA 189 -3.58 -2.52 -73.66
N THR AA 190 -4.83 -2.09 -73.51
CA THR AA 190 -5.49 -2.00 -72.21
C THR AA 190 -6.77 -2.82 -72.22
N SER AA 191 -7.09 -3.39 -71.06
CA SER AA 191 -8.25 -4.25 -70.92
C SER AA 191 -9.20 -3.68 -69.87
N SER AA 192 -10.50 -3.88 -70.11
CA SER AA 192 -11.52 -3.39 -69.22
C SER AA 192 -12.78 -4.21 -69.41
N THR AA 193 -13.81 -3.90 -68.63
CA THR AA 193 -15.07 -4.64 -68.65
C THR AA 193 -16.22 -3.71 -69.01
N ILE AA 194 -17.11 -4.20 -69.86
CA ILE AA 194 -18.33 -3.48 -70.23
C ILE AA 194 -19.52 -4.41 -70.03
N TYR AA 195 -20.71 -3.83 -69.92
CA TYR AA 195 -21.93 -4.56 -69.64
C TYR AA 195 -22.98 -4.25 -70.68
N ASP AA 196 -23.71 -5.28 -71.11
CA ASP AA 196 -24.78 -5.15 -72.07
C ASP AA 196 -26.10 -4.92 -71.35
N SER AA 197 -27.21 -5.02 -72.09
CA SER AA 197 -28.52 -4.79 -71.50
C SER AA 197 -28.86 -5.85 -70.45
N MET AA 198 -28.48 -7.10 -70.68
CA MET AA 198 -28.81 -8.19 -69.78
C MET AA 198 -27.82 -8.34 -68.64
N GLY AA 199 -26.82 -7.46 -68.56
CA GLY AA 199 -25.84 -7.53 -67.50
C GLY AA 199 -24.68 -8.48 -67.75
N GLN AA 200 -24.59 -9.06 -68.94
CA GLN AA 200 -23.45 -9.92 -69.26
C GLN AA 200 -22.17 -9.11 -69.27
N SER AA 201 -21.10 -9.71 -68.75
CA SER AA 201 -19.79 -9.06 -68.71
C SER AA 201 -19.04 -9.34 -70.00
N TYR AA 202 -18.52 -8.30 -70.63
CA TYR AA 202 -17.70 -8.43 -71.82
C TYR AA 202 -16.38 -7.71 -71.61
N LYS AA 203 -15.34 -8.23 -72.24
CA LYS AA 203 -13.99 -7.67 -72.12
C LYS AA 203 -13.72 -6.75 -73.30
N LEU AA 204 -13.44 -5.48 -73.01
CA LEU AA 204 -13.14 -4.48 -74.02
C LEU AA 204 -11.64 -4.21 -74.00
N THR AA 205 -10.98 -4.42 -75.12
CA THR AA 205 -9.55 -4.20 -75.25
C THR AA 205 -9.30 -3.06 -76.23
N THR AA 206 -8.54 -2.07 -75.79
CA THR AA 206 -8.20 -0.90 -76.60
C THR AA 206 -6.72 -0.92 -76.94
N TYR AA 207 -6.41 -0.78 -78.23
CA TYR AA 207 -5.04 -0.82 -78.72
C TYR AA 207 -4.63 0.56 -79.19
N TYR AA 208 -3.48 1.04 -78.71
CA TYR AA 208 -2.94 2.34 -79.07
C TYR AA 208 -1.71 2.16 -79.93
N LEU AA 209 -1.70 2.80 -81.10
CA LEU AA 209 -0.60 2.70 -82.04
C LEU AA 209 -0.08 4.10 -82.36
N LYS AA 210 1.24 4.26 -82.33
CA LYS AA 210 1.87 5.55 -82.58
C LYS AA 210 2.15 5.68 -84.07
N ASP AA 211 1.55 6.69 -84.70
CA ASP AA 211 1.71 6.89 -86.13
C ASP AA 211 3.14 7.28 -86.45
N GLN AA 212 3.68 6.68 -87.51
CA GLN AA 212 5.03 6.98 -87.96
C GLN AA 212 5.07 8.10 -88.99
N THR AA 213 4.11 8.11 -89.92
CA THR AA 213 4.11 9.12 -90.97
C THR AA 213 3.93 10.53 -90.40
N GLN AA 214 3.01 10.69 -89.45
CA GLN AA 214 2.69 11.99 -88.91
C GLN AA 214 3.15 12.08 -87.46
N PRO AA 215 4.03 13.01 -87.12
CA PRO AA 215 4.44 13.16 -85.72
C PRO AA 215 3.30 13.63 -84.85
N ASN AA 216 3.36 13.26 -83.56
CA ASN AA 216 2.33 13.61 -82.58
C ASN AA 216 0.95 13.13 -83.02
N THR AA 217 0.90 11.94 -83.59
CA THR AA 217 -0.35 11.33 -84.04
C THR AA 217 -0.40 9.89 -83.57
N TRP AA 218 -1.56 9.48 -83.05
CA TRP AA 218 -1.76 8.13 -82.55
C TRP AA 218 -3.03 7.55 -83.14
N ASN AA 219 -3.03 6.23 -83.29
CA ASN AA 219 -4.19 5.49 -83.76
C ASN AA 219 -4.72 4.59 -82.65
N THR AA 220 -6.04 4.56 -82.51
CA THR AA 220 -6.69 3.81 -81.43
C THR AA 220 -7.69 2.84 -82.03
N TYR AA 221 -7.64 1.60 -81.57
CA TYR AA 221 -8.52 0.55 -82.04
C TYR AA 221 -9.12 -0.18 -80.85
N TYR AA 222 -10.30 -0.75 -81.04
CA TYR AA 222 -11.04 -1.43 -79.99
C TYR AA 222 -11.42 -2.82 -80.44
N THR AA 223 -11.41 -3.77 -79.50
CA THR AA 223 -11.85 -5.13 -79.75
C THR AA 223 -12.70 -5.60 -78.58
N VAL AA 224 -13.61 -6.54 -78.87
CA VAL AA 224 -14.50 -7.11 -77.88
C VAL AA 224 -14.23 -8.61 -77.80
N THR AA 225 -14.04 -9.11 -76.58
CA THR AA 225 -13.71 -10.52 -76.34
C THR AA 225 -14.90 -11.20 -75.68
N ASP AA 226 -15.67 -11.94 -76.46
CA ASP AA 226 -16.74 -12.78 -75.96
C ASP AA 226 -16.27 -14.23 -75.88
N LYS AA 227 -17.20 -15.13 -75.58
CA LYS AA 227 -16.84 -16.54 -75.46
C LYS AA 227 -16.41 -17.13 -76.80
N GLU AA 228 -16.98 -16.63 -77.91
CA GLU AA 228 -16.60 -17.14 -79.22
C GLU AA 228 -15.15 -16.80 -79.55
N GLY AA 229 -14.72 -15.60 -79.20
CA GLY AA 229 -13.37 -15.16 -79.49
C GLY AA 229 -13.25 -13.66 -79.32
N GLU AA 230 -12.19 -13.10 -79.92
CA GLU AA 230 -11.94 -11.67 -79.89
C GLU AA 230 -12.34 -11.09 -81.25
N LYS AA 231 -13.35 -10.21 -81.23
CA LYS AA 231 -13.84 -9.60 -82.46
C LYS AA 231 -13.51 -8.12 -82.47
N PRO AA 232 -12.90 -7.61 -83.54
CA PRO AA 232 -12.62 -6.18 -83.60
C PRO AA 232 -13.89 -5.36 -83.70
N LEU AA 233 -13.82 -4.14 -83.17
CA LEU AA 233 -14.92 -3.20 -83.20
C LEU AA 233 -14.55 -1.99 -84.04
N ASN AA 234 -15.43 -1.61 -84.96
CA ASN AA 234 -15.17 -0.52 -85.90
C ASN AA 234 -15.88 0.75 -85.45
N VAL AA 235 -15.21 1.88 -85.66
CA VAL AA 235 -15.78 3.19 -85.36
C VAL AA 235 -16.65 3.63 -86.54
N ALA AA 236 -17.71 4.37 -86.25
CA ALA AA 236 -18.66 4.75 -87.30
C ALA AA 236 -18.00 5.61 -88.36
N ALA AA 237 -17.21 6.61 -87.95
CA ALA AA 237 -16.59 7.54 -88.88
C ALA AA 237 -15.11 7.74 -88.53
N GLY AA 238 -14.47 6.72 -87.99
CA GLY AA 238 -13.06 6.85 -87.64
C GLY AA 238 -12.19 6.98 -88.88
N ASP AA 239 -11.22 7.89 -88.80
CA ASP AA 239 -10.31 8.15 -89.92
C ASP AA 239 -9.06 7.29 -89.84
N ALA AA 240 -9.25 5.98 -89.66
CA ALA AA 240 -8.12 5.04 -89.61
C ALA AA 240 -8.64 3.68 -90.09
N GLN AA 241 -8.38 3.38 -91.35
CA GLN AA 241 -8.84 2.15 -91.98
C GLN AA 241 -7.63 1.27 -92.28
N THR AA 242 -7.53 0.15 -91.59
CA THR AA 242 -6.49 -0.82 -91.89
C THR AA 242 -6.84 -1.58 -93.16
N PRO AA 243 -5.84 -2.17 -93.83
CA PRO AA 243 -6.15 -2.97 -95.03
C PRO AA 243 -7.10 -4.13 -94.75
N THR AA 244 -7.07 -4.70 -93.55
CA THR AA 244 -8.02 -5.76 -93.21
C THR AA 244 -9.45 -5.24 -93.24
N GLY AA 245 -9.67 -4.03 -92.73
CA GLY AA 245 -11.00 -3.44 -92.70
C GLY AA 245 -11.34 -2.83 -91.35
N HIS AA 246 -10.49 -3.07 -90.36
CA HIS AA 246 -10.71 -2.54 -89.02
C HIS AA 246 -10.64 -1.01 -89.04
N VAL AA 247 -11.58 -0.37 -88.36
CA VAL AA 247 -11.72 1.08 -88.37
C VAL AA 247 -11.45 1.59 -86.96
N GLY AA 248 -10.35 2.33 -86.80
CA GLY AA 248 -10.05 3.04 -85.58
C GLY AA 248 -10.17 4.54 -85.75
N HIS AA 249 -9.67 5.27 -84.76
CA HIS AA 249 -9.70 6.73 -84.79
C HIS AA 249 -8.32 7.26 -84.45
N THR AA 250 -8.06 8.47 -84.94
CA THR AA 250 -6.75 9.11 -84.80
C THR AA 250 -6.78 10.17 -83.71
N MET AA 251 -5.68 10.29 -82.97
CA MET AA 251 -5.55 11.28 -81.91
C MET AA 251 -4.33 12.15 -82.19
N LYS AA 252 -4.52 13.46 -82.13
CA LYS AA 252 -3.47 14.42 -82.41
C LYS AA 252 -3.30 15.36 -81.21
N PHE AA 253 -2.06 15.76 -80.96
CA PHE AA 253 -1.71 16.57 -79.79
C PHE AA 253 -0.95 17.82 -80.22
N ASN AA 254 -1.01 18.83 -79.37
CA ASN AA 254 -0.36 20.11 -79.64
C ASN AA 254 1.13 20.00 -79.29
N ASN AA 255 1.83 21.13 -79.39
CA ASN AA 255 3.27 21.14 -79.10
C ASN AA 255 3.53 20.93 -77.61
N ASP AA 256 2.67 21.47 -76.75
CA ASP AA 256 2.84 21.34 -75.31
C ASP AA 256 2.38 20.00 -74.77
N GLY AA 257 1.90 19.10 -75.63
CA GLY AA 257 1.45 17.80 -75.20
C GLY AA 257 -0.01 17.71 -74.86
N THR AA 258 -0.74 18.82 -74.87
CA THR AA 258 -2.18 18.77 -74.60
C THR AA 258 -2.92 18.18 -75.79
N LEU AA 259 -4.19 17.87 -75.60
CA LEU AA 259 -5.00 17.28 -76.64
C LEU AA 259 -5.38 18.32 -77.68
N ALA AA 260 -5.19 17.99 -78.96
CA ALA AA 260 -5.50 18.89 -80.06
C ALA AA 260 -6.81 18.53 -80.75
N SER AA 261 -6.90 17.31 -81.29
CA SER AA 261 -8.08 16.91 -82.03
C SER AA 261 -8.28 15.41 -81.90
N LEU AA 262 -9.53 14.98 -82.01
CA LEU AA 262 -9.90 13.56 -81.89
C LEU AA 262 -10.76 13.18 -83.07
N ASN AA 263 -10.28 12.23 -83.88
CA ASN AA 263 -11.03 11.69 -85.02
C ASN AA 263 -11.54 12.81 -85.93
N ASN AA 264 -10.64 13.74 -86.26
CA ASN AA 264 -10.97 14.91 -87.08
C ASN AA 264 -12.09 15.74 -86.45
N GLY AA 265 -12.13 15.78 -85.12
CA GLY AA 265 -13.12 16.58 -84.43
C GLY AA 265 -14.51 15.97 -84.35
N GLN AA 266 -14.67 14.73 -84.81
CA GLN AA 266 -15.99 14.09 -84.76
C GLN AA 266 -16.12 13.23 -83.51
N PRO AA 267 -17.33 13.09 -82.97
CA PRO AA 267 -17.51 12.22 -81.80
C PRO AA 267 -17.22 10.78 -82.15
N ILE AA 268 -16.70 10.05 -81.16
CA ILE AA 268 -16.29 8.66 -81.34
C ILE AA 268 -17.48 7.79 -80.95
N THR AA 269 -18.20 7.28 -81.95
CA THR AA 269 -19.32 6.37 -81.75
C THR AA 269 -19.03 5.08 -82.48
N SER AA 270 -19.07 3.97 -81.76
CA SER AA 270 -18.80 2.68 -82.37
C SER AA 270 -20.04 2.15 -83.08
N VAL AA 271 -19.83 1.15 -83.94
CA VAL AA 271 -20.92 0.49 -84.64
C VAL AA 271 -21.66 -0.41 -83.65
N ALA AA 272 -22.83 -0.91 -84.05
CA ALA AA 272 -23.60 -1.79 -83.19
C ALA AA 272 -22.83 -3.08 -82.92
N LEU AA 273 -22.89 -3.53 -81.66
CA LEU AA 273 -22.12 -4.71 -81.27
C LEU AA 273 -22.65 -5.97 -81.93
N GLY AA 274 -23.96 -6.18 -81.90
CA GLY AA 274 -24.53 -7.43 -82.35
C GLY AA 274 -25.38 -7.35 -83.60
N ASP AA 275 -25.27 -6.26 -84.35
CA ASP AA 275 -26.05 -6.11 -85.57
C ASP AA 275 -25.18 -6.41 -86.78
N PRO AA 276 -25.41 -7.52 -87.47
CA PRO AA 276 -24.60 -7.80 -88.67
C PRO AA 276 -24.80 -6.82 -89.81
N ALA AA 277 -25.93 -6.10 -89.83
CA ALA AA 277 -26.20 -5.16 -90.91
C ALA AA 277 -25.23 -3.99 -90.93
N THR AA 278 -24.55 -3.70 -89.83
CA THR AA 278 -23.57 -2.63 -89.76
C THR AA 278 -22.20 -3.08 -89.26
N ASN AA 279 -22.08 -4.31 -88.75
CA ASN AA 279 -20.83 -4.82 -88.21
C ASN AA 279 -20.45 -6.09 -88.95
N THR AA 280 -19.21 -6.12 -89.45
CA THR AA 280 -18.72 -7.30 -90.14
C THR AA 280 -18.39 -8.43 -89.18
N THR AA 281 -18.19 -8.12 -87.89
CA THR AA 281 -17.92 -9.11 -86.86
C THR AA 281 -18.90 -8.88 -85.72
N PRO AA 282 -20.14 -9.35 -85.86
CA PRO AA 282 -21.15 -9.11 -84.82
C PRO AA 282 -20.79 -9.83 -83.53
N VAL AA 283 -20.88 -9.09 -82.42
CA VAL AA 283 -20.59 -9.68 -81.11
C VAL AA 283 -21.77 -10.52 -80.65
N ASP AA 284 -21.47 -11.71 -80.12
CA ASP AA 284 -22.51 -12.62 -79.68
C ASP AA 284 -23.17 -12.11 -78.40
N MET AA 285 -24.29 -11.39 -78.56
CA MET AA 285 -24.96 -10.79 -77.41
C MET AA 285 -25.63 -11.83 -76.52
N ASN AA 286 -25.83 -13.05 -77.00
CA ASN AA 286 -26.48 -14.12 -76.24
C ASN AA 286 -27.88 -13.70 -75.78
N GLY AA 287 -28.59 -12.99 -76.65
CA GLY AA 287 -29.94 -12.54 -76.35
C GLY AA 287 -30.05 -11.09 -75.93
N ALA AA 288 -28.93 -10.40 -75.73
CA ALA AA 288 -28.98 -9.00 -75.34
C ALA AA 288 -29.32 -8.13 -76.54
N ASP AA 289 -29.36 -6.81 -76.31
CA ASP AA 289 -29.67 -5.87 -77.37
C ASP AA 289 -28.52 -5.82 -78.36
N PRO AA 290 -28.76 -6.13 -79.64
CA PRO AA 290 -27.68 -6.13 -80.63
C PRO AA 290 -27.32 -4.74 -81.13
N ALA AA 291 -28.12 -3.72 -80.83
CA ALA AA 291 -27.90 -2.37 -81.33
C ALA AA 291 -27.18 -1.48 -80.33
N GLN AA 292 -26.51 -2.05 -79.33
CA GLN AA 292 -25.82 -1.25 -78.33
C GLN AA 292 -24.69 -0.46 -78.97
N THR AA 293 -24.57 0.80 -78.59
CA THR AA 293 -23.55 1.70 -79.11
C THR AA 293 -22.74 2.29 -77.97
N LEU AA 294 -21.45 2.49 -78.22
CA LEU AA 294 -20.53 3.01 -77.21
C LEU AA 294 -20.01 4.37 -77.64
N ASN AA 295 -19.97 5.31 -76.70
CA ASN AA 295 -19.40 6.63 -76.93
C ASN AA 295 -18.16 6.78 -76.07
N PHE AA 296 -17.03 7.09 -76.70
CA PHE AA 296 -15.75 7.22 -76.00
C PHE AA 296 -15.43 8.70 -75.82
N GLY AA 297 -15.19 9.10 -74.57
CA GLY AA 297 -14.78 10.46 -74.29
C GLY AA 297 -13.34 10.53 -73.81
N LEU AA 298 -12.45 11.02 -74.67
CA LEU AA 298 -11.02 11.09 -74.38
C LEU AA 298 -10.54 12.52 -74.40
N GLY AA 299 -11.31 13.43 -73.78
CA GLY AA 299 -10.96 14.84 -73.80
C GLY AA 299 -9.81 15.23 -72.90
N SER AA 300 -9.34 14.32 -72.05
CA SER AA 300 -8.24 14.59 -71.14
C SER AA 300 -6.98 13.82 -71.46
N ALA AA 301 -6.91 13.18 -72.63
CA ALA AA 301 -5.72 12.44 -73.01
C ALA AA 301 -4.56 13.39 -73.26
N THR AA 302 -3.36 12.98 -72.86
CA THR AA 302 -2.17 13.80 -73.01
C THR AA 302 -1.03 12.94 -73.56
N GLN AA 303 -0.04 13.61 -74.14
CA GLN AA 303 1.18 12.96 -74.59
C GLN AA 303 2.37 13.73 -74.04
N PHE AA 304 3.01 13.19 -73.02
CA PHE AA 304 4.17 13.80 -72.38
C PHE AA 304 5.34 12.83 -72.45
N ALA AA 305 6.44 13.20 -71.79
CA ALA AA 305 7.59 12.30 -71.71
C ALA AA 305 7.36 11.15 -70.75
N ALA AA 306 6.29 11.21 -69.95
CA ALA AA 306 6.01 10.15 -68.99
C ALA AA 306 5.62 8.87 -69.72
N PRO AA 307 5.88 7.70 -69.10
CA PRO AA 307 5.51 6.44 -69.75
C PRO AA 307 4.01 6.25 -69.90
N PHE AA 308 3.60 5.14 -70.50
CA PHE AA 308 2.18 4.86 -70.69
C PHE AA 308 1.49 4.71 -69.33
N GLU AA 309 0.31 5.30 -69.22
CA GLU AA 309 -0.40 5.34 -67.95
C GLU AA 309 -1.89 5.47 -68.19
N LEU AA 310 -2.68 4.69 -67.47
CA LEU AA 310 -4.14 4.76 -67.50
C LEU AA 310 -4.59 5.54 -66.27
N THR AA 311 -4.73 6.87 -66.44
CA THR AA 311 -5.02 7.73 -65.29
C THR AA 311 -6.44 7.53 -64.78
N LYS AA 312 -7.41 7.51 -65.68
CA LYS AA 312 -8.81 7.47 -65.30
C LYS AA 312 -9.60 6.60 -66.27
N PHE AA 313 -10.53 5.81 -65.73
CA PHE AA 313 -11.43 5.00 -66.54
C PHE AA 313 -12.81 5.02 -65.90
N ASP AA 314 -13.78 5.59 -66.61
CA ASP AA 314 -15.13 5.72 -66.10
C ASP AA 314 -16.14 5.25 -67.15
N GLU AA 315 -17.15 4.52 -66.70
CA GLU AA 315 -18.23 4.06 -67.56
C GLU AA 315 -19.57 4.33 -66.87
N ASP AA 316 -20.65 4.06 -67.57
CA ASP AA 316 -21.99 4.24 -67.03
C ASP AA 316 -22.75 2.91 -66.91
N GLY AA 317 -22.03 1.79 -67.05
CA GLY AA 317 -22.67 0.49 -66.94
C GLY AA 317 -22.99 0.13 -65.50
N ALA AA 318 -23.85 -0.86 -65.36
CA ALA AA 318 -24.28 -1.32 -64.04
C ALA AA 318 -24.81 -2.74 -64.15
N THR AA 319 -24.91 -3.40 -63.00
CA THR AA 319 -25.38 -4.77 -62.92
C THR AA 319 -26.39 -4.87 -61.78
N THR AA 320 -27.07 -6.01 -61.71
CA THR AA 320 -28.04 -6.23 -60.64
C THR AA 320 -27.34 -6.22 -59.29
N GLY AA 321 -28.01 -5.64 -58.29
CA GLY AA 321 -27.40 -5.50 -56.99
C GLY AA 321 -28.45 -5.39 -55.89
N PHE AA 322 -27.96 -5.35 -54.66
CA PHE AA 322 -28.79 -5.33 -53.48
C PHE AA 322 -28.47 -4.10 -52.65
N LEU AA 323 -29.50 -3.47 -52.09
CA LEU AA 323 -29.32 -2.30 -51.25
C LEU AA 323 -28.37 -2.61 -50.10
N THR AA 324 -27.28 -1.85 -50.03
CA THR AA 324 -26.25 -2.08 -49.03
C THR AA 324 -26.34 -1.13 -47.83
N LYS AA 325 -26.47 0.17 -48.07
CA LYS AA 325 -26.60 1.12 -46.98
C LYS AA 325 -27.38 2.34 -47.46
N VAL AA 326 -27.95 3.06 -46.50
CA VAL AA 326 -28.73 4.26 -46.78
C VAL AA 326 -28.30 5.35 -45.82
N ASP AA 327 -28.08 6.56 -46.34
CA ASP AA 327 -27.70 7.68 -45.52
C ASP AA 327 -28.44 8.93 -46.01
N PHE AA 328 -28.46 9.95 -45.16
CA PHE AA 328 -29.13 11.21 -45.45
C PHE AA 328 -28.12 12.34 -45.43
N ASP AA 329 -28.11 13.15 -46.48
CA ASP AA 329 -27.23 14.30 -46.52
C ASP AA 329 -27.95 15.53 -45.98
N GLU AA 330 -27.23 16.64 -45.90
CA GLU AA 330 -27.80 17.88 -45.37
C GLU AA 330 -28.89 18.43 -46.28
N ASN AA 331 -28.81 18.17 -47.59
CA ASN AA 331 -29.81 18.66 -48.52
C ASN AA 331 -31.12 17.88 -48.43
N GLY AA 332 -31.17 16.80 -47.66
CA GLY AA 332 -32.37 15.99 -47.55
C GLY AA 332 -32.48 14.86 -48.54
N SER AA 333 -31.52 14.72 -49.46
CA SER AA 333 -31.56 13.61 -50.40
C SER AA 333 -31.19 12.32 -49.70
N VAL AA 334 -32.05 11.32 -49.84
CA VAL AA 334 -31.82 10.00 -49.26
C VAL AA 334 -31.10 9.16 -50.30
N MET AA 335 -29.82 8.89 -50.04
CA MET AA 335 -28.97 8.17 -50.99
C MET AA 335 -28.75 6.74 -50.53
N GLY AA 336 -28.65 5.84 -51.49
CA GLY AA 336 -28.40 4.45 -51.19
C GLY AA 336 -27.43 3.81 -52.16
N THR AA 337 -26.44 3.09 -51.63
CA THR AA 337 -25.46 2.39 -52.44
C THR AA 337 -25.81 0.92 -52.49
N TYR AA 338 -25.64 0.33 -53.67
CA TYR AA 338 -26.00 -1.06 -53.90
C TYR AA 338 -24.75 -1.91 -54.08
N SER AA 339 -24.96 -3.21 -54.29
CA SER AA 339 -23.83 -4.13 -54.45
C SER AA 339 -23.06 -3.87 -55.72
N ASN AA 340 -23.74 -3.46 -56.79
CA ASN AA 340 -23.05 -3.18 -58.04
C ASN AA 340 -22.12 -1.98 -57.90
N GLY AA 341 -22.54 -0.96 -57.16
CA GLY AA 341 -21.73 0.22 -56.91
C GLY AA 341 -22.41 1.54 -57.19
N GLU AA 342 -23.55 1.56 -57.88
CA GLU AA 342 -24.23 2.82 -58.17
C GLU AA 342 -24.77 3.45 -56.90
N ASN AA 343 -24.55 4.76 -56.75
CA ASN AA 343 -25.06 5.52 -55.61
C ASN AA 343 -26.37 6.21 -56.01
N VAL AA 344 -27.39 5.38 -56.19
CA VAL AA 344 -28.68 5.87 -56.67
C VAL AA 344 -29.34 6.72 -55.61
N THR AA 345 -29.83 7.90 -56.01
CA THR AA 345 -30.52 8.80 -55.10
C THR AA 345 -32.00 8.45 -55.12
N LEU AA 346 -32.51 7.96 -53.99
CA LEU AA 346 -33.90 7.52 -53.93
C LEU AA 346 -34.87 8.69 -54.02
N GLY AA 347 -34.49 9.84 -53.46
CA GLY AA 347 -35.35 11.01 -53.54
C GLY AA 347 -34.92 12.05 -52.54
N ARG AA 348 -35.79 13.02 -52.33
CA ARG AA 348 -35.61 14.04 -51.31
C ARG AA 348 -36.78 14.03 -50.35
N VAL AA 349 -36.61 14.73 -49.24
CA VAL AA 349 -37.64 14.83 -48.21
C VAL AA 349 -38.27 16.22 -48.32
N ALA AA 350 -39.58 16.25 -48.55
CA ALA AA 350 -40.28 17.51 -48.75
C ALA AA 350 -40.34 18.30 -47.45
N LEU AA 351 -40.23 19.63 -47.58
CA LEU AA 351 -40.36 20.55 -46.47
C LEU AA 351 -41.43 21.58 -46.81
N VAL AA 352 -42.28 21.88 -45.82
CA VAL AA 352 -43.42 22.76 -46.01
C VAL AA 352 -43.32 23.91 -45.02
N ARG AA 353 -43.62 25.12 -45.49
CA ARG AA 353 -43.63 26.30 -44.66
C ARG AA 353 -44.90 27.09 -44.94
N VAL AA 354 -45.51 27.63 -43.89
CA VAL AA 354 -46.67 28.50 -44.05
C VAL AA 354 -46.31 29.89 -43.57
N PRO AA 355 -46.86 30.96 -44.18
CA PRO AA 355 -46.52 32.31 -43.72
C PRO AA 355 -46.91 32.59 -42.28
N ASN AA 356 -48.03 32.03 -41.82
CA ASN AA 356 -48.54 32.25 -40.47
C ASN AA 356 -48.68 30.89 -39.79
N GLU AA 357 -47.71 30.55 -38.93
CA GLU AA 357 -47.76 29.27 -38.24
C GLU AA 357 -48.71 29.30 -37.05
N GLN AA 358 -49.09 30.47 -36.56
CA GLN AA 358 -49.99 30.57 -35.41
C GLN AA 358 -51.42 30.19 -35.75
N GLY AA 359 -51.76 30.01 -37.02
CA GLY AA 359 -53.14 29.74 -37.40
C GLY AA 359 -53.38 28.32 -37.86
N LEU AA 360 -52.33 27.51 -37.91
CA LEU AA 360 -52.48 26.10 -38.27
C LEU AA 360 -53.40 25.42 -37.27
N ASP AA 361 -54.45 24.78 -37.80
CA ASP AA 361 -55.35 24.03 -36.93
C ASP AA 361 -54.67 22.73 -36.50
N LYS AA 362 -54.97 22.31 -35.28
CA LYS AA 362 -54.23 21.24 -34.63
C LYS AA 362 -55.01 19.94 -34.76
N LYS AA 363 -54.43 18.98 -35.47
CA LYS AA 363 -54.97 17.64 -35.54
C LYS AA 363 -54.32 16.78 -34.46
N GLY AA 364 -54.75 15.53 -34.36
CA GLY AA 364 -54.16 14.62 -33.39
C GLY AA 364 -52.78 14.15 -33.82
N GLY AA 365 -52.06 13.59 -32.85
CA GLY AA 365 -50.75 13.05 -33.13
C GLY AA 365 -49.71 14.07 -33.55
N THR AA 366 -49.73 15.25 -32.94
CA THR AA 366 -48.76 16.31 -33.20
C THR AA 366 -48.67 16.64 -34.68
N GLN AA 367 -49.83 16.89 -35.28
CA GLN AA 367 -49.92 17.20 -36.70
C GLN AA 367 -50.79 18.43 -36.90
N TRP AA 368 -50.45 19.19 -37.95
CA TRP AA 368 -51.15 20.42 -38.27
C TRP AA 368 -51.58 20.41 -39.74
N ASP AA 369 -52.59 21.20 -40.03
CA ASP AA 369 -53.09 21.38 -41.39
C ASP AA 369 -53.20 22.88 -41.68
N SER AA 370 -53.23 23.21 -42.96
CA SER AA 370 -53.26 24.61 -43.38
C SER AA 370 -54.70 25.08 -43.51
N THR AA 371 -55.04 26.14 -42.78
CA THR AA 371 -56.37 26.74 -42.85
C THR AA 371 -56.32 28.06 -43.60
N GLN AA 372 -57.45 28.76 -43.64
CA GLN AA 372 -57.52 30.06 -44.30
C GLN AA 372 -56.60 31.06 -43.64
N PHE AA 373 -56.60 31.11 -42.30
CA PHE AA 373 -55.76 32.07 -41.59
C PHE AA 373 -54.28 31.72 -41.72
N SER AA 374 -53.96 30.42 -41.75
CA SER AA 374 -52.56 30.01 -41.86
C SER AA 374 -51.97 30.43 -43.20
N GLY AA 375 -52.74 30.30 -44.28
CA GLY AA 375 -52.27 30.59 -45.61
C GLY AA 375 -52.32 29.36 -46.50
N ASP AA 376 -51.32 29.22 -47.37
CA ASP AA 376 -51.20 28.06 -48.25
C ASP AA 376 -49.85 27.42 -48.06
N LYS AA 377 -49.82 26.10 -48.17
CA LYS AA 377 -48.59 25.35 -47.98
C LYS AA 377 -47.58 25.73 -49.06
N ILE AA 378 -46.42 26.23 -48.63
CA ILE AA 378 -45.34 26.60 -49.54
C ILE AA 378 -44.31 25.49 -49.49
N TRP AA 379 -44.17 24.76 -50.60
CA TRP AA 379 -43.25 23.64 -50.66
C TRP AA 379 -41.84 24.11 -50.97
N GLY AA 380 -40.87 23.32 -50.55
CA GLY AA 380 -39.48 23.66 -50.79
C GLY AA 380 -38.58 22.50 -50.41
N GLU AA 381 -37.31 22.67 -50.71
CA GLU AA 381 -36.31 21.66 -50.41
C GLU AA 381 -35.73 21.92 -49.02
N SER AA 382 -34.67 21.20 -48.67
CA SER AA 382 -33.95 21.42 -47.42
C SER AA 382 -32.77 22.34 -47.67
N ASN AA 383 -32.58 23.31 -46.76
CA ASN AA 383 -31.48 24.26 -46.85
C ASN AA 383 -31.55 25.06 -48.15
N LYS AA 384 -32.75 25.53 -48.49
CA LYS AA 384 -32.97 26.33 -49.67
C LYS AA 384 -33.94 27.46 -49.34
N GLY AA 385 -33.56 28.68 -49.70
CA GLY AA 385 -34.41 29.82 -49.40
C GLY AA 385 -34.53 30.05 -47.91
N SER AA 386 -35.77 30.13 -47.43
CA SER AA 386 -36.05 30.39 -46.02
C SER AA 386 -36.19 29.11 -45.21
N PHE AA 387 -36.02 27.95 -45.82
CA PHE AA 387 -36.17 26.69 -45.11
C PHE AA 387 -34.91 26.35 -44.32
N GLY AA 388 -35.06 25.44 -43.35
CA GLY AA 388 -33.95 24.96 -42.56
C GLY AA 388 -33.31 23.73 -43.14
N THR AA 389 -32.54 23.04 -42.31
CA THR AA 389 -31.83 21.84 -42.70
C THR AA 389 -32.45 20.62 -42.03
N ILE AA 390 -32.04 19.45 -42.51
CA ILE AA 390 -32.53 18.17 -42.00
C ILE AA 390 -31.34 17.41 -41.45
N ASN AA 391 -31.41 17.02 -40.18
CA ASN AA 391 -30.37 16.24 -39.52
C ASN AA 391 -30.93 14.89 -39.12
N ASN AA 392 -30.24 13.82 -39.51
CA ASN AA 392 -30.64 12.47 -39.15
C ASN AA 392 -30.01 12.07 -37.82
N GLY AA 393 -30.66 11.13 -37.15
CA GLY AA 393 -30.20 10.68 -35.85
C GLY AA 393 -30.64 11.54 -34.69
N MET AA 394 -31.55 12.47 -34.90
CA MET AA 394 -32.04 13.35 -33.84
C MET AA 394 -33.55 13.37 -33.85
N LEU AA 395 -34.12 13.85 -32.75
CA LEU AA 395 -35.56 14.04 -32.64
C LEU AA 395 -35.82 15.31 -31.84
N GLU AA 396 -37.01 15.88 -32.04
CA GLU AA 396 -37.40 17.11 -31.37
C GLU AA 396 -38.19 16.79 -30.11
N GLN AA 397 -37.80 17.41 -29.00
CA GLN AA 397 -38.58 17.31 -27.77
C GLN AA 397 -39.56 18.47 -27.69
N SER AA 398 -40.37 18.48 -26.65
CA SER AA 398 -41.31 19.57 -26.45
C SER AA 398 -40.55 20.86 -26.13
N ASN AA 399 -41.04 21.97 -26.67
CA ASN AA 399 -40.40 23.27 -26.47
C ASN AA 399 -41.00 23.96 -25.24
N ILE AA 400 -40.94 23.26 -24.11
CA ILE AA 400 -41.50 23.74 -22.86
C ILE AA 400 -40.40 23.83 -21.82
N ASP AA 401 -40.65 24.65 -20.80
CA ASP AA 401 -39.73 24.81 -19.67
C ASP AA 401 -40.50 24.48 -18.40
N MET AA 402 -40.04 23.44 -17.70
CA MET AA 402 -40.79 22.94 -16.54
C MET AA 402 -40.89 24.00 -15.45
N THR AA 403 -39.81 24.75 -15.21
CA THR AA 403 -39.84 25.81 -14.21
C THR AA 403 -40.94 26.82 -14.52
N GLN AA 404 -40.98 27.30 -15.75
CA GLN AA 404 -41.99 28.29 -16.13
C GLN AA 404 -43.39 27.71 -16.00
N GLU AA 405 -43.58 26.46 -16.42
CA GLU AA 405 -44.90 25.85 -16.33
C GLU AA 405 -45.36 25.74 -14.88
N LEU AA 406 -44.48 25.31 -13.99
CA LEU AA 406 -44.86 25.17 -12.57
C LEU AA 406 -45.16 26.52 -11.95
N VAL AA 407 -44.36 27.54 -12.25
CA VAL AA 407 -44.62 28.87 -11.68
C VAL AA 407 -45.94 29.41 -12.22
N ASP AA 408 -46.22 29.20 -13.51
CA ASP AA 408 -47.49 29.63 -14.07
C ASP AA 408 -48.64 28.88 -13.42
N LEU AA 409 -48.44 27.60 -13.10
CA LEU AA 409 -49.46 26.83 -12.41
C LEU AA 409 -49.78 27.43 -11.05
N ILE AA 410 -48.74 27.81 -10.30
CA ILE AA 410 -48.94 28.44 -9.00
C ILE AA 410 -49.70 29.75 -9.15
N SER AA 411 -49.28 30.57 -10.12
CA SER AA 411 -49.94 31.86 -10.32
C SER AA 411 -51.39 31.70 -10.72
N ALA AA 412 -51.68 30.74 -11.59
CA ALA AA 412 -53.06 30.49 -12.01
C ALA AA 412 -53.91 30.03 -10.84
N GLN AA 413 -53.36 29.18 -9.97
CA GLN AA 413 -54.10 28.78 -8.78
C GLN AA 413 -54.39 29.99 -7.89
N ARG AA 414 -53.40 30.87 -7.73
CA ARG AA 414 -53.61 32.07 -6.93
C ARG AA 414 -54.72 32.94 -7.49
N ASN AA 415 -54.72 33.15 -8.81
CA ASN AA 415 -55.77 33.95 -9.43
C ASN AA 415 -57.13 33.30 -9.28
N PHE AA 416 -57.20 31.98 -9.43
CA PHE AA 416 -58.46 31.26 -9.27
C PHE AA 416 -58.99 31.41 -7.86
N GLN AA 417 -58.11 31.32 -6.86
CA GLN AA 417 -58.54 31.51 -5.48
C GLN AA 417 -59.04 32.94 -5.25
N ALA AA 418 -58.37 33.92 -5.83
CA ALA AA 418 -58.83 35.31 -5.69
C ALA AA 418 -60.22 35.48 -6.31
N ASN AA 419 -60.44 34.92 -7.50
CA ASN AA 419 -61.74 35.04 -8.14
C ASN AA 419 -62.82 34.32 -7.34
N SER AA 420 -62.50 33.15 -6.79
CA SER AA 420 -63.47 32.45 -5.95
C SER AA 420 -63.82 33.28 -4.72
N ARG AA 421 -62.82 33.96 -4.14
CA ARG AA 421 -63.08 34.85 -3.03
C ARG AA 421 -64.04 35.97 -3.43
N SER AA 422 -63.83 36.56 -4.60
CA SER AA 422 -64.71 37.62 -5.07
C SER AA 422 -66.13 37.11 -5.26
N LEU AA 423 -66.29 35.93 -5.86
CA LEU AA 423 -67.61 35.37 -6.06
C LEU AA 423 -68.29 35.08 -4.72
N GLU AA 424 -67.52 34.57 -3.75
CA GLU AA 424 -68.07 34.34 -2.42
C GLU AA 424 -68.53 35.63 -1.78
N VAL AA 425 -67.77 36.72 -1.97
CA VAL AA 425 -68.17 38.01 -1.43
C VAL AA 425 -69.48 38.47 -2.07
N HIS AA 426 -69.61 38.31 -3.39
CA HIS AA 426 -70.85 38.68 -4.05
C HIS AA 426 -72.04 37.90 -3.48
N ASN AA 427 -71.87 36.58 -3.34
CA ASN AA 427 -72.97 35.76 -2.82
C ASN AA 427 -73.30 36.13 -1.38
N GLN AA 428 -72.28 36.42 -0.56
CA GLN AA 428 -72.53 36.83 0.81
C GLN AA 428 -73.31 38.13 0.88
N LEU AA 429 -72.96 39.10 0.01
CA LEU AA 429 -73.72 40.35 -0.02
C LEU AA 429 -75.16 40.10 -0.41
N GLN AA 430 -75.39 39.27 -1.44
CA GLN AA 430 -76.76 39.01 -1.87
C GLN AA 430 -77.57 38.32 -0.77
N GLN AA 431 -76.95 37.34 -0.09
CA GLN AA 431 -77.66 36.66 0.99
C GLN AA 431 -77.89 37.59 2.17
N ASN AA 432 -76.97 38.52 2.42
CA ASN AA 432 -77.19 39.50 3.49
C ASN AA 432 -78.39 40.38 3.17
N ILE AA 433 -78.52 40.81 1.93
CA ILE AA 433 -79.71 41.59 1.55
C ILE AA 433 -80.96 40.73 1.64
N LEU AA 434 -80.85 39.44 1.32
CA LEU AA 434 -81.99 38.54 1.35
C LEU AA 434 -82.65 38.51 2.73
N GLN AA 435 -81.86 38.65 3.79
CA GLN AA 435 -82.37 38.51 5.16
C GLN AA 435 -82.78 39.88 5.72
N ILE AA 436 -83.73 40.51 5.05
CA ILE AA 436 -84.26 41.79 5.51
C ILE AA 436 -85.78 41.75 5.54
N SER BA 2 -83.84 15.44 -5.45
CA SER BA 2 -82.95 14.91 -4.44
C SER BA 2 -82.60 13.46 -4.74
N TYR BA 3 -83.52 12.74 -5.39
CA TYR BA 3 -83.26 11.35 -5.74
C TYR BA 3 -82.15 11.23 -6.77
N VAL BA 4 -82.01 12.23 -7.65
CA VAL BA 4 -80.90 12.21 -8.61
C VAL BA 4 -79.57 12.35 -7.87
N SER BA 5 -79.51 13.26 -6.89
CA SER BA 5 -78.29 13.40 -6.10
C SER BA 5 -78.01 12.15 -5.29
N LEU BA 6 -79.06 11.52 -4.75
CA LEU BA 6 -78.87 10.28 -4.02
C LEU BA 6 -78.36 9.17 -4.94
N SER BA 7 -78.86 9.11 -6.17
CA SER BA 7 -78.35 8.14 -7.13
C SER BA 7 -76.88 8.40 -7.45
N GLY BA 8 -76.51 9.67 -7.60
CA GLY BA 8 -75.10 10.00 -7.78
C GLY BA 8 -74.24 9.58 -6.61
N LEU BA 9 -74.74 9.80 -5.39
CA LEU BA 9 -74.03 9.34 -4.19
C LEU BA 9 -73.86 7.83 -4.19
N SER BA 10 -74.93 7.11 -4.56
CA SER BA 10 -74.87 5.65 -4.59
C SER BA 10 -73.86 5.17 -5.63
N ALA BA 11 -73.85 5.78 -6.81
CA ALA BA 11 -72.89 5.39 -7.83
C ALA BA 11 -71.46 5.67 -7.40
N ALA BA 12 -71.23 6.84 -6.80
CA ALA BA 12 -69.88 7.16 -6.32
C ALA BA 12 -69.44 6.20 -5.24
N GLN BA 13 -70.34 5.85 -4.32
CA GLN BA 13 -69.97 4.92 -3.26
C GLN BA 13 -69.74 3.51 -3.81
N LEU BA 14 -70.49 3.11 -4.83
CA LEU BA 14 -70.24 1.81 -5.45
C LEU BA 14 -68.87 1.78 -6.12
N ASP BA 15 -68.50 2.86 -6.82
CA ASP BA 15 -67.16 2.92 -7.40
C ASP BA 15 -66.10 2.92 -6.32
N LEU BA 16 -66.36 3.60 -5.21
CA LEU BA 16 -65.42 3.62 -4.09
C LEU BA 16 -65.23 2.22 -3.53
N ASN BA 17 -66.33 1.47 -3.37
CA ASN BA 17 -66.24 0.10 -2.87
C ASN BA 17 -65.48 -0.80 -3.84
N THR BA 18 -65.72 -0.63 -5.13
CA THR BA 18 -64.99 -1.42 -6.12
C THR BA 18 -63.49 -1.14 -6.04
N THR BA 19 -63.13 0.14 -5.93
CA THR BA 19 -61.71 0.49 -5.81
C THR BA 19 -61.12 -0.05 -4.52
N SER BA 20 -61.87 0.00 -3.43
CA SER BA 20 -61.39 -0.54 -2.16
C SER BA 20 -61.15 -2.05 -2.27
N ASN BA 21 -62.06 -2.77 -2.91
CA ASN BA 21 -61.87 -4.20 -3.11
C ASN BA 21 -60.65 -4.48 -3.97
N ASN BA 22 -60.45 -3.70 -5.03
CA ASN BA 22 -59.28 -3.88 -5.87
C ASN BA 22 -58.00 -3.67 -5.09
N ILE BA 23 -57.96 -2.63 -4.25
CA ILE BA 23 -56.77 -2.36 -3.45
C ILE BA 23 -56.55 -3.45 -2.41
N ALA BA 24 -57.64 -3.93 -1.81
CA ALA BA 24 -57.52 -4.98 -0.79
C ALA BA 24 -56.98 -6.27 -1.38
N ASN BA 25 -57.41 -6.60 -2.60
CA ASN BA 25 -56.97 -7.83 -3.26
C ASN BA 25 -55.64 -7.67 -3.98
N ALA BA 26 -54.82 -6.69 -3.59
CA ALA BA 26 -53.56 -6.44 -4.29
C ALA BA 26 -52.58 -7.60 -4.18
N ASN BA 27 -52.69 -8.43 -3.14
CA ASN BA 27 -51.75 -9.52 -2.93
C ASN BA 27 -52.36 -10.89 -3.19
N THR BA 28 -53.66 -10.98 -3.42
CA THR BA 28 -54.30 -12.25 -3.71
C THR BA 28 -53.79 -12.81 -5.04
N TYR BA 29 -53.45 -14.10 -5.04
CA TYR BA 29 -52.94 -14.75 -6.24
C TYR BA 29 -54.08 -15.03 -7.21
N GLY BA 30 -53.88 -14.69 -8.47
CA GLY BA 30 -54.84 -15.00 -9.50
C GLY BA 30 -56.07 -14.11 -9.53
N PHE BA 31 -56.13 -13.09 -8.67
CA PHE BA 31 -57.27 -12.20 -8.65
C PHE BA 31 -57.32 -11.36 -9.93
N LYS BA 32 -58.53 -11.02 -10.36
CA LYS BA 32 -58.75 -10.16 -11.51
C LYS BA 32 -59.56 -8.95 -11.06
N GLU BA 33 -59.10 -7.76 -11.45
CA GLU BA 33 -59.71 -6.54 -10.98
C GLU BA 33 -61.15 -6.40 -11.49
N SER BA 34 -61.86 -5.42 -10.94
CA SER BA 34 -63.22 -5.14 -11.33
C SER BA 34 -63.35 -3.65 -11.67
N ARG BA 35 -64.22 -3.36 -12.63
CA ARG BA 35 -64.46 -1.99 -13.07
C ARG BA 35 -65.96 -1.71 -13.01
N ALA BA 36 -66.30 -0.53 -12.51
CA ALA BA 36 -67.69 -0.13 -12.34
C ALA BA 36 -68.11 0.73 -13.53
N GLU BA 37 -69.20 0.34 -14.19
CA GLU BA 37 -69.72 1.06 -15.35
C GLU BA 37 -71.15 1.49 -15.05
N PHE BA 38 -71.46 2.75 -15.34
CA PHE BA 38 -72.76 3.32 -15.03
C PHE BA 38 -73.45 3.77 -16.32
N ALA BA 39 -74.74 4.08 -16.19
CA ALA BA 39 -75.55 4.46 -17.33
C ALA BA 39 -76.55 5.53 -16.91
N ASP BA 40 -77.00 6.30 -17.90
CA ASP BA 40 -77.97 7.34 -17.64
C ASP BA 40 -79.38 6.76 -17.48
N VAL BA 41 -80.23 7.52 -16.82
CA VAL BA 41 -81.63 7.14 -16.56
C VAL BA 41 -82.54 8.17 -17.20
N TYR BA 42 -83.56 7.70 -17.90
CA TYR BA 42 -84.52 8.61 -18.52
C TYR BA 42 -85.87 7.91 -18.60
N SER BA 43 -86.94 8.67 -18.34
CA SER BA 43 -88.28 8.12 -18.35
C SER BA 43 -88.77 7.91 -19.78
N ASN BA 44 -89.78 7.06 -19.91
CA ASN BA 44 -90.38 6.72 -21.19
C ASN BA 44 -91.90 6.75 -21.09
N SER BA 45 -92.44 7.80 -20.47
CA SER BA 45 -93.87 7.95 -20.33
C SER BA 45 -94.52 8.14 -21.70
N LEU BA 46 -95.79 7.77 -21.79
CA LEU BA 46 -96.52 7.89 -23.05
C LEU BA 46 -96.59 9.34 -23.50
N PHE BA 47 -96.89 10.25 -22.57
CA PHE BA 47 -96.91 11.68 -22.86
C PHE BA 47 -95.74 12.33 -22.11
N THR BA 48 -94.59 12.36 -22.78
CA THR BA 48 -93.35 12.91 -22.23
C THR BA 48 -93.04 14.22 -22.95
N ASN BA 49 -92.78 15.28 -22.17
CA ASN BA 49 -92.44 16.56 -22.79
C ASN BA 49 -91.04 16.56 -23.37
N ALA BA 50 -90.15 15.69 -22.86
CA ALA BA 50 -88.80 15.51 -23.40
C ALA BA 50 -87.98 16.79 -23.31
N LYS BA 51 -88.38 17.82 -24.07
CA LYS BA 51 -87.64 19.09 -24.04
C LYS BA 51 -87.73 19.75 -22.67
N THR BA 52 -88.84 19.54 -21.95
CA THR BA 52 -89.05 20.14 -20.65
C THR BA 52 -88.89 19.14 -19.51
N THR BA 53 -88.31 17.96 -19.78
CA THR BA 53 -88.13 16.94 -18.76
C THR BA 53 -86.65 16.72 -18.50
N PRO BA 54 -86.16 16.95 -17.28
CA PRO BA 54 -84.74 16.72 -16.99
C PRO BA 54 -84.40 15.26 -16.89
N GLY BA 55 -83.14 14.95 -16.58
CA GLY BA 55 -82.70 13.57 -16.48
C GLY BA 55 -83.28 12.88 -15.26
N GLY BA 56 -82.94 11.60 -15.13
CA GLY BA 56 -83.45 10.79 -14.05
C GLY BA 56 -82.36 10.23 -13.17
N GLY BA 57 -81.17 10.81 -13.24
CA GLY BA 57 -80.06 10.37 -12.41
C GLY BA 57 -79.10 9.44 -13.14
N ALA BA 58 -78.40 8.60 -12.37
CA ALA BA 58 -77.46 7.64 -12.94
C ALA BA 58 -77.68 6.29 -12.28
N GLN BA 59 -77.72 5.24 -13.10
CA GLN BA 59 -77.97 3.88 -12.64
C GLN BA 59 -76.73 3.02 -12.91
N ALA BA 60 -76.33 2.25 -11.91
CA ALA BA 60 -75.22 1.33 -12.10
C ALA BA 60 -75.59 0.25 -13.11
N SER BA 61 -74.73 0.07 -14.11
CA SER BA 61 -75.00 -0.90 -15.16
C SER BA 61 -74.48 -2.30 -14.79
N GLN BA 62 -73.18 -2.41 -14.55
CA GLN BA 62 -72.58 -3.67 -14.17
C GLN BA 62 -71.20 -3.41 -13.60
N VAL BA 63 -70.72 -4.37 -12.79
CA VAL BA 63 -69.35 -4.35 -12.30
C VAL BA 63 -68.55 -5.32 -13.16
N ALA BA 64 -67.64 -4.78 -13.96
CA ALA BA 64 -66.91 -5.59 -14.92
C ALA BA 64 -65.91 -6.50 -14.19
N GLN BA 65 -65.31 -7.40 -14.96
CA GLN BA 65 -64.37 -8.41 -14.46
C GLN BA 65 -63.16 -8.48 -15.38
N GLN BA 66 -62.57 -7.32 -15.66
CA GLN BA 66 -61.41 -7.22 -16.56
C GLN BA 66 -60.44 -8.36 -16.33
N PHE BA 67 -60.20 -9.14 -17.39
CA PHE BA 67 -59.47 -10.40 -17.30
C PHE BA 67 -58.11 -10.30 -17.98
N HIS BA 68 -57.53 -9.11 -18.02
CA HIS BA 68 -56.21 -8.97 -18.64
C HIS BA 68 -55.15 -9.66 -17.79
N GLU BA 69 -54.14 -10.22 -18.46
CA GLU BA 69 -53.14 -11.01 -17.78
C GLU BA 69 -52.42 -10.21 -16.71
N GLY BA 70 -52.28 -10.80 -15.52
CA GLY BA 70 -51.55 -10.16 -14.44
C GLY BA 70 -50.09 -10.55 -14.43
N SER BA 71 -49.32 -9.82 -13.61
CA SER BA 71 -47.89 -10.04 -13.54
C SER BA 71 -47.59 -11.38 -12.86
N SER BA 72 -46.40 -11.90 -13.13
CA SER BA 72 -45.99 -13.21 -12.65
C SER BA 72 -44.82 -13.07 -11.70
N ILE BA 73 -44.91 -13.77 -10.57
CA ILE BA 73 -43.83 -13.80 -9.59
C ILE BA 73 -43.16 -15.18 -9.67
N TYR BA 74 -41.87 -15.20 -9.35
CA TYR BA 74 -41.07 -16.41 -9.42
C TYR BA 74 -40.75 -16.87 -8.01
N THR BA 75 -41.20 -18.07 -7.66
CA THR BA 75 -40.97 -18.63 -6.34
C THR BA 75 -40.02 -19.82 -6.35
N ASN BA 76 -39.62 -20.29 -7.53
CA ASN BA 76 -38.76 -21.46 -7.69
C ASN BA 76 -39.36 -22.70 -7.03
N ASN BA 77 -40.69 -22.75 -6.93
CA ASN BA 77 -41.39 -23.90 -6.38
C ASN BA 77 -42.15 -24.56 -7.51
N PRO BA 78 -41.67 -25.69 -8.05
CA PRO BA 78 -42.29 -26.24 -9.27
C PRO BA 78 -43.73 -26.67 -9.10
N MET BA 79 -44.21 -26.84 -7.87
CA MET BA 79 -45.62 -27.12 -7.65
C MET BA 79 -46.51 -25.92 -7.90
N ASP BA 80 -45.93 -24.73 -8.10
CA ASP BA 80 -46.68 -23.54 -8.46
C ASP BA 80 -46.80 -23.45 -9.97
N LEU BA 81 -48.01 -23.23 -10.47
CA LEU BA 81 -48.28 -23.22 -11.89
C LEU BA 81 -48.99 -21.94 -12.30
N ARG BA 82 -48.73 -21.51 -13.53
CA ARG BA 82 -49.32 -20.30 -14.09
C ARG BA 82 -49.78 -20.57 -15.51
N VAL BA 83 -50.95 -20.05 -15.86
CA VAL BA 83 -51.50 -20.17 -17.20
C VAL BA 83 -51.20 -18.87 -17.95
N SER BA 84 -50.24 -18.92 -18.86
CA SER BA 84 -49.88 -17.76 -19.66
C SER BA 84 -50.73 -17.74 -20.93
N GLY BA 85 -51.60 -16.74 -21.04
CA GLY BA 85 -52.48 -16.66 -22.18
C GLY BA 85 -53.94 -16.81 -21.80
N THR BA 86 -54.67 -17.65 -22.54
CA THR BA 86 -56.09 -17.88 -22.29
C THR BA 86 -56.29 -19.27 -21.72
N GLY BA 87 -57.04 -19.37 -20.64
CA GLY BA 87 -57.34 -20.64 -20.01
C GLY BA 87 -57.39 -20.52 -18.51
N PHE BA 88 -58.16 -21.40 -17.89
CA PHE BA 88 -58.29 -21.46 -16.44
C PHE BA 88 -58.00 -22.86 -15.94
N PHE BA 89 -57.42 -22.94 -14.74
CA PHE BA 89 -57.30 -24.21 -14.06
C PHE BA 89 -58.67 -24.69 -13.60
N ALA BA 90 -58.87 -26.01 -13.64
CA ALA BA 90 -60.13 -26.62 -13.24
C ALA BA 90 -59.90 -27.44 -11.97
N VAL BA 91 -60.69 -27.15 -10.94
CA VAL BA 91 -60.57 -27.82 -9.66
C VAL BA 91 -61.95 -28.31 -9.23
N ALA BA 92 -62.00 -29.49 -8.64
CA ALA BA 92 -63.25 -30.11 -8.20
C ALA BA 92 -63.33 -30.13 -6.69
N LYS BA 93 -64.54 -29.90 -6.17
CA LYS BA 93 -64.73 -29.86 -4.71
C LYS BA 93 -64.40 -31.20 -4.08
N GLU BA 94 -64.88 -32.29 -4.67
CA GLU BA 94 -64.69 -33.63 -4.13
C GLU BA 94 -64.00 -34.51 -5.16
N ARG BA 95 -63.19 -35.45 -4.67
CA ARG BA 95 -62.42 -36.30 -5.56
C ARG BA 95 -63.33 -37.18 -6.42
N LEU BA 96 -64.41 -37.69 -5.84
CA LEU BA 96 -65.29 -38.63 -6.51
C LEU BA 96 -66.34 -37.95 -7.39
N THR BA 97 -66.35 -36.62 -7.45
CA THR BA 97 -67.29 -35.87 -8.27
C THR BA 97 -66.54 -34.87 -9.14
N PRO BA 98 -65.84 -35.34 -10.18
CA PRO BA 98 -65.19 -34.40 -11.10
C PRO BA 98 -66.18 -33.53 -11.87
N GLN BA 99 -67.45 -33.96 -11.97
CA GLN BA 99 -68.43 -33.16 -12.67
C GLN BA 99 -68.63 -31.81 -12.01
N GLN BA 100 -68.73 -31.78 -10.68
CA GLN BA 100 -68.88 -30.53 -9.94
C GLN BA 100 -67.50 -29.89 -9.80
N ASN BA 101 -67.23 -28.89 -10.63
CA ASN BA 101 -65.92 -28.25 -10.65
C ASN BA 101 -66.08 -26.75 -10.83
N GLU BA 102 -65.01 -26.02 -10.52
CA GLU BA 102 -64.96 -24.58 -10.68
C GLU BA 102 -63.62 -24.19 -11.28
N LEU BA 103 -63.59 -23.00 -11.89
CA LEU BA 103 -62.40 -22.51 -12.56
C LEU BA 103 -61.60 -21.62 -11.63
N THR BA 104 -60.27 -21.70 -11.74
CA THR BA 104 -59.39 -20.89 -10.93
C THR BA 104 -58.15 -20.56 -11.74
N ARG BA 105 -57.41 -19.56 -11.26
CA ARG BA 105 -56.20 -19.08 -11.93
C ARG BA 105 -54.93 -19.20 -11.09
N ASN BA 106 -55.03 -19.21 -9.77
CA ASN BA 106 -53.84 -19.37 -8.93
C ASN BA 106 -53.37 -20.81 -8.95
N GLY BA 107 -52.06 -20.99 -8.74
CA GLY BA 107 -51.49 -22.31 -8.85
C GLY BA 107 -50.75 -22.80 -7.61
N ALA BA 108 -51.21 -22.42 -6.43
CA ALA BA 108 -50.59 -22.86 -5.19
C ALA BA 108 -51.03 -24.29 -4.91
N PHE BA 109 -50.36 -25.24 -5.54
CA PHE BA 109 -50.71 -26.65 -5.45
C PHE BA 109 -49.75 -27.40 -4.54
N HIS BA 110 -50.27 -28.45 -3.92
CA HIS BA 110 -49.47 -29.34 -3.09
C HIS BA 110 -50.17 -30.69 -2.99
N LEU BA 111 -49.38 -31.72 -2.69
CA LEU BA 111 -49.90 -33.07 -2.57
C LEU BA 111 -50.56 -33.23 -1.20
N ASN BA 112 -51.74 -33.83 -1.17
CA ASN BA 112 -52.41 -34.15 0.08
C ASN BA 112 -51.91 -35.50 0.58
N LYS BA 113 -52.52 -36.02 1.65
CA LYS BA 113 -52.07 -37.29 2.21
C LYS BA 113 -52.30 -38.45 1.26
N GLU BA 114 -53.15 -38.27 0.24
CA GLU BA 114 -53.42 -39.30 -0.75
C GLU BA 114 -52.63 -39.09 -2.04
N ASN BA 115 -51.65 -38.20 -2.04
CA ASN BA 115 -50.80 -37.92 -3.21
C ASN BA 115 -51.62 -37.41 -4.39
N TYR BA 116 -52.61 -36.56 -4.10
CA TYR BA 116 -53.36 -35.87 -5.13
C TYR BA 116 -53.04 -34.38 -5.07
N MET BA 117 -52.94 -33.75 -6.23
CA MET BA 117 -52.63 -32.32 -6.30
C MET BA 117 -53.88 -31.52 -5.95
N VAL BA 118 -53.79 -30.69 -4.93
CA VAL BA 118 -54.93 -29.93 -4.42
C VAL BA 118 -54.52 -28.47 -4.28
N THR BA 119 -55.54 -27.62 -4.13
CA THR BA 119 -55.33 -26.20 -3.90
C THR BA 119 -55.15 -25.94 -2.41
N ALA BA 120 -55.20 -24.67 -2.02
CA ALA BA 120 -55.10 -24.32 -0.60
C ALA BA 120 -56.27 -24.88 0.19
N ASN BA 121 -57.47 -24.84 -0.39
CA ASN BA 121 -58.67 -25.36 0.25
C ASN BA 121 -58.86 -26.86 0.07
N ASP BA 122 -57.79 -27.58 -0.27
CA ASP BA 122 -57.84 -29.03 -0.48
C ASP BA 122 -58.88 -29.40 -1.54
N GLU BA 123 -58.91 -28.62 -2.61
CA GLU BA 123 -59.77 -28.91 -3.76
C GLU BA 123 -58.93 -29.55 -4.85
N PHE BA 124 -59.34 -30.74 -5.29
CA PHE BA 124 -58.53 -31.54 -6.18
C PHE BA 124 -58.42 -30.90 -7.56
N LEU BA 125 -57.23 -30.96 -8.13
CA LEU BA 125 -56.98 -30.40 -9.46
C LEU BA 125 -57.36 -31.41 -10.52
N LEU BA 126 -58.16 -30.97 -11.50
CA LEU BA 126 -58.65 -31.84 -12.55
C LEU BA 126 -57.59 -32.03 -13.63
N GLY BA 127 -57.49 -33.26 -14.15
CA GLY BA 127 -56.53 -33.56 -15.18
C GLY BA 127 -57.05 -34.63 -16.12
N TYR BA 128 -56.27 -34.87 -17.17
CA TYR BA 128 -56.61 -35.87 -18.17
C TYR BA 128 -55.84 -37.16 -17.89
N GLN BA 129 -56.03 -38.14 -18.77
CA GLN BA 129 -55.29 -39.40 -18.73
C GLN BA 129 -54.71 -39.66 -20.11
N VAL BA 130 -53.38 -39.65 -20.21
CA VAL BA 130 -52.70 -39.80 -21.48
C VAL BA 130 -52.42 -41.27 -21.74
N ASP BA 131 -52.16 -41.60 -23.01
CA ASP BA 131 -51.80 -42.96 -23.38
C ASP BA 131 -50.37 -43.26 -22.95
N PRO BA 132 -50.06 -44.53 -22.65
CA PRO BA 132 -48.70 -44.87 -22.20
C PRO BA 132 -47.63 -44.50 -23.21
N SER BA 133 -47.85 -44.82 -24.48
CA SER BA 133 -46.90 -44.51 -25.54
C SER BA 133 -47.32 -43.31 -26.39
N SER BA 134 -48.57 -43.29 -26.85
CA SER BA 134 -49.06 -42.17 -27.64
C SER BA 134 -49.17 -40.92 -26.77
N GLY BA 135 -48.65 -39.81 -27.29
CA GLY BA 135 -48.72 -38.56 -26.56
C GLY BA 135 -50.13 -38.03 -26.41
N GLU BA 136 -50.98 -38.24 -27.42
CA GLU BA 136 -52.33 -37.71 -27.39
C GLU BA 136 -53.13 -38.32 -26.23
N VAL BA 137 -53.94 -37.48 -25.60
CA VAL BA 137 -54.82 -37.93 -24.53
C VAL BA 137 -56.00 -38.68 -25.13
N SER BA 138 -56.30 -39.86 -24.60
CA SER BA 138 -57.36 -40.68 -25.15
C SER BA 138 -58.74 -40.15 -24.77
N SER BA 139 -59.04 -40.14 -23.48
CA SER BA 139 -60.33 -39.69 -23.00
C SER BA 139 -60.22 -38.27 -22.45
N TYR BA 140 -61.17 -37.42 -22.84
CA TYR BA 140 -61.16 -36.01 -22.47
C TYR BA 140 -61.92 -35.73 -21.19
N GLU BA 141 -62.41 -36.77 -20.50
CA GLU BA 141 -63.09 -36.54 -19.25
C GLU BA 141 -62.11 -36.07 -18.17
N PRO BA 142 -62.50 -35.12 -17.34
CA PRO BA 142 -61.61 -34.65 -16.28
C PRO BA 142 -61.61 -35.59 -15.08
N GLN BA 143 -60.42 -35.83 -14.54
CA GLN BA 143 -60.25 -36.67 -13.37
C GLN BA 143 -59.17 -36.09 -12.48
N PRO BA 144 -59.23 -36.36 -11.18
CA PRO BA 144 -58.17 -35.87 -10.28
C PRO BA 144 -56.82 -36.46 -10.66
N ILE BA 145 -55.78 -35.66 -10.44
CA ILE BA 145 -54.41 -36.07 -10.77
C ILE BA 145 -53.77 -36.71 -9.56
N ASN BA 146 -53.24 -37.92 -9.74
CA ASN BA 146 -52.56 -38.66 -8.68
C ASN BA 146 -51.10 -38.83 -9.06
N ILE BA 147 -50.23 -38.76 -8.06
CA ILE BA 147 -48.79 -38.93 -8.27
C ILE BA 147 -48.30 -40.07 -7.37
N PRO BA 148 -48.44 -41.32 -7.82
CA PRO BA 148 -48.00 -42.44 -6.98
C PRO BA 148 -46.51 -42.38 -6.71
N ALA BA 149 -46.13 -42.82 -5.50
CA ALA BA 149 -44.74 -42.84 -5.10
C ALA BA 149 -44.07 -44.17 -5.41
N GLU BA 150 -44.80 -45.15 -5.92
CA GLU BA 150 -44.25 -46.46 -6.23
C GLU BA 150 -44.71 -46.88 -7.61
N PHE BA 151 -43.77 -47.45 -8.38
CA PHE BA 151 -44.10 -48.07 -9.67
C PHE BA 151 -44.45 -49.54 -9.43
N GLY BA 152 -45.55 -49.73 -8.69
CA GLY BA 152 -45.94 -51.06 -8.24
C GLY BA 152 -46.55 -51.94 -9.31
N LYS BA 153 -45.79 -52.21 -10.37
CA LYS BA 153 -46.22 -53.11 -11.41
C LYS BA 153 -45.03 -53.60 -12.22
N PRO BA 154 -44.37 -54.69 -11.80
CA PRO BA 154 -43.27 -55.24 -12.60
C PRO BA 154 -43.75 -55.61 -13.99
N LYS BA 155 -43.20 -54.96 -15.01
CA LYS BA 155 -43.62 -55.16 -16.39
C LYS BA 155 -42.68 -56.16 -17.05
N GLN BA 156 -43.24 -57.26 -17.55
CA GLN BA 156 -42.44 -58.28 -18.21
C GLN BA 156 -41.92 -57.76 -19.54
N THR BA 157 -40.77 -58.28 -19.95
CA THR BA 157 -40.17 -57.91 -21.23
C THR BA 157 -40.96 -58.57 -22.35
N ALA BA 158 -41.42 -57.78 -23.32
CA ALA BA 158 -42.23 -58.29 -24.41
C ALA BA 158 -41.61 -57.98 -25.77
N ASN BA 159 -40.98 -56.81 -25.88
CA ASN BA 159 -40.37 -56.37 -27.13
C ASN BA 159 -38.93 -55.99 -26.89
N ILE BA 160 -38.02 -56.50 -27.72
CA ILE BA 160 -36.60 -56.19 -27.64
C ILE BA 160 -36.16 -55.69 -29.00
N GLU BA 161 -35.62 -54.48 -29.04
CA GLU BA 161 -35.09 -53.89 -30.27
C GLU BA 161 -33.57 -53.96 -30.22
N VAL BA 162 -32.97 -54.58 -31.23
CA VAL BA 162 -31.53 -54.78 -31.29
C VAL BA 162 -31.03 -54.23 -32.62
N GLY BA 163 -30.05 -53.32 -32.55
CA GLY BA 163 -29.40 -52.83 -33.75
C GLY BA 163 -27.90 -53.07 -33.70
N VAL BA 164 -27.40 -53.95 -34.56
CA VAL BA 164 -25.99 -54.33 -34.57
C VAL BA 164 -25.43 -54.19 -35.96
N ASN BA 165 -24.10 -54.06 -36.04
CA ASN BA 165 -23.37 -54.06 -37.28
C ASN BA 165 -22.49 -55.30 -37.34
N LEU BA 166 -22.64 -56.08 -38.41
CA LEU BA 166 -21.88 -57.32 -38.42
C LEU BA 166 -20.67 -57.20 -39.33
N PRO BA 167 -19.53 -57.78 -38.93
CA PRO BA 167 -18.34 -57.71 -39.79
C PRO BA 167 -18.52 -58.55 -41.05
N ALA BA 168 -18.42 -57.88 -42.19
CA ALA BA 168 -18.54 -58.58 -43.47
C ALA BA 168 -17.32 -59.44 -43.76
N ASN BA 169 -16.17 -59.11 -43.18
CA ASN BA 169 -14.93 -59.85 -43.40
C ASN BA 169 -14.73 -60.97 -42.39
N GLY BA 170 -15.71 -61.24 -41.54
CA GLY BA 170 -15.57 -62.31 -40.57
C GLY BA 170 -15.49 -63.67 -41.23
N ASP BA 171 -14.84 -64.61 -40.54
CA ASP BA 171 -14.66 -65.95 -41.07
C ASP BA 171 -15.98 -66.71 -41.09
N LEU BA 172 -16.17 -67.53 -42.11
CA LEU BA 172 -17.39 -68.32 -42.23
C LEU BA 172 -17.38 -69.47 -41.23
N LYS BA 173 -18.58 -69.94 -40.89
CA LYS BA 173 -18.76 -71.04 -39.96
C LYS BA 173 -19.78 -72.02 -40.54
N ASP BA 174 -19.77 -73.24 -39.99
CA ASP BA 174 -20.68 -74.29 -40.47
C ASP BA 174 -22.00 -74.20 -39.69
N PRO BA 175 -23.13 -73.96 -40.37
CA PRO BA 175 -24.40 -73.87 -39.64
C PRO BA 175 -24.77 -75.13 -38.88
N THR BA 176 -24.46 -76.31 -39.42
CA THR BA 176 -24.85 -77.55 -38.78
C THR BA 176 -24.00 -77.89 -37.56
N GLN BA 177 -22.86 -77.23 -37.39
CA GLN BA 177 -21.97 -77.48 -36.26
C GLN BA 177 -22.15 -76.49 -35.13
N PHE BA 178 -23.22 -75.69 -35.17
CA PHE BA 178 -23.43 -74.66 -34.16
C PHE BA 178 -23.66 -75.29 -32.79
N ASP BA 179 -23.02 -74.72 -31.77
CA ASP BA 179 -23.19 -75.19 -30.40
C ASP BA 179 -22.79 -74.05 -29.47
N PHE BA 180 -23.72 -73.59 -28.63
CA PHE BA 180 -23.43 -72.46 -27.75
C PHE BA 180 -22.39 -72.80 -26.70
N SER BA 181 -22.16 -74.09 -26.42
CA SER BA 181 -21.16 -74.47 -25.44
C SER BA 181 -19.73 -74.34 -25.97
N ASP BA 182 -19.55 -74.34 -27.29
CA ASP BA 182 -18.22 -74.23 -27.88
C ASP BA 182 -18.08 -72.86 -28.55
N PRO BA 183 -17.21 -71.99 -28.04
CA PRO BA 183 -17.09 -70.65 -28.64
C PRO BA 183 -16.69 -70.65 -30.10
N ASP BA 184 -15.90 -71.63 -30.53
CA ASP BA 184 -15.36 -71.64 -31.89
C ASP BA 184 -16.41 -71.95 -32.94
N THR BA 185 -17.57 -72.47 -32.57
CA THR BA 185 -18.58 -72.81 -33.56
C THR BA 185 -19.22 -71.57 -34.18
N TYR BA 186 -19.40 -70.51 -33.40
CA TYR BA 186 -20.07 -69.30 -33.85
C TYR BA 186 -19.07 -68.16 -33.99
N ASN BA 187 -19.59 -66.97 -34.31
CA ASN BA 187 -18.76 -65.78 -34.52
C ASN BA 187 -18.73 -64.88 -33.29
N ARG BA 188 -19.90 -64.46 -32.81
CA ARG BA 188 -19.98 -63.51 -31.70
C ARG BA 188 -21.08 -63.92 -30.75
N SER BA 189 -20.97 -63.43 -29.52
CA SER BA 189 -21.98 -63.67 -28.48
C SER BA 189 -22.14 -62.40 -27.66
N THR BA 190 -23.39 -62.02 -27.40
CA THR BA 190 -23.70 -60.84 -26.61
C THR BA 190 -24.63 -61.22 -25.47
N SER BA 191 -24.51 -60.49 -24.36
CA SER BA 191 -25.27 -60.77 -23.15
C SER BA 191 -26.10 -59.55 -22.77
N SER BA 192 -27.29 -59.81 -22.24
CA SER BA 192 -28.22 -58.76 -21.84
C SER BA 192 -29.16 -59.30 -20.77
N THR BA 193 -29.96 -58.41 -20.21
CA THR BA 193 -30.86 -58.74 -19.12
C THR BA 193 -32.31 -58.56 -19.55
N ILE BA 194 -33.15 -59.52 -19.17
CA ILE BA 194 -34.59 -59.47 -19.42
C ILE BA 194 -35.31 -59.70 -18.09
N TYR BA 195 -36.57 -59.30 -18.06
CA TYR BA 195 -37.38 -59.35 -16.84
C TYR BA 195 -38.68 -60.10 -17.11
N ASP BA 196 -39.07 -60.93 -16.15
CA ASP BA 196 -40.31 -61.67 -16.23
C ASP BA 196 -41.45 -60.87 -15.60
N SER BA 197 -42.59 -61.52 -15.39
CA SER BA 197 -43.73 -60.83 -14.79
C SER BA 197 -43.45 -60.42 -13.35
N MET BA 198 -42.73 -61.25 -12.60
CA MET BA 198 -42.44 -60.97 -11.21
C MET BA 198 -41.23 -60.07 -11.02
N GLY BA 199 -40.59 -59.65 -12.10
CA GLY BA 199 -39.44 -58.78 -12.01
C GLY BA 199 -38.11 -59.47 -11.81
N GLN BA 200 -38.08 -60.81 -11.85
CA GLN BA 200 -36.83 -61.53 -11.73
C GLN BA 200 -35.93 -61.22 -12.93
N SER BA 201 -34.63 -61.07 -12.66
CA SER BA 201 -33.66 -60.79 -13.70
C SER BA 201 -33.17 -62.09 -14.31
N TYR BA 202 -33.18 -62.15 -15.64
CA TYR BA 202 -32.66 -63.29 -16.37
C TYR BA 202 -31.64 -62.80 -17.39
N LYS BA 203 -30.67 -63.66 -17.68
CA LYS BA 203 -29.59 -63.33 -18.61
C LYS BA 203 -29.93 -63.91 -19.98
N LEU BA 204 -30.01 -63.04 -20.98
CA LEU BA 204 -30.31 -63.43 -22.35
C LEU BA 204 -29.03 -63.30 -23.17
N THR BA 205 -28.59 -64.42 -23.76
CA THR BA 205 -27.40 -64.46 -24.59
C THR BA 205 -27.80 -64.76 -26.03
N THR BA 206 -27.35 -63.91 -26.94
CA THR BA 206 -27.64 -64.07 -28.37
C THR BA 206 -26.35 -64.41 -29.11
N TYR BA 207 -26.40 -65.48 -29.91
CA TYR BA 207 -25.24 -65.95 -30.65
C TYR BA 207 -25.42 -65.67 -32.13
N TYR BA 208 -24.43 -65.05 -32.75
CA TYR BA 208 -24.45 -64.71 -34.16
C TYR BA 208 -23.45 -65.58 -34.90
N LEU BA 209 -23.92 -66.26 -35.95
CA LEU BA 209 -23.10 -67.15 -36.75
C LEU BA 209 -23.18 -66.74 -38.21
N LYS BA 210 -22.02 -66.71 -38.87
CA LYS BA 210 -21.92 -66.32 -40.27
C LYS BA 210 -22.06 -67.55 -41.14
N ASP BA 211 -23.08 -67.58 -41.99
CA ASP BA 211 -23.32 -68.73 -42.84
C ASP BA 211 -22.21 -68.87 -43.88
N GLN BA 212 -21.77 -70.11 -44.11
CA GLN BA 212 -20.74 -70.40 -45.08
C GLN BA 212 -21.32 -70.72 -46.45
N THR BA 213 -22.42 -71.47 -46.50
CA THR BA 213 -22.99 -71.89 -47.78
C THR BA 213 -23.51 -70.70 -48.58
N GLN BA 214 -24.18 -69.76 -47.91
CA GLN BA 214 -24.80 -68.64 -48.59
C GLN BA 214 -24.09 -67.35 -48.22
N PRO BA 215 -23.54 -66.61 -49.18
CA PRO BA 215 -22.89 -65.34 -48.85
C PRO BA 215 -23.89 -64.31 -48.35
N ASN BA 216 -23.40 -63.42 -47.48
CA ASN BA 216 -24.22 -62.37 -46.87
C ASN BA 216 -25.43 -62.95 -46.15
N THR BA 217 -25.22 -64.05 -45.44
CA THR BA 217 -26.26 -64.70 -44.65
C THR BA 217 -25.73 -64.99 -43.26
N TRP BA 218 -26.55 -64.70 -42.25
CA TRP BA 218 -26.17 -64.90 -40.85
C TRP BA 218 -27.25 -65.68 -40.13
N ASN BA 219 -26.84 -66.43 -39.11
CA ASN BA 219 -27.75 -67.18 -38.26
C ASN BA 219 -27.67 -66.65 -36.84
N THR BA 220 -28.83 -66.52 -36.20
CA THR BA 220 -28.94 -65.95 -34.87
C THR BA 220 -29.68 -66.92 -33.96
N TYR BA 221 -29.09 -67.17 -32.78
CA TYR BA 221 -29.68 -68.06 -31.80
C TYR BA 221 -29.69 -67.36 -30.45
N TYR BA 222 -30.62 -67.79 -29.59
CA TYR BA 222 -30.82 -67.17 -28.28
C TYR BA 222 -30.79 -68.24 -27.20
N THR BA 223 -30.24 -67.88 -26.03
CA THR BA 223 -30.21 -68.76 -24.88
C THR BA 223 -30.59 -67.96 -23.64
N VAL BA 224 -31.17 -68.65 -22.66
CA VAL BA 224 -31.59 -68.05 -21.40
C VAL BA 224 -30.82 -68.71 -20.28
N THR BA 225 -30.21 -67.90 -19.41
CA THR BA 225 -29.38 -68.39 -18.31
C THR BA 225 -30.08 -68.10 -16.99
N ASP BA 226 -30.74 -69.13 -16.44
CA ASP BA 226 -31.31 -69.08 -15.11
C ASP BA 226 -30.33 -69.71 -14.12
N LYS BA 227 -30.79 -69.86 -12.87
CA LYS BA 227 -29.94 -70.45 -11.85
C LYS BA 227 -29.64 -71.91 -12.13
N GLU BA 228 -30.58 -72.62 -12.76
CA GLU BA 228 -30.35 -74.03 -13.09
C GLU BA 228 -29.24 -74.19 -14.12
N GLY BA 229 -29.19 -73.30 -15.10
CA GLY BA 229 -28.17 -73.37 -16.14
C GLY BA 229 -28.56 -72.51 -17.32
N GLU BA 230 -27.92 -72.77 -18.44
CA GLU BA 230 -28.17 -72.05 -19.70
C GLU BA 230 -29.05 -72.94 -20.58
N LYS BA 231 -30.25 -72.46 -20.89
CA LYS BA 231 -31.17 -73.20 -21.72
C LYS BA 231 -31.39 -72.49 -23.04
N PRO BA 232 -31.23 -73.16 -24.17
CA PRO BA 232 -31.46 -72.50 -25.46
C PRO BA 232 -32.93 -72.18 -25.66
N LEU BA 233 -33.17 -71.11 -26.42
CA LEU BA 233 -34.51 -70.65 -26.74
C LEU BA 233 -34.75 -70.81 -28.24
N ASN BA 234 -35.89 -71.40 -28.58
CA ASN BA 234 -36.23 -71.68 -29.97
C ASN BA 234 -37.21 -70.64 -30.50
N VAL BA 235 -37.08 -70.31 -31.78
CA VAL BA 235 -37.98 -69.39 -32.45
C VAL BA 235 -39.19 -70.16 -32.94
N ALA BA 236 -40.34 -69.50 -33.00
CA ALA BA 236 -41.58 -70.17 -33.37
C ALA BA 236 -41.51 -70.73 -34.79
N ALA BA 237 -41.01 -69.92 -35.73
CA ALA BA 237 -40.94 -70.31 -37.13
C ALA BA 237 -39.58 -69.96 -37.74
N GLY BA 238 -38.53 -69.98 -36.94
CA GLY BA 238 -37.21 -69.64 -37.45
C GLY BA 238 -36.73 -70.66 -38.46
N ASP BA 239 -36.12 -70.17 -39.54
CA ASP BA 239 -35.63 -71.03 -40.62
C ASP BA 239 -34.17 -71.41 -40.41
N ALA BA 240 -33.84 -71.90 -39.22
CA ALA BA 240 -32.48 -72.35 -38.92
C ALA BA 240 -32.57 -73.43 -37.84
N GLN BA 241 -32.51 -74.69 -38.27
CA GLN BA 241 -32.65 -75.83 -37.38
C GLN BA 241 -31.31 -76.57 -37.30
N THR BA 242 -30.69 -76.54 -36.13
CA THR BA 242 -29.49 -77.32 -35.91
C THR BA 242 -29.85 -78.79 -35.71
N PRO BA 243 -28.91 -79.70 -35.94
CA PRO BA 243 -29.20 -81.13 -35.70
C PRO BA 243 -29.62 -81.43 -34.27
N THR BA 244 -29.11 -80.68 -33.29
CA THR BA 244 -29.53 -80.88 -31.90
C THR BA 244 -31.01 -80.59 -31.73
N GLY BA 245 -31.51 -79.53 -32.37
CA GLY BA 245 -32.91 -79.17 -32.26
C GLY BA 245 -33.12 -77.69 -32.02
N HIS BA 246 -32.03 -76.96 -31.77
CA HIS BA 246 -32.12 -75.52 -31.54
C HIS BA 246 -32.58 -74.80 -32.79
N VAL BA 247 -33.49 -73.85 -32.62
CA VAL BA 247 -34.11 -73.14 -33.73
C VAL BA 247 -33.72 -71.68 -33.65
N GLY BA 248 -32.98 -71.21 -34.65
CA GLY BA 248 -32.66 -69.81 -34.80
C GLY BA 248 -33.33 -69.20 -36.02
N HIS BA 249 -32.89 -67.99 -36.37
CA HIS BA 249 -33.43 -67.30 -37.54
C HIS BA 249 -32.27 -66.78 -38.38
N THR BA 250 -32.55 -66.60 -39.67
CA THR BA 250 -31.54 -66.21 -40.64
C THR BA 250 -31.67 -64.73 -40.98
N MET BA 251 -30.52 -64.07 -41.15
CA MET BA 251 -30.47 -62.66 -41.49
C MET BA 251 -29.73 -62.49 -42.82
N LYS BA 252 -30.33 -61.75 -43.75
CA LYS BA 252 -29.78 -61.54 -45.08
C LYS BA 252 -29.65 -60.05 -45.35
N PHE BA 253 -28.61 -59.68 -46.10
CA PHE BA 253 -28.31 -58.29 -46.40
C PHE BA 253 -28.16 -58.08 -47.90
N ASN BA 254 -28.35 -56.84 -48.33
CA ASN BA 254 -28.27 -56.49 -49.74
C ASN BA 254 -26.80 -56.30 -50.13
N ASN BA 255 -26.58 -55.81 -51.35
CA ASN BA 255 -25.22 -55.59 -51.83
C ASN BA 255 -24.57 -54.42 -51.09
N ASP BA 256 -25.33 -53.38 -50.78
CA ASP BA 256 -24.78 -52.21 -50.11
C ASP BA 256 -24.61 -52.41 -48.60
N GLY BA 257 -24.94 -53.59 -48.08
CA GLY BA 257 -24.81 -53.87 -46.67
C GLY BA 257 -26.04 -53.56 -45.84
N THR BA 258 -27.08 -52.98 -46.43
CA THR BA 258 -28.31 -52.72 -45.70
C THR BA 258 -29.07 -54.02 -45.47
N LEU BA 259 -30.08 -53.96 -44.61
CA LEU BA 259 -30.85 -55.14 -44.26
C LEU BA 259 -31.78 -55.52 -45.40
N ALA BA 260 -31.77 -56.81 -45.76
CA ALA BA 260 -32.60 -57.33 -46.84
C ALA BA 260 -33.84 -58.05 -46.32
N SER BA 261 -33.65 -59.09 -45.51
CA SER BA 261 -34.77 -59.87 -45.01
C SER BA 261 -34.40 -60.49 -43.67
N LEU BA 262 -35.41 -60.78 -42.86
CA LEU BA 262 -35.23 -61.37 -41.55
C LEU BA 262 -36.17 -62.56 -41.41
N ASN BA 263 -35.61 -63.75 -41.21
CA ASN BA 263 -36.39 -64.97 -40.99
C ASN BA 263 -37.43 -65.16 -42.10
N ASN BA 264 -36.99 -65.00 -43.35
CA ASN BA 264 -37.85 -65.12 -44.53
C ASN BA 264 -39.01 -64.14 -44.48
N GLY BA 265 -38.78 -62.95 -43.92
CA GLY BA 265 -39.80 -61.93 -43.86
C GLY BA 265 -40.86 -62.14 -42.79
N GLN BA 266 -40.68 -63.11 -41.91
CA GLN BA 266 -41.65 -63.35 -40.85
C GLN BA 266 -41.20 -62.70 -39.55
N PRO BA 267 -42.14 -62.25 -38.72
CA PRO BA 267 -41.76 -61.67 -37.42
C PRO BA 267 -41.08 -62.71 -36.55
N ILE BA 268 -40.12 -62.24 -35.74
CA ILE BA 268 -39.34 -63.12 -34.88
C ILE BA 268 -40.05 -63.18 -33.53
N THR BA 269 -40.73 -64.29 -33.27
CA THR BA 269 -41.41 -64.53 -32.01
C THR BA 269 -40.86 -65.83 -31.40
N SER BA 270 -40.40 -65.75 -30.16
CA SER BA 270 -39.85 -66.93 -29.51
C SER BA 270 -40.95 -67.78 -28.90
N VAL BA 271 -40.59 -69.02 -28.57
CA VAL BA 271 -41.52 -69.93 -27.90
C VAL BA 271 -41.66 -69.49 -26.45
N ALA BA 272 -42.65 -70.05 -25.75
CA ALA BA 272 -42.86 -69.70 -24.35
C ALA BA 272 -41.67 -70.11 -23.51
N LEU BA 273 -41.27 -69.21 -22.60
CA LEU BA 273 -40.06 -69.45 -21.80
C LEU BA 273 -40.24 -70.64 -20.86
N GLY BA 274 -41.37 -70.72 -20.17
CA GLY BA 274 -41.54 -71.72 -19.14
C GLY BA 274 -42.64 -72.72 -19.39
N ASP BA 275 -43.10 -72.86 -20.64
CA ASP BA 275 -44.16 -73.81 -20.95
C ASP BA 275 -43.54 -75.05 -21.58
N PRO BA 276 -43.54 -76.20 -20.91
CA PRO BA 276 -42.99 -77.42 -21.52
C PRO BA 276 -43.77 -77.89 -22.73
N ALA BA 277 -45.03 -77.48 -22.89
CA ALA BA 277 -45.84 -77.90 -24.03
C ALA BA 277 -45.31 -77.38 -25.35
N THR BA 278 -44.54 -76.29 -25.34
CA THR BA 278 -43.98 -75.73 -26.56
C THR BA 278 -42.47 -75.54 -26.50
N ASN BA 279 -41.84 -75.72 -25.34
CA ASN BA 279 -40.40 -75.53 -25.20
C ASN BA 279 -39.78 -76.82 -24.71
N THR BA 280 -38.76 -77.29 -25.42
CA THR BA 280 -38.06 -78.51 -25.02
C THR BA 280 -37.16 -78.28 -23.81
N THR BA 281 -36.77 -77.03 -23.55
CA THR BA 281 -35.98 -76.66 -22.37
C THR BA 281 -36.70 -75.52 -21.67
N PRO BA 282 -37.74 -75.84 -20.89
CA PRO BA 282 -38.51 -74.78 -20.23
C PRO BA 282 -37.65 -74.03 -19.21
N VAL BA 283 -37.71 -72.70 -19.28
CA VAL BA 283 -36.95 -71.88 -18.33
C VAL BA 283 -37.67 -71.87 -16.99
N ASP BA 284 -36.90 -72.05 -15.91
CA ASP BA 284 -37.46 -72.10 -14.57
C ASP BA 284 -37.94 -70.71 -14.15
N MET BA 285 -39.23 -70.43 -14.38
CA MET BA 285 -39.78 -69.12 -14.07
C MET BA 285 -39.85 -68.83 -12.58
N ASN BA 286 -39.74 -69.86 -11.74
CA ASN BA 286 -39.80 -69.72 -10.29
C ASN BA 286 -41.08 -69.03 -9.84
N GLY BA 287 -42.19 -69.41 -10.48
CA GLY BA 287 -43.49 -68.86 -10.16
C GLY BA 287 -43.97 -67.77 -11.10
N ALA BA 288 -43.13 -67.32 -12.02
CA ALA BA 288 -43.55 -66.28 -12.96
C ALA BA 288 -44.45 -66.87 -14.04
N ASP BA 289 -44.87 -66.02 -14.97
CA ASP BA 289 -45.72 -66.47 -16.06
C ASP BA 289 -44.92 -67.32 -17.02
N PRO BA 290 -45.30 -68.59 -17.23
CA PRO BA 290 -44.53 -69.46 -18.14
C PRO BA 290 -44.80 -69.21 -19.60
N ALA BA 291 -45.82 -68.43 -19.95
CA ALA BA 291 -46.20 -68.19 -21.33
C ALA BA 291 -45.63 -66.90 -21.89
N GLN BA 292 -44.59 -66.35 -21.27
CA GLN BA 292 -44.00 -65.11 -21.78
C GLN BA 292 -43.37 -65.32 -23.14
N THR BA 293 -43.61 -64.38 -24.04
CA THR BA 293 -43.07 -64.44 -25.40
C THR BA 293 -42.29 -63.16 -25.67
N LEU BA 294 -41.22 -63.29 -26.45
CA LEU BA 294 -40.34 -62.19 -26.79
C LEU BA 294 -40.42 -61.90 -28.28
N ASN BA 295 -40.52 -60.63 -28.64
CA ASN BA 295 -40.51 -60.18 -30.02
C ASN BA 295 -39.22 -59.41 -30.27
N PHE BA 296 -38.44 -59.85 -31.24
CA PHE BA 296 -37.15 -59.25 -31.56
C PHE BA 296 -37.30 -58.38 -32.79
N GLY BA 297 -36.92 -57.11 -32.67
CA GLY BA 297 -36.92 -56.21 -33.81
C GLY BA 297 -35.52 -55.81 -34.22
N LEU BA 298 -35.06 -56.32 -35.36
CA LEU BA 298 -33.71 -56.07 -35.85
C LEU BA 298 -33.75 -55.37 -37.20
N GLY BA 299 -34.63 -54.38 -37.34
CA GLY BA 299 -34.80 -53.70 -38.60
C GLY BA 299 -33.69 -52.75 -38.99
N SER BA 300 -32.78 -52.46 -38.06
CA SER BA 300 -31.67 -51.55 -38.31
C SER BA 300 -30.32 -52.27 -38.37
N ALA BA 301 -30.31 -53.60 -38.38
CA ALA BA 301 -29.06 -54.35 -38.45
C ALA BA 301 -28.40 -54.15 -39.81
N THR BA 302 -27.08 -54.01 -39.80
CA THR BA 302 -26.31 -53.80 -41.02
C THR BA 302 -25.09 -54.70 -41.01
N GLN BA 303 -24.53 -54.92 -42.18
CA GLN BA 303 -23.28 -55.67 -42.34
C GLN BA 303 -22.34 -54.85 -43.21
N PHE BA 304 -21.33 -54.26 -42.57
CA PHE BA 304 -20.33 -53.45 -43.24
C PHE BA 304 -18.95 -54.04 -42.97
N ALA BA 305 -17.91 -53.32 -43.41
CA ALA BA 305 -16.55 -53.72 -43.12
C ALA BA 305 -16.16 -53.45 -41.67
N ALA BA 306 -16.95 -52.68 -40.94
CA ALA BA 306 -16.62 -52.35 -39.57
C ALA BA 306 -16.70 -53.60 -38.69
N PRO BA 307 -15.92 -53.64 -37.60
CA PRO BA 307 -15.97 -54.80 -36.70
C PRO BA 307 -17.31 -54.97 -36.01
N PHE BA 308 -17.46 -56.05 -35.25
CA PHE BA 308 -18.72 -56.32 -34.57
C PHE BA 308 -19.01 -55.23 -33.55
N GLU BA 309 -20.26 -54.78 -33.49
CA GLU BA 309 -20.63 -53.65 -32.66
C GLU BA 309 -22.10 -53.75 -32.27
N LEU BA 310 -22.39 -53.49 -31.01
CA LEU BA 310 -23.77 -53.44 -30.49
C LEU BA 310 -24.16 -51.97 -30.40
N THR BA 311 -24.74 -51.45 -31.49
CA THR BA 311 -25.03 -50.02 -31.56
C THR BA 311 -26.16 -49.63 -30.62
N LYS BA 312 -27.25 -50.40 -30.62
CA LYS BA 312 -28.45 -50.03 -29.87
C LYS BA 312 -29.07 -51.28 -29.26
N PHE BA 313 -29.56 -51.14 -28.03
CA PHE BA 313 -30.30 -52.21 -27.36
C PHE BA 313 -31.40 -51.59 -26.53
N ASP BA 314 -32.65 -51.88 -26.90
CA ASP BA 314 -33.81 -51.31 -26.21
C ASP BA 314 -34.82 -52.42 -25.92
N GLU BA 315 -35.40 -52.36 -24.72
CA GLU BA 315 -36.43 -53.30 -24.30
C GLU BA 315 -37.58 -52.53 -23.67
N ASP BA 316 -38.62 -53.26 -23.28
CA ASP BA 316 -39.79 -52.66 -22.64
C ASP BA 316 -40.00 -53.20 -21.23
N GLY BA 317 -39.02 -53.93 -20.68
CA GLY BA 317 -39.14 -54.46 -19.34
C GLY BA 317 -38.98 -53.39 -18.28
N ALA BA 318 -39.42 -53.73 -17.07
CA ALA BA 318 -39.36 -52.80 -15.96
C ALA BA 318 -39.36 -53.57 -14.65
N THR BA 319 -38.96 -52.89 -13.59
CA THR BA 319 -38.90 -53.47 -12.25
C THR BA 319 -39.53 -52.48 -11.27
N THR BA 320 -39.79 -52.97 -10.05
CA THR BA 320 -40.37 -52.11 -9.03
C THR BA 320 -39.42 -50.96 -8.70
N GLY BA 321 -39.99 -49.78 -8.47
CA GLY BA 321 -39.18 -48.60 -8.23
C GLY BA 321 -39.94 -47.57 -7.44
N PHE BA 322 -39.23 -46.51 -7.08
CA PHE BA 322 -39.74 -45.44 -6.24
C PHE BA 322 -39.66 -44.12 -6.97
N LEU BA 323 -40.67 -43.28 -6.76
CA LEU BA 323 -40.70 -41.96 -7.40
C LEU BA 323 -39.45 -41.17 -7.07
N THR BA 324 -38.72 -40.78 -8.11
CA THR BA 324 -37.46 -40.07 -7.96
C THR BA 324 -37.59 -38.56 -8.13
N LYS BA 325 -38.21 -38.11 -9.22
CA LYS BA 325 -38.41 -36.69 -9.43
C LYS BA 325 -39.63 -36.48 -10.32
N VAL BA 326 -40.19 -35.28 -10.25
CA VAL BA 326 -41.36 -34.90 -11.02
C VAL BA 326 -41.12 -33.52 -11.62
N ASP BA 327 -41.41 -33.38 -12.91
CA ASP BA 327 -41.25 -32.12 -13.60
C ASP BA 327 -42.44 -31.91 -14.53
N PHE BA 328 -42.63 -30.65 -14.93
CA PHE BA 328 -43.74 -30.25 -15.79
C PHE BA 328 -43.20 -29.73 -17.10
N ASP BA 329 -43.70 -30.24 -18.21
CA ASP BA 329 -43.30 -29.74 -19.52
C ASP BA 329 -44.27 -28.64 -19.97
N GLU BA 330 -43.96 -28.04 -21.11
CA GLU BA 330 -44.79 -26.94 -21.62
C GLU BA 330 -46.19 -27.42 -21.99
N ASN BA 331 -46.33 -28.67 -22.38
CA ASN BA 331 -47.64 -29.22 -22.73
C ASN BA 331 -48.51 -29.49 -21.50
N GLY BA 332 -47.95 -29.35 -20.30
CA GLY BA 332 -48.69 -29.60 -19.08
C GLY BA 332 -48.64 -31.03 -18.58
N SER BA 333 -48.02 -31.93 -19.32
CA SER BA 333 -47.90 -33.31 -18.87
C SER BA 333 -46.97 -33.39 -17.67
N VAL BA 334 -47.45 -33.98 -16.59
CA VAL BA 334 -46.67 -34.16 -15.38
C VAL BA 334 -45.95 -35.49 -15.49
N MET BA 335 -44.63 -35.44 -15.73
CA MET BA 335 -43.83 -36.63 -15.92
C MET BA 335 -43.05 -36.94 -14.66
N GLY BA 336 -42.90 -38.23 -14.38
CA GLY BA 336 -42.17 -38.67 -13.22
C GLY BA 336 -41.29 -39.86 -13.50
N THR BA 337 -40.03 -39.79 -13.07
CA THR BA 337 -39.07 -40.86 -13.27
C THR BA 337 -38.93 -41.66 -11.98
N TYR BA 338 -38.81 -42.97 -12.12
CA TYR BA 338 -38.72 -43.87 -10.98
C TYR BA 338 -37.32 -44.47 -10.90
N SER BA 339 -37.09 -45.28 -9.86
CA SER BA 339 -35.78 -45.86 -9.66
C SER BA 339 -35.43 -46.88 -10.74
N ASN BA 340 -36.43 -47.58 -11.27
CA ASN BA 340 -36.17 -48.54 -12.33
C ASN BA 340 -35.70 -47.84 -13.60
N GLY BA 341 -36.25 -46.67 -13.89
CA GLY BA 341 -35.84 -45.87 -15.03
C GLY BA 341 -36.97 -45.43 -15.95
N GLU BA 342 -38.17 -46.00 -15.83
CA GLU BA 342 -39.27 -45.62 -16.71
C GLU BA 342 -39.71 -44.18 -16.43
N ASN BA 343 -39.92 -43.42 -17.50
CA ASN BA 343 -40.40 -42.05 -17.40
C ASN BA 343 -41.92 -42.03 -17.58
N VAL BA 344 -42.61 -42.53 -16.55
CA VAL BA 344 -44.05 -42.67 -16.61
C VAL BA 344 -44.70 -41.29 -16.60
N THR BA 345 -45.63 -41.07 -17.52
CA THR BA 345 -46.38 -39.81 -17.59
C THR BA 345 -47.62 -39.95 -16.72
N LEU BA 346 -47.64 -39.23 -15.59
CA LEU BA 346 -48.75 -39.36 -14.66
C LEU BA 346 -50.06 -38.85 -15.26
N GLY BA 347 -49.99 -37.76 -16.02
CA GLY BA 347 -51.18 -37.22 -16.64
C GLY BA 347 -50.91 -35.83 -17.19
N ARG BA 348 -52.00 -35.15 -17.54
CA ARG BA 348 -51.94 -33.77 -18.00
C ARG BA 348 -52.80 -32.89 -17.09
N VAL BA 349 -52.61 -31.59 -17.23
CA VAL BA 349 -53.37 -30.60 -16.47
C VAL BA 349 -54.44 -30.03 -17.38
N ALA BA 350 -55.70 -30.19 -16.99
CA ALA BA 350 -56.80 -29.71 -17.80
C ALA BA 350 -56.84 -28.19 -17.83
N LEU BA 351 -57.22 -27.65 -18.97
CA LEU BA 351 -57.40 -26.22 -19.16
C LEU BA 351 -58.81 -25.96 -19.68
N VAL BA 352 -59.47 -24.95 -19.11
CA VAL BA 352 -60.85 -24.64 -19.43
C VAL BA 352 -60.93 -23.20 -19.92
N ARG BA 353 -61.65 -23.00 -21.02
CA ARG BA 353 -61.87 -21.68 -21.59
C ARG BA 353 -63.35 -21.48 -21.85
N VAL BA 354 -63.85 -20.29 -21.55
CA VAL BA 354 -65.24 -19.97 -21.86
C VAL BA 354 -65.25 -18.86 -22.91
N PRO BA 355 -66.25 -18.84 -23.80
CA PRO BA 355 -66.28 -17.77 -24.83
C PRO BA 355 -66.43 -16.38 -24.24
N ASN BA 356 -67.15 -16.25 -23.12
CA ASN BA 356 -67.41 -14.96 -22.49
C ASN BA 356 -66.90 -15.01 -21.06
N GLU BA 357 -65.70 -14.44 -20.83
CA GLU BA 357 -65.13 -14.44 -19.49
C GLU BA 357 -65.76 -13.39 -18.59
N GLN BA 358 -66.47 -12.41 -19.17
CA GLN BA 358 -67.12 -11.37 -18.39
C GLN BA 358 -68.40 -11.84 -17.71
N GLY BA 359 -68.87 -13.05 -18.01
CA GLY BA 359 -70.13 -13.51 -17.47
C GLY BA 359 -69.99 -14.57 -16.40
N LEU BA 360 -68.76 -15.01 -16.14
CA LEU BA 360 -68.53 -16.00 -15.09
C LEU BA 360 -68.95 -15.43 -13.74
N ASP BA 361 -69.77 -16.18 -13.01
CA ASP BA 361 -70.14 -15.78 -11.67
C ASP BA 361 -68.97 -16.03 -10.73
N LYS BA 362 -68.82 -15.17 -9.74
CA LYS BA 362 -67.64 -15.15 -8.88
C LYS BA 362 -67.94 -15.88 -7.58
N LYS BA 363 -67.26 -17.01 -7.37
CA LYS BA 363 -67.31 -17.71 -6.11
C LYS BA 363 -66.19 -17.20 -5.21
N GLY BA 364 -66.15 -17.68 -3.97
CA GLY BA 364 -65.11 -17.28 -3.06
C GLY BA 364 -63.78 -17.96 -3.38
N GLY BA 365 -62.72 -17.38 -2.82
CA GLY BA 365 -61.39 -17.94 -3.00
C GLY BA 365 -60.87 -17.88 -4.42
N THR BA 366 -61.14 -16.78 -5.12
CA THR BA 366 -60.65 -16.56 -6.49
C THR BA 366 -61.01 -17.71 -7.41
N GLN BA 367 -62.29 -18.08 -7.38
CA GLN BA 367 -62.80 -19.16 -8.21
C GLN BA 367 -64.04 -18.71 -8.95
N TRP BA 368 -64.20 -19.22 -10.16
CA TRP BA 368 -65.30 -18.85 -11.04
C TRP BA 368 -66.03 -20.11 -11.50
N ASP BA 369 -67.28 -19.93 -11.89
CA ASP BA 369 -68.10 -21.00 -12.44
C ASP BA 369 -68.76 -20.50 -13.71
N SER BA 370 -69.24 -21.44 -14.53
CA SER BA 370 -69.84 -21.13 -15.80
C SER BA 370 -71.34 -20.93 -15.64
N THR BA 371 -71.85 -19.80 -16.10
CA THR BA 371 -73.27 -19.51 -16.06
C THR BA 371 -73.84 -19.46 -17.48
N GLN BA 372 -75.10 -19.08 -17.58
CA GLN BA 372 -75.77 -19.00 -18.88
C GLN BA 372 -75.11 -17.96 -19.77
N PHE BA 373 -74.81 -16.78 -19.21
CA PHE BA 373 -74.21 -15.72 -20.01
C PHE BA 373 -72.79 -16.07 -20.44
N SER BA 374 -72.03 -16.72 -19.56
CA SER BA 374 -70.66 -17.09 -19.89
C SER BA 374 -70.60 -18.08 -21.05
N GLY BA 375 -71.52 -19.05 -21.06
CA GLY BA 375 -71.54 -20.09 -22.07
C GLY BA 375 -71.35 -21.46 -21.45
N ASP BA 376 -70.62 -22.32 -22.14
CA ASP BA 376 -70.29 -23.65 -21.65
C ASP BA 376 -68.78 -23.83 -21.63
N LYS BA 377 -68.32 -24.56 -20.61
CA LYS BA 377 -66.89 -24.79 -20.45
C LYS BA 377 -66.35 -25.56 -21.65
N ILE BA 378 -65.30 -25.03 -22.28
CA ILE BA 378 -64.63 -25.68 -23.39
C ILE BA 378 -63.31 -26.23 -22.87
N TRP BA 379 -63.20 -27.56 -22.84
CA TRP BA 379 -62.02 -28.21 -22.32
C TRP BA 379 -60.95 -28.30 -23.41
N GLY BA 380 -59.70 -28.39 -22.97
CA GLY BA 380 -58.60 -28.49 -23.91
C GLY BA 380 -57.30 -28.73 -23.17
N GLU BA 381 -56.25 -28.95 -23.95
CA GLU BA 381 -54.93 -29.20 -23.40
C GLU BA 381 -54.19 -27.87 -23.23
N SER BA 382 -52.89 -27.95 -22.96
CA SER BA 382 -52.04 -26.77 -22.87
C SER BA 382 -51.34 -26.57 -24.21
N ASN BA 383 -51.27 -25.31 -24.65
CA ASN BA 383 -50.62 -24.95 -25.90
C ASN BA 383 -51.24 -25.66 -27.09
N LYS BA 384 -52.58 -25.70 -27.11
CA LYS BA 384 -53.33 -26.31 -28.20
C LYS BA 384 -54.51 -25.42 -28.55
N GLY BA 385 -54.65 -25.11 -29.84
CA GLY BA 385 -55.74 -24.27 -30.27
C GLY BA 385 -55.61 -22.86 -29.70
N SER BA 386 -56.66 -22.38 -29.05
CA SER BA 386 -56.71 -21.04 -28.50
C SER BA 386 -56.23 -20.97 -27.06
N PHE BA 387 -55.83 -22.11 -26.47
CA PHE BA 387 -55.36 -22.11 -25.10
C PHE BA 387 -53.93 -21.60 -25.01
N GLY BA 388 -53.53 -21.21 -23.81
CA GLY BA 388 -52.18 -20.78 -23.55
C GLY BA 388 -51.28 -21.91 -23.10
N THR BA 389 -50.16 -21.53 -22.49
CA THR BA 389 -49.18 -22.49 -21.99
C THR BA 389 -49.19 -22.52 -20.47
N ILE BA 390 -48.54 -23.52 -19.91
CA ILE BA 390 -48.42 -23.69 -18.46
C ILE BA 390 -46.96 -23.65 -18.09
N ASN BA 391 -46.60 -22.74 -17.19
CA ASN BA 391 -45.24 -22.60 -16.70
C ASN BA 391 -45.22 -22.92 -15.21
N ASN BA 392 -44.31 -23.80 -14.81
CA ASN BA 392 -44.15 -24.14 -13.41
C ASN BA 392 -43.14 -23.20 -12.75
N GLY BA 393 -43.23 -23.12 -11.42
CA GLY BA 393 -42.36 -22.25 -10.65
C GLY BA 393 -42.79 -20.80 -10.61
N MET BA 394 -43.98 -20.47 -11.09
CA MET BA 394 -44.47 -19.10 -11.10
C MET BA 394 -45.88 -19.06 -10.51
N LEU BA 395 -46.33 -17.84 -10.24
CA LEU BA 395 -47.70 -17.60 -9.77
C LEU BA 395 -48.19 -16.29 -10.37
N GLU BA 396 -49.52 -16.15 -10.40
CA GLU BA 396 -50.15 -14.95 -10.93
C GLU BA 396 -50.48 -14.00 -9.80
N GLN BA 397 -50.13 -12.72 -9.97
CA GLN BA 397 -50.50 -11.69 -9.03
C GLN BA 397 -51.77 -10.99 -9.50
N SER BA 398 -52.24 -10.03 -8.71
CA SER BA 398 -53.41 -9.26 -9.10
C SER BA 398 -53.09 -8.39 -10.30
N ASN BA 399 -54.03 -8.31 -11.24
CA ASN BA 399 -53.84 -7.52 -12.45
C ASN BA 399 -54.35 -6.10 -12.25
N ILE BA 400 -53.79 -5.45 -11.22
CA ILE BA 400 -54.19 -4.11 -10.84
C ILE BA 400 -52.97 -3.20 -10.89
N ASP BA 401 -53.23 -1.90 -10.99
CA ASP BA 401 -52.19 -0.88 -10.97
C ASP BA 401 -52.50 0.09 -9.84
N MET BA 402 -51.59 0.16 -8.85
CA MET BA 402 -51.86 0.93 -7.65
C MET BA 402 -52.08 2.41 -7.95
N THR BA 403 -51.27 2.96 -8.86
CA THR BA 403 -51.42 4.37 -9.22
C THR BA 403 -52.82 4.65 -9.76
N GLN BA 404 -53.30 3.83 -10.69
CA GLN BA 404 -54.63 4.03 -11.24
C GLN BA 404 -55.70 3.89 -10.17
N GLU BA 405 -55.55 2.91 -9.29
CA GLU BA 405 -56.55 2.72 -8.24
C GLU BA 405 -56.61 3.92 -7.30
N LEU BA 406 -55.46 4.46 -6.91
CA LEU BA 406 -55.45 5.61 -6.01
C LEU BA 406 -56.04 6.84 -6.70
N VAL BA 407 -55.71 7.05 -7.98
CA VAL BA 407 -56.26 8.20 -8.69
C VAL BA 407 -57.78 8.07 -8.82
N ASP BA 408 -58.25 6.85 -9.12
CA ASP BA 408 -59.69 6.63 -9.19
C ASP BA 408 -60.34 6.84 -7.83
N LEU BA 409 -59.65 6.47 -6.76
CA LEU BA 409 -60.17 6.70 -5.41
C LEU BA 409 -60.36 8.19 -5.17
N ILE BA 410 -59.37 9.00 -5.54
CA ILE BA 410 -59.48 10.45 -5.37
C ILE BA 410 -60.63 11.00 -6.20
N SER BA 411 -60.74 10.56 -7.45
CA SER BA 411 -61.80 11.07 -8.31
C SER BA 411 -63.18 10.68 -7.79
N ALA BA 412 -63.33 9.45 -7.30
CA ALA BA 412 -64.61 9.02 -6.74
C ALA BA 412 -64.96 9.83 -5.49
N GLN BA 413 -63.97 10.13 -4.65
CA GLN BA 413 -64.23 10.99 -3.51
C GLN BA 413 -64.70 12.37 -3.95
N ARG BA 414 -64.07 12.92 -4.99
CA ARG BA 414 -64.49 14.22 -5.51
C ARG BA 414 -65.94 14.18 -6.00
N ASN BA 415 -66.29 13.14 -6.74
CA ASN BA 415 -67.67 13.01 -7.23
C ASN BA 415 -68.65 12.86 -6.08
N PHE BA 416 -68.29 12.08 -5.06
CA PHE BA 416 -69.16 11.91 -3.90
C PHE BA 416 -69.38 13.22 -3.18
N GLN BA 417 -68.31 14.02 -3.03
CA GLN BA 417 -68.46 15.33 -2.40
C GLN BA 417 -69.36 16.24 -3.23
N ALA BA 418 -69.22 16.21 -4.55
CA ALA BA 418 -70.08 17.01 -5.41
C ALA BA 418 -71.55 16.61 -5.26
N ASN BA 419 -71.82 15.31 -5.25
CA ASN BA 419 -73.19 14.83 -5.10
C ASN BA 419 -73.76 15.21 -3.73
N SER BA 420 -72.96 15.10 -2.68
CA SER BA 420 -73.42 15.51 -1.36
C SER BA 420 -73.73 17.00 -1.33
N ARG BA 421 -72.92 17.80 -2.02
CA ARG BA 421 -73.21 19.23 -2.13
C ARG BA 421 -74.54 19.47 -2.82
N SER BA 422 -74.81 18.73 -3.90
CA SER BA 422 -76.08 18.88 -4.60
C SER BA 422 -77.26 18.51 -3.69
N LEU BA 423 -77.14 17.42 -2.96
CA LEU BA 423 -78.20 17.01 -2.05
C LEU BA 423 -78.43 18.04 -0.96
N GLU BA 424 -77.34 18.61 -0.43
CA GLU BA 424 -77.46 19.67 0.57
C GLU BA 424 -78.17 20.88 -0.01
N VAL BA 425 -77.87 21.23 -1.27
CA VAL BA 425 -78.55 22.35 -1.91
C VAL BA 425 -80.05 22.08 -2.02
N HIS BA 426 -80.41 20.86 -2.42
CA HIS BA 426 -81.83 20.51 -2.51
C HIS BA 426 -82.51 20.66 -1.15
N ASN BA 427 -81.89 20.13 -0.10
CA ASN BA 427 -82.48 20.19 1.23
C ASN BA 427 -82.60 21.64 1.71
N GLN BA 428 -81.58 22.46 1.43
CA GLN BA 428 -81.64 23.86 1.83
C GLN BA 428 -82.77 24.59 1.12
N LEU BA 429 -82.97 24.30 -0.18
CA LEU BA 429 -84.09 24.90 -0.90
C LEU BA 429 -85.42 24.50 -0.28
N GLN BA 430 -85.58 23.21 0.04
CA GLN BA 430 -86.84 22.75 0.62
C GLN BA 430 -87.08 23.40 1.98
N GLN BA 431 -86.05 23.48 2.82
CA GLN BA 431 -86.22 24.12 4.11
C GLN BA 431 -86.49 25.61 3.98
N ASN BA 432 -85.91 26.27 2.98
CA ASN BA 432 -86.20 27.67 2.74
C ASN BA 432 -87.66 27.87 2.37
N ILE BA 433 -88.20 26.97 1.53
CA ILE BA 433 -89.62 27.04 1.22
C ILE BA 433 -90.46 26.77 2.47
N LEU BA 434 -89.99 25.87 3.33
CA LEU BA 434 -90.73 25.51 4.54
C LEU BA 434 -91.01 26.72 5.43
N GLN BA 435 -90.10 27.69 5.45
CA GLN BA 435 -90.21 28.84 6.36
C GLN BA 435 -90.91 30.01 5.68
N ILE BA 436 -92.13 29.77 5.24
CA ILE BA 436 -92.95 30.80 4.62
C ILE BA 436 -94.32 30.84 5.29
N SER CA 2 -86.19 8.25 20.72
CA SER CA 2 -84.93 8.81 21.21
C SER CA 2 -84.20 7.80 22.09
N TYR CA 3 -84.97 6.93 22.74
CA TYR CA 3 -84.37 5.91 23.59
C TYR CA 3 -83.55 4.92 22.78
N VAL CA 4 -83.94 4.66 21.53
CA VAL CA 4 -83.12 3.82 20.67
C VAL CA 4 -81.79 4.48 20.36
N SER CA 5 -81.82 5.78 20.08
CA SER CA 5 -80.58 6.52 19.85
C SER CA 5 -79.73 6.56 21.11
N LEU CA 6 -80.37 6.71 22.27
CA LEU CA 6 -79.62 6.70 23.53
C LEU CA 6 -78.98 5.34 23.77
N SER CA 7 -79.69 4.25 23.43
CA SER CA 7 -79.12 2.93 23.55
C SER CA 7 -77.93 2.75 22.61
N GLY CA 8 -78.04 3.28 21.40
CA GLY CA 8 -76.90 3.24 20.48
C GLY CA 8 -75.71 4.02 21.02
N LEU CA 9 -75.97 5.19 21.60
CA LEU CA 9 -74.90 5.97 22.22
C LEU CA 9 -74.25 5.20 23.35
N SER CA 10 -75.06 4.55 24.19
CA SER CA 10 -74.52 3.77 25.31
C SER CA 10 -73.66 2.61 24.80
N ALA CA 11 -74.14 1.92 23.77
CA ALA CA 11 -73.36 0.81 23.20
C ALA CA 11 -72.04 1.30 22.62
N ALA CA 12 -72.07 2.41 21.88
CA ALA CA 12 -70.86 2.95 21.30
C ALA CA 12 -69.88 3.38 22.39
N GLN CA 13 -70.38 4.01 23.44
CA GLN CA 13 -69.50 4.44 24.53
C GLN CA 13 -68.93 3.25 25.30
N LEU CA 14 -69.71 2.18 25.45
CA LEU CA 14 -69.18 0.98 26.09
C LEU CA 14 -68.07 0.36 25.26
N ASP CA 15 -68.26 0.30 23.93
CA ASP CA 15 -67.19 -0.20 23.06
C ASP CA 15 -65.97 0.70 23.14
N LEU CA 16 -66.18 2.01 23.20
CA LEU CA 16 -65.07 2.95 23.32
C LEU CA 16 -64.31 2.72 24.62
N ASN CA 17 -65.04 2.50 25.73
CA ASN CA 17 -64.39 2.25 27.00
C ASN CA 17 -63.60 0.95 26.97
N THR CA 18 -64.16 -0.09 26.34
CA THR CA 18 -63.44 -1.36 26.23
C THR CA 18 -62.16 -1.19 25.44
N THR CA 19 -62.22 -0.47 24.32
CA THR CA 19 -61.02 -0.23 23.52
C THR CA 19 -60.01 0.59 24.29
N SER CA 20 -60.48 1.59 25.04
CA SER CA 20 -59.57 2.41 25.84
C SER CA 20 -58.87 1.58 26.90
N ASN CA 21 -59.60 0.67 27.56
CA ASN CA 21 -58.98 -0.19 28.55
C ASN CA 21 -57.96 -1.13 27.91
N ASN CA 22 -58.30 -1.68 26.73
CA ASN CA 22 -57.34 -2.54 26.03
C ASN CA 22 -56.07 -1.78 25.68
N ILE CA 23 -56.21 -0.54 25.21
CA ILE CA 23 -55.03 0.24 24.86
C ILE CA 23 -54.23 0.62 26.11
N ALA CA 24 -54.92 0.96 27.20
CA ALA CA 24 -54.23 1.33 28.42
C ALA CA 24 -53.44 0.17 28.99
N ASN CA 25 -53.97 -1.04 28.92
CA ASN CA 25 -53.29 -2.22 29.43
C ASN CA 25 -52.32 -2.83 28.42
N ALA CA 26 -51.82 -2.04 27.46
CA ALA CA 26 -50.93 -2.57 26.44
C ALA CA 26 -49.61 -3.08 27.00
N ASN CA 27 -49.21 -2.63 28.19
CA ASN CA 27 -47.94 -3.02 28.77
C ASN CA 27 -48.07 -3.91 29.99
N THR CA 28 -49.27 -4.10 30.52
CA THR CA 28 -49.47 -4.98 31.67
C THR CA 28 -49.09 -6.42 31.32
N TYR CA 29 -48.33 -7.05 32.22
CA TYR CA 29 -47.90 -8.42 32.02
C TYR CA 29 -49.06 -9.37 32.28
N GLY CA 30 -49.29 -10.29 31.34
CA GLY CA 30 -50.30 -11.31 31.51
C GLY CA 30 -51.73 -10.85 31.27
N PHE CA 31 -51.93 -9.59 30.89
CA PHE CA 31 -53.27 -9.10 30.64
C PHE CA 31 -53.87 -9.73 29.39
N LYS CA 32 -55.18 -9.94 29.43
CA LYS CA 32 -55.93 -10.49 28.29
C LYS CA 32 -56.96 -9.48 27.85
N GLU CA 33 -57.04 -9.24 26.54
CA GLU CA 33 -57.92 -8.23 26.01
C GLU CA 33 -59.38 -8.58 26.26
N SER CA 34 -60.26 -7.60 26.06
CA SER CA 34 -61.68 -7.78 26.24
C SER CA 34 -62.40 -7.32 24.97
N ARG CA 35 -63.49 -8.00 24.65
CA ARG CA 35 -64.28 -7.70 23.46
C ARG CA 35 -65.72 -7.47 23.87
N ALA CA 36 -66.35 -6.46 23.27
CA ALA CA 36 -67.72 -6.07 23.60
C ALA CA 36 -68.65 -6.65 22.54
N GLU CA 37 -69.66 -7.40 22.99
CA GLU CA 37 -70.64 -8.01 22.12
C GLU CA 37 -72.03 -7.49 22.49
N PHE CA 38 -72.80 -7.10 21.49
CA PHE CA 38 -74.12 -6.52 21.69
C PHE CA 38 -75.17 -7.39 21.04
N ALA CA 39 -76.44 -7.06 21.32
CA ALA CA 39 -77.57 -7.83 20.81
C ALA CA 39 -78.75 -6.90 20.55
N ASP CA 40 -79.65 -7.34 19.69
CA ASP CA 40 -80.82 -6.56 19.36
C ASP CA 40 -81.85 -6.64 20.49
N VAL CA 41 -82.76 -5.66 20.50
CA VAL CA 41 -83.83 -5.58 21.49
C VAL CA 41 -85.17 -5.62 20.76
N TYR CA 42 -86.09 -6.43 21.26
CA TYR CA 42 -87.41 -6.50 20.66
C TYR CA 42 -88.42 -6.89 21.74
N SER CA 43 -89.60 -6.28 21.66
CA SER CA 43 -90.65 -6.54 22.64
C SER CA 43 -91.35 -7.86 22.34
N ASN CA 44 -92.02 -8.38 23.37
CA ASN CA 44 -92.75 -9.64 23.28
C ASN CA 44 -94.13 -9.49 23.91
N SER CA 45 -94.83 -8.41 23.58
CA SER CA 45 -96.16 -8.17 24.10
C SER CA 45 -97.13 -9.23 23.58
N LEU CA 46 -98.18 -9.46 24.37
CA LEU CA 46 -99.17 -10.47 24.01
C LEU CA 46 -99.84 -10.13 22.68
N PHE CA 47 -100.21 -8.86 22.50
CA PHE CA 47 -100.79 -8.39 21.25
C PHE CA 47 -99.79 -7.44 20.59
N THR CA 48 -98.90 -8.04 19.80
CA THR CA 48 -97.84 -7.32 19.10
C THR CA 48 -98.15 -7.30 17.60
N ASN CA 49 -98.09 -6.11 17.00
CA ASN CA 49 -98.31 -6.01 15.56
C ASN CA 49 -97.15 -6.61 14.77
N ALA CA 50 -95.94 -6.62 15.34
CA ALA CA 50 -94.77 -7.23 14.72
C ALA CA 50 -94.41 -6.56 13.39
N LYS CA 51 -95.30 -6.70 12.40
CA LYS CA 51 -95.04 -6.07 11.10
C LYS CA 51 -95.04 -4.55 11.21
N THR CA 52 -95.81 -4.00 12.14
CA THR CA 52 -95.93 -2.55 12.32
C THR CA 52 -95.20 -2.06 13.56
N THR CA 53 -94.33 -2.89 14.15
CA THR CA 53 -93.61 -2.50 15.36
C THR CA 53 -92.12 -2.42 15.06
N PRO CA 54 -91.49 -1.26 15.24
CA PRO CA 54 -90.05 -1.15 14.97
C PRO CA 54 -89.20 -1.81 16.04
N GLY CA 55 -87.88 -1.72 15.90
CA GLY CA 55 -86.98 -2.32 16.86
C GLY CA 55 -86.97 -1.57 18.18
N GLY CA 56 -86.23 -2.14 19.13
CA GLY CA 56 -86.15 -1.58 20.46
C GLY CA 56 -84.77 -1.11 20.85
N GLY CA 57 -83.89 -0.94 19.86
CA GLY CA 57 -82.55 -0.45 20.12
C GLY CA 57 -81.51 -1.55 20.19
N ALA CA 58 -80.44 -1.31 20.93
CA ALA CA 58 -79.35 -2.26 21.08
C ALA CA 58 -79.00 -2.40 22.55
N GLN CA 59 -78.81 -3.64 22.99
CA GLN CA 59 -78.50 -3.96 24.38
C GLN CA 59 -77.15 -4.65 24.46
N ALA CA 60 -76.33 -4.22 25.41
CA ALA CA 60 -75.04 -4.87 25.62
C ALA CA 60 -75.25 -6.28 26.15
N SER CA 61 -74.65 -7.25 25.47
CA SER CA 61 -74.81 -8.65 25.87
C SER CA 61 -73.77 -9.06 26.90
N GLN CA 62 -72.50 -8.94 26.56
CA GLN CA 62 -71.43 -9.29 27.48
C GLN CA 62 -70.12 -8.66 26.98
N VAL CA 63 -69.19 -8.49 27.91
CA VAL CA 63 -67.83 -8.08 27.57
C VAL CA 63 -66.96 -9.32 27.65
N ALA CA 64 -66.47 -9.79 26.51
CA ALA CA 64 -65.72 -11.03 26.46
C ALA CA 64 -64.34 -10.85 27.10
N GLN CA 65 -63.65 -11.98 27.26
CA GLN CA 65 -62.33 -12.05 27.88
C GLN CA 65 -61.41 -12.93 27.05
N GLN CA 66 -61.33 -12.65 25.75
CA GLN CA 66 -60.53 -13.43 24.81
C GLN CA 66 -59.20 -13.84 25.41
N PHE CA 67 -58.95 -15.14 25.48
CA PHE CA 67 -57.82 -15.70 26.22
C PHE CA 67 -56.76 -16.28 25.28
N HIS CA 68 -56.67 -15.76 24.07
CA HIS CA 68 -55.66 -16.26 23.14
C HIS CA 68 -54.27 -15.86 23.64
N GLU CA 69 -53.30 -16.75 23.43
CA GLU CA 69 -51.97 -16.55 23.95
C GLU CA 69 -51.35 -15.26 23.42
N GLY CA 70 -50.77 -14.47 24.34
CA GLY CA 70 -50.11 -13.24 23.95
C GLY CA 70 -48.64 -13.45 23.66
N SER CA 71 -47.99 -12.38 23.22
CA SER CA 71 -46.58 -12.46 22.88
C SER CA 71 -45.73 -12.63 24.13
N SER CA 72 -44.50 -13.12 23.93
CA SER CA 72 -43.59 -13.40 25.02
C SER CA 72 -42.33 -12.56 24.88
N ILE CA 73 -41.91 -11.96 25.98
CA ILE CA 73 -40.69 -11.17 26.01
C ILE CA 73 -39.64 -11.94 26.81
N TYR CA 74 -38.38 -11.70 26.45
CA TYR CA 74 -37.25 -12.37 27.09
C TYR CA 74 -36.50 -11.38 27.95
N THR CA 75 -36.42 -11.66 29.24
CA THR CA 75 -35.71 -10.80 30.18
C THR CA 75 -34.44 -11.43 30.73
N ASN CA 76 -34.18 -12.70 30.42
CA ASN CA 76 -33.03 -13.44 30.92
C ASN CA 76 -32.98 -13.47 32.45
N ASN CA 77 -34.15 -13.34 33.09
CA ASN CA 77 -34.25 -13.42 34.54
C ASN CA 77 -35.00 -14.70 34.88
N PRO CA 78 -34.32 -15.75 35.34
CA PRO CA 78 -34.99 -17.06 35.48
C PRO CA 78 -36.12 -17.07 36.49
N MET CA 79 -36.21 -16.07 37.37
CA MET CA 79 -37.35 -15.96 38.26
C MET CA 79 -38.63 -15.55 37.55
N ASP CA 80 -38.55 -15.16 36.27
CA ASP CA 80 -39.73 -14.86 35.48
C ASP CA 80 -40.20 -16.12 34.79
N LEU CA 81 -41.51 -16.39 34.87
CA LEU CA 81 -42.09 -17.62 34.36
C LEU CA 81 -43.25 -17.30 33.42
N ARG CA 82 -43.45 -18.18 32.44
CA ARG CA 82 -44.53 -18.04 31.48
C ARG CA 82 -45.16 -19.40 31.23
N VAL CA 83 -46.48 -19.43 31.12
CA VAL CA 83 -47.23 -20.65 30.84
C VAL CA 83 -47.55 -20.65 29.35
N SER CA 84 -46.88 -21.51 28.59
CA SER CA 84 -47.11 -21.63 27.17
C SER CA 84 -48.19 -22.68 26.92
N GLY CA 85 -49.33 -22.24 26.38
CA GLY CA 85 -50.43 -23.14 26.13
C GLY CA 85 -51.62 -22.85 27.02
N THR CA 86 -52.17 -23.90 27.65
CA THR CA 86 -53.30 -23.77 28.57
C THR CA 86 -52.83 -24.01 30.00
N GLY CA 87 -53.20 -23.11 30.88
CA GLY CA 87 -52.85 -23.22 32.28
C GLY CA 87 -52.69 -21.85 32.92
N PHE CA 88 -52.97 -21.79 34.21
CA PHE CA 88 -52.84 -20.56 34.98
C PHE CA 88 -51.97 -20.81 36.22
N PHE CA 89 -51.22 -19.79 36.59
CA PHE CA 89 -50.50 -19.81 37.86
C PHE CA 89 -51.48 -19.63 39.00
N ALA CA 90 -51.19 -20.28 40.13
CA ALA CA 90 -52.03 -20.21 41.32
C ALA CA 90 -51.26 -19.51 42.43
N VAL CA 91 -51.83 -18.44 42.97
CA VAL CA 91 -51.21 -17.67 44.03
C VAL CA 91 -52.22 -17.50 45.16
N ALA CA 92 -51.72 -17.53 46.40
CA ALA CA 92 -52.56 -17.42 47.59
C ALA CA 92 -52.31 -16.09 48.28
N LYS CA 93 -53.38 -15.51 48.83
CA LYS CA 93 -53.28 -14.22 49.51
C LYS CA 93 -52.35 -14.31 50.72
N GLU CA 94 -52.50 -15.37 51.51
CA GLU CA 94 -51.72 -15.55 52.73
C GLU CA 94 -51.03 -16.92 52.70
N ARG CA 95 -49.86 -16.99 53.34
CA ARG CA 95 -49.10 -18.24 53.35
C ARG CA 95 -49.86 -19.35 54.05
N LEU CA 96 -50.54 -19.03 55.14
CA LEU CA 96 -51.20 -20.04 55.97
C LEU CA 96 -52.57 -20.43 55.47
N THR CA 97 -53.05 -19.83 54.37
CA THR CA 97 -54.36 -20.15 53.80
C THR CA 97 -54.20 -20.45 52.31
N PRO CA 98 -53.64 -21.60 51.95
CA PRO CA 98 -53.55 -21.97 50.54
C PRO CA 98 -54.91 -22.18 49.88
N GLN CA 99 -55.95 -22.45 50.67
CA GLN CA 99 -57.27 -22.66 50.09
C GLN CA 99 -57.78 -21.41 49.38
N GLN CA 100 -57.58 -20.24 50.00
CA GLN CA 100 -57.97 -18.97 49.40
C GLN CA 100 -56.91 -18.57 48.39
N ASN CA 101 -57.16 -18.82 47.11
CA ASN CA 101 -56.20 -18.57 46.06
C ASN CA 101 -56.89 -17.96 44.85
N GLU CA 102 -56.08 -17.35 43.99
CA GLU CA 102 -56.56 -16.75 42.76
C GLU CA 102 -55.61 -17.13 41.61
N LEU CA 103 -56.13 -17.07 40.40
CA LEU CA 103 -55.39 -17.45 39.21
C LEU CA 103 -54.75 -16.22 38.57
N THR CA 104 -53.54 -16.40 38.04
CA THR CA 104 -52.83 -15.31 37.39
C THR CA 104 -51.95 -15.88 36.29
N ARG CA 105 -51.50 -15.00 35.41
CA ARG CA 105 -50.70 -15.39 34.26
C ARG CA 105 -49.31 -14.77 34.21
N ASN CA 106 -49.10 -13.61 34.83
CA ASN CA 106 -47.77 -13.01 34.85
C ASN CA 106 -46.86 -13.76 35.80
N GLY CA 107 -45.56 -13.71 35.52
CA GLY CA 107 -44.60 -14.48 36.29
C GLY CA 107 -43.50 -13.67 36.93
N ALA CA 108 -43.81 -12.45 37.35
CA ALA CA 108 -42.82 -11.60 38.01
C ALA CA 108 -42.67 -12.09 39.45
N PHE CA 109 -41.87 -13.15 39.62
CA PHE CA 109 -41.70 -13.78 40.92
C PHE CA 109 -40.36 -13.41 41.54
N HIS CA 110 -40.33 -13.40 42.87
CA HIS CA 110 -39.11 -13.13 43.61
C HIS CA 110 -39.26 -13.71 45.02
N LEU CA 111 -38.13 -13.91 45.68
CA LEU CA 111 -38.10 -14.41 47.03
C LEU CA 111 -38.39 -13.27 48.00
N ASN CA 112 -39.25 -13.52 48.98
CA ASN CA 112 -39.49 -12.55 50.04
C ASN CA 112 -38.43 -12.77 51.13
N LYS CA 113 -38.58 -12.08 52.27
CA LYS CA 113 -37.62 -12.24 53.35
C LYS CA 113 -37.67 -13.64 53.97
N GLU CA 114 -38.72 -14.40 53.70
CA GLU CA 114 -38.87 -15.76 54.21
C GLU CA 114 -38.47 -16.82 53.19
N ASN CA 115 -37.86 -16.42 52.07
CA ASN CA 115 -37.44 -17.33 51.01
C ASN CA 115 -38.62 -18.07 50.39
N TYR CA 116 -39.75 -17.38 50.27
CA TYR CA 116 -40.90 -17.89 49.54
C TYR CA 116 -41.10 -17.09 48.26
N MET CA 117 -41.47 -17.79 47.19
CA MET CA 117 -41.67 -17.13 45.90
C MET CA 117 -43.02 -16.42 45.90
N VAL CA 118 -43.00 -15.10 45.66
CA VAL CA 118 -44.19 -14.27 45.72
C VAL CA 118 -44.27 -13.41 44.48
N THR CA 119 -45.44 -12.84 44.25
CA THR CA 119 -45.67 -11.94 43.14
C THR CA 119 -45.26 -10.52 43.53
N ALA CA 120 -45.63 -9.54 42.71
CA ALA CA 120 -45.32 -8.15 43.03
C ALA CA 120 -46.04 -7.70 44.29
N ASN CA 121 -47.29 -8.14 44.47
CA ASN CA 121 -48.08 -7.80 45.64
C ASN CA 121 -47.81 -8.69 46.84
N ASP CA 122 -46.68 -9.40 46.84
CA ASP CA 122 -46.30 -10.30 47.94
C ASP CA 122 -47.37 -11.35 48.18
N GLU CA 123 -47.86 -11.94 47.10
CA GLU CA 123 -48.79 -13.06 47.17
C GLU CA 123 -48.03 -14.36 46.89
N PHE CA 124 -48.11 -15.30 47.82
CA PHE CA 124 -47.30 -16.51 47.73
C PHE CA 124 -47.75 -17.38 46.57
N LEU CA 125 -46.77 -17.97 45.88
CA LEU CA 125 -47.04 -18.86 44.77
C LEU CA 125 -47.29 -20.28 45.28
N LEU CA 126 -48.39 -20.88 44.83
CA LEU CA 126 -48.77 -22.22 45.25
C LEU CA 126 -47.98 -23.26 44.46
N GLY CA 127 -47.59 -24.33 45.14
CA GLY CA 127 -46.82 -25.39 44.53
C GLY CA 127 -47.14 -26.74 45.14
N TYR CA 128 -46.60 -27.78 44.50
CA TYR CA 128 -46.79 -29.14 44.95
C TYR CA 128 -45.59 -29.59 45.81
N GLN CA 129 -45.65 -30.83 46.28
CA GLN CA 129 -44.56 -31.43 47.03
C GLN CA 129 -44.24 -32.77 46.39
N VAL CA 130 -43.04 -32.89 45.83
CA VAL CA 130 -42.64 -34.09 45.11
C VAL CA 130 -41.95 -35.06 46.06
N ASP CA 131 -41.87 -36.32 45.65
CA ASP CA 131 -41.15 -37.31 46.43
C ASP CA 131 -39.64 -37.12 46.27
N PRO CA 132 -38.86 -37.48 47.28
CA PRO CA 132 -37.39 -37.29 47.16
C PRO CA 132 -36.79 -38.03 45.97
N SER CA 133 -37.17 -39.29 45.77
CA SER CA 133 -36.65 -40.10 44.67
C SER CA 133 -37.64 -40.23 43.52
N SER CA 134 -38.88 -40.57 43.82
CA SER CA 134 -39.90 -40.68 42.78
C SER CA 134 -40.22 -39.31 42.20
N GLY CA 135 -40.24 -39.22 40.88
CA GLY CA 135 -40.56 -37.96 40.23
C GLY CA 135 -41.99 -37.52 40.44
N GLU CA 136 -42.92 -38.47 40.51
CA GLU CA 136 -44.33 -38.14 40.65
C GLU CA 136 -44.58 -37.41 41.97
N VAL CA 137 -45.46 -36.41 41.91
CA VAL CA 137 -45.86 -35.68 43.11
C VAL CA 137 -46.83 -36.54 43.91
N SER CA 138 -46.58 -36.67 45.22
CA SER CA 138 -47.41 -37.53 46.05
C SER CA 138 -48.76 -36.88 46.36
N SER CA 139 -48.73 -35.76 47.07
CA SER CA 139 -49.96 -35.09 47.46
C SER CA 139 -50.21 -33.90 46.54
N TYR CA 140 -51.45 -33.79 46.06
CA TYR CA 140 -51.83 -32.76 45.10
C TYR CA 140 -52.34 -31.48 45.75
N GLU CA 141 -52.29 -31.40 47.08
CA GLU CA 141 -52.74 -30.19 47.74
C GLU CA 141 -51.80 -29.03 47.43
N PRO CA 142 -52.33 -27.83 47.27
CA PRO CA 142 -51.46 -26.67 47.01
C PRO CA 142 -50.83 -26.14 48.28
N GLN CA 143 -49.54 -25.83 48.20
CA GLN CA 143 -48.81 -25.26 49.31
C GLN CA 143 -47.81 -24.23 48.78
N PRO CA 144 -47.47 -23.23 49.59
CA PRO CA 144 -46.47 -22.25 49.16
C PRO CA 144 -45.12 -22.91 48.92
N ILE CA 145 -44.38 -22.35 47.96
CA ILE CA 145 -43.07 -22.87 47.59
C ILE CA 145 -42.00 -22.15 48.40
N ASN CA 146 -41.16 -22.93 49.09
CA ASN CA 146 -40.05 -22.40 49.87
C ASN CA 146 -38.74 -22.85 49.27
N ILE CA 147 -37.75 -21.96 49.29
CA ILE CA 147 -36.42 -22.28 48.77
C ILE CA 147 -35.40 -22.09 49.88
N PRO CA 148 -35.16 -23.11 50.70
CA PRO CA 148 -34.20 -22.97 51.79
C PRO CA 148 -32.80 -22.69 51.26
N ALA CA 149 -32.06 -21.89 52.02
CA ALA CA 149 -30.69 -21.55 51.67
C ALA CA 149 -29.67 -22.48 52.31
N GLU CA 150 -30.12 -23.41 53.14
CA GLU CA 150 -29.23 -24.34 53.82
C GLU CA 150 -29.78 -25.75 53.72
N PHE CA 151 -28.90 -26.71 53.48
CA PHE CA 151 -29.25 -28.13 53.53
C PHE CA 151 -29.04 -28.63 54.96
N GLY CA 152 -29.84 -28.07 55.87
CA GLY CA 152 -29.67 -28.31 57.28
C GLY CA 152 -30.18 -29.66 57.75
N LYS CA 153 -29.63 -30.73 57.20
CA LYS CA 153 -29.99 -32.08 57.63
C LYS CA 153 -28.91 -33.06 57.17
N PRO CA 154 -27.85 -33.26 57.95
CA PRO CA 154 -26.84 -34.27 57.58
C PRO CA 154 -27.46 -35.65 57.49
N LYS CA 155 -27.44 -36.23 56.29
CA LYS CA 155 -28.06 -37.52 56.03
C LYS CA 155 -27.00 -38.61 56.14
N GLN CA 156 -27.24 -39.58 57.02
CA GLN CA 156 -26.30 -40.67 57.20
C GLN CA 156 -26.29 -41.58 55.99
N THR CA 157 -25.14 -42.23 55.78
CA THR CA 157 -25.01 -43.19 54.69
C THR CA 157 -25.75 -44.47 55.06
N ALA CA 158 -26.65 -44.91 54.17
CA ALA CA 158 -27.45 -46.10 54.44
C ALA CA 158 -27.31 -47.13 53.34
N ASN CA 159 -27.16 -46.68 52.10
CA ASN CA 159 -27.06 -47.57 50.95
C ASN CA 159 -25.82 -47.22 50.15
N ILE CA 160 -25.03 -48.24 49.82
CA ILE CA 160 -23.81 -48.07 49.04
C ILE CA 160 -23.86 -49.00 47.85
N GLU CA 161 -23.80 -48.43 46.64
CA GLU CA 161 -23.78 -49.21 45.41
C GLU CA 161 -22.36 -49.22 44.87
N VAL CA 162 -21.81 -50.41 44.68
CA VAL CA 162 -20.44 -50.58 44.20
C VAL CA 162 -20.45 -51.51 43.00
N GLY CA 163 -19.86 -51.05 41.89
CA GLY CA 163 -19.70 -51.89 40.73
C GLY CA 163 -18.24 -52.02 40.32
N VAL CA 164 -17.68 -53.21 40.45
CA VAL CA 164 -16.27 -53.45 40.18
C VAL CA 164 -16.12 -54.62 39.24
N ASN CA 165 -14.97 -54.67 38.57
CA ASN CA 165 -14.57 -55.78 37.72
C ASN CA 165 -13.38 -56.48 38.35
N LEU CA 166 -13.50 -57.78 38.55
CA LEU CA 166 -12.39 -58.42 39.24
C LEU CA 166 -11.53 -59.20 38.25
N PRO CA 167 -10.21 -59.18 38.42
CA PRO CA 167 -9.33 -59.91 37.50
C PRO CA 167 -9.49 -61.41 37.66
N ALA CA 168 -9.89 -62.07 36.58
CA ALA CA 168 -10.05 -63.52 36.60
C ALA CA 168 -8.72 -64.25 36.68
N ASN CA 169 -7.63 -63.61 36.25
CA ASN CA 169 -6.31 -64.22 36.28
C ASN CA 169 -5.52 -63.86 37.53
N GLY CA 170 -6.15 -63.24 38.52
CA GLY CA 170 -5.45 -62.93 39.75
C GLY CA 170 -5.07 -64.19 40.52
N ASP CA 171 -3.99 -64.07 41.28
CA ASP CA 171 -3.49 -65.22 42.04
C ASP CA 171 -4.45 -65.57 43.17
N LEU CA 172 -4.59 -66.86 43.43
CA LEU CA 172 -5.47 -67.33 44.50
C LEU CA 172 -4.85 -67.03 45.86
N LYS CA 173 -5.71 -66.92 46.86
CA LYS CA 173 -5.29 -66.66 48.24
C LYS CA 173 -6.02 -67.61 49.18
N ASP CA 174 -5.47 -67.75 50.38
CA ASP CA 174 -6.05 -68.64 51.39
C ASP CA 174 -7.13 -67.90 52.15
N PRO CA 175 -8.38 -68.38 52.15
CA PRO CA 175 -9.43 -67.68 52.90
C PRO CA 175 -9.16 -67.58 54.39
N THR CA 176 -8.58 -68.61 55.00
CA THR CA 176 -8.36 -68.61 56.44
C THR CA 176 -7.19 -67.74 56.87
N GLN CA 177 -6.33 -67.33 55.94
CA GLN CA 177 -5.17 -66.51 56.25
C GLN CA 177 -5.42 -65.02 56.03
N PHE CA 178 -6.67 -64.64 55.84
CA PHE CA 178 -6.99 -63.23 55.56
C PHE CA 178 -6.64 -62.36 56.76
N ASP CA 179 -6.04 -61.21 56.48
CA ASP CA 179 -5.72 -60.24 57.53
C ASP CA 179 -5.54 -58.89 56.86
N PHE CA 180 -6.36 -57.91 57.25
CA PHE CA 180 -6.26 -56.58 56.65
C PHE CA 180 -4.95 -55.88 56.98
N SER CA 181 -4.27 -56.31 58.04
CA SER CA 181 -2.99 -55.70 58.40
C SER CA 181 -1.85 -56.13 57.50
N ASP CA 182 -1.99 -57.25 56.80
CA ASP CA 182 -0.94 -57.74 55.91
C ASP CA 182 -1.42 -57.65 54.47
N PRO CA 183 -0.81 -56.79 53.64
CA PRO CA 183 -1.30 -56.64 52.26
C PRO CA 183 -1.26 -57.92 51.44
N ASP CA 184 -0.29 -58.79 51.70
CA ASP CA 184 -0.12 -60.00 50.88
C ASP CA 184 -1.22 -61.03 51.10
N THR CA 185 -2.00 -60.91 52.16
CA THR CA 185 -3.04 -61.91 52.42
C THR CA 185 -4.17 -61.84 51.42
N TYR CA 186 -4.55 -60.63 50.98
CA TYR CA 186 -5.68 -60.43 50.11
C TYR CA 186 -5.20 -60.00 48.72
N ASN CA 187 -6.17 -59.69 47.85
CA ASN CA 187 -5.87 -59.32 46.47
C ASN CA 187 -5.87 -57.80 46.27
N ARG CA 188 -6.97 -57.14 46.60
CA ARG CA 188 -7.10 -55.70 46.36
C ARG CA 188 -7.79 -55.04 47.54
N SER CA 189 -7.55 -53.74 47.67
CA SER CA 189 -8.15 -52.92 48.72
C SER CA 189 -8.56 -51.58 48.13
N THR CA 190 -9.78 -51.15 48.46
CA THR CA 190 -10.31 -49.87 47.98
C THR CA 190 -10.73 -49.02 49.17
N SER CA 191 -10.60 -47.70 49.01
CA SER CA 191 -10.91 -46.76 50.07
C SER CA 191 -11.97 -45.77 49.59
N SER CA 192 -12.84 -45.37 50.51
CA SER CA 192 -13.93 -44.45 50.20
C SER CA 192 -14.36 -43.75 51.48
N THR CA 193 -15.32 -42.85 51.35
CA THR CA 193 -15.80 -42.04 52.46
C THR CA 193 -17.27 -42.31 52.72
N ILE CA 194 -17.62 -42.42 54.01
CA ILE CA 194 -19.01 -42.58 54.45
C ILE CA 194 -19.29 -41.51 55.51
N TYR CA 195 -20.58 -41.25 55.71
CA TYR CA 195 -21.03 -40.19 56.61
C TYR CA 195 -22.03 -40.74 57.61
N ASP CA 196 -21.90 -40.31 58.86
CA ASP CA 196 -22.80 -40.71 59.92
C ASP CA 196 -23.96 -39.71 60.03
N SER CA 197 -24.74 -39.81 61.11
CA SER CA 197 -25.88 -38.92 61.28
C SER CA 197 -25.44 -37.48 61.51
N MET CA 198 -24.32 -37.29 62.21
CA MET CA 198 -23.82 -35.95 62.50
C MET CA 198 -22.95 -35.39 61.39
N GLY CA 199 -22.78 -36.11 60.29
CA GLY CA 199 -21.99 -35.64 59.18
C GLY CA 199 -20.50 -35.88 59.29
N GLN CA 200 -20.05 -36.59 60.33
CA GLN CA 200 -18.63 -36.91 60.46
C GLN CA 200 -18.19 -37.83 59.33
N SER CA 201 -17.03 -37.54 58.76
CA SER CA 201 -16.48 -38.34 57.68
C SER CA 201 -15.72 -39.52 58.25
N TYR CA 202 -16.00 -40.71 57.71
CA TYR CA 202 -15.29 -41.92 58.08
C TYR CA 202 -14.74 -42.59 56.83
N LYS CA 203 -13.64 -43.30 56.99
CA LYS CA 203 -12.97 -43.98 55.89
C LYS CA 203 -13.38 -45.44 55.89
N LEU CA 204 -13.99 -45.88 54.79
CA LEU CA 204 -14.42 -47.26 54.61
C LEU CA 204 -13.49 -47.95 53.64
N THR CA 205 -12.84 -49.02 54.10
CA THR CA 205 -11.90 -49.78 53.28
C THR CA 205 -12.47 -51.17 53.04
N THR CA 206 -12.56 -51.56 51.78
CA THR CA 206 -13.10 -52.86 51.39
C THR CA 206 -11.98 -53.72 50.82
N TYR CA 207 -11.87 -54.94 51.34
CA TYR CA 207 -10.82 -55.88 50.93
C TYR CA 207 -11.43 -57.01 50.13
N TYR CA 208 -10.86 -57.28 48.96
CA TYR CA 208 -11.30 -58.34 48.07
C TYR CA 208 -10.26 -59.45 48.04
N LEU CA 209 -10.71 -60.68 48.28
CA LEU CA 209 -9.84 -61.84 48.31
C LEU CA 209 -10.38 -62.91 47.37
N LYS CA 210 -9.50 -63.46 46.54
CA LYS CA 210 -9.89 -64.48 45.58
C LYS CA 210 -9.77 -65.86 46.23
N ASP CA 211 -10.87 -66.58 46.29
CA ASP CA 211 -10.88 -67.89 46.94
C ASP CA 211 -10.04 -68.88 46.15
N GLN CA 212 -9.28 -69.69 46.87
CA GLN CA 212 -8.44 -70.72 46.25
C GLN CA 212 -9.16 -72.05 46.13
N THR CA 213 -9.94 -72.43 47.14
CA THR CA 213 -10.62 -73.72 47.13
C THR CA 213 -11.66 -73.80 46.02
N GLN CA 214 -12.44 -72.74 45.84
CA GLN CA 214 -13.56 -72.76 44.89
C GLN CA 214 -13.27 -71.83 43.73
N PRO CA 215 -13.29 -72.32 42.49
CA PRO CA 215 -13.06 -71.43 41.34
C PRO CA 215 -14.18 -70.42 41.18
N ASN CA 216 -13.81 -69.24 40.65
CA ASN CA 216 -14.75 -68.14 40.43
C ASN CA 216 -15.48 -67.76 41.71
N THR CA 217 -14.75 -67.73 42.83
CA THR CA 217 -15.30 -67.35 44.11
C THR CA 217 -14.39 -66.30 44.75
N TRP CA 218 -15.02 -65.26 45.30
CA TRP CA 218 -14.29 -64.16 45.92
C TRP CA 218 -14.86 -63.89 47.30
N ASN CA 219 -14.00 -63.39 48.18
CA ASN CA 219 -14.38 -63.01 49.53
C ASN CA 219 -14.19 -61.52 49.71
N THR CA 220 -15.16 -60.87 50.36
CA THR CA 220 -15.15 -59.42 50.54
C THR CA 220 -15.26 -59.08 52.01
N TYR CA 221 -14.38 -58.20 52.48
CA TYR CA 221 -14.36 -57.75 53.86
C TYR CA 221 -14.31 -56.23 53.90
N TYR CA 222 -14.81 -55.67 54.99
CA TYR CA 222 -14.90 -54.22 55.16
C TYR CA 222 -14.27 -53.81 56.48
N THR CA 223 -13.65 -52.62 56.48
CA THR CA 223 -13.08 -52.04 57.69
C THR CA 223 -13.42 -50.56 57.75
N VAL CA 224 -13.49 -50.04 58.97
CA VAL CA 224 -13.79 -48.63 59.21
C VAL CA 224 -12.61 -48.03 59.96
N THR CA 225 -12.10 -46.90 59.47
CA THR CA 225 -10.94 -46.22 60.05
C THR CA 225 -11.39 -44.90 60.66
N ASP CA 226 -11.54 -44.90 61.98
CA ASP CA 226 -11.77 -43.68 62.75
C ASP CA 226 -10.44 -43.19 63.32
N LYS CA 227 -10.52 -42.18 64.20
CA LYS CA 227 -9.29 -41.64 64.78
C LYS CA 227 -8.61 -42.66 65.69
N GLU CA 228 -9.39 -43.52 66.37
CA GLU CA 228 -8.79 -44.51 67.25
C GLU CA 228 -7.96 -45.52 66.48
N GLY CA 229 -8.44 -45.94 65.32
CA GLY CA 229 -7.72 -46.90 64.51
C GLY CA 229 -8.62 -47.46 63.43
N GLU CA 230 -8.18 -48.58 62.85
CA GLU CA 230 -8.93 -49.28 61.82
C GLU CA 230 -9.63 -50.47 62.46
N LYS CA 231 -10.97 -50.41 62.51
CA LYS CA 231 -11.76 -51.46 63.12
C LYS CA 231 -12.51 -52.25 62.05
N PRO CA 232 -12.37 -53.56 62.02
CA PRO CA 232 -13.10 -54.36 61.03
C PRO CA 232 -14.60 -54.31 61.25
N LEU CA 233 -15.34 -54.42 60.15
CA LEU CA 233 -16.79 -54.44 60.18
C LEU CA 233 -17.29 -55.80 59.74
N ASN CA 234 -18.22 -56.36 60.51
CA ASN CA 234 -18.75 -57.69 60.27
C ASN CA 234 -20.10 -57.62 59.57
N VAL CA 235 -20.36 -58.59 58.71
CA VAL CA 235 -21.63 -58.70 58.02
C VAL CA 235 -22.60 -59.48 58.90
N ALA CA 236 -23.89 -59.14 58.81
CA ALA CA 236 -24.89 -59.77 59.67
C ALA CA 236 -24.98 -61.27 59.42
N ALA CA 237 -25.01 -61.67 58.14
CA ALA CA 237 -25.17 -63.07 57.77
C ALA CA 237 -24.17 -63.47 56.69
N GLY CA 238 -22.99 -62.85 56.68
CA GLY CA 238 -22.00 -63.18 55.68
C GLY CA 238 -21.44 -64.58 55.88
N ASP CA 239 -21.29 -65.30 54.76
CA ASP CA 239 -20.79 -66.66 54.79
C ASP CA 239 -19.27 -66.72 54.62
N ALA CA 240 -18.56 -65.94 55.42
CA ALA CA 240 -17.09 -65.92 55.37
C ALA CA 240 -16.59 -65.53 56.77
N GLN CA 241 -16.19 -66.54 57.54
CA GLN CA 241 -15.72 -66.34 58.91
C GLN CA 241 -14.24 -66.67 58.97
N THR CA 242 -13.42 -65.65 59.20
CA THR CA 242 -12.01 -65.87 59.45
C THR CA 242 -11.81 -66.43 60.86
N PRO CA 243 -10.68 -67.10 61.10
CA PRO CA 243 -10.42 -67.62 62.45
C PRO CA 243 -10.39 -66.53 63.51
N THR CA 244 -9.95 -65.32 63.17
CA THR CA 244 -9.95 -64.22 64.14
C THR CA 244 -11.37 -63.86 64.56
N GLY CA 245 -12.30 -63.83 63.60
CA GLY CA 245 -13.67 -63.51 63.90
C GLY CA 245 -14.31 -62.54 62.92
N HIS CA 246 -13.51 -62.03 61.98
CA HIS CA 246 -14.02 -61.10 60.98
C HIS CA 246 -14.98 -61.81 60.04
N VAL CA 247 -16.08 -61.14 59.72
CA VAL CA 247 -17.17 -61.73 58.92
C VAL CA 247 -17.28 -60.96 57.61
N GLY CA 248 -17.03 -61.64 56.51
CA GLY CA 248 -17.25 -61.10 55.18
C GLY CA 248 -18.32 -61.85 54.42
N HIS CA 249 -18.43 -61.55 53.14
CA HIS CA 249 -19.41 -62.20 52.28
C HIS CA 249 -18.71 -62.71 51.02
N THR CA 250 -19.31 -63.72 50.40
CA THR CA 250 -18.73 -64.39 49.24
C THR CA 250 -19.44 -63.94 47.97
N MET CA 251 -18.66 -63.82 46.89
CA MET CA 251 -19.17 -63.41 45.59
C MET CA 251 -18.84 -64.49 44.57
N LYS CA 252 -19.85 -64.92 43.82
CA LYS CA 252 -19.72 -65.99 42.83
C LYS CA 252 -20.15 -65.49 41.47
N PHE CA 253 -19.51 -66.01 40.42
CA PHE CA 253 -19.77 -65.59 39.05
C PHE CA 253 -20.05 -66.81 38.18
N ASN CA 254 -20.75 -66.57 37.08
CA ASN CA 254 -21.10 -67.64 36.15
C ASN CA 254 -19.91 -67.94 35.24
N ASN CA 255 -20.15 -68.74 34.20
CA ASN CA 255 -19.08 -69.09 33.27
C ASN CA 255 -18.68 -67.89 32.42
N ASP CA 256 -19.65 -67.06 32.03
CA ASP CA 256 -19.38 -65.91 31.16
C ASP CA 256 -18.82 -64.72 31.91
N GLY CA 257 -18.62 -64.82 33.23
CA GLY CA 257 -18.10 -63.74 34.02
C GLY CA 257 -19.15 -62.83 34.62
N THR CA 258 -20.42 -63.03 34.31
CA THR CA 258 -21.48 -62.24 34.91
C THR CA 258 -21.69 -62.64 36.37
N LEU CA 259 -22.47 -61.84 37.09
CA LEU CA 259 -22.72 -62.10 38.50
C LEU CA 259 -23.66 -63.28 38.67
N ALA CA 260 -23.30 -64.21 39.55
CA ALA CA 260 -24.11 -65.39 39.84
C ALA CA 260 -24.88 -65.24 41.15
N SER CA 261 -24.16 -65.06 42.26
CA SER CA 261 -24.79 -64.97 43.56
C SER CA 261 -23.93 -64.11 44.49
N LEU CA 262 -24.58 -63.53 45.50
CA LEU CA 262 -23.92 -62.69 46.48
C LEU CA 262 -24.35 -63.14 47.87
N ASN CA 263 -23.38 -63.59 48.67
CA ASN CA 263 -23.64 -63.98 50.06
C ASN CA 263 -24.78 -65.01 50.14
N ASN CA 264 -24.70 -66.02 49.27
CA ASN CA 264 -25.72 -67.07 49.20
C ASN CA 264 -27.10 -66.50 48.90
N GLY CA 265 -27.15 -65.42 48.12
CA GLY CA 265 -28.41 -64.80 47.74
C GLY CA 265 -29.05 -63.94 48.80
N GLN CA 266 -28.41 -63.76 49.95
CA GLN CA 266 -28.99 -62.95 51.01
C GLN CA 266 -28.53 -61.50 50.89
N PRO CA 267 -29.36 -60.55 51.31
CA PRO CA 267 -28.94 -59.14 51.25
C PRO CA 267 -27.74 -58.88 52.15
N ILE CA 268 -26.89 -57.97 51.72
CA ILE CA 268 -25.66 -57.64 52.44
C ILE CA 268 -25.97 -56.47 53.37
N THR CA 269 -26.16 -56.77 54.65
CA THR CA 269 -26.40 -55.76 55.68
C THR CA 269 -25.32 -55.90 56.75
N SER CA 270 -24.65 -54.80 57.06
CA SER CA 270 -23.61 -54.81 58.06
C SER CA 270 -24.20 -54.68 59.47
N VAL CA 271 -23.39 -55.03 60.46
CA VAL CA 271 -23.77 -54.88 61.87
C VAL CA 271 -23.71 -53.41 62.24
N ALA CA 272 -24.28 -53.06 63.40
CA ALA CA 272 -24.27 -51.68 63.84
C ALA CA 272 -22.85 -51.19 64.07
N LEU CA 273 -22.58 -49.96 63.62
CA LEU CA 273 -21.22 -49.43 63.67
C LEU CA 273 -20.75 -49.21 65.11
N GLY CA 274 -21.59 -48.57 65.92
CA GLY CA 274 -21.16 -48.16 67.25
C GLY CA 274 -21.87 -48.85 68.41
N ASP CA 275 -22.53 -49.98 68.14
CA ASP CA 275 -23.25 -50.69 69.19
C ASP CA 275 -22.43 -51.88 69.65
N PRO CA 276 -21.90 -51.88 70.87
CA PRO CA 276 -21.13 -53.03 71.34
C PRO CA 276 -21.96 -54.30 71.49
N ALA CA 277 -23.29 -54.19 71.58
CA ALA CA 277 -24.15 -55.35 71.74
C ALA CA 277 -24.13 -56.26 70.52
N THR CA 278 -23.79 -55.73 69.34
CA THR CA 278 -23.72 -56.53 68.13
C THR CA 278 -22.39 -56.44 67.41
N ASN CA 279 -21.49 -55.55 67.83
CA ASN CA 279 -20.20 -55.37 67.19
C ASN CA 279 -19.10 -55.63 68.20
N THR CA 280 -18.17 -56.51 67.84
CA THR CA 280 -17.03 -56.78 68.71
C THR CA 280 -16.00 -55.65 68.66
N THR CA 281 -16.02 -54.84 67.61
CA THR CA 281 -15.15 -53.67 67.47
C THR CA 281 -16.02 -52.48 67.16
N PRO CA 282 -16.71 -51.92 68.16
CA PRO CA 282 -17.63 -50.81 67.90
C PRO CA 282 -16.88 -49.58 67.41
N VAL CA 283 -17.38 -48.98 66.34
CA VAL CA 283 -16.76 -47.78 65.80
C VAL CA 283 -17.10 -46.59 66.69
N ASP CA 284 -16.09 -45.76 66.95
CA ASP CA 284 -16.28 -44.59 67.80
C ASP CA 284 -17.12 -43.54 67.06
N MET CA 285 -18.43 -43.56 67.27
CA MET CA 285 -19.31 -42.62 66.59
C MET CA 285 -19.13 -41.19 67.07
N ASN CA 286 -18.49 -40.99 68.22
CA ASN CA 286 -18.22 -39.65 68.76
C ASN CA 286 -19.52 -38.86 68.93
N GLY CA 287 -20.57 -39.52 69.41
CA GLY CA 287 -21.84 -38.88 69.66
C GLY CA 287 -22.90 -39.13 68.61
N ALA CA 288 -22.55 -39.74 67.48
CA ALA CA 288 -23.52 -40.00 66.44
C ALA CA 288 -24.36 -41.23 66.79
N ASP CA 289 -25.24 -41.61 65.87
CA ASP CA 289 -26.10 -42.77 66.09
C ASP CA 289 -25.27 -44.04 66.02
N PRO CA 290 -25.25 -44.85 67.08
CA PRO CA 290 -24.44 -46.08 67.05
C PRO CA 290 -25.11 -47.23 66.32
N ALA CA 291 -26.39 -47.12 65.98
CA ALA CA 291 -27.12 -48.20 65.33
C ALA CA 291 -27.18 -48.07 63.82
N GLN CA 292 -26.27 -47.30 63.22
CA GLN CA 292 -26.26 -47.12 61.78
C GLN CA 292 -25.94 -48.44 61.08
N THR CA 293 -26.69 -48.75 60.02
CA THR CA 293 -26.50 -49.95 59.24
C THR CA 293 -26.23 -49.58 57.79
N LEU CA 294 -25.36 -50.36 57.15
CA LEU CA 294 -24.96 -50.13 55.76
C LEU CA 294 -25.46 -51.28 54.89
N ASN CA 295 -26.07 -50.94 53.77
CA ASN CA 295 -26.52 -51.92 52.79
C ASN CA 295 -25.66 -51.79 51.55
N PHE CA 296 -25.02 -52.89 51.14
CA PHE CA 296 -24.13 -52.90 49.99
C PHE CA 296 -24.84 -53.54 48.82
N GLY CA 297 -24.91 -52.84 47.70
CA GLY CA 297 -25.48 -53.38 46.49
C GLY CA 297 -24.43 -53.57 45.41
N LEU CA 298 -24.07 -54.82 45.13
CA LEU CA 298 -23.03 -55.15 44.17
C LEU CA 298 -23.61 -56.00 43.04
N GLY CA 299 -24.77 -55.60 42.52
CA GLY CA 299 -25.44 -56.38 41.48
C GLY CA 299 -24.82 -56.29 40.11
N SER CA 300 -23.90 -55.36 39.90
CA SER CA 300 -23.26 -55.18 38.60
C SER CA 300 -21.80 -55.63 38.59
N ALA CA 301 -21.34 -56.29 39.66
CA ALA CA 301 -19.97 -56.75 39.72
C ALA CA 301 -19.72 -57.84 38.70
N THR CA 302 -18.55 -57.81 38.06
CA THR CA 302 -18.19 -58.76 37.03
C THR CA 302 -16.76 -59.25 37.27
N GLN CA 303 -16.45 -60.40 36.69
CA GLN CA 303 -15.10 -60.96 36.72
C GLN CA 303 -14.71 -61.31 35.29
N PHE CA 304 -13.83 -60.49 34.71
CA PHE CA 304 -13.32 -60.71 33.36
C PHE CA 304 -11.81 -60.78 33.41
N ALA CA 305 -11.19 -60.86 32.23
CA ALA CA 305 -9.74 -60.85 32.14
C ALA CA 305 -9.15 -59.46 32.39
N ALA CA 306 -10.00 -58.42 32.40
CA ALA CA 306 -9.51 -57.08 32.61
C ALA CA 306 -8.97 -56.92 34.03
N PRO CA 307 -8.01 -56.02 34.23
CA PRO CA 307 -7.45 -55.83 35.58
C PRO CA 307 -8.47 -55.27 36.57
N PHE CA 308 -8.06 -55.16 37.83
CA PHE CA 308 -8.96 -54.65 38.87
C PHE CA 308 -9.36 -53.22 38.57
N GLU CA 309 -10.65 -52.93 38.72
CA GLU CA 309 -11.18 -51.63 38.33
C GLU CA 309 -12.41 -51.30 39.18
N LEU CA 310 -12.48 -50.05 39.64
CA LEU CA 310 -13.64 -49.54 40.38
C LEU CA 310 -14.47 -48.73 39.39
N THR CA 311 -15.41 -49.39 38.73
CA THR CA 311 -16.18 -48.74 37.67
C THR CA 311 -17.13 -47.69 38.22
N LYS CA 312 -17.87 -48.04 39.28
CA LYS CA 312 -18.91 -47.16 39.80
C LYS CA 312 -18.92 -47.22 41.32
N PHE CA 313 -19.12 -46.07 41.96
CA PHE CA 313 -19.29 -46.00 43.40
C PHE CA 313 -20.33 -44.94 43.71
N ASP CA 314 -21.46 -45.34 44.29
CA ASP CA 314 -22.54 -44.43 44.62
C ASP CA 314 -23.00 -44.68 46.04
N GLU CA 315 -23.27 -43.60 46.77
CA GLU CA 315 -23.79 -43.66 48.13
C GLU CA 315 -24.98 -42.71 48.25
N ASP CA 316 -25.63 -42.75 49.41
CA ASP CA 316 -26.77 -41.88 49.69
C ASP CA 316 -26.48 -40.93 50.85
N GLY CA 317 -25.23 -40.83 51.27
CA GLY CA 317 -24.87 -39.93 52.35
C GLY CA 317 -24.86 -38.48 51.91
N ALA CA 318 -24.86 -37.59 52.90
CA ALA CA 318 -24.88 -36.16 52.62
C ALA CA 318 -24.31 -35.41 53.82
N THR CA 319 -23.95 -34.15 53.58
CA THR CA 319 -23.39 -33.29 54.60
C THR CA 319 -24.06 -31.92 54.49
N THR CA 320 -23.82 -31.09 55.50
CA THR CA 320 -24.39 -29.74 55.49
C THR CA 320 -23.85 -28.94 54.32
N GLY CA 321 -24.70 -28.10 53.74
CA GLY CA 321 -24.31 -27.33 52.57
C GLY CA 321 -25.15 -26.09 52.43
N PHE CA 322 -24.77 -25.28 51.44
CA PHE CA 322 -25.42 -23.99 51.20
C PHE CA 322 -25.96 -23.96 49.78
N LEU CA 323 -27.12 -23.34 49.62
CA LEU CA 323 -27.75 -23.21 48.31
C LEU CA 323 -26.79 -22.55 47.32
N THR CA 324 -26.53 -23.24 46.21
CA THR CA 324 -25.57 -22.77 45.20
C THR CA 324 -26.24 -22.19 43.97
N LYS CA 325 -27.19 -22.91 43.37
CA LYS CA 325 -27.90 -22.40 42.20
C LYS CA 325 -29.29 -23.01 42.13
N VAL CA 326 -30.17 -22.31 41.43
CA VAL CA 326 -31.56 -22.72 41.27
C VAL CA 326 -31.93 -22.61 39.80
N ASP CA 327 -32.54 -23.67 39.26
CA ASP CA 327 -33.00 -23.66 37.88
C ASP CA 327 -34.35 -24.36 37.81
N PHE CA 328 -35.05 -24.13 36.71
CA PHE CA 328 -36.39 -24.68 36.48
C PHE CA 328 -36.37 -25.55 35.24
N ASP CA 329 -36.89 -26.76 35.36
CA ASP CA 329 -36.99 -27.65 34.21
C ASP CA 329 -38.32 -27.45 33.51
N GLU CA 330 -38.52 -28.17 32.40
CA GLU CA 330 -39.74 -28.06 31.63
C GLU CA 330 -40.96 -28.56 32.42
N ASN CA 331 -40.75 -29.50 33.34
CA ASN CA 331 -41.85 -30.03 34.14
C ASN CA 331 -42.28 -29.08 35.25
N GLY CA 332 -41.57 -27.98 35.45
CA GLY CA 332 -41.89 -27.05 36.50
C GLY CA 332 -41.25 -27.32 37.84
N SER CA 333 -40.52 -28.43 37.97
CA SER CA 333 -39.83 -28.73 39.22
C SER CA 333 -38.67 -27.76 39.41
N VAL CA 334 -38.67 -27.08 40.54
CA VAL CA 334 -37.61 -26.14 40.88
C VAL CA 334 -36.52 -26.92 41.59
N MET CA 335 -35.39 -27.08 40.92
CA MET CA 335 -34.28 -27.84 41.45
C MET CA 335 -33.20 -26.91 41.98
N GLY CA 336 -32.57 -27.32 43.08
CA GLY CA 336 -31.50 -26.55 43.66
C GLY CA 336 -30.36 -27.43 44.14
N THR CA 337 -29.15 -27.09 43.74
CA THR CA 337 -27.96 -27.84 44.12
C THR CA 337 -27.25 -27.11 45.25
N TYR CA 338 -26.77 -27.87 46.22
CA TYR CA 338 -26.13 -27.33 47.40
C TYR CA 338 -24.63 -27.60 47.34
N SER CA 339 -23.92 -27.13 48.38
CA SER CA 339 -22.47 -27.29 48.40
C SER CA 339 -22.07 -28.75 48.59
N ASN CA 340 -22.88 -29.53 49.31
CA ASN CA 340 -22.56 -30.95 49.50
C ASN CA 340 -22.63 -31.70 48.18
N GLY CA 341 -23.59 -31.37 47.33
CA GLY CA 341 -23.74 -31.99 46.02
C GLY CA 341 -25.12 -32.54 45.73
N GLU CA 342 -26.00 -32.67 46.71
CA GLU CA 342 -27.32 -33.21 46.47
C GLU CA 342 -28.17 -32.25 45.64
N ASN CA 343 -28.82 -32.77 44.61
CA ASN CA 343 -29.72 -31.99 43.77
C ASN CA 343 -31.15 -32.11 44.29
N VAL CA 344 -31.38 -31.47 45.44
CA VAL CA 344 -32.68 -31.56 46.11
C VAL CA 344 -33.71 -30.80 45.29
N THR CA 345 -34.87 -31.43 45.08
CA THR CA 345 -35.98 -30.81 44.36
C THR CA 345 -36.83 -30.05 45.37
N LEU CA 346 -36.86 -28.73 45.26
CA LEU CA 346 -37.60 -27.91 46.22
C LEU CA 346 -39.11 -28.12 46.07
N GLY CA 347 -39.58 -28.33 44.85
CA GLY CA 347 -41.00 -28.57 44.64
C GLY CA 347 -41.35 -28.40 43.17
N ARG CA 348 -42.65 -28.33 42.92
CA ARG CA 348 -43.18 -28.06 41.59
C ARG CA 348 -44.04 -26.81 41.63
N VAL CA 349 -44.37 -26.30 40.45
CA VAL CA 349 -45.22 -25.12 40.31
C VAL CA 349 -46.59 -25.59 39.86
N ALA CA 350 -47.61 -25.30 40.66
CA ALA CA 350 -48.95 -25.75 40.37
C ALA CA 350 -49.52 -25.01 39.17
N LEU CA 351 -50.34 -25.73 38.39
CA LEU CA 351 -51.05 -25.17 37.25
C LEU CA 351 -52.53 -25.46 37.40
N VAL CA 352 -53.36 -24.48 37.06
CA VAL CA 352 -54.79 -24.57 37.23
C VAL CA 352 -55.46 -24.32 35.89
N ARG CA 353 -56.43 -25.16 35.54
CA ARG CA 353 -57.20 -25.02 34.31
C ARG CA 353 -58.68 -25.10 34.65
N VAL CA 354 -59.47 -24.24 34.01
CA VAL CA 354 -60.92 -24.29 34.19
C VAL CA 354 -61.56 -24.65 32.84
N PRO CA 355 -62.68 -25.38 32.83
CA PRO CA 355 -63.29 -25.74 31.54
C PRO CA 355 -63.74 -24.54 30.73
N ASN CA 356 -64.21 -23.48 31.37
CA ASN CA 356 -64.70 -22.28 30.70
C ASN CA 356 -63.92 -21.08 31.22
N GLU CA 357 -62.95 -20.62 30.43
CA GLU CA 357 -62.16 -19.46 30.83
C GLU CA 357 -62.90 -18.15 30.66
N GLN CA 358 -63.98 -18.13 29.88
CA GLN CA 358 -64.73 -16.90 29.64
C GLN CA 358 -65.59 -16.49 30.82
N GLY CA 359 -65.68 -17.31 31.86
CA GLY CA 359 -66.56 -17.00 32.97
C GLY CA 359 -65.85 -16.62 34.25
N LEU CA 360 -64.52 -16.69 34.25
CA LEU CA 360 -63.75 -16.29 35.41
C LEU CA 360 -63.99 -14.81 35.71
N ASP CA 361 -64.33 -14.51 36.96
CA ASP CA 361 -64.50 -13.13 37.37
C ASP CA 361 -63.13 -12.48 37.51
N LYS CA 362 -63.07 -11.19 37.21
CA LYS CA 362 -61.80 -10.48 37.10
C LYS CA 362 -61.54 -9.69 38.38
N LYS CA 363 -60.49 -10.06 39.09
CA LYS CA 363 -60.03 -9.31 40.24
C LYS CA 363 -58.97 -8.29 39.79
N GLY CA 364 -58.47 -7.51 40.74
CA GLY CA 364 -57.42 -6.57 40.43
C GLY CA 364 -56.07 -7.24 40.25
N GLY CA 365 -55.16 -6.50 39.64
CA GLY CA 365 -53.81 -7.01 39.45
C GLY CA 365 -53.70 -8.19 38.52
N THR CA 366 -54.48 -8.21 37.44
CA THR CA 366 -54.44 -9.27 36.43
C THR CA 366 -54.60 -10.64 37.07
N GLN CA 367 -55.64 -10.78 37.87
CA GLN CA 367 -55.92 -12.02 38.56
C GLN CA 367 -57.38 -12.42 38.37
N TRP CA 368 -57.62 -13.72 38.31
CA TRP CA 368 -58.94 -14.27 38.09
C TRP CA 368 -59.27 -15.27 39.20
N ASP CA 369 -60.56 -15.48 39.42
CA ASP CA 369 -61.05 -16.46 40.37
C ASP CA 369 -62.12 -17.29 39.69
N SER CA 370 -62.39 -18.47 40.27
CA SER CA 370 -63.34 -19.41 39.68
C SER CA 370 -64.73 -19.15 40.23
N THR CA 371 -65.69 -18.92 39.34
CA THR CA 371 -67.07 -18.70 39.71
C THR CA 371 -67.93 -19.88 39.26
N GLN CA 372 -69.24 -19.73 39.43
CA GLN CA 372 -70.17 -20.79 39.06
C GLN CA 372 -70.13 -21.07 37.56
N PHE CA 373 -70.12 -20.02 36.74
CA PHE CA 373 -70.12 -20.20 35.30
C PHE CA 373 -68.80 -20.77 34.81
N SER CA 374 -67.69 -20.37 35.44
CA SER CA 374 -66.39 -20.87 35.03
C SER CA 374 -66.26 -22.38 35.27
N GLY CA 375 -66.77 -22.85 36.40
CA GLY CA 375 -66.67 -24.25 36.78
C GLY CA 375 -65.89 -24.41 38.08
N ASP CA 376 -65.06 -25.45 38.13
CA ASP CA 376 -64.22 -25.71 39.28
C ASP CA 376 -62.76 -25.83 38.84
N LYS CA 377 -61.86 -25.38 39.70
CA LYS CA 377 -60.44 -25.38 39.38
C LYS CA 377 -59.94 -26.81 39.25
N ILE CA 378 -59.33 -27.13 38.11
CA ILE CA 378 -58.75 -28.44 37.85
C ILE CA 378 -57.25 -28.31 38.01
N TRP CA 379 -56.71 -28.94 39.04
CA TRP CA 379 -55.28 -28.84 39.33
C TRP CA 379 -54.51 -29.86 38.50
N GLY CA 380 -53.24 -29.54 38.24
CA GLY CA 380 -52.40 -30.41 37.45
C GLY CA 380 -50.97 -29.92 37.45
N GLU CA 381 -50.10 -30.73 36.86
CA GLU CA 381 -48.69 -30.40 36.76
C GLU CA 381 -48.43 -29.63 35.47
N SER CA 382 -47.15 -29.46 35.14
CA SER CA 382 -46.74 -28.83 33.89
C SER CA 382 -46.49 -29.90 32.84
N ASN CA 383 -46.96 -29.66 31.62
CA ASN CA 383 -46.76 -30.56 30.49
C ASN CA 383 -47.35 -31.95 30.79
N LYS CA 384 -48.56 -31.95 31.32
CA LYS CA 384 -49.29 -33.18 31.61
C LYS CA 384 -50.74 -33.02 31.19
N GLY CA 385 -51.24 -33.97 30.42
CA GLY CA 385 -52.61 -33.91 29.97
C GLY CA 385 -52.84 -32.71 29.06
N SER CA 386 -53.82 -31.88 29.41
CA SER CA 386 -54.17 -30.71 28.62
C SER CA 386 -53.43 -29.46 29.06
N PHE CA 387 -52.57 -29.55 30.07
CA PHE CA 387 -51.83 -28.39 30.52
C PHE CA 387 -50.67 -28.09 29.58
N GLY CA 388 -50.18 -26.86 29.63
CA GLY CA 388 -49.06 -26.43 28.85
C GLY CA 388 -47.75 -26.61 29.59
N THR CA 389 -46.72 -25.95 29.08
CA THR CA 389 -45.38 -26.00 29.65
C THR CA 389 -45.05 -24.68 30.33
N ILE CA 390 -43.99 -24.70 31.13
CA ILE CA 390 -43.53 -23.54 31.87
C ILE CA 390 -42.11 -23.22 31.42
N ASN CA 391 -41.88 -22.00 30.96
CA ASN CA 391 -40.57 -21.54 30.53
C ASN CA 391 -40.09 -20.45 31.48
N ASN CA 392 -38.87 -20.58 31.97
CA ASN CA 392 -38.29 -19.57 32.83
C ASN CA 392 -37.56 -18.53 32.01
N GLY CA 393 -37.45 -17.33 32.57
CA GLY CA 393 -36.81 -16.23 31.88
C GLY CA 393 -37.68 -15.51 30.87
N MET CA 394 -38.98 -15.74 30.87
CA MET CA 394 -39.89 -15.12 29.93
C MET CA 394 -41.08 -14.52 30.68
N LEU CA 395 -41.79 -13.62 30.01
CA LEU CA 395 -42.99 -13.01 30.55
C LEU CA 395 -44.01 -12.84 29.44
N GLU CA 396 -45.27 -12.76 29.82
CA GLU CA 396 -46.38 -12.61 28.89
C GLU CA 396 -46.75 -11.14 28.76
N GLN CA 397 -46.89 -10.68 27.53
CA GLN CA 397 -47.40 -9.34 27.26
C GLN CA 397 -48.91 -9.40 27.01
N SER CA 398 -49.52 -8.24 26.78
CA SER CA 398 -50.93 -8.21 26.46
C SER CA 398 -51.18 -8.84 25.09
N ASN CA 399 -52.29 -9.57 24.99
CA ASN CA 399 -52.64 -10.23 23.73
C ASN CA 399 -53.51 -9.31 22.87
N ILE CA 400 -52.99 -8.11 22.63
CA ILE CA 400 -53.70 -7.08 21.89
C ILE CA 400 -52.86 -6.68 20.69
N ASP CA 401 -53.54 -6.10 19.69
CA ASP CA 401 -52.91 -5.59 18.48
C ASP CA 401 -53.28 -4.13 18.34
N MET CA 402 -52.28 -3.25 18.33
CA MET CA 402 -52.54 -1.81 18.35
C MET CA 402 -53.31 -1.36 17.12
N THR CA 403 -52.97 -1.91 15.95
CA THR CA 403 -53.67 -1.54 14.71
C THR CA 403 -55.16 -1.81 14.82
N GLN CA 404 -55.52 -3.02 15.26
CA GLN CA 404 -56.93 -3.37 15.38
C GLN CA 404 -57.63 -2.49 16.40
N GLU CA 405 -56.97 -2.21 17.52
CA GLU CA 405 -57.58 -1.37 18.55
C GLU CA 405 -57.83 0.04 18.02
N LEU CA 406 -56.87 0.61 17.30
CA LEU CA 406 -57.06 1.96 16.75
C LEU CA 406 -58.18 1.99 15.72
N VAL CA 407 -58.24 0.98 14.85
CA VAL CA 407 -59.29 0.94 13.85
C VAL CA 407 -60.66 0.81 14.53
N ASP CA 408 -60.75 -0.04 15.56
CA ASP CA 408 -62.00 -0.17 16.30
C ASP CA 408 -62.36 1.13 17.00
N LEU CA 409 -61.36 1.86 17.48
CA LEU CA 409 -61.61 3.16 18.11
C LEU CA 409 -62.24 4.12 17.11
N ILE CA 410 -61.69 4.16 15.89
CA ILE CA 410 -62.24 5.03 14.85
C ILE CA 410 -63.67 4.63 14.51
N SER CA 411 -63.91 3.31 14.38
CA SER CA 411 -65.25 2.85 14.04
C SER CA 411 -66.24 3.16 15.15
N ALA CA 412 -65.83 3.00 16.40
CA ALA CA 412 -66.71 3.32 17.52
C ALA CA 412 -67.03 4.80 17.56
N GLN CA 413 -66.04 5.66 17.28
CA GLN CA 413 -66.32 7.09 17.20
C GLN CA 413 -67.32 7.39 16.09
N ARG CA 414 -67.17 6.73 14.95
CA ARG CA 414 -68.10 6.94 13.84
C ARG CA 414 -69.53 6.53 14.24
N ASN CA 415 -69.67 5.38 14.90
CA ASN CA 415 -70.99 4.94 15.34
C ASN CA 415 -71.58 5.89 16.37
N PHE CA 416 -70.75 6.38 17.30
CA PHE CA 416 -71.23 7.32 18.30
C PHE CA 416 -71.71 8.62 17.66
N GLN CA 417 -70.98 9.10 16.65
CA GLN CA 417 -71.41 10.30 15.94
C GLN CA 417 -72.74 10.05 15.21
N ALA CA 418 -72.88 8.87 14.60
CA ALA CA 418 -74.14 8.55 13.93
C ALA CA 418 -75.31 8.54 14.91
N ASN CA 419 -75.12 7.91 16.07
CA ASN CA 419 -76.19 7.85 17.07
C ASN CA 419 -76.52 9.24 17.60
N SER CA 420 -75.50 10.08 17.82
CA SER CA 420 -75.75 11.45 18.26
C SER CA 420 -76.54 12.21 17.21
N ARG CA 421 -76.23 11.99 15.92
CA ARG CA 421 -77.00 12.62 14.86
C ARG CA 421 -78.45 12.17 14.90
N SER CA 422 -78.69 10.88 15.13
CA SER CA 422 -80.06 10.39 15.22
C SER CA 422 -80.80 11.04 16.38
N LEU CA 423 -80.16 11.15 17.54
CA LEU CA 423 -80.79 11.76 18.70
C LEU CA 423 -81.10 13.23 18.44
N GLU CA 424 -80.17 13.94 17.77
CA GLU CA 424 -80.40 15.32 17.39
C GLU CA 424 -81.60 15.45 16.47
N VAL CA 425 -81.72 14.52 15.51
CA VAL CA 425 -82.87 14.55 14.61
C VAL CA 425 -84.17 14.37 15.37
N HIS CA 426 -84.19 13.42 16.31
CA HIS CA 426 -85.39 13.20 17.12
C HIS CA 426 -85.76 14.47 17.88
N ASN CA 427 -84.78 15.10 18.53
CA ASN CA 427 -85.07 16.30 19.32
C ASN CA 427 -85.53 17.44 18.43
N GLN CA 428 -84.93 17.59 17.24
CA GLN CA 428 -85.37 18.63 16.32
C GLN CA 428 -86.81 18.40 15.88
N LEU CA 429 -87.18 17.15 15.61
CA LEU CA 429 -88.56 16.85 15.25
C LEU CA 429 -89.51 17.22 16.39
N GLN CA 430 -89.15 16.86 17.62
CA GLN CA 430 -90.03 17.17 18.74
C GLN CA 430 -90.18 18.68 18.93
N GLN CA 431 -89.07 19.42 18.82
CA GLN CA 431 -89.16 20.88 18.95
C GLN CA 431 -89.95 21.50 17.81
N ASN CA 432 -89.86 20.93 16.60
CA ASN CA 432 -90.67 21.42 15.50
C ASN CA 432 -92.15 21.21 15.77
N ILE CA 433 -92.50 20.06 16.35
CA ILE CA 433 -93.89 19.85 16.76
C ILE CA 433 -94.28 20.86 17.84
N LEU CA 434 -93.34 21.19 18.72
CA LEU CA 434 -93.64 22.08 19.84
C LEU CA 434 -94.12 23.46 19.37
N GLN CA 435 -93.56 23.97 18.28
CA GLN CA 435 -93.84 25.33 17.84
C GLN CA 435 -95.03 25.36 16.86
N ILE CA 436 -96.17 24.92 17.35
CA ILE CA 436 -97.40 24.92 16.56
C ILE CA 436 -98.55 25.50 17.37
N SER DA 2 -79.96 27.33 38.99
CA SER DA 2 -78.92 28.07 38.30
C SER DA 2 -77.73 28.32 39.21
N TYR DA 3 -78.00 28.46 40.51
CA TYR DA 3 -76.92 28.65 41.47
C TYR DA 3 -76.01 27.43 41.55
N VAL DA 4 -76.57 26.23 41.33
CA VAL DA 4 -75.74 25.04 41.28
C VAL DA 4 -74.81 25.09 40.06
N SER DA 5 -75.36 25.51 38.91
CA SER DA 5 -74.53 25.64 37.71
C SER DA 5 -73.48 26.72 37.89
N LEU DA 6 -73.85 27.82 38.56
CA LEU DA 6 -72.88 28.87 38.83
C LEU DA 6 -71.77 28.38 39.75
N SER DA 7 -72.13 27.57 40.75
CA SER DA 7 -71.12 26.99 41.63
C SER DA 7 -70.19 26.06 40.85
N GLY DA 8 -70.74 25.27 39.93
CA GLY DA 8 -69.91 24.44 39.09
C GLY DA 8 -68.96 25.25 38.23
N LEU DA 9 -69.47 26.35 37.65
CA LEU DA 9 -68.61 27.23 36.87
C LEU DA 9 -67.50 27.82 37.72
N SER DA 10 -67.84 28.25 38.95
CA SER DA 10 -66.83 28.81 39.85
C SER DA 10 -65.77 27.78 40.19
N ALA DA 11 -66.17 26.54 40.48
CA ALA DA 11 -65.20 25.50 40.80
C ALA DA 11 -64.31 25.19 39.62
N ALA DA 12 -64.89 25.10 38.42
CA ALA DA 12 -64.09 24.82 37.24
C ALA DA 12 -63.10 25.95 36.97
N GLN DA 13 -63.54 27.20 37.13
CA GLN DA 13 -62.64 28.32 36.90
C GLN DA 13 -61.55 28.38 37.95
N LEU DA 14 -61.86 28.03 39.20
CA LEU DA 14 -60.82 27.97 40.23
C LEU DA 14 -59.78 26.91 39.90
N ASP DA 15 -60.23 25.73 39.43
CA ASP DA 15 -59.28 24.70 39.03
C ASP DA 15 -58.44 25.16 37.86
N LEU DA 16 -59.06 25.85 36.90
CA LEU DA 16 -58.33 26.39 35.76
C LEU DA 16 -57.27 27.39 36.21
N ASN DA 17 -57.62 28.27 37.15
CA ASN DA 17 -56.65 29.24 37.66
C ASN DA 17 -55.50 28.55 38.37
N THR DA 18 -55.80 27.52 39.17
CA THR DA 18 -54.74 26.80 39.86
C THR DA 18 -53.80 26.13 38.87
N THR DA 19 -54.35 25.50 37.84
CA THR DA 19 -53.51 24.86 36.83
C THR DA 19 -52.69 25.89 36.07
N SER DA 20 -53.29 27.05 35.77
CA SER DA 20 -52.55 28.11 35.10
C SER DA 20 -51.39 28.61 35.94
N ASN DA 21 -51.63 28.77 37.25
CA ASN DA 21 -50.54 29.19 38.14
C ASN DA 21 -49.42 28.15 38.18
N ASN DA 22 -49.80 26.86 38.25
CA ASN DA 22 -48.79 25.81 38.25
C ASN DA 22 -47.97 25.83 36.97
N ILE DA 23 -48.63 26.02 35.83
CA ILE DA 23 -47.90 26.07 34.56
C ILE DA 23 -47.02 27.30 34.48
N ALA DA 24 -47.51 28.44 34.97
CA ALA DA 24 -46.72 29.68 34.93
C ALA DA 24 -45.47 29.56 35.78
N ASN DA 25 -45.57 28.92 36.94
CA ASN DA 25 -44.44 28.79 37.84
C ASN DA 25 -43.54 27.60 37.50
N ALA DA 26 -43.56 27.12 36.24
CA ALA DA 26 -42.80 25.94 35.87
C ALA DA 26 -41.30 26.14 36.01
N ASN DA 27 -40.81 27.38 35.98
CA ASN DA 27 -39.38 27.64 36.04
C ASN DA 27 -38.93 28.27 37.35
N THR DA 28 -39.86 28.64 38.23
CA THR DA 28 -39.48 29.22 39.51
C THR DA 28 -38.72 28.20 40.36
N TYR DA 29 -37.63 28.67 40.97
CA TYR DA 29 -36.80 27.80 41.80
C TYR DA 29 -37.48 27.58 43.14
N GLY DA 30 -37.59 26.31 43.54
CA GLY DA 30 -38.14 25.98 44.85
C GLY DA 30 -39.65 26.05 44.95
N PHE DA 31 -40.34 26.34 43.86
CA PHE DA 31 -41.80 26.41 43.89
C PHE DA 31 -42.40 25.03 44.11
N LYS DA 32 -43.52 25.00 44.83
CA LYS DA 32 -44.28 23.78 45.07
C LYS DA 32 -45.67 23.94 44.49
N GLU DA 33 -46.11 22.94 43.73
CA GLU DA 33 -47.39 23.04 43.03
C GLU DA 33 -48.54 23.09 44.03
N SER DA 34 -49.72 23.44 43.51
CA SER DA 34 -50.93 23.53 44.30
C SER DA 34 -52.02 22.69 43.66
N ARG DA 35 -52.85 22.09 44.51
CA ARG DA 35 -53.95 21.25 44.06
C ARG DA 35 -55.25 21.76 44.64
N ALA DA 36 -56.29 21.80 43.81
CA ALA DA 36 -57.60 22.31 44.21
C ALA DA 36 -58.51 21.14 44.54
N GLU DA 37 -59.09 21.15 45.74
CA GLU DA 37 -59.98 20.11 46.21
C GLU DA 37 -61.32 20.72 46.56
N PHE DA 38 -62.40 20.08 46.12
CA PHE DA 38 -63.76 20.59 46.30
C PHE DA 38 -64.57 19.60 47.12
N ALA DA 39 -65.75 20.06 47.55
CA ALA DA 39 -66.63 19.26 48.39
C ALA DA 39 -68.08 19.55 48.01
N ASP DA 40 -68.95 18.60 48.36
CA ASP DA 40 -70.36 18.73 48.05
C ASP DA 40 -71.04 19.73 48.99
N VAL DA 41 -72.20 20.22 48.57
CA VAL DA 41 -73.00 21.16 49.33
C VAL DA 41 -74.37 20.53 49.59
N TYR DA 42 -74.82 20.59 50.83
CA TYR DA 42 -76.14 20.06 51.18
C TYR DA 42 -76.68 20.84 52.37
N SER DA 43 -77.98 21.11 52.34
CA SER DA 43 -78.62 21.86 53.41
C SER DA 43 -78.85 20.99 54.63
N ASN DA 44 -79.04 21.64 55.77
CA ASN DA 44 -79.29 20.98 57.05
C ASN DA 44 -80.46 21.63 57.77
N SER DA 45 -81.54 21.86 57.03
CA SER DA 45 -82.74 22.43 57.63
C SER DA 45 -83.35 21.45 58.63
N LEU DA 46 -84.03 22.01 59.64
CA LEU DA 46 -84.66 21.18 60.65
C LEU DA 46 -85.73 20.29 60.04
N PHE DA 47 -86.53 20.85 59.14
CA PHE DA 47 -87.55 20.07 58.41
C PHE DA 47 -87.11 19.95 56.95
N THR DA 48 -86.31 18.92 56.69
CA THR DA 48 -85.77 18.64 55.37
C THR DA 48 -86.42 17.37 54.83
N ASN DA 49 -86.90 17.43 53.58
CA ASN DA 49 -87.46 16.24 52.96
C ASN DA 49 -86.39 15.21 52.64
N ALA DA 50 -85.15 15.65 52.43
CA ALA DA 50 -84.00 14.77 52.20
C ALA DA 50 -84.18 13.93 50.94
N LYS DA 51 -85.18 13.03 50.94
CA LYS DA 51 -85.42 12.20 49.77
C LYS DA 51 -85.90 13.04 48.58
N THR DA 52 -86.61 14.13 48.85
CA THR DA 52 -87.16 14.98 47.81
C THR DA 52 -86.41 16.30 47.66
N THR DA 53 -85.19 16.39 48.20
CA THR DA 53 -84.40 17.60 48.12
C THR DA 53 -83.13 17.34 47.31
N PRO DA 54 -82.91 18.05 46.22
CA PRO DA 54 -81.68 17.84 45.43
C PRO DA 54 -80.45 18.41 46.10
N GLY DA 55 -79.31 18.32 45.43
CA GLY DA 55 -78.07 18.83 45.98
C GLY DA 55 -78.03 20.34 46.00
N GLY DA 56 -76.92 20.86 46.54
CA GLY DA 56 -76.75 22.30 46.67
C GLY DA 56 -75.55 22.83 45.93
N GLY DA 57 -75.01 22.04 45.00
CA GLY DA 57 -73.89 22.48 44.20
C GLY DA 57 -72.56 21.94 44.69
N ALA DA 58 -71.47 22.66 44.38
CA ALA DA 58 -70.13 22.27 44.77
C ALA DA 58 -69.41 23.46 45.37
N GLN DA 59 -68.72 23.25 46.47
CA GLN DA 59 -68.01 24.30 47.20
C GLN DA 59 -66.53 23.97 47.26
N ALA DA 60 -65.70 24.97 46.99
CA ALA DA 60 -64.25 24.78 47.11
C ALA DA 60 -63.86 24.55 48.56
N SER DA 61 -63.14 23.47 48.80
CA SER DA 61 -62.71 23.13 50.16
C SER DA 61 -61.39 23.78 50.51
N GLN DA 62 -60.35 23.53 49.73
CA GLN DA 62 -59.05 24.10 49.99
C GLN DA 62 -58.20 24.00 48.73
N VAL DA 63 -57.17 24.83 48.67
CA VAL DA 63 -56.12 24.71 47.65
C VAL DA 63 -54.90 24.11 48.34
N ALA DA 64 -54.57 22.88 47.97
CA ALA DA 64 -53.48 22.16 48.61
C ALA DA 64 -52.14 22.76 48.21
N GLN DA 65 -51.09 22.31 48.88
CA GLN DA 65 -49.72 22.78 48.70
C GLN DA 65 -48.77 21.59 48.65
N GLN DA 66 -49.08 20.62 47.80
CA GLN DA 66 -48.30 19.39 47.68
C GLN DA 66 -46.81 19.67 47.72
N PHE DA 67 -46.13 19.08 48.71
CA PHE DA 67 -44.75 19.40 49.04
C PHE DA 67 -43.79 18.29 48.68
N HIS DA 68 -44.14 17.49 47.67
CA HIS DA 68 -43.24 16.42 47.26
C HIS DA 68 -41.99 17.00 46.61
N GLU DA 69 -40.86 16.33 46.81
CA GLU DA 69 -39.59 16.83 46.33
C GLU DA 69 -39.60 17.01 44.82
N GLY DA 70 -39.13 18.17 44.36
CA GLY DA 70 -39.01 18.43 42.94
C GLY DA 70 -37.67 18.02 42.38
N SER DA 71 -37.55 18.12 41.07
CA SER DA 71 -36.30 17.73 40.42
C SER DA 71 -35.21 18.75 40.73
N SER DA 72 -33.96 18.32 40.54
CA SER DA 72 -32.80 19.12 40.87
C SER DA 72 -31.98 19.38 39.62
N ILE DA 73 -31.51 20.62 39.46
CA ILE DA 73 -30.67 21.01 38.35
C ILE DA 73 -29.26 21.25 38.88
N TYR DA 74 -28.28 21.06 38.00
CA TYR DA 74 -26.88 21.22 38.35
C TYR DA 74 -26.33 22.43 37.63
N THR DA 75 -25.85 23.41 38.39
CA THR DA 75 -25.30 24.63 37.84
C THR DA 75 -23.81 24.77 38.10
N ASN DA 76 -23.20 23.87 38.87
CA ASN DA 76 -21.79 23.91 39.22
C ASN DA 76 -21.41 25.22 39.90
N ASN DA 77 -22.36 25.88 40.54
CA ASN DA 77 -22.10 27.09 41.29
C ASN DA 77 -22.27 26.79 42.78
N PRO DA 78 -21.19 26.64 43.53
CA PRO DA 78 -21.32 26.13 44.91
C PRO DA 78 -22.12 27.04 45.83
N MET DA 79 -22.34 28.29 45.47
CA MET DA 79 -23.22 29.15 46.26
C MET DA 79 -24.68 28.77 46.16
N ASP DA 80 -25.04 27.87 45.25
CA ASP DA 80 -26.40 27.36 45.14
C ASP DA 80 -26.55 26.15 46.04
N LEU DA 81 -27.60 26.12 46.85
CA LEU DA 81 -27.82 25.07 47.83
C LEU DA 81 -29.21 24.48 47.65
N ARG DA 82 -29.32 23.19 47.98
CA ARG DA 82 -30.58 22.46 47.89
C ARG DA 82 -30.75 21.59 49.12
N VAL DA 83 -31.98 21.55 49.63
CA VAL DA 83 -32.33 20.74 50.79
C VAL DA 83 -32.94 19.44 50.29
N SER DA 84 -32.17 18.36 50.35
CA SER DA 84 -32.65 17.05 49.92
C SER DA 84 -33.31 16.33 51.09
N GLY DA 85 -34.61 16.07 50.96
CA GLY DA 85 -35.34 15.43 52.03
C GLY DA 85 -36.37 16.35 52.67
N THR DA 86 -36.38 16.42 53.99
CA THR DA 86 -37.28 17.29 54.72
C THR DA 86 -36.48 18.43 55.35
N GLY DA 87 -36.95 19.65 55.17
CA GLY DA 87 -36.30 20.82 55.73
C GLY DA 87 -36.46 22.02 54.83
N PHE DA 88 -36.41 23.20 55.43
CA PHE DA 88 -36.51 24.45 54.70
C PHE DA 88 -35.38 25.39 55.13
N PHE DA 89 -34.94 26.22 54.18
CA PHE DA 89 -34.01 27.29 54.51
C PHE DA 89 -34.72 28.39 55.29
N ALA DA 90 -33.97 29.04 56.18
CA ALA DA 90 -34.49 30.13 56.99
C ALA DA 90 -33.81 31.42 56.60
N VAL DA 91 -34.60 32.43 56.23
CA VAL DA 91 -34.08 33.72 55.80
C VAL DA 91 -34.79 34.81 56.59
N ALA DA 92 -34.04 35.85 56.96
CA ALA DA 92 -34.56 36.95 57.75
C ALA DA 92 -34.62 38.21 56.90
N LYS DA 93 -35.64 39.03 57.14
CA LYS DA 93 -35.82 40.26 56.38
C LYS DA 93 -34.68 41.23 56.63
N GLU DA 94 -34.32 41.43 57.89
CA GLU DA 94 -33.27 42.37 58.27
C GLU DA 94 -32.18 41.65 59.05
N ARG DA 95 -30.95 42.13 58.91
CA ARG DA 95 -29.82 41.51 59.60
C ARG DA 95 -29.97 41.60 61.11
N LEU DA 96 -30.49 42.72 61.61
CA LEU DA 96 -30.57 42.97 63.04
C LEU DA 96 -31.81 42.37 63.69
N THR DA 97 -32.68 41.70 62.93
CA THR DA 97 -33.88 41.05 63.46
C THR DA 97 -33.95 39.62 62.95
N PRO DA 98 -33.10 38.73 63.47
CA PRO DA 98 -33.22 37.31 63.09
C PRO DA 98 -34.53 36.68 63.54
N GLN DA 99 -35.20 37.25 64.53
CA GLN DA 99 -36.48 36.69 64.98
C GLN DA 99 -37.52 36.73 63.87
N GLN DA 100 -37.59 37.84 63.12
CA GLN DA 100 -38.51 37.97 62.01
C GLN DA 100 -37.92 37.26 60.80
N ASN DA 101 -38.37 36.04 60.54
CA ASN DA 101 -37.81 35.21 59.48
C ASN DA 101 -38.92 34.48 58.75
N GLU DA 102 -38.59 33.98 57.56
CA GLU DA 102 -39.51 33.21 56.75
C GLU DA 102 -38.80 32.01 56.16
N LEU DA 103 -39.57 31.00 55.78
CA LEU DA 103 -39.03 29.76 55.25
C LEU DA 103 -39.01 29.79 53.73
N THR DA 104 -37.98 29.18 53.14
CA THR DA 104 -37.84 29.14 51.70
C THR DA 104 -37.13 27.86 51.30
N ARG DA 105 -37.17 27.56 50.00
CA ARG DA 105 -36.56 26.34 49.47
C ARG DA 105 -35.51 26.57 48.41
N ASN DA 106 -35.54 27.68 47.69
CA ASN DA 106 -34.53 27.96 46.68
C ASN DA 106 -33.22 28.37 47.35
N GLY DA 107 -32.11 28.10 46.66
CA GLY DA 107 -30.80 28.36 47.23
C GLY DA 107 -29.92 29.28 46.42
N ALA DA 108 -30.53 30.25 45.73
CA ALA DA 108 -29.76 31.22 44.94
C ALA DA 108 -29.15 32.23 45.90
N PHE DA 109 -28.00 31.88 46.46
CA PHE DA 109 -27.34 32.70 47.47
C PHE DA 109 -26.11 33.38 46.90
N HIS DA 110 -25.80 34.54 47.46
CA HIS DA 110 -24.62 35.31 47.06
C HIS DA 110 -24.24 36.24 48.19
N LEU DA 111 -22.99 36.69 48.16
CA LEU DA 111 -22.46 37.59 49.18
C LEU DA 111 -22.86 39.02 48.84
N ASN DA 112 -23.37 39.75 49.83
CA ASN DA 112 -23.65 41.17 49.66
C ASN DA 112 -22.38 41.96 49.94
N LYS DA 113 -22.49 43.29 49.95
CA LYS DA 113 -21.31 44.11 50.19
C LYS DA 113 -20.78 43.95 51.61
N GLU DA 114 -21.56 43.37 52.52
CA GLU DA 114 -21.13 43.14 53.88
C GLU DA 114 -20.66 41.70 54.12
N ASN DA 115 -20.46 40.94 53.05
CA ASN DA 115 -20.01 39.55 53.14
C ASN DA 115 -20.99 38.68 53.92
N TYR DA 116 -22.28 38.92 53.72
CA TYR DA 116 -23.33 38.08 54.27
C TYR DA 116 -24.03 37.35 53.13
N MET DA 117 -24.39 36.09 53.36
CA MET DA 117 -25.08 35.30 52.34
C MET DA 117 -26.56 35.68 52.34
N VAL DA 118 -27.04 36.14 51.18
CA VAL DA 118 -28.41 36.63 51.04
C VAL DA 118 -29.05 35.98 49.82
N THR DA 119 -30.37 36.10 49.75
CA THR DA 119 -31.13 35.58 48.63
C THR DA 119 -31.15 36.61 47.50
N ALA DA 120 -32.01 36.40 46.51
CA ALA DA 120 -32.13 37.36 45.41
C ALA DA 120 -32.63 38.71 45.91
N ASN DA 121 -33.58 38.69 46.84
CA ASN DA 121 -34.15 39.91 47.41
C ASN DA 121 -33.32 40.48 48.55
N ASP DA 122 -32.05 40.09 48.66
CA ASP DA 122 -31.15 40.56 49.71
C ASP DA 122 -31.72 40.28 51.10
N GLU DA 123 -32.21 39.07 51.29
CA GLU DA 123 -32.69 38.61 52.58
C GLU DA 123 -31.64 37.70 53.20
N PHE DA 124 -31.19 38.05 54.41
CA PHE DA 124 -30.06 37.35 55.02
C PHE DA 124 -30.42 35.92 55.36
N LEU DA 125 -29.47 35.02 55.16
CA LEU DA 125 -29.65 33.61 55.45
C LEU DA 125 -29.29 33.32 56.89
N LEU DA 126 -30.19 32.66 57.62
CA LEU DA 126 -29.99 32.36 59.02
C LEU DA 126 -29.12 31.13 59.20
N GLY DA 127 -28.20 31.20 60.16
CA GLY DA 127 -27.29 30.10 60.43
C GLY DA 127 -26.96 30.01 61.91
N TYR DA 128 -26.28 28.91 62.26
CA TYR DA 128 -25.87 28.66 63.62
C TYR DA 128 -24.44 29.14 63.84
N GLN DA 129 -23.95 28.96 65.07
CA GLN DA 129 -22.57 29.28 65.43
C GLN DA 129 -21.97 28.07 66.11
N VAL DA 130 -20.97 27.46 65.49
CA VAL DA 130 -20.36 26.23 65.99
C VAL DA 130 -19.19 26.58 66.90
N ASP DA 131 -18.79 25.61 67.72
CA ASP DA 131 -17.61 25.78 68.56
C ASP DA 131 -16.34 25.66 67.72
N PRO DA 132 -15.28 26.37 68.09
CA PRO DA 132 -14.04 26.31 67.29
C PRO DA 132 -13.49 24.91 67.14
N SER DA 133 -13.53 24.11 68.21
CA SER DA 133 -13.04 22.74 68.18
C SER DA 133 -14.17 21.71 68.14
N SER DA 134 -15.12 21.81 69.06
CA SER DA 134 -16.23 20.87 69.10
C SER DA 134 -17.14 21.07 67.88
N GLY DA 135 -17.47 19.96 67.22
CA GLY DA 135 -18.33 20.03 66.06
C GLY DA 135 -19.75 20.50 66.38
N GLU DA 136 -20.26 20.11 67.54
CA GLU DA 136 -21.63 20.46 67.91
C GLU DA 136 -21.79 21.97 68.03
N VAL DA 137 -22.94 22.46 67.57
CA VAL DA 137 -23.26 23.87 67.68
C VAL DA 137 -23.68 24.17 69.13
N SER DA 138 -23.11 25.22 69.70
CA SER DA 138 -23.38 25.55 71.10
C SER DA 138 -24.77 26.16 71.27
N SER DA 139 -24.99 27.33 70.67
CA SER DA 139 -26.26 28.02 70.81
C SER DA 139 -27.09 27.83 69.54
N TYR DA 140 -28.36 27.48 69.73
CA TYR DA 140 -29.26 27.17 68.63
C TYR DA 140 -30.01 28.39 68.13
N GLU DA 141 -29.72 29.58 68.65
CA GLU DA 141 -30.39 30.77 68.15
C GLU DA 141 -29.93 31.07 66.72
N PRO DA 142 -30.85 31.53 65.87
CA PRO DA 142 -30.47 31.83 64.49
C PRO DA 142 -29.82 33.20 64.37
N GLN DA 143 -28.76 33.27 63.57
CA GLN DA 143 -28.06 34.51 63.28
C GLN DA 143 -27.64 34.51 61.83
N PRO DA 144 -27.50 35.69 61.22
CA PRO DA 144 -27.01 35.76 59.84
C PRO DA 144 -25.60 35.18 59.71
N ILE DA 145 -25.34 34.56 58.57
CA ILE DA 145 -24.05 33.95 58.29
C ILE DA 145 -23.13 34.98 57.66
N ASN DA 146 -21.94 35.15 58.24
CA ASN DA 146 -20.94 36.06 57.73
C ASN DA 146 -19.70 35.29 57.30
N ILE DA 147 -19.09 35.73 56.22
CA ILE DA 147 -17.87 35.09 55.69
C ILE DA 147 -16.77 36.13 55.63
N PRO DA 148 -16.01 36.33 56.69
CA PRO DA 148 -14.94 37.33 56.67
C PRO DA 148 -13.88 36.98 55.63
N ALA DA 149 -13.32 38.03 55.03
CA ALA DA 149 -12.27 37.87 54.04
C ALA DA 149 -10.87 37.92 54.63
N GLU DA 150 -10.75 38.15 55.94
CA GLU DA 150 -9.46 38.23 56.60
C GLU DA 150 -9.51 37.44 57.90
N PHE DA 151 -8.41 36.74 58.20
CA PHE DA 151 -8.25 36.09 59.50
C PHE DA 151 -7.57 37.07 60.45
N GLY DA 152 -8.30 38.15 60.75
CA GLY DA 152 -7.77 39.25 61.50
C GLY DA 152 -7.68 39.01 63.00
N LYS DA 153 -6.95 37.99 63.39
CA LYS DA 153 -6.71 37.70 64.80
C LYS DA 153 -5.52 36.77 64.95
N PRO DA 154 -4.30 37.30 65.00
CA PRO DA 154 -3.13 36.44 65.24
C PRO DA 154 -3.25 35.68 66.55
N LYS DA 155 -3.31 34.35 66.48
CA LYS DA 155 -3.49 33.51 67.65
C LYS DA 155 -2.12 33.07 68.16
N GLN DA 156 -1.84 33.39 69.42
CA GLN DA 156 -0.57 33.01 70.02
C GLN DA 156 -0.50 31.50 70.25
N THR DA 157 0.72 30.98 70.20
CA THR DA 157 0.94 29.56 70.44
C THR DA 157 0.77 29.27 71.92
N ALA DA 158 -0.11 28.32 72.24
CA ALA DA 158 -0.39 27.99 73.63
C ALA DA 158 -0.16 26.51 73.92
N ASN DA 159 -0.48 25.66 72.95
CA ASN DA 159 -0.34 24.21 73.11
C ASN DA 159 0.50 23.67 71.97
N ILE DA 160 1.51 22.87 72.30
CA ILE DA 160 2.39 22.25 71.32
C ILE DA 160 2.40 20.76 71.57
N GLU DA 161 2.02 19.98 70.55
CA GLU DA 161 2.04 18.52 70.61
C GLU DA 161 3.23 18.02 69.80
N VAL DA 162 4.07 17.21 70.43
CA VAL DA 162 5.26 16.65 69.79
C VAL DA 162 5.26 15.15 69.99
N GLY DA 163 5.39 14.40 68.90
CA GLY DA 163 5.54 12.96 68.99
C GLY DA 163 6.81 12.48 68.31
N VAL DA 164 7.76 11.97 69.09
CA VAL DA 164 9.06 11.58 68.58
C VAL DA 164 9.41 10.17 69.03
N ASN DA 165 10.34 9.56 68.32
CA ASN DA 165 10.90 8.26 68.67
C ASN DA 165 12.36 8.44 69.03
N LEU DA 166 12.74 7.97 70.22
CA LEU DA 166 14.13 8.22 70.58
C LEU DA 166 14.97 6.96 70.41
N PRO DA 167 16.21 7.11 69.95
CA PRO DA 167 17.06 5.92 69.74
C PRO DA 167 17.48 5.32 71.08
N ALA DA 168 17.09 4.07 71.30
CA ALA DA 168 17.44 3.38 72.53
C ALA DA 168 18.92 3.03 72.61
N ASN DA 169 19.60 2.94 71.46
CA ASN DA 169 21.01 2.60 71.40
C ASN DA 169 21.91 3.83 71.38
N GLY DA 170 21.35 5.03 71.55
CA GLY DA 170 22.17 6.22 71.58
C GLY DA 170 23.10 6.25 72.78
N ASP DA 171 24.22 6.94 72.60
CA ASP DA 171 25.22 7.01 73.66
C ASP DA 171 24.71 7.82 74.85
N LEU DA 172 25.09 7.40 76.05
CA LEU DA 172 24.69 8.11 77.25
C LEU DA 172 25.45 9.42 77.39
N LYS DA 173 24.83 10.37 78.08
CA LYS DA 173 25.42 11.69 78.30
C LYS DA 173 25.29 12.07 79.77
N ASP DA 174 26.13 13.02 80.19
CA ASP DA 174 26.15 13.46 81.58
C ASP DA 174 25.11 14.55 81.78
N PRO DA 175 24.13 14.37 82.68
CA PRO DA 175 23.12 15.42 82.87
C PRO DA 175 23.69 16.76 83.32
N THR DA 176 24.72 16.76 84.15
CA THR DA 176 25.23 18.01 84.71
C THR DA 176 26.10 18.78 83.71
N GLN DA 177 26.52 18.14 82.62
CA GLN DA 177 27.37 18.79 81.63
C GLN DA 177 26.57 19.32 80.44
N PHE DA 178 25.24 19.40 80.57
CA PHE DA 178 24.42 19.84 79.46
C PHE DA 178 24.69 21.31 79.14
N ASP DA 179 24.78 21.62 77.85
CA ASP DA 179 24.97 23.00 77.39
C ASP DA 179 24.52 23.07 75.95
N PHE DA 180 23.52 23.92 75.68
CA PHE DA 180 23.02 24.05 74.32
C PHE DA 180 24.04 24.65 73.37
N SER DA 181 25.05 25.34 73.89
CA SER DA 181 26.09 25.93 73.05
C SER DA 181 27.07 24.88 72.53
N ASP DA 182 27.18 23.74 73.19
CA ASP DA 182 28.09 22.69 72.76
C ASP DA 182 27.30 21.50 72.24
N PRO DA 183 27.38 21.19 70.94
CA PRO DA 183 26.55 20.09 70.40
C PRO DA 183 26.83 18.75 71.03
N ASP DA 184 28.06 18.48 71.44
CA ASP DA 184 28.42 17.15 71.95
C ASP DA 184 27.86 16.87 73.33
N THR DA 185 27.36 17.89 74.05
CA THR DA 185 26.84 17.66 75.39
C THR DA 185 25.53 16.87 75.36
N TYR DA 186 24.70 17.08 74.36
CA TYR DA 186 23.39 16.44 74.27
C TYR DA 186 23.38 15.44 73.11
N ASN DA 187 22.21 14.85 72.86
CA ASN DA 187 22.06 13.83 71.82
C ASN DA 187 21.50 14.42 70.53
N ARG DA 188 20.33 15.07 70.60
CA ARG DA 188 19.65 15.55 69.41
C ARG DA 188 19.07 16.93 69.68
N SER DA 189 18.84 17.67 68.59
CA SER DA 189 18.26 19.01 68.65
C SER DA 189 17.31 19.18 67.48
N THR DA 190 16.14 19.75 67.74
CA THR DA 190 15.13 20.00 66.73
C THR DA 190 14.74 21.47 66.73
N SER DA 191 14.36 21.99 65.56
CA SER DA 191 14.00 23.38 65.39
C SER DA 191 12.58 23.50 64.87
N SER DA 192 11.87 24.52 65.33
CA SER DA 192 10.49 24.75 64.95
C SER DA 192 10.16 26.22 65.15
N THR DA 193 8.96 26.60 64.72
CA THR DA 193 8.51 27.98 64.77
C THR DA 193 7.29 28.11 65.68
N ILE DA 194 7.28 29.17 66.50
CA ILE DA 194 6.16 29.49 67.36
C ILE DA 194 5.77 30.94 67.11
N TYR DA 195 4.54 31.28 67.51
CA TYR DA 195 3.98 32.60 67.22
C TYR DA 195 3.48 33.23 68.51
N ASP DA 196 3.72 34.53 68.65
CA ASP DA 196 3.26 35.29 69.80
C ASP DA 196 1.90 35.91 69.49
N SER DA 197 1.44 36.82 70.35
CA SER DA 197 0.13 37.44 70.14
C SER DA 197 0.13 38.34 68.92
N MET DA 198 1.24 39.03 68.65
CA MET DA 198 1.34 39.93 67.51
C MET DA 198 1.70 39.22 66.22
N GLY DA 199 1.87 37.91 66.26
CA GLY DA 199 2.20 37.15 65.06
C GLY DA 199 3.66 37.09 64.71
N GLN DA 200 4.54 37.61 65.57
CA GLN DA 200 5.97 37.51 65.32
C GLN DA 200 6.42 36.07 65.36
N SER DA 201 7.28 35.69 64.42
CA SER DA 201 7.79 34.34 64.34
C SER DA 201 9.03 34.20 65.22
N TYR DA 202 9.03 33.19 66.08
CA TYR DA 202 10.17 32.87 66.92
C TYR DA 202 10.60 31.44 66.68
N LYS DA 203 11.89 31.18 66.84
CA LYS DA 203 12.46 29.86 66.61
C LYS DA 203 12.58 29.14 67.95
N LEU DA 204 11.93 27.99 68.06
CA LEU DA 204 11.96 27.17 69.26
C LEU DA 204 12.83 25.95 69.00
N THR DA 205 13.89 25.81 69.79
CA THR DA 205 14.81 24.69 69.65
C THR DA 205 14.73 23.82 70.91
N THR DA 206 14.47 22.53 70.70
CA THR DA 206 14.34 21.56 71.78
C THR DA 206 15.53 20.62 71.77
N TYR DA 207 16.16 20.44 72.93
CA TYR DA 207 17.34 19.61 73.08
C TYR DA 207 16.99 18.35 73.87
N TYR DA 208 17.37 17.19 73.34
CA TYR DA 208 17.12 15.91 73.98
C TYR DA 208 18.45 15.30 74.42
N LEU DA 209 18.50 14.91 75.69
CA LEU DA 209 19.70 14.32 76.28
C LEU DA 209 19.35 12.99 76.92
N LYS DA 210 20.15 11.97 76.64
CA LYS DA 210 19.93 10.63 77.19
C LYS DA 210 20.64 10.52 78.53
N ASP DA 211 19.89 10.23 79.58
CA ASP DA 211 20.47 10.14 80.91
C ASP DA 211 21.39 8.93 81.01
N GLN DA 212 22.53 9.13 81.67
CA GLN DA 212 23.50 8.06 81.88
C GLN DA 212 23.26 7.32 83.19
N THR DA 213 22.91 8.06 84.25
CA THR DA 213 22.72 7.44 85.56
C THR DA 213 21.54 6.48 85.57
N GLN DA 214 20.43 6.86 84.94
CA GLN DA 214 19.21 6.07 84.99
C GLN DA 214 18.89 5.52 83.60
N PRO DA 215 18.77 4.21 83.44
CA PRO DA 215 18.43 3.66 82.13
C PRO DA 215 17.02 4.04 81.71
N ASN DA 216 16.84 4.16 80.39
CA ASN DA 216 15.56 4.54 79.80
C ASN DA 216 15.05 5.86 80.36
N THR DA 217 15.95 6.81 80.53
CA THR DA 217 15.61 8.13 81.02
C THR DA 217 16.21 9.19 80.10
N TRP DA 218 15.41 10.20 79.78
CA TRP DA 218 15.84 11.26 78.87
C TRP DA 218 15.54 12.62 79.51
N ASN DA 219 16.36 13.60 79.15
CA ASN DA 219 16.19 14.98 79.60
C ASN DA 219 15.90 15.87 78.40
N THR DA 220 14.94 16.78 78.57
CA THR DA 220 14.51 17.65 77.49
C THR DA 220 14.61 19.11 77.93
N TYR DA 221 15.23 19.92 77.08
CA TYR DA 221 15.41 21.34 77.34
C TYR DA 221 14.96 22.14 76.13
N TYR DA 222 14.56 23.39 76.37
CA TYR DA 222 14.02 24.24 75.33
C TYR DA 222 14.77 25.58 75.32
N THR DA 223 14.91 26.15 74.12
CA THR DA 223 15.52 27.46 73.95
C THR DA 223 14.71 28.26 72.95
N VAL DA 224 14.75 29.59 73.09
CA VAL DA 224 14.06 30.51 72.20
C VAL DA 224 15.08 31.42 71.54
N THR DA 225 15.02 31.52 70.22
CA THR DA 225 15.98 32.30 69.43
C THR DA 225 15.27 33.52 68.84
N ASP DA 226 15.45 34.67 69.49
CA ASP DA 226 15.02 35.95 68.96
C ASP DA 226 16.20 36.64 68.29
N LYS DA 227 15.98 37.89 67.88
CA LYS DA 227 17.04 38.62 67.19
C LYS DA 227 18.23 38.91 68.11
N GLU DA 228 17.97 39.08 69.41
CA GLU DA 228 19.05 39.35 70.35
C GLU DA 228 19.98 38.16 70.48
N GLY DA 229 19.43 36.95 70.48
CA GLY DA 229 20.22 35.75 70.60
C GLY DA 229 19.35 34.56 70.94
N GLU DA 230 19.99 33.50 71.41
CA GLU DA 230 19.30 32.27 71.81
C GLU DA 230 19.20 32.26 73.34
N LYS DA 231 17.97 32.30 73.85
CA LYS DA 231 17.73 32.35 75.28
C LYS DA 231 17.09 31.05 75.75
N PRO DA 232 17.63 30.41 76.77
CA PRO DA 232 17.02 29.18 77.28
C PRO DA 232 15.67 29.45 77.93
N LEU DA 233 14.80 28.45 77.85
CA LEU DA 233 13.47 28.50 78.45
C LEU DA 233 13.38 27.45 79.55
N ASN DA 234 12.89 27.86 80.72
CA ASN DA 234 12.81 26.97 81.88
C ASN DA 234 11.41 26.42 82.04
N VAL DA 235 11.33 25.21 82.57
CA VAL DA 235 10.05 24.56 82.88
C VAL DA 235 9.61 25.00 84.27
N ALA DA 236 8.30 25.11 84.47
CA ALA DA 236 7.78 25.60 85.74
C ALA DA 236 8.14 24.66 86.89
N ALA DA 237 7.97 23.35 86.68
CA ALA DA 237 8.22 22.36 87.72
C ALA DA 237 9.02 21.18 87.19
N GLY DA 238 9.87 21.42 86.20
CA GLY DA 238 10.66 20.35 85.61
C GLY DA 238 11.70 19.82 86.60
N ASP DA 239 11.84 18.49 86.62
CA ASP DA 239 12.78 17.84 87.52
C ASP DA 239 14.13 17.62 86.85
N ALA DA 240 14.71 18.68 86.30
CA ALA DA 240 16.03 18.61 85.67
C ALA DA 240 16.65 20.00 85.77
N GLN DA 241 17.53 20.18 86.76
CA GLN DA 241 18.19 21.45 87.02
C GLN DA 241 19.68 21.30 86.72
N THR DA 242 20.13 21.99 85.66
CA THR DA 242 21.55 22.04 85.37
C THR DA 242 22.26 22.95 86.36
N PRO DA 243 23.57 22.77 86.54
CA PRO DA 243 24.31 23.68 87.44
C PRO DA 243 24.22 25.15 87.03
N THR DA 244 24.14 25.44 85.72
CA THR DA 244 24.00 26.82 85.28
C THR DA 244 22.66 27.41 85.75
N GLY DA 245 21.59 26.62 85.66
CA GLY DA 245 20.29 27.09 86.09
C GLY DA 245 19.15 26.73 85.15
N HIS DA 246 19.49 26.14 84.00
CA HIS DA 246 18.47 25.75 83.03
C HIS DA 246 17.60 24.64 83.59
N VAL DA 247 16.30 24.72 83.34
CA VAL DA 247 15.32 23.80 83.91
C VAL DA 247 14.67 23.03 82.76
N GLY DA 248 14.89 21.72 82.74
CA GLY DA 248 14.23 20.82 81.81
C GLY DA 248 13.33 19.84 82.52
N HIS DA 249 12.85 18.85 81.76
CA HIS DA 249 11.98 17.81 82.29
C HIS DA 249 12.50 16.45 81.85
N THR DA 250 12.15 15.43 82.62
CA THR DA 250 12.64 14.08 82.41
C THR DA 250 11.55 13.23 81.76
N MET DA 251 11.98 12.32 80.86
CA MET DA 251 11.08 11.41 80.17
C MET DA 251 11.54 9.98 80.44
N LYS DA 252 10.59 9.13 80.84
CA LYS DA 252 10.87 7.74 81.18
C LYS DA 252 9.99 6.82 80.35
N PHE DA 253 10.53 5.65 80.02
CA PHE DA 253 9.82 4.67 79.20
C PHE DA 253 9.83 3.31 79.87
N ASN DA 254 8.85 2.49 79.54
CA ASN DA 254 8.70 1.17 80.13
C ASN DA 254 9.65 0.19 79.43
N ASN DA 255 9.48 -1.10 79.72
CA ASN DA 255 10.34 -2.13 79.12
C ASN DA 255 10.08 -2.26 77.63
N ASP DA 256 8.82 -2.14 77.20
CA ASP DA 256 8.47 -2.32 75.79
C ASP DA 256 8.77 -1.08 74.94
N GLY DA 257 9.29 -0.02 75.54
CA GLY DA 257 9.59 1.20 74.82
C GLY DA 257 8.45 2.21 74.78
N THR DA 258 7.29 1.88 75.33
CA THR DA 258 6.19 2.83 75.37
C THR DA 258 6.47 3.89 76.44
N LEU DA 259 5.68 4.95 76.41
CA LEU DA 259 5.87 6.07 77.34
C LEU DA 259 5.41 5.67 78.74
N ALA DA 260 6.25 5.94 79.74
CA ALA DA 260 5.94 5.62 81.13
C ALA DA 260 5.48 6.85 81.91
N SER DA 261 6.33 7.88 81.96
CA SER DA 261 6.01 9.07 82.75
C SER DA 261 6.68 10.29 82.12
N LEU DA 262 6.11 11.46 82.38
CA LEU DA 262 6.62 12.72 81.88
C LEU DA 262 6.70 13.71 83.04
N ASN DA 263 7.91 14.15 83.37
CA ASN DA 263 8.14 15.16 84.41
C ASN DA 263 7.47 14.75 85.72
N ASN DA 264 7.68 13.48 86.11
CA ASN DA 264 7.08 12.92 87.33
C ASN DA 264 5.57 13.02 87.32
N GLY DA 265 4.96 12.89 86.15
CA GLY DA 265 3.51 12.92 86.03
C GLY DA 265 2.89 14.31 86.05
N GLN DA 266 3.70 15.35 86.12
CA GLN DA 266 3.14 16.70 86.14
C GLN DA 266 3.01 17.25 84.72
N PRO DA 267 2.04 18.12 84.48
CA PRO DA 267 1.94 18.75 83.16
C PRO DA 267 3.15 19.62 82.88
N ILE DA 268 3.53 19.70 81.61
CA ILE DA 268 4.71 20.45 81.19
C ILE DA 268 4.23 21.84 80.76
N THR DA 269 4.46 22.82 81.61
CA THR DA 269 4.14 24.22 81.32
C THR DA 269 5.40 25.05 81.49
N SER DA 270 5.73 25.85 80.48
CA SER DA 270 6.92 26.67 80.54
C SER DA 270 6.65 27.97 81.29
N VAL DA 271 7.72 28.64 81.69
CA VAL DA 271 7.63 29.93 82.36
C VAL DA 271 7.27 30.98 81.32
N ALA DA 272 6.90 32.18 81.79
CA ALA DA 272 6.53 33.25 80.87
C ALA DA 272 7.73 33.66 80.03
N LEU DA 273 7.48 33.88 78.73
CA LEU DA 273 8.56 34.16 77.80
C LEU DA 273 9.22 35.51 78.08
N GLY DA 274 8.42 36.54 78.26
CA GLY DA 274 8.96 37.89 78.36
C GLY DA 274 8.77 38.56 79.71
N ASP DA 275 8.50 37.78 80.75
CA ASP DA 275 8.30 38.35 82.07
C ASP DA 275 9.56 38.15 82.90
N PRO DA 276 10.29 39.22 83.24
CA PRO DA 276 11.48 39.05 84.08
C PRO DA 276 11.18 38.56 85.48
N ALA DA 277 9.94 38.73 85.95
CA ALA DA 277 9.58 38.29 87.30
C ALA DA 277 9.64 36.77 87.47
N THR DA 278 9.52 36.01 86.38
CA THR DA 278 9.59 34.56 86.44
C THR DA 278 10.61 33.95 85.50
N ASN DA 279 11.25 34.74 84.63
CA ASN DA 279 12.22 34.23 83.68
C ASN DA 279 13.55 34.92 83.91
N THR DA 280 14.61 34.12 84.08
CA THR DA 280 15.94 34.69 84.25
C THR DA 280 16.51 35.20 82.93
N THR DA 281 16.00 34.71 81.80
CA THR DA 281 16.39 35.18 80.47
C THR DA 281 15.11 35.51 79.72
N PRO DA 282 14.49 36.64 80.02
CA PRO DA 282 13.21 36.98 79.36
C PRO DA 282 13.40 37.16 77.87
N VAL DA 283 12.44 36.62 77.10
CA VAL DA 283 12.48 36.76 75.65
C VAL DA 283 12.00 38.16 75.27
N ASP DA 284 12.70 38.77 74.31
CA ASP DA 284 12.33 40.09 73.84
C ASP DA 284 11.07 40.01 72.97
N MET DA 285 9.90 40.16 73.60
CA MET DA 285 8.64 40.04 72.87
C MET DA 285 8.44 41.16 71.86
N ASN DA 286 9.19 42.26 71.99
CA ASN DA 286 9.10 43.40 71.06
C ASN DA 286 7.67 43.96 71.01
N GLY DA 287 7.03 44.05 72.17
CA GLY DA 287 5.69 44.60 72.28
C GLY DA 287 4.59 43.58 72.42
N ALA DA 288 4.89 42.30 72.28
CA ALA DA 288 3.87 41.27 72.43
C ALA DA 288 3.58 41.00 73.91
N ASP DA 289 2.71 40.04 74.16
CA ASP DA 289 2.37 39.68 75.54
C ASP DA 289 3.54 38.98 76.20
N PRO DA 290 4.05 39.51 77.31
CA PRO DA 290 5.20 38.86 77.98
C PRO DA 290 4.81 37.65 78.80
N ALA DA 291 3.53 37.43 79.07
CA ALA DA 291 3.07 36.34 79.92
C ALA DA 291 2.64 35.12 79.14
N GLN DA 292 3.06 34.98 77.89
CA GLN DA 292 2.69 33.81 77.10
C GLN DA 292 3.29 32.55 77.68
N THR DA 293 2.47 31.50 77.77
CA THR DA 293 2.89 30.22 78.32
C THR DA 293 2.68 29.14 77.28
N LEU DA 294 3.57 28.14 77.28
CA LEU DA 294 3.53 27.05 76.33
C LEU DA 294 3.26 25.74 77.07
N ASN DA 295 2.31 24.96 76.55
CA ASN DA 295 2.00 23.64 77.07
C ASN DA 295 2.48 22.60 76.07
N PHE DA 296 3.36 21.71 76.52
CA PHE DA 296 3.94 20.69 75.67
C PHE DA 296 3.25 19.35 75.94
N GLY DA 297 2.71 18.74 74.88
CA GLY DA 297 2.11 17.44 75.00
C GLY DA 297 2.90 16.38 74.26
N LEU DA 298 3.58 15.51 75.00
CA LEU DA 298 4.42 14.46 74.43
C LEU DA 298 3.94 13.09 74.86
N GLY DA 299 2.62 12.87 74.82
CA GLY DA 299 2.06 11.62 75.28
C GLY DA 299 2.28 10.45 74.36
N SER DA 300 2.73 10.68 73.13
CA SER DA 300 2.96 9.62 72.16
C SER DA 300 4.44 9.35 71.93
N ALA DA 301 5.32 9.92 72.76
CA ALA DA 301 6.75 9.69 72.59
C ALA DA 301 7.10 8.24 72.89
N THR DA 302 8.01 7.68 72.10
CA THR DA 302 8.44 6.31 72.25
C THR DA 302 9.96 6.24 72.15
N GLN DA 303 10.52 5.14 72.63
CA GLN DA 303 11.95 4.87 72.53
C GLN DA 303 12.14 3.45 72.04
N PHE DA 304 12.55 3.31 70.77
CA PHE DA 304 12.79 2.01 70.15
C PHE DA 304 14.21 1.99 69.60
N ALA DA 305 14.55 0.89 68.93
CA ALA DA 305 15.85 0.78 68.28
C ALA DA 305 15.94 1.66 67.04
N ALA DA 306 14.83 2.20 66.56
CA ALA DA 306 14.85 3.04 65.39
C ALA DA 306 15.59 4.35 65.68
N PRO DA 307 16.22 4.95 64.66
CA PRO DA 307 16.96 6.20 64.89
C PRO DA 307 16.05 7.36 65.29
N PHE DA 308 16.65 8.50 65.61
CA PHE DA 308 15.88 9.66 66.02
C PHE DA 308 14.97 10.13 64.91
N GLU DA 309 13.73 10.44 65.25
CA GLU DA 309 12.71 10.77 64.26
C GLU DA 309 11.66 11.68 64.88
N LEU DA 310 11.28 12.73 64.14
CA LEU DA 310 10.21 13.64 64.53
C LEU DA 310 8.97 13.23 63.75
N THR DA 311 8.17 12.36 64.35
CA THR DA 311 7.01 11.80 63.64
C THR DA 311 5.93 12.85 63.44
N LYS DA 312 5.60 13.60 64.49
CA LYS DA 312 4.47 14.52 64.46
C LYS DA 312 4.83 15.80 65.19
N PHE DA 313 4.39 16.94 64.64
CA PHE DA 313 4.54 18.23 65.29
C PHE DA 313 3.30 19.06 65.00
N ASP DA 314 2.55 19.41 66.04
CA ASP DA 314 1.33 20.17 65.91
C ASP DA 314 1.31 21.30 66.93
N GLU DA 315 0.87 22.47 66.49
CA GLU DA 315 0.75 23.64 67.34
C GLU DA 315 -0.63 24.26 67.13
N ASP DA 316 -0.95 25.28 67.94
CA ASP DA 316 -2.20 26.00 67.84
C ASP DA 316 -1.99 27.46 67.46
N GLY DA 317 -0.78 27.82 67.03
CA GLY DA 317 -0.50 29.18 66.63
C GLY DA 317 -1.08 29.52 65.27
N ALA DA 318 -1.15 30.82 64.98
CA ALA DA 318 -1.72 31.28 63.73
C ALA DA 318 -1.20 32.67 63.42
N THR DA 319 -1.35 33.07 62.17
CA THR DA 319 -0.91 34.38 61.70
C THR DA 319 -2.02 34.97 60.84
N THR DA 320 -1.89 36.25 60.51
CA THR DA 320 -2.88 36.91 59.67
C THR DA 320 -2.91 36.28 58.29
N GLY DA 321 -4.11 36.20 57.71
CA GLY DA 321 -4.27 35.54 56.43
C GLY DA 321 -5.50 36.05 55.71
N PHE DA 322 -5.64 35.61 54.47
CA PHE DA 322 -6.72 36.05 53.59
C PHE DA 322 -7.54 34.84 53.16
N LEU DA 323 -8.86 35.03 53.11
CA LEU DA 323 -9.77 33.97 52.69
C LEU DA 323 -9.39 33.45 51.33
N THR DA 324 -9.09 32.15 51.26
CA THR DA 324 -8.61 31.51 50.04
C THR DA 324 -9.67 30.71 49.30
N LYS DA 325 -10.43 29.87 50.01
CA LYS DA 325 -11.49 29.11 49.37
C LYS DA 325 -12.57 28.81 50.40
N VAL DA 326 -13.77 28.53 49.90
CA VAL DA 326 -14.93 28.22 50.73
C VAL DA 326 -15.65 27.02 50.14
N ASP DA 327 -15.97 26.06 50.99
CA ASP DA 327 -16.70 24.87 50.57
C ASP DA 327 -17.73 24.51 51.62
N PHE DA 328 -18.69 23.69 51.23
CA PHE DA 328 -19.79 23.27 52.09
C PHE DA 328 -19.79 21.75 52.20
N ASP DA 329 -19.83 21.25 53.43
CA ASP DA 329 -19.88 19.80 53.65
C ASP DA 329 -21.33 19.34 53.73
N GLU DA 330 -21.50 18.03 53.92
CA GLU DA 330 -22.84 17.47 53.99
C GLU DA 330 -23.59 17.92 55.24
N ASN DA 331 -22.87 18.23 56.32
CA ASN DA 331 -23.52 18.69 57.55
C ASN DA 331 -24.01 20.13 57.46
N GLY DA 332 -23.69 20.84 56.39
CA GLY DA 332 -24.07 22.22 56.25
C GLY DA 332 -23.07 23.22 56.79
N SER DA 333 -22.00 22.75 57.43
CA SER DA 333 -20.99 23.66 57.92
C SER DA 333 -20.23 24.28 56.75
N VAL DA 334 -20.15 25.61 56.74
CA VAL DA 334 -19.44 26.34 55.70
C VAL DA 334 -18.02 26.57 56.19
N MET DA 335 -17.08 25.86 55.59
CA MET DA 335 -15.68 25.94 55.99
C MET DA 335 -14.91 26.82 55.02
N GLY DA 336 -13.96 27.57 55.55
CA GLY DA 336 -13.12 28.43 54.74
C GLY DA 336 -11.69 28.42 55.21
N THR DA 337 -10.76 28.20 54.28
CA THR DA 337 -9.34 28.13 54.58
C THR DA 337 -8.69 29.45 54.20
N TYR DA 338 -7.78 29.92 55.04
CA TYR DA 338 -7.10 31.19 54.86
C TYR DA 338 -5.65 30.95 54.45
N SER DA 339 -4.92 32.06 54.26
CA SER DA 339 -3.54 31.95 53.82
C SER DA 339 -2.64 31.36 54.89
N ASN DA 340 -2.96 31.62 56.16
CA ASN DA 340 -2.14 31.06 57.25
C ASN DA 340 -2.23 29.54 57.29
N GLY DA 341 -3.42 29.00 57.05
CA GLY DA 341 -3.62 27.56 57.02
C GLY DA 341 -4.75 27.05 57.89
N GLU DA 342 -5.31 27.87 58.78
CA GLU DA 342 -6.39 27.41 59.64
C GLU DA 342 -7.67 27.20 58.83
N ASN DA 343 -8.31 26.05 59.04
CA ASN DA 343 -9.56 25.72 58.37
C ASN DA 343 -10.74 26.14 59.26
N VAL DA 344 -10.93 27.46 59.34
CA VAL DA 344 -11.94 28.01 60.23
C VAL DA 344 -13.33 27.69 59.69
N THR DA 345 -14.20 27.23 60.59
CA THR DA 345 -15.60 26.95 60.24
C THR DA 345 -16.41 28.22 60.49
N LEU DA 346 -16.88 28.84 59.41
CA LEU DA 346 -17.61 30.10 59.53
C LEU DA 346 -18.95 29.92 60.23
N GLY DA 347 -19.59 28.77 60.02
CA GLY DA 347 -20.85 28.51 60.68
C GLY DA 347 -21.56 27.32 60.06
N ARG DA 348 -22.82 27.16 60.42
CA ARG DA 348 -23.69 26.17 59.84
C ARG DA 348 -24.91 26.85 59.22
N VAL DA 349 -25.67 26.08 58.46
CA VAL DA 349 -26.86 26.57 57.78
C VAL DA 349 -28.08 26.04 58.52
N ALA DA 350 -28.91 26.94 59.01
CA ALA DA 350 -30.09 26.55 59.77
C ALA DA 350 -31.11 25.86 58.88
N LEU DA 351 -31.76 24.83 59.43
CA LEU DA 351 -32.81 24.10 58.76
C LEU DA 351 -34.05 24.09 59.64
N VAL DA 352 -35.22 24.29 59.03
CA VAL DA 352 -36.47 24.41 59.74
C VAL DA 352 -37.46 23.39 59.19
N ARG DA 353 -38.15 22.70 60.09
CA ARG DA 353 -39.17 21.74 59.74
C ARG DA 353 -40.43 22.02 60.55
N VAL DA 354 -41.58 21.92 59.90
CA VAL DA 354 -42.85 22.11 60.59
C VAL DA 354 -43.60 20.78 60.60
N PRO DA 355 -44.38 20.48 61.65
CA PRO DA 355 -45.11 19.20 61.65
C PRO DA 355 -46.12 19.07 60.52
N ASN DA 356 -46.75 20.18 60.14
CA ASN DA 356 -47.77 20.19 59.08
C ASN DA 356 -47.36 21.24 58.05
N GLU DA 357 -46.81 20.77 56.93
CA GLU DA 357 -46.38 21.69 55.88
C GLU DA 357 -47.56 22.22 55.07
N GLN DA 358 -48.72 21.57 55.12
CA GLN DA 358 -49.88 21.99 54.36
C GLN DA 358 -50.53 23.24 54.89
N GLY DA 359 -50.11 23.74 56.05
CA GLY DA 359 -50.76 24.89 56.65
C GLY DA 359 -49.94 26.16 56.61
N LEU DA 360 -48.72 26.08 56.11
CA LEU DA 360 -47.88 27.26 55.98
C LEU DA 360 -48.54 28.26 55.05
N ASP DA 361 -48.66 29.51 55.51
CA ASP DA 361 -49.18 30.56 54.66
C ASP DA 361 -48.12 30.96 53.63
N LYS DA 362 -48.57 31.31 52.43
CA LYS DA 362 -47.69 31.51 51.30
C LYS DA 362 -47.41 33.00 51.14
N LYS DA 363 -46.16 33.40 51.34
CA LYS DA 363 -45.73 34.75 51.06
C LYS DA 363 -45.21 34.83 49.63
N GLY DA 364 -44.83 36.03 49.20
CA GLY DA 364 -44.30 36.19 47.87
C GLY DA 364 -42.87 35.68 47.76
N GLY DA 365 -42.46 35.45 46.51
CA GLY DA 365 -41.11 35.01 46.25
C GLY DA 365 -40.78 33.64 46.78
N THR DA 366 -41.70 32.68 46.66
CA THR DA 366 -41.50 31.29 47.07
C THR DA 366 -41.03 31.21 48.52
N GLN DA 367 -41.77 31.88 49.39
CA GLN DA 367 -41.45 31.90 50.81
C GLN DA 367 -42.70 31.56 51.63
N TRP DA 368 -42.47 30.90 52.75
CA TRP DA 368 -43.53 30.46 53.64
C TRP DA 368 -43.25 30.93 55.06
N ASP DA 369 -44.30 31.04 55.85
CA ASP DA 369 -44.21 31.39 57.26
C ASP DA 369 -45.06 30.43 58.07
N SER DA 370 -44.78 30.36 59.36
CA SER DA 370 -45.47 29.42 60.25
C SER DA 370 -46.72 30.09 60.82
N THR DA 371 -47.86 29.45 60.65
CA THR DA 371 -49.12 29.93 61.18
C THR DA 371 -49.63 29.01 62.29
N GLN DA 372 -50.83 29.28 62.77
CA GLN DA 372 -51.43 28.47 63.83
C GLN DA 372 -51.65 27.03 63.37
N PHE DA 373 -52.18 26.85 62.15
CA PHE DA 373 -52.46 25.51 61.66
C PHE DA 373 -51.18 24.74 61.38
N SER DA 374 -50.16 25.43 60.86
CA SER DA 374 -48.89 24.76 60.56
C SER DA 374 -48.23 24.22 61.81
N GLY DA 375 -48.25 25.00 62.90
CA GLY DA 375 -47.60 24.62 64.14
C GLY DA 375 -46.54 25.64 64.53
N ASP DA 376 -45.42 25.13 65.04
CA ASP DA 376 -44.29 25.97 65.43
C ASP DA 376 -43.04 25.47 64.73
N LYS DA 377 -42.17 26.42 64.36
CA LYS DA 377 -40.94 26.08 63.65
C LYS DA 377 -40.05 25.23 64.53
N ILE DA 378 -39.61 24.09 64.01
CA ILE DA 378 -38.72 23.19 64.73
C ILE DA 378 -37.34 23.33 64.09
N TRP DA 379 -36.40 23.89 64.85
CA TRP DA 379 -35.06 24.13 64.33
C TRP DA 379 -34.20 22.88 64.47
N GLY DA 380 -33.20 22.78 63.62
CA GLY DA 380 -32.31 21.62 63.64
C GLY DA 380 -31.16 21.82 62.68
N GLU DA 381 -30.25 20.85 62.69
CA GLU DA 381 -29.09 20.87 61.83
C GLU DA 381 -29.40 20.16 60.52
N SER DA 382 -28.36 19.92 59.72
CA SER DA 382 -28.48 19.16 58.49
C SER DA 382 -28.09 17.71 58.74
N ASN DA 383 -28.88 16.78 58.19
CA ASN DA 383 -28.64 15.35 58.35
C ASN DA 383 -28.65 14.95 59.83
N LYS DA 384 -29.64 15.46 60.55
CA LYS DA 384 -29.80 15.14 61.97
C LYS DA 384 -31.28 14.91 62.26
N GLY DA 385 -31.57 13.78 62.86
CA GLY DA 385 -32.97 13.45 63.16
C GLY DA 385 -33.77 13.27 61.88
N SER DA 386 -34.90 13.97 61.80
CA SER DA 386 -35.78 13.88 60.65
C SER DA 386 -35.43 14.85 59.55
N PHE DA 387 -34.40 15.68 59.74
CA PHE DA 387 -34.01 16.63 58.71
C PHE DA 387 -33.26 15.91 57.58
N GLY DA 388 -33.22 16.57 56.43
CA GLY DA 388 -32.52 16.06 55.27
C GLY DA 388 -31.10 16.56 55.20
N THR DA 389 -30.51 16.46 54.01
CA THR DA 389 -29.15 16.88 53.76
C THR DA 389 -29.14 18.14 52.90
N ILE DA 390 -27.97 18.79 52.87
CA ILE DA 390 -27.77 20.00 52.08
C ILE DA 390 -26.67 19.71 51.06
N ASN DA 391 -26.97 19.94 49.79
CA ASN DA 391 -26.02 19.74 48.71
C ASN DA 391 -25.76 21.07 48.01
N ASN DA 392 -24.49 21.41 47.84
CA ASN DA 392 -24.12 22.63 47.13
C ASN DA 392 -24.00 22.37 45.63
N GLY DA 393 -24.12 23.44 44.86
CA GLY DA 393 -24.04 23.33 43.42
C GLY DA 393 -25.31 22.88 42.74
N MET DA 394 -26.44 22.86 43.45
CA MET DA 394 -27.71 22.42 42.89
C MET DA 394 -28.80 23.40 43.26
N LEU DA 395 -29.93 23.29 42.57
CA LEU DA 395 -31.11 24.07 42.85
C LEU DA 395 -32.36 23.23 42.61
N GLU DA 396 -33.46 23.63 43.24
CA GLU DA 396 -34.73 22.91 43.12
C GLU DA 396 -35.58 23.57 42.05
N GLN DA 397 -36.16 22.75 41.17
CA GLN DA 397 -37.12 23.22 40.19
C GLN DA 397 -38.53 23.04 40.75
N SER DA 398 -39.52 23.39 39.95
CA SER DA 398 -40.91 23.18 40.35
C SER DA 398 -41.22 21.69 40.35
N ASN DA 399 -42.02 21.26 41.32
CA ASN DA 399 -42.39 19.86 41.45
C ASN DA 399 -43.69 19.58 40.69
N ILE DA 400 -43.68 19.97 39.42
CA ILE DA 400 -44.86 19.86 38.56
C ILE DA 400 -44.53 18.97 37.38
N ASP DA 401 -45.58 18.44 36.76
CA ASP DA 401 -45.48 17.61 35.57
C ASP DA 401 -46.34 18.22 34.48
N MET DA 402 -45.70 18.63 33.37
CA MET DA 402 -46.42 19.35 32.33
C MET DA 402 -47.53 18.51 31.73
N THR DA 403 -47.29 17.21 31.54
CA THR DA 403 -48.32 16.32 31.00
C THR DA 403 -49.57 16.34 31.87
N GLN DA 404 -49.40 16.14 33.18
CA GLN DA 404 -50.55 16.14 34.07
C GLN DA 404 -51.25 17.48 34.09
N GLU DA 405 -50.48 18.57 34.08
CA GLU DA 405 -51.09 19.89 34.10
C GLU DA 405 -51.92 20.14 32.85
N LEU DA 406 -51.40 19.76 31.68
CA LEU DA 406 -52.15 19.96 30.44
C LEU DA 406 -53.42 19.10 30.42
N VAL DA 407 -53.31 17.86 30.87
CA VAL DA 407 -54.49 16.99 30.91
C VAL DA 407 -55.54 17.57 31.86
N ASP DA 408 -55.10 18.06 33.02
CA ASP DA 408 -56.04 18.68 33.96
C ASP DA 408 -56.65 19.94 33.36
N LEU DA 409 -55.87 20.68 32.57
CA LEU DA 409 -56.41 21.86 31.91
C LEU DA 409 -57.54 21.48 30.96
N ILE DA 410 -57.33 20.43 30.17
CA ILE DA 410 -58.37 19.97 29.25
C ILE DA 410 -59.60 19.52 30.02
N SER DA 411 -59.41 18.77 31.10
CA SER DA 411 -60.53 18.28 31.89
C SER DA 411 -61.31 19.43 32.52
N ALA DA 412 -60.60 20.44 33.04
CA ALA DA 412 -61.27 21.59 33.64
C ALA DA 412 -62.05 22.37 32.60
N GLN DA 413 -61.49 22.51 31.39
CA GLN DA 413 -62.24 23.16 30.33
C GLN DA 413 -63.51 22.39 29.99
N ARG DA 414 -63.42 21.06 29.95
CA ARG DA 414 -64.59 20.24 29.68
C ARG DA 414 -65.66 20.43 30.75
N ASN DA 415 -65.24 20.44 32.03
CA ASN DA 415 -66.20 20.64 33.11
C ASN DA 415 -66.84 22.02 33.05
N PHE DA 416 -66.05 23.04 32.74
CA PHE DA 416 -66.58 24.40 32.62
C PHE DA 416 -67.60 24.49 31.49
N GLN DA 417 -67.31 23.85 30.35
CA GLN DA 417 -68.26 23.84 29.26
C GLN DA 417 -69.56 23.12 29.66
N ALA DA 418 -69.44 22.01 30.39
CA ALA DA 418 -70.63 21.31 30.84
C ALA DA 418 -71.48 22.18 31.76
N ASN DA 419 -70.84 22.87 32.70
CA ASN DA 419 -71.58 23.73 33.62
C ASN DA 419 -72.22 24.89 32.88
N SER DA 420 -71.52 25.47 31.90
CA SER DA 420 -72.11 26.54 31.10
C SER DA 420 -73.33 26.03 30.35
N ARG DA 421 -73.25 24.80 29.82
CA ARG DA 421 -74.40 24.21 29.16
C ARG DA 421 -75.59 24.08 30.11
N SER DA 422 -75.32 23.64 31.35
CA SER DA 422 -76.40 23.52 32.33
C SER DA 422 -77.03 24.86 32.63
N LEU DA 423 -76.20 25.90 32.82
CA LEU DA 423 -76.72 27.23 33.09
C LEU DA 423 -77.55 27.75 31.93
N GLU DA 424 -77.10 27.51 30.69
CA GLU DA 424 -77.87 27.89 29.52
C GLU DA 424 -79.21 27.17 29.50
N VAL DA 425 -79.23 25.89 29.87
CA VAL DA 425 -80.49 25.16 29.91
C VAL DA 425 -81.44 25.78 30.93
N HIS DA 426 -80.92 26.14 32.11
CA HIS DA 426 -81.76 26.77 33.13
C HIS DA 426 -82.36 28.07 32.61
N ASN DA 427 -81.53 28.91 31.99
CA ASN DA 427 -82.03 30.19 31.49
C ASN DA 427 -83.06 29.99 30.38
N GLN DA 428 -82.83 29.01 29.49
CA GLN DA 428 -83.81 28.73 28.44
C GLN DA 428 -85.12 28.26 29.02
N LEU DA 429 -85.09 27.42 30.06
CA LEU DA 429 -86.32 26.98 30.70
C LEU DA 429 -87.08 28.16 31.30
N GLN DA 430 -86.37 29.05 32.01
CA GLN DA 430 -87.04 30.19 32.61
C GLN DA 430 -87.64 31.10 31.55
N GLN DA 431 -86.91 31.34 30.46
CA GLN DA 431 -87.45 32.16 29.39
C GLN DA 431 -88.65 31.51 28.72
N ASN DA 432 -88.63 30.18 28.59
CA ASN DA 432 -89.79 29.48 28.03
C ASN DA 432 -91.01 29.65 28.93
N ILE DA 433 -90.79 29.62 30.25
CA ILE DA 433 -91.89 29.91 31.17
C ILE DA 433 -92.37 31.34 30.99
N LEU DA 434 -91.43 32.27 30.72
CA LEU DA 434 -91.80 33.68 30.60
C LEU DA 434 -92.80 33.93 29.48
N GLN DA 435 -92.65 33.25 28.34
CA GLN DA 435 -93.47 33.53 27.16
C GLN DA 435 -94.76 32.71 27.20
N ILE DA 436 -95.57 32.96 28.22
CA ILE DA 436 -96.85 32.29 28.38
C ILE DA 436 -97.95 33.31 28.68
N SER EA 2 -76.58 52.34 29.36
CA SER EA 2 -76.03 52.07 28.03
C SER EA 2 -74.85 52.98 27.73
N TYR EA 3 -74.88 54.19 28.30
CA TYR EA 3 -73.76 55.11 28.11
C TYR EA 3 -72.48 54.58 28.74
N VAL EA 4 -72.60 53.84 29.85
CA VAL EA 4 -71.42 53.20 30.42
C VAL EA 4 -70.88 52.14 29.48
N SER EA 5 -71.77 51.35 28.87
CA SER EA 5 -71.33 50.36 27.90
C SER EA 5 -70.71 51.03 26.67
N LEU EA 6 -71.27 52.16 26.25
CA LEU EA 6 -70.69 52.89 25.12
C LEU EA 6 -69.31 53.43 25.47
N SER EA 7 -69.13 53.91 26.71
CA SER EA 7 -67.81 54.36 27.14
C SER EA 7 -66.81 53.21 27.15
N GLY EA 8 -67.26 52.04 27.62
CA GLY EA 8 -66.38 50.87 27.57
C GLY EA 8 -66.01 50.49 26.15
N LEU EA 9 -66.97 50.55 25.22
CA LEU EA 9 -66.68 50.29 23.82
C LEU EA 9 -65.67 51.28 23.27
N SER EA 10 -65.84 52.57 23.60
CA SER EA 10 -64.92 53.58 23.12
C SER EA 10 -63.52 53.36 23.67
N ALA EA 11 -63.41 53.02 24.95
CA ALA EA 11 -62.09 52.77 25.54
C ALA EA 11 -61.44 51.55 24.91
N ALA EA 12 -62.21 50.47 24.70
CA ALA EA 12 -61.64 49.28 24.08
C ALA EA 12 -61.19 49.57 22.65
N GLN EA 13 -61.98 50.35 21.90
CA GLN EA 13 -61.59 50.66 20.54
C GLN EA 13 -60.37 51.58 20.51
N LEU EA 14 -60.25 52.49 21.47
CA LEU EA 14 -59.05 53.33 21.55
C LEU EA 14 -57.81 52.48 21.82
N ASP EA 15 -57.92 51.52 22.74
CA ASP EA 15 -56.79 50.62 23.00
C ASP EA 15 -56.46 49.80 21.76
N LEU EA 16 -57.49 49.34 21.04
CA LEU EA 16 -57.29 48.59 19.81
C LEU EA 16 -56.54 49.43 18.78
N ASN EA 17 -56.94 50.70 18.64
CA ASN EA 17 -56.25 51.59 17.69
C ASN EA 17 -54.81 51.84 18.11
N THR EA 18 -54.57 52.01 19.41
CA THR EA 18 -53.20 52.22 19.88
C THR EA 18 -52.32 51.02 19.57
N THR EA 19 -52.85 49.82 19.85
CA THR EA 19 -52.09 48.61 19.57
C THR EA 19 -51.86 48.44 18.07
N SER EA 20 -52.88 48.76 17.26
CA SER EA 20 -52.73 48.67 15.81
C SER EA 20 -51.65 49.61 15.31
N ASN EA 21 -51.61 50.84 15.83
CA ASN EA 21 -50.56 51.78 15.45
C ASN EA 21 -49.19 51.27 15.86
N ASN EA 22 -49.08 50.71 17.07
CA ASN EA 22 -47.81 50.17 17.52
C ASN EA 22 -47.34 49.04 16.61
N ILE EA 23 -48.25 48.16 16.22
CA ILE EA 23 -47.88 47.06 15.33
C ILE EA 23 -47.49 47.58 13.96
N ALA EA 24 -48.23 48.57 13.44
CA ALA EA 24 -47.93 49.11 12.13
C ALA EA 24 -46.56 49.77 12.09
N ASN EA 25 -46.19 50.46 13.17
CA ASN EA 25 -44.90 51.14 13.23
C ASN EA 25 -43.77 50.23 13.70
N ALA EA 26 -43.91 48.91 13.52
CA ALA EA 26 -42.88 47.98 13.99
C ALA EA 26 -41.55 48.16 13.28
N ASN EA 27 -41.54 48.71 12.07
CA ASN EA 27 -40.32 48.85 11.31
C ASN EA 27 -39.82 50.29 11.19
N THR EA 28 -40.62 51.27 11.63
CA THR EA 28 -40.20 52.66 11.56
C THR EA 28 -38.97 52.89 12.44
N TYR EA 29 -37.98 53.58 11.90
CA TYR EA 29 -36.74 53.85 12.61
C TYR EA 29 -36.98 54.90 13.69
N GLY EA 30 -36.58 54.60 14.91
CA GLY EA 30 -36.66 55.56 15.99
C GLY EA 30 -38.04 55.74 16.59
N PHE EA 31 -39.02 54.96 16.16
CA PHE EA 31 -40.37 55.09 16.72
C PHE EA 31 -40.39 54.64 18.18
N LYS EA 32 -41.25 55.32 18.95
CA LYS EA 32 -41.46 54.99 20.35
C LYS EA 32 -42.92 54.61 20.54
N GLU EA 33 -43.16 53.48 21.21
CA GLU EA 33 -44.51 52.95 21.33
C GLU EA 33 -45.38 53.88 22.17
N SER EA 34 -46.68 53.59 22.15
CA SER EA 34 -47.66 54.34 22.92
C SER EA 34 -48.49 53.39 23.75
N ARG EA 35 -48.83 53.84 24.96
CA ARG EA 35 -49.63 53.05 25.89
C ARG EA 35 -50.89 53.83 26.25
N ALA EA 36 -52.02 53.14 26.26
CA ALA EA 36 -53.31 53.77 26.54
C ALA EA 36 -53.69 53.55 27.99
N GLU EA 37 -53.97 54.64 28.71
CA GLU EA 37 -54.34 54.58 30.11
C GLU EA 37 -55.70 55.23 30.30
N PHE EA 38 -56.54 54.58 31.08
CA PHE EA 38 -57.91 55.04 31.31
C PHE EA 38 -58.13 55.27 32.81
N ALA EA 39 -59.28 55.87 33.12
CA ALA EA 39 -59.63 56.21 34.49
C ALA EA 39 -61.13 56.08 34.68
N ASP EA 40 -61.53 55.92 35.94
CA ASP EA 40 -62.94 55.77 36.27
C ASP EA 40 -63.66 57.11 36.15
N VAL EA 41 -64.98 57.03 36.06
CA VAL EA 41 -65.85 58.20 35.99
C VAL EA 41 -66.85 58.12 37.13
N TYR EA 42 -67.03 59.25 37.82
CA TYR EA 42 -67.99 59.31 38.92
C TYR EA 42 -68.51 60.73 39.05
N SER EA 43 -69.80 60.85 39.36
CA SER EA 43 -70.43 62.16 39.50
C SER EA 43 -70.03 62.80 40.82
N ASN EA 44 -70.19 64.13 40.86
CA ASN EA 44 -69.87 64.92 42.05
C ASN EA 44 -71.00 65.90 42.35
N SER EA 45 -72.23 65.41 42.30
CA SER EA 45 -73.38 66.24 42.61
C SER EA 45 -73.35 66.65 44.08
N LEU EA 46 -73.92 67.82 44.35
CA LEU EA 46 -74.00 68.32 45.73
C LEU EA 46 -74.82 67.37 46.60
N PHE EA 47 -75.95 66.89 46.07
CA PHE EA 47 -76.79 65.92 46.77
C PHE EA 47 -76.66 64.58 46.05
N THR EA 48 -75.63 63.83 46.44
CA THR EA 48 -75.33 62.53 45.86
C THR EA 48 -75.63 61.44 46.89
N ASN EA 49 -76.37 60.41 46.46
CA ASN EA 49 -76.62 59.28 47.36
C ASN EA 49 -75.35 58.46 47.60
N ALA EA 50 -74.42 58.47 46.65
CA ALA EA 50 -73.13 57.80 46.78
C ALA EA 50 -73.29 56.29 46.95
N LYS EA 51 -73.88 55.87 48.08
CA LYS EA 51 -74.09 54.45 48.30
C LYS EA 51 -75.07 53.87 47.30
N THR EA 52 -76.04 54.67 46.84
CA THR EA 52 -77.08 54.21 45.94
C THR EA 52 -76.86 54.71 44.51
N THR EA 53 -75.67 55.19 44.19
CA THR EA 53 -75.38 55.70 42.85
C THR EA 53 -74.31 54.83 42.19
N PRO EA 54 -74.58 54.25 41.02
CA PRO EA 54 -73.57 53.43 40.35
C PRO EA 54 -72.46 54.26 39.72
N GLY EA 55 -71.55 53.60 39.03
CA GLY EA 55 -70.44 54.29 38.40
C GLY EA 55 -70.88 55.09 37.18
N GLY EA 56 -69.91 55.81 36.62
CA GLY EA 56 -70.18 56.65 35.47
C GLY EA 56 -69.43 56.22 34.22
N GLY EA 57 -68.91 55.00 34.24
CA GLY EA 57 -68.22 54.46 33.08
C GLY EA 57 -66.72 54.57 33.16
N ALA EA 58 -66.05 54.60 32.01
CA ALA EA 58 -64.60 54.72 31.93
C ALA EA 58 -64.25 55.79 30.92
N GLN EA 59 -63.29 56.64 31.28
CA GLN EA 59 -62.86 57.74 30.44
C GLN EA 59 -61.38 57.61 30.15
N ALA EA 60 -61.00 57.87 28.90
CA ALA EA 60 -59.60 57.83 28.53
C ALA EA 60 -58.83 58.93 29.23
N SER EA 61 -57.74 58.57 29.91
CA SER EA 61 -56.93 59.53 30.64
C SER EA 61 -55.85 60.13 29.74
N GLN EA 62 -55.01 59.30 29.17
CA GLN EA 62 -53.93 59.77 28.30
C GLN EA 62 -53.42 58.61 27.48
N VAL EA 63 -52.77 58.94 26.36
CA VAL EA 63 -52.03 57.98 25.57
C VAL EA 63 -50.55 58.21 25.86
N ALA EA 64 -49.91 57.25 26.52
CA ALA EA 64 -48.54 57.41 26.94
C ALA EA 64 -47.60 57.35 25.74
N GLN EA 65 -46.34 57.72 25.99
CA GLN EA 65 -45.29 57.75 24.99
C GLN EA 65 -44.02 57.11 25.53
N GLN EA 66 -44.17 55.90 26.08
CA GLN EA 66 -43.07 55.18 26.71
C GLN EA 66 -41.78 55.30 25.89
N PHE EA 67 -40.73 55.82 26.51
CA PHE EA 67 -39.50 56.20 25.83
C PHE EA 67 -38.35 55.27 26.18
N HIS EA 68 -38.66 54.00 26.49
CA HIS EA 68 -37.59 53.06 26.80
C HIS EA 68 -36.79 52.76 25.55
N GLU EA 69 -35.48 52.58 25.72
CA GLU EA 69 -34.59 52.37 24.59
C GLU EA 69 -34.99 51.13 23.80
N GLY EA 70 -35.07 51.29 22.48
CA GLY EA 70 -35.36 50.17 21.61
C GLY EA 70 -34.10 49.46 21.15
N SER EA 71 -34.31 48.38 20.40
CA SER EA 71 -33.18 47.60 19.91
C SER EA 71 -32.44 48.38 18.81
N SER EA 72 -31.22 47.95 18.55
CA SER EA 72 -30.35 48.60 17.58
C SER EA 72 -29.98 47.62 16.48
N ILE EA 73 -30.00 48.10 15.24
CA ILE EA 73 -29.59 47.31 14.09
C ILE EA 73 -28.29 47.87 13.56
N TYR EA 74 -27.52 47.00 12.92
CA TYR EA 74 -26.21 47.35 12.37
C TYR EA 74 -26.28 47.29 10.87
N THR EA 75 -25.99 48.42 10.22
CA THR EA 75 -26.02 48.51 8.76
C THR EA 75 -24.65 48.75 8.15
N ASN EA 76 -23.63 48.97 8.96
CA ASN EA 76 -22.27 49.26 8.50
C ASN EA 76 -22.22 50.49 7.59
N ASN EA 77 -23.18 51.41 7.76
CA ASN EA 77 -23.20 52.66 7.02
C ASN EA 77 -22.89 53.79 8.00
N PRO EA 78 -21.69 54.35 8.00
CA PRO EA 78 -21.31 55.30 9.07
C PRO EA 78 -22.14 56.57 9.08
N MET EA 79 -22.87 56.88 8.01
CA MET EA 79 -23.79 58.01 8.03
C MET EA 79 -25.01 57.78 8.90
N ASP EA 80 -25.22 56.55 9.37
CA ASP EA 80 -26.32 56.25 10.28
C ASP EA 80 -25.85 56.44 11.72
N LEU EA 81 -26.64 57.16 12.51
CA LEU EA 81 -26.28 57.49 13.87
C LEU EA 81 -27.38 57.06 14.83
N ARG EA 82 -26.97 56.67 16.04
CA ARG EA 82 -27.89 56.25 17.09
C ARG EA 82 -27.47 56.88 18.41
N VAL EA 83 -28.43 57.36 19.17
CA VAL EA 83 -28.19 57.98 20.47
C VAL EA 83 -28.41 56.92 21.53
N SER EA 84 -27.32 56.44 22.13
CA SER EA 84 -27.39 55.43 23.17
C SER EA 84 -27.56 56.10 24.53
N GLY EA 85 -28.71 55.89 25.16
CA GLY EA 85 -28.97 56.49 26.45
C GLY EA 85 -30.05 57.55 26.40
N THR EA 86 -29.78 58.72 26.95
CA THR EA 86 -30.72 59.84 26.95
C THR EA 86 -30.21 60.93 26.01
N GLY EA 87 -31.07 61.38 25.12
CA GLY EA 87 -30.72 62.43 24.18
C GLY EA 87 -31.48 62.28 22.87
N PHE EA 88 -31.70 63.40 22.21
CA PHE EA 88 -32.39 63.43 20.93
C PHE EA 88 -31.58 64.22 19.91
N PHE EA 89 -31.72 63.82 18.65
CA PHE EA 89 -31.17 64.61 17.56
C PHE EA 89 -32.05 65.84 17.30
N ALA EA 90 -31.41 66.93 16.88
CA ALA EA 90 -32.10 68.17 16.55
C ALA EA 90 -31.98 68.44 15.07
N VAL EA 91 -33.11 68.64 14.40
CA VAL EA 91 -33.15 68.90 12.97
C VAL EA 91 -33.98 70.14 12.71
N ALA EA 92 -33.55 70.96 11.76
CA ALA EA 92 -34.21 72.21 11.43
C ALA EA 92 -34.89 72.11 10.08
N LYS EA 93 -36.06 72.72 9.97
CA LYS EA 93 -36.82 72.68 8.72
C LYS EA 93 -36.06 73.37 7.59
N GLU EA 94 -35.50 74.54 7.86
CA GLU EA 94 -34.76 75.31 6.87
C GLU EA 94 -33.34 75.59 7.37
N ARG EA 95 -32.41 75.68 6.44
CA ARG EA 95 -31.02 75.92 6.81
C ARG EA 95 -30.85 77.28 7.48
N LEU EA 96 -31.57 78.29 6.99
CA LEU EA 96 -31.41 79.66 7.45
C LEU EA 96 -32.19 79.96 8.73
N THR EA 97 -32.93 79.00 9.26
CA THR EA 97 -33.70 79.18 10.50
C THR EA 97 -33.41 78.04 11.45
N PRO EA 98 -32.22 78.01 12.04
CA PRO EA 98 -31.92 76.96 13.04
C PRO EA 98 -32.79 77.06 14.28
N GLN EA 99 -33.38 78.22 14.55
CA GLN EA 99 -34.25 78.37 15.72
C GLN EA 99 -35.46 77.45 15.62
N GLN EA 100 -36.05 77.35 14.43
CA GLN EA 100 -37.19 76.47 14.21
C GLN EA 100 -36.68 75.05 13.99
N ASN EA 101 -36.75 74.23 15.04
CA ASN EA 101 -36.20 72.88 15.00
C ASN EA 101 -37.14 71.92 15.70
N GLU EA 102 -36.96 70.63 15.40
CA GLU EA 102 -37.73 69.56 16.01
C GLU EA 102 -36.80 68.42 16.42
N LEU EA 103 -37.26 67.64 17.39
CA LEU EA 103 -36.46 66.55 17.94
C LEU EA 103 -36.78 65.24 17.23
N THR EA 104 -35.75 64.43 17.02
CA THR EA 104 -35.92 63.15 16.35
C THR EA 104 -34.88 62.17 16.88
N ARG EA 105 -35.11 60.89 16.60
CA ARG EA 105 -34.25 59.82 17.08
C ARG EA 105 -33.60 58.99 15.98
N ASN EA 106 -34.20 58.90 14.79
CA ASN EA 106 -33.59 58.14 13.71
C ASN EA 106 -32.38 58.87 13.17
N GLY EA 107 -31.44 58.10 12.63
CA GLY EA 107 -30.20 58.67 12.17
C GLY EA 107 -29.88 58.43 10.70
N ALA EA 108 -30.91 58.32 9.87
CA ALA EA 108 -30.71 58.10 8.44
C ALA EA 108 -30.28 59.43 7.81
N PHE EA 109 -28.99 59.74 7.93
CA PHE EA 109 -28.44 60.99 7.46
C PHE EA 109 -27.66 60.78 6.17
N HIS EA 110 -27.66 61.82 5.34
CA HIS EA 110 -26.92 61.81 4.08
C HIS EA 110 -26.64 63.24 3.66
N LEU EA 111 -25.64 63.39 2.81
CA LEU EA 111 -25.25 64.70 2.30
C LEU EA 111 -26.21 65.12 1.20
N ASN EA 112 -26.67 66.37 1.24
CA ASN EA 112 -27.48 66.93 0.17
C ASN EA 112 -26.55 67.52 -0.89
N LYS EA 113 -27.12 68.21 -1.87
CA LYS EA 113 -26.31 68.80 -2.93
C LYS EA 113 -25.39 69.91 -2.41
N GLU EA 114 -25.66 70.43 -1.21
CA GLU EA 114 -24.85 71.48 -0.61
C GLU EA 114 -23.88 70.94 0.43
N ASN EA 115 -23.69 69.62 0.49
CA ASN EA 115 -22.80 68.98 1.45
C ASN EA 115 -23.23 69.26 2.90
N TYR EA 116 -24.54 69.27 3.13
CA TYR EA 116 -25.10 69.37 4.46
C TYR EA 116 -25.78 68.04 4.82
N MET EA 117 -25.63 67.62 6.07
CA MET EA 117 -26.22 66.38 6.53
C MET EA 117 -27.70 66.60 6.80
N VAL EA 118 -28.55 65.84 6.12
CA VAL EA 118 -30.00 65.98 6.21
C VAL EA 118 -30.62 64.62 6.44
N THR EA 119 -31.88 64.63 6.88
CA THR EA 119 -32.65 63.41 7.09
C THR EA 119 -33.27 62.97 5.77
N ALA EA 120 -34.20 62.02 5.84
CA ALA EA 120 -34.89 61.57 4.63
C ALA EA 120 -35.69 62.70 4.00
N ASN EA 121 -36.34 63.52 4.83
CA ASN EA 121 -37.13 64.64 4.33
C ASN EA 121 -36.31 65.88 4.06
N ASP EA 122 -35.00 65.74 3.89
CA ASP EA 122 -34.09 66.86 3.60
C ASP EA 122 -34.20 67.95 4.66
N GLU EA 123 -34.21 67.54 5.92
CA GLU EA 123 -34.19 68.45 7.05
C GLU EA 123 -32.78 68.49 7.63
N PHE EA 124 -32.20 69.69 7.71
CA PHE EA 124 -30.81 69.83 8.09
C PHE EA 124 -30.60 69.43 9.53
N LEU EA 125 -29.45 68.80 9.80
CA LEU EA 125 -29.09 68.37 11.14
C LEU EA 125 -28.34 69.50 11.86
N LEU EA 126 -28.78 69.81 13.08
CA LEU EA 126 -28.17 70.89 13.85
C LEU EA 126 -26.92 70.40 14.57
N GLY EA 127 -25.90 71.25 14.57
CA GLY EA 127 -24.65 70.92 15.21
C GLY EA 127 -23.96 72.15 15.77
N TYR EA 128 -22.92 71.91 16.55
CA TYR EA 128 -22.15 72.97 17.18
C TYR EA 128 -20.94 73.33 16.32
N GLN EA 129 -20.13 74.26 16.81
CA GLN EA 129 -18.89 74.66 16.16
C GLN EA 129 -17.77 74.62 17.19
N VAL EA 130 -16.81 73.72 16.98
CA VAL EA 130 -15.73 73.54 17.93
C VAL EA 130 -14.56 74.46 17.57
N ASP EA 131 -13.70 74.69 18.55
CA ASP EA 131 -12.50 75.48 18.32
C ASP EA 131 -11.47 74.67 17.53
N PRO EA 132 -10.66 75.33 16.70
CA PRO EA 132 -9.67 74.58 15.91
C PRO EA 132 -8.72 73.74 16.76
N SER EA 133 -8.27 74.27 17.89
CA SER EA 133 -7.37 73.54 18.78
C SER EA 133 -8.07 73.03 20.03
N SER EA 134 -8.80 73.89 20.73
CA SER EA 134 -9.50 73.48 21.94
C SER EA 134 -10.67 72.57 21.60
N GLY EA 135 -10.76 71.44 22.32
CA GLY EA 135 -11.84 70.50 22.08
C GLY EA 135 -13.21 71.04 22.45
N GLU EA 136 -13.27 71.87 23.49
CA GLU EA 136 -14.54 72.41 23.94
C GLU EA 136 -15.18 73.27 22.85
N VAL EA 137 -16.50 73.15 22.71
CA VAL EA 137 -17.23 73.97 21.76
C VAL EA 137 -17.38 75.37 22.32
N SER EA 138 -17.10 76.37 21.48
CA SER EA 138 -17.13 77.76 21.95
C SER EA 138 -18.56 78.25 22.09
N SER EA 139 -19.30 78.30 20.98
CA SER EA 139 -20.68 78.79 21.00
C SER EA 139 -21.66 77.63 20.95
N TYR EA 140 -22.66 77.68 21.82
CA TYR EA 140 -23.63 76.60 21.97
C TYR EA 140 -24.84 76.79 21.06
N GLU EA 141 -24.86 77.82 20.22
CA GLU EA 141 -25.98 77.95 19.32
C GLU EA 141 -25.95 76.85 18.26
N PRO EA 142 -27.11 76.32 17.90
CA PRO EA 142 -27.14 75.27 16.87
C PRO EA 142 -27.07 75.86 15.46
N GLN EA 143 -26.29 75.20 14.62
CA GLN EA 143 -26.15 75.59 13.22
C GLN EA 143 -26.08 74.34 12.37
N PRO EA 144 -26.50 74.42 11.11
CA PRO EA 144 -26.41 73.25 10.23
C PRO EA 144 -24.97 72.79 10.06
N ILE EA 145 -24.80 71.47 9.97
CA ILE EA 145 -23.48 70.87 9.83
C ILE EA 145 -23.12 70.78 8.36
N ASN EA 146 -21.97 71.32 7.99
CA ASN EA 146 -21.48 71.30 6.63
C ASN EA 146 -20.16 70.53 6.57
N ILE EA 147 -19.99 69.75 5.50
CA ILE EA 147 -18.77 68.97 5.31
C ILE EA 147 -18.13 69.41 4.00
N PRO EA 148 -17.22 70.39 4.02
CA PRO EA 148 -16.60 70.85 2.78
C PRO EA 148 -15.80 69.74 2.12
N ALA EA 149 -15.79 69.75 0.79
CA ALA EA 149 -15.03 68.78 0.01
C ALA EA 149 -13.62 69.25 -0.30
N GLU EA 150 -13.27 70.48 0.07
CA GLU EA 150 -11.94 71.01 -0.17
C GLU EA 150 -11.44 71.73 1.07
N PHE EA 151 -10.14 71.62 1.34
CA PHE EA 151 -9.49 72.43 2.36
C PHE EA 151 -8.99 73.72 1.72
N GLY EA 152 -9.95 74.54 1.30
CA GLY EA 152 -9.66 75.73 0.51
C GLY EA 152 -9.15 76.91 1.30
N LYS EA 153 -8.05 76.74 2.00
CA LYS EA 153 -7.41 77.83 2.72
C LYS EA 153 -5.97 77.48 3.05
N PRO EA 154 -5.02 77.76 2.15
CA PRO EA 154 -3.61 77.51 2.47
C PRO EA 154 -3.17 78.29 3.70
N LYS EA 155 -2.76 77.58 4.75
CA LYS EA 155 -2.39 78.17 6.02
C LYS EA 155 -0.88 78.38 6.07
N GLN EA 156 -0.47 79.61 6.27
CA GLN EA 156 0.96 79.94 6.33
C GLN EA 156 1.58 79.36 7.60
N THR EA 157 2.86 79.04 7.50
CA THR EA 157 3.61 78.53 8.65
C THR EA 157 3.88 79.67 9.61
N ALA EA 158 3.51 79.49 10.88
CA ALA EA 158 3.68 80.53 11.87
C ALA EA 158 4.45 80.04 13.10
N ASN EA 159 4.20 78.79 13.49
CA ASN EA 159 4.83 78.20 14.67
C ASN EA 159 5.53 76.91 14.26
N ILE EA 160 6.79 76.77 14.66
CA ILE EA 160 7.59 75.59 14.37
C ILE EA 160 8.16 75.05 15.67
N GLU EA 161 7.82 73.81 16.00
CA GLU EA 161 8.33 73.14 17.18
C GLU EA 161 9.38 72.12 16.76
N VAL EA 162 10.59 72.24 17.31
CA VAL EA 162 11.69 71.35 16.97
C VAL EA 162 12.29 70.81 18.26
N GLY EA 163 12.43 69.49 18.34
CA GLY EA 163 13.09 68.86 19.46
C GLY EA 163 14.26 68.02 19.02
N VAL EA 164 15.49 68.39 19.42
CA VAL EA 164 16.69 67.72 18.96
C VAL EA 164 17.58 67.39 20.16
N ASN EA 165 18.48 66.45 19.93
CA ASN EA 165 19.54 66.10 20.87
C ASN EA 165 20.88 66.45 20.26
N LEU EA 166 21.67 67.25 20.98
CA LEU EA 166 22.93 67.66 20.37
C LEU EA 166 24.09 66.87 20.95
N PRO EA 167 25.09 66.54 20.14
CA PRO EA 167 26.23 65.76 20.65
C PRO EA 167 27.09 66.60 21.58
N ALA EA 168 27.17 66.17 22.85
CA ALA EA 168 27.99 66.88 23.81
C ALA EA 168 29.48 66.70 23.54
N ASN EA 169 29.86 65.66 22.82
CA ASN EA 169 31.25 65.41 22.48
C ASN EA 169 31.64 65.96 21.12
N GLY EA 170 30.76 66.74 20.49
CA GLY EA 170 31.10 67.33 19.21
C GLY EA 170 32.22 68.35 19.34
N ASP EA 171 32.98 68.51 18.26
CA ASP EA 171 34.11 69.42 18.27
C ASP EA 171 33.65 70.87 18.33
N LEU EA 172 34.41 71.69 19.06
CA LEU EA 172 34.08 73.10 19.19
C LEU EA 172 34.37 73.85 17.89
N LYS EA 173 33.64 74.93 17.68
CA LYS EA 173 33.77 75.75 16.47
C LYS EA 173 33.87 77.22 16.85
N ASP EA 174 34.38 78.01 15.92
CA ASP EA 174 34.57 79.44 16.15
C ASP EA 174 33.28 80.19 15.84
N PRO EA 175 32.69 80.91 16.80
CA PRO EA 175 31.45 81.64 16.49
C PRO EA 175 31.60 82.67 15.39
N THR EA 176 32.74 83.37 15.33
CA THR EA 176 32.92 84.43 14.35
C THR EA 176 33.23 83.92 12.95
N GLN EA 177 33.59 82.65 12.81
CA GLN EA 177 33.91 82.06 11.53
C GLN EA 177 32.73 81.31 10.91
N PHE EA 178 31.53 81.50 11.44
CA PHE EA 178 30.37 80.78 10.93
C PHE EA 178 30.06 81.22 9.51
N ASP EA 179 29.75 80.25 8.65
CA ASP EA 179 29.36 80.54 7.28
C ASP EA 179 28.58 79.34 6.75
N PHE EA 180 27.34 79.57 6.34
CA PHE EA 180 26.51 78.47 5.83
C PHE EA 180 27.05 77.90 4.53
N SER EA 181 27.85 78.67 3.79
CA SER EA 181 28.41 78.19 2.55
C SER EA 181 29.57 77.20 2.77
N ASP EA 182 30.18 77.22 3.94
CA ASP EA 182 31.28 76.31 4.24
C ASP EA 182 30.83 75.28 5.26
N PRO EA 183 30.73 73.99 4.90
CA PRO EA 183 30.23 73.00 5.86
C PRO EA 183 31.07 72.88 7.12
N ASP EA 184 32.39 73.06 7.02
CA ASP EA 184 33.28 72.83 8.15
C ASP EA 184 33.16 73.89 9.23
N THR EA 185 32.53 75.03 8.94
CA THR EA 185 32.43 76.09 9.94
C THR EA 185 31.48 75.72 11.07
N TYR EA 186 30.40 75.02 10.77
CA TYR EA 186 29.39 74.66 11.75
C TYR EA 186 29.44 73.16 12.02
N ASN EA 187 28.53 72.68 12.86
CA ASN EA 187 28.50 71.28 13.27
C ASN EA 187 27.51 70.47 12.45
N ARG EA 188 26.24 70.87 12.44
CA ARG EA 188 25.19 70.10 11.78
C ARG EA 188 24.26 71.03 11.02
N SER EA 189 23.59 70.46 10.02
CA SER EA 189 22.64 71.20 9.19
C SER EA 189 21.43 70.31 8.93
N THR EA 190 20.24 70.87 9.09
CA THR EA 190 18.99 70.15 8.84
C THR EA 190 18.14 70.94 7.85
N SER EA 191 17.36 70.20 7.06
CA SER EA 191 16.52 70.79 6.03
C SER EA 191 15.07 70.39 6.27
N SER EA 192 14.15 71.33 6.00
CA SER EA 192 12.73 71.09 6.19
C SER EA 192 11.96 72.02 5.26
N THR EA 193 10.65 71.82 5.21
CA THR EA 193 9.77 72.54 4.31
C THR EA 193 8.82 73.44 5.10
N ILE EA 194 8.65 74.67 4.62
CA ILE EA 194 7.71 75.63 5.20
C ILE EA 194 6.83 76.15 4.07
N TYR EA 195 5.66 76.67 4.46
CA TYR EA 195 4.64 77.11 3.52
C TYR EA 195 4.25 78.55 3.80
N ASP EA 196 4.06 79.32 2.73
CA ASP EA 196 3.63 80.71 2.84
C ASP EA 196 2.11 80.79 2.78
N SER EA 197 1.58 82.01 2.63
CA SER EA 197 0.14 82.18 2.58
C SER EA 197 -0.46 81.56 1.32
N MET EA 198 0.26 81.64 0.20
CA MET EA 198 -0.22 81.10 -1.07
C MET EA 198 0.09 79.60 -1.22
N GLY EA 199 0.69 78.98 -0.22
CA GLY EA 199 0.98 77.56 -0.27
C GLY EA 199 2.27 77.19 -0.97
N GLN EA 200 3.08 78.17 -1.38
CA GLN EA 200 4.35 77.86 -2.02
C GLN EA 200 5.29 77.20 -1.02
N SER EA 201 5.99 76.16 -1.47
CA SER EA 201 6.91 75.43 -0.61
C SER EA 201 8.27 76.10 -0.62
N TYR EA 202 8.83 76.30 0.58
CA TYR EA 202 10.18 76.83 0.74
C TYR EA 202 11.00 75.89 1.59
N LYS EA 203 12.30 75.87 1.34
CA LYS EA 203 13.22 75.01 2.07
C LYS EA 203 13.87 75.81 3.19
N LEU EA 204 13.67 75.36 4.43
CA LEU EA 204 14.25 75.99 5.60
C LEU EA 204 15.40 75.14 6.10
N THR EA 205 16.60 75.70 6.11
CA THR EA 205 17.79 75.01 6.55
C THR EA 205 18.30 75.64 7.83
N THR EA 206 18.46 74.82 8.88
CA THR EA 206 18.89 75.28 10.18
C THR EA 206 20.30 74.77 10.46
N TYR EA 207 21.19 75.67 10.87
CA TYR EA 207 22.59 75.34 11.13
C TYR EA 207 22.86 75.44 12.62
N TYR EA 208 23.46 74.39 13.18
CA TYR EA 208 23.80 74.33 14.59
C TYR EA 208 25.31 74.38 14.74
N LEU EA 209 25.79 75.30 15.58
CA LEU EA 209 27.21 75.48 15.83
C LEU EA 209 27.47 75.40 17.33
N LYS EA 210 28.47 74.61 17.71
CA LYS EA 210 28.84 74.44 19.11
C LYS EA 210 29.84 75.52 19.50
N ASP EA 211 29.49 76.32 20.49
CA ASP EA 211 30.35 77.41 20.92
C ASP EA 211 31.62 76.87 21.56
N GLN EA 212 32.75 77.50 21.22
CA GLN EA 212 34.04 77.14 21.79
C GLN EA 212 34.35 77.93 23.06
N THR EA 213 33.99 79.22 23.07
CA THR EA 213 34.32 80.06 24.22
C THR EA 213 33.58 79.60 25.48
N GLN EA 214 32.31 79.27 25.35
CA GLN EA 214 31.48 78.93 26.51
C GLN EA 214 31.07 77.47 26.44
N PRO EA 215 31.37 76.67 27.48
CA PRO EA 215 30.94 75.27 27.46
C PRO EA 215 29.43 75.15 27.56
N ASN EA 216 28.92 74.06 26.97
CA ASN EA 216 27.47 73.78 26.94
C ASN EA 216 26.70 74.95 26.32
N THR EA 217 27.26 75.52 25.26
CA THR EA 217 26.63 76.63 24.56
C THR EA 217 26.62 76.34 23.07
N TRP EA 218 25.48 76.59 22.43
CA TRP EA 218 25.30 76.33 21.01
C TRP EA 218 24.71 77.56 20.35
N ASN EA 219 25.04 77.73 19.07
CA ASN EA 219 24.50 78.81 18.25
C ASN EA 219 23.70 78.21 17.11
N THR EA 220 22.56 78.82 16.82
CA THR EA 220 21.63 78.34 15.81
C THR EA 220 21.34 79.43 14.80
N TYR EA 221 21.45 79.10 13.52
CA TYR EA 221 21.19 80.02 12.43
C TYR EA 221 20.23 79.38 11.44
N TYR EA 222 19.50 80.22 10.71
CA TYR EA 222 18.47 79.76 9.78
C TYR EA 222 18.69 80.38 8.42
N THR EA 223 18.36 79.62 7.37
CA THR EA 223 18.43 80.09 6.00
C THR EA 223 17.19 79.66 5.25
N VAL EA 224 16.82 80.43 4.22
CA VAL EA 224 15.66 80.15 3.38
C VAL EA 224 16.14 79.95 1.95
N THR EA 225 15.70 78.87 1.33
CA THR EA 225 16.12 78.51 -0.02
C THR EA 225 14.93 78.66 -0.96
N ASP EA 226 14.91 79.76 -1.73
CA ASP EA 226 13.95 79.95 -2.81
C ASP EA 226 14.63 79.64 -4.14
N LYS EA 227 13.93 79.94 -5.23
CA LYS EA 227 14.48 79.68 -6.55
C LYS EA 227 15.66 80.59 -6.86
N GLU EA 228 15.66 81.81 -6.33
CA GLU EA 228 16.77 82.72 -6.58
C GLU EA 228 18.06 82.22 -5.95
N GLY EA 229 17.96 81.65 -4.75
CA GLY EA 229 19.14 81.15 -4.06
C GLY EA 229 18.81 80.90 -2.60
N GLU EA 230 19.86 80.79 -1.80
CA GLU EA 230 19.74 80.58 -0.36
C GLU EA 230 19.99 81.90 0.35
N LYS EA 231 18.97 82.41 1.02
CA LYS EA 231 19.06 83.68 1.72
C LYS EA 231 19.01 83.47 3.22
N PRO EA 232 19.98 83.99 3.98
CA PRO EA 232 19.95 83.81 5.44
C PRO EA 232 18.79 84.57 6.06
N LEU EA 233 18.32 84.02 7.18
CA LEU EA 233 17.23 84.63 7.96
C LEU EA 233 17.77 85.06 9.31
N ASN EA 234 17.42 86.28 9.72
CA ASN EA 234 17.92 86.86 10.96
C ASN EA 234 16.85 86.79 12.04
N VAL EA 235 17.30 86.59 13.27
CA VAL EA 235 16.41 86.58 14.43
C VAL EA 235 16.20 88.01 14.90
N ALA EA 236 15.00 88.31 15.39
CA ALA EA 236 14.66 89.68 15.78
C ALA EA 236 15.55 90.16 16.93
N ALA EA 237 15.74 89.33 17.95
CA ALA EA 237 16.51 89.70 19.13
C ALA EA 237 17.52 88.64 19.51
N GLY EA 238 18.04 87.90 18.53
CA GLY EA 238 18.99 86.85 18.82
C GLY EA 238 20.34 87.40 19.25
N ASP EA 239 20.93 86.75 20.25
CA ASP EA 239 22.24 87.15 20.78
C ASP EA 239 23.38 86.40 20.11
N ALA EA 240 23.41 86.43 18.77
CA ALA EA 240 24.50 85.79 18.03
C ALA EA 240 24.65 86.55 16.70
N GLN EA 241 25.62 87.46 16.66
CA GLN EA 241 25.86 88.31 15.50
C GLN EA 241 27.20 87.95 14.88
N THR EA 242 27.17 87.39 13.67
CA THR EA 242 28.39 87.14 12.93
C THR EA 242 28.93 88.45 12.35
N PRO EA 243 30.23 88.49 12.04
CA PRO EA 243 30.78 89.70 11.42
C PRO EA 243 30.11 90.06 10.10
N THR EA 244 29.65 89.06 9.34
CA THR EA 244 28.95 89.35 8.09
C THR EA 244 27.63 90.07 8.37
N GLY EA 245 26.90 89.65 9.40
CA GLY EA 245 25.65 90.30 9.74
C GLY EA 245 24.52 89.36 10.07
N HIS EA 246 24.75 88.06 9.88
CA HIS EA 246 23.72 87.07 10.18
C HIS EA 246 23.44 87.02 11.68
N VAL EA 247 22.16 86.89 12.04
CA VAL EA 247 21.72 86.95 13.43
C VAL EA 247 21.13 85.60 13.80
N GLY EA 248 21.78 84.90 14.72
CA GLY EA 248 21.28 83.67 15.29
C GLY EA 248 20.92 83.82 16.76
N HIS EA 249 20.64 82.69 17.41
CA HIS EA 249 20.30 82.67 18.82
C HIS EA 249 21.13 81.59 19.51
N THR EA 250 21.33 81.78 20.82
CA THR EA 250 22.18 80.91 21.61
C THR EA 250 21.33 79.95 22.45
N MET EA 251 21.83 78.73 22.59
CA MET EA 251 21.17 77.70 23.39
C MET EA 251 22.13 77.23 24.48
N LYS EA 252 21.65 77.19 25.71
CA LYS EA 252 22.43 76.79 26.86
C LYS EA 252 21.76 75.63 27.58
N PHE EA 253 22.57 74.74 28.15
CA PHE EA 253 22.08 73.55 28.82
C PHE EA 253 22.68 73.45 30.22
N ASN EA 254 21.99 72.74 31.09
CA ASN EA 254 22.43 72.59 32.48
C ASN EA 254 23.47 71.48 32.59
N ASN EA 255 23.83 71.13 33.82
CA ASN EA 255 24.81 70.07 34.03
C ASN EA 255 24.28 68.71 33.59
N ASP EA 256 23.00 68.44 33.84
CA ASP EA 256 22.42 67.15 33.50
C ASP EA 256 22.11 67.00 32.02
N GLY EA 257 22.41 68.02 31.21
CA GLY EA 257 22.12 67.98 29.79
C GLY EA 257 20.75 68.48 29.39
N THR EA 258 19.90 68.82 30.37
CA THR EA 258 18.58 69.36 30.05
C THR EA 258 18.70 70.80 29.57
N LEU EA 259 17.59 71.34 29.07
CA LEU EA 259 17.57 72.69 28.55
C LEU EA 259 17.63 73.70 29.68
N ALA EA 260 18.50 74.71 29.52
CA ALA EA 260 18.66 75.78 30.51
C ALA EA 260 18.02 77.08 30.05
N SER EA 261 18.41 77.58 28.88
CA SER EA 261 17.91 78.85 28.39
C SER EA 261 17.95 78.87 26.87
N LEU EA 262 17.12 79.74 26.29
CA LEU EA 262 17.05 79.92 24.85
C LEU EA 262 17.04 81.40 24.54
N ASN EA 263 18.06 81.88 23.84
CA ASN EA 263 18.16 83.28 23.42
C ASN EA 263 17.99 84.23 24.61
N ASN EA 264 18.68 83.93 25.70
CA ASN EA 264 18.61 84.71 26.93
C ASN EA 264 17.18 84.78 27.47
N GLY EA 265 16.41 83.71 27.28
CA GLY EA 265 15.05 83.65 27.78
C GLY EA 265 14.03 84.38 26.95
N GLN EA 266 14.41 84.95 25.81
CA GLN EA 266 13.45 85.67 24.98
C GLN EA 266 12.83 84.74 23.96
N PRO EA 267 11.58 84.99 23.56
CA PRO EA 267 10.96 84.17 22.52
C PRO EA 267 11.70 84.30 21.19
N ILE EA 268 11.72 83.21 20.44
CA ILE EA 268 12.44 83.16 19.17
C ILE EA 268 11.45 83.51 18.07
N THR EA 269 11.53 84.76 17.59
CA THR EA 269 10.71 85.23 16.47
C THR EA 269 11.63 85.76 15.39
N SER EA 270 11.48 85.25 14.17
CA SER EA 270 12.31 85.69 13.06
C SER EA 270 11.76 86.98 12.46
N VAL EA 271 12.61 87.65 11.68
CA VAL EA 271 12.21 88.86 10.98
C VAL EA 271 11.33 88.48 9.80
N ALA EA 272 10.67 89.46 9.19
CA ALA EA 272 9.79 89.19 8.07
C ALA EA 272 10.57 88.61 6.90
N LEU EA 273 9.98 87.61 6.24
CA LEU EA 273 10.68 86.91 5.17
C LEU EA 273 10.90 87.80 3.96
N GLY EA 274 9.84 88.49 3.51
CA GLY EA 274 9.92 89.23 2.27
C GLY EA 274 9.81 90.73 2.39
N ASP EA 275 10.02 91.26 3.59
CA ASP EA 275 9.93 92.70 3.80
C ASP EA 275 11.33 93.30 3.80
N PRO EA 276 11.69 94.12 2.80
CA PRO EA 276 13.01 94.75 2.83
C PRO EA 276 13.19 95.73 3.98
N ALA EA 277 12.10 96.23 4.57
CA ALA EA 277 12.20 97.17 5.69
C ALA EA 277 12.82 96.57 6.93
N THR EA 278 12.75 95.24 7.10
CA THR EA 278 13.33 94.57 8.26
C THR EA 278 14.28 93.44 7.91
N ASN EA 279 14.43 93.09 6.64
CA ASN EA 279 15.31 92.00 6.23
C ASN EA 279 16.31 92.53 5.22
N THR EA 280 17.59 92.27 5.48
CA THR EA 280 18.63 92.67 4.54
C THR EA 280 18.67 91.76 3.31
N THR EA 281 18.15 90.54 3.42
CA THR EA 281 18.04 89.61 2.30
C THR EA 281 16.61 89.12 2.24
N PRO EA 282 15.69 89.95 1.74
CA PRO EA 282 14.27 89.56 1.72
C PRO EA 282 14.04 88.35 0.83
N VAL EA 283 13.20 87.42 1.31
CA VAL EA 283 12.87 86.24 0.53
C VAL EA 283 11.87 86.61 -0.56
N ASP EA 284 12.08 86.07 -1.75
CA ASP EA 284 11.18 86.31 -2.86
C ASP EA 284 9.87 85.56 -2.65
N MET EA 285 8.89 86.23 -2.06
CA MET EA 285 7.60 85.59 -1.76
C MET EA 285 6.82 85.23 -3.01
N ASN EA 286 7.15 85.84 -4.16
CA ASN EA 286 6.48 85.57 -5.43
C ASN EA 286 4.98 85.83 -5.33
N GLY EA 287 4.62 86.93 -4.69
CA GLY EA 287 3.23 87.34 -4.55
C GLY EA 287 2.61 87.04 -3.20
N ALA EA 288 3.28 86.30 -2.34
CA ALA EA 288 2.74 85.98 -1.03
C ALA EA 288 2.95 87.15 -0.07
N ASP EA 289 2.51 86.97 1.17
CA ASP EA 289 2.63 88.00 2.19
C ASP EA 289 4.10 88.17 2.58
N PRO EA 290 4.65 89.39 2.44
CA PRO EA 290 6.05 89.60 2.79
C PRO EA 290 6.31 89.71 4.29
N ALA EA 291 5.26 89.88 5.10
CA ALA EA 291 5.40 90.10 6.54
C ALA EA 291 5.25 88.82 7.35
N GLN EA 292 5.37 87.66 6.72
CA GLN EA 292 5.24 86.41 7.45
C GLN EA 292 6.37 86.24 8.46
N THR EA 293 6.03 85.78 9.65
CA THR EA 293 6.99 85.57 10.73
C THR EA 293 6.90 84.14 11.22
N LEU EA 294 8.03 83.62 11.71
CA LEU EA 294 8.13 82.26 12.20
C LEU EA 294 8.49 82.27 13.68
N ASN EA 295 7.76 81.49 14.46
CA ASN EA 295 8.07 81.29 15.88
C ASN EA 295 8.63 79.89 16.07
N PHE EA 296 9.85 79.81 16.58
CA PHE EA 296 10.54 78.54 16.78
C PHE EA 296 10.43 78.12 18.23
N GLY EA 297 9.87 76.93 18.47
CA GLY EA 297 9.77 76.41 19.81
C GLY EA 297 10.67 75.21 20.02
N LEU EA 298 11.74 75.39 20.79
CA LEU EA 298 12.72 74.35 21.04
C LEU EA 298 12.86 74.08 22.53
N GLY EA 299 11.71 73.97 23.22
CA GLY EA 299 11.72 73.77 24.65
C GLY EA 299 12.13 72.39 25.11
N SER EA 300 12.20 71.43 24.18
CA SER EA 300 12.57 70.06 24.51
C SER EA 300 13.97 69.70 24.05
N ALA EA 301 14.77 70.69 23.61
CA ALA EA 301 16.11 70.41 23.13
C ALA EA 301 17.00 69.94 24.27
N THR EA 302 17.84 68.94 23.98
CA THR EA 302 18.73 68.36 24.97
C THR EA 302 20.12 68.21 24.36
N GLN EA 303 21.11 68.04 25.24
CA GLN EA 303 22.49 67.78 24.84
C GLN EA 303 23.02 66.64 25.68
N PHE EA 304 23.13 65.46 25.08
CA PHE EA 304 23.64 64.27 25.74
C PHE EA 304 24.81 63.71 24.93
N ALA EA 305 25.33 62.57 25.38
CA ALA EA 305 26.41 61.92 24.67
C ALA EA 305 25.94 61.27 23.38
N ALA EA 306 24.63 61.15 23.18
CA ALA EA 306 24.12 60.56 21.95
C ALA EA 306 24.41 61.46 20.76
N PRO EA 307 24.57 60.88 19.57
CA PRO EA 307 24.88 61.70 18.39
C PRO EA 307 23.75 62.66 18.01
N PHE EA 308 24.01 63.51 17.02
CA PHE EA 308 23.00 64.48 16.59
C PHE EA 308 21.76 63.76 16.08
N GLU EA 309 20.59 64.25 16.50
CA GLU EA 309 19.34 63.57 16.20
C GLU EA 309 18.21 64.58 16.13
N LEU EA 310 17.35 64.46 15.12
CA LEU EA 310 16.15 65.28 14.98
C LEU EA 310 14.98 64.44 15.47
N THR EA 311 14.69 64.53 16.76
CA THR EA 311 13.68 63.66 17.37
C THR EA 311 12.29 64.02 16.89
N LYS EA 312 11.96 65.32 16.85
CA LYS EA 312 10.62 65.76 16.52
C LYS EA 312 10.66 67.03 15.69
N PHE EA 313 9.79 67.11 14.69
CA PHE EA 313 9.62 68.33 13.89
C PHE EA 313 8.13 68.51 13.63
N ASP EA 314 7.57 69.62 14.10
CA ASP EA 314 6.15 69.90 13.92
C ASP EA 314 5.98 71.35 13.49
N GLU EA 315 5.04 71.57 12.58
CA GLU EA 315 4.71 72.91 12.08
C GLU EA 315 3.20 73.07 12.08
N ASP EA 316 2.75 74.28 11.75
CA ASP EA 316 1.32 74.58 11.65
C ASP EA 316 0.93 74.99 10.23
N GLY EA 317 1.80 74.76 9.25
CA GLY EA 317 1.48 75.08 7.88
C GLY EA 317 0.53 74.08 7.25
N ALA EA 318 -0.02 74.47 6.10
CA ALA EA 318 -0.99 73.63 5.41
C ALA EA 318 -1.02 74.03 3.94
N THR EA 319 -1.60 73.14 3.13
CA THR EA 319 -1.73 73.35 1.69
C THR EA 319 -3.12 72.93 1.27
N THR EA 320 -3.49 73.26 0.04
CA THR EA 320 -4.80 72.89 -0.48
C THR EA 320 -4.93 71.37 -0.57
N GLY EA 321 -6.12 70.88 -0.28
CA GLY EA 321 -6.36 69.45 -0.26
C GLY EA 321 -7.82 69.12 -0.48
N PHE EA 322 -8.08 67.83 -0.62
CA PHE EA 322 -9.41 67.31 -0.92
C PHE EA 322 -9.85 66.36 0.17
N LEU EA 323 -11.14 66.42 0.51
CA LEU EA 323 -11.71 65.55 1.55
C LEU EA 323 -11.44 64.10 1.23
N THR EA 324 -10.75 63.41 2.14
CA THR EA 324 -10.34 62.03 1.94
C THR EA 324 -11.24 61.02 2.66
N LYS EA 325 -11.52 61.24 3.95
CA LYS EA 325 -12.40 60.35 4.68
C LYS EA 325 -13.03 61.11 5.84
N VAL EA 326 -14.14 60.59 6.33
CA VAL EA 326 -14.90 61.19 7.42
C VAL EA 326 -15.29 60.10 8.40
N ASP EA 327 -15.08 60.36 9.69
CA ASP EA 327 -15.45 59.42 10.74
C ASP EA 327 -16.01 60.19 11.93
N PHE EA 328 -16.66 59.47 12.83
CA PHE EA 328 -17.32 60.04 14.00
C PHE EA 328 -16.78 59.38 15.26
N ASP EA 329 -16.40 60.20 16.22
CA ASP EA 329 -15.91 59.68 17.50
C ASP EA 329 -17.06 59.57 18.50
N GLU EA 330 -16.74 59.13 19.72
CA GLU EA 330 -17.76 58.97 20.74
C GLU EA 330 -18.30 60.31 21.23
N ASN EA 331 -17.48 61.36 21.18
CA ASN EA 331 -17.93 62.68 21.62
C ASN EA 331 -18.90 63.33 20.63
N GLY EA 332 -19.09 62.73 19.46
CA GLY EA 332 -19.96 63.30 18.46
C GLY EA 332 -19.29 64.22 17.47
N SER EA 333 -18.00 64.51 17.67
CA SER EA 333 -17.29 65.35 16.71
C SER EA 333 -17.09 64.60 15.40
N VAL EA 334 -17.46 65.25 14.30
CA VAL EA 334 -17.27 64.69 12.97
C VAL EA 334 -15.94 65.19 12.44
N MET EA 335 -14.98 64.30 12.32
CA MET EA 335 -13.65 64.66 11.85
C MET EA 335 -13.45 64.24 10.41
N GLY EA 336 -12.67 65.03 9.68
CA GLY EA 336 -12.38 64.73 8.30
C GLY EA 336 -10.94 65.04 7.94
N THR EA 337 -10.26 64.10 7.29
CA THR EA 337 -8.87 64.27 6.90
C THR EA 337 -8.80 64.61 5.42
N TYR EA 338 -7.89 65.50 5.07
CA TYR EA 338 -7.74 65.98 3.70
C TYR EA 338 -6.41 65.50 3.14
N SER EA 339 -6.15 65.88 1.88
CA SER EA 339 -4.94 65.43 1.21
C SER EA 339 -3.69 66.05 1.81
N ASN EA 340 -3.79 67.29 2.31
CA ASN EA 340 -2.65 67.93 2.94
C ASN EA 340 -2.22 67.20 4.20
N GLY EA 341 -3.19 66.72 4.99
CA GLY EA 341 -2.91 65.97 6.20
C GLY EA 341 -3.59 66.50 7.45
N GLU EA 342 -4.15 67.71 7.41
CA GLU EA 342 -4.81 68.26 8.60
C GLU EA 342 -6.08 67.49 8.91
N ASN EA 343 -6.25 67.13 10.19
CA ASN EA 343 -7.46 66.44 10.65
C ASN EA 343 -8.45 67.49 11.16
N VAL EA 344 -9.04 68.21 10.21
CA VAL EA 344 -9.96 69.29 10.54
C VAL EA 344 -11.25 68.70 11.12
N THR EA 345 -11.69 69.27 12.23
CA THR EA 345 -12.96 68.87 12.86
C THR EA 345 -14.07 69.73 12.28
N LEU EA 346 -14.95 69.12 11.51
CA LEU EA 346 -16.01 69.89 10.85
C LEU EA 346 -17.03 70.42 11.84
N GLY EA 347 -17.26 69.70 12.93
CA GLY EA 347 -18.19 70.16 13.93
C GLY EA 347 -18.55 69.05 14.90
N ARG EA 348 -19.61 69.30 15.67
CA ARG EA 348 -20.18 68.32 16.57
C ARG EA 348 -21.66 68.13 16.26
N VAL EA 349 -22.26 67.13 16.89
CA VAL EA 349 -23.67 66.82 16.72
C VAL EA 349 -24.41 67.28 17.96
N ALA EA 350 -25.37 68.17 17.79
CA ALA EA 350 -26.14 68.67 18.92
C ALA EA 350 -27.05 67.59 19.48
N LEU EA 351 -27.17 67.55 20.80
CA LEU EA 351 -28.02 66.61 21.50
C LEU EA 351 -28.97 67.39 22.42
N VAL EA 352 -30.23 67.00 22.42
CA VAL EA 352 -31.27 67.72 23.14
C VAL EA 352 -31.95 66.77 24.11
N ARG EA 353 -32.15 67.22 25.34
CA ARG EA 353 -32.84 66.46 26.37
C ARG EA 353 -33.88 67.35 27.03
N VAL EA 354 -35.06 66.80 27.29
CA VAL EA 354 -36.11 67.54 27.99
C VAL EA 354 -36.32 66.91 29.36
N PRO EA 355 -36.68 67.69 30.39
CA PRO EA 355 -36.90 67.09 31.71
C PRO EA 355 -38.03 66.07 31.74
N ASN EA 356 -39.09 66.29 30.96
CA ASN EA 356 -40.24 65.40 30.90
C ASN EA 356 -40.45 65.00 29.44
N GLU EA 357 -40.07 63.77 29.10
CA GLU EA 357 -40.23 63.30 27.73
C GLU EA 357 -41.67 62.93 27.40
N GLN EA 358 -42.50 62.69 28.42
CA GLN EA 358 -43.89 62.27 28.20
C GLN EA 358 -44.77 63.41 27.72
N GLY EA 359 -44.28 64.64 27.69
CA GLY EA 359 -45.11 65.78 27.33
C GLY EA 359 -44.82 66.34 25.97
N LEU EA 360 -43.81 65.81 25.28
CA LEU EA 360 -43.50 66.25 23.94
C LEU EA 360 -44.67 65.96 23.01
N ASP EA 361 -45.08 66.97 22.24
CA ASP EA 361 -46.09 66.75 21.22
C ASP EA 361 -45.47 66.05 20.02
N LYS EA 362 -46.25 65.18 19.40
CA LYS EA 362 -45.75 64.29 18.35
C LYS EA 362 -46.06 64.88 16.99
N LYS EA 363 -45.01 65.20 16.24
CA LYS EA 363 -45.16 65.63 14.85
C LYS EA 363 -45.06 64.41 13.94
N GLY EA 364 -45.20 64.65 12.64
CA GLY EA 364 -45.05 63.56 11.69
C GLY EA 364 -43.61 63.17 11.48
N GLY EA 365 -43.42 61.96 10.95
CA GLY EA 365 -42.09 61.48 10.64
C GLY EA 365 -41.22 61.24 11.86
N THR EA 366 -41.79 60.67 12.92
CA THR EA 366 -41.05 60.33 14.14
C THR EA 366 -40.27 61.53 14.67
N GLN EA 367 -40.97 62.66 14.78
CA GLN EA 367 -40.37 63.89 15.25
C GLN EA 367 -41.21 64.47 16.36
N TRP EA 368 -40.54 65.04 17.36
CA TRP EA 368 -41.20 65.63 18.52
C TRP EA 368 -40.74 67.08 18.68
N ASP EA 369 -41.58 67.86 19.35
CA ASP EA 369 -41.28 69.25 19.66
C ASP EA 369 -41.55 69.49 21.13
N SER EA 370 -40.97 70.55 21.67
CA SER EA 370 -41.09 70.88 23.08
C SER EA 370 -42.29 71.76 23.31
N THR EA 371 -43.18 71.34 24.20
CA THR EA 371 -44.37 72.09 24.55
C THR EA 371 -44.28 72.62 25.97
N GLN EA 372 -45.36 73.23 26.45
CA GLN EA 372 -45.39 73.77 27.80
C GLN EA 372 -45.21 72.69 28.85
N PHE EA 373 -45.90 71.56 28.70
CA PHE EA 373 -45.79 70.49 29.69
C PHE EA 373 -44.42 69.81 29.64
N SER EA 374 -43.86 69.68 28.44
CA SER EA 374 -42.55 69.06 28.31
C SER EA 374 -41.47 69.88 29.00
N GLY EA 375 -41.54 71.21 28.87
CA GLY EA 375 -40.55 72.11 29.45
C GLY EA 375 -39.83 72.89 28.37
N ASP EA 376 -38.52 73.07 28.56
CA ASP EA 376 -37.68 73.76 27.60
C ASP EA 376 -36.52 72.85 27.21
N LYS EA 377 -36.13 72.95 25.94
CA LYS EA 377 -35.05 72.12 25.42
C LYS EA 377 -33.75 72.44 26.13
N ILE EA 378 -33.05 71.41 26.59
CA ILE EA 378 -31.75 71.56 27.24
C ILE EA 378 -30.70 71.03 26.28
N TRP EA 379 -29.86 71.92 25.78
CA TRP EA 379 -28.84 71.56 24.81
C TRP EA 379 -27.60 71.01 25.53
N GLY EA 380 -26.85 70.18 24.82
CA GLY EA 380 -25.66 69.59 25.38
C GLY EA 380 -24.89 68.83 24.34
N GLU EA 381 -23.72 68.36 24.74
CA GLU EA 381 -22.86 67.58 23.85
C GLU EA 381 -23.16 66.10 24.02
N SER EA 382 -22.32 65.25 23.43
CA SER EA 382 -22.44 63.80 23.55
C SER EA 382 -21.56 63.30 24.68
N ASN EA 383 -22.09 62.38 25.49
CA ASN EA 383 -21.37 61.79 26.61
C ASN EA 383 -20.91 62.86 27.60
N LYS EA 384 -21.82 63.78 27.92
CA LYS EA 384 -21.55 64.84 28.88
C LYS EA 384 -22.75 65.00 29.79
N GLY EA 385 -22.50 65.00 31.10
CA GLY EA 385 -23.58 65.13 32.06
C GLY EA 385 -24.53 63.95 31.98
N SER EA 386 -25.82 64.24 31.83
CA SER EA 386 -26.85 63.21 31.76
C SER EA 386 -27.11 62.74 30.35
N PHE EA 387 -26.42 63.29 29.35
CA PHE EA 387 -26.60 62.84 27.99
C PHE EA 387 -25.92 61.50 27.76
N GLY EA 388 -26.36 60.81 26.72
CA GLY EA 388 -25.79 59.53 26.33
C GLY EA 388 -24.68 59.69 25.31
N THR EA 389 -24.38 58.60 24.63
CA THR EA 389 -23.34 58.56 23.61
C THR EA 389 -23.97 58.46 22.22
N ILE EA 390 -23.15 58.72 21.21
CA ILE EA 390 -23.55 58.65 19.82
C ILE EA 390 -22.70 57.60 19.13
N ASN EA 391 -23.33 56.65 18.46
CA ASN EA 391 -22.65 55.58 17.75
C ASN EA 391 -22.99 55.66 16.27
N ASN EA 392 -21.96 55.59 15.43
CA ASN EA 392 -22.16 55.56 13.99
C ASN EA 392 -22.30 54.12 13.50
N GLY EA 393 -22.97 53.98 12.36
CA GLY EA 393 -23.21 52.67 11.79
C GLY EA 393 -24.37 51.90 12.35
N MET EA 394 -25.23 52.55 13.14
CA MET EA 394 -26.38 51.89 13.74
C MET EA 394 -27.62 52.75 13.54
N LEU EA 395 -28.79 52.13 13.74
CA LEU EA 395 -30.06 52.83 13.69
C LEU EA 395 -30.96 52.27 14.79
N GLU EA 396 -31.93 53.08 15.21
CA GLU EA 396 -32.84 52.71 16.27
C GLU EA 396 -34.12 52.11 15.68
N GLN EA 397 -34.52 50.95 16.18
CA GLN EA 397 -35.77 50.33 15.78
C GLN EA 397 -36.88 50.73 16.75
N SER EA 398 -38.09 50.26 16.48
CA SER EA 398 -39.20 50.53 17.38
C SER EA 398 -39.01 49.77 18.69
N ASN EA 399 -39.38 50.42 19.78
CA ASN EA 399 -39.22 49.83 21.12
C ASN EA 399 -40.49 49.09 21.53
N ILE EA 400 -40.89 48.14 20.66
CA ILE EA 400 -42.10 47.38 20.87
C ILE EA 400 -41.74 45.89 20.91
N ASP EA 401 -42.63 45.11 21.52
CA ASP EA 401 -42.52 43.67 21.57
C ASP EA 401 -43.76 43.07 20.94
N MET EA 402 -43.57 42.28 19.87
CA MET EA 402 -44.71 41.76 19.12
C MET EA 402 -45.59 40.87 19.98
N THR EA 403 -44.98 40.06 20.85
CA THR EA 403 -45.75 39.18 21.73
C THR EA 403 -46.70 39.99 22.61
N GLN EA 404 -46.18 41.04 23.26
CA GLN EA 404 -47.02 41.84 24.14
C GLN EA 404 -48.11 42.56 23.35
N GLU EA 405 -47.78 43.06 22.17
CA GLU EA 405 -48.78 43.75 21.35
C GLU EA 405 -49.91 42.80 20.95
N LEU EA 406 -49.56 41.58 20.55
CA LEU EA 406 -50.58 40.62 20.15
C LEU EA 406 -51.46 40.22 21.35
N VAL EA 407 -50.84 40.01 22.51
CA VAL EA 407 -51.61 39.67 23.69
C VAL EA 407 -52.57 40.81 24.06
N ASP EA 408 -52.08 42.05 24.00
CA ASP EA 408 -52.93 43.18 24.28
C ASP EA 408 -54.05 43.31 23.25
N LEU EA 409 -53.76 42.96 22.00
CA LEU EA 409 -54.80 42.96 20.97
C LEU EA 409 -55.91 41.99 21.31
N ILE EA 410 -55.52 40.78 21.73
CA ILE EA 410 -56.51 39.77 22.12
C ILE EA 410 -57.33 40.25 23.30
N SER EA 411 -56.67 40.83 24.30
CA SER EA 411 -57.38 41.30 25.48
C SER EA 411 -58.34 42.43 25.14
N ALA EA 412 -57.91 43.35 24.27
CA ALA EA 412 -58.78 44.45 23.87
C ALA EA 412 -59.99 43.95 23.10
N GLN EA 413 -59.79 42.94 22.24
CA GLN EA 413 -60.93 42.36 21.54
C GLN EA 413 -61.91 41.73 22.53
N ARG EA 414 -61.38 41.03 23.54
CA ARG EA 414 -62.25 40.42 24.55
C ARG EA 414 -63.04 41.48 25.30
N ASN EA 415 -62.38 42.57 25.69
CA ASN EA 415 -63.08 43.64 26.41
C ASN EA 415 -64.15 44.29 25.53
N PHE EA 416 -63.83 44.50 24.24
CA PHE EA 416 -64.81 45.09 23.33
C PHE EA 416 -66.02 44.19 23.17
N GLN EA 417 -65.79 42.87 23.07
CA GLN EA 417 -66.92 41.95 22.98
C GLN EA 417 -67.76 41.97 24.24
N ALA EA 418 -67.12 42.06 25.41
CA ALA EA 418 -67.87 42.13 26.66
C ALA EA 418 -68.73 43.40 26.71
N ASN EA 419 -68.15 44.54 26.31
CA ASN EA 419 -68.92 45.79 26.32
C ASN EA 419 -70.07 45.74 25.33
N SER EA 420 -69.85 45.15 24.15
CA SER EA 420 -70.94 45.01 23.19
C SER EA 420 -72.05 44.13 23.75
N ARG EA 421 -71.67 43.07 24.47
CA ARG EA 421 -72.67 42.24 25.13
C ARG EA 421 -73.49 43.04 26.13
N SER EA 422 -72.83 43.88 26.92
CA SER EA 422 -73.55 44.72 27.88
C SER EA 422 -74.51 45.66 27.18
N LEU EA 423 -74.08 46.28 26.09
CA LEU EA 423 -74.95 47.19 25.36
C LEU EA 423 -76.15 46.45 24.78
N GLU EA 424 -75.92 45.25 24.26
CA GLU EA 424 -77.03 44.43 23.76
C GLU EA 424 -78.00 44.10 24.87
N VAL EA 425 -77.49 43.82 26.07
CA VAL EA 425 -78.37 43.53 27.21
C VAL EA 425 -79.23 44.75 27.52
N HIS EA 426 -78.63 45.94 27.54
CA HIS EA 426 -79.39 47.15 27.83
C HIS EA 426 -80.49 47.36 26.81
N ASN EA 427 -80.16 47.20 25.52
CA ASN EA 427 -81.16 47.40 24.48
C ASN EA 427 -82.28 46.38 24.57
N GLN EA 428 -81.94 45.12 24.88
CA GLN EA 428 -82.97 44.10 25.03
C GLN EA 428 -83.88 44.41 26.20
N LEU EA 429 -83.32 44.90 27.32
CA LEU EA 429 -84.16 45.27 28.45
C LEU EA 429 -85.13 46.39 28.08
N GLN EA 430 -84.62 47.42 27.39
CA GLN EA 430 -85.49 48.54 27.04
C GLN EA 430 -86.59 48.09 26.08
N GLN EA 431 -86.24 47.24 25.10
CA GLN EA 431 -87.27 46.72 24.19
C GLN EA 431 -88.28 45.86 24.92
N ASN EA 432 -87.84 45.08 25.91
CA ASN EA 432 -88.79 44.30 26.70
C ASN EA 432 -89.75 45.19 27.47
N ILE EA 433 -89.25 46.32 27.98
CA ILE EA 433 -90.15 47.29 28.60
C ILE EA 433 -91.12 47.85 27.58
N LEU EA 434 -90.65 48.07 26.34
CA LEU EA 434 -91.49 48.69 25.33
C LEU EA 434 -92.73 47.85 25.02
N GLN EA 435 -92.60 46.53 25.02
CA GLN EA 435 -93.70 45.64 24.61
C GLN EA 435 -94.61 45.31 25.79
N ILE EA 436 -95.21 46.35 26.35
CA ILE EA 436 -96.15 46.19 27.46
C ILE EA 436 -97.42 46.99 27.20
N SER FA 2 -84.29 56.58 3.65
CA SER FA 2 -83.95 55.26 3.11
C SER FA 2 -83.21 55.39 1.79
N TYR FA 3 -83.51 56.46 1.05
CA TYR FA 3 -82.82 56.69 -0.23
C TYR FA 3 -81.34 56.93 -0.02
N VAL FA 4 -80.96 57.50 1.13
CA VAL FA 4 -79.54 57.64 1.45
C VAL FA 4 -78.91 56.27 1.63
N SER FA 5 -79.60 55.37 2.34
CA SER FA 5 -79.09 54.01 2.50
C SER FA 5 -79.01 53.30 1.16
N LEU FA 6 -80.00 53.52 0.29
CA LEU FA 6 -79.97 52.93 -1.04
C LEU FA 6 -78.79 53.45 -1.85
N SER FA 7 -78.50 54.75 -1.75
CA SER FA 7 -77.34 55.31 -2.43
C SER FA 7 -76.05 54.69 -1.90
N GLY FA 8 -75.96 54.51 -0.59
CA GLY FA 8 -74.79 53.84 -0.02
C GLY FA 8 -74.64 52.41 -0.52
N LEU FA 9 -75.76 51.68 -0.59
CA LEU FA 9 -75.72 50.32 -1.13
C LEU FA 9 -75.25 50.32 -2.58
N SER FA 10 -75.76 51.24 -3.38
CA SER FA 10 -75.38 51.31 -4.78
C SER FA 10 -73.90 51.63 -4.93
N ALA FA 11 -73.39 52.56 -4.14
CA ALA FA 11 -71.97 52.90 -4.20
C ALA FA 11 -71.10 51.73 -3.78
N ALA FA 12 -71.49 51.04 -2.70
CA ALA FA 12 -70.72 49.88 -2.25
C ALA FA 12 -70.72 48.78 -3.31
N GLN FA 13 -71.87 48.54 -3.94
CA GLN FA 13 -71.94 47.50 -4.97
C GLN FA 13 -71.14 47.90 -6.20
N LEU FA 14 -71.12 49.18 -6.55
CA LEU FA 14 -70.28 49.62 -7.66
C LEU FA 14 -68.80 49.40 -7.37
N ASP FA 15 -68.36 49.73 -6.15
CA ASP FA 15 -66.97 49.47 -5.79
C ASP FA 15 -66.67 47.98 -5.80
N LEU FA 16 -67.62 47.17 -5.33
CA LEU FA 16 -67.45 45.72 -5.36
C LEU FA 16 -67.29 45.22 -6.79
N ASN FA 17 -68.11 45.73 -7.71
CA ASN FA 17 -68.00 45.33 -9.11
C ASN FA 17 -66.67 45.76 -9.71
N THR FA 18 -66.22 46.97 -9.38
CA THR FA 18 -64.93 47.43 -9.88
C THR FA 18 -63.79 46.53 -9.40
N THR FA 19 -63.81 46.19 -8.11
CA THR FA 19 -62.79 45.30 -7.57
C THR FA 19 -62.87 43.92 -8.20
N SER FA 20 -64.09 43.42 -8.43
CA SER FA 20 -64.23 42.11 -9.07
C SER FA 20 -63.68 42.13 -10.49
N ASN FA 21 -63.94 43.20 -11.24
CA ASN FA 21 -63.38 43.32 -12.58
C ASN FA 21 -61.86 43.37 -12.55
N ASN FA 22 -61.30 44.14 -11.60
CA ASN FA 22 -59.85 44.21 -11.49
C ASN FA 22 -59.25 42.85 -11.18
N ILE FA 23 -59.89 42.09 -10.29
CA ILE FA 23 -59.38 40.75 -9.96
C ILE FA 23 -59.52 39.82 -11.16
N ALA FA 24 -60.63 39.92 -11.88
CA ALA FA 24 -60.84 39.04 -13.03
C ALA FA 24 -59.82 39.30 -14.12
N ASN FA 25 -59.47 40.56 -14.35
CA ASN FA 25 -58.52 40.90 -15.40
C ASN FA 25 -57.06 40.81 -14.94
N ALA FA 26 -56.78 40.02 -13.90
CA ALA FA 26 -55.42 39.94 -13.36
C ALA FA 26 -54.42 39.37 -14.35
N ASN FA 27 -54.87 38.55 -15.31
CA ASN FA 27 -53.97 37.91 -16.25
C ASN FA 27 -54.02 38.51 -17.65
N THR FA 28 -54.96 39.42 -17.92
CA THR FA 28 -55.05 40.05 -19.22
C THR FA 28 -53.82 40.90 -19.48
N TYR FA 29 -53.27 40.78 -20.69
CA TYR FA 29 -52.07 41.50 -21.07
C TYR FA 29 -52.42 42.95 -21.37
N GLY FA 30 -51.67 43.88 -20.78
CA GLY FA 30 -51.86 45.28 -21.05
C GLY FA 30 -53.02 45.92 -20.33
N PHE FA 31 -53.70 45.19 -19.45
CA PHE FA 31 -54.85 45.74 -18.74
C PHE FA 31 -54.41 46.82 -17.75
N LYS FA 32 -55.27 47.81 -17.58
CA LYS FA 32 -55.06 48.89 -16.62
C LYS FA 32 -56.21 48.89 -15.63
N GLU FA 33 -55.89 48.94 -14.34
CA GLU FA 33 -56.91 48.81 -13.31
C GLU FA 33 -57.82 50.03 -13.30
N SER FA 34 -58.93 49.90 -12.56
CA SER FA 34 -59.90 50.95 -12.42
C SER FA 34 -60.12 51.23 -10.94
N ARG FA 35 -60.34 52.51 -10.63
CA ARG FA 35 -60.60 52.94 -9.26
C ARG FA 35 -61.91 53.71 -9.23
N ALA FA 36 -62.76 53.36 -8.28
CA ALA FA 36 -64.09 53.95 -8.17
C ALA FA 36 -64.04 55.10 -7.17
N GLU FA 37 -64.43 56.29 -7.62
CA GLU FA 37 -64.41 57.49 -6.79
C GLU FA 37 -65.83 58.05 -6.68
N PHE FA 38 -66.21 58.43 -5.48
CA PHE FA 38 -67.55 58.89 -5.18
C PHE FA 38 -67.51 60.32 -4.65
N ALA FA 39 -68.69 60.92 -4.53
CA ALA FA 39 -68.81 62.30 -4.09
C ALA FA 39 -70.08 62.46 -3.28
N ASP FA 40 -70.11 63.51 -2.46
CA ASP FA 40 -71.25 63.78 -1.59
C ASP FA 40 -72.42 64.33 -2.40
N VAL FA 41 -73.61 64.25 -1.81
CA VAL FA 41 -74.84 64.75 -2.40
C VAL FA 41 -75.47 65.75 -1.43
N TYR FA 42 -75.89 66.89 -1.94
CA TYR FA 42 -76.54 67.90 -1.11
C TYR FA 42 -77.45 68.75 -1.98
N SER FA 43 -78.57 69.17 -1.40
CA SER FA 43 -79.54 69.98 -2.13
C SER FA 43 -79.06 71.43 -2.25
N ASN FA 44 -79.63 72.13 -3.22
CA ASN FA 44 -79.32 73.54 -3.47
C ASN FA 44 -80.60 74.34 -3.66
N SER FA 45 -81.58 74.08 -2.81
CA SER FA 45 -82.85 74.79 -2.90
C SER FA 45 -82.66 76.27 -2.57
N LEU FA 46 -83.53 77.09 -3.16
CA LEU FA 46 -83.47 78.54 -2.92
C LEU FA 46 -83.70 78.85 -1.45
N PHE FA 47 -84.66 78.16 -0.83
CA PHE FA 47 -84.93 78.31 0.60
C PHE FA 47 -84.54 77.00 1.30
N THR FA 48 -83.27 76.93 1.69
CA THR FA 48 -82.70 75.77 2.35
C THR FA 48 -82.37 76.13 3.79
N ASN FA 49 -82.80 75.28 4.73
CA ASN FA 49 -82.46 75.51 6.13
C ASN FA 49 -80.98 75.27 6.39
N ALA FA 50 -80.32 74.45 5.57
CA ALA FA 50 -78.88 74.20 5.65
C ALA FA 50 -78.50 73.59 7.00
N LYS FA 51 -78.65 74.36 8.07
CA LYS FA 51 -78.31 73.84 9.39
C LYS FA 51 -79.26 72.72 9.80
N THR FA 52 -80.51 72.79 9.35
CA THR FA 52 -81.52 71.80 9.72
C THR FA 52 -81.79 70.81 8.58
N THR FA 53 -80.92 70.75 7.58
CA THR FA 53 -81.09 69.85 6.46
C THR FA 53 -79.99 68.82 6.44
N PRO FA 54 -80.31 67.52 6.49
CA PRO FA 54 -79.26 66.49 6.45
C PRO FA 54 -78.68 66.31 5.06
N GLY FA 55 -77.80 65.32 4.90
CA GLY FA 55 -77.18 65.07 3.62
C GLY FA 55 -78.15 64.45 2.63
N GLY FA 56 -77.63 64.21 1.43
CA GLY FA 56 -78.44 63.65 0.36
C GLY FA 56 -77.91 62.34 -0.16
N GLY FA 57 -77.02 61.70 0.60
CA GLY FA 57 -76.47 60.42 0.22
C GLY FA 57 -75.11 60.52 -0.43
N ALA FA 58 -74.75 59.52 -1.23
CA ALA FA 58 -73.47 59.49 -1.93
C ALA FA 58 -73.71 59.12 -3.38
N GLN FA 59 -73.07 59.84 -4.30
CA GLN FA 59 -73.22 59.64 -5.73
C GLN FA 59 -71.87 59.32 -6.33
N ALA FA 60 -71.84 58.33 -7.23
CA ALA FA 60 -70.61 57.98 -7.92
C ALA FA 60 -70.14 59.12 -8.80
N SER FA 61 -68.87 59.49 -8.66
CA SER FA 61 -68.31 60.58 -9.44
C SER FA 61 -67.74 60.07 -10.76
N GLN FA 62 -66.78 59.14 -10.69
CA GLN FA 62 -66.18 58.59 -11.89
C GLN FA 62 -65.50 57.28 -11.54
N VAL FA 63 -65.26 56.46 -12.57
CA VAL FA 63 -64.43 55.28 -12.44
C VAL FA 63 -63.09 55.59 -13.08
N ALA FA 64 -62.04 55.62 -12.27
CA ALA FA 64 -60.72 56.01 -12.76
C ALA FA 64 -60.16 54.92 -13.68
N GLN FA 65 -59.08 55.26 -14.36
CA GLN FA 65 -58.37 54.38 -15.28
C GLN FA 65 -56.88 54.47 -15.04
N GLN FA 66 -56.47 54.32 -13.77
CA GLN FA 66 -55.08 54.46 -13.35
C GLN FA 66 -54.14 53.79 -14.34
N PHE FA 67 -53.22 54.59 -14.89
CA PHE FA 67 -52.36 54.19 -16.00
C PHE FA 67 -50.92 54.00 -15.56
N HIS FA 68 -50.71 53.66 -14.30
CA HIS FA 68 -49.34 53.43 -13.83
C HIS FA 68 -48.79 52.17 -14.46
N GLU FA 69 -47.50 52.21 -14.79
CA GLU FA 69 -46.87 51.09 -15.49
C GLU FA 69 -46.99 49.81 -14.70
N GLY FA 70 -47.41 48.74 -15.37
CA GLY FA 70 -47.51 47.43 -14.73
C GLY FA 70 -46.23 46.64 -14.87
N SER FA 71 -46.25 45.45 -14.27
CA SER FA 71 -45.09 44.58 -14.33
C SER FA 71 -44.94 43.99 -15.74
N SER FA 72 -43.74 43.48 -16.01
CA SER FA 72 -43.41 42.93 -17.31
C SER FA 72 -42.99 41.47 -17.17
N ILE FA 73 -43.46 40.64 -18.10
CA ILE FA 73 -43.06 39.24 -18.15
C ILE FA 73 -42.16 39.04 -19.36
N TYR FA 74 -41.29 38.04 -19.26
CA TYR FA 74 -40.32 37.74 -20.30
C TYR FA 74 -40.67 36.40 -20.92
N THR FA 75 -40.94 36.40 -22.23
CA THR FA 75 -41.33 35.20 -22.94
C THR FA 75 -40.29 34.73 -23.94
N ASN FA 76 -39.23 35.50 -24.17
CA ASN FA 76 -38.20 35.20 -25.16
C ASN FA 76 -38.78 35.04 -26.56
N ASN FA 77 -39.93 35.67 -26.82
CA ASN FA 77 -40.53 35.65 -28.14
C ASN FA 77 -40.43 37.05 -28.72
N PRO FA 78 -39.53 37.28 -29.69
CA PRO FA 78 -39.28 38.66 -30.15
C PRO FA 78 -40.49 39.33 -30.79
N MET FA 79 -41.48 38.57 -31.21
CA MET FA 79 -42.71 39.15 -31.73
C MET FA 79 -43.56 39.80 -30.64
N ASP FA 80 -43.23 39.59 -29.37
CA ASP FA 80 -43.90 40.27 -28.27
C ASP FA 80 -43.21 41.59 -28.00
N LEU FA 81 -43.99 42.65 -27.90
CA LEU FA 81 -43.46 44.00 -27.70
C LEU FA 81 -44.10 44.64 -26.48
N ARG FA 82 -43.32 45.49 -25.81
CA ARG FA 82 -43.78 46.23 -24.64
C ARG FA 82 -43.28 47.66 -24.72
N VAL FA 83 -44.15 48.60 -24.35
CA VAL FA 83 -43.82 50.02 -24.34
C VAL FA 83 -43.39 50.39 -22.92
N SER FA 84 -42.11 50.71 -22.75
CA SER FA 84 -41.59 51.12 -21.45
C SER FA 84 -41.72 52.63 -21.31
N GLY FA 85 -42.59 53.06 -20.40
CA GLY FA 85 -42.78 54.48 -20.18
C GLY FA 85 -44.14 54.97 -20.65
N THR FA 86 -44.15 56.07 -21.41
CA THR FA 86 -45.37 56.64 -21.95
C THR FA 86 -45.47 56.35 -23.44
N GLY FA 87 -46.60 55.86 -23.87
CA GLY FA 87 -46.83 55.56 -25.27
C GLY FA 87 -47.75 54.37 -25.44
N PHE FA 88 -48.49 54.36 -26.56
CA PHE FA 88 -49.41 53.30 -26.89
C PHE FA 88 -49.15 52.80 -28.29
N PHE FA 89 -49.41 51.51 -28.51
CA PHE FA 89 -49.42 50.97 -29.86
C PHE FA 89 -50.70 51.40 -30.59
N ALA FA 90 -50.60 51.53 -31.90
CA ALA FA 90 -51.72 51.90 -32.75
C ALA FA 90 -52.06 50.73 -33.66
N VAL FA 91 -53.32 50.30 -33.62
CA VAL FA 91 -53.79 49.17 -34.42
C VAL FA 91 -55.02 49.60 -35.20
N ALA FA 92 -55.11 49.15 -36.45
CA ALA FA 92 -56.21 49.50 -37.33
C ALA FA 92 -57.09 48.27 -37.58
N LYS FA 93 -58.40 48.50 -37.63
CA LYS FA 93 -59.33 47.40 -37.84
C LYS FA 93 -59.12 46.75 -39.20
N GLU FA 94 -58.96 47.58 -40.24
CA GLU FA 94 -58.76 47.09 -41.60
C GLU FA 94 -57.45 47.65 -42.16
N ARG FA 95 -56.84 46.86 -43.04
CA ARG FA 95 -55.56 47.28 -43.64
C ARG FA 95 -55.73 48.54 -44.48
N LEU FA 96 -56.84 48.64 -45.22
CA LEU FA 96 -57.05 49.72 -46.17
C LEU FA 96 -57.59 50.99 -45.54
N THR FA 97 -57.84 51.01 -44.23
CA THR FA 97 -58.33 52.19 -43.53
C THR FA 97 -57.48 52.44 -42.30
N PRO FA 98 -56.23 52.89 -42.49
CA PRO FA 98 -55.37 53.20 -41.33
C PRO FA 98 -55.90 54.34 -40.49
N GLN FA 99 -56.77 55.19 -41.04
CA GLN FA 99 -57.33 56.30 -40.26
C GLN FA 99 -58.16 55.78 -39.10
N GLN FA 100 -58.95 54.73 -39.33
CA GLN FA 100 -59.76 54.11 -38.29
C GLN FA 100 -58.86 53.22 -37.43
N ASN FA 101 -58.40 53.75 -36.30
CA ASN FA 101 -57.45 53.03 -35.46
C ASN FA 101 -57.82 53.20 -34.00
N GLU FA 102 -57.29 52.30 -33.18
CA GLU FA 102 -57.50 52.32 -31.74
C GLU FA 102 -56.17 52.07 -31.04
N LEU FA 103 -56.08 52.54 -29.79
CA LEU FA 103 -54.86 52.44 -29.01
C LEU FA 103 -54.89 51.19 -28.14
N THR FA 104 -53.73 50.57 -27.96
CA THR FA 104 -53.61 49.36 -27.16
C THR FA 104 -52.24 49.32 -26.51
N ARG FA 105 -52.07 48.36 -25.60
CA ARG FA 105 -50.82 48.21 -24.87
C ARG FA 105 -50.19 46.83 -24.97
N ASN FA 106 -50.97 45.77 -25.18
CA ASN FA 106 -50.40 44.45 -25.30
C ASN FA 106 -49.65 44.31 -26.62
N GLY FA 107 -48.64 43.45 -26.63
CA GLY FA 107 -47.79 43.31 -27.80
C GLY FA 107 -47.76 41.92 -28.39
N ALA FA 108 -48.83 41.16 -28.24
CA ALA FA 108 -48.91 39.81 -28.81
C ALA FA 108 -49.13 39.94 -30.30
N PHE FA 109 -48.05 40.12 -31.04
CA PHE FA 109 -48.10 40.31 -32.48
C PHE FA 109 -47.60 39.07 -33.21
N HIS FA 110 -48.15 38.86 -34.40
CA HIS FA 110 -47.73 37.75 -35.25
C HIS FA 110 -48.04 38.10 -36.70
N LEU FA 111 -47.34 37.43 -37.60
CA LEU FA 111 -47.53 37.63 -39.03
C LEU FA 111 -48.80 36.89 -39.47
N ASN FA 112 -49.65 37.59 -40.22
CA ASN FA 112 -50.83 36.95 -40.79
C ASN FA 112 -50.44 36.26 -42.10
N LYS FA 113 -51.43 35.78 -42.85
CA LYS FA 113 -51.14 35.12 -44.12
C LYS FA 113 -50.55 36.07 -45.14
N GLU FA 114 -50.69 37.38 -44.94
CA GLU FA 114 -50.17 38.39 -45.86
C GLU FA 114 -48.85 39.00 -45.37
N ASN FA 115 -48.22 38.40 -44.36
CA ASN FA 115 -46.97 38.90 -43.79
C ASN FA 115 -47.13 40.30 -43.20
N TYR FA 116 -48.28 40.55 -42.58
CA TYR FA 116 -48.52 41.78 -41.85
C TYR FA 116 -48.60 41.47 -40.36
N MET FA 117 -48.03 42.35 -39.54
CA MET FA 117 -48.06 42.16 -38.09
C MET FA 117 -49.43 42.54 -37.55
N VAL FA 118 -50.10 41.60 -36.90
CA VAL FA 118 -51.45 41.79 -36.39
C VAL FA 118 -51.50 41.32 -34.94
N THR FA 119 -52.56 41.75 -34.25
CA THR FA 119 -52.80 41.36 -32.88
C THR FA 119 -53.53 40.01 -32.85
N ALA FA 120 -54.06 39.64 -31.69
CA ALA FA 120 -54.82 38.40 -31.58
C ALA FA 120 -56.06 38.42 -32.44
N ASN FA 121 -56.75 39.56 -32.50
CA ASN FA 121 -57.96 39.70 -33.29
C ASN FA 121 -57.69 40.06 -34.74
N ASP FA 122 -56.48 39.81 -35.24
CA ASP FA 122 -56.11 40.08 -36.62
C ASP FA 122 -56.30 41.55 -36.98
N GLU FA 123 -55.91 42.43 -36.05
CA GLU FA 123 -55.95 43.86 -36.27
C GLU FA 123 -54.55 44.34 -36.63
N PHE FA 124 -54.43 45.00 -37.78
CA PHE FA 124 -53.12 45.36 -38.30
C PHE FA 124 -52.45 46.41 -37.43
N LEU FA 125 -51.13 46.28 -37.29
CA LEU FA 125 -50.33 47.20 -36.49
C LEU FA 125 -49.84 48.34 -37.36
N LEU FA 126 -50.07 49.57 -36.90
CA LEU FA 126 -49.70 50.76 -37.65
C LEU FA 126 -48.25 51.12 -37.43
N GLY FA 127 -47.56 51.47 -38.52
CA GLY FA 127 -46.16 51.84 -38.45
C GLY FA 127 -45.81 52.87 -39.50
N TYR FA 128 -44.61 53.43 -39.36
CA TYR FA 128 -44.12 54.46 -40.25
C TYR FA 128 -43.34 53.84 -41.40
N GLN FA 129 -42.84 54.71 -42.29
CA GLN FA 129 -42.02 54.28 -43.41
C GLN FA 129 -40.74 55.13 -43.41
N VAL FA 130 -39.60 54.48 -43.19
CA VAL FA 130 -38.33 55.19 -43.06
C VAL FA 130 -37.66 55.30 -44.41
N ASP FA 131 -36.72 56.24 -44.52
CA ASP FA 131 -35.93 56.41 -45.73
C ASP FA 131 -34.90 55.30 -45.85
N PRO FA 132 -34.51 54.93 -47.07
CA PRO FA 132 -33.52 53.84 -47.23
C PRO FA 132 -32.21 54.12 -46.52
N SER FA 133 -31.68 55.33 -46.64
CA SER FA 133 -30.42 55.71 -46.01
C SER FA 133 -30.61 56.58 -44.77
N SER FA 134 -31.43 57.63 -44.89
CA SER FA 134 -31.69 58.50 -43.73
C SER FA 134 -32.53 57.75 -42.70
N GLY FA 135 -32.07 57.77 -41.45
CA GLY FA 135 -32.80 57.10 -40.38
C GLY FA 135 -34.14 57.75 -40.08
N GLU FA 136 -34.24 59.07 -40.24
CA GLU FA 136 -35.48 59.76 -39.95
C GLU FA 136 -36.60 59.29 -40.87
N VAL FA 137 -37.79 59.15 -40.30
CA VAL FA 137 -38.97 58.76 -41.08
C VAL FA 137 -39.43 59.95 -41.91
N SER FA 138 -39.70 59.72 -43.19
CA SER FA 138 -40.12 60.81 -44.07
C SER FA 138 -41.56 61.20 -43.83
N SER FA 139 -42.49 60.27 -44.04
CA SER FA 139 -43.91 60.56 -43.88
C SER FA 139 -44.42 60.00 -42.58
N TYR FA 140 -45.14 60.83 -41.83
CA TYR FA 140 -45.62 60.48 -40.50
C TYR FA 140 -47.01 59.83 -40.54
N GLU FA 141 -47.57 59.60 -41.72
CA GLU FA 141 -48.85 58.92 -41.78
C GLU FA 141 -48.69 57.46 -41.38
N PRO FA 142 -49.61 56.92 -40.60
CA PRO FA 142 -49.51 55.52 -40.19
C PRO FA 142 -49.97 54.59 -41.31
N GLN FA 143 -49.23 53.51 -41.49
CA GLN FA 143 -49.56 52.49 -42.47
C GLN FA 143 -49.27 51.12 -41.88
N PRO FA 144 -49.98 50.09 -42.34
CA PRO FA 144 -49.69 48.73 -41.84
C PRO FA 144 -48.27 48.31 -42.14
N ILE FA 145 -47.68 47.56 -41.22
CA ILE FA 145 -46.29 47.12 -41.34
C ILE FA 145 -46.26 45.79 -42.08
N ASN FA 146 -45.45 45.73 -43.13
CA ASN FA 146 -45.29 44.53 -43.93
C ASN FA 146 -43.85 44.05 -43.85
N ILE FA 147 -43.68 42.72 -43.79
CA ILE FA 147 -42.35 42.12 -43.73
C ILE FA 147 -42.22 41.17 -44.93
N PRO FA 148 -41.76 41.64 -46.08
CA PRO FA 148 -41.66 40.77 -47.26
C PRO FA 148 -40.68 39.62 -47.02
N ALA FA 149 -40.99 38.48 -47.62
CA ALA FA 149 -40.15 37.31 -47.49
C ALA FA 149 -39.08 37.21 -48.58
N GLU FA 150 -39.08 38.15 -49.54
CA GLU FA 150 -38.12 38.15 -50.62
C GLU FA 150 -37.61 39.56 -50.85
N PHE FA 151 -36.32 39.67 -51.19
CA PHE FA 151 -35.74 40.94 -51.63
C PHE FA 151 -35.88 41.04 -53.15
N GLY FA 152 -37.14 41.11 -53.59
CA GLY FA 152 -37.46 41.01 -55.01
C GLY FA 152 -37.22 42.27 -55.81
N LYS FA 153 -35.99 42.77 -55.82
CA LYS FA 153 -35.64 43.92 -56.64
C LYS FA 153 -34.12 44.00 -56.80
N PRO FA 154 -33.55 43.29 -57.78
CA PRO FA 154 -32.10 43.36 -58.00
C PRO FA 154 -31.65 44.79 -58.26
N LYS FA 155 -30.81 45.32 -57.38
CA LYS FA 155 -30.37 46.71 -57.44
C LYS FA 155 -29.05 46.79 -58.20
N GLN FA 156 -29.03 47.59 -59.25
CA GLN FA 156 -27.81 47.76 -60.04
C GLN FA 156 -26.78 48.57 -59.26
N THR FA 157 -25.50 48.31 -59.56
CA THR FA 157 -24.41 49.04 -58.94
C THR FA 157 -24.33 50.44 -59.53
N ALA FA 158 -24.35 51.45 -58.67
CA ALA FA 158 -24.32 52.83 -59.14
C ALA FA 158 -23.19 53.62 -58.50
N ASN FA 159 -22.89 53.35 -57.23
CA ASN FA 159 -21.84 54.04 -56.50
C ASN FA 159 -20.87 53.02 -55.93
N ILE FA 160 -19.58 53.23 -56.17
CA ILE FA 160 -18.53 52.34 -55.68
C ILE FA 160 -17.53 53.19 -54.91
N GLU FA 161 -17.33 52.88 -53.64
CA GLU FA 161 -16.37 53.57 -52.80
C GLU FA 161 -15.16 52.66 -52.59
N VAL FA 162 -13.98 53.15 -52.96
CA VAL FA 162 -12.75 52.38 -52.87
C VAL FA 162 -11.73 53.21 -52.10
N GLY FA 163 -11.13 52.61 -51.07
CA GLY FA 163 -10.06 53.25 -50.33
C GLY FA 163 -8.80 52.42 -50.31
N VAL FA 164 -7.73 52.91 -50.94
CA VAL FA 164 -6.50 52.14 -51.09
C VAL FA 164 -5.31 52.99 -50.64
N ASN FA 165 -4.22 52.30 -50.35
CA ASN FA 165 -2.93 52.92 -50.07
C ASN FA 165 -1.96 52.54 -51.17
N LEU FA 166 -1.34 53.55 -51.78
CA LEU FA 166 -0.50 53.22 -52.92
C LEU FA 166 0.98 53.26 -52.53
N PRO FA 167 1.80 52.36 -53.08
CA PRO FA 167 3.22 52.34 -52.72
C PRO FA 167 3.95 53.55 -53.28
N ALA FA 168 4.43 54.40 -52.38
CA ALA FA 168 5.21 55.56 -52.80
C ALA FA 168 6.55 55.19 -53.38
N ASN FA 169 7.09 54.02 -53.02
CA ASN FA 169 8.37 53.54 -53.52
C ASN FA 169 8.23 52.65 -54.74
N GLY FA 170 7.02 52.52 -55.29
CA GLY FA 170 6.84 51.71 -56.48
C GLY FA 170 7.56 52.30 -57.68
N ASP FA 171 7.97 51.42 -58.59
CA ASP FA 171 8.70 51.87 -59.76
C ASP FA 171 7.80 52.63 -60.72
N LEU FA 172 8.36 53.65 -61.37
CA LEU FA 172 7.60 54.47 -62.30
C LEU FA 172 7.33 53.70 -63.60
N LYS FA 173 6.24 54.07 -64.26
CA LYS FA 173 5.82 53.44 -65.49
C LYS FA 173 5.51 54.50 -66.54
N ASP FA 174 5.42 54.08 -67.80
CA ASP FA 174 5.16 54.98 -68.91
C ASP FA 174 3.66 55.14 -69.10
N PRO FA 175 3.12 56.36 -69.01
CA PRO FA 175 1.66 56.52 -69.23
C PRO FA 175 1.19 56.07 -70.61
N THR FA 176 1.99 56.34 -71.65
CA THR FA 176 1.57 56.02 -73.01
C THR FA 176 1.68 54.53 -73.32
N GLN FA 177 2.45 53.78 -72.55
CA GLN FA 177 2.67 52.36 -72.78
C GLN FA 177 1.73 51.47 -71.98
N PHE FA 178 0.67 52.05 -71.42
CA PHE FA 178 -0.26 51.26 -70.61
C PHE FA 178 -1.00 50.26 -71.49
N ASP FA 179 -1.13 49.03 -70.98
CA ASP FA 179 -1.87 47.99 -71.68
C ASP FA 179 -2.29 46.95 -70.65
N PHE FA 180 -3.60 46.76 -70.49
CA PHE FA 180 -4.09 45.80 -69.50
C PHE FA 180 -3.71 44.37 -69.83
N SER FA 181 -3.41 44.08 -71.11
CA SER FA 181 -3.00 42.74 -71.48
C SER FA 181 -1.58 42.40 -71.05
N ASP FA 182 -0.75 43.41 -70.79
CA ASP FA 182 0.62 43.19 -70.36
C ASP FA 182 0.77 43.62 -68.90
N PRO FA 183 1.01 42.68 -67.98
CA PRO FA 183 1.10 43.06 -66.56
C PRO FA 183 2.21 44.06 -66.26
N ASP FA 184 3.32 44.00 -66.98
CA ASP FA 184 4.47 44.83 -66.66
C ASP FA 184 4.26 46.30 -67.01
N THR FA 185 3.23 46.64 -67.77
CA THR FA 185 3.01 48.03 -68.14
C THR FA 185 2.53 48.87 -66.95
N TYR FA 186 1.72 48.30 -66.08
CA TYR FA 186 1.15 49.01 -64.95
C TYR FA 186 1.79 48.52 -63.65
N ASN FA 187 1.30 49.03 -62.52
CA ASN FA 187 1.84 48.69 -61.21
C ASN FA 187 1.03 47.58 -60.53
N ARG FA 188 -0.27 47.82 -60.32
CA ARG FA 188 -1.10 46.89 -59.57
C ARG FA 188 -2.45 46.73 -60.27
N SER FA 189 -3.10 45.60 -59.99
CA SER FA 189 -4.41 45.30 -60.55
C SER FA 189 -5.27 44.65 -59.48
N THR FA 190 -6.52 45.09 -59.39
CA THR FA 190 -7.47 44.56 -58.42
C THR FA 190 -8.74 44.09 -59.14
N SER FA 191 -9.38 43.07 -58.58
CA SER FA 191 -10.58 42.50 -59.16
C SER FA 191 -11.73 42.58 -58.15
N SER FA 192 -12.93 42.79 -58.67
CA SER FA 192 -14.12 42.94 -57.84
C SER FA 192 -15.34 42.56 -58.65
N THR FA 193 -16.49 42.50 -57.97
CA THR FA 193 -17.75 42.11 -58.58
C THR FA 193 -18.73 43.26 -58.57
N ILE FA 194 -19.43 43.46 -59.68
CA ILE FA 194 -20.48 44.47 -59.81
C ILE FA 194 -21.74 43.78 -60.34
N TYR FA 195 -22.87 44.42 -60.09
CA TYR FA 195 -24.17 43.84 -60.44
C TYR FA 195 -24.95 44.81 -61.32
N ASP FA 196 -25.60 44.26 -62.35
CA ASP FA 196 -26.42 45.04 -63.25
C ASP FA 196 -27.86 45.06 -62.75
N SER FA 197 -28.79 45.54 -63.59
CA SER FA 197 -30.18 45.64 -63.17
C SER FA 197 -30.81 44.27 -62.98
N MET FA 198 -30.42 43.28 -63.80
CA MET FA 198 -30.96 41.94 -63.72
C MET FA 198 -30.25 41.06 -62.70
N GLY FA 199 -29.25 41.60 -62.00
CA GLY FA 199 -28.53 40.84 -61.01
C GLY FA 199 -27.38 40.00 -61.54
N GLN FA 200 -27.06 40.09 -62.82
CA GLN FA 200 -25.93 39.35 -63.36
C GLN FA 200 -24.63 39.86 -62.75
N SER FA 201 -23.73 38.92 -62.47
CA SER FA 201 -22.44 39.26 -61.87
C SER FA 201 -21.42 39.55 -62.96
N TYR FA 202 -20.73 40.67 -62.84
CA TYR FA 202 -19.66 41.04 -63.75
C TYR FA 202 -18.38 41.30 -62.94
N LYS FA 203 -17.24 41.04 -63.57
CA LYS FA 203 -15.95 41.22 -62.95
C LYS FA 203 -15.38 42.57 -63.37
N LEU FA 204 -15.13 43.43 -62.39
CA LEU FA 204 -14.56 44.75 -62.63
C LEU FA 204 -13.10 44.73 -62.18
N THR FA 205 -12.20 45.00 -63.12
CA THR FA 205 -10.77 45.01 -62.85
C THR FA 205 -10.23 46.43 -62.98
N THR FA 206 -9.58 46.91 -61.93
CA THR FA 206 -9.03 48.26 -61.88
C THR FA 206 -7.50 48.18 -61.94
N TYR FA 207 -6.91 48.97 -62.82
CA TYR FA 207 -5.47 48.99 -63.02
C TYR FA 207 -4.91 50.31 -62.51
N TYR FA 208 -3.87 50.24 -61.68
CA TYR FA 208 -3.21 51.41 -61.13
C TYR FA 208 -1.80 51.52 -61.70
N LEU FA 209 -1.49 52.70 -62.23
CA LEU FA 209 -0.19 52.96 -62.83
C LEU FA 209 0.42 54.20 -62.21
N LYS FA 210 1.71 54.12 -61.86
CA LYS FA 210 2.43 55.23 -61.25
C LYS FA 210 3.08 56.07 -62.34
N ASP FA 211 2.71 57.34 -62.40
CA ASP FA 211 3.23 58.22 -63.45
C ASP FA 211 4.71 58.47 -63.26
N GLN FA 212 5.44 58.47 -64.38
CA GLN FA 212 6.87 58.77 -64.37
C GLN FA 212 7.14 60.25 -64.59
N THR FA 213 6.35 60.89 -65.45
CA THR FA 213 6.59 62.31 -65.75
C THR FA 213 6.38 63.20 -64.54
N GLN FA 214 5.31 62.95 -63.78
CA GLN FA 214 4.96 63.81 -62.66
C GLN FA 214 5.04 63.03 -61.35
N PRO FA 215 5.82 63.50 -60.38
CA PRO FA 215 5.87 62.80 -59.09
C PRO FA 215 4.56 62.88 -58.34
N ASN FA 216 4.30 61.87 -57.53
CA ASN FA 216 3.07 61.77 -56.73
C ASN FA 216 1.84 61.83 -57.62
N THR FA 217 1.91 61.17 -58.78
CA THR FA 217 0.81 61.13 -59.72
C THR FA 217 0.57 59.69 -60.14
N TRP FA 218 -0.70 59.29 -60.15
CA TRP FA 218 -1.08 57.93 -60.50
C TRP FA 218 -2.16 57.97 -61.57
N ASN FA 219 -2.19 56.93 -62.40
CA ASN FA 219 -3.20 56.76 -63.43
C ASN FA 219 -4.01 55.50 -63.14
N THR FA 220 -5.33 55.61 -63.29
CA THR FA 220 -6.24 54.52 -62.96
C THR FA 220 -7.10 54.20 -64.16
N TYR FA 221 -7.20 52.90 -64.49
CA TYR FA 221 -7.99 52.43 -65.61
C TYR FA 221 -8.89 51.29 -65.14
N TYR FA 222 -10.01 51.11 -65.84
CA TYR FA 222 -11.01 50.13 -65.47
C TYR FA 222 -11.35 49.25 -66.67
N THR FA 223 -11.61 47.97 -66.41
CA THR FA 223 -12.03 47.03 -67.43
C THR FA 223 -13.17 46.18 -66.89
N VAL FA 224 -14.03 45.72 -67.80
CA VAL FA 224 -15.17 44.89 -67.48
C VAL FA 224 -15.02 43.55 -68.19
N THR FA 225 -15.15 42.46 -67.44
CA THR FA 225 -14.94 41.11 -67.96
C THR FA 225 -16.29 40.39 -68.00
N ASP FA 226 -16.86 40.27 -69.20
CA ASP FA 226 -18.04 39.46 -69.43
C ASP FA 226 -17.63 38.12 -70.05
N LYS FA 227 -18.62 37.33 -70.44
CA LYS FA 227 -18.33 36.04 -71.05
C LYS FA 227 -17.63 36.18 -72.39
N GLU FA 228 -17.92 37.26 -73.14
CA GLU FA 228 -17.28 37.46 -74.42
C GLU FA 228 -15.79 37.73 -74.25
N GLY FA 229 -15.42 38.51 -73.24
CA GLY FA 229 -14.02 38.83 -73.00
C GLY FA 229 -13.91 40.01 -72.05
N GLU FA 230 -12.71 40.59 -72.02
CA GLU FA 230 -12.40 41.73 -71.17
C GLU FA 230 -12.44 42.99 -72.01
N LYS FA 231 -13.42 43.86 -71.74
CA LYS FA 231 -13.59 45.09 -72.49
C LYS FA 231 -13.24 46.29 -71.62
N PRO FA 232 -12.40 47.20 -72.09
CA PRO FA 232 -12.05 48.37 -71.29
C PRO FA 232 -13.24 49.30 -71.10
N LEU FA 233 -13.22 50.01 -69.98
CA LEU FA 233 -14.24 51.01 -69.66
C LEU FA 233 -13.58 52.39 -69.62
N ASN FA 234 -14.23 53.36 -70.26
CA ASN FA 234 -13.70 54.71 -70.38
C ASN FA 234 -14.38 55.65 -69.39
N VAL FA 235 -13.62 56.61 -68.87
CA VAL FA 235 -14.15 57.63 -67.99
C VAL FA 235 -14.73 58.75 -68.84
N ALA FA 236 -15.82 59.36 -68.34
CA ALA FA 236 -16.51 60.38 -69.13
C ALA FA 236 -15.61 61.59 -69.40
N ALA FA 237 -14.89 62.06 -68.37
CA ALA FA 237 -14.04 63.23 -68.50
C ALA FA 237 -12.67 63.00 -67.87
N GLY FA 238 -12.18 61.77 -67.92
CA GLY FA 238 -10.89 61.48 -67.32
C GLY FA 238 -9.74 62.07 -68.11
N ASP FA 239 -8.75 62.60 -67.39
CA ASP FA 239 -7.58 63.21 -68.02
C ASP FA 239 -6.43 62.21 -68.17
N ALA FA 240 -6.72 61.06 -68.79
CA ALA FA 240 -5.68 60.06 -69.06
C ALA FA 240 -6.11 59.28 -70.31
N GLN FA 241 -5.56 59.67 -71.45
CA GLN FA 241 -5.90 59.08 -72.74
C GLN FA 241 -4.68 58.34 -73.30
N THR FA 242 -4.79 57.02 -73.37
CA THR FA 242 -3.75 56.22 -74.00
C THR FA 242 -3.82 56.37 -75.52
N PRO FA 243 -2.72 56.09 -76.23
CA PRO FA 243 -2.77 56.14 -77.70
C PRO FA 243 -3.81 55.21 -78.30
N THR FA 244 -4.06 54.05 -77.67
CA THR FA 244 -5.09 53.14 -78.17
C THR FA 244 -6.47 53.77 -78.10
N GLY FA 245 -6.76 54.48 -77.01
CA GLY FA 245 -8.05 55.14 -76.88
C GLY FA 245 -8.69 55.00 -75.51
N HIS FA 246 -8.10 54.18 -74.64
CA HIS FA 246 -8.65 53.98 -73.31
C HIS FA 246 -8.54 55.26 -72.49
N VAL FA 247 -9.57 55.54 -71.70
CA VAL FA 247 -9.67 56.78 -70.94
C VAL FA 247 -9.66 56.44 -69.46
N GLY FA 248 -8.63 56.89 -68.74
CA GLY FA 248 -8.56 56.79 -67.30
C GLY FA 248 -8.57 58.14 -66.63
N HIS FA 249 -8.30 58.13 -65.33
CA HIS FA 249 -8.28 59.36 -64.53
C HIS FA 249 -7.01 59.39 -63.70
N THR FA 250 -6.59 60.60 -63.35
CA THR FA 250 -5.34 60.83 -62.64
C THR FA 250 -5.61 61.11 -61.17
N MET FA 251 -4.70 60.63 -60.32
CA MET FA 251 -4.78 60.83 -58.87
C MET FA 251 -3.50 61.50 -58.39
N LYS FA 252 -3.64 62.57 -57.61
CA LYS FA 252 -2.51 63.34 -57.11
C LYS FA 252 -2.58 63.42 -55.59
N PHE FA 253 -1.40 63.46 -54.95
CA PHE FA 253 -1.30 63.49 -53.51
C PHE FA 253 -0.37 64.62 -53.07
N ASN FA 254 -0.56 65.06 -51.83
CA ASN FA 254 0.20 66.19 -51.29
C ASN FA 254 1.56 65.69 -50.77
N ASN FA 255 2.28 66.56 -50.07
CA ASN FA 255 3.58 66.18 -49.53
C ASN FA 255 3.45 65.16 -48.41
N ASP FA 256 2.41 65.27 -47.60
CA ASP FA 256 2.21 64.35 -46.48
C ASP FA 256 1.62 63.01 -46.92
N GLY FA 257 1.37 62.82 -48.21
CA GLY FA 257 0.79 61.59 -48.70
C GLY FA 257 -0.72 61.55 -48.71
N THR FA 258 -1.39 62.59 -48.20
CA THR FA 258 -2.84 62.62 -48.22
C THR FA 258 -3.33 62.94 -49.64
N LEU FA 259 -4.63 62.78 -49.85
CA LEU FA 259 -5.22 62.98 -51.15
C LEU FA 259 -5.24 64.46 -51.51
N ALA FA 260 -4.83 64.78 -52.75
CA ALA FA 260 -4.81 66.16 -53.22
C ALA FA 260 -5.94 66.43 -54.21
N SER FA 261 -6.02 65.65 -55.27
CA SER FA 261 -7.04 65.86 -56.30
C SER FA 261 -7.35 64.55 -57.00
N LEU FA 262 -8.53 64.49 -57.60
CA LEU FA 262 -8.98 63.32 -58.35
C LEU FA 262 -9.58 63.80 -59.67
N ASN FA 263 -8.95 63.41 -60.79
CA ASN FA 263 -9.45 63.75 -62.11
C ASN FA 263 -9.66 65.25 -62.28
N ASN FA 264 -8.66 66.03 -61.84
CA ASN FA 264 -8.70 67.49 -61.89
C ASN FA 264 -9.91 68.05 -61.15
N GLY FA 265 -10.29 67.41 -60.04
CA GLY FA 265 -11.40 67.87 -59.24
C GLY FA 265 -12.77 67.53 -59.76
N GLN FA 266 -12.86 66.80 -60.87
CA GLN FA 266 -14.17 66.47 -61.39
C GLN FA 266 -14.64 65.13 -60.83
N PRO FA 267 -15.95 64.94 -60.67
CA PRO FA 267 -16.46 63.65 -60.22
C PRO FA 267 -16.16 62.55 -61.23
N ILE FA 268 -15.94 61.34 -60.71
CA ILE FA 268 -15.58 60.19 -61.55
C ILE FA 268 -16.88 59.47 -61.89
N THR FA 269 -17.32 59.62 -63.14
CA THR FA 269 -18.50 58.92 -63.65
C THR FA 269 -18.11 58.18 -64.92
N SER FA 270 -18.38 56.88 -64.96
CA SER FA 270 -18.03 56.07 -66.11
C SER FA 270 -19.08 56.19 -67.20
N VAL FA 271 -18.68 55.87 -68.43
CA VAL FA 271 -19.59 55.90 -69.57
C VAL FA 271 -20.54 54.70 -69.47
N ALA FA 272 -21.60 54.71 -70.27
CA ALA FA 272 -22.58 53.63 -70.24
C ALA FA 272 -21.92 52.31 -70.62
N LEU FA 273 -22.27 51.26 -69.88
CA LEU FA 273 -21.62 49.96 -70.08
C LEU FA 273 -22.01 49.34 -71.41
N GLY FA 274 -23.30 49.29 -71.71
CA GLY FA 274 -23.78 48.57 -72.87
C GLY FA 274 -24.35 49.42 -73.98
N ASP FA 275 -24.06 50.72 -73.96
CA ASP FA 275 -24.58 51.62 -74.98
C ASP FA 275 -23.51 51.89 -76.02
N PRO FA 276 -23.68 51.43 -77.26
CA PRO FA 276 -22.68 51.74 -78.29
C PRO FA 276 -22.58 53.21 -78.63
N ALA FA 277 -23.61 54.00 -78.33
CA ALA FA 277 -23.59 55.42 -78.65
C ALA FA 277 -22.55 56.20 -77.86
N THR FA 278 -22.13 55.70 -76.70
CA THR FA 278 -21.14 56.38 -75.87
C THR FA 278 -19.95 55.52 -75.50
N ASN FA 279 -19.94 54.24 -75.84
CA ASN FA 279 -18.84 53.34 -75.49
C ASN FA 279 -18.32 52.67 -76.75
N THR FA 280 -17.00 52.71 -76.95
CA THR FA 280 -16.39 52.07 -78.10
C THR FA 280 -16.35 50.55 -77.95
N THR FA 281 -16.38 50.05 -76.71
CA THR FA 281 -16.42 48.61 -76.44
C THR FA 281 -17.59 48.35 -75.50
N PRO FA 282 -18.82 48.36 -76.01
CA PRO FA 282 -19.99 48.21 -75.14
C PRO FA 282 -19.99 46.84 -74.47
N VAL FA 283 -20.35 46.82 -73.19
CA VAL FA 283 -20.43 45.57 -72.45
C VAL FA 283 -21.70 44.84 -72.82
N ASP FA 284 -21.59 43.53 -73.04
CA ASP FA 284 -22.74 42.71 -73.36
C ASP FA 284 -23.63 42.53 -72.13
N MET FA 285 -24.63 43.40 -71.97
CA MET FA 285 -25.49 43.36 -70.79
C MET FA 285 -26.36 42.10 -70.76
N ASN FA 286 -26.53 41.43 -71.90
CA ASN FA 286 -27.33 40.21 -71.99
C ASN FA 286 -28.77 40.46 -71.52
N GLY FA 287 -29.34 41.58 -71.94
CA GLY FA 287 -30.70 41.93 -71.61
C GLY FA 287 -30.86 42.96 -70.51
N ALA FA 288 -29.77 43.33 -69.84
CA ALA FA 288 -29.85 44.33 -68.79
C ALA FA 288 -29.86 45.73 -69.38
N ASP FA 289 -29.92 46.73 -68.50
CA ASP FA 289 -29.95 48.12 -68.92
C ASP FA 289 -28.60 48.51 -69.51
N PRO FA 290 -28.57 48.97 -70.77
CA PRO FA 290 -27.29 49.36 -71.39
C PRO FA 290 -26.78 50.72 -70.94
N ALA FA 291 -27.59 51.51 -70.25
CA ALA FA 291 -27.22 52.86 -69.85
C ALA FA 291 -26.73 52.95 -68.42
N GLN FA 292 -26.42 51.83 -67.79
CA GLN FA 292 -25.96 51.84 -66.40
C GLN FA 292 -24.62 52.56 -66.29
N THR FA 293 -24.51 53.42 -65.28
CA THR FA 293 -23.30 54.20 -65.05
C THR FA 293 -22.77 53.92 -63.66
N LEU FA 294 -21.45 54.04 -63.51
CA LEU FA 294 -20.78 53.77 -62.25
C LEU FA 294 -20.11 55.04 -61.74
N ASN FA 295 -20.32 55.34 -60.47
CA ASN FA 295 -19.69 56.46 -59.79
C ASN FA 295 -18.67 55.92 -58.80
N PHE FA 296 -17.40 56.32 -58.96
CA PHE FA 296 -16.32 55.84 -58.13
C PHE FA 296 -15.96 56.89 -57.10
N GLY FA 297 -15.98 56.50 -55.83
CA GLY FA 297 -15.59 57.40 -54.76
C GLY FA 297 -14.30 56.96 -54.10
N LEU FA 298 -13.22 57.72 -54.33
CA LEU FA 298 -11.91 57.41 -53.80
C LEU FA 298 -11.39 58.57 -52.95
N GLY FA 299 -12.25 59.12 -52.11
CA GLY FA 299 -11.86 60.27 -51.31
C GLY FA 299 -10.92 59.97 -50.17
N SER FA 300 -10.68 58.69 -49.89
CA SER FA 300 -9.79 58.28 -48.80
C SER FA 300 -8.51 57.63 -49.30
N ALA FA 301 -8.21 57.75 -50.59
CA ALA FA 301 -7.00 57.15 -51.13
C ALA FA 301 -5.76 57.87 -50.59
N THR FA 302 -4.74 57.08 -50.27
CA THR FA 302 -3.51 57.62 -49.70
C THR FA 302 -2.31 57.00 -50.40
N GLN FA 303 -1.18 57.68 -50.29
CA GLN FA 303 0.09 57.19 -50.82
C GLN FA 303 1.15 57.33 -49.73
N PHE FA 304 1.49 56.21 -49.09
CA PHE FA 304 2.51 56.17 -48.06
C PHE FA 304 3.58 55.17 -48.46
N ALA FA 305 4.57 54.98 -47.57
CA ALA FA 305 5.62 54.01 -47.82
C ALA FA 305 5.13 52.57 -47.70
N ALA FA 306 3.92 52.37 -47.18
CA ALA FA 306 3.38 51.03 -47.03
C ALA FA 306 3.11 50.41 -48.39
N PRO FA 307 3.17 49.08 -48.50
CA PRO FA 307 2.90 48.43 -49.80
C PRO FA 307 1.46 48.61 -50.27
N PHE FA 308 1.18 48.13 -51.47
CA PHE FA 308 -0.17 48.26 -52.04
C PHE FA 308 -1.18 47.52 -51.17
N GLU FA 309 -2.32 48.16 -50.92
CA GLU FA 309 -3.31 47.62 -50.01
C GLU FA 309 -4.69 48.11 -50.40
N LEU FA 310 -5.66 47.20 -50.40
CA LEU FA 310 -7.07 47.53 -50.63
C LEU FA 310 -7.74 47.57 -49.25
N THR FA 311 -7.72 48.75 -48.63
CA THR FA 311 -8.21 48.87 -47.26
C THR FA 311 -9.71 48.67 -47.19
N LYS FA 312 -10.46 49.29 -48.10
CA LYS FA 312 -11.92 49.29 -48.05
C LYS FA 312 -12.49 49.16 -49.44
N PHE FA 313 -13.54 48.37 -49.59
CA PHE FA 313 -14.29 48.27 -50.84
C PHE FA 313 -15.76 48.16 -50.51
N ASP FA 314 -16.55 49.14 -50.93
CA ASP FA 314 -17.98 49.18 -50.66
C ASP FA 314 -18.73 49.56 -51.93
N GLU FA 315 -19.86 48.93 -52.15
CA GLU FA 315 -20.71 49.19 -53.31
C GLU FA 315 -22.15 49.34 -52.85
N ASP FA 316 -23.04 49.61 -53.81
CA ASP FA 316 -24.46 49.74 -53.54
C ASP FA 316 -25.29 48.74 -54.34
N GLY FA 317 -24.64 47.72 -54.93
CA GLY FA 317 -25.36 46.71 -55.67
C GLY FA 317 -26.06 45.72 -54.77
N ALA FA 318 -26.95 44.93 -55.38
CA ALA FA 318 -27.72 43.96 -54.62
C ALA FA 318 -28.21 42.87 -55.57
N THR FA 319 -28.62 41.75 -54.98
CA THR FA 319 -29.13 40.61 -55.72
C THR FA 319 -30.36 40.08 -55.00
N THR FA 320 -31.07 39.16 -55.66
CA THR FA 320 -32.25 38.56 -55.06
C THR FA 320 -31.87 37.75 -53.83
N GLY FA 321 -32.75 37.78 -52.83
CA GLY FA 321 -32.48 37.10 -51.58
C GLY FA 321 -33.75 36.79 -50.82
N PHE FA 322 -33.59 36.06 -49.72
CA PHE FA 322 -34.71 35.58 -48.91
C PHE FA 322 -34.54 36.07 -47.48
N LEU FA 323 -35.67 36.42 -46.86
CA LEU FA 323 -35.67 36.88 -45.48
C LEU FA 323 -35.01 35.85 -44.57
N THR FA 324 -33.96 36.28 -43.87
CA THR FA 324 -33.18 35.39 -43.02
C THR FA 324 -33.48 35.57 -41.54
N LYS FA 325 -33.47 36.79 -41.03
CA LYS FA 325 -33.81 37.04 -39.63
C LYS FA 325 -34.37 38.43 -39.48
N VAL FA 326 -35.12 38.64 -38.40
CA VAL FA 326 -35.75 39.91 -38.11
C VAL FA 326 -35.53 40.24 -36.63
N ASP FA 327 -35.11 41.47 -36.35
CA ASP FA 327 -34.89 41.92 -34.99
C ASP FA 327 -35.38 43.36 -34.87
N PHE FA 328 -35.57 43.79 -33.62
CA PHE FA 328 -36.10 45.11 -33.30
C PHE FA 328 -35.09 45.85 -32.45
N ASP FA 329 -34.78 47.09 -32.85
CA ASP FA 329 -33.87 47.91 -32.07
C ASP FA 329 -34.65 48.78 -31.08
N GLU FA 330 -33.92 49.58 -30.30
CA GLU FA 330 -34.56 50.41 -29.29
C GLU FA 330 -35.42 51.51 -29.91
N ASN FA 331 -35.06 51.98 -31.11
CA ASN FA 331 -35.85 53.00 -31.77
C ASN FA 331 -37.17 52.46 -32.31
N GLY FA 332 -37.37 51.15 -32.27
CA GLY FA 332 -38.57 50.53 -32.81
C GLY FA 332 -38.49 50.14 -34.27
N SER FA 333 -37.39 50.47 -34.94
CA SER FA 333 -37.25 50.09 -36.34
C SER FA 333 -37.09 48.58 -36.46
N VAL FA 334 -37.91 47.97 -37.31
CA VAL FA 334 -37.87 46.53 -37.54
C VAL FA 334 -36.95 46.27 -38.72
N MET FA 335 -35.79 45.69 -38.45
CA MET FA 335 -34.80 45.43 -39.48
C MET FA 335 -34.79 43.96 -39.86
N GLY FA 336 -34.52 43.70 -41.12
CA GLY FA 336 -34.43 42.33 -41.61
C GLY FA 336 -33.29 42.15 -42.59
N THR FA 337 -32.49 41.12 -42.39
CA THR FA 337 -31.36 40.83 -43.25
C THR FA 337 -31.74 39.70 -44.21
N TYR FA 338 -31.34 39.84 -45.46
CA TYR FA 338 -31.66 38.88 -46.51
C TYR FA 338 -30.40 38.14 -46.93
N SER FA 339 -30.58 37.21 -47.88
CA SER FA 339 -29.46 36.37 -48.31
C SER FA 339 -28.40 37.17 -49.05
N ASN FA 340 -28.82 38.23 -49.76
CA ASN FA 340 -27.84 39.06 -50.47
C ASN FA 340 -26.91 39.77 -49.51
N GLY FA 341 -27.42 40.19 -48.35
CA GLY FA 341 -26.63 40.85 -47.33
C GLY FA 341 -27.13 42.22 -46.91
N GLU FA 342 -28.06 42.83 -47.64
CA GLU FA 342 -28.56 44.14 -47.27
C GLU FA 342 -29.43 44.05 -46.02
N ASN FA 343 -29.21 44.98 -45.09
CA ASN FA 343 -30.01 45.07 -43.87
C ASN FA 343 -31.15 46.07 -44.07
N VAL FA 344 -32.14 45.63 -44.84
CA VAL FA 344 -33.26 46.50 -45.19
C VAL FA 344 -34.11 46.75 -43.95
N THR FA 345 -34.46 48.01 -43.72
CA THR FA 345 -35.32 48.40 -42.61
C THR FA 345 -36.77 48.38 -43.11
N LEU FA 346 -37.56 47.43 -42.61
CA LEU FA 346 -38.93 47.28 -43.08
C LEU FA 346 -39.79 48.47 -42.67
N GLY FA 347 -39.53 49.04 -41.50
CA GLY FA 347 -40.29 50.19 -41.04
C GLY FA 347 -40.03 50.46 -39.57
N ARG FA 348 -40.89 51.30 -39.01
CA ARG FA 348 -40.88 51.61 -37.59
C ARG FA 348 -42.24 51.29 -36.98
N VAL FA 349 -42.31 51.34 -35.66
CA VAL FA 349 -43.53 51.06 -34.92
C VAL FA 349 -44.08 52.39 -34.43
N ALA FA 350 -45.31 52.70 -34.84
CA ALA FA 350 -45.91 53.97 -34.44
C ALA FA 350 -46.24 53.98 -32.96
N LEU FA 351 -46.02 55.12 -32.33
CA LEU FA 351 -46.31 55.33 -30.92
C LEU FA 351 -47.23 56.53 -30.76
N VAL FA 352 -48.26 56.39 -29.94
CA VAL FA 352 -49.27 57.42 -29.77
C VAL FA 352 -49.35 57.80 -28.30
N ARG FA 353 -49.40 59.10 -28.05
CA ARG FA 353 -49.55 59.64 -26.70
C ARG FA 353 -50.67 60.67 -26.71
N VAL FA 354 -51.51 60.63 -25.68
CA VAL FA 354 -52.58 61.61 -25.53
C VAL FA 354 -52.27 62.47 -24.31
N PRO FA 355 -52.62 63.77 -24.32
CA PRO FA 355 -52.34 64.61 -23.15
C PRO FA 355 -53.03 64.14 -21.89
N ASN FA 356 -54.25 63.62 -22.01
CA ASN FA 356 -55.04 63.14 -20.88
C ASN FA 356 -55.41 61.68 -21.15
N GLU FA 357 -54.70 60.75 -20.51
CA GLU FA 357 -55.01 59.34 -20.67
C GLU FA 357 -56.27 58.94 -19.91
N GLN FA 358 -56.68 59.71 -18.91
CA GLN FA 358 -57.85 59.38 -18.11
C GLN FA 358 -59.16 59.56 -18.86
N GLY FA 359 -59.13 60.16 -20.04
CA GLY FA 359 -60.35 60.46 -20.78
C GLY FA 359 -60.61 59.53 -21.94
N LEU FA 360 -59.69 58.60 -22.19
CA LEU FA 360 -59.89 57.63 -23.25
C LEU FA 360 -61.07 56.74 -22.93
N ASP FA 361 -61.98 56.58 -23.90
CA ASP FA 361 -63.06 55.62 -23.76
C ASP FA 361 -62.53 54.22 -24.00
N LYS FA 362 -63.07 53.26 -23.27
CA LYS FA 362 -62.54 51.90 -23.25
C LYS FA 362 -63.34 51.03 -24.21
N LYS FA 363 -62.68 50.51 -25.24
CA LYS FA 363 -63.28 49.54 -26.12
C LYS FA 363 -63.02 48.14 -25.58
N GLY FA 364 -63.45 47.13 -26.33
CA GLY FA 364 -63.18 45.76 -25.94
C GLY FA 364 -61.76 45.35 -26.26
N GLY FA 365 -61.31 44.29 -25.56
CA GLY FA 365 -60.00 43.72 -25.83
C GLY FA 365 -58.85 44.62 -25.47
N THR FA 366 -58.92 45.31 -24.33
CA THR FA 366 -57.85 46.17 -23.84
C THR FA 366 -57.41 47.17 -24.89
N GLN FA 367 -58.39 47.87 -25.46
CA GLN FA 367 -58.12 48.89 -26.46
C GLN FA 367 -58.87 50.16 -26.10
N TRP FA 368 -58.24 51.29 -26.43
CA TRP FA 368 -58.79 52.61 -26.12
C TRP FA 368 -58.85 53.44 -27.39
N ASP FA 369 -59.73 54.44 -27.36
CA ASP FA 369 -59.87 55.39 -28.46
C ASP FA 369 -59.86 56.80 -27.88
N SER FA 370 -59.56 57.76 -28.74
CA SER FA 370 -59.46 59.16 -28.33
C SER FA 370 -60.82 59.82 -28.40
N THR FA 371 -61.24 60.44 -27.31
CA THR FA 371 -62.51 61.14 -27.25
C THR FA 371 -62.27 62.64 -27.11
N GLN FA 372 -63.37 63.39 -26.93
CA GLN FA 372 -63.28 64.83 -26.78
C GLN FA 372 -62.50 65.21 -25.53
N PHE FA 373 -62.77 64.56 -24.41
CA PHE FA 373 -62.07 64.90 -23.16
C PHE FA 373 -60.61 64.48 -23.20
N SER FA 374 -60.31 63.35 -23.84
CA SER FA 374 -58.92 62.89 -23.93
C SER FA 374 -58.07 63.86 -24.72
N GLY FA 375 -58.59 64.38 -25.83
CA GLY FA 375 -57.87 65.27 -26.71
C GLY FA 375 -57.71 64.67 -28.10
N ASP FA 376 -56.53 64.86 -28.68
CA ASP FA 376 -56.21 64.33 -30.00
C ASP FA 376 -54.94 63.50 -29.94
N LYS FA 377 -54.90 62.45 -30.74
CA LYS FA 377 -53.76 61.55 -30.75
C LYS FA 377 -52.52 62.27 -31.25
N ILE FA 378 -51.43 62.16 -30.50
CA ILE FA 378 -50.15 62.77 -30.87
C ILE FA 378 -49.22 61.64 -31.31
N TRP FA 379 -48.88 61.64 -32.59
CA TRP FA 379 -48.04 60.59 -33.15
C TRP FA 379 -46.57 60.91 -32.91
N GLY FA 380 -45.76 59.86 -32.81
CA GLY FA 380 -44.35 60.03 -32.56
C GLY FA 380 -43.62 58.71 -32.67
N GLU FA 381 -42.30 58.79 -32.59
CA GLU FA 381 -41.45 57.61 -32.70
C GLU FA 381 -41.18 57.05 -31.30
N SER FA 382 -40.26 56.10 -31.21
CA SER FA 382 -39.87 55.48 -29.95
C SER FA 382 -38.63 56.18 -29.41
N ASN FA 383 -38.62 56.43 -28.11
CA ASN FA 383 -37.49 57.11 -27.44
C ASN FA 383 -37.22 58.48 -28.06
N LYS FA 384 -38.30 59.23 -28.29
CA LYS FA 384 -38.19 60.57 -28.83
C LYS FA 384 -39.10 61.50 -28.04
N GLY FA 385 -38.54 62.60 -27.57
CA GLY FA 385 -39.32 63.55 -26.78
C GLY FA 385 -39.79 62.91 -25.48
N SER FA 386 -41.09 62.98 -25.22
CA SER FA 386 -41.68 62.44 -24.01
C SER FA 386 -42.08 60.98 -24.15
N PHE FA 387 -41.88 60.38 -25.32
CA PHE FA 387 -42.24 58.99 -25.52
C PHE FA 387 -41.24 58.08 -24.80
N GLY FA 388 -41.66 56.85 -24.55
CA GLY FA 388 -40.83 55.84 -23.94
C GLY FA 388 -40.11 54.99 -24.97
N THR FA 389 -39.63 53.85 -24.52
CA THR FA 389 -38.90 52.92 -25.38
C THR FA 389 -39.76 51.69 -25.65
N ILE FA 390 -39.35 50.92 -26.66
CA ILE FA 390 -40.02 49.70 -27.05
C ILE FA 390 -39.04 48.55 -26.89
N ASN FA 391 -39.45 47.52 -26.14
CA ASN FA 391 -38.63 46.34 -25.90
C ASN FA 391 -39.29 45.12 -26.52
N ASN FA 392 -38.52 44.33 -27.24
CA ASN FA 392 -39.00 43.08 -27.80
C ASN FA 392 -38.79 41.94 -26.81
N GLY FA 393 -39.62 40.90 -26.94
CA GLY FA 393 -39.53 39.76 -26.05
C GLY FA 393 -40.21 39.93 -24.71
N MET FA 394 -41.04 40.95 -24.54
CA MET FA 394 -41.72 41.20 -23.28
C MET FA 394 -43.19 41.47 -23.52
N LEU FA 395 -43.98 41.35 -22.46
CA LEU FA 395 -45.39 41.70 -22.47
C LEU FA 395 -45.74 42.38 -21.17
N GLU FA 396 -46.80 43.18 -21.19
CA GLU FA 396 -47.25 43.92 -20.02
C GLU FA 396 -48.34 43.14 -19.31
N GLN FA 397 -48.21 43.02 -17.99
CA GLN FA 397 -49.25 42.42 -17.17
C GLN FA 397 -50.18 43.50 -16.63
N SER FA 398 -51.22 43.08 -15.93
CA SER FA 398 -52.13 44.04 -15.32
C SER FA 398 -51.43 44.78 -14.19
N ASN FA 399 -51.72 46.07 -14.09
CA ASN FA 399 -51.07 46.92 -13.09
C ASN FA 399 -51.90 46.94 -11.79
N ILE FA 400 -52.14 45.74 -11.26
CA ILE FA 400 -52.94 45.57 -10.07
C ILE FA 400 -52.11 44.88 -9.01
N ASP FA 401 -52.51 45.06 -7.75
CA ASP FA 401 -51.89 44.40 -6.61
C ASP FA 401 -52.97 43.59 -5.90
N MET FA 402 -52.77 42.27 -5.83
CA MET FA 402 -53.81 41.39 -5.30
C MET FA 402 -54.12 41.70 -3.85
N THR FA 403 -53.09 42.02 -3.06
CA THR FA 403 -53.30 42.37 -1.66
C THR FA 403 -54.24 43.55 -1.52
N GLN FA 404 -53.96 44.63 -2.26
CA GLN FA 404 -54.80 45.82 -2.19
C GLN FA 404 -56.22 45.52 -2.67
N GLU FA 405 -56.35 44.74 -3.74
CA GLU FA 405 -57.69 44.42 -4.25
C GLU FA 405 -58.49 43.62 -3.22
N LEU FA 406 -57.87 42.64 -2.57
CA LEU FA 406 -58.58 41.85 -1.57
C LEU FA 406 -58.97 42.70 -0.37
N VAL FA 407 -58.06 43.58 0.08
CA VAL FA 407 -58.38 44.45 1.21
C VAL FA 407 -59.54 45.37 0.86
N ASP FA 408 -59.52 45.93 -0.35
CA ASP FA 408 -60.62 46.78 -0.79
C ASP FA 408 -61.92 46.00 -0.91
N LEU FA 409 -61.83 44.73 -1.33
CA LEU FA 409 -63.02 43.89 -1.39
C LEU FA 409 -63.62 43.72 -0.01
N ILE FA 410 -62.78 43.45 1.00
CA ILE FA 410 -63.27 43.29 2.36
C ILE FA 410 -63.92 44.59 2.85
N SER FA 411 -63.26 45.72 2.58
CA SER FA 411 -63.81 47.01 3.03
C SER FA 411 -65.14 47.31 2.36
N ALA FA 412 -65.24 47.01 1.06
CA ALA FA 412 -66.49 47.23 0.35
C ALA FA 412 -67.61 46.35 0.91
N GLN FA 413 -67.29 45.09 1.24
CA GLN FA 413 -68.29 44.24 1.88
C GLN FA 413 -68.74 44.81 3.21
N ARG FA 414 -67.80 45.31 4.01
CA ARG FA 414 -68.16 45.91 5.29
C ARG FA 414 -69.08 47.11 5.09
N ASN FA 415 -68.75 47.98 4.13
CA ASN FA 415 -69.59 49.15 3.87
C ASN FA 415 -70.98 48.74 3.40
N PHE FA 416 -71.05 47.73 2.53
CA PHE FA 416 -72.35 47.26 2.06
C PHE FA 416 -73.19 46.71 3.20
N GLN FA 417 -72.56 45.95 4.12
CA GLN FA 417 -73.29 45.45 5.28
C GLN FA 417 -73.79 46.59 6.16
N ALA FA 418 -72.96 47.62 6.34
CA ALA FA 418 -73.39 48.77 7.14
C ALA FA 418 -74.59 49.46 6.51
N ASN FA 419 -74.55 49.67 5.19
CA ASN FA 419 -75.65 50.33 4.50
C ASN FA 419 -76.93 49.47 4.57
N SER FA 420 -76.78 48.16 4.42
CA SER FA 420 -77.94 47.29 4.56
C SER FA 420 -78.54 47.36 5.95
N ARG FA 421 -77.68 47.46 6.97
CA ARG FA 421 -78.17 47.64 8.33
C ARG FA 421 -78.96 48.93 8.46
N SER FA 422 -78.46 50.01 7.87
CA SER FA 422 -79.18 51.28 7.93
C SER FA 422 -80.54 51.19 7.25
N LEU FA 423 -80.59 50.54 6.08
CA LEU FA 423 -81.85 50.38 5.37
C LEU FA 423 -82.84 49.55 6.18
N GLU FA 424 -82.35 48.49 6.84
CA GLU FA 424 -83.20 47.69 7.70
C GLU FA 424 -83.73 48.53 8.86
N VAL FA 425 -82.89 49.41 9.42
CA VAL FA 425 -83.34 50.28 10.49
C VAL FA 425 -84.47 51.18 10.02
N HIS FA 426 -84.30 51.77 8.82
CA HIS FA 426 -85.35 52.64 8.28
C HIS FA 426 -86.66 51.88 8.10
N ASN FA 427 -86.59 50.68 7.53
CA ASN FA 427 -87.80 49.90 7.31
C ASN FA 427 -88.46 49.52 8.64
N GLN FA 428 -87.67 49.15 9.63
CA GLN FA 428 -88.24 48.80 10.93
C GLN FA 428 -88.91 50.00 11.58
N LEU FA 429 -88.31 51.18 11.45
CA LEU FA 429 -88.93 52.38 12.01
C LEU FA 429 -90.27 52.67 11.34
N GLN FA 430 -90.31 52.57 10.00
CA GLN FA 430 -91.56 52.83 9.30
C GLN FA 430 -92.63 51.82 9.67
N GLN FA 431 -92.26 50.55 9.78
CA GLN FA 431 -93.22 49.54 10.21
C GLN FA 431 -93.70 49.77 11.63
N ASN FA 432 -92.81 50.24 12.51
CA ASN FA 432 -93.23 50.57 13.86
C ASN FA 432 -94.25 51.71 13.86
N ILE FA 433 -94.05 52.70 12.99
CA ILE FA 433 -95.06 53.74 12.84
C ILE FA 433 -96.37 53.16 12.32
N LEU FA 434 -96.29 52.17 11.43
CA LEU FA 434 -97.49 51.59 10.84
C LEU FA 434 -98.40 50.94 11.87
N GLN FA 435 -97.81 50.30 12.88
CA GLN FA 435 -98.59 49.52 13.85
C GLN FA 435 -99.06 50.40 15.02
N ILE FA 436 -99.82 51.43 14.67
CA ILE FA 436 -100.35 52.35 15.67
C ILE FA 436 -101.85 52.58 15.46
N SER GA 2 -98.30 36.60 -7.93
CA SER GA 2 -97.75 35.45 -7.24
C SER GA 2 -97.42 34.33 -8.22
N TYR GA 3 -98.24 34.21 -9.27
CA TYR GA 3 -97.99 33.18 -10.27
C TYR GA 3 -96.67 33.41 -11.00
N VAL GA 4 -96.27 34.67 -11.15
CA VAL GA 4 -94.95 34.95 -11.71
C VAL GA 4 -93.85 34.42 -10.79
N SER GA 5 -94.02 34.61 -9.48
CA SER GA 5 -93.05 34.06 -8.53
C SER GA 5 -93.05 32.54 -8.58
N LEU GA 6 -94.22 31.93 -8.74
CA LEU GA 6 -94.29 30.47 -8.84
C LEU GA 6 -93.58 29.98 -10.10
N SER GA 7 -93.74 30.70 -11.22
CA SER GA 7 -93.03 30.34 -12.43
C SER GA 7 -91.52 30.46 -12.24
N GLY GA 8 -91.08 31.52 -11.56
CA GLY GA 8 -89.66 31.65 -11.25
C GLY GA 8 -89.15 30.51 -10.41
N LEU GA 9 -89.93 30.12 -9.38
CA LEU GA 9 -89.55 28.98 -8.55
C LEU GA 9 -89.45 27.70 -9.38
N SER GA 10 -90.41 27.48 -10.26
CA SER GA 10 -90.39 26.28 -11.09
C SER GA 10 -89.18 26.26 -12.01
N ALA GA 11 -88.86 27.40 -12.62
CA ALA GA 11 -87.69 27.47 -13.50
C ALA GA 11 -86.40 27.23 -12.72
N ALA GA 12 -86.28 27.84 -11.54
CA ALA GA 12 -85.09 27.64 -10.73
C ALA GA 12 -84.96 26.18 -10.31
N GLN GA 13 -86.06 25.54 -9.94
CA GLN GA 13 -86.00 24.14 -9.54
C GLN GA 13 -85.68 23.24 -10.72
N LEU GA 14 -86.17 23.57 -11.92
CA LEU GA 14 -85.81 22.81 -13.11
C LEU GA 14 -84.32 22.90 -13.39
N ASP GA 15 -83.76 24.11 -13.29
CA ASP GA 15 -82.32 24.26 -13.48
C ASP GA 15 -81.54 23.50 -12.42
N LEU GA 16 -82.02 23.53 -11.18
CA LEU GA 16 -81.38 22.78 -10.10
C LEU GA 16 -81.39 21.29 -10.40
N ASN GA 17 -82.52 20.77 -10.88
CA ASN GA 17 -82.60 19.35 -11.21
C ASN GA 17 -81.67 19.00 -12.36
N THR GA 18 -81.60 19.86 -13.37
CA THR GA 18 -80.69 19.60 -14.50
C THR GA 18 -79.24 19.56 -14.02
N THR GA 19 -78.85 20.51 -13.18
CA THR GA 19 -77.49 20.51 -12.66
C THR GA 19 -77.22 19.29 -11.79
N SER GA 20 -78.21 18.88 -10.99
CA SER GA 20 -78.04 17.70 -10.16
C SER GA 20 -77.85 16.44 -11.01
N ASN GA 21 -78.63 16.33 -12.09
CA ASN GA 21 -78.46 15.19 -12.99
C ASN GA 21 -77.09 15.21 -13.65
N ASN GA 22 -76.63 16.38 -14.08
CA ASN GA 22 -75.30 16.48 -14.68
C ASN GA 22 -74.23 16.06 -13.69
N ILE GA 23 -74.34 16.49 -12.43
CA ILE GA 23 -73.37 16.11 -11.42
C ILE GA 23 -73.42 14.61 -11.14
N ALA GA 24 -74.62 14.06 -11.06
CA ALA GA 24 -74.76 12.63 -10.77
C ALA GA 24 -74.16 11.77 -11.88
N ASN GA 25 -74.34 12.17 -13.14
CA ASN GA 25 -73.84 11.41 -14.27
C ASN GA 25 -72.37 11.72 -14.58
N ALA GA 26 -71.60 12.21 -13.60
CA ALA GA 26 -70.21 12.60 -13.87
C ALA GA 26 -69.33 11.40 -14.25
N ASN GA 27 -69.70 10.19 -13.86
CA ASN GA 27 -68.88 9.02 -14.14
C ASN GA 27 -69.46 8.13 -15.23
N THR GA 28 -70.67 8.42 -15.71
CA THR GA 28 -71.26 7.61 -16.77
C THR GA 28 -70.47 7.74 -18.06
N TYR GA 29 -70.27 6.61 -18.73
CA TYR GA 29 -69.49 6.57 -19.95
C TYR GA 29 -70.33 7.08 -21.12
N GLY GA 30 -69.80 8.06 -21.86
CA GLY GA 30 -70.46 8.57 -23.03
C GLY GA 30 -71.61 9.52 -22.76
N PHE GA 31 -71.83 9.90 -21.51
CA PHE GA 31 -72.93 10.80 -21.19
C PHE GA 31 -72.67 12.19 -21.76
N LYS GA 32 -73.76 12.85 -22.15
CA LYS GA 32 -73.71 14.21 -22.66
C LYS GA 32 -74.53 15.12 -21.76
N GLU GA 33 -73.95 16.24 -21.35
CA GLU GA 33 -74.59 17.11 -20.38
C GLU GA 33 -75.83 17.76 -20.98
N SER GA 34 -76.63 18.36 -20.10
CA SER GA 34 -77.85 19.05 -20.49
C SER GA 34 -77.82 20.48 -19.97
N ARG GA 35 -78.40 21.38 -20.74
CA ARG GA 35 -78.51 22.79 -20.38
C ARG GA 35 -79.96 23.21 -20.44
N ALA GA 36 -80.43 23.88 -19.39
CA ALA GA 36 -81.82 24.29 -19.29
C ALA GA 36 -81.96 25.72 -19.77
N GLU GA 37 -82.82 25.93 -20.76
CA GLU GA 37 -83.03 27.24 -21.36
C GLU GA 37 -84.49 27.64 -21.19
N PHE GA 38 -84.72 28.89 -20.80
CA PHE GA 38 -86.04 29.41 -20.50
C PHE GA 38 -86.37 30.57 -21.42
N ALA GA 39 -87.62 31.02 -21.37
CA ALA GA 39 -88.09 32.09 -22.23
C ALA GA 39 -89.10 32.95 -21.47
N ASP GA 40 -89.24 34.18 -21.93
CA ASP GA 40 -90.17 35.12 -21.31
C ASP GA 40 -91.61 34.77 -21.67
N VAL GA 41 -92.54 35.26 -20.86
CA VAL GA 41 -93.97 35.05 -21.05
C VAL GA 41 -94.65 36.40 -21.14
N TYR GA 42 -95.54 36.55 -22.12
CA TYR GA 42 -96.28 37.79 -22.28
C TYR GA 42 -97.60 37.51 -22.97
N SER GA 43 -98.63 38.24 -22.58
CA SER GA 43 -99.97 38.06 -23.14
C SER GA 43 -100.05 38.66 -24.54
N ASN GA 44 -101.03 38.17 -25.31
CA ASN GA 44 -101.29 38.63 -26.67
C ASN GA 44 -102.77 38.88 -26.87
N SER GA 45 -103.40 39.54 -25.89
CA SER GA 45 -104.81 39.86 -26.00
C SER GA 45 -105.05 40.87 -27.11
N LEU GA 46 -106.25 40.81 -27.69
CA LEU GA 46 -106.60 41.75 -28.75
C LEU GA 46 -106.56 43.19 -28.26
N PHE GA 47 -107.11 43.42 -27.06
CA PHE GA 47 -107.08 44.74 -26.44
C PHE GA 47 -106.12 44.69 -25.25
N THR GA 48 -104.84 44.92 -25.56
CA THR GA 48 -103.78 44.91 -24.56
C THR GA 48 -103.27 46.33 -24.38
N ASN GA 49 -103.18 46.77 -23.12
CA ASN GA 49 -102.62 48.09 -22.84
C ASN GA 49 -101.14 48.17 -23.15
N ALA GA 50 -100.45 47.01 -23.12
CA ALA GA 50 -99.03 46.91 -23.46
C ALA GA 50 -98.16 47.74 -22.53
N LYS GA 51 -98.31 49.06 -22.58
CA LYS GA 51 -97.51 49.92 -21.71
C LYS GA 51 -97.89 49.74 -20.25
N THR GA 52 -99.16 49.41 -19.99
CA THR GA 52 -99.66 49.26 -18.63
C THR GA 52 -99.88 47.81 -18.23
N THR GA 53 -99.23 46.87 -18.94
CA THR GA 53 -99.36 45.45 -18.64
C THR GA 53 -98.01 44.89 -18.25
N PRO GA 54 -97.87 44.28 -17.06
CA PRO GA 54 -96.58 43.70 -16.67
C PRO GA 54 -96.29 42.39 -17.38
N GLY GA 55 -95.19 41.74 -17.00
CA GLY GA 55 -94.82 40.49 -17.60
C GLY GA 55 -95.73 39.34 -17.15
N GLY GA 56 -95.45 38.16 -17.70
CA GLY GA 56 -96.23 36.99 -17.40
C GLY GA 56 -95.41 35.88 -16.78
N GLY GA 57 -94.22 36.21 -16.30
CA GLY GA 57 -93.36 35.24 -15.66
C GLY GA 57 -92.30 34.68 -16.58
N ALA GA 58 -91.84 33.46 -16.28
CA ALA GA 58 -90.82 32.79 -17.08
C ALA GA 58 -91.27 31.36 -17.35
N GLN GA 59 -91.10 30.92 -18.59
CA GLN GA 59 -91.49 29.59 -19.02
C GLN GA 59 -90.28 28.84 -19.57
N ALA GA 60 -90.15 27.57 -19.20
CA ALA GA 60 -89.07 26.74 -19.71
C ALA GA 60 -89.22 26.54 -21.21
N SER GA 61 -88.13 26.76 -21.95
CA SER GA 61 -88.14 26.60 -23.39
C SER GA 61 -87.76 25.19 -23.80
N GLN GA 62 -86.57 24.75 -23.40
CA GLN GA 62 -86.10 23.40 -23.73
C GLN GA 62 -84.94 23.04 -22.80
N VAL GA 63 -84.70 21.75 -22.68
CA VAL GA 63 -83.50 21.24 -22.02
C VAL GA 63 -82.53 20.80 -23.10
N ALA GA 64 -81.39 21.49 -23.19
CA ALA GA 64 -80.45 21.22 -24.26
C ALA GA 64 -79.75 19.87 -24.04
N GLN GA 65 -79.03 19.45 -25.07
CA GLN GA 65 -78.28 18.19 -25.08
C GLN GA 65 -76.89 18.41 -25.65
N GLN GA 66 -76.19 19.42 -25.12
CA GLN GA 66 -74.87 19.82 -25.61
C GLN GA 66 -74.00 18.62 -25.92
N PHE GA 67 -73.57 18.52 -27.18
CA PHE GA 67 -72.89 17.35 -27.70
C PHE GA 67 -71.41 17.61 -27.96
N HIS GA 68 -70.81 18.51 -27.18
CA HIS GA 68 -69.39 18.77 -27.34
C HIS GA 68 -68.59 17.57 -26.85
N GLU GA 69 -67.46 17.32 -27.51
CA GLU GA 69 -66.65 16.15 -27.19
C GLU GA 69 -66.17 16.19 -25.74
N GLY GA 70 -66.33 15.06 -25.05
CA GLY GA 70 -65.82 14.93 -23.70
C GLY GA 70 -64.42 14.35 -23.68
N SER GA 71 -63.84 14.30 -22.48
CA SER GA 71 -62.51 13.77 -22.32
C SER GA 71 -62.50 12.26 -22.52
N SER GA 72 -61.31 11.72 -22.74
CA SER GA 72 -61.13 10.29 -22.99
C SER GA 72 -60.21 9.70 -21.93
N ILE GA 73 -60.57 8.50 -21.47
CA ILE GA 73 -59.75 7.76 -20.52
C ILE GA 73 -59.15 6.56 -21.24
N TYR GA 74 -58.01 6.11 -20.74
CA TYR GA 74 -57.28 5.00 -21.33
C TYR GA 74 -57.32 3.82 -20.39
N THR GA 75 -57.86 2.70 -20.87
CA THR GA 75 -57.97 1.48 -20.07
C THR GA 75 -57.10 0.35 -20.59
N ASN GA 76 -56.46 0.51 -21.74
CA ASN GA 76 -55.64 -0.52 -22.37
C ASN GA 76 -56.42 -1.80 -22.63
N ASN GA 77 -57.74 -1.69 -22.78
CA ASN GA 77 -58.58 -2.82 -23.12
C ASN GA 77 -59.08 -2.63 -24.54
N PRO GA 78 -58.58 -3.37 -25.52
CA PRO GA 78 -58.90 -3.06 -26.93
C PRO GA 78 -60.38 -3.24 -27.27
N MET GA 79 -61.14 -3.94 -26.44
CA MET GA 79 -62.58 -4.03 -26.65
C MET GA 79 -63.31 -2.74 -26.32
N ASP GA 80 -62.63 -1.76 -25.73
CA ASP GA 80 -63.20 -0.44 -25.47
C ASP GA 80 -62.95 0.45 -26.67
N LEU GA 81 -64.02 1.04 -27.21
CA LEU GA 81 -63.94 1.84 -28.41
C LEU GA 81 -64.48 3.24 -28.15
N ARG GA 82 -63.92 4.22 -28.85
CA ARG GA 82 -64.31 5.60 -28.72
C ARG GA 82 -64.40 6.24 -30.09
N VAL GA 83 -65.45 7.03 -30.32
CA VAL GA 83 -65.65 7.73 -31.58
C VAL GA 83 -65.10 9.15 -31.42
N SER GA 84 -63.95 9.39 -32.03
CA SER GA 84 -63.32 10.71 -31.97
C SER GA 84 -63.86 11.58 -33.10
N GLY GA 85 -64.59 12.63 -32.74
CA GLY GA 85 -65.19 13.49 -33.74
C GLY GA 85 -66.70 13.41 -33.76
N THR GA 86 -67.29 13.30 -34.95
CA THR GA 86 -68.74 13.17 -35.10
C THR GA 86 -69.08 11.76 -35.55
N GLY GA 87 -70.01 11.14 -34.86
CA GLY GA 87 -70.45 9.79 -35.18
C GLY GA 87 -70.94 9.09 -33.93
N PHE GA 88 -71.86 8.14 -34.13
CA PHE GA 88 -72.43 7.36 -33.05
C PHE GA 88 -72.36 5.88 -33.37
N PHE GA 89 -72.18 5.08 -32.32
CA PHE GA 89 -72.30 3.63 -32.47
C PHE GA 89 -73.77 3.24 -32.63
N ALA GA 90 -74.00 2.17 -33.39
CA ALA GA 90 -75.34 1.64 -33.63
C ALA GA 90 -75.45 0.28 -32.99
N VAL GA 91 -76.43 0.11 -32.10
CA VAL GA 91 -76.63 -1.13 -31.37
C VAL GA 91 -78.08 -1.57 -31.52
N ALA GA 92 -78.29 -2.87 -31.66
CA ALA GA 92 -79.61 -3.45 -31.86
C ALA GA 92 -80.03 -4.23 -30.63
N LYS GA 93 -81.32 -4.13 -30.29
CA LYS GA 93 -81.84 -4.84 -29.13
C LYS GA 93 -81.75 -6.35 -29.32
N GLU GA 94 -82.13 -6.82 -30.50
CA GLU GA 94 -82.12 -8.25 -30.82
C GLU GA 94 -81.25 -8.51 -32.04
N ARG GA 95 -80.64 -9.70 -32.07
CA ARG GA 95 -79.75 -10.04 -33.18
C ARG GA 95 -80.53 -10.13 -34.48
N LEU GA 96 -81.74 -10.68 -34.45
CA LEU GA 96 -82.51 -10.95 -35.66
C LEU GA 96 -83.28 -9.75 -36.18
N THR GA 97 -83.21 -8.61 -35.49
CA THR GA 97 -83.90 -7.39 -35.91
C THR GA 97 -82.92 -6.22 -35.91
N PRO GA 98 -81.99 -6.19 -36.87
CA PRO GA 98 -81.06 -5.06 -36.94
C PRO GA 98 -81.74 -3.74 -37.23
N GLN GA 99 -82.94 -3.77 -37.82
CA GLN GA 99 -83.65 -2.52 -38.10
C GLN GA 99 -83.96 -1.75 -36.83
N GLN GA 100 -84.37 -2.46 -35.78
CA GLN GA 100 -84.65 -1.84 -34.48
C GLN GA 100 -83.31 -1.58 -33.78
N ASN GA 101 -82.84 -0.34 -33.86
CA ASN GA 101 -81.54 0.01 -33.31
C ASN GA 101 -81.60 1.38 -32.64
N GLU GA 102 -80.64 1.62 -31.76
CA GLU GA 102 -80.50 2.89 -31.06
C GLU GA 102 -79.05 3.34 -31.10
N LEU GA 103 -78.84 4.64 -30.95
CA LEU GA 103 -77.51 5.23 -31.02
C LEU GA 103 -76.91 5.37 -29.62
N THR GA 104 -75.59 5.18 -29.54
CA THR GA 104 -74.90 5.27 -28.26
C THR GA 104 -73.48 5.77 -28.50
N ARG GA 105 -72.81 6.13 -27.41
CA ARG GA 105 -71.45 6.65 -27.47
C ARG GA 105 -70.44 5.83 -26.66
N ASN GA 106 -70.85 5.13 -25.62
CA ASN GA 106 -69.91 4.34 -24.84
C ASN GA 106 -69.45 3.12 -25.63
N GLY GA 107 -68.25 2.64 -25.31
CA GLY GA 107 -67.68 1.54 -26.06
C GLY GA 107 -67.31 0.33 -25.24
N ALA GA 108 -68.03 0.11 -24.14
CA ALA GA 108 -67.79 -1.06 -23.28
C ALA GA 108 -68.36 -2.29 -23.98
N PHE GA 109 -67.59 -2.85 -24.90
CA PHE GA 109 -68.01 -4.01 -25.67
C PHE GA 109 -67.30 -5.27 -25.18
N HIS GA 110 -67.99 -6.40 -25.32
CA HIS GA 110 -67.44 -7.68 -24.95
C HIS GA 110 -68.17 -8.78 -25.73
N LEU GA 111 -67.50 -9.93 -25.83
CA LEU GA 111 -68.07 -11.06 -26.56
C LEU GA 111 -69.07 -11.80 -25.67
N ASN GA 112 -70.25 -12.06 -26.21
CA ASN GA 112 -71.24 -12.86 -25.51
C ASN GA 112 -70.96 -14.34 -25.74
N LYS GA 113 -71.87 -15.20 -25.31
CA LYS GA 113 -71.67 -16.64 -25.49
C LYS GA 113 -71.67 -17.05 -26.95
N GLU GA 114 -72.19 -16.21 -27.84
CA GLU GA 114 -72.25 -16.51 -29.27
C GLU GA 114 -71.14 -15.81 -30.05
N ASN GA 115 -70.13 -15.27 -29.37
CA ASN GA 115 -69.02 -14.56 -30.01
C ASN GA 115 -69.50 -13.34 -30.80
N TYR GA 116 -70.50 -12.65 -30.27
CA TYR GA 116 -70.97 -11.39 -30.82
C TYR GA 116 -70.61 -10.26 -29.87
N MET GA 117 -70.19 -9.13 -30.44
CA MET GA 117 -69.83 -7.97 -29.63
C MET GA 117 -71.09 -7.27 -29.15
N VAL GA 118 -71.26 -7.18 -27.83
CA VAL GA 118 -72.45 -6.61 -27.23
C VAL GA 118 -72.05 -5.59 -26.17
N THR GA 119 -73.01 -4.75 -25.80
CA THR GA 119 -72.80 -3.74 -24.78
C THR GA 119 -73.02 -4.34 -23.40
N ALA GA 120 -73.11 -3.47 -22.38
CA ALA GA 120 -73.35 -3.94 -21.03
C ALA GA 120 -74.69 -4.64 -20.90
N ASN GA 121 -75.72 -4.11 -21.57
CA ASN GA 121 -77.05 -4.69 -21.53
C ASN GA 121 -77.26 -5.79 -22.57
N ASP GA 122 -76.18 -6.40 -23.06
CA ASP GA 122 -76.25 -7.48 -24.05
C ASP GA 122 -77.00 -7.03 -25.30
N GLU GA 123 -76.68 -5.83 -25.78
CA GLU GA 123 -77.23 -5.30 -27.02
C GLU GA 123 -76.21 -5.43 -28.13
N PHE GA 124 -76.59 -6.09 -29.21
CA PHE GA 124 -75.65 -6.41 -30.27
C PHE GA 124 -75.19 -5.15 -30.99
N LEU GA 125 -73.91 -5.12 -31.38
CA LEU GA 125 -73.33 -3.99 -32.08
C LEU GA 125 -73.45 -4.20 -33.58
N LEU GA 126 -73.99 -3.21 -34.27
CA LEU GA 126 -74.23 -3.30 -35.71
C LEU GA 126 -72.97 -2.95 -36.49
N GLY GA 127 -72.70 -3.73 -37.53
CA GLY GA 127 -71.55 -3.51 -38.38
C GLY GA 127 -71.83 -3.91 -39.80
N TYR GA 128 -70.91 -3.52 -40.69
CA TYR GA 128 -71.03 -3.80 -42.11
C TYR GA 128 -70.37 -5.15 -42.43
N GLN GA 129 -70.40 -5.52 -43.70
CA GLN GA 129 -69.75 -6.74 -44.18
C GLN GA 129 -68.84 -6.35 -45.34
N VAL GA 130 -67.54 -6.52 -45.17
CA VAL GA 130 -66.57 -6.11 -46.16
C VAL GA 130 -66.30 -7.25 -47.13
N ASP GA 131 -65.75 -6.90 -48.29
CA ASP GA 131 -65.37 -7.88 -49.30
C ASP GA 131 -64.09 -8.59 -48.88
N PRO GA 132 -63.89 -9.83 -49.34
CA PRO GA 132 -62.65 -10.55 -48.95
C PRO GA 132 -61.39 -9.84 -49.37
N SER GA 133 -61.32 -9.38 -50.62
CA SER GA 133 -60.14 -8.69 -51.14
C SER GA 133 -60.34 -7.18 -51.20
N SER GA 134 -61.48 -6.73 -51.73
CA SER GA 134 -61.75 -5.30 -51.80
C SER GA 134 -61.99 -4.72 -50.42
N GLY GA 135 -61.27 -3.64 -50.10
CA GLY GA 135 -61.46 -2.99 -48.81
C GLY GA 135 -62.82 -2.36 -48.65
N GLU GA 136 -63.40 -1.86 -49.74
CA GLU GA 136 -64.70 -1.23 -49.69
C GLU GA 136 -65.77 -2.21 -49.25
N VAL GA 137 -66.70 -1.74 -48.42
CA VAL GA 137 -67.82 -2.55 -47.98
C VAL GA 137 -68.84 -2.65 -49.10
N SER GA 138 -69.32 -3.87 -49.36
CA SER GA 138 -70.28 -4.07 -50.45
C SER GA 138 -71.67 -3.60 -50.06
N SER GA 139 -72.26 -4.24 -49.06
CA SER GA 139 -73.62 -3.92 -48.65
C SER GA 139 -73.60 -3.06 -47.39
N TYR GA 140 -74.40 -1.99 -47.42
CA TYR GA 140 -74.44 -1.02 -46.34
C TYR GA 140 -75.49 -1.35 -45.28
N GLU GA 141 -76.18 -2.47 -45.41
CA GLU GA 141 -77.13 -2.83 -44.37
C GLU GA 141 -76.39 -3.21 -43.08
N PRO GA 142 -76.91 -2.78 -41.93
CA PRO GA 142 -76.27 -3.14 -40.67
C PRO GA 142 -76.60 -4.55 -40.24
N GLN GA 143 -75.59 -5.26 -39.78
CA GLN GA 143 -75.77 -6.62 -39.28
C GLN GA 143 -74.90 -6.80 -38.03
N PRO GA 144 -75.28 -7.69 -37.13
CA PRO GA 144 -74.47 -7.92 -35.93
C PRO GA 144 -73.07 -8.41 -36.30
N ILE GA 145 -72.09 -7.98 -35.52
CA ILE GA 145 -70.70 -8.34 -35.76
C ILE GA 145 -70.38 -9.64 -35.03
N ASN GA 146 -69.87 -10.62 -35.76
CA ASN GA 146 -69.50 -11.90 -35.20
C ASN GA 146 -68.00 -12.12 -35.37
N ILE GA 147 -67.39 -12.72 -34.35
CA ILE GA 147 -65.96 -13.02 -34.39
C ILE GA 147 -65.78 -14.53 -34.20
N PRO GA 148 -65.81 -15.32 -35.28
CA PRO GA 148 -65.66 -16.77 -35.13
C PRO GA 148 -64.33 -17.14 -34.52
N ALA GA 149 -64.34 -18.20 -33.72
CA ALA GA 149 -63.14 -18.70 -33.07
C ALA GA 149 -62.38 -19.72 -33.91
N GLU GA 150 -62.90 -20.08 -35.09
CA GLU GA 150 -62.26 -21.05 -35.95
C GLU GA 150 -62.32 -20.59 -37.39
N PHE GA 151 -61.27 -20.88 -38.15
CA PHE GA 151 -61.27 -20.69 -39.60
C PHE GA 151 -61.77 -21.98 -40.27
N GLY GA 152 -63.05 -22.25 -40.03
CA GLY GA 152 -63.64 -23.50 -40.44
C GLY GA 152 -64.03 -23.58 -41.90
N LYS GA 153 -63.07 -23.37 -42.79
CA LYS GA 153 -63.31 -23.51 -44.22
C LYS GA 153 -61.98 -23.67 -44.95
N PRO GA 154 -61.46 -24.90 -45.07
CA PRO GA 154 -60.21 -25.09 -45.81
C PRO GA 154 -60.32 -24.64 -47.26
N LYS GA 155 -59.54 -23.64 -47.63
CA LYS GA 155 -59.61 -23.03 -48.95
C LYS GA 155 -58.59 -23.69 -49.87
N GLN GA 156 -59.07 -24.24 -50.99
CA GLN GA 156 -58.18 -24.86 -51.95
C GLN GA 156 -57.32 -23.82 -52.66
N THR GA 157 -56.14 -24.24 -53.10
CA THR GA 157 -55.24 -23.37 -53.84
C THR GA 157 -55.78 -23.19 -55.25
N ALA GA 158 -55.93 -21.94 -55.69
CA ALA GA 158 -56.47 -21.66 -57.01
C ALA GA 158 -55.56 -20.75 -57.82
N ASN GA 159 -54.93 -19.79 -57.15
CA ASN GA 159 -54.04 -18.84 -57.82
C ASN GA 159 -52.68 -18.88 -57.14
N ILE GA 160 -51.62 -19.02 -57.93
CA ILE GA 160 -50.25 -19.03 -57.43
C ILE GA 160 -49.47 -17.97 -58.19
N GLU GA 161 -48.92 -17.01 -57.45
CA GLU GA 161 -48.09 -15.96 -58.04
C GLU GA 161 -46.63 -16.26 -57.70
N VAL GA 162 -45.80 -16.40 -58.74
CA VAL GA 162 -44.39 -16.73 -58.58
C VAL GA 162 -43.57 -15.69 -59.35
N GLY GA 163 -42.62 -15.08 -58.67
CA GLY GA 163 -41.69 -14.17 -59.33
C GLY GA 163 -40.25 -14.61 -59.14
N VAL GA 164 -39.57 -14.96 -60.23
CA VAL GA 164 -38.23 -15.50 -60.18
C VAL GA 164 -37.32 -14.73 -61.13
N ASN GA 165 -36.03 -14.85 -60.88
CA ASN GA 165 -34.99 -14.35 -61.78
C ASN GA 165 -34.23 -15.54 -62.36
N LEU GA 166 -34.17 -15.62 -63.68
CA LEU GA 166 -33.52 -16.79 -64.24
C LEU GA 166 -32.10 -16.47 -64.69
N PRO GA 167 -31.17 -17.41 -64.52
CA PRO GA 167 -29.78 -17.14 -64.91
C PRO GA 167 -29.64 -17.06 -66.43
N ALA GA 168 -29.24 -15.89 -66.91
CA ALA GA 168 -29.03 -15.71 -68.34
C ALA GA 168 -27.80 -16.47 -68.85
N ASN GA 169 -26.85 -16.74 -67.97
CA ASN GA 169 -25.63 -17.46 -68.34
C ASN GA 169 -25.74 -18.96 -68.12
N GLY GA 170 -26.91 -19.46 -67.77
CA GLY GA 170 -27.07 -20.90 -67.57
C GLY GA 170 -26.92 -21.65 -68.88
N ASP GA 171 -26.47 -22.90 -68.76
CA ASP GA 171 -26.23 -23.73 -69.93
C ASP GA 171 -27.53 -24.11 -70.61
N LEU GA 172 -27.50 -24.19 -71.94
CA LEU GA 172 -28.67 -24.56 -72.71
C LEU GA 172 -28.96 -26.05 -72.55
N LYS GA 173 -30.24 -26.39 -72.70
CA LYS GA 173 -30.70 -27.77 -72.56
C LYS GA 173 -31.58 -28.13 -73.75
N ASP GA 174 -31.77 -29.44 -73.95
CA ASP GA 174 -32.56 -29.93 -75.07
C ASP GA 174 -34.02 -29.99 -74.66
N PRO GA 175 -34.92 -29.27 -75.34
CA PRO GA 175 -36.34 -29.34 -74.98
C PRO GA 175 -36.93 -30.75 -75.10
N THR GA 176 -36.50 -31.52 -76.09
CA THR GA 176 -37.04 -32.85 -76.30
C THR GA 176 -36.53 -33.87 -75.29
N GLN GA 177 -35.41 -33.57 -74.63
CA GLN GA 177 -34.80 -34.50 -73.68
C GLN GA 177 -35.18 -34.21 -72.24
N PHE GA 178 -36.25 -33.44 -72.02
CA PHE GA 178 -36.65 -33.11 -70.65
C PHE GA 178 -37.17 -34.35 -69.94
N ASP GA 179 -36.76 -34.51 -68.68
CA ASP GA 179 -37.25 -35.61 -67.84
C ASP GA 179 -37.08 -35.19 -66.39
N PHE GA 180 -38.18 -35.13 -65.65
CA PHE GA 180 -38.11 -34.70 -64.26
C PHE GA 180 -37.36 -35.69 -63.39
N SER GA 181 -37.25 -36.95 -63.81
CA SER GA 181 -36.51 -37.94 -63.05
C SER GA 181 -35.00 -37.77 -63.16
N ASP GA 182 -34.53 -37.08 -64.19
CA ASP GA 182 -33.10 -36.87 -64.40
C ASP GA 182 -32.77 -35.40 -64.17
N PRO GA 183 -32.01 -35.06 -63.13
CA PRO GA 183 -31.72 -33.64 -62.86
C PRO GA 183 -30.98 -32.94 -63.99
N ASP GA 184 -30.10 -33.64 -64.70
CA ASP GA 184 -29.26 -33.01 -65.70
C ASP GA 184 -30.03 -32.57 -66.95
N THR GA 185 -31.25 -33.06 -67.15
CA THR GA 185 -32.00 -32.69 -68.34
C THR GA 185 -32.46 -31.24 -68.29
N TYR GA 186 -32.82 -30.74 -67.12
CA TYR GA 186 -33.31 -29.38 -66.96
C TYR GA 186 -32.27 -28.53 -66.23
N ASN GA 187 -32.65 -27.29 -65.91
CA ASN GA 187 -31.74 -26.35 -65.27
C ASN GA 187 -31.96 -26.27 -63.77
N ARG GA 188 -33.17 -25.91 -63.34
CA ARG GA 188 -33.46 -25.69 -61.93
C ARG GA 188 -34.79 -26.32 -61.56
N SER GA 189 -34.95 -26.62 -60.27
CA SER GA 189 -36.16 -27.22 -59.74
C SER GA 189 -36.49 -26.56 -58.41
N THR GA 190 -37.76 -26.21 -58.22
CA THR GA 190 -38.23 -25.59 -56.99
C THR GA 190 -39.38 -26.40 -56.41
N SER GA 191 -39.47 -26.41 -55.08
CA SER GA 191 -40.49 -27.16 -54.37
C SER GA 191 -41.32 -26.23 -53.49
N SER GA 192 -42.61 -26.55 -53.39
CA SER GA 192 -43.53 -25.74 -52.61
C SER GA 192 -44.70 -26.61 -52.18
N THR GA 193 -45.60 -26.03 -51.38
CA THR GA 193 -46.75 -26.74 -50.84
C THR GA 193 -48.04 -26.11 -51.34
N ILE GA 194 -48.99 -26.96 -51.72
CA ILE GA 194 -50.32 -26.52 -52.15
C ILE GA 194 -51.36 -27.29 -51.34
N TYR GA 195 -52.56 -26.72 -51.26
CA TYR GA 195 -53.64 -27.27 -50.45
C TYR GA 195 -54.87 -27.51 -51.31
N ASP GA 196 -55.51 -28.65 -51.09
CA ASP GA 196 -56.71 -29.03 -51.83
C ASP GA 196 -57.95 -28.55 -51.07
N SER GA 197 -59.12 -29.04 -51.48
CA SER GA 197 -60.37 -28.63 -50.83
C SER GA 197 -60.43 -29.10 -49.38
N MET GA 198 -59.91 -30.29 -49.09
CA MET GA 198 -59.96 -30.85 -47.74
C MET GA 198 -58.79 -30.41 -46.88
N GLY GA 199 -57.90 -29.58 -47.40
CA GLY GA 199 -56.77 -29.10 -46.64
C GLY GA 199 -55.56 -30.01 -46.64
N GLN GA 200 -55.56 -31.07 -47.44
CA GLN GA 200 -54.41 -31.95 -47.54
C GLN GA 200 -53.23 -31.20 -48.17
N SER GA 201 -52.04 -31.44 -47.64
CA SER GA 201 -50.83 -30.80 -48.14
C SER GA 201 -50.24 -31.63 -49.28
N TYR GA 202 -49.99 -30.98 -50.41
CA TYR GA 202 -49.34 -31.61 -51.55
C TYR GA 202 -48.09 -30.84 -51.91
N LYS GA 203 -47.08 -31.56 -52.41
CA LYS GA 203 -45.80 -30.97 -52.78
C LYS GA 203 -45.82 -30.71 -54.27
N LEU GA 204 -45.66 -29.43 -54.64
CA LEU GA 204 -45.64 -29.01 -56.04
C LEU GA 204 -44.21 -28.66 -56.42
N THR GA 205 -43.68 -29.35 -57.43
CA THR GA 205 -42.32 -29.14 -57.91
C THR GA 205 -42.37 -28.57 -59.32
N THR GA 206 -41.70 -27.44 -59.51
CA THR GA 206 -41.65 -26.75 -60.80
C THR GA 206 -40.26 -26.88 -61.38
N TYR GA 207 -40.19 -27.28 -62.65
CA TYR GA 207 -38.92 -27.49 -63.35
C TYR GA 207 -38.73 -26.42 -64.40
N TYR GA 208 -37.56 -25.77 -64.39
CA TYR GA 208 -37.23 -24.73 -65.35
C TYR GA 208 -36.13 -25.23 -66.29
N LEU GA 209 -36.38 -25.10 -67.59
CA LEU GA 209 -35.44 -25.54 -68.61
C LEU GA 209 -35.15 -24.39 -69.57
N LYS GA 210 -33.88 -24.16 -69.85
CA LYS GA 210 -33.45 -23.09 -70.74
C LYS GA 210 -33.37 -23.64 -72.16
N ASP GA 211 -34.13 -23.03 -73.06
CA ASP GA 211 -34.21 -23.52 -74.43
C ASP GA 211 -32.89 -23.32 -75.15
N GLN GA 212 -32.49 -24.32 -75.93
CA GLN GA 212 -31.28 -24.25 -76.74
C GLN GA 212 -31.56 -23.70 -78.13
N THR GA 213 -32.69 -24.07 -78.73
CA THR GA 213 -32.99 -23.64 -80.09
C THR GA 213 -33.21 -22.12 -80.15
N GLN GA 214 -33.96 -21.58 -79.19
CA GLN GA 214 -34.33 -20.17 -79.22
C GLN GA 214 -33.68 -19.43 -78.06
N PRO GA 215 -32.90 -18.39 -78.30
CA PRO GA 215 -32.33 -17.61 -77.20
C PRO GA 215 -33.41 -16.85 -76.44
N ASN GA 216 -33.12 -16.60 -75.16
CA ASN GA 216 -34.04 -15.90 -74.26
C ASN GA 216 -35.39 -16.62 -74.19
N THR GA 217 -35.35 -17.94 -74.20
CA THR GA 217 -36.55 -18.77 -74.12
C THR GA 217 -36.36 -19.83 -73.06
N TRP GA 218 -37.38 -20.02 -72.23
CA TRP GA 218 -37.34 -20.98 -71.14
C TRP GA 218 -38.59 -21.87 -71.19
N ASN GA 219 -38.43 -23.09 -70.72
CA ASN GA 219 -39.53 -24.05 -70.62
C ASN GA 219 -39.80 -24.36 -69.16
N THR GA 220 -41.07 -24.41 -68.79
CA THR GA 220 -41.49 -24.62 -67.42
C THR GA 220 -42.42 -25.82 -67.34
N TYR GA 221 -42.13 -26.71 -66.40
CA TYR GA 221 -42.92 -27.91 -66.18
C TYR GA 221 -43.25 -28.04 -64.70
N TYR GA 222 -44.37 -28.72 -64.43
CA TYR GA 222 -44.88 -28.86 -63.07
C TYR GA 222 -45.15 -30.33 -62.77
N THR GA 223 -44.89 -30.73 -61.53
CA THR GA 223 -45.18 -32.08 -61.07
C THR GA 223 -45.81 -32.02 -59.69
N VAL GA 224 -46.67 -32.98 -59.39
CA VAL GA 224 -47.35 -33.09 -58.11
C VAL GA 224 -46.94 -34.40 -57.45
N THR GA 225 -46.49 -34.31 -56.21
CA THR GA 225 -45.99 -35.47 -55.47
C THR GA 225 -46.96 -35.79 -54.34
N ASP GA 226 -47.76 -36.84 -54.53
CA ASP GA 226 -48.61 -37.39 -53.49
C ASP GA 226 -47.92 -38.59 -52.86
N LYS GA 227 -48.65 -39.32 -52.01
CA LYS GA 227 -48.09 -40.51 -51.38
C LYS GA 227 -47.81 -41.61 -52.39
N GLU GA 228 -48.64 -41.70 -53.44
CA GLU GA 228 -48.43 -42.73 -54.45
C GLU GA 228 -47.13 -42.51 -55.21
N GLY GA 229 -46.82 -41.27 -55.55
CA GLY GA 229 -45.61 -40.97 -56.27
C GLY GA 229 -45.67 -39.56 -56.84
N GLU GA 230 -44.73 -39.29 -57.76
CA GLU GA 230 -44.63 -38.00 -58.41
C GLU GA 230 -45.25 -38.09 -59.79
N LYS GA 231 -46.38 -37.40 -59.98
CA LYS GA 231 -47.11 -37.43 -61.24
C LYS GA 231 -47.00 -36.08 -61.94
N PRO GA 232 -46.62 -36.04 -63.21
CA PRO GA 232 -46.52 -34.76 -63.90
C PRO GA 232 -47.88 -34.11 -64.08
N LEU GA 233 -47.88 -32.79 -64.14
CA LEU GA 233 -49.08 -31.99 -64.38
C LEU GA 233 -48.95 -31.31 -65.73
N ASN GA 234 -50.02 -31.36 -66.51
CA ASN GA 234 -50.03 -30.82 -67.87
C ASN GA 234 -50.74 -29.47 -67.90
N VAL GA 235 -50.24 -28.58 -68.76
CA VAL GA 235 -50.87 -27.28 -68.98
C VAL GA 235 -51.96 -27.45 -70.03
N ALA GA 236 -53.05 -26.70 -69.85
CA ALA GA 236 -54.20 -26.84 -70.76
C ALA GA 236 -53.83 -26.46 -72.19
N ALA GA 237 -53.11 -25.35 -72.37
CA ALA GA 237 -52.77 -24.85 -73.69
C ALA GA 237 -51.30 -24.46 -73.78
N GLY GA 238 -50.44 -25.11 -72.99
CA GLY GA 238 -49.03 -24.78 -73.02
C GLY GA 238 -48.38 -25.26 -74.30
N ASP GA 239 -47.49 -24.43 -74.84
CA ASP GA 239 -46.77 -24.73 -76.07
C ASP GA 239 -45.41 -25.39 -75.80
N ALA GA 240 -45.42 -26.46 -75.01
CA ALA GA 240 -44.19 -27.22 -74.74
C ALA GA 240 -44.60 -28.67 -74.50
N GLN GA 241 -44.53 -29.48 -75.57
CA GLN GA 241 -44.93 -30.88 -75.53
C GLN GA 241 -43.71 -31.76 -75.67
N THR GA 242 -43.36 -32.48 -74.60
CA THR GA 242 -42.28 -33.43 -74.66
C THR GA 242 -42.70 -34.67 -75.44
N PRO GA 243 -41.75 -35.44 -75.97
CA PRO GA 243 -42.12 -36.69 -76.65
C PRO GA 243 -42.88 -37.65 -75.76
N THR GA 244 -42.60 -37.68 -74.45
CA THR GA 244 -43.34 -38.56 -73.54
C THR GA 244 -44.80 -38.14 -73.46
N GLY GA 245 -45.07 -36.84 -73.42
CA GLY GA 245 -46.45 -36.37 -73.36
C GLY GA 245 -46.67 -35.25 -72.36
N HIS GA 246 -45.65 -34.92 -71.58
CA HIS GA 246 -45.77 -33.84 -70.61
C HIS GA 246 -45.95 -32.50 -71.31
N VAL GA 247 -46.81 -31.65 -70.76
CA VAL GA 247 -47.15 -30.36 -71.37
C VAL GA 247 -46.69 -29.26 -70.42
N GLY GA 248 -45.74 -28.45 -70.88
CA GLY GA 248 -45.32 -27.25 -70.18
C GLY GA 248 -45.68 -25.99 -70.94
N HIS GA 249 -45.13 -24.87 -70.48
CA HIS GA 249 -45.36 -23.57 -71.12
C HIS GA 249 -44.03 -22.86 -71.28
N THR GA 250 -43.97 -21.98 -72.27
CA THR GA 250 -42.74 -21.30 -72.65
C THR GA 250 -42.74 -19.86 -72.13
N MET GA 251 -41.57 -19.39 -71.74
CA MET GA 251 -41.39 -18.02 -71.25
C MET GA 251 -40.32 -17.34 -72.09
N LYS GA 252 -40.62 -16.13 -72.55
CA LYS GA 252 -39.71 -15.35 -73.39
C LYS GA 252 -39.48 -13.98 -72.76
N PHE GA 253 -38.27 -13.45 -72.96
CA PHE GA 253 -37.86 -12.18 -72.37
C PHE GA 253 -37.27 -11.28 -73.45
N ASN GA 254 -37.32 -9.97 -73.20
CA ASN GA 254 -36.86 -8.98 -74.16
C ASN GA 254 -35.34 -8.82 -74.07
N ASN GA 255 -34.82 -7.79 -74.74
CA ASN GA 255 -33.38 -7.54 -74.71
C ASN GA 255 -32.92 -7.07 -73.34
N ASP GA 256 -33.76 -6.27 -72.66
CA ASP GA 256 -33.39 -5.74 -71.35
C ASP GA 256 -33.56 -6.74 -70.22
N GLY GA 257 -34.01 -7.96 -70.52
CA GLY GA 257 -34.22 -8.97 -69.52
C GLY GA 257 -35.60 -8.96 -68.89
N THR GA 258 -36.44 -7.99 -69.23
CA THR GA 258 -37.79 -7.95 -68.69
C THR GA 258 -38.66 -9.01 -69.39
N LEU GA 259 -39.84 -9.23 -68.85
CA LEU GA 259 -40.74 -10.25 -69.37
C LEU GA 259 -41.34 -9.81 -70.69
N ALA GA 260 -41.28 -10.70 -71.69
CA ALA GA 260 -41.83 -10.42 -73.02
C ALA GA 260 -43.20 -11.09 -73.21
N SER GA 261 -43.25 -12.41 -73.05
CA SER GA 261 -44.49 -13.14 -73.26
C SER GA 261 -44.49 -14.40 -72.39
N LEU GA 262 -45.69 -14.90 -72.12
CA LEU GA 262 -45.88 -16.12 -71.33
C LEU GA 262 -46.88 -17.01 -72.05
N ASN GA 263 -46.42 -18.19 -72.48
CA ASN GA 263 -47.28 -19.20 -73.10
C ASN GA 263 -48.03 -18.61 -74.30
N ASN GA 264 -47.29 -17.90 -75.16
CA ASN GA 264 -47.86 -17.27 -76.35
C ASN GA 264 -48.97 -16.28 -75.99
N GLY GA 265 -48.84 -15.61 -74.85
CA GLY GA 265 -49.84 -14.63 -74.44
C GLY GA 265 -51.10 -15.22 -73.82
N GLN GA 266 -51.16 -16.53 -73.64
CA GLN GA 266 -52.36 -17.13 -73.08
C GLN GA 266 -52.23 -17.28 -71.56
N PRO GA 267 -53.35 -17.23 -70.84
CA PRO GA 267 -53.29 -17.45 -69.40
C PRO GA 267 -52.84 -18.86 -69.06
N ILE GA 268 -52.17 -19.01 -67.93
CA ILE GA 268 -51.62 -20.29 -67.50
C ILE GA 268 -52.63 -20.93 -66.56
N THR GA 269 -53.35 -21.93 -67.06
CA THR GA 269 -54.30 -22.70 -66.28
C THR GA 269 -53.97 -24.17 -66.43
N SER GA 270 -53.79 -24.86 -65.31
CA SER GA 270 -53.47 -26.28 -65.33
C SER GA 270 -54.73 -27.12 -65.47
N VAL GA 271 -54.53 -28.37 -65.89
CA VAL GA 271 -55.63 -29.33 -66.01
C VAL GA 271 -56.05 -29.78 -64.62
N ALA GA 272 -57.21 -30.44 -64.53
CA ALA GA 272 -57.70 -30.91 -63.24
C ALA GA 272 -56.75 -31.93 -62.63
N LEU GA 273 -56.54 -31.81 -61.32
CA LEU GA 273 -55.55 -32.66 -60.65
C LEU GA 273 -56.00 -34.11 -60.62
N GLY GA 274 -57.24 -34.37 -60.21
CA GLY GA 274 -57.68 -35.73 -59.98
C GLY GA 274 -58.75 -36.23 -60.93
N ASP GA 275 -58.90 -35.58 -62.09
CA ASP GA 275 -59.92 -35.98 -63.04
C ASP GA 275 -59.29 -36.80 -64.15
N PRO GA 276 -59.61 -38.09 -64.27
CA PRO GA 276 -59.03 -38.89 -65.36
C PRO GA 276 -59.45 -38.45 -66.74
N ALA GA 277 -60.60 -37.79 -66.87
CA ALA GA 277 -61.10 -37.37 -68.18
C ALA GA 277 -60.24 -36.28 -68.80
N THR GA 278 -59.45 -35.55 -68.01
CA THR GA 278 -58.62 -34.48 -68.53
C THR GA 278 -57.14 -34.62 -68.19
N ASN GA 279 -56.76 -35.57 -67.34
CA ASN GA 279 -55.37 -35.75 -66.95
C ASN GA 279 -54.97 -37.20 -67.18
N THR GA 280 -53.87 -37.41 -67.89
CA THR GA 280 -53.38 -38.76 -68.12
C THR GA 280 -52.77 -39.36 -66.86
N THR GA 281 -52.34 -38.54 -65.91
CA THR GA 281 -51.80 -38.99 -64.63
C THR GA 281 -52.56 -38.26 -63.53
N PRO GA 282 -53.79 -38.68 -63.24
CA PRO GA 282 -54.60 -37.99 -62.23
C PRO GA 282 -53.98 -38.07 -60.85
N VAL GA 283 -54.01 -36.96 -60.13
CA VAL GA 283 -53.48 -36.92 -58.77
C VAL GA 283 -54.47 -37.58 -57.82
N ASP GA 284 -53.95 -38.36 -56.87
CA ASP GA 284 -54.78 -39.00 -55.87
C ASP GA 284 -55.28 -37.97 -54.86
N MET GA 285 -56.48 -37.43 -55.09
CA MET GA 285 -57.03 -36.42 -54.20
C MET GA 285 -57.38 -36.98 -52.83
N ASN GA 286 -57.54 -38.30 -52.71
CA ASN GA 286 -57.87 -38.96 -51.45
C ASN GA 286 -59.16 -38.38 -50.84
N GLY GA 287 -60.16 -38.18 -51.69
CA GLY GA 287 -61.45 -37.66 -51.26
C GLY GA 287 -61.69 -36.20 -51.55
N ALA GA 288 -60.67 -35.47 -52.01
CA ALA GA 288 -60.84 -34.05 -52.32
C ALA GA 288 -61.46 -33.89 -53.70
N ASP GA 289 -61.66 -32.63 -54.09
CA ASP GA 289 -62.27 -32.31 -55.38
C ASP GA 289 -61.31 -32.67 -56.51
N PRO GA 290 -61.73 -33.53 -57.45
CA PRO GA 290 -60.85 -33.90 -58.56
C PRO GA 290 -60.74 -32.84 -59.64
N ALA GA 291 -61.61 -31.83 -59.65
CA ALA GA 291 -61.62 -30.82 -60.68
C ALA GA 291 -60.87 -29.55 -60.29
N GLN GA 292 -60.06 -29.61 -59.23
CA GLN GA 292 -59.32 -28.43 -58.81
C GLN GA 292 -58.31 -28.00 -59.87
N THR GA 293 -58.25 -26.70 -60.12
CA THR GA 293 -57.37 -26.14 -61.13
C THR GA 293 -56.47 -25.09 -60.51
N LEU GA 294 -55.29 -24.92 -61.08
CA LEU GA 294 -54.30 -23.97 -60.60
C LEU GA 294 -54.01 -22.92 -61.67
N ASN GA 295 -54.00 -21.66 -61.25
CA ASN GA 295 -53.63 -20.54 -62.12
C ASN GA 295 -52.29 -20.00 -61.64
N PHE GA 296 -51.32 -19.98 -62.55
CA PHE GA 296 -49.97 -19.52 -62.23
C PHE GA 296 -49.77 -18.12 -62.81
N GLY GA 297 -49.40 -17.19 -61.94
CA GLY GA 297 -49.13 -15.83 -62.37
C GLY GA 297 -47.66 -15.48 -62.24
N LEU GA 298 -46.97 -15.37 -63.36
CA LEU GA 298 -45.55 -15.09 -63.40
C LEU GA 298 -45.28 -13.79 -64.15
N GLY GA 299 -46.07 -12.75 -63.85
CA GLY GA 299 -45.92 -11.49 -64.56
C GLY GA 299 -44.69 -10.70 -64.19
N SER GA 300 -43.98 -11.12 -63.15
CA SER GA 300 -42.76 -10.43 -62.70
C SER GA 300 -41.50 -11.24 -62.95
N ALA GA 301 -41.58 -12.30 -63.75
CA ALA GA 301 -40.40 -13.11 -64.03
C ALA GA 301 -39.41 -12.31 -64.86
N THR GA 302 -38.12 -12.44 -64.51
CA THR GA 302 -37.06 -11.72 -65.19
C THR GA 302 -35.91 -12.66 -65.47
N GLN GA 303 -35.07 -12.28 -66.44
CA GLN GA 303 -33.87 -13.02 -66.78
C GLN GA 303 -32.70 -12.04 -66.82
N PHE GA 304 -31.87 -12.06 -65.79
CA PHE GA 304 -30.69 -11.21 -65.70
C PHE GA 304 -29.46 -12.08 -65.51
N ALA GA 305 -28.30 -11.43 -65.35
CA ALA GA 305 -27.07 -12.15 -65.11
C ALA GA 305 -27.01 -12.76 -63.71
N ALA GA 306 -27.92 -12.36 -62.83
CA ALA GA 306 -27.91 -12.89 -61.48
C ALA GA 306 -28.27 -14.38 -61.49
N PRO GA 307 -27.79 -15.14 -60.49
CA PRO GA 307 -28.10 -16.58 -60.45
C PRO GA 307 -29.58 -16.84 -60.23
N PHE GA 308 -29.97 -18.13 -60.31
CA PHE GA 308 -31.36 -18.51 -60.11
C PHE GA 308 -31.82 -18.12 -58.71
N GLU GA 309 -32.99 -17.51 -58.63
CA GLU GA 309 -33.49 -16.98 -57.37
C GLU GA 309 -35.02 -16.99 -57.38
N LEU GA 310 -35.60 -17.46 -56.28
CA LEU GA 310 -37.06 -17.43 -56.07
C LEU GA 310 -37.35 -16.20 -55.22
N THR GA 311 -37.62 -15.07 -55.88
CA THR GA 311 -37.78 -13.81 -55.17
C THR GA 311 -39.06 -13.79 -54.35
N LYS GA 312 -40.18 -14.21 -54.94
CA LYS GA 312 -41.48 -14.12 -54.29
C LYS GA 312 -42.29 -15.36 -54.61
N PHE GA 313 -43.00 -15.88 -53.60
CA PHE GA 313 -43.93 -16.98 -53.79
C PHE GA 313 -45.18 -16.69 -52.97
N ASP GA 314 -46.32 -16.59 -53.66
CA ASP GA 314 -47.59 -16.30 -53.00
C ASP GA 314 -48.66 -17.23 -53.55
N GLU GA 315 -49.50 -17.74 -52.65
CA GLU GA 315 -50.62 -18.60 -53.02
C GLU GA 315 -51.87 -18.08 -52.33
N ASP GA 316 -53.01 -18.70 -52.67
CA ASP GA 316 -54.30 -18.35 -52.06
C ASP GA 316 -54.88 -19.50 -51.26
N GLY GA 317 -54.06 -20.51 -50.96
CA GLY GA 317 -54.54 -21.64 -50.18
C GLY GA 317 -54.68 -21.30 -48.71
N ALA GA 318 -55.35 -22.20 -48.00
CA ALA GA 318 -55.59 -22.01 -46.57
C ALA GA 318 -55.84 -23.35 -45.91
N THR GA 319 -55.72 -23.36 -44.59
CA THR GA 319 -55.95 -24.56 -43.80
C THR GA 319 -56.73 -24.17 -42.55
N THR GA 320 -57.23 -25.18 -41.84
CA THR GA 320 -57.99 -24.92 -40.62
C THR GA 320 -57.10 -24.27 -39.57
N GLY GA 321 -57.69 -23.36 -38.79
CA GLY GA 321 -56.93 -22.62 -37.80
C GLY GA 321 -57.84 -22.06 -36.72
N PHE GA 322 -57.21 -21.52 -35.69
CA PHE GA 322 -57.90 -21.01 -34.52
C PHE GA 322 -57.59 -19.53 -34.33
N LEU GA 323 -58.60 -18.78 -33.90
CA LEU GA 323 -58.45 -17.35 -33.66
C LEU GA 323 -57.31 -17.09 -32.70
N THR GA 324 -56.32 -16.30 -33.14
CA THR GA 324 -55.12 -16.03 -32.36
C THR GA 324 -55.13 -14.64 -31.73
N LYS GA 325 -55.41 -13.60 -32.50
CA LYS GA 325 -55.47 -12.25 -31.95
C LYS GA 325 -56.44 -11.42 -32.77
N VAL GA 326 -56.95 -10.36 -32.15
CA VAL GA 326 -57.91 -9.47 -32.78
C VAL GA 326 -57.51 -8.03 -32.49
N ASP GA 327 -57.50 -7.20 -33.54
CA ASP GA 327 -57.16 -5.79 -33.39
C ASP GA 327 -58.08 -4.96 -34.27
N PHE GA 328 -58.07 -3.65 -34.04
CA PHE GA 328 -58.94 -2.72 -34.74
C PHE GA 328 -58.08 -1.63 -35.37
N ASP GA 329 -58.30 -1.35 -36.65
CA ASP GA 329 -57.57 -0.30 -37.34
C ASP GA 329 -58.32 1.02 -37.25
N GLU GA 330 -57.73 2.07 -37.83
CA GLU GA 330 -58.35 3.39 -37.80
C GLU GA 330 -59.62 3.45 -38.65
N ASN GA 331 -59.72 2.60 -39.67
CA ASN GA 331 -60.92 2.55 -40.48
C ASN GA 331 -62.08 1.85 -39.78
N GLY GA 332 -61.83 1.24 -38.62
CA GLY GA 332 -62.87 0.52 -37.91
C GLY GA 332 -63.00 -0.95 -38.27
N SER GA 333 -62.24 -1.42 -39.26
CA SER GA 333 -62.31 -2.83 -39.63
C SER GA 333 -61.71 -3.69 -38.52
N VAL GA 334 -62.45 -4.70 -38.11
CA VAL GA 334 -62.02 -5.62 -37.07
C VAL GA 334 -61.33 -6.79 -37.76
N MET GA 335 -60.01 -6.89 -37.60
CA MET GA 335 -59.23 -7.93 -38.23
C MET GA 335 -58.80 -8.97 -37.20
N GLY GA 336 -58.72 -10.22 -37.64
CA GLY GA 336 -58.27 -11.29 -36.78
C GLY GA 336 -57.39 -12.28 -37.52
N THR GA 337 -56.25 -12.64 -36.93
CA THR GA 337 -55.32 -13.57 -37.53
C THR GA 337 -55.49 -14.94 -36.88
N TYR GA 338 -55.46 -15.97 -37.70
CA TYR GA 338 -55.65 -17.35 -37.25
C TYR GA 338 -54.33 -18.11 -37.33
N SER GA 339 -54.39 -19.39 -36.95
CA SER GA 339 -53.17 -20.20 -36.93
C SER GA 339 -52.66 -20.48 -38.33
N ASN GA 340 -53.55 -20.56 -39.32
CA ASN GA 340 -53.13 -20.80 -40.70
C ASN GA 340 -52.28 -19.64 -41.22
N GLY GA 341 -52.67 -18.41 -40.87
CA GLY GA 341 -51.93 -17.22 -41.28
C GLY GA 341 -52.78 -16.19 -41.99
N GLU GA 342 -53.97 -16.53 -42.46
CA GLU GA 342 -54.82 -15.55 -43.16
C GLU GA 342 -55.31 -14.48 -42.19
N ASN GA 343 -55.20 -13.22 -42.62
CA ASN GA 343 -55.67 -12.09 -41.83
C ASN GA 343 -57.11 -11.75 -42.25
N VAL GA 344 -58.03 -12.60 -41.79
CA VAL GA 344 -59.44 -12.45 -42.14
C VAL GA 344 -60.00 -11.20 -41.49
N THR GA 345 -60.71 -10.40 -42.28
CA THR GA 345 -61.40 -9.20 -41.77
C THR GA 345 -62.82 -9.59 -41.41
N LEU GA 346 -63.14 -9.55 -40.11
CA LEU GA 346 -64.46 -9.98 -39.66
C LEU GA 346 -65.54 -9.00 -40.10
N GLY GA 347 -65.21 -7.71 -40.21
CA GLY GA 347 -66.18 -6.74 -40.64
C GLY GA 347 -65.70 -5.33 -40.33
N ARG GA 348 -66.63 -4.39 -40.38
CA ARG GA 348 -66.41 -3.02 -39.97
C ARG GA 348 -67.42 -2.63 -38.91
N VAL GA 349 -67.18 -1.46 -38.31
CA VAL GA 349 -68.05 -0.93 -37.27
C VAL GA 349 -68.89 0.17 -37.89
N ALA GA 350 -70.21 0.02 -37.82
CA ALA GA 350 -71.11 1.01 -38.38
C ALA GA 350 -71.07 2.31 -37.58
N LEU GA 351 -71.13 3.43 -38.29
CA LEU GA 351 -71.16 4.75 -37.68
C LEU GA 351 -72.38 5.51 -38.17
N VAL GA 352 -73.07 6.18 -37.26
CA VAL GA 352 -74.32 6.87 -37.55
C VAL GA 352 -74.17 8.33 -37.16
N ARG GA 353 -74.61 9.22 -38.05
CA ARG GA 353 -74.62 10.65 -37.80
C ARG GA 353 -75.97 11.21 -38.23
N VAL GA 354 -76.52 12.10 -37.41
CA VAL GA 354 -77.78 12.75 -37.75
C VAL GA 354 -77.51 14.22 -38.05
N PRO GA 355 -78.26 14.84 -38.96
CA PRO GA 355 -78.03 16.27 -39.24
C PRO GA 355 -78.25 17.16 -38.03
N ASN GA 356 -79.22 16.83 -37.18
CA ASN GA 356 -79.54 17.60 -35.98
C ASN GA 356 -79.41 16.67 -34.78
N GLU GA 357 -78.30 16.79 -34.06
CA GLU GA 357 -78.10 15.96 -32.87
C GLU GA 357 -78.93 16.44 -31.68
N GLN GA 358 -79.36 17.70 -31.69
CA GLN GA 358 -80.13 18.25 -30.57
C GLN GA 358 -81.56 17.73 -30.53
N GLY GA 359 -82.00 17.01 -31.56
CA GLY GA 359 -83.37 16.55 -31.63
C GLY GA 359 -83.56 15.10 -31.28
N LEU GA 360 -82.46 14.40 -31.03
CA LEU GA 360 -82.55 13.00 -30.64
C LEU GA 360 -83.29 12.87 -29.32
N ASP GA 361 -84.23 11.93 -29.26
CA ASP GA 361 -84.88 11.60 -28.00
C ASP GA 361 -83.99 10.68 -27.19
N LYS GA 362 -84.01 10.86 -25.87
CA LYS GA 362 -83.08 10.19 -24.98
C LYS GA 362 -83.73 8.95 -24.39
N LYS GA 363 -83.17 7.79 -24.69
CA LYS GA 363 -83.60 6.54 -24.07
C LYS GA 363 -82.73 6.28 -22.84
N GLY GA 364 -82.94 5.14 -22.20
CA GLY GA 364 -82.13 4.78 -21.06
C GLY GA 364 -80.75 4.29 -21.46
N GLY GA 365 -79.85 4.34 -20.49
CA GLY GA 365 -78.51 3.83 -20.69
C GLY GA 365 -77.68 4.57 -21.71
N THR GA 366 -77.73 5.90 -21.70
CA THR GA 366 -76.95 6.75 -22.59
C THR GA 366 -77.14 6.35 -24.05
N GLN GA 367 -78.40 6.17 -24.42
CA GLN GA 367 -78.76 5.76 -25.77
C GLN GA 367 -79.77 6.73 -26.35
N TRP GA 368 -79.62 7.03 -27.63
CA TRP GA 368 -80.49 7.95 -28.34
C TRP GA 368 -81.11 7.26 -29.54
N ASP GA 369 -82.26 7.77 -29.96
CA ASP GA 369 -82.97 7.28 -31.13
C ASP GA 369 -83.31 8.47 -32.02
N SER GA 370 -83.55 8.19 -33.30
CA SER GA 370 -83.84 9.23 -34.27
C SER GA 370 -85.33 9.55 -34.26
N THR GA 371 -85.67 10.82 -34.08
CA THR GA 371 -87.05 11.26 -34.11
C THR GA 371 -87.30 12.15 -35.31
N GLN GA 372 -88.51 12.73 -35.38
CA GLN GA 372 -88.87 13.59 -36.49
C GLN GA 372 -88.00 14.84 -36.54
N PHE GA 373 -87.79 15.47 -35.39
CA PHE GA 373 -86.99 16.70 -35.36
C PHE GA 373 -85.53 16.42 -35.69
N SER GA 374 -84.99 15.31 -35.20
CA SER GA 374 -83.59 14.97 -35.45
C SER GA 374 -83.35 14.74 -36.93
N GLY GA 375 -84.26 14.05 -37.62
CA GLY GA 375 -84.12 13.72 -39.02
C GLY GA 375 -84.08 12.21 -39.22
N ASP GA 376 -83.21 11.77 -40.12
CA ASP GA 376 -83.04 10.36 -40.42
C ASP GA 376 -81.58 9.98 -40.24
N LYS GA 377 -81.36 8.75 -39.81
CA LYS GA 377 -80.00 8.26 -39.56
C LYS GA 377 -79.23 8.19 -40.87
N ILE GA 378 -78.03 8.77 -40.89
CA ILE GA 378 -77.15 8.72 -42.04
C ILE GA 378 -76.02 7.75 -41.71
N TRP GA 379 -75.98 6.62 -42.41
CA TRP GA 379 -74.97 5.61 -42.16
C TRP GA 379 -73.69 5.94 -42.90
N GLY GA 380 -72.57 5.50 -42.34
CA GLY GA 380 -71.28 5.76 -42.96
C GLY GA 380 -70.20 4.96 -42.27
N GLU GA 381 -69.01 5.02 -42.85
CA GLU GA 381 -67.87 4.28 -42.33
C GLU GA 381 -67.10 5.15 -41.32
N SER GA 382 -65.92 4.70 -40.92
CA SER GA 382 -65.06 5.44 -40.01
C SER GA 382 -64.04 6.23 -40.81
N ASN GA 383 -63.84 7.49 -40.44
CA ASN GA 383 -62.90 8.39 -41.10
C ASN GA 383 -63.24 8.52 -42.59
N LYS GA 384 -64.53 8.76 -42.88
CA LYS GA 384 -64.99 8.97 -44.23
C LYS GA 384 -65.97 10.13 -44.25
N GLY GA 385 -65.75 11.07 -45.17
CA GLY GA 385 -66.63 12.22 -45.27
C GLY GA 385 -66.55 13.07 -44.01
N SER GA 386 -67.70 13.33 -43.40
CA SER GA 386 -67.79 14.15 -42.21
C SER GA 386 -67.65 13.36 -40.92
N PHE GA 387 -67.50 12.03 -41.02
CA PHE GA 387 -67.39 11.20 -39.83
C PHE GA 387 -66.01 11.33 -39.21
N GLY GA 388 -65.92 10.92 -37.95
CA GLY GA 388 -64.66 10.92 -37.21
C GLY GA 388 -63.97 9.57 -37.28
N THR GA 389 -63.04 9.37 -36.36
CA THR GA 389 -62.25 8.16 -36.29
C THR GA 389 -62.67 7.33 -35.08
N ILE GA 390 -62.24 6.07 -35.10
CA ILE GA 390 -62.52 5.12 -34.02
C ILE GA 390 -61.20 4.69 -33.43
N ASN GA 391 -61.06 4.86 -32.12
CA ASN GA 391 -59.85 4.48 -31.39
C ASN GA 391 -60.18 3.36 -30.42
N ASN GA 392 -59.38 2.31 -30.43
CA ASN GA 392 -59.53 1.20 -29.49
C ASN GA 392 -58.74 1.45 -28.23
N GLY GA 393 -59.21 0.87 -27.12
CA GLY GA 393 -58.55 1.04 -25.85
C GLY GA 393 -58.90 2.30 -25.09
N MET GA 394 -59.96 3.01 -25.50
CA MET GA 394 -60.36 4.24 -24.83
C MET GA 394 -61.86 4.21 -24.57
N LEU GA 395 -62.29 5.08 -23.66
CA LEU GA 395 -63.70 5.27 -23.36
C LEU GA 395 -63.97 6.75 -23.18
N GLU GA 396 -65.23 7.14 -23.39
CA GLU GA 396 -65.64 8.53 -23.29
C GLU GA 396 -66.22 8.80 -21.91
N GLN GA 397 -65.76 9.88 -21.28
CA GLN GA 397 -66.31 10.33 -20.01
C GLN GA 397 -67.42 11.35 -20.26
N SER GA 398 -68.05 11.81 -19.19
CA SER GA 398 -69.06 12.84 -19.32
C SER GA 398 -68.43 14.16 -19.74
N ASN GA 399 -69.12 14.89 -20.60
CA ASN GA 399 -68.62 16.15 -21.12
C ASN GA 399 -69.08 17.32 -20.23
N ILE GA 400 -68.77 17.19 -18.94
CA ILE GA 400 -69.18 18.18 -17.95
C ILE GA 400 -67.94 18.75 -17.28
N ASP GA 401 -68.10 19.93 -16.70
CA ASP GA 401 -67.06 20.57 -15.91
C ASP GA 401 -67.62 20.81 -14.51
N MET GA 402 -66.96 20.21 -13.51
CA MET GA 402 -67.48 20.26 -12.15
C MET GA 402 -67.55 21.70 -11.64
N THR GA 403 -66.55 22.51 -11.95
CA THR GA 403 -66.56 23.90 -11.51
C THR GA 403 -67.79 24.64 -12.02
N GLN GA 404 -68.07 24.51 -13.32
CA GLN GA 404 -69.22 25.19 -13.90
C GLN GA 404 -70.52 24.67 -13.29
N GLU GA 405 -70.62 23.35 -13.07
CA GLU GA 405 -71.84 22.80 -12.49
C GLU GA 405 -72.06 23.33 -11.08
N LEU GA 406 -71.01 23.38 -10.27
CA LEU GA 406 -71.16 23.89 -8.91
C LEU GA 406 -71.53 25.37 -8.89
N VAL GA 407 -70.90 26.15 -9.77
CA VAL GA 407 -71.23 27.58 -9.83
C VAL GA 407 -72.69 27.76 -10.25
N ASP GA 408 -73.14 27.00 -11.25
CA ASP GA 408 -74.53 27.08 -11.68
C ASP GA 408 -75.47 26.63 -10.56
N LEU GA 409 -75.04 25.64 -9.77
CA LEU GA 409 -75.85 25.22 -8.63
C LEU GA 409 -76.03 26.35 -7.64
N ILE GA 410 -74.95 27.06 -7.33
CA ILE GA 410 -75.02 28.19 -6.40
C ILE GA 410 -75.94 29.27 -6.95
N SER GA 411 -75.80 29.57 -8.24
CA SER GA 411 -76.63 30.61 -8.85
C SER GA 411 -78.10 30.22 -8.85
N ALA GA 412 -78.40 28.95 -9.14
CA ALA GA 412 -79.77 28.49 -9.12
C ALA GA 412 -80.37 28.56 -7.72
N GLN GA 413 -79.57 28.21 -6.71
CA GLN GA 413 -80.06 28.36 -5.33
C GLN GA 413 -80.36 29.81 -5.00
N ARG GA 414 -79.48 30.72 -5.43
CA ARG GA 414 -79.73 32.14 -5.17
C ARG GA 414 -81.01 32.61 -5.85
N ASN GA 415 -81.22 32.21 -7.11
CA ASN GA 415 -82.43 32.60 -7.83
C ASN GA 415 -83.67 32.03 -7.16
N PHE GA 416 -83.60 30.77 -6.72
CA PHE GA 416 -84.74 30.15 -6.03
C PHE GA 416 -85.05 30.89 -4.73
N GLN GA 417 -84.02 31.29 -3.98
CA GLN GA 417 -84.25 32.07 -2.76
C GLN GA 417 -84.91 33.40 -3.08
N ALA GA 418 -84.45 34.07 -4.15
CA ALA GA 418 -85.05 35.35 -4.53
C ALA GA 418 -86.53 35.17 -4.89
N ASN GA 419 -86.85 34.14 -5.66
CA ASN GA 419 -88.24 33.91 -6.05
C ASN GA 419 -89.10 33.57 -4.84
N SER GA 420 -88.57 32.78 -3.91
CA SER GA 420 -89.31 32.50 -2.68
C SER GA 420 -89.56 33.77 -1.89
N ARG GA 421 -88.57 34.67 -1.85
CA ARG GA 421 -88.78 35.96 -1.19
C ARG GA 421 -89.89 36.74 -1.85
N SER GA 422 -89.93 36.75 -3.18
CA SER GA 422 -91.00 37.47 -3.88
C SER GA 422 -92.36 36.87 -3.57
N LEU GA 423 -92.46 35.54 -3.55
CA LEU GA 423 -93.72 34.89 -3.22
C LEU GA 423 -94.15 35.22 -1.79
N GLU GA 424 -93.20 35.25 -0.87
CA GLU GA 424 -93.50 35.65 0.51
C GLU GA 424 -94.02 37.07 0.56
N VAL GA 425 -93.43 37.97 -0.24
CA VAL GA 425 -93.90 39.36 -0.27
C VAL GA 425 -95.33 39.41 -0.76
N HIS GA 426 -95.65 38.66 -1.82
CA HIS GA 426 -97.02 38.65 -2.33
C HIS GA 426 -97.99 38.16 -1.27
N ASN GA 427 -97.65 37.07 -0.59
CA ASN GA 427 -98.54 36.53 0.43
C ASN GA 427 -98.72 37.52 1.59
N GLN GA 428 -97.64 38.19 1.99
CA GLN GA 428 -97.75 39.17 3.07
C GLN GA 428 -98.65 40.33 2.66
N LEU GA 429 -98.54 40.79 1.41
CA LEU GA 429 -99.40 41.87 0.95
C LEU GA 429 -100.87 41.43 0.96
N GLN GA 430 -101.14 40.22 0.49
CA GLN GA 430 -102.52 39.75 0.49
C GLN GA 430 -103.07 39.63 1.92
N GLN GA 431 -102.26 39.11 2.84
CA GLN GA 431 -102.71 39.01 4.23
C GLN GA 431 -102.92 40.38 4.85
N ASN GA 432 -102.08 41.35 4.49
CA ASN GA 432 -102.28 42.70 4.99
C ASN GA 432 -103.59 43.29 4.48
N ILE GA 433 -103.94 42.99 3.23
CA ILE GA 433 -105.25 43.39 2.72
C ILE GA 433 -106.36 42.69 3.51
N LEU GA 434 -106.15 41.42 3.89
CA LEU GA 434 -107.17 40.67 4.59
C LEU GA 434 -107.54 41.28 5.93
N GLN GA 435 -106.56 41.83 6.64
CA GLN GA 435 -106.78 42.34 8.01
C GLN GA 435 -107.25 43.79 7.99
N ILE GA 436 -108.38 44.00 7.32
CA ILE GA 436 -108.95 45.34 7.23
C ILE GA 436 -110.45 45.30 7.55
N SER HA 2 -107.11 17.00 8.48
CA SER HA 2 -106.02 17.02 9.44
C SER HA 2 -105.55 15.61 9.76
N TYR HA 3 -106.47 14.65 9.75
CA TYR HA 3 -106.12 13.27 10.04
C TYR HA 3 -105.16 12.71 9.00
N VAL HA 4 -105.25 13.19 7.76
CA VAL HA 4 -104.26 12.79 6.75
C VAL HA 4 -102.87 13.29 7.15
N SER HA 5 -102.78 14.52 7.63
CA SER HA 5 -101.50 15.04 8.11
C SER HA 5 -101.01 14.25 9.31
N LEU HA 6 -101.92 13.85 10.19
CA LEU HA 6 -101.52 13.04 11.34
C LEU HA 6 -100.98 11.68 10.90
N SER HA 7 -101.62 11.07 9.89
CA SER HA 7 -101.11 9.82 9.35
C SER HA 7 -99.73 10.00 8.74
N GLY HA 8 -99.53 11.11 8.03
CA GLY HA 8 -98.21 11.40 7.48
C GLY HA 8 -97.16 11.56 8.58
N LEU HA 9 -97.52 12.27 9.65
CA LEU HA 9 -96.61 12.41 10.79
C LEU HA 9 -96.28 11.06 11.40
N SER HA 10 -97.29 10.20 11.56
CA SER HA 10 -97.05 8.88 12.14
C SER HA 10 -96.13 8.04 11.26
N ALA HA 11 -96.36 8.08 9.94
CA ALA HA 11 -95.50 7.32 9.03
C ALA HA 11 -94.08 7.84 9.05
N ALA HA 12 -93.90 9.16 9.05
CA ALA HA 12 -92.57 9.74 9.11
C ALA HA 12 -91.86 9.37 10.40
N GLN HA 13 -92.57 9.41 11.53
CA GLN HA 13 -91.96 9.04 12.79
C GLN HA 13 -91.63 7.56 12.85
N LEU HA 14 -92.46 6.71 12.25
CA LEU HA 14 -92.14 5.29 12.19
C LEU HA 14 -90.87 5.05 11.38
N ASP HA 15 -90.74 5.72 10.23
CA ASP HA 15 -89.52 5.57 9.45
C ASP HA 15 -88.32 6.09 10.21
N LEU HA 16 -88.49 7.20 10.93
CA LEU HA 16 -87.41 7.75 11.75
C LEU HA 16 -86.97 6.75 12.81
N ASN HA 17 -87.94 6.10 13.48
CA ASN HA 17 -87.61 5.12 14.49
C ASN HA 17 -86.91 3.91 13.90
N THR HA 18 -87.36 3.46 12.72
CA THR HA 18 -86.72 2.34 12.07
C THR HA 18 -85.27 2.66 11.73
N THR HA 19 -85.02 3.86 11.19
CA THR HA 19 -83.66 4.26 10.87
C THR HA 19 -82.81 4.39 12.12
N SER HA 20 -83.40 4.93 13.19
CA SER HA 20 -82.67 5.06 14.45
C SER HA 20 -82.28 3.69 15.00
N ASN HA 21 -83.19 2.72 14.93
CA ASN HA 21 -82.86 1.37 15.37
C ASN HA 21 -81.75 0.76 14.52
N ASN HA 22 -81.83 0.96 13.20
CA ASN HA 22 -80.78 0.45 12.31
C ASN HA 22 -79.43 1.06 12.66
N ILE HA 23 -79.40 2.37 12.93
CA ILE HA 23 -78.14 3.02 13.28
C ILE HA 23 -77.64 2.51 14.63
N ALA HA 24 -78.54 2.35 15.60
CA ALA HA 24 -78.14 1.90 16.93
C ALA HA 24 -77.54 0.50 16.88
N ASN HA 25 -78.12 -0.38 16.07
CA ASN HA 25 -77.64 -1.76 15.98
C ASN HA 25 -76.49 -1.92 14.97
N ALA HA 26 -75.73 -0.86 14.70
CA ALA HA 26 -74.64 -0.94 13.73
C ALA HA 26 -73.54 -1.88 14.17
N ASN HA 27 -73.36 -2.10 15.47
CA ASN HA 27 -72.28 -2.95 15.98
C ASN HA 27 -72.75 -4.31 16.45
N THR HA 28 -74.07 -4.54 16.50
CA THR HA 28 -74.58 -5.84 16.91
C THR HA 28 -74.19 -6.92 15.90
N TYR HA 29 -73.80 -8.08 16.42
CA TYR HA 29 -73.35 -9.19 15.57
C TYR HA 29 -74.54 -9.90 14.98
N GLY HA 30 -74.54 -10.09 13.66
CA GLY HA 30 -75.58 -10.83 12.99
C GLY HA 30 -76.88 -10.11 12.79
N PHE HA 31 -76.96 -8.83 13.15
CA PHE HA 31 -78.19 -8.07 12.99
C PHE HA 31 -78.53 -7.89 11.52
N LYS HA 32 -79.83 -7.90 11.23
CA LYS HA 32 -80.34 -7.66 9.88
C LYS HA 32 -81.20 -6.41 9.90
N GLU HA 33 -80.95 -5.50 8.97
CA GLU HA 33 -81.61 -4.21 8.98
C GLU HA 33 -83.10 -4.36 8.70
N SER HA 34 -83.84 -3.27 8.93
CA SER HA 34 -85.28 -3.24 8.72
C SER HA 34 -85.61 -2.08 7.78
N ARG HA 35 -86.64 -2.30 6.96
CA ARG HA 35 -87.13 -1.29 6.03
C ARG HA 35 -88.61 -1.09 6.27
N ALA HA 36 -89.03 0.17 6.39
CA ALA HA 36 -90.41 0.50 6.67
C ALA HA 36 -91.14 0.78 5.37
N GLU HA 37 -92.22 0.04 5.13
CA GLU HA 37 -93.00 0.16 3.90
C GLU HA 37 -94.42 0.57 4.25
N PHE HA 38 -94.96 1.52 3.50
CA PHE HA 38 -96.27 2.09 3.76
C PHE HA 38 -97.19 1.87 2.56
N ALA HA 39 -98.45 2.24 2.73
CA ALA HA 39 -99.45 2.05 1.68
C ALA HA 39 -100.47 3.18 1.74
N ASP HA 40 -101.13 3.39 0.61
CA ASP HA 40 -102.15 4.43 0.51
C ASP HA 40 -103.44 3.97 1.19
N VAL HA 41 -104.28 4.95 1.53
CA VAL HA 41 -105.57 4.71 2.17
C VAL HA 41 -106.66 5.34 1.32
N TYR HA 42 -107.73 4.59 1.08
CA TYR HA 42 -108.86 5.10 0.33
C TYR HA 42 -110.13 4.39 0.78
N SER HA 43 -111.23 5.13 0.81
CA SER HA 43 -112.51 4.59 1.26
C SER HA 43 -113.10 3.66 0.20
N ASN HA 44 -114.02 2.81 0.64
CA ASN HA 44 -114.70 1.85 -0.21
C ASN HA 44 -116.20 1.85 0.06
N SER HA 45 -116.77 3.05 0.20
CA SER HA 45 -118.19 3.17 0.45
C SER HA 45 -118.99 2.68 -0.76
N LEU HA 46 -120.21 2.22 -0.49
CA LEU HA 46 -121.09 1.76 -1.58
C LEU HA 46 -121.41 2.90 -2.53
N PHE HA 47 -121.71 4.08 -1.98
CA PHE HA 47 -121.98 5.27 -2.79
C PHE HA 47 -120.83 6.25 -2.60
N THR HA 48 -119.79 6.08 -3.43
CA THR HA 48 -118.61 6.92 -3.40
C THR HA 48 -118.57 7.79 -4.64
N ASN HA 49 -118.35 9.09 -4.46
CA ASN HA 49 -118.21 9.98 -5.60
C ASN HA 49 -116.97 9.69 -6.41
N ALA HA 50 -115.95 9.07 -5.78
CA ALA HA 50 -114.71 8.65 -6.44
C ALA HA 50 -113.96 9.84 -7.03
N LYS HA 51 -114.52 10.48 -8.04
CA LYS HA 51 -113.86 11.64 -8.64
C LYS HA 51 -113.82 12.81 -7.68
N THR HA 52 -114.82 12.92 -6.80
CA THR HA 52 -114.93 14.04 -5.86
C THR HA 52 -114.50 13.64 -4.45
N THR HA 53 -113.83 12.50 -4.29
CA THR HA 53 -113.39 12.03 -2.98
C THR HA 53 -111.87 12.08 -2.89
N PRO HA 54 -111.31 12.84 -1.95
CA PRO HA 54 -109.85 12.89 -1.82
C PRO HA 54 -109.28 11.63 -1.18
N GLY HA 55 -107.97 11.64 -0.91
CA GLY HA 55 -107.33 10.50 -0.31
C GLY HA 55 -107.70 10.34 1.15
N GLY HA 56 -107.15 9.27 1.75
CA GLY HA 56 -107.41 8.98 3.14
C GLY HA 56 -106.15 8.93 3.98
N GLY HA 57 -105.05 9.44 3.44
CA GLY HA 57 -103.80 9.49 4.18
C GLY HA 57 -102.84 8.39 3.79
N ALA HA 58 -101.96 8.01 4.72
CA ALA HA 58 -100.97 6.97 4.50
C ALA HA 58 -100.95 6.04 5.70
N GLN HA 59 -100.90 4.73 5.43
CA GLN HA 59 -100.92 3.71 6.46
C GLN HA 59 -99.68 2.84 6.35
N ALA HA 60 -99.08 2.50 7.50
CA ALA HA 60 -97.94 1.61 7.51
C ALA HA 60 -98.36 0.22 7.08
N SER HA 61 -97.61 -0.37 6.15
CA SER HA 61 -97.91 -1.71 5.66
C SER HA 61 -97.15 -2.78 6.44
N GLN HA 62 -95.83 -2.69 6.47
CA GLN HA 62 -95.01 -3.65 7.19
C GLN HA 62 -93.63 -3.06 7.41
N VAL HA 63 -92.93 -3.61 8.40
CA VAL HA 63 -91.52 -3.32 8.62
C VAL HA 63 -90.73 -4.50 8.07
N ALA HA 64 -89.97 -4.27 7.01
CA ALA HA 64 -89.27 -5.35 6.35
C ALA HA 64 -88.11 -5.84 7.22
N GLN HA 65 -87.54 -6.97 6.82
CA GLN HA 65 -86.43 -7.61 7.51
C GLN HA 65 -85.37 -8.03 6.51
N GLN HA 66 -84.96 -7.09 5.66
CA GLN HA 66 -83.98 -7.34 4.59
C GLN HA 66 -82.86 -8.25 5.07
N PHE HA 67 -82.72 -9.38 4.41
CA PHE HA 67 -81.81 -10.45 4.82
C PHE HA 67 -80.61 -10.57 3.90
N HIS HA 68 -80.18 -9.45 3.32
CA HIS HA 68 -78.99 -9.49 2.47
C HIS HA 68 -77.76 -9.71 3.32
N GLU HA 69 -76.81 -10.46 2.77
CA GLU HA 69 -75.61 -10.82 3.52
C GLU HA 69 -74.83 -9.58 3.95
N GLY HA 70 -74.43 -9.56 5.22
CA GLY HA 70 -73.61 -8.48 5.73
C GLY HA 70 -72.13 -8.80 5.63
N SER HA 71 -71.31 -7.80 5.94
CA SER HA 71 -69.88 -7.97 5.89
C SER HA 71 -69.39 -8.85 7.04
N SER HA 72 -68.16 -9.33 6.92
CA SER HA 72 -67.58 -10.26 7.88
C SER HA 72 -66.32 -9.65 8.49
N ILE HA 73 -66.15 -9.85 9.79
CA ILE HA 73 -64.94 -9.43 10.48
C ILE HA 73 -64.15 -10.66 10.88
N TYR HA 74 -62.84 -10.51 10.95
CA TYR HA 74 -61.94 -11.60 11.27
C TYR HA 74 -61.35 -11.38 12.66
N THR HA 75 -61.60 -12.32 13.56
CA THR HA 75 -61.10 -12.23 14.92
C THR HA 75 -60.04 -13.27 15.23
N ASN HA 76 -59.77 -14.20 14.31
CA ASN HA 76 -58.82 -15.29 14.51
C ASN HA 76 -59.17 -16.14 15.74
N ASN HA 77 -60.46 -16.18 16.08
CA ASN HA 77 -60.94 -17.00 17.18
C ASN HA 77 -61.79 -18.13 16.60
N PRO HA 78 -61.28 -19.37 16.57
CA PRO HA 78 -62.01 -20.42 15.85
C PRO HA 78 -63.37 -20.75 16.44
N MET HA 79 -63.64 -20.35 17.68
CA MET HA 79 -64.96 -20.51 18.25
C MET HA 79 -65.99 -19.54 17.65
N ASP HA 80 -65.54 -18.56 16.87
CA ASP HA 80 -66.44 -17.67 16.17
C ASP HA 80 -66.78 -18.27 14.81
N LEU HA 81 -68.07 -18.45 14.54
CA LEU HA 81 -68.53 -19.09 13.32
C LEU HA 81 -69.45 -18.15 12.55
N ARG HA 82 -69.35 -18.22 11.23
CA ARG HA 82 -70.17 -17.40 10.35
C ARG HA 82 -70.75 -18.28 9.25
N VAL HA 83 -72.04 -18.09 8.96
CA VAL HA 83 -72.74 -18.83 7.93
C VAL HA 83 -72.70 -18.00 6.65
N SER HA 84 -71.89 -18.43 5.69
CA SER HA 84 -71.78 -17.75 4.40
C SER HA 84 -72.83 -18.31 3.45
N GLY HA 85 -73.78 -17.47 3.05
CA GLY HA 85 -74.83 -17.92 2.15
C GLY HA 85 -76.20 -17.92 2.80
N THR HA 86 -76.96 -18.99 2.60
CA THR HA 86 -78.31 -19.11 3.17
C THR HA 86 -78.30 -20.15 4.27
N GLY HA 87 -78.82 -19.79 5.42
CA GLY HA 87 -78.89 -20.70 6.56
C GLY HA 87 -78.74 -19.94 7.87
N PHE HA 88 -79.26 -20.55 8.93
CA PHE HA 88 -79.20 -19.97 10.27
C PHE HA 88 -78.68 -21.02 11.26
N PHE HA 89 -78.02 -20.53 12.30
CA PHE HA 89 -77.67 -21.39 13.42
C PHE HA 89 -78.92 -21.70 14.25
N ALA HA 90 -78.95 -22.90 14.84
CA ALA HA 90 -80.05 -23.33 15.69
C ALA HA 90 -79.57 -23.44 17.12
N VAL HA 91 -80.23 -22.73 18.03
CA VAL HA 91 -79.85 -22.70 19.44
C VAL HA 91 -81.06 -23.02 20.29
N ALA HA 92 -80.84 -23.77 21.36
CA ALA HA 92 -81.90 -24.20 22.26
C ALA HA 92 -81.76 -23.54 23.62
N LYS HA 93 -82.90 -23.17 24.22
CA LYS HA 93 -82.87 -22.51 25.52
C LYS HA 93 -82.32 -23.44 26.60
N GLU HA 94 -82.77 -24.69 26.60
CA GLU HA 94 -82.37 -25.67 27.61
C GLU HA 94 -81.76 -26.89 26.93
N ARG HA 95 -80.80 -27.51 27.62
CA ARG HA 95 -80.13 -28.67 27.06
C ARG HA 95 -81.09 -29.85 26.87
N LEU HA 96 -81.99 -30.05 27.83
CA LEU HA 96 -82.87 -31.21 27.83
C LEU HA 96 -84.10 -31.03 26.96
N THR HA 97 -84.29 -29.87 26.33
CA THR HA 97 -85.42 -29.60 25.45
C THR HA 97 -84.92 -29.03 24.13
N PRO HA 98 -84.27 -29.87 23.30
CA PRO HA 98 -83.81 -29.36 22.00
C PRO HA 98 -84.95 -28.95 21.07
N GLN HA 99 -86.18 -29.43 21.32
CA GLN HA 99 -87.30 -29.04 20.48
C GLN HA 99 -87.56 -27.54 20.56
N GLN HA 100 -87.46 -26.96 21.75
CA GLN HA 100 -87.64 -25.52 21.93
C GLN HA 100 -86.35 -24.83 21.48
N ASN HA 101 -86.37 -24.28 20.27
CA ASN HA 101 -85.17 -23.67 19.71
C ASN HA 101 -85.53 -22.39 18.95
N GLU HA 102 -84.52 -21.56 18.74
CA GLU HA 102 -84.65 -20.33 17.98
C GLU HA 102 -83.48 -20.21 17.02
N LEU HA 103 -83.68 -19.43 15.96
CA LEU HA 103 -82.68 -19.26 14.92
C LEU HA 103 -81.86 -18.00 15.18
N THR HA 104 -80.58 -18.05 14.85
CA THR HA 104 -79.69 -16.91 15.06
C THR HA 104 -78.62 -16.91 13.99
N ARG HA 105 -77.85 -15.82 13.95
CA ARG HA 105 -76.78 -15.65 12.97
C ARG HA 105 -75.41 -15.36 13.56
N ASN HA 106 -75.34 -14.80 14.77
CA ASN HA 106 -74.05 -14.51 15.38
C ASN HA 106 -73.37 -15.82 15.80
N GLY HA 107 -72.05 -15.78 15.85
CA GLY HA 107 -71.28 -16.97 16.15
C GLY HA 107 -70.39 -16.87 17.37
N ALA HA 108 -70.77 -16.05 18.33
CA ALA HA 108 -70.00 -15.90 19.56
C ALA HA 108 -70.24 -17.12 20.43
N PHE HA 109 -69.47 -18.18 20.20
CA PHE HA 109 -69.62 -19.43 20.91
C PHE HA 109 -68.45 -19.66 21.87
N HIS HA 110 -68.75 -20.33 22.97
CA HIS HA 110 -67.74 -20.71 23.94
C HIS HA 110 -68.25 -21.91 24.72
N LEU HA 111 -67.30 -22.71 25.23
CA LEU HA 111 -67.64 -23.89 26.01
C LEU HA 111 -68.09 -23.46 27.40
N ASN HA 112 -69.21 -24.00 27.86
CA ASN HA 112 -69.69 -23.73 29.21
C ASN HA 112 -68.95 -24.65 30.17
N LYS HA 113 -69.37 -24.65 31.44
CA LYS HA 113 -68.69 -25.48 32.43
C LYS HA 113 -68.86 -26.97 32.14
N GLU HA 114 -69.84 -27.35 31.33
CA GLU HA 114 -70.09 -28.74 30.97
C GLU HA 114 -69.52 -29.10 29.60
N ASN HA 115 -68.68 -28.24 29.03
CA ASN HA 115 -68.06 -28.48 27.73
C ASN HA 115 -69.09 -28.57 26.61
N TYR HA 116 -70.12 -27.73 26.68
CA TYR HA 116 -71.09 -27.57 25.60
C TYR HA 116 -70.94 -26.20 24.97
N MET HA 117 -71.05 -26.14 23.64
CA MET HA 117 -70.96 -24.88 22.93
C MET HA 117 -72.24 -24.09 23.11
N VAL HA 118 -72.13 -22.89 23.68
CA VAL HA 118 -73.27 -22.05 23.98
C VAL HA 118 -73.00 -20.63 23.48
N THR HA 119 -74.07 -19.85 23.38
CA THR HA 119 -73.99 -18.47 22.94
C THR HA 119 -73.68 -17.57 24.13
N ALA HA 120 -73.80 -16.26 23.95
CA ALA HA 120 -73.54 -15.32 25.04
C ALA HA 120 -74.51 -15.52 26.19
N ASN HA 121 -75.78 -15.78 25.89
CA ASN HA 121 -76.79 -16.00 26.91
C ASN HA 121 -76.85 -17.45 27.39
N ASP HA 122 -75.76 -18.21 27.22
CA ASP HA 122 -75.68 -19.59 27.67
C ASP HA 122 -76.80 -20.45 27.07
N GLU HA 123 -77.03 -20.26 25.78
CA GLU HA 123 -78.00 -21.05 25.05
C GLU HA 123 -77.28 -22.10 24.22
N PHE HA 124 -77.67 -23.35 24.41
CA PHE HA 124 -76.94 -24.47 23.80
C PHE HA 124 -77.11 -24.45 22.28
N LEU HA 125 -76.04 -24.82 21.58
CA LEU HA 125 -76.03 -24.88 20.12
C LEU HA 125 -76.43 -26.28 19.67
N LEU HA 126 -77.39 -26.34 18.74
CA LEU HA 126 -77.92 -27.61 18.27
C LEU HA 126 -77.07 -28.17 17.14
N GLY HA 127 -76.78 -29.47 17.21
CA GLY HA 127 -75.99 -30.12 16.19
C GLY HA 127 -76.42 -31.57 16.01
N TYR HA 128 -75.89 -32.18 14.96
CA TYR HA 128 -76.22 -33.55 14.61
C TYR HA 128 -75.23 -34.52 15.27
N GLN HA 129 -75.41 -35.81 15.01
CA GLN HA 129 -74.51 -36.84 15.49
C GLN HA 129 -74.12 -37.72 14.30
N VAL HA 130 -72.84 -37.69 13.95
CA VAL HA 130 -72.36 -38.40 12.78
C VAL HA 130 -71.90 -39.80 13.18
N ASP HA 131 -71.79 -40.68 12.18
CA ASP HA 131 -71.31 -42.04 12.38
C ASP HA 131 -69.80 -42.04 12.66
N PRO HA 132 -69.31 -43.03 13.39
CA PRO HA 132 -67.86 -43.08 13.66
C PRO HA 132 -67.01 -43.12 12.38
N SER HA 133 -67.40 -43.95 11.41
CA SER HA 133 -66.66 -44.08 10.16
C SER HA 133 -67.37 -43.39 9.00
N SER HA 134 -68.67 -43.60 8.85
CA SER HA 134 -69.41 -42.96 7.76
C SER HA 134 -69.52 -41.46 8.00
N GLY HA 135 -69.16 -40.68 6.99
CA GLY HA 135 -69.25 -39.23 7.11
C GLY HA 135 -70.67 -38.72 7.23
N GLU HA 136 -71.62 -39.41 6.60
CA GLU HA 136 -73.01 -38.98 6.64
C GLU HA 136 -73.57 -39.07 8.06
N VAL HA 137 -74.41 -38.11 8.41
CA VAL HA 137 -75.08 -38.10 9.70
C VAL HA 137 -76.21 -39.13 9.68
N SER HA 138 -76.31 -39.93 10.74
CA SER HA 138 -77.34 -40.96 10.80
C SER HA 138 -78.70 -40.35 11.17
N SER HA 139 -78.80 -39.77 12.36
CA SER HA 139 -80.06 -39.23 12.84
C SER HA 139 -80.07 -37.71 12.69
N TYR HA 140 -81.17 -37.18 12.15
CA TYR HA 140 -81.30 -35.77 11.84
C TYR HA 140 -81.90 -34.97 12.98
N GLU HA 141 -82.16 -35.60 14.13
CA GLU HA 141 -82.66 -34.82 15.25
C GLU HA 141 -81.57 -33.92 15.82
N PRO HA 142 -81.91 -32.70 16.20
CA PRO HA 142 -80.92 -31.81 16.78
C PRO HA 142 -80.67 -32.12 18.25
N GLN HA 143 -79.40 -32.11 18.63
CA GLN HA 143 -78.99 -32.35 20.00
C GLN HA 143 -77.85 -31.40 20.35
N PRO HA 144 -77.71 -31.04 21.62
CA PRO HA 144 -76.60 -30.17 22.02
C PRO HA 144 -75.25 -30.79 21.71
N ILE HA 145 -74.30 -29.95 21.31
CA ILE HA 145 -72.97 -30.41 20.93
C ILE HA 145 -72.07 -30.41 22.16
N ASN HA 146 -71.43 -31.55 22.41
CA ASN HA 146 -70.52 -31.70 23.54
C ASN HA 146 -69.11 -31.97 23.01
N ILE HA 147 -68.12 -31.41 23.68
CA ILE HA 147 -66.72 -31.62 23.34
C ILE HA 147 -66.00 -32.19 24.55
N PRO HA 148 -66.00 -33.51 24.74
CA PRO HA 148 -65.34 -34.08 25.92
C PRO HA 148 -63.84 -33.78 25.92
N ALA HA 149 -63.30 -33.62 27.12
CA ALA HA 149 -61.88 -33.33 27.29
C ALA HA 149 -61.03 -34.60 27.42
N GLU HA 150 -61.66 -35.77 27.41
CA GLU HA 150 -60.95 -37.03 27.53
C GLU HA 150 -61.50 -38.04 26.54
N PHE HA 151 -60.61 -38.87 26.00
CA PHE HA 151 -61.01 -40.02 25.20
C PHE HA 151 -61.19 -41.23 26.13
N GLY HA 152 -62.20 -41.13 26.99
CA GLY HA 152 -62.39 -42.09 28.05
C GLY HA 152 -63.06 -43.39 27.63
N LYS HA 153 -62.44 -44.10 26.69
CA LYS HA 153 -62.93 -45.41 26.29
C LYS HA 153 -61.82 -46.17 25.58
N PRO HA 154 -60.97 -46.90 26.31
CA PRO HA 154 -59.92 -47.69 25.66
C PRO HA 154 -60.49 -48.69 24.68
N LYS HA 155 -60.18 -48.52 23.40
CA LYS HA 155 -60.75 -49.34 22.33
C LYS HA 155 -59.83 -50.50 22.04
N GLN HA 156 -60.34 -51.72 22.17
CA GLN HA 156 -59.55 -52.91 21.88
C GLN HA 156 -59.29 -53.03 20.39
N THR HA 157 -58.16 -53.66 20.06
CA THR HA 157 -57.80 -53.91 18.67
C THR HA 157 -58.65 -55.05 18.14
N ALA HA 158 -59.33 -54.81 17.01
CA ALA HA 158 -60.20 -55.82 16.43
C ALA HA 158 -59.86 -56.09 14.97
N ASN HA 159 -59.48 -55.05 14.23
CA ASN HA 159 -59.12 -55.18 12.83
C ASN HA 159 -57.71 -54.63 12.62
N ILE HA 160 -56.85 -55.40 11.97
CA ILE HA 160 -55.50 -54.98 11.64
C ILE HA 160 -55.31 -55.15 10.14
N GLU HA 161 -54.96 -54.06 9.47
CA GLU HA 161 -54.68 -54.07 8.04
C GLU HA 161 -53.17 -54.00 7.85
N VAL HA 162 -52.61 -54.99 7.15
CA VAL HA 162 -51.18 -55.07 6.92
C VAL HA 162 -50.95 -55.23 5.42
N GLY HA 163 -50.11 -54.36 4.86
CA GLY HA 163 -49.72 -54.47 3.47
C GLY HA 163 -48.21 -54.59 3.31
N VAL HA 164 -47.73 -55.74 2.82
CA VAL HA 164 -46.31 -56.00 2.73
C VAL HA 164 -45.97 -56.49 1.32
N ASN HA 165 -44.69 -56.39 0.99
CA ASN HA 165 -44.14 -56.96 -0.24
C ASN HA 165 -43.20 -58.10 0.12
N LEU HA 166 -43.43 -59.25 -0.49
CA LEU HA 166 -42.58 -60.36 -0.05
C LEU HA 166 -41.48 -60.63 -1.06
N PRO HA 167 -40.28 -60.98 -0.59
CA PRO HA 167 -39.17 -61.23 -1.51
C PRO HA 167 -39.40 -62.52 -2.30
N ALA HA 168 -39.55 -62.37 -3.62
CA ALA HA 168 -39.75 -63.53 -4.48
C ALA HA 168 -38.49 -64.37 -4.61
N ASN HA 169 -37.32 -63.77 -4.42
CA ASN HA 169 -36.04 -64.48 -4.51
C ASN HA 169 -35.58 -65.02 -3.17
N GLY HA 170 -36.40 -64.93 -2.13
CA GLY HA 170 -36.01 -65.43 -0.83
C GLY HA 170 -35.85 -66.94 -0.82
N ASP HA 171 -35.01 -67.43 0.09
CA ASP HA 171 -34.74 -68.85 0.17
C ASP HA 171 -35.95 -69.60 0.71
N LEU HA 172 -36.19 -70.80 0.17
CA LEU HA 172 -37.31 -71.61 0.60
C LEU HA 172 -37.04 -72.21 1.98
N LYS HA 173 -38.12 -72.48 2.70
CA LYS HA 173 -38.06 -73.06 4.03
C LYS HA 173 -39.02 -74.23 4.13
N ASP HA 174 -38.81 -75.06 5.15
CA ASP HA 174 -39.65 -76.24 5.34
C ASP HA 174 -40.86 -75.87 6.18
N PRO HA 175 -42.09 -76.03 5.66
CA PRO HA 175 -43.27 -75.71 6.47
C PRO HA 175 -43.38 -76.53 7.75
N THR HA 176 -42.94 -77.79 7.70
CA THR HA 176 -43.03 -78.65 8.88
C THR HA 176 -42.00 -78.31 9.94
N GLN HA 177 -40.91 -77.65 9.57
CA GLN HA 177 -39.84 -77.31 10.50
C GLN HA 177 -39.96 -75.89 11.04
N PHE HA 178 -41.15 -75.28 10.94
CA PHE HA 178 -41.33 -73.93 11.43
C PHE HA 178 -41.24 -73.89 12.95
N ASP HA 179 -40.53 -72.90 13.48
CA ASP HA 179 -40.43 -72.71 14.93
C ASP HA 179 -40.06 -71.25 15.17
N PHE HA 180 -40.92 -70.53 15.90
CA PHE HA 180 -40.67 -69.12 16.16
C PHE HA 180 -39.46 -68.90 17.06
N SER HA 181 -39.04 -69.91 17.81
CA SER HA 181 -37.86 -69.78 18.66
C SER HA 181 -36.56 -69.83 17.86
N ASP HA 182 -36.59 -70.38 16.66
CA ASP HA 182 -35.39 -70.48 15.83
C ASP HA 182 -35.54 -69.55 14.63
N PRO HA 183 -34.72 -68.50 14.52
CA PRO HA 183 -34.86 -67.57 13.38
C PRO HA 183 -34.67 -68.23 12.03
N ASP HA 184 -33.78 -69.22 11.93
CA ASP HA 184 -33.45 -69.80 10.64
C ASP HA 184 -34.58 -70.64 10.05
N THR HA 185 -35.59 -71.00 10.84
CA THR HA 185 -36.68 -71.82 10.31
C THR HA 185 -37.57 -71.03 9.35
N TYR HA 186 -37.79 -69.75 9.62
CA TYR HA 186 -38.66 -68.91 8.81
C TYR HA 186 -37.80 -67.89 8.04
N ASN HA 187 -38.48 -67.00 7.32
CA ASN HA 187 -37.82 -65.99 6.50
C ASN HA 187 -37.72 -64.65 7.19
N ARG HA 188 -38.86 -64.06 7.57
CA ARG HA 188 -38.89 -62.72 8.12
C ARG HA 188 -39.82 -62.68 9.33
N SER HA 189 -39.55 -61.71 10.21
CA SER HA 189 -40.33 -61.52 11.42
C SER HA 189 -40.54 -60.02 11.64
N THR HA 190 -41.79 -59.64 11.94
CA THR HA 190 -42.14 -58.26 12.19
C THR HA 190 -42.83 -58.14 13.55
N SER HA 191 -42.66 -56.98 14.18
CA SER HA 191 -43.21 -56.72 15.51
C SER HA 191 -44.11 -55.49 15.47
N SER HA 192 -45.15 -55.52 16.30
CA SER HA 192 -46.10 -54.41 16.38
C SER HA 192 -46.77 -54.44 17.74
N THR HA 193 -47.52 -53.39 18.03
CA THR HA 193 -48.20 -53.23 19.31
C THR HA 193 -49.70 -53.29 19.12
N ILE HA 194 -50.38 -54.02 20.01
CA ILE HA 194 -51.83 -54.13 20.01
C ILE HA 194 -52.33 -53.79 21.41
N TYR HA 195 -53.61 -53.41 21.48
CA TYR HA 195 -54.22 -52.97 22.73
C TYR HA 195 -55.45 -53.81 23.03
N ASP HA 196 -55.60 -54.15 24.30
CA ASP HA 196 -56.74 -54.94 24.76
C ASP HA 196 -57.87 -54.01 25.19
N SER HA 197 -58.88 -54.56 25.88
CA SER HA 197 -60.01 -53.75 26.32
C SER HA 197 -59.58 -52.71 27.35
N MET HA 198 -58.65 -53.05 28.23
CA MET HA 198 -58.21 -52.15 29.29
C MET HA 198 -57.09 -51.21 28.84
N GLY HA 199 -56.66 -51.31 27.58
CA GLY HA 199 -55.62 -50.44 27.08
C GLY HA 199 -54.19 -50.92 27.31
N GLN HA 200 -54.02 -52.13 27.82
CA GLN HA 200 -52.67 -52.68 27.99
C GLN HA 200 -52.02 -52.90 26.63
N SER HA 201 -50.73 -52.58 26.55
CA SER HA 201 -49.98 -52.75 25.31
C SER HA 201 -49.40 -54.16 25.25
N TYR HA 202 -49.67 -54.86 24.15
CA TYR HA 202 -49.13 -56.19 23.92
C TYR HA 202 -48.33 -56.19 22.63
N LYS HA 203 -47.25 -56.99 22.62
CA LYS HA 203 -46.35 -57.06 21.48
C LYS HA 203 -46.78 -58.21 20.58
N LEU HA 204 -47.15 -57.89 19.35
CA LEU HA 204 -47.58 -58.87 18.37
C LEU HA 204 -46.48 -59.07 17.34
N THR HA 205 -46.00 -60.30 17.21
CA THR HA 205 -44.95 -60.65 16.28
C THR HA 205 -45.51 -61.58 15.22
N THR HA 206 -45.31 -61.20 13.95
CA THR HA 206 -45.78 -61.98 12.81
C THR HA 206 -44.58 -62.60 12.10
N TYR HA 207 -44.67 -63.90 11.83
CA TYR HA 207 -43.59 -64.64 11.17
C TYR HA 207 -44.03 -65.03 9.76
N TYR HA 208 -43.19 -64.73 8.78
CA TYR HA 208 -43.46 -65.05 7.39
C TYR HA 208 -42.50 -66.13 6.91
N LEU HA 209 -43.05 -67.19 6.33
CA LEU HA 209 -42.28 -68.33 5.85
C LEU HA 209 -42.59 -68.58 4.38
N LYS HA 210 -41.55 -68.83 3.60
CA LYS HA 210 -41.70 -69.11 2.18
C LYS HA 210 -41.81 -70.61 1.96
N ASP HA 211 -42.91 -71.04 1.35
CA ASP HA 211 -43.16 -72.47 1.18
C ASP HA 211 -42.19 -73.05 0.15
N GLN HA 212 -41.68 -74.25 0.45
CA GLN HA 212 -40.77 -74.95 -0.43
C GLN HA 212 -41.50 -75.87 -1.39
N THR HA 213 -42.53 -76.57 -0.91
CA THR HA 213 -43.25 -77.51 -1.77
C THR HA 213 -43.98 -76.81 -2.91
N GLN HA 214 -44.64 -75.69 -2.60
CA GLN HA 214 -45.46 -74.99 -3.58
C GLN HA 214 -44.85 -73.64 -3.90
N PRO HA 215 -44.50 -73.37 -5.15
CA PRO HA 215 -44.00 -72.03 -5.51
C PRO HA 215 -45.10 -70.98 -5.38
N ASN HA 216 -44.66 -69.75 -5.12
CA ASN HA 216 -45.57 -68.61 -4.92
C ASN HA 216 -46.56 -68.87 -3.80
N THR HA 217 -46.08 -69.51 -2.73
CA THR HA 217 -46.88 -69.79 -1.56
C THR HA 217 -46.10 -69.40 -0.31
N TRP HA 218 -46.79 -68.77 0.63
CA TRP HA 218 -46.17 -68.30 1.86
C TRP HA 218 -47.01 -68.72 3.06
N ASN HA 219 -46.35 -68.92 4.19
CA ASN HA 219 -46.99 -69.27 5.45
C ASN HA 219 -46.79 -68.13 6.45
N THR HA 220 -47.87 -67.80 7.16
CA THR HA 220 -47.85 -66.70 8.11
C THR HA 220 -48.31 -67.19 9.47
N TYR HA 221 -47.54 -66.86 10.50
CA TYR HA 221 -47.84 -67.25 11.87
C TYR HA 221 -47.78 -66.02 12.76
N TYR HA 222 -48.53 -66.07 13.87
CA TYR HA 222 -48.65 -64.95 14.79
C TYR HA 222 -48.34 -65.41 16.20
N THR HA 223 -47.63 -64.57 16.94
CA THR HA 223 -47.32 -64.82 18.34
C THR HA 223 -47.59 -63.56 19.14
N VAL HA 224 -48.01 -63.75 20.39
CA VAL HA 224 -48.31 -62.65 21.31
C VAL HA 224 -47.37 -62.76 22.49
N THR HA 225 -46.69 -61.66 22.80
CA THR HA 225 -45.67 -61.62 23.86
C THR HA 225 -46.20 -60.77 25.01
N ASP HA 226 -46.58 -61.44 26.10
CA ASP HA 226 -46.94 -60.78 27.34
C ASP HA 226 -45.76 -60.82 28.31
N LYS HA 227 -46.01 -60.40 29.56
CA LYS HA 227 -44.96 -60.44 30.56
C LYS HA 227 -44.55 -61.88 30.89
N GLU HA 228 -45.50 -62.81 30.85
CA GLU HA 228 -45.18 -64.21 31.14
C GLU HA 228 -44.22 -64.79 30.10
N GLY HA 229 -44.45 -64.48 28.83
CA GLY HA 229 -43.60 -64.99 27.77
C GLY HA 229 -44.26 -64.78 26.41
N GLU HA 230 -43.72 -65.47 25.42
CA GLU HA 230 -44.21 -65.38 24.05
C GLU HA 230 -45.07 -66.60 23.76
N LYS HA 231 -46.37 -66.39 23.57
CA LYS HA 231 -47.30 -67.47 23.34
C LYS HA 231 -47.81 -67.42 21.91
N PRO HA 232 -47.75 -68.53 21.17
CA PRO HA 232 -48.26 -68.53 19.80
C PRO HA 232 -49.78 -68.35 19.76
N LEU HA 233 -50.25 -67.75 18.67
CA LEU HA 233 -51.67 -67.53 18.43
C LEU HA 233 -52.09 -68.36 17.21
N ASN HA 234 -53.21 -69.06 17.34
CA ASN HA 234 -53.69 -69.95 16.29
C ASN HA 234 -54.80 -69.29 15.49
N VAL HA 235 -54.86 -69.60 14.20
CA VAL HA 235 -55.91 -69.12 13.33
C VAL HA 235 -57.09 -70.08 13.42
N ALA HA 236 -58.30 -69.53 13.34
CA ALA HA 236 -59.51 -70.34 13.50
C ALA HA 236 -59.61 -71.41 12.43
N ALA HA 237 -59.35 -71.05 11.17
CA ALA HA 237 -59.50 -71.96 10.04
C ALA HA 237 -58.32 -71.86 9.08
N GLY HA 238 -57.14 -71.53 9.59
CA GLY HA 238 -55.97 -71.44 8.73
C GLY HA 238 -55.49 -72.81 8.29
N ASP HA 239 -55.10 -72.90 7.03
CA ASP HA 239 -54.62 -74.17 6.46
C ASP HA 239 -53.10 -74.30 6.55
N ALA HA 240 -52.57 -74.12 7.77
CA ALA HA 240 -51.13 -74.30 8.00
C ALA HA 240 -50.96 -74.78 9.44
N GLN HA 241 -50.85 -76.10 9.60
CA GLN HA 241 -50.75 -76.74 10.90
C GLN HA 241 -49.37 -77.37 11.05
N THR HA 242 -48.56 -76.82 11.94
CA THR HA 242 -47.26 -77.39 12.23
C THR HA 242 -47.42 -78.65 13.07
N PRO HA 243 -46.42 -79.54 13.07
CA PRO HA 243 -46.49 -80.73 13.95
C PRO HA 243 -46.63 -80.38 15.41
N THR HA 244 -46.06 -79.25 15.85
CA THR HA 244 -46.21 -78.84 17.25
C THR HA 244 -47.66 -78.54 17.58
N GLY HA 245 -48.38 -77.88 16.67
CA GLY HA 245 -49.78 -77.57 16.90
C GLY HA 245 -50.16 -76.14 16.53
N HIS HA 246 -49.16 -75.32 16.23
CA HIS HA 246 -49.42 -73.94 15.84
C HIS HA 246 -50.17 -73.88 14.51
N VAL HA 247 -51.13 -72.97 14.41
CA VAL HA 247 -52.00 -72.85 13.24
C VAL HA 247 -51.73 -71.50 12.58
N GLY HA 248 -51.24 -71.53 11.35
CA GLY HA 248 -51.09 -70.36 10.53
C GLY HA 248 -52.01 -70.37 9.33
N HIS HA 249 -51.78 -69.43 8.42
CA HIS HA 249 -52.56 -69.33 7.20
C HIS HA 249 -51.64 -69.16 6.00
N THR HA 250 -52.10 -69.60 4.84
CA THR HA 250 -51.30 -69.63 3.63
C THR HA 250 -51.68 -68.48 2.71
N MET HA 251 -50.68 -67.94 2.01
CA MET HA 251 -50.87 -66.85 1.07
C MET HA 251 -50.31 -67.26 -0.29
N LYS HA 252 -51.09 -67.03 -1.34
CA LYS HA 252 -50.71 -67.39 -2.70
C LYS HA 252 -50.79 -66.15 -3.59
N PHE HA 253 -49.94 -66.10 -4.61
CA PHE HA 253 -49.84 -64.96 -5.51
C PHE HA 253 -49.84 -65.42 -6.95
N ASN HA 254 -50.26 -64.53 -7.84
CA ASN HA 254 -50.41 -64.85 -9.25
C ASN HA 254 -49.07 -64.75 -9.97
N ASN HA 255 -49.10 -64.86 -11.30
CA ASN HA 255 -47.88 -64.79 -12.08
C ASN HA 255 -47.30 -63.38 -12.08
N ASP HA 256 -48.16 -62.37 -12.07
CA ASP HA 256 -47.71 -60.98 -12.06
C ASP HA 256 -47.27 -60.52 -10.68
N GLY HA 257 -47.32 -61.38 -9.67
CA GLY HA 257 -46.93 -61.01 -8.33
C GLY HA 257 -48.03 -60.42 -7.48
N THR HA 258 -49.21 -60.19 -8.06
CA THR HA 258 -50.33 -59.65 -7.29
C THR HA 258 -50.91 -60.73 -6.39
N LEU HA 259 -51.79 -60.31 -5.48
CA LEU HA 259 -52.38 -61.23 -4.52
C LEU HA 259 -53.39 -62.14 -5.20
N ALA HA 260 -53.29 -63.45 -4.96
CA ALA HA 260 -54.20 -64.42 -5.54
C ALA HA 260 -55.27 -64.87 -4.55
N SER HA 261 -54.86 -65.38 -3.39
CA SER HA 261 -55.80 -65.89 -2.41
C SER HA 261 -55.19 -65.79 -1.02
N LEU HA 262 -56.04 -65.80 -0.01
CA LEU HA 262 -55.63 -65.73 1.39
C LEU HA 262 -56.38 -66.79 2.18
N ASN HA 263 -55.66 -67.78 2.71
CA ASN HA 263 -56.23 -68.81 3.58
C ASN HA 263 -57.41 -69.51 2.89
N ASN HA 264 -57.18 -69.93 1.64
CA ASN HA 264 -58.19 -70.62 0.85
C ASN HA 264 -59.46 -69.79 0.69
N GLY HA 265 -59.32 -68.48 0.60
CA GLY HA 265 -60.45 -67.60 0.41
C GLY HA 265 -61.26 -67.31 1.65
N GLN HA 266 -60.84 -67.78 2.82
CA GLN HA 266 -61.59 -67.52 4.03
C GLN HA 266 -61.06 -66.28 4.76
N PRO HA 267 -61.93 -65.58 5.48
CA PRO HA 267 -61.46 -64.43 6.27
C PRO HA 267 -60.52 -64.88 7.38
N ILE HA 268 -59.57 -64.01 7.71
CA ILE HA 268 -58.55 -64.31 8.71
C ILE HA 268 -59.05 -63.79 10.05
N THR HA 269 -59.49 -64.71 10.91
CA THR HA 269 -59.94 -64.39 12.26
C THR HA 269 -59.18 -65.28 13.24
N SER HA 270 -58.53 -64.65 14.22
CA SER HA 270 -57.76 -65.39 15.20
C SER HA 270 -58.65 -65.89 16.33
N VAL HA 271 -58.14 -66.88 17.06
CA VAL HA 271 -58.85 -67.43 18.22
C VAL HA 271 -58.76 -66.43 19.36
N ALA HA 272 -59.58 -66.63 20.40
CA ALA HA 272 -59.59 -65.71 21.53
C ALA HA 272 -58.24 -65.72 22.25
N LEU HA 273 -57.79 -64.54 22.64
CA LEU HA 273 -56.45 -64.42 23.23
C LEU HA 273 -56.37 -65.10 24.59
N GLY HA 274 -57.34 -64.82 25.47
CA GLY HA 274 -57.25 -65.29 26.83
C GLY HA 274 -58.28 -66.33 27.23
N ASP HA 275 -58.90 -66.98 26.24
CA ASP HA 275 -59.92 -67.98 26.53
C ASP HA 275 -59.32 -69.37 26.43
N PRO HA 276 -59.16 -70.10 27.54
CA PRO HA 276 -58.60 -71.46 27.45
C PRO HA 276 -59.49 -72.43 26.69
N ALA HA 277 -60.78 -72.16 26.58
CA ALA HA 277 -61.69 -73.07 25.89
C ALA HA 277 -61.41 -73.16 24.40
N THR HA 278 -60.75 -72.17 23.81
CA THR HA 278 -60.44 -72.17 22.38
C THR HA 278 -58.96 -72.00 22.08
N ASN HA 279 -58.13 -71.68 23.07
CA ASN HA 279 -56.70 -71.45 22.86
C ASN HA 279 -55.90 -72.38 23.75
N THR HA 280 -54.93 -73.08 23.16
CA THR HA 280 -54.07 -73.95 23.94
C THR HA 280 -53.04 -73.18 24.74
N THR HA 281 -52.73 -71.94 24.34
CA THR HA 281 -51.80 -71.07 25.06
C THR HA 281 -52.50 -69.74 25.28
N PRO HA 282 -53.42 -69.66 26.24
CA PRO HA 282 -54.17 -68.42 26.45
C PRO HA 282 -53.26 -67.29 26.88
N VAL HA 283 -53.49 -66.10 26.32
CA VAL HA 283 -52.72 -64.92 26.68
C VAL HA 283 -53.20 -64.40 28.02
N ASP HA 284 -52.27 -64.00 28.88
CA ASP HA 284 -52.61 -63.43 30.18
C ASP HA 284 -53.16 -62.02 30.01
N MET HA 285 -54.49 -61.90 29.93
CA MET HA 285 -55.12 -60.60 29.72
C MET HA 285 -54.93 -59.67 30.92
N ASN HA 286 -54.60 -60.22 32.10
CA ASN HA 286 -54.42 -59.43 33.31
C ASN HA 286 -55.67 -58.63 33.64
N GLY HA 287 -56.84 -59.25 33.48
CA GLY HA 287 -58.10 -58.62 33.77
C GLY HA 287 -58.86 -58.10 32.57
N ALA HA 288 -58.27 -58.18 31.37
CA ALA HA 288 -58.97 -57.74 30.17
C ALA HA 288 -59.93 -58.82 29.67
N ASP HA 289 -60.60 -58.52 28.57
CA ASP HA 289 -61.55 -59.46 27.98
C ASP HA 289 -60.82 -60.65 27.39
N PRO HA 290 -61.12 -61.87 27.84
CA PRO HA 290 -60.43 -63.06 27.30
C PRO HA 290 -60.93 -63.47 25.91
N ALA HA 291 -62.06 -62.95 25.45
CA ALA HA 291 -62.64 -63.32 24.18
C ALA HA 291 -62.29 -62.37 23.05
N GLN HA 292 -61.30 -61.50 23.25
CA GLN HA 292 -60.92 -60.55 22.20
C GLN HA 292 -60.38 -61.30 20.98
N THR HA 293 -60.83 -60.86 19.80
CA THR HA 293 -60.46 -61.49 18.55
C THR HA 293 -59.83 -60.47 17.61
N LEU HA 294 -58.94 -60.94 16.75
CA LEU HA 294 -58.24 -60.10 15.80
C LEU HA 294 -58.58 -60.53 14.38
N ASN HA 295 -58.92 -59.56 13.53
CA ASN HA 295 -59.16 -59.78 12.11
C ASN HA 295 -58.03 -59.12 11.33
N PHE HA 296 -57.33 -59.90 10.53
CA PHE HA 296 -56.18 -59.43 9.76
C PHE HA 296 -56.60 -59.19 8.32
N GLY HA 297 -56.36 -57.98 7.82
CA GLY HA 297 -56.65 -57.66 6.45
C GLY HA 297 -55.38 -57.45 5.64
N LEU HA 298 -55.05 -58.39 4.76
CA LEU HA 298 -53.85 -58.34 3.94
C LEU HA 298 -54.20 -58.34 2.46
N GLY HA 299 -55.20 -57.55 2.09
CA GLY HA 299 -55.63 -57.50 0.70
C GLY HA 299 -54.66 -56.80 -0.23
N SER HA 300 -53.63 -56.15 0.32
CA SER HA 300 -52.66 -55.43 -0.49
C SER HA 300 -51.28 -56.10 -0.47
N ALA HA 301 -51.18 -57.32 0.03
CA ALA HA 301 -49.90 -58.02 0.04
C ALA HA 301 -49.48 -58.39 -1.38
N THR HA 302 -48.19 -58.25 -1.65
CA THR HA 302 -47.65 -58.54 -2.97
C THR HA 302 -46.34 -59.31 -2.84
N GLN HA 303 -45.96 -59.98 -3.92
CA GLN HA 303 -44.69 -60.70 -3.98
C GLN HA 303 -43.97 -60.25 -5.25
N PHE HA 304 -42.96 -59.40 -5.10
CA PHE HA 304 -42.16 -58.90 -6.20
C PHE HA 304 -40.69 -59.22 -5.95
N ALA HA 305 -39.83 -58.77 -6.86
CA ALA HA 305 -38.40 -58.96 -6.70
C ALA HA 305 -37.81 -58.05 -5.63
N ALA HA 306 -38.57 -57.05 -5.17
CA ALA HA 306 -38.07 -56.15 -4.15
C ALA HA 306 -37.89 -56.89 -2.83
N PRO HA 307 -36.96 -56.44 -1.97
CA PRO HA 307 -36.76 -57.10 -0.68
C PRO HA 307 -37.97 -57.00 0.24
N PHE HA 308 -37.91 -57.67 1.38
CA PHE HA 308 -39.00 -57.65 2.33
C PHE HA 308 -39.24 -56.23 2.84
N GLU HA 309 -40.50 -55.81 2.87
CA GLU HA 309 -40.85 -54.44 3.22
C GLU HA 309 -42.23 -54.40 3.83
N LEU HA 310 -42.36 -53.69 4.95
CA LEU HA 310 -43.63 -53.45 5.61
C LEU HA 310 -44.14 -52.08 5.13
N THR HA 311 -44.92 -52.10 4.06
CA THR HA 311 -45.32 -50.85 3.43
C THR HA 311 -46.32 -50.08 4.29
N LYS HA 312 -47.34 -50.77 4.80
CA LYS HA 312 -48.41 -50.12 5.53
C LYS HA 312 -48.84 -50.99 6.71
N PHE HA 313 -49.07 -50.36 7.85
CA PHE HA 313 -49.60 -51.04 9.03
C PHE HA 313 -50.63 -50.13 9.67
N ASP HA 314 -51.88 -50.60 9.75
CA ASP HA 314 -52.97 -49.84 10.33
C ASP HA 314 -53.77 -50.74 11.25
N GLU HA 315 -54.20 -50.19 12.39
CA GLU HA 315 -55.01 -50.91 13.37
C GLU HA 315 -56.18 -50.03 13.78
N ASP HA 316 -57.06 -50.60 14.61
CA ASP HA 316 -58.22 -49.87 15.13
C ASP HA 316 -58.14 -49.71 16.64
N GLY HA 317 -56.99 -50.01 17.23
CA GLY HA 317 -56.84 -49.87 18.67
C GLY HA 317 -56.71 -48.44 19.11
N ALA HA 318 -56.88 -48.23 20.42
CA ALA HA 318 -56.83 -46.89 20.98
C ALA HA 318 -56.47 -46.98 22.45
N THR HA 319 -56.05 -45.84 22.99
CA THR HA 319 -55.68 -45.74 24.40
C THR HA 319 -56.25 -44.44 24.94
N THR HA 320 -56.26 -44.32 26.27
CA THR HA 320 -56.79 -43.12 26.91
C THR HA 320 -55.95 -41.90 26.53
N GLY HA 321 -56.64 -40.77 26.36
CA GLY HA 321 -55.97 -39.56 25.93
C GLY HA 321 -56.76 -38.32 26.31
N PHE HA 322 -56.14 -37.17 26.06
CA PHE HA 322 -56.68 -35.87 26.46
C PHE HA 322 -56.88 -34.99 25.23
N LEU HA 323 -57.94 -34.20 25.26
CA LEU HA 323 -58.23 -33.27 24.17
C LEU HA 323 -57.06 -32.33 23.93
N THR HA 324 -56.53 -32.36 22.70
CA THR HA 324 -55.36 -31.57 22.34
C THR HA 324 -55.70 -30.34 21.51
N LYS HA 325 -56.47 -30.51 20.43
CA LYS HA 325 -56.88 -29.37 19.61
C LYS HA 325 -58.23 -29.67 18.97
N VAL HA 326 -58.92 -28.61 18.60
CA VAL HA 326 -60.23 -28.71 17.98
C VAL HA 326 -60.29 -27.76 16.79
N ASP HA 327 -60.78 -28.25 15.66
CA ASP HA 327 -60.89 -27.44 14.45
C ASP HA 327 -62.22 -27.75 13.77
N PHE HA 328 -62.63 -26.85 12.89
CA PHE HA 328 -63.88 -26.95 12.14
C PHE HA 328 -63.59 -27.00 10.66
N ASP HA 329 -64.20 -27.96 9.96
CA ASP HA 329 -64.03 -28.06 8.52
C ASP HA 329 -65.15 -27.33 7.80
N GLU HA 330 -65.09 -27.33 6.46
CA GLU HA 330 -66.09 -26.63 5.67
C GLU HA 330 -67.45 -27.31 5.75
N ASN HA 331 -67.47 -28.63 6.00
CA ASN HA 331 -68.73 -29.34 6.14
C ASN HA 331 -69.43 -29.07 7.47
N GLY HA 332 -68.77 -28.35 8.39
CA GLY HA 332 -69.34 -28.08 9.68
C GLY HA 332 -69.03 -29.10 10.75
N SER HA 333 -68.37 -30.19 10.40
CA SER HA 333 -68.01 -31.20 11.39
C SER HA 333 -66.93 -30.65 12.31
N VAL HA 334 -67.15 -30.76 13.62
CA VAL HA 334 -66.21 -30.29 14.62
C VAL HA 334 -65.34 -31.48 15.01
N MET HA 335 -64.09 -31.47 14.55
CA MET HA 335 -63.16 -32.56 14.80
C MET HA 335 -62.16 -32.18 15.88
N GLY HA 336 -61.75 -33.19 16.65
CA GLY HA 336 -60.78 -32.98 17.70
C GLY HA 336 -59.80 -34.12 17.81
N THR HA 337 -58.51 -33.81 17.94
CA THR HA 337 -57.47 -34.81 18.06
C THR HA 337 -57.04 -34.92 19.51
N TYR HA 338 -56.79 -36.14 19.94
CA TYR HA 338 -56.41 -36.43 21.32
C TYR HA 338 -54.98 -36.94 21.37
N SER HA 339 -54.51 -37.25 22.58
CA SER HA 339 -53.13 -37.70 22.74
C SER HA 339 -52.91 -39.08 22.14
N ASN HA 340 -53.93 -39.92 22.13
CA ASN HA 340 -53.79 -41.25 21.55
C ASN HA 340 -53.54 -41.16 20.05
N GLY HA 341 -54.19 -40.23 19.37
CA GLY HA 341 -54.04 -40.04 17.94
C GLY HA 341 -55.32 -40.14 17.15
N GLU HA 342 -56.40 -40.67 17.71
CA GLU HA 342 -57.66 -40.77 16.99
C GLU HA 342 -58.24 -39.39 16.74
N ASN HA 343 -58.71 -39.17 15.51
CA ASN HA 343 -59.34 -37.90 15.13
C ASN HA 343 -60.86 -38.04 15.25
N VAL HA 344 -61.31 -38.06 16.50
CA VAL HA 344 -62.73 -38.29 16.80
C VAL HA 344 -63.54 -37.08 16.35
N THR HA 345 -64.61 -37.33 15.61
CA THR HA 345 -65.52 -36.28 15.16
C THR HA 345 -66.61 -36.09 16.21
N LEU HA 346 -66.61 -34.93 16.86
CA LEU HA 346 -67.57 -34.70 17.94
C LEU HA 346 -68.99 -34.57 17.39
N GLY HA 347 -69.15 -34.02 16.19
CA GLY HA 347 -70.47 -33.89 15.60
C GLY HA 347 -70.44 -32.91 14.45
N ARG HA 348 -71.64 -32.49 14.04
CA ARG HA 348 -71.82 -31.47 13.03
C ARG HA 348 -72.65 -30.34 13.59
N VAL HA 349 -72.72 -29.25 12.82
CA VAL HA 349 -73.48 -28.07 13.21
C VAL HA 349 -74.75 -28.04 12.38
N ALA HA 350 -75.89 -28.02 13.05
CA ALA HA 350 -77.18 -27.99 12.36
C ALA HA 350 -77.37 -26.65 11.65
N LEU HA 351 -77.96 -26.71 10.46
CA LEU HA 351 -78.26 -25.53 9.67
C LEU HA 351 -79.74 -25.50 9.34
N VAL HA 352 -80.37 -24.35 9.52
CA VAL HA 352 -81.81 -24.19 9.35
C VAL HA 352 -82.08 -23.12 8.32
N ARG HA 353 -82.95 -23.42 7.37
CA ARG HA 353 -83.40 -22.48 6.35
C ARG HA 353 -84.92 -22.53 6.26
N VAL HA 354 -85.54 -21.37 6.18
CA VAL HA 354 -86.99 -21.30 6.04
C VAL HA 354 -87.32 -20.81 4.63
N PRO HA 355 -88.43 -21.26 4.03
CA PRO HA 355 -88.77 -20.79 2.68
C PRO HA 355 -89.00 -19.29 2.61
N ASN HA 356 -89.57 -18.71 3.66
CA ASN HA 356 -89.88 -17.28 3.72
C ASN HA 356 -89.15 -16.70 4.92
N GLU HA 357 -88.00 -16.07 4.69
CA GLU HA 357 -87.26 -15.45 5.78
C GLU HA 357 -87.88 -14.15 6.25
N GLN HA 358 -88.70 -13.51 5.41
CA GLN HA 358 -89.32 -12.24 5.76
C GLN HA 358 -90.45 -12.39 6.77
N GLY HA 359 -90.87 -13.62 7.07
CA GLY HA 359 -92.00 -13.83 7.95
C GLY HA 359 -91.63 -14.27 9.34
N LEU HA 360 -90.34 -14.45 9.59
CA LEU HA 360 -89.87 -14.83 10.91
C LEU HA 360 -90.21 -13.75 11.93
N ASP HA 361 -90.73 -14.16 13.08
CA ASP HA 361 -90.92 -13.23 14.19
C ASP HA 361 -89.60 -13.04 14.91
N LYS HA 362 -89.34 -11.81 15.33
CA LYS HA 362 -88.05 -11.42 15.87
C LYS HA 362 -88.09 -11.46 17.39
N LYS HA 363 -87.31 -12.37 17.98
CA LYS HA 363 -87.13 -12.39 19.42
C LYS HA 363 -85.98 -11.46 19.80
N GLY HA 364 -85.64 -11.45 21.08
CA GLY HA 364 -84.52 -10.65 21.53
C GLY HA 364 -83.19 -11.29 21.18
N GLY HA 365 -82.15 -10.46 21.20
CA GLY HA 365 -80.80 -10.95 20.99
C GLY HA 365 -80.54 -11.49 19.60
N THR HA 366 -81.06 -10.83 18.56
CA THR HA 366 -80.84 -11.22 17.17
C THR HA 366 -81.19 -12.69 16.95
N GLN HA 367 -82.36 -13.08 17.47
CA GLN HA 367 -82.83 -14.45 17.35
C GLN HA 367 -84.23 -14.44 16.76
N TRP HA 368 -84.47 -15.39 15.85
CA TRP HA 368 -85.74 -15.49 15.15
C TRP HA 368 -86.34 -16.88 15.37
N ASP HA 369 -87.66 -16.94 15.27
CA ASP HA 369 -88.40 -18.18 15.38
C ASP HA 369 -89.31 -18.34 14.17
N SER HA 370 -89.72 -19.57 13.91
CA SER HA 370 -90.55 -19.88 12.75
C SER HA 370 -92.02 -19.72 13.11
N THR HA 371 -92.73 -18.90 12.36
CA THR HA 371 -94.15 -18.70 12.56
C THR HA 371 -94.95 -19.28 11.39
N GLN HA 372 -96.26 -19.06 11.41
CA GLN HA 372 -97.12 -19.60 10.36
C GLN HA 372 -96.77 -19.03 8.99
N PHE HA 373 -96.55 -17.72 8.91
CA PHE HA 373 -96.22 -17.10 7.63
C PHE HA 373 -94.84 -17.55 7.14
N SER HA 374 -93.89 -17.68 8.07
CA SER HA 374 -92.54 -18.11 7.69
C SER HA 374 -92.55 -19.52 7.11
N GLY HA 375 -93.35 -20.42 7.69
CA GLY HA 375 -93.42 -21.80 7.27
C GLY HA 375 -92.95 -22.74 8.37
N ASP HA 376 -92.15 -23.73 7.99
CA ASP HA 376 -91.58 -24.68 8.93
C ASP HA 376 -90.07 -24.75 8.73
N LYS HA 377 -89.36 -25.00 9.82
CA LYS HA 377 -87.90 -25.08 9.77
C LYS HA 377 -87.48 -26.27 8.94
N ILE HA 378 -86.59 -26.04 7.98
CA ILE HA 378 -86.02 -27.09 7.14
C ILE HA 378 -84.58 -27.31 7.60
N TRP HA 379 -84.31 -28.48 8.16
CA TRP HA 379 -82.98 -28.79 8.66
C TRP HA 379 -82.10 -29.32 7.55
N GLY HA 380 -80.81 -29.07 7.67
CA GLY HA 380 -79.86 -29.51 6.66
C GLY HA 380 -78.44 -29.34 7.16
N GLU HA 381 -77.51 -29.87 6.38
CA GLU HA 381 -76.10 -29.82 6.74
C GLU HA 381 -75.47 -28.56 6.13
N SER HA 382 -74.15 -28.44 6.25
CA SER HA 382 -73.40 -27.32 5.70
C SER HA 382 -72.93 -27.67 4.30
N ASN HA 383 -73.07 -26.71 3.38
CA ASN HA 383 -72.67 -26.88 1.98
C ASN HA 383 -73.38 -28.09 1.36
N LYS HA 384 -74.67 -28.20 1.61
CA LYS HA 384 -75.49 -29.28 1.06
C LYS HA 384 -76.78 -28.70 0.51
N GLY HA 385 -77.10 -29.06 -0.73
CA GLY HA 385 -78.29 -28.51 -1.36
C GLY HA 385 -78.18 -27.02 -1.53
N SER HA 386 -79.18 -26.30 -1.03
CA SER HA 386 -79.24 -24.85 -1.15
C SER HA 386 -78.58 -24.13 0.01
N PHE HA 387 -78.04 -24.87 0.98
CA PHE HA 387 -77.42 -24.25 2.14
C PHE HA 387 -76.05 -23.68 1.78
N GLY HA 388 -75.56 -22.79 2.63
CA GLY HA 388 -74.25 -22.20 2.48
C GLY HA 388 -73.19 -22.97 3.24
N THR HA 389 -72.05 -22.33 3.43
CA THR HA 389 -70.92 -22.92 4.12
C THR HA 389 -70.75 -22.28 5.51
N ILE HA 390 -69.98 -22.94 6.35
CA ILE HA 390 -69.68 -22.47 7.70
C ILE HA 390 -68.19 -22.20 7.77
N ASN HA 391 -67.83 -20.97 8.14
CA ASN HA 391 -66.44 -20.55 8.27
C ASN HA 391 -66.13 -20.25 9.72
N ASN HA 392 -65.05 -20.81 10.23
CA ASN HA 392 -64.59 -20.53 11.58
C ASN HA 392 -63.66 -19.33 11.59
N GLY HA 393 -63.63 -18.63 12.73
CA GLY HA 393 -62.80 -17.45 12.87
C GLY HA 393 -63.40 -16.18 12.32
N MET HA 394 -64.69 -16.16 12.00
CA MET HA 394 -65.34 -14.98 11.46
C MET HA 394 -66.60 -14.69 12.25
N LEU HA 395 -67.08 -13.45 12.12
CA LEU HA 395 -68.35 -13.03 12.70
C LEU HA 395 -69.06 -12.13 11.72
N GLU HA 396 -70.38 -12.06 11.84
CA GLU HA 396 -71.21 -11.26 10.95
C GLU HA 396 -71.50 -9.91 11.60
N GLN HA 397 -71.29 -8.84 10.84
CA GLN HA 397 -71.65 -7.50 11.27
C GLN HA 397 -73.05 -7.16 10.78
N SER HA 398 -73.52 -5.97 11.15
CA SER HA 398 -74.83 -5.53 10.70
C SER HA 398 -74.81 -5.25 9.20
N ASN HA 399 -75.89 -5.62 8.53
CA ASN HA 399 -75.99 -5.47 7.08
C ASN HA 399 -76.61 -4.11 6.73
N ILE HA 400 -76.00 -3.06 7.24
CA ILE HA 400 -76.50 -1.70 7.06
C ILE HA 400 -75.41 -0.88 6.37
N ASP HA 401 -75.85 0.21 5.74
CA ASP HA 401 -74.96 1.18 5.13
C ASP HA 401 -75.20 2.53 5.78
N MET HA 402 -74.18 3.07 6.44
CA MET HA 402 -74.34 4.29 7.22
C MET HA 402 -74.77 5.46 6.33
N THR HA 403 -74.19 5.56 5.13
CA THR HA 403 -74.58 6.61 4.21
C THR HA 403 -76.08 6.56 3.91
N GLN HA 404 -76.58 5.37 3.57
CA GLN HA 404 -78.00 5.23 3.26
C GLN HA 404 -78.86 5.55 4.48
N GLU HA 405 -78.44 5.11 5.67
CA GLU HA 405 -79.21 5.39 6.87
C GLU HA 405 -79.30 6.88 7.16
N LEU HA 406 -78.17 7.59 7.03
CA LEU HA 406 -78.18 9.03 7.28
C LEU HA 406 -79.01 9.77 6.25
N VAL HA 407 -78.91 9.40 4.98
CA VAL HA 407 -79.71 10.06 3.95
C VAL HA 407 -81.20 9.82 4.19
N ASP HA 408 -81.57 8.58 4.53
CA ASP HA 408 -82.96 8.29 4.85
C ASP HA 408 -83.42 9.06 6.07
N LEU HA 409 -82.52 9.25 7.04
CA LEU HA 409 -82.87 10.03 8.22
C LEU HA 409 -83.20 11.47 7.83
N ILE HA 410 -82.36 12.06 6.97
CA ILE HA 410 -82.62 13.43 6.51
C ILE HA 410 -83.93 13.52 5.76
N SER HA 411 -84.19 12.54 4.88
CA SER HA 411 -85.43 12.57 4.11
C SER HA 411 -86.65 12.40 5.01
N ALA HA 412 -86.56 11.53 6.01
CA ALA HA 412 -87.66 11.35 6.95
C ALA HA 412 -87.91 12.62 7.75
N GLN HA 413 -86.85 13.31 8.16
CA GLN HA 413 -87.03 14.58 8.84
C GLN HA 413 -87.72 15.60 7.95
N ARG HA 414 -87.33 15.65 6.68
CA ARG HA 414 -87.98 16.57 5.75
C ARG HA 414 -89.46 16.26 5.59
N ASN HA 415 -89.80 14.98 5.45
CA ASN HA 415 -91.20 14.59 5.32
C ASN HA 415 -91.99 14.92 6.57
N PHE HA 416 -91.39 14.69 7.74
CA PHE HA 416 -92.05 15.02 9.00
C PHE HA 416 -92.31 16.52 9.12
N GLN HA 417 -91.34 17.34 8.72
CA GLN HA 417 -91.54 18.78 8.74
C GLN HA 417 -92.64 19.19 7.79
N ALA HA 418 -92.70 18.58 6.60
CA ALA HA 418 -93.75 18.91 5.65
C ALA HA 418 -95.13 18.56 6.22
N ASN HA 419 -95.25 17.38 6.84
CA ASN HA 419 -96.52 16.98 7.41
C ASN HA 419 -96.93 17.89 8.56
N SER HA 420 -95.96 18.30 9.40
CA SER HA 420 -96.27 19.23 10.46
C SER HA 420 -96.74 20.57 9.90
N ARG HA 421 -96.14 21.01 8.81
CA ARG HA 421 -96.61 22.23 8.15
C ARG HA 421 -98.05 22.09 7.68
N SER HA 422 -98.39 20.93 7.09
CA SER HA 422 -99.76 20.71 6.64
C SER HA 422 -100.74 20.73 7.81
N LEU HA 423 -100.37 20.08 8.92
CA LEU HA 423 -101.22 20.08 10.11
C LEU HA 423 -101.41 21.50 10.64
N GLU HA 424 -100.34 22.29 10.66
CA GLU HA 424 -100.44 23.68 11.08
C GLU HA 424 -101.38 24.45 10.16
N VAL HA 425 -101.32 24.18 8.86
CA VAL HA 425 -102.23 24.86 7.92
C VAL HA 425 -103.67 24.50 8.24
N HIS HA 426 -103.95 23.22 8.49
CA HIS HA 426 -105.30 22.80 8.84
C HIS HA 426 -105.80 23.51 10.09
N ASN HA 427 -104.95 23.56 11.12
CA ASN HA 427 -105.35 24.21 12.37
C ASN HA 427 -105.58 25.70 12.16
N GLN HA 428 -104.75 26.35 11.37
CA GLN HA 428 -104.93 27.78 11.11
C GLN HA 428 -106.23 28.03 10.36
N LEU HA 429 -106.56 27.17 9.39
CA LEU HA 429 -107.82 27.33 8.67
C LEU HA 429 -109.02 27.17 9.60
N GLN HA 430 -108.97 26.16 10.48
CA GLN HA 430 -110.08 25.97 11.41
C GLN HA 430 -110.21 27.16 12.36
N GLN HA 431 -109.08 27.67 12.87
CA GLN HA 431 -109.14 28.83 13.74
C GLN HA 431 -109.66 30.07 13.01
N ASN HA 432 -109.30 30.22 11.74
CA ASN HA 432 -109.83 31.34 10.96
C ASN HA 432 -111.34 31.21 10.79
N ILE HA 433 -111.84 29.99 10.63
CA ILE HA 433 -113.28 29.78 10.63
C ILE HA 433 -113.88 30.17 11.98
N LEU HA 434 -113.18 29.84 13.08
CA LEU HA 434 -113.72 30.09 14.41
C LEU HA 434 -113.95 31.57 14.67
N GLN HA 435 -113.11 32.44 14.10
CA GLN HA 435 -113.18 33.88 14.38
C GLN HA 435 -114.15 34.58 13.43
N ILE HA 436 -115.38 34.10 13.42
CA ILE HA 436 -116.41 34.66 12.56
C ILE HA 436 -117.68 34.93 13.37
N SER IA 2 -104.93 21.84 35.03
CA SER IA 2 -103.73 22.67 34.99
C SER IA 2 -102.73 22.23 36.06
N TYR IA 3 -103.24 21.77 37.20
CA TYR IA 3 -102.37 21.32 38.28
C TYR IA 3 -101.54 20.12 37.88
N VAL IA 4 -102.05 19.28 36.98
CA VAL IA 4 -101.25 18.19 36.44
C VAL IA 4 -100.06 18.74 35.66
N SER IA 5 -100.30 19.77 34.85
CA SER IA 5 -99.19 20.41 34.14
C SER IA 5 -98.20 21.03 35.11
N LEU IA 6 -98.70 21.62 36.20
CA LEU IA 6 -97.79 22.21 37.19
C LEU IA 6 -96.95 21.14 37.86
N SER IA 7 -97.54 19.99 38.17
CA SER IA 7 -96.77 18.88 38.74
C SER IA 7 -95.73 18.38 37.75
N GLY IA 8 -96.09 18.30 36.47
CA GLY IA 8 -95.10 17.92 35.47
C GLY IA 8 -93.95 18.90 35.38
N LEU IA 9 -94.27 20.20 35.43
CA LEU IA 9 -93.22 21.23 35.43
C LEU IA 9 -92.31 21.08 36.65
N SER IA 10 -92.91 20.85 37.82
CA SER IA 10 -92.11 20.70 39.03
C SER IA 10 -91.20 19.48 38.95
N ALA IA 11 -91.72 18.36 38.44
CA ALA IA 11 -90.90 17.16 38.30
C ALA IA 11 -89.76 17.38 37.31
N ALA IA 12 -90.06 18.03 36.18
CA ALA IA 12 -89.00 18.31 35.20
C ALA IA 12 -87.93 19.22 35.80
N GLN IA 13 -88.34 20.24 36.55
CA GLN IA 13 -87.36 21.13 37.15
C GLN IA 13 -86.55 20.43 38.23
N LEU IA 14 -87.17 19.51 38.98
CA LEU IA 14 -86.41 18.74 39.96
C LEU IA 14 -85.36 17.86 39.28
N ASP IA 15 -85.72 17.21 38.17
CA ASP IA 15 -84.75 16.41 37.45
C ASP IA 15 -83.64 17.29 36.88
N LEU IA 16 -84.00 18.48 36.39
CA LEU IA 16 -83.01 19.42 35.88
C LEU IA 16 -82.04 19.82 36.98
N ASN IA 17 -82.55 20.12 38.17
CA ASN IA 17 -81.69 20.50 39.29
C ASN IA 17 -80.79 19.35 39.71
N THR IA 18 -81.32 18.12 39.73
CA THR IA 18 -80.49 16.98 40.08
C THR IA 18 -79.35 16.81 39.09
N THR IA 19 -79.65 16.90 37.79
CA THR IA 19 -78.62 16.78 36.78
C THR IA 19 -77.61 17.92 36.88
N SER IA 20 -78.09 19.13 37.18
CA SER IA 20 -77.19 20.27 37.33
C SER IA 20 -76.23 20.06 38.49
N ASN IA 21 -76.74 19.54 39.62
CA ASN IA 21 -75.87 19.25 40.75
C ASN IA 21 -74.86 18.18 40.41
N ASN IA 22 -75.29 17.13 39.70
CA ASN IA 22 -74.36 16.09 39.28
C ASN IA 22 -73.25 16.65 38.40
N ILE IA 23 -73.60 17.54 37.47
CA ILE IA 23 -72.59 18.16 36.62
C ILE IA 23 -71.66 19.04 37.44
N ALA IA 24 -72.22 19.83 38.36
CA ALA IA 24 -71.41 20.75 39.15
C ALA IA 24 -70.40 20.00 40.01
N ASN IA 25 -70.80 18.87 40.58
CA ASN IA 25 -69.91 18.10 41.45
C ASN IA 25 -69.00 17.14 40.68
N ALA IA 26 -68.73 17.41 39.39
CA ALA IA 26 -67.92 16.51 38.59
C ALA IA 26 -66.49 16.38 39.09
N ASN IA 27 -65.96 17.38 39.79
CA ASN IA 27 -64.58 17.36 40.25
C ASN IA 27 -64.45 17.08 41.74
N THR IA 28 -65.55 17.08 42.49
CA THR IA 28 -65.48 16.78 43.92
C THR IA 28 -65.01 15.35 44.15
N TYR IA 29 -64.14 15.19 45.13
CA TYR IA 29 -63.56 13.88 45.41
C TYR IA 29 -64.54 13.04 46.21
N GLY IA 30 -64.82 11.82 45.74
CA GLY IA 30 -65.67 10.90 46.45
C GLY IA 30 -67.15 11.15 46.31
N PHE IA 31 -67.56 12.12 45.51
CA PHE IA 31 -68.97 12.42 45.34
C PHE IA 31 -69.69 11.25 44.66
N LYS IA 32 -70.93 11.04 45.08
CA LYS IA 32 -71.79 10.01 44.49
C LYS IA 32 -73.00 10.68 43.86
N GLU IA 33 -73.29 10.32 42.61
CA GLU IA 33 -74.32 11.00 41.86
C GLU IA 33 -75.70 10.74 42.45
N SER IA 34 -76.68 11.49 41.97
CA SER IA 34 -78.06 11.37 42.42
C SER IA 34 -78.96 11.09 41.22
N ARG IA 35 -80.00 10.31 41.46
CA ARG IA 35 -80.99 9.98 40.43
C ARG IA 35 -82.37 10.33 40.95
N ALA IA 36 -83.15 11.04 40.14
CA ALA IA 36 -84.47 11.50 40.54
C ALA IA 36 -85.52 10.50 40.05
N GLU IA 37 -86.30 9.98 40.98
CA GLU IA 37 -87.35 9.00 40.68
C GLU IA 37 -88.69 9.57 41.09
N PHE IA 38 -89.68 9.43 40.20
CA PHE IA 38 -91.01 9.97 40.41
C PHE IA 38 -92.03 8.85 40.45
N ALA IA 39 -93.27 9.21 40.75
CA ALA IA 39 -94.35 8.24 40.87
C ALA IA 39 -95.66 8.87 40.40
N ASP IA 40 -96.61 8.00 40.04
CA ASP IA 40 -97.91 8.44 39.58
C ASP IA 40 -98.79 8.84 40.77
N VAL IA 41 -99.80 9.64 40.47
CA VAL IA 41 -100.76 10.13 41.45
C VAL IA 41 -102.16 9.74 41.00
N TYR IA 42 -102.95 9.23 41.94
CA TYR IA 42 -104.33 8.86 41.64
C TYR IA 42 -105.14 8.92 42.93
N SER IA 43 -106.38 9.37 42.81
CA SER IA 43 -107.25 9.52 43.96
C SER IA 43 -107.76 8.17 44.44
N ASN IA 44 -108.21 8.14 45.69
CA ASN IA 44 -108.72 6.92 46.33
C ASN IA 44 -110.02 7.23 47.08
N SER IA 45 -110.92 7.95 46.41
CA SER IA 45 -112.21 8.26 47.01
C SER IA 45 -113.04 6.99 47.18
N LEU IA 46 -113.93 7.03 48.17
CA LEU IA 46 -114.78 5.87 48.43
C LEU IA 46 -115.69 5.59 47.23
N PHE IA 47 -116.27 6.64 46.65
CA PHE IA 47 -117.08 6.52 45.44
C PHE IA 47 -116.29 7.11 44.27
N THR IA 48 -115.46 6.28 43.67
CA THR IA 48 -114.60 6.67 42.56
C THR IA 48 -115.13 6.05 41.27
N ASN IA 49 -115.31 6.88 40.24
CA ASN IA 49 -115.75 6.36 38.95
C ASN IA 49 -114.68 5.48 38.31
N ALA IA 50 -113.41 5.70 38.65
CA ALA IA 50 -112.30 4.89 38.17
C ALA IA 50 -112.17 4.94 36.66
N LYS IA 51 -113.15 4.38 35.95
CA LYS IA 51 -113.12 4.40 34.49
C LYS IA 51 -113.22 5.83 33.95
N THR IA 52 -113.99 6.68 34.63
CA THR IA 52 -114.22 8.05 34.18
C THR IA 52 -113.36 9.07 34.94
N THR IA 53 -112.35 8.61 35.67
CA THR IA 53 -111.50 9.49 36.45
C THR IA 53 -110.11 9.56 35.84
N PRO IA 54 -109.63 10.74 35.44
CA PRO IA 54 -108.29 10.85 34.87
C PRO IA 54 -107.20 10.78 35.92
N GLY IA 55 -105.95 10.97 35.52
CA GLY IA 55 -104.84 10.94 36.44
C GLY IA 55 -104.79 12.19 37.31
N GLY IA 56 -103.82 12.18 38.22
CA GLY IA 56 -103.66 13.29 39.14
C GLY IA 56 -102.30 13.95 39.04
N GLY IA 57 -101.58 13.67 37.96
CA GLY IA 57 -100.28 14.28 37.74
C GLY IA 57 -99.13 13.36 38.10
N ALA IA 58 -97.99 13.97 38.44
CA ALA IA 58 -96.78 13.22 38.78
C ALA IA 58 -96.20 13.77 40.07
N GLN IA 59 -95.78 12.88 40.96
CA GLN IA 59 -95.23 13.24 42.25
C GLN IA 59 -93.80 12.71 42.36
N ALA IA 60 -92.90 13.52 42.91
CA ALA IA 60 -91.54 13.08 43.15
C ALA IA 60 -91.53 12.01 44.24
N SER IA 61 -90.85 10.90 43.97
CA SER IA 61 -90.78 9.80 44.94
C SER IA 61 -89.57 9.93 45.85
N GLN IA 62 -88.37 9.97 45.26
CA GLN IA 62 -87.14 10.10 46.03
C GLN IA 62 -86.01 10.50 45.11
N VAL IA 63 -84.97 11.10 45.68
CA VAL IA 63 -83.73 11.39 44.97
C VAL IA 63 -82.73 10.32 45.36
N ALA IA 64 -82.35 9.47 44.42
CA ALA IA 64 -81.47 8.35 44.70
C ALA IA 64 -80.06 8.84 45.00
N GLN IA 65 -79.24 7.92 45.50
CA GLN IA 65 -77.85 8.19 45.87
C GLN IA 65 -76.95 7.07 45.35
N GLN IA 66 -77.08 6.78 44.06
CA GLN IA 66 -76.35 5.70 43.41
C GLN IA 66 -74.91 5.63 43.89
N PHE IA 67 -74.53 4.47 44.43
CA PHE IA 67 -73.26 4.29 45.11
C PHE IA 67 -72.32 3.40 44.32
N HIS IA 68 -72.45 3.40 42.99
CA HIS IA 68 -71.54 2.60 42.18
C HIS IA 68 -70.14 3.20 42.22
N GLU IA 69 -69.14 2.32 42.20
CA GLU IA 69 -67.76 2.75 42.34
C GLU IA 69 -67.36 3.71 41.24
N GLY IA 70 -66.70 4.82 41.63
CA GLY IA 70 -66.20 5.78 40.68
C GLY IA 70 -64.75 5.51 40.30
N SER IA 71 -64.28 6.22 39.29
CA SER IA 71 -62.93 6.04 38.81
C SER IA 71 -61.93 6.58 39.81
N SER IA 72 -60.67 6.16 39.66
CA SER IA 72 -59.61 6.51 40.58
C SER IA 72 -58.52 7.30 39.84
N ILE IA 73 -58.05 8.37 40.47
CA ILE IA 73 -56.93 9.14 39.95
C ILE IA 73 -55.72 8.87 40.82
N TYR IA 74 -54.55 8.95 40.20
CA TYR IA 74 -53.29 8.64 40.87
C TYR IA 74 -52.50 9.92 41.06
N THR IA 75 -52.23 10.27 42.32
CA THR IA 75 -51.46 11.45 42.65
C THR IA 75 -50.08 11.14 43.18
N ASN IA 76 -49.75 9.86 43.40
CA ASN IA 76 -48.48 9.43 43.98
C ASN IA 76 -48.23 10.07 45.34
N ASN IA 77 -49.29 10.47 46.03
CA ASN IA 77 -49.17 11.01 47.38
C ASN IA 77 -49.70 9.98 48.36
N PRO IA 78 -48.85 9.33 49.16
CA PRO IA 78 -49.33 8.20 49.98
C PRO IA 78 -50.37 8.58 51.00
N MET IA 79 -50.48 9.86 51.36
CA MET IA 79 -51.53 10.29 52.29
C MET IA 79 -52.91 10.30 51.66
N ASP IA 80 -53.01 10.11 50.34
CA ASP IA 80 -54.30 9.98 49.68
C ASP IA 80 -54.70 8.51 49.67
N LEU IA 81 -55.90 8.23 50.19
CA LEU IA 81 -56.36 6.86 50.35
C LEU IA 81 -57.70 6.69 49.65
N ARG IA 82 -57.93 5.48 49.14
CA ARG IA 82 -59.15 5.14 48.43
C ARG IA 82 -59.64 3.78 48.90
N VAL IA 83 -60.94 3.67 49.11
CA VAL IA 83 -61.57 2.41 49.51
C VAL IA 83 -62.08 1.72 48.25
N SER IA 84 -61.38 0.68 47.82
CA SER IA 84 -61.75 -0.08 46.63
C SER IA 84 -62.78 -1.12 47.03
N GLY IA 85 -64.02 -0.95 46.57
CA GLY IA 85 -65.08 -1.88 46.90
C GLY IA 85 -66.14 -1.29 47.80
N THR IA 86 -66.52 -2.02 48.84
CA THR IA 86 -67.54 -1.57 49.77
C THR IA 86 -66.91 -1.13 51.07
N GLY IA 87 -67.27 0.05 51.54
CA GLY IA 87 -66.76 0.58 52.79
C GLY IA 87 -66.60 2.09 52.73
N PHE IA 88 -66.68 2.72 53.90
CA PHE IA 88 -66.52 4.15 54.03
C PHE IA 88 -65.48 4.47 55.09
N PHE IA 89 -64.79 5.59 54.92
CA PHE IA 89 -63.93 6.11 55.96
C PHE IA 89 -64.76 6.72 57.07
N ALA IA 90 -64.26 6.63 58.30
CA ALA IA 90 -64.91 7.19 59.48
C ALA IA 90 -64.10 8.34 60.02
N VAL IA 91 -64.72 9.51 60.14
CA VAL IA 91 -64.04 10.72 60.59
C VAL IA 91 -64.85 11.36 61.70
N ALA IA 92 -64.15 11.94 62.68
CA ALA IA 92 -64.77 12.55 63.84
C ALA IA 92 -64.56 14.06 63.81
N LYS IA 93 -65.58 14.80 64.25
CA LYS IA 93 -65.48 16.26 64.30
C LYS IA 93 -64.41 16.71 65.28
N GLU IA 94 -64.38 16.09 66.47
CA GLU IA 94 -63.44 16.45 67.52
C GLU IA 94 -62.66 15.22 67.97
N ARG IA 95 -61.43 15.47 68.43
CA ARG IA 95 -60.57 14.37 68.85
C ARG IA 95 -61.12 13.62 70.06
N LEU IA 96 -61.66 14.36 71.02
CA LEU IA 96 -62.08 13.78 72.29
C LEU IA 96 -63.48 13.17 72.25
N THR IA 97 -64.17 13.23 71.12
CA THR IA 97 -65.50 12.67 70.97
C THR IA 97 -65.55 11.78 69.73
N PRO IA 98 -64.88 10.62 69.77
CA PRO IA 98 -64.93 9.72 68.60
C PRO IA 98 -66.32 9.17 68.33
N GLN IA 99 -67.22 9.19 69.32
CA GLN IA 99 -68.57 8.68 69.09
C GLN IA 99 -69.29 9.50 68.01
N GLN IA 100 -69.15 10.82 68.06
CA GLN IA 100 -69.75 11.69 67.05
C GLN IA 100 -68.90 11.61 65.78
N ASN IA 101 -69.34 10.80 64.82
CA ASN IA 101 -68.56 10.56 63.62
C ASN IA 101 -69.48 10.53 62.41
N GLU IA 102 -68.88 10.73 61.24
CA GLU IA 102 -69.59 10.71 59.97
C GLU IA 102 -68.78 9.90 58.96
N LEU IA 103 -69.47 9.40 57.94
CA LEU IA 103 -68.85 8.58 56.92
C LEU IA 103 -68.45 9.42 55.72
N THR IA 104 -67.34 9.05 55.09
CA THR IA 104 -66.85 9.77 53.93
C THR IA 104 -66.10 8.80 53.02
N ARG IA 105 -65.81 9.27 51.80
CA ARG IA 105 -65.11 8.49 50.81
C ARG IA 105 -63.83 9.12 50.28
N ASN IA 106 -63.68 10.43 50.35
CA ASN IA 106 -62.46 11.08 49.88
C ASN IA 106 -61.32 10.79 50.85
N GLY IA 107 -60.10 10.82 50.32
CA GLY IA 107 -58.94 10.47 51.11
C GLY IA 107 -57.88 11.53 51.19
N ALA IA 108 -58.27 12.81 51.10
CA ALA IA 108 -57.31 13.91 51.20
C ALA IA 108 -56.93 14.06 52.67
N PHE IA 109 -55.95 13.29 53.09
CA PHE IA 109 -55.50 13.28 54.48
C PHE IA 109 -54.15 13.96 54.61
N HIS IA 110 -53.94 14.57 55.79
CA HIS IA 110 -52.67 15.20 56.10
C HIS IA 110 -52.53 15.29 57.61
N LEU IA 111 -51.29 15.33 58.07
CA LEU IA 111 -51.00 15.45 59.49
C LEU IA 111 -51.26 16.88 59.93
N ASN IA 112 -51.98 17.05 61.04
CA ASN IA 112 -52.20 18.38 61.59
C ASN IA 112 -50.98 18.77 62.42
N LYS IA 113 -51.08 19.88 63.16
CA LYS IA 113 -49.96 20.29 63.99
C LYS IA 113 -49.68 19.32 65.13
N GLU IA 114 -50.65 18.45 65.45
CA GLU IA 114 -50.50 17.46 66.51
C GLU IA 114 -50.13 16.09 65.97
N ASN IA 115 -49.77 15.99 64.68
CA ASN IA 115 -49.39 14.73 64.05
C ASN IA 115 -50.55 13.73 64.05
N TYR IA 116 -51.77 14.24 63.83
CA TYR IA 116 -52.94 13.40 63.65
C TYR IA 116 -53.43 13.52 62.20
N MET IA 117 -53.85 12.40 61.63
CA MET IA 117 -54.34 12.39 60.26
C MET IA 117 -55.74 12.97 60.23
N VAL IA 118 -55.91 14.08 59.51
CA VAL IA 118 -57.19 14.80 59.43
C VAL IA 118 -57.53 15.05 57.98
N THR IA 119 -58.79 15.38 57.75
CA THR IA 119 -59.29 15.67 56.42
C THR IA 119 -59.05 17.14 56.08
N ALA IA 120 -59.65 17.61 54.99
CA ALA IA 120 -59.49 19.01 54.59
C ALA IA 120 -60.07 19.95 55.64
N ASN IA 121 -61.20 19.57 56.23
CA ASN IA 121 -61.84 20.38 57.26
C ASN IA 121 -61.30 20.11 58.67
N ASP IA 122 -60.08 19.57 58.76
CA ASP IA 122 -59.43 19.29 60.05
C ASP IA 122 -60.28 18.37 60.92
N GLU IA 123 -60.82 17.33 60.30
CA GLU IA 123 -61.61 16.33 61.00
C GLU IA 123 -60.78 15.06 61.17
N PHE IA 124 -60.64 14.61 62.42
CA PHE IA 124 -59.76 13.50 62.72
C PHE IA 124 -60.28 12.20 62.11
N LEU IA 125 -59.35 11.38 61.64
CA LEU IA 125 -59.67 10.09 61.06
C LEU IA 125 -59.68 9.02 62.14
N LEU IA 126 -60.76 8.25 62.21
CA LEU IA 126 -60.93 7.24 63.24
C LEU IA 126 -60.26 5.94 62.84
N GLY IA 127 -59.53 5.36 63.79
CA GLY IA 127 -58.81 4.12 63.54
C GLY IA 127 -58.75 3.26 64.79
N TYR IA 128 -58.25 2.04 64.60
CA TYR IA 128 -58.15 1.08 65.67
C TYR IA 128 -56.79 1.17 66.35
N GLN IA 129 -56.56 0.30 67.33
CA GLN IA 129 -55.28 0.20 68.02
C GLN IA 129 -54.87 -1.27 68.02
N VAL IA 130 -53.83 -1.59 67.27
CA VAL IA 130 -53.39 -2.97 67.10
C VAL IA 130 -52.44 -3.34 68.23
N ASP IA 131 -52.23 -4.64 68.41
CA ASP IA 131 -51.31 -5.16 69.39
C ASP IA 131 -49.87 -4.96 68.93
N PRO IA 132 -48.91 -4.91 69.86
CA PRO IA 132 -47.50 -4.79 69.44
C PRO IA 132 -47.04 -5.92 68.53
N SER IA 133 -47.24 -7.17 68.96
CA SER IA 133 -46.84 -8.34 68.18
C SER IA 133 -47.99 -8.95 67.41
N SER IA 134 -49.13 -9.15 68.07
CA SER IA 134 -50.28 -9.76 67.41
C SER IA 134 -50.84 -8.81 66.35
N GLY IA 135 -51.03 -9.35 65.13
CA GLY IA 135 -51.59 -8.54 64.06
C GLY IA 135 -53.03 -8.14 64.30
N GLU IA 136 -53.81 -9.01 64.93
CA GLU IA 136 -55.22 -8.72 65.19
C GLU IA 136 -55.36 -7.54 66.13
N VAL IA 137 -56.35 -6.70 65.84
CA VAL IA 137 -56.63 -5.52 66.67
C VAL IA 137 -57.33 -5.98 67.94
N SER IA 138 -56.90 -5.45 69.08
CA SER IA 138 -57.48 -5.85 70.36
C SER IA 138 -58.85 -5.19 70.56
N SER IA 139 -58.87 -3.86 70.65
CA SER IA 139 -60.11 -3.13 70.92
C SER IA 139 -60.66 -2.54 69.63
N TYR IA 140 -61.97 -2.71 69.43
CA TYR IA 140 -62.64 -2.28 68.22
C TYR IA 140 -63.21 -0.87 68.33
N GLU IA 141 -62.99 -0.18 69.44
CA GLU IA 141 -63.48 1.18 69.54
C GLU IA 141 -62.67 2.11 68.64
N PRO IA 142 -63.33 3.07 67.98
CA PRO IA 142 -62.60 4.00 67.12
C PRO IA 142 -61.91 5.09 67.94
N GLN IA 143 -60.68 5.38 67.56
CA GLN IA 143 -59.89 6.43 68.20
C GLN IA 143 -59.08 7.17 67.14
N PRO IA 144 -58.75 8.44 67.37
CA PRO IA 144 -57.95 9.18 66.40
C PRO IA 144 -56.59 8.52 66.18
N ILE IA 145 -56.12 8.56 64.95
CA ILE IA 145 -54.85 7.96 64.57
C ILE IA 145 -53.74 8.98 64.75
N ASN IA 146 -52.70 8.61 65.49
CA ASN IA 146 -51.56 9.48 65.75
C ASN IA 146 -50.30 8.86 65.16
N ILE IA 147 -49.44 9.71 64.61
CA ILE IA 147 -48.16 9.26 64.06
C ILE IA 147 -47.05 10.02 64.76
N PRO IA 148 -46.56 9.54 65.89
CA PRO IA 148 -45.50 10.26 66.61
C PRO IA 148 -44.24 10.37 65.77
N ALA IA 149 -43.53 11.49 65.94
CA ALA IA 149 -42.29 11.73 65.22
C ALA IA 149 -41.07 11.18 65.93
N GLU IA 150 -41.24 10.61 67.12
CA GLU IA 150 -40.13 10.07 67.89
C GLU IA 150 -40.52 8.72 68.48
N PHE IA 151 -39.54 7.81 68.53
CA PHE IA 151 -39.69 6.56 69.27
C PHE IA 151 -39.22 6.78 70.71
N GLY IA 152 -39.99 7.61 71.41
CA GLY IA 152 -39.59 8.07 72.73
C GLY IA 152 -39.86 7.10 73.86
N LYS IA 153 -39.27 5.91 73.79
CA LYS IA 153 -39.38 4.93 74.86
C LYS IA 153 -38.26 3.90 74.72
N PRO IA 154 -37.07 4.18 75.26
CA PRO IA 154 -35.97 3.20 75.17
C PRO IA 154 -36.34 1.87 75.80
N LYS IA 155 -36.40 0.82 74.99
CA LYS IA 155 -36.89 -0.48 75.42
C LYS IA 155 -35.69 -1.35 75.82
N GLN IA 156 -35.70 -1.83 77.06
CA GLN IA 156 -34.64 -2.71 77.54
C GLN IA 156 -34.72 -4.06 76.85
N THR IA 157 -33.56 -4.71 76.72
CA THR IA 157 -33.49 -6.04 76.14
C THR IA 157 -34.02 -7.05 77.16
N ALA IA 158 -34.96 -7.89 76.73
CA ALA IA 158 -35.55 -8.87 77.63
C ALA IA 158 -35.46 -10.28 77.06
N ASN IA 159 -35.64 -10.42 75.75
CA ASN IA 159 -35.58 -11.71 75.09
C ASN IA 159 -34.54 -11.65 73.98
N ILE IA 160 -33.62 -12.63 73.98
CA ILE IA 160 -32.59 -12.73 72.96
C ILE IA 160 -32.70 -14.11 72.33
N GLU IA 161 -32.91 -14.15 71.02
CA GLU IA 161 -32.98 -15.40 70.27
C GLU IA 161 -31.68 -15.58 69.50
N VAL IA 162 -30.98 -16.68 69.78
CA VAL IA 162 -29.69 -16.98 69.17
C VAL IA 162 -29.77 -18.37 68.55
N GLY IA 163 -29.42 -18.47 67.27
CA GLY IA 163 -29.34 -19.76 66.61
C GLY IA 163 -27.95 -20.01 66.04
N VAL IA 164 -27.26 -21.01 66.57
CA VAL IA 164 -25.89 -21.30 66.18
C VAL IA 164 -25.75 -22.77 65.81
N ASN IA 165 -24.69 -23.07 65.06
CA ASN IA 165 -24.30 -24.43 64.74
C ASN IA 165 -22.96 -24.72 65.42
N LEU IA 166 -22.92 -25.79 66.20
CA LEU IA 166 -21.67 -25.98 66.93
C LEU IA 166 -20.80 -27.04 66.27
N PRO IA 167 -19.48 -26.85 66.28
CA PRO IA 167 -18.59 -27.81 65.62
C PRO IA 167 -18.56 -29.14 66.38
N ALA IA 168 -19.04 -30.19 65.71
CA ALA IA 168 -19.03 -31.52 66.32
C ALA IA 168 -17.62 -32.07 66.46
N ASN IA 169 -16.70 -31.67 65.59
CA ASN IA 169 -15.32 -32.13 65.62
C ASN IA 169 -14.41 -31.23 66.43
N GLY IA 170 -14.96 -30.23 67.13
CA GLY IA 170 -14.14 -29.36 67.93
C GLY IA 170 -13.49 -30.09 69.09
N ASP IA 171 -12.38 -29.54 69.55
CA ASP IA 171 -11.62 -30.18 70.62
C ASP IA 171 -12.37 -30.08 71.95
N LEU IA 172 -12.28 -31.12 72.75
CA LEU IA 172 -12.93 -31.14 74.06
C LEU IA 172 -12.18 -30.24 75.04
N LYS IA 173 -12.92 -29.72 76.01
CA LYS IA 173 -12.37 -28.85 77.04
C LYS IA 173 -12.85 -29.31 78.41
N ASP IA 174 -12.14 -28.88 79.45
CA ASP IA 174 -12.45 -29.28 80.82
C ASP IA 174 -13.51 -28.36 81.39
N PRO IA 175 -14.67 -28.88 81.79
CA PRO IA 175 -15.70 -28.00 82.38
C PRO IA 175 -15.23 -27.26 83.62
N THR IA 176 -14.41 -27.89 84.44
CA THR IA 176 -13.93 -27.26 85.67
C THR IA 176 -12.88 -26.19 85.41
N GLN IA 177 -12.16 -26.26 84.29
CA GLN IA 177 -11.08 -25.33 83.99
C GLN IA 177 -11.55 -24.14 83.15
N PHE IA 178 -12.86 -23.89 83.10
CA PHE IA 178 -13.37 -22.77 82.32
C PHE IA 178 -12.96 -21.45 82.96
N ASP IA 179 -12.48 -20.52 82.15
CA ASP IA 179 -12.13 -19.19 82.61
C ASP IA 179 -12.21 -18.24 81.42
N PHE IA 180 -13.08 -17.24 81.51
CA PHE IA 180 -13.28 -16.33 80.39
C PHE IA 180 -12.07 -15.46 80.11
N SER IA 181 -11.15 -15.34 81.08
CA SER IA 181 -9.93 -14.57 80.85
C SER IA 181 -8.92 -15.33 80.01
N ASP IA 182 -9.03 -16.65 79.93
CA ASP IA 182 -8.11 -17.46 79.13
C ASP IA 182 -8.85 -18.02 77.93
N PRO IA 183 -8.51 -17.60 76.71
CA PRO IA 183 -9.22 -18.13 75.52
C PRO IA 183 -9.09 -19.64 75.36
N ASP IA 184 -7.96 -20.22 75.75
CA ASP IA 184 -7.72 -21.65 75.50
C ASP IA 184 -8.60 -22.55 76.35
N THR IA 185 -9.22 -22.03 77.41
CA THR IA 185 -10.04 -22.88 78.27
C THR IA 185 -11.34 -23.29 77.58
N TYR IA 186 -11.93 -22.41 76.77
CA TYR IA 186 -13.19 -22.66 76.09
C TYR IA 186 -12.93 -22.84 74.60
N ASN IA 187 -14.02 -22.97 73.83
CA ASN IA 187 -13.92 -23.22 72.40
C ASN IA 187 -14.16 -21.95 71.58
N ARG IA 188 -15.32 -21.31 71.75
CA ARG IA 188 -15.67 -20.17 70.94
C ARG IA 188 -16.25 -19.07 71.83
N SER IA 189 -16.11 -17.83 71.35
CA SER IA 189 -16.63 -16.66 72.06
C SER IA 189 -17.26 -15.71 71.05
N THR IA 190 -18.47 -15.27 71.35
CA THR IA 190 -19.22 -14.36 70.48
C THR IA 190 -19.62 -13.11 71.25
N SER IA 191 -19.67 -11.98 70.55
CA SER IA 191 -19.97 -10.69 71.15
C SER IA 191 -21.21 -10.10 70.50
N SER IA 192 -21.98 -9.35 71.30
CA SER IA 192 -23.19 -8.71 70.83
C SER IA 192 -23.47 -7.49 71.70
N THR IA 193 -24.46 -6.71 71.28
CA THR IA 193 -24.82 -5.47 71.96
C THR IA 193 -26.23 -5.59 72.55
N ILE IA 194 -26.37 -5.14 73.79
CA ILE IA 194 -27.65 -5.13 74.49
C ILE IA 194 -27.90 -3.74 75.03
N TYR IA 195 -29.17 -3.45 75.31
CA TYR IA 195 -29.59 -2.13 75.78
C TYR IA 195 -30.38 -2.27 77.07
N ASP IA 196 -30.16 -1.34 77.99
CA ASP IA 196 -30.82 -1.34 79.28
C ASP IA 196 -32.10 -0.51 79.20
N SER IA 197 -32.68 -0.20 80.36
CA SER IA 197 -33.92 0.58 80.40
C SER IA 197 -33.71 1.99 79.86
N MET IA 198 -32.55 2.59 80.14
CA MET IA 198 -32.26 3.96 79.74
C MET IA 198 -31.59 4.05 78.36
N GLY IA 199 -31.41 2.92 77.67
CA GLY IA 199 -30.85 2.93 76.34
C GLY IA 199 -29.34 2.88 76.26
N GLN IA 200 -28.65 2.72 77.37
CA GLN IA 200 -27.20 2.57 77.34
C GLN IA 200 -26.81 1.26 76.67
N SER IA 201 -25.76 1.30 75.85
CA SER IA 201 -25.31 0.13 75.12
C SER IA 201 -24.32 -0.66 75.96
N TYR IA 202 -24.55 -1.96 76.08
CA TYR IA 202 -23.65 -2.85 76.81
C TYR IA 202 -23.22 -3.99 75.91
N LYS IA 203 -21.99 -4.44 76.12
CA LYS IA 203 -21.38 -5.49 75.31
C LYS IA 203 -21.59 -6.84 76.00
N LEU IA 204 -22.30 -7.74 75.32
CA LEU IA 204 -22.60 -9.08 75.85
C LEU IA 204 -21.75 -10.10 75.10
N THR IA 205 -20.94 -10.83 75.85
CA THR IA 205 -20.07 -11.86 75.28
C THR IA 205 -20.50 -13.23 75.79
N THR IA 206 -20.71 -14.16 74.87
CA THR IA 206 -21.11 -15.52 75.20
C THR IA 206 -19.97 -16.48 74.89
N TYR IA 207 -19.67 -17.35 75.86
CA TYR IA 207 -18.59 -18.33 75.72
C TYR IA 207 -19.18 -19.72 75.60
N TYR IA 208 -18.76 -20.46 74.59
CA TYR IA 208 -19.22 -21.82 74.35
C TYR IA 208 -18.09 -22.80 74.61
N LEU IA 209 -18.34 -23.78 75.46
CA LEU IA 209 -17.34 -24.77 75.84
C LEU IA 209 -17.87 -26.17 75.56
N LYS IA 210 -17.03 -26.99 74.94
CA LYS IA 210 -17.39 -28.36 74.58
C LYS IA 210 -17.03 -29.29 75.73
N ASP IA 211 -18.03 -29.98 76.26
CA ASP IA 211 -17.82 -30.85 77.42
C ASP IA 211 -16.96 -32.05 77.04
N GLN IA 212 -16.03 -32.39 77.92
CA GLN IA 212 -15.16 -33.54 77.72
C GLN IA 212 -15.74 -34.81 78.32
N THR IA 213 -16.35 -34.72 79.50
CA THR IA 213 -16.87 -35.92 80.16
C THR IA 213 -18.02 -36.54 79.38
N GLN IA 214 -18.94 -35.72 78.88
CA GLN IA 214 -20.14 -36.22 78.22
C GLN IA 214 -20.11 -35.84 76.74
N PRO IA 215 -20.20 -36.80 75.83
CA PRO IA 215 -20.30 -36.47 74.41
C PRO IA 215 -21.60 -35.78 74.08
N ASN IA 216 -21.57 -34.95 73.04
CA ASN IA 216 -22.73 -34.18 72.59
C ASN IA 216 -23.27 -33.30 73.71
N THR IA 217 -22.37 -32.69 74.47
CA THR IA 217 -22.71 -31.80 75.56
C THR IA 217 -21.87 -30.54 75.46
N TRP IA 218 -22.52 -29.39 75.64
CA TRP IA 218 -21.85 -28.11 75.54
C TRP IA 218 -22.19 -27.25 76.76
N ASN IA 219 -21.25 -26.40 77.14
CA ASN IA 219 -21.41 -25.48 78.25
C ASN IA 219 -21.39 -24.06 77.72
N THR IA 220 -22.34 -23.24 78.21
CA THR IA 220 -22.48 -21.87 77.74
C THR IA 220 -22.45 -20.93 78.94
N TYR IA 221 -21.62 -19.89 78.83
CA TYR IA 221 -21.48 -18.88 79.88
C TYR IA 221 -21.63 -17.51 79.24
N TYR IA 222 -22.06 -16.55 80.06
CA TYR IA 222 -22.32 -15.19 79.60
C TYR IA 222 -21.57 -14.19 80.47
N THR IA 223 -21.05 -13.15 79.83
CA THR IA 223 -20.36 -12.07 80.53
C THR IA 223 -20.84 -10.74 79.99
N VAL IA 224 -20.88 -9.74 80.86
CA VAL IA 224 -21.29 -8.39 80.50
C VAL IA 224 -20.12 -7.46 80.76
N THR IA 225 -19.77 -6.67 79.75
CA THR IA 225 -18.62 -5.77 79.81
C THR IA 225 -19.11 -4.33 79.82
N ASP IA 226 -19.02 -3.69 80.99
CA ASP IA 226 -19.31 -2.27 81.14
C ASP IA 226 -17.99 -1.49 81.14
N LYS IA 227 -18.09 -0.20 81.45
CA LYS IA 227 -16.88 0.62 81.52
C LYS IA 227 -15.97 0.17 82.67
N GLU IA 228 -16.56 -0.31 83.77
CA GLU IA 228 -15.74 -0.77 84.90
C GLU IA 228 -14.92 -1.99 84.52
N GLY IA 229 -15.52 -2.93 83.80
CA GLY IA 229 -14.81 -4.14 83.41
C GLY IA 229 -15.78 -5.18 82.90
N GLU IA 230 -15.29 -6.40 82.80
CA GLU IA 230 -16.07 -7.54 82.32
C GLU IA 230 -16.50 -8.37 83.52
N LYS IA 231 -17.80 -8.39 83.80
CA LYS IA 231 -18.34 -9.11 84.94
C LYS IA 231 -19.15 -10.30 84.47
N PRO IA 232 -18.90 -11.49 85.00
CA PRO IA 232 -19.69 -12.66 84.59
C PRO IA 232 -21.14 -12.54 85.03
N LEU IA 233 -22.01 -13.18 84.24
CA LEU IA 233 -23.43 -13.22 84.51
C LEU IA 233 -23.83 -14.67 84.82
N ASN IA 234 -24.59 -14.86 85.89
CA ASN IA 234 -24.95 -16.18 86.36
C ASN IA 234 -26.37 -16.53 85.96
N VAL IA 235 -26.60 -17.81 85.67
CA VAL IA 235 -27.92 -18.32 85.33
C VAL IA 235 -28.65 -18.68 86.61
N ALA IA 236 -29.96 -18.43 86.65
CA ALA IA 236 -30.75 -18.68 87.85
C ALA IA 236 -30.75 -20.16 88.22
N ALA IA 237 -30.94 -21.03 87.23
CA ALA IA 237 -31.02 -22.47 87.47
C ALA IA 237 -30.17 -23.25 86.48
N GLY IA 238 -29.07 -22.67 86.02
CA GLY IA 238 -28.20 -23.37 85.08
C GLY IA 238 -27.40 -24.44 85.78
N ASP IA 239 -27.28 -25.59 85.11
CA ASP IA 239 -26.56 -26.74 85.67
C ASP IA 239 -25.10 -26.75 85.20
N ALA IA 240 -24.39 -25.65 85.40
CA ALA IA 240 -22.97 -25.57 85.07
C ALA IA 240 -22.33 -24.57 86.04
N GLN IA 241 -21.76 -25.10 87.11
CA GLN IA 241 -21.16 -24.29 88.17
C GLN IA 241 -19.65 -24.53 88.18
N THR IA 242 -18.89 -23.51 87.81
CA THR IA 242 -17.44 -23.58 87.87
C THR IA 242 -16.98 -23.48 89.32
N PRO IA 243 -15.76 -23.95 89.62
CA PRO IA 243 -15.23 -23.78 90.99
C PRO IA 243 -15.17 -22.32 91.44
N THR IA 244 -14.93 -21.39 90.52
CA THR IA 244 -14.89 -19.98 90.89
C THR IA 244 -16.25 -19.50 91.39
N GLY IA 245 -17.33 -19.93 90.75
CA GLY IA 245 -18.65 -19.52 91.16
C GLY IA 245 -19.55 -19.11 90.01
N HIS IA 246 -18.98 -18.99 88.82
CA HIS IA 246 -19.76 -18.63 87.63
C HIS IA 246 -20.75 -19.74 87.30
N VAL IA 247 -21.95 -19.35 86.88
CA VAL IA 247 -23.03 -20.28 86.61
C VAL IA 247 -23.39 -20.20 85.13
N GLY IA 248 -23.23 -21.31 84.41
CA GLY IA 248 -23.67 -21.43 83.05
C GLY IA 248 -24.80 -22.44 82.89
N HIS IA 249 -25.09 -22.79 81.64
CA HIS IA 249 -26.13 -23.76 81.33
C HIS IA 249 -25.59 -24.76 80.30
N THR IA 250 -26.15 -25.96 80.32
CA THR IA 250 -25.69 -27.06 79.48
C THR IA 250 -26.63 -27.28 78.32
N MET IA 251 -26.07 -27.69 77.19
CA MET IA 251 -26.83 -27.98 75.97
C MET IA 251 -26.49 -29.38 75.49
N LYS IA 252 -27.51 -30.15 75.14
CA LYS IA 252 -27.35 -31.52 74.67
C LYS IA 252 -28.05 -31.68 73.32
N PHE IA 253 -27.51 -32.58 72.49
CA PHE IA 253 -28.00 -32.77 71.13
C PHE IA 253 -28.22 -34.25 70.86
N ASN IA 254 -29.10 -34.54 69.90
CA ASN IA 254 -29.48 -35.91 69.58
C ASN IA 254 -28.42 -36.55 68.68
N ASN IA 255 -28.72 -37.76 68.20
CA ASN IA 255 -27.79 -38.45 67.31
C ASN IA 255 -27.71 -37.78 65.95
N ASP IA 256 -28.84 -37.25 65.46
CA ASP IA 256 -28.86 -36.57 64.17
C ASP IA 256 -28.29 -35.16 64.23
N GLY IA 257 -27.83 -34.72 65.41
CA GLY IA 257 -27.27 -33.39 65.56
C GLY IA 257 -28.28 -32.31 65.89
N THR IA 258 -29.57 -32.64 65.91
CA THR IA 258 -30.59 -31.67 66.27
C THR IA 258 -30.57 -31.41 67.78
N LEU IA 259 -31.29 -30.37 68.19
CA LEU IA 259 -31.30 -29.98 69.59
C LEU IA 259 -32.10 -30.98 70.42
N ALA IA 260 -31.51 -31.43 71.53
CA ALA IA 260 -32.15 -32.39 72.42
C ALA IA 260 -32.74 -31.72 73.65
N SER IA 261 -31.92 -31.00 74.41
CA SER IA 261 -32.37 -30.37 75.64
C SER IA 261 -31.55 -29.13 75.92
N LEU IA 262 -32.11 -28.23 76.72
CA LEU IA 262 -31.45 -26.99 77.12
C LEU IA 262 -31.64 -26.80 78.61
N ASN IA 263 -30.52 -26.80 79.36
CA ASN IA 263 -30.54 -26.54 80.80
C ASN IA 263 -31.49 -27.48 81.52
N ASN IA 264 -31.40 -28.77 81.19
CA ASN IA 264 -32.25 -29.81 81.77
C ASN IA 264 -33.73 -29.51 81.57
N GLY IA 265 -34.07 -28.90 80.44
CA GLY IA 265 -35.45 -28.59 80.13
C GLY IA 265 -36.00 -27.35 80.79
N GLN IA 266 -35.17 -26.60 81.51
CA GLN IA 266 -35.66 -25.40 82.18
C GLN IA 266 -35.42 -24.17 81.33
N PRO IA 267 -36.29 -23.15 81.44
CA PRO IA 267 -36.08 -21.92 80.68
C PRO IA 267 -34.83 -21.20 81.14
N ILE IA 268 -34.20 -20.51 80.18
CA ILE IA 268 -32.94 -19.82 80.42
C ILE IA 268 -33.27 -18.37 80.81
N THR IA 269 -33.17 -18.07 82.10
CA THR IA 269 -33.38 -16.72 82.61
C THR IA 269 -32.17 -16.32 83.45
N SER IA 270 -31.59 -15.17 83.12
CA SER IA 270 -30.41 -14.70 83.82
C SER IA 270 -30.79 -13.98 85.11
N VAL IA 271 -29.81 -13.85 86.01
CA VAL IA 271 -30.01 -13.10 87.25
C VAL IA 271 -30.03 -11.62 86.93
N ALA IA 272 -30.47 -10.81 87.89
CA ALA IA 272 -30.54 -9.37 87.66
C ALA IA 272 -29.16 -8.79 87.43
N LEU IA 273 -29.07 -7.87 86.46
CA LEU IA 273 -27.78 -7.33 86.06
C LEU IA 273 -27.14 -6.49 87.16
N GLY IA 274 -27.93 -5.58 87.74
CA GLY IA 274 -27.37 -4.63 88.70
C GLY IA 274 -27.86 -4.78 90.12
N ASP IA 275 -28.42 -5.94 90.46
CA ASP IA 275 -28.94 -6.16 91.80
C ASP IA 275 -27.94 -6.97 92.60
N PRO IA 276 -27.28 -6.40 93.60
CA PRO IA 276 -26.31 -7.17 94.41
C PRO IA 276 -26.96 -8.29 95.20
N ALA IA 277 -28.27 -8.24 95.46
CA ALA IA 277 -28.94 -9.27 96.24
C ALA IA 277 -28.99 -10.62 95.52
N THR IA 278 -28.86 -10.64 94.20
CA THR IA 278 -28.89 -11.87 93.44
C THR IA 278 -27.66 -12.11 92.57
N ASN IA 279 -26.78 -11.13 92.43
CA ASN IA 279 -25.59 -11.27 91.59
C ASN IA 279 -24.36 -10.93 92.41
N THR IA 280 -23.35 -11.81 92.34
CA THR IA 280 -22.09 -11.55 93.04
C THR IA 280 -21.24 -10.51 92.32
N THR IA 281 -21.50 -10.26 91.03
CA THR IA 281 -20.80 -9.23 90.27
C THR IA 281 -21.85 -8.34 89.62
N PRO IA 282 -22.45 -7.43 90.38
CA PRO IA 282 -23.51 -6.59 89.83
C PRO IA 282 -22.99 -5.67 88.73
N VAL IA 283 -23.73 -5.61 87.62
CA VAL IA 283 -23.34 -4.75 86.51
C VAL IA 283 -23.68 -3.30 86.85
N ASP IA 284 -22.75 -2.40 86.53
CA ASP IA 284 -22.96 -0.98 86.77
C ASP IA 284 -23.98 -0.41 85.79
N MET IA 285 -25.24 -0.36 86.20
CA MET IA 285 -26.30 0.14 85.33
C MET IA 285 -26.16 1.63 85.03
N ASN IA 286 -25.43 2.37 85.88
CA ASN IA 286 -25.23 3.80 85.71
C ASN IA 286 -26.57 4.55 85.65
N GLY IA 287 -27.49 4.18 86.55
CA GLY IA 287 -28.79 4.81 86.63
C GLY IA 287 -29.92 4.00 86.04
N ALA IA 288 -29.63 2.90 85.34
CA ALA IA 288 -30.67 2.09 84.75
C ALA IA 288 -31.27 1.16 85.80
N ASP IA 289 -32.30 0.41 85.38
CA ASP IA 289 -32.98 -0.51 86.28
C ASP IA 289 -32.07 -1.66 86.65
N PRO IA 290 -31.80 -1.88 87.95
CA PRO IA 290 -30.88 -2.96 88.34
C PRO IA 290 -31.51 -4.35 88.27
N ALA IA 291 -32.83 -4.44 88.16
CA ALA IA 291 -33.51 -5.73 88.16
C ALA IA 291 -33.77 -6.27 86.75
N GLN IA 292 -33.10 -5.71 85.74
CA GLN IA 292 -33.30 -6.17 84.37
C GLN IA 292 -32.84 -7.62 84.23
N THR IA 293 -33.65 -8.42 83.53
CA THR IA 293 -33.38 -9.83 83.34
C THR IA 293 -33.38 -10.15 81.85
N LEU IA 294 -32.61 -11.16 81.47
CA LEU IA 294 -32.47 -11.58 80.09
C LEU IA 294 -32.95 -13.01 79.93
N ASN IA 295 -33.78 -13.25 78.91
CA ASN IA 295 -34.24 -14.58 78.55
C ASN IA 295 -33.62 -14.96 77.22
N PHE IA 296 -32.92 -16.09 77.20
CA PHE IA 296 -32.19 -16.53 76.01
C PHE IA 296 -32.97 -17.65 75.33
N GLY IA 297 -33.25 -17.47 74.04
CA GLY IA 297 -33.92 -18.50 73.28
C GLY IA 297 -33.02 -19.14 72.24
N LEU IA 298 -32.62 -20.39 72.48
CA LEU IA 298 -31.73 -21.12 71.60
C LEU IA 298 -32.41 -22.38 71.07
N GLY IA 299 -33.68 -22.26 70.67
CA GLY IA 299 -34.42 -23.41 70.20
C GLY IA 299 -33.97 -23.94 68.86
N SER IA 300 -33.10 -23.21 68.16
CA SER IA 300 -32.62 -23.63 66.84
C SER IA 300 -31.14 -23.99 66.84
N ALA IA 301 -30.53 -24.18 68.00
CA ALA IA 301 -29.13 -24.55 68.06
C ALA IA 301 -28.93 -25.97 67.55
N THR IA 302 -27.85 -26.17 66.80
CA THR IA 302 -27.55 -27.47 66.21
C THR IA 302 -26.07 -27.77 66.38
N GLN IA 303 -25.73 -29.06 66.30
CA GLN IA 303 -24.34 -29.52 66.32
C GLN IA 303 -24.12 -30.43 65.13
N PHE IA 304 -23.46 -29.92 64.10
CA PHE IA 304 -23.16 -30.66 62.89
C PHE IA 304 -21.65 -30.64 62.65
N ALA IA 305 -21.23 -31.26 61.54
CA ALA IA 305 -19.82 -31.26 61.17
C ALA IA 305 -19.35 -29.90 60.69
N ALA IA 306 -20.27 -28.98 60.41
CA ALA IA 306 -19.89 -27.66 59.93
C ALA IA 306 -19.16 -26.89 61.03
N PRO IA 307 -18.30 -25.94 60.67
CA PRO IA 307 -17.60 -25.14 61.68
C PRO IA 307 -18.55 -24.28 62.50
N PHE IA 308 -18.00 -23.62 63.53
CA PHE IA 308 -18.80 -22.74 64.36
C PHE IA 308 -19.38 -21.58 63.54
N GLU IA 309 -20.66 -21.32 63.73
CA GLU IA 309 -21.34 -20.31 62.91
C GLU IA 309 -22.48 -19.69 63.71
N LEU IA 310 -22.57 -18.37 63.67
CA LEU IA 310 -23.66 -17.62 64.29
C LEU IA 310 -24.69 -17.35 63.20
N THR IA 311 -25.64 -18.26 63.04
CA THR IA 311 -26.58 -18.17 61.93
C THR IA 311 -27.58 -17.03 62.13
N LYS IA 312 -28.15 -16.92 63.33
CA LYS IA 312 -29.20 -15.95 63.58
C LYS IA 312 -29.00 -15.32 64.96
N PHE IA 313 -29.26 -14.02 65.05
CA PHE IA 313 -29.24 -13.31 66.32
C PHE IA 313 -30.36 -12.28 66.30
N ASP IA 314 -31.35 -12.44 67.18
CA ASP IA 314 -32.46 -11.52 67.29
C ASP IA 314 -32.66 -11.14 68.74
N GLU IA 315 -32.94 -9.86 68.97
CA GLU IA 315 -33.18 -9.32 70.30
C GLU IA 315 -34.46 -8.50 70.27
N ASP IA 316 -34.88 -8.02 71.44
CA ASP IA 316 -36.05 -7.17 71.56
C ASP IA 316 -35.71 -5.78 72.09
N GLY IA 317 -34.43 -5.41 72.08
CA GLY IA 317 -34.02 -4.11 72.55
C GLY IA 317 -34.34 -3.00 71.56
N ALA IA 318 -34.25 -1.77 72.05
CA ALA IA 318 -34.56 -0.61 71.23
C ALA IA 318 -33.85 0.61 71.78
N THR IA 319 -33.75 1.64 70.95
CA THR IA 319 -33.11 2.89 71.32
C THR IA 319 -33.95 4.04 70.76
N THR IA 320 -33.67 5.24 71.25
CA THR IA 320 -34.40 6.42 70.79
C THR IA 320 -34.15 6.66 69.31
N GLY IA 321 -35.19 7.09 68.61
CA GLY IA 321 -35.09 7.30 67.17
C GLY IA 321 -36.14 8.26 66.67
N PHE IA 322 -36.01 8.64 65.39
CA PHE IA 322 -36.86 9.64 64.77
C PHE IA 322 -37.59 9.02 63.59
N LEU IA 323 -38.84 9.46 63.39
CA LEU IA 323 -39.65 8.97 62.29
C LEU IA 323 -38.93 9.18 60.96
N THR IA 324 -38.77 8.10 60.21
CA THR IA 324 -38.05 8.13 58.93
C THR IA 324 -38.98 8.02 57.73
N LYS IA 325 -39.87 7.03 57.70
CA LYS IA 325 -40.83 6.90 56.61
C LYS IA 325 -42.08 6.23 57.12
N VAL IA 326 -43.18 6.46 56.41
CA VAL IA 326 -44.48 5.90 56.78
C VAL IA 326 -45.15 5.36 55.52
N ASP IA 327 -45.67 4.13 55.62
CA ASP IA 327 -46.33 3.48 54.50
C ASP IA 327 -47.57 2.75 54.99
N PHE IA 328 -48.44 2.40 54.05
CA PHE IA 328 -49.69 1.72 54.32
C PHE IA 328 -49.71 0.39 53.60
N ASP IA 329 -50.13 -0.66 54.30
CA ASP IA 329 -50.29 -1.97 53.67
C ASP IA 329 -51.73 -2.16 53.20
N GLU IA 330 -51.97 -3.29 52.54
CA GLU IA 330 -53.30 -3.58 52.02
C GLU IA 330 -54.32 -3.79 53.14
N ASN IA 331 -53.87 -4.20 54.32
CA ASN IA 331 -54.77 -4.40 55.45
C ASN IA 331 -55.17 -3.10 56.13
N GLY IA 332 -54.60 -1.97 55.71
CA GLY IA 332 -54.90 -0.70 56.32
C GLY IA 332 -54.03 -0.31 57.48
N SER IA 333 -53.13 -1.18 57.91
CA SER IA 333 -52.24 -0.85 59.02
C SER IA 333 -51.21 0.17 58.55
N VAL IA 334 -51.10 1.27 59.28
CA VAL IA 334 -50.16 2.34 58.96
C VAL IA 334 -48.88 2.08 59.74
N MET IA 335 -47.83 1.69 59.03
CA MET IA 335 -46.55 1.35 59.65
C MET IA 335 -45.55 2.48 59.43
N GLY IA 336 -44.64 2.62 60.38
CA GLY IA 336 -43.59 3.61 60.29
C GLY IA 336 -42.26 3.11 60.82
N THR IA 337 -41.19 3.36 60.08
CA THR IA 337 -39.86 2.94 60.49
C THR IA 337 -39.09 4.14 61.04
N TYR IA 338 -38.33 3.90 62.09
CA TYR IA 338 -37.58 4.95 62.77
C TYR IA 338 -36.09 4.70 62.59
N SER IA 339 -35.28 5.56 63.20
CA SER IA 339 -33.82 5.43 63.07
C SER IA 339 -33.31 4.20 63.80
N ASN IA 340 -33.94 3.82 64.91
CA ASN IA 340 -33.48 2.66 65.65
C ASN IA 340 -33.64 1.38 64.84
N GLY IA 341 -34.70 1.28 64.04
CA GLY IA 341 -34.96 0.13 63.21
C GLY IA 341 -36.28 -0.56 63.46
N GLU IA 342 -36.94 -0.28 64.58
CA GLU IA 342 -38.21 -0.92 64.87
C GLU IA 342 -39.29 -0.46 63.90
N ASN IA 343 -40.07 -1.41 63.40
CA ASN IA 343 -41.18 -1.10 62.49
C ASN IA 343 -42.47 -1.03 63.29
N VAL IA 344 -42.62 0.09 64.01
CA VAL IA 344 -43.77 0.28 64.89
C VAL IA 344 -45.02 0.49 64.06
N THR IA 345 -46.07 -0.26 64.37
CA THR IA 345 -47.36 -0.12 63.71
C THR IA 345 -48.20 0.89 64.48
N LEU IA 346 -48.46 2.04 63.86
CA LEU IA 346 -49.19 3.09 64.55
C LEU IA 346 -50.64 2.71 64.79
N GLY IA 347 -51.24 1.96 63.88
CA GLY IA 347 -52.62 1.53 64.04
C GLY IA 347 -53.18 1.04 62.73
N ARG IA 348 -54.51 0.95 62.70
CA ARG IA 348 -55.24 0.58 61.50
C ARG IA 348 -56.25 1.68 61.16
N VAL IA 349 -56.81 1.59 59.97
CA VAL IA 349 -57.81 2.54 59.50
C VAL IA 349 -59.17 1.86 59.59
N ALA IA 350 -60.07 2.43 60.37
CA ALA IA 350 -61.39 1.86 60.53
C ALA IA 350 -62.20 1.99 59.24
N LEU IA 351 -63.01 0.96 58.98
CA LEU IA 351 -63.89 0.93 57.81
C LEU IA 351 -65.31 0.69 58.28
N VAL IA 352 -66.26 1.41 57.69
CA VAL IA 352 -67.66 1.35 58.10
C VAL IA 352 -68.50 1.00 56.89
N ARG IA 353 -69.40 0.02 57.07
CA ARG IA 353 -70.35 -0.38 56.05
C ARG IA 353 -71.74 -0.45 56.66
N VAL IA 354 -72.72 0.07 55.95
CA VAL IA 354 -74.11 0.03 56.42
C VAL IA 354 -74.90 -0.91 55.52
N PRO IA 355 -75.91 -1.61 56.05
CA PRO IA 355 -76.69 -2.52 55.19
C PRO IA 355 -77.41 -1.81 54.06
N ASN IA 356 -77.89 -0.60 54.30
CA ASN IA 356 -78.63 0.18 53.31
C ASN IA 356 -77.90 1.50 53.09
N GLU IA 357 -77.07 1.56 52.05
CA GLU IA 357 -76.34 2.79 51.76
C GLU IA 357 -77.24 3.86 51.17
N GLN IA 358 -78.38 3.48 50.59
CA GLN IA 358 -79.28 4.44 49.97
C GLN IA 358 -80.01 5.31 50.99
N GLY IA 359 -79.96 4.96 52.27
CA GLY IA 359 -80.73 5.68 53.27
C GLY IA 359 -79.93 6.64 54.11
N LEU IA 360 -78.61 6.68 53.88
CA LEU IA 360 -77.76 7.61 54.60
C LEU IA 360 -78.18 9.04 54.30
N ASP IA 361 -78.32 9.85 55.34
CA ASP IA 361 -78.58 11.26 55.15
C ASP IA 361 -77.28 11.96 54.76
N LYS IA 362 -77.38 12.93 53.86
CA LYS IA 362 -76.23 13.54 53.24
C LYS IA 362 -75.88 14.84 53.96
N LYS IA 363 -74.74 14.85 54.65
CA LYS IA 363 -74.23 16.07 55.25
C LYS IA 363 -73.41 16.83 54.21
N GLY IA 364 -72.80 17.93 54.64
CA GLY IA 364 -71.94 18.68 53.76
C GLY IA 364 -70.59 18.02 53.58
N GLY IA 365 -69.88 18.44 52.54
CA GLY IA 365 -68.53 17.97 52.30
C GLY IA 365 -68.42 16.49 52.01
N THR IA 366 -69.32 15.94 51.21
CA THR IA 366 -69.30 14.54 50.79
C THR IA 366 -69.19 13.61 52.00
N GLN IA 367 -70.03 13.89 53.01
CA GLN IA 367 -70.05 13.12 54.24
C GLN IA 367 -71.46 12.64 54.52
N TRP IA 368 -71.56 11.41 55.02
CA TRP IA 368 -72.83 10.78 55.29
C TRP IA 368 -72.89 10.34 56.75
N ASP IA 369 -74.11 10.22 57.27
CA ASP IA 369 -74.35 9.76 58.62
C ASP IA 369 -75.40 8.65 58.56
N SER IA 370 -75.41 7.83 59.60
CA SER IA 370 -76.30 6.67 59.66
C SER IA 370 -77.61 7.08 60.33
N THR IA 371 -78.71 6.97 59.59
CA THR IA 371 -80.04 7.28 60.10
C THR IA 371 -80.81 6.00 60.40
N GLN IA 372 -82.08 6.15 60.75
CA GLN IA 372 -82.91 5.00 61.09
C GLN IA 372 -83.07 4.06 59.90
N PHE IA 373 -83.36 4.62 58.72
CA PHE IA 373 -83.56 3.79 57.53
C PHE IA 373 -82.25 3.15 57.09
N SER IA 374 -81.14 3.85 57.23
CA SER IA 374 -79.84 3.29 56.86
C SER IA 374 -79.49 2.08 57.71
N GLY IA 375 -79.78 2.15 59.02
CA GLY IA 375 -79.46 1.08 59.94
C GLY IA 375 -78.47 1.56 61.00
N ASP IA 376 -77.50 0.70 61.30
CA ASP IA 376 -76.45 1.02 62.25
C ASP IA 376 -75.09 0.76 61.62
N LYS IA 377 -74.11 1.57 62.01
CA LYS IA 377 -72.77 1.45 61.46
C LYS IA 377 -72.16 0.11 61.88
N ILE IA 378 -71.71 -0.66 60.90
CA ILE IA 378 -71.04 -1.93 61.14
C ILE IA 378 -69.54 -1.71 60.91
N TRP IA 379 -68.76 -1.80 61.97
CA TRP IA 379 -67.33 -1.55 61.88
C TRP IA 379 -66.60 -2.82 61.44
N GLY IA 380 -65.48 -2.63 60.75
CA GLY IA 380 -64.69 -3.76 60.29
C GLY IA 380 -63.36 -3.28 59.75
N GLU IA 381 -62.47 -4.23 59.53
CA GLU IA 381 -61.13 -3.94 59.07
C GLU IA 381 -61.11 -3.87 57.54
N SER IA 382 -59.92 -3.75 56.98
CA SER IA 382 -59.73 -3.70 55.54
C SER IA 382 -59.51 -5.11 55.02
N ASN IA 383 -60.16 -5.43 53.89
CA ASN IA 383 -60.05 -6.74 53.25
C ASN IA 383 -60.42 -7.87 54.22
N LYS IA 384 -61.52 -7.65 54.93
CA LYS IA 384 -62.03 -8.64 55.89
C LYS IA 384 -63.53 -8.78 55.70
N GLY IA 385 -63.99 -10.01 55.56
CA GLY IA 385 -65.41 -10.25 55.34
C GLY IA 385 -65.87 -9.64 54.02
N SER IA 386 -66.91 -8.82 54.09
CA SER IA 386 -67.50 -8.21 52.91
C SER IA 386 -66.88 -6.85 52.58
N PHE IA 387 -65.91 -6.39 53.36
CA PHE IA 387 -65.30 -5.09 53.13
C PHE IA 387 -64.33 -5.17 51.95
N GLY IA 388 -63.99 -4.00 51.41
CA GLY IA 388 -63.03 -3.89 50.34
C GLY IA 388 -61.63 -3.66 50.86
N THR IA 389 -60.77 -3.21 49.97
CA THR IA 389 -59.37 -2.94 50.29
C THR IA 389 -59.12 -1.44 50.31
N ILE IA 390 -58.00 -1.07 50.93
CA ILE IA 390 -57.58 0.32 51.02
C ILE IA 390 -56.29 0.48 50.24
N ASN IA 391 -56.29 1.39 49.28
CA ASN IA 391 -55.13 1.68 48.45
C ASN IA 391 -54.64 3.09 48.75
N ASN IA 392 -53.35 3.22 49.00
CA ASN IA 392 -52.74 4.53 49.23
C ASN IA 392 -52.28 5.13 47.91
N GLY IA 393 -52.27 6.46 47.86
CA GLY IA 393 -51.87 7.17 46.67
C GLY IA 393 -52.93 7.34 45.62
N MET IA 394 -54.20 7.08 45.94
CA MET IA 394 -55.28 7.20 44.99
C MET IA 394 -56.40 8.05 45.60
N LEU IA 395 -57.25 8.56 44.73
CA LEU IA 395 -58.43 9.32 45.15
C LEU IA 395 -59.61 8.93 44.27
N GLU IA 396 -60.81 9.11 44.81
CA GLU IA 396 -62.04 8.76 44.10
C GLU IA 396 -62.61 10.00 43.43
N GLN IA 397 -62.94 9.88 42.15
CA GLN IA 397 -63.63 10.93 41.44
C GLN IA 397 -65.13 10.72 41.52
N SER IA 398 -65.89 11.65 40.93
CA SER IA 398 -67.33 11.50 40.90
C SER IA 398 -67.71 10.31 40.01
N ASN IA 399 -68.71 9.56 40.46
CA ASN IA 399 -69.16 8.38 39.72
C ASN IA 399 -70.26 8.78 38.72
N ILE IA 400 -69.92 9.74 37.87
CA ILE IA 400 -70.86 10.30 36.90
C ILE IA 400 -70.30 10.11 35.50
N ASP IA 401 -71.19 10.10 34.52
CA ASP IA 401 -70.84 10.03 33.12
C ASP IA 401 -71.39 11.26 32.43
N MET IA 402 -70.49 12.09 31.89
CA MET IA 402 -70.91 13.38 31.33
C MET IA 402 -71.90 13.20 30.18
N THR IA 403 -71.68 12.19 29.34
CA THR IA 403 -72.60 11.93 28.24
C THR IA 403 -74.01 11.69 28.76
N GLN IA 404 -74.14 10.82 29.76
CA GLN IA 404 -75.47 10.53 30.32
C GLN IA 404 -76.07 11.77 30.94
N GLU IA 405 -75.27 12.57 31.65
CA GLU IA 405 -75.79 13.78 32.28
C GLU IA 405 -76.32 14.76 31.24
N LEU IA 406 -75.58 14.97 30.15
CA LEU IA 406 -76.01 15.90 29.12
C LEU IA 406 -77.27 15.39 28.41
N VAL IA 407 -77.32 14.08 28.12
CA VAL IA 407 -78.50 13.53 27.47
C VAL IA 407 -79.72 13.68 28.36
N ASP IA 408 -79.57 13.39 29.66
CA ASP IA 408 -80.68 13.55 30.59
C ASP IA 408 -81.07 15.02 30.70
N LEU IA 409 -80.11 15.93 30.62
CA LEU IA 409 -80.41 17.36 30.64
C LEU IA 409 -81.29 17.73 29.46
N ILE IA 410 -80.93 17.25 28.27
CA ILE IA 410 -81.73 17.54 27.07
C ILE IA 410 -83.14 16.97 27.22
N SER IA 411 -83.24 15.73 27.70
CA SER IA 411 -84.55 15.11 27.84
C SER IA 411 -85.41 15.85 28.86
N ALA IA 412 -84.80 16.28 29.98
CA ALA IA 412 -85.53 17.04 30.98
C ALA IA 412 -86.01 18.36 30.42
N GLN IA 413 -85.18 19.03 29.62
CA GLN IA 413 -85.63 20.26 28.97
C GLN IA 413 -86.81 20.01 28.05
N ARG IA 414 -86.75 18.92 27.28
CA ARG IA 414 -87.86 18.60 26.38
C ARG IA 414 -89.15 18.35 27.17
N ASN IA 415 -89.06 17.60 28.26
CA ASN IA 415 -90.23 17.33 29.08
C ASN IA 415 -90.78 18.61 29.70
N PHE IA 416 -89.89 19.49 30.16
CA PHE IA 416 -90.32 20.78 30.72
C PHE IA 416 -91.04 21.61 29.67
N GLN IA 417 -90.52 21.64 28.45
CA GLN IA 417 -91.19 22.37 27.37
C GLN IA 417 -92.56 21.78 27.07
N ALA IA 418 -92.67 20.45 27.06
CA ALA IA 418 -93.97 19.82 26.81
C ALA IA 418 -94.98 20.19 27.91
N ASN IA 419 -94.53 20.14 29.17
CA ASN IA 419 -95.43 20.48 30.27
C ASN IA 419 -95.85 21.95 30.22
N SER IA 420 -94.92 22.83 29.87
CA SER IA 420 -95.27 24.24 29.74
C SER IA 420 -96.27 24.45 28.61
N ARG IA 421 -96.13 23.69 27.52
CA ARG IA 421 -97.12 23.75 26.44
C ARG IA 421 -98.49 23.31 26.94
N SER IA 422 -98.54 22.24 27.74
CA SER IA 422 -99.82 21.79 28.29
C SER IA 422 -100.45 22.86 29.19
N LEU IA 423 -99.63 23.49 30.04
CA LEU IA 423 -100.13 24.55 30.90
C LEU IA 423 -100.66 25.73 30.08
N GLU IA 424 -99.95 26.08 29.01
CA GLU IA 424 -100.41 27.14 28.13
C GLU IA 424 -101.75 26.78 27.49
N VAL IA 425 -101.91 25.50 27.11
CA VAL IA 425 -103.18 25.06 26.54
C VAL IA 425 -104.31 25.20 27.57
N HIS IA 426 -104.04 24.82 28.81
CA HIS IA 426 -105.05 24.96 29.87
C HIS IA 426 -105.44 26.42 30.05
N ASN IA 427 -104.45 27.32 30.09
CA ASN IA 427 -104.74 28.74 30.27
C ASN IA 427 -105.53 29.29 29.08
N GLN IA 428 -105.18 28.87 27.86
CA GLN IA 428 -105.90 29.33 26.69
C GLN IA 428 -107.35 28.86 26.71
N LEU IA 429 -107.58 27.61 27.14
CA LEU IA 429 -108.95 27.12 27.25
C LEU IA 429 -109.74 27.91 28.27
N GLN IA 430 -109.14 28.20 29.42
CA GLN IA 430 -109.83 28.99 30.43
C GLN IA 430 -110.16 30.38 29.92
N GLN IA 431 -109.20 31.03 29.25
CA GLN IA 431 -109.46 32.36 28.71
C GLN IA 431 -110.53 32.33 27.62
N ASN IA 432 -110.55 31.28 26.80
CA ASN IA 432 -111.60 31.15 25.79
C ASN IA 432 -112.96 31.00 26.45
N ILE IA 433 -113.03 30.27 27.57
CA ILE IA 433 -114.29 30.21 28.31
C ILE IA 433 -114.67 31.59 28.83
N LEU IA 434 -113.70 32.35 29.34
CA LEU IA 434 -114.00 33.65 29.93
C LEU IA 434 -114.60 34.62 28.92
N GLN IA 435 -114.29 34.46 27.64
CA GLN IA 435 -114.75 35.39 26.61
C GLN IA 435 -116.07 34.93 25.99
N ILE IA 436 -117.07 34.78 26.87
CA ILE IA 436 -118.40 34.37 26.43
C ILE IA 436 -119.45 35.29 27.05
N SER JA 2 -98.43 46.94 42.00
CA SER JA 2 -97.67 47.40 40.84
C SER JA 2 -96.37 48.06 41.28
N TYR JA 3 -96.41 48.80 42.39
CA TYR JA 3 -95.21 49.46 42.88
C TYR JA 3 -94.13 48.47 43.29
N VAL JA 4 -94.53 47.28 43.74
CA VAL JA 4 -93.54 46.24 44.03
C VAL JA 4 -92.80 45.84 42.75
N SER JA 5 -93.54 45.69 41.66
CA SER JA 5 -92.90 45.38 40.38
C SER JA 5 -91.99 46.52 39.92
N LEU JA 6 -92.41 47.77 40.15
CA LEU JA 6 -91.56 48.90 39.79
C LEU JA 6 -90.28 48.91 40.61
N SER JA 7 -90.37 48.61 41.90
CA SER JA 7 -89.17 48.53 42.73
C SER JA 7 -88.26 47.40 42.26
N GLY JA 8 -88.84 46.26 41.89
CA GLY JA 8 -88.04 45.17 41.36
C GLY JA 8 -87.33 45.56 40.07
N LEU JA 9 -88.05 46.25 39.17
CA LEU JA 9 -87.42 46.73 37.93
C LEU JA 9 -86.28 47.70 38.23
N SER JA 10 -86.49 48.62 39.17
CA SER JA 10 -85.45 49.57 39.52
C SER JA 10 -84.22 48.86 40.09
N ALA JA 11 -84.43 47.88 40.96
CA ALA JA 11 -83.31 47.13 41.52
C ALA JA 11 -82.56 46.36 40.44
N ALA JA 12 -83.30 45.71 39.53
CA ALA JA 12 -82.66 44.97 38.45
C ALA JA 12 -81.86 45.90 37.56
N GLN JA 13 -82.41 47.07 37.25
CA GLN JA 13 -81.67 48.01 36.40
C GLN JA 13 -80.45 48.58 37.12
N LEU JA 14 -80.54 48.79 38.43
CA LEU JA 14 -79.36 49.22 39.17
C LEU JA 14 -78.27 48.17 39.14
N ASP JA 15 -78.64 46.90 39.33
CA ASP JA 15 -77.64 45.83 39.25
C ASP JA 15 -77.04 45.75 37.86
N LEU JA 16 -77.88 45.91 36.83
CA LEU JA 16 -77.41 45.90 35.46
C LEU JA 16 -76.41 47.03 35.21
N ASN JA 17 -76.72 48.23 35.71
CA ASN JA 17 -75.82 49.36 35.53
C ASN JA 17 -74.50 49.15 36.26
N THR JA 18 -74.56 48.58 37.47
CA THR JA 18 -73.33 48.31 38.21
C THR JA 18 -72.46 47.32 37.45
N THR JA 19 -73.07 46.25 36.94
CA THR JA 19 -72.30 45.26 36.17
C THR JA 19 -71.74 45.87 34.90
N SER JA 20 -72.52 46.73 34.24
CA SER JA 20 -72.05 47.39 33.02
C SER JA 20 -70.86 48.28 33.31
N ASN JA 21 -70.90 49.01 34.42
CA ASN JA 21 -69.76 49.84 34.81
C ASN JA 21 -68.54 48.99 35.10
N ASN JA 22 -68.73 47.86 35.79
CA ASN JA 22 -67.62 46.97 36.07
C ASN JA 22 -67.00 46.44 34.77
N ILE JA 23 -67.84 46.08 33.79
CA ILE JA 23 -67.33 45.62 32.51
C ILE JA 23 -66.58 46.74 31.79
N ALA JA 24 -67.14 47.95 31.80
CA ALA JA 24 -66.53 49.07 31.09
C ALA JA 24 -65.17 49.42 31.67
N ASN JA 25 -65.03 49.36 32.99
CA ASN JA 25 -63.77 49.69 33.64
C ASN JA 25 -62.80 48.52 33.70
N ALA JA 26 -62.93 47.54 32.80
CA ALA JA 26 -62.06 46.37 32.83
C ALA JA 26 -60.60 46.69 32.57
N ASN JA 27 -60.31 47.83 31.94
CA ASN JA 27 -58.93 48.19 31.59
C ASN JA 27 -58.37 49.33 32.42
N THR JA 28 -59.20 50.01 33.22
CA THR JA 28 -58.71 51.09 34.05
C THR JA 28 -57.75 50.58 35.11
N TYR JA 29 -56.66 51.32 35.32
CA TYR JA 29 -55.64 50.92 36.28
C TYR JA 29 -56.09 51.26 37.69
N GLY JA 30 -56.00 50.29 38.59
CA GLY JA 30 -56.33 50.51 39.98
C GLY JA 30 -57.80 50.53 40.31
N PHE JA 31 -58.68 50.28 39.33
CA PHE JA 31 -60.11 50.31 39.56
C PHE JA 31 -60.52 49.17 40.50
N LYS JA 32 -61.51 49.45 41.34
CA LYS JA 32 -62.08 48.47 42.25
C LYS JA 32 -63.55 48.26 41.90
N GLU JA 33 -63.95 47.00 41.75
CA GLU JA 33 -65.29 46.70 41.28
C GLU JA 33 -66.33 47.11 42.30
N SER JA 34 -67.60 47.08 41.88
CA SER JA 34 -68.72 47.46 42.72
C SER JA 34 -69.73 46.32 42.77
N ARG JA 35 -70.38 46.17 43.92
CA ARG JA 35 -71.41 45.16 44.12
C ARG JA 35 -72.66 45.84 44.68
N ALA JA 36 -73.81 45.45 44.15
CA ALA JA 36 -75.09 46.06 44.53
C ALA JA 36 -75.79 45.15 45.53
N GLU JA 37 -76.17 45.70 46.67
CA GLU JA 37 -76.84 44.95 47.73
C GLU JA 37 -78.19 45.60 48.03
N PHE JA 38 -79.21 44.78 48.21
CA PHE JA 38 -80.57 45.23 48.42
C PHE JA 38 -81.10 44.71 49.75
N ALA JA 39 -82.24 45.25 50.17
CA ALA JA 39 -82.87 44.88 51.42
C ALA JA 39 -84.38 44.81 51.24
N ASP JA 40 -85.02 44.01 52.09
CA ASP JA 40 -86.46 43.87 52.05
C ASP JA 40 -87.15 45.13 52.58
N VAL JA 41 -88.40 45.31 52.17
CA VAL JA 41 -89.21 46.46 52.56
C VAL JA 41 -90.45 45.98 53.27
N TYR JA 42 -90.75 46.58 54.42
CA TYR JA 42 -91.93 46.21 55.19
C TYR JA 42 -92.39 47.41 55.99
N SER JA 43 -93.71 47.58 56.09
CA SER JA 43 -94.28 48.70 56.82
C SER JA 43 -94.21 48.46 58.32
N ASN JA 44 -94.33 49.55 59.08
CA ASN JA 44 -94.26 49.53 60.54
C ASN JA 44 -95.39 50.38 61.14
N SER JA 45 -96.60 50.19 60.63
CA SER JA 45 -97.74 50.91 61.18
C SER JA 45 -98.05 50.42 62.60
N LEU JA 46 -98.66 51.31 63.39
CA LEU JA 46 -99.02 50.97 64.75
C LEU JA 46 -100.00 49.79 64.80
N PHE JA 47 -101.01 49.83 63.93
CA PHE JA 47 -101.98 48.74 63.81
C PHE JA 47 -101.74 48.03 62.49
N THR JA 48 -100.84 47.04 62.52
CA THR JA 48 -100.47 46.26 61.34
C THR JA 48 -101.01 44.85 61.49
N ASN JA 49 -101.68 44.36 60.46
CA ASN JA 49 -102.20 42.99 60.49
C ASN JA 49 -101.07 41.96 60.49
N ALA JA 50 -99.90 42.34 59.97
CA ALA JA 50 -98.71 41.50 59.97
C ALA JA 50 -98.90 40.22 59.18
N LYS JA 51 -99.79 39.33 59.67
CA LYS JA 51 -100.04 38.08 58.97
C LYS JA 51 -100.71 38.32 57.62
N THR JA 52 -101.58 39.33 57.54
CA THR JA 52 -102.34 39.64 56.34
C THR JA 52 -101.74 40.80 55.54
N THR JA 53 -100.51 41.20 55.86
CA THR JA 53 -99.86 42.31 55.19
C THR JA 53 -98.74 41.79 54.30
N PRO JA 54 -98.82 41.96 52.98
CA PRO JA 54 -97.75 41.47 52.10
C PRO JA 54 -96.50 42.34 52.15
N GLY JA 55 -95.52 42.02 51.33
CA GLY JA 55 -94.30 42.80 51.28
C GLY JA 55 -94.51 44.15 50.62
N GLY JA 56 -93.43 44.94 50.64
CA GLY JA 56 -93.48 46.27 50.08
C GLY JA 56 -92.49 46.47 48.96
N GLY JA 57 -91.99 45.37 48.40
CA GLY JA 57 -91.05 45.43 47.31
C GLY JA 57 -89.61 45.25 47.73
N ALA JA 58 -88.69 45.81 46.96
CA ALA JA 58 -87.26 45.71 47.25
C ALA JA 58 -86.63 47.09 47.15
N GLN JA 59 -85.76 47.42 48.10
CA GLN JA 59 -85.10 48.70 48.17
C GLN JA 59 -83.60 48.51 48.09
N ALA JA 60 -82.93 49.34 47.29
CA ALA JA 60 -81.47 49.30 47.22
C ALA JA 60 -80.86 49.75 48.53
N SER JA 61 -79.90 48.96 49.03
CA SER JA 61 -79.24 49.28 50.29
C SER JA 61 -77.98 50.12 50.06
N GLN JA 62 -77.03 49.57 49.30
CA GLN JA 62 -75.78 50.27 49.01
C GLN JA 62 -75.09 49.60 47.84
N VAL JA 63 -74.19 50.35 47.21
CA VAL JA 63 -73.31 49.81 46.17
C VAL JA 63 -71.94 49.60 46.78
N ALA JA 64 -71.51 48.34 46.88
CA ALA JA 64 -70.25 48.02 47.54
C ALA JA 64 -69.07 48.48 46.70
N GLN JA 65 -67.90 48.45 47.31
CA GLN JA 65 -66.65 48.88 46.70
C GLN JA 65 -65.55 47.85 46.99
N GLN JA 66 -65.86 46.58 46.69
CA GLN JA 66 -64.98 45.45 46.99
C GLN JA 66 -63.52 45.78 46.71
N PHE JA 67 -62.68 45.66 47.74
CA PHE JA 67 -61.29 46.11 47.70
C PHE JA 67 -60.32 44.94 47.70
N HIS JA 68 -60.72 43.81 47.14
CA HIS JA 68 -59.81 42.68 47.06
C HIS JA 68 -58.74 42.96 46.02
N GLU JA 69 -57.52 42.47 46.29
CA GLU JA 69 -56.39 42.78 45.42
C GLU JA 69 -56.62 42.27 44.00
N GLY JA 70 -56.31 43.14 43.03
CA GLY JA 70 -56.39 42.76 41.63
C GLY JA 70 -55.06 42.26 41.10
N SER JA 71 -55.08 41.76 39.87
CA SER JA 71 -53.88 41.23 39.27
C SER JA 71 -52.92 42.34 38.88
N SER JA 72 -51.67 41.97 38.64
CA SER JA 72 -50.60 42.91 38.34
C SER JA 72 -50.03 42.63 36.96
N ILE JA 73 -49.81 43.69 36.19
CA ILE JA 73 -49.17 43.58 34.90
C ILE JA 73 -47.78 44.18 35.00
N TYR JA 74 -46.87 43.66 34.18
CA TYR JA 74 -45.47 44.05 34.20
C TYR JA 74 -45.15 44.85 32.97
N THR JA 75 -44.74 46.11 33.16
CA THR JA 75 -44.35 46.97 32.07
C THR JA 75 -42.85 47.25 32.03
N ASN JA 76 -42.10 46.80 33.05
CA ASN JA 76 -40.67 47.03 33.16
C ASN JA 76 -40.33 48.51 33.16
N ASN JA 77 -41.27 49.36 33.54
CA ASN JA 77 -41.02 50.79 33.66
C ASN JA 77 -40.96 51.15 35.14
N PRO JA 78 -39.79 51.47 35.68
CA PRO JA 78 -39.68 51.64 37.14
C PRO JA 78 -40.53 52.77 37.70
N MET JA 79 -40.96 53.72 36.88
CA MET JA 79 -41.86 54.76 37.34
C MET JA 79 -43.28 54.27 37.58
N ASP JA 80 -43.60 53.03 37.18
CA ASP JA 80 -44.87 52.41 37.49
C ASP JA 80 -44.76 51.69 38.82
N LEU JA 81 -45.65 52.01 39.75
CA LEU JA 81 -45.58 51.50 41.12
C LEU JA 81 -46.88 50.81 41.48
N ARG JA 82 -46.79 49.80 42.32
CA ARG JA 82 -47.93 49.02 42.77
C ARG JA 82 -47.83 48.78 44.26
N VAL JA 83 -48.97 48.92 44.95
CA VAL JA 83 -49.05 48.67 46.39
C VAL JA 83 -49.55 47.25 46.58
N SER JA 84 -48.67 46.35 46.96
CA SER JA 84 -49.01 44.95 47.21
C SER JA 84 -49.48 44.81 48.65
N GLY JA 85 -50.76 44.51 48.82
CA GLY JA 85 -51.32 44.40 50.16
C GLY JA 85 -52.29 45.51 50.49
N THR JA 86 -52.16 46.08 51.69
CA THR JA 86 -53.03 47.16 52.13
C THR JA 86 -52.27 48.48 52.09
N GLY JA 87 -52.87 49.48 51.48
CA GLY JA 87 -52.28 50.81 51.40
C GLY JA 87 -52.72 51.53 50.14
N PHE JA 88 -52.76 52.85 50.22
CA PHE JA 88 -53.12 53.69 49.10
C PHE JA 88 -52.05 54.76 48.89
N PHE JA 89 -51.83 55.09 47.62
CA PHE JA 89 -50.96 56.22 47.30
C PHE JA 89 -51.67 57.53 47.61
N ALA JA 90 -50.90 58.51 48.05
CA ALA JA 90 -51.43 59.82 48.41
C ALA JA 90 -50.95 60.85 47.39
N VAL JA 91 -51.89 61.54 46.76
CA VAL JA 91 -51.59 62.52 45.73
C VAL JA 91 -52.31 63.82 46.06
N ALA JA 92 -51.64 64.94 45.79
CA ALA JA 92 -52.17 66.26 46.07
C ALA JA 92 -52.46 66.99 44.77
N LYS JA 93 -53.56 67.75 44.76
CA LYS JA 93 -53.94 68.51 43.57
C LYS JA 93 -52.89 69.55 43.21
N GLU JA 94 -52.40 70.28 44.22
CA GLU JA 94 -51.43 71.35 44.02
C GLU JA 94 -50.21 71.10 44.88
N ARG JA 95 -49.04 71.55 44.38
CA ARG JA 95 -47.79 71.33 45.10
C ARG JA 95 -47.78 72.06 46.43
N LEU JA 96 -48.29 73.29 46.46
CA LEU JA 96 -48.20 74.13 47.64
C LEU JA 96 -49.28 73.84 48.68
N THR JA 97 -50.19 72.90 48.41
CA THR JA 97 -51.25 72.53 49.34
C THR JA 97 -51.27 71.02 49.53
N PRO JA 98 -50.26 70.46 50.20
CA PRO JA 98 -50.26 69.01 50.45
C PRO JA 98 -51.41 68.55 51.32
N GLN JA 99 -52.01 69.45 52.10
CA GLN JA 99 -53.14 69.06 52.94
C GLN JA 99 -54.31 68.55 52.11
N GLN JA 100 -54.62 69.23 51.01
CA GLN JA 100 -55.68 68.81 50.10
C GLN JA 100 -55.16 67.64 49.27
N ASN JA 101 -55.51 66.42 49.67
CA ASN JA 101 -54.97 65.22 49.02
C ASN JA 101 -56.08 64.20 48.87
N GLU JA 102 -55.85 63.26 47.95
CA GLU JA 102 -56.77 62.17 47.69
C GLU JA 102 -55.99 60.88 47.55
N LEU JA 103 -56.68 59.76 47.77
CA LEU JA 103 -56.06 58.45 47.73
C LEU JA 103 -56.27 57.80 46.37
N THR JA 104 -55.28 57.04 45.91
CA THR JA 104 -55.36 56.37 44.63
C THR JA 104 -54.56 55.08 44.68
N ARG JA 105 -54.72 54.26 43.65
CA ARG JA 105 -54.03 52.98 43.56
C ARG JA 105 -53.18 52.81 42.32
N ASN JA 106 -53.48 53.49 41.22
CA ASN JA 106 -52.67 53.36 40.02
C ASN JA 106 -51.32 54.04 40.22
N GLY JA 107 -50.31 53.52 39.52
CA GLY JA 107 -48.96 54.02 39.69
C GLY JA 107 -48.34 54.57 38.42
N ALA JA 108 -49.16 55.10 37.53
CA ALA JA 108 -48.66 55.71 36.29
C ALA JA 108 -48.04 57.04 36.64
N PHE JA 109 -46.76 57.01 37.02
CA PHE JA 109 -46.04 58.20 37.45
C PHE JA 109 -45.02 58.62 36.40
N HIS JA 110 -44.77 59.93 36.36
CA HIS JA 110 -43.76 60.49 35.49
C HIS JA 110 -43.35 61.85 36.04
N LEU JA 111 -42.10 62.24 35.74
CA LEU JA 111 -41.58 63.53 36.17
C LEU JA 111 -42.21 64.63 35.33
N ASN JA 112 -42.65 65.70 35.97
CA ASN JA 112 -43.17 66.86 35.26
C ASN JA 112 -41.98 67.73 34.84
N LYS JA 113 -42.27 68.93 34.31
CA LYS JA 113 -41.19 69.82 33.90
C LYS JA 113 -40.36 70.31 35.09
N GLU JA 114 -40.89 70.21 36.31
CA GLU JA 114 -40.19 70.63 37.51
C GLU JA 114 -39.53 69.47 38.24
N ASN JA 115 -39.44 68.30 37.59
CA ASN JA 115 -38.82 67.11 38.17
C ASN JA 115 -39.53 66.64 39.44
N TYR JA 116 -40.86 66.74 39.44
CA TYR JA 116 -41.69 66.18 40.49
C TYR JA 116 -42.49 65.01 39.93
N MET JA 117 -42.65 63.96 40.73
CA MET JA 117 -43.41 62.80 40.31
C MET JA 117 -44.90 63.11 40.39
N VAL JA 118 -45.57 63.03 39.24
CA VAL JA 118 -46.98 63.37 39.14
C VAL JA 118 -47.72 62.23 38.44
N THR JA 119 -49.04 62.23 38.59
CA THR JA 119 -49.89 61.24 37.96
C THR JA 119 -50.23 61.68 36.53
N ALA JA 120 -51.19 61.00 35.91
CA ALA JA 120 -51.61 61.38 34.56
C ALA JA 120 -52.22 62.77 34.55
N ASN JA 121 -53.00 63.12 35.58
CA ASN JA 121 -53.62 64.43 35.69
C ASN JA 121 -52.71 65.47 36.31
N ASP JA 122 -51.39 65.25 36.29
CA ASP JA 122 -50.40 66.19 36.81
C ASP JA 122 -50.68 66.50 38.29
N GLU JA 123 -50.94 65.45 39.06
CA GLU JA 123 -51.16 65.56 40.49
C GLU JA 123 -49.93 65.07 41.23
N PHE JA 124 -49.37 65.91 42.10
CA PHE JA 124 -48.12 65.59 42.75
C PHE JA 124 -48.29 64.47 43.76
N LEU JA 125 -47.29 63.57 43.80
CA LEU JA 125 -47.29 62.45 44.72
C LEU JA 125 -46.68 62.86 46.05
N LEU JA 126 -47.41 62.61 47.14
CA LEU JA 126 -46.97 63.01 48.47
C LEU JA 126 -45.98 61.99 49.03
N GLY JA 127 -44.91 62.50 49.63
CA GLY JA 127 -43.89 61.65 50.21
C GLY JA 127 -43.28 62.28 51.44
N TYR JA 128 -42.46 61.48 52.13
CA TYR JA 128 -41.81 61.92 53.35
C TYR JA 128 -40.43 62.49 53.03
N GLN JA 129 -39.72 62.90 54.08
CA GLN JA 129 -38.35 63.41 53.96
C GLN JA 129 -37.49 62.68 54.98
N VAL JA 130 -36.57 61.83 54.48
CA VAL JA 130 -35.75 61.02 55.34
C VAL JA 130 -34.49 61.79 55.73
N ASP JA 131 -33.82 61.32 56.77
CA ASP JA 131 -32.56 61.90 57.22
C ASP JA 131 -31.44 61.55 56.25
N PRO JA 132 -30.37 62.36 56.21
CA PRO JA 132 -29.24 62.02 55.33
C PRO JA 132 -28.64 60.66 55.62
N SER JA 133 -28.31 60.39 56.89
CA SER JA 133 -27.71 59.13 57.28
C SER JA 133 -28.73 58.17 57.89
N SER JA 134 -29.56 58.64 58.81
CA SER JA 134 -30.55 57.78 59.44
C SER JA 134 -31.63 57.37 58.44
N GLY JA 135 -31.91 56.07 58.39
CA GLY JA 135 -32.96 55.58 57.52
C GLY JA 135 -34.34 56.04 57.93
N GLU JA 136 -34.57 56.21 59.23
CA GLU JA 136 -35.87 56.62 59.72
C GLU JA 136 -36.22 58.02 59.22
N VAL JA 137 -37.49 58.20 58.87
CA VAL JA 137 -37.98 59.50 58.42
C VAL JA 137 -38.16 60.42 59.62
N SER JA 138 -37.69 61.66 59.50
CA SER JA 138 -37.79 62.60 60.62
C SER JA 138 -39.20 63.15 60.75
N SER JA 139 -39.69 63.86 59.74
CA SER JA 139 -41.01 64.47 59.80
C SER JA 139 -42.00 63.68 58.98
N TYR JA 140 -43.17 63.42 59.56
CA TYR JA 140 -44.20 62.61 58.95
C TYR JA 140 -45.18 63.43 58.11
N GLU JA 141 -44.96 64.73 57.97
CA GLU JA 141 -45.84 65.52 57.13
C GLU JA 141 -45.61 65.19 55.66
N PRO JA 142 -46.68 65.15 54.87
CA PRO JA 142 -46.54 64.83 53.44
C PRO JA 142 -46.08 66.04 52.64
N GLN JA 143 -45.15 65.80 51.72
CA GLN JA 143 -44.65 66.83 50.83
C GLN JA 143 -44.43 66.21 49.45
N PRO JA 144 -44.54 67.01 48.39
CA PRO JA 144 -44.26 66.50 47.06
C PRO JA 144 -42.82 66.02 46.93
N ILE JA 145 -42.63 64.94 46.18
CA ILE JA 145 -41.32 64.33 46.02
C ILE JA 145 -40.62 64.96 44.83
N ASN JA 146 -39.39 65.44 45.05
CA ASN JA 146 -38.59 66.07 44.01
C ASN JA 146 -37.37 65.20 43.72
N ILE JA 147 -37.01 65.12 42.44
CA ILE JA 147 -35.84 64.36 42.03
C ILE JA 147 -34.92 65.30 41.25
N PRO JA 148 -34.04 66.04 41.94
CA PRO JA 148 -33.16 66.98 41.23
C PRO JA 148 -32.25 66.25 40.26
N ALA JA 149 -31.94 66.91 39.16
CA ALA JA 149 -31.06 66.35 38.14
C ALA JA 149 -29.59 66.65 38.41
N GLU JA 150 -29.28 67.43 39.44
CA GLU JA 150 -27.91 67.77 39.77
C GLU JA 150 -27.70 67.63 41.27
N PHE JA 151 -26.51 67.17 41.65
CA PHE JA 151 -26.07 67.21 43.05
C PHE JA 151 -25.39 68.55 43.31
N GLY JA 152 -26.20 69.60 43.24
CA GLY JA 152 -25.68 70.96 43.29
C GLY JA 152 -25.32 71.46 44.67
N LYS JA 153 -24.39 70.78 45.34
CA LYS JA 153 -23.90 71.22 46.64
C LYS JA 153 -22.55 70.57 46.92
N PRO JA 154 -21.44 71.17 46.47
CA PRO JA 154 -20.12 70.61 46.78
C PRO JA 154 -19.88 70.51 48.27
N LYS JA 155 -19.78 69.29 48.79
CA LYS JA 155 -19.68 69.05 50.22
C LYS JA 155 -18.22 68.92 50.60
N GLN JA 156 -17.78 69.78 51.53
CA GLN JA 156 -16.41 69.70 52.02
C GLN JA 156 -16.20 68.43 52.84
N THR JA 157 -14.98 67.93 52.81
CA THR JA 157 -14.63 66.75 53.58
C THR JA 157 -14.52 67.14 55.06
N ALA JA 158 -15.18 66.38 55.93
CA ALA JA 158 -15.17 66.69 57.35
C ALA JA 158 -14.68 65.51 58.18
N ASN JA 159 -15.10 64.30 57.80
CA ASN JA 159 -14.72 63.09 58.52
C ASN JA 159 -14.05 62.13 57.54
N ILE JA 160 -12.87 61.65 57.91
CA ILE JA 160 -12.13 60.67 57.12
C ILE JA 160 -11.90 59.45 57.98
N GLU JA 161 -12.38 58.30 57.52
CA GLU JA 161 -12.17 57.03 58.23
C GLU JA 161 -11.06 56.27 57.51
N VAL JA 162 -10.00 55.93 58.25
CA VAL JA 162 -8.85 55.23 57.69
C VAL JA 162 -8.59 54.01 58.56
N GLY JA 163 -8.53 52.84 57.92
CA GLY JA 163 -8.18 51.61 58.61
C GLY JA 163 -6.96 50.95 57.99
N VAL JA 164 -5.86 50.88 58.74
CA VAL JA 164 -4.60 50.36 58.24
C VAL JA 164 -4.06 49.31 59.20
N ASN JA 165 -3.17 48.47 58.68
CA ASN JA 165 -2.43 47.51 59.46
C ASN JA 165 -0.96 47.91 59.47
N LEU JA 166 -0.40 48.06 60.67
CA LEU JA 166 0.97 48.57 60.64
C LEU JA 166 1.97 47.45 60.85
N PRO JA 167 3.11 47.50 60.17
CA PRO JA 167 4.11 46.42 60.29
C PRO JA 167 4.75 46.42 61.67
N ALA JA 168 4.52 45.33 62.42
CA ALA JA 168 5.13 45.19 63.74
C ALA JA 168 6.64 45.00 63.64
N ASN JA 169 7.14 44.44 62.54
CA ASN JA 169 8.56 44.18 62.36
C ASN JA 169 9.26 45.32 61.63
N GLY JA 170 8.58 46.44 61.39
CA GLY JA 170 9.21 47.55 60.71
C GLY JA 170 10.32 48.16 61.53
N ASP JA 171 11.26 48.80 60.85
CA ASP JA 171 12.41 49.39 61.51
C ASP JA 171 12.00 50.61 62.33
N LEU JA 172 12.62 50.76 63.49
CA LEU JA 172 12.33 51.88 64.36
C LEU JA 172 12.93 53.16 63.79
N LYS JA 173 12.31 54.30 64.13
CA LYS JA 173 12.74 55.61 63.67
C LYS JA 173 12.79 56.57 64.85
N ASP JA 174 13.51 57.67 64.67
CA ASP JA 174 13.66 58.66 65.71
C ASP JA 174 12.51 59.66 65.65
N PRO JA 175 11.72 59.81 66.72
CA PRO JA 175 10.61 60.78 66.66
C PRO JA 175 11.07 62.21 66.43
N THR JA 176 12.22 62.59 66.98
CA THR JA 176 12.71 63.95 66.84
C THR JA 176 13.27 64.24 65.44
N GLN JA 177 13.65 63.21 64.69
CA GLN JA 177 14.27 63.39 63.39
C GLN JA 177 13.26 63.30 62.25
N PHE JA 178 11.97 63.35 62.56
CA PHE JA 178 10.95 63.25 61.52
C PHE JA 178 11.00 64.47 60.60
N ASP JA 179 10.92 64.22 59.30
CA ASP JA 179 10.88 65.29 58.30
C ASP JA 179 10.22 64.73 57.05
N PHE JA 180 9.11 65.34 56.64
CA PHE JA 180 8.36 64.83 55.50
C PHE JA 180 9.11 64.98 54.19
N SER JA 181 10.13 65.84 54.15
CA SER JA 181 10.93 65.97 52.94
C SER JA 181 11.92 64.83 52.76
N ASP JA 182 12.26 64.10 53.83
CA ASP JA 182 13.19 62.99 53.76
C ASP JA 182 12.43 61.69 53.97
N PRO JA 183 12.31 60.84 52.93
CA PRO JA 183 11.57 59.58 53.11
C PRO JA 183 12.18 58.66 54.17
N ASP JA 184 13.50 58.68 54.34
CA ASP JA 184 14.15 57.75 55.25
C ASP JA 184 13.86 58.04 56.71
N THR JA 185 13.40 59.24 57.05
CA THR JA 185 13.15 59.57 58.45
C THR JA 185 11.93 58.85 59.01
N TYR JA 186 10.92 58.62 58.18
CA TYR JA 186 9.70 57.95 58.60
C TYR JA 186 9.64 56.56 57.95
N ASN JA 187 8.54 55.85 58.19
CA ASN JA 187 8.38 54.48 57.71
C ASN JA 187 7.54 54.40 56.44
N ARG JA 188 6.31 54.87 56.49
CA ARG JA 188 5.39 54.74 55.37
C ARG JA 188 4.69 56.08 55.13
N SER JA 189 4.28 56.28 53.87
CA SER JA 189 3.57 57.48 53.46
C SER JA 189 2.46 57.09 52.51
N THR JA 190 1.26 57.61 52.74
CA THR JA 190 0.09 57.33 51.93
C THR JA 190 -0.52 58.63 51.42
N SER JA 191 -1.12 58.56 50.24
CA SER JA 191 -1.70 59.73 49.59
C SER JA 191 -3.20 59.53 49.38
N SER JA 192 -3.94 60.62 49.45
CA SER JA 192 -5.39 60.58 49.25
C SER JA 192 -5.85 61.94 48.78
N THR JA 193 -7.10 62.00 48.31
CA THR JA 193 -7.69 63.20 47.75
C THR JA 193 -8.83 63.69 48.65
N ILE JA 194 -8.86 64.99 48.89
CA ILE JA 194 -9.87 65.63 49.72
C ILE JA 194 -10.47 66.80 48.95
N TYR JA 195 -11.66 67.22 49.37
CA TYR JA 195 -12.39 68.29 48.71
C TYR JA 195 -12.75 69.37 49.73
N ASP JA 196 -12.65 70.62 49.30
CA ASP JA 196 -12.95 71.76 50.16
C ASP JA 196 -14.43 72.16 49.99
N SER JA 197 -14.78 73.33 50.51
CA SER JA 197 -16.16 73.80 50.42
C SER JA 197 -16.58 74.02 48.98
N MET JA 198 -15.68 74.56 48.15
CA MET JA 198 -16.01 74.86 46.77
C MET JA 198 -15.74 73.70 45.81
N GLY JA 199 -15.32 72.54 46.32
CA GLY JA 199 -15.12 71.37 45.50
C GLY JA 199 -13.75 71.23 44.88
N GLN JA 200 -12.79 72.09 45.23
CA GLN JA 200 -11.43 71.93 44.73
C GLN JA 200 -10.80 70.67 45.32
N SER JA 201 -10.05 69.96 44.49
CA SER JA 201 -9.40 68.72 44.91
C SER JA 201 -8.02 69.02 45.48
N TYR JA 202 -7.73 68.48 46.66
CA TYR JA 202 -6.45 68.64 47.32
C TYR JA 202 -5.85 67.27 47.63
N LYS JA 203 -4.53 67.20 47.60
CA LYS JA 203 -3.79 65.96 47.83
C LYS JA 203 -3.38 65.90 49.30
N LEU JA 204 -3.88 64.89 50.01
CA LEU JA 204 -3.59 64.70 51.42
C LEU JA 204 -2.63 63.53 51.58
N THR JA 205 -1.49 63.78 52.21
CA THR JA 205 -0.47 62.77 52.43
C THR JA 205 -0.30 62.54 53.93
N THR JA 206 -0.39 61.28 54.34
CA THR JA 206 -0.24 60.89 55.75
C THR JA 206 1.06 60.13 55.92
N TYR JA 207 1.84 60.53 56.92
CA TYR JA 207 3.14 59.91 57.21
C TYR JA 207 3.05 59.14 58.51
N TYR JA 208 3.46 57.88 58.49
CA TYR JA 208 3.46 57.01 59.65
C TYR JA 208 4.89 56.71 60.08
N LEU JA 209 5.19 56.95 61.34
CA LEU JA 209 6.52 56.74 61.89
C LEU JA 209 6.45 55.78 63.07
N LYS JA 210 7.38 54.84 63.12
CA LYS JA 210 7.43 53.86 64.20
C LYS JA 210 8.33 54.39 65.31
N ASP JA 211 7.75 54.56 66.50
CA ASP JA 211 8.50 55.10 67.62
C ASP JA 211 9.58 54.13 68.07
N GLN JA 212 10.77 54.67 68.35
CA GLN JA 212 11.89 53.87 68.81
C GLN JA 212 11.95 53.79 70.33
N THR JA 213 11.65 54.90 71.03
CA THR JA 213 11.73 54.90 72.48
C THR JA 213 10.69 53.97 73.10
N GLN JA 214 9.46 54.00 72.60
CA GLN JA 214 8.38 53.21 73.17
C GLN JA 214 7.96 52.12 72.21
N PRO JA 215 8.03 50.85 72.60
CA PRO JA 215 7.52 49.78 71.73
C PRO JA 215 6.01 49.87 71.58
N ASN JA 216 5.53 49.36 70.44
CA ASN JA 216 4.10 49.40 70.10
C ASN JA 216 3.55 50.82 70.11
N THR JA 217 4.35 51.76 69.59
CA THR JA 217 3.96 53.15 69.51
C THR JA 217 4.27 53.68 68.12
N TRP JA 218 3.33 54.42 67.54
CA TRP JA 218 3.47 54.97 66.20
C TRP JA 218 3.13 56.45 66.22
N ASN JA 219 3.76 57.19 65.30
CA ASN JA 219 3.54 58.62 65.14
C ASN JA 219 2.94 58.87 63.77
N THR JA 220 1.89 59.70 63.73
CA THR JA 220 1.17 59.98 62.51
C THR JA 220 1.16 61.48 62.25
N TYR JA 221 1.55 61.85 61.03
CA TYR JA 221 1.59 63.24 60.61
C TYR JA 221 0.84 63.38 59.29
N TYR JA 222 0.33 64.59 59.05
CA TYR JA 222 -0.45 64.89 57.86
C TYR JA 222 0.12 66.12 57.16
N THR JA 223 0.08 66.10 55.82
CA THR JA 223 0.50 67.23 55.02
C THR JA 223 -0.52 67.45 53.90
N VAL JA 224 -0.65 68.70 53.48
CA VAL JA 224 -1.54 69.09 52.40
C VAL JA 224 -0.71 69.69 51.28
N THR JA 225 -0.90 69.19 50.06
CA THR JA 225 -0.13 69.64 48.90
C THR JA 225 -1.07 70.39 47.96
N ASP JA 226 -1.00 71.72 47.99
CA ASP JA 226 -1.70 72.56 47.05
C ASP JA 226 -0.77 72.94 45.90
N LYS JA 227 -1.22 73.88 45.05
CA LYS JA 227 -0.37 74.32 43.96
C LYS JA 227 0.86 75.07 44.47
N GLU JA 228 0.73 75.79 45.58
CA GLU JA 228 1.87 76.52 46.13
C GLU JA 228 2.98 75.57 46.59
N GLY JA 229 2.59 74.48 47.24
CA GLY JA 229 3.56 73.53 47.74
C GLY JA 229 2.90 72.57 48.72
N GLU JA 230 3.75 71.86 49.46
CA GLU JA 230 3.31 70.91 50.46
C GLU JA 230 3.47 71.53 51.85
N LYS JA 231 2.35 71.79 52.51
CA LYS JA 231 2.36 72.43 53.81
C LYS JA 231 1.92 71.44 54.89
N PRO JA 232 2.70 71.27 55.95
CA PRO JA 232 2.29 70.36 57.03
C PRO JA 232 1.03 70.84 57.73
N LEU JA 233 0.25 69.89 58.22
CA LEU JA 233 -0.98 70.16 58.95
C LEU JA 233 -0.81 69.71 60.39
N ASN JA 234 -1.16 70.57 61.33
CA ASN JA 234 -0.96 70.33 62.75
C ASN JA 234 -2.25 69.84 63.40
N VAL JA 235 -2.10 68.97 64.40
CA VAL JA 235 -3.23 68.47 65.17
C VAL JA 235 -3.48 69.40 66.34
N ALA JA 236 -4.75 69.57 66.70
CA ALA JA 236 -5.11 70.50 67.77
C ALA JA 236 -4.52 70.06 69.11
N ALA JA 237 -4.62 68.76 69.42
CA ALA JA 237 -4.16 68.25 70.70
C ALA JA 237 -3.31 67.00 70.54
N GLY JA 238 -2.62 66.87 69.41
CA GLY JA 238 -1.78 65.71 69.20
C GLY JA 238 -0.52 65.78 70.06
N ASP JA 239 -0.18 64.65 70.67
CA ASP JA 239 0.99 64.56 71.55
C ASP JA 239 2.23 64.11 70.79
N ALA JA 240 2.55 64.80 69.70
CA ALA JA 240 3.76 64.51 68.93
C ALA JA 240 4.23 65.83 68.31
N GLN JA 241 5.16 66.49 69.00
CA GLN JA 241 5.67 67.80 68.59
C GLN JA 241 7.12 67.66 68.17
N THR JA 242 7.37 67.78 66.87
CA THR JA 242 8.74 67.75 66.37
C THR JA 242 9.45 69.07 66.72
N PRO JA 243 10.79 69.06 66.75
CA PRO JA 243 11.51 70.32 67.01
C PRO JA 243 11.18 71.42 66.01
N THR JA 244 10.90 71.07 64.76
CA THR JA 244 10.54 72.08 63.76
C THR JA 244 9.25 72.79 64.14
N GLY JA 245 8.26 72.05 64.63
CA GLY JA 245 7.00 72.65 65.03
C GLY JA 245 5.79 71.88 64.55
N HIS JA 246 6.01 70.90 63.68
CA HIS JA 246 4.91 70.07 63.17
C HIS JA 246 4.33 69.24 64.29
N VAL JA 247 3.00 69.12 64.32
CA VAL JA 247 2.27 68.44 65.38
C VAL JA 247 1.58 67.23 64.80
N GLY JA 248 1.93 66.04 65.28
CA GLY JA 248 1.23 64.81 64.96
C GLY JA 248 0.54 64.22 66.16
N HIS JA 249 0.07 62.98 66.00
CA HIS JA 249 -0.61 62.27 67.08
C HIS JA 249 -0.02 60.86 67.18
N THR JA 250 -0.12 60.30 68.39
CA THR JA 250 0.49 59.01 68.70
C THR JA 250 -0.57 57.91 68.76
N MET JA 251 -0.16 56.71 68.34
CA MET JA 251 -1.03 55.54 68.35
C MET JA 251 -0.34 54.41 69.11
N LYS JA 252 -1.09 53.76 70.00
CA LYS JA 252 -0.58 52.66 70.81
C LYS JA 252 -1.47 51.44 70.65
N PHE JA 253 -0.88 50.26 70.78
CA PHE JA 253 -1.56 49.00 70.54
C PHE JA 253 -1.33 48.04 71.70
N ASN JA 254 -2.26 47.10 71.86
CA ASN JA 254 -2.22 46.16 72.97
C ASN JA 254 -1.24 45.02 72.67
N ASN JA 255 -1.24 44.01 73.54
CA ASN JA 255 -0.36 42.85 73.33
C ASN JA 255 -0.79 42.04 72.12
N ASP JA 256 -2.10 41.87 71.92
CA ASP JA 256 -2.60 41.09 70.80
C ASP JA 256 -2.53 41.83 69.48
N GLY JA 257 -2.00 43.05 69.46
CA GLY JA 257 -1.91 43.84 68.26
C GLY JA 257 -3.13 44.69 67.97
N THR JA 258 -4.19 44.56 68.77
CA THR JA 258 -5.38 45.37 68.55
C THR JA 258 -5.12 46.81 68.99
N LEU JA 259 -6.05 47.70 68.65
CA LEU JA 259 -5.90 49.11 68.94
C LEU JA 259 -6.11 49.37 70.44
N ALA JA 260 -5.17 50.08 71.05
CA ALA JA 260 -5.24 50.40 72.47
C ALA JA 260 -5.73 51.82 72.73
N SER JA 261 -5.02 52.81 72.17
CA SER JA 261 -5.37 54.21 72.42
C SER JA 261 -4.96 55.04 71.22
N LEU JA 262 -5.61 56.20 71.07
CA LEU JA 262 -5.35 57.12 69.98
C LEU JA 262 -5.23 58.52 70.55
N ASN JA 263 -4.05 59.13 70.41
CA ASN JA 263 -3.82 60.52 70.83
C ASN JA 263 -4.20 60.73 72.29
N ASN JA 264 -3.75 59.82 73.15
CA ASN JA 264 -4.04 59.86 74.58
C ASN JA 264 -5.53 59.87 74.86
N GLY JA 265 -6.31 59.17 74.04
CA GLY JA 265 -7.74 59.10 74.23
C GLY JA 265 -8.51 60.29 73.72
N GLN JA 266 -7.87 61.23 73.06
CA GLN JA 266 -8.58 62.42 72.59
C GLN JA 266 -8.97 62.26 71.12
N PRO JA 267 -10.07 62.87 70.71
CA PRO JA 267 -10.46 62.82 69.29
C PRO JA 267 -9.45 63.55 68.41
N ILE JA 268 -9.32 63.08 67.18
CA ILE JA 268 -8.35 63.63 66.24
C ILE JA 268 -9.06 64.70 65.41
N THR JA 269 -8.79 65.96 65.71
CA THR JA 269 -9.34 67.10 64.97
C THR JA 269 -8.18 67.98 64.52
N SER JA 270 -8.09 68.22 63.22
CA SER JA 270 -7.02 69.03 62.66
C SER JA 270 -7.34 70.51 62.80
N VAL JA 271 -6.30 71.34 62.70
CA VAL JA 271 -6.44 72.79 62.75
C VAL JA 271 -7.04 73.25 61.44
N ALA JA 272 -7.49 74.52 61.40
CA ALA JA 272 -8.09 75.06 60.19
C ALA JA 272 -7.07 75.11 59.07
N LEU JA 273 -7.51 74.74 57.87
CA LEU JA 273 -6.60 74.63 56.73
C LEU JA 273 -6.06 75.99 56.31
N GLY JA 274 -6.95 76.97 56.16
CA GLY JA 274 -6.55 78.26 55.61
C GLY JA 274 -6.64 79.44 56.57
N ASP JA 275 -6.67 79.16 57.87
CA ASP JA 275 -6.77 80.23 58.86
C ASP JA 275 -5.39 80.50 59.44
N PRO JA 276 -4.78 81.65 59.14
CA PRO JA 276 -3.45 81.93 59.72
C PRO JA 276 -3.45 82.08 61.23
N ALA JA 277 -4.60 82.38 61.84
CA ALA JA 277 -4.68 82.54 63.28
C ALA JA 277 -4.47 81.24 64.03
N THR JA 278 -4.63 80.09 63.38
CA THR JA 278 -4.46 78.80 64.02
C THR JA 278 -3.44 77.90 63.33
N ASN JA 279 -2.98 78.24 62.12
CA ASN JA 279 -2.05 77.41 61.37
C ASN JA 279 -0.85 78.26 60.97
N THR JA 280 0.36 77.74 61.24
CA THR JA 280 1.57 78.42 60.83
C THR JA 280 1.83 78.29 59.34
N THR JA 281 1.22 77.30 58.68
CA THR JA 281 1.33 77.10 57.24
C THR JA 281 -0.08 77.01 56.68
N PRO JA 282 -0.76 78.15 56.53
CA PRO JA 282 -2.15 78.12 56.05
C PRO JA 282 -2.23 77.59 54.63
N VAL JA 283 -3.19 76.69 54.39
CA VAL JA 283 -3.39 76.15 53.05
C VAL JA 283 -4.11 77.18 52.18
N ASP JA 284 -3.62 77.34 50.95
CA ASP JA 284 -4.24 78.29 50.02
C ASP JA 284 -5.58 77.74 49.54
N MET JA 285 -6.67 78.15 50.20
CA MET JA 285 -7.99 77.66 49.83
C MET JA 285 -8.43 78.13 48.45
N ASN JA 286 -7.83 79.19 47.93
CA ASN JA 286 -8.19 79.76 46.63
C ASN JA 286 -9.67 80.12 46.59
N GLY JA 287 -10.17 80.72 47.66
CA GLY JA 287 -11.55 81.14 47.75
C GLY JA 287 -12.44 80.23 48.58
N ALA JA 288 -11.95 79.07 49.00
CA ALA JA 288 -12.75 78.17 49.81
C ALA JA 288 -12.77 78.63 51.27
N ASP JA 289 -13.54 77.91 52.08
CA ASP JA 289 -13.67 78.24 53.50
C ASP JA 289 -12.36 77.96 54.22
N PRO JA 290 -11.78 78.97 54.87
CA PRO JA 290 -10.48 78.76 55.54
C PRO JA 290 -10.59 77.99 56.84
N ALA JA 291 -11.77 77.91 57.45
CA ALA JA 291 -11.94 77.26 58.74
C ALA JA 291 -12.30 75.79 58.61
N GLN JA 292 -12.10 75.19 57.44
CA GLN JA 292 -12.42 73.79 57.25
C GLN JA 292 -11.55 72.92 58.17
N THR JA 293 -12.19 71.96 58.84
CA THR JA 293 -11.52 71.07 59.76
C THR JA 293 -11.77 69.63 59.37
N LEU JA 294 -10.79 68.77 59.65
CA LEU JA 294 -10.87 67.36 59.31
C LEU JA 294 -10.83 66.52 60.59
N ASN JA 295 -11.74 65.56 60.68
CA ASN JA 295 -11.79 64.61 61.78
C ASN JA 295 -11.39 63.24 61.24
N PHE JA 296 -10.36 62.65 61.84
CA PHE JA 296 -9.82 61.37 61.37
C PHE JA 296 -10.31 60.26 62.28
N GLY JA 297 -10.92 59.23 61.69
CA GLY JA 297 -11.35 58.07 62.45
C GLY JA 297 -10.51 56.85 62.13
N LEU JA 298 -9.68 56.44 63.07
CA LEU JA 298 -8.77 55.30 62.91
C LEU JA 298 -9.07 54.23 63.93
N GLY JA 299 -10.35 53.95 64.17
CA GLY JA 299 -10.72 52.96 65.17
C GLY JA 299 -10.46 51.53 64.78
N SER JA 300 -10.10 51.29 63.52
CA SER JA 300 -9.83 49.94 63.03
C SER JA 300 -8.36 49.70 62.73
N ALA JA 301 -7.47 50.61 63.16
CA ALA JA 301 -6.05 50.42 62.93
C ALA JA 301 -5.51 49.29 63.79
N THR JA 302 -4.62 48.49 63.20
CA THR JA 302 -4.03 47.35 63.89
C THR JA 302 -2.54 47.31 63.60
N GLN JA 303 -1.81 46.61 64.48
CA GLN JA 303 -0.39 46.36 64.28
C GLN JA 303 -0.15 44.86 64.40
N PHE JA 304 0.04 44.20 63.26
CA PHE JA 304 0.27 42.76 63.19
C PHE JA 304 1.59 42.51 62.49
N ALA JA 305 1.90 41.22 62.29
CA ALA JA 305 3.11 40.84 61.57
C ALA JA 305 3.01 41.11 60.08
N ALA JA 306 1.81 41.34 59.56
CA ALA JA 306 1.64 41.57 58.14
C ALA JA 306 2.27 42.91 57.74
N PRO JA 307 2.70 43.04 56.48
CA PRO JA 307 3.29 44.31 56.03
C PRO JA 307 2.29 45.47 56.06
N PHE JA 308 2.77 46.67 55.73
CA PHE JA 308 1.91 47.84 55.72
C PHE JA 308 0.83 47.69 54.66
N GLU JA 309 -0.41 48.01 55.03
CA GLU JA 309 -1.54 47.83 54.14
C GLU JA 309 -2.63 48.85 54.46
N LEU JA 310 -3.16 49.49 53.42
CA LEU JA 310 -4.27 50.43 53.55
C LEU JA 310 -5.55 49.65 53.25
N THR JA 311 -6.16 49.10 54.29
CA THR JA 311 -7.31 48.22 54.10
C THR JA 311 -8.54 49.00 53.67
N LYS JA 312 -8.84 50.11 54.34
CA LYS JA 312 -10.08 50.84 54.10
C LYS JA 312 -9.82 52.33 54.15
N PHE JA 313 -10.45 53.08 53.24
CA PHE JA 313 -10.40 54.53 53.24
C PHE JA 313 -11.77 55.06 52.86
N ASP JA 314 -12.42 55.77 53.79
CA ASP JA 314 -13.73 56.34 53.55
C ASP JA 314 -13.73 57.80 53.97
N GLU JA 315 -14.36 58.65 53.16
CA GLU JA 315 -14.47 60.08 53.42
C GLU JA 315 -15.92 60.49 53.26
N ASP JA 316 -16.21 61.75 53.61
CA ASP JA 316 -17.55 62.31 53.49
C ASP JA 316 -17.60 63.46 52.49
N GLY JA 317 -16.55 63.64 51.69
CA GLY JA 317 -16.55 64.69 50.70
C GLY JA 317 -17.40 64.36 49.50
N ALA JA 318 -17.64 65.39 48.69
CA ALA JA 318 -18.49 65.24 47.51
C ALA JA 318 -18.12 66.29 46.48
N THR JA 319 -18.55 66.05 45.24
CA THR JA 319 -18.30 66.95 44.13
C THR JA 319 -19.58 67.08 43.32
N THR JA 320 -19.64 68.11 42.47
CA THR JA 320 -20.81 68.32 41.63
C THR JA 320 -20.98 67.16 40.65
N GLY JA 321 -22.23 66.81 40.40
CA GLY JA 321 -22.53 65.66 39.56
C GLY JA 321 -23.92 65.74 38.96
N PHE JA 322 -24.22 64.79 38.09
CA PHE JA 322 -25.46 64.74 37.35
C PHE JA 322 -26.21 63.45 37.65
N LEU JA 323 -27.53 63.55 37.72
CA LEU JA 323 -28.37 62.38 37.95
C LEU JA 323 -28.11 61.32 36.89
N THR JA 324 -27.72 60.13 37.34
CA THR JA 324 -27.38 59.03 36.43
C THR JA 324 -28.46 57.96 36.37
N LYS JA 325 -28.93 57.47 37.52
CA LYS JA 325 -30.00 56.48 37.53
C LYS JA 325 -30.82 56.65 38.80
N VAL JA 326 -32.06 56.17 38.75
CA VAL JA 326 -32.99 56.25 39.86
C VAL JA 326 -33.68 54.89 40.02
N ASP JA 327 -33.72 54.40 41.26
CA ASP JA 327 -34.35 53.12 41.55
C ASP JA 327 -35.14 53.23 42.84
N PHE JA 328 -36.01 52.24 43.06
CA PHE JA 328 -36.89 52.18 44.22
C PHE JA 328 -36.62 50.90 44.98
N ASP JA 329 -36.48 51.01 46.31
CA ASP JA 329 -36.30 49.83 47.13
C ASP JA 329 -37.65 49.35 47.68
N GLU JA 330 -37.63 48.24 48.41
CA GLU JA 330 -38.86 47.67 48.95
C GLU JA 330 -39.47 48.57 50.02
N ASN JA 331 -38.66 49.35 50.73
CA ASN JA 331 -39.18 50.26 51.74
C ASN JA 331 -39.83 51.49 51.14
N GLY JA 332 -39.75 51.69 49.82
CA GLY JA 332 -40.32 52.84 49.18
C GLY JA 332 -39.40 54.03 49.05
N SER JA 333 -38.18 53.95 49.57
CA SER JA 333 -37.24 55.05 49.44
C SER JA 333 -36.74 55.14 48.00
N VAL JA 334 -36.87 56.32 47.42
CA VAL JA 334 -36.46 56.54 46.03
C VAL JA 334 -35.01 57.03 46.07
N MET JA 335 -34.09 56.16 45.66
CA MET JA 335 -32.67 56.46 45.67
C MET JA 335 -32.19 56.81 44.27
N GLY JA 336 -31.21 57.70 44.21
CA GLY JA 336 -30.62 58.09 42.94
C GLY JA 336 -29.12 58.28 43.06
N THR JA 337 -28.37 57.69 42.13
CA THR JA 337 -26.92 57.80 42.12
C THR JA 337 -26.50 58.82 41.08
N TYR JA 338 -25.51 59.64 41.42
CA TYR JA 338 -25.03 60.70 40.56
C TYR JA 338 -23.61 60.39 40.09
N SER JA 339 -23.04 61.30 39.31
CA SER JA 339 -21.71 61.08 38.77
C SER JA 339 -20.65 61.12 39.85
N ASN JA 340 -20.86 61.93 40.90
CA ASN JA 340 -19.88 62.02 41.98
C ASN JA 340 -19.74 60.69 42.71
N GLY JA 341 -20.84 59.96 42.88
CA GLY JA 341 -20.84 58.68 43.56
C GLY JA 341 -21.74 58.61 44.77
N GLU JA 342 -22.20 59.74 45.31
CA GLU JA 342 -23.08 59.70 46.47
C GLU JA 342 -24.45 59.13 46.08
N ASN JA 343 -24.94 58.21 46.90
CA ASN JA 343 -26.25 57.60 46.67
C ASN JA 343 -27.30 58.34 47.50
N VAL JA 344 -27.63 59.54 47.02
CA VAL JA 344 -28.55 60.41 47.73
C VAL JA 344 -29.95 59.81 47.71
N THR JA 345 -30.58 59.75 48.88
CA THR JA 345 -31.97 59.28 49.01
C THR JA 345 -32.89 60.47 48.88
N LEU JA 346 -33.66 60.51 47.78
CA LEU JA 346 -34.53 61.66 47.53
C LEU JA 346 -35.66 61.73 48.55
N GLY JA 347 -36.18 60.58 48.97
CA GLY JA 347 -37.24 60.56 49.95
C GLY JA 347 -37.91 59.21 49.99
N ARG JA 348 -39.06 59.16 50.65
CA ARG JA 348 -39.89 57.98 50.70
C ARG JA 348 -41.26 58.27 50.11
N VAL JA 349 -41.99 57.21 49.81
CA VAL JA 349 -43.33 57.31 49.24
C VAL JA 349 -44.33 57.11 50.37
N ALA JA 350 -45.16 58.12 50.59
CA ALA JA 350 -46.16 58.04 51.65
C ALA JA 350 -47.21 56.99 51.33
N LEU JA 351 -47.66 56.28 52.36
CA LEU JA 351 -48.70 55.28 52.24
C LEU JA 351 -49.82 55.60 53.22
N VAL JA 352 -51.05 55.48 52.76
CA VAL JA 352 -52.23 55.84 53.55
C VAL JA 352 -53.15 54.64 53.62
N ARG JA 353 -53.61 54.32 54.83
CA ARG JA 353 -54.57 53.26 55.06
C ARG JA 353 -55.68 53.79 55.95
N VAL JA 354 -56.93 53.45 55.60
CA VAL JA 354 -58.08 53.87 56.40
C VAL JA 354 -58.62 52.63 57.09
N PRO JA 355 -59.27 52.77 58.26
CA PRO JA 355 -59.79 51.57 58.95
C PRO JA 355 -60.90 50.87 58.18
N ASN JA 356 -61.86 51.63 57.66
CA ASN JA 356 -62.99 51.09 56.92
C ASN JA 356 -62.91 51.60 55.49
N GLU JA 357 -62.37 50.78 54.58
CA GLU JA 357 -62.18 51.21 53.21
C GLU JA 357 -63.48 51.28 52.43
N GLN JA 358 -64.53 50.59 52.88
CA GLN JA 358 -65.80 50.55 52.18
C GLN JA 358 -66.54 51.88 52.21
N GLY JA 359 -66.11 52.84 53.03
CA GLY JA 359 -66.83 54.08 53.19
C GLY JA 359 -66.21 55.25 52.48
N LEU JA 360 -65.05 55.04 51.84
CA LEU JA 360 -64.41 56.09 51.07
C LEU JA 360 -65.34 56.55 49.96
N ASP JA 361 -65.47 57.88 49.82
CA ASP JA 361 -66.23 58.42 48.70
C ASP JA 361 -65.37 58.37 47.45
N LYS JA 362 -66.02 58.10 46.32
CA LYS JA 362 -65.32 57.84 45.06
C LYS JA 362 -65.28 59.11 44.22
N LYS JA 363 -64.09 59.67 44.05
CA LYS JA 363 -63.90 60.79 43.16
C LYS JA 363 -63.65 60.26 41.75
N GLY JA 364 -63.38 61.17 40.82
CA GLY JA 364 -63.04 60.76 39.47
C GLY JA 364 -61.62 60.24 39.37
N GLY JA 365 -61.37 59.50 38.29
CA GLY JA 365 -60.04 59.02 37.99
C GLY JA 365 -59.49 58.04 39.01
N THR JA 366 -60.32 57.11 39.48
CA THR JA 366 -59.91 56.06 40.42
C THR JA 366 -59.21 56.66 41.63
N GLN JA 367 -59.87 57.65 42.24
CA GLN JA 367 -59.33 58.32 43.41
C GLN JA 367 -60.39 58.38 44.50
N TRP JA 368 -59.94 58.27 45.74
CA TRP JA 368 -60.82 58.24 46.90
C TRP JA 368 -60.39 59.30 47.90
N ASP JA 369 -61.34 59.72 48.73
CA ASP JA 369 -61.09 60.67 49.80
C ASP JA 369 -61.68 60.12 51.09
N SER JA 370 -61.20 60.63 52.21
CA SER JA 370 -61.61 60.16 53.52
C SER JA 370 -62.81 60.96 54.00
N THR JA 371 -63.94 60.28 54.19
CA THR JA 371 -65.15 60.89 54.70
C THR JA 371 -65.36 60.51 56.16
N GLN JA 372 -66.51 60.91 56.71
CA GLN JA 372 -66.81 60.60 58.11
C GLN JA 372 -66.90 59.10 58.36
N PHE JA 373 -67.61 58.39 57.48
CA PHE JA 373 -67.77 56.94 57.67
C PHE JA 373 -66.44 56.21 57.46
N SER JA 374 -65.62 56.69 56.53
CA SER JA 374 -64.33 56.06 56.30
C SER JA 374 -63.43 56.18 57.53
N GLY JA 375 -63.43 57.35 58.18
CA GLY JA 375 -62.57 57.59 59.32
C GLY JA 375 -61.59 58.71 59.04
N ASP JA 376 -60.33 58.49 59.42
CA ASP JA 376 -59.25 59.43 59.18
C ASP JA 376 -58.09 58.71 58.50
N LYS JA 377 -57.35 59.47 57.69
CA LYS JA 377 -56.20 58.91 56.99
C LYS JA 377 -55.10 58.59 57.99
N ILE JA 378 -54.65 57.34 57.99
CA ILE JA 378 -53.55 56.90 58.85
C ILE JA 378 -52.31 56.79 57.99
N TRP JA 379 -51.32 57.64 58.25
CA TRP JA 379 -50.10 57.66 57.46
C TRP JA 379 -49.11 56.64 57.99
N GLY JA 380 -48.29 56.12 57.09
CA GLY JA 380 -47.30 55.11 57.46
C GLY JA 380 -46.36 54.86 56.31
N GLU JA 381 -45.32 54.07 56.60
CA GLU JA 381 -44.30 53.76 55.61
C GLU JA 381 -44.68 52.49 54.86
N SER JA 382 -43.76 51.99 54.04
CA SER JA 382 -43.96 50.77 53.28
C SER JA 382 -43.36 49.60 54.03
N ASN JA 383 -44.08 48.47 54.05
CA ASN JA 383 -43.65 47.26 54.75
C ASN JA 383 -43.39 47.55 56.23
N LYS JA 384 -44.29 48.31 56.84
CA LYS JA 384 -44.19 48.65 58.25
C LYS JA 384 -45.57 48.46 58.89
N GLY JA 385 -45.61 47.71 59.98
CA GLY JA 385 -46.88 47.47 60.65
C GLY JA 385 -47.82 46.69 59.75
N SER JA 386 -49.03 47.21 59.57
CA SER JA 386 -50.06 46.55 58.79
C SER JA 386 -50.03 46.96 57.32
N PHE JA 387 -49.11 47.83 56.92
CA PHE JA 387 -49.04 48.26 55.53
C PHE JA 387 -48.40 47.18 54.67
N GLY JA 388 -48.61 47.31 53.36
CA GLY JA 388 -48.03 46.40 52.39
C GLY JA 388 -46.70 46.88 51.88
N THR JA 389 -46.30 46.34 50.75
CA THR JA 389 -45.04 46.69 50.11
C THR JA 389 -45.30 47.46 48.82
N ILE JA 390 -44.26 48.13 48.34
CA ILE JA 390 -44.32 48.92 47.11
C ILE JA 390 -43.36 48.29 46.10
N ASN JA 391 -43.89 47.91 44.95
CA ASN JA 391 -43.11 47.28 43.89
C ASN JA 391 -43.08 48.21 42.68
N ASN JA 392 -41.88 48.46 42.17
CA ASN JA 392 -41.73 49.28 40.97
C ASN JA 392 -41.79 48.41 39.73
N GLY JA 393 -42.23 49.02 38.63
CA GLY JA 393 -42.36 48.32 37.37
C GLY JA 393 -43.62 47.51 37.19
N MET JA 394 -44.62 47.70 38.05
CA MET JA 394 -45.87 46.96 37.97
C MET JA 394 -47.05 47.93 38.03
N LEU JA 395 -48.21 47.45 37.60
CA LEU JA 395 -49.44 48.22 37.68
C LEU JA 395 -50.57 47.29 38.09
N GLU JA 396 -51.61 47.88 38.69
CA GLU JA 396 -52.78 47.13 39.13
C GLU JA 396 -53.87 47.21 38.07
N GLN JA 397 -54.41 46.06 37.71
CA GLN JA 397 -55.56 46.00 36.82
C GLN JA 397 -56.84 46.01 37.65
N SER JA 398 -57.98 46.00 36.96
CA SER JA 398 -59.26 45.95 37.66
C SER JA 398 -59.42 44.60 38.35
N ASN JA 399 -59.97 44.63 39.55
CA ASN JA 399 -60.17 43.41 40.35
C ASN JA 399 -61.53 42.79 40.04
N ILE JA 400 -61.73 42.48 38.75
CA ILE JA 400 -62.98 41.93 38.27
C ILE JA 400 -62.72 40.61 37.59
N ASP JA 401 -63.77 39.79 37.48
CA ASP JA 401 -63.73 38.54 36.77
C ASP JA 401 -64.81 38.57 35.70
N MET JA 402 -64.39 38.47 34.43
CA MET JA 402 -65.34 38.64 33.33
C MET JA 402 -66.43 37.58 33.36
N THR JA 403 -66.08 36.34 33.70
CA THR JA 403 -67.07 35.28 33.78
C THR JA 403 -68.17 35.65 34.78
N GLN JA 404 -67.78 36.08 35.98
CA GLN JA 404 -68.76 36.44 37.00
C GLN JA 404 -69.61 37.62 36.54
N GLU JA 405 -68.99 38.62 35.91
CA GLU JA 405 -69.74 39.79 35.45
C GLU JA 405 -70.79 39.39 34.41
N LEU JA 406 -70.41 38.54 33.45
CA LEU JA 406 -71.36 38.14 32.42
C LEU JA 406 -72.48 37.29 32.99
N VAL JA 407 -72.16 36.39 33.93
CA VAL JA 407 -73.21 35.58 34.55
C VAL JA 407 -74.16 36.46 35.34
N ASP JA 408 -73.63 37.42 36.09
CA ASP JA 408 -74.49 38.34 36.82
C ASP JA 408 -75.34 39.18 35.86
N LEU JA 409 -74.78 39.54 34.70
CA LEU JA 409 -75.55 40.27 33.70
C LEU JA 409 -76.74 39.45 33.24
N ILE JA 410 -76.51 38.16 32.96
CA ILE JA 410 -77.60 37.28 32.53
C ILE JA 410 -78.66 37.18 33.61
N SER JA 411 -78.24 36.98 34.85
CA SER JA 411 -79.19 36.83 35.95
C SER JA 411 -79.99 38.11 36.17
N ALA JA 412 -79.33 39.26 36.07
CA ALA JA 412 -80.02 40.53 36.22
C ALA JA 412 -81.05 40.74 35.12
N GLN JA 413 -80.69 40.37 33.87
CA GLN JA 413 -81.66 40.45 32.79
C GLN JA 413 -82.86 39.55 33.07
N ARG JA 414 -82.61 38.34 33.56
CA ARG JA 414 -83.71 37.43 33.88
C ARG JA 414 -84.64 38.02 34.94
N ASN JA 415 -84.05 38.61 36.00
CA ASN JA 415 -84.85 39.21 37.06
C ASN JA 415 -85.65 40.40 36.53
N PHE JA 416 -85.03 41.22 35.68
CA PHE JA 416 -85.72 42.35 35.08
C PHE JA 416 -86.91 41.88 34.24
N GLN JA 417 -86.72 40.81 33.46
CA GLN JA 417 -87.83 40.27 32.68
C GLN JA 417 -88.94 39.76 33.57
N ALA JA 418 -88.59 39.09 34.68
CA ALA JA 418 -89.62 38.60 35.59
C ALA JA 418 -90.41 39.74 36.21
N ASN JA 419 -89.73 40.80 36.64
CA ASN JA 419 -90.42 41.94 37.22
C ASN JA 419 -91.30 42.64 36.20
N SER JA 420 -90.83 42.76 34.95
CA SER JA 420 -91.65 43.34 33.91
C SER JA 420 -92.89 42.49 33.67
N ARG JA 421 -92.74 41.17 33.72
CA ARG JA 421 -93.90 40.29 33.59
C ARG JA 421 -94.91 40.53 34.71
N SER JA 422 -94.42 40.68 35.93
CA SER JA 422 -95.32 40.96 37.06
C SER JA 422 -96.05 42.28 36.87
N LEU JA 423 -95.33 43.32 36.41
CA LEU JA 423 -95.96 44.61 36.15
C LEU JA 423 -97.01 44.49 35.06
N GLU JA 424 -96.73 43.71 34.02
CA GLU JA 424 -97.70 43.48 32.97
C GLU JA 424 -98.94 42.79 33.51
N VAL JA 425 -98.75 41.82 34.41
CA VAL JA 425 -99.89 41.14 35.02
C VAL JA 425 -100.73 42.13 35.82
N HIS JA 426 -100.09 43.02 36.58
CA HIS JA 426 -100.82 44.03 37.33
C HIS JA 426 -101.62 44.93 36.40
N ASN JA 427 -101.01 45.37 35.30
CA ASN JA 427 -101.71 46.24 34.36
C ASN JA 427 -102.88 45.52 33.71
N GLN JA 428 -102.70 44.24 33.36
CA GLN JA 428 -103.79 43.48 32.78
C GLN JA 428 -104.95 43.31 33.75
N LEU JA 429 -104.64 43.08 35.02
CA LEU JA 429 -105.70 42.97 36.03
C LEU JA 429 -106.45 44.28 36.17
N GLN JA 430 -105.72 45.40 36.20
CA GLN JA 430 -106.38 46.70 36.29
C GLN JA 430 -107.27 46.96 35.08
N GLN JA 431 -106.78 46.64 33.89
CA GLN JA 431 -107.59 46.83 32.70
C GLN JA 431 -108.82 45.93 32.68
N ASN JA 432 -108.68 44.70 33.16
CA ASN JA 432 -109.83 43.81 33.24
C ASN JA 432 -110.87 44.34 34.21
N ILE JA 433 -110.42 44.89 35.34
CA ILE JA 433 -111.36 45.51 36.28
C ILE JA 433 -112.03 46.72 35.64
N LEU JA 434 -111.27 47.48 34.84
CA LEU JA 434 -111.83 48.67 34.21
C LEU JA 434 -112.96 48.35 33.25
N GLN JA 435 -112.90 47.19 32.59
CA GLN JA 435 -113.89 46.83 31.57
C GLN JA 435 -115.08 46.11 32.20
N ILE JA 436 -115.71 46.78 33.15
CA ILE JA 436 -116.89 46.24 33.82
C ILE JA 436 -117.99 47.29 33.88
N SER KA 2 -99.44 65.29 22.44
CA SER KA 2 -99.15 64.49 21.26
C SER KA 2 -98.08 65.17 20.39
N TYR KA 3 -98.15 66.50 20.32
CA TYR KA 3 -97.18 67.23 19.51
C TYR KA 3 -95.76 67.07 20.04
N VAL KA 4 -95.61 66.89 21.35
CA VAL KA 4 -94.29 66.61 21.91
C VAL KA 4 -93.77 65.27 21.37
N SER KA 5 -94.66 64.27 21.30
CA SER KA 5 -94.26 62.98 20.73
C SER KA 5 -93.92 63.12 19.25
N LEU KA 6 -94.67 63.94 18.53
CA LEU KA 6 -94.37 64.15 17.11
C LEU KA 6 -93.03 64.83 16.92
N SER KA 7 -92.71 65.82 17.78
CA SER KA 7 -91.41 66.48 17.71
C SER KA 7 -90.29 65.49 18.03
N GLY KA 8 -90.51 64.63 19.03
CA GLY KA 8 -89.52 63.61 19.33
C GLY KA 8 -89.30 62.65 18.17
N LEU KA 9 -90.39 62.24 17.51
CA LEU KA 9 -90.27 61.39 16.33
C LEU KA 9 -89.50 62.08 15.23
N SER KA 10 -89.78 63.37 14.99
CA SER KA 10 -89.07 64.10 13.95
C SER KA 10 -87.58 64.22 14.28
N ALA KA 11 -87.26 64.49 15.54
CA ALA KA 11 -85.86 64.58 15.94
C ALA KA 11 -85.15 63.25 15.78
N ALA KA 12 -85.79 62.16 16.20
CA ALA KA 12 -85.20 60.83 16.05
C ALA KA 12 -84.98 60.50 14.58
N GLN KA 13 -85.95 60.83 13.73
CA GLN KA 13 -85.80 60.55 12.31
C GLN KA 13 -84.71 61.41 11.68
N LEU KA 14 -84.56 62.65 12.12
CA LEU KA 14 -83.46 63.48 11.62
C LEU KA 14 -82.11 62.90 12.02
N ASP KA 15 -81.98 62.45 13.27
CA ASP KA 15 -80.73 61.82 13.70
C ASP KA 15 -80.47 60.55 12.90
N LEU KA 16 -81.52 59.76 12.65
CA LEU KA 16 -81.38 58.54 11.86
C LEU KA 16 -80.92 58.87 10.45
N ASN KA 17 -81.50 59.91 9.83
CA ASN KA 17 -81.10 60.29 8.49
C ASN KA 17 -79.65 60.78 8.45
N THR KA 18 -79.24 61.55 9.45
CA THR KA 18 -77.85 62.01 9.49
C THR KA 18 -76.90 60.84 9.61
N THR KA 19 -77.22 59.88 10.47
CA THR KA 19 -76.37 58.70 10.62
C THR KA 19 -76.34 57.88 9.34
N SER KA 20 -77.50 57.76 8.67
CA SER KA 20 -77.56 57.02 7.41
C SER KA 20 -76.70 57.68 6.35
N ASN KA 21 -76.73 59.02 6.27
CA ASN KA 21 -75.89 59.73 5.32
C ASN KA 21 -74.41 59.52 5.65
N ASN KA 22 -74.06 59.55 6.94
CA ASN KA 22 -72.68 59.31 7.34
C ASN KA 22 -72.23 57.92 6.92
N ILE KA 23 -73.10 56.91 7.10
CA ILE KA 23 -72.77 55.56 6.68
C ILE KA 23 -72.62 55.47 5.17
N ALA KA 24 -73.54 56.11 4.42
CA ALA KA 24 -73.51 56.03 2.97
C ALA KA 24 -72.26 56.68 2.40
N ASN KA 25 -71.82 57.79 2.97
CA ASN KA 25 -70.64 58.49 2.47
C ASN KA 25 -69.34 57.93 3.04
N ALA KA 26 -69.32 56.68 3.48
CA ALA KA 26 -68.13 56.11 4.11
C ALA KA 26 -66.95 56.03 3.15
N ASN KA 27 -67.19 55.95 1.85
CA ASN KA 27 -66.10 55.78 0.87
C ASN KA 27 -65.80 57.05 0.08
N THR KA 28 -66.61 58.09 0.22
CA THR KA 28 -66.36 59.33 -0.49
C THR KA 28 -65.06 59.97 -0.01
N TYR KA 29 -64.28 60.49 -0.95
CA TYR KA 29 -63.00 61.11 -0.63
C TYR KA 29 -63.23 62.52 -0.09
N GLY KA 30 -62.63 62.82 1.06
CA GLY KA 30 -62.71 64.14 1.63
C GLY KA 30 -63.99 64.48 2.35
N PHE KA 31 -64.91 63.52 2.45
CA PHE KA 31 -66.18 63.78 3.13
C PHE KA 31 -65.95 64.02 4.62
N LYS KA 32 -66.75 64.92 5.18
CA LYS KA 32 -66.73 65.21 6.60
C LYS KA 32 -68.08 64.85 7.20
N GLU KA 33 -68.06 64.09 8.29
CA GLU KA 33 -69.29 63.59 8.88
C GLU KA 33 -70.15 64.73 9.41
N SER KA 34 -71.37 64.38 9.81
CA SER KA 34 -72.33 65.33 10.34
C SER KA 34 -72.86 64.83 11.67
N ARG KA 35 -73.13 65.77 12.57
CA ARG KA 35 -73.69 65.48 13.88
C ARG KA 35 -74.93 66.31 14.11
N ALA KA 36 -75.97 65.69 14.67
CA ALA KA 36 -77.25 66.35 14.87
C ALA KA 36 -77.36 66.79 16.33
N GLU KA 37 -77.64 68.07 16.53
CA GLU KA 37 -77.77 68.66 17.86
C GLU KA 37 -79.16 69.25 18.00
N PHE KA 38 -79.79 69.01 19.14
CA PHE KA 38 -81.15 69.46 19.41
C PHE KA 38 -81.16 70.40 20.60
N ALA KA 39 -82.32 71.03 20.82
CA ALA KA 39 -82.50 71.97 21.92
C ALA KA 39 -83.89 71.80 22.50
N ASP KA 40 -84.03 72.20 23.77
CA ASP KA 40 -85.31 72.13 24.44
C ASP KA 40 -86.24 73.22 23.93
N VAL KA 41 -87.54 73.01 24.15
CA VAL KA 41 -88.57 73.96 23.73
C VAL KA 41 -89.37 74.37 24.96
N TYR KA 42 -89.57 75.68 25.11
CA TYR KA 42 -90.36 76.20 26.22
C TYR KA 42 -90.99 77.51 25.80
N SER KA 43 -92.24 77.73 26.23
CA SER KA 43 -92.95 78.94 25.87
C SER KA 43 -92.49 80.11 26.73
N ASN KA 44 -92.79 81.32 26.26
CA ASN KA 44 -92.40 82.55 26.93
C ASN KA 44 -93.56 83.55 26.95
N SER KA 45 -94.73 83.07 27.38
CA SER KA 45 -95.88 83.94 27.51
C SER KA 45 -95.65 84.93 28.65
N LEU KA 46 -96.33 86.08 28.56
CA LEU KA 46 -96.21 87.10 29.59
C LEU KA 46 -96.70 86.58 30.94
N PHE KA 47 -97.85 85.90 30.94
CA PHE KA 47 -98.39 85.30 32.15
C PHE KA 47 -98.22 83.79 32.07
N THR KA 48 -97.06 83.32 32.51
CA THR KA 48 -96.70 81.91 32.46
C THR KA 48 -96.70 81.34 33.87
N ASN KA 49 -97.38 80.21 34.06
CA ASN KA 49 -97.39 79.56 35.38
C ASN KA 49 -96.01 79.00 35.72
N ALA KA 50 -95.19 78.71 34.73
CA ALA KA 50 -93.82 78.24 34.90
C ALA KA 50 -93.76 76.92 35.65
N LYS KA 51 -94.15 76.92 36.93
CA LYS KA 51 -94.13 75.70 37.72
C LYS KA 51 -95.13 74.68 37.18
N THR KA 52 -96.28 75.14 36.71
CA THR KA 52 -97.35 74.28 36.23
C THR KA 52 -97.36 74.15 34.72
N THR KA 53 -96.31 74.62 34.04
CA THR KA 53 -96.23 74.56 32.58
C THR KA 53 -95.21 73.50 32.17
N PRO KA 54 -95.62 72.42 31.51
CA PRO KA 54 -94.67 71.39 31.11
C PRO KA 54 -93.84 71.81 29.91
N GLY KA 55 -93.02 70.89 29.39
CA GLY KA 55 -92.19 71.19 28.25
C GLY KA 55 -92.99 71.33 26.97
N GLY KA 56 -92.26 71.63 25.90
CA GLY KA 56 -92.88 71.83 24.60
C GLY KA 56 -92.33 70.93 23.52
N GLY KA 57 -91.62 69.87 23.92
CA GLY KA 57 -91.05 68.95 22.97
C GLY KA 57 -89.57 69.16 22.73
N ALA KA 58 -89.08 68.79 21.56
CA ALA KA 58 -87.68 68.93 21.19
C ALA KA 58 -87.58 69.53 19.80
N GLN KA 59 -86.68 70.49 19.64
CA GLN KA 59 -86.48 71.19 18.38
C GLN KA 59 -85.07 70.93 17.87
N ALA KA 60 -84.96 70.64 16.57
CA ALA KA 60 -83.65 70.48 15.95
C ALA KA 60 -82.93 71.82 15.91
N SER KA 61 -81.70 71.84 16.42
CA SER KA 61 -80.92 73.08 16.45
C SER KA 61 -80.10 73.26 15.19
N GLN KA 62 -79.20 72.32 14.90
CA GLN KA 62 -78.37 72.40 13.71
C GLN KA 62 -77.76 71.02 13.45
N VAL KA 63 -77.32 70.82 12.21
CA VAL KA 63 -76.59 69.62 11.83
C VAL KA 63 -75.12 70.00 11.71
N ALA KA 64 -74.29 69.44 12.59
CA ALA KA 64 -72.89 69.80 12.63
C ALA KA 64 -72.15 69.29 11.39
N GLN KA 65 -70.93 69.78 11.22
CA GLN KA 65 -70.06 69.44 10.09
C GLN KA 65 -68.65 69.17 10.61
N GLN KA 66 -68.55 68.30 11.63
CA GLN KA 66 -67.31 68.01 12.32
C GLN KA 66 -66.15 67.85 11.35
N PHE KA 67 -65.13 68.69 11.53
CA PHE KA 67 -64.02 68.81 10.58
C PHE KA 67 -62.74 68.20 11.13
N HIS KA 68 -62.85 67.15 11.94
CA HIS KA 68 -61.65 66.49 12.43
C HIS KA 68 -60.99 65.72 11.31
N GLU KA 69 -59.65 65.67 11.34
CA GLU KA 69 -58.89 65.06 10.26
C GLU KA 69 -59.25 63.58 10.09
N GLY KA 70 -59.46 63.18 8.84
CA GLY KA 70 -59.71 61.79 8.53
C GLY KA 70 -58.44 61.05 8.17
N SER KA 71 -58.57 59.73 8.05
CA SER KA 71 -57.42 58.89 7.74
C SER KA 71 -57.02 59.08 6.28
N SER KA 72 -55.80 58.64 5.96
CA SER KA 72 -55.21 58.80 4.65
C SER KA 72 -54.90 57.45 4.03
N ILE KA 73 -55.23 57.31 2.75
CA ILE KA 73 -54.91 56.11 1.99
C ILE KA 73 -53.83 56.45 0.98
N TYR KA 74 -53.00 55.46 0.68
CA TYR KA 74 -51.86 55.64 -0.22
C TYR KA 74 -52.14 54.95 -1.53
N THR KA 75 -52.16 55.72 -2.61
CA THR KA 75 -52.34 55.20 -3.95
C THR KA 75 -51.08 55.22 -4.79
N ASN KA 76 -50.01 55.84 -4.28
CA ASN KA 76 -48.74 55.99 -4.99
C ASN KA 76 -48.92 56.72 -6.33
N ASN KA 77 -49.95 57.54 -6.44
CA ASN KA 77 -50.17 58.35 -7.62
C ASN KA 77 -49.90 59.80 -7.27
N PRO KA 78 -48.81 60.40 -7.75
CA PRO KA 78 -48.43 61.74 -7.27
C PRO KA 78 -49.45 62.81 -7.58
N MET KA 79 -50.33 62.61 -8.56
CA MET KA 79 -51.39 63.56 -8.84
C MET KA 79 -52.48 63.57 -7.77
N ASP KA 80 -52.47 62.61 -6.85
CA ASP KA 80 -53.37 62.62 -5.71
C ASP KA 80 -52.73 63.39 -4.56
N LEU KA 81 -53.45 64.38 -4.04
CA LEU KA 81 -52.91 65.29 -3.03
C LEU KA 81 -53.80 65.27 -1.80
N ARG KA 82 -53.17 65.48 -0.65
CA ARG KA 82 -53.87 65.52 0.63
C ARG KA 82 -53.36 66.69 1.45
N VAL KA 83 -54.28 67.41 2.06
CA VAL KA 83 -53.96 68.55 2.93
C VAL KA 83 -53.93 68.04 4.36
N SER KA 84 -52.72 67.89 4.90
CA SER KA 84 -52.55 67.42 6.28
C SER KA 84 -52.60 68.61 7.22
N GLY KA 85 -53.61 68.64 8.09
CA GLY KA 85 -53.78 69.75 9.00
C GLY KA 85 -54.97 70.61 8.67
N THR KA 86 -54.79 71.93 8.69
CA THR KA 86 -55.86 72.87 8.37
C THR KA 86 -55.61 73.49 7.01
N GLY KA 87 -56.63 73.50 6.17
CA GLY KA 87 -56.54 74.09 4.85
C GLY KA 87 -57.47 73.37 3.88
N PHE KA 88 -57.89 74.10 2.86
CA PHE KA 88 -58.77 73.57 1.83
C PHE KA 88 -58.21 73.87 0.44
N PHE KA 89 -58.42 72.93 -0.47
CA PHE KA 89 -58.09 73.18 -1.87
C PHE KA 89 -59.10 74.13 -2.48
N ALA KA 90 -58.63 74.96 -3.42
CA ALA KA 90 -59.46 75.93 -4.10
C ALA KA 90 -59.61 75.53 -5.56
N VAL KA 91 -60.85 75.37 -6.01
CA VAL KA 91 -61.16 74.95 -7.36
C VAL KA 91 -62.16 75.92 -7.95
N ALA KA 92 -61.99 76.23 -9.24
CA ALA KA 92 -62.85 77.16 -9.95
C ALA KA 92 -63.70 76.42 -10.97
N LYS KA 93 -64.95 76.85 -11.12
CA LYS KA 93 -65.86 76.20 -12.07
C LYS KA 93 -65.35 76.34 -13.49
N GLU KA 94 -64.87 77.52 -13.86
CA GLU KA 94 -64.38 77.80 -15.21
C GLU KA 94 -62.97 78.35 -15.14
N ARG KA 95 -62.21 78.10 -16.20
CA ARG KA 95 -60.82 78.56 -16.25
C ARG KA 95 -60.73 80.08 -16.26
N LEU KA 96 -61.63 80.73 -16.99
CA LEU KA 96 -61.57 82.18 -17.19
C LEU KA 96 -62.22 82.97 -16.06
N THR KA 97 -62.77 82.31 -15.05
CA THR KA 97 -63.40 82.97 -13.92
C THR KA 97 -62.85 82.40 -12.62
N PRO KA 98 -61.59 82.72 -12.28
CA PRO KA 98 -61.03 82.23 -11.01
C PRO KA 98 -61.75 82.79 -9.79
N GLN KA 99 -62.45 83.91 -9.92
CA GLN KA 99 -63.15 84.49 -8.79
C GLN KA 99 -64.22 83.53 -8.26
N GLN KA 100 -64.99 82.91 -9.16
CA GLN KA 100 -66.01 81.95 -8.76
C GLN KA 100 -65.32 80.64 -8.40
N ASN KA 101 -65.13 80.42 -7.10
CA ASN KA 101 -64.38 79.26 -6.63
C ASN KA 101 -65.07 78.64 -5.43
N GLU KA 102 -64.75 77.37 -5.19
CA GLU KA 102 -65.28 76.61 -4.07
C GLU KA 102 -64.16 75.83 -3.40
N LEU KA 103 -64.39 75.48 -2.15
CA LEU KA 103 -63.39 74.78 -1.35
C LEU KA 103 -63.67 73.28 -1.35
N THR KA 104 -62.60 72.49 -1.36
CA THR KA 104 -62.72 71.04 -1.35
C THR KA 104 -61.53 70.43 -0.63
N ARG KA 105 -61.64 69.14 -0.35
CA ARG KA 105 -60.59 68.40 0.36
C ARG KA 105 -60.03 67.22 -0.41
N ASN KA 106 -60.79 66.61 -1.32
CA ASN KA 106 -60.27 65.48 -2.08
C ASN KA 106 -59.22 65.96 -3.08
N GLY KA 107 -58.30 65.07 -3.41
CA GLY KA 107 -57.19 65.44 -4.27
C GLY KA 107 -57.07 64.61 -5.53
N ALA KA 108 -58.18 64.09 -6.03
CA ALA KA 108 -58.18 63.30 -7.27
C ALA KA 108 -57.99 64.25 -8.44
N PHE KA 109 -56.74 64.56 -8.75
CA PHE KA 109 -56.40 65.50 -9.81
C PHE KA 109 -55.83 64.77 -11.02
N HIS KA 110 -56.07 65.36 -12.18
CA HIS KA 110 -55.53 64.85 -13.44
C HIS KA 110 -55.53 65.96 -14.46
N LEU KA 111 -54.62 65.84 -15.43
CA LEU KA 111 -54.50 66.84 -16.50
C LEU KA 111 -55.65 66.66 -17.47
N ASN KA 112 -56.28 67.76 -17.85
CA ASN KA 112 -57.30 67.73 -18.90
C ASN KA 112 -56.61 67.77 -20.26
N LYS KA 113 -57.39 67.90 -21.33
CA LYS KA 113 -56.78 67.96 -22.66
C LYS KA 113 -55.95 69.21 -22.85
N GLU KA 114 -56.13 70.23 -22.01
CA GLU KA 114 -55.37 71.47 -22.09
C GLU KA 114 -54.22 71.50 -21.09
N ASN KA 115 -53.90 70.38 -20.46
CA ASN KA 115 -52.79 70.27 -19.51
C ASN KA 115 -53.00 71.17 -18.29
N TYR KA 116 -54.23 71.25 -17.81
CA TYR KA 116 -54.55 71.90 -16.55
C TYR KA 116 -55.00 70.86 -15.54
N MET KA 117 -54.60 71.04 -14.28
CA MET KA 117 -54.98 70.11 -13.23
C MET KA 117 -56.43 70.36 -12.81
N VAL KA 118 -57.28 69.36 -12.99
CA VAL KA 118 -58.70 69.47 -12.70
C VAL KA 118 -59.15 68.29 -11.85
N THR KA 119 -60.32 68.45 -11.24
CA THR KA 119 -60.90 67.42 -10.40
C THR KA 119 -61.65 66.42 -11.28
N ALA KA 120 -62.43 65.54 -10.64
CA ALA KA 120 -63.22 64.58 -11.41
C ALA KA 120 -64.27 65.29 -12.26
N ASN KA 121 -64.85 66.37 -11.74
CA ASN KA 121 -65.85 67.15 -12.45
C ASN KA 121 -65.24 68.19 -13.40
N ASP KA 122 -63.97 68.02 -13.77
CA ASP KA 122 -63.28 68.92 -14.70
C ASP KA 122 -63.33 70.37 -14.19
N GLU KA 123 -63.07 70.54 -12.90
CA GLU KA 123 -63.00 71.86 -12.29
C GLU KA 123 -61.54 72.22 -12.05
N PHE KA 124 -61.12 73.37 -12.58
CA PHE KA 124 -59.72 73.75 -12.56
C PHE KA 124 -59.26 74.07 -11.15
N LEU KA 125 -58.04 73.64 -10.83
CA LEU KA 125 -57.45 73.87 -9.52
C LEU KA 125 -56.73 75.21 -9.50
N LEU KA 126 -57.05 76.04 -8.52
CA LEU KA 126 -56.50 77.39 -8.43
C LEU KA 126 -55.12 77.35 -7.77
N GLY KA 127 -54.19 78.12 -8.33
CA GLY KA 127 -52.84 78.17 -7.82
C GLY KA 127 -52.22 79.53 -8.02
N TYR KA 128 -51.04 79.71 -7.43
CA TYR KA 128 -50.31 80.96 -7.50
C TYR KA 128 -49.32 80.93 -8.65
N GLN KA 129 -48.56 82.02 -8.81
CA GLN KA 129 -47.51 82.12 -9.81
C GLN KA 129 -46.24 82.61 -9.12
N VAL KA 130 -45.25 81.74 -9.01
CA VAL KA 130 -44.02 82.07 -8.31
C VAL KA 130 -43.05 82.77 -9.27
N ASP KA 131 -42.03 83.40 -8.70
CA ASP KA 131 -40.99 84.03 -9.49
C ASP KA 131 -40.07 82.96 -10.09
N PRO KA 132 -39.40 83.28 -11.20
CA PRO KA 132 -38.46 82.29 -11.77
C PRO KA 132 -37.36 81.88 -10.80
N SER KA 133 -36.69 82.84 -10.18
CA SER KA 133 -35.60 82.55 -9.25
C SER KA 133 -36.05 82.64 -7.79
N SER KA 134 -36.79 83.69 -7.43
CA SER KA 134 -37.24 83.86 -6.06
C SER KA 134 -38.30 82.82 -5.71
N GLY KA 135 -38.12 82.16 -4.56
CA GLY KA 135 -39.10 81.20 -4.11
C GLY KA 135 -40.42 81.83 -3.72
N GLU KA 136 -40.38 83.06 -3.21
CA GLU KA 136 -41.60 83.73 -2.80
C GLU KA 136 -42.50 84.00 -4.00
N VAL KA 137 -43.80 83.78 -3.79
CA VAL KA 137 -44.79 84.06 -4.83
C VAL KA 137 -45.02 85.56 -4.91
N SER KA 138 -45.03 86.10 -6.14
CA SER KA 138 -45.19 87.53 -6.32
C SER KA 138 -46.64 87.96 -6.13
N SER KA 139 -47.53 87.47 -6.97
CA SER KA 139 -48.94 87.85 -6.91
C SER KA 139 -49.76 86.75 -6.25
N TYR KA 140 -50.63 87.15 -5.32
CA TYR KA 140 -51.44 86.21 -4.56
C TYR KA 140 -52.78 85.92 -5.21
N GLU KA 141 -53.03 86.45 -6.41
CA GLU KA 141 -54.30 86.14 -7.05
C GLU KA 141 -54.32 84.69 -7.52
N PRO KA 142 -55.46 84.01 -7.39
CA PRO KA 142 -55.55 82.62 -7.83
C PRO KA 142 -55.74 82.51 -9.32
N GLN KA 143 -55.03 81.56 -9.93
CA GLN KA 143 -55.13 81.29 -11.35
C GLN KA 143 -55.03 79.79 -11.57
N PRO KA 144 -55.62 79.28 -12.65
CA PRO KA 144 -55.50 77.85 -12.95
C PRO KA 144 -54.03 77.46 -13.16
N ILE KA 145 -53.69 76.26 -12.72
CA ILE KA 145 -52.32 75.76 -12.81
C ILE KA 145 -52.17 75.01 -14.12
N ASN KA 146 -51.15 75.38 -14.90
CA ASN KA 146 -50.86 74.76 -16.18
C ASN KA 146 -49.52 74.06 -16.12
N ILE KA 147 -49.42 72.90 -16.77
CA ILE KA 147 -48.18 72.15 -16.84
C ILE KA 147 -47.83 71.96 -18.31
N PRO KA 148 -47.09 72.88 -18.91
CA PRO KA 148 -46.74 72.75 -20.33
C PRO KA 148 -45.92 71.49 -20.57
N ALA KA 149 -46.13 70.88 -21.73
CA ALA KA 149 -45.41 69.68 -22.11
C ALA KA 149 -44.10 69.98 -22.82
N GLU KA 150 -43.83 71.24 -23.12
CA GLU KA 150 -42.59 71.64 -23.79
C GLU KA 150 -42.05 72.91 -23.14
N PHE KA 151 -40.72 72.98 -23.05
CA PHE KA 151 -40.04 74.21 -22.63
C PHE KA 151 -39.82 75.08 -23.86
N GLY KA 152 -40.93 75.57 -24.42
CA GLY KA 152 -40.91 76.27 -25.68
C GLY KA 152 -40.42 77.70 -25.61
N LYS KA 153 -39.19 77.89 -25.17
CA LYS KA 153 -38.59 79.22 -25.12
C LYS KA 153 -37.08 79.10 -25.06
N PRO KA 154 -36.38 78.99 -26.19
CA PRO KA 154 -34.92 78.95 -26.16
C PRO KA 154 -34.34 80.20 -25.51
N LYS KA 155 -33.72 80.05 -24.35
CA LYS KA 155 -33.23 81.16 -23.56
C LYS KA 155 -31.76 81.38 -23.86
N GLN KA 156 -31.42 82.60 -24.30
CA GLN KA 156 -30.04 82.94 -24.58
C GLN KA 156 -29.22 82.98 -23.30
N THR KA 157 -27.93 82.67 -23.43
CA THR KA 157 -27.01 82.74 -22.30
C THR KA 157 -26.71 84.20 -22.00
N ALA KA 158 -26.88 84.60 -20.73
CA ALA KA 158 -26.65 85.99 -20.36
C ALA KA 158 -25.62 86.10 -19.24
N ASN KA 159 -25.70 85.19 -18.26
CA ASN KA 159 -24.79 85.20 -17.12
C ASN KA 159 -24.09 83.86 -17.04
N ILE KA 160 -22.76 83.90 -16.98
CA ILE KA 160 -21.93 82.70 -16.86
C ILE KA 160 -21.10 82.84 -15.60
N GLU KA 161 -21.22 81.88 -14.69
CA GLU KA 161 -20.44 81.87 -13.45
C GLU KA 161 -19.32 80.84 -13.60
N VAL KA 162 -18.07 81.31 -13.49
CA VAL KA 162 -16.90 80.46 -13.64
C VAL KA 162 -16.06 80.59 -12.38
N GLY KA 163 -15.76 79.47 -11.74
CA GLY KA 163 -14.86 79.44 -10.60
C GLY KA 163 -13.68 78.53 -10.84
N VAL KA 164 -12.47 79.11 -10.91
CA VAL KA 164 -11.26 78.36 -11.21
C VAL KA 164 -10.19 78.68 -10.19
N ASN KA 165 -9.21 77.80 -10.11
CA ASN KA 165 -8.02 77.99 -9.30
C ASN KA 165 -6.81 78.16 -10.22
N LEU KA 166 -6.07 79.24 -10.04
CA LEU KA 166 -4.98 79.44 -10.98
C LEU KA 166 -3.64 79.04 -10.37
N PRO KA 167 -2.77 78.44 -11.17
CA PRO KA 167 -1.48 77.97 -10.63
C PRO KA 167 -0.58 79.13 -10.28
N ALA KA 168 -0.24 79.23 -9.00
CA ALA KA 168 0.66 80.29 -8.55
C ALA KA 168 2.09 80.08 -9.04
N ASN KA 169 2.49 78.84 -9.28
CA ASN KA 169 3.82 78.52 -9.74
C ASN KA 169 3.92 78.41 -11.26
N GLY KA 170 2.86 78.81 -11.97
CA GLY KA 170 2.91 78.75 -13.42
C GLY KA 170 3.89 79.74 -14.00
N ASP KA 171 4.37 79.43 -15.20
CA ASP KA 171 5.36 80.28 -15.85
C ASP KA 171 4.74 81.61 -16.29
N LEU KA 172 5.52 82.67 -16.14
CA LEU KA 172 5.05 84.00 -16.56
C LEU KA 172 5.05 84.11 -18.08
N LYS KA 173 4.16 84.96 -18.58
CA LYS KA 173 4.02 85.19 -20.01
C LYS KA 173 3.99 86.69 -20.27
N ASP KA 174 4.29 87.07 -21.52
CA ASP KA 174 4.33 88.46 -21.91
C ASP KA 174 2.92 88.95 -22.28
N PRO KA 175 2.40 89.97 -21.60
CA PRO KA 175 1.05 90.45 -21.97
C PRO KA 175 0.94 90.93 -23.40
N THR KA 176 2.01 91.54 -23.92
CA THR KA 176 1.96 92.08 -25.29
C THR KA 176 2.06 90.99 -26.35
N GLN KA 177 2.53 89.79 -25.99
CA GLN KA 177 2.71 88.71 -26.95
C GLN KA 177 1.56 87.71 -26.96
N PHE KA 178 0.43 88.06 -26.36
CA PHE KA 178 -0.70 87.15 -26.33
C PHE KA 178 -1.29 86.95 -27.72
N ASP KA 179 -1.56 85.70 -28.07
CA ASP KA 179 -2.19 85.37 -29.35
C ASP KA 179 -2.90 84.03 -29.19
N PHE KA 180 -4.21 84.01 -29.39
CA PHE KA 180 -4.98 82.79 -29.18
C PHE KA 180 -4.63 81.71 -30.19
N SER KA 181 -4.00 82.07 -31.32
CA SER KA 181 -3.57 81.07 -32.29
C SER KA 181 -2.31 80.33 -31.85
N ASP KA 182 -1.53 80.90 -30.94
CA ASP KA 182 -0.31 80.26 -30.47
C ASP KA 182 -0.50 79.79 -29.04
N PRO KA 183 -0.56 78.48 -28.79
CA PRO KA 183 -0.75 78.00 -27.41
C PRO KA 183 0.36 78.42 -26.45
N ASP KA 184 1.59 78.54 -26.93
CA ASP KA 184 2.72 78.84 -26.05
C ASP KA 184 2.68 80.26 -25.49
N THR KA 185 1.91 81.16 -26.10
CA THR KA 185 1.89 82.55 -25.63
C THR KA 185 1.15 82.69 -24.31
N TYR KA 186 0.11 81.90 -24.10
CA TYR KA 186 -0.70 81.96 -22.88
C TYR KA 186 -0.43 80.72 -22.03
N ASN KA 187 -1.15 80.62 -20.92
CA ASN KA 187 -0.95 79.54 -19.95
C ASN KA 187 -1.96 78.43 -20.10
N ARG KA 188 -3.26 78.74 -20.00
CA ARG KA 188 -4.30 77.72 -20.03
C ARG KA 188 -5.44 78.18 -20.93
N SER KA 189 -6.15 77.19 -21.48
CA SER KA 189 -7.31 77.44 -22.34
C SER KA 189 -8.40 76.44 -22.00
N THR KA 190 -9.62 76.94 -21.83
CA THR KA 190 -10.77 76.12 -21.48
C THR KA 190 -11.88 76.33 -22.50
N SER KA 191 -12.69 75.28 -22.69
CA SER KA 191 -13.76 75.30 -23.68
C SER KA 191 -15.11 75.08 -22.98
N SER KA 192 -16.13 75.76 -23.50
CA SER KA 192 -17.48 75.63 -22.97
C SER KA 192 -18.47 75.96 -24.07
N THR KA 193 -19.73 75.60 -23.84
CA THR KA 193 -20.79 75.73 -24.83
C THR KA 193 -21.80 76.79 -24.37
N ILE KA 194 -22.22 77.65 -25.31
CA ILE KA 194 -23.17 78.70 -25.04
C ILE KA 194 -24.28 78.63 -26.09
N TYR KA 195 -25.40 79.27 -25.78
CA TYR KA 195 -26.57 79.26 -26.64
C TYR KA 195 -27.02 80.69 -26.90
N ASP KA 196 -27.50 80.94 -28.12
CA ASP KA 196 -27.98 82.25 -28.52
C ASP KA 196 -29.48 82.35 -28.29
N SER KA 197 -30.10 83.39 -28.85
CA SER KA 197 -31.55 83.57 -28.69
C SER KA 197 -32.33 82.43 -29.35
N MET KA 198 -31.87 81.97 -30.51
CA MET KA 198 -32.56 80.92 -31.26
C MET KA 198 -32.14 79.52 -30.84
N GLY KA 199 -31.26 79.39 -29.86
CA GLY KA 199 -30.86 78.09 -29.36
C GLY KA 199 -29.69 77.45 -30.08
N GLN KA 200 -29.05 78.15 -31.02
CA GLN KA 200 -27.87 77.59 -31.68
C GLN KA 200 -26.72 77.50 -30.69
N SER KA 201 -26.00 76.38 -30.75
CA SER KA 201 -24.89 76.12 -29.83
C SER KA 201 -23.61 76.74 -30.38
N TYR KA 202 -22.91 77.48 -29.53
CA TYR KA 202 -21.63 78.09 -29.90
C TYR KA 202 -20.56 77.66 -28.91
N LYS KA 203 -19.33 77.57 -29.39
CA LYS KA 203 -18.19 77.13 -28.60
C LYS KA 203 -17.47 78.35 -28.05
N LEU KA 204 -17.39 78.44 -26.73
CA LEU KA 204 -16.74 79.56 -26.04
C LEU KA 204 -15.43 79.08 -25.45
N THR KA 205 -14.33 79.69 -25.85
CA THR KA 205 -13.00 79.35 -25.36
C THR KA 205 -12.43 80.52 -24.57
N THR KA 206 -11.95 80.24 -23.37
CA THR KA 206 -11.37 81.24 -22.49
C THR KA 206 -9.88 81.00 -22.34
N TYR KA 207 -9.10 82.05 -22.55
CA TYR KA 207 -7.64 81.97 -22.45
C TYR KA 207 -7.17 82.74 -21.22
N TYR KA 208 -6.39 82.07 -20.38
CA TYR KA 208 -5.84 82.69 -19.17
C TYR KA 208 -4.34 82.87 -19.33
N LEU KA 209 -3.87 84.08 -19.09
CA LEU KA 209 -2.46 84.43 -19.24
C LEU KA 209 -1.94 85.00 -17.94
N LYS KA 210 -0.80 84.49 -17.49
CA LYS KA 210 -0.20 84.93 -16.24
C LYS KA 210 0.70 86.13 -16.52
N ASP KA 211 0.40 87.26 -15.88
CA ASP KA 211 1.14 88.48 -16.12
C ASP KA 211 2.56 88.36 -15.60
N GLN KA 212 3.51 88.86 -16.39
CA GLN KA 212 4.92 88.86 -15.99
C GLN KA 212 5.32 90.13 -15.25
N THR KA 213 4.84 91.28 -15.71
CA THR KA 213 5.22 92.55 -15.09
C THR KA 213 4.73 92.66 -13.66
N GLN KA 214 3.48 92.25 -13.42
CA GLN KA 214 2.88 92.37 -12.09
C GLN KA 214 2.69 90.98 -11.49
N PRO KA 215 3.29 90.69 -10.34
CA PRO KA 215 3.03 89.42 -9.68
C PRO KA 215 1.59 89.35 -9.17
N ASN KA 216 1.07 88.12 -9.09
CA ASN KA 216 -0.31 87.87 -8.69
C ASN KA 216 -1.30 88.60 -9.58
N THR KA 217 -1.02 88.61 -10.88
CA THR KA 217 -1.89 89.24 -11.86
C THR KA 217 -2.08 88.30 -13.03
N TRP KA 218 -3.32 88.19 -13.50
CA TRP KA 218 -3.67 87.32 -14.61
C TRP KA 218 -4.49 88.08 -15.64
N ASN KA 219 -4.35 87.65 -16.89
CA ASN KA 219 -5.09 88.24 -18.01
C ASN KA 219 -6.02 87.18 -18.60
N THR KA 220 -7.27 87.55 -18.81
CA THR KA 220 -8.28 86.63 -19.30
C THR KA 220 -8.87 87.15 -20.60
N TYR KA 221 -8.92 86.29 -21.61
CA TYR KA 221 -9.46 86.62 -22.92
C TYR KA 221 -10.50 85.57 -23.32
N TYR KA 222 -11.43 85.98 -24.17
CA TYR KA 222 -12.52 85.11 -24.60
C TYR KA 222 -12.58 85.09 -26.13
N THR KA 223 -12.88 83.92 -26.69
CA THR KA 223 -13.06 83.76 -28.12
C THR KA 223 -14.30 82.92 -28.38
N VAL KA 224 -14.95 83.18 -29.50
CA VAL KA 224 -16.15 82.47 -29.93
C VAL KA 224 -15.86 81.81 -31.26
N THR KA 225 -16.12 80.50 -31.36
CA THR KA 225 -15.86 79.72 -32.56
C THR KA 225 -17.18 79.30 -33.18
N ASP KA 226 -17.56 79.97 -34.25
CA ASP KA 226 -18.71 79.59 -35.06
C ASP KA 226 -18.24 78.74 -36.25
N LYS KA 227 -19.15 78.49 -37.19
CA LYS KA 227 -18.77 77.73 -38.37
C LYS KA 227 -17.80 78.49 -39.24
N GLU KA 228 -17.89 79.82 -39.27
CA GLU KA 228 -16.97 80.62 -40.06
C GLU KA 228 -15.54 80.52 -39.54
N GLY KA 229 -15.38 80.56 -38.22
CA GLY KA 229 -14.07 80.48 -37.63
C GLY KA 229 -14.12 80.89 -36.17
N GLU KA 230 -12.94 81.13 -35.60
CA GLU KA 230 -12.79 81.55 -34.21
C GLU KA 230 -12.55 83.05 -34.17
N LYS KA 231 -13.50 83.79 -33.62
CA LYS KA 231 -13.41 85.23 -33.56
C LYS KA 231 -13.22 85.70 -32.13
N PRO KA 232 -12.19 86.49 -31.85
CA PRO KA 232 -11.99 86.98 -30.49
C PRO KA 232 -13.11 87.92 -30.06
N LEU KA 233 -13.40 87.91 -28.75
CA LEU KA 233 -14.44 88.73 -28.16
C LEU KA 233 -13.80 89.75 -27.21
N ASN KA 234 -14.21 91.00 -27.35
CA ASN KA 234 -13.64 92.09 -26.58
C ASN KA 234 -14.54 92.45 -25.41
N VAL KA 235 -13.93 92.84 -24.30
CA VAL KA 235 -14.66 93.30 -23.12
C VAL KA 235 -14.93 94.79 -23.27
N ALA KA 236 -16.07 95.23 -22.75
CA ALA KA 236 -16.47 96.63 -22.91
C ALA KA 236 -15.47 97.56 -22.21
N ALA KA 237 -15.04 97.20 -21.01
CA ALA KA 237 -14.15 98.05 -20.21
C ALA KA 237 -13.01 97.23 -19.59
N GLY KA 238 -12.55 96.20 -20.29
CA GLY KA 238 -11.44 95.41 -19.77
C GLY KA 238 -10.12 96.15 -19.95
N ASP KA 239 -9.29 96.10 -18.90
CA ASP KA 239 -7.99 96.78 -18.89
C ASP KA 239 -6.86 95.87 -19.37
N ALA KA 240 -7.04 95.26 -20.54
CA ALA KA 240 -6.00 94.42 -21.14
C ALA KA 240 -6.13 94.54 -22.66
N GLN KA 241 -5.35 95.43 -23.24
CA GLN KA 241 -5.41 95.71 -24.67
C GLN KA 241 -4.12 95.21 -25.33
N THR KA 242 -4.24 94.13 -26.10
CA THR KA 242 -3.12 93.63 -26.86
C THR KA 242 -2.85 94.54 -28.06
N PRO KA 243 -1.63 94.51 -28.60
CA PRO KA 243 -1.35 95.34 -29.79
C PRO KA 243 -2.25 95.03 -30.97
N THR KA 244 -2.68 93.78 -31.12
CA THR KA 244 -3.58 93.43 -32.21
C THR KA 244 -4.92 94.16 -32.08
N GLY KA 245 -5.44 94.26 -30.86
CA GLY KA 245 -6.70 94.94 -30.64
C GLY KA 245 -7.64 94.18 -29.74
N HIS KA 246 -7.29 92.93 -29.44
CA HIS KA 246 -8.12 92.10 -28.56
C HIS KA 246 -8.12 92.68 -27.14
N VAL KA 247 -9.29 92.71 -26.53
CA VAL KA 247 -9.48 93.34 -25.22
C VAL KA 247 -9.88 92.27 -24.22
N GLY KA 248 -9.04 92.04 -23.21
CA GLY KA 248 -9.36 91.18 -22.10
C GLY KA 248 -9.51 91.95 -20.80
N HIS KA 249 -9.55 91.22 -19.70
CA HIS KA 249 -9.69 91.82 -18.38
C HIS KA 249 -8.64 91.20 -17.44
N THR KA 250 -8.29 91.95 -16.42
CA THR KA 250 -7.23 91.57 -15.49
C THR KA 250 -7.81 91.11 -14.17
N MET KA 251 -7.16 90.13 -13.56
CA MET KA 251 -7.55 89.59 -12.27
C MET KA 251 -6.37 89.67 -11.30
N LYS KA 252 -6.64 90.13 -10.08
CA LYS KA 252 -5.61 90.27 -9.06
C LYS KA 252 -6.03 89.54 -7.80
N PHE KA 253 -5.05 89.06 -7.05
CA PHE KA 253 -5.28 88.25 -5.86
C PHE KA 253 -4.50 88.79 -4.68
N ASN KA 254 -4.98 88.50 -3.47
CA ASN KA 254 -4.37 89.00 -2.24
C ASN KA 254 -3.15 88.16 -1.88
N ASN KA 255 -2.62 88.39 -0.68
CA ASN KA 255 -1.47 87.62 -0.22
C ASN KA 255 -1.86 86.18 0.12
N ASP KA 256 -3.07 85.98 0.65
CA ASP KA 256 -3.53 84.64 0.99
C ASP KA 256 -3.98 83.84 -0.21
N GLY KA 257 -3.91 84.40 -1.42
CA GLY KA 257 -4.36 83.73 -2.62
C GLY KA 257 -5.82 83.90 -2.95
N THR KA 258 -6.59 84.56 -2.08
CA THR KA 258 -8.00 84.80 -2.36
C THR KA 258 -8.15 85.88 -3.42
N LEU KA 259 -9.40 86.10 -3.85
CA LEU KA 259 -9.67 87.06 -4.90
C LEU KA 259 -9.60 88.48 -4.36
N ALA KA 260 -8.85 89.33 -5.04
CA ALA KA 260 -8.68 90.73 -4.64
C ALA KA 260 -9.54 91.68 -5.47
N SER KA 261 -9.37 91.66 -6.79
CA SER KA 261 -10.09 92.59 -7.65
C SER KA 261 -10.29 91.94 -9.02
N LEU KA 262 -11.30 92.43 -9.74
CA LEU KA 262 -11.63 91.94 -11.07
C LEU KA 262 -11.87 93.13 -11.99
N ASN KA 263 -11.03 93.27 -13.02
CA ASN KA 263 -11.20 94.31 -14.03
C ASN KA 263 -11.28 95.69 -13.39
N ASN KA 264 -10.37 95.97 -12.45
CA ASN KA 264 -10.32 97.24 -11.73
C ASN KA 264 -11.62 97.53 -11.00
N GLY KA 265 -12.28 96.49 -10.51
CA GLY KA 265 -13.54 96.64 -9.80
C GLY KA 265 -14.76 96.83 -10.66
N GLN KA 266 -14.61 96.75 -12.00
CA GLN KA 266 -15.76 96.94 -12.86
C GLN KA 266 -16.39 95.61 -13.23
N PRO KA 267 -17.70 95.57 -13.44
CA PRO KA 267 -18.35 94.33 -13.87
C PRO KA 267 -17.88 93.90 -15.25
N ILE KA 268 -17.86 92.59 -15.47
CA ILE KA 268 -17.38 92.02 -16.72
C ILE KA 268 -18.58 91.85 -17.64
N THR KA 269 -18.70 92.74 -18.62
CA THR KA 269 -19.75 92.67 -19.64
C THR KA 269 -19.10 92.70 -21.01
N SER KA 270 -19.40 91.69 -21.83
CA SER KA 270 -18.82 91.60 -23.15
C SER KA 270 -19.61 92.44 -24.15
N VAL KA 271 -18.96 92.72 -25.29
CA VAL KA 271 -19.60 93.46 -26.37
C VAL KA 271 -20.61 92.57 -27.06
N ALA KA 272 -21.46 93.16 -27.90
CA ALA KA 272 -22.46 92.39 -28.63
C ALA KA 272 -21.78 91.41 -29.58
N LEU KA 273 -22.32 90.19 -29.64
CA LEU KA 273 -21.69 89.14 -30.42
C LEU KA 273 -21.76 89.43 -31.92
N GLY KA 274 -22.93 89.81 -32.41
CA GLY KA 274 -23.13 89.95 -33.83
C GLY KA 274 -23.39 91.36 -34.33
N ASP KA 275 -23.04 92.36 -33.52
CA ASP KA 275 -23.26 93.74 -33.92
C ASP KA 275 -21.96 94.34 -34.43
N PRO KA 276 -21.83 94.62 -35.73
CA PRO KA 276 -20.61 95.24 -36.23
C PRO KA 276 -20.36 96.63 -35.69
N ALA KA 277 -21.40 97.31 -35.18
CA ALA KA 277 -21.23 98.65 -34.64
C ALA KA 277 -20.40 98.68 -33.36
N THR KA 278 -20.26 97.54 -32.67
CA THR KA 278 -19.49 97.47 -31.44
C THR KA 278 -18.42 96.40 -31.44
N ASN KA 279 -18.42 95.48 -32.42
CA ASN KA 279 -17.45 94.39 -32.45
C ASN KA 279 -16.72 94.42 -33.78
N THR KA 280 -15.38 94.40 -33.72
CA THR KA 280 -14.58 94.36 -34.93
C THR KA 280 -14.64 93.00 -35.61
N THR KA 281 -15.01 91.96 -34.88
CA THR KA 281 -15.16 90.60 -35.43
C THR KA 281 -16.54 90.09 -35.03
N PRO KA 282 -17.60 90.55 -35.71
CA PRO KA 282 -18.96 90.15 -35.32
C PRO KA 282 -19.16 88.65 -35.50
N VAL KA 283 -19.80 88.03 -34.50
CA VAL KA 283 -20.10 86.62 -34.57
C VAL KA 283 -21.30 86.39 -35.49
N ASP KA 284 -21.20 85.38 -36.34
CA ASP KA 284 -22.28 85.05 -37.26
C ASP KA 284 -23.44 84.41 -36.50
N MET KA 285 -24.42 85.23 -36.12
CA MET KA 285 -25.56 84.72 -35.35
C MET KA 285 -26.43 83.77 -36.14
N ASN KA 286 -26.35 83.81 -37.47
CA ASN KA 286 -27.18 82.96 -38.34
C ASN KA 286 -28.67 83.19 -38.07
N GLY KA 287 -29.04 84.46 -37.87
CA GLY KA 287 -30.42 84.83 -37.62
C GLY KA 287 -30.75 85.13 -36.17
N ALA KA 288 -29.82 84.90 -35.24
CA ALA KA 288 -30.08 85.17 -33.84
C ALA KA 288 -29.94 86.66 -33.54
N ASP KA 289 -30.19 87.03 -32.29
CA ASP KA 289 -30.11 88.41 -31.86
C ASP KA 289 -28.64 88.86 -31.84
N PRO KA 290 -28.29 89.90 -32.61
CA PRO KA 290 -26.89 90.33 -32.66
C PRO KA 290 -26.43 91.08 -31.41
N ALA KA 291 -27.36 91.62 -30.61
CA ALA KA 291 -27.02 92.40 -29.44
C ALA KA 291 -26.90 91.56 -28.17
N GLN KA 292 -26.73 90.25 -28.32
CA GLN KA 292 -26.57 89.40 -27.14
C GLN KA 292 -25.28 89.74 -26.41
N THR KA 293 -25.37 89.85 -25.09
CA THR KA 293 -24.24 90.18 -24.24
C THR KA 293 -24.08 89.13 -23.17
N LEU KA 294 -22.83 88.93 -22.74
CA LEU KA 294 -22.48 87.94 -21.73
C LEU KA 294 -21.89 88.64 -20.52
N ASN KA 295 -22.39 88.26 -19.34
CA ASN KA 295 -21.86 88.74 -18.07
C ASN KA 295 -21.17 87.58 -17.37
N PHE KA 296 -19.90 87.74 -17.05
CA PHE KA 296 -19.10 86.69 -16.46
C PHE KA 296 -18.94 86.96 -14.97
N GLY KA 297 -19.30 85.97 -14.15
CA GLY KA 297 -19.11 86.07 -12.71
C GLY KA 297 -18.01 85.16 -12.22
N LEU KA 298 -16.88 85.74 -11.82
CA LEU KA 298 -15.72 84.99 -11.36
C LEU KA 298 -15.39 85.38 -9.93
N GLY KA 299 -16.41 85.47 -9.07
CA GLY KA 299 -16.18 85.87 -7.69
C GLY KA 299 -15.53 84.81 -6.82
N SER KA 300 -15.40 83.59 -7.33
CA SER KA 300 -14.80 82.49 -6.58
C SER KA 300 -13.43 82.09 -7.13
N ALA KA 301 -12.86 82.89 -8.04
CA ALA KA 301 -11.54 82.56 -8.58
C ALA KA 301 -10.47 82.73 -7.53
N THR KA 302 -9.53 81.78 -7.48
CA THR KA 302 -8.45 81.80 -6.51
C THR KA 302 -7.14 81.47 -7.21
N GLN KA 303 -6.04 81.86 -6.58
CA GLN KA 303 -4.69 81.51 -7.05
C GLN KA 303 -3.94 80.86 -5.90
N PHE KA 304 -3.81 79.54 -5.94
CA PHE KA 304 -3.13 78.77 -4.91
C PHE KA 304 -2.00 77.98 -5.54
N ALA KA 305 -1.34 77.15 -4.73
CA ALA KA 305 -0.28 76.28 -5.22
C ALA KA 305 -0.81 75.13 -6.05
N ALA KA 306 -2.11 74.84 -5.98
CA ALA KA 306 -2.69 73.75 -6.73
C ALA KA 306 -2.63 74.05 -8.23
N PRO KA 307 -2.57 73.01 -9.06
CA PRO KA 307 -2.55 73.24 -10.52
C PRO KA 307 -3.83 73.84 -11.03
N PHE KA 308 -3.87 74.17 -12.33
CA PHE KA 308 -5.06 74.75 -12.92
C PHE KA 308 -6.23 73.78 -12.85
N GLU KA 309 -7.40 74.28 -12.45
CA GLU KA 309 -8.57 73.43 -12.26
C GLU KA 309 -9.84 74.23 -12.49
N LEU KA 310 -10.76 73.66 -13.26
CA LEU KA 310 -12.07 74.27 -13.51
C LEU KA 310 -13.04 73.68 -12.49
N THR KA 311 -13.14 74.35 -11.34
CA THR KA 311 -13.92 73.80 -10.23
C THR KA 311 -15.42 73.86 -10.52
N LYS KA 312 -15.90 75.01 -10.99
CA LYS KA 312 -17.34 75.23 -11.14
C LYS KA 312 -17.61 76.01 -12.42
N PHE KA 313 -18.67 75.62 -13.13
CA PHE KA 313 -19.12 76.34 -14.32
C PHE KA 313 -20.63 76.31 -14.35
N ASP KA 314 -21.26 77.49 -14.27
CA ASP KA 314 -22.71 77.60 -14.30
C ASP KA 314 -23.11 78.65 -15.31
N GLU KA 315 -24.16 78.36 -16.08
CA GLU KA 315 -24.70 79.27 -17.07
C GLU KA 315 -26.22 79.37 -16.89
N ASP KA 316 -26.82 80.34 -17.56
CA ASP KA 316 -28.27 80.53 -17.53
C ASP KA 316 -28.92 80.23 -18.87
N GLY KA 317 -28.18 79.62 -19.79
CA GLY KA 317 -28.73 79.28 -21.08
C GLY KA 317 -29.69 78.12 -21.03
N ALA KA 318 -30.45 77.95 -22.11
CA ALA KA 318 -31.45 76.91 -22.17
C ALA KA 318 -31.67 76.51 -23.62
N THR KA 319 -32.24 75.32 -23.79
CA THR KA 319 -32.57 74.78 -25.11
C THR KA 319 -33.96 74.19 -25.05
N THR KA 320 -34.55 73.96 -26.22
CA THR KA 320 -35.88 73.38 -26.29
C THR KA 320 -35.87 71.96 -25.72
N GLY KA 321 -36.96 71.61 -25.02
CA GLY KA 321 -37.04 70.32 -24.36
C GLY KA 321 -38.47 69.89 -24.13
N PHE KA 322 -38.61 68.65 -23.66
CA PHE KA 322 -39.91 68.02 -23.46
C PHE KA 322 -40.08 67.63 -22.01
N LEU KA 323 -41.31 67.73 -21.52
CA LEU KA 323 -41.63 67.36 -20.14
C LEU KA 323 -41.23 65.92 -19.86
N THR KA 324 -40.40 65.73 -18.84
CA THR KA 324 -39.92 64.40 -18.48
C THR KA 324 -40.56 63.85 -17.21
N LYS KA 325 -40.59 64.63 -16.14
CA LYS KA 325 -41.22 64.18 -14.90
C LYS KA 325 -41.73 65.39 -14.13
N VAL KA 326 -42.70 65.15 -13.26
CA VAL KA 326 -43.33 66.20 -12.45
C VAL KA 326 -43.47 65.70 -11.03
N ASP KA 327 -43.07 66.54 -10.07
CA ASP KA 327 -43.15 66.18 -8.65
C ASP KA 327 -43.62 67.38 -7.86
N PHE KA 328 -44.02 67.12 -6.62
CA PHE KA 328 -44.52 68.13 -5.70
C PHE KA 328 -43.67 68.12 -4.43
N ASP KA 329 -43.26 69.31 -3.99
CA ASP KA 329 -42.52 69.42 -2.75
C ASP KA 329 -43.48 69.69 -1.59
N GLU KA 330 -42.92 69.82 -0.39
CA GLU KA 330 -43.74 70.05 0.80
C GLU KA 330 -44.39 71.43 0.78
N ASN KA 331 -43.75 72.41 0.12
CA ASN KA 331 -44.29 73.76 0.05
C ASN KA 331 -45.47 73.89 -0.90
N GLY KA 332 -45.78 72.83 -1.66
CA GLY KA 332 -46.85 72.88 -2.63
C GLY KA 332 -46.44 73.31 -4.01
N SER KA 333 -45.17 73.66 -4.22
CA SER KA 333 -44.71 74.04 -5.54
C SER KA 333 -44.64 72.81 -6.44
N VAL KA 334 -45.25 72.91 -7.62
CA VAL KA 334 -45.25 71.83 -8.59
C VAL KA 334 -44.06 72.05 -9.51
N MET KA 335 -43.06 71.19 -9.38
CA MET KA 335 -41.84 71.29 -10.18
C MET KA 335 -41.83 70.23 -11.27
N GLY KA 336 -41.23 70.59 -12.40
CA GLY KA 336 -41.10 69.65 -13.50
C GLY KA 336 -39.76 69.80 -14.21
N THR KA 337 -39.13 68.68 -14.50
CA THR KA 337 -37.84 68.68 -15.19
C THR KA 337 -38.05 68.28 -16.65
N TYR KA 338 -37.33 68.94 -17.54
CA TYR KA 338 -37.44 68.73 -18.97
C TYR KA 338 -36.15 68.11 -19.50
N SER KA 339 -36.12 67.85 -20.81
CA SER KA 339 -34.95 67.22 -21.42
C SER KA 339 -33.76 68.15 -21.43
N ASN KA 340 -33.99 69.47 -21.51
CA ASN KA 340 -32.88 70.42 -21.51
C ASN KA 340 -32.14 70.40 -20.18
N GLY KA 341 -32.86 70.24 -19.09
CA GLY KA 341 -32.28 70.18 -17.75
C GLY KA 341 -32.80 71.21 -16.78
N GLU KA 342 -33.47 72.26 -17.25
CA GLU KA 342 -34.00 73.27 -16.35
C GLU KA 342 -35.13 72.70 -15.50
N ASN KA 343 -35.09 72.99 -14.19
CA ASN KA 343 -36.13 72.55 -13.26
C ASN KA 343 -37.16 73.67 -13.09
N VAL KA 344 -38.02 73.80 -14.10
CA VAL KA 344 -39.00 74.88 -14.13
C VAL KA 344 -40.06 74.64 -13.06
N THR KA 345 -40.32 75.66 -12.25
CA THR KA 345 -41.37 75.62 -11.25
C THR KA 345 -42.65 76.15 -11.87
N LEU KA 346 -43.61 75.25 -12.11
CA LEU KA 346 -44.84 75.64 -12.79
C LEU KA 346 -45.68 76.58 -11.94
N GLY KA 347 -45.65 76.40 -10.62
CA GLY KA 347 -46.41 77.27 -9.76
C GLY KA 347 -46.53 76.66 -8.37
N ARG KA 348 -47.45 77.22 -7.59
CA ARG KA 348 -47.80 76.70 -6.28
C ARG KA 348 -49.28 76.39 -6.21
N VAL KA 349 -49.67 75.64 -5.19
CA VAL KA 349 -51.06 75.24 -4.99
C VAL KA 349 -51.63 76.13 -3.90
N ALA KA 350 -52.70 76.84 -4.22
CA ALA KA 350 -53.34 77.73 -3.26
C ALA KA 350 -54.00 76.93 -2.15
N LEU KA 351 -53.94 77.47 -0.94
CA LEU KA 351 -54.59 76.89 0.23
C LEU KA 351 -55.50 77.92 0.86
N VAL KA 352 -56.70 77.50 1.25
CA VAL KA 352 -57.71 78.39 1.79
C VAL KA 352 -58.12 77.89 3.17
N ARG KA 353 -58.15 78.81 4.14
CA ARG KA 353 -58.61 78.51 5.48
C ARG KA 353 -59.60 79.59 5.91
N VAL KA 354 -60.72 79.17 6.48
CA VAL KA 354 -61.73 80.10 6.95
C VAL KA 354 -61.70 80.11 8.48
N PRO KA 355 -62.05 81.22 9.13
CA PRO KA 355 -61.99 81.24 10.60
C PRO KA 355 -62.93 80.25 11.26
N ASN KA 356 -64.16 80.15 10.76
CA ASN KA 356 -65.18 79.25 11.32
C ASN KA 356 -65.59 78.26 10.23
N GLU KA 357 -65.03 77.05 10.28
CA GLU KA 357 -65.32 76.06 9.26
C GLU KA 357 -66.70 75.45 9.42
N GLN KA 358 -67.31 75.54 10.60
CA GLN KA 358 -68.61 74.93 10.86
C GLN KA 358 -69.75 75.62 10.12
N GLY KA 359 -69.52 76.79 9.53
CA GLY KA 359 -70.59 77.54 8.91
C GLY KA 359 -70.58 77.52 7.39
N LEU KA 360 -69.58 76.87 6.82
CA LEU KA 360 -69.50 76.74 5.36
C LEU KA 360 -70.74 76.02 4.85
N ASP KA 361 -71.34 76.56 3.80
CA ASP KA 361 -72.47 75.89 3.16
C ASP KA 361 -71.95 74.75 2.30
N LYS KA 362 -72.70 73.66 2.26
CA LYS KA 362 -72.26 72.42 1.64
C LYS KA 362 -72.85 72.32 0.24
N LYS KA 363 -71.99 72.42 -0.78
CA LYS KA 363 -72.39 72.19 -2.15
C LYS KA 363 -72.29 70.69 -2.44
N GLY KA 364 -72.56 70.32 -3.69
CA GLY KA 364 -72.42 68.94 -4.08
C GLY KA 364 -70.96 68.55 -4.28
N GLY KA 365 -70.72 67.25 -4.25
CA GLY KA 365 -69.39 66.71 -4.53
C GLY KA 365 -68.33 67.10 -3.53
N THR KA 366 -68.65 67.06 -2.23
CA THR KA 366 -67.71 67.33 -1.15
C THR KA 366 -67.03 68.68 -1.35
N GLN KA 367 -67.84 69.69 -1.62
CA GLN KA 367 -67.34 71.04 -1.86
C GLN KA 367 -68.08 72.03 -0.99
N TRP KA 368 -67.35 73.05 -0.53
CA TRP KA 368 -67.89 74.06 0.35
C TRP KA 368 -67.61 75.44 -0.21
N ASP KA 369 -68.43 76.41 0.20
CA ASP KA 369 -68.29 77.80 -0.18
C ASP KA 369 -68.34 78.66 1.06
N SER KA 370 -67.81 79.87 0.95
CA SER KA 370 -67.72 80.79 2.08
C SER KA 370 -68.98 81.65 2.16
N THR KA 371 -69.72 81.51 3.25
CA THR KA 371 -70.94 82.28 3.48
C THR KA 371 -70.67 83.38 4.49
N GLN KA 372 -71.74 84.08 4.90
CA GLN KA 372 -71.61 85.16 5.87
C GLN KA 372 -71.11 84.63 7.21
N PHE KA 373 -71.72 83.56 7.71
CA PHE KA 373 -71.32 82.99 9.00
C PHE KA 373 -69.90 82.43 8.94
N SER KA 374 -69.53 81.84 7.81
CA SER KA 374 -68.20 81.28 7.67
C SER KA 374 -67.12 82.36 7.74
N GLY KA 375 -67.38 83.51 7.11
CA GLY KA 375 -66.42 84.60 7.07
C GLY KA 375 -65.96 84.88 5.65
N ASP KA 376 -64.66 85.09 5.48
CA ASP KA 376 -64.06 85.32 4.17
C ASP KA 376 -62.90 84.35 3.97
N LYS KA 377 -62.71 83.96 2.72
CA LYS KA 377 -61.63 83.04 2.38
C LYS KA 377 -60.28 83.70 2.63
N ILE KA 378 -59.47 83.11 3.49
CA ILE KA 378 -58.13 83.59 3.78
C ILE KA 378 -57.16 82.72 2.98
N TRP KA 379 -56.46 83.33 2.03
CA TRP KA 379 -55.54 82.60 1.18
C TRP KA 379 -54.17 82.53 1.83
N GLY KA 380 -53.44 81.47 1.49
CA GLY KA 380 -52.11 81.27 2.05
C GLY KA 380 -51.42 80.13 1.34
N GLU KA 381 -50.15 79.96 1.66
CA GLU KA 381 -49.33 78.93 1.05
C GLU KA 381 -49.41 77.64 1.86
N SER KA 382 -48.60 76.66 1.50
CA SER KA 382 -48.54 75.38 2.20
C SER KA 382 -47.42 75.43 3.24
N ASN KA 383 -47.71 74.94 4.44
CA ASN KA 383 -46.76 74.94 5.56
C ASN KA 383 -46.27 76.37 5.84
N LYS KA 384 -47.22 77.30 5.92
CA LYS KA 384 -46.93 78.68 6.25
C LYS KA 384 -47.97 79.18 7.24
N GLY KA 385 -47.50 79.73 8.36
CA GLY KA 385 -48.42 80.21 9.38
C GLY KA 385 -49.22 79.07 9.97
N SER KA 386 -50.54 79.23 9.99
CA SER KA 386 -51.44 78.26 10.58
C SER KA 386 -51.87 77.17 9.61
N PHE KA 387 -51.44 77.26 8.34
CA PHE KA 387 -51.83 76.26 7.35
C PHE KA 387 -51.07 74.97 7.58
N GLY KA 388 -51.60 73.89 7.00
CA GLY KA 388 -50.97 72.59 7.07
C GLY KA 388 -50.04 72.36 5.90
N THR KA 389 -49.71 71.09 5.69
CA THR KA 389 -48.80 70.69 4.63
C THR KA 389 -49.56 69.97 3.52
N ILE KA 390 -48.93 69.87 2.36
CA ILE KA 390 -49.49 69.21 1.20
C ILE KA 390 -48.63 67.99 0.89
N ASN KA 391 -49.24 66.82 0.88
CA ASN KA 391 -48.56 65.57 0.58
C ASN KA 391 -49.13 64.99 -0.71
N ASN KA 392 -48.24 64.69 -1.65
CA ASN KA 392 -48.65 64.05 -2.89
C ASN KA 392 -48.68 62.53 -2.73
N GLY KA 393 -49.53 61.89 -3.53
CA GLY KA 393 -49.68 60.45 -3.48
C GLY KA 393 -50.57 59.94 -2.38
N MET KA 394 -51.37 60.80 -1.75
CA MET KA 394 -52.29 60.38 -0.69
C MET KA 394 -53.67 60.95 -0.96
N LEU KA 395 -54.66 60.36 -0.29
CA LEU KA 395 -56.04 60.81 -0.41
C LEU KA 395 -56.70 60.76 0.97
N GLU KA 396 -57.74 61.57 1.15
CA GLU KA 396 -58.47 61.62 2.40
C GLU KA 396 -59.71 60.73 2.31
N GLN KA 397 -59.95 59.94 3.34
CA GLN KA 397 -61.19 59.20 3.48
C GLN KA 397 -62.16 59.98 4.36
N SER KA 398 -63.36 59.44 4.52
CA SER KA 398 -64.33 60.06 5.40
C SER KA 398 -63.87 59.93 6.86
N ASN KA 399 -64.08 61.00 7.63
CA ASN KA 399 -63.64 61.04 9.02
C ASN KA 399 -64.73 60.50 9.94
N ILE KA 400 -65.11 59.24 9.67
CA ILE KA 400 -66.19 58.58 10.40
C ILE KA 400 -65.66 57.30 11.02
N ASP KA 401 -66.35 56.85 12.06
CA ASP KA 401 -66.05 55.58 12.72
C ASP KA 401 -67.31 54.73 12.67
N MET KA 402 -67.21 53.57 12.01
CA MET KA 402 -68.38 52.74 11.77
C MET KA 402 -69.03 52.28 13.07
N THR KA 403 -68.21 51.92 14.06
CA THR KA 403 -68.76 51.48 15.34
C THR KA 403 -69.64 52.57 15.96
N GLN KA 404 -69.15 53.80 15.99
CA GLN KA 404 -69.92 54.90 16.57
C GLN KA 404 -71.20 55.13 15.78
N GLU KA 405 -71.13 55.07 14.45
CA GLU KA 405 -72.33 55.28 13.63
C GLU KA 405 -73.37 54.21 13.91
N LEU KA 406 -72.95 52.94 14.01
CA LEU KA 406 -73.91 51.87 14.29
C LEU KA 406 -74.52 52.01 15.67
N VAL KA 407 -73.70 52.39 16.67
CA VAL KA 407 -74.23 52.56 18.02
C VAL KA 407 -75.25 53.70 18.04
N ASP KA 408 -74.92 54.82 17.37
CA ASP KA 408 -75.86 55.93 17.29
C ASP KA 408 -77.14 55.51 16.56
N LEU KA 409 -77.01 54.65 15.55
CA LEU KA 409 -78.18 54.15 14.85
C LEU KA 409 -79.09 53.38 15.78
N ILE KA 410 -78.50 52.50 16.60
CA ILE KA 410 -79.29 51.72 17.56
C ILE KA 410 -79.99 52.64 18.55
N SER KA 411 -79.25 53.62 19.08
CA SER KA 411 -79.83 54.52 20.07
C SER KA 411 -80.95 55.36 19.46
N ALA KA 412 -80.76 55.82 18.23
CA ALA KA 412 -81.79 56.61 17.56
C ALA KA 412 -83.04 55.78 17.32
N GLN KA 413 -82.87 54.51 16.93
CA GLN KA 413 -84.03 53.64 16.77
C GLN KA 413 -84.76 53.47 18.10
N ARG KA 414 -84.01 53.29 19.19
CA ARG KA 414 -84.64 53.14 20.50
C ARG KA 414 -85.43 54.39 20.87
N ASN KA 415 -84.85 55.57 20.64
CA ASN KA 415 -85.56 56.82 20.95
C ASN KA 415 -86.79 56.99 20.08
N PHE KA 416 -86.70 56.62 18.80
CA PHE KA 416 -87.86 56.69 17.91
C PHE KA 416 -88.98 55.77 18.40
N GLN KA 417 -88.63 54.56 18.83
CA GLN KA 417 -89.62 53.65 19.37
C GLN KA 417 -90.27 54.22 20.62
N ALA KA 418 -89.47 54.83 21.50
CA ALA KA 418 -90.01 55.43 22.72
C ALA KA 418 -90.99 56.55 22.39
N ASN KA 419 -90.62 57.42 21.45
CA ASN KA 419 -91.51 58.52 21.07
C ASN KA 419 -92.79 58.00 20.43
N SER KA 420 -92.69 56.97 19.58
CA SER KA 420 -93.89 56.38 18.99
C SER KA 420 -94.78 55.77 20.06
N ARG KA 421 -94.18 55.16 21.08
CA ARG KA 421 -94.97 54.63 22.19
C ARG KA 421 -95.72 55.74 22.91
N SER KA 422 -95.04 56.87 23.15
CA SER KA 422 -95.70 58.00 23.79
C SER KA 422 -96.86 58.52 22.95
N LEU KA 423 -96.65 58.62 21.64
CA LEU KA 423 -97.73 59.05 20.74
C LEU KA 423 -98.90 58.08 20.79
N GLU KA 424 -98.61 56.78 20.82
CA GLU KA 424 -99.66 55.78 20.93
C GLU KA 424 -100.43 55.92 22.23
N VAL KA 425 -99.72 56.23 23.32
CA VAL KA 425 -100.40 56.44 24.60
C VAL KA 425 -101.32 57.65 24.52
N HIS KA 426 -100.85 58.73 23.89
CA HIS KA 426 -101.70 59.92 23.74
C HIS KA 426 -102.95 59.59 22.92
N ASN KA 427 -102.78 58.85 21.83
CA ASN KA 427 -103.93 58.51 21.00
C ASN KA 427 -104.89 57.60 21.75
N GLN KA 428 -104.38 56.66 22.54
CA GLN KA 428 -105.24 55.79 23.32
C GLN KA 428 -106.03 56.59 24.36
N LEU KA 429 -105.38 57.57 25.00
CA LEU KA 429 -106.08 58.41 25.96
C LEU KA 429 -107.19 59.20 25.28
N GLN KA 430 -106.90 59.77 24.11
CA GLN KA 430 -107.93 60.52 23.40
C GLN KA 430 -109.09 59.62 22.98
N GLN KA 431 -108.80 58.42 22.51
CA GLN KA 431 -109.86 57.49 22.12
C GLN KA 431 -110.68 57.05 23.32
N ASN KA 432 -110.04 56.83 24.47
CA ASN KA 432 -110.80 56.47 25.66
C ASN KA 432 -111.71 57.62 26.10
N ILE KA 433 -111.23 58.85 26.01
CA ILE KA 433 -112.07 60.00 26.31
C ILE KA 433 -113.23 60.08 25.33
N LEU KA 434 -112.98 59.75 24.06
CA LEU KA 434 -114.03 59.81 23.05
C LEU KA 434 -115.17 58.84 23.36
N GLN KA 435 -114.87 57.71 23.99
CA GLN KA 435 -115.89 56.69 24.26
C GLN KA 435 -116.57 56.95 25.61
N ILE KA 436 -117.18 58.13 25.70
CA ILE KA 436 -117.91 58.52 26.90
C ILE KA 436 -119.26 59.11 26.52
N SER LA 2 -111.00 57.60 -0.41
CA SER LA 2 -110.68 56.17 -0.40
C SER LA 2 -110.16 55.72 -1.77
N TYR LA 3 -110.70 56.33 -2.83
CA TYR LA 3 -110.28 55.96 -4.17
C TYR LA 3 -108.81 56.31 -4.41
N VAL LA 4 -108.31 57.35 -3.76
CA VAL LA 4 -106.88 57.65 -3.84
C VAL LA 4 -106.06 56.52 -3.23
N SER LA 5 -106.53 55.99 -2.09
CA SER LA 5 -105.86 54.85 -1.47
C SER LA 5 -105.92 53.62 -2.38
N LEU LA 6 -107.06 53.41 -3.04
CA LEU LA 6 -107.18 52.28 -3.95
C LEU LA 6 -106.22 52.43 -5.13
N SER LA 7 -106.10 53.65 -5.67
CA SER LA 7 -105.15 53.88 -6.75
C SER LA 7 -103.71 53.63 -6.29
N GLY LA 8 -103.38 54.09 -5.08
CA GLY LA 8 -102.05 53.81 -4.55
C GLY LA 8 -101.79 52.33 -4.37
N LEU LA 9 -102.79 51.59 -3.88
CA LEU LA 9 -102.65 50.15 -3.76
C LEU LA 9 -102.45 49.49 -5.11
N SER LA 10 -103.20 49.93 -6.12
CA SER LA 10 -103.05 49.36 -7.46
C SER LA 10 -101.66 49.65 -8.02
N ALA LA 11 -101.17 50.88 -7.84
CA ALA LA 11 -99.83 51.21 -8.32
C ALA LA 11 -98.76 50.39 -7.61
N ALA LA 12 -98.89 50.24 -6.29
CA ALA LA 12 -97.92 49.44 -5.54
C ALA LA 12 -97.96 47.99 -5.99
N GLN LA 13 -99.15 47.45 -6.23
CA GLN LA 13 -99.26 46.06 -6.68
C GLN LA 13 -98.68 45.89 -8.08
N LEU LA 14 -98.87 46.88 -8.96
CA LEU LA 14 -98.26 46.81 -10.29
C LEU LA 14 -96.73 46.83 -10.19
N ASP LA 15 -96.19 47.69 -9.32
CA ASP LA 15 -94.74 47.72 -9.13
C ASP LA 15 -94.24 46.39 -8.57
N LEU LA 16 -94.98 45.81 -7.63
CA LEU LA 16 -94.63 44.52 -7.05
C LEU LA 16 -94.63 43.43 -8.13
N ASN LA 17 -95.65 43.43 -8.99
CA ASN LA 17 -95.72 42.43 -10.05
C ASN LA 17 -94.59 42.59 -11.05
N THR LA 18 -94.24 43.84 -11.40
CA THR LA 18 -93.13 44.07 -12.31
C THR LA 18 -91.83 43.56 -11.72
N THR LA 19 -91.59 43.87 -10.44
CA THR LA 19 -90.37 43.39 -9.78
C THR LA 19 -90.36 41.87 -9.71
N SER LA 20 -91.52 41.26 -9.44
CA SER LA 20 -91.59 39.80 -9.38
C SER LA 20 -91.29 39.18 -10.74
N ASN LA 21 -91.79 39.77 -11.82
CA ASN LA 21 -91.47 39.28 -13.15
C ASN LA 21 -89.98 39.41 -13.44
N ASN LA 22 -89.38 40.54 -13.04
CA ASN LA 22 -87.95 40.72 -13.23
C ASN LA 22 -87.15 39.66 -12.50
N ILE LA 23 -87.56 39.34 -11.28
CA ILE LA 23 -86.88 38.30 -10.51
C ILE LA 23 -87.08 36.93 -11.16
N ALA LA 24 -88.30 36.64 -11.62
CA ALA LA 24 -88.60 35.34 -12.19
C ALA LA 24 -87.81 35.10 -13.48
N ASN LA 25 -87.64 36.14 -14.29
CA ASN LA 25 -86.92 36.01 -15.55
C ASN LA 25 -85.41 36.18 -15.40
N ALA LA 26 -84.87 35.94 -14.20
CA ALA LA 26 -83.45 36.17 -13.95
C ALA LA 26 -82.54 35.26 -14.78
N ASN LA 27 -83.03 34.09 -15.20
CA ASN LA 27 -82.21 33.13 -15.92
C ASN LA 27 -82.52 33.07 -17.41
N THR LA 28 -83.58 33.73 -17.86
CA THR LA 28 -83.92 33.72 -19.28
C THR LA 28 -82.84 34.43 -20.09
N TYR LA 29 -82.55 33.88 -21.28
CA TYR LA 29 -81.52 34.43 -22.14
C TYR LA 29 -82.08 35.62 -22.91
N GLY LA 30 -81.35 36.74 -22.88
CA GLY LA 30 -81.74 37.90 -23.64
C GLY LA 30 -82.84 38.74 -23.04
N PHE LA 31 -83.35 38.37 -21.86
CA PHE LA 31 -84.43 39.11 -21.24
C PHE LA 31 -83.96 40.51 -20.84
N LYS LA 32 -84.86 41.47 -20.97
CA LYS LA 32 -84.62 42.85 -20.57
C LYS LA 32 -85.59 43.22 -19.47
N GLU LA 33 -85.07 43.80 -18.39
CA GLU LA 33 -85.89 44.10 -17.23
C GLU LA 33 -86.93 45.16 -17.57
N SER LA 34 -87.92 45.30 -16.69
CA SER LA 34 -88.99 46.27 -16.86
C SER LA 34 -89.05 47.18 -15.63
N ARG LA 35 -89.36 48.45 -15.88
CA ARG LA 35 -89.46 49.45 -14.84
C ARG LA 35 -90.83 50.12 -14.91
N ALA LA 36 -91.45 50.32 -13.76
CA ALA LA 36 -92.79 50.88 -13.68
C ALA LA 36 -92.69 52.36 -13.33
N GLU LA 37 -93.36 53.19 -14.13
CA GLU LA 37 -93.37 54.63 -13.92
C GLU LA 37 -94.81 55.11 -13.74
N PHE LA 38 -95.02 56.02 -12.80
CA PHE LA 38 -96.34 56.52 -12.47
C PHE LA 38 -96.40 58.02 -12.67
N ALA LA 39 -97.62 58.55 -12.64
CA ALA LA 39 -97.85 59.99 -12.83
C ALA LA 39 -98.96 60.44 -11.90
N ASP LA 40 -98.94 61.73 -11.59
CA ASP LA 40 -99.95 62.31 -10.72
C ASP LA 40 -101.29 62.43 -11.46
N VAL LA 41 -102.36 62.54 -10.67
CA VAL LA 41 -103.72 62.67 -11.19
C VAL LA 41 -104.31 63.97 -10.65
N TYR LA 42 -104.92 64.74 -11.54
CA TYR LA 42 -105.55 65.99 -11.14
C TYR LA 42 -106.66 66.31 -12.13
N SER LA 43 -107.77 66.84 -11.62
CA SER LA 43 -108.90 67.17 -12.46
C SER LA 43 -108.66 68.48 -13.19
N ASN LA 44 -109.44 68.69 -14.24
CA ASN LA 44 -109.34 69.88 -15.09
C ASN LA 44 -110.73 70.43 -15.40
N SER LA 45 -111.54 70.60 -14.36
CA SER LA 45 -112.85 71.19 -14.54
C SER LA 45 -112.74 72.66 -14.93
N LEU LA 46 -113.77 73.16 -15.61
CA LEU LA 46 -113.77 74.55 -16.04
C LEU LA 46 -113.74 75.49 -14.84
N PHE LA 47 -114.53 75.19 -13.81
CA PHE LA 47 -114.56 75.97 -12.58
C PHE LA 47 -113.92 75.14 -11.47
N THR LA 48 -112.60 75.25 -11.36
CA THR LA 48 -111.82 74.50 -10.39
C THR LA 48 -111.29 75.44 -9.31
N ASN LA 49 -111.49 75.05 -8.05
CA ASN LA 49 -110.97 75.85 -6.94
C ASN LA 49 -109.45 75.84 -6.90
N ALA LA 50 -108.82 74.81 -7.46
CA ALA LA 50 -107.37 74.69 -7.56
C ALA LA 50 -106.70 74.67 -6.19
N LYS LA 51 -106.77 75.78 -5.46
CA LYS LA 51 -106.16 75.85 -4.13
C LYS LA 51 -106.85 74.90 -3.16
N THR LA 52 -108.17 74.76 -3.26
CA THR LA 52 -108.95 73.97 -2.33
C THR LA 52 -109.28 72.58 -2.87
N THR LA 53 -108.66 72.20 -4.00
CA THR LA 53 -108.92 70.91 -4.61
C THR LA 53 -107.73 69.98 -4.40
N PRO LA 54 -107.89 68.88 -3.67
CA PRO LA 54 -106.76 67.97 -3.44
C PRO LA 54 -106.44 67.12 -4.67
N GLY LA 55 -105.48 66.21 -4.53
CA GLY LA 55 -105.09 65.36 -5.63
C GLY LA 55 -106.14 64.31 -5.93
N GLY LA 56 -105.84 63.51 -6.96
CA GLY LA 56 -106.76 62.48 -7.41
C GLY LA 56 -106.16 61.09 -7.39
N GLY LA 57 -105.07 60.92 -6.65
CA GLY LA 57 -104.43 59.62 -6.53
C GLY LA 57 -103.21 59.46 -7.40
N ALA LA 58 -102.92 58.23 -7.81
CA ALA LA 58 -101.77 57.92 -8.64
C ALA LA 58 -102.20 57.00 -9.77
N GLN LA 59 -101.75 57.31 -10.99
CA GLN LA 59 -102.08 56.54 -12.18
C GLN LA 59 -100.81 55.95 -12.77
N ALA LA 60 -100.86 54.69 -13.18
CA ALA LA 60 -99.74 54.08 -13.87
C ALA LA 60 -99.54 54.72 -15.23
N SER LA 61 -98.30 55.12 -15.52
CA SER LA 61 -97.98 55.75 -16.80
C SER LA 61 -97.62 54.72 -17.85
N GLN LA 62 -96.58 53.93 -17.59
CA GLN LA 62 -96.13 52.91 -18.52
C GLN LA 62 -95.19 51.95 -17.79
N VAL LA 63 -95.01 50.77 -18.37
CA VAL LA 63 -94.00 49.83 -17.90
C VAL LA 63 -92.83 49.87 -18.87
N ALA LA 64 -91.68 50.32 -18.38
CA ALA LA 64 -90.53 50.51 -19.25
C ALA LA 64 -89.94 49.16 -19.66
N GLN LA 65 -89.04 49.20 -20.63
CA GLN LA 65 -88.37 48.04 -21.17
C GLN LA 65 -86.87 48.32 -21.31
N GLN LA 66 -86.27 48.79 -20.23
CA GLN LA 66 -84.87 49.20 -20.20
C GLN LA 66 -83.97 48.25 -20.97
N PHE LA 67 -83.26 48.78 -21.95
CA PHE LA 67 -82.49 47.99 -22.90
C PHE LA 67 -80.99 48.15 -22.68
N HIS LA 68 -80.57 48.33 -21.44
CA HIS LA 68 -79.14 48.39 -21.16
C HIS LA 68 -78.53 47.00 -21.34
N GLU LA 69 -77.31 46.97 -21.85
CA GLU LA 69 -76.65 45.70 -22.17
C GLU LA 69 -76.50 44.83 -20.92
N GLY LA 70 -76.84 43.54 -21.06
CA GLY LA 70 -76.67 42.59 -19.98
C GLY LA 70 -75.34 41.89 -20.04
N SER LA 71 -75.04 41.15 -18.98
CA SER LA 71 -73.78 40.42 -18.91
C SER LA 71 -73.79 39.22 -19.86
N SER LA 72 -72.61 38.70 -20.12
CA SER LA 72 -72.42 37.63 -21.08
C SER LA 72 -71.84 36.40 -20.41
N ILE LA 73 -72.38 35.23 -20.75
CA ILE LA 73 -71.85 33.96 -20.27
C ILE LA 73 -71.21 33.22 -21.44
N TYR LA 74 -70.19 32.44 -21.12
CA TYR LA 74 -69.42 31.72 -22.13
C TYR LA 74 -69.73 30.23 -22.02
N THR LA 75 -70.27 29.66 -23.09
CA THR LA 75 -70.58 28.25 -23.16
C THR LA 75 -69.63 27.46 -24.06
N ASN LA 76 -68.72 28.15 -24.75
CA ASN LA 76 -67.76 27.53 -25.66
C ASN LA 76 -68.46 26.75 -26.78
N ASN LA 77 -69.71 27.09 -27.08
CA ASN LA 77 -70.45 26.48 -28.17
C ASN LA 77 -70.60 27.50 -29.28
N PRO LA 78 -69.90 27.35 -30.42
CA PRO LA 78 -69.90 28.41 -31.43
C PRO LA 78 -71.28 28.71 -32.02
N MET LA 79 -72.22 27.80 -31.92
CA MET LA 79 -73.58 28.07 -32.38
C MET LA 79 -74.33 29.04 -31.49
N ASP LA 80 -73.79 29.38 -30.33
CA ASP LA 80 -74.36 30.40 -29.46
C ASP LA 80 -73.81 31.77 -29.87
N LEU LA 81 -74.70 32.71 -30.11
CA LEU LA 81 -74.32 34.02 -30.62
C LEU LA 81 -74.82 35.12 -29.69
N ARG LA 82 -74.05 36.21 -29.63
CA ARG LA 82 -74.40 37.38 -28.82
C ARG LA 82 -74.13 38.64 -29.62
N VAL LA 83 -75.06 39.59 -29.53
CA VAL LA 83 -74.93 40.88 -30.20
C VAL LA 83 -74.36 41.86 -29.19
N SER LA 84 -73.08 42.19 -29.33
CA SER LA 84 -72.42 43.13 -28.43
C SER LA 84 -72.67 44.55 -28.93
N GLY LA 85 -73.43 45.31 -28.15
CA GLY LA 85 -73.77 46.67 -28.55
C GLY LA 85 -75.24 46.82 -28.91
N THR LA 86 -75.52 47.50 -30.01
CA THR LA 86 -76.89 47.75 -30.45
C THR LA 86 -77.21 46.86 -31.63
N GLY LA 87 -78.35 46.18 -31.57
CA GLY LA 87 -78.80 45.33 -32.64
C GLY LA 87 -79.58 44.13 -32.12
N PHE LA 88 -80.48 43.62 -32.96
CA PHE LA 88 -81.29 42.47 -32.64
C PHE LA 88 -81.17 41.42 -33.74
N PHE LA 89 -81.29 40.15 -33.34
CA PHE LA 89 -81.40 39.08 -34.31
C PHE LA 89 -82.79 39.05 -34.92
N ALA LA 90 -82.85 38.65 -36.19
CA ALA LA 90 -84.11 38.57 -36.93
C ALA LA 90 -84.47 37.11 -37.17
N VAL LA 91 -85.65 36.72 -36.71
CA VAL LA 91 -86.12 35.34 -36.84
C VAL LA 91 -87.51 35.36 -37.46
N ALA LA 92 -87.75 34.41 -38.37
CA ALA LA 92 -89.01 34.30 -39.08
C ALA LA 92 -89.76 33.06 -38.61
N LYS LA 93 -91.09 33.18 -38.52
CA LYS LA 93 -91.91 32.06 -38.07
C LYS LA 93 -91.80 30.88 -39.02
N GLU LA 94 -91.83 31.13 -40.32
CA GLU LA 94 -91.77 30.09 -41.33
C GLU LA 94 -90.64 30.37 -42.31
N ARG LA 95 -90.09 29.30 -42.88
CA ARG LA 95 -89.00 29.45 -43.84
C ARG LA 95 -89.44 30.19 -45.09
N LEU LA 96 -90.65 29.90 -45.58
CA LEU LA 96 -91.11 30.43 -46.85
C LEU LA 96 -91.71 31.83 -46.75
N THR LA 97 -91.77 32.40 -45.55
CA THR LA 97 -92.30 33.76 -45.34
C THR LA 97 -91.30 34.57 -44.54
N PRO LA 98 -90.19 34.97 -45.15
CA PRO LA 98 -89.22 35.81 -44.43
C PRO LA 98 -89.77 37.16 -44.03
N GLN LA 99 -90.83 37.65 -44.69
CA GLN LA 99 -91.41 38.94 -44.33
C GLN LA 99 -91.93 38.93 -42.90
N GLN LA 100 -92.62 37.86 -42.51
CA GLN LA 100 -93.16 37.73 -41.15
C GLN LA 100 -92.01 37.37 -40.23
N ASN LA 101 -91.46 38.39 -39.55
CA ASN LA 101 -90.27 38.20 -38.73
C ASN LA 101 -90.41 38.97 -37.44
N GLU LA 102 -89.64 38.54 -36.44
CA GLU LA 102 -89.62 39.17 -35.13
C GLU LA 102 -88.18 39.34 -34.67
N LEU LA 103 -87.98 40.26 -33.72
CA LEU LA 103 -86.65 40.57 -33.22
C LEU LA 103 -86.40 39.87 -31.89
N THR LA 104 -85.19 39.34 -31.73
CA THR LA 104 -84.82 38.64 -30.51
C THR LA 104 -83.35 38.93 -30.20
N ARG LA 105 -82.94 38.56 -28.99
CA ARG LA 105 -81.59 38.79 -28.52
C ARG LA 105 -80.84 37.54 -28.13
N ASN LA 106 -81.52 36.47 -27.72
CA ASN LA 106 -80.84 35.24 -27.35
C ASN LA 106 -80.26 34.56 -28.59
N GLY LA 107 -79.19 33.81 -28.39
CA GLY LA 107 -78.49 33.19 -29.50
C GLY LA 107 -78.40 31.68 -29.44
N ALA LA 108 -79.40 31.04 -28.83
CA ALA LA 108 -79.42 29.58 -28.73
C ALA LA 108 -79.82 29.02 -30.09
N PHE LA 109 -78.82 28.85 -30.96
CA PHE LA 109 -79.05 28.41 -32.32
C PHE LA 109 -78.56 26.98 -32.53
N HIS LA 110 -79.23 26.27 -33.43
CA HIS LA 110 -78.84 24.92 -33.80
C HIS LA 110 -79.43 24.59 -35.16
N LEU LA 111 -78.82 23.63 -35.84
CA LEU LA 111 -79.29 23.17 -37.14
C LEU LA 111 -80.49 22.26 -36.95
N ASN LA 112 -81.53 22.47 -37.74
CA ASN LA 112 -82.67 21.58 -37.75
C ASN LA 112 -82.38 20.40 -38.69
N LYS LA 113 -83.39 19.57 -38.95
CA LYS LA 113 -83.18 18.44 -39.85
C LYS LA 113 -82.89 18.88 -41.28
N GLU LA 114 -83.21 20.12 -41.63
CA GLU LA 114 -82.94 20.65 -42.96
C GLU LA 114 -81.68 21.49 -43.01
N ASN LA 115 -80.85 21.45 -41.95
CA ASN LA 115 -79.59 22.18 -41.89
C ASN LA 115 -79.81 23.70 -41.98
N TYR LA 116 -80.86 24.18 -41.35
CA TYR LA 116 -81.11 25.61 -41.20
C TYR LA 116 -80.94 26.00 -39.74
N MET LA 117 -80.34 27.16 -39.49
CA MET LA 117 -80.13 27.64 -38.13
C MET LA 117 -81.45 28.16 -37.57
N VAL LA 118 -81.92 27.53 -36.49
CA VAL LA 118 -83.20 27.88 -35.88
C VAL LA 118 -82.99 28.06 -34.39
N THR LA 119 -83.96 28.73 -33.76
CA THR LA 119 -83.94 28.96 -32.33
C THR LA 119 -84.47 27.72 -31.61
N ALA LA 120 -84.75 27.86 -30.31
CA ALA LA 120 -85.31 26.74 -29.55
C ALA LA 120 -86.68 26.36 -30.08
N ASN LA 121 -87.48 27.36 -30.48
CA ASN LA 121 -88.82 27.13 -31.00
C ASN LA 121 -88.83 26.79 -32.49
N ASP LA 122 -87.69 26.38 -33.05
CA ASP LA 122 -87.58 26.02 -34.46
C ASP LA 122 -88.00 27.18 -35.37
N GLU LA 123 -87.52 28.37 -35.04
CA GLU LA 123 -87.78 29.57 -35.83
C GLU LA 123 -86.53 29.92 -36.62
N PHE LA 124 -86.69 30.03 -37.94
CA PHE LA 124 -85.54 30.20 -38.82
C PHE LA 124 -84.91 31.58 -38.64
N LEU LA 125 -83.58 31.61 -38.68
CA LEU LA 125 -82.83 32.85 -38.54
C LEU LA 125 -82.62 33.49 -39.91
N LEU LA 126 -82.98 34.76 -40.04
CA LEU LA 126 -82.91 35.46 -41.31
C LEU LA 126 -81.52 36.04 -41.52
N GLY LA 127 -81.00 35.87 -42.74
CA GLY LA 127 -79.67 36.33 -43.06
C GLY LA 127 -79.57 36.82 -44.50
N TYR LA 128 -78.41 37.38 -44.82
CA TYR LA 128 -78.15 37.92 -46.13
C TYR LA 128 -77.47 36.88 -47.02
N GLN LA 129 -77.20 37.25 -48.27
CA GLN LA 129 -76.50 36.40 -49.22
C GLN LA 129 -75.37 37.20 -49.85
N VAL LA 130 -74.13 36.86 -49.50
CA VAL LA 130 -72.97 37.59 -50.00
C VAL LA 130 -72.55 37.03 -51.34
N ASP LA 131 -71.71 37.80 -52.05
CA ASP LA 131 -71.16 37.36 -53.32
C ASP LA 131 -70.09 36.30 -53.09
N PRO LA 132 -69.87 35.42 -54.08
CA PRO LA 132 -68.82 34.40 -53.92
C PRO LA 132 -67.44 34.98 -53.64
N SER LA 133 -67.08 36.06 -54.34
CA SER LA 133 -65.77 36.69 -54.17
C SER LA 133 -65.86 38.01 -53.41
N SER LA 134 -66.79 38.88 -53.80
CA SER LA 134 -66.93 40.17 -53.15
C SER LA 134 -67.48 40.01 -51.73
N GLY LA 135 -66.83 40.65 -50.76
CA GLY LA 135 -67.30 40.61 -49.39
C GLY LA 135 -68.64 41.29 -49.20
N GLU LA 136 -68.89 42.36 -49.97
CA GLU LA 136 -70.15 43.08 -49.87
C GLU LA 136 -71.33 42.18 -50.24
N VAL LA 137 -72.39 42.28 -49.46
CA VAL LA 137 -73.62 41.54 -49.75
C VAL LA 137 -74.37 42.26 -50.86
N SER LA 138 -74.83 41.49 -51.86
CA SER LA 138 -75.51 42.08 -53.00
C SER LA 138 -76.93 42.51 -52.65
N SER LA 139 -77.77 41.54 -52.28
CA SER LA 139 -79.16 41.81 -51.97
C SER LA 139 -79.38 41.84 -50.47
N TYR LA 140 -80.08 42.86 -50.00
CA TYR LA 140 -80.31 43.08 -48.58
C TYR LA 140 -81.59 42.41 -48.08
N GLU LA 141 -82.27 41.66 -48.93
CA GLU LA 141 -83.48 40.98 -48.47
C GLU LA 141 -83.13 39.85 -47.51
N PRO LA 142 -83.94 39.65 -46.48
CA PRO LA 142 -83.64 38.58 -45.51
C PRO LA 142 -84.09 37.23 -46.03
N GLN LA 143 -83.25 36.22 -45.80
CA GLN LA 143 -83.55 34.85 -46.17
C GLN LA 143 -82.99 33.92 -45.10
N PRO LA 144 -83.59 32.74 -44.93
CA PRO LA 144 -83.04 31.77 -43.97
C PRO LA 144 -81.64 31.35 -44.35
N ILE LA 145 -80.81 31.11 -43.34
CA ILE LA 145 -79.43 30.72 -43.55
C ILE LA 145 -79.35 29.20 -43.58
N ASN LA 146 -78.74 28.68 -44.65
CA ASN LA 146 -78.57 27.24 -44.84
C ASN LA 146 -77.10 26.88 -44.81
N ILE LA 147 -76.78 25.75 -44.21
CA ILE LA 147 -75.40 25.27 -44.13
C ILE LA 147 -75.35 23.88 -44.76
N PRO LA 148 -75.14 23.78 -46.08
CA PRO LA 148 -75.09 22.46 -46.71
C PRO LA 148 -73.94 21.63 -46.17
N ALA LA 149 -74.17 20.32 -46.10
CA ALA LA 149 -73.16 19.39 -45.61
C ALA LA 149 -72.22 18.91 -46.70
N GLU LA 150 -72.49 19.26 -47.95
CA GLU LA 150 -71.64 18.86 -49.06
C GLU LA 150 -71.43 20.04 -50.01
N PHE LA 151 -70.22 20.14 -50.56
CA PHE LA 151 -69.93 21.11 -51.61
C PHE LA 151 -70.28 20.48 -52.96
N GLY LA 152 -71.59 20.27 -53.15
CA GLY LA 152 -72.08 19.52 -54.29
C GLY LA 152 -72.12 20.26 -55.60
N LYS LA 153 -70.96 20.72 -56.07
CA LYS LA 153 -70.86 21.36 -57.37
C LYS LA 153 -69.42 21.33 -57.86
N PRO LA 154 -69.01 20.27 -58.57
CA PRO LA 154 -67.65 20.23 -59.12
C PRO LA 154 -67.39 21.41 -60.05
N LYS LA 155 -66.48 22.30 -59.64
CA LYS LA 155 -66.22 23.54 -60.36
C LYS LA 155 -65.03 23.33 -61.30
N GLN LA 156 -65.25 23.57 -62.59
CA GLN LA 156 -64.19 23.43 -63.57
C GLN LA 156 -63.15 24.53 -63.39
N THR LA 157 -61.91 24.22 -63.75
CA THR LA 157 -60.83 25.18 -63.69
C THR LA 157 -60.97 26.15 -64.86
N ALA LA 158 -60.96 27.46 -64.56
CA ALA LA 158 -61.13 28.46 -65.61
C ALA LA 158 -60.00 29.48 -65.59
N ASN LA 159 -59.54 29.86 -64.40
CA ASN LA 159 -58.48 30.84 -64.24
C ASN LA 159 -57.36 30.24 -63.40
N ILE LA 160 -56.14 30.28 -63.91
CA ILE LA 160 -54.96 29.76 -63.23
C ILE LA 160 -53.96 30.90 -63.11
N GLU LA 161 -53.55 31.20 -61.89
CA GLU LA 161 -52.55 32.23 -61.63
C GLU LA 161 -51.21 31.55 -61.37
N VAL LA 162 -50.23 31.84 -62.20
CA VAL LA 162 -48.90 31.25 -62.09
C VAL LA 162 -47.88 32.38 -61.99
N GLY LA 163 -47.06 32.36 -60.94
CA GLY LA 163 -45.99 33.31 -60.80
C GLY LA 163 -44.65 32.63 -60.65
N VAL LA 164 -43.77 32.81 -61.65
CA VAL LA 164 -42.47 32.13 -61.66
C VAL LA 164 -41.37 33.14 -61.92
N ASN LA 165 -40.16 32.77 -61.54
CA ASN LA 165 -38.96 33.54 -61.81
C ASN LA 165 -38.09 32.75 -62.79
N LEU LA 166 -37.72 33.40 -63.89
CA LEU LA 166 -37.01 32.64 -64.91
C LEU LA 166 -35.51 32.93 -64.85
N PRO LA 167 -34.68 31.92 -65.11
CA PRO LA 167 -33.23 32.11 -65.01
C PRO LA 167 -32.71 32.99 -66.14
N ALA LA 168 -32.17 34.15 -65.77
CA ALA LA 168 -31.63 35.07 -66.77
C ALA LA 168 -30.34 34.54 -67.38
N ASN LA 169 -29.60 33.70 -66.67
CA ASN LA 169 -28.37 33.10 -67.16
C ASN LA 169 -28.59 31.75 -67.81
N GLY LA 170 -29.84 31.34 -67.99
CA GLY LA 170 -30.10 30.04 -68.59
C GLY LA 170 -29.67 29.99 -70.05
N ASP LA 171 -29.38 28.78 -70.51
CA ASP LA 171 -28.92 28.59 -71.88
C ASP LA 171 -30.02 28.85 -72.88
N LEU LA 172 -29.67 29.48 -74.00
CA LEU LA 172 -30.64 29.78 -75.05
C LEU LA 172 -31.03 28.51 -75.80
N LYS LA 173 -32.24 28.54 -76.36
CA LYS LA 173 -32.77 27.42 -77.12
C LYS LA 173 -33.34 27.95 -78.44
N ASP LA 174 -33.51 27.03 -79.39
CA ASP LA 174 -34.04 27.39 -80.71
C ASP LA 174 -35.55 27.30 -80.68
N PRO LA 175 -36.28 28.39 -80.97
CA PRO LA 175 -37.75 28.31 -80.96
C PRO LA 175 -38.32 27.32 -81.95
N THR LA 176 -37.68 27.17 -83.12
CA THR LA 176 -38.21 26.28 -84.14
C THR LA 176 -38.02 24.81 -83.82
N GLN LA 177 -37.09 24.48 -82.91
CA GLN LA 177 -36.79 23.10 -82.57
C GLN LA 177 -37.49 22.64 -81.30
N PHE LA 178 -38.48 23.39 -80.83
CA PHE LA 178 -39.18 23.01 -79.60
C PHE LA 178 -39.98 21.73 -79.81
N ASP LA 179 -39.90 20.82 -78.85
CA ASP LA 179 -40.68 19.59 -78.86
C ASP LA 179 -40.81 19.10 -77.43
N PHE LA 180 -42.05 18.97 -76.96
CA PHE LA 180 -42.28 18.55 -75.58
C PHE LA 180 -41.81 17.14 -75.31
N SER LA 181 -41.63 16.32 -76.35
CA SER LA 181 -41.11 14.97 -76.16
C SER LA 181 -39.61 14.95 -75.92
N ASP LA 182 -38.90 16.02 -76.28
CA ASP LA 182 -37.45 16.08 -76.09
C ASP LA 182 -37.14 17.10 -74.99
N PRO LA 183 -36.71 16.66 -73.80
CA PRO LA 183 -36.42 17.63 -72.73
C PRO LA 183 -35.32 18.61 -73.09
N ASP LA 184 -34.34 18.21 -73.92
CA ASP LA 184 -33.22 19.08 -74.22
C ASP LA 184 -33.57 20.26 -75.11
N THR LA 185 -34.74 20.23 -75.77
CA THR LA 185 -35.10 21.33 -76.66
C THR LA 185 -35.56 22.56 -75.90
N TYR LA 186 -36.17 22.38 -74.73
CA TYR LA 186 -36.64 23.49 -73.92
C TYR LA 186 -35.79 23.61 -72.66
N ASN LA 187 -36.18 24.54 -71.78
CA ASN LA 187 -35.40 24.83 -70.58
C ASN LA 187 -35.98 24.17 -69.33
N ARG LA 188 -37.25 24.45 -69.03
CA ARG LA 188 -37.86 23.97 -67.79
C ARG LA 188 -39.25 23.42 -68.08
N SER LA 189 -39.69 22.51 -67.19
CA SER LA 189 -41.00 21.90 -67.30
C SER LA 189 -41.59 21.74 -65.91
N THR LA 190 -42.85 22.14 -65.74
CA THR LA 190 -43.55 22.05 -64.48
C THR LA 190 -44.86 21.29 -64.67
N SER LA 191 -45.32 20.65 -63.60
CA SER LA 191 -46.54 19.85 -63.63
C SER LA 191 -47.54 20.40 -62.63
N SER LA 192 -48.83 20.32 -63.00
CA SER LA 192 -49.91 20.79 -62.16
C SER LA 192 -51.16 19.99 -62.48
N THR LA 193 -52.14 20.08 -61.58
CA THR LA 193 -53.38 19.33 -61.69
C THR LA 193 -54.54 20.28 -61.92
N ILE LA 194 -55.42 19.91 -62.86
CA ILE LA 194 -56.58 20.71 -63.22
C ILE LA 194 -57.82 19.82 -63.18
N TYR LA 195 -58.98 20.46 -63.07
CA TYR LA 195 -60.25 19.77 -62.95
C TYR LA 195 -61.22 20.25 -64.01
N ASP LA 196 -62.01 19.33 -64.55
CA ASP LA 196 -62.98 19.63 -65.58
C ASP LA 196 -64.34 19.92 -64.95
N SER LA 197 -65.39 19.97 -65.78
CA SER LA 197 -66.73 20.24 -65.27
C SER LA 197 -67.21 19.14 -64.32
N MET LA 198 -66.90 17.88 -64.65
CA MET LA 198 -67.34 16.75 -63.85
C MET LA 198 -66.36 16.40 -62.73
N GLY LA 199 -65.27 17.14 -62.59
CA GLY LA 199 -64.34 16.93 -61.51
C GLY LA 199 -63.21 15.96 -61.78
N GLN LA 200 -63.10 15.45 -63.01
CA GLN LA 200 -61.98 14.57 -63.33
C GLN LA 200 -60.68 15.35 -63.30
N SER LA 201 -59.64 14.74 -62.70
CA SER LA 201 -58.35 15.38 -62.55
C SER LA 201 -57.50 15.14 -63.80
N TYR LA 202 -56.92 16.22 -64.33
CA TYR LA 202 -56.07 16.15 -65.50
C TYR LA 202 -54.72 16.76 -65.18
N LYS LA 203 -53.68 16.26 -65.84
CA LYS LA 203 -52.31 16.70 -65.61
C LYS LA 203 -51.96 17.77 -66.64
N LEU LA 204 -51.59 18.95 -66.15
CA LEU LA 204 -51.21 20.07 -66.99
C LEU LA 204 -49.71 20.30 -66.85
N THR LA 205 -48.99 20.22 -67.95
CA THR LA 205 -47.55 20.41 -67.98
C THR LA 205 -47.23 21.68 -68.76
N THR LA 206 -46.43 22.55 -68.17
CA THR LA 206 -46.04 23.82 -68.78
C THR LA 206 -44.56 23.78 -69.13
N TYR LA 207 -44.25 24.09 -70.38
CA TYR LA 207 -42.88 24.09 -70.88
C TYR LA 207 -42.44 25.52 -71.15
N TYR LA 208 -41.30 25.91 -70.58
CA TYR LA 208 -40.74 27.25 -70.77
C TYR LA 208 -39.47 27.14 -71.60
N LEU LA 209 -39.39 27.95 -72.65
CA LEU LA 209 -38.26 27.95 -73.56
C LEU LA 209 -37.68 29.35 -73.64
N LYS LA 210 -36.35 29.44 -73.52
CA LYS LA 210 -35.65 30.72 -73.57
C LYS LA 210 -35.31 31.04 -75.02
N ASP LA 211 -35.85 32.15 -75.53
CA ASP LA 211 -35.63 32.52 -76.92
C ASP LA 211 -34.17 32.90 -77.14
N GLN LA 212 -33.63 32.45 -78.27
CA GLN LA 212 -32.25 32.77 -78.64
C GLN LA 212 -32.15 34.01 -79.50
N THR LA 213 -33.07 34.18 -80.45
CA THR LA 213 -33.00 35.33 -81.36
C THR LA 213 -33.20 36.64 -80.63
N GLN LA 214 -34.15 36.67 -79.69
CA GLN LA 214 -34.46 37.90 -78.95
C GLN LA 214 -34.03 37.74 -77.50
N PRO LA 215 -33.12 38.58 -77.00
CA PRO LA 215 -32.77 38.53 -75.58
C PRO LA 215 -33.95 38.97 -74.71
N ASN LA 216 -33.98 38.42 -73.49
CA ASN LA 216 -35.06 38.69 -72.53
C ASN LA 216 -36.42 38.34 -73.11
N THR LA 217 -36.48 37.21 -73.82
CA THR LA 217 -37.70 36.71 -74.41
C THR LA 217 -37.84 35.23 -74.10
N TRP LA 218 -39.04 34.82 -73.71
CA TRP LA 218 -39.31 33.43 -73.34
C TRP LA 218 -40.56 32.95 -74.06
N ASN LA 219 -40.57 31.65 -74.38
CA ASN LA 219 -41.71 31.01 -75.02
C ASN LA 219 -42.30 29.99 -74.07
N THR LA 220 -43.61 30.02 -73.91
CA THR LA 220 -44.31 29.17 -72.97
C THR LA 220 -45.33 28.33 -73.71
N TYR LA 221 -45.31 27.02 -73.45
CA TYR LA 221 -46.21 26.07 -74.08
C TYR LA 221 -46.89 25.23 -73.00
N TYR LA 222 -48.06 24.71 -73.34
CA TYR LA 222 -48.86 23.92 -72.41
C TYR LA 222 -49.26 22.60 -73.05
N THR LA 223 -49.29 21.54 -72.25
CA THR LA 223 -49.74 20.23 -72.69
C THR LA 223 -50.64 19.62 -71.63
N VAL LA 224 -51.57 18.79 -72.08
CA VAL LA 224 -52.51 18.11 -71.20
C VAL LA 224 -52.30 16.61 -71.35
N THR LA 225 -52.14 15.91 -70.23
CA THR LA 225 -51.89 14.48 -70.22
C THR LA 225 -53.11 13.78 -69.65
N ASP LA 226 -53.93 13.20 -70.54
CA ASP LA 226 -55.05 12.37 -70.16
C ASP LA 226 -54.62 10.91 -70.17
N LYS LA 227 -55.59 10.01 -70.02
CA LYS LA 227 -55.27 8.58 -70.05
C LYS LA 227 -54.81 8.13 -71.43
N GLU LA 228 -55.33 8.76 -72.49
CA GLU LA 228 -54.89 8.41 -73.84
C GLU LA 228 -53.43 8.75 -74.07
N GLY LA 229 -53.00 9.91 -73.57
CA GLY LA 229 -51.63 10.35 -73.76
C GLY LA 229 -51.50 11.82 -73.43
N GLU LA 230 -50.40 12.41 -73.90
CA GLU LA 230 -50.11 13.82 -73.70
C GLU LA 230 -50.40 14.57 -74.99
N LYS LA 231 -51.35 15.51 -74.93
CA LYS LA 231 -51.74 16.27 -76.10
C LYS LA 231 -51.38 17.74 -75.92
N PRO LA 232 -50.68 18.34 -76.87
CA PRO LA 232 -50.37 19.77 -76.76
C PRO LA 232 -51.61 20.63 -76.83
N LEU LA 233 -51.56 21.76 -76.13
CA LEU LA 233 -52.66 22.72 -76.09
C LEU LA 233 -52.21 24.02 -76.74
N ASN LA 234 -53.03 24.54 -77.64
CA ASN LA 234 -52.70 25.73 -78.41
C ASN LA 234 -53.38 26.95 -77.83
N VAL LA 235 -52.69 28.09 -77.89
CA VAL LA 235 -53.25 29.36 -77.45
C VAL LA 235 -54.06 29.95 -78.59
N ALA LA 236 -55.16 30.64 -78.24
CA ALA LA 236 -56.02 31.22 -79.27
C ALA LA 236 -55.29 32.27 -80.09
N ALA LA 237 -54.49 33.13 -79.43
CA ALA LA 237 -53.79 34.21 -80.11
C ALA LA 237 -52.33 34.28 -79.67
N GLY LA 238 -51.72 33.15 -79.35
CA GLY LA 238 -50.32 33.16 -78.96
C GLY LA 238 -49.39 33.36 -80.15
N ASP LA 239 -48.38 34.19 -79.95
CA ASP LA 239 -47.42 34.51 -81.01
C ASP LA 239 -46.18 33.61 -80.95
N ALA LA 240 -46.40 32.30 -80.94
CA ALA LA 240 -45.29 31.34 -80.96
C ALA LA 240 -45.78 30.09 -81.70
N GLN LA 241 -45.47 30.02 -82.98
CA GLN LA 241 -45.93 28.94 -83.85
C GLN LA 241 -44.73 28.09 -84.25
N THR LA 242 -44.64 26.90 -83.66
CA THR LA 242 -43.62 25.94 -84.06
C THR LA 242 -43.98 25.33 -85.41
N PRO LA 243 -42.99 24.81 -86.13
CA PRO LA 243 -43.29 24.18 -87.44
C PRO LA 243 -44.28 23.04 -87.34
N THR LA 244 -44.29 22.30 -86.23
CA THR LA 244 -45.24 21.20 -86.07
C THR LA 244 -46.68 21.73 -86.05
N GLY LA 245 -46.91 22.85 -85.38
CA GLY LA 245 -48.23 23.42 -85.31
C GLY LA 245 -48.65 23.86 -83.93
N HIS LA 246 -47.86 23.47 -82.92
CA HIS LA 246 -48.16 23.86 -81.55
C HIS LA 246 -48.00 25.36 -81.38
N VAL LA 247 -48.94 25.97 -80.64
CA VAL LA 247 -49.00 27.42 -80.48
C VAL LA 247 -48.77 27.75 -79.01
N GLY LA 248 -47.71 28.50 -78.73
CA GLY LA 248 -47.45 29.04 -77.42
C GLY LA 248 -47.56 30.56 -77.39
N HIS LA 249 -47.11 31.15 -76.28
CA HIS LA 249 -47.14 32.60 -76.12
C HIS LA 249 -45.77 33.07 -75.65
N THR LA 250 -45.47 34.33 -75.94
CA THR LA 250 -44.17 34.93 -75.65
C THR LA 250 -44.26 35.84 -74.45
N MET LA 251 -43.17 35.87 -73.67
CA MET LA 251 -43.05 36.73 -72.50
C MET LA 251 -41.79 37.57 -72.62
N LYS LA 252 -41.91 38.87 -72.36
CA LYS LA 252 -40.81 39.81 -72.46
C LYS LA 252 -40.64 40.55 -71.14
N PHE LA 253 -39.41 40.94 -70.84
CA PHE LA 253 -39.06 41.55 -69.56
C PHE LA 253 -38.25 42.83 -69.80
N ASN LA 254 -38.36 43.75 -68.85
CA ASN LA 254 -37.68 45.04 -68.95
C ASN LA 254 -36.20 44.89 -68.61
N ASN LA 255 -35.50 46.02 -68.50
CA ASN LA 255 -34.09 45.99 -68.15
C ASN LA 255 -33.89 45.57 -66.71
N ASP LA 256 -34.79 45.97 -65.81
CA ASP LA 256 -34.67 45.61 -64.41
C ASP LA 256 -35.11 44.20 -64.12
N GLY LA 257 -35.55 43.45 -65.12
CA GLY LA 257 -36.02 42.09 -64.93
C GLY LA 257 -37.49 41.96 -64.62
N THR LA 258 -38.20 43.08 -64.45
CA THR LA 258 -39.63 43.01 -64.20
C THR LA 258 -40.37 42.62 -65.46
N LEU LA 259 -41.67 42.36 -65.32
CA LEU LA 259 -42.49 41.91 -66.44
C LEU LA 259 -42.79 43.09 -67.36
N ALA LA 260 -42.55 42.89 -68.66
CA ALA LA 260 -42.78 43.92 -69.65
C ALA LA 260 -44.07 43.71 -70.43
N SER LA 261 -44.20 42.55 -71.09
CA SER LA 261 -45.36 42.27 -71.92
C SER LA 261 -45.65 40.79 -71.91
N LEU LA 262 -46.90 40.44 -72.23
CA LEU LA 262 -47.36 39.06 -72.28
C LEU LA 262 -48.19 38.86 -73.53
N ASN LA 263 -47.69 38.01 -74.44
CA ASN LA 263 -48.41 37.65 -75.66
C ASN LA 263 -48.82 38.89 -76.45
N ASN LA 264 -47.88 39.81 -76.62
CA ASN LA 264 -48.11 41.08 -77.34
C ASN LA 264 -49.24 41.88 -76.71
N GLY LA 265 -49.37 41.81 -75.39
CA GLY LA 265 -50.40 42.54 -74.68
C GLY LA 265 -51.78 41.91 -74.71
N GLN LA 266 -51.92 40.71 -75.30
CA GLN LA 266 -53.22 40.08 -75.37
C GLN LA 266 -53.40 39.08 -74.23
N PRO LA 267 -54.63 38.91 -73.74
CA PRO LA 267 -54.87 37.93 -72.68
C PRO LA 267 -54.62 36.51 -73.18
N ILE LA 268 -54.18 35.65 -72.26
CA ILE LA 268 -53.84 34.27 -72.58
C ILE LA 268 -55.08 33.42 -72.32
N THR LA 269 -55.79 33.08 -73.40
CA THR LA 269 -56.95 32.19 -73.32
C THR LA 269 -56.71 31.01 -74.24
N SER LA 270 -56.77 29.80 -73.66
CA SER LA 270 -56.49 28.59 -74.42
C SER LA 270 -57.71 28.19 -75.24
N VAL LA 271 -57.47 27.32 -76.23
CA VAL LA 271 -58.54 26.78 -77.07
C VAL LA 271 -59.33 25.77 -76.26
N ALA LA 272 -60.49 25.36 -76.77
CA ALA LA 272 -61.32 24.39 -76.07
C ALA LA 272 -60.59 23.06 -75.96
N LEU LA 273 -60.67 22.45 -74.78
CA LEU LA 273 -59.92 21.22 -74.52
C LEU LA 273 -60.45 20.06 -75.35
N GLY LA 274 -61.76 19.86 -75.36
CA GLY LA 274 -62.33 18.68 -75.99
C GLY LA 274 -63.16 18.94 -77.23
N ASP LA 275 -62.97 20.11 -77.85
CA ASP LA 275 -63.72 20.44 -79.05
C ASP LA 275 -62.82 20.26 -80.26
N PRO LA 276 -63.06 19.26 -81.12
CA PRO LA 276 -62.25 19.13 -82.34
C PRO LA 276 -62.41 20.30 -83.30
N ALA LA 277 -63.50 21.07 -83.19
CA ALA LA 277 -63.73 22.22 -84.07
C ALA LA 277 -62.70 23.32 -83.88
N THR LA 278 -62.00 23.36 -82.75
CA THR LA 278 -60.98 24.37 -82.49
C THR LA 278 -59.63 23.80 -82.10
N ASN LA 279 -59.54 22.50 -81.78
CA ASN LA 279 -58.30 21.89 -81.33
C ASN LA 279 -57.95 20.71 -82.23
N THR LA 280 -56.71 20.68 -82.71
CA THR LA 280 -56.26 19.58 -83.54
C THR LA 280 -56.00 18.31 -82.73
N THR LA 281 -55.82 18.44 -81.41
CA THR LA 281 -55.64 17.31 -80.51
C THR LA 281 -56.63 17.44 -79.38
N PRO LA 282 -57.90 17.09 -79.61
CA PRO LA 282 -58.93 17.27 -78.58
C PRO LA 282 -58.65 16.41 -77.35
N VAL LA 283 -58.80 17.02 -76.18
CA VAL LA 283 -58.64 16.29 -74.93
C VAL LA 283 -59.86 15.43 -74.69
N ASP LA 284 -59.62 14.17 -74.32
CA ASP LA 284 -60.72 13.24 -74.06
C ASP LA 284 -61.40 13.60 -72.74
N MET LA 285 -62.49 14.36 -72.81
CA MET LA 285 -63.17 14.83 -71.61
C MET LA 285 -63.83 13.70 -70.84
N ASN LA 286 -64.07 12.55 -71.47
CA ASN LA 286 -64.75 11.42 -70.85
C ASN LA 286 -66.13 11.82 -70.32
N GLY LA 287 -66.84 12.64 -71.09
CA GLY LA 287 -68.17 13.09 -70.74
C GLY LA 287 -68.25 14.50 -70.20
N ALA LA 288 -67.12 15.16 -69.97
CA ALA LA 288 -67.13 16.52 -69.44
C ALA LA 288 -67.46 17.52 -70.53
N ASP LA 289 -67.46 18.80 -70.15
CA ASP LA 289 -67.72 19.88 -71.09
C ASP LA 289 -66.55 20.04 -72.05
N PRO LA 290 -66.76 19.91 -73.36
CA PRO LA 290 -65.64 20.01 -74.31
C PRO LA 290 -65.19 21.44 -74.57
N ALA LA 291 -66.02 22.43 -74.26
CA ALA LA 291 -65.70 23.83 -74.54
C ALA LA 291 -65.00 24.52 -73.38
N GLN LA 292 -64.46 23.75 -72.44
CA GLN LA 292 -63.76 24.35 -71.31
C GLN LA 292 -62.53 25.10 -71.78
N THR LA 293 -62.34 26.31 -71.26
CA THR LA 293 -61.22 27.16 -71.62
C THR LA 293 -60.46 27.57 -70.37
N LEU LA 294 -59.17 27.80 -70.53
CA LEU LA 294 -58.29 28.18 -69.43
C LEU LA 294 -57.70 29.57 -69.67
N ASN LA 295 -57.78 30.41 -68.66
CA ASN LA 295 -57.18 31.74 -68.69
C ASN LA 295 -56.00 31.75 -67.71
N PHE LA 296 -54.82 32.07 -68.22
CA PHE LA 296 -53.59 32.03 -67.42
C PHE LA 296 -53.23 33.44 -66.98
N GLY LA 297 -53.02 33.61 -65.67
CA GLY LA 297 -52.57 34.88 -65.14
C GLY LA 297 -51.12 34.83 -64.69
N LEU LA 298 -50.24 35.46 -65.45
CA LEU LA 298 -48.81 35.48 -65.15
C LEU LA 298 -48.33 36.91 -64.99
N GLY LA 299 -49.09 37.72 -64.28
CA GLY LA 299 -48.71 39.11 -64.07
C GLY LA 299 -47.57 39.31 -63.11
N SER LA 300 -47.14 38.26 -62.41
CA SER LA 300 -46.05 38.35 -61.45
C SER LA 300 -44.79 37.66 -61.94
N ALA LA 301 -44.74 37.26 -63.22
CA ALA LA 301 -43.56 36.58 -63.74
C ALA LA 301 -42.37 37.52 -63.80
N THR LA 302 -41.19 37.01 -63.43
CA THR LA 302 -39.98 37.81 -63.40
C THR LA 302 -38.83 37.00 -64.01
N GLN LA 303 -37.80 37.71 -64.42
CA GLN LA 303 -36.56 37.09 -64.90
C GLN LA 303 -35.39 37.75 -64.16
N PHE LA 304 -34.84 37.06 -63.18
CA PHE LA 304 -33.73 37.55 -62.38
C PHE LA 304 -32.56 36.56 -62.48
N ALA LA 305 -31.49 36.86 -61.75
CA ALA LA 305 -30.34 35.97 -61.72
C ALA LA 305 -30.62 34.69 -60.94
N ALA LA 306 -31.70 34.66 -60.16
CA ALA LA 306 -32.03 33.47 -59.39
C ALA LA 306 -32.44 32.33 -60.32
N PRO LA 307 -32.22 31.08 -59.91
CA PRO LA 307 -32.62 29.94 -60.74
C PRO LA 307 -34.13 29.84 -60.93
N PHE LA 308 -34.56 28.86 -61.72
CA PHE LA 308 -35.98 28.67 -61.96
C PHE LA 308 -36.69 28.31 -60.66
N GLU LA 309 -37.84 28.94 -60.42
CA GLU LA 309 -38.58 28.75 -59.17
C GLU LA 309 -40.06 28.97 -59.41
N LEU LA 310 -40.88 28.09 -58.86
CA LEU LA 310 -42.34 28.21 -58.91
C LEU LA 310 -42.80 28.87 -57.61
N THR LA 311 -42.85 30.20 -57.62
CA THR LA 311 -43.15 30.93 -56.39
C THR LA 311 -44.61 30.78 -55.98
N LYS LA 312 -45.53 30.91 -56.92
CA LYS LA 312 -46.95 30.93 -56.60
C LYS LA 312 -47.74 30.21 -57.68
N PHE LA 313 -48.74 29.43 -57.26
CA PHE LA 313 -49.66 28.76 -58.17
C PHE LA 313 -51.04 28.76 -57.56
N ASP LA 314 -52.00 29.40 -58.22
CA ASP LA 314 -53.37 29.48 -57.73
C ASP LA 314 -54.33 29.15 -58.87
N GLU LA 315 -55.36 28.38 -58.56
CA GLU LA 315 -56.39 28.00 -59.52
C GLU LA 315 -57.76 28.29 -58.92
N ASP LA 316 -58.80 28.12 -59.75
CA ASP LA 316 -60.18 28.30 -59.32
C ASP LA 316 -60.98 27.00 -59.41
N GLY LA 317 -60.31 25.88 -59.62
CA GLY LA 317 -60.99 24.60 -59.68
C GLY LA 317 -61.39 24.10 -58.31
N ALA LA 318 -62.31 23.13 -58.32
CA ALA LA 318 -62.82 22.58 -57.07
C ALA LA 318 -63.33 21.16 -57.32
N THR LA 319 -63.47 20.41 -56.22
CA THR LA 319 -63.94 19.04 -56.27
C THR LA 319 -65.01 18.86 -55.21
N THR LA 320 -65.74 17.76 -55.29
CA THR LA 320 -66.76 17.45 -54.30
C THR LA 320 -66.12 17.25 -52.93
N GLY LA 321 -66.83 17.69 -51.89
CA GLY LA 321 -66.29 17.63 -50.55
C GLY LA 321 -67.39 17.64 -49.50
N PHE LA 322 -66.96 17.45 -48.25
CA PHE LA 322 -67.88 17.33 -47.12
C PHE LA 322 -67.59 18.41 -46.09
N LEU LA 323 -68.66 18.92 -45.48
CA LEU LA 323 -68.53 19.94 -44.46
C LEU LA 323 -67.67 19.46 -43.30
N THR LA 324 -66.55 20.14 -43.08
CA THR LA 324 -65.60 19.76 -42.04
C THR LA 324 -65.71 20.61 -40.79
N LYS LA 325 -65.75 21.94 -40.93
CA LYS LA 325 -65.90 22.81 -39.77
C LYS LA 325 -66.57 24.11 -40.21
N VAL LA 326 -67.18 24.79 -39.25
CA VAL LA 326 -67.91 26.04 -39.49
C VAL LA 326 -67.57 27.02 -38.39
N ASP LA 327 -67.24 28.25 -38.77
CA ASP LA 327 -66.90 29.29 -37.81
C ASP LA 327 -67.53 30.60 -38.24
N PHE LA 328 -67.59 31.56 -37.31
CA PHE LA 328 -68.19 32.86 -37.53
C PHE LA 328 -67.11 33.93 -37.31
N ASP LA 329 -67.05 34.90 -38.22
CA ASP LA 329 -66.15 36.02 -38.06
C ASP LA 329 -66.85 37.18 -37.37
N GLU LA 330 -66.11 38.28 -37.16
CA GLU LA 330 -66.68 39.44 -36.49
C GLU LA 330 -67.73 40.14 -37.34
N ASN LA 331 -67.65 40.00 -38.67
CA ASN LA 331 -68.61 40.64 -39.55
C ASN LA 331 -69.95 39.90 -39.61
N GLY LA 332 -70.05 38.73 -39.00
CA GLY LA 332 -71.26 37.93 -39.05
C GLY LA 332 -71.32 36.94 -40.18
N SER LA 333 -70.32 36.91 -41.05
CA SER LA 333 -70.31 35.93 -42.13
C SER LA 333 -70.03 34.55 -41.58
N VAL LA 334 -70.86 33.58 -41.95
CA VAL LA 334 -70.71 32.20 -41.51
C VAL LA 334 -69.89 31.46 -42.56
N MET LA 335 -68.64 31.16 -42.22
CA MET LA 335 -67.75 30.48 -43.13
C MET LA 335 -67.64 29.00 -42.76
N GLY LA 336 -67.50 28.17 -43.79
CA GLY LA 336 -67.33 26.75 -43.59
C GLY LA 336 -66.32 26.16 -44.54
N THR LA 337 -65.42 25.34 -44.03
CA THR LA 337 -64.38 24.71 -44.85
C THR LA 337 -64.74 23.25 -45.09
N TYR LA 338 -64.52 22.79 -46.32
CA TYR LA 338 -64.85 21.44 -46.74
C TYR LA 338 -63.57 20.65 -47.01
N SER LA 339 -63.74 19.39 -47.36
CA SER LA 339 -62.58 18.54 -47.62
C SER LA 339 -61.83 18.97 -48.88
N ASN LA 340 -62.54 19.54 -49.85
CA ASN LA 340 -61.88 19.99 -51.07
C ASN LA 340 -60.89 21.12 -50.78
N GLY LA 341 -61.22 21.99 -49.83
CA GLY LA 341 -60.36 23.10 -49.45
C GLY LA 341 -60.98 24.46 -49.62
N GLU LA 342 -62.05 24.60 -50.40
CA GLU LA 342 -62.68 25.91 -50.59
C GLU LA 342 -63.31 26.39 -49.29
N ASN LA 343 -63.10 27.66 -48.98
CA ASN LA 343 -63.68 28.29 -47.80
C ASN LA 343 -64.97 29.02 -48.20
N VAL LA 344 -66.01 28.22 -48.41
CA VAL LA 344 -67.29 28.76 -48.88
C VAL LA 344 -67.96 29.55 -47.78
N THR LA 345 -68.34 30.79 -48.08
CA THR LA 345 -69.07 31.64 -47.15
C THR LA 345 -70.56 31.41 -47.34
N LEU LA 346 -71.20 30.79 -46.35
CA LEU LA 346 -72.60 30.42 -46.50
C LEU LA 346 -73.50 31.65 -46.54
N GLY LA 347 -73.12 32.71 -45.85
CA GLY LA 347 -73.91 33.92 -45.86
C GLY LA 347 -73.51 34.84 -44.73
N ARG LA 348 -74.38 35.82 -44.45
CA ARG LA 348 -74.22 36.71 -43.33
C ARG LA 348 -75.46 36.63 -42.44
N VAL LA 349 -75.34 37.16 -41.23
CA VAL LA 349 -76.42 37.19 -40.27
C VAL LA 349 -76.97 38.61 -40.22
N ALA LA 350 -78.26 38.75 -40.50
CA ALA LA 350 -78.88 40.06 -40.50
C ALA LA 350 -78.95 40.63 -39.09
N LEU LA 351 -78.77 41.94 -39.00
CA LEU LA 351 -78.90 42.67 -37.74
C LEU LA 351 -79.91 43.79 -37.92
N VAL LA 352 -80.83 43.91 -36.96
CA VAL LA 352 -81.95 44.84 -37.04
C VAL LA 352 -81.89 45.79 -35.86
N ARG LA 353 -82.02 47.08 -36.14
CA ARG LA 353 -82.04 48.11 -35.11
C ARG LA 353 -83.22 49.04 -35.37
N VAL LA 354 -83.95 49.39 -34.32
CA VAL LA 354 -85.09 50.29 -34.44
C VAL LA 354 -84.71 51.63 -33.82
N PRO LA 355 -85.24 52.75 -34.30
CA PRO LA 355 -84.85 54.05 -33.72
C PRO LA 355 -85.22 54.19 -32.25
N ASN LA 356 -86.39 53.70 -31.85
CA ASN LA 356 -86.85 53.78 -30.47
C ASN LA 356 -87.14 52.36 -29.99
N GLU LA 357 -86.23 51.81 -29.19
CA GLU LA 357 -86.37 50.42 -28.74
C GLU LA 357 -87.42 50.28 -27.63
N GLN LA 358 -87.77 51.38 -26.96
CA GLN LA 358 -88.72 51.34 -25.85
C GLN LA 358 -90.14 51.05 -26.28
N GLY LA 359 -90.44 51.08 -27.58
CA GLY LA 359 -91.81 50.95 -28.03
C GLY LA 359 -92.14 49.63 -28.67
N LEU LA 360 -91.14 48.76 -28.83
CA LEU LA 360 -91.38 47.44 -29.38
C LEU LA 360 -92.34 46.67 -28.49
N ASP LA 361 -93.36 46.07 -29.10
CA ASP LA 361 -94.29 45.23 -28.36
C ASP LA 361 -93.61 43.90 -28.04
N LYS LA 362 -93.91 43.36 -26.87
CA LYS LA 362 -93.22 42.19 -26.35
C LYS LA 362 -94.05 40.95 -26.65
N LYS LA 363 -93.55 40.12 -27.56
CA LYS LA 363 -94.16 38.82 -27.83
C LYS LA 363 -93.62 37.80 -26.82
N GLY LA 364 -94.05 36.56 -26.97
CA GLY LA 364 -93.54 35.51 -26.12
C GLY LA 364 -92.13 35.08 -26.52
N GLY LA 365 -91.46 34.42 -25.58
CA GLY LA 365 -90.15 33.87 -25.86
C GLY LA 365 -89.07 34.89 -26.13
N THR LA 366 -89.06 35.99 -25.37
CA THR LA 366 -88.03 37.04 -25.48
C THR LA 366 -87.91 37.53 -26.92
N GLN LA 367 -89.06 37.85 -27.51
CA GLN LA 367 -89.10 38.32 -28.88
C GLN LA 367 -89.91 39.60 -28.97
N TRP LA 368 -89.50 40.47 -29.90
CA TRP LA 368 -90.13 41.78 -30.07
C TRP LA 368 -90.49 41.96 -31.54
N ASP LA 369 -91.47 42.85 -31.76
CA ASP LA 369 -91.91 43.19 -33.10
C ASP LA 369 -91.97 44.71 -33.21
N SER LA 370 -91.90 45.21 -34.44
CA SER LA 370 -91.88 46.64 -34.69
C SER LA 370 -93.30 47.17 -34.84
N THR LA 371 -93.70 48.06 -33.94
CA THR LA 371 -95.01 48.68 -33.97
C THR LA 371 -94.91 50.10 -34.52
N GLN LA 372 -96.03 50.82 -34.48
CA GLN LA 372 -96.05 52.19 -34.98
C GLN LA 372 -95.11 53.10 -34.18
N PHE LA 373 -95.17 53.01 -32.85
CA PHE LA 373 -94.34 53.86 -32.01
C PHE LA 373 -92.86 53.48 -32.13
N SER LA 374 -92.57 52.19 -32.32
CA SER LA 374 -91.19 51.76 -32.46
C SER LA 374 -90.55 52.34 -33.72
N GLY LA 375 -91.29 52.36 -34.83
CA GLY LA 375 -90.79 52.82 -36.10
C GLY LA 375 -90.80 51.71 -37.14
N ASP LA 376 -89.72 51.63 -37.91
CA ASP LA 376 -89.56 50.59 -38.92
C ASP LA 376 -88.23 49.88 -38.71
N LYS LA 377 -88.21 48.60 -39.04
CA LYS LA 377 -87.00 47.80 -38.90
C LYS LA 377 -85.92 48.30 -39.87
N ILE LA 378 -84.78 48.69 -39.33
CA ILE LA 378 -83.64 49.15 -40.13
C ILE LA 378 -82.65 48.00 -40.19
N TRP LA 379 -82.43 47.47 -41.40
CA TRP LA 379 -81.54 46.34 -41.57
C TRP LA 379 -80.11 46.81 -41.78
N GLY LA 380 -79.17 45.96 -41.40
CA GLY LA 380 -77.76 46.29 -41.56
C GLY LA 380 -76.91 45.08 -41.23
N GLU LA 381 -75.61 45.23 -41.49
CA GLU LA 381 -74.66 44.16 -41.24
C GLU LA 381 -74.12 44.28 -39.82
N SER LA 382 -73.12 43.46 -39.49
CA SER LA 382 -72.49 43.46 -38.18
C SER LA 382 -71.25 44.35 -38.23
N ASN LA 383 -71.08 45.16 -37.18
CA ASN LA 383 -69.95 46.09 -37.09
C ASN LA 383 -69.92 47.04 -38.28
N LYS LA 384 -71.10 47.57 -38.63
CA LYS LA 384 -71.23 48.52 -39.71
C LYS LA 384 -72.12 49.67 -39.25
N GLY LA 385 -71.63 50.90 -39.43
CA GLY LA 385 -72.40 52.06 -39.00
C GLY LA 385 -72.57 52.06 -37.50
N SER LA 386 -73.83 52.18 -37.06
CA SER LA 386 -74.16 52.25 -35.64
C SER LA 386 -74.43 50.89 -35.02
N PHE LA 387 -74.35 49.82 -35.81
CA PHE LA 387 -74.59 48.48 -35.28
C PHE LA 387 -73.42 48.02 -34.43
N GLY LA 388 -73.66 47.00 -33.62
CA GLY LA 388 -72.64 46.39 -32.79
C GLY LA 388 -71.96 45.25 -33.49
N THR LA 389 -71.30 44.41 -32.70
CA THR LA 389 -70.57 43.26 -33.20
C THR LA 389 -71.30 41.97 -32.82
N ILE LA 390 -70.97 40.90 -33.53
CA ILE LA 390 -71.54 39.58 -33.29
C ILE LA 390 -70.42 38.67 -32.82
N ASN LA 391 -70.59 38.07 -31.65
CA ASN LA 391 -69.61 37.16 -31.07
C ASN LA 391 -70.24 35.78 -30.95
N ASN LA 392 -69.53 34.77 -31.45
CA ASN LA 392 -69.97 33.39 -31.32
C ASN LA 392 -69.44 32.78 -30.02
N GLY LA 393 -70.19 31.81 -29.51
CA GLY LA 393 -69.81 31.15 -28.28
C GLY LA 393 -70.21 31.88 -27.01
N MET LA 394 -71.08 32.88 -27.10
CA MET LA 394 -71.53 33.63 -25.94
C MET LA 394 -73.04 33.72 -25.93
N LEU LA 395 -73.59 34.04 -24.75
CA LEU LA 395 -75.02 34.24 -24.59
C LEU LA 395 -75.24 35.40 -23.63
N GLU LA 396 -76.43 36.00 -23.73
CA GLU LA 396 -76.79 37.12 -22.88
C GLU LA 396 -77.68 36.65 -21.74
N GLN LA 397 -77.37 37.10 -20.53
CA GLN LA 397 -78.24 36.90 -19.39
C GLN LA 397 -79.17 38.10 -19.24
N SER LA 398 -80.07 38.03 -18.27
CA SER LA 398 -80.95 39.15 -18.00
C SER LA 398 -80.16 40.34 -17.47
N ASN LA 399 -80.54 41.53 -17.90
CA ASN LA 399 -79.83 42.76 -17.51
C ASN LA 399 -80.44 43.32 -16.22
N ILE LA 400 -80.45 42.47 -15.19
CA ILE LA 400 -81.06 42.80 -13.92
C ILE LA 400 -80.01 42.70 -12.82
N ASP LA 401 -80.29 43.38 -11.71
CA ASP LA 401 -79.44 43.33 -10.53
C ASP LA 401 -80.31 42.89 -9.35
N MET LA 402 -79.97 41.75 -8.76
CA MET LA 402 -80.82 41.14 -7.74
C MET LA 402 -80.97 42.06 -6.52
N THR LA 403 -79.89 42.72 -6.13
CA THR LA 403 -79.96 43.64 -4.99
C THR LA 403 -80.98 44.74 -5.22
N GLN LA 404 -80.94 45.35 -6.41
CA GLN LA 404 -81.89 46.41 -6.71
C GLN LA 404 -83.32 45.89 -6.73
N GLU LA 405 -83.53 44.69 -7.28
CA GLU LA 405 -84.86 44.12 -7.32
C GLU LA 405 -85.39 43.88 -5.91
N LEU LA 406 -84.56 43.33 -5.03
CA LEU LA 406 -85.00 43.09 -3.65
C LEU LA 406 -85.30 44.39 -2.92
N VAL LA 407 -84.46 45.41 -3.12
CA VAL LA 407 -84.70 46.69 -2.46
C VAL LA 407 -86.02 47.31 -2.96
N ASP LA 408 -86.25 47.25 -4.27
CA ASP LA 408 -87.50 47.77 -4.82
C ASP LA 408 -88.68 46.97 -4.30
N LEU LA 409 -88.51 45.65 -4.12
CA LEU LA 409 -89.58 44.84 -3.55
C LEU LA 409 -89.93 45.30 -2.15
N ILE LA 410 -88.92 45.54 -1.32
CA ILE LA 410 -89.16 45.99 0.05
C ILE LA 410 -89.87 47.34 0.05
N SER LA 411 -89.39 48.28 -0.79
CA SER LA 411 -89.99 49.60 -0.82
C SER LA 411 -91.43 49.55 -1.31
N ALA LA 412 -91.70 48.73 -2.33
CA ALA LA 412 -93.05 48.58 -2.83
C ALA LA 412 -93.98 48.00 -1.78
N GLN LA 413 -93.49 47.01 -1.01
CA GLN LA 413 -94.29 46.48 0.08
C GLN LA 413 -94.60 47.55 1.11
N ARG LA 414 -93.60 48.38 1.43
CA ARG LA 414 -93.83 49.46 2.39
C ARG LA 414 -94.89 50.43 1.89
N ASN LA 415 -94.82 50.81 0.62
CA ASN LA 415 -95.80 51.73 0.04
C ASN LA 415 -97.19 51.10 0.02
N PHE LA 416 -97.27 49.81 -0.29
CA PHE LA 416 -98.56 49.11 -0.29
C PHE LA 416 -99.16 49.10 1.12
N GLN LA 417 -98.33 48.84 2.13
CA GLN LA 417 -98.81 48.88 3.51
C GLN LA 417 -99.30 50.27 3.88
N ALA LA 418 -98.57 51.31 3.46
CA ALA LA 418 -99.00 52.68 3.76
C ALA LA 418 -100.35 52.99 3.12
N ASN LA 419 -100.52 52.62 1.86
CA ASN LA 419 -101.79 52.87 1.17
C ASN LA 419 -102.93 52.09 1.81
N SER LA 420 -102.67 50.85 2.21
CA SER LA 420 -103.69 50.07 2.89
C SER LA 420 -104.06 50.71 4.23
N ARG LA 421 -103.08 51.26 4.94
CA ARG LA 421 -103.38 51.97 6.18
C ARG LA 421 -104.27 53.18 5.92
N SER LA 422 -103.98 53.92 4.85
CA SER LA 422 -104.83 55.07 4.51
C SER LA 422 -106.25 54.63 4.18
N LEU LA 423 -106.38 53.53 3.43
CA LEU LA 423 -107.71 53.00 3.11
C LEU LA 423 -108.45 52.58 4.38
N GLU LA 424 -107.74 51.94 5.32
CA GLU LA 424 -108.35 51.56 6.58
C GLU LA 424 -108.81 52.78 7.36
N VAL LA 425 -108.01 53.85 7.33
CA VAL LA 425 -108.40 55.08 8.01
C VAL LA 425 -109.68 55.65 7.40
N HIS LA 426 -109.76 55.64 6.06
CA HIS LA 426 -110.97 56.13 5.39
C HIS LA 426 -112.18 55.29 5.78
N ASN LA 427 -112.02 53.96 5.81
CA ASN LA 427 -113.14 53.10 6.17
C ASN LA 427 -113.56 53.31 7.61
N GLN LA 428 -112.60 53.49 8.52
CA GLN LA 428 -112.93 53.77 9.91
C GLN LA 428 -113.67 55.09 10.05
N LEU LA 429 -113.26 56.11 9.30
CA LEU LA 429 -113.96 57.38 9.33
C LEU LA 429 -115.39 57.22 8.84
N GLN LA 430 -115.59 56.49 7.74
CA GLN LA 430 -116.93 56.29 7.23
C GLN LA 430 -117.80 55.52 8.23
N GLN LA 431 -117.23 54.50 8.87
CA GLN LA 431 -117.99 53.75 9.87
C GLN LA 431 -118.34 54.60 11.08
N ASN LA 432 -117.41 55.46 11.52
CA ASN LA 432 -117.69 56.34 12.64
C ASN LA 432 -118.80 57.33 12.28
N ILE LA 433 -118.78 57.85 11.05
CA ILE LA 433 -119.86 58.72 10.61
C ILE LA 433 -121.17 57.96 10.56
N LEU LA 434 -121.12 56.68 10.18
CA LEU LA 434 -122.34 55.87 10.12
C LEU LA 434 -122.99 55.71 11.48
N GLN LA 435 -122.18 55.64 12.55
CA GLN LA 435 -122.70 55.41 13.90
C GLN LA 435 -123.10 56.74 14.55
N ILE LA 436 -124.05 57.41 13.91
CA ILE LA 436 -124.59 58.67 14.40
C ILE LA 436 -126.11 58.66 14.35
N SER MA 2 -124.08 34.32 0.11
CA SER MA 2 -123.35 33.63 1.17
C SER MA 2 -123.02 32.21 0.75
N TYR MA 3 -123.94 31.57 0.03
CA TYR MA 3 -123.71 30.20 -0.42
C TYR MA 3 -122.55 30.12 -1.40
N VAL MA 4 -122.29 31.20 -2.14
CA VAL MA 4 -121.10 31.23 -3.00
C VAL MA 4 -119.84 31.19 -2.14
N SER MA 5 -119.83 31.93 -1.03
CA SER MA 5 -118.70 31.88 -0.11
C SER MA 5 -118.55 30.48 0.50
N LEU MA 6 -119.67 29.84 0.83
CA LEU MA 6 -119.60 28.49 1.38
C LEU MA 6 -119.05 27.51 0.35
N SER MA 7 -119.46 27.65 -0.91
CA SER MA 7 -118.93 26.79 -1.96
C SER MA 7 -117.44 27.02 -2.15
N GLY MA 8 -117.00 28.28 -2.11
CA GLY MA 8 -115.57 28.56 -2.20
C GLY MA 8 -114.79 27.97 -1.05
N LEU MA 9 -115.34 28.07 0.18
CA LEU MA 9 -114.70 27.46 1.33
C LEU MA 9 -114.59 25.95 1.17
N SER MA 10 -115.66 25.31 0.69
CA SER MA 10 -115.63 23.87 0.49
C SER MA 10 -114.60 23.47 -0.55
N ALA MA 11 -114.53 24.22 -1.65
CA ALA MA 11 -113.54 23.92 -2.68
C ALA MA 11 -112.12 24.09 -2.16
N ALA MA 12 -111.88 25.17 -1.40
CA ALA MA 12 -110.56 25.38 -0.83
C ALA MA 12 -110.20 24.27 0.15
N GLN MA 13 -111.17 23.83 0.95
CA GLN MA 13 -110.91 22.74 1.90
C GLN MA 13 -110.62 21.43 1.18
N LEU MA 14 -111.33 21.16 0.07
CA LEU MA 14 -111.04 19.97 -0.70
C LEU MA 14 -109.63 20.02 -1.29
N ASP MA 15 -109.24 21.19 -1.82
CA ASP MA 15 -107.88 21.34 -2.35
C ASP MA 15 -106.85 21.14 -1.25
N LEU MA 16 -107.11 21.68 -0.06
CA LEU MA 16 -106.21 21.52 1.07
C LEU MA 16 -106.09 20.06 1.46
N ASN MA 17 -107.21 19.34 1.49
CA ASN MA 17 -107.17 17.92 1.84
C ASN MA 17 -106.41 17.12 0.81
N THR MA 18 -106.60 17.42 -0.48
CA THR MA 18 -105.86 16.71 -1.51
C THR MA 18 -104.36 16.95 -1.38
N THR MA 19 -103.97 18.21 -1.16
CA THR MA 19 -102.55 18.50 -0.98
C THR MA 19 -102.00 17.81 0.27
N SER MA 20 -102.78 17.79 1.34
CA SER MA 20 -102.34 17.12 2.57
C SER MA 20 -102.15 15.63 2.34
N ASN MA 21 -103.04 15.00 1.59
CA ASN MA 21 -102.87 13.58 1.26
C ASN MA 21 -101.62 13.37 0.42
N ASN MA 22 -101.37 14.27 -0.53
CA ASN MA 22 -100.16 14.16 -1.35
C ASN MA 22 -98.91 14.25 -0.48
N ILE MA 23 -98.91 15.17 0.49
CA ILE MA 23 -97.76 15.29 1.39
C ILE MA 23 -97.63 14.05 2.26
N ALA MA 24 -98.74 13.54 2.79
CA ALA MA 24 -98.69 12.39 3.69
C ALA MA 24 -98.18 11.15 2.98
N ASN MA 25 -98.57 10.94 1.73
CA ASN MA 25 -98.15 9.76 0.98
C ASN MA 25 -96.81 9.95 0.29
N ALA MA 26 -95.96 10.85 0.78
CA ALA MA 26 -94.69 11.13 0.12
C ALA MA 26 -93.74 9.94 0.12
N ASN MA 27 -93.87 9.02 1.08
CA ASN MA 27 -92.96 7.89 1.19
C ASN MA 27 -93.57 6.57 0.74
N THR MA 28 -94.88 6.53 0.47
CA THR MA 28 -95.50 5.30 0.01
C THR MA 28 -94.96 4.90 -1.35
N TYR MA 29 -94.71 3.60 -1.51
CA TYR MA 29 -94.16 3.08 -2.76
C TYR MA 29 -95.25 3.02 -3.82
N GLY MA 30 -94.95 3.57 -5.00
CA GLY MA 30 -95.88 3.52 -6.10
C GLY MA 30 -97.03 4.49 -6.04
N PHE MA 31 -97.05 5.39 -5.06
CA PHE MA 31 -98.14 6.34 -4.94
C PHE MA 31 -98.12 7.33 -6.10
N LYS MA 32 -99.31 7.74 -6.52
CA LYS MA 32 -99.49 8.75 -7.55
C LYS MA 32 -100.25 9.93 -6.97
N GLU MA 33 -99.75 11.13 -7.20
CA GLU MA 33 -100.34 12.31 -6.60
C GLU MA 33 -101.72 12.58 -7.19
N SER MA 34 -102.48 13.42 -6.49
CA SER MA 34 -103.83 13.78 -6.91
C SER MA 34 -103.92 15.28 -7.09
N ARG MA 35 -104.68 15.70 -8.09
CA ARG MA 35 -104.88 17.11 -8.40
C ARG MA 35 -106.37 17.42 -8.42
N ALA MA 36 -106.75 18.51 -7.77
CA ALA MA 36 -108.16 18.90 -7.65
C ALA MA 36 -108.48 19.93 -8.72
N GLU MA 37 -109.57 19.70 -9.46
CA GLU MA 37 -109.99 20.59 -10.54
C GLU MA 37 -111.40 21.07 -10.24
N PHE MA 38 -111.65 22.36 -10.47
CA PHE MA 38 -112.93 22.98 -10.19
C PHE MA 38 -113.55 23.53 -11.46
N ALA MA 39 -114.85 23.82 -11.39
CA ALA MA 39 -115.60 24.35 -12.52
C ALA MA 39 -116.57 25.40 -12.02
N ASP MA 40 -116.95 26.30 -12.92
CA ASP MA 40 -117.87 27.37 -12.59
C ASP MA 40 -119.30 26.83 -12.45
N VAL MA 41 -120.14 27.60 -11.76
CA VAL MA 41 -121.54 27.26 -11.55
C VAL MA 41 -122.40 28.37 -12.11
N TYR MA 42 -123.43 28.01 -12.87
CA TYR MA 42 -124.35 28.99 -13.41
C TYR MA 42 -125.69 28.33 -13.66
N SER MA 43 -126.77 29.09 -13.45
CA SER MA 43 -128.11 28.57 -13.64
C SER MA 43 -128.48 28.55 -15.12
N ASN MA 44 -129.48 27.74 -15.45
CA ASN MA 44 -129.98 27.58 -16.81
C ASN MA 44 -131.50 27.61 -16.84
N SER MA 45 -132.07 28.61 -16.18
CA SER MA 45 -133.52 28.77 -16.19
C SER MA 45 -133.99 29.19 -17.58
N LEU MA 46 -135.26 28.89 -17.87
CA LEU MA 46 -135.83 29.22 -19.16
C LEU MA 46 -135.83 30.73 -19.39
N PHE MA 47 -136.21 31.49 -18.37
CA PHE MA 47 -136.21 32.96 -18.44
C PHE MA 47 -135.08 33.49 -17.56
N THR MA 48 -133.90 33.60 -18.16
CA THR MA 48 -132.69 34.05 -17.46
C THR MA 48 -132.29 35.42 -17.99
N ASN MA 49 -132.08 36.38 -17.08
CA ASN MA 49 -131.64 37.71 -17.49
C ASN MA 49 -130.22 37.70 -18.05
N ALA MA 50 -129.43 36.69 -17.69
CA ALA MA 50 -128.06 36.52 -18.17
C ALA MA 50 -127.16 37.69 -17.78
N LYS MA 51 -127.43 38.87 -18.32
CA LYS MA 51 -126.61 40.04 -18.01
C LYS MA 51 -126.74 40.42 -16.54
N THR MA 52 -127.94 40.33 -15.97
CA THR MA 52 -128.20 40.72 -14.60
C THR MA 52 -128.15 39.54 -13.63
N THR MA 53 -127.70 38.38 -14.10
CA THR MA 53 -127.64 37.18 -13.27
C THR MA 53 -126.20 36.89 -12.88
N PRO MA 54 -125.85 36.97 -11.59
CA PRO MA 54 -124.47 36.69 -11.19
C PRO MA 54 -124.14 35.21 -11.20
N GLY MA 55 -122.92 34.86 -10.79
CA GLY MA 55 -122.50 33.47 -10.76
C GLY MA 55 -123.16 32.69 -9.65
N GLY MA 56 -122.81 31.41 -9.59
CA GLY MA 56 -123.40 30.52 -8.61
C GLY MA 56 -122.38 29.84 -7.72
N GLY MA 57 -121.18 30.40 -7.65
CA GLY MA 57 -120.14 29.85 -6.81
C GLY MA 57 -119.13 28.98 -7.54
N ALA MA 58 -118.56 28.01 -6.85
CA ALA MA 58 -117.59 27.10 -7.43
C ALA MA 58 -117.94 25.67 -7.03
N GLN MA 59 -117.90 24.77 -8.00
CA GLN MA 59 -118.20 23.35 -7.78
C GLN MA 59 -116.98 22.53 -8.11
N ALA MA 60 -116.65 21.58 -7.25
CA ALA MA 60 -115.55 20.66 -7.53
C ALA MA 60 -115.91 19.76 -8.69
N SER MA 61 -115.00 19.66 -9.66
CA SER MA 61 -115.23 18.83 -10.84
C SER MA 61 -114.79 17.40 -10.61
N GLN MA 62 -113.51 17.20 -10.29
CA GLN MA 62 -112.97 15.87 -10.07
C GLN MA 62 -111.62 15.99 -9.39
N VAL MA 63 -111.15 14.88 -8.82
CA VAL MA 63 -109.81 14.80 -8.26
C VAL MA 63 -108.97 13.94 -9.21
N ALA MA 64 -107.96 14.53 -9.82
CA ALA MA 64 -107.15 13.84 -10.80
C ALA MA 64 -106.25 12.80 -10.13
N GLN MA 65 -105.67 11.93 -10.94
CA GLN MA 65 -104.78 10.86 -10.51
C GLN MA 65 -103.55 10.82 -11.41
N GLN MA 66 -102.92 11.98 -11.58
CA GLN MA 66 -101.79 12.14 -12.50
C GLN MA 66 -100.81 10.98 -12.41
N PHE MA 67 -100.60 10.31 -13.55
CA PHE MA 67 -99.81 9.09 -13.62
C PHE MA 67 -98.46 9.33 -14.29
N HIS MA 68 -97.87 10.50 -14.05
CA HIS MA 68 -96.52 10.74 -14.56
C HIS MA 68 -95.53 9.90 -13.78
N GLU MA 69 -94.51 9.40 -14.50
CA GLU MA 69 -93.55 8.49 -13.88
C GLU MA 69 -92.83 9.15 -12.72
N GLY MA 70 -92.72 8.42 -11.61
CA GLY MA 70 -91.99 8.89 -10.46
C GLY MA 70 -90.54 8.45 -10.48
N SER MA 71 -89.78 8.97 -9.51
CA SER MA 71 -88.38 8.61 -9.42
C SER MA 71 -88.21 7.19 -8.89
N SER MA 72 -87.01 6.66 -9.06
CA SER MA 72 -86.70 5.28 -8.70
C SER MA 72 -85.60 5.25 -7.65
N ILE MA 73 -85.77 4.39 -6.65
CA ILE MA 73 -84.76 4.17 -5.62
C ILE MA 73 -84.18 2.78 -5.80
N TYR MA 74 -82.92 2.63 -5.41
CA TYR MA 74 -82.19 1.39 -5.57
C TYR MA 74 -81.98 0.74 -4.21
N THR MA 75 -82.52 -0.46 -4.04
CA THR MA 75 -82.38 -1.20 -2.80
C THR MA 75 -81.46 -2.40 -2.93
N ASN MA 76 -81.00 -2.72 -4.14
CA ASN MA 76 -80.12 -3.85 -4.42
C ASN MA 76 -80.76 -5.18 -4.00
N ASN MA 77 -82.08 -5.22 -3.89
CA ASN MA 77 -82.80 -6.44 -3.58
C ASN MA 77 -83.53 -6.91 -4.82
N PRO MA 78 -83.12 -8.01 -5.46
CA PRO MA 78 -83.70 -8.37 -6.76
C PRO MA 78 -85.18 -8.70 -6.71
N MET MA 79 -85.74 -9.02 -5.55
CA MET MA 79 -87.18 -9.25 -5.44
C MET MA 79 -87.99 -7.97 -5.51
N ASP MA 80 -87.35 -6.81 -5.49
CA ASP MA 80 -88.01 -5.53 -5.70
C ASP MA 80 -88.04 -5.22 -7.19
N LEU MA 81 -89.22 -4.91 -7.71
CA LEU MA 81 -89.42 -4.71 -9.14
C LEU MA 81 -90.02 -3.34 -9.39
N ARG MA 82 -89.68 -2.78 -10.55
CA ARG MA 82 -90.20 -1.49 -10.99
C ARG MA 82 -90.55 -1.57 -12.46
N VAL MA 83 -91.72 -1.05 -12.82
CA VAL MA 83 -92.18 -1.01 -14.20
C VAL MA 83 -91.76 0.32 -14.80
N SER MA 84 -90.75 0.29 -15.66
CA SER MA 84 -90.24 1.50 -16.30
C SER MA 84 -91.07 1.79 -17.55
N GLY MA 85 -91.84 2.86 -17.50
CA GLY MA 85 -92.70 3.20 -18.62
C GLY MA 85 -94.18 3.06 -18.29
N THR MA 86 -94.94 2.44 -19.18
CA THR MA 86 -96.37 2.25 -18.98
C THR MA 86 -96.65 0.79 -18.65
N GLY MA 87 -97.42 0.56 -17.62
CA GLY MA 87 -97.80 -0.79 -17.21
C GLY MA 87 -97.97 -0.88 -15.71
N PHE MA 88 -98.80 -1.84 -15.30
CA PHE MA 88 -99.06 -2.10 -13.89
C PHE MA 88 -98.86 -3.58 -13.59
N PHE MA 89 -98.45 -3.86 -12.37
CA PHE MA 89 -98.43 -5.24 -11.88
C PHE MA 89 -99.83 -5.71 -11.56
N ALA MA 90 -100.07 -7.01 -11.77
CA ALA MA 90 -101.36 -7.62 -11.53
C ALA MA 90 -101.28 -8.54 -10.33
N VAL MA 91 -102.10 -8.30 -9.31
CA VAL MA 91 -102.11 -9.08 -8.10
C VAL MA 91 -103.53 -9.56 -7.84
N ALA MA 92 -103.67 -10.81 -7.42
CA ALA MA 92 -104.95 -11.42 -7.13
C ALA MA 92 -105.12 -11.62 -5.63
N LYS MA 93 -106.35 -11.44 -5.15
CA LYS MA 93 -106.61 -11.57 -3.72
C LYS MA 93 -106.31 -12.99 -3.24
N GLU MA 94 -106.72 -13.99 -4.01
CA GLU MA 94 -106.53 -15.39 -3.65
C GLU MA 94 -105.78 -16.12 -4.76
N ARG MA 95 -105.04 -17.16 -4.36
CA ARG MA 95 -104.28 -17.95 -5.33
C ARG MA 95 -105.20 -18.69 -6.29
N LEU MA 96 -106.32 -19.20 -5.79
CA LEU MA 96 -107.22 -20.04 -6.57
C LEU MA 96 -108.21 -19.25 -7.41
N THR MA 97 -108.19 -17.92 -7.35
CA THR MA 97 -109.10 -17.07 -8.11
C THR MA 97 -108.29 -16.01 -8.84
N PRO MA 98 -107.59 -16.40 -9.92
CA PRO MA 98 -106.82 -15.40 -10.67
C PRO MA 98 -107.69 -14.34 -11.33
N GLN MA 99 -108.96 -14.64 -11.58
CA GLN MA 99 -109.84 -13.65 -12.20
C GLN MA 99 -110.00 -12.41 -11.33
N GLN MA 100 -110.17 -12.60 -10.03
CA GLN MA 100 -110.32 -11.49 -9.09
C GLN MA 100 -108.93 -10.88 -8.87
N ASN MA 101 -108.61 -9.84 -9.63
CA ASN MA 101 -107.27 -9.26 -9.61
C ASN MA 101 -107.36 -7.75 -9.61
N GLU MA 102 -106.30 -7.13 -9.11
CA GLU MA 102 -106.19 -5.67 -9.04
C GLU MA 102 -104.80 -5.25 -9.50
N LEU MA 103 -104.71 -4.00 -9.93
CA LEU MA 103 -103.48 -3.46 -10.48
C LEU MA 103 -102.73 -2.64 -9.44
N THR MA 104 -101.40 -2.72 -9.49
CA THR MA 104 -100.56 -2.01 -8.54
C THR MA 104 -99.25 -1.63 -9.22
N ARG MA 105 -98.49 -0.77 -8.55
CA ARG MA 105 -97.22 -0.29 -9.07
C ARG MA 105 -96.01 -0.61 -8.20
N ASN MA 106 -96.17 -0.71 -6.88
CA ASN MA 106 -95.03 -1.03 -6.02
C ASN MA 106 -94.60 -2.47 -6.23
N GLY MA 107 -93.31 -2.72 -6.02
CA GLY MA 107 -92.76 -4.04 -6.29
C GLY MA 107 -92.14 -4.71 -5.10
N ALA MA 108 -92.64 -4.42 -3.90
CA ALA MA 108 -92.13 -5.04 -2.68
C ALA MA 108 -92.61 -6.48 -2.65
N PHE MA 109 -91.89 -7.36 -3.32
CA PHE MA 109 -92.26 -8.75 -3.46
C PHE MA 109 -91.37 -9.64 -2.60
N HIS MA 110 -91.95 -10.75 -2.16
CA HIS MA 110 -91.21 -11.75 -1.39
C HIS MA 110 -91.95 -13.07 -1.48
N LEU MA 111 -91.21 -14.16 -1.24
CA LEU MA 111 -91.77 -15.50 -1.25
C LEU MA 111 -92.54 -15.74 0.03
N ASN MA 112 -93.73 -16.33 -0.09
CA ASN MA 112 -94.49 -16.77 1.08
C ASN MA 112 -94.01 -18.17 1.49
N LYS MA 113 -94.71 -18.78 2.45
CA LYS MA 113 -94.32 -20.12 2.87
C LYS MA 113 -94.53 -21.16 1.78
N GLU MA 114 -95.32 -20.83 0.74
CA GLU MA 114 -95.58 -21.73 -0.37
C GLU MA 114 -94.72 -21.41 -1.59
N ASN MA 115 -93.70 -20.57 -1.44
CA ASN MA 115 -92.80 -20.19 -2.52
C ASN MA 115 -93.55 -19.50 -3.67
N TYR MA 116 -94.51 -18.66 -3.32
CA TYR MA 116 -95.20 -17.81 -4.29
C TYR MA 116 -94.86 -16.36 -4.02
N MET MA 117 -94.65 -15.60 -5.09
CA MET MA 117 -94.32 -14.18 -4.96
C MET MA 117 -95.57 -13.40 -4.59
N VAL MA 118 -95.55 -12.75 -3.42
CA VAL MA 118 -96.69 -11.99 -2.93
C VAL MA 118 -96.20 -10.61 -2.51
N THR MA 119 -97.16 -9.70 -2.35
CA THR MA 119 -96.87 -8.34 -1.91
C THR MA 119 -96.78 -8.32 -0.37
N ALA MA 120 -96.77 -7.11 0.20
CA ALA MA 120 -96.74 -6.99 1.65
C ALA MA 120 -98.00 -7.59 2.27
N ASN MA 121 -99.14 -7.44 1.61
CA ASN MA 121 -100.42 -7.94 2.10
C ASN MA 121 -100.67 -9.40 1.74
N ASP MA 122 -99.64 -10.15 1.37
CA ASP MA 122 -99.76 -11.56 0.99
C ASP MA 122 -100.76 -11.74 -0.16
N GLU MA 123 -100.65 -10.86 -1.15
CA GLU MA 123 -101.47 -10.96 -2.36
C GLU MA 123 -100.62 -11.52 -3.50
N PHE MA 124 -101.07 -12.62 -4.08
CA PHE MA 124 -100.25 -13.34 -5.05
C PHE MA 124 -100.11 -12.54 -6.34
N LEU MA 125 -98.90 -12.57 -6.91
CA LEU MA 125 -98.61 -11.88 -8.14
C LEU MA 125 -98.92 -12.78 -9.34
N LEU MA 126 -99.72 -12.26 -10.27
CA LEU MA 126 -100.17 -13.05 -11.41
C LEU MA 126 -99.16 -12.99 -12.53
N GLY MA 127 -98.93 -14.14 -13.17
CA GLY MA 127 -97.95 -14.23 -14.24
C GLY MA 127 -98.38 -15.24 -15.29
N TYR MA 128 -97.60 -15.28 -16.37
CA TYR MA 128 -97.85 -16.17 -17.48
C TYR MA 128 -97.07 -17.47 -17.29
N GLN MA 129 -97.19 -18.37 -18.27
CA GLN MA 129 -96.45 -19.63 -18.27
C GLN MA 129 -95.82 -19.80 -19.65
N VAL MA 130 -94.49 -19.69 -19.71
CA VAL MA 130 -93.77 -19.78 -20.97
C VAL MA 130 -93.52 -21.23 -21.31
N ASP MA 131 -93.18 -21.48 -22.58
CA ASP MA 131 -92.83 -22.81 -23.04
C ASP MA 131 -91.44 -23.19 -22.55
N PRO MA 132 -91.17 -24.49 -22.40
CA PRO MA 132 -89.82 -24.90 -21.97
C PRO MA 132 -88.71 -24.41 -22.89
N SER MA 133 -88.85 -24.61 -24.20
CA SER MA 133 -87.84 -24.19 -25.16
C SER MA 133 -88.20 -22.89 -25.85
N SER MA 134 -89.44 -22.76 -26.33
CA SER MA 134 -89.86 -21.54 -27.02
C SER MA 134 -89.97 -20.39 -26.03
N GLY MA 135 -89.39 -19.25 -26.40
CA GLY MA 135 -89.50 -18.06 -25.57
C GLY MA 135 -90.91 -17.52 -25.49
N GLU MA 136 -91.68 -17.65 -26.57
CA GLU MA 136 -93.05 -17.15 -26.59
C GLU MA 136 -93.91 -17.87 -25.57
N VAL MA 137 -94.72 -17.09 -24.85
CA VAL MA 137 -95.66 -17.66 -23.88
C VAL MA 137 -96.87 -18.22 -24.62
N SER MA 138 -97.25 -19.46 -24.30
CA SER MA 138 -98.33 -20.11 -25.01
C SER MA 138 -99.69 -19.59 -24.56
N SER MA 139 -100.02 -19.77 -23.28
CA SER MA 139 -101.30 -19.33 -22.76
C SER MA 139 -101.16 -18.00 -22.03
N TYR MA 140 -102.05 -17.07 -22.34
CA TYR MA 140 -102.01 -15.72 -21.81
C TYR MA 140 -102.83 -15.55 -20.53
N GLU MA 141 -103.41 -16.63 -20.02
CA GLU MA 141 -104.18 -16.50 -18.79
C GLU MA 141 -103.25 -16.24 -17.61
N PRO MA 142 -103.67 -15.38 -16.67
CA PRO MA 142 -102.82 -15.07 -15.52
C PRO MA 142 -102.89 -16.17 -14.47
N GLN MA 143 -101.73 -16.50 -13.91
CA GLN MA 143 -101.64 -17.48 -12.85
C GLN MA 143 -100.57 -17.04 -11.86
N PRO MA 144 -100.67 -17.46 -10.60
CA PRO MA 144 -99.64 -17.12 -9.63
C PRO MA 144 -98.29 -17.68 -10.03
N ILE MA 145 -97.24 -16.94 -9.71
CA ILE MA 145 -95.88 -17.33 -10.04
C ILE MA 145 -95.30 -18.14 -8.89
N ASN MA 146 -94.83 -19.34 -9.18
CA ASN MA 146 -94.24 -20.23 -8.19
C ASN MA 146 -92.76 -20.44 -8.49
N ILE MA 147 -91.95 -20.48 -7.44
CA ILE MA 147 -90.51 -20.70 -7.59
C ILE MA 147 -90.13 -21.93 -6.79
N PRO MA 148 -90.21 -23.12 -7.39
CA PRO MA 148 -89.85 -24.34 -6.66
C PRO MA 148 -88.40 -24.33 -6.22
N ALA MA 149 -88.14 -24.93 -5.07
CA ALA MA 149 -86.79 -25.01 -4.53
C ALA MA 149 -86.05 -26.25 -4.98
N GLU MA 150 -86.71 -27.15 -5.70
CA GLU MA 150 -86.08 -28.37 -6.20
C GLU MA 150 -86.53 -28.64 -7.63
N PHE MA 151 -85.58 -29.08 -8.45
CA PHE MA 151 -85.88 -29.53 -9.81
C PHE MA 151 -86.28 -31.00 -9.76
N GLY MA 152 -87.45 -31.23 -9.17
CA GLY MA 152 -87.91 -32.58 -8.89
C GLY MA 152 -88.49 -33.33 -10.06
N LYS MA 153 -87.69 -33.55 -11.10
CA LYS MA 153 -88.10 -34.34 -12.25
C LYS MA 153 -86.88 -34.84 -13.01
N PRO MA 154 -86.31 -35.99 -12.65
CA PRO MA 154 -85.18 -36.54 -13.40
C PRO MA 154 -85.56 -36.76 -14.86
N LYS MA 155 -84.94 -35.99 -15.75
CA LYS MA 155 -85.30 -36.01 -17.16
C LYS MA 155 -84.34 -36.92 -17.91
N GLN MA 156 -84.89 -37.94 -18.58
CA GLN MA 156 -84.07 -38.87 -19.33
C GLN MA 156 -83.44 -38.19 -20.54
N THR MA 157 -82.28 -38.69 -20.94
CA THR MA 157 -81.60 -38.20 -22.13
C THR MA 157 -82.33 -38.72 -23.37
N ALA MA 158 -82.69 -37.82 -24.28
CA ALA MA 158 -83.43 -38.22 -25.47
C ALA MA 158 -82.73 -37.75 -26.74
N ASN MA 159 -82.16 -36.55 -26.71
CA ASN MA 159 -81.49 -35.98 -27.87
C ASN MA 159 -80.08 -35.56 -27.48
N ILE MA 160 -79.10 -36.02 -28.26
CA ILE MA 160 -77.69 -35.72 -28.03
C ILE MA 160 -77.13 -35.09 -29.28
N GLU MA 161 -76.58 -33.88 -29.15
CA GLU MA 161 -75.94 -33.19 -30.26
C GLU MA 161 -74.43 -33.34 -30.12
N VAL MA 162 -73.81 -33.96 -31.13
CA VAL MA 162 -72.37 -34.20 -31.14
C VAL MA 162 -71.79 -33.59 -32.40
N GLY MA 163 -70.80 -32.71 -32.23
CA GLY MA 163 -70.09 -32.13 -33.35
C GLY MA 163 -68.61 -32.42 -33.28
N VAL MA 164 -68.09 -33.21 -34.23
CA VAL MA 164 -66.70 -33.60 -34.22
C VAL MA 164 -66.09 -33.37 -35.60
N ASN MA 165 -64.76 -33.26 -35.61
CA ASN MA 165 -64.00 -33.18 -36.85
C ASN MA 165 -63.16 -34.45 -36.99
N LEU MA 166 -63.29 -35.11 -38.13
CA LEU MA 166 -62.60 -36.38 -38.27
C LEU MA 166 -61.33 -36.21 -39.10
N PRO MA 167 -60.26 -36.93 -38.73
CA PRO MA 167 -58.98 -36.77 -39.44
C PRO MA 167 -59.06 -37.34 -40.84
N ALA MA 168 -58.86 -36.47 -41.84
CA ALA MA 168 -58.87 -36.91 -43.23
C ALA MA 168 -57.65 -37.75 -43.58
N ASN MA 169 -56.55 -37.58 -42.85
CA ASN MA 169 -55.32 -38.34 -43.07
C ASN MA 169 -55.22 -39.57 -42.18
N GLY MA 170 -56.29 -39.91 -41.46
CA GLY MA 170 -56.25 -41.08 -40.60
C GLY MA 170 -56.16 -42.36 -41.40
N ASP MA 171 -55.59 -43.38 -40.76
CA ASP MA 171 -55.39 -44.66 -41.43
C ASP MA 171 -56.71 -45.38 -41.64
N LEU MA 172 -56.83 -46.05 -42.78
CA LEU MA 172 -58.04 -46.79 -43.10
C LEU MA 172 -58.16 -48.05 -42.26
N LYS MA 173 -59.40 -48.49 -42.06
CA LYS MA 173 -59.68 -49.68 -41.27
C LYS MA 173 -60.67 -50.57 -42.03
N ASP MA 174 -60.73 -51.83 -41.63
CA ASP MA 174 -61.62 -52.80 -42.27
C ASP MA 174 -62.98 -52.77 -41.59
N PRO MA 175 -64.06 -52.45 -42.31
CA PRO MA 175 -65.38 -52.41 -41.66
C PRO MA 175 -65.80 -53.74 -41.05
N THR MA 176 -65.45 -54.86 -41.69
CA THR MA 176 -65.88 -56.17 -41.23
C THR MA 176 -65.12 -56.64 -39.99
N GLN MA 177 -63.98 -56.02 -39.67
CA GLN MA 177 -63.16 -56.44 -38.54
C GLN MA 177 -63.37 -55.56 -37.30
N PHE MA 178 -64.41 -54.73 -37.29
CA PHE MA 178 -64.64 -53.83 -36.18
C PHE MA 178 -64.98 -54.61 -34.92
N ASP MA 179 -64.38 -54.20 -33.80
CA ASP MA 179 -64.67 -54.80 -32.50
C ASP MA 179 -64.33 -53.77 -31.43
N PHE MA 180 -65.32 -53.39 -30.62
CA PHE MA 180 -65.09 -52.37 -29.59
C PHE MA 180 -64.11 -52.84 -28.53
N SER MA 181 -63.89 -54.14 -28.39
CA SER MA 181 -62.91 -54.65 -27.44
C SER MA 181 -61.47 -54.48 -27.93
N ASP MA 182 -61.28 -54.31 -29.24
CA ASP MA 182 -59.94 -54.15 -29.80
C ASP MA 182 -59.75 -52.71 -30.26
N PRO MA 183 -58.95 -51.90 -29.57
CA PRO MA 183 -58.76 -50.51 -30.00
C PRO MA 183 -58.17 -50.37 -31.38
N ASP MA 184 -57.34 -51.32 -31.82
CA ASP MA 184 -56.65 -51.20 -33.10
C ASP MA 184 -57.59 -51.38 -34.29
N THR MA 185 -58.79 -51.93 -34.08
CA THR MA 185 -59.70 -52.15 -35.20
C THR MA 185 -60.36 -50.85 -35.67
N TYR MA 186 -60.60 -49.91 -34.77
CA TYR MA 186 -61.23 -48.64 -35.10
C TYR MA 186 -60.20 -47.52 -35.00
N ASN MA 187 -60.66 -46.28 -35.21
CA ASN MA 187 -59.78 -45.12 -35.25
C ASN MA 187 -59.79 -44.35 -33.92
N ARG MA 188 -60.97 -43.92 -33.47
CA ARG MA 188 -61.07 -43.09 -32.28
C ARG MA 188 -62.24 -43.55 -31.42
N SER MA 189 -62.16 -43.23 -30.13
CA SER MA 189 -63.20 -43.57 -29.16
C SER MA 189 -63.36 -42.42 -28.19
N THR MA 190 -64.62 -42.06 -27.90
CA THR MA 190 -64.94 -40.98 -26.99
C THR MA 190 -65.89 -41.49 -25.91
N SER MA 191 -65.86 -40.84 -24.75
CA SER MA 191 -66.68 -41.21 -23.62
C SER MA 191 -67.59 -40.04 -23.23
N SER MA 192 -68.80 -40.38 -22.79
CA SER MA 192 -69.78 -39.39 -22.38
C SER MA 192 -70.73 -40.01 -21.37
N THR MA 193 -71.47 -39.15 -20.68
CA THR MA 193 -72.38 -39.57 -19.62
C THR MA 193 -73.82 -39.28 -20.03
N ILE MA 194 -74.70 -40.26 -19.81
CA ILE MA 194 -76.11 -40.14 -20.15
C ILE MA 194 -76.94 -40.51 -18.93
N TYR MA 195 -78.19 -40.06 -18.93
CA TYR MA 195 -79.09 -40.22 -17.80
C TYR MA 195 -80.37 -40.91 -18.24
N ASP MA 196 -80.88 -41.80 -17.41
CA ASP MA 196 -82.11 -42.53 -17.69
C ASP MA 196 -83.30 -41.80 -17.07
N SER MA 197 -84.45 -42.47 -17.04
CA SER MA 197 -85.66 -41.86 -16.47
C SER MA 197 -85.50 -41.58 -14.98
N MET MA 198 -84.88 -42.49 -14.25
CA MET MA 198 -84.71 -42.35 -12.81
C MET MA 198 -83.46 -41.56 -12.42
N GLY MA 199 -82.69 -41.08 -13.40
CA GLY MA 199 -81.53 -40.27 -13.13
C GLY MA 199 -80.23 -41.02 -12.93
N GLN MA 200 -80.23 -42.34 -13.12
CA GLN MA 200 -78.98 -43.09 -13.03
C GLN MA 200 -78.05 -42.71 -14.17
N SER MA 201 -76.77 -42.53 -13.85
CA SER MA 201 -75.78 -42.13 -14.83
C SER MA 201 -75.22 -43.37 -15.52
N TYR MA 202 -75.15 -43.32 -16.85
CA TYR MA 202 -74.60 -44.40 -17.65
C TYR MA 202 -73.51 -43.87 -18.56
N LYS MA 203 -72.54 -44.72 -18.86
CA LYS MA 203 -71.39 -44.35 -19.67
C LYS MA 203 -71.67 -44.72 -21.13
N LEU MA 204 -71.63 -43.71 -22.00
CA LEU MA 204 -71.85 -43.90 -23.43
C LEU MA 204 -70.52 -43.70 -24.16
N THR MA 205 -70.10 -44.73 -24.89
CA THR MA 205 -68.85 -44.70 -25.63
C THR MA 205 -69.14 -44.75 -27.11
N THR MA 206 -68.56 -43.83 -27.87
CA THR MA 206 -68.75 -43.74 -29.31
C THR MA 206 -67.47 -44.13 -30.03
N TYR MA 207 -67.57 -45.06 -30.96
CA TYR MA 207 -66.44 -45.55 -31.73
C TYR MA 207 -66.57 -45.11 -33.17
N TYR MA 208 -65.53 -44.47 -33.70
CA TYR MA 208 -65.50 -43.99 -35.07
C TYR MA 208 -64.48 -44.79 -35.86
N LEU MA 209 -64.91 -45.34 -36.98
CA LEU MA 209 -64.06 -46.16 -37.85
C LEU MA 209 -64.03 -45.55 -39.24
N LYS MA 210 -62.83 -45.45 -39.81
CA LYS MA 210 -62.65 -44.89 -41.14
C LYS MA 210 -62.76 -46.01 -42.17
N ASP MA 211 -63.76 -45.91 -43.05
CA ASP MA 211 -63.97 -46.93 -44.05
C ASP MA 211 -62.82 -46.96 -45.05
N GLN MA 212 -62.38 -48.17 -45.40
CA GLN MA 212 -61.33 -48.35 -46.39
C GLN MA 212 -61.88 -48.50 -47.80
N THR MA 213 -63.00 -49.22 -47.95
CA THR MA 213 -63.55 -49.45 -49.29
C THR MA 213 -64.02 -48.16 -49.93
N GLN MA 214 -64.67 -47.29 -49.15
CA GLN MA 214 -65.21 -46.04 -49.67
C GLN MA 214 -64.44 -44.86 -49.10
N PRO MA 215 -63.77 -44.06 -49.92
CA PRO MA 215 -63.11 -42.86 -49.41
C PRO MA 215 -64.11 -41.84 -48.91
N ASN MA 216 -63.67 -41.04 -47.94
CA ASN MA 216 -64.52 -40.04 -47.28
C ASN MA 216 -65.78 -40.68 -46.68
N THR MA 217 -65.61 -41.85 -46.09
CA THR MA 217 -66.70 -42.57 -45.45
C THR MA 217 -66.25 -43.04 -44.08
N TRP MA 218 -67.11 -42.85 -43.08
CA TRP MA 218 -66.81 -43.24 -41.71
C TRP MA 218 -67.96 -44.06 -41.14
N ASN MA 219 -67.61 -44.99 -40.25
CA ASN MA 219 -68.58 -45.82 -39.56
C ASN MA 219 -68.55 -45.50 -38.08
N THR MA 220 -69.73 -45.27 -37.51
CA THR MA 220 -69.86 -44.84 -36.13
C THR MA 220 -70.68 -45.86 -35.35
N TYR MA 221 -70.17 -46.27 -34.20
CA TYR MA 221 -70.83 -47.25 -33.34
C TYR MA 221 -70.92 -46.69 -31.93
N TYR MA 222 -71.89 -47.20 -31.18
CA TYR MA 222 -72.13 -46.75 -29.81
C TYR MA 222 -72.21 -47.95 -28.89
N THR MA 223 -71.72 -47.79 -27.67
CA THR MA 223 -71.79 -48.81 -26.64
C THR MA 223 -72.19 -48.15 -25.31
N VAL MA 224 -72.87 -48.92 -24.48
CA VAL MA 224 -73.31 -48.47 -23.16
C VAL MA 224 -72.67 -49.35 -22.11
N THR MA 225 -72.02 -48.73 -21.14
CA THR MA 225 -71.31 -49.43 -20.08
C THR MA 225 -72.05 -49.24 -18.76
N ASP MA 226 -72.80 -50.26 -18.35
CA ASP MA 226 -73.44 -50.29 -17.05
C ASP MA 226 -72.55 -51.05 -16.06
N LYS MA 227 -73.09 -51.32 -14.87
CA LYS MA 227 -72.32 -52.05 -13.87
C LYS MA 227 -72.05 -53.49 -14.31
N GLU MA 228 -72.98 -54.09 -15.05
CA GLU MA 228 -72.77 -55.47 -15.53
C GLU MA 228 -71.60 -55.54 -16.50
N GLY MA 229 -71.50 -54.58 -17.41
CA GLY MA 229 -70.44 -54.59 -18.40
C GLY MA 229 -70.77 -53.61 -19.51
N GLU MA 230 -70.06 -53.78 -20.63
CA GLU MA 230 -70.22 -52.95 -21.81
C GLU MA 230 -71.05 -53.69 -22.84
N LYS MA 231 -72.22 -53.15 -23.18
CA LYS MA 231 -73.12 -53.75 -24.15
C LYS MA 231 -73.23 -52.86 -25.37
N PRO MA 232 -72.97 -53.38 -26.57
CA PRO MA 232 -73.10 -52.55 -27.77
C PRO MA 232 -74.55 -52.16 -28.02
N LEU MA 233 -74.72 -50.98 -28.61
CA LEU MA 233 -76.03 -50.44 -28.93
C LEU MA 233 -76.22 -50.40 -30.44
N ASN MA 234 -77.36 -50.90 -30.91
CA ASN MA 234 -77.64 -51.02 -32.33
C ASN MA 234 -78.56 -49.88 -32.77
N VAL MA 235 -78.33 -49.39 -33.98
CA VAL MA 235 -79.16 -48.34 -34.58
C VAL MA 235 -80.34 -49.00 -35.27
N ALA MA 236 -81.50 -48.34 -35.22
CA ALA MA 236 -82.71 -48.91 -35.80
C ALA MA 236 -82.57 -49.12 -37.31
N ALA MA 237 -81.99 -48.14 -38.01
CA ALA MA 237 -81.87 -48.20 -39.46
C ALA MA 237 -80.46 -47.83 -39.92
N GLY MA 238 -79.46 -48.16 -39.11
CA GLY MA 238 -78.09 -47.85 -39.50
C GLY MA 238 -77.59 -48.81 -40.56
N ASP MA 239 -76.89 -48.25 -41.56
CA ASP MA 239 -76.36 -49.04 -42.67
C ASP MA 239 -74.91 -49.47 -42.43
N ALA MA 240 -74.66 -50.11 -41.28
CA ALA MA 240 -73.33 -50.63 -40.97
C ALA MA 240 -73.51 -51.86 -40.10
N GLN MA 241 -73.50 -53.04 -40.72
CA GLN MA 241 -73.73 -54.31 -40.05
C GLN MA 241 -72.44 -55.11 -40.02
N THR MA 242 -71.83 -55.22 -38.85
CA THR MA 242 -70.67 -56.08 -38.68
C THR MA 242 -71.10 -57.54 -38.67
N PRO MA 243 -70.17 -58.46 -38.96
CA PRO MA 243 -70.54 -59.89 -38.92
C PRO MA 243 -71.05 -60.33 -37.56
N THR MA 244 -70.56 -59.73 -36.47
CA THR MA 244 -71.05 -60.08 -35.14
C THR MA 244 -72.53 -59.73 -34.99
N GLY MA 245 -72.95 -58.59 -35.51
CA GLY MA 245 -74.33 -58.18 -35.43
C GLY MA 245 -74.53 -56.74 -34.99
N HIS MA 246 -73.44 -56.09 -34.59
CA HIS MA 246 -73.53 -54.69 -34.17
C HIS MA 246 -73.91 -53.80 -35.34
N VAL MA 247 -74.81 -52.85 -35.09
CA VAL MA 247 -75.36 -51.99 -36.14
C VAL MA 247 -74.91 -50.56 -35.86
N GLY MA 248 -74.09 -50.01 -36.76
CA GLY MA 248 -73.72 -48.62 -36.73
C GLY MA 248 -74.31 -47.85 -37.89
N HIS MA 249 -73.84 -46.60 -38.06
CA HIS MA 249 -74.32 -45.74 -39.12
C HIS MA 249 -73.13 -45.14 -39.86
N THR MA 250 -73.36 -44.79 -41.13
CA THR MA 250 -72.32 -44.29 -42.00
C THR MA 250 -72.43 -42.78 -42.18
N MET MA 251 -71.27 -42.12 -42.28
CA MET MA 251 -71.20 -40.69 -42.49
C MET MA 251 -70.35 -40.41 -43.71
N LYS MA 252 -70.84 -39.55 -44.59
CA LYS MA 252 -70.15 -39.20 -45.83
C LYS MA 252 -69.94 -37.70 -45.90
N PHE MA 253 -68.86 -37.29 -46.57
CA PHE MA 253 -68.48 -35.89 -46.67
C PHE MA 253 -68.23 -35.52 -48.13
N ASN MA 254 -68.41 -34.24 -48.43
CA ASN MA 254 -68.26 -33.75 -49.79
C ASN MA 254 -66.78 -33.54 -50.11
N ASN MA 255 -66.50 -32.92 -51.26
CA ASN MA 255 -65.12 -32.65 -51.64
C ASN MA 255 -64.48 -31.61 -50.74
N ASP MA 256 -65.26 -30.62 -50.29
CA ASP MA 256 -64.73 -29.56 -49.45
C ASP MA 256 -64.59 -29.96 -47.99
N GLY MA 257 -64.98 -31.18 -47.62
CA GLY MA 257 -64.89 -31.64 -46.26
C GLY MA 257 -66.13 -31.39 -45.42
N THR MA 258 -67.13 -30.72 -45.96
CA THR MA 258 -68.36 -30.49 -45.23
C THR MA 258 -69.19 -31.77 -45.19
N LEU MA 259 -70.28 -31.74 -44.43
CA LEU MA 259 -71.12 -32.91 -44.26
C LEU MA 259 -71.97 -33.15 -45.49
N ALA MA 260 -71.96 -34.38 -45.99
CA ALA MA 260 -72.73 -34.75 -47.17
C ALA MA 260 -74.02 -35.49 -46.83
N SER MA 261 -73.92 -36.61 -46.10
CA SER MA 261 -75.08 -37.42 -45.78
C SER MA 261 -74.85 -38.14 -44.45
N LEU MA 262 -75.96 -38.51 -43.82
CA LEU MA 262 -75.92 -39.23 -42.53
C LEU MA 262 -76.90 -40.39 -42.60
N ASN MA 263 -76.37 -41.61 -42.52
CA ASN MA 263 -77.19 -42.83 -42.48
C ASN MA 263 -78.16 -42.88 -43.65
N ASN MA 264 -77.64 -42.62 -44.85
CA ASN MA 264 -78.45 -42.65 -46.08
C ASN MA 264 -79.62 -41.67 -46.03
N GLY MA 265 -79.43 -40.54 -45.36
CA GLY MA 265 -80.48 -39.56 -45.24
C GLY MA 265 -81.54 -39.86 -44.20
N GLN MA 266 -81.35 -40.92 -43.39
CA GLN MA 266 -82.34 -41.26 -42.38
C GLN MA 266 -81.88 -40.76 -41.01
N PRO MA 267 -82.84 -40.39 -40.14
CA PRO MA 267 -82.47 -39.94 -38.80
C PRO MA 267 -81.86 -41.07 -37.98
N ILE MA 268 -80.97 -40.69 -37.06
CA ILE MA 268 -80.26 -41.65 -36.23
C ILE MA 268 -81.03 -41.79 -34.93
N THR MA 269 -81.79 -42.88 -34.82
CA THR MA 269 -82.54 -43.22 -33.61
C THR MA 269 -82.12 -44.60 -33.16
N SER MA 270 -81.69 -44.71 -31.91
CA SER MA 270 -81.21 -45.97 -31.37
C SER MA 270 -82.37 -46.84 -30.90
N VAL MA 271 -82.10 -48.14 -30.76
CA VAL MA 271 -83.08 -49.09 -30.27
C VAL MA 271 -83.28 -48.88 -28.78
N ALA MA 272 -84.32 -49.49 -28.21
CA ALA MA 272 -84.60 -49.34 -26.78
C ALA MA 272 -83.45 -49.92 -25.96
N LEU MA 273 -83.04 -49.18 -24.93
CA LEU MA 273 -81.88 -49.57 -24.15
C LEU MA 273 -82.14 -50.85 -23.36
N GLY MA 274 -83.29 -50.94 -22.71
CA GLY MA 274 -83.55 -52.05 -21.81
C GLY MA 274 -84.65 -52.99 -22.25
N ASP MA 275 -85.02 -52.97 -23.53
CA ASP MA 275 -86.08 -53.83 -24.03
C ASP MA 275 -85.47 -55.02 -24.75
N PRO MA 276 -85.57 -56.23 -24.22
CA PRO MA 276 -85.07 -57.40 -24.96
C PRO MA 276 -85.80 -57.65 -26.26
N ALA MA 277 -87.02 -57.15 -26.41
CA ALA MA 277 -87.79 -57.36 -27.62
C ALA MA 277 -87.21 -56.64 -28.84
N THR MA 278 -86.34 -55.65 -28.63
CA THR MA 278 -85.73 -54.92 -29.72
C THR MA 278 -84.21 -54.87 -29.65
N ASN MA 279 -83.60 -55.27 -28.55
CA ASN MA 279 -82.16 -55.22 -28.39
C ASN MA 279 -81.64 -56.59 -27.98
N THR MA 280 -80.62 -57.07 -28.68
CA THR MA 280 -80.03 -58.36 -28.34
C THR MA 280 -79.16 -58.27 -27.08
N THR MA 281 -78.75 -57.07 -26.69
CA THR MA 281 -77.98 -56.84 -25.47
C THR MA 281 -78.69 -55.77 -24.67
N PRO MA 282 -79.76 -56.13 -23.96
CA PRO MA 282 -80.55 -55.11 -23.24
C PRO MA 282 -79.74 -54.50 -22.10
N VAL MA 283 -79.76 -53.17 -22.02
CA VAL MA 283 -79.07 -52.47 -20.95
C VAL MA 283 -79.85 -52.63 -19.65
N ASP MA 284 -79.15 -52.97 -18.57
CA ASP MA 284 -79.77 -53.16 -17.27
C ASP MA 284 -80.20 -51.81 -16.69
N MET MA 285 -81.48 -51.46 -16.88
CA MET MA 285 -81.96 -50.15 -16.44
C MET MA 285 -82.03 -50.04 -14.92
N ASN MA 286 -81.99 -51.16 -14.20
CA ASN MA 286 -82.10 -51.17 -12.74
C ASN MA 286 -83.38 -50.48 -12.26
N GLY MA 287 -84.48 -50.74 -12.96
CA GLY MA 287 -85.77 -50.17 -12.62
C GLY MA 287 -86.20 -48.99 -13.47
N ALA MA 288 -85.34 -48.50 -14.35
CA ALA MA 288 -85.68 -47.36 -15.19
C ALA MA 288 -86.55 -47.80 -16.36
N ASP MA 289 -86.90 -46.84 -17.21
CA ASP MA 289 -87.73 -47.11 -18.38
C ASP MA 289 -86.94 -47.90 -19.41
N PRO MA 290 -87.40 -49.10 -19.78
CA PRO MA 290 -86.66 -49.89 -20.77
C PRO MA 290 -86.85 -49.44 -22.21
N ALA MA 291 -87.82 -48.57 -22.48
CA ALA MA 291 -88.11 -48.13 -23.84
C ALA MA 291 -87.42 -46.81 -24.18
N GLN MA 292 -86.42 -46.41 -23.41
CA GLN MA 292 -85.72 -45.16 -23.69
C GLN MA 292 -84.97 -45.26 -25.02
N THR MA 293 -85.07 -44.21 -25.82
CA THR MA 293 -84.41 -44.14 -27.11
C THR MA 293 -83.59 -42.86 -27.19
N LEU MA 294 -82.50 -42.91 -27.96
CA LEU MA 294 -81.59 -41.79 -28.11
C LEU MA 294 -81.57 -41.33 -29.56
N ASN MA 295 -81.67 -40.02 -29.75
CA ASN MA 295 -81.59 -39.40 -31.07
C ASN MA 295 -80.28 -38.62 -31.14
N PHE MA 296 -79.44 -38.95 -32.11
CA PHE MA 296 -78.12 -38.34 -32.26
C PHE MA 296 -78.17 -37.29 -33.36
N GLY MA 297 -77.74 -36.07 -33.03
CA GLY MA 297 -77.65 -35.01 -34.01
C GLY MA 297 -76.22 -34.68 -34.36
N LEU MA 298 -75.79 -35.03 -35.56
CA LEU MA 298 -74.44 -34.79 -36.04
C LEU MA 298 -74.44 -33.94 -37.29
N GLY MA 299 -75.25 -32.88 -37.29
CA GLY MA 299 -75.35 -32.01 -38.45
C GLY MA 299 -74.16 -31.09 -38.65
N SER MA 300 -73.24 -31.04 -37.67
CA SER MA 300 -72.05 -30.20 -37.77
C SER MA 300 -70.78 -31.01 -37.96
N ALA MA 301 -70.90 -32.30 -38.25
CA ALA MA 301 -69.72 -33.14 -38.41
C ALA MA 301 -68.95 -32.73 -39.66
N THR MA 302 -67.62 -32.70 -39.53
CA THR MA 302 -66.75 -32.30 -40.62
C THR MA 302 -65.55 -33.25 -40.68
N GLN MA 303 -64.89 -33.26 -41.83
CA GLN MA 303 -63.65 -34.01 -42.02
C GLN MA 303 -62.64 -33.09 -42.69
N PHE MA 304 -61.68 -32.59 -41.91
CA PHE MA 304 -60.65 -31.68 -42.39
C PHE MA 304 -59.28 -32.29 -42.11
N ALA MA 305 -58.24 -31.53 -42.45
CA ALA MA 305 -56.88 -31.98 -42.19
C ALA MA 305 -56.54 -31.97 -40.71
N ALA MA 306 -57.34 -31.30 -39.89
CA ALA MA 306 -57.09 -31.26 -38.45
C ALA MA 306 -57.29 -32.64 -37.84
N PRO MA 307 -56.58 -32.95 -36.75
CA PRO MA 307 -56.76 -34.25 -36.09
C PRO MA 307 -58.15 -34.39 -35.48
N PHE MA 308 -58.40 -35.56 -34.85
CA PHE MA 308 -59.68 -35.82 -34.22
C PHE MA 308 -59.93 -34.82 -33.10
N GLU MA 309 -61.15 -34.28 -33.04
CA GLU MA 309 -61.48 -33.25 -32.07
C GLU MA 309 -62.97 -33.32 -31.74
N LEU MA 310 -63.29 -33.22 -30.45
CA LEU MA 310 -64.67 -33.17 -29.97
C LEU MA 310 -65.01 -31.70 -29.75
N THR MA 311 -65.52 -31.04 -30.80
CA THR MA 311 -65.76 -29.61 -30.74
C THR MA 311 -66.94 -29.27 -29.84
N LYS MA 312 -68.05 -29.99 -30.00
CA LYS MA 312 -69.29 -29.66 -29.30
C LYS MA 312 -70.00 -30.92 -28.86
N PHE MA 313 -70.55 -30.89 -27.64
CA PHE MA 313 -71.36 -31.99 -27.12
C PHE MA 313 -72.49 -31.39 -26.27
N ASP MA 314 -73.73 -31.64 -26.69
CA ASP MA 314 -74.90 -31.15 -25.97
C ASP MA 314 -75.90 -32.28 -25.80
N GLU MA 315 -76.55 -32.32 -24.64
CA GLU MA 315 -77.57 -33.31 -24.33
C GLU MA 315 -78.77 -32.60 -23.72
N ASP MA 316 -79.88 -33.33 -23.59
CA ASP MA 316 -81.10 -32.81 -23.00
C ASP MA 316 -81.42 -33.50 -21.67
N GLY MA 317 -80.49 -34.30 -21.15
CA GLY MA 317 -80.71 -34.98 -19.90
C GLY MA 317 -80.59 -34.06 -18.71
N ALA MA 318 -81.11 -34.53 -17.58
CA ALA MA 318 -81.11 -33.73 -16.36
C ALA MA 318 -81.17 -34.65 -15.15
N THR MA 319 -80.80 -34.09 -14.01
CA THR MA 319 -80.82 -34.80 -12.73
C THR MA 319 -81.44 -33.90 -11.69
N THR MA 320 -81.72 -34.47 -10.52
CA THR MA 320 -82.31 -33.70 -9.43
C THR MA 320 -81.33 -32.63 -8.95
N GLY MA 321 -81.89 -31.48 -8.56
CA GLY MA 321 -81.07 -30.36 -8.15
C GLY MA 321 -81.82 -29.43 -7.23
N PHE MA 322 -81.09 -28.44 -6.70
CA PHE MA 322 -81.61 -27.52 -5.70
C PHE MA 322 -81.49 -26.09 -6.21
N LEU MA 323 -82.51 -25.28 -5.92
CA LEU MA 323 -82.52 -23.88 -6.33
C LEU MA 323 -81.31 -23.15 -5.79
N THR MA 324 -80.48 -22.63 -6.69
CA THR MA 324 -79.25 -21.94 -6.33
C THR MA 324 -79.36 -20.42 -6.40
N LYS MA 325 -79.85 -19.88 -7.51
CA LYS MA 325 -80.03 -18.44 -7.62
C LYS MA 325 -81.17 -18.15 -8.60
N VAL MA 326 -81.76 -16.97 -8.44
CA VAL MA 326 -82.89 -16.54 -9.26
C VAL MA 326 -82.68 -15.09 -9.66
N ASP MA 327 -82.86 -14.81 -10.96
CA ASP MA 327 -82.69 -13.47 -11.49
C ASP MA 327 -83.80 -13.19 -12.50
N PHE MA 328 -83.98 -11.91 -12.80
CA PHE MA 328 -85.02 -11.44 -13.71
C PHE MA 328 -84.36 -10.73 -14.89
N ASP MA 329 -84.80 -11.07 -16.10
CA ASP MA 329 -84.31 -10.41 -17.30
C ASP MA 329 -85.20 -9.21 -17.62
N GLU MA 330 -84.86 -8.52 -18.71
CA GLU MA 330 -85.61 -7.33 -19.10
C GLU MA 330 -87.02 -7.68 -19.58
N ASN MA 331 -87.22 -8.88 -20.11
CA ASN MA 331 -88.53 -9.28 -20.62
C ASN MA 331 -89.50 -9.67 -19.52
N GLY MA 332 -89.06 -9.72 -18.26
CA GLY MA 332 -89.91 -10.11 -17.17
C GLY MA 332 -89.90 -11.60 -16.86
N SER MA 333 -89.18 -12.40 -17.64
CA SER MA 333 -89.09 -13.83 -17.36
C SER MA 333 -88.24 -14.06 -16.12
N VAL MA 334 -88.77 -14.83 -15.17
CA VAL MA 334 -88.08 -15.15 -13.94
C VAL MA 334 -87.32 -16.45 -14.15
N MET MA 335 -86.00 -16.35 -14.20
CA MET MA 335 -85.14 -17.51 -14.42
C MET MA 335 -84.51 -17.95 -13.10
N GLY MA 336 -84.32 -19.26 -12.98
CA GLY MA 336 -83.67 -19.82 -11.81
C GLY MA 336 -82.72 -20.93 -12.19
N THR MA 337 -81.52 -20.92 -11.62
CA THR MA 337 -80.52 -21.94 -11.90
C THR MA 337 -80.39 -22.88 -10.72
N TYR MA 338 -80.26 -24.17 -11.00
CA TYR MA 338 -80.18 -25.21 -10.00
C TYR MA 338 -78.78 -25.83 -10.00
N SER MA 339 -78.57 -26.77 -9.09
CA SER MA 339 -77.27 -27.44 -9.01
C SER MA 339 -77.03 -28.36 -10.19
N ASN MA 340 -78.10 -28.90 -10.79
CA ASN MA 340 -77.93 -29.78 -11.94
C ASN MA 340 -77.35 -29.00 -13.12
N GLY MA 341 -77.71 -27.74 -13.26
CA GLY MA 341 -77.20 -26.89 -14.32
C GLY MA 341 -78.25 -26.32 -15.24
N GLU MA 342 -79.46 -26.89 -15.29
CA GLU MA 342 -80.50 -26.37 -16.15
C GLU MA 342 -80.99 -25.02 -15.66
N ASN MA 343 -81.13 -24.07 -16.60
CA ASN MA 343 -81.63 -22.74 -16.29
C ASN MA 343 -83.13 -22.68 -16.58
N VAL MA 344 -83.90 -23.27 -15.67
CA VAL MA 344 -85.34 -23.38 -15.85
C VAL MA 344 -85.98 -21.99 -15.70
N THR MA 345 -86.81 -21.63 -16.67
CA THR MA 345 -87.55 -20.37 -16.64
C THR MA 345 -88.88 -20.62 -15.94
N LEU MA 346 -89.03 -20.05 -14.74
CA LEU MA 346 -90.21 -20.33 -13.93
C LEU MA 346 -91.46 -19.75 -14.56
N GLY MA 347 -91.35 -18.61 -15.22
CA GLY MA 347 -92.50 -18.02 -15.88
C GLY MA 347 -92.20 -16.59 -16.29
N ARG MA 348 -93.26 -15.87 -16.63
CA ARG MA 348 -93.20 -14.46 -16.94
C ARG MA 348 -94.08 -13.68 -15.99
N VAL MA 349 -93.89 -12.37 -15.95
CA VAL MA 349 -94.65 -11.47 -15.09
C VAL MA 349 -95.63 -10.72 -15.97
N ALA MA 350 -96.91 -10.83 -15.63
CA ALA MA 350 -97.95 -10.15 -16.40
C ALA MA 350 -97.86 -8.64 -16.21
N LEU MA 351 -98.12 -7.92 -17.30
CA LEU MA 351 -98.17 -6.47 -17.28
C LEU MA 351 -99.50 -6.00 -17.86
N VAL MA 352 -100.15 -5.07 -17.18
CA VAL MA 352 -101.49 -4.62 -17.53
C VAL MA 352 -101.47 -3.13 -17.80
N ARG MA 353 -102.03 -2.73 -18.93
CA ARG MA 353 -102.18 -1.32 -19.29
C ARG MA 353 -103.62 -1.04 -19.68
N VAL MA 354 -104.18 0.03 -19.14
CA VAL MA 354 -105.55 0.41 -19.45
C VAL MA 354 -105.52 1.60 -20.39
N PRO MA 355 -106.52 1.76 -21.26
CA PRO MA 355 -106.48 2.90 -22.21
C PRO MA 355 -106.53 4.26 -21.54
N ASN MA 356 -107.39 4.42 -20.53
CA ASN MA 356 -107.52 5.69 -19.79
C ASN MA 356 -107.19 5.41 -18.33
N GLU MA 357 -105.97 5.78 -17.92
CA GLU MA 357 -105.52 5.48 -16.57
C GLU MA 357 -106.16 6.40 -15.53
N GLN MA 358 -106.70 7.54 -15.94
CA GLN MA 358 -107.29 8.50 -15.01
C GLN MA 358 -108.60 8.01 -14.40
N GLY MA 359 -109.18 6.93 -14.91
CA GLY MA 359 -110.49 6.50 -14.46
C GLY MA 359 -110.48 5.28 -13.56
N LEU MA 360 -109.30 4.70 -13.35
CA LEU MA 360 -109.18 3.57 -12.44
C LEU MA 360 -109.59 3.99 -11.04
N ASP MA 361 -110.46 3.20 -10.41
CA ASP MA 361 -110.85 3.47 -9.03
C ASP MA 361 -109.72 3.07 -8.10
N LYS MA 362 -109.56 3.82 -7.01
CA LYS MA 362 -108.44 3.66 -6.11
C LYS MA 362 -108.86 2.80 -4.92
N LYS MA 363 -108.30 1.59 -4.84
CA LYS MA 363 -108.51 0.73 -3.70
C LYS MA 363 -107.46 1.04 -2.64
N GLY MA 364 -107.48 0.26 -1.55
CA GLY MA 364 -106.46 0.42 -0.53
C GLY MA 364 -105.14 -0.19 -0.94
N GLY MA 365 -104.09 0.23 -0.24
CA GLY MA 365 -102.77 -0.32 -0.47
C GLY MA 365 -102.19 -0.05 -1.84
N THR MA 366 -102.37 1.16 -2.36
CA THR MA 366 -101.81 1.59 -3.65
C THR MA 366 -102.20 0.62 -4.77
N GLN MA 367 -103.50 0.31 -4.83
CA GLN MA 367 -104.01 -0.63 -5.80
C GLN MA 367 -105.19 -0.02 -6.55
N TRP MA 368 -105.31 -0.39 -7.82
CA TRP MA 368 -106.36 0.12 -8.69
C TRP MA 368 -107.09 -1.04 -9.34
N ASP MA 369 -108.32 -0.78 -9.75
CA ASP MA 369 -109.15 -1.75 -10.45
C ASP MA 369 -109.73 -1.08 -11.69
N SER MA 370 -110.13 -1.90 -12.66
CA SER MA 370 -110.66 -1.41 -13.92
C SER MA 370 -112.16 -1.19 -13.80
N THR MA 371 -112.59 0.06 -14.02
CA THR MA 371 -114.00 0.40 -13.98
C THR MA 371 -114.52 0.61 -15.41
N GLN MA 372 -115.79 1.01 -15.53
CA GLN MA 372 -116.38 1.24 -16.83
C GLN MA 372 -115.67 2.37 -17.58
N PHE MA 373 -115.40 3.47 -16.88
CA PHE MA 373 -114.73 4.60 -17.53
C PHE MA 373 -113.28 4.27 -17.87
N SER MA 374 -112.63 3.47 -17.03
CA SER MA 374 -111.24 3.09 -17.30
C SER MA 374 -111.14 2.25 -18.56
N GLY MA 375 -112.07 1.31 -18.75
CA GLY MA 375 -112.05 0.42 -19.90
C GLY MA 375 -111.92 -1.04 -19.46
N ASP MA 376 -111.08 -1.78 -20.18
CA ASP MA 376 -110.80 -3.17 -19.88
C ASP MA 376 -109.30 -3.37 -19.73
N LYS MA 377 -108.93 -4.28 -18.84
CA LYS MA 377 -107.52 -4.59 -18.63
C LYS MA 377 -106.94 -5.24 -19.89
N ILE MA 378 -105.91 -4.62 -20.45
CA ILE MA 378 -105.22 -5.14 -21.62
C ILE MA 378 -103.94 -5.80 -21.15
N TRP MA 379 -103.84 -7.11 -21.33
CA TRP MA 379 -102.68 -7.86 -20.87
C TRP MA 379 -101.59 -7.84 -21.93
N GLY MA 380 -100.35 -8.02 -21.48
CA GLY MA 380 -99.22 -8.04 -22.38
C GLY MA 380 -97.96 -8.43 -21.64
N GLU MA 381 -96.89 -8.58 -22.40
CA GLU MA 381 -95.60 -8.92 -21.82
C GLU MA 381 -94.83 -7.64 -21.51
N SER MA 382 -93.56 -7.78 -21.12
CA SER MA 382 -92.70 -6.65 -20.81
C SER MA 382 -91.88 -6.29 -22.03
N ASN MA 383 -91.74 -4.98 -22.28
CA ASN MA 383 -91.02 -4.46 -23.43
C ASN MA 383 -91.58 -5.04 -24.74
N LYS MA 384 -92.91 -5.05 -24.84
CA LYS MA 384 -93.61 -5.53 -26.02
C LYS MA 384 -94.68 -4.53 -26.39
N GLY MA 385 -94.67 -4.07 -27.63
CA GLY MA 385 -95.66 -3.11 -28.07
C GLY MA 385 -95.52 -1.79 -27.32
N SER MA 386 -96.62 -1.35 -26.70
CA SER MA 386 -96.65 -0.08 -25.98
C SER MA 386 -96.28 -0.23 -24.52
N PHE MA 387 -96.04 -1.44 -24.04
CA PHE MA 387 -95.69 -1.64 -22.65
C PHE MA 387 -94.26 -1.19 -22.38
N GLY MA 388 -93.97 -0.99 -21.10
CA GLY MA 388 -92.65 -0.60 -20.66
C GLY MA 388 -91.79 -1.79 -20.34
N THR MA 389 -90.71 -1.53 -19.61
CA THR MA 389 -89.75 -2.55 -19.21
C THR MA 389 -89.86 -2.82 -17.72
N ILE MA 390 -89.31 -3.96 -17.31
CA ILE MA 390 -89.30 -4.37 -15.91
C ILE MA 390 -87.85 -4.44 -15.45
N ASN MA 391 -87.54 -3.71 -14.39
CA ASN MA 391 -86.21 -3.70 -13.79
C ASN MA 391 -86.31 -4.22 -12.36
N ASN MA 392 -85.47 -5.19 -12.02
CA ASN MA 392 -85.42 -5.71 -10.67
C ASN MA 392 -84.41 -4.92 -9.83
N GLY MA 393 -84.63 -4.94 -8.53
CA GLY MA 393 -83.78 -4.19 -7.62
C GLY MA 393 -84.10 -2.73 -7.49
N MET MA 394 -85.24 -2.28 -8.01
CA MET MA 394 -85.64 -0.88 -7.92
C MET MA 394 -87.07 -0.79 -7.40
N LEU MA 395 -87.40 0.39 -6.88
CA LEU MA 395 -88.74 0.67 -6.37
C LEU MA 395 -89.15 2.07 -6.81
N GLU MA 396 -90.46 2.28 -6.87
CA GLU MA 396 -91.01 3.57 -7.27
C GLU MA 396 -91.40 4.37 -6.04
N GLN MA 397 -91.00 5.63 -6.01
CA GLN MA 397 -91.42 6.56 -4.98
C GLN MA 397 -92.62 7.35 -5.48
N SER MA 398 -93.14 8.24 -4.62
CA SER MA 398 -94.25 9.08 -5.02
C SER MA 398 -93.80 10.07 -6.09
N ASN MA 399 -94.68 10.28 -7.08
CA ASN MA 399 -94.38 11.20 -8.17
C ASN MA 399 -94.82 12.62 -7.82
N ILE MA 400 -94.34 13.08 -6.66
CA ILE MA 400 -94.75 14.36 -6.10
C ILE MA 400 -93.51 15.23 -5.93
N ASP MA 401 -93.75 16.53 -5.85
CA ASP MA 401 -92.70 17.52 -5.63
C ASP MA 401 -93.09 18.33 -4.40
N MET MA 402 -92.25 18.28 -3.36
CA MET MA 402 -92.60 18.91 -2.08
C MET MA 402 -92.77 20.41 -2.22
N THR MA 403 -91.91 21.05 -3.01
CA THR MA 403 -92.03 22.51 -3.19
C THR MA 403 -93.39 22.87 -3.78
N GLN MA 404 -93.81 22.15 -4.82
CA GLN MA 404 -95.10 22.46 -5.44
C GLN MA 404 -96.24 22.23 -4.47
N GLU MA 405 -96.17 21.15 -3.68
CA GLU MA 405 -97.23 20.88 -2.71
C GLU MA 405 -97.31 21.99 -1.66
N LEU MA 406 -96.17 22.45 -1.16
CA LEU MA 406 -96.18 23.52 -0.17
C LEU MA 406 -96.71 24.82 -0.76
N VAL MA 407 -96.34 25.14 -2.00
CA VAL MA 407 -96.84 26.36 -2.63
C VAL MA 407 -98.35 26.27 -2.82
N ASP MA 408 -98.84 25.12 -3.28
CA ASP MA 408 -100.28 24.94 -3.43
C ASP MA 408 -100.98 25.04 -2.09
N LEU MA 409 -100.34 24.53 -1.02
CA LEU MA 409 -100.92 24.66 0.31
C LEU MA 409 -101.07 26.12 0.72
N ILE MA 410 -100.04 26.91 0.47
CA ILE MA 410 -100.10 28.34 0.81
C ILE MA 410 -101.21 29.02 0.02
N SER MA 411 -101.27 28.75 -1.29
CA SER MA 411 -102.29 29.39 -2.12
C SER MA 411 -103.70 28.98 -1.70
N ALA MA 412 -103.88 27.70 -1.37
CA ALA MA 412 -105.19 27.23 -0.91
C ALA MA 412 -105.59 27.89 0.40
N GLN MA 413 -104.65 28.05 1.32
CA GLN MA 413 -104.94 28.76 2.55
C GLN MA 413 -105.35 30.21 2.28
N ARG MA 414 -104.65 30.86 1.35
CA ARG MA 414 -105.00 32.24 1.01
C ARG MA 414 -106.41 32.31 0.44
N ASN MA 415 -106.77 31.38 -0.46
CA ASN MA 415 -108.10 31.37 -1.04
C ASN MA 415 -109.17 31.09 0.02
N PHE MA 416 -108.88 30.18 0.94
CA PHE MA 416 -109.80 29.89 2.03
C PHE MA 416 -110.03 31.13 2.90
N GLN MA 417 -108.96 31.86 3.21
CA GLN MA 417 -109.10 33.09 3.96
C GLN MA 417 -109.95 34.11 3.21
N ALA MA 418 -109.74 34.22 1.89
CA ALA MA 418 -110.54 35.16 1.10
C ALA MA 418 -112.02 34.79 1.13
N ASN MA 419 -112.33 33.51 0.96
CA ASN MA 419 -113.71 33.08 0.98
C ASN MA 419 -114.34 33.29 2.35
N SER MA 420 -113.60 33.02 3.42
CA SER MA 420 -114.11 33.28 4.77
C SER MA 420 -114.37 34.76 4.98
N ARG MA 421 -113.49 35.62 4.44
CA ARG MA 421 -113.71 37.06 4.54
C ARG MA 421 -115.01 37.45 3.82
N SER MA 422 -115.24 36.89 2.64
CA SER MA 422 -116.47 37.19 1.92
C SER MA 422 -117.69 36.74 2.71
N LEU MA 423 -117.62 35.55 3.31
CA LEU MA 423 -118.73 35.06 4.12
C LEU MA 423 -118.98 35.97 5.32
N GLU MA 424 -117.90 36.44 5.96
CA GLU MA 424 -118.04 37.37 7.08
C GLU MA 424 -118.68 38.67 6.64
N VAL MA 425 -118.31 39.16 5.45
CA VAL MA 425 -118.92 40.38 4.93
C VAL MA 425 -120.42 40.18 4.72
N HIS MA 426 -120.79 39.03 4.14
CA HIS MA 426 -122.21 38.74 3.94
C HIS MA 426 -122.96 38.69 5.27
N ASN MA 427 -122.37 38.04 6.28
CA ASN MA 427 -123.02 37.95 7.58
C ASN MA 427 -123.16 39.31 8.23
N GLN MA 428 -122.12 40.15 8.11
CA GLN MA 428 -122.22 41.50 8.66
C GLN MA 428 -123.30 42.31 7.96
N LEU MA 429 -123.42 42.16 6.65
CA LEU MA 429 -124.49 42.86 5.93
C LEU MA 429 -125.85 42.40 6.39
N GLN MA 430 -126.03 41.08 6.57
CA GLN MA 430 -127.31 40.57 7.05
C GLN MA 430 -127.62 41.08 8.45
N GLN MA 431 -126.62 41.11 9.34
CA GLN MA 431 -126.84 41.61 10.68
C GLN MA 431 -127.17 43.11 10.68
N ASN MA 432 -126.52 43.88 9.82
CA ASN MA 432 -126.83 45.30 9.72
C ASN MA 432 -128.25 45.51 9.21
N ILE MA 433 -128.68 44.70 8.24
CA ILE MA 433 -130.05 44.77 7.77
C ILE MA 433 -131.02 44.41 8.90
N LEU MA 434 -130.64 43.43 9.73
CA LEU MA 434 -131.50 43.03 10.83
C LEU MA 434 -131.72 44.16 11.83
N GLN MA 435 -130.71 44.98 12.07
CA GLN MA 435 -130.79 46.05 13.07
C GLN MA 435 -131.42 47.31 12.46
N ILE MA 436 -132.68 47.16 12.05
CA ILE MA 436 -133.44 48.26 11.48
C ILE MA 436 -134.85 48.29 12.08
N SER NA 2 -127.99 23.65 24.28
CA SER NA 2 -126.88 24.19 25.05
C SER NA 2 -126.23 23.11 25.89
N TYR NA 3 -127.04 22.20 26.41
CA TYR NA 3 -126.50 21.10 27.22
C TYR NA 3 -125.63 20.18 26.39
N VAL NA 4 -125.90 20.05 25.10
CA VAL NA 4 -125.01 19.28 24.23
C VAL NA 4 -123.66 19.97 24.13
N SER NA 5 -123.65 21.30 24.02
CA SER NA 5 -122.40 22.05 24.02
C SER NA 5 -121.67 21.87 25.34
N LEU NA 6 -122.39 21.87 26.45
CA LEU NA 6 -121.76 21.67 27.76
C LEU NA 6 -121.15 20.29 27.86
N SER NA 7 -121.84 19.27 27.34
CA SER NA 7 -121.30 17.91 27.34
C SER NA 7 -120.04 17.83 26.47
N GLY NA 8 -120.06 18.49 25.31
CA GLY NA 8 -118.87 18.53 24.48
C GLY NA 8 -117.71 19.21 25.16
N LEU NA 9 -117.97 20.32 25.85
CA LEU NA 9 -116.93 21.02 26.60
C LEU NA 9 -116.36 20.12 27.69
N SER NA 10 -117.23 19.41 28.42
CA SER NA 10 -116.76 18.53 29.48
C SER NA 10 -115.91 17.39 28.91
N ALA NA 11 -116.34 16.81 27.79
CA ALA NA 11 -115.55 15.74 27.17
C ALA NA 11 -114.20 16.25 26.70
N ALA NA 12 -114.17 17.43 26.08
CA ALA NA 12 -112.91 18.01 25.63
C ALA NA 12 -111.99 18.29 26.80
N GLN NA 13 -112.54 18.81 27.90
CA GLN NA 13 -111.72 19.08 29.08
C GLN NA 13 -111.18 17.81 29.70
N LEU NA 14 -111.99 16.74 29.74
CA LEU NA 14 -111.49 15.47 30.23
C LEU NA 14 -110.37 14.93 29.36
N ASP NA 15 -110.52 15.03 28.04
CA ASP NA 15 -109.46 14.60 27.14
C ASP NA 15 -108.18 15.42 27.35
N LEU NA 16 -108.35 16.73 27.54
CA LEU NA 16 -107.21 17.60 27.81
C LEU NA 16 -106.51 17.21 29.10
N ASN NA 17 -107.28 16.92 30.15
CA ASN NA 17 -106.67 16.51 31.42
C ASN NA 17 -105.94 15.19 31.29
N THR NA 18 -106.52 14.24 30.55
CA THR NA 18 -105.86 12.95 30.34
C THR NA 18 -104.53 13.14 29.60
N THR NA 19 -104.55 13.96 28.55
CA THR NA 19 -103.32 14.22 27.81
C THR NA 19 -102.29 14.92 28.69
N SER NA 20 -102.74 15.86 29.51
CA SER NA 20 -101.82 16.56 30.41
C SER NA 20 -101.20 15.61 31.42
N ASN NA 21 -101.99 14.67 31.95
CA ASN NA 21 -101.44 13.67 32.85
C ASN NA 21 -100.42 12.78 32.15
N ASN NA 22 -100.72 12.39 30.91
CA ASN NA 22 -99.78 11.59 30.14
C ASN NA 22 -98.47 12.33 29.94
N ILE NA 23 -98.55 13.63 29.65
CA ILE NA 23 -97.33 14.43 29.47
C ILE NA 23 -96.58 14.55 30.79
N ALA NA 24 -97.30 14.79 31.89
CA ALA NA 24 -96.66 15.00 33.19
C ALA NA 24 -95.94 13.75 33.65
N ASN NA 25 -96.52 12.58 33.41
CA ASN NA 25 -95.92 11.32 33.84
C ASN NA 25 -94.91 10.77 32.84
N ALA NA 26 -94.33 11.62 31.99
CA ALA NA 26 -93.40 11.14 30.97
C ALA NA 26 -92.14 10.53 31.56
N ASN NA 27 -91.70 10.97 32.74
CA ASN NA 27 -90.47 10.50 33.34
C ASN NA 27 -90.68 9.49 34.46
N THR NA 28 -91.92 9.26 34.88
CA THR NA 28 -92.19 8.27 35.91
C THR NA 28 -91.85 6.87 35.40
N TYR NA 29 -91.24 6.08 36.28
CA TYR NA 29 -90.82 4.72 35.92
C TYR NA 29 -92.03 3.79 35.92
N GLY NA 30 -92.20 3.04 34.84
CA GLY NA 30 -93.26 2.06 34.76
C GLY NA 30 -94.64 2.62 34.48
N PHE NA 31 -94.76 3.91 34.22
CA PHE NA 31 -96.05 4.51 33.95
C PHE NA 31 -96.62 4.02 32.62
N LYS NA 32 -97.94 3.87 32.57
CA LYS NA 32 -98.65 3.49 31.37
C LYS NA 32 -99.62 4.60 31.00
N GLU NA 33 -99.62 5.00 29.73
CA GLU NA 33 -100.43 6.12 29.29
C GLU NA 33 -101.92 5.80 29.40
N SER NA 34 -102.73 6.85 29.36
CA SER NA 34 -104.18 6.72 29.45
C SER NA 34 -104.82 7.32 28.21
N ARG NA 35 -105.91 6.70 27.77
CA ARG NA 35 -106.64 7.12 26.59
C ARG NA 35 -108.10 7.29 26.94
N ALA NA 36 -108.71 8.39 26.48
CA ALA NA 36 -110.09 8.70 26.78
C ALA NA 36 -110.97 8.29 25.61
N GLU NA 37 -112.04 7.54 25.90
CA GLU NA 37 -112.97 7.06 24.90
C GLU NA 37 -114.36 7.60 25.20
N PHE NA 38 -115.05 8.07 24.18
CA PHE NA 38 -116.36 8.70 24.32
C PHE NA 38 -117.42 7.90 23.56
N ALA NA 39 -118.66 8.10 23.95
CA ALA NA 39 -119.79 7.41 23.33
C ALA NA 39 -120.93 8.40 23.11
N ASP NA 40 -121.77 8.09 22.13
CA ASP NA 40 -122.89 8.95 21.80
C ASP NA 40 -123.98 8.86 22.86
N VAL NA 41 -124.84 9.87 22.89
CA VAL NA 41 -125.95 9.95 23.83
C VAL NA 41 -127.25 10.05 23.05
N TYR NA 42 -128.24 9.25 23.45
CA TYR NA 42 -129.54 9.29 22.81
C TYR NA 42 -130.59 8.79 23.80
N SER NA 43 -131.79 9.34 23.70
CA SER NA 43 -132.88 8.96 24.58
C SER NA 43 -133.54 7.67 24.11
N ASN NA 44 -134.27 7.03 25.02
CA ASN NA 44 -134.96 5.77 24.77
C ASN NA 44 -136.38 5.82 25.34
N SER NA 45 -137.11 6.89 25.03
CA SER NA 45 -138.49 6.99 25.48
C SER NA 45 -139.38 6.01 24.70
N LEU NA 46 -140.51 5.67 25.30
CA LEU NA 46 -141.44 4.73 24.67
C LEU NA 46 -141.96 5.27 23.35
N PHE NA 47 -142.35 6.55 23.32
CA PHE NA 47 -142.83 7.20 22.11
C PHE NA 47 -141.78 8.18 21.62
N THR NA 48 -140.87 7.68 20.80
CA THR NA 48 -139.77 8.46 20.25
C THR NA 48 -139.98 8.66 18.75
N ASN NA 49 -139.93 9.92 18.30
CA ASN NA 49 -140.09 10.19 16.88
C ASN NA 49 -138.89 9.69 16.07
N ALA NA 50 -137.74 9.51 16.72
CA ALA NA 50 -136.52 8.98 16.10
C ALA NA 50 -136.02 9.87 14.98
N LYS NA 51 -136.79 9.98 13.89
CA LYS NA 51 -136.37 10.80 12.76
C LYS NA 51 -136.31 12.29 13.15
N THR NA 52 -137.25 12.73 13.99
CA THR NA 52 -137.32 14.12 14.40
C THR NA 52 -136.69 14.35 15.77
N THR NA 53 -135.98 13.35 16.31
CA THR NA 53 -135.34 13.46 17.61
C THR NA 53 -133.84 13.59 17.43
N PRO NA 54 -133.24 14.72 17.78
CA PRO NA 54 -131.78 14.88 17.63
C PRO NA 54 -131.00 14.14 18.69
N GLY NA 55 -129.68 14.28 18.67
CA GLY NA 55 -128.85 13.61 19.64
C GLY NA 55 -128.91 14.25 21.01
N GLY NA 56 -128.17 13.67 21.94
CA GLY NA 56 -128.16 14.14 23.31
C GLY NA 56 -126.80 14.52 23.82
N GLY NA 57 -125.87 14.79 22.90
CA GLY NA 57 -124.53 15.21 23.28
C GLY NA 57 -123.50 14.09 23.25
N ALA NA 58 -122.45 14.24 24.06
CA ALA NA 58 -121.39 13.25 24.14
C ALA NA 58 -121.12 12.92 25.60
N GLN NA 59 -121.03 11.63 25.90
CA GLN NA 59 -120.76 11.14 27.25
C GLN NA 59 -119.45 10.38 27.25
N ALA NA 60 -118.60 10.67 28.23
CA ALA NA 60 -117.35 9.93 28.38
C ALA NA 60 -117.65 8.47 28.76
N SER NA 61 -117.03 7.54 28.04
CA SER NA 61 -117.22 6.12 28.30
C SER NA 61 -116.27 5.63 29.39
N GLN NA 62 -114.98 5.78 29.17
CA GLN NA 62 -113.98 5.32 30.13
C GLN NA 62 -112.63 5.93 29.76
N VAL NA 63 -111.71 5.89 30.72
CA VAL NA 63 -110.32 6.28 30.49
C VAL NA 63 -109.49 5.01 30.42
N ALA NA 64 -108.92 4.75 29.25
CA ALA NA 64 -108.18 3.51 29.04
C ALA NA 64 -106.84 3.56 29.79
N GLN NA 65 -106.22 2.40 29.90
CA GLN NA 65 -104.93 2.20 30.57
C GLN NA 65 -104.02 1.33 29.72
N GLN NA 66 -103.88 1.69 28.44
CA GLN NA 66 -103.10 0.94 27.47
C GLN NA 66 -101.81 0.40 28.06
N PHE NA 67 -101.61 -0.91 27.95
CA PHE NA 67 -100.48 -1.61 28.55
C PHE NA 67 -99.50 -2.11 27.50
N HIS NA 68 -99.26 -1.32 26.46
CA HIS NA 68 -98.22 -1.65 25.51
C HIS NA 68 -96.85 -1.44 26.14
N GLU NA 69 -95.91 -2.33 25.82
CA GLU NA 69 -94.59 -2.29 26.43
C GLU NA 69 -93.88 -0.97 26.15
N GLY NA 70 -93.30 -0.38 27.19
CA GLY NA 70 -92.54 0.84 27.04
C GLY NA 70 -91.06 0.55 26.80
N SER NA 71 -90.34 1.62 26.49
CA SER NA 71 -88.92 1.48 26.22
C SER NA 71 -88.15 1.26 27.51
N SER NA 72 -86.90 0.81 27.37
CA SER NA 72 -86.06 0.44 28.50
C SER NA 72 -84.80 1.31 28.53
N ILE NA 73 -84.44 1.76 29.71
CA ILE NA 73 -83.20 2.50 29.92
C ILE NA 73 -82.26 1.64 30.76
N TYR NA 74 -80.96 1.86 30.58
CA TYR NA 74 -79.93 1.08 31.24
C TYR NA 74 -79.23 1.95 32.27
N THR NA 75 -79.23 1.50 33.52
CA THR NA 75 -78.59 2.23 34.61
C THR NA 75 -77.35 1.53 35.15
N ASN NA 76 -77.04 0.32 34.68
CA ASN NA 76 -75.91 -0.47 35.15
C ASN NA 76 -75.98 -0.71 36.67
N ASN NA 77 -77.19 -0.67 37.23
CA ASN NA 77 -77.39 -0.96 38.64
C ASN NA 77 -78.17 -2.25 38.77
N PRO NA 78 -77.55 -3.36 39.18
CA PRO NA 78 -78.24 -4.66 39.14
C PRO NA 78 -79.46 -4.74 40.06
N MET NA 79 -79.58 -3.85 41.05
CA MET NA 79 -80.78 -3.81 41.87
C MET NA 79 -81.98 -3.24 41.15
N ASP NA 80 -81.79 -2.68 39.95
CA ASP NA 80 -82.90 -2.23 39.11
C ASP NA 80 -83.36 -3.39 38.22
N LEU NA 81 -84.66 -3.64 38.21
CA LEU NA 81 -85.21 -4.78 37.50
C LEU NA 81 -86.28 -4.31 36.52
N ARG NA 82 -86.41 -5.06 35.41
CA ARG NA 82 -87.39 -4.79 34.39
C ARG NA 82 -88.04 -6.09 33.95
N VAL NA 83 -89.35 -6.06 33.78
CA VAL NA 83 -90.12 -7.21 33.34
C VAL NA 83 -90.30 -7.10 31.83
N SER NA 84 -89.60 -7.95 31.08
CA SER NA 84 -89.71 -7.95 29.62
C SER NA 84 -90.86 -8.87 29.21
N GLY NA 85 -91.91 -8.27 28.67
CA GLY NA 85 -93.08 -9.04 28.27
C GLY NA 85 -94.29 -8.78 29.14
N THR NA 86 -94.98 -9.84 29.55
CA THR NA 86 -96.18 -9.73 30.36
C THR NA 86 -95.86 -10.16 31.79
N GLY NA 87 -96.25 -9.34 32.75
CA GLY NA 87 -96.03 -9.64 34.16
C GLY NA 87 -95.83 -8.37 34.97
N PHE NA 88 -96.15 -8.46 36.25
CA PHE NA 88 -96.01 -7.35 37.18
C PHE NA 88 -95.27 -7.82 38.43
N PHE NA 89 -94.51 -6.90 39.02
CA PHE NA 89 -93.91 -7.16 40.32
C PHE NA 89 -94.97 -7.10 41.41
N ALA NA 90 -94.76 -7.90 42.46
CA ALA NA 90 -95.68 -7.96 43.59
C ALA NA 90 -95.01 -7.39 44.82
N VAL NA 91 -95.64 -6.37 45.42
CA VAL NA 91 -95.11 -5.72 46.60
C VAL NA 91 -96.20 -5.68 47.67
N ALA NA 92 -95.82 -5.94 48.91
CA ALA NA 92 -96.75 -5.96 50.03
C ALA NA 92 -96.53 -4.73 50.91
N LYS NA 93 -97.63 -4.20 51.45
CA LYS NA 93 -97.54 -3.00 52.27
C LYS NA 93 -96.69 -3.25 53.51
N GLU NA 94 -96.86 -4.41 54.15
CA GLU NA 94 -96.14 -4.76 55.36
C GLU NA 94 -95.41 -6.09 55.17
N ARG NA 95 -94.30 -6.25 55.89
CA ARG NA 95 -93.53 -7.49 55.81
C ARG NA 95 -94.33 -8.67 56.35
N LEU NA 96 -95.07 -8.45 57.43
CA LEU NA 96 -95.78 -9.52 58.12
C LEU NA 96 -97.15 -9.85 57.51
N THR NA 97 -97.56 -9.14 56.46
CA THR NA 97 -98.84 -9.37 55.79
C THR NA 97 -98.62 -9.50 54.30
N PRO NA 98 -98.06 -10.62 53.85
CA PRO NA 98 -97.88 -10.82 52.40
C PRO NA 98 -99.19 -10.86 51.63
N GLN NA 99 -100.30 -11.18 52.29
CA GLN NA 99 -101.60 -11.21 51.60
C GLN NA 99 -101.96 -9.83 51.05
N GLN NA 100 -101.73 -8.79 51.84
CA GLN NA 100 -102.01 -7.42 51.40
C GLN NA 100 -100.91 -7.00 50.45
N ASN NA 101 -101.15 -7.15 49.15
CA ASN NA 101 -100.14 -6.88 48.15
C ASN NA 101 -100.75 -6.12 46.98
N GLU NA 102 -99.89 -5.41 46.25
CA GLU NA 102 -100.28 -4.64 45.08
C GLU NA 102 -99.27 -4.87 43.97
N LEU NA 103 -99.72 -4.67 42.74
CA LEU NA 103 -98.89 -4.94 41.57
C LEU NA 103 -98.27 -3.66 41.04
N THR NA 104 -97.02 -3.75 40.60
CA THR NA 104 -96.29 -2.60 40.10
C THR NA 104 -95.41 -3.04 38.94
N ARG NA 105 -94.80 -2.06 38.28
CA ARG NA 105 -93.94 -2.31 37.13
C ARG NA 105 -92.52 -1.77 37.26
N ASN NA 106 -92.31 -0.66 37.97
CA ASN NA 106 -90.97 -0.12 38.12
C ASN NA 106 -90.13 -1.03 39.01
N GLY NA 107 -88.83 -1.03 38.77
CA GLY NA 107 -87.94 -1.92 39.48
C GLY NA 107 -86.88 -1.22 40.31
N ALA NA 108 -87.21 -0.04 40.83
CA ALA NA 108 -86.28 0.71 41.67
C ALA NA 108 -86.23 0.03 43.03
N PHE NA 109 -85.39 -0.99 43.15
CA PHE NA 109 -85.28 -1.79 44.35
C PHE NA 109 -83.97 -1.51 45.08
N HIS NA 110 -84.03 -1.61 46.41
CA HIS NA 110 -82.85 -1.44 47.25
C HIS NA 110 -83.10 -2.12 48.59
N LEU NA 111 -82.02 -2.54 49.23
CA LEU NA 111 -82.09 -3.19 50.52
C LEU NA 111 -82.45 -2.16 51.59
N ASN NA 112 -83.33 -2.53 52.51
CA ASN NA 112 -83.63 -1.69 53.66
C ASN NA 112 -82.61 -2.00 54.76
N LYS NA 113 -82.84 -1.44 55.95
CA LYS NA 113 -81.94 -1.71 57.07
C LYS NA 113 -81.99 -3.18 57.50
N GLU NA 114 -83.04 -3.90 57.11
CA GLU NA 114 -83.18 -5.31 57.45
C GLU NA 114 -82.76 -6.23 56.31
N ASN NA 115 -82.12 -5.69 55.27
CA ASN NA 115 -81.66 -6.47 54.12
C ASN NA 115 -82.83 -7.13 53.39
N TYR NA 116 -83.94 -6.41 53.27
CA TYR NA 116 -85.06 -6.83 52.44
C TYR NA 116 -85.20 -5.90 51.25
N MET NA 117 -85.52 -6.46 50.09
CA MET NA 117 -85.67 -5.67 48.87
C MET NA 117 -87.00 -4.93 48.92
N VAL NA 118 -86.94 -3.60 48.88
CA VAL NA 118 -88.13 -2.76 48.94
C VAL NA 118 -88.06 -1.73 47.81
N THR NA 119 -89.20 -1.10 47.56
CA THR NA 119 -89.28 -0.05 46.55
C THR NA 119 -88.87 1.28 47.18
N ALA NA 120 -89.11 2.38 46.47
CA ALA NA 120 -88.79 3.70 47.00
C ALA NA 120 -89.59 4.00 48.26
N ASN NA 121 -90.84 3.52 48.33
CA ASN NA 121 -91.72 3.74 49.46
C ASN NA 121 -91.53 2.72 50.57
N ASP NA 122 -90.41 1.99 50.58
CA ASP NA 122 -90.12 0.98 51.60
C ASP NA 122 -91.23 -0.07 51.68
N GLU NA 123 -91.69 -0.52 50.51
CA GLU NA 123 -92.67 -1.58 50.41
C GLU NA 123 -91.98 -2.86 50.00
N PHE NA 124 -92.12 -3.91 50.82
CA PHE NA 124 -91.35 -5.13 50.64
C PHE NA 124 -91.77 -5.85 49.36
N LEU NA 125 -90.78 -6.44 48.69
CA LEU NA 125 -91.01 -7.18 47.46
C LEU NA 125 -91.29 -8.65 47.78
N LEU NA 126 -92.35 -9.18 47.22
CA LEU NA 126 -92.77 -10.56 47.49
C LEU NA 126 -92.08 -11.53 46.54
N GLY NA 127 -91.64 -12.67 47.08
CA GLY NA 127 -90.96 -13.67 46.29
C GLY NA 127 -91.26 -15.06 46.79
N TYR NA 128 -90.81 -16.05 46.01
CA TYR NA 128 -90.98 -17.45 46.35
C TYR NA 128 -89.80 -17.94 47.18
N GLN NA 129 -89.80 -19.23 47.50
CA GLN NA 129 -88.71 -19.88 48.21
C GLN NA 129 -88.36 -21.18 47.48
N VAL NA 130 -87.19 -21.22 46.88
CA VAL NA 130 -86.76 -22.37 46.09
C VAL NA 130 -86.14 -23.41 47.00
N ASP NA 131 -86.04 -24.64 46.48
CA ASP NA 131 -85.38 -25.71 47.20
C ASP NA 131 -83.86 -25.53 47.16
N PRO NA 132 -83.14 -26.07 48.15
CA PRO NA 132 -81.67 -25.93 48.13
C PRO NA 132 -81.03 -26.51 46.88
N SER NA 133 -81.39 -27.73 46.50
CA SER NA 133 -80.82 -28.39 45.33
C SER NA 133 -81.75 -28.33 44.12
N SER NA 134 -83.03 -28.65 44.31
CA SER NA 134 -83.98 -28.62 43.21
C SER NA 134 -84.27 -27.18 42.79
N GLY NA 135 -84.20 -26.92 41.49
CA GLY NA 135 -84.53 -25.59 40.98
C GLY NA 135 -85.99 -25.23 41.14
N GLU NA 136 -86.88 -26.22 41.02
CA GLU NA 136 -88.30 -25.95 41.12
C GLU NA 136 -88.66 -25.43 42.51
N VAL NA 137 -89.51 -24.40 42.54
CA VAL NA 137 -89.97 -23.83 43.80
C VAL NA 137 -91.04 -24.76 44.38
N SER NA 138 -90.91 -25.07 45.67
CA SER NA 138 -91.84 -25.98 46.32
C SER NA 138 -93.15 -25.29 46.66
N SER NA 139 -93.08 -24.26 47.49
CA SER NA 139 -94.27 -23.53 47.92
C SER NA 139 -94.42 -22.23 47.14
N TYR NA 140 -95.62 -22.00 46.64
CA TYR NA 140 -95.91 -20.86 45.79
C TYR NA 140 -96.42 -19.65 46.57
N GLU NA 141 -96.44 -19.72 47.89
CA GLU NA 141 -96.89 -18.58 48.67
C GLU NA 141 -95.89 -17.44 48.58
N PRO NA 142 -96.38 -16.20 48.47
CA PRO NA 142 -95.45 -15.06 48.37
C PRO NA 142 -94.90 -14.67 49.73
N GLN NA 143 -93.61 -14.41 49.77
CA GLN NA 143 -92.93 -13.98 50.98
C GLN NA 143 -91.89 -12.92 50.62
N PRO NA 144 -91.56 -12.04 51.55
CA PRO NA 144 -90.50 -11.05 51.29
C PRO NA 144 -89.17 -11.73 51.02
N ILE NA 145 -88.39 -11.12 50.14
CA ILE NA 145 -87.08 -11.64 49.77
C ILE NA 145 -86.03 -11.04 50.69
N ASN NA 146 -85.26 -11.89 51.35
CA ASN NA 146 -84.21 -11.48 52.27
C ASN NA 146 -82.86 -11.88 51.70
N ILE NA 147 -81.87 -11.00 51.88
CA ILE NA 147 -80.52 -11.25 51.39
C ILE NA 147 -79.56 -11.20 52.57
N PRO NA 148 -79.34 -12.30 53.27
CA PRO NA 148 -78.44 -12.29 54.43
C PRO NA 148 -77.01 -11.93 54.02
N ALA NA 149 -76.32 -11.26 54.93
CA ALA NA 149 -74.94 -10.88 54.71
C ALA NA 149 -73.95 -11.93 55.21
N GLU NA 150 -74.42 -12.97 55.88
CA GLU NA 150 -73.57 -14.02 56.40
C GLU NA 150 -74.22 -15.38 56.18
N PHE NA 151 -73.40 -16.35 55.76
CA PHE NA 151 -73.85 -17.74 55.64
C PHE NA 151 -73.69 -18.43 56.99
N GLY NA 152 -74.52 -17.98 57.93
CA GLY NA 152 -74.40 -18.41 59.32
C GLY NA 152 -74.93 -19.80 59.62
N LYS NA 153 -74.34 -20.82 58.99
CA LYS NA 153 -74.73 -22.19 59.25
C LYS NA 153 -73.61 -23.13 58.81
N PRO NA 154 -72.64 -23.44 59.69
CA PRO NA 154 -71.60 -24.42 59.33
C PRO NA 154 -72.21 -25.77 59.00
N LYS NA 155 -72.09 -26.19 57.74
CA LYS NA 155 -72.71 -27.41 57.26
C LYS NA 155 -71.68 -28.54 57.31
N GLN NA 156 -72.02 -29.61 58.01
CA GLN NA 156 -71.13 -30.75 58.12
C GLN NA 156 -71.03 -31.49 56.78
N THR NA 157 -69.88 -32.15 56.58
CA THR NA 157 -69.69 -32.97 55.39
C THR NA 157 -70.46 -34.27 55.55
N ALA NA 158 -71.31 -34.58 54.57
CA ALA NA 158 -72.13 -35.78 54.65
C ALA NA 158 -71.93 -36.68 53.44
N ASN NA 159 -71.81 -36.08 52.27
CA ASN NA 159 -71.64 -36.83 51.02
C ASN NA 159 -70.39 -36.35 50.30
N ILE NA 160 -69.55 -37.28 49.90
CA ILE NA 160 -68.32 -36.99 49.18
C ILE NA 160 -68.32 -37.80 47.89
N GLU NA 161 -68.21 -37.12 46.76
CA GLU NA 161 -68.13 -37.77 45.45
C GLU NA 161 -66.66 -37.76 45.02
N VAL NA 162 -66.11 -38.96 44.83
CA VAL NA 162 -64.71 -39.12 44.44
C VAL NA 162 -64.65 -39.91 43.16
N GLY NA 163 -64.02 -39.33 42.12
CA GLY NA 163 -63.81 -40.03 40.87
C GLY NA 163 -62.35 -40.10 40.51
N VAL NA 164 -61.79 -41.30 40.50
CA VAL NA 164 -60.37 -41.50 40.23
C VAL NA 164 -60.19 -42.59 39.18
N ASN NA 165 -59.03 -42.59 38.54
CA ASN NA 165 -58.62 -43.62 37.60
C ASN NA 165 -57.47 -44.41 38.20
N LEU NA 166 -57.63 -45.72 38.27
CA LEU NA 166 -56.59 -46.49 38.95
C LEU NA 166 -55.66 -47.16 37.95
N PRO NA 167 -54.36 -47.20 38.26
CA PRO NA 167 -53.40 -47.78 37.31
C PRO NA 167 -53.56 -49.29 37.21
N ALA NA 168 -53.89 -49.76 36.01
CA ALA NA 168 -54.06 -51.19 35.80
C ALA NA 168 -52.72 -51.93 35.79
N ASN NA 169 -51.62 -51.23 35.53
CA ASN NA 169 -50.29 -51.83 35.52
C ASN NA 169 -49.58 -51.71 36.86
N GLY NA 170 -50.27 -51.22 37.89
CA GLY NA 170 -49.63 -51.05 39.19
C GLY NA 170 -49.29 -52.38 39.82
N ASP NA 171 -48.28 -52.35 40.70
CA ASP NA 171 -47.81 -53.55 41.36
C ASP NA 171 -48.84 -54.06 42.37
N LEU NA 172 -48.98 -55.38 42.45
CA LEU NA 172 -49.92 -55.98 43.38
C LEU NA 172 -49.40 -55.89 44.82
N LYS NA 173 -50.34 -55.92 45.76
CA LYS NA 173 -50.03 -55.82 47.18
C LYS NA 173 -50.78 -56.90 47.95
N ASP NA 174 -50.35 -57.12 49.19
CA ASP NA 174 -50.97 -58.13 50.04
C ASP NA 174 -52.08 -57.48 50.86
N PRO NA 175 -53.34 -57.93 50.72
CA PRO NA 175 -54.42 -57.31 51.51
C PRO NA 175 -54.23 -57.45 53.01
N THR NA 176 -53.68 -58.59 53.46
CA THR NA 176 -53.52 -58.82 54.89
C THR NA 176 -52.40 -58.01 55.51
N GLN NA 177 -51.51 -57.44 54.70
CA GLN NA 177 -50.37 -56.68 55.20
C GLN NA 177 -50.59 -55.17 55.12
N PHE NA 178 -51.83 -54.74 54.89
CA PHE NA 178 -52.10 -53.31 54.75
C PHE NA 178 -51.87 -52.58 56.07
N ASP NA 179 -51.23 -51.42 55.99
CA ASP NA 179 -51.01 -50.57 57.16
C ASP NA 179 -50.79 -49.15 56.67
N PHE NA 180 -51.59 -48.21 57.15
CA PHE NA 180 -51.49 -46.83 56.70
C PHE NA 180 -50.17 -46.19 57.11
N SER NA 181 -49.50 -46.72 58.14
CA SER NA 181 -48.22 -46.17 58.56
C SER NA 181 -47.08 -46.55 57.63
N ASP NA 182 -47.24 -47.62 56.83
CA ASP NA 182 -46.20 -48.06 55.92
C ASP NA 182 -46.60 -47.77 54.49
N PRO NA 183 -45.97 -46.79 53.83
CA PRO NA 183 -46.36 -46.48 52.44
C PRO NA 183 -46.19 -47.63 51.48
N ASP NA 184 -45.21 -48.52 51.72
CA ASP NA 184 -44.95 -49.62 50.80
C ASP NA 184 -46.03 -50.68 50.81
N THR NA 185 -46.89 -50.70 51.83
CA THR NA 185 -47.92 -51.74 51.91
C THR NA 185 -49.05 -51.50 50.92
N TYR NA 186 -49.36 -50.24 50.63
CA TYR NA 186 -50.44 -49.89 49.71
C TYR NA 186 -49.86 -49.28 48.43
N ASN NA 187 -50.74 -48.87 47.52
CA ASN NA 187 -50.35 -48.34 46.23
C ASN NA 187 -50.30 -46.81 46.22
N ARG NA 188 -51.42 -46.16 46.56
CA ARG NA 188 -51.52 -44.72 46.45
C ARG NA 188 -52.23 -44.16 47.67
N SER NA 189 -51.99 -42.87 47.92
CA SER NA 189 -52.60 -42.16 49.04
C SER NA 189 -52.95 -40.75 48.60
N THR NA 190 -54.14 -40.29 48.97
CA THR NA 190 -54.60 -38.94 48.64
C THR NA 190 -55.04 -38.23 49.91
N SER NA 191 -54.99 -36.90 49.88
CA SER NA 191 -55.36 -36.07 51.01
C SER NA 191 -56.53 -35.16 50.64
N SER NA 192 -57.40 -34.93 51.62
CA SER NA 192 -58.57 -34.09 51.42
C SER NA 192 -58.96 -33.47 52.75
N THR NA 193 -59.79 -32.43 52.68
CA THR NA 193 -60.25 -31.70 53.85
C THR NA 193 -61.75 -31.87 54.02
N ILE NA 194 -62.18 -32.15 55.25
CA ILE NA 194 -63.58 -32.36 55.57
C ILE NA 194 -63.95 -31.43 56.72
N TYR NA 195 -65.26 -31.19 56.87
CA TYR NA 195 -65.77 -30.23 57.85
C TYR NA 195 -66.81 -30.92 58.72
N ASP NA 196 -66.76 -30.60 60.02
CA ASP NA 196 -67.70 -31.16 60.98
C ASP NA 196 -68.90 -30.23 61.16
N SER NA 197 -69.71 -30.50 62.18
CA SER NA 197 -70.89 -29.67 62.43
C SER NA 197 -70.50 -28.26 62.82
N MET NA 198 -69.45 -28.10 63.62
CA MET NA 198 -69.01 -26.80 64.09
C MET NA 198 -68.07 -26.10 63.12
N GLY NA 199 -67.78 -26.72 61.97
CA GLY NA 199 -66.93 -26.11 60.97
C GLY NA 199 -65.45 -26.34 61.13
N GLN NA 200 -65.03 -27.15 62.10
CA GLN NA 200 -63.61 -27.46 62.24
C GLN NA 200 -63.13 -28.28 61.06
N SER NA 201 -61.96 -27.94 60.55
CA SER NA 201 -61.39 -28.62 59.39
C SER NA 201 -60.59 -29.83 59.84
N TYR NA 202 -60.87 -30.97 59.20
CA TYR NA 202 -60.17 -32.22 59.49
C TYR NA 202 -59.54 -32.75 58.21
N LYS NA 203 -58.47 -33.52 58.37
CA LYS NA 203 -57.72 -34.06 57.25
C LYS NA 203 -58.17 -35.50 57.00
N LEU NA 204 -58.66 -35.76 55.78
CA LEU NA 204 -59.11 -37.09 55.38
C LEU NA 204 -58.11 -37.65 54.37
N THR NA 205 -57.56 -38.82 54.67
CA THR NA 205 -56.60 -39.49 53.81
C THR NA 205 -57.20 -40.80 53.32
N THR NA 206 -57.18 -41.00 52.00
CA THR NA 206 -57.73 -42.20 51.38
C THR NA 206 -56.59 -43.04 50.82
N TYR NA 207 -56.57 -44.32 51.21
CA TYR NA 207 -55.52 -45.25 50.78
C TYR NA 207 -56.11 -46.28 49.83
N TYR NA 208 -55.47 -46.44 48.68
CA TYR NA 208 -55.90 -47.40 47.66
C TYR NA 208 -54.88 -48.52 47.57
N LEU NA 209 -55.35 -49.76 47.64
CA LEU NA 209 -54.50 -50.94 47.56
C LEU NA 209 -54.99 -51.84 46.44
N LYS NA 210 -54.06 -52.36 45.66
CA LYS NA 210 -54.37 -53.26 44.56
C LYS NA 210 -54.31 -54.70 45.05
N ASP NA 211 -55.44 -55.40 44.96
CA ASP NA 211 -55.51 -56.78 45.43
C ASP NA 211 -54.68 -57.69 44.53
N GLN NA 212 -53.95 -58.61 45.18
CA GLN NA 212 -53.15 -59.59 44.45
C GLN NA 212 -53.92 -60.88 44.18
N THR NA 213 -54.73 -61.31 45.16
CA THR NA 213 -55.47 -62.57 45.00
C THR NA 213 -56.47 -62.50 43.85
N GLN NA 214 -57.17 -61.38 43.72
CA GLN NA 214 -58.20 -61.22 42.71
C GLN NA 214 -57.77 -60.16 41.71
N PRO NA 215 -57.63 -60.49 40.43
CA PRO NA 215 -57.32 -59.46 39.43
C PRO NA 215 -58.48 -58.49 39.25
N ASN NA 216 -58.12 -57.26 38.87
CA ASN NA 216 -59.09 -56.17 38.70
C ASN NA 216 -59.89 -55.93 39.99
N THR NA 217 -59.21 -55.99 41.13
CA THR NA 217 -59.82 -55.78 42.43
C THR NA 217 -58.94 -54.83 43.24
N TRP NA 218 -59.57 -53.86 43.88
CA TRP NA 218 -58.88 -52.87 44.68
C TRP NA 218 -59.51 -52.75 46.05
N ASN NA 219 -58.69 -52.41 47.04
CA ASN NA 219 -59.13 -52.19 48.40
C ASN NA 219 -58.88 -50.73 48.78
N THR NA 220 -59.91 -50.08 49.32
CA THR NA 220 -59.85 -48.66 49.65
C THR NA 220 -60.10 -48.47 51.14
N TYR NA 221 -59.24 -47.69 51.77
CA TYR NA 221 -59.31 -47.42 53.19
C TYR NA 221 -59.28 -45.92 53.43
N TYR NA 222 -59.82 -45.50 54.58
CA TYR NA 222 -59.90 -44.10 54.93
C TYR NA 222 -59.35 -43.88 56.34
N THR NA 223 -58.69 -42.73 56.53
CA THR NA 223 -58.18 -42.35 57.83
C THR NA 223 -58.48 -40.87 58.06
N VAL NA 224 -58.61 -40.50 59.34
CA VAL NA 224 -58.88 -39.12 59.74
C VAL NA 224 -57.75 -38.65 60.62
N THR NA 225 -57.16 -37.50 60.28
CA THR NA 225 -56.03 -36.94 61.00
C THR NA 225 -56.49 -35.69 61.74
N ASP NA 226 -56.73 -35.83 63.05
CA ASP NA 226 -57.03 -34.71 63.91
C ASP NA 226 -55.75 -34.24 64.60
N LYS NA 227 -55.91 -33.33 65.58
CA LYS NA 227 -54.74 -32.83 66.29
C LYS NA 227 -54.09 -33.93 67.14
N GLU NA 228 -54.88 -34.87 67.66
CA GLU NA 228 -54.31 -35.96 68.46
C GLU NA 228 -53.43 -36.86 67.60
N GLY NA 229 -53.87 -37.16 66.38
CA GLY NA 229 -53.11 -38.03 65.51
C GLY NA 229 -53.98 -38.50 64.35
N GLU NA 230 -53.51 -39.57 63.70
CA GLU NA 230 -54.21 -40.18 62.58
C GLU NA 230 -54.93 -41.42 63.07
N LYS NA 231 -56.26 -41.42 62.98
CA LYS NA 231 -57.08 -42.55 63.41
C LYS NA 231 -57.77 -43.17 62.22
N PRO NA 232 -57.64 -44.48 62.02
CA PRO NA 232 -58.30 -45.13 60.89
C PRO NA 232 -59.82 -45.12 61.03
N LEU NA 233 -60.49 -45.08 59.89
CA LEU NA 233 -61.95 -45.06 59.84
C LEU NA 233 -62.45 -46.35 59.21
N ASN NA 234 -63.45 -46.97 59.83
CA ASN NA 234 -63.98 -48.25 59.39
C ASN NA 234 -65.30 -48.05 58.66
N VAL NA 235 -65.56 -48.91 57.68
CA VAL NA 235 -66.80 -48.90 56.93
C VAL NA 235 -67.81 -49.78 57.66
N ALA NA 236 -69.08 -49.38 57.62
CA ALA NA 236 -70.12 -50.12 58.33
C ALA NA 236 -70.27 -51.53 57.79
N ALA NA 237 -70.24 -51.68 56.45
CA ALA NA 237 -70.42 -52.98 55.82
C ALA NA 237 -69.37 -53.23 54.75
N GLY NA 238 -68.16 -52.71 54.95
CA GLY NA 238 -67.09 -52.92 53.98
C GLY NA 238 -66.54 -54.34 54.05
N ASP NA 239 -66.32 -54.93 52.88
CA ASP NA 239 -65.80 -56.30 52.78
C ASP NA 239 -64.28 -56.34 52.65
N ALA NA 240 -63.59 -55.66 53.57
CA ALA NA 240 -62.13 -55.69 53.58
C ALA NA 240 -61.68 -55.54 55.04
N GLN NA 241 -61.42 -56.68 55.68
CA GLN NA 241 -61.06 -56.71 57.10
C GLN NA 241 -59.61 -57.12 57.23
N THR NA 242 -58.76 -56.16 57.57
CA THR NA 242 -57.36 -56.45 57.86
C THR NA 242 -57.24 -57.13 59.22
N PRO NA 243 -56.15 -57.86 59.45
CA PRO NA 243 -55.97 -58.49 60.77
C PRO NA 243 -55.97 -57.50 61.93
N THR NA 244 -55.49 -56.27 61.70
CA THR NA 244 -55.52 -55.26 62.75
C THR NA 244 -56.96 -54.91 63.14
N GLY NA 245 -57.85 -54.80 62.16
CA GLY NA 245 -59.24 -54.52 62.42
C GLY NA 245 -59.82 -53.45 61.53
N HIS NA 246 -58.98 -52.78 60.75
CA HIS NA 246 -59.44 -51.73 59.86
C HIS NA 246 -60.35 -52.32 58.78
N VAL NA 247 -61.45 -51.63 58.51
CA VAL NA 247 -62.48 -52.10 57.57
C VAL NA 247 -62.51 -51.16 56.38
N GLY NA 248 -62.12 -51.68 55.22
CA GLY NA 248 -62.25 -50.97 53.97
C GLY NA 248 -63.32 -51.58 53.08
N HIS NA 249 -63.34 -51.13 51.82
CA HIS NA 249 -64.32 -51.61 50.86
C HIS NA 249 -63.61 -51.98 49.56
N THR NA 250 -64.21 -52.92 48.84
CA THR NA 250 -63.61 -53.47 47.62
C THR NA 250 -64.27 -52.88 46.38
N MET NA 251 -63.47 -52.67 45.34
CA MET NA 251 -63.93 -52.15 44.07
C MET NA 251 -63.53 -53.11 42.97
N LYS NA 252 -64.47 -53.39 42.07
CA LYS NA 252 -64.25 -54.32 40.96
C LYS NA 252 -64.56 -53.63 39.64
N PHE NA 253 -63.86 -54.04 38.59
CA PHE NA 253 -63.99 -53.46 37.27
C PHE NA 253 -64.22 -54.56 36.24
N ASN NA 254 -64.90 -54.19 35.15
CA ASN NA 254 -65.22 -55.14 34.10
C ASN NA 254 -64.01 -55.36 33.20
N ASN NA 255 -64.21 -56.08 32.10
CA ASN NA 255 -63.11 -56.32 31.15
C ASN NA 255 -62.70 -55.04 30.44
N ASP NA 256 -63.66 -54.15 30.18
CA ASP NA 256 -63.38 -52.90 29.47
C ASP NA 256 -62.80 -51.83 30.37
N GLY NA 257 -62.63 -52.11 31.66
CA GLY NA 257 -62.10 -51.14 32.59
C GLY NA 257 -63.14 -50.25 33.25
N THR NA 258 -64.40 -50.36 32.88
CA THR NA 258 -65.45 -49.58 33.52
C THR NA 258 -65.76 -50.15 34.89
N LEU NA 259 -66.58 -49.41 35.65
CA LEU NA 259 -66.92 -49.82 37.00
C LEU NA 259 -67.89 -50.99 36.99
N ALA NA 260 -67.58 -52.03 37.76
CA ALA NA 260 -68.42 -53.22 37.84
C ALA NA 260 -69.28 -53.24 39.10
N SER NA 261 -68.65 -53.14 40.27
CA SER NA 261 -69.38 -53.22 41.53
C SER NA 261 -68.61 -52.44 42.58
N LEU NA 262 -69.34 -52.02 43.62
CA LEU NA 262 -68.77 -51.29 44.75
C LEU NA 262 -69.30 -51.89 46.05
N ASN NA 263 -68.39 -52.45 46.85
CA ASN NA 263 -68.72 -52.98 48.18
C ASN NA 263 -69.86 -53.99 48.11
N ASN NA 264 -69.75 -54.92 47.16
CA ASN NA 264 -70.74 -55.99 46.97
C ASN NA 264 -72.14 -55.44 46.73
N GLY NA 265 -72.23 -54.31 46.04
CA GLY NA 265 -73.52 -53.71 45.76
C GLY NA 265 -74.14 -52.94 46.90
N GLN NA 266 -73.41 -52.74 48.01
CA GLN NA 266 -73.95 -52.01 49.14
C GLN NA 266 -73.43 -50.57 49.15
N PRO NA 267 -74.23 -49.63 49.65
CA PRO NA 267 -73.75 -48.25 49.76
C PRO NA 267 -72.61 -48.12 50.75
N ILE NA 268 -71.73 -47.16 50.49
CA ILE NA 268 -70.56 -46.92 51.32
C ILE NA 268 -70.93 -45.86 52.35
N THR NA 269 -71.19 -46.30 53.58
CA THR NA 269 -71.48 -45.40 54.69
C THR NA 269 -70.49 -45.71 55.82
N SER NA 270 -69.78 -44.68 56.28
CA SER NA 270 -68.78 -44.86 57.31
C SER NA 270 -69.42 -44.81 58.70
N VAL NA 271 -68.68 -45.31 59.68
CA VAL NA 271 -69.12 -45.33 61.07
C VAL NA 271 -69.03 -43.90 61.63
N ALA NA 272 -69.65 -43.68 62.79
CA ALA NA 272 -69.62 -42.36 63.40
C ALA NA 272 -68.20 -41.97 63.78
N LEU NA 273 -67.84 -40.72 63.48
CA LEU NA 273 -66.47 -40.26 63.69
C LEU NA 273 -66.13 -40.19 65.18
N GLY NA 274 -67.01 -39.59 65.98
CA GLY NA 274 -66.70 -39.35 67.37
C GLY NA 274 -67.49 -40.15 68.39
N ASP NA 275 -68.10 -41.25 67.95
CA ASP NA 275 -68.90 -42.07 68.84
C ASP NA 275 -68.11 -43.32 69.22
N PRO NA 276 -67.68 -43.47 70.47
CA PRO NA 276 -66.99 -44.71 70.87
C PRO NA 276 -67.86 -45.94 70.80
N ALA NA 277 -69.18 -45.78 70.82
CA ALA NA 277 -70.09 -46.92 70.77
C ALA NA 277 -70.05 -47.66 69.43
N THR NA 278 -69.55 -47.03 68.37
CA THR NA 278 -69.48 -47.66 67.06
C THR NA 278 -68.09 -47.62 66.45
N ASN NA 279 -67.15 -46.86 67.01
CA ASN NA 279 -65.81 -46.74 66.46
C ASN NA 279 -64.79 -47.08 67.54
N THR NA 280 -63.84 -47.95 67.21
CA THR NA 280 -62.78 -48.28 68.15
C THR NA 280 -61.75 -47.17 68.28
N THR NA 281 -61.68 -46.26 67.31
CA THR NA 281 -60.79 -45.11 67.34
C THR NA 281 -61.63 -43.87 67.09
N PRO NA 282 -62.35 -43.40 68.10
CA PRO NA 282 -63.24 -42.23 67.92
C PRO NA 282 -62.44 -40.98 67.60
N VAL NA 283 -62.88 -40.26 66.57
CA VAL NA 283 -62.23 -39.00 66.20
C VAL NA 283 -62.61 -37.93 67.22
N ASP NA 284 -61.61 -37.16 67.65
CA ASP NA 284 -61.83 -36.10 68.63
C ASP NA 284 -62.60 -34.95 68.01
N MET NA 285 -63.92 -34.94 68.18
CA MET NA 285 -64.76 -33.91 67.56
C MET NA 285 -64.53 -32.53 68.17
N ASN NA 286 -63.96 -32.46 69.37
CA ASN NA 286 -63.71 -31.18 70.05
C ASN NA 286 -65.01 -30.38 70.21
N GLY NA 287 -66.09 -31.07 70.58
CA GLY NA 287 -67.38 -30.45 70.79
C GLY NA 287 -68.36 -30.59 69.64
N ALA NA 288 -67.94 -31.17 68.52
CA ALA NA 288 -68.81 -31.32 67.37
C ALA NA 288 -69.76 -32.51 67.57
N ASP NA 289 -70.58 -32.76 66.56
CA ASP NA 289 -71.51 -33.88 66.59
C ASP NA 289 -70.75 -35.19 66.44
N PRO NA 290 -70.84 -36.10 67.42
CA PRO NA 290 -70.10 -37.36 67.33
C PRO NA 290 -70.73 -38.38 66.39
N ALA NA 291 -71.98 -38.17 65.98
CA ALA NA 291 -72.68 -39.13 65.14
C ALA NA 291 -72.59 -38.79 63.66
N GLN NA 292 -71.64 -37.94 63.26
CA GLN NA 292 -71.50 -37.59 61.85
C GLN NA 292 -71.06 -38.82 61.05
N THR NA 293 -71.71 -39.01 59.91
CA THR NA 293 -71.41 -40.13 59.02
C THR NA 293 -71.10 -39.60 57.63
N LEU NA 294 -70.26 -40.31 56.91
CA LEU NA 294 -69.84 -39.92 55.57
C LEU NA 294 -70.31 -40.95 54.55
N ASN NA 295 -70.90 -40.46 53.46
CA ASN NA 295 -71.33 -41.29 52.35
C ASN NA 295 -70.40 -41.03 51.17
N PHE NA 296 -69.77 -42.09 50.67
CA PHE NA 296 -68.82 -41.98 49.58
C PHE NA 296 -69.47 -42.44 48.28
N GLY NA 297 -69.42 -41.58 47.27
CA GLY NA 297 -69.91 -41.93 45.96
C GLY NA 297 -68.79 -42.06 44.95
N LEU NA 298 -68.51 -43.29 44.53
CA LEU NA 298 -67.43 -43.59 43.59
C LEU NA 298 -67.98 -44.24 42.33
N GLY NA 299 -69.08 -43.70 41.81
CA GLY NA 299 -69.70 -44.27 40.63
C GLY NA 299 -68.95 -43.99 39.34
N SER NA 300 -67.94 -43.13 39.37
CA SER NA 300 -67.15 -42.81 38.19
C SER NA 300 -65.74 -43.39 38.24
N ALA NA 301 -65.49 -44.30 39.17
CA ALA NA 301 -64.16 -44.90 39.27
C ALA NA 301 -63.86 -45.78 38.06
N THR NA 302 -62.64 -45.67 37.55
CA THR NA 302 -62.22 -46.41 36.37
C THR NA 302 -60.83 -46.97 36.62
N GLN NA 303 -60.49 -48.02 35.87
CA GLN NA 303 -59.16 -48.62 35.88
C GLN NA 303 -58.70 -48.77 34.44
N PHE NA 304 -57.84 -47.87 33.98
CA PHE NA 304 -57.34 -47.85 32.62
C PHE NA 304 -55.82 -47.95 32.65
N ALA NA 305 -55.21 -47.85 31.46
CA ALA NA 305 -53.76 -47.89 31.36
C ALA NA 305 -53.11 -46.61 31.89
N ALA NA 306 -53.88 -45.55 32.07
CA ALA NA 306 -53.33 -44.31 32.58
C ALA NA 306 -52.92 -44.46 34.05
N PRO NA 307 -51.90 -43.72 34.50
CA PRO NA 307 -51.50 -43.80 35.91
C PRO NA 307 -52.56 -43.25 36.86
N PHE NA 308 -52.24 -43.28 38.16
CA PHE NA 308 -53.18 -42.81 39.18
C PHE NA 308 -53.50 -41.34 38.98
N GLU NA 309 -54.78 -40.99 39.07
CA GLU NA 309 -55.23 -39.62 38.83
C GLU NA 309 -56.48 -39.34 39.65
N LEU NA 310 -56.54 -38.14 40.25
CA LEU NA 310 -57.70 -37.66 40.98
C LEU NA 310 -58.50 -36.77 40.02
N THR NA 311 -59.41 -37.38 39.27
CA THR NA 311 -60.12 -36.64 38.23
C THR NA 311 -61.12 -35.65 38.83
N LYS NA 312 -61.92 -36.10 39.79
CA LYS NA 312 -63.00 -35.30 40.33
C LYS NA 312 -63.12 -35.51 41.84
N PHE NA 313 -63.33 -34.43 42.58
CA PHE NA 313 -63.56 -34.49 44.01
C PHE NA 313 -64.59 -33.42 44.38
N ASP NA 314 -65.72 -33.85 44.91
CA ASP NA 314 -66.79 -32.94 45.32
C ASP NA 314 -67.29 -33.32 46.70
N GLU NA 315 -67.59 -32.30 47.51
CA GLU NA 315 -68.14 -32.49 48.84
C GLU NA 315 -69.33 -31.56 49.02
N ASP NA 316 -70.08 -31.79 50.10
CA ASP NA 316 -71.24 -30.96 50.44
C ASP NA 316 -71.01 -30.13 51.68
N GLY NA 317 -69.77 -30.09 52.18
CA GLY NA 317 -69.46 -29.33 53.36
C GLY NA 317 -69.41 -27.83 53.11
N ALA NA 318 -69.50 -27.08 54.19
CA ALA NA 318 -69.49 -25.62 54.10
C ALA NA 318 -69.01 -25.05 55.42
N THR NA 319 -68.60 -23.78 55.37
CA THR NA 319 -68.11 -23.06 56.54
C THR NA 319 -68.75 -21.68 56.57
N THR NA 320 -68.51 -20.95 57.65
CA THR NA 320 -69.03 -19.59 57.76
C THR NA 320 -68.42 -18.70 56.69
N GLY NA 321 -69.24 -17.77 56.19
CA GLY NA 321 -68.80 -16.91 55.11
C GLY NA 321 -69.56 -15.60 55.08
N PHE NA 322 -69.11 -14.71 54.21
CA PHE NA 322 -69.63 -13.35 54.12
C PHE NA 322 -70.10 -13.07 52.70
N LEU NA 323 -71.24 -12.38 52.60
CA LEU NA 323 -71.81 -12.06 51.29
C LEU NA 323 -70.84 -11.25 50.46
N THR NA 324 -70.45 -11.80 49.31
CA THR NA 324 -69.48 -11.17 48.42
C THR NA 324 -70.12 -10.46 47.23
N LYS NA 325 -71.00 -11.14 46.50
CA LYS NA 325 -71.67 -10.52 45.37
C LYS NA 325 -73.04 -11.16 45.18
N VAL NA 326 -73.94 -10.41 44.54
CA VAL NA 326 -75.30 -10.87 44.30
C VAL NA 326 -75.69 -10.48 42.87
N ASP NA 327 -76.24 -11.45 42.13
CA ASP NA 327 -76.68 -11.22 40.76
C ASP NA 327 -78.01 -11.93 40.54
N PHE NA 328 -78.65 -11.59 39.42
CA PHE NA 328 -79.96 -12.12 39.06
C PHE NA 328 -79.86 -12.86 37.73
N ASP NA 329 -80.49 -14.03 37.66
CA ASP NA 329 -80.55 -14.77 36.40
C ASP NA 329 -81.86 -14.44 35.68
N GLU NA 330 -82.01 -15.02 34.48
CA GLU NA 330 -83.20 -14.76 33.68
C GLU NA 330 -84.45 -15.36 34.30
N ASN NA 331 -84.32 -16.44 35.07
CA ASN NA 331 -85.47 -17.09 35.69
C ASN NA 331 -86.01 -16.32 36.88
N GLY NA 332 -85.34 -15.26 37.31
CA GLY NA 332 -85.78 -14.49 38.46
C GLY NA 332 -85.17 -14.92 39.78
N SER NA 333 -84.36 -15.97 39.79
CA SER NA 333 -83.71 -16.40 41.03
C SER NA 333 -82.59 -15.42 41.39
N VAL NA 334 -82.57 -14.98 42.64
CA VAL NA 334 -81.55 -14.07 43.14
C VAL NA 334 -80.46 -14.91 43.78
N MET NA 335 -79.30 -14.95 43.14
CA MET NA 335 -78.18 -15.75 43.62
C MET NA 335 -77.15 -14.86 44.30
N GLY NA 336 -76.51 -15.40 45.32
CA GLY NA 336 -75.45 -14.71 46.02
C GLY NA 336 -74.31 -15.63 46.37
N THR NA 337 -73.08 -15.19 46.15
CA THR NA 337 -71.90 -15.98 46.45
C THR NA 337 -71.20 -15.41 47.68
N TYR NA 338 -70.72 -16.30 48.54
CA TYR NA 338 -70.05 -15.94 49.77
C TYR NA 338 -68.56 -16.26 49.67
N SER NA 339 -67.82 -15.95 50.73
CA SER NA 339 -66.40 -16.23 50.74
C SER NA 339 -66.12 -17.73 50.87
N ASN NA 340 -67.06 -18.48 51.44
CA ASN NA 340 -66.89 -19.92 51.54
C ASN NA 340 -66.88 -20.58 50.16
N GLY NA 341 -67.67 -20.06 49.24
CA GLY NA 341 -67.75 -20.57 47.88
C GLY NA 341 -69.12 -21.07 47.47
N GLU NA 342 -70.02 -21.37 48.41
CA GLU NA 342 -71.34 -21.86 48.06
C GLU NA 342 -72.15 -20.76 47.40
N ASN NA 343 -72.79 -21.08 46.27
CA ASN NA 343 -73.64 -20.14 45.55
C ASN NA 343 -75.09 -20.31 46.00
N VAL NA 344 -75.38 -19.76 47.18
CA VAL NA 344 -76.69 -19.93 47.78
C VAL NA 344 -77.71 -19.11 47.01
N THR NA 345 -78.81 -19.75 46.61
CA THR NA 345 -79.91 -19.08 45.92
C THR NA 345 -80.88 -18.55 46.98
N LEU NA 346 -80.90 -17.23 47.15
CA LEU NA 346 -81.69 -16.64 48.23
C LEU NA 346 -83.19 -16.83 47.99
N GLY NA 347 -83.62 -16.85 46.74
CA GLY NA 347 -85.03 -17.07 46.45
C GLY NA 347 -85.33 -16.74 45.01
N ARG NA 348 -86.63 -16.67 44.71
CA ARG NA 348 -87.12 -16.27 43.40
C ARG NA 348 -88.00 -15.04 43.55
N VAL NA 349 -88.25 -14.38 42.43
CA VAL NA 349 -89.08 -13.18 42.39
C VAL NA 349 -90.42 -13.57 41.76
N ALA NA 350 -91.49 -13.35 42.51
CA ALA NA 350 -92.82 -13.68 42.02
C ALA NA 350 -93.21 -12.76 40.87
N LEU NA 351 -93.95 -13.32 39.91
CA LEU NA 351 -94.49 -12.57 38.79
C LEU NA 351 -95.99 -12.80 38.72
N VAL NA 352 -96.73 -11.71 38.56
CA VAL NA 352 -98.20 -11.75 38.60
C VAL NA 352 -98.73 -11.20 37.28
N ARG NA 353 -99.67 -11.94 36.68
CA ARG NA 353 -100.33 -11.52 35.46
C ARG NA 353 -101.84 -11.66 35.66
N VAL NA 354 -102.58 -10.65 35.22
CA VAL NA 354 -104.03 -10.67 35.34
C VAL NA 354 -104.64 -10.93 33.96
N PRO NA 355 -105.77 -11.62 33.87
CA PRO NA 355 -106.35 -11.88 32.54
C PRO NA 355 -106.71 -10.62 31.76
N ASN NA 356 -107.21 -9.60 32.44
CA ASN NA 356 -107.58 -8.33 31.80
C ASN NA 356 -106.86 -7.20 32.55
N GLU NA 357 -105.80 -6.67 31.94
CA GLU NA 357 -105.03 -5.62 32.59
C GLU NA 357 -105.73 -4.26 32.53
N GLN NA 358 -106.72 -4.09 31.66
CA GLN NA 358 -107.42 -2.82 31.51
C GLN NA 358 -108.34 -2.50 32.68
N GLY NA 359 -108.58 -3.44 33.59
CA GLY NA 359 -109.54 -3.23 34.65
C GLY NA 359 -108.91 -3.03 36.01
N LEU NA 360 -107.58 -3.11 36.08
CA LEU NA 360 -106.88 -2.88 37.34
C LEU NA 360 -107.10 -1.44 37.79
N ASP NA 361 -107.48 -1.27 39.05
CA ASP NA 361 -107.59 0.07 39.62
C ASP NA 361 -106.21 0.60 39.95
N LYS NA 362 -106.04 1.90 39.76
CA LYS NA 362 -104.73 2.53 39.88
C LYS NA 362 -104.58 3.15 41.27
N LYS NA 363 -103.64 2.62 42.05
CA LYS NA 363 -103.28 3.23 43.32
C LYS NA 363 -102.19 4.27 43.09
N GLY NA 364 -101.71 4.88 44.16
CA GLY NA 364 -100.61 5.81 44.06
C GLY NA 364 -99.28 5.08 43.88
N GLY NA 365 -98.28 5.86 43.45
CA GLY NA 365 -96.95 5.32 43.29
C GLY NA 365 -96.82 4.24 42.24
N THR NA 366 -97.50 4.39 41.10
CA THR NA 366 -97.42 3.46 39.98
C THR NA 366 -97.70 2.03 40.42
N GLN NA 367 -98.81 1.85 41.14
CA GLN NA 367 -99.20 0.55 41.66
C GLN NA 367 -100.65 0.26 41.29
N TRP NA 368 -100.94 -1.02 41.08
CA TRP NA 368 -102.27 -1.46 40.70
C TRP NA 368 -102.73 -2.57 41.62
N ASP NA 369 -104.04 -2.73 41.72
CA ASP NA 369 -104.66 -3.79 42.51
C ASP NA 369 -105.67 -4.51 41.65
N SER NA 370 -105.96 -5.76 42.02
CA SER NA 370 -106.87 -6.60 41.24
C SER NA 370 -108.30 -6.37 41.73
N THR NA 371 -109.16 -5.90 40.84
CA THR NA 371 -110.56 -5.65 41.13
C THR NA 371 -111.42 -6.79 40.58
N GLN NA 372 -112.73 -6.66 40.73
CA GLN NA 372 -113.64 -7.67 40.21
C GLN NA 372 -113.55 -7.79 38.70
N PHE NA 373 -113.52 -6.64 38.01
CA PHE NA 373 -113.45 -6.66 36.55
C PHE NA 373 -112.11 -7.19 36.06
N SER NA 374 -111.03 -6.86 36.77
CA SER NA 374 -109.71 -7.35 36.38
C SER NA 374 -109.63 -8.87 36.49
N GLY NA 375 -110.20 -9.43 37.56
CA GLY NA 375 -110.15 -10.87 37.79
C GLY NA 375 -109.41 -11.19 39.08
N ASP NA 376 -108.57 -12.22 39.03
CA ASP NA 376 -107.77 -12.64 40.16
C ASP NA 376 -106.30 -12.66 39.76
N LYS NA 377 -105.44 -12.36 40.73
CA LYS NA 377 -104.00 -12.38 40.49
C LYS NA 377 -103.55 -13.82 40.22
N ILE NA 378 -102.84 -14.01 39.12
CA ILE NA 378 -102.30 -15.32 38.76
C ILE NA 378 -100.79 -15.27 38.98
N TRP NA 379 -100.32 -16.08 39.92
CA TRP NA 379 -98.91 -16.11 40.27
C TRP NA 379 -98.15 -17.04 39.33
N GLY NA 380 -96.85 -16.76 39.17
CA GLY NA 380 -96.01 -17.57 38.32
C GLY NA 380 -94.57 -17.14 38.43
N GLU NA 381 -93.71 -17.89 37.77
CA GLU NA 381 -92.28 -17.59 37.77
C GLU NA 381 -91.95 -16.73 36.55
N SER NA 382 -90.67 -16.51 36.31
CA SER NA 382 -90.21 -15.74 35.16
C SER NA 382 -89.86 -16.68 34.02
N ASN NA 383 -90.24 -16.27 32.80
CA ASN NA 383 -90.00 -17.06 31.58
C ASN NA 383 -90.62 -18.46 31.72
N LYS NA 384 -91.86 -18.49 32.19
CA LYS NA 384 -92.61 -19.73 32.35
C LYS NA 384 -94.03 -19.52 31.85
N GLY NA 385 -94.49 -20.41 30.99
CA GLY NA 385 -95.84 -20.29 30.44
C GLY NA 385 -95.97 -19.02 29.61
N SER NA 386 -96.94 -18.19 29.97
CA SER NA 386 -97.20 -16.94 29.26
C SER NA 386 -96.50 -15.74 29.90
N PHE NA 387 -95.74 -15.96 30.97
CA PHE NA 387 -95.04 -14.86 31.62
C PHE NA 387 -93.83 -14.42 30.81
N GLY NA 388 -93.34 -13.24 31.12
CA GLY NA 388 -92.17 -12.69 30.46
C GLY NA 388 -90.89 -13.03 31.21
N THR NA 389 -89.84 -12.29 30.87
CA THR NA 389 -88.52 -12.49 31.47
C THR NA 389 -88.17 -11.30 32.36
N ILE NA 390 -87.19 -11.52 33.22
CA ILE NA 390 -86.72 -10.50 34.17
C ILE NA 390 -85.27 -10.20 33.84
N ASN NA 391 -84.96 -8.92 33.62
CA ASN NA 391 -83.61 -8.46 33.36
C ASN NA 391 -83.21 -7.46 34.43
N ASN NA 392 -82.05 -7.68 35.05
CA ASN NA 392 -81.51 -6.75 36.02
C ASN NA 392 -80.68 -5.67 35.32
N GLY NA 393 -80.57 -4.52 35.97
CA GLY NA 393 -79.85 -3.41 35.40
C GLY NA 393 -80.62 -2.58 34.40
N MET NA 394 -81.94 -2.74 34.33
CA MET NA 394 -82.78 -1.99 33.40
C MET NA 394 -83.99 -1.43 34.14
N LEU NA 395 -84.61 -0.43 33.52
CA LEU NA 395 -85.81 0.19 34.05
C LEU NA 395 -86.76 0.52 32.90
N GLU NA 396 -88.03 0.66 33.22
CA GLU NA 396 -89.06 0.97 32.24
C GLU NA 396 -89.40 2.46 32.30
N GLN NA 397 -89.44 3.09 31.13
CA GLN NA 397 -89.91 4.47 31.02
C GLN NA 397 -91.39 4.48 30.63
N SER NA 398 -91.95 5.67 30.52
CA SER NA 398 -93.35 5.80 30.12
C SER NA 398 -93.53 5.33 28.68
N ASN NA 399 -94.63 4.63 28.43
CA ASN NA 399 -94.93 4.11 27.10
C ASN NA 399 -95.76 5.13 26.31
N ILE NA 400 -95.25 6.35 26.28
CA ILE NA 400 -95.93 7.47 25.65
C ILE NA 400 -95.06 8.02 24.54
N ASP NA 401 -95.69 8.76 23.63
CA ASP NA 401 -95.01 9.44 22.53
C ASP NA 401 -95.38 10.91 22.60
N MET NA 402 -94.37 11.76 22.76
CA MET NA 402 -94.62 13.19 22.95
C MET NA 402 -95.32 13.81 21.75
N THR NA 403 -94.93 13.40 20.54
CA THR NA 403 -95.57 13.94 19.34
C THR NA 403 -97.06 13.66 19.34
N GLN NA 404 -97.45 12.41 19.63
CA GLN NA 404 -98.86 12.06 19.65
C GLN NA 404 -99.61 12.84 20.73
N GLU NA 405 -99.00 12.99 21.91
CA GLU NA 405 -99.65 13.73 22.98
C GLU NA 405 -99.86 15.19 22.60
N LEU NA 406 -98.87 15.83 21.99
CA LEU NA 406 -99.02 17.21 21.57
C LEU NA 406 -100.07 17.36 20.48
N VAL NA 407 -100.11 16.43 19.53
CA VAL NA 407 -101.12 16.49 18.47
C VAL NA 407 -102.51 16.33 19.07
N ASP NA 408 -102.68 15.38 20.00
CA ASP NA 408 -103.98 15.20 20.64
C ASP NA 408 -104.36 16.44 21.45
N LEU NA 409 -103.37 17.08 22.07
CA LEU NA 409 -103.64 18.31 22.80
C LEU NA 409 -104.18 19.39 21.88
N ILE NA 410 -103.56 19.55 20.70
CA ILE NA 410 -104.01 20.54 19.73
C ILE NA 410 -105.44 20.23 19.28
N SER NA 411 -105.70 18.96 18.96
CA SER NA 411 -107.03 18.58 18.50
C SER NA 411 -108.08 18.79 19.58
N ALA NA 412 -107.75 18.45 20.83
CA ALA NA 412 -108.68 18.66 21.93
C ALA NA 412 -108.98 20.13 22.13
N GLN NA 413 -107.96 20.98 22.02
CA GLN NA 413 -108.20 22.42 22.13
C GLN NA 413 -109.11 22.90 21.01
N ARG NA 414 -108.90 22.40 19.79
CA ARG NA 414 -109.76 22.79 18.68
C ARG NA 414 -111.20 22.37 18.92
N ASN NA 415 -111.42 21.15 19.41
CA ASN NA 415 -112.77 20.69 19.68
C ASN NA 415 -113.41 21.49 20.81
N PHE NA 416 -112.64 21.83 21.84
CA PHE NA 416 -113.15 22.64 22.93
C PHE NA 416 -113.57 24.02 22.44
N GLN NA 417 -112.76 24.62 21.56
CA GLN NA 417 -113.14 25.90 20.98
C GLN NA 417 -114.41 25.79 20.16
N ALA NA 418 -114.55 24.70 19.40
CA ALA NA 418 -115.78 24.51 18.61
C ALA NA 418 -117.00 24.39 19.51
N ASN NA 419 -116.89 23.62 20.59
CA ASN NA 419 -118.02 23.46 21.51
C ASN NA 419 -118.36 24.78 22.20
N SER NA 420 -117.33 25.54 22.59
CA SER NA 420 -117.58 26.85 23.20
C SER NA 420 -118.27 27.79 22.20
N ARG NA 421 -117.88 27.73 20.93
CA ARG NA 421 -118.54 28.53 19.91
C ARG NA 421 -120.01 28.14 19.80
N SER NA 422 -120.32 26.84 19.81
CA SER NA 422 -121.71 26.41 19.76
C SER NA 422 -122.49 26.91 20.97
N LEU NA 423 -121.88 26.84 22.16
CA LEU NA 423 -122.54 27.32 23.36
C LEU NA 423 -122.81 28.82 23.27
N GLU NA 424 -121.84 29.58 22.75
CA GLU NA 424 -122.05 31.02 22.57
C GLU NA 424 -123.16 31.30 21.58
N VAL NA 425 -123.25 30.49 20.51
CA VAL NA 425 -124.33 30.67 19.54
C VAL NA 425 -125.68 30.44 20.22
N HIS NA 426 -125.78 29.38 21.03
CA HIS NA 426 -127.03 29.12 21.73
C HIS NA 426 -127.39 30.26 22.68
N ASN NA 427 -126.40 30.78 23.41
CA ASN NA 427 -126.66 31.88 24.32
C ASN NA 427 -127.09 33.14 23.59
N GLN NA 428 -126.47 33.43 22.45
CA GLN NA 428 -126.86 34.58 21.66
C GLN NA 428 -128.28 34.41 21.12
N LEU NA 429 -128.64 33.20 20.70
CA LEU NA 429 -130.01 32.97 20.25
C LEU NA 429 -131.01 33.18 21.38
N GLN NA 430 -130.68 32.69 22.59
CA GLN NA 430 -131.58 32.89 23.72
C GLN NA 430 -131.71 34.37 24.08
N GLN NA 431 -130.60 35.12 24.04
CA GLN NA 431 -130.66 36.54 24.33
C GLN NA 431 -131.44 37.30 23.27
N ASN NA 432 -131.31 36.93 22.00
CA ASN NA 432 -132.10 37.57 20.95
C ASN NA 432 -133.57 37.28 21.12
N ILE NA 433 -133.92 36.05 21.51
CA ILE NA 433 -135.30 35.72 21.82
C ILE NA 433 -135.80 36.55 22.99
N LEU NA 434 -134.93 36.76 23.99
CA LEU NA 434 -135.32 37.54 25.16
C LEU NA 434 -135.66 38.98 24.81
N GLN NA 435 -135.02 39.54 23.78
CA GLN NA 435 -135.22 40.94 23.40
C GLN NA 435 -136.38 41.06 22.41
N ILE NA 436 -137.55 40.63 22.86
CA ILE NA 436 -138.76 40.70 22.05
C ILE NA 436 -139.92 41.20 22.90
#